data_6VPV
#
_entry.id   6VPV
#
_cell.length_a   1.00
_cell.length_b   1.00
_cell.length_c   1.00
_cell.angle_alpha   90.00
_cell.angle_beta   90.00
_cell.angle_gamma   90.00
#
_symmetry.space_group_name_H-M   'P 1'
#
loop_
_entity.id
_entity.type
_entity.pdbx_description
1 polymer 'Photosystem I P700 chlorophyll a apoprotein A1'
2 polymer 'Photosystem I P700 chlorophyll a apoprotein A2'
3 polymer 'Photosystem I iron-sulfur center'
4 polymer 'Photosystem I reaction center subunit II'
5 polymer 'Photosystem I reaction center subunit IV'
6 polymer PSI-F
7 polymer 'Photosystem I reaction center subunit VIII'
8 polymer 'Photosystem I reaction center subunit IX'
9 polymer 'Photosystem I reaction center subunit PsaK'
10 polymer 'Photosystem I reaction center subunit XI'
11 polymer 'Photosystem I reaction center subunit XII'
12 non-polymer 'CHLOROPHYLL A ISOMER'
13 non-polymer 'CHLOROPHYLL A'
14 non-polymer PHYLLOQUINONE
15 non-polymer 'IRON/SULFUR CLUSTER'
16 non-polymer BETA-CAROTENE
17 non-polymer 1,2-DIPALMITOYL-PHOSPHATIDYL-GLYCEROLE
18 non-polymer 1,2-DISTEAROYL-MONOGALACTOSYL-DIGLYCERIDE
19 non-polymer 1,2-DI-O-ACYL-3-O-[6-DEOXY-6-SULFO-ALPHA-D-GLUCOPYRANOSYL]-SN-GLYCEROL
#
loop_
_entity_poly.entity_id
_entity_poly.type
_entity_poly.pdbx_seq_one_letter_code
_entity_poly.pdbx_strand_id
1 'polypeptide(L)'
;KAKVIVDKDPVPTSFEKWGKPGHFDRTLARGPKTTTWIWNLHADAHDFDSQTSDLEDISRKIFSAHFGHLAVVFVWLSGM
YFHGAKFSNYSAWLADPLNIKPSAQVVWPVVGQDILNADVGGGFHGIQITSGFFQLWRASGITNEYQLYCTAIGGLVMAG
LMLFAGWFHYHKAAPKLEWFQNVESMMNHHLAGLLGLGSLGWAGHQIHVSLPINKLLDAGVAPNEIPLPHEFILDPAKMA
ELYPSFAQGLTPFFTLNWGVYSDFLTFKGGLNPVTGGLWLSDTAHHHLAIAVLFIIAGHMYRTNWGIGHNMKEILEGHKG
PFTGEGHKGLYEILTTSWHAQLAINLALLGSLTIIVAQHMYAMPPYPYLATDYGTQLSIFTHHMWIGGFLIVGAGAHASI
FMVRDYDPAKNVNNLLDRVLRHRDAIISHLNWVCIWLGFHSFGLYIHNDTMRALGRPQDMFSDSAIQLQPVFAQWIQGLH
AAAAGATAPFASAGVSPVFGGEVVAVGGKVAMMPITLGTADFMVHHIHAFTIHVTVLILLKGVLYSRSSRLIPDKAELGF
RFPCDGPGRGGTCQVSGWDHVFLGLFWMYNSLSIVIFHFSWKMQSDVWGTVLPDGSVSHITGGNFAQSAITINGWLRDFL
WAQAANVINSYGSALSAYGIMFLAGHFVFAFSLMFLFSGRGYWQELIESIVWAHNKLKLAPAIQPRALSIVQGRAVGVAH
YLLGGIVTTWAFFLCRILSVG
;
A,a,1
2 'polypeptide(L)'
;ATKFPKFSQDLAQDPTTRRIWYGIATAHDFETHDGMTEENLYQKIFASHFGHLAIIFLWTSGTVFHVAWQGNFEQWIKDP
LNVRPIAHAIWDPHFGQGAVDAFTQAGASSPVNVAYSGVYHWFYTIGMTNNQDLYQGAVFLLILSALFLFAGWLHLQPKF
RPSLSWFKNAESRLNHHLAGLFGVSSLAWTGHLVHVAIPESRGVHVGWDNFLSVKPHPAGLAPFFTGNWGVYAQNPDTAS
HVFGTSEGAGSAILTFLGGFHPQTESLWLTDIAHHHLAIAVIFIVAGHMYRTNWGIGHSIKDILAAHNPPQGTPFGGALG
AGHRGLYDTINNSLHFQLGLALASLGVITSLVAQHMYSLPSYAFIAKDYTTQAALYTHHQYIAGFLMVGAFAHGAIFFVR
DYDPEANKDNVLARMLEHKEAIISHLSWVSLFLGFHTLGLYVHNDVVVAFGTPEKQILIEPVFAQFVQAASGKALYGFDA
LLSNPDSVASTASAVWLPGWLDAINSGTNSLFLNIGPGDFLVHHAIALGLHTTTLILVKGALDARGSKLMPDKKDFGFSF
PCDGPGRGGTCDISAWDAFYLAMFWMLNTLGWLTFYWHWKHLGIWTGNVAQFNENSTYLMGWFRDYLWANSAQLINGYNP
YGVNNLSVWAWMFLFGHLVWATGFMFLISWRGYWQELIETIVWAHERTPLANLVRWKDKPVALSIVQARLVGLAHFTVGY
ILTYAAFLIASTAGKFG
;
B,b,2
3 'polypeptide(L)' SHSVKIYDTCIGCTQCVRACPLDVLEMVPWDGCKAGQIASSPRTEDCVGCKRCETACPTDFLSIRVYLGAETTRSMGLAY C,c,3
4 'polypeptide(L)'
;IQLTGTMPKFGGSTGGLLSAADREEKYAITWTSKTEQVFEMPTGGAAIMNEGENLLYFARKEQCLALGTQLRTKFKPKIE
DYKIYRIYPTGETQYLHPADGVFPEKVNEGREFHGKKDRNIGKNPEPVTLKFSGKTPYD
;
D,d,4
5 'polypeptide(L)' AIQRGSKVRILRKESYWYKDVGTVASVDKSGILYPVIVRFDKVNYNGFSGSATGVNTNNFAEHELEEV E,e,5
6 'polypeptide(L)'
;DLSHLTPCSESPAYQAKAKSFRNTTSDPESGQKRAESYAEALCGPEGYPHLVVDGRLDHAGDFIIPGLLFLYVAGWIGWV
GRSYLIAIREEKDTEMKEIIIDVPLAINKMLFGFMWPLQAFGEFTSGKLTVKDSEIPVSPR
;
F,f,6
7 'polypeptide(L)' ILGDFAASFLPAILVPAVGLVMPAVVMGLLFLQIESEA I,i,7
8 'polypeptide(L)' KGLTTFLSTAPVLITALLVFTAGLLIEFNRFYPDLLFHP J,j,8
9 'polypeptide(L)' AVPTTLEWNLNVGLTMIVCNIVAIAFAKYTMKEPGAGPKLPGEAFFGGMGLPALLATTSFGHLLGAGVILGLASLGAL K,k,9
10 'polypeptide(L)'
;IDVVNHGGDPQVGNLSTPINGSAFTKAFINALPAYRKGLSPNRRGLEVGMAHGYLLYGPFAVLGPLRLTEYGPTAGLLAT
IGLVSILTICLSIYGAVGVSKPTETLTTPEVPMDLATKEGWSEFAGGFLLGGCGGAFFAFFLCQTPHLQPLIEVASNIWS
;
L,l,0
11 'polypeptide(L)' SISETQVFVALVIALIPGILAFRLATELYK M,m,z
#
loop_
_chem_comp.id
_chem_comp.type
_chem_comp.name
_chem_comp.formula
BCR non-polymer BETA-CAROTENE 'C40 H56'
CL0 non-polymer 'CHLOROPHYLL A ISOMER' 'C55 H72 Mg N4 O5 2'
CLA non-polymer 'CHLOROPHYLL A' 'C55 H72 Mg N4 O5'
LHG non-polymer 1,2-DIPALMITOYL-PHOSPHATIDYL-GLYCEROLE 'C38 H75 O10 P'
LMG non-polymer 1,2-DISTEAROYL-MONOGALACTOSYL-DIGLYCERIDE 'C45 H86 O10'
PQN non-polymer PHYLLOQUINONE 'C31 H46 O2'
SF4 non-polymer 'IRON/SULFUR CLUSTER' 'Fe4 S4'
SQD non-polymer 1,2-DI-O-ACYL-3-O-[6-DEOXY-6-SULFO-ALPHA-D-GLUCOPYRANOSYL]-SN-GLYCEROL 'C41 H78 O12 S'
#
# COMPACT_ATOMS: atom_id res chain seq x y z
N LYS A 1 -69.71 10.44 43.23
CA LYS A 1 -68.49 9.73 42.85
C LYS A 1 -67.53 9.64 44.04
N ALA A 2 -67.36 10.72 44.78
CA ALA A 2 -66.47 10.79 45.93
C ALA A 2 -67.30 11.01 47.18
N LYS A 3 -67.49 9.96 47.97
CA LYS A 3 -68.28 10.02 49.19
C LYS A 3 -67.52 9.35 50.32
N VAL A 4 -67.96 9.60 51.54
CA VAL A 4 -67.35 8.99 52.71
C VAL A 4 -68.19 7.78 53.12
N ILE A 5 -67.62 6.59 53.02
CA ILE A 5 -68.25 5.36 53.49
C ILE A 5 -67.20 4.57 54.27
N VAL A 6 -67.59 4.13 55.48
CA VAL A 6 -66.69 3.44 56.39
C VAL A 6 -67.38 2.20 56.94
N ASP A 7 -66.58 1.31 57.50
CA ASP A 7 -67.06 0.19 58.29
C ASP A 7 -66.88 0.52 59.76
N LYS A 8 -67.93 0.28 60.54
CA LYS A 8 -67.89 0.57 61.96
C LYS A 8 -67.41 -0.64 62.75
N ASP A 9 -66.36 -0.42 63.55
CA ASP A 9 -65.68 -1.40 64.39
C ASP A 9 -65.26 -2.66 63.64
N PRO A 10 -64.33 -2.58 62.68
CA PRO A 10 -63.94 -3.81 61.97
C PRO A 10 -62.97 -4.67 62.76
N VAL A 11 -62.07 -4.07 63.52
CA VAL A 11 -61.08 -4.77 64.32
C VAL A 11 -61.29 -4.39 65.77
N PRO A 12 -61.56 -5.34 66.67
CA PRO A 12 -61.68 -5.00 68.09
C PRO A 12 -60.33 -4.64 68.69
N THR A 13 -60.37 -3.78 69.70
CA THR A 13 -59.17 -3.33 70.40
C THR A 13 -58.95 -4.21 71.61
N SER A 14 -58.08 -5.21 71.46
CA SER A 14 -57.76 -6.13 72.55
C SER A 14 -56.27 -6.39 72.58
N PHE A 15 -55.78 -6.75 73.76
CA PHE A 15 -54.37 -7.02 73.97
C PHE A 15 -54.01 -8.47 73.79
N GLU A 16 -54.95 -9.31 73.33
CA GLU A 16 -54.67 -10.73 73.18
C GLU A 16 -53.71 -11.01 72.03
N LYS A 17 -53.74 -10.19 70.99
CA LYS A 17 -52.81 -10.33 69.88
C LYS A 17 -51.46 -9.66 70.14
N TRP A 18 -51.36 -8.84 71.19
CA TRP A 18 -50.08 -8.24 71.55
C TRP A 18 -49.13 -9.31 72.09
N GLY A 19 -49.66 -10.29 72.81
CA GLY A 19 -48.89 -11.38 73.35
C GLY A 19 -48.72 -12.55 72.41
N LYS A 20 -49.17 -12.42 71.17
CA LYS A 20 -49.03 -13.46 70.17
C LYS A 20 -48.27 -12.90 68.97
N PRO A 21 -46.93 -12.87 69.02
CA PRO A 21 -46.17 -12.33 67.89
C PRO A 21 -46.25 -13.23 66.68
N GLY A 22 -46.14 -12.62 65.50
CA GLY A 22 -46.27 -13.37 64.26
C GLY A 22 -47.70 -13.65 63.87
N HIS A 23 -48.66 -12.95 64.46
CA HIS A 23 -50.06 -13.16 64.13
C HIS A 23 -50.42 -12.71 62.72
N PHE A 24 -49.67 -11.77 62.15
CA PHE A 24 -50.01 -11.20 60.86
C PHE A 24 -49.70 -12.15 59.69
N ASP A 25 -48.81 -13.11 59.88
CA ASP A 25 -48.48 -14.07 58.84
C ASP A 25 -48.88 -15.47 59.28
N ARG A 26 -49.32 -16.27 58.31
CA ARG A 26 -49.68 -17.65 58.61
C ARG A 26 -48.45 -18.48 58.92
N THR A 27 -47.34 -18.26 58.21
CA THR A 27 -46.12 -19.02 58.44
C THR A 27 -45.47 -18.65 59.77
N LEU A 28 -45.63 -17.40 60.20
CA LEU A 28 -45.04 -16.94 61.45
C LEU A 28 -45.84 -17.38 62.68
N ALA A 29 -47.06 -17.90 62.48
CA ALA A 29 -47.94 -18.23 63.60
C ALA A 29 -47.77 -19.65 64.12
N ARG A 30 -47.02 -20.50 63.43
CA ARG A 30 -46.80 -21.86 63.91
C ARG A 30 -45.89 -21.92 65.14
N GLY A 31 -45.10 -20.89 65.39
CA GLY A 31 -44.22 -20.87 66.53
C GLY A 31 -42.77 -20.81 66.11
N PRO A 32 -41.92 -20.26 66.98
CA PRO A 32 -40.48 -20.14 66.69
C PRO A 32 -39.70 -21.44 66.88
N LYS A 33 -39.66 -22.26 65.82
CA LYS A 33 -38.85 -23.46 65.89
C LYS A 33 -37.36 -23.15 65.71
N THR A 34 -37.05 -22.16 64.88
CA THR A 34 -35.68 -21.72 64.63
C THR A 34 -35.59 -20.22 64.86
N THR A 35 -34.35 -19.70 64.94
CA THR A 35 -34.15 -18.26 65.10
C THR A 35 -34.45 -17.47 63.84
N THR A 36 -34.65 -18.13 62.70
CA THR A 36 -35.07 -17.44 61.49
C THR A 36 -36.49 -16.89 61.66
N TRP A 37 -37.28 -17.49 62.55
CA TRP A 37 -38.60 -16.95 62.88
C TRP A 37 -38.51 -15.55 63.47
N ILE A 38 -37.50 -15.30 64.30
CA ILE A 38 -37.34 -13.99 64.93
C ILE A 38 -37.03 -12.91 63.89
N TRP A 39 -36.15 -13.21 62.93
CA TRP A 39 -35.84 -12.22 61.90
C TRP A 39 -36.96 -12.09 60.89
N ASN A 40 -37.70 -13.16 60.62
CA ASN A 40 -38.88 -13.07 59.77
C ASN A 40 -40.00 -12.30 60.41
N LEU A 41 -40.03 -12.25 61.75
CA LEU A 41 -41.01 -11.44 62.46
C LEU A 41 -40.83 -9.96 62.17
N HIS A 42 -39.59 -9.51 62.01
CA HIS A 42 -39.33 -8.09 61.75
C HIS A 42 -39.24 -7.78 60.27
N ALA A 43 -38.82 -8.75 59.46
CA ALA A 43 -38.71 -8.52 58.03
C ALA A 43 -40.08 -8.38 57.37
N ASP A 44 -41.09 -9.06 57.89
CA ASP A 44 -42.42 -9.06 57.30
C ASP A 44 -43.45 -8.39 58.19
N ALA A 45 -43.02 -7.54 59.13
CA ALA A 45 -43.96 -6.89 60.03
C ALA A 45 -44.78 -5.82 59.33
N HIS A 46 -44.16 -5.08 58.40
CA HIS A 46 -44.84 -4.01 57.70
C HIS A 46 -45.26 -4.37 56.29
N ASP A 47 -44.84 -5.53 55.78
CA ASP A 47 -45.25 -5.97 54.44
C ASP A 47 -46.70 -6.42 54.51
N PHE A 48 -47.61 -5.45 54.35
CA PHE A 48 -49.03 -5.72 54.50
C PHE A 48 -49.59 -6.52 53.34
N ASP A 49 -48.94 -6.51 52.18
CA ASP A 49 -49.41 -7.28 51.04
C ASP A 49 -49.24 -8.77 51.26
N SER A 50 -48.15 -9.17 51.92
CA SER A 50 -47.93 -10.59 52.19
C SER A 50 -48.80 -11.07 53.34
N GLN A 51 -49.32 -10.16 54.16
CA GLN A 51 -50.18 -10.56 55.27
C GLN A 51 -51.58 -10.90 54.79
N THR A 52 -52.28 -9.93 54.19
CA THR A 52 -53.63 -10.13 53.69
C THR A 52 -53.64 -9.95 52.18
N SER A 53 -54.53 -10.66 51.51
CA SER A 53 -54.70 -10.55 50.06
C SER A 53 -55.72 -9.51 49.66
N ASP A 54 -56.47 -8.96 50.61
CA ASP A 54 -57.50 -7.98 50.31
C ASP A 54 -56.90 -6.57 50.34
N LEU A 55 -57.06 -5.85 49.23
CA LEU A 55 -56.46 -4.52 49.09
C LEU A 55 -57.09 -3.51 50.04
N GLU A 56 -58.36 -3.72 50.42
CA GLU A 56 -59.02 -2.82 51.35
C GLU A 56 -58.38 -2.88 52.74
N ASP A 57 -58.09 -4.09 53.22
CA ASP A 57 -57.45 -4.25 54.52
C ASP A 57 -56.02 -3.70 54.49
N ILE A 58 -55.32 -3.89 53.38
CA ILE A 58 -53.97 -3.36 53.21
C ILE A 58 -53.99 -1.83 53.25
N SER A 59 -54.93 -1.22 52.54
CA SER A 59 -55.05 0.23 52.55
C SER A 59 -55.46 0.77 53.90
N ARG A 60 -56.30 0.03 54.63
CA ARG A 60 -56.66 0.43 56.00
C ARG A 60 -55.46 0.38 56.93
N LYS A 61 -54.65 -0.67 56.82
CA LYS A 61 -53.43 -0.78 57.62
C LYS A 61 -52.45 0.35 57.30
N ILE A 62 -52.32 0.68 56.02
CA ILE A 62 -51.42 1.75 55.60
C ILE A 62 -51.90 3.10 56.12
N PHE A 63 -53.21 3.36 56.00
CA PHE A 63 -53.78 4.62 56.46
C PHE A 63 -53.64 4.78 57.97
N SER A 64 -53.85 3.70 58.72
CA SER A 64 -53.70 3.78 60.16
C SER A 64 -52.24 3.82 60.61
N ALA A 65 -51.32 3.24 59.83
CA ALA A 65 -49.91 3.31 60.16
C ALA A 65 -49.29 4.68 59.86
N HIS A 66 -49.84 5.39 58.87
CA HIS A 66 -49.42 6.76 58.60
C HIS A 66 -49.66 7.67 59.79
N PHE A 67 -50.77 7.47 60.50
CA PHE A 67 -51.06 8.27 61.69
C PHE A 67 -50.07 7.99 62.81
N GLY A 68 -49.69 6.72 62.99
CA GLY A 68 -48.68 6.40 63.98
C GLY A 68 -47.31 6.96 63.63
N HIS A 69 -46.96 6.94 62.35
CA HIS A 69 -45.71 7.56 61.92
C HIS A 69 -45.74 9.07 62.13
N LEU A 70 -46.88 9.72 61.83
CA LEU A 70 -47.03 11.14 62.09
C LEU A 70 -46.97 11.45 63.58
N ALA A 71 -47.50 10.56 64.42
CA ALA A 71 -47.38 10.73 65.87
C ALA A 71 -45.94 10.64 66.32
N VAL A 72 -45.17 9.72 65.73
CA VAL A 72 -43.74 9.60 66.05
C VAL A 72 -42.98 10.86 65.62
N VAL A 73 -43.28 11.38 64.42
CA VAL A 73 -42.63 12.59 63.93
C VAL A 73 -43.03 13.80 64.78
N PHE A 74 -44.28 13.84 65.24
CA PHE A 74 -44.71 14.95 66.08
C PHE A 74 -44.10 14.86 67.48
N VAL A 75 -43.89 13.66 68.01
CA VAL A 75 -43.15 13.49 69.26
C VAL A 75 -41.72 13.99 69.09
N TRP A 76 -41.10 13.67 67.95
CA TRP A 76 -39.75 14.15 67.67
C TRP A 76 -39.69 15.68 67.59
N LEU A 77 -40.63 16.29 66.86
CA LEU A 77 -40.66 17.74 66.71
C LEU A 77 -40.94 18.44 68.03
N SER A 78 -41.86 17.89 68.82
CA SER A 78 -42.13 18.44 70.14
C SER A 78 -40.92 18.29 71.07
N GLY A 79 -40.17 17.20 70.93
CA GLY A 79 -38.93 17.06 71.68
C GLY A 79 -37.89 18.10 71.30
N MET A 80 -37.81 18.43 70.01
CA MET A 80 -36.86 19.46 69.60
C MET A 80 -37.27 20.84 70.09
N TYR A 81 -38.57 21.15 70.04
CA TYR A 81 -39.03 22.41 70.59
C TYR A 81 -38.90 22.47 72.10
N PHE A 82 -39.07 21.34 72.79
CA PHE A 82 -38.85 21.31 74.23
C PHE A 82 -37.39 21.49 74.59
N HIS A 83 -36.48 20.92 73.78
CA HIS A 83 -35.06 21.13 74.02
C HIS A 83 -34.65 22.57 73.75
N GLY A 84 -35.27 23.20 72.75
CA GLY A 84 -35.07 24.63 72.57
C GLY A 84 -35.63 25.46 73.71
N ALA A 85 -36.75 25.03 74.29
CA ALA A 85 -37.39 25.76 75.37
C ALA A 85 -36.67 25.63 76.71
N LYS A 86 -36.12 24.45 77.01
CA LYS A 86 -35.60 24.17 78.34
C LYS A 86 -34.09 24.04 78.40
N PHE A 87 -33.48 23.37 77.43
CA PHE A 87 -32.07 23.01 77.50
C PHE A 87 -31.27 23.67 76.40
N SER A 88 -31.55 24.95 76.13
CA SER A 88 -30.90 25.65 75.05
C SER A 88 -30.54 27.06 75.47
N ASN A 89 -29.65 27.68 74.69
CA ASN A 89 -29.28 29.08 74.86
C ASN A 89 -29.90 29.96 73.78
N TYR A 90 -31.15 29.67 73.40
CA TYR A 90 -31.80 30.40 72.31
C TYR A 90 -32.04 31.86 72.68
N SER A 91 -32.42 32.13 73.93
CA SER A 91 -32.57 33.51 74.38
C SER A 91 -31.22 34.21 74.42
N ALA A 92 -30.16 33.49 74.77
CA ALA A 92 -28.82 34.05 74.69
C ALA A 92 -28.36 34.20 73.26
N TRP A 93 -28.74 33.27 72.38
CA TRP A 93 -28.33 33.34 70.97
C TRP A 93 -29.01 34.48 70.24
N LEU A 94 -30.24 34.84 70.63
CA LEU A 94 -30.94 35.91 69.95
C LEU A 94 -30.33 37.28 70.23
N ALA A 95 -29.68 37.44 71.39
CA ALA A 95 -29.04 38.71 71.70
C ALA A 95 -27.79 38.91 70.85
N ASP A 96 -26.94 37.89 70.75
CA ASP A 96 -25.67 37.97 70.02
C ASP A 96 -25.54 36.74 69.12
N PRO A 97 -26.16 36.77 67.93
CA PRO A 97 -26.10 35.61 67.05
C PRO A 97 -24.83 35.48 66.22
N LEU A 98 -23.88 36.39 66.37
CA LEU A 98 -22.63 36.35 65.61
C LEU A 98 -21.46 35.82 66.41
N ASN A 99 -21.60 35.67 67.73
CA ASN A 99 -20.49 35.17 68.54
C ASN A 99 -20.93 34.07 69.51
N ILE A 100 -22.17 33.64 69.48
CA ILE A 100 -22.68 32.57 70.34
C ILE A 100 -23.14 31.43 69.46
N LYS A 101 -22.61 30.24 69.70
CA LYS A 101 -22.97 29.07 68.91
C LYS A 101 -24.31 28.49 69.37
N PRO A 102 -25.10 27.96 68.45
CA PRO A 102 -26.38 27.35 68.84
C PRO A 102 -26.17 26.03 69.55
N SER A 103 -26.77 25.90 70.74
CA SER A 103 -26.69 24.69 71.53
C SER A 103 -28.06 24.38 72.10
N ALA A 104 -28.48 23.11 71.98
CA ALA A 104 -29.80 22.73 72.48
C ALA A 104 -29.78 21.37 73.17
N GLN A 105 -28.62 20.92 73.66
CA GLN A 105 -28.53 19.62 74.31
C GLN A 105 -27.39 19.67 75.32
N VAL A 106 -27.73 19.54 76.59
CA VAL A 106 -26.73 19.41 77.64
C VAL A 106 -26.48 17.93 77.90
N VAL A 107 -25.30 17.63 78.43
CA VAL A 107 -24.87 16.26 78.65
C VAL A 107 -24.74 16.05 80.15
N TRP A 108 -25.32 14.97 80.66
CA TRP A 108 -25.32 14.70 82.09
C TRP A 108 -23.92 14.31 82.57
N PRO A 109 -23.46 14.87 83.68
CA PRO A 109 -22.12 14.53 84.22
C PRO A 109 -22.10 13.33 85.17
N VAL A 110 -22.09 12.13 84.58
CA VAL A 110 -21.99 10.91 85.38
C VAL A 110 -20.61 10.28 85.20
N VAL A 111 -20.03 10.45 84.02
CA VAL A 111 -18.68 10.02 83.70
C VAL A 111 -18.01 11.26 83.11
N GLY A 112 -16.83 11.10 82.53
CA GLY A 112 -16.13 12.24 81.98
C GLY A 112 -16.71 12.87 80.74
N GLN A 113 -17.99 12.63 80.42
CA GLN A 113 -18.66 13.24 79.28
C GLN A 113 -19.09 14.67 79.54
N ASP A 114 -18.79 15.22 80.73
CA ASP A 114 -19.04 16.63 81.01
C ASP A 114 -18.15 17.52 80.14
N ILE A 115 -17.07 16.97 79.60
CA ILE A 115 -16.21 17.66 78.64
C ILE A 115 -16.95 17.87 77.32
N LEU A 116 -17.99 17.06 77.08
CA LEU A 116 -18.77 17.21 75.85
C LEU A 116 -19.66 18.44 75.85
N ASN A 117 -19.81 19.10 76.99
CA ASN A 117 -20.53 20.37 77.08
C ASN A 117 -19.59 21.47 76.62
N ALA A 118 -19.71 21.86 75.35
CA ALA A 118 -18.83 22.85 74.78
C ALA A 118 -19.15 24.25 75.31
N ASP A 119 -18.11 25.07 75.44
CA ASP A 119 -18.30 26.47 75.78
C ASP A 119 -18.72 27.24 74.54
N VAL A 120 -20.00 27.59 74.47
CA VAL A 120 -20.57 28.19 73.26
C VAL A 120 -20.97 29.64 73.45
N GLY A 121 -20.91 30.18 74.67
CA GLY A 121 -21.19 31.59 74.86
C GLY A 121 -22.40 31.86 75.73
N GLY A 122 -22.40 33.00 76.41
CA GLY A 122 -23.52 33.36 77.27
C GLY A 122 -23.59 32.60 78.57
N GLY A 123 -22.49 32.01 79.01
CA GLY A 123 -22.49 31.21 80.22
C GLY A 123 -23.30 29.93 80.10
N PHE A 124 -23.31 29.32 78.92
CA PHE A 124 -24.04 28.08 78.67
C PHE A 124 -23.08 27.03 78.15
N HIS A 125 -23.16 25.83 78.71
CA HIS A 125 -22.32 24.71 78.30
C HIS A 125 -23.23 23.62 77.74
N GLY A 126 -22.93 23.18 76.53
CA GLY A 126 -23.75 22.16 75.90
C GLY A 126 -23.17 21.79 74.55
N ILE A 127 -23.88 20.91 73.86
CA ILE A 127 -23.45 20.44 72.55
C ILE A 127 -23.86 21.45 71.50
N GLN A 128 -22.90 21.90 70.70
CA GLN A 128 -23.18 22.81 69.60
C GLN A 128 -23.99 22.09 68.53
N ILE A 129 -25.28 22.38 68.46
CA ILE A 129 -26.15 21.73 67.49
C ILE A 129 -25.94 22.36 66.12
N THR A 130 -26.20 21.56 65.09
CA THR A 130 -26.05 21.99 63.70
C THR A 130 -27.32 21.74 62.90
N SER A 131 -28.44 21.49 63.57
CA SER A 131 -29.69 21.21 62.90
C SER A 131 -30.33 22.42 62.25
N GLY A 132 -29.95 23.63 62.66
CA GLY A 132 -30.58 24.81 62.13
C GLY A 132 -31.93 25.12 62.70
N PHE A 133 -32.24 24.58 63.89
CA PHE A 133 -33.51 24.89 64.53
C PHE A 133 -33.54 26.33 65.01
N PHE A 134 -32.38 26.85 65.45
CA PHE A 134 -32.33 28.20 66.02
C PHE A 134 -32.59 29.26 64.96
N GLN A 135 -31.98 29.10 63.78
CA GLN A 135 -32.23 30.00 62.67
C GLN A 135 -33.66 29.87 62.15
N LEU A 136 -34.21 28.66 62.21
CA LEU A 136 -35.61 28.43 61.82
C LEU A 136 -36.56 29.16 62.78
N TRP A 137 -36.27 29.14 64.07
CA TRP A 137 -37.13 29.83 65.03
C TRP A 137 -36.95 31.34 64.96
N ARG A 138 -35.75 31.80 64.60
CA ARG A 138 -35.56 33.23 64.38
C ARG A 138 -36.32 33.70 63.15
N ALA A 139 -36.35 32.88 62.09
CA ALA A 139 -37.15 33.21 60.93
C ALA A 139 -38.64 33.05 61.17
N SER A 140 -39.03 32.28 62.18
CA SER A 140 -40.43 32.13 62.54
C SER A 140 -40.92 33.23 63.45
N GLY A 141 -40.04 34.12 63.89
CA GLY A 141 -40.42 35.17 64.81
C GLY A 141 -40.46 34.79 66.26
N ILE A 142 -39.92 33.63 66.63
CA ILE A 142 -39.92 33.20 68.03
C ILE A 142 -38.84 33.98 68.77
N THR A 143 -39.24 34.70 69.82
CA THR A 143 -38.33 35.55 70.57
C THR A 143 -37.98 35.01 71.95
N ASN A 144 -38.84 34.23 72.57
CA ASN A 144 -38.57 33.69 73.89
C ASN A 144 -38.85 32.19 73.92
N GLU A 145 -38.33 31.55 74.97
CA GLU A 145 -38.42 30.10 75.14
C GLU A 145 -39.80 29.62 75.53
N TYR A 146 -40.67 30.53 76.01
CA TYR A 146 -42.05 30.14 76.31
C TYR A 146 -42.82 29.81 75.04
N GLN A 147 -42.51 30.50 73.94
CA GLN A 147 -43.14 30.20 72.67
C GLN A 147 -42.67 28.86 72.11
N LEU A 148 -41.45 28.44 72.48
CA LEU A 148 -41.01 27.09 72.15
C LEU A 148 -41.67 26.04 73.06
N TYR A 149 -41.88 26.37 74.33
CA TYR A 149 -42.56 25.45 75.25
C TYR A 149 -44.01 25.22 74.85
N CYS A 150 -44.70 26.27 74.41
CA CYS A 150 -46.06 26.13 73.90
C CYS A 150 -46.11 25.27 72.64
N THR A 151 -45.11 25.42 71.76
CA THR A 151 -45.08 24.62 70.55
C THR A 151 -44.77 23.15 70.85
N ALA A 152 -43.94 22.91 71.87
CA ALA A 152 -43.68 21.54 72.31
C ALA A 152 -44.93 20.89 72.90
N ILE A 153 -45.69 21.65 73.71
CA ILE A 153 -46.94 21.15 74.25
C ILE A 153 -47.94 20.86 73.14
N GLY A 154 -48.06 21.77 72.17
CA GLY A 154 -48.88 21.54 71.01
C GLY A 154 -48.45 20.36 70.16
N GLY A 155 -47.14 20.11 70.07
CA GLY A 155 -46.66 18.93 69.37
C GLY A 155 -47.03 17.64 70.08
N LEU A 156 -46.96 17.63 71.42
CA LEU A 156 -47.43 16.46 72.18
C LEU A 156 -48.93 16.25 72.02
N VAL A 157 -49.73 17.32 72.03
CA VAL A 157 -51.17 17.21 71.85
C VAL A 157 -51.48 16.70 70.44
N MET A 158 -50.76 17.20 69.44
CA MET A 158 -50.98 16.74 68.07
C MET A 158 -50.52 15.30 67.88
N ALA A 159 -49.46 14.88 68.57
CA ALA A 159 -49.03 13.49 68.49
C ALA A 159 -50.05 12.54 69.13
N GLY A 160 -50.60 12.93 70.28
CA GLY A 160 -51.69 12.16 70.86
C GLY A 160 -52.93 12.14 70.00
N LEU A 161 -53.23 13.26 69.32
CA LEU A 161 -54.35 13.32 68.39
C LEU A 161 -54.13 12.39 67.19
N MET A 162 -52.91 12.33 66.68
CA MET A 162 -52.59 11.42 65.59
C MET A 162 -52.64 9.96 66.01
N LEU A 163 -52.21 9.65 67.24
CA LEU A 163 -52.35 8.29 67.76
C LEU A 163 -53.82 7.91 67.90
N PHE A 164 -54.66 8.82 68.41
CA PHE A 164 -56.08 8.56 68.51
C PHE A 164 -56.72 8.39 67.15
N ALA A 165 -56.28 9.17 66.15
CA ALA A 165 -56.80 9.01 64.80
C ALA A 165 -56.38 7.69 64.18
N GLY A 166 -55.16 7.23 64.47
CA GLY A 166 -54.73 5.93 63.98
C GLY A 166 -55.49 4.78 64.61
N TRP A 167 -55.82 4.90 65.89
CA TRP A 167 -56.68 3.90 66.51
C TRP A 167 -58.11 3.98 65.96
N PHE A 168 -58.59 5.20 65.70
CA PHE A 168 -59.96 5.41 65.24
C PHE A 168 -60.17 4.86 63.83
N HIS A 169 -59.20 5.05 62.95
CA HIS A 169 -59.35 4.68 61.55
C HIS A 169 -59.00 3.23 61.29
N TYR A 170 -58.68 2.46 62.32
CA TYR A 170 -58.52 1.03 62.20
C TYR A 170 -59.44 0.23 63.09
N HIS A 171 -59.96 0.80 64.18
CA HIS A 171 -60.76 0.04 65.13
C HIS A 171 -62.16 0.58 65.35
N LYS A 172 -62.46 1.80 64.94
CA LYS A 172 -63.78 2.37 65.15
C LYS A 172 -64.50 2.70 63.85
N ALA A 173 -63.86 3.44 62.95
CA ALA A 173 -64.48 3.82 61.68
C ALA A 173 -63.39 3.75 60.61
N ALA A 174 -63.32 2.61 59.92
CA ALA A 174 -62.26 2.41 58.97
C ALA A 174 -62.79 2.55 57.55
N PRO A 175 -62.16 3.36 56.70
CA PRO A 175 -62.71 3.62 55.37
C PRO A 175 -62.65 2.40 54.45
N LYS A 176 -63.55 2.39 53.47
CA LYS A 176 -63.63 1.27 52.54
C LYS A 176 -62.58 1.42 51.45
N LEU A 177 -62.57 0.46 50.52
CA LEU A 177 -61.60 0.48 49.43
C LEU A 177 -61.85 1.64 48.46
N GLU A 178 -63.12 1.92 48.14
CA GLU A 178 -63.41 3.00 47.20
C GLU A 178 -63.24 4.38 47.80
N TRP A 179 -63.04 4.48 49.13
CA TRP A 179 -62.59 5.73 49.72
C TRP A 179 -61.14 6.03 49.38
N PHE A 180 -60.37 5.01 48.99
CA PHE A 180 -59.00 5.20 48.54
C PHE A 180 -58.87 5.31 47.03
N GLN A 181 -59.79 4.70 46.27
CA GLN A 181 -59.66 4.69 44.81
C GLN A 181 -59.88 6.07 44.21
N ASN A 182 -60.73 6.90 44.81
CA ASN A 182 -60.94 8.25 44.32
C ASN A 182 -59.76 9.12 44.74
N VAL A 183 -58.67 8.97 43.99
CA VAL A 183 -57.48 9.79 44.15
C VAL A 183 -57.67 11.20 43.62
N GLU A 184 -58.78 11.45 42.93
CA GLU A 184 -59.09 12.78 42.43
C GLU A 184 -59.33 13.74 43.58
N SER A 185 -60.21 13.35 44.50
CA SER A 185 -60.49 14.12 45.70
C SER A 185 -59.27 14.22 46.60
N MET A 186 -58.50 13.13 46.70
CA MET A 186 -57.29 13.10 47.51
C MET A 186 -56.27 14.11 47.00
N MET A 187 -56.09 14.15 45.68
CA MET A 187 -55.08 15.03 45.12
C MET A 187 -55.55 16.48 45.12
N ASN A 188 -56.85 16.71 44.96
CA ASN A 188 -57.39 18.05 45.08
C ASN A 188 -57.25 18.59 46.50
N HIS A 189 -57.46 17.75 47.50
CA HIS A 189 -57.31 18.17 48.87
C HIS A 189 -55.87 18.20 49.36
N HIS A 190 -54.96 17.55 48.63
CA HIS A 190 -53.54 17.66 48.95
C HIS A 190 -52.87 18.83 48.26
N LEU A 191 -53.36 19.23 47.09
CA LEU A 191 -52.80 20.39 46.40
C LEU A 191 -53.33 21.69 46.99
N ALA A 192 -54.65 21.88 46.92
CA ALA A 192 -55.24 23.11 47.45
C ALA A 192 -55.29 23.12 48.97
N GLY A 193 -55.65 22.00 49.58
CA GLY A 193 -55.94 22.00 51.00
C GLY A 193 -54.76 21.75 51.92
N LEU A 194 -53.72 21.08 51.43
CA LEU A 194 -52.55 20.80 52.24
C LEU A 194 -51.36 21.67 51.86
N LEU A 195 -50.94 21.62 50.60
CA LEU A 195 -49.85 22.49 50.17
C LEU A 195 -50.31 23.93 50.00
N GLY A 196 -51.46 24.13 49.36
CA GLY A 196 -51.98 25.47 49.13
C GLY A 196 -52.41 26.20 50.39
N LEU A 197 -53.24 25.57 51.21
CA LEU A 197 -53.66 26.19 52.45
C LEU A 197 -52.52 26.26 53.46
N GLY A 198 -51.62 25.28 53.45
CA GLY A 198 -50.48 25.33 54.35
C GLY A 198 -49.52 26.47 54.01
N SER A 199 -49.22 26.65 52.74
CA SER A 199 -48.38 27.76 52.33
C SER A 199 -49.09 29.09 52.44
N LEU A 200 -50.43 29.12 52.32
CA LEU A 200 -51.17 30.35 52.54
C LEU A 200 -51.17 30.74 54.02
N GLY A 201 -51.32 29.76 54.92
CA GLY A 201 -51.21 30.04 56.33
C GLY A 201 -49.83 30.47 56.73
N TRP A 202 -48.80 29.86 56.12
CA TRP A 202 -47.43 30.28 56.43
C TRP A 202 -47.13 31.65 55.83
N ALA A 203 -47.73 31.98 54.69
CA ALA A 203 -47.61 33.31 54.12
C ALA A 203 -48.25 34.34 55.04
N GLY A 204 -49.42 34.02 55.61
CA GLY A 204 -50.05 34.91 56.57
C GLY A 204 -49.26 35.07 57.85
N HIS A 205 -48.65 33.99 58.33
CA HIS A 205 -47.77 34.08 59.50
C HIS A 205 -46.55 34.94 59.20
N GLN A 206 -45.95 34.76 58.02
CA GLN A 206 -44.79 35.55 57.66
C GLN A 206 -45.15 37.01 57.41
N ILE A 207 -46.38 37.29 57.01
CA ILE A 207 -46.83 38.68 56.94
C ILE A 207 -46.98 39.25 58.34
N HIS A 208 -47.66 38.55 59.22
CA HIS A 208 -48.06 39.13 60.49
C HIS A 208 -47.09 38.93 61.63
N VAL A 209 -46.25 37.90 61.58
CA VAL A 209 -45.38 37.60 62.72
C VAL A 209 -43.92 37.70 62.35
N SER A 210 -43.51 36.97 61.30
CA SER A 210 -42.09 36.86 60.99
C SER A 210 -41.50 38.17 60.50
N LEU A 211 -42.22 38.87 59.63
CA LEU A 211 -41.72 40.11 59.05
C LEU A 211 -41.56 41.26 60.05
N PRO A 212 -42.54 41.61 60.91
CA PRO A 212 -42.28 42.71 61.85
C PRO A 212 -41.24 42.36 62.91
N ILE A 213 -41.29 41.15 63.45
CA ILE A 213 -40.34 40.73 64.48
C ILE A 213 -38.93 40.66 63.91
N ASN A 214 -38.79 40.13 62.70
CA ASN A 214 -37.46 40.07 62.08
C ASN A 214 -36.97 41.43 61.62
N LYS A 215 -37.85 42.35 61.22
CA LYS A 215 -37.39 43.69 60.87
C LYS A 215 -36.95 44.46 62.11
N LEU A 216 -37.64 44.26 63.24
CA LEU A 216 -37.17 44.84 64.49
C LEU A 216 -35.88 44.19 64.97
N LEU A 217 -35.71 42.89 64.70
CA LEU A 217 -34.46 42.21 65.07
C LEU A 217 -33.29 42.72 64.25
N ASP A 218 -33.48 42.91 62.95
CA ASP A 218 -32.42 43.45 62.10
C ASP A 218 -32.20 44.94 62.30
N ALA A 219 -33.19 45.66 62.82
CA ALA A 219 -33.04 47.08 63.07
C ALA A 219 -32.21 47.38 64.32
N GLY A 220 -31.94 46.38 65.15
CA GLY A 220 -31.12 46.56 66.33
C GLY A 220 -31.86 46.59 67.64
N VAL A 221 -33.06 46.03 67.72
CA VAL A 221 -33.84 45.99 68.95
C VAL A 221 -33.61 44.65 69.63
N ALA A 222 -33.35 44.69 70.93
CA ALA A 222 -33.15 43.47 71.70
C ALA A 222 -34.46 42.70 71.80
N PRO A 223 -34.41 41.36 71.80
CA PRO A 223 -35.66 40.57 71.69
C PRO A 223 -36.59 40.67 72.89
N ASN A 224 -36.10 41.08 74.07
CA ASN A 224 -37.01 41.17 75.20
C ASN A 224 -37.62 42.55 75.39
N GLU A 225 -37.32 43.51 74.51
CA GLU A 225 -38.16 44.69 74.34
C GLU A 225 -38.95 44.64 73.04
N ILE A 226 -38.73 43.63 72.21
CA ILE A 226 -39.53 43.45 71.00
C ILE A 226 -40.93 43.02 71.40
N PRO A 227 -41.98 43.65 70.85
CA PRO A 227 -43.35 43.27 71.23
C PRO A 227 -43.69 41.86 70.77
N LEU A 228 -44.58 41.23 71.52
CA LEU A 228 -45.07 39.91 71.17
C LEU A 228 -45.88 39.99 69.88
N PRO A 229 -45.95 38.90 69.10
CA PRO A 229 -46.62 38.98 67.79
C PRO A 229 -48.13 39.16 67.85
N HIS A 230 -48.76 39.07 69.02
CA HIS A 230 -50.21 39.20 69.04
C HIS A 230 -50.67 40.64 69.21
N GLU A 231 -49.84 41.53 69.77
CA GLU A 231 -50.21 42.94 69.74
C GLU A 231 -49.88 43.61 68.42
N PHE A 232 -49.18 42.91 67.52
CA PHE A 232 -49.08 43.40 66.15
C PHE A 232 -50.40 43.26 65.43
N ILE A 233 -51.18 42.24 65.77
CA ILE A 233 -52.51 42.05 65.22
C ILE A 233 -53.56 42.83 65.99
N LEU A 234 -53.48 42.80 67.32
CA LEU A 234 -54.46 43.49 68.16
C LEU A 234 -54.34 45.01 68.01
N ASP A 235 -53.12 45.51 67.91
CA ASP A 235 -52.89 46.94 67.67
C ASP A 235 -52.21 47.12 66.32
N PRO A 236 -52.96 47.45 65.26
CA PRO A 236 -52.35 47.62 63.93
C PRO A 236 -51.53 48.90 63.78
N ALA A 237 -51.56 49.81 64.76
CA ALA A 237 -50.70 50.99 64.69
C ALA A 237 -49.23 50.63 64.80
N LYS A 238 -48.89 49.72 65.72
CA LYS A 238 -47.51 49.25 65.84
C LYS A 238 -47.11 48.41 64.63
N MET A 239 -48.08 47.76 64.00
CA MET A 239 -47.80 46.99 62.80
C MET A 239 -47.63 47.91 61.60
N ALA A 240 -48.26 49.08 61.61
CA ALA A 240 -48.22 49.99 60.47
C ALA A 240 -47.19 51.10 60.60
N GLU A 241 -46.54 51.25 61.76
CA GLU A 241 -45.47 52.23 61.86
C GLU A 241 -44.24 51.81 61.07
N LEU A 242 -44.00 50.51 60.94
CA LEU A 242 -43.02 49.96 60.01
C LEU A 242 -43.78 49.26 58.89
N TYR A 243 -43.25 49.37 57.65
CA TYR A 243 -43.95 49.00 56.41
C TYR A 243 -45.31 49.69 56.36
N PRO A 244 -45.33 50.99 56.04
CA PRO A 244 -46.54 51.81 56.32
C PRO A 244 -47.72 51.56 55.39
N SER A 245 -47.69 50.53 54.56
CA SER A 245 -48.87 50.22 53.74
C SER A 245 -49.88 49.35 54.47
N PHE A 246 -49.69 49.11 55.77
CA PHE A 246 -50.75 48.48 56.56
C PHE A 246 -51.73 49.52 57.07
N ALA A 247 -51.46 50.81 56.83
CA ALA A 247 -52.42 51.85 57.18
C ALA A 247 -53.69 51.71 56.35
N GLN A 248 -53.55 51.45 55.07
CA GLN A 248 -54.71 51.06 54.26
C GLN A 248 -55.06 49.61 54.54
N GLY A 249 -56.32 49.27 54.37
CA GLY A 249 -56.84 47.97 54.76
C GLY A 249 -56.58 46.88 53.76
N LEU A 250 -57.47 45.91 53.73
CA LEU A 250 -57.36 44.78 52.81
C LEU A 250 -57.95 45.08 51.43
N THR A 251 -58.64 46.21 51.28
CA THR A 251 -59.27 46.62 50.02
C THR A 251 -58.33 46.73 48.81
N PRO A 252 -57.05 47.17 48.92
CA PRO A 252 -56.18 47.05 47.73
C PRO A 252 -55.93 45.61 47.29
N PHE A 253 -56.06 44.63 48.19
CA PHE A 253 -56.04 43.25 47.76
C PHE A 253 -57.26 42.92 46.91
N PHE A 254 -58.42 43.47 47.28
CA PHE A 254 -59.67 43.09 46.63
C PHE A 254 -59.99 43.96 45.42
N THR A 255 -59.41 45.15 45.32
CA THR A 255 -59.52 45.98 44.13
C THR A 255 -58.35 45.75 43.18
N LEU A 256 -57.55 44.71 43.42
CA LEU A 256 -56.35 44.33 42.68
C LEU A 256 -55.29 45.42 42.66
N ASN A 257 -55.24 46.28 43.68
CA ASN A 257 -54.15 47.23 43.85
C ASN A 257 -53.04 46.58 44.67
N TRP A 258 -52.42 45.57 44.06
CA TRP A 258 -51.43 44.78 44.78
C TRP A 258 -50.09 45.51 44.90
N GLY A 259 -49.84 46.48 44.02
CA GLY A 259 -48.57 47.20 43.99
C GLY A 259 -48.26 47.99 45.25
N VAL A 260 -49.29 48.48 45.95
CA VAL A 260 -49.04 49.22 47.19
C VAL A 260 -48.63 48.27 48.31
N TYR A 261 -48.84 46.97 48.11
CA TYR A 261 -48.28 45.96 49.02
C TYR A 261 -46.81 45.66 48.73
N SER A 262 -46.17 46.43 47.84
CA SER A 262 -44.81 46.17 47.42
C SER A 262 -43.77 46.46 48.49
N ASP A 263 -44.12 47.16 49.57
CA ASP A 263 -43.14 47.41 50.61
C ASP A 263 -42.87 46.16 51.44
N PHE A 264 -43.87 45.31 51.64
CA PHE A 264 -43.66 44.10 52.41
C PHE A 264 -43.82 42.84 51.58
N LEU A 265 -44.19 42.94 50.31
CA LEU A 265 -44.18 41.82 49.37
C LEU A 265 -43.24 42.20 48.24
N THR A 266 -41.97 41.96 48.45
CA THR A 266 -40.93 42.37 47.52
C THR A 266 -40.52 41.19 46.65
N PHE A 267 -39.72 41.48 45.62
CA PHE A 267 -39.08 40.46 44.82
C PHE A 267 -37.62 40.84 44.73
N LYS A 268 -37.01 41.08 45.90
CA LYS A 268 -35.64 41.58 45.96
C LYS A 268 -34.64 40.55 45.42
N GLY A 269 -34.86 39.30 45.72
CA GLY A 269 -34.04 38.24 45.14
C GLY A 269 -32.83 37.79 45.90
N GLY A 270 -31.94 38.71 46.25
CA GLY A 270 -30.67 38.37 46.84
C GLY A 270 -30.76 38.02 48.31
N LEU A 271 -29.64 38.19 49.01
CA LEU A 271 -29.55 37.90 50.43
C LEU A 271 -29.62 39.18 51.23
N ASN A 272 -30.11 39.06 52.45
CA ASN A 272 -30.12 40.18 53.39
C ASN A 272 -28.69 40.49 53.81
N PRO A 273 -28.19 41.71 53.62
CA PRO A 273 -26.83 42.03 54.06
C PRO A 273 -26.66 42.00 55.57
N VAL A 274 -27.74 42.20 56.33
CA VAL A 274 -27.63 42.22 57.78
C VAL A 274 -27.48 40.81 58.35
N THR A 275 -28.30 39.86 57.85
CA THR A 275 -28.34 38.52 58.41
C THR A 275 -27.74 37.45 57.52
N GLY A 276 -27.64 37.67 56.21
CA GLY A 276 -27.14 36.65 55.32
C GLY A 276 -28.18 35.69 54.79
N GLY A 277 -29.41 35.77 55.27
CA GLY A 277 -30.48 34.94 54.77
C GLY A 277 -31.24 35.61 53.65
N LEU A 278 -32.23 34.89 53.14
CA LEU A 278 -33.16 35.46 52.18
C LEU A 278 -34.01 36.52 52.85
N TRP A 279 -34.45 37.50 52.06
CA TRP A 279 -35.39 38.48 52.55
C TRP A 279 -36.70 37.80 52.92
N LEU A 280 -37.20 38.06 54.13
CA LEU A 280 -38.45 37.44 54.53
C LEU A 280 -39.66 38.01 53.79
N SER A 281 -39.53 39.21 53.24
CA SER A 281 -40.54 39.71 52.31
C SER A 281 -40.60 38.85 51.05
N ASP A 282 -39.42 38.43 50.56
CA ASP A 282 -39.38 37.53 49.42
C ASP A 282 -39.98 36.17 49.76
N THR A 283 -39.75 35.67 50.96
CA THR A 283 -40.31 34.37 51.34
C THR A 283 -41.83 34.46 51.54
N ALA A 284 -42.32 35.56 52.12
CA ALA A 284 -43.76 35.73 52.30
C ALA A 284 -44.46 35.88 50.96
N HIS A 285 -43.88 36.68 50.05
CA HIS A 285 -44.41 36.81 48.70
C HIS A 285 -44.35 35.48 47.95
N HIS A 286 -43.27 34.72 48.14
CA HIS A 286 -43.12 33.41 47.53
C HIS A 286 -44.18 32.44 48.01
N HIS A 287 -44.43 32.41 49.31
CA HIS A 287 -45.44 31.51 49.86
C HIS A 287 -46.84 31.91 49.43
N LEU A 288 -47.12 33.21 49.34
CA LEU A 288 -48.41 33.66 48.81
C LEU A 288 -48.59 33.27 47.34
N ALA A 289 -47.53 33.44 46.53
CA ALA A 289 -47.61 33.09 45.12
C ALA A 289 -47.80 31.59 44.91
N ILE A 290 -47.02 30.77 45.60
CA ILE A 290 -47.18 29.32 45.45
C ILE A 290 -48.44 28.83 46.14
N ALA A 291 -48.98 29.56 47.12
CA ALA A 291 -50.26 29.20 47.70
C ALA A 291 -51.38 29.40 46.70
N VAL A 292 -51.35 30.54 45.99
CA VAL A 292 -52.35 30.78 44.96
C VAL A 292 -52.21 29.76 43.83
N LEU A 293 -50.97 29.44 43.45
CA LEU A 293 -50.73 28.48 42.37
C LEU A 293 -51.17 27.07 42.76
N PHE A 294 -50.90 26.65 44.01
CA PHE A 294 -51.32 25.34 44.47
C PHE A 294 -52.82 25.24 44.66
N ILE A 295 -53.47 26.31 45.13
CA ILE A 295 -54.93 26.31 45.26
C ILE A 295 -55.57 26.24 43.88
N ILE A 296 -55.00 26.96 42.89
CA ILE A 296 -55.49 26.87 41.52
C ILE A 296 -55.30 25.45 40.97
N ALA A 297 -54.13 24.84 41.23
CA ALA A 297 -53.87 23.48 40.79
C ALA A 297 -54.73 22.44 41.50
N GLY A 298 -55.27 22.77 42.68
CA GLY A 298 -56.12 21.85 43.39
C GLY A 298 -57.57 21.86 42.96
N HIS A 299 -57.87 22.58 41.87
CA HIS A 299 -59.20 22.60 41.29
C HIS A 299 -59.20 21.96 39.92
N MET A 300 -58.22 21.11 39.65
CA MET A 300 -58.02 20.52 38.35
C MET A 300 -58.82 19.24 38.14
N TYR A 301 -59.05 18.47 39.20
CA TYR A 301 -59.52 17.10 39.07
C TYR A 301 -60.97 16.96 39.49
N ARG A 302 -61.72 16.17 38.72
CA ARG A 302 -63.15 15.97 38.94
C ARG A 302 -63.40 15.08 40.14
N THR A 303 -64.09 15.60 41.15
CA THR A 303 -64.38 14.84 42.35
C THR A 303 -65.86 14.49 42.48
N ASN A 304 -66.74 15.49 42.54
CA ASN A 304 -68.16 15.22 42.73
C ASN A 304 -69.09 16.06 41.87
N TRP A 305 -68.59 17.06 41.14
CA TRP A 305 -69.46 18.09 40.58
C TRP A 305 -69.25 18.28 39.08
N GLY A 306 -68.78 17.26 38.38
CA GLY A 306 -68.67 17.36 36.91
C GLY A 306 -67.49 18.11 36.35
N ILE A 307 -67.16 19.27 36.94
CA ILE A 307 -66.00 20.03 36.50
C ILE A 307 -64.72 19.31 36.93
N GLY A 308 -63.74 19.32 36.06
CA GLY A 308 -62.46 18.76 36.44
C GLY A 308 -62.03 17.64 35.53
N HIS A 309 -60.83 17.10 35.81
CA HIS A 309 -60.31 15.96 35.07
C HIS A 309 -60.46 14.69 35.90
N ASN A 310 -60.38 13.55 35.21
CA ASN A 310 -60.52 12.26 35.87
C ASN A 310 -59.21 11.49 35.97
N MET A 311 -58.08 12.09 35.58
CA MET A 311 -56.74 11.48 35.48
C MET A 311 -56.70 10.18 34.70
N LYS A 312 -57.67 9.91 33.88
CA LYS A 312 -57.64 8.74 33.02
C LYS A 312 -57.70 9.12 31.55
N GLU A 313 -58.63 10.01 31.17
CA GLU A 313 -58.65 10.55 29.82
C GLU A 313 -57.43 11.40 29.51
N ILE A 314 -56.81 12.02 30.53
CA ILE A 314 -55.49 12.59 30.36
C ILE A 314 -54.49 11.51 29.97
N LEU A 315 -54.52 10.38 30.68
CA LEU A 315 -53.64 9.27 30.35
C LEU A 315 -54.04 8.61 29.03
N GLU A 316 -55.35 8.44 28.79
CA GLU A 316 -55.81 7.82 27.54
C GLU A 316 -55.46 8.66 26.32
N GLY A 317 -55.46 9.97 26.43
CA GLY A 317 -55.19 10.81 25.28
C GLY A 317 -53.73 10.94 24.93
N HIS A 318 -52.85 10.57 25.86
CA HIS A 318 -51.41 10.72 25.68
C HIS A 318 -50.86 9.44 25.08
N LYS A 319 -50.73 9.43 23.76
CA LYS A 319 -50.26 8.26 23.03
C LYS A 319 -49.69 8.73 21.70
N GLY A 320 -48.59 8.10 21.29
CA GLY A 320 -47.88 8.52 20.11
C GLY A 320 -47.57 7.38 19.18
N PRO A 321 -46.82 7.66 18.11
CA PRO A 321 -46.47 6.59 17.16
C PRO A 321 -45.41 5.66 17.71
N PHE A 322 -44.44 6.21 18.46
CA PHE A 322 -43.39 5.39 19.06
C PHE A 322 -43.89 4.52 20.19
N THR A 323 -45.07 4.80 20.73
CA THR A 323 -45.64 4.03 21.82
C THR A 323 -46.91 3.30 21.41
N GLY A 324 -47.79 3.95 20.66
CA GLY A 324 -48.98 3.26 20.23
C GLY A 324 -50.14 3.46 21.18
N GLU A 325 -50.37 2.49 22.06
CA GLU A 325 -51.51 2.52 22.98
C GLU A 325 -51.39 3.59 24.05
N GLY A 326 -50.20 3.82 24.60
CA GLY A 326 -50.02 5.00 25.44
C GLY A 326 -50.02 4.67 26.91
N HIS A 327 -50.73 5.50 27.68
CA HIS A 327 -50.78 5.39 29.13
C HIS A 327 -51.99 4.61 29.61
N LYS A 328 -52.57 3.79 28.75
CA LYS A 328 -53.74 2.99 29.14
C LYS A 328 -53.29 1.87 30.08
N GLY A 329 -53.95 1.77 31.22
CA GLY A 329 -53.59 0.83 32.24
C GLY A 329 -52.80 1.41 33.39
N LEU A 330 -52.27 2.63 33.21
CA LEU A 330 -51.47 3.25 34.27
C LEU A 330 -52.31 3.77 35.42
N TYR A 331 -53.53 4.25 35.14
CA TYR A 331 -54.43 4.65 36.21
C TYR A 331 -54.82 3.48 37.09
N GLU A 332 -55.09 2.33 36.49
CA GLU A 332 -55.40 1.14 37.28
C GLU A 332 -54.17 0.64 38.02
N ILE A 333 -52.98 0.81 37.45
CA ILE A 333 -51.73 0.47 38.13
C ILE A 333 -51.57 1.33 39.38
N LEU A 334 -51.79 2.63 39.27
CA LEU A 334 -51.55 3.54 40.36
C LEU A 334 -52.72 3.64 41.32
N THR A 335 -53.87 3.06 40.98
CA THR A 335 -55.00 3.01 41.90
C THR A 335 -55.28 1.62 42.44
N THR A 336 -54.53 0.60 42.03
CA THR A 336 -54.65 -0.71 42.63
C THR A 336 -53.38 -1.18 43.32
N SER A 337 -52.23 -0.57 43.05
CA SER A 337 -50.96 -0.98 43.64
C SER A 337 -50.45 0.14 44.53
N TRP A 338 -50.21 -0.18 45.80
CA TRP A 338 -49.59 0.79 46.70
C TRP A 338 -48.09 0.90 46.44
N HIS A 339 -47.47 -0.14 45.89
CA HIS A 339 -46.03 -0.12 45.68
C HIS A 339 -45.62 0.78 44.52
N ALA A 340 -46.43 0.84 43.46
CA ALA A 340 -46.14 1.78 42.38
C ALA A 340 -46.29 3.22 42.85
N GLN A 341 -47.29 3.49 43.67
CA GLN A 341 -47.44 4.81 44.28
C GLN A 341 -46.26 5.14 45.18
N LEU A 342 -45.80 4.18 45.98
CA LEU A 342 -44.63 4.41 46.81
C LEU A 342 -43.37 4.61 45.98
N ALA A 343 -43.22 3.90 44.86
CA ALA A 343 -42.06 4.07 44.00
C ALA A 343 -42.04 5.44 43.34
N ILE A 344 -43.20 5.96 42.95
CA ILE A 344 -43.25 7.31 42.38
C ILE A 344 -42.99 8.35 43.46
N ASN A 345 -43.71 8.24 44.58
CA ASN A 345 -43.67 9.26 45.63
C ASN A 345 -42.31 9.31 46.31
N LEU A 346 -41.69 8.16 46.51
CA LEU A 346 -40.39 8.08 47.16
C LEU A 346 -39.28 8.63 46.27
N ALA A 347 -39.33 8.37 44.96
CA ALA A 347 -38.41 8.98 44.01
C ALA A 347 -38.54 10.49 43.95
N LEU A 348 -39.76 11.00 43.87
CA LEU A 348 -39.95 12.44 43.85
C LEU A 348 -39.62 13.10 45.17
N LEU A 349 -39.85 12.43 46.30
CA LEU A 349 -39.46 12.99 47.58
C LEU A 349 -37.95 12.96 47.76
N GLY A 350 -37.29 11.93 47.25
CA GLY A 350 -35.83 11.89 47.32
C GLY A 350 -35.18 12.96 46.46
N SER A 351 -35.65 13.11 45.22
CA SER A 351 -35.15 14.17 44.37
C SER A 351 -35.52 15.54 44.91
N LEU A 352 -36.67 15.66 45.57
CA LEU A 352 -37.08 16.87 46.23
C LEU A 352 -36.16 17.23 47.39
N THR A 353 -35.76 16.23 48.17
CA THR A 353 -34.87 16.48 49.30
C THR A 353 -33.48 16.87 48.81
N ILE A 354 -33.05 16.28 47.69
CA ILE A 354 -31.80 16.68 47.06
C ILE A 354 -31.88 18.11 46.52
N ILE A 355 -33.04 18.50 45.96
CA ILE A 355 -33.28 19.87 45.54
C ILE A 355 -33.25 20.82 46.72
N VAL A 356 -33.83 20.41 47.85
CA VAL A 356 -33.80 21.19 49.09
C VAL A 356 -32.36 21.42 49.54
N ALA A 357 -31.55 20.37 49.49
CA ALA A 357 -30.13 20.50 49.85
C ALA A 357 -29.39 21.44 48.90
N GLN A 358 -29.57 21.27 47.60
CA GLN A 358 -28.89 22.11 46.62
C GLN A 358 -29.40 23.55 46.60
N HIS A 359 -30.57 23.81 47.18
CA HIS A 359 -31.11 25.16 47.22
C HIS A 359 -30.83 25.91 48.50
N MET A 360 -30.85 25.24 49.64
CA MET A 360 -30.66 25.94 50.91
C MET A 360 -29.22 26.36 51.15
N TYR A 361 -28.25 25.78 50.45
CA TYR A 361 -26.89 26.27 50.60
C TYR A 361 -26.66 27.55 49.80
N ALA A 362 -27.23 27.63 48.60
CA ALA A 362 -27.00 28.76 47.71
C ALA A 362 -27.92 29.93 48.01
N MET A 363 -29.15 29.65 48.42
CA MET A 363 -30.10 30.67 48.84
C MET A 363 -30.53 30.31 50.25
N PRO A 364 -29.74 30.70 51.26
CA PRO A 364 -30.07 30.35 52.64
C PRO A 364 -31.31 31.08 53.12
N PRO A 365 -32.35 30.35 53.52
CA PRO A 365 -33.63 30.99 53.82
C PRO A 365 -33.71 31.62 55.20
N TYR A 366 -32.72 31.43 56.04
CA TYR A 366 -32.85 31.77 57.44
C TYR A 366 -31.80 32.79 57.85
N PRO A 367 -32.11 33.66 58.81
CA PRO A 367 -31.11 34.62 59.30
C PRO A 367 -29.97 33.91 60.01
N TYR A 368 -28.74 34.32 59.66
CA TYR A 368 -27.50 33.77 60.19
C TYR A 368 -27.37 32.26 59.96
N LEU A 369 -27.87 31.80 58.81
CA LEU A 369 -27.71 30.41 58.40
C LEU A 369 -26.40 30.19 57.65
N ALA A 370 -26.07 31.11 56.72
CA ALA A 370 -24.86 30.96 55.94
C ALA A 370 -23.63 31.33 56.76
N THR A 371 -23.80 32.12 57.83
CA THR A 371 -22.68 32.47 58.69
C THR A 371 -22.20 31.26 59.46
N ASP A 372 -23.11 30.51 60.08
CA ASP A 372 -22.74 29.28 60.76
C ASP A 372 -22.56 28.20 59.71
N TYR A 373 -21.29 27.90 59.38
CA TYR A 373 -20.99 26.94 58.33
C TYR A 373 -21.36 25.52 58.73
N GLY A 374 -21.38 25.24 60.03
CA GLY A 374 -21.71 23.90 60.49
C GLY A 374 -23.14 23.51 60.20
N THR A 375 -24.06 24.45 60.43
CA THR A 375 -25.47 24.23 60.13
C THR A 375 -25.69 23.98 58.64
N GLN A 376 -25.06 24.80 57.79
CA GLN A 376 -25.25 24.69 56.35
C GLN A 376 -24.68 23.39 55.81
N LEU A 377 -23.48 23.03 56.25
CA LEU A 377 -22.87 21.76 55.85
C LEU A 377 -23.70 20.57 56.33
N SER A 378 -24.20 20.62 57.57
CA SER A 378 -24.96 19.52 58.12
C SER A 378 -26.31 19.35 57.43
N ILE A 379 -27.01 20.45 57.11
CA ILE A 379 -28.31 20.31 56.47
C ILE A 379 -28.13 19.85 55.02
N PHE A 380 -27.07 20.30 54.34
CA PHE A 380 -26.80 19.83 52.99
C PHE A 380 -26.52 18.34 52.98
N THR A 381 -25.62 17.89 53.86
CA THR A 381 -25.24 16.48 53.91
C THR A 381 -26.41 15.60 54.32
N HIS A 382 -27.18 16.05 55.32
CA HIS A 382 -28.33 15.29 55.81
C HIS A 382 -29.39 15.14 54.74
N HIS A 383 -29.69 16.21 53.99
CA HIS A 383 -30.71 16.12 52.98
C HIS A 383 -30.25 15.36 51.74
N MET A 384 -28.97 15.44 51.37
CA MET A 384 -28.46 14.51 50.36
C MET A 384 -28.60 13.05 50.76
N TRP A 385 -28.26 12.71 52.00
CA TRP A 385 -28.33 11.32 52.41
C TRP A 385 -29.77 10.82 52.45
N ILE A 386 -30.68 11.64 52.99
CA ILE A 386 -32.10 11.27 53.04
C ILE A 386 -32.67 11.12 51.63
N GLY A 387 -32.34 12.07 50.74
CA GLY A 387 -32.84 12.00 49.38
C GLY A 387 -32.35 10.79 48.60
N GLY A 388 -31.06 10.46 48.74
CA GLY A 388 -30.56 9.27 48.07
C GLY A 388 -31.14 7.98 48.61
N PHE A 389 -31.36 7.92 49.93
CA PHE A 389 -32.01 6.75 50.51
C PHE A 389 -33.43 6.60 49.98
N LEU A 390 -34.15 7.71 49.83
CA LEU A 390 -35.51 7.63 49.30
C LEU A 390 -35.53 7.23 47.83
N ILE A 391 -34.53 7.66 47.05
CA ILE A 391 -34.46 7.25 45.64
C ILE A 391 -34.19 5.75 45.52
N VAL A 392 -33.29 5.23 46.35
CA VAL A 392 -33.03 3.79 46.34
C VAL A 392 -34.24 2.99 46.81
N GLY A 393 -34.96 3.51 47.81
CA GLY A 393 -36.23 2.89 48.18
C GLY A 393 -37.28 2.93 47.10
N ALA A 394 -37.26 3.97 46.26
CA ALA A 394 -38.15 4.01 45.10
C ALA A 394 -37.82 2.92 44.11
N GLY A 395 -36.52 2.70 43.85
CA GLY A 395 -36.12 1.56 43.05
C GLY A 395 -36.55 0.23 43.66
N ALA A 396 -36.47 0.14 44.98
CA ALA A 396 -36.92 -1.06 45.70
C ALA A 396 -38.40 -1.32 45.48
N HIS A 397 -39.23 -0.30 45.68
CA HIS A 397 -40.67 -0.52 45.58
C HIS A 397 -41.15 -0.62 44.14
N ALA A 398 -40.41 -0.08 43.17
CA ALA A 398 -40.69 -0.42 41.79
C ALA A 398 -40.43 -1.90 41.53
N SER A 399 -39.34 -2.44 42.08
CA SER A 399 -39.08 -3.87 41.96
C SER A 399 -40.14 -4.71 42.66
N ILE A 400 -40.62 -4.26 43.83
CA ILE A 400 -41.70 -4.98 44.51
C ILE A 400 -43.00 -4.89 43.74
N PHE A 401 -43.26 -3.76 43.07
CA PHE A 401 -44.43 -3.66 42.20
C PHE A 401 -44.37 -4.65 41.05
N MET A 402 -43.19 -4.84 40.46
CA MET A 402 -43.09 -5.63 39.24
C MET A 402 -43.37 -7.11 39.45
N VAL A 403 -43.02 -7.68 40.61
CA VAL A 403 -43.30 -9.10 40.80
C VAL A 403 -44.56 -9.38 41.61
N ARG A 404 -45.06 -8.41 42.37
CA ARG A 404 -46.17 -8.66 43.27
C ARG A 404 -47.45 -7.96 42.86
N ASP A 405 -47.38 -6.87 42.10
CA ASP A 405 -48.55 -6.11 41.72
C ASP A 405 -48.71 -5.92 40.22
N TYR A 406 -47.71 -6.25 39.42
CA TYR A 406 -47.82 -6.09 37.99
C TYR A 406 -48.67 -7.21 37.39
N ASP A 407 -49.65 -6.83 36.57
CA ASP A 407 -50.51 -7.78 35.90
C ASP A 407 -50.35 -7.63 34.39
N PRO A 408 -49.87 -8.65 33.68
CA PRO A 408 -49.70 -8.54 32.23
C PRO A 408 -51.00 -8.44 31.44
N ALA A 409 -52.14 -8.85 32.04
CA ALA A 409 -53.42 -8.75 31.34
C ALA A 409 -53.84 -7.30 31.15
N LYS A 410 -53.62 -6.47 32.18
CA LYS A 410 -54.00 -5.06 32.07
C LYS A 410 -52.97 -4.26 31.29
N ASN A 411 -51.79 -4.83 31.06
CA ASN A 411 -50.70 -4.12 30.41
C ASN A 411 -50.34 -4.85 29.12
N VAL A 412 -51.04 -4.50 28.05
CA VAL A 412 -50.72 -4.99 26.70
C VAL A 412 -50.43 -3.76 25.85
N ASN A 413 -49.22 -3.68 25.31
CA ASN A 413 -48.77 -2.66 24.36
C ASN A 413 -48.81 -1.23 24.91
N ASN A 414 -48.87 -1.04 26.22
CA ASN A 414 -48.78 0.30 26.78
C ASN A 414 -47.31 0.63 27.01
N LEU A 415 -47.04 1.68 27.79
CA LEU A 415 -45.66 2.11 28.02
C LEU A 415 -44.89 1.08 28.84
N LEU A 416 -45.51 0.53 29.88
CA LEU A 416 -44.82 -0.43 30.75
C LEU A 416 -44.51 -1.72 30.01
N ASP A 417 -45.44 -2.19 29.17
CA ASP A 417 -45.21 -3.37 28.37
C ASP A 417 -44.06 -3.17 27.39
N ARG A 418 -43.98 -2.00 26.78
CA ARG A 418 -42.91 -1.75 25.82
C ARG A 418 -41.55 -1.53 26.49
N VAL A 419 -41.56 -0.96 27.70
CA VAL A 419 -40.33 -0.90 28.49
C VAL A 419 -39.83 -2.29 28.84
N LEU A 420 -40.75 -3.19 29.21
CA LEU A 420 -40.36 -4.57 29.44
C LEU A 420 -39.91 -5.26 28.15
N ARG A 421 -40.46 -4.85 27.01
CA ARG A 421 -40.10 -5.46 25.74
C ARG A 421 -38.75 -5.01 25.22
N HIS A 422 -38.29 -3.81 25.56
CA HIS A 422 -36.96 -3.38 25.10
C HIS A 422 -36.05 -3.05 26.28
N ARG A 423 -36.27 -3.72 27.42
CA ARG A 423 -35.39 -3.62 28.58
C ARG A 423 -33.93 -3.95 28.29
N ASP A 424 -33.65 -4.83 27.32
CA ASP A 424 -32.26 -5.08 26.95
C ASP A 424 -31.62 -3.86 26.31
N ALA A 425 -32.35 -3.18 25.42
CA ALA A 425 -31.85 -1.95 24.81
C ALA A 425 -31.73 -0.82 25.81
N ILE A 426 -32.61 -0.79 26.81
CA ILE A 426 -32.48 0.21 27.88
C ILE A 426 -31.22 -0.05 28.71
N ILE A 427 -31.07 -1.29 29.20
CA ILE A 427 -30.04 -1.60 30.17
C ILE A 427 -28.66 -1.62 29.51
N SER A 428 -28.57 -2.05 28.26
CA SER A 428 -27.29 -2.08 27.58
C SER A 428 -26.75 -0.68 27.28
N HIS A 429 -27.63 0.25 26.89
CA HIS A 429 -27.17 1.61 26.66
C HIS A 429 -26.89 2.35 27.95
N LEU A 430 -27.65 2.03 29.02
CA LEU A 430 -27.30 2.55 30.33
C LEU A 430 -25.96 2.01 30.81
N ASN A 431 -25.68 0.74 30.53
CA ASN A 431 -24.39 0.15 30.85
C ASN A 431 -23.26 0.81 30.08
N TRP A 432 -23.51 1.12 28.79
CA TRP A 432 -22.50 1.82 28.00
C TRP A 432 -22.25 3.22 28.52
N VAL A 433 -23.30 3.96 28.88
CA VAL A 433 -23.07 5.32 29.37
C VAL A 433 -22.42 5.30 30.75
N CYS A 434 -22.67 4.26 31.56
CA CYS A 434 -21.95 4.11 32.81
C CYS A 434 -20.48 3.83 32.60
N ILE A 435 -20.15 2.97 31.63
CA ILE A 435 -18.75 2.66 31.33
C ILE A 435 -18.04 3.89 30.75
N TRP A 436 -18.72 4.61 29.84
CA TRP A 436 -18.16 5.82 29.26
C TRP A 436 -17.92 6.89 30.31
N LEU A 437 -18.89 7.09 31.20
CA LEU A 437 -18.76 8.08 32.25
C LEU A 437 -17.69 7.69 33.24
N GLY A 438 -17.56 6.40 33.55
CA GLY A 438 -16.48 5.96 34.42
C GLY A 438 -15.12 6.19 33.84
N PHE A 439 -14.93 5.86 32.56
CA PHE A 439 -13.65 6.12 31.91
C PHE A 439 -13.36 7.62 31.83
N HIS A 440 -14.28 8.40 31.28
CA HIS A 440 -14.01 9.82 31.04
C HIS A 440 -14.39 10.71 32.20
N SER A 441 -14.56 10.14 33.38
CA SER A 441 -14.62 10.93 34.62
C SER A 441 -13.58 10.49 35.62
N PHE A 442 -13.26 9.19 35.68
CA PHE A 442 -12.30 8.71 36.64
C PHE A 442 -10.92 8.52 36.02
N GLY A 443 -10.83 8.11 34.76
CA GLY A 443 -9.56 8.06 34.08
C GLY A 443 -8.92 9.41 33.86
N LEU A 444 -9.72 10.49 33.88
CA LEU A 444 -9.14 11.82 33.96
C LEU A 444 -8.38 12.00 35.27
N TYR A 445 -8.95 11.54 36.38
CA TYR A 445 -8.26 11.59 37.67
C TYR A 445 -7.05 10.66 37.69
N ILE A 446 -7.17 9.49 37.05
CA ILE A 446 -6.05 8.55 37.00
C ILE A 446 -4.91 9.11 36.15
N HIS A 447 -5.26 9.72 35.01
CA HIS A 447 -4.28 10.40 34.16
C HIS A 447 -3.63 11.56 34.91
N ASN A 448 -4.40 12.30 35.69
CA ASN A 448 -3.84 13.41 36.44
C ASN A 448 -2.93 12.93 37.56
N ASP A 449 -3.29 11.83 38.23
CA ASP A 449 -2.39 11.19 39.19
C ASP A 449 -1.10 10.76 38.53
N THR A 450 -1.20 10.17 37.35
CA THR A 450 -0.03 9.65 36.66
C THR A 450 0.89 10.79 36.22
N MET A 451 0.34 11.82 35.58
CA MET A 451 1.20 12.92 35.12
C MET A 451 1.71 13.78 36.27
N ARG A 452 0.96 13.92 37.36
CA ARG A 452 1.52 14.60 38.52
C ARG A 452 2.59 13.75 39.20
N ALA A 453 2.45 12.43 39.16
CA ALA A 453 3.48 11.53 39.70
C ALA A 453 4.71 11.46 38.82
N LEU A 454 4.55 11.48 37.50
CA LEU A 454 5.66 11.36 36.57
C LEU A 454 6.34 12.69 36.29
N GLY A 455 6.02 13.74 37.03
CA GLY A 455 6.63 15.03 36.81
C GLY A 455 6.22 15.68 35.51
N ARG A 456 4.94 15.57 35.15
CA ARG A 456 4.41 16.16 33.93
C ARG A 456 3.21 17.03 34.28
N PRO A 457 3.44 18.19 34.86
CA PRO A 457 2.30 19.05 35.24
C PRO A 457 1.64 19.73 34.05
N GLN A 458 2.29 19.74 32.89
CA GLN A 458 1.72 20.33 31.69
C GLN A 458 0.93 19.32 30.86
N ASP A 459 0.97 18.04 31.23
CA ASP A 459 0.24 16.99 30.52
C ASP A 459 -1.05 16.61 31.23
N MET A 460 -1.42 17.35 32.28
CA MET A 460 -2.56 16.99 33.12
C MET A 460 -3.85 17.56 32.56
N PHE A 461 -4.95 17.32 33.29
CA PHE A 461 -6.22 17.98 33.04
C PHE A 461 -6.44 19.01 34.15
N SER A 462 -5.86 20.18 33.96
CA SER A 462 -5.88 21.23 34.96
C SER A 462 -6.21 22.56 34.28
N ASP A 463 -6.30 23.61 35.10
CA ASP A 463 -6.48 24.94 34.54
C ASP A 463 -5.20 25.46 33.90
N SER A 464 -4.04 25.15 34.50
CA SER A 464 -2.76 25.49 33.87
C SER A 464 -2.42 24.51 32.76
N ALA A 465 -2.83 23.26 32.91
CA ALA A 465 -2.57 22.19 31.97
C ALA A 465 -3.69 22.16 30.92
N ILE A 466 -3.91 21.06 30.19
CA ILE A 466 -5.03 20.89 29.26
C ILE A 466 -6.35 21.19 29.97
N GLN A 467 -7.04 22.22 29.50
CA GLN A 467 -8.23 22.69 30.20
C GLN A 467 -9.46 21.94 29.74
N LEU A 468 -10.41 21.79 30.66
CA LEU A 468 -11.68 21.13 30.44
C LEU A 468 -12.79 21.99 31.00
N GLN A 469 -12.81 23.26 30.59
CA GLN A 469 -13.70 24.24 31.20
C GLN A 469 -15.17 23.93 30.91
N PRO A 470 -16.03 23.90 31.93
CA PRO A 470 -17.46 23.62 31.73
C PRO A 470 -18.18 24.84 31.16
N VAL A 471 -18.09 24.97 29.83
CA VAL A 471 -18.57 26.18 29.15
C VAL A 471 -20.09 26.33 29.20
N PHE A 472 -20.84 25.23 29.27
CA PHE A 472 -22.29 25.34 29.36
C PHE A 472 -22.74 25.84 30.73
N ALA A 473 -22.16 25.32 31.80
CA ALA A 473 -22.46 25.79 33.14
C ALA A 473 -21.99 27.22 33.38
N GLN A 474 -20.83 27.60 32.83
CA GLN A 474 -20.39 28.98 32.90
C GLN A 474 -21.28 29.92 32.11
N TRP A 475 -21.79 29.48 30.96
CA TRP A 475 -22.75 30.27 30.19
C TRP A 475 -24.06 30.45 30.97
N ILE A 476 -24.51 29.39 31.64
CA ILE A 476 -25.73 29.48 32.44
C ILE A 476 -25.52 30.37 33.67
N GLN A 477 -24.32 30.32 34.26
CA GLN A 477 -23.97 31.24 35.35
C GLN A 477 -23.96 32.68 34.87
N GLY A 478 -23.44 32.93 33.67
CA GLY A 478 -23.48 34.28 33.12
C GLY A 478 -24.90 34.74 32.82
N LEU A 479 -25.76 33.83 32.40
CA LEU A 479 -27.17 34.15 32.21
C LEU A 479 -27.87 34.48 33.52
N HIS A 480 -27.55 33.77 34.60
CA HIS A 480 -28.20 34.04 35.88
C HIS A 480 -27.66 35.30 36.55
N ALA A 481 -26.38 35.60 36.37
CA ALA A 481 -25.81 36.81 36.95
C ALA A 481 -26.37 38.05 36.29
N ALA A 482 -26.67 37.97 34.99
CA ALA A 482 -27.27 39.08 34.28
C ALA A 482 -28.79 38.99 34.23
N ALA A 483 -29.39 38.08 34.98
CA ALA A 483 -30.84 37.87 34.91
C ALA A 483 -31.61 39.01 35.56
N ALA A 484 -31.05 39.58 36.62
CA ALA A 484 -31.71 40.69 37.31
C ALA A 484 -31.60 41.96 36.50
N GLY A 485 -32.75 42.47 36.05
CA GLY A 485 -32.79 43.67 35.25
C GLY A 485 -32.89 43.45 33.75
N ALA A 486 -32.58 42.24 33.28
CA ALA A 486 -32.64 41.97 31.85
C ALA A 486 -33.74 40.97 31.53
N THR A 487 -33.68 39.79 32.13
CA THR A 487 -34.73 38.79 31.98
C THR A 487 -35.61 38.69 33.21
N ALA A 488 -35.19 39.27 34.32
CA ALA A 488 -36.06 39.48 35.48
C ALA A 488 -35.97 40.94 35.83
N PRO A 489 -36.72 41.80 35.11
CA PRO A 489 -36.53 43.26 35.26
C PRO A 489 -36.98 43.81 36.61
N PHE A 490 -37.80 43.09 37.36
CA PHE A 490 -38.26 43.57 38.65
C PHE A 490 -37.62 42.84 39.82
N ALA A 491 -36.40 42.35 39.64
CA ALA A 491 -35.61 41.78 40.73
C ALA A 491 -34.49 42.74 41.08
N SER A 492 -34.33 43.03 42.38
CA SER A 492 -33.25 43.90 42.82
C SER A 492 -31.89 43.26 42.60
N ALA A 493 -31.79 41.95 42.86
CA ALA A 493 -30.55 41.23 42.62
C ALA A 493 -30.86 39.85 42.06
N GLY A 494 -29.82 39.03 41.86
CA GLY A 494 -30.01 37.67 41.43
C GLY A 494 -30.58 36.80 42.53
N VAL A 495 -30.92 35.56 42.17
CA VAL A 495 -31.53 34.64 43.12
C VAL A 495 -30.52 34.24 44.19
N SER A 496 -29.24 34.26 43.85
CA SER A 496 -28.18 33.81 44.74
C SER A 496 -26.89 34.51 44.35
N PRO A 497 -25.97 34.73 45.29
CA PRO A 497 -24.66 35.26 44.92
C PRO A 497 -23.75 34.24 44.25
N VAL A 498 -24.22 33.00 44.06
CA VAL A 498 -23.42 31.94 43.47
C VAL A 498 -23.05 32.26 42.03
N PHE A 499 -24.02 32.71 41.25
CA PHE A 499 -23.81 32.87 39.81
C PHE A 499 -23.01 34.11 39.47
N GLY A 500 -22.89 35.05 40.40
CA GLY A 500 -22.13 36.25 40.13
C GLY A 500 -22.45 37.30 41.16
N GLY A 501 -21.99 38.52 40.87
CA GLY A 501 -22.20 39.64 41.76
C GLY A 501 -21.02 39.87 42.67
N GLU A 502 -21.31 40.13 43.95
CA GLU A 502 -20.28 40.45 44.92
C GLU A 502 -20.35 39.47 46.07
N VAL A 503 -19.34 39.55 46.95
CA VAL A 503 -19.27 38.71 48.13
C VAL A 503 -20.27 39.19 49.17
N VAL A 504 -21.30 38.40 49.44
CA VAL A 504 -22.20 38.69 50.55
C VAL A 504 -21.55 38.15 51.82
N ALA A 505 -21.29 39.05 52.77
CA ALA A 505 -20.55 38.72 53.98
C ALA A 505 -21.25 39.35 55.18
N VAL A 506 -21.37 38.58 56.26
CA VAL A 506 -22.02 39.02 57.49
C VAL A 506 -21.06 38.83 58.65
N GLY A 507 -20.86 39.88 59.43
CA GLY A 507 -19.92 39.84 60.53
C GLY A 507 -18.50 39.97 60.03
N GLY A 508 -17.75 38.88 60.10
CA GLY A 508 -16.42 38.84 59.55
C GLY A 508 -16.27 37.68 58.58
N LYS A 509 -17.27 36.81 58.58
CA LYS A 509 -17.27 35.62 57.75
C LYS A 509 -18.12 35.84 56.50
N VAL A 510 -17.85 35.04 55.48
CA VAL A 510 -18.57 35.12 54.22
C VAL A 510 -19.88 34.37 54.34
N ALA A 511 -20.99 35.04 54.02
CA ALA A 511 -22.23 34.31 53.80
C ALA A 511 -22.14 33.49 52.52
N MET A 512 -22.00 34.16 51.37
CA MET A 512 -21.84 33.49 50.08
C MET A 512 -20.94 34.29 49.16
N MET A 513 -20.17 33.58 48.33
CA MET A 513 -19.38 34.14 47.25
C MET A 513 -19.88 33.58 45.92
N PRO A 514 -19.49 34.19 44.81
CA PRO A 514 -19.59 33.49 43.51
C PRO A 514 -18.78 32.20 43.52
N ILE A 515 -19.34 31.16 42.91
CA ILE A 515 -18.71 29.85 42.85
C ILE A 515 -18.27 29.64 41.40
N THR A 516 -17.01 29.96 41.12
CA THR A 516 -16.47 29.76 39.78
C THR A 516 -16.23 28.28 39.53
N LEU A 517 -16.55 27.85 38.31
CA LEU A 517 -16.43 26.46 37.91
C LEU A 517 -15.28 26.31 36.93
N GLY A 518 -14.34 25.44 37.27
CA GLY A 518 -13.19 25.19 36.40
C GLY A 518 -13.07 23.74 35.99
N THR A 519 -11.84 23.30 35.73
CA THR A 519 -11.59 21.93 35.31
C THR A 519 -11.95 20.93 36.41
N ALA A 520 -11.63 21.27 37.66
CA ALA A 520 -11.96 20.40 38.79
C ALA A 520 -13.45 20.23 38.97
N ASP A 521 -14.22 21.31 38.81
CA ASP A 521 -15.67 21.25 38.89
C ASP A 521 -16.28 20.44 37.76
N PHE A 522 -15.76 20.59 36.53
CA PHE A 522 -16.15 19.76 35.40
C PHE A 522 -15.92 18.28 35.68
N MET A 523 -14.74 17.94 36.17
CA MET A 523 -14.37 16.56 36.41
C MET A 523 -15.18 15.94 37.54
N VAL A 524 -15.41 16.69 38.62
CA VAL A 524 -16.21 16.15 39.72
C VAL A 524 -17.70 16.13 39.39
N HIS A 525 -18.20 17.02 38.51
CA HIS A 525 -19.58 16.90 38.07
C HIS A 525 -19.78 15.71 37.15
N HIS A 526 -18.76 15.37 36.37
CA HIS A 526 -18.85 14.16 35.58
C HIS A 526 -18.77 12.91 36.45
N ILE A 527 -18.02 12.95 37.54
CA ILE A 527 -18.06 11.85 38.50
C ILE A 527 -19.43 11.75 39.18
N HIS A 528 -20.06 12.91 39.45
CA HIS A 528 -21.42 12.91 39.98
C HIS A 528 -22.40 12.26 39.02
N ALA A 529 -22.32 12.63 37.74
CA ALA A 529 -23.17 12.04 36.71
C ALA A 529 -22.89 10.55 36.57
N PHE A 530 -21.63 10.15 36.64
CA PHE A 530 -21.24 8.75 36.55
C PHE A 530 -21.82 7.92 37.69
N THR A 531 -21.66 8.38 38.92
CA THR A 531 -22.12 7.60 40.06
C THR A 531 -23.64 7.56 40.14
N ILE A 532 -24.30 8.67 39.80
CA ILE A 532 -25.75 8.69 39.67
C ILE A 532 -26.21 7.72 38.61
N HIS A 533 -25.49 7.66 37.48
CA HIS A 533 -25.87 6.79 36.38
C HIS A 533 -25.70 5.31 36.75
N VAL A 534 -24.66 4.98 37.50
CA VAL A 534 -24.49 3.58 37.90
C VAL A 534 -25.55 3.19 38.92
N THR A 535 -25.89 4.10 39.84
CA THR A 535 -27.00 3.82 40.75
C THR A 535 -28.31 3.62 40.00
N VAL A 536 -28.55 4.44 38.97
CA VAL A 536 -29.69 4.27 38.08
C VAL A 536 -29.62 2.93 37.37
N LEU A 537 -28.42 2.52 36.95
CA LEU A 537 -28.25 1.28 36.23
C LEU A 537 -28.59 0.07 37.09
N ILE A 538 -28.11 0.05 38.33
CA ILE A 538 -28.41 -1.09 39.22
C ILE A 538 -29.88 -1.11 39.59
N LEU A 539 -30.45 0.05 39.95
CA LEU A 539 -31.85 0.08 40.36
C LEU A 539 -32.79 -0.21 39.20
N LEU A 540 -32.56 0.40 38.04
CA LEU A 540 -33.40 0.16 36.87
C LEU A 540 -33.21 -1.25 36.32
N LYS A 541 -32.01 -1.82 36.43
CA LYS A 541 -31.81 -3.21 36.05
C LYS A 541 -32.56 -4.14 36.99
N GLY A 542 -32.63 -3.79 38.27
CA GLY A 542 -33.47 -4.55 39.18
C GLY A 542 -34.94 -4.41 38.87
N VAL A 543 -35.37 -3.25 38.37
CA VAL A 543 -36.78 -3.03 38.06
C VAL A 543 -37.17 -3.80 36.81
N LEU A 544 -36.39 -3.67 35.73
CA LEU A 544 -36.79 -4.21 34.44
C LEU A 544 -36.62 -5.72 34.41
N TYR A 545 -35.57 -6.23 35.03
CA TYR A 545 -35.32 -7.67 35.10
C TYR A 545 -35.84 -8.27 36.39
N SER A 546 -36.91 -7.69 36.94
CA SER A 546 -37.45 -8.20 38.21
C SER A 546 -38.24 -9.48 37.98
N ARG A 547 -39.00 -9.54 36.89
CA ARG A 547 -39.89 -10.65 36.61
C ARG A 547 -39.21 -11.80 35.88
N SER A 548 -38.32 -11.49 34.94
CA SER A 548 -37.74 -12.51 34.08
C SER A 548 -36.44 -11.98 33.51
N SER A 549 -35.65 -12.90 32.97
CA SER A 549 -34.42 -12.57 32.28
C SER A 549 -34.08 -13.72 31.33
N ARG A 550 -32.97 -13.58 30.62
CA ARG A 550 -32.46 -14.70 29.85
C ARG A 550 -31.89 -15.77 30.75
N LEU A 551 -31.44 -15.39 31.94
CA LEU A 551 -30.91 -16.35 32.90
C LEU A 551 -32.02 -17.13 33.59
N ILE A 552 -32.87 -16.44 34.32
CA ILE A 552 -33.97 -17.05 35.06
C ILE A 552 -35.28 -16.50 34.50
N PRO A 553 -35.96 -17.25 33.65
CA PRO A 553 -37.22 -16.76 33.08
C PRO A 553 -38.37 -16.79 34.07
N ASP A 554 -38.38 -17.77 34.96
CA ASP A 554 -39.43 -17.90 35.96
C ASP A 554 -38.95 -17.28 37.29
N LYS A 555 -38.70 -15.98 37.24
CA LYS A 555 -38.19 -15.26 38.40
C LYS A 555 -39.26 -14.51 39.16
N ALA A 556 -40.44 -14.33 38.59
CA ALA A 556 -41.52 -13.68 39.32
C ALA A 556 -42.13 -14.63 40.36
N GLU A 557 -42.06 -15.93 40.12
CA GLU A 557 -42.60 -16.88 41.09
C GLU A 557 -41.68 -17.03 42.29
N LEU A 558 -40.39 -16.70 42.13
CA LEU A 558 -39.47 -16.74 43.24
C LEU A 558 -39.66 -15.58 44.21
N GLY A 559 -40.19 -14.45 43.73
CA GLY A 559 -40.52 -13.33 44.58
C GLY A 559 -39.56 -12.17 44.42
N PHE A 560 -39.85 -11.12 45.17
CA PHE A 560 -38.97 -9.96 45.20
C PHE A 560 -37.71 -10.26 45.99
N ARG A 561 -37.87 -10.90 47.15
CA ARG A 561 -36.81 -11.06 48.13
C ARG A 561 -36.47 -12.54 48.26
N PHE A 562 -35.60 -13.01 47.39
CA PHE A 562 -35.04 -14.35 47.47
C PHE A 562 -33.55 -14.26 47.21
N PRO A 563 -32.74 -15.16 47.80
CA PRO A 563 -31.29 -15.05 47.64
C PRO A 563 -30.78 -15.32 46.24
N CYS A 564 -31.21 -16.43 45.68
CA CYS A 564 -30.62 -16.97 44.45
C CYS A 564 -31.56 -18.04 43.94
N ASP A 565 -31.27 -18.51 42.73
CA ASP A 565 -31.93 -19.71 42.24
C ASP A 565 -31.08 -20.96 42.39
N GLY A 566 -29.78 -20.81 42.60
CA GLY A 566 -28.90 -21.93 42.85
C GLY A 566 -27.53 -21.69 42.25
N PRO A 567 -26.63 -22.66 42.40
CA PRO A 567 -25.32 -22.57 41.75
C PRO A 567 -25.34 -22.92 40.27
N GLY A 568 -26.50 -23.26 39.73
CA GLY A 568 -26.59 -23.58 38.33
C GLY A 568 -26.61 -22.35 37.47
N ARG A 569 -26.54 -22.60 36.15
CA ARG A 569 -26.37 -21.58 35.12
C ARG A 569 -25.11 -20.75 35.38
N GLY A 570 -24.08 -21.39 35.90
CA GLY A 570 -22.88 -20.72 36.38
C GLY A 570 -22.94 -20.25 37.81
N GLY A 571 -24.15 -20.10 38.36
CA GLY A 571 -24.34 -19.54 39.68
C GLY A 571 -25.19 -18.28 39.65
N THR A 572 -26.44 -18.41 40.07
CA THR A 572 -27.41 -17.31 39.96
C THR A 572 -27.52 -16.54 41.26
N CYS A 573 -26.38 -16.04 41.74
CA CYS A 573 -26.31 -15.35 43.01
C CYS A 573 -26.71 -13.89 42.84
N GLN A 574 -27.52 -13.38 43.77
CA GLN A 574 -27.97 -11.97 43.78
C GLN A 574 -28.71 -11.59 42.51
N VAL A 575 -29.58 -12.49 42.05
CA VAL A 575 -30.39 -12.24 40.87
C VAL A 575 -31.67 -11.46 41.16
N SER A 576 -32.09 -11.38 42.41
CA SER A 576 -33.40 -10.85 42.76
C SER A 576 -33.43 -9.33 42.58
N GLY A 577 -34.64 -8.79 42.59
CA GLY A 577 -34.80 -7.35 42.63
C GLY A 577 -34.35 -6.74 43.94
N TRP A 578 -34.36 -7.51 45.02
CA TRP A 578 -33.87 -7.02 46.30
C TRP A 578 -32.36 -6.79 46.28
N ASP A 579 -31.62 -7.69 45.62
CA ASP A 579 -30.18 -7.58 45.62
C ASP A 579 -29.67 -6.42 44.77
N HIS A 580 -30.47 -5.98 43.81
CA HIS A 580 -30.13 -4.75 43.10
C HIS A 580 -30.30 -3.53 43.98
N VAL A 581 -31.28 -3.54 44.89
CA VAL A 581 -31.37 -2.49 45.90
C VAL A 581 -30.18 -2.58 46.85
N PHE A 582 -29.77 -3.81 47.15
CA PHE A 582 -28.63 -4.04 48.04
C PHE A 582 -27.35 -3.46 47.44
N LEU A 583 -27.15 -3.63 46.14
CA LEU A 583 -25.99 -3.03 45.47
C LEU A 583 -26.15 -1.53 45.24
N GLY A 584 -27.39 -1.08 44.97
CA GLY A 584 -27.65 0.33 44.80
C GLY A 584 -27.50 1.14 46.06
N LEU A 585 -27.62 0.51 47.22
CA LEU A 585 -27.29 1.19 48.46
C LEU A 585 -25.79 1.51 48.57
N PHE A 586 -24.93 0.57 48.15
CA PHE A 586 -23.51 0.86 48.09
C PHE A 586 -23.22 1.97 47.07
N TRP A 587 -23.91 1.93 45.94
CA TRP A 587 -23.62 2.94 44.95
C TRP A 587 -24.21 4.32 45.27
N MET A 588 -25.32 4.39 46.02
CA MET A 588 -25.75 5.70 46.51
C MET A 588 -24.82 6.20 47.60
N TYR A 589 -24.28 5.29 48.44
CA TYR A 589 -23.22 5.69 49.37
C TYR A 589 -22.06 6.32 48.64
N ASN A 590 -21.57 5.67 47.58
CA ASN A 590 -20.46 6.20 46.81
C ASN A 590 -20.81 7.54 46.16
N SER A 591 -22.00 7.62 45.55
CA SER A 591 -22.45 8.82 44.86
C SER A 591 -22.58 10.00 45.82
N LEU A 592 -23.32 9.82 46.90
CA LEU A 592 -23.59 10.93 47.80
C LEU A 592 -22.38 11.28 48.63
N SER A 593 -21.48 10.31 48.88
CA SER A 593 -20.22 10.63 49.52
C SER A 593 -19.37 11.53 48.66
N ILE A 594 -19.32 11.26 47.34
CA ILE A 594 -18.59 12.15 46.45
C ILE A 594 -19.27 13.51 46.36
N VAL A 595 -20.62 13.53 46.42
CA VAL A 595 -21.36 14.79 46.37
C VAL A 595 -21.04 15.67 47.59
N ILE A 596 -21.12 15.08 48.79
CA ILE A 596 -20.85 15.86 49.99
C ILE A 596 -19.37 16.16 50.14
N PHE A 597 -18.49 15.36 49.55
CA PHE A 597 -17.07 15.70 49.56
C PHE A 597 -16.79 16.88 48.64
N HIS A 598 -17.41 16.90 47.46
CA HIS A 598 -17.32 18.04 46.55
C HIS A 598 -17.85 19.30 47.20
N PHE A 599 -18.98 19.21 47.90
CA PHE A 599 -19.53 20.35 48.62
C PHE A 599 -18.59 20.82 49.72
N SER A 600 -18.17 19.90 50.60
CA SER A 600 -17.35 20.27 51.75
C SER A 600 -15.97 20.76 51.37
N TRP A 601 -15.47 20.43 50.18
CA TRP A 601 -14.21 21.01 49.73
C TRP A 601 -14.39 22.28 48.93
N LYS A 602 -15.37 22.34 48.01
CA LYS A 602 -15.56 23.52 47.19
C LYS A 602 -16.00 24.72 48.00
N MET A 603 -16.91 24.52 48.97
CA MET A 603 -17.35 25.65 49.78
C MET A 603 -16.27 26.10 50.76
N GLN A 604 -15.48 25.16 51.29
CA GLN A 604 -14.42 25.53 52.23
C GLN A 604 -13.26 26.21 51.52
N SER A 605 -13.01 25.85 50.26
CA SER A 605 -11.87 26.40 49.54
C SER A 605 -12.21 27.65 48.77
N ASP A 606 -13.47 27.80 48.32
CA ASP A 606 -13.79 28.87 47.39
C ASP A 606 -14.98 29.73 47.82
N VAL A 607 -15.70 29.36 48.87
CA VAL A 607 -16.84 30.16 49.32
C VAL A 607 -16.65 30.60 50.75
N TRP A 608 -16.56 29.63 51.67
CA TRP A 608 -16.48 29.95 53.09
C TRP A 608 -15.12 30.52 53.45
N GLY A 609 -15.10 31.32 54.50
CA GLY A 609 -13.88 31.93 54.97
C GLY A 609 -14.16 33.27 55.61
N THR A 610 -13.08 33.94 56.00
CA THR A 610 -13.19 35.25 56.63
C THR A 610 -12.92 36.34 55.61
N VAL A 611 -13.33 37.56 55.93
CA VAL A 611 -13.14 38.72 55.08
C VAL A 611 -12.08 39.58 55.75
N LEU A 612 -10.99 39.84 55.03
CA LEU A 612 -9.99 40.76 55.51
C LEU A 612 -10.53 42.18 55.43
N PRO A 613 -10.04 43.11 56.28
CA PRO A 613 -10.49 44.52 56.20
C PRO A 613 -10.15 45.21 54.90
N ASP A 614 -9.15 44.70 54.17
CA ASP A 614 -8.80 45.21 52.85
C ASP A 614 -9.90 44.90 51.85
N GLY A 615 -10.59 43.78 52.03
CA GLY A 615 -11.68 43.37 51.16
C GLY A 615 -11.52 41.96 50.61
N SER A 616 -10.32 41.41 50.59
CA SER A 616 -10.11 40.07 50.07
C SER A 616 -10.63 39.02 51.05
N VAL A 617 -10.92 37.84 50.52
CA VAL A 617 -11.50 36.76 51.31
C VAL A 617 -10.41 35.70 51.52
N SER A 618 -10.13 35.40 52.79
CA SER A 618 -9.21 34.33 53.15
C SER A 618 -10.05 33.11 53.47
N HIS A 619 -10.00 32.11 52.59
CA HIS A 619 -10.86 30.94 52.74
C HIS A 619 -10.30 29.98 53.79
N ILE A 620 -11.04 28.90 54.03
CA ILE A 620 -10.69 27.98 55.10
C ILE A 620 -9.44 27.18 54.74
N THR A 621 -9.41 26.61 53.54
CA THR A 621 -8.25 25.85 53.11
C THR A 621 -7.28 26.65 52.25
N GLY A 622 -7.78 27.60 51.46
CA GLY A 622 -6.89 28.48 50.73
C GLY A 622 -7.00 28.35 49.23
N GLY A 623 -8.17 27.94 48.74
CA GLY A 623 -8.37 27.79 47.31
C GLY A 623 -7.57 26.68 46.66
N ASN A 624 -7.46 25.53 47.32
CA ASN A 624 -6.73 24.39 46.77
C ASN A 624 -7.60 23.47 45.95
N PHE A 625 -8.87 23.80 45.74
CA PHE A 625 -9.72 22.98 44.89
C PHE A 625 -9.33 23.09 43.42
N ALA A 626 -8.72 24.21 43.02
CA ALA A 626 -8.38 24.40 41.62
C ALA A 626 -7.26 23.47 41.17
N GLN A 627 -6.32 23.14 42.07
CA GLN A 627 -5.15 22.36 41.70
C GLN A 627 -5.06 20.99 42.35
N SER A 628 -5.80 20.75 43.43
CA SER A 628 -5.73 19.46 44.11
C SER A 628 -6.98 18.61 43.95
N ALA A 629 -8.12 19.19 43.56
CA ALA A 629 -9.31 18.39 43.34
C ALA A 629 -9.35 17.76 41.96
N ILE A 630 -8.23 17.77 41.25
CA ILE A 630 -8.11 17.09 39.97
C ILE A 630 -7.39 15.76 40.09
N THR A 631 -6.84 15.44 41.26
CA THR A 631 -6.09 14.21 41.48
C THR A 631 -6.68 13.46 42.66
N ILE A 632 -6.61 12.13 42.60
CA ILE A 632 -7.02 11.31 43.74
C ILE A 632 -6.07 11.53 44.92
N ASN A 633 -4.79 11.75 44.65
CA ASN A 633 -3.85 12.06 45.73
C ASN A 633 -4.14 13.42 46.34
N GLY A 634 -4.63 14.35 45.53
CA GLY A 634 -5.05 15.63 46.09
C GLY A 634 -6.29 15.53 46.95
N TRP A 635 -7.23 14.67 46.55
CA TRP A 635 -8.42 14.42 47.36
C TRP A 635 -8.07 13.67 48.63
N LEU A 636 -7.07 12.80 48.58
CA LEU A 636 -6.63 12.07 49.76
C LEU A 636 -5.83 12.96 50.70
N ARG A 637 -4.97 13.81 50.15
CA ARG A 637 -4.02 14.58 50.94
C ARG A 637 -4.63 15.89 51.42
N ASP A 638 -5.14 16.69 50.50
CA ASP A 638 -5.59 18.03 50.83
C ASP A 638 -7.03 18.07 51.34
N PHE A 639 -7.77 16.97 51.21
CA PHE A 639 -9.13 16.93 51.76
C PHE A 639 -9.27 15.89 52.87
N LEU A 640 -8.96 14.63 52.61
CA LEU A 640 -9.21 13.62 53.65
C LEU A 640 -8.13 13.63 54.72
N TRP A 641 -6.86 13.75 54.33
CA TRP A 641 -5.81 13.78 55.34
C TRP A 641 -5.75 15.12 56.06
N ALA A 642 -5.91 16.21 55.31
CA ALA A 642 -5.70 17.54 55.87
C ALA A 642 -6.83 17.95 56.79
N GLN A 643 -8.07 17.70 56.40
CA GLN A 643 -9.22 18.16 57.15
C GLN A 643 -9.64 17.20 58.26
N ALA A 644 -9.06 16.00 58.33
CA ALA A 644 -9.30 15.10 59.44
C ALA A 644 -8.26 15.29 60.55
N ALA A 645 -7.44 16.31 60.45
CA ALA A 645 -6.56 16.71 61.54
C ALA A 645 -7.34 17.23 62.74
N ASN A 646 -8.57 17.70 62.53
CA ASN A 646 -9.42 18.17 63.61
C ASN A 646 -10.15 17.04 64.33
N VAL A 647 -10.49 15.96 63.64
CA VAL A 647 -11.32 14.91 64.21
C VAL A 647 -10.44 13.95 65.01
N ILE A 648 -9.15 13.90 64.69
CA ILE A 648 -8.26 13.00 65.40
C ILE A 648 -7.52 13.69 66.54
N ASN A 649 -7.47 15.02 66.54
CA ASN A 649 -6.86 15.78 67.62
C ASN A 649 -7.93 16.34 68.55
N SER A 650 -9.16 15.86 68.40
CA SER A 650 -10.29 16.33 69.18
C SER A 650 -10.36 15.72 70.57
N TYR A 651 -9.54 14.71 70.86
CA TYR A 651 -9.57 14.03 72.15
C TYR A 651 -9.12 14.96 73.27
N GLY A 652 -9.77 14.83 74.41
CA GLY A 652 -9.52 15.74 75.50
C GLY A 652 -10.08 17.12 75.29
N SER A 653 -11.05 17.27 74.40
CA SER A 653 -11.66 18.56 74.11
C SER A 653 -13.17 18.38 74.01
N ALA A 654 -13.85 19.43 73.60
CA ALA A 654 -15.31 19.41 73.55
C ALA A 654 -15.85 18.64 72.35
N LEU A 655 -15.01 18.38 71.35
CA LEU A 655 -15.41 17.65 70.16
C LEU A 655 -14.89 16.23 70.14
N SER A 656 -14.54 15.69 71.31
CA SER A 656 -13.99 14.34 71.37
C SER A 656 -15.03 13.26 71.11
N ALA A 657 -16.31 13.58 71.31
CA ALA A 657 -17.38 12.65 70.93
C ALA A 657 -17.40 12.45 69.43
N TYR A 658 -17.03 13.47 68.66
CA TYR A 658 -16.89 13.30 67.22
C TYR A 658 -15.73 12.39 66.85
N GLY A 659 -14.60 12.46 67.55
CA GLY A 659 -13.53 11.51 67.29
C GLY A 659 -13.92 10.09 67.68
N ILE A 660 -14.68 9.96 68.77
CA ILE A 660 -15.21 8.66 69.19
C ILE A 660 -16.14 8.11 68.12
N MET A 661 -17.01 8.96 67.56
CA MET A 661 -17.95 8.51 66.53
C MET A 661 -17.23 8.23 65.22
N PHE A 662 -16.13 8.94 64.95
CA PHE A 662 -15.28 8.67 63.79
C PHE A 662 -14.70 7.26 63.86
N LEU A 663 -14.10 6.92 65.01
CA LEU A 663 -13.57 5.57 65.19
C LEU A 663 -14.68 4.53 65.22
N ALA A 664 -15.84 4.88 65.78
CA ALA A 664 -16.96 3.95 65.85
C ALA A 664 -17.50 3.63 64.47
N GLY A 665 -17.60 4.64 63.61
CA GLY A 665 -17.99 4.39 62.24
C GLY A 665 -16.99 3.59 61.45
N HIS A 666 -15.69 3.79 61.71
CA HIS A 666 -14.68 2.92 61.12
C HIS A 666 -14.87 1.47 61.56
N PHE A 667 -15.18 1.27 62.85
CA PHE A 667 -15.45 -0.07 63.36
C PHE A 667 -16.64 -0.71 62.68
N VAL A 668 -17.73 0.05 62.51
CA VAL A 668 -18.95 -0.53 61.94
C VAL A 668 -18.77 -0.80 60.45
N PHE A 669 -18.02 0.05 59.74
CA PHE A 669 -17.69 -0.23 58.34
C PHE A 669 -16.86 -1.50 58.21
N ALA A 670 -15.89 -1.70 59.10
CA ALA A 670 -15.10 -2.93 59.05
C ALA A 670 -15.92 -4.13 59.49
N PHE A 671 -16.86 -3.92 60.40
CA PHE A 671 -17.73 -4.98 60.89
C PHE A 671 -18.70 -5.45 59.81
N SER A 672 -19.06 -4.56 58.90
CA SER A 672 -19.96 -4.90 57.80
C SER A 672 -19.38 -5.96 56.89
N LEU A 673 -18.06 -5.97 56.72
CA LEU A 673 -17.45 -6.84 55.73
C LEU A 673 -17.44 -8.30 56.16
N MET A 674 -17.63 -8.58 57.45
CA MET A 674 -17.83 -9.96 57.88
C MET A 674 -19.11 -10.53 57.30
N PHE A 675 -20.18 -9.74 57.31
CA PHE A 675 -21.44 -10.17 56.72
C PHE A 675 -21.42 -10.08 55.21
N LEU A 676 -20.72 -9.08 54.66
CA LEU A 676 -20.72 -8.87 53.23
C LEU A 676 -19.86 -9.89 52.51
N PHE A 677 -18.72 -10.26 53.08
CA PHE A 677 -17.77 -11.09 52.35
C PHE A 677 -18.07 -12.56 52.53
N SER A 678 -18.44 -12.98 53.75
CA SER A 678 -18.66 -14.38 54.06
C SER A 678 -20.04 -14.82 53.59
N GLY A 679 -20.34 -16.09 53.83
CA GLY A 679 -21.63 -16.65 53.46
C GLY A 679 -22.22 -17.43 54.61
N ARG A 680 -23.45 -17.89 54.40
CA ARG A 680 -24.23 -18.50 55.47
C ARG A 680 -23.67 -19.85 55.90
N GLY A 681 -23.16 -20.63 54.95
CA GLY A 681 -22.76 -21.99 55.26
C GLY A 681 -21.51 -22.11 56.12
N TYR A 682 -20.69 -21.07 56.18
CA TYR A 682 -19.64 -21.06 57.20
C TYR A 682 -20.26 -20.96 58.59
N TRP A 683 -21.14 -19.98 58.76
CA TRP A 683 -21.63 -19.63 60.08
C TRP A 683 -22.61 -20.65 60.61
N GLN A 684 -23.34 -21.33 59.73
CA GLN A 684 -24.19 -22.42 60.17
C GLN A 684 -23.37 -23.56 60.74
N GLU A 685 -22.19 -23.83 60.17
CA GLU A 685 -21.37 -24.92 60.67
C GLU A 685 -20.69 -24.52 61.97
N LEU A 686 -20.30 -23.24 62.08
CA LEU A 686 -19.75 -22.74 63.33
C LEU A 686 -20.78 -22.78 64.46
N ILE A 687 -22.02 -22.37 64.17
CA ILE A 687 -23.09 -22.49 65.16
C ILE A 687 -23.38 -23.96 65.48
N GLU A 688 -23.22 -24.86 64.51
CA GLU A 688 -23.32 -26.29 64.81
C GLU A 688 -22.27 -26.76 65.79
N SER A 689 -21.05 -26.24 65.68
CA SER A 689 -20.04 -26.53 66.67
C SER A 689 -20.38 -25.95 68.05
N ILE A 690 -21.00 -24.77 68.09
CA ILE A 690 -21.40 -24.18 69.37
C ILE A 690 -22.58 -24.93 70.01
N VAL A 691 -23.49 -25.46 69.19
CA VAL A 691 -24.67 -26.19 69.69
C VAL A 691 -24.25 -27.44 70.44
N TRP A 692 -23.17 -28.09 70.01
CA TRP A 692 -22.75 -29.31 70.70
C TRP A 692 -22.20 -28.97 72.07
N ALA A 693 -21.48 -27.85 72.17
CA ALA A 693 -20.94 -27.41 73.46
C ALA A 693 -22.04 -26.96 74.39
N HIS A 694 -23.14 -26.47 73.84
CA HIS A 694 -24.31 -26.20 74.67
C HIS A 694 -25.02 -27.48 75.07
N ASN A 695 -25.09 -28.44 74.16
CA ASN A 695 -25.70 -29.74 74.44
C ASN A 695 -24.92 -30.51 75.50
N LYS A 696 -23.61 -30.28 75.58
CA LYS A 696 -22.76 -30.95 76.55
C LYS A 696 -23.11 -30.51 77.97
N LEU A 697 -23.56 -29.26 78.14
CA LEU A 697 -23.86 -28.72 79.46
C LEU A 697 -25.36 -28.43 79.63
N LYS A 698 -26.23 -29.15 78.90
CA LYS A 698 -27.69 -29.02 78.97
C LYS A 698 -28.15 -27.60 78.67
N LEU A 699 -27.47 -26.95 77.73
CA LEU A 699 -27.78 -25.58 77.35
C LEU A 699 -28.37 -25.48 75.95
N ALA A 700 -29.08 -26.51 75.51
CA ALA A 700 -29.76 -26.48 74.23
C ALA A 700 -30.94 -25.53 74.30
N PRO A 701 -30.98 -24.48 73.47
CA PRO A 701 -32.16 -23.63 73.46
C PRO A 701 -33.31 -24.30 72.73
N ALA A 702 -34.53 -23.94 73.13
CA ALA A 702 -35.71 -24.46 72.44
C ALA A 702 -35.80 -23.92 71.02
N ILE A 703 -35.63 -22.62 70.86
CA ILE A 703 -35.50 -22.01 69.54
C ILE A 703 -34.10 -22.32 69.02
N GLN A 704 -34.02 -23.16 68.00
CA GLN A 704 -32.74 -23.65 67.50
C GLN A 704 -31.96 -22.52 66.83
N PRO A 705 -30.69 -22.32 67.18
CA PRO A 705 -29.92 -21.22 66.60
C PRO A 705 -29.53 -21.52 65.15
N ARG A 706 -29.96 -20.65 64.25
CA ARG A 706 -29.59 -20.72 62.85
C ARG A 706 -28.75 -19.51 62.50
N ALA A 707 -27.91 -19.66 61.49
CA ALA A 707 -27.23 -18.50 60.92
C ALA A 707 -28.26 -17.62 60.22
N LEU A 708 -27.91 -16.34 60.07
CA LEU A 708 -28.76 -15.41 59.34
C LEU A 708 -28.89 -15.86 57.90
N SER A 709 -30.07 -15.65 57.32
CA SER A 709 -30.29 -16.06 55.94
C SER A 709 -29.45 -15.20 54.99
N ILE A 710 -29.36 -15.66 53.75
CA ILE A 710 -28.47 -15.02 52.77
C ILE A 710 -28.90 -13.59 52.48
N VAL A 711 -30.20 -13.39 52.31
CA VAL A 711 -30.74 -12.03 52.15
C VAL A 711 -30.55 -11.24 53.43
N GLN A 712 -30.75 -11.86 54.59
CA GLN A 712 -30.55 -11.14 55.84
C GLN A 712 -29.07 -10.88 56.09
N GLY A 713 -28.20 -11.79 55.66
CA GLY A 713 -26.77 -11.51 55.75
C GLY A 713 -26.35 -10.33 54.91
N ARG A 714 -26.87 -10.26 53.68
CA ARG A 714 -26.62 -9.09 52.83
C ARG A 714 -27.24 -7.82 53.42
N ALA A 715 -28.43 -7.92 54.01
CA ALA A 715 -29.08 -6.75 54.59
C ALA A 715 -28.31 -6.22 55.79
N VAL A 716 -27.85 -7.12 56.66
CA VAL A 716 -27.05 -6.73 57.82
C VAL A 716 -25.74 -6.11 57.37
N GLY A 717 -25.10 -6.71 56.36
CA GLY A 717 -23.86 -6.16 55.85
C GLY A 717 -24.00 -4.78 55.23
N VAL A 718 -25.05 -4.58 54.43
CA VAL A 718 -25.22 -3.27 53.81
C VAL A 718 -25.69 -2.22 54.82
N ALA A 719 -26.50 -2.60 55.81
CA ALA A 719 -26.92 -1.65 56.83
C ALA A 719 -25.75 -1.23 57.69
N HIS A 720 -24.88 -2.17 58.07
CA HIS A 720 -23.67 -1.83 58.80
C HIS A 720 -22.70 -1.02 57.96
N TYR A 721 -22.61 -1.30 56.66
CA TYR A 721 -21.72 -0.55 55.79
C TYR A 721 -22.15 0.89 55.69
N LEU A 722 -23.44 1.12 55.42
CA LEU A 722 -23.97 2.46 55.30
C LEU A 722 -23.90 3.20 56.63
N LEU A 723 -24.23 2.51 57.74
CA LEU A 723 -24.18 3.14 59.05
C LEU A 723 -22.76 3.54 59.42
N GLY A 724 -21.79 2.64 59.25
CA GLY A 724 -20.42 2.94 59.57
C GLY A 724 -19.79 3.99 58.68
N GLY A 725 -20.12 4.01 57.40
CA GLY A 725 -19.60 5.06 56.56
C GLY A 725 -20.22 6.42 56.79
N ILE A 726 -21.54 6.44 56.98
CA ILE A 726 -22.26 7.68 57.18
C ILE A 726 -21.94 8.30 58.54
N VAL A 727 -21.80 7.49 59.59
CA VAL A 727 -21.40 8.00 60.90
C VAL A 727 -19.98 8.56 60.85
N THR A 728 -19.09 7.90 60.10
CA THR A 728 -17.73 8.38 59.91
C THR A 728 -17.71 9.74 59.23
N THR A 729 -18.46 9.88 58.13
CA THR A 729 -18.48 11.14 57.40
C THR A 729 -19.17 12.24 58.20
N TRP A 730 -20.20 11.89 58.96
CA TRP A 730 -20.87 12.84 59.85
C TRP A 730 -19.92 13.38 60.90
N ALA A 731 -19.17 12.48 61.54
CA ALA A 731 -18.20 12.87 62.56
C ALA A 731 -17.07 13.71 62.00
N PHE A 732 -16.54 13.31 60.83
CA PHE A 732 -15.47 14.06 60.19
C PHE A 732 -15.93 15.46 59.78
N PHE A 733 -17.09 15.55 59.12
CA PHE A 733 -17.62 16.83 58.69
C PHE A 733 -17.90 17.74 59.87
N LEU A 734 -18.57 17.22 60.90
CA LEU A 734 -18.99 18.07 62.01
C LEU A 734 -17.81 18.52 62.86
N CYS A 735 -16.82 17.63 63.06
CA CYS A 735 -15.68 18.05 63.88
C CYS A 735 -14.75 18.98 63.11
N ARG A 736 -14.67 18.82 61.78
CA ARG A 736 -13.92 19.78 60.99
C ARG A 736 -14.57 21.15 61.01
N ILE A 737 -15.89 21.20 60.77
CA ILE A 737 -16.59 22.46 60.61
C ILE A 737 -16.93 23.13 61.94
N LEU A 738 -16.85 22.40 63.05
CA LEU A 738 -17.00 23.00 64.37
C LEU A 738 -15.68 23.51 64.91
N SER A 739 -14.59 23.31 64.18
CA SER A 739 -13.28 23.84 64.51
C SER A 739 -12.83 24.94 63.55
N VAL A 740 -13.17 24.83 62.27
CA VAL A 740 -12.78 25.84 61.30
C VAL A 740 -13.90 26.82 60.96
N GLY A 741 -15.12 26.53 61.37
CA GLY A 741 -16.25 27.40 61.07
C GLY A 741 -16.71 28.21 62.26
N ALA B 1 -14.58 -29.12 21.68
CA ALA B 1 -13.49 -29.60 20.84
C ALA B 1 -12.37 -28.57 20.76
N THR B 2 -11.90 -28.12 21.91
CA THR B 2 -10.85 -27.12 22.00
C THR B 2 -9.65 -27.73 22.72
N LYS B 3 -8.46 -27.52 22.16
CA LYS B 3 -7.24 -28.15 22.67
C LYS B 3 -6.81 -27.61 24.03
N PHE B 4 -7.32 -26.46 24.47
CA PHE B 4 -7.02 -25.92 25.77
C PHE B 4 -8.25 -26.02 26.66
N PRO B 5 -8.11 -26.51 27.90
CA PRO B 5 -6.91 -27.09 28.47
C PRO B 5 -6.69 -28.54 28.04
N LYS B 6 -5.42 -28.91 27.83
CA LYS B 6 -5.11 -30.27 27.43
C LYS B 6 -5.35 -31.26 28.56
N PHE B 7 -5.06 -30.86 29.78
CA PHE B 7 -5.09 -31.76 30.92
C PHE B 7 -6.50 -32.11 31.38
N SER B 8 -7.48 -31.26 31.10
CA SER B 8 -8.86 -31.50 31.52
C SER B 8 -9.75 -31.49 30.27
N GLN B 9 -10.47 -32.59 30.07
CA GLN B 9 -11.39 -32.68 28.93
C GLN B 9 -12.79 -32.22 29.29
N ASP B 10 -13.13 -32.15 30.58
CA ASP B 10 -14.39 -31.54 30.99
C ASP B 10 -14.38 -30.05 30.68
N LEU B 11 -13.25 -29.38 30.89
CA LEU B 11 -13.11 -27.98 30.57
C LEU B 11 -12.82 -27.74 29.10
N ALA B 12 -12.39 -28.76 28.37
CA ALA B 12 -12.06 -28.58 26.96
C ALA B 12 -13.31 -28.40 26.11
N GLN B 13 -14.42 -29.06 26.47
CA GLN B 13 -15.68 -28.90 25.77
C GLN B 13 -16.55 -27.80 26.37
N ASP B 14 -16.02 -27.01 27.28
CA ASP B 14 -16.73 -25.85 27.81
C ASP B 14 -16.82 -24.78 26.72
N PRO B 15 -18.00 -24.36 26.30
CA PRO B 15 -18.11 -23.34 25.24
C PRO B 15 -18.07 -21.90 25.73
N THR B 16 -17.75 -21.66 26.99
CA THR B 16 -17.77 -20.33 27.56
C THR B 16 -16.36 -19.85 27.88
N THR B 17 -16.26 -18.68 28.49
CA THR B 17 -14.99 -18.14 28.94
C THR B 17 -14.51 -18.75 30.25
N ARG B 18 -15.34 -19.57 30.89
CA ARG B 18 -14.94 -20.27 32.10
C ARG B 18 -13.86 -21.31 31.81
N ARG B 19 -13.77 -21.76 30.55
CA ARG B 19 -12.76 -22.74 30.15
C ARG B 19 -11.35 -22.19 30.33
N ILE B 20 -11.12 -20.94 29.92
CA ILE B 20 -9.78 -20.35 30.01
C ILE B 20 -9.43 -20.07 31.46
N TRP B 21 -10.37 -19.49 32.23
CA TRP B 21 -10.13 -19.15 33.61
C TRP B 21 -9.89 -20.39 34.47
N TYR B 22 -10.60 -21.46 34.19
CA TYR B 22 -10.42 -22.69 34.95
C TYR B 22 -9.26 -23.54 34.43
N GLY B 23 -8.84 -23.34 33.18
CA GLY B 23 -7.62 -23.97 32.73
C GLY B 23 -6.39 -23.30 33.28
N ILE B 24 -6.49 -22.01 33.61
CA ILE B 24 -5.39 -21.35 34.31
C ILE B 24 -5.27 -21.85 35.74
N ALA B 25 -6.39 -21.99 36.45
CA ALA B 25 -6.35 -22.30 37.87
C ALA B 25 -6.24 -23.78 38.19
N THR B 26 -6.53 -24.67 37.25
CA THR B 26 -6.36 -26.10 37.48
C THR B 26 -5.13 -26.65 36.80
N ALA B 27 -4.21 -25.78 36.37
CA ALA B 27 -3.02 -26.23 35.66
C ALA B 27 -2.04 -26.95 36.59
N HIS B 28 -1.91 -26.48 37.82
CA HIS B 28 -0.95 -27.06 38.75
C HIS B 28 -1.56 -28.11 39.66
N ASP B 29 -2.87 -28.33 39.60
CA ASP B 29 -3.51 -29.40 40.36
C ASP B 29 -3.41 -30.67 39.53
N PHE B 30 -2.24 -31.31 39.61
CA PHE B 30 -1.95 -32.45 38.75
C PHE B 30 -2.78 -33.68 39.10
N GLU B 31 -3.31 -33.75 40.34
CA GLU B 31 -4.07 -34.92 40.77
C GLU B 31 -5.39 -35.05 40.04
N THR B 32 -6.00 -33.95 39.62
CA THR B 32 -7.28 -33.99 38.93
C THR B 32 -7.13 -33.94 37.42
N HIS B 33 -5.92 -34.06 36.91
CA HIS B 33 -5.72 -34.08 35.46
C HIS B 33 -6.19 -35.40 34.87
N ASP B 34 -6.69 -35.34 33.65
CA ASP B 34 -7.22 -36.53 32.99
C ASP B 34 -6.10 -37.46 32.58
N GLY B 35 -6.28 -38.74 32.86
CA GLY B 35 -5.28 -39.74 32.55
C GLY B 35 -4.00 -39.61 33.35
N MET B 36 -4.11 -39.22 34.62
CA MET B 36 -2.97 -39.03 35.49
C MET B 36 -2.86 -40.19 36.47
N THR B 37 -1.73 -40.88 36.44
CA THR B 37 -1.40 -41.88 37.43
C THR B 37 -0.50 -41.27 38.50
N GLU B 38 -0.35 -41.98 39.61
CA GLU B 38 0.52 -41.53 40.70
C GLU B 38 1.98 -41.51 40.26
N GLU B 39 2.38 -42.48 39.45
CA GLU B 39 3.75 -42.56 38.96
C GLU B 39 4.11 -41.38 38.07
N ASN B 40 3.19 -40.94 37.23
CA ASN B 40 3.38 -39.73 36.45
C ASN B 40 3.21 -38.45 37.28
N LEU B 41 2.32 -38.49 38.28
CA LEU B 41 2.10 -37.35 39.17
C LEU B 41 3.39 -36.95 39.89
N TYR B 42 4.05 -37.94 40.51
CA TYR B 42 5.25 -37.65 41.28
C TYR B 42 6.39 -37.16 40.39
N GLN B 43 6.52 -37.70 39.18
CA GLN B 43 7.57 -37.25 38.28
C GLN B 43 7.32 -35.86 37.73
N LYS B 44 6.06 -35.51 37.43
CA LYS B 44 5.75 -34.15 37.02
C LYS B 44 6.00 -33.15 38.15
N ILE B 45 5.68 -33.53 39.40
CA ILE B 45 5.98 -32.69 40.54
C ILE B 45 7.50 -32.54 40.72
N PHE B 46 8.24 -33.63 40.50
CA PHE B 46 9.69 -33.61 40.61
C PHE B 46 10.32 -32.66 39.59
N ALA B 47 9.83 -32.67 38.35
CA ALA B 47 10.34 -31.74 37.35
C ALA B 47 9.91 -30.31 37.60
N SER B 48 8.69 -30.10 38.12
CA SER B 48 8.25 -28.75 38.47
C SER B 48 9.08 -28.18 39.61
N HIS B 49 9.56 -29.04 40.51
CA HIS B 49 10.49 -28.61 41.55
C HIS B 49 11.78 -28.05 40.96
N PHE B 50 12.32 -28.72 39.94
CA PHE B 50 13.55 -28.26 39.31
C PHE B 50 13.33 -26.95 38.56
N GLY B 51 12.20 -26.85 37.86
CA GLY B 51 11.86 -25.57 37.23
C GLY B 51 11.70 -24.44 38.22
N HIS B 52 11.12 -24.73 39.38
CA HIS B 52 10.97 -23.71 40.42
C HIS B 52 12.30 -23.33 41.07
N LEU B 53 13.19 -24.30 41.30
CA LEU B 53 14.52 -23.98 41.81
C LEU B 53 15.31 -23.16 40.80
N ALA B 54 15.14 -23.46 39.51
CA ALA B 54 15.76 -22.64 38.48
C ALA B 54 15.20 -21.23 38.45
N ILE B 55 13.90 -21.07 38.72
CA ILE B 55 13.31 -19.74 38.81
C ILE B 55 13.89 -18.98 40.00
N ILE B 56 14.07 -19.68 41.13
CA ILE B 56 14.70 -19.06 42.31
C ILE B 56 16.13 -18.64 42.02
N PHE B 57 16.90 -19.50 41.37
CA PHE B 57 18.29 -19.18 41.07
C PHE B 57 18.43 -18.09 40.02
N LEU B 58 17.53 -18.05 39.04
CA LEU B 58 17.49 -16.93 38.10
C LEU B 58 17.09 -15.62 38.76
N TRP B 59 16.16 -15.65 39.71
CA TRP B 59 15.78 -14.44 40.44
C TRP B 59 16.95 -13.93 41.28
N THR B 60 17.65 -14.85 41.95
CA THR B 60 18.84 -14.46 42.72
C THR B 60 19.94 -13.94 41.80
N SER B 61 20.13 -14.58 40.65
CA SER B 61 21.12 -14.13 39.67
C SER B 61 20.80 -12.74 39.14
N GLY B 62 19.53 -12.46 38.90
CA GLY B 62 19.13 -11.13 38.49
C GLY B 62 19.32 -10.08 39.57
N THR B 63 19.06 -10.44 40.83
CA THR B 63 19.32 -9.52 41.94
C THR B 63 20.81 -9.18 42.05
N VAL B 64 21.67 -10.20 42.03
CA VAL B 64 23.11 -9.95 42.15
C VAL B 64 23.64 -9.24 40.90
N PHE B 65 23.08 -9.55 39.73
CA PHE B 65 23.52 -8.90 38.50
C PHE B 65 23.10 -7.44 38.47
N HIS B 66 21.98 -7.10 39.10
CA HIS B 66 21.58 -5.69 39.13
C HIS B 66 22.31 -4.92 40.22
N VAL B 67 22.73 -5.59 41.29
CA VAL B 67 23.67 -4.95 42.21
C VAL B 67 25.01 -4.69 41.55
N ALA B 68 25.50 -5.66 40.76
CA ALA B 68 26.81 -5.52 40.13
C ALA B 68 26.78 -4.52 39.00
N TRP B 69 25.74 -4.54 38.16
CA TRP B 69 25.75 -3.81 36.91
C TRP B 69 25.39 -2.35 37.12
N GLN B 70 24.19 -2.07 37.59
CA GLN B 70 23.69 -0.69 37.68
C GLN B 70 23.43 -0.26 39.11
N GLY B 71 23.91 -1.02 40.10
CA GLY B 71 23.92 -0.58 41.46
C GLY B 71 25.24 0.10 41.81
N ASN B 72 25.34 0.52 43.07
CA ASN B 72 26.56 1.14 43.57
C ASN B 72 27.09 0.29 44.73
N PHE B 73 27.84 -0.75 44.40
CA PHE B 73 28.48 -1.53 45.44
C PHE B 73 29.90 -1.05 45.74
N GLU B 74 30.50 -0.31 44.81
CA GLU B 74 31.80 0.31 45.10
C GLU B 74 31.65 1.45 46.09
N GLN B 75 30.64 2.31 45.88
CA GLN B 75 30.46 3.48 46.74
C GLN B 75 29.85 3.14 48.08
N TRP B 76 29.08 2.06 48.15
CA TRP B 76 28.33 1.78 49.38
C TRP B 76 29.23 1.19 50.46
N ILE B 77 30.25 0.42 50.07
CA ILE B 77 31.13 -0.20 51.07
C ILE B 77 32.02 0.83 51.75
N LYS B 78 32.21 2.00 51.14
CA LYS B 78 32.97 3.06 51.78
C LYS B 78 32.18 3.72 52.89
N ASP B 79 30.90 4.00 52.65
CA ASP B 79 30.02 4.62 53.65
C ASP B 79 28.70 3.88 53.67
N PRO B 80 28.61 2.76 54.38
CA PRO B 80 27.35 2.00 54.43
C PRO B 80 26.24 2.69 55.19
N LEU B 81 26.55 3.64 56.06
CA LEU B 81 25.53 4.32 56.85
C LEU B 81 24.97 5.57 56.18
N ASN B 82 25.57 6.00 55.08
CA ASN B 82 25.14 7.22 54.40
C ASN B 82 24.75 6.99 52.96
N VAL B 83 25.48 6.14 52.24
CA VAL B 83 25.15 5.88 50.85
C VAL B 83 23.94 4.96 50.77
N ARG B 84 22.97 5.35 49.93
CA ARG B 84 21.77 4.55 49.72
C ARG B 84 22.05 3.46 48.71
N PRO B 85 21.68 2.21 48.99
CA PRO B 85 21.94 1.12 48.03
C PRO B 85 21.01 1.23 46.83
N ILE B 86 21.56 0.99 45.64
CA ILE B 86 20.76 1.06 44.42
C ILE B 86 20.41 -0.35 43.99
N ALA B 87 19.11 -0.59 43.82
CA ALA B 87 18.65 -1.89 43.33
C ALA B 87 18.94 -2.05 41.86
N HIS B 88 18.34 -1.19 41.03
CA HIS B 88 18.49 -1.26 39.59
C HIS B 88 18.15 0.11 39.01
N ALA B 89 18.46 0.30 37.74
CA ALA B 89 18.15 1.55 37.07
C ALA B 89 16.70 1.54 36.59
N ILE B 90 16.18 2.74 36.35
CA ILE B 90 14.84 2.92 35.82
C ILE B 90 14.96 3.40 34.38
N TRP B 91 14.36 2.67 33.46
CA TRP B 91 14.16 3.14 32.10
C TRP B 91 12.66 3.22 31.85
N ASP B 92 12.12 4.43 31.90
CA ASP B 92 10.69 4.66 31.76
C ASP B 92 10.50 5.66 30.63
N PRO B 93 9.75 5.32 29.58
CA PRO B 93 9.41 6.32 28.55
C PRO B 93 8.43 7.39 29.04
N HIS B 94 7.78 7.17 30.17
CA HIS B 94 6.71 8.04 30.64
C HIS B 94 7.19 9.14 31.58
N PHE B 95 8.44 9.10 32.01
CA PHE B 95 8.94 10.12 32.92
C PHE B 95 9.01 11.49 32.26
N GLY B 96 8.58 12.51 32.99
CA GLY B 96 8.86 13.88 32.66
C GLY B 96 10.20 14.29 33.23
N GLN B 97 10.46 15.60 33.18
CA GLN B 97 11.71 16.10 33.74
C GLN B 97 11.70 16.02 35.26
N GLY B 98 10.53 16.20 35.87
CA GLY B 98 10.45 16.17 37.33
C GLY B 98 10.75 14.81 37.92
N ALA B 99 10.24 13.75 37.30
CA ALA B 99 10.51 12.40 37.77
C ALA B 99 11.96 11.96 37.52
N VAL B 100 12.55 12.36 36.40
CA VAL B 100 13.97 12.07 36.17
C VAL B 100 14.83 12.80 37.19
N ASP B 101 14.49 14.06 37.49
CA ASP B 101 15.25 14.79 38.52
C ASP B 101 15.03 14.22 39.91
N ALA B 102 13.83 13.72 40.20
CA ALA B 102 13.54 13.19 41.52
C ALA B 102 14.14 11.81 41.75
N PHE B 103 14.16 10.97 40.72
CA PHE B 103 14.66 9.61 40.85
C PHE B 103 16.15 9.49 40.54
N THR B 104 16.80 10.60 40.19
CA THR B 104 18.26 10.63 40.10
C THR B 104 18.76 10.80 41.53
N GLN B 105 19.01 9.67 42.20
CA GLN B 105 19.31 9.65 43.62
C GLN B 105 20.50 8.73 43.87
N ALA B 106 20.93 8.74 45.14
CA ALA B 106 21.99 7.87 45.67
C ALA B 106 23.31 8.04 44.89
N GLY B 107 23.60 9.28 44.50
CA GLY B 107 24.86 9.56 43.83
C GLY B 107 24.93 9.11 42.39
N ALA B 108 23.80 8.73 41.79
CA ALA B 108 23.79 8.29 40.41
C ALA B 108 23.55 9.48 39.48
N SER B 109 23.79 9.26 38.18
CA SER B 109 23.46 10.23 37.15
C SER B 109 22.24 9.80 36.34
N SER B 110 21.52 8.78 36.76
CA SER B 110 20.41 8.18 36.06
C SER B 110 19.27 7.99 37.04
N PRO B 111 18.03 7.89 36.55
CA PRO B 111 16.93 7.44 37.40
C PRO B 111 17.16 6.02 37.88
N VAL B 112 17.34 5.86 39.19
CA VAL B 112 17.60 4.57 39.80
C VAL B 112 16.64 4.36 40.96
N ASN B 113 16.46 3.10 41.33
CA ASN B 113 15.62 2.70 42.45
C ASN B 113 16.52 2.41 43.65
N VAL B 114 16.08 2.82 44.83
CA VAL B 114 16.85 2.52 46.04
C VAL B 114 16.46 1.15 46.56
N ALA B 115 17.46 0.30 46.79
CA ALA B 115 17.25 -1.06 47.26
C ALA B 115 16.81 -1.05 48.72
N TYR B 116 15.73 -1.79 48.99
CA TYR B 116 15.22 -1.93 50.35
C TYR B 116 15.18 -3.38 50.80
N SER B 117 15.54 -4.32 49.91
CA SER B 117 15.72 -5.71 50.30
C SER B 117 16.97 -5.91 51.15
N GLY B 118 17.91 -4.99 51.10
CA GLY B 118 19.12 -5.06 51.90
C GLY B 118 20.05 -6.19 51.56
N VAL B 119 20.17 -6.56 50.29
CA VAL B 119 21.14 -7.58 49.92
C VAL B 119 22.55 -7.00 49.88
N TYR B 120 22.67 -5.65 49.90
CA TYR B 120 23.98 -5.02 49.98
C TYR B 120 24.69 -5.35 51.28
N HIS B 121 23.96 -5.28 52.40
CA HIS B 121 24.50 -5.66 53.70
C HIS B 121 24.86 -7.13 53.76
N TRP B 122 24.02 -7.98 53.18
CA TRP B 122 24.30 -9.41 53.09
C TRP B 122 25.57 -9.69 52.31
N PHE B 123 25.74 -9.05 51.15
CA PHE B 123 26.92 -9.29 50.33
C PHE B 123 28.17 -8.75 51.00
N TYR B 124 28.08 -7.59 51.64
CA TYR B 124 29.22 -7.04 52.36
C TYR B 124 29.61 -7.91 53.55
N THR B 125 28.62 -8.56 54.17
CA THR B 125 28.91 -9.40 55.32
C THR B 125 29.53 -10.73 54.89
N ILE B 126 29.05 -11.30 53.79
CA ILE B 126 29.52 -12.64 53.38
C ILE B 126 30.84 -12.60 52.63
N GLY B 127 31.33 -11.44 52.24
CA GLY B 127 32.66 -11.36 51.66
C GLY B 127 32.76 -10.69 50.31
N MET B 128 31.64 -10.23 49.76
CA MET B 128 31.67 -9.48 48.51
C MET B 128 32.30 -8.11 48.77
N THR B 129 33.24 -7.73 47.92
CA THR B 129 33.88 -6.42 48.03
C THR B 129 33.68 -5.55 46.80
N ASN B 130 33.89 -6.08 45.60
CA ASN B 130 33.78 -5.29 44.39
C ASN B 130 32.66 -5.84 43.52
N ASN B 131 32.46 -5.19 42.38
CA ASN B 131 31.38 -5.59 41.48
C ASN B 131 31.72 -6.86 40.71
N GLN B 132 33.00 -7.19 40.59
CA GLN B 132 33.39 -8.39 39.85
C GLN B 132 33.06 -9.65 40.64
N ASP B 133 33.17 -9.58 41.96
CA ASP B 133 32.79 -10.71 42.80
C ASP B 133 31.28 -10.93 42.78
N LEU B 134 30.50 -9.88 42.58
CA LEU B 134 29.07 -10.05 42.36
C LEU B 134 28.76 -10.57 40.96
N TYR B 135 29.53 -10.13 39.96
CA TYR B 135 29.29 -10.58 38.60
C TYR B 135 29.59 -12.06 38.44
N GLN B 136 30.68 -12.54 39.06
CA GLN B 136 30.99 -13.96 39.01
C GLN B 136 29.96 -14.79 39.78
N GLY B 137 29.38 -14.22 40.85
CA GLY B 137 28.30 -14.90 41.53
C GLY B 137 27.03 -14.98 40.71
N ALA B 138 26.73 -13.91 39.97
CA ALA B 138 25.56 -13.92 39.09
C ALA B 138 25.73 -14.91 37.94
N VAL B 139 26.93 -14.99 37.37
CA VAL B 139 27.21 -15.95 36.31
C VAL B 139 27.14 -17.38 36.85
N PHE B 140 27.66 -17.61 38.05
CA PHE B 140 27.59 -18.93 38.66
C PHE B 140 26.16 -19.33 38.96
N LEU B 141 25.32 -18.37 39.40
CA LEU B 141 23.92 -18.67 39.61
C LEU B 141 23.17 -18.91 38.31
N LEU B 142 23.57 -18.25 37.21
CA LEU B 142 23.02 -18.58 35.90
C LEU B 142 23.36 -20.01 35.50
N ILE B 143 24.61 -20.43 35.73
CA ILE B 143 25.02 -21.80 35.43
C ILE B 143 24.27 -22.80 36.31
N LEU B 144 24.06 -22.45 37.59
CA LEU B 144 23.30 -23.31 38.49
C LEU B 144 21.84 -23.45 38.09
N SER B 145 21.23 -22.35 37.64
CA SER B 145 19.85 -22.41 37.15
C SER B 145 19.74 -23.23 35.88
N ALA B 146 20.72 -23.11 34.98
CA ALA B 146 20.75 -23.94 33.78
C ALA B 146 20.96 -25.41 34.13
N LEU B 147 21.76 -25.68 35.16
CA LEU B 147 21.97 -27.05 35.63
C LEU B 147 20.69 -27.65 36.19
N PHE B 148 19.95 -26.86 36.98
CA PHE B 148 18.66 -27.32 37.51
C PHE B 148 17.63 -27.53 36.40
N LEU B 149 17.63 -26.66 35.39
CA LEU B 149 16.74 -26.85 34.23
C LEU B 149 17.07 -28.13 33.48
N PHE B 150 18.36 -28.40 33.27
CA PHE B 150 18.74 -29.62 32.57
C PHE B 150 18.43 -30.85 33.40
N ALA B 151 18.56 -30.77 34.73
CA ALA B 151 18.17 -31.87 35.59
C ALA B 151 16.67 -32.15 35.51
N GLY B 152 15.86 -31.08 35.50
CA GLY B 152 14.43 -31.26 35.38
C GLY B 152 14.00 -31.80 34.03
N TRP B 153 14.67 -31.38 32.96
CA TRP B 153 14.42 -31.97 31.65
C TRP B 153 14.86 -33.43 31.60
N LEU B 154 15.97 -33.75 32.26
CA LEU B 154 16.50 -35.11 32.25
C LEU B 154 15.59 -36.07 33.00
N HIS B 155 15.01 -35.62 34.12
CA HIS B 155 14.17 -36.50 34.92
C HIS B 155 12.75 -36.63 34.37
N LEU B 156 12.45 -36.03 33.22
CA LEU B 156 11.24 -36.33 32.47
C LEU B 156 11.48 -37.36 31.37
N GLN B 157 12.74 -37.60 31.01
CA GLN B 157 13.06 -38.63 30.03
C GLN B 157 12.82 -40.01 30.65
N PRO B 158 12.30 -40.97 29.88
CA PRO B 158 11.91 -42.26 30.48
C PRO B 158 13.06 -43.09 31.02
N LYS B 159 14.29 -42.81 30.60
CA LYS B 159 15.44 -43.50 31.17
C LYS B 159 15.69 -43.05 32.59
N PHE B 160 15.46 -41.77 32.87
CA PHE B 160 15.81 -41.16 34.15
C PHE B 160 14.60 -40.77 34.98
N ARG B 161 13.40 -41.15 34.56
CA ARG B 161 12.22 -40.93 35.37
C ARG B 161 12.26 -41.86 36.58
N PRO B 162 12.24 -41.34 37.80
CA PRO B 162 12.31 -42.22 38.97
C PRO B 162 11.03 -43.02 39.16
N SER B 163 11.18 -44.19 39.77
CA SER B 163 10.05 -45.04 40.06
C SER B 163 9.27 -44.50 41.26
N LEU B 164 8.09 -45.07 41.50
CA LEU B 164 7.26 -44.64 42.60
C LEU B 164 7.86 -45.01 43.95
N SER B 165 8.62 -46.11 44.00
CA SER B 165 9.27 -46.51 45.24
C SER B 165 10.39 -45.56 45.64
N TRP B 166 11.03 -44.93 44.67
CA TRP B 166 12.06 -43.94 44.96
C TRP B 166 11.46 -42.69 45.58
N PHE B 167 10.30 -42.27 45.10
CA PHE B 167 9.66 -41.06 45.60
C PHE B 167 9.12 -41.25 47.01
N LYS B 168 8.65 -42.45 47.33
CA LYS B 168 8.10 -42.75 48.64
C LYS B 168 9.14 -43.35 49.59
N ASN B 169 10.42 -43.29 49.21
CA ASN B 169 11.51 -43.66 50.09
C ASN B 169 11.76 -42.51 51.06
N ALA B 170 11.00 -42.50 52.15
CA ALA B 170 11.11 -41.45 53.15
C ALA B 170 12.40 -41.54 53.96
N GLU B 171 12.88 -42.75 54.24
CA GLU B 171 14.04 -42.94 55.11
C GLU B 171 15.31 -42.38 54.49
N SER B 172 15.55 -42.68 53.21
CA SER B 172 16.69 -42.14 52.50
C SER B 172 16.61 -40.65 52.26
N ARG B 173 15.41 -40.13 51.95
CA ARG B 173 15.23 -38.71 51.73
C ARG B 173 15.51 -37.91 53.01
N LEU B 174 15.02 -38.40 54.16
CA LEU B 174 15.31 -37.74 55.42
C LEU B 174 16.78 -37.78 55.78
N ASN B 175 17.45 -38.92 55.53
CA ASN B 175 18.87 -39.04 55.81
C ASN B 175 19.69 -38.08 54.97
N HIS B 176 19.39 -37.99 53.68
CA HIS B 176 20.14 -37.09 52.80
C HIS B 176 19.73 -35.65 52.93
N HIS B 177 18.57 -35.38 53.53
CA HIS B 177 18.15 -34.01 53.73
C HIS B 177 18.68 -33.43 55.04
N LEU B 178 18.81 -34.26 56.06
CA LEU B 178 19.40 -33.80 57.31
C LEU B 178 20.92 -33.82 57.24
N ALA B 179 21.50 -34.91 56.73
CA ALA B 179 22.95 -35.00 56.64
C ALA B 179 23.50 -34.11 55.53
N GLY B 180 22.86 -34.12 54.36
CA GLY B 180 23.42 -33.43 53.21
C GLY B 180 22.84 -32.07 52.91
N LEU B 181 21.51 -31.94 52.91
CA LEU B 181 20.92 -30.65 52.59
C LEU B 181 21.03 -29.68 53.75
N PHE B 182 21.01 -30.19 54.99
CA PHE B 182 21.06 -29.34 56.18
C PHE B 182 22.41 -29.36 56.86
N GLY B 183 23.13 -30.47 56.80
CA GLY B 183 24.40 -30.58 57.48
C GLY B 183 25.59 -30.25 56.61
N VAL B 184 25.64 -30.81 55.40
CA VAL B 184 26.75 -30.54 54.49
C VAL B 184 26.70 -29.10 54.01
N SER B 185 25.49 -28.57 53.79
CA SER B 185 25.37 -27.18 53.36
C SER B 185 25.75 -26.20 54.47
N SER B 186 25.38 -26.49 55.71
CA SER B 186 25.81 -25.65 56.83
C SER B 186 27.31 -25.77 57.08
N LEU B 187 27.87 -26.97 56.90
CA LEU B 187 29.32 -27.15 57.00
C LEU B 187 30.05 -26.39 55.90
N ALA B 188 29.50 -26.40 54.69
CA ALA B 188 30.08 -25.64 53.59
C ALA B 188 29.98 -24.14 53.82
N TRP B 189 28.88 -23.68 54.41
CA TRP B 189 28.78 -22.27 54.74
C TRP B 189 29.75 -21.89 55.85
N THR B 190 30.00 -22.81 56.78
CA THR B 190 31.07 -22.60 57.77
C THR B 190 32.42 -22.48 57.08
N GLY B 191 32.65 -23.31 56.06
CA GLY B 191 33.89 -23.22 55.31
C GLY B 191 34.05 -21.90 54.58
N HIS B 192 32.95 -21.39 54.00
CA HIS B 192 32.98 -20.07 53.38
C HIS B 192 33.22 -18.98 54.41
N LEU B 193 32.61 -19.10 55.59
CA LEU B 193 32.76 -18.08 56.62
C LEU B 193 34.19 -18.01 57.13
N VAL B 194 34.78 -19.16 57.47
CA VAL B 194 36.13 -19.14 58.02
C VAL B 194 37.16 -18.96 56.90
N HIS B 195 36.76 -19.17 55.65
CA HIS B 195 37.69 -19.04 54.54
C HIS B 195 37.59 -17.72 53.80
N VAL B 196 36.41 -17.13 53.69
CA VAL B 196 36.22 -15.89 52.94
C VAL B 196 35.68 -14.77 53.83
N ALA B 197 34.57 -15.01 54.52
CA ALA B 197 33.82 -13.91 55.14
C ALA B 197 34.55 -13.33 56.34
N ILE B 198 35.04 -14.18 57.23
CA ILE B 198 35.81 -13.73 58.40
C ILE B 198 37.12 -13.07 58.00
N PRO B 199 37.96 -13.58 57.09
CA PRO B 199 39.15 -12.80 56.70
C PRO B 199 38.85 -11.55 55.89
N GLU B 200 37.79 -11.53 55.08
CA GLU B 200 37.43 -10.29 54.40
C GLU B 200 36.87 -9.25 55.36
N SER B 201 36.28 -9.69 56.47
CA SER B 201 35.92 -8.75 57.52
C SER B 201 37.14 -8.18 58.24
N ARG B 202 38.28 -8.87 58.15
CA ARG B 202 39.51 -8.44 58.77
C ARG B 202 40.49 -7.87 57.76
N GLY B 203 40.01 -7.45 56.58
CA GLY B 203 40.82 -6.78 55.59
C GLY B 203 41.61 -7.70 54.69
N VAL B 204 41.57 -9.01 54.93
CA VAL B 204 42.35 -9.96 54.15
C VAL B 204 41.51 -10.43 52.98
N HIS B 205 41.83 -9.96 51.78
CA HIS B 205 41.18 -10.47 50.58
C HIS B 205 41.61 -11.91 50.32
N VAL B 206 40.63 -12.74 49.95
CA VAL B 206 40.91 -14.14 49.69
C VAL B 206 40.66 -14.46 48.22
N GLY B 207 39.41 -14.37 47.78
CA GLY B 207 39.09 -14.73 46.41
C GLY B 207 39.23 -16.23 46.14
N TRP B 208 39.00 -16.58 44.87
CA TRP B 208 39.20 -17.96 44.46
C TRP B 208 40.66 -18.29 44.16
N ASP B 209 41.54 -17.29 44.16
CA ASP B 209 42.93 -17.53 43.83
C ASP B 209 43.78 -17.86 45.05
N ASN B 210 43.43 -17.31 46.21
CA ASN B 210 44.27 -17.40 47.38
C ASN B 210 43.69 -18.26 48.51
N PHE B 211 42.56 -18.95 48.29
CA PHE B 211 41.99 -19.72 49.40
C PHE B 211 42.77 -21.01 49.64
N LEU B 212 43.52 -21.47 48.65
CA LEU B 212 44.47 -22.56 48.84
C LEU B 212 45.81 -22.07 49.38
N SER B 213 46.01 -20.75 49.47
CA SER B 213 47.24 -20.17 49.99
C SER B 213 47.08 -19.45 51.31
N VAL B 214 46.02 -18.66 51.48
CA VAL B 214 45.73 -18.01 52.75
C VAL B 214 45.14 -19.03 53.70
N LYS B 215 45.82 -19.25 54.81
CA LYS B 215 45.40 -20.22 55.81
C LYS B 215 44.50 -19.52 56.83
N PRO B 216 43.29 -20.03 57.08
CA PRO B 216 42.31 -19.29 57.90
C PRO B 216 42.74 -19.01 59.33
N HIS B 217 43.54 -19.88 59.93
CA HIS B 217 44.06 -19.67 61.26
C HIS B 217 45.57 -19.77 61.21
N PRO B 218 46.29 -19.10 62.11
CA PRO B 218 47.75 -19.32 62.21
C PRO B 218 48.12 -20.75 62.53
N ALA B 219 47.31 -21.47 63.30
CA ALA B 219 47.48 -22.90 63.51
C ALA B 219 46.41 -23.59 62.67
N GLY B 220 46.73 -23.83 61.40
CA GLY B 220 45.75 -24.35 60.46
C GLY B 220 45.64 -25.86 60.43
N LEU B 221 44.49 -26.37 60.88
CA LEU B 221 44.08 -27.78 60.90
C LEU B 221 44.90 -28.66 61.82
N ALA B 222 45.89 -28.11 62.53
CA ALA B 222 46.63 -28.86 63.54
C ALA B 222 45.89 -28.97 64.87
N PRO B 223 45.25 -27.93 65.42
CA PRO B 223 44.44 -28.17 66.63
C PRO B 223 43.15 -28.92 66.38
N PHE B 224 42.70 -29.05 65.13
CA PHE B 224 41.46 -29.76 64.85
C PHE B 224 41.61 -31.26 65.11
N PHE B 225 42.75 -31.83 64.75
CA PHE B 225 42.93 -33.28 64.87
C PHE B 225 43.55 -33.69 66.19
N THR B 226 44.32 -32.81 66.83
CA THR B 226 44.88 -33.14 68.15
C THR B 226 43.80 -33.13 69.23
N GLY B 227 42.85 -32.21 69.14
CA GLY B 227 41.76 -32.12 70.10
C GLY B 227 41.69 -30.81 70.86
N ASN B 228 42.80 -30.08 70.99
CA ASN B 228 42.82 -28.79 71.68
C ASN B 228 42.19 -27.69 70.82
N TRP B 229 40.86 -27.74 70.69
CA TRP B 229 40.09 -26.85 69.83
C TRP B 229 40.05 -25.41 70.33
N GLY B 230 40.52 -25.14 71.55
CA GLY B 230 40.52 -23.79 72.09
C GLY B 230 41.44 -22.82 71.39
N VAL B 231 42.38 -23.33 70.58
CA VAL B 231 43.30 -22.48 69.83
C VAL B 231 42.53 -21.62 68.83
N TYR B 232 41.45 -22.15 68.26
CA TYR B 232 40.56 -21.38 67.39
C TYR B 232 39.71 -20.36 68.15
N ALA B 233 39.87 -20.20 69.46
CA ALA B 233 39.15 -19.19 70.22
C ALA B 233 40.09 -18.49 71.20
N GLN B 234 41.37 -18.35 70.82
CA GLN B 234 42.36 -17.77 71.71
C GLN B 234 42.45 -16.26 71.58
N ASN B 235 42.37 -15.73 70.36
CA ASN B 235 42.53 -14.29 70.10
C ASN B 235 41.29 -13.80 69.37
N PRO B 236 40.23 -13.46 70.09
CA PRO B 236 39.00 -13.01 69.44
C PRO B 236 39.15 -11.58 68.93
N ASP B 237 38.12 -11.14 68.21
CA ASP B 237 38.12 -9.79 67.66
C ASP B 237 37.93 -8.77 68.77
N THR B 238 38.75 -7.72 68.74
CA THR B 238 38.68 -6.65 69.72
C THR B 238 37.41 -5.84 69.49
N ALA B 239 36.90 -5.23 70.56
CA ALA B 239 35.73 -4.36 70.46
C ALA B 239 35.99 -3.12 69.61
N SER B 240 37.26 -2.73 69.43
CA SER B 240 37.64 -1.63 68.55
C SER B 240 37.91 -2.07 67.12
N HIS B 241 37.37 -3.21 66.71
CA HIS B 241 37.56 -3.68 65.34
C HIS B 241 36.69 -2.87 64.39
N VAL B 242 37.26 -2.51 63.24
CA VAL B 242 36.52 -1.85 62.17
C VAL B 242 36.33 -2.85 61.05
N PHE B 243 35.09 -2.99 60.58
CA PHE B 243 34.74 -4.01 59.60
C PHE B 243 35.37 -3.70 58.25
N GLY B 244 35.84 -4.76 57.58
CA GLY B 244 36.43 -4.64 56.27
C GLY B 244 37.86 -4.19 56.24
N THR B 245 38.52 -4.07 57.38
CA THR B 245 39.90 -3.61 57.45
C THR B 245 40.59 -4.25 58.65
N SER B 246 41.92 -4.16 58.64
CA SER B 246 42.75 -5.00 59.51
C SER B 246 43.00 -4.44 60.90
N GLU B 247 42.69 -3.16 61.16
CA GLU B 247 42.97 -2.62 62.48
C GLU B 247 41.91 -3.06 63.48
N GLY B 248 42.36 -3.48 64.66
CA GLY B 248 41.48 -4.00 65.67
C GLY B 248 41.05 -5.44 65.45
N ALA B 249 41.54 -6.07 64.39
CA ALA B 249 41.10 -7.41 64.03
C ALA B 249 41.79 -8.47 64.87
N GLY B 250 41.09 -9.57 65.09
CA GLY B 250 41.65 -10.73 65.76
C GLY B 250 42.19 -11.76 64.77
N SER B 251 42.42 -12.96 65.29
CA SER B 251 42.86 -14.07 64.47
C SER B 251 42.02 -15.33 64.63
N ALA B 252 41.22 -15.42 65.69
CA ALA B 252 40.41 -16.61 65.92
C ALA B 252 39.27 -16.68 64.92
N ILE B 253 39.03 -17.87 64.38
CA ILE B 253 37.96 -18.06 63.41
C ILE B 253 36.67 -18.57 64.04
N LEU B 254 36.73 -19.12 65.25
CA LEU B 254 35.55 -19.60 65.96
C LEU B 254 35.54 -19.00 67.36
N THR B 255 35.03 -17.78 67.48
CA THR B 255 34.82 -17.16 68.77
C THR B 255 33.38 -17.42 69.22
N PHE B 256 33.12 -17.19 70.50
CA PHE B 256 31.86 -17.61 71.07
C PHE B 256 31.40 -16.57 72.10
N LEU B 257 31.48 -15.28 71.74
CA LEU B 257 31.14 -14.21 72.68
C LEU B 257 29.64 -14.10 72.89
N GLY B 258 28.87 -14.26 71.82
CA GLY B 258 27.42 -14.17 71.94
C GLY B 258 26.86 -12.77 72.01
N GLY B 259 27.67 -11.75 71.75
CA GLY B 259 27.23 -10.37 71.80
C GLY B 259 27.01 -9.78 70.42
N PHE B 260 27.23 -8.47 70.32
CA PHE B 260 27.11 -7.73 69.07
C PHE B 260 28.44 -7.09 68.74
N HIS B 261 28.69 -6.94 67.44
CA HIS B 261 29.82 -6.16 66.97
C HIS B 261 29.59 -4.69 67.32
N PRO B 262 30.53 -4.01 67.97
CA PRO B 262 30.28 -2.61 68.38
C PRO B 262 30.17 -1.63 67.23
N GLN B 263 30.67 -1.96 66.04
CA GLN B 263 30.59 -1.04 64.91
C GLN B 263 29.37 -1.32 64.03
N THR B 264 29.25 -2.56 63.55
CA THR B 264 28.17 -2.91 62.64
C THR B 264 26.84 -3.17 63.34
N GLU B 265 26.85 -3.25 64.67
CA GLU B 265 25.67 -3.57 65.49
C GLU B 265 25.02 -4.88 65.06
N SER B 266 25.87 -5.87 64.78
CA SER B 266 25.43 -7.17 64.30
C SER B 266 26.20 -8.26 65.02
N LEU B 267 25.79 -9.50 64.81
CA LEU B 267 26.47 -10.64 65.39
C LEU B 267 27.85 -10.82 64.75
N TRP B 268 28.78 -11.36 65.52
CA TRP B 268 30.12 -11.62 65.03
C TRP B 268 30.09 -12.73 63.99
N LEU B 269 30.91 -12.58 62.94
CA LEU B 269 30.98 -13.60 61.90
C LEU B 269 31.62 -14.88 62.41
N THR B 270 32.53 -14.77 63.37
CA THR B 270 33.10 -15.96 64.00
C THR B 270 32.05 -16.68 64.85
N ASP B 271 31.18 -15.93 65.52
CA ASP B 271 30.02 -16.51 66.20
C ASP B 271 29.10 -17.23 65.23
N ILE B 272 28.87 -16.63 64.07
CA ILE B 272 28.01 -17.23 63.05
C ILE B 272 28.63 -18.52 62.52
N ALA B 273 29.95 -18.52 62.31
CA ALA B 273 30.65 -19.70 61.83
C ALA B 273 30.64 -20.81 62.87
N HIS B 274 30.84 -20.47 64.13
CA HIS B 274 30.79 -21.46 65.20
C HIS B 274 29.39 -22.06 65.35
N HIS B 275 28.35 -21.22 65.25
CA HIS B 275 26.97 -21.70 65.27
C HIS B 275 26.68 -22.64 64.10
N HIS B 276 27.17 -22.29 62.91
CA HIS B 276 26.92 -23.11 61.74
C HIS B 276 27.66 -24.44 61.81
N LEU B 277 28.88 -24.45 62.34
CA LEU B 277 29.59 -25.71 62.52
C LEU B 277 28.92 -26.59 63.55
N ALA B 278 28.41 -26.00 64.65
CA ALA B 278 27.68 -26.76 65.64
C ALA B 278 26.41 -27.39 65.06
N ILE B 279 25.59 -26.59 64.37
CA ILE B 279 24.37 -27.15 63.80
C ILE B 279 24.65 -28.06 62.61
N ALA B 280 25.78 -27.92 61.92
CA ALA B 280 26.14 -28.86 60.87
C ALA B 280 26.49 -30.22 61.46
N VAL B 281 27.23 -30.23 62.58
CA VAL B 281 27.53 -31.48 63.27
C VAL B 281 26.25 -32.14 63.76
N ILE B 282 25.34 -31.35 64.36
CA ILE B 282 24.09 -31.90 64.88
C ILE B 282 23.20 -32.40 63.76
N PHE B 283 23.17 -31.69 62.62
CA PHE B 283 22.35 -32.11 61.49
C PHE B 283 22.90 -33.35 60.82
N ILE B 284 24.23 -33.50 60.75
CA ILE B 284 24.82 -34.71 60.20
C ILE B 284 24.53 -35.92 61.10
N VAL B 285 24.65 -35.72 62.42
CA VAL B 285 24.33 -36.77 63.39
C VAL B 285 22.87 -37.16 63.29
N ALA B 286 21.96 -36.17 63.19
CA ALA B 286 20.54 -36.46 63.00
C ALA B 286 20.25 -37.08 61.64
N GLY B 287 21.08 -36.82 60.63
CA GLY B 287 20.97 -37.49 59.36
C GLY B 287 21.41 -38.93 59.38
N HIS B 288 22.18 -39.33 60.37
CA HIS B 288 22.46 -40.75 60.59
C HIS B 288 21.47 -41.39 61.57
N MET B 289 20.19 -41.37 61.23
CA MET B 289 19.15 -41.88 62.12
C MET B 289 18.31 -42.99 61.50
N TYR B 290 17.89 -42.84 60.25
CA TYR B 290 16.96 -43.77 59.62
C TYR B 290 17.70 -44.75 58.73
N ARG B 291 17.24 -46.01 58.77
CA ARG B 291 17.92 -47.09 58.05
C ARG B 291 17.60 -46.97 56.56
N THR B 292 18.63 -47.11 55.72
CA THR B 292 18.41 -47.06 54.28
C THR B 292 18.78 -48.37 53.60
N ASN B 293 20.05 -48.77 53.74
CA ASN B 293 20.56 -49.94 53.02
C ASN B 293 21.47 -50.80 53.89
N TRP B 294 21.95 -50.29 55.03
CA TRP B 294 23.01 -50.96 55.78
C TRP B 294 22.53 -51.52 57.11
N GLY B 295 21.24 -51.81 57.24
CA GLY B 295 20.73 -52.49 58.41
C GLY B 295 20.51 -51.62 59.61
N ILE B 296 21.55 -50.92 60.06
CA ILE B 296 21.42 -50.05 61.22
C ILE B 296 20.64 -48.80 60.86
N GLY B 297 19.95 -48.25 61.85
CA GLY B 297 19.14 -47.08 61.66
C GLY B 297 17.75 -47.27 62.25
N HIS B 298 16.82 -46.46 61.76
CA HIS B 298 15.44 -46.48 62.21
C HIS B 298 14.51 -46.67 61.02
N SER B 299 13.35 -47.25 61.30
CA SER B 299 12.23 -47.25 60.38
C SER B 299 11.11 -46.44 61.02
N ILE B 300 10.55 -45.51 60.26
CA ILE B 300 9.59 -44.54 60.78
C ILE B 300 8.31 -45.23 61.23
N LYS B 301 7.91 -46.30 60.53
CA LYS B 301 6.69 -47.03 60.86
C LYS B 301 6.78 -47.69 62.23
N ASP B 302 7.95 -48.25 62.59
CA ASP B 302 8.12 -48.84 63.91
C ASP B 302 8.13 -47.79 65.01
N ILE B 303 8.71 -46.62 64.74
CA ILE B 303 8.71 -45.52 65.71
C ILE B 303 7.29 -45.03 65.96
N LEU B 304 6.50 -44.93 64.88
CA LEU B 304 5.13 -44.45 65.01
C LEU B 304 4.24 -45.48 65.70
N ALA B 305 4.38 -46.75 65.32
CA ALA B 305 3.53 -47.78 65.91
C ALA B 305 3.92 -48.10 67.34
N ALA B 306 5.19 -47.84 67.71
CA ALA B 306 5.61 -48.09 69.08
C ALA B 306 5.25 -46.94 70.01
N HIS B 307 4.81 -45.82 69.43
CA HIS B 307 4.50 -44.62 70.21
C HIS B 307 2.99 -44.54 70.45
N ASN B 308 2.55 -45.31 71.44
CA ASN B 308 1.17 -45.28 71.92
C ASN B 308 1.25 -45.66 73.40
N PRO B 309 0.77 -44.81 74.30
CA PRO B 309 0.89 -45.11 75.75
C PRO B 309 0.04 -46.30 76.13
N PRO B 310 0.65 -47.35 76.68
CA PRO B 310 -0.08 -48.58 76.95
C PRO B 310 -0.93 -48.48 78.22
N GLN B 311 -1.52 -49.61 78.58
CA GLN B 311 -2.28 -49.67 79.82
C GLN B 311 -1.33 -49.75 81.01
N GLY B 312 -1.68 -49.07 82.09
CA GLY B 312 -0.81 -48.89 83.23
C GLY B 312 -0.04 -47.59 83.23
N THR B 313 0.17 -46.99 82.08
CA THR B 313 0.65 -45.63 81.94
C THR B 313 -0.38 -44.68 82.53
N PRO B 314 0.05 -43.61 83.23
CA PRO B 314 -0.90 -42.69 83.85
C PRO B 314 -1.87 -42.01 82.89
N PHE B 315 -1.48 -41.84 81.63
CA PHE B 315 -2.42 -41.37 80.63
C PHE B 315 -3.20 -42.50 79.98
N GLY B 316 -2.69 -43.73 80.04
CA GLY B 316 -3.44 -44.88 79.55
C GLY B 316 -3.56 -44.87 78.05
N GLY B 317 -4.62 -45.49 77.54
CA GLY B 317 -4.89 -45.47 76.13
C GLY B 317 -5.69 -44.24 75.71
N ALA B 318 -5.18 -43.06 76.04
CA ALA B 318 -5.90 -41.83 75.73
C ALA B 318 -5.82 -41.49 74.26
N LEU B 319 -4.74 -41.91 73.59
CA LEU B 319 -4.57 -41.67 72.17
C LEU B 319 -5.23 -42.72 71.30
N GLY B 320 -5.90 -43.70 71.91
CA GLY B 320 -6.59 -44.72 71.13
C GLY B 320 -5.60 -45.72 70.58
N ALA B 321 -5.52 -45.80 69.24
CA ALA B 321 -4.55 -46.69 68.61
C ALA B 321 -3.18 -46.04 68.44
N GLY B 322 -3.04 -44.78 68.81
CA GLY B 322 -1.73 -44.14 68.73
C GLY B 322 -1.48 -43.60 67.35
N HIS B 323 -0.36 -43.97 66.77
CA HIS B 323 0.06 -43.46 65.47
C HIS B 323 0.11 -44.54 64.40
N ARG B 324 -0.54 -45.68 64.59
CA ARG B 324 -0.55 -46.68 63.55
C ARG B 324 -1.49 -46.25 62.43
N GLY B 325 -1.11 -46.55 61.20
CA GLY B 325 -1.75 -45.98 60.05
C GLY B 325 -1.06 -44.76 59.49
N LEU B 326 -0.24 -44.08 60.30
CA LEU B 326 0.68 -43.09 59.79
C LEU B 326 1.88 -43.81 59.18
N TYR B 327 2.64 -43.06 58.35
CA TYR B 327 3.69 -43.45 57.40
C TYR B 327 3.08 -44.15 56.17
N ASP B 328 1.78 -44.46 56.23
CA ASP B 328 1.05 -44.76 55.01
C ASP B 328 0.16 -43.59 54.65
N THR B 329 -0.50 -43.02 55.66
CA THR B 329 -1.32 -41.83 55.47
C THR B 329 -0.48 -40.64 55.04
N ILE B 330 0.67 -40.45 55.70
CA ILE B 330 1.52 -39.31 55.38
C ILE B 330 2.25 -39.52 54.06
N ASN B 331 2.75 -40.73 53.84
CA ASN B 331 3.59 -40.96 52.66
C ASN B 331 2.74 -41.08 51.39
N ASN B 332 1.53 -41.61 51.50
CA ASN B 332 0.67 -41.72 50.32
C ASN B 332 0.10 -40.36 49.92
N SER B 333 -0.23 -39.53 50.90
CA SER B 333 -0.87 -38.24 50.65
C SER B 333 0.18 -37.16 50.49
N LEU B 334 0.23 -36.54 49.31
CA LEU B 334 1.13 -35.43 49.09
C LEU B 334 0.66 -34.15 49.77
N HIS B 335 -0.65 -34.04 50.04
CA HIS B 335 -1.14 -32.84 50.68
C HIS B 335 -0.82 -32.83 52.17
N PHE B 336 -0.71 -34.00 52.80
CA PHE B 336 -0.21 -34.07 54.17
C PHE B 336 1.23 -33.58 54.27
N GLN B 337 2.09 -34.07 53.37
CA GLN B 337 3.49 -33.65 53.35
C GLN B 337 3.61 -32.17 53.03
N LEU B 338 2.78 -31.69 52.10
CA LEU B 338 2.77 -30.27 51.74
C LEU B 338 2.31 -29.39 52.88
N GLY B 339 1.27 -29.80 53.61
CA GLY B 339 0.81 -29.05 54.76
C GLY B 339 1.81 -29.02 55.89
N LEU B 340 2.46 -30.16 56.16
CA LEU B 340 3.51 -30.19 57.18
C LEU B 340 4.70 -29.32 56.79
N ALA B 341 5.07 -29.37 55.50
CA ALA B 341 6.16 -28.55 54.98
C ALA B 341 5.83 -27.07 55.09
N LEU B 342 4.61 -26.68 54.72
CA LEU B 342 4.22 -25.28 54.79
C LEU B 342 4.07 -24.79 56.22
N ALA B 343 3.65 -25.65 57.14
CA ALA B 343 3.55 -25.25 58.55
C ALA B 343 4.93 -25.03 59.15
N SER B 344 5.85 -25.98 58.89
CA SER B 344 7.22 -25.83 59.37
C SER B 344 7.90 -24.61 58.73
N LEU B 345 7.67 -24.39 57.44
CA LEU B 345 8.27 -23.24 56.76
C LEU B 345 7.68 -21.93 57.23
N GLY B 346 6.38 -21.89 57.52
CA GLY B 346 5.79 -20.68 58.06
C GLY B 346 6.28 -20.36 59.46
N VAL B 347 6.46 -21.39 60.29
CA VAL B 347 6.98 -21.16 61.63
C VAL B 347 8.43 -20.68 61.58
N ILE B 348 9.25 -21.29 60.71
CA ILE B 348 10.64 -20.85 60.67
C ILE B 348 10.78 -19.52 59.93
N THR B 349 9.83 -19.16 59.07
CA THR B 349 9.85 -17.83 58.47
C THR B 349 9.44 -16.76 59.49
N SER B 350 8.49 -17.10 60.36
CA SER B 350 8.17 -16.24 61.50
C SER B 350 9.37 -16.06 62.41
N LEU B 351 10.12 -17.15 62.64
CA LEU B 351 11.35 -17.09 63.41
C LEU B 351 12.43 -16.26 62.74
N VAL B 352 12.55 -16.36 61.41
CA VAL B 352 13.48 -15.51 60.66
C VAL B 352 13.13 -14.05 60.85
N ALA B 353 11.84 -13.71 60.72
CA ALA B 353 11.42 -12.33 60.90
C ALA B 353 11.65 -11.83 62.33
N GLN B 354 11.31 -12.65 63.33
CA GLN B 354 11.50 -12.25 64.71
C GLN B 354 12.95 -12.26 65.16
N HIS B 355 13.85 -12.89 64.40
CA HIS B 355 15.25 -12.99 64.81
C HIS B 355 16.18 -12.08 64.05
N MET B 356 15.92 -11.78 62.77
CA MET B 356 16.78 -10.86 62.04
C MET B 356 16.59 -9.40 62.43
N TYR B 357 15.54 -9.05 63.16
CA TYR B 357 15.46 -7.67 63.63
C TYR B 357 16.11 -7.50 64.99
N SER B 358 15.96 -8.47 65.89
CA SER B 358 16.52 -8.38 67.23
C SER B 358 17.97 -8.83 67.26
N LEU B 359 18.34 -9.76 66.38
CA LEU B 359 19.71 -10.26 66.26
C LEU B 359 20.12 -10.13 64.80
N PRO B 360 20.55 -8.95 64.36
CA PRO B 360 21.01 -8.80 62.98
C PRO B 360 22.32 -9.53 62.76
N SER B 361 22.43 -10.16 61.60
CA SER B 361 23.63 -10.90 61.23
C SER B 361 24.39 -10.26 60.09
N TYR B 362 23.99 -9.07 59.66
CA TYR B 362 24.58 -8.41 58.51
C TYR B 362 25.17 -7.06 58.91
N ALA B 363 26.27 -6.69 58.26
CA ALA B 363 27.01 -5.50 58.66
C ALA B 363 26.24 -4.23 58.32
N PHE B 364 26.10 -3.36 59.32
CA PHE B 364 25.44 -2.06 59.23
C PHE B 364 23.98 -2.17 58.78
N ILE B 365 23.33 -3.28 59.07
CA ILE B 365 21.93 -3.45 58.68
C ILE B 365 20.98 -3.03 59.79
N ALA B 366 21.46 -2.92 61.02
CA ALA B 366 20.61 -2.43 62.10
C ALA B 366 20.39 -0.93 61.99
N LYS B 367 21.33 -0.21 61.38
CA LYS B 367 21.22 1.22 61.20
C LYS B 367 20.62 1.61 59.86
N ASP B 368 20.30 0.65 59.00
CA ASP B 368 19.50 0.90 57.81
C ASP B 368 18.08 0.46 58.17
N TYR B 369 17.29 1.43 58.60
CA TYR B 369 16.02 1.16 59.27
C TYR B 369 14.96 0.66 58.30
N THR B 370 14.93 1.24 57.10
CA THR B 370 13.95 0.85 56.09
C THR B 370 14.19 -0.56 55.58
N THR B 371 15.44 -1.01 55.54
CA THR B 371 15.74 -2.39 55.21
C THR B 371 15.19 -3.34 56.27
N GLN B 372 15.35 -2.99 57.55
CA GLN B 372 14.79 -3.80 58.64
C GLN B 372 13.27 -3.87 58.56
N ALA B 373 12.62 -2.74 58.27
CA ALA B 373 11.17 -2.72 58.17
C ALA B 373 10.67 -3.58 57.01
N ALA B 374 11.30 -3.42 55.84
CA ALA B 374 10.92 -4.19 54.67
C ALA B 374 11.16 -5.68 54.88
N LEU B 375 12.27 -6.05 55.51
CA LEU B 375 12.59 -7.44 55.74
C LEU B 375 11.63 -8.10 56.74
N TYR B 376 11.33 -7.40 57.85
CA TYR B 376 10.40 -7.97 58.82
C TYR B 376 9.00 -8.14 58.24
N THR B 377 8.49 -7.11 57.57
CA THR B 377 7.15 -7.19 57.00
C THR B 377 7.08 -8.23 55.88
N HIS B 378 8.12 -8.29 55.05
CA HIS B 378 8.17 -9.23 53.94
C HIS B 378 8.20 -10.67 54.44
N HIS B 379 8.95 -10.94 55.49
CA HIS B 379 8.98 -12.31 55.99
C HIS B 379 7.75 -12.67 56.80
N GLN B 380 7.15 -11.73 57.54
CA GLN B 380 5.95 -12.09 58.28
C GLN B 380 4.74 -12.30 57.38
N TYR B 381 4.60 -11.53 56.30
CA TYR B 381 3.49 -11.76 55.38
C TYR B 381 3.63 -13.10 54.66
N ILE B 382 4.86 -13.46 54.30
CA ILE B 382 5.10 -14.75 53.67
C ILE B 382 4.87 -15.89 54.65
N ALA B 383 5.25 -15.70 55.92
CA ALA B 383 4.95 -16.68 56.96
C ALA B 383 3.46 -16.88 57.16
N GLY B 384 2.67 -15.80 57.13
CA GLY B 384 1.22 -15.94 57.17
C GLY B 384 0.66 -16.68 55.97
N PHE B 385 1.20 -16.40 54.77
CA PHE B 385 0.83 -17.14 53.57
C PHE B 385 1.10 -18.63 53.72
N LEU B 386 2.30 -18.97 54.18
CA LEU B 386 2.69 -20.39 54.32
C LEU B 386 1.84 -21.08 55.36
N MET B 387 1.47 -20.38 56.43
CA MET B 387 0.71 -21.02 57.49
C MET B 387 -0.74 -21.25 57.07
N VAL B 388 -1.35 -20.28 56.38
CA VAL B 388 -2.69 -20.46 55.84
C VAL B 388 -2.71 -21.54 54.76
N GLY B 389 -1.67 -21.60 53.92
CA GLY B 389 -1.56 -22.67 52.95
C GLY B 389 -1.36 -24.03 53.58
N ALA B 390 -0.66 -24.11 54.71
CA ALA B 390 -0.52 -25.35 55.45
C ALA B 390 -1.87 -25.86 55.91
N PHE B 391 -2.68 -24.99 56.49
CA PHE B 391 -4.01 -25.41 56.91
C PHE B 391 -4.93 -25.71 55.72
N ALA B 392 -4.78 -24.98 54.61
CA ALA B 392 -5.55 -25.26 53.42
C ALA B 392 -5.23 -26.64 52.86
N HIS B 393 -3.95 -27.01 52.88
CA HIS B 393 -3.60 -28.34 52.41
C HIS B 393 -3.93 -29.44 53.41
N GLY B 394 -4.00 -29.12 54.71
CA GLY B 394 -4.62 -30.04 55.64
C GLY B 394 -6.09 -30.29 55.31
N ALA B 395 -6.82 -29.23 54.95
CA ALA B 395 -8.21 -29.39 54.50
C ALA B 395 -8.30 -30.21 53.23
N ILE B 396 -7.39 -29.98 52.28
CA ILE B 396 -7.36 -30.76 51.04
C ILE B 396 -7.06 -32.22 51.32
N PHE B 397 -6.15 -32.49 52.27
CA PHE B 397 -5.86 -33.85 52.67
C PHE B 397 -7.09 -34.54 53.27
N PHE B 398 -7.84 -33.83 54.12
CA PHE B 398 -9.04 -34.44 54.68
C PHE B 398 -10.09 -34.70 53.61
N VAL B 399 -10.24 -33.79 52.64
CA VAL B 399 -11.34 -33.97 51.72
C VAL B 399 -11.01 -34.97 50.60
N ARG B 400 -9.74 -35.13 50.21
CA ARG B 400 -9.50 -36.04 49.08
C ARG B 400 -8.43 -37.09 49.32
N ASP B 401 -7.78 -37.09 50.48
CA ASP B 401 -6.73 -38.07 50.77
C ASP B 401 -6.91 -38.83 52.07
N TYR B 402 -7.89 -38.48 52.91
CA TYR B 402 -8.05 -39.13 54.20
C TYR B 402 -8.87 -40.41 54.05
N ASP B 403 -8.31 -41.51 54.55
CA ASP B 403 -8.97 -42.81 54.54
C ASP B 403 -9.32 -43.16 55.98
N PRO B 404 -10.61 -43.22 56.34
CA PRO B 404 -10.96 -43.61 57.71
C PRO B 404 -10.67 -45.06 58.03
N GLU B 405 -10.55 -45.92 57.01
CA GLU B 405 -10.23 -47.32 57.26
C GLU B 405 -8.78 -47.49 57.68
N ALA B 406 -7.86 -46.82 57.00
CA ALA B 406 -6.46 -46.91 57.37
C ALA B 406 -6.19 -46.17 58.67
N ASN B 407 -6.74 -44.97 58.82
CA ASN B 407 -6.68 -44.22 60.06
C ASN B 407 -7.91 -44.56 60.90
N LYS B 408 -7.85 -45.72 61.55
CA LYS B 408 -8.94 -46.19 62.38
C LYS B 408 -8.54 -46.05 63.85
N ASP B 409 -9.18 -45.10 64.55
CA ASP B 409 -9.05 -44.86 65.99
C ASP B 409 -7.62 -44.45 66.35
N ASN B 410 -6.86 -43.92 65.40
CA ASN B 410 -5.55 -43.37 65.68
C ASN B 410 -5.67 -41.92 66.17
N VAL B 411 -4.54 -41.22 66.23
CA VAL B 411 -4.58 -39.81 66.62
C VAL B 411 -5.30 -38.97 65.56
N LEU B 412 -5.10 -39.28 64.28
CA LEU B 412 -5.71 -38.50 63.21
C LEU B 412 -7.22 -38.73 63.16
N ALA B 413 -7.66 -39.96 63.41
CA ALA B 413 -9.09 -40.23 63.47
C ALA B 413 -9.73 -39.61 64.70
N ARG B 414 -9.03 -39.64 65.83
CA ARG B 414 -9.59 -39.07 67.06
C ARG B 414 -9.55 -37.56 67.06
N MET B 415 -8.76 -36.94 66.17
CA MET B 415 -8.91 -35.50 65.94
C MET B 415 -10.27 -35.20 65.32
N LEU B 416 -10.68 -35.98 64.33
CA LEU B 416 -12.00 -35.81 63.73
C LEU B 416 -13.12 -36.28 64.63
N GLU B 417 -12.82 -37.16 65.59
CA GLU B 417 -13.87 -37.68 66.46
C GLU B 417 -14.40 -36.59 67.40
N HIS B 418 -13.54 -35.71 67.87
CA HIS B 418 -13.93 -34.57 68.68
C HIS B 418 -13.66 -33.24 67.95
N LYS B 419 -13.84 -33.24 66.63
CA LYS B 419 -13.38 -32.17 65.74
C LYS B 419 -14.03 -30.82 66.02
N GLU B 420 -15.17 -30.81 66.69
CA GLU B 420 -15.88 -29.58 66.96
C GLU B 420 -15.83 -29.17 68.43
N ALA B 421 -15.33 -30.03 69.31
CA ALA B 421 -14.88 -29.56 70.62
C ALA B 421 -13.74 -28.57 70.47
N ILE B 422 -12.82 -28.86 69.56
CA ILE B 422 -11.73 -27.95 69.21
C ILE B 422 -12.28 -26.64 68.66
N ILE B 423 -13.29 -26.72 67.79
CA ILE B 423 -13.86 -25.52 67.19
C ILE B 423 -14.61 -24.69 68.24
N SER B 424 -15.34 -25.35 69.14
CA SER B 424 -16.04 -24.62 70.20
C SER B 424 -15.08 -23.96 71.18
N HIS B 425 -14.03 -24.64 71.60
CA HIS B 425 -13.08 -24.03 72.51
C HIS B 425 -12.21 -22.97 71.85
N LEU B 426 -11.88 -23.15 70.57
CA LEU B 426 -11.18 -22.12 69.83
C LEU B 426 -12.06 -20.91 69.55
N SER B 427 -13.36 -21.11 69.35
CA SER B 427 -14.30 -20.00 69.31
C SER B 427 -14.37 -19.29 70.64
N TRP B 428 -14.36 -20.04 71.75
CA TRP B 428 -14.39 -19.43 73.07
C TRP B 428 -13.13 -18.58 73.31
N VAL B 429 -11.96 -19.08 72.95
CA VAL B 429 -10.75 -18.31 73.20
C VAL B 429 -10.65 -17.14 72.22
N SER B 430 -11.21 -17.28 71.02
CA SER B 430 -11.26 -16.14 70.10
C SER B 430 -12.17 -15.03 70.64
N LEU B 431 -13.34 -15.39 71.16
CA LEU B 431 -14.22 -14.38 71.76
C LEU B 431 -13.63 -13.82 73.05
N PHE B 432 -12.94 -14.66 73.83
CA PHE B 432 -12.31 -14.25 75.08
C PHE B 432 -11.20 -13.25 74.83
N LEU B 433 -10.45 -13.42 73.75
CA LEU B 433 -9.47 -12.40 73.41
C LEU B 433 -10.14 -11.17 72.81
N GLY B 434 -11.14 -11.37 71.94
CA GLY B 434 -11.67 -10.27 71.15
C GLY B 434 -12.50 -9.28 71.95
N PHE B 435 -13.47 -9.79 72.74
CA PHE B 435 -14.32 -8.94 73.57
C PHE B 435 -13.52 -8.07 74.52
N HIS B 436 -12.51 -8.64 75.17
CA HIS B 436 -11.74 -7.91 76.16
C HIS B 436 -10.63 -7.06 75.58
N THR B 437 -10.01 -7.45 74.47
CA THR B 437 -9.06 -6.57 73.81
C THR B 437 -9.77 -5.34 73.24
N LEU B 438 -10.91 -5.54 72.56
CA LEU B 438 -11.67 -4.40 72.08
C LEU B 438 -12.29 -3.62 73.24
N GLY B 439 -12.67 -4.30 74.31
CA GLY B 439 -13.21 -3.60 75.47
C GLY B 439 -12.20 -2.69 76.14
N LEU B 440 -10.96 -3.16 76.31
CA LEU B 440 -9.93 -2.30 76.89
C LEU B 440 -9.52 -1.19 75.93
N TYR B 441 -9.43 -1.47 74.62
CA TYR B 441 -9.15 -0.41 73.67
C TYR B 441 -10.24 0.66 73.61
N VAL B 442 -11.51 0.23 73.60
CA VAL B 442 -12.61 1.19 73.56
C VAL B 442 -12.71 1.94 74.89
N HIS B 443 -12.44 1.27 76.00
CA HIS B 443 -12.42 1.94 77.30
C HIS B 443 -11.33 3.00 77.36
N ASN B 444 -10.13 2.66 76.88
CA ASN B 444 -9.05 3.64 76.83
C ASN B 444 -9.36 4.79 75.88
N ASP B 445 -9.97 4.50 74.73
CA ASP B 445 -10.38 5.54 73.79
C ASP B 445 -11.38 6.49 74.43
N VAL B 446 -12.36 5.95 75.15
CA VAL B 446 -13.41 6.77 75.73
C VAL B 446 -12.86 7.61 76.89
N VAL B 447 -12.01 7.03 77.74
CA VAL B 447 -11.52 7.80 78.87
C VAL B 447 -10.45 8.81 78.44
N VAL B 448 -9.68 8.51 77.39
CA VAL B 448 -8.74 9.50 76.87
C VAL B 448 -9.49 10.62 76.17
N ALA B 449 -10.56 10.27 75.44
CA ALA B 449 -11.41 11.28 74.83
C ALA B 449 -12.12 12.13 75.87
N PHE B 450 -12.46 11.54 77.02
CA PHE B 450 -13.12 12.29 78.08
C PHE B 450 -12.14 13.06 78.96
N GLY B 451 -10.91 13.27 78.50
CA GLY B 451 -9.94 14.07 79.21
C GLY B 451 -9.28 13.42 80.39
N THR B 452 -9.49 12.11 80.58
CA THR B 452 -8.98 11.39 81.74
C THR B 452 -8.18 10.18 81.28
N PRO B 453 -6.93 10.37 80.84
CA PRO B 453 -6.13 9.22 80.42
C PRO B 453 -5.63 8.39 81.58
N GLU B 454 -5.71 8.88 82.82
CA GLU B 454 -5.32 8.12 83.99
C GLU B 454 -6.36 7.08 84.40
N LYS B 455 -7.56 7.13 83.81
CA LYS B 455 -8.57 6.10 84.03
C LYS B 455 -8.43 4.93 83.07
N GLN B 456 -7.38 4.92 82.25
CA GLN B 456 -7.11 3.81 81.35
C GLN B 456 -6.78 2.55 82.15
N ILE B 457 -7.19 1.40 81.61
CA ILE B 457 -6.73 0.13 82.13
C ILE B 457 -5.38 -0.16 81.49
N LEU B 458 -4.31 0.25 82.16
CA LEU B 458 -2.95 -0.01 81.70
C LEU B 458 -2.41 -1.22 82.45
N ILE B 459 -2.02 -2.25 81.70
CA ILE B 459 -1.60 -3.51 82.28
C ILE B 459 -0.16 -3.75 81.88
N GLU B 460 0.71 -3.89 82.88
CA GLU B 460 2.11 -4.16 82.62
C GLU B 460 2.29 -5.63 82.27
N PRO B 461 2.90 -5.96 81.13
CA PRO B 461 3.06 -7.37 80.78
C PRO B 461 4.14 -8.06 81.60
N VAL B 462 3.81 -8.40 82.84
CA VAL B 462 4.82 -8.88 83.77
C VAL B 462 5.35 -10.27 83.44
N PHE B 463 4.60 -11.08 82.69
CA PHE B 463 5.10 -12.41 82.34
C PHE B 463 6.20 -12.32 81.28
N ALA B 464 5.97 -11.53 80.23
CA ALA B 464 6.98 -11.35 79.20
C ALA B 464 8.15 -10.52 79.70
N GLN B 465 7.90 -9.56 80.60
CA GLN B 465 9.01 -8.87 81.25
C GLN B 465 9.80 -9.78 82.18
N PHE B 466 9.14 -10.74 82.83
CA PHE B 466 9.86 -11.76 83.58
C PHE B 466 10.71 -12.63 82.66
N VAL B 467 10.21 -12.92 81.45
CA VAL B 467 11.00 -13.65 80.46
C VAL B 467 12.22 -12.83 80.03
N GLN B 468 12.02 -11.52 79.81
CA GLN B 468 13.13 -10.62 79.46
C GLN B 468 14.17 -10.56 80.57
N ALA B 469 13.72 -10.47 81.82
CA ALA B 469 14.63 -10.47 82.95
C ALA B 469 15.32 -11.81 83.15
N ALA B 470 14.65 -12.92 82.84
CA ALA B 470 15.26 -14.23 82.87
C ALA B 470 16.27 -14.43 81.75
N SER B 471 16.14 -13.69 80.65
CA SER B 471 17.15 -13.71 79.62
C SER B 471 18.30 -12.75 79.88
N GLY B 472 18.22 -11.94 80.94
CA GLY B 472 19.36 -11.15 81.36
C GLY B 472 19.17 -9.65 81.39
N LYS B 473 17.92 -9.19 81.43
CA LYS B 473 17.62 -7.76 81.42
C LYS B 473 17.39 -7.30 82.86
N ALA B 474 18.22 -6.36 83.31
CA ALA B 474 18.15 -5.86 84.68
C ALA B 474 17.27 -4.64 84.83
N LEU B 475 16.56 -4.25 83.78
CA LEU B 475 15.76 -3.03 83.81
C LEU B 475 14.51 -3.18 84.67
N TYR B 476 13.88 -4.36 84.68
CA TYR B 476 12.66 -4.56 85.43
C TYR B 476 12.89 -4.95 86.89
N GLY B 477 14.13 -5.24 87.26
CA GLY B 477 14.46 -5.55 88.64
C GLY B 477 13.85 -6.82 89.19
N PHE B 478 13.64 -7.82 88.35
CA PHE B 478 13.10 -9.09 88.84
C PHE B 478 14.16 -9.89 89.58
N ASP B 479 15.43 -9.76 89.18
CA ASP B 479 16.57 -10.51 89.73
C ASP B 479 16.33 -12.01 89.65
N ALA B 480 16.07 -12.49 88.43
CA ALA B 480 15.67 -13.86 88.23
C ALA B 480 16.52 -14.52 87.14
N LEU B 481 17.44 -15.37 87.59
CA LEU B 481 18.08 -16.46 86.86
C LEU B 481 19.11 -16.05 85.80
N LEU B 482 19.09 -14.79 85.35
CA LEU B 482 20.24 -14.17 84.72
C LEU B 482 20.40 -12.71 85.09
N SER B 483 19.35 -12.09 85.66
CA SER B 483 19.46 -10.69 86.08
C SER B 483 20.34 -10.56 87.31
N ASN B 484 20.20 -11.47 88.27
CA ASN B 484 21.19 -11.46 89.32
C ASN B 484 22.44 -12.24 88.91
N PRO B 485 23.63 -11.79 89.33
CA PRO B 485 24.86 -12.52 88.97
C PRO B 485 25.13 -13.74 89.84
N ASP B 486 24.32 -13.98 90.88
CA ASP B 486 24.54 -15.08 91.81
C ASP B 486 23.52 -16.20 91.64
N SER B 487 23.01 -16.39 90.43
CA SER B 487 22.10 -17.49 90.13
C SER B 487 22.91 -18.69 89.67
N VAL B 488 22.24 -19.86 89.64
CA VAL B 488 22.91 -21.07 89.21
C VAL B 488 23.18 -21.05 87.70
N ALA B 489 22.34 -20.34 86.94
CA ALA B 489 22.58 -20.18 85.52
C ALA B 489 23.65 -19.14 85.24
N SER B 490 23.68 -18.07 86.05
CA SER B 490 24.63 -16.99 85.81
C SER B 490 26.04 -17.37 86.27
N THR B 491 26.15 -18.23 87.28
CA THR B 491 27.46 -18.61 87.81
C THR B 491 27.99 -19.85 87.11
N ALA B 492 27.35 -20.27 86.02
CA ALA B 492 27.79 -21.44 85.28
C ALA B 492 28.98 -21.12 84.38
N SER B 493 29.37 -22.09 83.55
CA SER B 493 30.44 -21.86 82.58
C SER B 493 29.93 -21.19 81.29
N ALA B 494 28.77 -20.55 81.34
CA ALA B 494 28.22 -19.87 80.17
C ALA B 494 29.07 -18.67 79.80
N VAL B 495 29.90 -18.83 78.76
CA VAL B 495 30.79 -17.76 78.36
C VAL B 495 30.16 -16.89 77.27
N TRP B 496 28.89 -17.16 76.90
CA TRP B 496 28.19 -16.21 76.06
C TRP B 496 27.72 -15.01 76.86
N LEU B 497 27.68 -15.16 78.19
CA LEU B 497 27.08 -14.15 79.06
C LEU B 497 27.78 -12.79 79.07
N PRO B 498 29.12 -12.65 79.04
CA PRO B 498 29.68 -11.29 78.96
C PRO B 498 29.30 -10.51 77.70
N GLY B 499 29.05 -11.19 76.58
CA GLY B 499 28.56 -10.51 75.40
C GLY B 499 27.06 -10.32 75.42
N TRP B 500 26.34 -11.37 75.84
CA TRP B 500 24.88 -11.34 75.81
C TRP B 500 24.31 -10.33 76.81
N LEU B 501 24.91 -10.21 77.99
CA LEU B 501 24.35 -9.34 79.02
C LEU B 501 24.49 -7.86 78.67
N ASP B 502 25.63 -7.44 78.14
CA ASP B 502 25.72 -6.04 77.72
C ASP B 502 25.18 -5.81 76.32
N ALA B 503 24.87 -6.87 75.57
CA ALA B 503 24.05 -6.71 74.38
C ALA B 503 22.58 -6.52 74.69
N ILE B 504 22.07 -7.16 75.76
CA ILE B 504 20.65 -7.07 76.08
C ILE B 504 20.33 -5.88 76.98
N ASN B 505 21.29 -5.39 77.76
CA ASN B 505 21.06 -4.31 78.70
C ASN B 505 21.46 -2.95 78.14
N SER B 506 21.75 -2.89 76.83
CA SER B 506 22.01 -1.63 76.14
C SER B 506 20.82 -1.33 75.24
N GLY B 507 20.32 -0.10 75.32
CA GLY B 507 19.15 0.30 74.57
C GLY B 507 19.42 0.78 73.16
N THR B 508 20.62 0.55 72.63
CA THR B 508 20.98 1.00 71.30
C THR B 508 20.69 -0.04 70.23
N ASN B 509 20.11 -1.19 70.60
CA ASN B 509 19.80 -2.24 69.65
C ASN B 509 18.32 -2.58 69.74
N SER B 510 17.88 -3.50 68.88
CA SER B 510 16.52 -4.00 68.88
C SER B 510 16.38 -5.30 69.66
N LEU B 511 17.40 -5.66 70.44
CA LEU B 511 17.42 -6.90 71.19
C LEU B 511 16.65 -6.73 72.49
N PHE B 512 15.49 -7.42 72.59
CA PHE B 512 14.66 -7.48 73.78
C PHE B 512 14.20 -6.08 74.23
N LEU B 513 13.33 -5.52 73.38
CA LEU B 513 12.85 -4.16 73.53
C LEU B 513 12.09 -3.95 74.84
N ASN B 514 12.06 -2.70 75.28
CA ASN B 514 11.24 -2.32 76.43
C ASN B 514 9.78 -2.43 76.08
N ILE B 515 9.04 -3.19 76.87
CA ILE B 515 7.62 -3.44 76.64
C ILE B 515 6.82 -2.90 77.82
N GLY B 516 5.67 -2.32 77.52
CA GLY B 516 4.84 -1.71 78.53
C GLY B 516 3.37 -2.00 78.30
N PRO B 517 2.50 -1.12 78.81
CA PRO B 517 1.05 -1.36 78.68
C PRO B 517 0.55 -1.28 77.24
N GLY B 518 1.26 -0.59 76.36
CA GLY B 518 0.90 -0.60 74.95
C GLY B 518 1.37 -1.83 74.20
N ASP B 519 2.17 -2.67 74.84
CA ASP B 519 2.60 -3.93 74.25
C ASP B 519 1.76 -5.11 74.70
N PHE B 520 1.10 -4.99 75.85
CA PHE B 520 0.21 -6.02 76.35
C PHE B 520 -1.02 -6.16 75.46
N LEU B 521 -1.67 -5.04 75.18
CA LEU B 521 -2.91 -5.04 74.41
C LEU B 521 -2.70 -5.46 72.97
N VAL B 522 -1.58 -5.05 72.36
CA VAL B 522 -1.33 -5.42 70.98
C VAL B 522 -0.98 -6.90 70.89
N HIS B 523 -0.29 -7.42 71.92
CA HIS B 523 -0.02 -8.84 71.98
C HIS B 523 -1.29 -9.65 72.12
N HIS B 524 -2.27 -9.14 72.85
CA HIS B 524 -3.53 -9.85 72.93
C HIS B 524 -4.35 -9.70 71.66
N ALA B 525 -4.19 -8.59 70.94
CA ALA B 525 -4.74 -8.48 69.59
C ALA B 525 -4.12 -9.50 68.66
N ILE B 526 -2.81 -9.69 68.77
CA ILE B 526 -2.09 -10.69 67.97
C ILE B 526 -2.56 -12.10 68.32
N ALA B 527 -2.74 -12.38 69.62
CA ALA B 527 -3.25 -13.67 70.05
C ALA B 527 -4.67 -13.89 69.54
N LEU B 528 -5.49 -12.84 69.54
CA LEU B 528 -6.83 -12.91 68.96
C LEU B 528 -6.76 -13.22 67.48
N GLY B 529 -5.83 -12.58 66.77
CA GLY B 529 -5.72 -12.80 65.33
C GLY B 529 -5.27 -14.21 64.97
N LEU B 530 -4.24 -14.71 65.65
CA LEU B 530 -3.81 -16.09 65.43
C LEU B 530 -4.87 -17.10 65.85
N HIS B 531 -5.55 -16.87 66.98
CA HIS B 531 -6.57 -17.81 67.42
C HIS B 531 -7.77 -17.80 66.49
N THR B 532 -8.15 -16.63 65.98
CA THR B 532 -9.31 -16.60 65.09
C THR B 532 -8.97 -17.15 63.71
N THR B 533 -7.80 -16.81 63.16
CA THR B 533 -7.38 -17.38 61.89
C THR B 533 -7.23 -18.89 62.00
N THR B 534 -6.71 -19.37 63.13
CA THR B 534 -6.72 -20.79 63.43
C THR B 534 -8.15 -21.32 63.55
N LEU B 535 -9.09 -20.51 64.02
CA LEU B 535 -10.46 -20.99 64.16
C LEU B 535 -11.11 -21.22 62.80
N ILE B 536 -10.99 -20.24 61.88
CA ILE B 536 -11.45 -20.46 60.51
C ILE B 536 -10.73 -21.65 59.86
N LEU B 537 -9.41 -21.76 60.06
CA LEU B 537 -8.65 -22.79 59.36
C LEU B 537 -8.90 -24.20 59.90
N VAL B 538 -8.87 -24.38 61.22
CA VAL B 538 -9.21 -25.66 61.85
C VAL B 538 -10.67 -26.01 61.58
N LYS B 539 -11.55 -25.01 61.61
CA LYS B 539 -12.97 -25.23 61.40
C LYS B 539 -13.24 -25.72 59.99
N GLY B 540 -12.52 -25.21 59.00
CA GLY B 540 -12.71 -25.70 57.65
C GLY B 540 -11.92 -26.93 57.31
N ALA B 541 -10.82 -27.18 58.03
CA ALA B 541 -10.05 -28.39 57.79
C ALA B 541 -10.74 -29.61 58.38
N LEU B 542 -11.31 -29.46 59.57
CA LEU B 542 -11.96 -30.60 60.21
C LEU B 542 -13.37 -30.82 59.68
N ASP B 543 -14.03 -29.78 59.16
CA ASP B 543 -15.33 -29.94 58.53
C ASP B 543 -15.21 -30.09 57.02
N ALA B 544 -14.02 -30.50 56.54
CA ALA B 544 -13.81 -30.63 55.10
C ALA B 544 -14.55 -31.84 54.53
N ARG B 545 -14.54 -32.96 55.26
CA ARG B 545 -15.19 -34.17 54.76
C ARG B 545 -16.70 -34.10 54.82
N GLY B 546 -17.26 -33.29 55.72
CA GLY B 546 -18.69 -33.22 55.86
C GLY B 546 -19.10 -32.89 57.28
N SER B 547 -20.36 -32.51 57.46
CA SER B 547 -20.90 -32.13 58.76
C SER B 547 -22.42 -32.17 58.69
N LYS B 548 -23.06 -31.52 59.67
CA LYS B 548 -24.50 -31.70 59.88
C LYS B 548 -25.34 -31.11 58.75
N LEU B 549 -24.98 -29.94 58.24
CA LEU B 549 -25.75 -29.35 57.14
C LEU B 549 -25.41 -30.02 55.81
N MET B 550 -24.16 -30.41 55.62
CA MET B 550 -23.69 -30.99 54.37
C MET B 550 -22.87 -32.24 54.71
N PRO B 551 -23.51 -33.40 54.81
CA PRO B 551 -22.76 -34.63 55.12
C PRO B 551 -21.77 -35.05 54.04
N ASP B 552 -22.13 -34.98 52.76
CA ASP B 552 -21.26 -35.48 51.70
C ASP B 552 -20.50 -34.30 51.09
N LYS B 553 -19.67 -33.66 51.92
CA LYS B 553 -18.84 -32.59 51.40
C LYS B 553 -17.62 -33.12 50.67
N LYS B 554 -17.27 -34.39 50.86
CA LYS B 554 -16.13 -34.97 50.17
C LYS B 554 -16.44 -35.36 48.73
N ASP B 555 -17.72 -35.50 48.39
CA ASP B 555 -18.07 -35.88 47.02
C ASP B 555 -17.88 -34.75 46.03
N PHE B 556 -18.12 -33.51 46.46
CA PHE B 556 -17.92 -32.35 45.61
C PHE B 556 -16.48 -31.85 45.62
N GLY B 557 -15.62 -32.42 46.45
CA GLY B 557 -14.24 -32.04 46.49
C GLY B 557 -13.97 -30.91 47.46
N PHE B 558 -12.78 -30.33 47.31
CA PHE B 558 -12.31 -29.25 48.16
C PHE B 558 -13.00 -27.92 47.88
N SER B 559 -13.18 -27.59 46.61
CA SER B 559 -13.56 -26.25 46.18
C SER B 559 -14.83 -26.32 45.33
N PHE B 560 -15.92 -26.05 45.93
CA PHE B 560 -17.18 -25.91 45.20
C PHE B 560 -17.91 -24.66 45.67
N PRO B 561 -18.79 -24.06 44.83
CA PRO B 561 -19.47 -22.83 45.23
C PRO B 561 -20.36 -22.94 46.46
N CYS B 562 -21.36 -23.80 46.38
CA CYS B 562 -22.38 -23.90 47.41
C CYS B 562 -23.09 -25.23 47.22
N ASP B 563 -24.24 -25.38 47.89
CA ASP B 563 -25.10 -26.53 47.67
C ASP B 563 -26.54 -26.02 47.55
N GLY B 564 -26.69 -24.89 46.87
CA GLY B 564 -27.99 -24.33 46.61
C GLY B 564 -28.53 -23.50 47.74
N PRO B 565 -29.63 -22.79 47.50
CA PRO B 565 -30.29 -22.05 48.58
C PRO B 565 -31.10 -22.91 49.51
N GLY B 566 -31.28 -24.19 49.20
CA GLY B 566 -32.00 -25.08 50.07
C GLY B 566 -31.20 -25.42 51.31
N ARG B 567 -31.90 -26.05 52.25
CA ARG B 567 -31.41 -26.33 53.61
C ARG B 567 -31.01 -25.04 54.32
N GLY B 568 -31.76 -23.97 54.09
CA GLY B 568 -31.57 -22.72 54.77
C GLY B 568 -30.64 -21.74 54.09
N GLY B 569 -29.79 -22.20 53.18
CA GLY B 569 -28.81 -21.32 52.55
C GLY B 569 -27.42 -21.86 52.84
N THR B 570 -26.61 -21.96 51.79
CA THR B 570 -25.41 -22.78 51.89
C THR B 570 -24.21 -22.04 51.25
N CYS B 571 -24.12 -20.73 51.45
CA CYS B 571 -23.02 -19.97 50.88
C CYS B 571 -21.76 -20.17 51.72
N ASP B 572 -20.62 -20.40 51.07
CA ASP B 572 -19.31 -20.63 51.73
C ASP B 572 -19.39 -21.81 52.69
N ILE B 573 -19.59 -23.00 52.13
CA ILE B 573 -19.56 -24.22 52.93
C ILE B 573 -18.46 -25.18 52.52
N SER B 574 -17.87 -25.01 51.33
CA SER B 574 -16.72 -25.80 50.93
C SER B 574 -15.55 -25.52 51.85
N ALA B 575 -14.63 -26.47 51.95
CA ALA B 575 -13.43 -26.28 52.76
C ALA B 575 -12.52 -25.18 52.23
N TRP B 576 -12.75 -24.74 50.97
CA TRP B 576 -12.16 -23.54 50.43
C TRP B 576 -12.64 -22.26 51.13
N ASP B 577 -13.76 -22.31 51.88
CA ASP B 577 -14.18 -21.13 52.63
C ASP B 577 -13.20 -20.84 53.75
N ALA B 578 -12.57 -21.88 54.30
CA ALA B 578 -11.57 -21.70 55.35
C ALA B 578 -10.41 -20.87 54.84
N PHE B 579 -9.86 -21.25 53.70
CA PHE B 579 -8.79 -20.48 53.09
C PHE B 579 -9.27 -19.07 52.73
N TYR B 580 -10.46 -18.97 52.14
CA TYR B 580 -10.95 -17.69 51.66
C TYR B 580 -11.24 -16.71 52.79
N LEU B 581 -11.83 -17.19 53.88
CA LEU B 581 -12.16 -16.33 55.01
C LEU B 581 -10.99 -16.17 55.96
N ALA B 582 -9.95 -17.00 55.82
CA ALA B 582 -8.79 -16.87 56.68
C ALA B 582 -7.66 -16.08 56.05
N MET B 583 -7.69 -15.86 54.73
CA MET B 583 -6.81 -14.86 54.14
C MET B 583 -7.09 -13.48 54.72
N PHE B 584 -8.37 -13.14 54.91
CA PHE B 584 -8.71 -11.85 55.52
C PHE B 584 -8.21 -11.75 56.95
N TRP B 585 -8.36 -12.81 57.72
CA TRP B 585 -7.95 -12.78 59.12
C TRP B 585 -6.44 -12.82 59.27
N MET B 586 -5.76 -13.58 58.42
CA MET B 586 -4.31 -13.56 58.37
C MET B 586 -3.77 -12.20 57.96
N LEU B 587 -4.39 -11.56 56.96
CA LEU B 587 -3.95 -10.24 56.56
C LEU B 587 -4.22 -9.20 57.65
N ASN B 588 -5.35 -9.33 58.35
CA ASN B 588 -5.64 -8.45 59.47
C ASN B 588 -4.66 -8.62 60.62
N THR B 589 -4.32 -9.87 60.95
CA THR B 589 -3.35 -10.14 62.01
C THR B 589 -1.96 -9.65 61.63
N LEU B 590 -1.56 -9.86 60.38
CA LEU B 590 -0.26 -9.39 59.95
C LEU B 590 -0.23 -7.87 59.85
N GLY B 591 -1.37 -7.25 59.53
CA GLY B 591 -1.47 -5.81 59.62
C GLY B 591 -1.31 -5.32 61.05
N TRP B 592 -1.93 -6.01 62.00
CA TRP B 592 -1.82 -5.63 63.41
C TRP B 592 -0.37 -5.72 63.89
N LEU B 593 0.30 -6.83 63.58
CA LEU B 593 1.65 -7.02 64.10
C LEU B 593 2.67 -6.19 63.34
N THR B 594 2.44 -5.92 62.05
CA THR B 594 3.38 -5.08 61.33
C THR B 594 3.19 -3.60 61.65
N PHE B 595 1.96 -3.16 61.91
CA PHE B 595 1.74 -1.84 62.52
C PHE B 595 2.41 -1.73 63.87
N TYR B 596 2.33 -2.80 64.68
CA TYR B 596 3.02 -2.84 65.97
C TYR B 596 4.52 -2.68 65.82
N TRP B 597 5.12 -3.50 64.96
CA TRP B 597 6.55 -3.46 64.73
C TRP B 597 6.98 -2.11 64.18
N HIS B 598 6.23 -1.58 63.22
CA HIS B 598 6.61 -0.32 62.58
C HIS B 598 6.48 0.87 63.53
N TRP B 599 5.40 0.93 64.31
CA TRP B 599 5.25 2.07 65.21
C TRP B 599 6.21 2.00 66.38
N LYS B 600 6.42 0.80 66.95
CA LYS B 600 7.40 0.67 68.03
C LYS B 600 8.80 0.99 67.55
N HIS B 601 9.17 0.50 66.36
CA HIS B 601 10.49 0.77 65.85
C HIS B 601 10.64 2.20 65.35
N LEU B 602 9.56 2.85 64.91
CA LEU B 602 9.65 4.26 64.58
C LEU B 602 9.87 5.11 65.82
N GLY B 603 9.22 4.75 66.93
CA GLY B 603 9.51 5.41 68.19
C GLY B 603 10.94 5.17 68.66
N ILE B 604 11.46 3.97 68.40
CA ILE B 604 12.84 3.67 68.79
C ILE B 604 13.84 4.42 67.91
N TRP B 605 13.63 4.40 66.59
CA TRP B 605 14.59 4.97 65.65
C TRP B 605 14.56 6.48 65.69
N THR B 606 13.39 7.09 65.89
CA THR B 606 13.31 8.53 66.00
C THR B 606 13.94 9.02 67.30
N GLY B 607 14.01 8.15 68.31
CA GLY B 607 14.50 8.51 69.61
C GLY B 607 13.44 8.95 70.59
N ASN B 608 12.19 9.08 70.15
CA ASN B 608 11.07 9.45 71.01
C ASN B 608 10.21 8.21 71.16
N VAL B 609 10.54 7.40 72.17
CA VAL B 609 9.79 6.17 72.42
C VAL B 609 8.52 6.42 73.23
N ALA B 610 8.36 7.62 73.78
CA ALA B 610 7.20 7.93 74.61
C ALA B 610 5.91 7.98 73.81
N GLN B 611 5.98 8.28 72.50
CA GLN B 611 4.79 8.38 71.66
C GLN B 611 4.05 7.05 71.58
N PHE B 612 4.75 5.96 71.26
CA PHE B 612 4.17 4.64 71.34
C PHE B 612 3.79 4.27 72.76
N ASN B 613 4.61 4.64 73.74
CA ASN B 613 4.40 4.19 75.11
C ASN B 613 3.19 4.84 75.78
N GLU B 614 2.71 5.98 75.27
CA GLU B 614 1.49 6.56 75.82
C GLU B 614 0.30 6.53 74.86
N ASN B 615 0.52 6.38 73.55
CA ASN B 615 -0.56 6.49 72.59
C ASN B 615 -1.02 5.16 72.02
N SER B 616 -0.29 4.07 72.25
CA SER B 616 -0.70 2.77 71.72
C SER B 616 -1.69 2.06 72.63
N THR B 617 -2.02 2.63 73.78
CA THR B 617 -2.97 2.01 74.67
C THR B 617 -4.41 2.26 74.23
N TYR B 618 -4.63 3.22 73.34
CA TYR B 618 -5.94 3.50 72.79
C TYR B 618 -5.82 3.63 71.28
N LEU B 619 -6.91 3.30 70.58
CA LEU B 619 -6.86 3.16 69.13
C LEU B 619 -6.78 4.48 68.38
N MET B 620 -7.14 5.60 69.00
CA MET B 620 -7.02 6.87 68.30
C MET B 620 -5.57 7.32 68.23
N GLY B 621 -4.76 6.94 69.22
CA GLY B 621 -3.33 7.15 69.11
C GLY B 621 -2.71 6.35 68.00
N TRP B 622 -3.19 5.12 67.80
CA TRP B 622 -2.81 4.33 66.63
C TRP B 622 -3.24 5.00 65.34
N PHE B 623 -4.43 5.55 65.33
CA PHE B 623 -5.00 6.08 64.09
C PHE B 623 -4.38 7.42 63.73
N ARG B 624 -3.94 8.18 64.73
CA ARG B 624 -3.42 9.52 64.54
C ARG B 624 -1.91 9.57 64.50
N ASP B 625 -1.25 9.04 65.53
CA ASP B 625 0.19 9.17 65.66
C ASP B 625 0.96 8.17 64.81
N TYR B 626 0.29 7.17 64.25
CA TYR B 626 0.96 6.21 63.38
C TYR B 626 0.48 6.30 61.94
N LEU B 627 -0.82 6.30 61.69
CA LEU B 627 -1.30 6.32 60.32
C LEU B 627 -1.24 7.73 59.74
N TRP B 628 -1.96 8.67 60.35
CA TRP B 628 -2.04 10.03 59.87
C TRP B 628 -0.70 10.75 59.96
N ALA B 629 0.06 10.51 61.03
CA ALA B 629 1.32 11.20 61.22
C ALA B 629 2.38 10.74 60.24
N ASN B 630 2.42 9.43 59.96
CA ASN B 630 3.48 8.91 59.12
C ASN B 630 3.07 8.81 57.66
N SER B 631 1.80 9.09 57.34
CA SER B 631 1.41 9.16 55.95
C SER B 631 1.68 10.53 55.33
N ALA B 632 2.19 11.48 56.11
CA ALA B 632 2.33 12.87 55.67
C ALA B 632 3.32 13.01 54.53
N GLN B 633 4.53 12.49 54.70
CA GLN B 633 5.55 12.55 53.66
C GLN B 633 5.26 11.57 52.53
N LEU B 634 4.52 10.50 52.82
CA LEU B 634 4.03 9.58 51.80
C LEU B 634 3.14 10.27 50.78
N ILE B 635 2.01 10.85 51.22
CA ILE B 635 1.06 11.44 50.30
C ILE B 635 1.55 12.72 49.65
N ASN B 636 2.61 13.33 50.19
CA ASN B 636 3.27 14.47 49.57
C ASN B 636 4.41 14.04 48.67
N GLY B 637 4.41 12.78 48.22
CA GLY B 637 5.41 12.34 47.26
C GLY B 637 5.29 13.06 45.93
N TYR B 638 4.05 13.31 45.50
CA TYR B 638 3.80 14.25 44.42
C TYR B 638 2.64 15.14 44.83
N ASN B 639 2.84 16.44 44.69
CA ASN B 639 1.88 17.48 45.04
C ASN B 639 1.84 18.43 43.84
N PRO B 640 0.99 19.47 43.83
CA PRO B 640 1.08 20.45 42.73
C PRO B 640 2.41 21.20 42.62
N TYR B 641 3.22 21.23 43.68
CA TYR B 641 4.44 22.02 43.70
C TYR B 641 5.69 21.23 43.31
N GLY B 642 5.58 19.94 43.02
CA GLY B 642 6.75 19.20 42.58
C GLY B 642 6.57 17.70 42.75
N VAL B 643 7.70 17.00 42.62
CA VAL B 643 7.77 15.54 42.69
C VAL B 643 8.97 15.18 43.57
N ASN B 644 8.74 14.34 44.58
CA ASN B 644 9.79 13.82 45.44
C ASN B 644 10.26 12.47 44.92
N ASN B 645 11.20 11.85 45.65
CA ASN B 645 11.60 10.49 45.35
C ASN B 645 10.57 9.47 45.80
N LEU B 646 9.62 9.86 46.65
CA LEU B 646 8.55 8.99 47.12
C LEU B 646 7.29 9.13 46.29
N SER B 647 7.37 9.67 45.08
CA SER B 647 6.19 9.76 44.23
C SER B 647 5.73 8.41 43.75
N VAL B 648 6.67 7.48 43.51
CA VAL B 648 6.29 6.13 43.15
C VAL B 648 5.64 5.42 44.34
N TRP B 649 6.03 5.78 45.56
CA TRP B 649 5.40 5.16 46.72
C TRP B 649 4.02 5.74 47.01
N ALA B 650 3.81 7.03 46.73
CA ALA B 650 2.45 7.58 46.80
C ALA B 650 1.56 6.99 45.71
N TRP B 651 2.14 6.75 44.52
CA TRP B 651 1.38 6.11 43.45
C TRP B 651 1.04 4.67 43.79
N MET B 652 1.97 3.93 44.40
CA MET B 652 1.68 2.58 44.87
C MET B 652 0.68 2.58 46.02
N PHE B 653 0.71 3.59 46.87
CA PHE B 653 -0.28 3.76 47.93
C PHE B 653 -1.69 3.85 47.35
N LEU B 654 -1.86 4.76 46.39
CA LEU B 654 -3.15 4.89 45.72
C LEU B 654 -3.52 3.67 44.89
N PHE B 655 -2.52 3.03 44.28
CA PHE B 655 -2.74 1.82 43.50
C PHE B 655 -3.24 0.68 44.38
N GLY B 656 -2.63 0.50 45.55
CA GLY B 656 -3.09 -0.48 46.51
C GLY B 656 -4.46 -0.20 47.04
N HIS B 657 -4.79 1.08 47.28
CA HIS B 657 -6.16 1.43 47.63
C HIS B 657 -7.15 1.08 46.53
N LEU B 658 -6.79 1.34 45.27
CA LEU B 658 -7.66 1.03 44.14
C LEU B 658 -7.88 -0.46 43.97
N VAL B 659 -6.82 -1.26 44.09
CA VAL B 659 -6.97 -2.71 43.92
C VAL B 659 -7.73 -3.32 45.11
N TRP B 660 -7.45 -2.83 46.31
CA TRP B 660 -8.14 -3.29 47.52
C TRP B 660 -9.63 -2.98 47.47
N ALA B 661 -9.97 -1.79 46.98
CA ALA B 661 -11.38 -1.43 46.83
C ALA B 661 -12.03 -2.12 45.64
N THR B 662 -11.26 -2.47 44.61
CA THR B 662 -11.82 -3.24 43.50
C THR B 662 -12.14 -4.66 43.93
N GLY B 663 -11.40 -5.19 44.90
CA GLY B 663 -11.74 -6.48 45.48
C GLY B 663 -13.09 -6.53 46.13
N PHE B 664 -13.53 -5.42 46.72
CA PHE B 664 -14.84 -5.32 47.33
C PHE B 664 -15.96 -5.55 46.31
N MET B 665 -15.72 -5.20 45.05
CA MET B 665 -16.68 -5.47 43.98
C MET B 665 -16.91 -6.95 43.76
N PHE B 666 -15.85 -7.74 43.75
CA PHE B 666 -16.02 -9.18 43.60
C PHE B 666 -16.48 -9.86 44.88
N LEU B 667 -16.17 -9.29 46.04
CA LEU B 667 -16.55 -9.93 47.29
C LEU B 667 -17.95 -9.60 47.75
N ILE B 668 -18.49 -8.44 47.38
CA ILE B 668 -19.82 -8.04 47.85
C ILE B 668 -20.86 -8.33 46.78
N SER B 669 -20.66 -7.80 45.58
CA SER B 669 -21.55 -8.13 44.48
C SER B 669 -21.27 -9.55 44.00
N TRP B 670 -22.32 -10.29 43.71
CA TRP B 670 -22.22 -11.71 43.40
C TRP B 670 -22.74 -11.96 41.99
N ARG B 671 -22.77 -13.23 41.59
CA ARG B 671 -22.56 -13.58 40.18
C ARG B 671 -23.74 -13.21 39.28
N GLY B 672 -24.96 -13.55 39.69
CA GLY B 672 -26.08 -13.44 38.78
C GLY B 672 -26.45 -12.04 38.35
N TYR B 673 -26.13 -11.03 39.17
CA TYR B 673 -26.21 -9.65 38.72
C TYR B 673 -25.34 -9.43 37.50
N TRP B 674 -24.10 -9.91 37.56
CA TRP B 674 -23.17 -9.73 36.47
C TRP B 674 -23.51 -10.59 35.27
N GLN B 675 -24.07 -11.77 35.49
CA GLN B 675 -24.53 -12.58 34.37
C GLN B 675 -25.70 -11.91 33.65
N GLU B 676 -26.64 -11.34 34.42
CA GLU B 676 -27.73 -10.56 33.83
C GLU B 676 -27.24 -9.31 33.11
N LEU B 677 -26.16 -8.70 33.58
CA LEU B 677 -25.55 -7.56 32.90
C LEU B 677 -24.86 -7.95 31.59
N ILE B 678 -24.06 -9.03 31.63
CA ILE B 678 -23.36 -9.52 30.45
C ILE B 678 -24.34 -10.01 29.39
N GLU B 679 -25.53 -10.50 29.78
CA GLU B 679 -26.54 -10.84 28.79
C GLU B 679 -27.03 -9.62 27.99
N THR B 680 -27.25 -8.48 28.64
CA THR B 680 -27.57 -7.25 27.93
C THR B 680 -26.42 -6.75 27.08
N ILE B 681 -25.19 -6.88 27.57
CA ILE B 681 -24.02 -6.49 26.77
C ILE B 681 -23.87 -7.39 25.54
N VAL B 682 -24.19 -8.67 25.69
CA VAL B 682 -24.15 -9.61 24.58
C VAL B 682 -25.21 -9.26 23.54
N TRP B 683 -26.41 -8.89 24.01
CA TRP B 683 -27.45 -8.42 23.09
C TRP B 683 -27.00 -7.17 22.35
N ALA B 684 -26.38 -6.23 23.06
CA ALA B 684 -25.93 -4.99 22.43
C ALA B 684 -24.84 -5.25 21.40
N HIS B 685 -23.95 -6.22 21.65
CA HIS B 685 -22.94 -6.56 20.66
C HIS B 685 -23.56 -7.24 19.44
N GLU B 686 -24.45 -8.20 19.66
CA GLU B 686 -25.00 -8.95 18.53
C GLU B 686 -26.03 -8.16 17.75
N ARG B 687 -26.55 -7.06 18.27
CA ARG B 687 -27.57 -6.30 17.56
C ARG B 687 -27.07 -5.00 16.97
N THR B 688 -25.89 -4.53 17.36
CA THR B 688 -25.38 -3.34 16.72
C THR B 688 -24.80 -3.68 15.34
N PRO B 689 -24.86 -2.75 14.40
CA PRO B 689 -24.15 -2.96 13.14
C PRO B 689 -22.66 -2.74 13.30
N LEU B 690 -21.90 -3.36 12.40
CA LEU B 690 -20.45 -3.25 12.18
C LEU B 690 -19.62 -3.84 13.30
N ALA B 691 -20.21 -4.26 14.40
CA ALA B 691 -19.50 -4.97 15.46
C ALA B 691 -20.00 -6.39 15.62
N ASN B 692 -21.16 -6.73 15.06
CA ASN B 692 -21.62 -8.10 15.04
C ASN B 692 -20.87 -8.97 14.03
N LEU B 693 -20.05 -8.36 13.17
CA LEU B 693 -19.09 -9.12 12.37
C LEU B 693 -18.09 -9.84 13.28
N VAL B 694 -17.65 -9.17 14.33
CA VAL B 694 -16.71 -9.75 15.28
C VAL B 694 -17.50 -10.62 16.25
N ARG B 695 -17.32 -11.94 16.13
CA ARG B 695 -18.03 -12.90 16.95
C ARG B 695 -17.05 -13.62 17.86
N TRP B 696 -17.45 -13.81 19.11
CA TRP B 696 -16.61 -14.55 20.05
C TRP B 696 -16.66 -16.04 19.76
N LYS B 697 -15.51 -16.71 19.94
CA LYS B 697 -15.52 -18.16 19.86
C LYS B 697 -16.11 -18.80 21.11
N ASP B 698 -15.82 -18.23 22.27
CA ASP B 698 -16.38 -18.70 23.53
C ASP B 698 -17.38 -17.70 24.08
N LYS B 699 -18.44 -18.22 24.67
CA LYS B 699 -19.57 -17.38 25.07
C LYS B 699 -19.22 -16.62 26.33
N PRO B 700 -19.29 -15.29 26.33
CA PRO B 700 -18.91 -14.52 27.52
C PRO B 700 -19.91 -14.71 28.65
N VAL B 701 -19.43 -15.25 29.76
CA VAL B 701 -20.22 -15.45 30.95
C VAL B 701 -19.55 -14.71 32.10
N ALA B 702 -20.29 -14.56 33.18
CA ALA B 702 -19.72 -13.98 34.39
C ALA B 702 -18.72 -14.93 35.02
N LEU B 703 -17.83 -14.38 35.85
CA LEU B 703 -16.91 -15.20 36.61
C LEU B 703 -17.69 -16.06 37.59
N SER B 704 -17.29 -17.32 37.73
CA SER B 704 -18.01 -18.23 38.60
C SER B 704 -17.81 -17.84 40.07
N ILE B 705 -18.54 -18.52 40.95
CA ILE B 705 -18.66 -18.08 42.33
C ILE B 705 -17.34 -18.22 43.07
N VAL B 706 -16.71 -19.41 42.97
CA VAL B 706 -15.40 -19.61 43.59
C VAL B 706 -14.35 -18.77 42.91
N GLN B 707 -14.45 -18.62 41.59
CA GLN B 707 -13.49 -17.83 40.84
C GLN B 707 -13.52 -16.37 41.27
N ALA B 708 -14.70 -15.83 41.48
CA ALA B 708 -14.82 -14.45 41.92
C ALA B 708 -14.48 -14.25 43.38
N ARG B 709 -14.75 -15.23 44.24
CA ARG B 709 -14.21 -15.19 45.59
C ARG B 709 -12.70 -15.14 45.57
N LEU B 710 -12.08 -15.94 44.71
CA LEU B 710 -10.63 -15.94 44.55
C LEU B 710 -10.12 -14.63 43.95
N VAL B 711 -10.84 -14.06 42.99
CA VAL B 711 -10.40 -12.82 42.34
C VAL B 711 -10.51 -11.64 43.29
N GLY B 712 -11.60 -11.57 44.05
CA GLY B 712 -11.71 -10.54 45.08
C GLY B 712 -10.71 -10.73 46.20
N LEU B 713 -10.41 -11.98 46.54
CA LEU B 713 -9.38 -12.29 47.53
C LEU B 713 -8.01 -11.86 47.04
N ALA B 714 -7.70 -12.12 45.78
CA ALA B 714 -6.43 -11.74 45.20
C ALA B 714 -6.29 -10.23 45.11
N HIS B 715 -7.40 -9.55 44.78
CA HIS B 715 -7.36 -8.09 44.75
C HIS B 715 -7.18 -7.50 46.14
N PHE B 716 -7.91 -8.03 47.13
CA PHE B 716 -7.75 -7.61 48.52
C PHE B 716 -6.32 -7.82 48.99
N THR B 717 -5.75 -8.98 48.68
CA THR B 717 -4.39 -9.31 49.09
C THR B 717 -3.35 -8.43 48.39
N VAL B 718 -3.43 -8.32 47.07
CA VAL B 718 -2.44 -7.54 46.31
C VAL B 718 -2.53 -6.06 46.69
N GLY B 719 -3.74 -5.53 46.84
CA GLY B 719 -3.89 -4.17 47.32
C GLY B 719 -3.38 -3.98 48.73
N TYR B 720 -3.58 -4.98 49.59
CA TYR B 720 -3.13 -4.92 50.99
C TYR B 720 -1.61 -4.82 51.08
N ILE B 721 -0.90 -5.78 50.47
CA ILE B 721 0.56 -5.75 50.45
C ILE B 721 1.10 -4.52 49.70
N LEU B 722 0.48 -4.12 48.58
CA LEU B 722 1.02 -2.97 47.85
C LEU B 722 0.87 -1.68 48.63
N THR B 723 -0.30 -1.42 49.21
CA THR B 723 -0.46 -0.18 49.97
C THR B 723 0.30 -0.20 51.29
N TYR B 724 0.46 -1.35 51.95
CA TYR B 724 1.26 -1.30 53.17
C TYR B 724 2.75 -1.27 52.89
N ALA B 725 3.23 -1.91 51.82
CA ALA B 725 4.63 -1.80 51.45
C ALA B 725 4.98 -0.37 51.05
N ALA B 726 4.08 0.29 50.30
CA ALA B 726 4.28 1.70 49.96
C ALA B 726 4.31 2.57 51.21
N PHE B 727 3.34 2.39 52.12
CA PHE B 727 3.30 3.21 53.33
C PHE B 727 4.50 2.96 54.22
N LEU B 728 4.87 1.69 54.41
CA LEU B 728 6.01 1.33 55.24
C LEU B 728 7.30 1.93 54.71
N ILE B 729 7.58 1.71 53.43
CA ILE B 729 8.84 2.12 52.84
C ILE B 729 8.94 3.64 52.77
N ALA B 730 7.87 4.32 52.33
CA ALA B 730 7.91 5.77 52.32
C ALA B 730 7.91 6.39 53.71
N SER B 731 7.20 5.80 54.67
CA SER B 731 7.15 6.33 56.02
C SER B 731 8.51 6.26 56.71
N THR B 732 9.23 5.15 56.57
CA THR B 732 10.53 5.07 57.21
C THR B 732 11.69 5.38 56.26
N ALA B 733 11.41 5.84 55.04
CA ALA B 733 12.45 6.34 54.16
C ALA B 733 12.41 7.85 53.97
N GLY B 734 11.27 8.49 54.19
CA GLY B 734 11.22 9.94 54.16
C GLY B 734 11.85 10.56 55.39
N LYS B 735 11.93 9.78 56.47
CA LYS B 735 12.62 10.22 57.68
C LYS B 735 14.07 9.76 57.69
N PHE B 736 14.30 8.45 57.61
CA PHE B 736 15.65 7.90 57.61
C PHE B 736 16.05 7.53 56.18
N GLY B 737 16.38 8.56 55.41
CA GLY B 737 16.78 8.39 54.02
C GLY B 737 17.80 9.41 53.56
N SER C 1 -22.36 -31.56 31.57
CA SER C 1 -23.59 -32.14 32.07
C SER C 1 -23.48 -32.47 33.55
N HIS C 2 -24.53 -32.19 34.30
CA HIS C 2 -24.57 -32.47 35.73
C HIS C 2 -25.15 -33.86 35.96
N SER C 3 -24.86 -34.41 37.14
CA SER C 3 -25.32 -35.74 37.52
C SER C 3 -26.38 -35.62 38.59
N VAL C 4 -27.62 -35.94 38.26
CA VAL C 4 -28.69 -35.95 39.24
C VAL C 4 -28.93 -37.38 39.69
N LYS C 5 -28.51 -37.70 40.91
CA LYS C 5 -28.60 -39.07 41.39
C LYS C 5 -29.69 -39.18 42.44
N ILE C 6 -30.56 -40.17 42.30
CA ILE C 6 -31.67 -40.39 43.20
C ILE C 6 -31.37 -41.64 44.04
N TYR C 7 -31.40 -41.49 45.35
CA TYR C 7 -31.05 -42.55 46.27
C TYR C 7 -32.31 -43.23 46.80
N ASP C 8 -32.11 -44.35 47.48
CA ASP C 8 -33.21 -45.22 47.87
C ASP C 8 -33.96 -44.74 49.11
N THR C 9 -33.58 -43.62 49.70
CA THR C 9 -34.35 -43.03 50.80
C THR C 9 -35.39 -42.04 50.27
N CYS C 10 -36.16 -42.47 49.30
CA CYS C 10 -37.11 -41.63 48.59
C CYS C 10 -38.52 -42.03 48.96
N ILE C 11 -39.34 -41.05 49.37
CA ILE C 11 -40.72 -41.33 49.77
C ILE C 11 -41.70 -41.16 48.62
N GLY C 12 -41.23 -40.79 47.43
CA GLY C 12 -42.11 -40.64 46.28
C GLY C 12 -43.11 -39.52 46.40
N CYS C 13 -42.72 -38.41 47.02
CA CYS C 13 -43.62 -37.29 47.21
C CYS C 13 -43.77 -36.41 45.98
N THR C 14 -42.97 -36.68 44.93
CA THR C 14 -42.94 -36.00 43.64
C THR C 14 -42.63 -34.51 43.73
N GLN C 15 -42.09 -34.04 44.86
CA GLN C 15 -41.79 -32.62 44.99
C GLN C 15 -40.60 -32.19 44.13
N CYS C 16 -39.65 -33.09 43.90
CA CYS C 16 -38.48 -32.76 43.08
C CYS C 16 -38.87 -32.56 41.62
N VAL C 17 -39.81 -33.37 41.12
CA VAL C 17 -40.23 -33.24 39.72
C VAL C 17 -41.03 -31.96 39.50
N ARG C 18 -41.91 -31.63 40.44
CA ARG C 18 -42.66 -30.38 40.31
C ARG C 18 -41.78 -29.16 40.55
N ALA C 19 -40.71 -29.32 41.33
CA ALA C 19 -39.77 -28.24 41.55
C ALA C 19 -38.77 -28.07 40.41
N CYS C 20 -38.64 -29.05 39.53
CA CYS C 20 -37.64 -29.00 38.47
C CYS C 20 -38.09 -28.08 37.34
N PRO C 21 -37.30 -27.08 36.97
CA PRO C 21 -37.74 -26.17 35.91
C PRO C 21 -37.37 -26.59 34.50
N LEU C 22 -36.60 -27.68 34.29
CA LEU C 22 -36.23 -28.05 32.93
C LEU C 22 -36.56 -29.50 32.60
N ASP C 23 -37.51 -30.12 33.32
CA ASP C 23 -38.06 -31.45 33.03
C ASP C 23 -36.98 -32.53 33.04
N VAL C 24 -35.99 -32.33 33.90
CA VAL C 24 -34.95 -33.33 34.06
C VAL C 24 -35.49 -34.59 34.73
N LEU C 25 -36.40 -34.44 35.68
CA LEU C 25 -36.84 -35.53 36.52
C LEU C 25 -38.21 -36.03 36.08
N GLU C 26 -38.51 -37.26 36.48
CA GLU C 26 -39.81 -37.87 36.25
C GLU C 26 -40.00 -38.96 37.30
N MET C 27 -41.19 -39.53 37.34
CA MET C 27 -41.50 -40.62 38.26
C MET C 27 -41.60 -41.95 37.54
N VAL C 28 -40.91 -42.95 38.08
CA VAL C 28 -40.96 -44.30 37.55
C VAL C 28 -41.57 -45.17 38.65
N PRO C 29 -42.23 -46.27 38.33
CA PRO C 29 -42.75 -47.16 39.38
C PRO C 29 -41.62 -47.83 40.14
N TRP C 30 -41.86 -48.05 41.43
CA TRP C 30 -40.83 -48.58 42.32
C TRP C 30 -41.50 -49.37 43.42
N ASP C 31 -41.05 -50.61 43.61
CA ASP C 31 -41.63 -51.49 44.62
C ASP C 31 -41.09 -51.24 46.02
N GLY C 32 -40.06 -50.42 46.17
CA GLY C 32 -39.41 -50.20 47.43
C GLY C 32 -39.90 -49.01 48.23
N CYS C 33 -41.08 -48.48 47.92
CA CYS C 33 -41.60 -47.33 48.63
C CYS C 33 -43.09 -47.49 48.86
N LYS C 34 -43.60 -46.75 49.85
CA LYS C 34 -45.04 -46.79 50.14
C LYS C 34 -45.84 -46.11 49.04
N ALA C 35 -45.31 -45.03 48.47
CA ALA C 35 -45.97 -44.34 47.37
C ALA C 35 -45.88 -45.11 46.05
N GLY C 36 -45.02 -46.13 45.97
CA GLY C 36 -44.94 -46.93 44.77
C GLY C 36 -44.23 -46.28 43.61
N GLN C 37 -43.39 -45.29 43.85
CA GLN C 37 -42.73 -44.56 42.77
C GLN C 37 -41.43 -43.96 43.30
N ILE C 38 -40.47 -43.80 42.40
CA ILE C 38 -39.22 -43.14 42.72
C ILE C 38 -38.88 -42.16 41.59
N ALA C 39 -38.09 -41.15 41.92
CA ALA C 39 -37.65 -40.19 40.92
C ALA C 39 -36.54 -40.77 40.06
N SER C 40 -36.55 -40.38 38.79
CA SER C 40 -35.48 -40.72 37.87
C SER C 40 -35.14 -39.47 37.08
N SER C 41 -33.91 -39.43 36.56
CA SER C 41 -33.40 -38.27 35.83
C SER C 41 -32.91 -38.73 34.46
N PRO C 42 -33.81 -38.96 33.49
CA PRO C 42 -33.34 -39.42 32.18
C PRO C 42 -32.60 -38.36 31.39
N ARG C 43 -33.21 -37.19 31.20
CA ARG C 43 -32.62 -36.12 30.42
C ARG C 43 -31.86 -35.13 31.31
N THR C 44 -30.89 -35.71 32.02
CA THR C 44 -30.01 -34.94 32.91
C THR C 44 -29.00 -34.09 32.16
N GLU C 45 -28.91 -34.22 30.84
CA GLU C 45 -28.11 -33.29 30.05
C GLU C 45 -28.75 -31.91 29.98
N ASP C 46 -30.03 -31.79 30.33
CA ASP C 46 -30.70 -30.51 30.43
C ASP C 46 -30.62 -29.89 31.82
N CYS C 47 -29.91 -30.51 32.74
CA CYS C 47 -29.85 -30.00 34.11
C CYS C 47 -28.96 -28.76 34.16
N VAL C 48 -29.50 -27.65 34.67
CA VAL C 48 -28.67 -26.47 34.86
C VAL C 48 -27.90 -26.54 36.17
N GLY C 49 -28.44 -27.19 37.18
CA GLY C 49 -27.82 -27.24 38.49
C GLY C 49 -28.41 -26.29 39.51
N CYS C 50 -29.68 -25.89 39.35
CA CYS C 50 -30.28 -24.93 40.25
C CYS C 50 -30.56 -25.50 41.63
N LYS C 51 -30.62 -26.83 41.75
CA LYS C 51 -30.89 -27.55 43.00
C LYS C 51 -32.23 -27.14 43.63
N ARG C 52 -33.23 -26.84 42.80
CA ARG C 52 -34.58 -26.69 43.32
C ARG C 52 -35.16 -28.03 43.73
N CYS C 53 -34.74 -29.11 43.08
CA CYS C 53 -35.14 -30.44 43.49
C CYS C 53 -34.55 -30.81 44.84
N GLU C 54 -33.30 -30.42 45.07
CA GLU C 54 -32.67 -30.63 46.37
C GLU C 54 -33.30 -29.76 47.45
N THR C 55 -33.85 -28.62 47.06
CA THR C 55 -34.53 -27.76 48.03
C THR C 55 -35.83 -28.38 48.49
N ALA C 56 -36.57 -29.01 47.58
CA ALA C 56 -37.90 -29.52 47.87
C ALA C 56 -37.91 -30.93 48.46
N CYS C 57 -36.75 -31.55 48.64
CA CYS C 57 -36.72 -32.93 49.12
C CYS C 57 -36.96 -32.96 50.63
N PRO C 58 -37.95 -33.71 51.12
CA PRO C 58 -38.25 -33.74 52.55
C PRO C 58 -37.51 -34.78 53.37
N THR C 59 -36.49 -35.42 52.82
CA THR C 59 -35.73 -36.43 53.56
C THR C 59 -34.66 -35.71 54.40
N ASP C 60 -34.21 -36.38 55.48
CA ASP C 60 -33.26 -35.77 56.42
C ASP C 60 -31.96 -35.38 55.74
N PHE C 61 -31.41 -36.27 54.93
CA PHE C 61 -30.52 -35.85 53.88
C PHE C 61 -31.08 -36.31 52.56
N LEU C 62 -30.84 -35.51 51.53
CA LEU C 62 -31.67 -35.48 50.35
C LEU C 62 -31.53 -36.76 49.53
N SER C 63 -32.67 -37.37 49.19
CA SER C 63 -32.66 -38.56 48.35
C SER C 63 -32.26 -38.23 46.92
N ILE C 64 -32.55 -37.02 46.47
CA ILE C 64 -32.11 -36.54 45.15
C ILE C 64 -30.94 -35.59 45.38
N ARG C 65 -29.89 -35.75 44.58
CA ARG C 65 -28.65 -35.06 44.89
C ARG C 65 -28.01 -34.68 43.57
N VAL C 66 -27.72 -33.39 43.39
CA VAL C 66 -27.17 -32.88 42.14
C VAL C 66 -25.68 -32.67 42.30
N TYR C 67 -24.90 -33.22 41.37
CA TYR C 67 -23.45 -33.08 41.32
C TYR C 67 -23.11 -32.25 40.10
N LEU C 68 -22.57 -31.05 40.34
CA LEU C 68 -22.22 -30.16 39.25
C LEU C 68 -20.93 -30.64 38.58
N GLY C 69 -21.02 -30.97 37.30
CA GLY C 69 -19.86 -31.50 36.60
C GLY C 69 -19.43 -30.65 35.42
N ALA C 70 -19.36 -31.27 34.24
CA ALA C 70 -18.96 -30.56 33.04
C ALA C 70 -20.03 -29.54 32.64
N GLU C 71 -19.57 -28.40 32.14
CA GLU C 71 -20.44 -27.29 31.77
C GLU C 71 -20.63 -27.27 30.27
N THR C 72 -21.88 -27.29 29.85
CA THR C 72 -22.26 -27.21 28.45
C THR C 72 -23.02 -25.91 28.22
N THR C 73 -23.53 -25.73 27.01
CA THR C 73 -24.35 -24.56 26.72
C THR C 73 -25.76 -24.66 27.30
N ARG C 74 -26.17 -25.84 27.74
CA ARG C 74 -27.43 -26.00 28.45
C ARG C 74 -27.27 -25.97 29.95
N SER C 75 -26.11 -26.38 30.46
CA SER C 75 -25.83 -26.27 31.89
C SER C 75 -25.69 -24.82 32.31
N MET C 76 -25.04 -24.01 31.49
CA MET C 76 -24.97 -22.57 31.71
C MET C 76 -26.29 -21.85 31.49
N GLY C 77 -27.25 -22.48 30.81
CA GLY C 77 -28.53 -21.82 30.55
C GLY C 77 -28.39 -20.56 29.73
N LEU C 78 -27.62 -20.62 28.65
CA LEU C 78 -27.33 -19.43 27.86
C LEU C 78 -28.31 -19.33 26.70
N ALA C 79 -28.99 -18.19 26.61
CA ALA C 79 -29.82 -17.89 25.45
C ALA C 79 -28.99 -17.50 24.24
N TYR C 80 -27.72 -17.20 24.43
CA TYR C 80 -26.83 -16.83 23.34
C TYR C 80 -25.77 -17.89 23.11
N ILE D 1 -43.13 -32.92 14.13
CA ILE D 1 -42.63 -32.92 12.76
C ILE D 1 -43.29 -31.78 11.97
N GLN D 2 -42.43 -30.85 11.52
CA GLN D 2 -42.72 -29.69 10.66
C GLN D 2 -43.50 -28.57 11.36
N LEU D 3 -43.99 -28.84 12.58
CA LEU D 3 -44.53 -27.86 13.52
C LEU D 3 -45.61 -26.94 12.94
N THR D 4 -46.76 -27.51 12.60
CA THR D 4 -47.88 -26.71 12.14
C THR D 4 -48.42 -25.84 13.28
N GLY D 5 -48.17 -24.54 13.20
CA GLY D 5 -48.59 -23.65 14.26
C GLY D 5 -48.55 -22.20 13.80
N THR D 6 -49.43 -21.41 14.41
CA THR D 6 -49.44 -19.98 14.17
C THR D 6 -48.91 -19.27 15.41
N MET D 7 -48.26 -18.16 15.18
CA MET D 7 -47.56 -17.42 16.22
C MET D 7 -48.53 -16.51 16.97
N PRO D 8 -48.41 -16.41 18.30
CA PRO D 8 -49.24 -15.47 19.08
C PRO D 8 -49.01 -14.03 18.67
N LYS D 9 -50.04 -13.19 18.81
CA LYS D 9 -49.94 -11.79 18.42
C LYS D 9 -49.05 -11.08 19.43
N PHE D 10 -47.79 -10.91 19.05
CA PHE D 10 -46.77 -10.31 19.88
C PHE D 10 -46.17 -9.11 19.15
N GLY D 11 -45.90 -8.05 19.90
CA GLY D 11 -45.35 -6.85 19.29
C GLY D 11 -43.87 -6.89 19.02
N GLY D 12 -43.20 -7.97 19.38
CA GLY D 12 -41.76 -8.07 19.21
C GLY D 12 -41.01 -7.43 20.35
N SER D 13 -40.00 -8.15 20.83
CA SER D 13 -39.22 -7.71 21.97
C SER D 13 -37.74 -7.90 21.67
N THR D 14 -36.91 -7.55 22.65
CA THR D 14 -35.47 -7.72 22.55
C THR D 14 -34.95 -8.92 23.32
N GLY D 15 -35.79 -9.57 24.10
CA GLY D 15 -35.39 -10.73 24.88
C GLY D 15 -35.53 -12.06 24.18
N GLY D 16 -35.89 -12.05 22.89
CA GLY D 16 -36.17 -13.28 22.18
C GLY D 16 -34.95 -14.00 21.67
N LEU D 17 -35.01 -14.49 20.44
CA LEU D 17 -33.93 -15.27 19.86
C LEU D 17 -32.73 -14.38 19.55
N LEU D 18 -31.55 -14.86 19.91
CA LEU D 18 -30.30 -14.23 19.54
C LEU D 18 -29.69 -15.02 18.38
N SER D 19 -28.42 -14.74 18.07
CA SER D 19 -27.77 -15.35 16.92
C SER D 19 -27.56 -16.85 17.06
N ALA D 20 -27.46 -17.36 18.29
CA ALA D 20 -27.23 -18.78 18.49
C ALA D 20 -28.46 -19.64 18.29
N ALA D 21 -29.65 -19.04 18.20
CA ALA D 21 -30.87 -19.82 17.99
C ALA D 21 -30.91 -20.40 16.58
N ASP D 22 -30.39 -19.68 15.59
CA ASP D 22 -30.34 -20.17 14.23
C ASP D 22 -29.04 -20.89 13.90
N ARG D 23 -28.15 -21.07 14.87
CA ARG D 23 -26.85 -21.69 14.63
C ARG D 23 -26.54 -22.86 15.55
N GLU D 24 -27.09 -22.90 16.76
CA GLU D 24 -26.78 -24.00 17.67
C GLU D 24 -28.01 -24.86 17.90
N GLU D 25 -29.07 -24.25 18.45
CA GLU D 25 -30.36 -24.89 18.69
C GLU D 25 -31.33 -23.82 19.14
N LYS D 26 -32.61 -24.06 18.87
CA LYS D 26 -33.67 -23.26 19.43
C LYS D 26 -34.77 -24.21 19.86
N TYR D 27 -35.76 -23.69 20.58
CA TYR D 27 -36.77 -24.51 21.21
C TYR D 27 -38.13 -23.98 20.80
N ALA D 28 -39.15 -24.82 20.86
CA ALA D 28 -40.50 -24.41 20.48
C ALA D 28 -41.50 -25.01 21.44
N ILE D 29 -42.60 -24.30 21.65
CA ILE D 29 -43.71 -24.77 22.45
C ILE D 29 -45.00 -24.54 21.67
N THR D 30 -45.79 -25.60 21.52
CA THR D 30 -47.07 -25.54 20.84
C THR D 30 -48.17 -25.93 21.81
N TRP D 31 -49.23 -25.12 21.86
CA TRP D 31 -50.31 -25.42 22.78
C TRP D 31 -51.65 -24.99 22.19
N THR D 32 -52.68 -25.77 22.47
CA THR D 32 -54.02 -25.54 21.93
C THR D 32 -54.90 -24.93 23.01
N SER D 33 -55.55 -23.81 22.68
CA SER D 33 -56.45 -23.11 23.57
C SER D 33 -57.77 -22.83 22.87
N LYS D 34 -58.86 -22.95 23.63
CA LYS D 34 -60.20 -22.73 23.12
C LYS D 34 -60.71 -21.31 23.36
N THR D 35 -59.86 -20.41 23.88
CA THR D 35 -60.27 -19.04 24.12
C THR D 35 -59.07 -18.13 23.91
N GLU D 36 -59.36 -16.84 23.78
CA GLU D 36 -58.31 -15.83 23.56
C GLU D 36 -58.07 -15.08 24.85
N GLN D 37 -56.84 -15.16 25.35
CA GLN D 37 -56.45 -14.54 26.60
C GLN D 37 -55.04 -13.94 26.48
N VAL D 38 -54.58 -13.33 27.57
CA VAL D 38 -53.32 -12.61 27.61
C VAL D 38 -52.35 -13.38 28.49
N PHE D 39 -51.14 -13.59 28.01
CA PHE D 39 -50.12 -14.26 28.79
C PHE D 39 -48.84 -13.43 28.78
N GLU D 40 -47.93 -13.76 29.68
CA GLU D 40 -46.64 -13.09 29.78
C GLU D 40 -45.56 -13.99 29.20
N MET D 41 -44.79 -13.45 28.26
CA MET D 41 -43.69 -14.24 27.75
C MET D 41 -42.49 -14.16 28.69
N PRO D 42 -41.70 -15.24 28.78
CA PRO D 42 -40.40 -15.13 29.44
C PRO D 42 -39.43 -14.22 28.71
N THR D 43 -39.64 -14.01 27.41
CA THR D 43 -38.96 -13.02 26.60
C THR D 43 -39.10 -11.61 27.19
N GLY D 44 -40.31 -11.25 27.58
CA GLY D 44 -40.56 -9.93 28.13
C GLY D 44 -41.84 -9.33 27.59
N GLY D 45 -42.67 -8.78 28.46
CA GLY D 45 -43.93 -8.22 28.04
C GLY D 45 -45.03 -9.26 27.96
N ALA D 46 -46.14 -8.84 27.37
CA ALA D 46 -47.34 -9.67 27.28
C ALA D 46 -47.72 -9.88 25.82
N ALA D 47 -48.26 -11.06 25.54
CA ALA D 47 -48.73 -11.42 24.21
C ALA D 47 -50.09 -12.09 24.30
N ILE D 48 -50.65 -12.42 23.14
CA ILE D 48 -52.04 -12.82 23.01
C ILE D 48 -52.10 -14.26 22.53
N MET D 49 -52.62 -15.15 23.36
CA MET D 49 -52.99 -16.48 22.92
C MET D 49 -54.18 -16.39 21.99
N ASN D 50 -53.97 -16.56 20.68
CA ASN D 50 -55.10 -16.46 19.78
C ASN D 50 -55.88 -17.78 19.79
N GLU D 51 -57.09 -17.73 19.23
CA GLU D 51 -57.99 -18.89 19.29
C GLU D 51 -57.46 -20.03 18.44
N GLY D 52 -57.35 -21.21 19.06
CA GLY D 52 -56.80 -22.35 18.35
C GLY D 52 -55.45 -22.77 18.88
N GLU D 53 -54.55 -23.17 18.00
CA GLU D 53 -53.27 -23.73 18.41
C GLU D 53 -52.13 -22.74 18.14
N ASN D 54 -51.18 -22.70 19.05
CA ASN D 54 -50.13 -21.70 19.14
C ASN D 54 -48.76 -22.35 19.04
N LEU D 55 -47.83 -21.62 18.44
CA LEU D 55 -46.45 -22.06 18.32
C LEU D 55 -45.55 -20.87 18.64
N LEU D 56 -44.66 -21.05 19.61
CA LEU D 56 -43.67 -20.04 19.99
C LEU D 56 -42.28 -20.63 19.97
N TYR D 57 -41.29 -19.80 19.66
CA TYR D 57 -39.89 -20.21 19.67
C TYR D 57 -39.12 -19.44 20.75
N PHE D 58 -38.21 -20.13 21.42
CA PHE D 58 -37.41 -19.59 22.50
C PHE D 58 -35.98 -20.08 22.35
N ALA D 59 -35.07 -19.42 23.05
CA ALA D 59 -33.67 -19.77 22.94
C ALA D 59 -33.25 -20.85 23.93
N ARG D 60 -34.05 -21.11 24.96
CA ARG D 60 -33.71 -22.04 26.02
C ARG D 60 -34.89 -22.95 26.31
N LYS D 61 -34.59 -24.12 26.87
CA LYS D 61 -35.65 -25.01 27.35
C LYS D 61 -36.33 -24.44 28.59
N GLU D 62 -35.57 -23.73 29.43
CA GLU D 62 -36.13 -23.16 30.65
C GLU D 62 -37.18 -22.10 30.34
N GLN D 63 -36.98 -21.33 29.27
CA GLN D 63 -38.00 -20.37 28.85
C GLN D 63 -39.28 -21.07 28.41
N CYS D 64 -39.14 -22.19 27.71
CA CYS D 64 -40.31 -22.95 27.28
C CYS D 64 -41.06 -23.56 28.45
N LEU D 65 -40.35 -24.09 29.45
CA LEU D 65 -41.11 -24.62 30.59
C LEU D 65 -41.57 -23.52 31.54
N ALA D 66 -40.93 -22.36 31.54
CA ALA D 66 -41.47 -21.22 32.27
C ALA D 66 -42.75 -20.72 31.64
N LEU D 67 -42.86 -20.83 30.32
CA LEU D 67 -44.12 -20.59 29.64
C LEU D 67 -45.14 -21.69 29.92
N GLY D 68 -44.70 -22.95 29.93
CA GLY D 68 -45.60 -24.06 30.17
C GLY D 68 -46.19 -24.08 31.57
N THR D 69 -45.41 -23.66 32.57
CA THR D 69 -45.92 -23.47 33.92
C THR D 69 -46.98 -22.37 33.97
N GLN D 70 -46.76 -21.27 33.24
CA GLN D 70 -47.77 -20.22 33.14
C GLN D 70 -49.01 -20.71 32.38
N LEU D 71 -48.84 -21.65 31.46
CA LEU D 71 -49.99 -22.21 30.76
C LEU D 71 -50.76 -23.17 31.66
N ARG D 72 -50.07 -23.90 32.54
CA ARG D 72 -50.75 -24.84 33.41
C ARG D 72 -51.40 -24.12 34.59
N THR D 73 -50.61 -23.50 35.44
CA THR D 73 -51.12 -22.75 36.57
C THR D 73 -51.57 -21.37 36.11
N LYS D 74 -52.26 -20.65 36.99
CA LYS D 74 -52.67 -19.25 36.83
C LYS D 74 -53.63 -18.97 35.68
N PHE D 75 -54.07 -20.00 34.94
CA PHE D 75 -55.10 -19.87 33.93
C PHE D 75 -56.32 -20.68 34.33
N LYS D 76 -57.49 -20.03 34.27
CA LYS D 76 -58.75 -20.72 34.50
C LYS D 76 -59.08 -21.82 33.48
N PRO D 77 -58.87 -21.67 32.16
CA PRO D 77 -59.12 -22.83 31.27
C PRO D 77 -58.16 -24.00 31.47
N LYS D 78 -57.04 -23.80 32.17
CA LYS D 78 -56.15 -24.87 32.65
C LYS D 78 -55.57 -25.67 31.47
N ILE D 79 -54.72 -24.99 30.70
CA ILE D 79 -54.10 -25.58 29.53
C ILE D 79 -52.99 -26.53 29.94
N GLU D 80 -53.18 -27.82 29.66
CA GLU D 80 -52.13 -28.82 29.81
C GLU D 80 -51.60 -29.35 28.49
N ASP D 81 -52.33 -29.14 27.39
CA ASP D 81 -51.98 -29.73 26.11
C ASP D 81 -50.91 -28.89 25.39
N TYR D 82 -49.71 -28.93 25.95
CA TYR D 82 -48.57 -28.23 25.38
C TYR D 82 -47.45 -29.23 25.09
N LYS D 83 -46.76 -29.01 23.99
CA LYS D 83 -45.68 -29.87 23.54
C LYS D 83 -44.45 -29.02 23.25
N ILE D 84 -43.29 -29.49 23.68
CA ILE D 84 -42.04 -28.74 23.58
C ILE D 84 -41.07 -29.52 22.70
N TYR D 85 -40.52 -28.83 21.71
CA TYR D 85 -39.63 -29.40 20.71
C TYR D 85 -38.31 -28.66 20.71
N ARG D 86 -37.28 -29.30 20.17
CA ARG D 86 -35.97 -28.71 19.95
C ARG D 86 -35.68 -28.76 18.46
N ILE D 87 -35.32 -27.62 17.89
CA ILE D 87 -35.03 -27.49 16.46
C ILE D 87 -33.56 -27.14 16.33
N TYR D 88 -32.80 -28.03 15.72
CA TYR D 88 -31.44 -27.72 15.33
C TYR D 88 -31.47 -27.00 13.97
N PRO D 89 -30.42 -26.22 13.64
CA PRO D 89 -30.41 -25.52 12.35
C PRO D 89 -30.31 -26.44 11.13
N THR D 90 -29.96 -27.71 11.33
CA THR D 90 -30.01 -28.66 10.21
C THR D 90 -31.45 -28.92 9.78
N GLY D 91 -32.38 -28.87 10.71
CA GLY D 91 -33.79 -29.06 10.40
C GLY D 91 -34.44 -30.12 11.25
N GLU D 92 -33.63 -30.87 11.99
CA GLU D 92 -34.13 -31.97 12.82
C GLU D 92 -34.91 -31.42 14.01
N THR D 93 -36.06 -32.04 14.29
CA THR D 93 -36.90 -31.67 15.41
C THR D 93 -36.97 -32.83 16.39
N GLN D 94 -36.64 -32.57 17.65
CA GLN D 94 -36.69 -33.56 18.72
C GLN D 94 -37.81 -33.19 19.68
N TYR D 95 -38.77 -34.09 19.85
CA TYR D 95 -39.89 -33.86 20.75
C TYR D 95 -39.48 -34.20 22.18
N LEU D 96 -39.61 -33.25 23.09
CA LEU D 96 -38.89 -33.31 24.37
C LEU D 96 -39.78 -33.50 25.59
N HIS D 97 -40.71 -32.58 25.88
CA HIS D 97 -41.16 -32.52 27.26
C HIS D 97 -42.20 -33.58 27.62
N PRO D 98 -43.37 -33.71 26.92
CA PRO D 98 -44.23 -34.84 27.31
C PRO D 98 -43.96 -36.09 26.46
N ALA D 99 -42.83 -36.75 26.75
CA ALA D 99 -42.36 -37.87 25.92
C ALA D 99 -43.33 -39.05 25.92
N ASP D 100 -43.88 -39.39 27.09
CA ASP D 100 -44.90 -40.43 27.15
C ASP D 100 -46.30 -39.92 26.88
N GLY D 101 -46.45 -38.60 26.67
CA GLY D 101 -47.75 -37.99 26.59
C GLY D 101 -48.35 -37.62 27.92
N VAL D 102 -47.71 -38.00 29.02
CA VAL D 102 -48.18 -37.70 30.36
C VAL D 102 -47.09 -36.86 31.05
N PHE D 103 -47.51 -36.01 31.97
CA PHE D 103 -46.58 -35.13 32.66
C PHE D 103 -45.67 -35.94 33.58
N PRO D 104 -44.42 -35.49 33.76
CA PRO D 104 -43.45 -36.28 34.53
C PRO D 104 -43.78 -36.44 36.00
N GLU D 105 -44.58 -35.56 36.59
CA GLU D 105 -44.97 -35.71 37.99
C GLU D 105 -45.96 -36.85 38.20
N LYS D 106 -46.60 -37.32 37.14
CA LYS D 106 -47.49 -38.47 37.20
C LYS D 106 -46.72 -39.70 36.75
N VAL D 107 -46.81 -40.77 37.55
CA VAL D 107 -46.06 -41.98 37.26
C VAL D 107 -46.68 -42.71 36.07
N ASN D 108 -45.83 -43.31 35.25
CA ASN D 108 -46.29 -44.03 34.07
C ASN D 108 -45.40 -45.25 33.88
N GLU D 109 -45.99 -46.34 33.43
CA GLU D 109 -45.21 -47.51 33.04
C GLU D 109 -44.47 -47.24 31.73
N GLY D 110 -43.36 -47.95 31.54
CA GLY D 110 -42.54 -47.76 30.36
C GLY D 110 -41.36 -46.85 30.56
N ARG D 111 -41.28 -46.17 31.70
CA ARG D 111 -40.12 -45.34 32.05
C ARG D 111 -39.17 -46.17 32.89
N GLU D 112 -37.88 -46.10 32.57
CA GLU D 112 -36.88 -46.90 33.25
C GLU D 112 -36.13 -46.07 34.29
N PHE D 113 -35.32 -46.77 35.09
CA PHE D 113 -34.57 -46.16 36.19
C PHE D 113 -33.36 -45.42 35.63
N HIS D 114 -33.38 -44.11 35.78
CA HIS D 114 -32.23 -43.30 35.42
C HIS D 114 -31.68 -42.60 36.65
N GLY D 115 -30.37 -42.72 36.86
CA GLY D 115 -29.71 -42.10 38.00
C GLY D 115 -30.10 -42.66 39.34
N LYS D 116 -30.70 -43.83 39.40
CA LYS D 116 -31.16 -44.38 40.66
C LYS D 116 -30.05 -45.22 41.28
N LYS D 117 -29.70 -44.90 42.52
CA LYS D 117 -28.70 -45.64 43.28
C LYS D 117 -29.43 -46.54 44.27
N ASP D 118 -29.06 -47.81 44.29
CA ASP D 118 -29.63 -48.77 45.25
C ASP D 118 -28.75 -48.82 46.51
N ARG D 119 -28.53 -47.63 47.06
CA ARG D 119 -27.67 -47.45 48.22
C ARG D 119 -28.02 -46.12 48.86
N ASN D 120 -27.76 -46.02 50.16
CA ASN D 120 -27.93 -44.77 50.87
C ASN D 120 -26.86 -43.78 50.44
N ILE D 121 -27.23 -42.49 50.47
CA ILE D 121 -26.29 -41.42 50.11
C ILE D 121 -25.14 -41.34 51.11
N GLY D 122 -25.34 -41.74 52.37
CA GLY D 122 -24.23 -41.83 53.29
C GLY D 122 -23.33 -43.02 53.02
N LYS D 123 -23.85 -44.02 52.31
CA LYS D 123 -23.07 -45.22 51.99
C LYS D 123 -22.40 -45.08 50.63
N ASN D 124 -21.64 -43.99 50.48
CA ASN D 124 -20.91 -43.65 49.27
C ASN D 124 -19.42 -43.93 49.46
N PRO D 125 -18.71 -44.32 48.40
CA PRO D 125 -17.28 -44.58 48.53
C PRO D 125 -16.48 -43.30 48.78
N GLU D 126 -15.39 -43.44 49.52
CA GLU D 126 -14.52 -42.31 49.79
C GLU D 126 -13.71 -41.97 48.53
N PRO D 127 -13.36 -40.69 48.33
CA PRO D 127 -12.53 -40.33 47.17
C PRO D 127 -11.13 -40.93 47.20
N VAL D 128 -10.61 -41.21 48.40
CA VAL D 128 -9.27 -41.79 48.53
C VAL D 128 -9.22 -43.20 47.95
N THR D 129 -10.36 -43.89 47.93
CA THR D 129 -10.45 -45.18 47.25
C THR D 129 -10.34 -44.99 45.73
N LEU D 130 -10.91 -43.91 45.22
CA LEU D 130 -11.01 -43.70 43.77
C LEU D 130 -9.97 -42.70 43.26
N LYS D 131 -8.78 -42.69 43.85
CA LYS D 131 -7.73 -41.80 43.39
C LYS D 131 -7.15 -42.28 42.07
N PHE D 132 -6.76 -41.31 41.24
CA PHE D 132 -6.09 -41.46 39.95
C PHE D 132 -6.89 -42.29 38.95
N SER D 133 -8.22 -42.26 39.02
CA SER D 133 -9.08 -42.92 38.06
C SER D 133 -10.14 -41.93 37.60
N GLY D 134 -10.82 -42.26 36.50
CA GLY D 134 -11.85 -41.37 35.99
C GLY D 134 -13.13 -41.42 36.82
N LYS D 135 -13.28 -42.45 37.64
CA LYS D 135 -14.49 -42.62 38.44
C LYS D 135 -14.48 -41.66 39.63
N THR D 136 -15.60 -40.99 39.83
CA THR D 136 -15.89 -40.06 40.91
C THR D 136 -16.81 -40.74 41.92
N PRO D 137 -16.76 -40.36 43.23
CA PRO D 137 -17.48 -41.13 44.26
C PRO D 137 -19.00 -41.26 44.14
N TYR D 138 -19.64 -40.56 43.22
CA TYR D 138 -21.06 -40.79 42.96
C TYR D 138 -21.31 -41.68 41.77
N ASP D 139 -20.46 -42.66 41.52
CA ASP D 139 -20.72 -43.64 40.47
C ASP D 139 -20.85 -45.05 41.04
N ALA E 1 -39.54 -54.62 68.95
CA ALA E 1 -39.66 -53.65 70.04
C ALA E 1 -40.01 -52.27 69.51
N ILE E 2 -39.90 -52.10 68.20
CA ILE E 2 -40.22 -50.83 67.56
C ILE E 2 -41.73 -50.77 67.36
N GLN E 3 -42.39 -49.89 68.10
CA GLN E 3 -43.84 -49.72 68.04
C GLN E 3 -44.16 -48.24 68.16
N ARG E 4 -45.40 -47.89 67.85
CA ARG E 4 -45.80 -46.49 67.71
C ARG E 4 -45.80 -45.80 69.08
N GLY E 5 -45.07 -44.71 69.18
CA GLY E 5 -44.93 -43.98 70.42
C GLY E 5 -43.69 -44.30 71.22
N SER E 6 -42.90 -45.28 70.79
CA SER E 6 -41.68 -45.65 71.49
C SER E 6 -40.57 -44.67 71.13
N LYS E 7 -39.86 -44.19 72.16
CA LYS E 7 -38.77 -43.24 71.95
C LYS E 7 -37.54 -44.01 71.47
N VAL E 8 -36.90 -43.51 70.42
CA VAL E 8 -35.90 -44.28 69.70
C VAL E 8 -34.79 -43.33 69.23
N ARG E 9 -33.55 -43.83 69.23
CA ARG E 9 -32.39 -43.06 68.85
C ARG E 9 -31.91 -43.46 67.45
N ILE E 10 -31.52 -42.45 66.67
CA ILE E 10 -31.20 -42.58 65.26
C ILE E 10 -29.74 -43.02 65.14
N LEU E 11 -29.45 -43.96 64.24
CA LEU E 11 -28.09 -44.39 63.98
C LEU E 11 -27.59 -44.00 62.59
N ARG E 12 -28.37 -43.25 61.81
CA ARG E 12 -27.86 -42.70 60.56
C ARG E 12 -26.91 -41.56 60.87
N LYS E 13 -25.68 -41.66 60.38
CA LYS E 13 -24.67 -40.62 60.63
C LYS E 13 -25.08 -39.29 59.99
N GLU E 14 -25.56 -39.34 58.75
CA GLU E 14 -25.86 -38.15 57.97
C GLU E 14 -27.15 -37.46 58.37
N SER E 15 -27.96 -38.06 59.22
CA SER E 15 -29.22 -37.46 59.64
C SER E 15 -28.95 -36.25 60.55
N TYR E 16 -29.91 -35.30 60.55
CA TYR E 16 -29.81 -34.14 61.43
C TYR E 16 -29.85 -34.54 62.90
N TRP E 17 -30.68 -35.53 63.24
CA TRP E 17 -30.82 -36.02 64.60
C TRP E 17 -30.06 -37.33 64.82
N TYR E 18 -28.86 -37.45 64.26
CA TYR E 18 -27.95 -38.53 64.64
C TYR E 18 -27.65 -38.47 66.13
N LYS E 19 -27.79 -39.63 66.79
CA LYS E 19 -27.70 -39.79 68.24
C LYS E 19 -28.66 -38.87 69.00
N ASP E 20 -29.87 -38.71 68.48
CA ASP E 20 -30.93 -37.94 69.14
C ASP E 20 -32.18 -38.79 69.18
N VAL E 21 -33.08 -38.49 70.11
CA VAL E 21 -34.18 -39.38 70.42
C VAL E 21 -35.49 -38.77 69.94
N GLY E 22 -36.23 -39.53 69.15
CA GLY E 22 -37.53 -39.08 68.66
C GLY E 22 -38.55 -40.19 68.80
N THR E 23 -39.82 -39.84 68.64
CA THR E 23 -40.91 -40.78 68.81
C THR E 23 -41.28 -41.44 67.49
N VAL E 24 -41.94 -42.58 67.56
CA VAL E 24 -42.36 -43.30 66.37
C VAL E 24 -43.81 -42.95 66.06
N ALA E 25 -44.05 -42.46 64.84
CA ALA E 25 -45.41 -42.14 64.43
C ALA E 25 -46.11 -43.36 63.84
N SER E 26 -45.43 -44.07 62.94
CA SER E 26 -46.02 -45.25 62.31
C SER E 26 -44.91 -46.15 61.80
N VAL E 27 -45.19 -47.45 61.77
CA VAL E 27 -44.31 -48.45 61.18
C VAL E 27 -45.08 -49.18 60.09
N ASP E 28 -44.51 -49.22 58.89
CA ASP E 28 -45.17 -49.86 57.75
C ASP E 28 -44.83 -51.34 57.71
N LYS E 29 -45.85 -52.16 57.46
CA LYS E 29 -45.69 -53.61 57.45
C LYS E 29 -45.43 -54.18 56.06
N SER E 30 -45.50 -53.37 55.01
CA SER E 30 -45.19 -53.85 53.68
C SER E 30 -43.69 -53.86 53.45
N GLY E 31 -43.28 -54.49 52.35
CA GLY E 31 -41.87 -54.65 52.05
C GLY E 31 -41.23 -53.41 51.46
N ILE E 32 -41.00 -52.40 52.29
CA ILE E 32 -40.31 -51.19 51.87
C ILE E 32 -39.02 -51.05 52.68
N LEU E 33 -38.10 -50.25 52.14
CA LEU E 33 -36.75 -50.21 52.69
C LEU E 33 -36.70 -49.45 54.01
N TYR E 34 -37.50 -48.40 54.15
CA TYR E 34 -37.48 -47.53 55.32
C TYR E 34 -38.90 -47.42 55.87
N PRO E 35 -39.33 -48.38 56.71
CA PRO E 35 -40.73 -48.41 57.12
C PRO E 35 -41.07 -47.61 58.37
N VAL E 36 -40.08 -47.26 59.17
CA VAL E 36 -40.34 -46.66 60.48
C VAL E 36 -40.35 -45.15 60.34
N ILE E 37 -41.54 -44.55 60.43
CA ILE E 37 -41.67 -43.09 60.40
C ILE E 37 -41.41 -42.57 61.82
N VAL E 38 -40.39 -41.73 61.95
CA VAL E 38 -39.97 -41.19 63.24
C VAL E 38 -40.11 -39.67 63.20
N ARG E 39 -40.77 -39.11 64.21
CA ARG E 39 -41.00 -37.69 64.35
C ARG E 39 -40.19 -37.15 65.53
N PHE E 40 -39.59 -35.97 65.34
CA PHE E 40 -38.65 -35.40 66.28
C PHE E 40 -39.18 -34.08 66.85
N ASP E 41 -38.61 -33.70 67.99
CA ASP E 41 -38.94 -32.43 68.60
C ASP E 41 -38.33 -31.26 67.83
N LYS E 42 -37.06 -31.39 67.46
CA LYS E 42 -36.38 -30.37 66.69
C LYS E 42 -36.78 -30.46 65.21
N VAL E 43 -36.44 -29.43 64.46
CA VAL E 43 -36.72 -29.39 63.03
C VAL E 43 -35.41 -29.45 62.27
N ASN E 44 -35.51 -29.96 61.05
CA ASN E 44 -34.38 -30.10 60.16
C ASN E 44 -33.99 -28.73 59.58
N TYR E 45 -32.87 -28.70 58.86
CA TYR E 45 -32.47 -27.53 58.09
C TYR E 45 -33.33 -27.28 56.88
N ASN E 46 -34.18 -28.25 56.49
CA ASN E 46 -34.79 -28.26 55.17
C ASN E 46 -35.74 -27.08 55.00
N GLY E 47 -35.79 -26.56 53.78
CA GLY E 47 -36.56 -25.39 53.44
C GLY E 47 -35.68 -24.43 52.65
N PHE E 48 -36.31 -23.40 52.11
CA PHE E 48 -35.59 -22.35 51.41
C PHE E 48 -34.88 -21.45 52.42
N SER E 49 -34.07 -20.53 51.90
CA SER E 49 -33.41 -19.56 52.75
C SER E 49 -34.42 -18.55 53.29
N GLY E 50 -34.36 -18.30 54.59
CA GLY E 50 -35.33 -17.43 55.23
C GLY E 50 -36.59 -18.11 55.69
N SER E 51 -36.75 -19.40 55.39
CA SER E 51 -37.93 -20.14 55.83
C SER E 51 -37.82 -20.46 57.32
N ALA E 52 -38.87 -20.12 58.07
CA ALA E 52 -38.90 -20.36 59.51
C ALA E 52 -39.38 -21.76 59.85
N THR E 53 -39.75 -22.55 58.86
CA THR E 53 -40.27 -23.90 59.09
C THR E 53 -39.31 -24.92 58.51
N GLY E 54 -39.41 -26.14 59.02
CA GLY E 54 -38.61 -27.25 58.53
C GLY E 54 -39.26 -28.56 58.89
N VAL E 55 -38.85 -29.63 58.21
CA VAL E 55 -39.44 -30.93 58.47
C VAL E 55 -38.89 -31.49 59.77
N ASN E 56 -39.66 -32.38 60.40
CA ASN E 56 -39.27 -32.95 61.68
C ASN E 56 -39.58 -34.44 61.74
N THR E 57 -39.74 -35.08 60.59
CA THR E 57 -39.99 -36.51 60.55
C THR E 57 -39.30 -37.11 59.33
N ASN E 58 -38.96 -38.39 59.44
CA ASN E 58 -38.38 -39.11 58.31
C ASN E 58 -38.62 -40.60 58.51
N ASN E 59 -38.56 -41.33 57.39
CA ASN E 59 -38.53 -42.78 57.40
C ASN E 59 -37.13 -43.30 57.69
N PHE E 60 -37.06 -44.36 58.48
CA PHE E 60 -35.82 -45.03 58.86
C PHE E 60 -36.03 -46.54 58.80
N ALA E 61 -34.93 -47.26 58.71
CA ALA E 61 -34.93 -48.71 58.72
C ALA E 61 -34.85 -49.24 60.14
N GLU E 62 -34.94 -50.57 60.28
CA GLU E 62 -34.86 -51.19 61.59
C GLU E 62 -33.44 -51.13 62.15
N HIS E 63 -32.44 -51.39 61.31
CA HIS E 63 -31.05 -51.38 61.74
C HIS E 63 -30.50 -49.98 61.95
N GLU E 64 -31.24 -48.96 61.54
CA GLU E 64 -30.84 -47.56 61.70
C GLU E 64 -31.32 -46.96 63.01
N LEU E 65 -31.77 -47.78 63.96
CA LEU E 65 -32.45 -47.35 65.17
C LEU E 65 -31.92 -48.11 66.38
N GLU E 66 -32.16 -47.54 67.56
CA GLU E 66 -32.10 -48.36 68.78
C GLU E 66 -33.11 -47.83 69.79
N GLU E 67 -33.81 -48.76 70.43
CA GLU E 67 -34.86 -48.44 71.40
C GLU E 67 -34.21 -48.08 72.74
N VAL E 68 -34.68 -47.00 73.34
CA VAL E 68 -34.16 -46.57 74.63
C VAL E 68 -35.04 -47.11 75.75
N ASP F 1 10.42 -7.32 90.95
CA ASP F 1 10.03 -6.32 91.94
C ASP F 1 9.49 -5.07 91.27
N LEU F 2 9.58 -5.05 89.94
CA LEU F 2 9.08 -3.95 89.09
C LEU F 2 9.71 -2.62 89.45
N SER F 3 11.03 -2.53 89.25
CA SER F 3 11.74 -1.28 89.54
C SER F 3 11.43 -0.21 88.50
N HIS F 4 10.98 -0.63 87.30
CA HIS F 4 10.60 0.33 86.29
C HIS F 4 9.28 1.01 86.61
N LEU F 5 8.44 0.37 87.41
CA LEU F 5 7.17 0.93 87.83
C LEU F 5 7.30 1.52 89.23
N THR F 6 7.19 2.84 89.33
CA THR F 6 7.27 3.56 90.58
C THR F 6 5.87 3.74 91.14
N PRO F 7 5.71 3.86 92.45
CA PRO F 7 4.41 4.27 93.00
C PRO F 7 4.06 5.69 92.57
N CYS F 8 2.77 5.96 92.41
CA CYS F 8 2.33 7.22 91.83
C CYS F 8 2.59 8.41 92.73
N SER F 9 2.64 8.19 94.05
CA SER F 9 2.98 9.26 94.97
C SER F 9 4.44 9.66 94.83
N GLU F 10 5.33 8.68 94.64
CA GLU F 10 6.75 8.98 94.53
C GLU F 10 7.13 9.34 93.11
N SER F 11 6.25 9.08 92.15
CA SER F 11 6.53 9.38 90.75
C SER F 11 6.34 10.88 90.50
N PRO F 12 7.34 11.57 89.92
CA PRO F 12 7.18 13.00 89.66
C PRO F 12 6.50 13.35 88.35
N ALA F 13 5.96 12.38 87.61
CA ALA F 13 5.12 12.63 86.47
C ALA F 13 3.63 12.53 86.80
N TYR F 14 3.29 11.76 87.83
CA TYR F 14 1.89 11.66 88.24
C TYR F 14 1.45 12.92 88.97
N GLN F 15 2.35 13.56 89.71
CA GLN F 15 1.97 14.73 90.48
C GLN F 15 1.74 15.95 89.59
N ALA F 16 2.39 15.99 88.42
CA ALA F 16 2.11 17.05 87.47
C ALA F 16 0.74 16.87 86.84
N LYS F 17 0.35 15.61 86.58
CA LYS F 17 -0.95 15.34 85.99
C LYS F 17 -2.07 15.50 87.01
N ALA F 18 -1.79 15.19 88.28
CA ALA F 18 -2.84 15.06 89.28
C ALA F 18 -3.42 16.40 89.69
N LYS F 19 -2.73 17.50 89.38
CA LYS F 19 -3.34 18.81 89.53
C LYS F 19 -4.49 18.98 88.54
N SER F 20 -4.25 18.64 87.27
CA SER F 20 -5.28 18.74 86.23
C SER F 20 -5.91 17.38 85.96
N PHE F 21 -6.57 16.84 86.98
CA PHE F 21 -7.57 15.79 86.78
C PHE F 21 -8.94 16.45 86.74
N ARG F 22 -9.69 16.17 85.67
CA ARG F 22 -10.98 16.80 85.50
C ARG F 22 -12.02 16.13 86.40
N ASN F 23 -13.03 16.90 86.78
CA ASN F 23 -14.16 16.32 87.50
C ASN F 23 -15.03 15.51 86.54
N THR F 24 -15.44 14.34 87.01
CA THR F 24 -16.29 13.45 86.22
C THR F 24 -17.75 13.58 86.61
N THR F 25 -18.06 13.64 87.91
CA THR F 25 -19.42 13.78 88.37
C THR F 25 -19.74 15.24 88.66
N SER F 26 -20.90 15.47 89.30
CA SER F 26 -21.27 16.82 89.69
C SER F 26 -20.55 17.25 90.96
N ASP F 27 -19.87 16.31 91.62
CA ASP F 27 -19.08 16.58 92.81
C ASP F 27 -17.87 17.44 92.42
N PRO F 28 -17.66 18.58 93.09
CA PRO F 28 -16.59 19.50 92.67
C PRO F 28 -15.19 18.98 92.95
N GLU F 29 -15.00 18.18 94.01
CA GLU F 29 -13.69 17.65 94.33
C GLU F 29 -13.48 16.23 93.82
N SER F 30 -14.19 15.85 92.74
CA SER F 30 -14.07 14.50 92.19
C SER F 30 -12.70 14.25 91.59
N GLY F 31 -12.08 15.28 91.00
CA GLY F 31 -10.73 15.15 90.50
C GLY F 31 -9.71 14.93 91.60
N GLN F 32 -9.89 15.62 92.73
CA GLN F 32 -9.00 15.41 93.87
C GLN F 32 -9.20 14.05 94.50
N LYS F 33 -10.44 13.56 94.56
CA LYS F 33 -10.70 12.21 95.04
C LYS F 33 -10.08 11.15 94.12
N ARG F 34 -10.18 11.33 92.80
CA ARG F 34 -9.49 10.43 91.87
C ARG F 34 -7.97 10.51 92.04
N ALA F 35 -7.43 11.71 92.26
CA ALA F 35 -5.99 11.88 92.42
C ALA F 35 -5.48 11.19 93.68
N GLU F 36 -6.22 11.27 94.78
CA GLU F 36 -5.78 10.60 96.00
C GLU F 36 -6.06 9.10 95.93
N SER F 37 -7.08 8.69 95.17
CA SER F 37 -7.42 7.28 95.10
C SER F 37 -6.49 6.52 94.15
N TYR F 38 -5.95 7.20 93.15
CA TYR F 38 -5.05 6.53 92.21
C TYR F 38 -3.59 6.60 92.62
N ALA F 39 -3.29 7.21 93.77
CA ALA F 39 -1.90 7.36 94.19
C ALA F 39 -1.33 6.07 94.74
N GLU F 40 -2.19 5.12 95.12
CA GLU F 40 -1.70 3.85 95.67
C GLU F 40 -1.33 2.87 94.57
N ALA F 41 -1.64 3.21 93.32
CA ALA F 41 -1.27 2.35 92.22
C ALA F 41 0.19 2.58 91.82
N LEU F 42 0.64 1.84 90.82
CA LEU F 42 1.98 2.01 90.26
C LEU F 42 1.89 2.81 88.97
N CYS F 43 2.72 3.84 88.87
CA CYS F 43 2.75 4.72 87.70
C CYS F 43 4.05 4.51 86.94
N GLY F 44 3.95 4.53 85.61
CA GLY F 44 5.11 4.44 84.76
C GLY F 44 5.71 5.81 84.51
N PRO F 45 6.52 5.93 83.46
CA PRO F 45 7.08 7.26 83.13
C PRO F 45 6.05 8.25 82.62
N GLU F 46 4.89 7.77 82.17
CA GLU F 46 3.85 8.66 81.67
C GLU F 46 3.20 9.42 82.80
N GLY F 47 3.02 8.77 83.94
CA GLY F 47 2.32 9.37 85.06
C GLY F 47 0.91 8.84 85.18
N TYR F 48 0.68 7.65 84.63
CA TYR F 48 -0.64 7.05 84.61
C TYR F 48 -0.60 5.74 85.38
N PRO F 49 -1.66 5.37 86.09
CA PRO F 49 -1.64 4.14 86.89
C PRO F 49 -1.57 2.89 86.04
N HIS F 50 -0.78 1.92 86.51
CA HIS F 50 -0.63 0.63 85.86
C HIS F 50 -1.19 -0.47 86.75
N LEU F 51 -1.65 -1.54 86.14
CA LEU F 51 -2.19 -2.69 86.84
C LEU F 51 -1.29 -3.89 86.62
N VAL F 52 -0.86 -4.51 87.71
CA VAL F 52 0.00 -5.69 87.68
C VAL F 52 -0.89 -6.91 87.89
N VAL F 53 -0.88 -7.81 86.92
CA VAL F 53 -1.75 -8.99 86.94
C VAL F 53 -0.88 -10.23 87.08
N ASP F 54 -0.65 -10.63 88.33
CA ASP F 54 -0.05 -11.94 88.59
C ASP F 54 -0.58 -12.57 89.87
N GLY F 55 -1.68 -12.07 90.40
CA GLY F 55 -2.27 -12.70 91.56
C GLY F 55 -1.60 -12.39 92.88
N ARG F 56 -0.62 -11.48 92.89
CA ARG F 56 0.03 -11.11 94.14
C ARG F 56 -0.90 -10.26 94.98
N LEU F 57 -0.66 -10.25 96.29
CA LEU F 57 -1.41 -9.41 97.19
C LEU F 57 -0.66 -8.12 97.47
N ASP F 58 -1.43 -7.04 97.65
CA ASP F 58 -1.19 -5.59 97.54
C ASP F 58 -1.29 -5.12 96.09
N HIS F 59 -1.53 -6.06 95.18
CA HIS F 59 -2.03 -5.75 93.84
C HIS F 59 -3.15 -6.69 93.42
N ALA F 60 -3.80 -7.35 94.39
CA ALA F 60 -4.93 -8.20 94.07
C ALA F 60 -6.16 -7.38 93.70
N GLY F 61 -6.21 -6.12 94.14
CA GLY F 61 -7.34 -5.26 93.81
C GLY F 61 -7.39 -4.86 92.34
N ASP F 62 -6.27 -4.99 91.63
CA ASP F 62 -6.27 -4.71 90.20
C ASP F 62 -7.06 -5.76 89.43
N PHE F 63 -6.85 -7.04 89.75
CA PHE F 63 -7.48 -8.09 88.96
C PHE F 63 -8.22 -9.15 89.77
N ILE F 64 -7.71 -9.50 90.95
CA ILE F 64 -8.20 -10.69 91.65
C ILE F 64 -9.59 -10.45 92.23
N ILE F 65 -9.77 -9.34 92.96
CA ILE F 65 -11.09 -8.96 93.45
C ILE F 65 -12.08 -8.63 92.32
N PRO F 66 -11.75 -7.79 91.31
CA PRO F 66 -12.72 -7.63 90.20
C PRO F 66 -12.95 -8.90 89.40
N GLY F 67 -11.92 -9.74 89.26
CA GLY F 67 -12.09 -11.00 88.56
C GLY F 67 -13.00 -11.97 89.29
N LEU F 68 -12.83 -12.10 90.60
CA LEU F 68 -13.70 -12.99 91.38
C LEU F 68 -15.12 -12.45 91.43
N LEU F 69 -15.26 -11.12 91.51
CA LEU F 69 -16.59 -10.51 91.47
C LEU F 69 -17.29 -10.77 90.15
N PHE F 70 -16.57 -10.61 89.02
CA PHE F 70 -17.16 -10.92 87.73
C PHE F 70 -17.48 -12.41 87.60
N LEU F 71 -16.60 -13.28 88.13
CA LEU F 71 -16.86 -14.71 88.04
C LEU F 71 -18.11 -15.10 88.80
N TYR F 72 -18.33 -14.49 89.97
CA TYR F 72 -19.58 -14.71 90.71
C TYR F 72 -20.79 -14.21 89.93
N VAL F 73 -20.70 -12.99 89.35
CA VAL F 73 -21.86 -12.44 88.65
C VAL F 73 -22.14 -13.19 87.35
N ALA F 74 -21.11 -13.55 86.60
CA ALA F 74 -21.28 -14.28 85.35
C ALA F 74 -21.75 -15.71 85.60
N GLY F 75 -21.27 -16.34 86.66
CA GLY F 75 -21.80 -17.62 87.05
C GLY F 75 -23.24 -17.55 87.50
N TRP F 76 -23.63 -16.46 88.17
CA TRP F 76 -25.03 -16.21 88.49
C TRP F 76 -25.88 -16.14 87.22
N ILE F 77 -25.44 -15.33 86.24
CA ILE F 77 -26.22 -15.15 85.01
C ILE F 77 -26.31 -16.47 84.24
N GLY F 78 -25.19 -17.16 84.08
CA GLY F 78 -25.19 -18.42 83.36
C GLY F 78 -25.96 -19.52 84.06
N TRP F 79 -25.90 -19.57 85.38
CA TRP F 79 -26.60 -20.61 86.12
C TRP F 79 -28.09 -20.38 86.13
N VAL F 80 -28.52 -19.12 86.26
CA VAL F 80 -29.95 -18.84 86.18
C VAL F 80 -30.49 -19.09 84.78
N GLY F 81 -29.71 -18.74 83.75
CA GLY F 81 -30.11 -19.07 82.39
C GLY F 81 -30.20 -20.56 82.12
N ARG F 82 -29.21 -21.33 82.60
CA ARG F 82 -29.24 -22.78 82.43
C ARG F 82 -30.37 -23.41 83.22
N SER F 83 -30.66 -22.88 84.42
CA SER F 83 -31.75 -23.41 85.24
C SER F 83 -33.10 -23.15 84.59
N TYR F 84 -33.30 -21.95 84.05
CA TYR F 84 -34.54 -21.65 83.33
C TYR F 84 -34.67 -22.50 82.07
N LEU F 85 -33.58 -22.67 81.33
CA LEU F 85 -33.59 -23.48 80.12
C LEU F 85 -33.91 -24.93 80.41
N ILE F 86 -33.35 -25.49 81.49
CA ILE F 86 -33.65 -26.85 81.88
C ILE F 86 -35.09 -26.97 82.37
N ALA F 87 -35.56 -25.99 83.14
CA ALA F 87 -36.90 -26.06 83.71
C ALA F 87 -37.99 -25.95 82.66
N ILE F 88 -37.74 -25.24 81.56
CA ILE F 88 -38.77 -25.14 80.53
C ILE F 88 -38.74 -26.27 79.49
N ARG F 89 -37.91 -27.29 79.69
CA ARG F 89 -37.84 -28.38 78.72
C ARG F 89 -39.04 -29.30 78.84
N GLU F 90 -39.19 -29.97 79.98
CA GLU F 90 -40.04 -31.15 80.10
C GLU F 90 -41.49 -30.79 80.41
N GLU F 91 -42.05 -29.85 79.65
CA GLU F 91 -43.45 -29.50 79.83
C GLU F 91 -44.16 -29.24 78.50
N LYS F 92 -43.61 -29.75 77.38
CA LYS F 92 -44.27 -30.03 76.11
C LYS F 92 -44.61 -28.81 75.28
N ASP F 93 -44.38 -27.59 75.79
CA ASP F 93 -44.51 -26.37 75.00
C ASP F 93 -43.40 -25.41 75.39
N THR F 94 -42.27 -25.56 74.71
CA THR F 94 -41.03 -24.95 75.18
C THR F 94 -40.62 -23.75 74.33
N GLU F 95 -41.04 -23.71 73.05
CA GLU F 95 -40.63 -22.60 72.19
C GLU F 95 -41.41 -21.33 72.52
N MET F 96 -42.66 -21.49 72.94
CA MET F 96 -43.51 -20.32 73.23
C MET F 96 -43.05 -19.59 74.48
N LYS F 97 -42.56 -20.33 75.48
CA LYS F 97 -42.01 -19.65 76.65
C LYS F 97 -40.50 -19.57 76.60
N GLU F 98 -39.89 -20.03 75.53
CA GLU F 98 -38.57 -19.58 75.10
C GLU F 98 -38.62 -18.21 74.43
N ILE F 99 -39.71 -17.89 73.73
CA ILE F 99 -39.80 -16.61 73.02
C ILE F 99 -40.53 -15.57 73.88
N ILE F 100 -41.43 -16.01 74.76
CA ILE F 100 -42.19 -15.13 75.64
C ILE F 100 -41.93 -15.63 77.05
N ILE F 101 -41.04 -14.94 77.77
CA ILE F 101 -40.38 -15.51 78.93
C ILE F 101 -41.34 -15.61 80.10
N ASP F 102 -41.40 -16.80 80.72
CA ASP F 102 -42.29 -17.05 81.85
C ASP F 102 -41.70 -16.32 83.05
N VAL F 103 -42.29 -15.16 83.38
CA VAL F 103 -41.73 -14.29 84.42
C VAL F 103 -41.76 -14.91 85.83
N PRO F 104 -42.88 -15.50 86.32
CA PRO F 104 -42.84 -16.07 87.70
C PRO F 104 -41.82 -17.19 87.89
N LEU F 105 -41.51 -17.96 86.85
CA LEU F 105 -40.42 -18.93 86.97
C LEU F 105 -39.06 -18.26 86.93
N ALA F 106 -38.91 -17.23 86.10
CA ALA F 106 -37.62 -16.56 85.94
C ALA F 106 -37.22 -15.79 87.19
N ILE F 107 -38.19 -15.18 87.88
CA ILE F 107 -37.91 -14.52 89.16
C ILE F 107 -37.43 -15.52 90.21
N ASN F 108 -38.08 -16.67 90.31
CA ASN F 108 -37.67 -17.69 91.28
C ASN F 108 -36.32 -18.29 90.91
N LYS F 109 -35.99 -18.34 89.63
CA LYS F 109 -34.65 -18.75 89.23
C LYS F 109 -33.61 -17.69 89.58
N MET F 110 -33.97 -16.40 89.40
CA MET F 110 -33.01 -15.32 89.57
C MET F 110 -32.66 -15.09 91.03
N LEU F 111 -33.67 -14.96 91.89
CA LEU F 111 -33.42 -14.63 93.29
C LEU F 111 -32.83 -15.78 94.08
N PHE F 112 -32.98 -17.01 93.59
CA PHE F 112 -32.31 -18.16 94.18
C PHE F 112 -31.05 -18.54 93.40
N GLY F 113 -30.56 -17.65 92.54
CA GLY F 113 -29.34 -17.85 91.80
C GLY F 113 -28.08 -17.38 92.49
N PHE F 114 -28.19 -16.92 93.74
CA PHE F 114 -27.00 -16.49 94.47
C PHE F 114 -26.12 -17.67 94.84
N MET F 115 -26.73 -18.84 95.10
CA MET F 115 -26.02 -20.05 95.47
C MET F 115 -25.74 -20.85 94.20
N TRP F 116 -25.15 -20.20 93.21
CA TRP F 116 -24.75 -20.89 92.00
C TRP F 116 -23.52 -21.80 92.11
N PRO F 117 -22.43 -21.50 92.87
CA PRO F 117 -21.32 -22.46 92.89
C PRO F 117 -21.61 -23.71 93.70
N LEU F 118 -22.45 -23.62 94.73
CA LEU F 118 -22.85 -24.82 95.46
C LEU F 118 -23.68 -25.75 94.58
N GLN F 119 -24.62 -25.19 93.83
CA GLN F 119 -25.43 -26.00 92.91
C GLN F 119 -24.59 -26.52 91.75
N ALA F 120 -23.62 -25.73 91.30
CA ALA F 120 -22.72 -26.17 90.24
C ALA F 120 -21.84 -27.33 90.69
N PHE F 121 -21.32 -27.26 91.91
CA PHE F 121 -20.55 -28.38 92.47
C PHE F 121 -21.43 -29.60 92.70
N GLY F 122 -22.67 -29.40 93.14
CA GLY F 122 -23.57 -30.52 93.32
C GLY F 122 -23.92 -31.22 92.01
N GLU F 123 -24.15 -30.44 90.96
CA GLU F 123 -24.44 -31.03 89.65
C GLU F 123 -23.19 -31.63 89.01
N PHE F 124 -22.01 -31.11 89.34
CA PHE F 124 -20.78 -31.68 88.82
C PHE F 124 -20.47 -33.02 89.47
N THR F 125 -20.61 -33.09 90.80
CA THR F 125 -20.33 -34.35 91.49
C THR F 125 -21.46 -35.36 91.27
N SER F 126 -22.68 -34.88 91.04
CA SER F 126 -23.80 -35.77 90.76
C SER F 126 -23.81 -36.28 89.33
N GLY F 127 -23.05 -35.66 88.43
CA GLY F 127 -23.03 -36.06 87.04
C GLY F 127 -24.17 -35.53 86.21
N LYS F 128 -25.05 -34.73 86.77
CA LYS F 128 -26.19 -34.18 86.07
C LYS F 128 -25.89 -32.82 85.44
N LEU F 129 -24.65 -32.37 85.51
CA LEU F 129 -24.23 -31.15 84.84
C LEU F 129 -23.82 -31.39 83.40
N THR F 130 -23.13 -32.49 83.12
CA THR F 130 -22.53 -32.75 81.82
C THR F 130 -23.23 -33.94 81.16
N VAL F 131 -23.63 -33.77 79.90
CA VAL F 131 -24.24 -34.84 79.15
C VAL F 131 -23.17 -35.76 78.59
N LYS F 132 -23.39 -37.07 78.72
CA LYS F 132 -22.48 -38.09 78.20
C LYS F 132 -22.42 -38.03 76.68
N ASP F 133 -21.27 -38.40 76.11
CA ASP F 133 -21.01 -38.28 74.68
C ASP F 133 -21.88 -39.20 73.83
N SER F 134 -22.55 -40.18 74.45
CA SER F 134 -23.45 -41.03 73.68
C SER F 134 -24.78 -40.31 73.39
N GLU F 135 -25.32 -39.61 74.38
CA GLU F 135 -26.67 -39.05 74.31
C GLU F 135 -26.61 -37.59 73.83
N ILE F 136 -25.98 -37.36 72.69
CA ILE F 136 -25.75 -35.98 72.23
C ILE F 136 -25.59 -35.97 70.71
N PRO F 137 -26.19 -35.00 70.00
CA PRO F 137 -26.05 -34.98 68.54
C PRO F 137 -24.67 -34.52 68.12
N VAL F 138 -24.04 -35.30 67.24
CA VAL F 138 -22.70 -35.04 66.73
C VAL F 138 -22.77 -35.03 65.21
N SER F 139 -22.13 -34.03 64.60
CA SER F 139 -22.10 -33.92 63.14
C SER F 139 -21.28 -35.07 62.53
N PRO F 140 -21.55 -35.42 61.28
CA PRO F 140 -20.72 -36.41 60.59
C PRO F 140 -19.29 -35.93 60.41
N ARG F 141 -18.37 -36.89 60.32
CA ARG F 141 -16.94 -36.59 60.20
C ARG F 141 -16.62 -36.01 58.83
N ILE G 1 16.81 8.56 29.69
CA ILE G 1 18.11 9.05 30.15
C ILE G 1 19.07 7.89 30.33
N LEU G 2 20.18 7.93 29.60
CA LEU G 2 21.17 6.86 29.68
C LEU G 2 21.94 6.93 30.98
N GLY G 3 22.34 5.77 31.50
CA GLY G 3 23.01 5.69 32.77
C GLY G 3 24.53 5.65 32.64
N ASP G 4 25.18 5.81 33.79
CA ASP G 4 26.64 5.72 33.87
C ASP G 4 27.13 4.29 33.93
N PHE G 5 26.24 3.32 34.06
CA PHE G 5 26.64 1.92 34.08
C PHE G 5 27.01 1.45 32.67
N ALA G 6 27.69 0.31 32.62
CA ALA G 6 28.15 -0.24 31.35
C ALA G 6 26.97 -0.75 30.53
N ALA G 7 27.06 -0.52 29.21
CA ALA G 7 26.03 -0.84 28.22
C ALA G 7 24.69 -0.21 28.60
N SER G 8 24.69 1.12 28.63
CA SER G 8 23.49 1.88 29.00
C SER G 8 22.41 1.84 27.93
N PHE G 9 22.74 1.42 26.71
CA PHE G 9 21.78 1.34 25.63
C PHE G 9 20.91 0.09 25.72
N LEU G 10 21.23 -0.85 26.59
CA LEU G 10 20.47 -2.08 26.75
C LEU G 10 19.12 -1.90 27.47
N PRO G 11 18.97 -1.01 28.46
CA PRO G 11 17.60 -0.64 28.87
C PRO G 11 16.76 -0.02 27.77
N ALA G 12 17.35 0.69 26.82
CA ALA G 12 16.58 1.29 25.74
C ALA G 12 16.07 0.27 24.72
N ILE G 13 16.55 -0.96 24.77
CA ILE G 13 16.13 -2.02 23.85
C ILE G 13 15.34 -3.10 24.57
N LEU G 14 15.84 -3.55 25.73
CA LEU G 14 15.21 -4.69 26.40
C LEU G 14 13.91 -4.31 27.08
N VAL G 15 13.83 -3.12 27.70
CA VAL G 15 12.61 -2.70 28.37
C VAL G 15 11.42 -2.53 27.41
N PRO G 16 11.56 -1.90 26.24
CA PRO G 16 10.43 -1.96 25.29
C PRO G 16 10.22 -3.34 24.70
N ALA G 17 11.23 -4.21 24.70
CA ALA G 17 11.02 -5.57 24.21
C ALA G 17 10.23 -6.41 25.21
N VAL G 18 10.56 -6.29 26.50
CA VAL G 18 9.91 -7.10 27.52
C VAL G 18 8.59 -6.47 27.95
N GLY G 19 8.44 -5.17 27.71
CA GLY G 19 7.21 -4.50 28.11
C GLY G 19 6.19 -4.36 27.01
N LEU G 20 6.63 -4.36 25.74
CA LEU G 20 5.70 -4.21 24.62
C LEU G 20 5.78 -5.37 23.65
N VAL G 21 6.98 -5.79 23.23
CA VAL G 21 7.10 -6.70 22.10
C VAL G 21 6.75 -8.13 22.50
N MET G 22 7.51 -8.71 23.43
CA MET G 22 7.21 -10.10 23.81
C MET G 22 5.91 -10.29 24.58
N PRO G 23 5.34 -9.32 25.33
CA PRO G 23 3.96 -9.57 25.80
C PRO G 23 2.95 -9.60 24.67
N ALA G 24 3.13 -8.79 23.63
CA ALA G 24 2.26 -8.91 22.46
C ALA G 24 2.43 -10.26 21.78
N VAL G 25 3.67 -10.74 21.69
CA VAL G 25 3.94 -12.05 21.11
C VAL G 25 3.32 -13.16 21.95
N VAL G 26 3.45 -13.06 23.27
CA VAL G 26 2.94 -14.10 24.17
C VAL G 26 1.41 -14.10 24.18
N MET G 27 0.78 -12.92 24.22
CA MET G 27 -0.68 -12.90 24.11
C MET G 27 -1.19 -13.36 22.75
N GLY G 28 -0.51 -13.04 21.64
CA GLY G 28 -0.92 -13.58 20.36
C GLY G 28 -0.78 -15.09 20.27
N LEU G 29 0.36 -15.62 20.72
CA LEU G 29 0.61 -17.05 20.70
C LEU G 29 -0.31 -17.81 21.64
N LEU G 30 -0.53 -17.30 22.85
CA LEU G 30 -1.44 -17.94 23.79
C LEU G 30 -2.88 -17.82 23.33
N PHE G 31 -3.24 -16.72 22.64
CA PHE G 31 -4.57 -16.60 22.08
C PHE G 31 -4.81 -17.64 20.99
N LEU G 32 -3.83 -17.82 20.10
CA LEU G 32 -3.92 -18.87 19.08
C LEU G 32 -3.90 -20.26 19.72
N GLN G 33 -3.21 -20.42 20.84
CA GLN G 33 -3.16 -21.72 21.51
C GLN G 33 -4.49 -22.06 22.18
N ILE G 34 -5.07 -21.10 22.91
CA ILE G 34 -6.28 -21.38 23.68
C ILE G 34 -7.55 -21.26 22.86
N GLU G 35 -7.48 -20.70 21.65
CA GLU G 35 -8.67 -20.57 20.84
C GLU G 35 -8.72 -21.50 19.64
N SER G 36 -7.64 -22.23 19.36
CA SER G 36 -7.66 -23.20 18.27
C SER G 36 -8.49 -24.42 18.65
N GLU G 37 -9.22 -24.94 17.67
CA GLU G 37 -10.09 -26.09 17.87
C GLU G 37 -9.27 -27.37 17.77
N ALA G 38 -9.90 -28.49 18.13
CA ALA G 38 -9.34 -29.85 18.11
C ALA G 38 -8.04 -29.98 18.91
N LYS H 1 -55.02 -8.72 80.53
CA LYS H 1 -54.50 -10.08 80.68
C LYS H 1 -53.57 -10.44 79.53
N GLY H 2 -53.89 -9.95 78.33
CA GLY H 2 -53.03 -10.15 77.18
C GLY H 2 -51.89 -9.17 77.14
N LEU H 3 -51.97 -8.12 77.96
CA LEU H 3 -50.89 -7.15 78.03
C LEU H 3 -49.69 -7.68 78.81
N THR H 4 -49.94 -8.47 79.86
CA THR H 4 -48.85 -9.03 80.64
C THR H 4 -48.07 -10.07 79.87
N THR H 5 -48.72 -10.73 78.90
CA THR H 5 -48.00 -11.65 78.03
C THR H 5 -47.09 -10.89 77.07
N PHE H 6 -47.55 -9.73 76.59
CA PHE H 6 -46.70 -8.88 75.76
C PHE H 6 -45.53 -8.32 76.55
N LEU H 7 -45.76 -7.94 77.81
CA LEU H 7 -44.66 -7.47 78.65
C LEU H 7 -43.72 -8.61 79.04
N SER H 8 -44.19 -9.85 78.94
CA SER H 8 -43.35 -11.01 79.21
C SER H 8 -42.60 -11.50 77.98
N THR H 9 -42.68 -10.78 76.87
CA THR H 9 -41.95 -11.18 75.67
C THR H 9 -40.45 -10.90 75.85
N ALA H 10 -39.66 -11.51 74.98
CA ALA H 10 -38.21 -11.34 75.02
C ALA H 10 -37.72 -9.91 74.80
N PRO H 11 -38.21 -9.10 73.80
CA PRO H 11 -37.65 -7.75 73.67
C PRO H 11 -38.01 -6.80 74.80
N VAL H 12 -39.23 -6.89 75.31
CA VAL H 12 -39.65 -6.01 76.41
C VAL H 12 -38.87 -6.32 77.67
N LEU H 13 -38.71 -7.60 77.99
CA LEU H 13 -37.95 -7.98 79.18
C LEU H 13 -36.45 -7.72 79.01
N ILE H 14 -35.90 -7.91 77.81
CA ILE H 14 -34.48 -7.63 77.62
C ILE H 14 -34.23 -6.12 77.65
N THR H 15 -35.21 -5.32 77.23
CA THR H 15 -35.07 -3.87 77.32
C THR H 15 -35.18 -3.41 78.76
N ALA H 16 -36.12 -3.99 79.52
CA ALA H 16 -36.23 -3.67 80.94
C ALA H 16 -34.99 -4.08 81.71
N LEU H 17 -34.44 -5.25 81.39
CA LEU H 17 -33.22 -5.73 82.03
C LEU H 17 -32.03 -4.84 81.71
N LEU H 18 -31.89 -4.45 80.43
CA LEU H 18 -30.75 -3.62 80.05
C LEU H 18 -30.86 -2.21 80.60
N VAL H 19 -32.07 -1.65 80.65
CA VAL H 19 -32.27 -0.34 81.27
C VAL H 19 -32.00 -0.41 82.77
N PHE H 20 -32.44 -1.48 83.44
CA PHE H 20 -32.16 -1.63 84.86
C PHE H 20 -30.67 -1.79 85.13
N THR H 21 -29.98 -2.59 84.32
CA THR H 21 -28.55 -2.81 84.51
C THR H 21 -27.75 -1.54 84.22
N ALA H 22 -28.09 -0.85 83.13
CA ALA H 22 -27.42 0.41 82.80
C ALA H 22 -27.71 1.48 83.84
N GLY H 23 -28.93 1.51 84.37
CA GLY H 23 -29.25 2.46 85.42
C GLY H 23 -28.51 2.17 86.71
N LEU H 24 -28.36 0.88 87.05
CA LEU H 24 -27.59 0.50 88.23
C LEU H 24 -26.13 0.88 88.08
N LEU H 25 -25.55 0.64 86.90
CA LEU H 25 -24.17 1.00 86.66
C LEU H 25 -23.97 2.52 86.65
N ILE H 26 -24.91 3.25 86.07
CA ILE H 26 -24.81 4.70 86.01
C ILE H 26 -24.98 5.33 87.39
N GLU H 27 -25.93 4.83 88.18
CA GLU H 27 -26.09 5.30 89.55
C GLU H 27 -24.92 4.90 90.44
N PHE H 28 -24.23 3.80 90.13
CA PHE H 28 -23.02 3.47 90.87
C PHE H 28 -21.86 4.38 90.50
N ASN H 29 -21.65 4.66 89.21
CA ASN H 29 -20.57 5.53 88.78
C ASN H 29 -20.85 7.01 89.01
N ARG H 30 -22.08 7.37 89.38
CA ARG H 30 -22.30 8.73 89.89
C ARG H 30 -21.91 8.87 91.35
N PHE H 31 -22.40 7.98 92.21
CA PHE H 31 -22.13 8.09 93.63
C PHE H 31 -20.71 7.65 93.97
N TYR H 32 -20.19 6.65 93.26
CA TYR H 32 -18.84 6.14 93.48
C TYR H 32 -18.09 6.13 92.16
N PRO H 33 -17.63 7.28 91.70
CA PRO H 33 -16.94 7.36 90.41
C PRO H 33 -15.47 6.96 90.52
N ASP H 34 -14.89 6.69 89.34
CA ASP H 34 -13.44 6.54 89.15
C ASP H 34 -12.87 5.39 89.97
N LEU H 35 -13.39 4.19 89.73
CA LEU H 35 -12.92 2.98 90.41
C LEU H 35 -12.15 2.15 89.39
N LEU H 36 -10.86 2.47 89.24
CA LEU H 36 -10.02 1.70 88.33
C LEU H 36 -9.61 0.38 88.96
N PHE H 37 -9.52 0.32 90.28
CA PHE H 37 -9.10 -0.88 90.97
C PHE H 37 -9.67 -0.87 92.38
N HIS H 38 -9.68 -2.02 93.01
CA HIS H 38 -10.06 -2.10 94.41
C HIS H 38 -8.87 -1.68 95.28
N PRO H 39 -9.03 -0.69 96.17
CA PRO H 39 -7.94 -0.23 97.03
C PRO H 39 -7.55 -1.25 98.08
N ALA I 1 -38.90 49.07 41.99
CA ALA I 1 -39.61 49.33 40.74
C ALA I 1 -41.02 48.76 40.79
N VAL I 2 -41.99 49.61 41.09
CA VAL I 2 -43.40 49.20 41.18
C VAL I 2 -43.92 48.94 39.77
N PRO I 3 -44.83 47.99 39.59
CA PRO I 3 -45.37 47.68 38.26
C PRO I 3 -46.58 48.49 37.81
N THR I 4 -46.86 49.65 38.43
CA THR I 4 -47.90 50.60 38.00
C THR I 4 -49.28 49.96 37.97
N THR I 5 -49.86 49.70 39.14
CA THR I 5 -50.89 48.69 39.30
C THR I 5 -52.31 49.22 39.02
N LEU I 6 -52.48 50.54 38.89
CA LEU I 6 -53.77 51.19 38.55
C LEU I 6 -54.91 50.92 39.52
N GLU I 7 -54.95 51.64 40.63
CA GLU I 7 -55.89 51.40 41.72
C GLU I 7 -57.36 51.71 41.34
N TRP I 8 -58.05 50.71 40.78
CA TRP I 8 -59.51 50.62 40.69
C TRP I 8 -60.20 51.77 39.96
N ASN I 9 -60.02 51.86 38.64
CA ASN I 9 -60.94 52.63 37.82
C ASN I 9 -62.05 51.70 37.34
N LEU I 10 -63.03 52.28 36.65
CA LEU I 10 -64.15 51.49 36.15
C LEU I 10 -63.76 50.59 34.98
N ASN I 11 -62.66 50.89 34.29
CA ASN I 11 -62.20 50.03 33.22
C ASN I 11 -61.67 48.70 33.75
N VAL I 12 -61.20 48.69 35.00
CA VAL I 12 -60.82 47.44 35.66
C VAL I 12 -62.04 46.53 35.82
N GLY I 13 -63.16 47.09 36.28
CA GLY I 13 -64.38 46.31 36.41
C GLY I 13 -64.94 45.88 35.07
N LEU I 14 -64.84 46.76 34.06
CA LEU I 14 -65.28 46.39 32.71
C LEU I 14 -64.44 45.26 32.14
N THR I 15 -63.13 45.30 32.36
CA THR I 15 -62.25 44.23 31.87
C THR I 15 -62.51 42.93 32.61
N MET I 16 -62.81 43.01 33.91
CA MET I 16 -63.18 41.82 34.68
C MET I 16 -64.46 41.19 34.16
N ILE I 17 -65.47 42.01 33.86
CA ILE I 17 -66.74 41.50 33.32
C ILE I 17 -66.53 40.90 31.93
N VAL I 18 -65.71 41.56 31.10
CA VAL I 18 -65.44 41.07 29.74
C VAL I 18 -64.72 39.73 29.78
N CYS I 19 -63.74 39.58 30.69
CA CYS I 19 -63.02 38.30 30.76
C CYS I 19 -63.85 37.23 31.44
N ASN I 20 -64.81 37.61 32.29
CA ASN I 20 -65.79 36.64 32.77
C ASN I 20 -66.65 36.13 31.61
N ILE I 21 -67.05 37.03 30.72
CA ILE I 21 -67.82 36.64 29.52
C ILE I 21 -66.97 35.76 28.60
N VAL I 22 -65.67 36.07 28.52
CA VAL I 22 -64.74 35.25 27.73
C VAL I 22 -64.63 33.84 28.32
N ALA I 23 -64.60 33.75 29.65
CA ALA I 23 -64.61 32.43 30.31
C ALA I 23 -65.91 31.68 30.06
N ILE I 24 -67.04 32.40 30.05
CA ILE I 24 -68.33 31.80 29.66
C ILE I 24 -68.26 31.22 28.25
N ALA I 25 -67.73 31.99 27.29
CA ALA I 25 -67.66 31.52 25.91
C ALA I 25 -66.72 30.33 25.77
N PHE I 26 -65.57 30.38 26.45
CA PHE I 26 -64.59 29.30 26.38
C PHE I 26 -65.13 28.03 27.02
N ALA I 27 -65.87 28.15 28.12
CA ALA I 27 -66.41 26.99 28.79
C ALA I 27 -67.61 26.42 28.03
N LYS I 28 -68.39 27.29 27.38
CA LYS I 28 -69.50 26.80 26.57
C LYS I 28 -69.00 26.11 25.31
N TYR I 29 -67.80 26.48 24.85
CA TYR I 29 -67.25 25.84 23.67
C TYR I 29 -66.48 24.56 24.03
N THR I 30 -65.86 24.50 25.21
CA THR I 30 -64.83 23.50 25.46
C THR I 30 -65.11 22.52 26.59
N MET I 31 -66.06 22.80 27.49
CA MET I 31 -66.28 21.88 28.60
C MET I 31 -66.93 20.58 28.16
N LYS I 32 -66.74 19.53 28.97
CA LYS I 32 -67.27 18.21 28.67
C LYS I 32 -68.57 17.91 29.41
N GLU I 33 -68.65 18.22 30.70
CA GLU I 33 -69.86 18.03 31.49
C GLU I 33 -70.20 19.34 32.19
N PRO I 34 -70.91 20.23 31.51
CA PRO I 34 -71.32 21.47 32.17
C PRO I 34 -72.69 21.38 32.82
N GLY I 35 -73.44 20.32 32.54
CA GLY I 35 -74.81 20.23 33.03
C GLY I 35 -74.90 19.69 34.45
N ALA I 36 -73.77 19.30 35.02
CA ALA I 36 -73.76 18.81 36.39
C ALA I 36 -73.98 19.94 37.37
N GLY I 37 -74.91 19.74 38.30
CA GLY I 37 -75.25 20.74 39.27
C GLY I 37 -76.52 20.38 40.02
N PRO I 38 -76.61 20.79 41.29
CA PRO I 38 -77.81 20.47 42.08
C PRO I 38 -79.08 21.16 41.58
N LYS I 39 -79.08 22.50 41.53
CA LYS I 39 -80.24 23.29 41.15
C LYS I 39 -79.88 24.76 40.99
N LEU I 40 -80.54 25.44 40.07
CA LEU I 40 -80.52 26.89 39.96
C LEU I 40 -81.74 27.35 39.18
N PRO I 41 -82.45 28.35 39.68
CA PRO I 41 -83.53 28.95 38.89
C PRO I 41 -83.01 29.64 37.63
N GLY I 42 -83.81 29.56 36.58
CA GLY I 42 -83.48 30.20 35.32
C GLY I 42 -82.30 29.57 34.60
N GLU I 43 -82.44 28.31 34.18
CA GLU I 43 -81.36 27.65 33.46
C GLU I 43 -81.20 28.18 32.04
N ALA I 44 -82.23 28.82 31.49
CA ALA I 44 -82.11 29.42 30.16
C ALA I 44 -81.22 30.65 30.19
N PHE I 45 -81.26 31.41 31.29
CA PHE I 45 -80.41 32.59 31.40
C PHE I 45 -78.96 32.21 31.67
N PHE I 46 -78.73 31.11 32.40
CA PHE I 46 -77.39 30.66 32.71
C PHE I 46 -76.87 29.64 31.72
N GLY I 47 -77.44 29.58 30.53
CA GLY I 47 -76.91 28.76 29.44
C GLY I 47 -76.99 27.28 29.68
N GLY I 48 -77.83 26.85 30.62
CA GLY I 48 -77.97 25.43 30.92
C GLY I 48 -76.77 24.79 31.58
N MET I 49 -76.14 25.47 32.52
CA MET I 49 -75.12 24.86 33.38
C MET I 49 -75.63 24.85 34.81
N GLY I 50 -75.10 23.92 35.62
CA GLY I 50 -75.38 23.91 37.03
C GLY I 50 -74.53 24.91 37.79
N LEU I 51 -74.79 24.98 39.09
CA LEU I 51 -74.07 25.88 40.00
C LEU I 51 -72.57 25.62 40.11
N PRO I 52 -72.05 24.38 40.22
CA PRO I 52 -70.58 24.22 40.21
C PRO I 52 -69.93 24.65 38.90
N ALA I 53 -70.61 24.44 37.77
CA ALA I 53 -70.10 24.95 36.51
C ALA I 53 -70.10 26.47 36.50
N LEU I 54 -71.11 27.10 37.12
CA LEU I 54 -71.12 28.55 37.26
C LEU I 54 -69.95 29.04 38.11
N LEU I 55 -69.68 28.36 39.22
CA LEU I 55 -68.53 28.72 40.05
C LEU I 55 -67.21 28.52 39.31
N ALA I 56 -67.10 27.46 38.52
CA ALA I 56 -65.89 27.22 37.74
C ALA I 56 -65.66 28.30 36.69
N THR I 57 -66.72 28.68 35.95
CA THR I 57 -66.59 29.75 34.96
C THR I 57 -66.29 31.09 35.60
N THR I 58 -66.92 31.41 36.73
CA THR I 58 -66.65 32.69 37.38
C THR I 58 -65.24 32.73 37.95
N SER I 59 -64.77 31.60 38.49
CA SER I 59 -63.40 31.53 39.00
C SER I 59 -62.38 31.64 37.88
N PHE I 60 -62.61 30.95 36.75
CA PHE I 60 -61.70 31.07 35.61
C PHE I 60 -61.72 32.47 35.02
N GLY I 61 -62.88 33.11 34.98
CA GLY I 61 -62.94 34.51 34.59
C GLY I 61 -62.21 35.41 35.54
N HIS I 62 -62.20 35.08 36.83
CA HIS I 62 -61.44 35.88 37.78
C HIS I 62 -59.94 35.70 37.62
N LEU I 63 -59.49 34.46 37.34
CA LEU I 63 -58.07 34.24 37.02
C LEU I 63 -57.66 35.00 35.76
N LEU I 64 -58.44 34.87 34.68
CA LEU I 64 -58.13 35.57 33.44
C LEU I 64 -58.21 37.09 33.60
N GLY I 65 -59.20 37.59 34.34
CA GLY I 65 -59.33 39.00 34.56
C GLY I 65 -58.21 39.57 35.41
N ALA I 66 -57.80 38.83 36.44
CA ALA I 66 -56.65 39.26 37.25
C ALA I 66 -55.38 39.30 36.43
N GLY I 67 -55.16 38.28 35.59
CA GLY I 67 -53.99 38.26 34.74
C GLY I 67 -53.95 39.40 33.74
N VAL I 68 -55.07 39.64 33.05
CA VAL I 68 -55.09 40.72 32.07
C VAL I 68 -55.10 42.11 32.73
N ILE I 69 -55.69 42.25 33.92
CA ILE I 69 -55.72 43.55 34.58
C ILE I 69 -54.33 43.93 35.06
N LEU I 70 -53.61 42.97 35.66
CA LEU I 70 -52.25 43.26 36.09
C LEU I 70 -51.31 43.43 34.90
N GLY I 71 -51.51 42.64 33.84
CA GLY I 71 -50.68 42.79 32.65
C GLY I 71 -50.87 44.11 31.94
N LEU I 72 -52.13 44.53 31.76
CA LEU I 72 -52.40 45.78 31.07
C LEU I 72 -52.21 46.98 31.98
N ALA I 73 -52.15 46.77 33.30
CA ALA I 73 -51.70 47.83 34.20
C ALA I 73 -50.20 48.01 34.09
N SER I 74 -49.45 46.90 34.01
CA SER I 74 -48.00 47.00 33.85
C SER I 74 -47.62 47.57 32.50
N LEU I 75 -48.39 47.26 31.45
CA LEU I 75 -48.14 47.90 30.15
C LEU I 75 -48.57 49.35 30.16
N GLY I 76 -49.70 49.65 30.81
CA GLY I 76 -50.23 51.00 30.86
C GLY I 76 -51.56 51.19 30.18
N ALA I 77 -52.30 50.12 29.91
CA ALA I 77 -53.62 50.22 29.28
C ALA I 77 -54.67 50.56 30.35
N LEU I 78 -55.94 50.39 29.97
CA LEU I 78 -57.12 50.60 30.83
C LEU I 78 -57.21 52.03 31.37
N ILE J 1 -50.38 4.36 14.44
CA ILE J 1 -49.37 3.87 13.52
C ILE J 1 -48.11 3.49 14.28
N ASP J 2 -47.79 2.20 14.29
CA ASP J 2 -46.61 1.72 14.98
C ASP J 2 -45.37 1.95 14.12
N VAL J 3 -44.58 2.95 14.46
CA VAL J 3 -43.33 3.18 13.74
C VAL J 3 -42.26 2.21 14.25
N VAL J 4 -42.39 1.74 15.48
CA VAL J 4 -41.50 0.73 16.04
C VAL J 4 -42.17 -0.62 15.85
N ASN J 5 -41.75 -1.34 14.82
CA ASN J 5 -42.23 -2.68 14.54
C ASN J 5 -41.13 -3.69 14.81
N HIS J 6 -41.44 -4.96 14.62
CA HIS J 6 -40.40 -5.96 14.55
C HIS J 6 -39.86 -6.05 13.12
N GLY J 7 -38.89 -6.93 12.92
CA GLY J 7 -38.27 -7.05 11.61
C GLY J 7 -39.02 -7.94 10.64
N GLY J 8 -40.18 -8.44 11.04
CA GLY J 8 -40.91 -9.40 10.24
C GLY J 8 -41.09 -10.68 11.02
N ASP J 9 -40.28 -10.84 12.07
CA ASP J 9 -40.31 -12.04 12.89
C ASP J 9 -40.26 -11.56 14.33
N PRO J 10 -41.38 -11.58 15.06
CA PRO J 10 -41.40 -10.93 16.39
C PRO J 10 -40.62 -11.66 17.48
N GLN J 11 -40.43 -12.98 17.34
CA GLN J 11 -39.85 -13.75 18.43
C GLN J 11 -38.32 -13.70 18.39
N VAL J 12 -37.75 -13.07 17.36
CA VAL J 12 -36.34 -12.76 17.37
C VAL J 12 -36.10 -11.52 18.22
N GLY J 13 -35.10 -11.58 19.09
CA GLY J 13 -34.87 -10.52 20.05
C GLY J 13 -34.28 -9.25 19.47
N ASN J 14 -35.07 -8.54 18.67
CA ASN J 14 -34.68 -7.26 18.10
C ASN J 14 -35.94 -6.51 17.71
N LEU J 15 -35.82 -5.20 17.57
CA LEU J 15 -36.92 -4.33 17.18
C LEU J 15 -36.49 -3.44 16.03
N SER J 16 -37.41 -3.20 15.09
CA SER J 16 -37.13 -2.36 13.93
C SER J 16 -37.56 -0.94 14.26
N THR J 17 -36.76 -0.26 15.04
CA THR J 17 -36.97 1.13 15.39
C THR J 17 -36.51 2.02 14.24
N PRO J 18 -36.88 3.33 14.24
CA PRO J 18 -36.33 4.25 13.22
C PRO J 18 -34.82 4.32 13.15
N ILE J 19 -34.16 4.24 14.30
CA ILE J 19 -32.70 4.29 14.38
C ILE J 19 -32.16 2.97 13.86
N ASN J 20 -32.84 1.86 14.14
CA ASN J 20 -32.31 0.54 13.82
C ASN J 20 -32.39 0.26 12.33
N GLY J 21 -33.59 0.20 11.77
CA GLY J 21 -33.73 -0.30 10.42
C GLY J 21 -34.76 0.33 9.51
N SER J 22 -35.01 1.64 9.62
CA SER J 22 -36.20 2.17 8.97
C SER J 22 -36.06 2.37 7.47
N ALA J 23 -35.33 3.40 7.04
CA ALA J 23 -35.09 3.59 5.61
C ALA J 23 -33.68 4.11 5.34
N PHE J 24 -33.15 4.87 6.29
CA PHE J 24 -31.89 5.56 6.08
C PHE J 24 -30.75 4.85 6.78
N THR J 25 -31.07 3.88 7.65
CA THR J 25 -30.03 3.14 8.34
C THR J 25 -29.85 1.76 7.72
N LYS J 26 -30.86 1.24 7.01
CA LYS J 26 -30.63 0.04 6.20
C LYS J 26 -29.65 0.33 5.06
N ALA J 27 -29.89 1.40 4.29
CA ALA J 27 -28.86 1.99 3.46
C ALA J 27 -27.88 2.71 4.36
N PHE J 28 -26.64 2.95 3.90
CA PHE J 28 -25.54 3.61 4.62
C PHE J 28 -24.98 2.71 5.73
N ILE J 29 -25.62 1.58 6.02
CA ILE J 29 -24.94 0.50 6.74
C ILE J 29 -24.75 -0.67 5.80
N ASN J 30 -25.74 -0.90 4.92
CA ASN J 30 -25.52 -1.80 3.81
C ASN J 30 -24.67 -1.22 2.71
N ALA J 31 -24.28 0.06 2.81
CA ALA J 31 -23.47 0.73 1.81
C ALA J 31 -22.12 1.18 2.36
N LEU J 32 -21.81 0.83 3.61
CA LEU J 32 -20.49 0.92 4.22
C LEU J 32 -19.60 -0.16 3.62
N PRO J 33 -18.23 -0.05 3.75
CA PRO J 33 -17.35 -1.10 3.20
C PRO J 33 -17.66 -2.50 3.70
N ALA J 34 -17.86 -2.64 4.99
CA ALA J 34 -18.53 -3.82 5.52
C ALA J 34 -20.01 -3.73 5.13
N TYR J 35 -20.55 -4.84 4.63
CA TYR J 35 -21.92 -5.11 4.18
C TYR J 35 -22.22 -4.55 2.78
N ARG J 36 -21.25 -3.97 2.07
CA ARG J 36 -21.56 -3.57 0.70
C ARG J 36 -21.53 -4.78 -0.21
N LYS J 37 -22.35 -4.74 -1.26
CA LYS J 37 -22.69 -5.94 -2.01
C LYS J 37 -21.55 -6.40 -2.92
N GLY J 38 -20.89 -5.49 -3.62
CA GLY J 38 -19.98 -5.89 -4.67
C GLY J 38 -18.52 -6.00 -4.28
N LEU J 39 -18.14 -5.47 -3.14
CA LEU J 39 -16.74 -5.43 -2.74
C LEU J 39 -16.22 -6.78 -2.30
N SER J 40 -14.98 -7.04 -2.66
CA SER J 40 -14.21 -8.17 -2.16
C SER J 40 -13.45 -7.75 -0.91
N PRO J 41 -12.96 -8.70 -0.10
CA PRO J 41 -11.96 -8.35 0.91
C PRO J 41 -10.66 -7.92 0.23
N ASN J 42 -9.85 -7.16 0.98
CA ASN J 42 -8.67 -6.37 0.57
C ASN J 42 -9.16 -5.14 -0.21
N ARG J 43 -10.47 -4.91 -0.21
CA ARG J 43 -11.02 -3.64 -0.66
C ARG J 43 -11.91 -3.03 0.42
N ARG J 44 -12.73 -3.87 1.06
CA ARG J 44 -13.42 -3.48 2.29
C ARG J 44 -12.41 -3.09 3.36
N GLY J 45 -11.39 -3.94 3.54
CA GLY J 45 -10.35 -3.64 4.51
C GLY J 45 -9.56 -2.40 4.15
N LEU J 46 -9.35 -2.18 2.85
CA LEU J 46 -8.64 -0.98 2.39
C LEU J 46 -9.41 0.28 2.73
N GLU J 47 -10.71 0.30 2.45
CA GLU J 47 -11.54 1.47 2.76
C GLU J 47 -11.66 1.70 4.26
N VAL J 48 -11.90 0.63 5.01
CA VAL J 48 -12.04 0.72 6.47
C VAL J 48 -10.74 1.19 7.11
N GLY J 49 -9.61 0.63 6.66
CA GLY J 49 -8.33 1.03 7.20
C GLY J 49 -7.95 2.45 6.83
N MET J 50 -8.32 2.90 5.63
CA MET J 50 -8.01 4.28 5.23
C MET J 50 -8.78 5.27 6.09
N ALA J 51 -10.07 4.99 6.33
CA ALA J 51 -10.86 5.85 7.21
C ALA J 51 -10.32 5.83 8.64
N HIS J 52 -9.93 4.65 9.12
CA HIS J 52 -9.49 4.53 10.51
C HIS J 52 -8.13 5.19 10.72
N GLY J 53 -7.20 4.98 9.80
CA GLY J 53 -5.89 5.61 9.86
C GLY J 53 -5.98 7.11 9.70
N TYR J 54 -6.93 7.61 8.93
CA TYR J 54 -7.14 9.04 8.84
C TYR J 54 -7.73 9.63 10.11
N LEU J 55 -8.68 8.95 10.75
CA LEU J 55 -9.29 9.52 11.95
C LEU J 55 -8.38 9.40 13.15
N LEU J 56 -7.53 8.36 13.18
CA LEU J 56 -6.70 8.12 14.35
C LEU J 56 -5.47 9.03 14.40
N TYR J 57 -5.23 9.84 13.38
CA TYR J 57 -4.22 10.89 13.45
C TYR J 57 -4.91 12.18 13.92
N GLY J 58 -5.73 12.05 14.94
CA GLY J 58 -6.28 13.19 15.62
C GLY J 58 -6.02 13.25 17.11
N PRO J 59 -6.13 12.11 17.81
CA PRO J 59 -5.72 12.11 19.22
C PRO J 59 -4.29 11.65 19.44
N PHE J 60 -3.49 11.47 18.40
CA PHE J 60 -2.07 11.23 18.62
C PHE J 60 -1.23 12.44 18.21
N ALA J 61 -1.65 13.17 17.18
CA ALA J 61 -0.89 14.31 16.68
C ALA J 61 -0.92 15.49 17.64
N VAL J 62 -2.12 15.84 18.14
CA VAL J 62 -2.21 17.02 19.00
C VAL J 62 -2.37 16.60 20.46
N LEU J 63 -2.45 15.30 20.72
CA LEU J 63 -2.56 14.80 22.10
C LEU J 63 -1.51 13.71 22.32
N GLY J 64 -0.38 14.13 22.85
CA GLY J 64 0.71 13.22 23.09
C GLY J 64 1.77 13.80 23.99
N PRO J 65 2.80 13.01 24.29
CA PRO J 65 3.90 13.55 25.08
C PRO J 65 4.73 14.59 24.35
N LEU J 66 4.66 14.60 23.02
CA LEU J 66 5.48 15.49 22.20
C LEU J 66 4.68 16.59 21.54
N ARG J 67 3.45 16.85 21.99
CA ARG J 67 2.54 17.75 21.28
C ARG J 67 2.97 19.21 21.34
N LEU J 68 3.83 19.59 22.28
CA LEU J 68 4.43 20.92 22.31
C LEU J 68 5.74 20.99 21.54
N THR J 69 6.14 19.89 20.91
CA THR J 69 7.43 19.75 20.24
C THR J 69 7.17 19.57 18.75
N GLU J 70 8.09 20.09 17.92
CA GLU J 70 8.06 19.93 16.48
C GLU J 70 8.09 18.48 16.01
N TYR J 71 8.59 17.56 16.85
CA TYR J 71 8.52 16.12 16.60
C TYR J 71 7.14 15.54 16.88
N GLY J 72 6.20 16.36 17.34
CA GLY J 72 4.87 15.91 17.70
C GLY J 72 4.02 15.29 16.61
N PRO J 73 3.91 15.95 15.45
CA PRO J 73 3.26 15.28 14.31
C PRO J 73 3.92 13.99 13.86
N THR J 74 5.26 13.91 13.88
CA THR J 74 5.94 12.69 13.51
C THR J 74 5.70 11.59 14.53
N ALA J 75 5.71 11.95 15.82
CA ALA J 75 5.42 10.98 16.86
C ALA J 75 3.98 10.52 16.81
N GLY J 76 3.05 11.41 16.43
CA GLY J 76 1.67 11.01 16.25
C GLY J 76 1.49 10.08 15.06
N LEU J 77 2.25 10.32 13.99
CA LEU J 77 2.24 9.40 12.86
C LEU J 77 2.77 8.02 13.24
N LEU J 78 3.87 7.99 14.00
CA LEU J 78 4.44 6.72 14.44
C LEU J 78 3.51 5.98 15.39
N ALA J 79 2.82 6.72 16.27
CA ALA J 79 1.86 6.10 17.17
C ALA J 79 0.64 5.56 16.42
N THR J 80 0.19 6.28 15.39
CA THR J 80 -0.92 5.80 14.57
C THR J 80 -0.52 4.54 13.79
N ILE J 81 0.71 4.52 13.29
CA ILE J 81 1.24 3.35 12.60
C ILE J 81 1.33 2.16 13.56
N GLY J 82 1.78 2.40 14.78
CA GLY J 82 1.85 1.33 15.77
C GLY J 82 0.49 0.79 16.17
N LEU J 83 -0.49 1.68 16.35
CA LEU J 83 -1.84 1.24 16.68
C LEU J 83 -2.49 0.48 15.53
N VAL J 84 -2.26 0.94 14.28
CA VAL J 84 -2.77 0.23 13.11
C VAL J 84 -2.12 -1.14 12.97
N SER J 85 -0.82 -1.24 13.27
CA SER J 85 -0.13 -2.53 13.25
C SER J 85 -0.65 -3.48 14.33
N ILE J 86 -0.91 -2.96 15.54
CA ILE J 86 -1.47 -3.78 16.61
C ILE J 86 -2.87 -4.27 16.24
N LEU J 87 -3.69 -3.38 15.66
CA LEU J 87 -5.02 -3.76 15.22
C LEU J 87 -4.99 -4.76 14.07
N THR J 88 -3.98 -4.65 13.18
CA THR J 88 -3.82 -5.63 12.12
C THR J 88 -3.41 -6.98 12.66
N ILE J 89 -2.54 -7.00 13.67
CA ILE J 89 -2.18 -8.26 14.34
C ILE J 89 -3.40 -8.87 15.00
N CYS J 90 -4.25 -8.05 15.61
CA CYS J 90 -5.50 -8.51 16.22
C CYS J 90 -6.46 -9.09 15.18
N LEU J 91 -6.62 -8.41 14.04
CA LEU J 91 -7.44 -8.93 12.95
C LEU J 91 -6.89 -10.23 12.38
N SER J 92 -5.57 -10.32 12.22
CA SER J 92 -4.93 -11.51 11.70
C SER J 92 -5.09 -12.70 12.62
N ILE J 93 -4.92 -12.51 13.94
CA ILE J 93 -5.11 -13.63 14.85
C ILE J 93 -6.58 -13.98 15.02
N TYR J 94 -7.50 -13.00 14.90
CA TYR J 94 -8.92 -13.29 14.93
C TYR J 94 -9.33 -14.15 13.74
N GLY J 95 -8.78 -13.85 12.56
CA GLY J 95 -9.01 -14.70 11.41
C GLY J 95 -8.32 -16.05 11.53
N ALA J 96 -7.13 -16.07 12.13
CA ALA J 96 -6.34 -17.29 12.17
C ALA J 96 -6.91 -18.30 13.16
N VAL J 97 -7.64 -17.83 14.16
CA VAL J 97 -8.41 -18.74 15.01
C VAL J 97 -9.48 -19.47 14.19
N GLY J 98 -10.20 -18.74 13.36
CA GLY J 98 -11.28 -19.33 12.59
C GLY J 98 -12.55 -18.55 12.80
N VAL J 99 -13.13 -18.03 11.72
CA VAL J 99 -14.26 -17.13 11.79
C VAL J 99 -15.51 -17.89 11.37
N SER J 100 -16.65 -17.46 11.88
CA SER J 100 -17.94 -17.99 11.46
C SER J 100 -18.62 -16.98 10.53
N LYS J 101 -19.81 -17.32 10.09
CA LYS J 101 -20.58 -16.40 9.26
C LYS J 101 -21.08 -15.26 10.15
N PRO J 102 -20.93 -14.00 9.71
CA PRO J 102 -21.23 -12.86 10.60
C PRO J 102 -22.71 -12.76 10.91
N THR J 103 -23.01 -12.10 12.03
CA THR J 103 -24.37 -12.05 12.55
C THR J 103 -25.28 -11.24 11.64
N GLU J 104 -26.39 -11.84 11.24
CA GLU J 104 -27.41 -11.21 10.41
C GLU J 104 -28.44 -10.56 11.30
N THR J 105 -28.66 -9.26 11.11
CA THR J 105 -29.60 -8.50 11.92
C THR J 105 -30.68 -7.91 11.02
N LEU J 106 -31.52 -7.08 11.62
CA LEU J 106 -32.56 -6.39 10.87
C LEU J 106 -31.97 -5.30 9.98
N THR J 107 -30.92 -4.64 10.47
CA THR J 107 -30.25 -3.61 9.67
C THR J 107 -29.51 -4.23 8.50
N THR J 108 -28.91 -5.40 8.72
CA THR J 108 -28.10 -6.09 7.70
C THR J 108 -28.67 -7.49 7.51
N PRO J 109 -29.70 -7.64 6.66
CA PRO J 109 -30.20 -8.99 6.37
C PRO J 109 -29.23 -9.84 5.59
N GLU J 110 -28.33 -9.23 4.84
CA GLU J 110 -27.30 -9.95 4.09
C GLU J 110 -25.93 -9.51 4.58
N VAL J 111 -25.16 -10.45 5.09
CA VAL J 111 -23.80 -10.20 5.58
C VAL J 111 -22.85 -10.71 4.51
N PRO J 112 -21.63 -10.17 4.45
CA PRO J 112 -20.67 -10.64 3.44
C PRO J 112 -20.24 -12.08 3.66
N MET J 113 -20.56 -12.94 2.69
CA MET J 113 -20.12 -14.33 2.68
C MET J 113 -18.62 -14.47 2.53
N ASP J 114 -17.95 -13.48 1.95
CA ASP J 114 -16.50 -13.53 1.77
C ASP J 114 -15.73 -13.30 3.05
N LEU J 115 -16.36 -12.73 4.09
CA LEU J 115 -15.75 -12.58 5.40
C LEU J 115 -16.06 -13.76 6.32
N ALA J 116 -16.74 -14.78 5.82
CA ALA J 116 -17.08 -15.96 6.62
C ALA J 116 -16.00 -17.02 6.57
N THR J 117 -14.89 -16.76 5.89
CA THR J 117 -13.80 -17.71 5.76
C THR J 117 -12.53 -17.09 6.30
N LYS J 118 -11.56 -17.95 6.64
CA LYS J 118 -10.29 -17.47 7.16
C LYS J 118 -9.48 -16.75 6.10
N GLU J 119 -9.62 -17.17 4.84
CA GLU J 119 -8.89 -16.53 3.75
C GLU J 119 -9.42 -15.14 3.47
N GLY J 120 -10.73 -14.94 3.61
CA GLY J 120 -11.30 -13.61 3.41
C GLY J 120 -10.89 -12.63 4.49
N TRP J 121 -10.84 -13.10 5.74
CA TRP J 121 -10.40 -12.24 6.84
C TRP J 121 -8.91 -11.96 6.81
N SER J 122 -8.11 -12.78 6.12
CA SER J 122 -6.71 -12.45 5.92
C SER J 122 -6.56 -11.32 4.91
N GLU J 123 -7.34 -11.36 3.83
CA GLU J 123 -7.37 -10.26 2.88
C GLU J 123 -7.89 -8.98 3.51
N PHE J 124 -8.89 -9.10 4.38
CA PHE J 124 -9.40 -7.93 5.12
C PHE J 124 -8.32 -7.34 6.02
N ALA J 125 -7.54 -8.20 6.69
CA ALA J 125 -6.48 -7.72 7.57
C ALA J 125 -5.35 -7.05 6.78
N GLY J 126 -4.98 -7.62 5.63
CA GLY J 126 -3.95 -7.01 4.80
C GLY J 126 -4.39 -5.68 4.23
N GLY J 127 -5.65 -5.61 3.77
CA GLY J 127 -6.20 -4.34 3.33
C GLY J 127 -6.29 -3.32 4.44
N PHE J 128 -6.60 -3.77 5.66
CA PHE J 128 -6.62 -2.86 6.80
C PHE J 128 -5.23 -2.32 7.09
N LEU J 129 -4.19 -3.16 6.97
CA LEU J 129 -2.83 -2.70 7.17
C LEU J 129 -2.43 -1.63 6.16
N LEU J 130 -2.64 -1.93 4.87
CA LEU J 130 -2.27 -0.98 3.82
C LEU J 130 -3.09 0.29 3.90
N GLY J 131 -4.40 0.18 4.17
CA GLY J 131 -5.25 1.34 4.34
C GLY J 131 -4.90 2.17 5.55
N GLY J 132 -4.62 1.56 6.69
CA GLY J 132 -4.26 2.27 7.89
C GLY J 132 -2.96 3.02 7.74
N CYS J 133 -1.95 2.36 7.15
CA CYS J 133 -0.69 3.03 6.88
C CYS J 133 -0.87 4.19 5.90
N GLY J 134 -1.63 3.99 4.83
CA GLY J 134 -1.89 5.04 3.87
C GLY J 134 -2.68 6.21 4.43
N GLY J 135 -3.71 5.93 5.21
CA GLY J 135 -4.50 6.98 5.83
C GLY J 135 -3.75 7.77 6.88
N ALA J 136 -2.98 7.09 7.72
CA ALA J 136 -2.12 7.76 8.70
C ALA J 136 -1.07 8.62 8.03
N PHE J 137 -0.42 8.11 6.97
CA PHE J 137 0.56 8.90 6.26
C PHE J 137 -0.06 10.07 5.50
N PHE J 138 -1.26 9.89 4.96
CA PHE J 138 -1.95 10.98 4.27
C PHE J 138 -2.35 12.08 5.23
N ALA J 139 -2.86 11.70 6.41
CA ALA J 139 -3.20 12.69 7.41
C ALA J 139 -1.96 13.40 7.94
N PHE J 140 -0.85 12.65 8.09
CA PHE J 140 0.42 13.26 8.48
C PHE J 140 0.89 14.28 7.44
N PHE J 141 0.81 13.90 6.16
CA PHE J 141 1.25 14.78 5.08
C PHE J 141 0.38 16.03 5.00
N LEU J 142 -0.94 15.86 5.14
CA LEU J 142 -1.85 17.01 5.11
C LEU J 142 -1.64 17.92 6.30
N CYS J 143 -1.40 17.36 7.49
CA CYS J 143 -1.19 18.19 8.67
C CYS J 143 0.18 18.84 8.67
N GLN J 144 1.14 18.24 7.97
CA GLN J 144 2.53 18.67 8.10
C GLN J 144 2.92 19.67 7.02
N THR J 145 2.36 19.53 5.81
CA THR J 145 2.85 20.33 4.69
C THR J 145 2.55 21.84 4.75
N PRO J 146 1.40 22.33 5.23
CA PRO J 146 1.31 23.78 5.46
C PRO J 146 2.03 24.24 6.73
N HIS J 147 2.33 23.30 7.64
CA HIS J 147 3.13 23.44 8.86
C HIS J 147 2.44 24.22 9.96
N LEU J 148 1.32 24.91 9.66
CA LEU J 148 0.49 25.47 10.70
C LEU J 148 -0.92 24.92 10.53
N GLN J 149 -1.55 25.13 9.34
CA GLN J 149 -2.90 24.73 8.95
C GLN J 149 -3.94 24.98 10.04
N PRO J 150 -4.45 26.21 10.16
CA PRO J 150 -5.13 26.63 11.40
C PRO J 150 -6.43 25.89 11.75
N LEU J 151 -6.83 24.88 10.96
CA LEU J 151 -7.83 23.93 11.44
C LEU J 151 -7.30 23.09 12.58
N ILE J 152 -6.00 22.78 12.58
CA ILE J 152 -5.34 22.11 13.70
C ILE J 152 -5.18 23.05 14.90
N GLU J 153 -5.17 24.37 14.68
CA GLU J 153 -5.23 25.31 15.78
C GLU J 153 -6.54 25.19 16.54
N VAL J 154 -7.63 24.90 15.83
CA VAL J 154 -8.89 24.49 16.44
C VAL J 154 -8.69 23.05 16.92
N ALA J 155 -9.26 22.73 18.09
CA ALA J 155 -9.18 21.44 18.79
C ALA J 155 -7.78 21.12 19.32
N SER J 156 -6.86 22.09 19.22
CA SER J 156 -5.66 22.08 20.04
C SER J 156 -5.65 23.26 21.00
N ASN J 157 -6.34 24.34 20.67
CA ASN J 157 -6.65 25.37 21.65
C ASN J 157 -7.66 24.85 22.67
N ILE J 158 -8.60 24.01 22.22
CA ILE J 158 -9.46 23.28 23.14
C ILE J 158 -8.67 22.27 23.96
N TRP J 159 -7.79 21.49 23.32
CA TRP J 159 -7.00 20.50 24.02
C TRP J 159 -5.65 21.10 24.37
N SER J 160 -5.64 22.20 25.10
CA SER J 160 -4.42 22.96 25.36
C SER J 160 -3.49 22.24 26.33
N SER K 1 33.46 -0.78 38.52
CA SER K 1 32.26 -1.30 37.87
C SER K 1 32.62 -2.38 36.86
N ILE K 2 31.61 -3.15 36.44
CA ILE K 2 31.82 -4.19 35.43
C ILE K 2 31.95 -3.54 34.07
N SER K 3 32.49 -4.27 33.11
CA SER K 3 32.74 -3.74 31.78
C SER K 3 31.51 -3.92 30.89
N GLU K 4 31.56 -3.30 29.71
CA GLU K 4 30.45 -3.43 28.77
C GLU K 4 30.38 -4.83 28.19
N THR K 5 31.54 -5.46 27.98
CA THR K 5 31.57 -6.80 27.40
C THR K 5 31.04 -7.85 28.37
N GLN K 6 31.19 -7.59 29.68
CA GLN K 6 30.71 -8.54 30.69
C GLN K 6 29.18 -8.62 30.70
N VAL K 7 28.50 -7.54 30.29
CA VAL K 7 27.05 -7.57 30.21
C VAL K 7 26.59 -8.45 29.05
N PHE K 8 27.27 -8.35 27.91
CA PHE K 8 26.92 -9.20 26.77
C PHE K 8 27.35 -10.64 27.01
N VAL K 9 28.42 -10.85 27.78
CA VAL K 9 28.83 -12.20 28.14
C VAL K 9 27.78 -12.83 29.06
N ALA K 10 27.27 -12.07 30.02
CA ALA K 10 26.23 -12.58 30.91
C ALA K 10 24.92 -12.80 30.18
N LEU K 11 24.67 -12.05 29.10
CA LEU K 11 23.44 -12.27 28.33
C LEU K 11 23.50 -13.55 27.53
N VAL K 12 24.62 -13.82 26.86
CA VAL K 12 24.73 -15.07 26.10
C VAL K 12 24.96 -16.27 27.01
N ILE K 13 25.43 -16.05 28.24
CA ILE K 13 25.38 -17.12 29.25
C ILE K 13 23.93 -17.38 29.64
N ALA K 14 23.13 -16.32 29.79
CA ALA K 14 21.72 -16.45 30.18
C ALA K 14 20.86 -17.08 29.10
N LEU K 15 21.35 -17.19 27.87
CA LEU K 15 20.62 -17.94 26.85
C LEU K 15 20.68 -19.44 27.09
N ILE K 16 21.64 -19.92 27.88
CA ILE K 16 21.75 -21.35 28.18
C ILE K 16 20.64 -21.77 29.15
N PRO K 17 20.30 -21.02 30.21
CA PRO K 17 19.00 -21.30 30.86
C PRO K 17 17.82 -20.81 30.05
N GLY K 18 18.02 -19.94 29.07
CA GLY K 18 16.92 -19.54 28.21
C GLY K 18 16.42 -20.69 27.34
N ILE K 19 17.35 -21.43 26.74
CA ILE K 19 16.98 -22.58 25.92
C ILE K 19 16.46 -23.72 26.79
N LEU K 20 17.13 -23.98 27.91
CA LEU K 20 16.78 -25.13 28.74
C LEU K 20 15.46 -24.94 29.48
N ALA K 21 15.05 -23.69 29.72
CA ALA K 21 13.71 -23.45 30.25
C ALA K 21 12.64 -23.73 29.21
N PHE K 22 12.93 -23.41 27.95
CA PHE K 22 12.02 -23.76 26.87
C PHE K 22 11.95 -25.27 26.66
N ARG K 23 13.07 -25.97 26.88
CA ARG K 23 13.08 -27.42 26.71
C ARG K 23 12.36 -28.11 27.86
N LEU K 24 12.47 -27.59 29.08
CA LEU K 24 11.76 -28.19 30.20
C LEU K 24 10.26 -27.91 30.14
N ALA K 25 9.88 -26.72 29.70
CA ALA K 25 8.46 -26.35 29.69
C ALA K 25 7.67 -27.16 28.67
N THR K 26 8.29 -27.48 27.52
CA THR K 26 7.61 -28.31 26.53
C THR K 26 7.51 -29.76 26.99
N GLU K 27 8.52 -30.26 27.69
CA GLU K 27 8.46 -31.63 28.20
C GLU K 27 7.57 -31.73 29.43
N LEU K 28 7.44 -30.64 30.19
CA LEU K 28 6.45 -30.63 31.27
C LEU K 28 5.03 -30.58 30.73
N TYR K 29 4.86 -29.99 29.53
CA TYR K 29 3.56 -30.01 28.87
C TYR K 29 3.19 -31.42 28.45
N LYS K 30 4.14 -32.19 27.95
CA LYS K 30 3.89 -33.57 27.53
C LYS K 30 3.65 -34.49 28.72
N LYS L 1 -7.49 9.23 -81.86
CA LYS L 1 -8.00 9.14 -80.50
C LYS L 1 -8.70 10.42 -80.08
N ALA L 2 -8.11 11.57 -80.40
CA ALA L 2 -8.66 12.88 -80.05
C ALA L 2 -9.01 13.61 -81.34
N LYS L 3 -10.29 13.67 -81.65
CA LYS L 3 -10.78 14.32 -82.86
C LYS L 3 -11.95 15.22 -82.51
N VAL L 4 -12.28 16.11 -83.44
CA VAL L 4 -13.42 17.01 -83.27
C VAL L 4 -14.63 16.43 -84.00
N ILE L 5 -15.65 16.06 -83.25
CA ILE L 5 -16.92 15.60 -83.80
C ILE L 5 -18.04 16.30 -83.05
N VAL L 6 -18.99 16.88 -83.81
CA VAL L 6 -20.07 17.67 -83.24
C VAL L 6 -21.38 17.23 -83.89
N ASP L 7 -22.48 17.62 -83.25
CA ASP L 7 -23.81 17.51 -83.82
C ASP L 7 -24.23 18.91 -84.30
N LYS L 8 -24.76 18.96 -85.52
CA LYS L 8 -25.18 20.23 -86.09
C LYS L 8 -26.65 20.50 -85.78
N ASP L 9 -26.89 21.67 -85.18
CA ASP L 9 -28.19 22.18 -84.74
C ASP L 9 -28.96 21.19 -83.86
N PRO L 10 -28.48 20.87 -82.65
CA PRO L 10 -29.25 19.92 -81.83
C PRO L 10 -30.44 20.56 -81.13
N VAL L 11 -30.31 21.82 -80.72
CA VAL L 11 -31.37 22.53 -80.02
C VAL L 11 -31.71 23.77 -80.85
N PRO L 12 -32.96 23.93 -81.31
CA PRO L 12 -33.33 25.14 -82.03
C PRO L 12 -33.38 26.35 -81.10
N THR L 13 -33.10 27.52 -81.68
CA THR L 13 -33.10 28.77 -80.93
C THR L 13 -34.48 29.42 -81.08
N SER L 14 -35.33 29.22 -80.08
CA SER L 14 -36.66 29.78 -80.09
C SER L 14 -36.99 30.33 -78.71
N PHE L 15 -37.89 31.30 -78.66
CA PHE L 15 -38.32 31.94 -77.43
C PHE L 15 -39.53 31.28 -76.80
N GLU L 16 -39.99 30.15 -77.34
CA GLU L 16 -41.18 29.51 -76.80
C GLU L 16 -40.93 28.89 -75.44
N LYS L 17 -39.71 28.42 -75.18
CA LYS L 17 -39.36 27.89 -73.87
C LYS L 17 -38.96 28.97 -72.87
N TRP L 18 -38.75 30.20 -73.33
CA TRP L 18 -38.48 31.29 -72.40
C TRP L 18 -39.72 31.64 -71.58
N GLY L 19 -40.89 31.54 -72.20
CA GLY L 19 -42.15 31.78 -71.54
C GLY L 19 -42.75 30.59 -70.84
N LYS L 20 -42.01 29.49 -70.76
CA LYS L 20 -42.46 28.29 -70.08
C LYS L 20 -41.44 27.93 -69.01
N PRO L 21 -41.51 28.55 -67.82
CA PRO L 21 -40.54 28.23 -66.77
C PRO L 21 -40.75 26.83 -66.21
N GLY L 22 -39.66 26.23 -65.75
CA GLY L 22 -39.71 24.88 -65.26
C GLY L 22 -39.70 23.82 -66.34
N HIS L 23 -39.30 24.19 -67.57
CA HIS L 23 -39.25 23.26 -68.67
C HIS L 23 -38.17 22.20 -68.50
N PHE L 24 -37.12 22.50 -67.74
CA PHE L 24 -35.99 21.60 -67.62
C PHE L 24 -36.27 20.39 -66.74
N ASP L 25 -37.26 20.47 -65.85
CA ASP L 25 -37.62 19.36 -64.99
C ASP L 25 -39.04 18.90 -65.31
N ARG L 26 -39.26 17.59 -65.19
CA ARG L 26 -40.59 17.05 -65.43
C ARG L 26 -41.54 17.44 -64.31
N THR L 27 -41.06 17.44 -63.06
CA THR L 27 -41.92 17.80 -61.93
C THR L 27 -42.25 19.29 -61.92
N LEU L 28 -41.36 20.13 -62.43
CA LEU L 28 -41.58 21.57 -62.47
C LEU L 28 -42.50 21.99 -63.61
N ALA L 29 -42.80 21.09 -64.55
CA ALA L 29 -43.57 21.44 -65.73
C ALA L 29 -45.07 21.28 -65.57
N ARG L 30 -45.54 20.67 -64.47
CA ARG L 30 -46.98 20.52 -64.26
C ARG L 30 -47.66 21.84 -63.92
N GLY L 31 -46.91 22.85 -63.47
CA GLY L 31 -47.49 24.12 -63.12
C GLY L 31 -47.34 24.43 -61.65
N PRO L 32 -47.29 25.72 -61.31
CA PRO L 32 -47.15 26.16 -59.92
C PRO L 32 -48.42 26.04 -59.08
N LYS L 33 -48.64 24.87 -58.50
CA LYS L 33 -49.77 24.71 -57.59
C LYS L 33 -49.49 25.34 -56.24
N THR L 34 -48.24 25.28 -55.77
CA THR L 34 -47.81 25.86 -54.51
C THR L 34 -46.61 26.77 -54.76
N THR L 35 -46.27 27.58 -53.76
CA THR L 35 -45.09 28.44 -53.86
C THR L 35 -43.78 27.69 -53.75
N THR L 36 -43.81 26.41 -53.37
CA THR L 36 -42.60 25.59 -53.40
C THR L 36 -42.11 25.37 -54.82
N TRP L 37 -43.01 25.46 -55.80
CA TRP L 37 -42.63 25.42 -57.21
C TRP L 37 -41.69 26.54 -57.58
N ILE L 38 -41.91 27.74 -57.04
CA ILE L 38 -41.08 28.89 -57.34
C ILE L 38 -39.66 28.69 -56.83
N TRP L 39 -39.51 28.19 -55.60
CA TRP L 39 -38.18 27.95 -55.07
C TRP L 39 -37.50 26.74 -55.71
N ASN L 40 -38.29 25.73 -56.10
CA ASN L 40 -37.73 24.60 -56.83
C ASN L 40 -37.29 24.98 -58.23
N LEU L 41 -37.89 26.04 -58.80
CA LEU L 41 -37.46 26.55 -60.09
C LEU L 41 -36.02 27.07 -60.04
N HIS L 42 -35.62 27.67 -58.92
CA HIS L 42 -34.28 28.23 -58.82
C HIS L 42 -33.31 27.24 -58.20
N ALA L 43 -33.79 26.34 -57.34
CA ALA L 43 -32.92 25.37 -56.71
C ALA L 43 -32.40 24.34 -57.70
N ASP L 44 -33.19 24.01 -58.72
CA ASP L 44 -32.83 22.99 -59.69
C ASP L 44 -32.61 23.56 -61.09
N ALA L 45 -32.33 24.86 -61.20
CA ALA L 45 -32.14 25.46 -62.52
C ALA L 45 -30.82 25.05 -63.14
N HIS L 46 -29.78 24.91 -62.33
CA HIS L 46 -28.45 24.56 -62.83
C HIS L 46 -28.08 23.11 -62.60
N ASP L 47 -28.88 22.37 -61.84
CA ASP L 47 -28.60 20.95 -61.60
C ASP L 47 -28.95 20.18 -62.87
N PHE L 48 -27.97 20.11 -63.78
CA PHE L 48 -28.19 19.51 -65.08
C PHE L 48 -28.32 17.99 -65.01
N ASP L 49 -27.80 17.37 -63.96
CA ASP L 49 -27.90 15.92 -63.81
C ASP L 49 -29.33 15.49 -63.50
N SER L 50 -30.04 16.28 -62.71
CA SER L 50 -31.44 15.95 -62.41
C SER L 50 -32.36 16.26 -63.57
N GLN L 51 -31.91 17.10 -64.51
CA GLN L 51 -32.75 17.42 -65.66
C GLN L 51 -32.74 16.30 -66.69
N THR L 52 -31.56 15.97 -67.23
CA THR L 52 -31.43 14.92 -68.22
C THR L 52 -30.54 13.82 -67.67
N SER L 53 -30.81 12.59 -68.10
CA SER L 53 -30.01 11.44 -67.69
C SER L 53 -28.84 11.17 -68.62
N ASP L 54 -28.77 11.84 -69.76
CA ASP L 54 -27.71 11.61 -70.73
C ASP L 54 -26.52 12.52 -70.41
N LEU L 55 -25.35 11.91 -70.23
CA LEU L 55 -24.16 12.66 -69.84
C LEU L 55 -23.68 13.60 -70.95
N GLU L 56 -23.97 13.26 -72.21
CA GLU L 56 -23.60 14.11 -73.33
C GLU L 56 -24.34 15.45 -73.29
N ASP L 57 -25.66 15.41 -73.03
CA ASP L 57 -26.45 16.62 -72.94
C ASP L 57 -26.04 17.46 -71.72
N ILE L 58 -25.71 16.79 -70.61
CA ILE L 58 -25.23 17.47 -69.42
C ILE L 58 -23.92 18.18 -69.68
N SER L 59 -22.99 17.51 -70.36
CA SER L 59 -21.71 18.12 -70.69
C SER L 59 -21.86 19.26 -71.68
N ARG L 60 -22.81 19.14 -72.62
CA ARG L 60 -23.09 20.23 -73.55
C ARG L 60 -23.64 21.46 -72.83
N LYS L 61 -24.56 21.24 -71.88
CA LYS L 61 -25.10 22.33 -71.08
C LYS L 61 -24.02 23.00 -70.25
N ILE L 62 -23.13 22.20 -69.66
CA ILE L 62 -22.04 22.74 -68.85
C ILE L 62 -21.07 23.55 -69.71
N PHE L 63 -20.71 23.03 -70.88
CA PHE L 63 -19.79 23.72 -71.79
C PHE L 63 -20.39 25.03 -72.28
N SER L 64 -21.68 25.04 -72.60
CA SER L 64 -22.31 26.28 -73.05
C SER L 64 -22.56 27.26 -71.91
N ALA L 65 -22.75 26.78 -70.68
CA ALA L 65 -22.92 27.67 -69.54
C ALA L 65 -21.62 28.30 -69.08
N HIS L 66 -20.49 27.61 -69.30
CA HIS L 66 -19.18 28.21 -69.02
C HIS L 66 -18.94 29.45 -69.86
N PHE L 67 -19.39 29.46 -71.12
CA PHE L 67 -19.23 30.62 -71.97
C PHE L 67 -20.07 31.79 -71.48
N GLY L 68 -21.29 31.52 -71.01
CA GLY L 68 -22.10 32.58 -70.44
C GLY L 68 -21.52 33.14 -69.16
N HIS L 69 -20.95 32.27 -68.32
CA HIS L 69 -20.26 32.75 -67.12
C HIS L 69 -19.03 33.58 -67.47
N LEU L 70 -18.27 33.16 -68.48
CA LEU L 70 -17.14 33.95 -68.94
C LEU L 70 -17.57 35.28 -69.53
N ALA L 71 -18.72 35.32 -70.20
CA ALA L 71 -19.26 36.57 -70.69
C ALA L 71 -19.64 37.50 -69.54
N VAL L 72 -20.22 36.95 -68.48
CA VAL L 72 -20.55 37.75 -67.29
C VAL L 72 -19.29 38.30 -66.64
N VAL L 73 -18.25 37.47 -66.51
CA VAL L 73 -16.97 37.91 -65.92
C VAL L 73 -16.31 38.96 -66.80
N PHE L 74 -16.41 38.81 -68.13
CA PHE L 74 -15.83 39.79 -69.03
C PHE L 74 -16.60 41.11 -69.02
N VAL L 75 -17.93 41.05 -68.85
CA VAL L 75 -18.70 42.28 -68.65
C VAL L 75 -18.27 42.98 -67.37
N TRP L 76 -18.03 42.20 -66.30
CA TRP L 76 -17.55 42.77 -65.05
C TRP L 76 -16.18 43.42 -65.20
N LEU L 77 -15.25 42.73 -65.86
CA LEU L 77 -13.90 43.25 -66.05
C LEU L 77 -13.89 44.48 -66.95
N SER L 78 -14.71 44.47 -68.00
CA SER L 78 -14.85 45.64 -68.86
C SER L 78 -15.48 46.81 -68.11
N GLY L 79 -16.41 46.53 -67.20
CA GLY L 79 -16.95 47.58 -66.36
C GLY L 79 -15.92 48.18 -65.43
N MET L 80 -15.02 47.36 -64.90
CA MET L 80 -13.97 47.91 -64.04
C MET L 80 -12.98 48.75 -64.83
N TYR L 81 -12.62 48.30 -66.02
CA TYR L 81 -11.73 49.11 -66.86
C TYR L 81 -12.41 50.37 -67.35
N PHE L 82 -13.72 50.33 -67.59
CA PHE L 82 -14.46 51.53 -67.97
C PHE L 82 -14.55 52.52 -66.81
N HIS L 83 -14.71 52.01 -65.58
CA HIS L 83 -14.71 52.90 -64.43
C HIS L 83 -13.35 53.50 -64.18
N GLY L 84 -12.29 52.75 -64.44
CA GLY L 84 -10.96 53.33 -64.41
C GLY L 84 -10.74 54.37 -65.50
N ALA L 85 -11.33 54.16 -66.67
CA ALA L 85 -11.16 55.07 -67.80
C ALA L 85 -11.97 56.36 -67.66
N LYS L 86 -13.17 56.29 -67.11
CA LYS L 86 -14.08 57.43 -67.11
C LYS L 86 -14.30 58.06 -65.74
N PHE L 87 -14.48 57.26 -64.70
CA PHE L 87 -14.90 57.74 -63.40
C PHE L 87 -13.83 57.52 -62.35
N SER L 88 -12.58 57.77 -62.69
CA SER L 88 -11.48 57.51 -61.78
C SER L 88 -10.45 58.63 -61.85
N ASN L 89 -9.60 58.68 -60.82
CA ASN L 89 -8.47 59.60 -60.78
C ASN L 89 -7.14 58.89 -61.06
N TYR L 90 -7.14 57.93 -61.99
CA TYR L 90 -5.95 57.14 -62.26
C TYR L 90 -4.83 57.98 -62.86
N SER L 91 -5.18 58.92 -63.73
CA SER L 91 -4.17 59.84 -64.26
C SER L 91 -3.64 60.77 -63.18
N ALA L 92 -4.51 61.16 -62.24
CA ALA L 92 -4.05 61.93 -61.09
C ALA L 92 -3.26 61.05 -60.12
N TRP L 93 -3.64 59.78 -59.98
CA TRP L 93 -2.93 58.89 -59.06
C TRP L 93 -1.54 58.54 -59.56
N LEU L 94 -1.35 58.49 -60.88
CA LEU L 94 -0.04 58.14 -61.41
C LEU L 94 0.99 59.24 -61.20
N ALA L 95 0.54 60.50 -61.09
CA ALA L 95 1.47 61.59 -60.83
C ALA L 95 1.99 61.55 -59.39
N ASP L 96 1.08 61.36 -58.43
CA ASP L 96 1.43 61.35 -57.01
C ASP L 96 0.77 60.16 -56.33
N PRO L 97 1.40 58.98 -56.42
CA PRO L 97 0.80 57.77 -55.84
C PRO L 97 1.02 57.60 -54.34
N LEU L 98 1.69 58.55 -53.69
CA LEU L 98 1.94 58.45 -52.25
C LEU L 98 1.03 59.34 -51.42
N ASN L 99 0.28 60.24 -52.05
CA ASN L 99 -0.61 61.13 -51.30
C ASN L 99 -2.01 61.20 -51.89
N ILE L 100 -2.30 60.45 -52.94
CA ILE L 100 -3.61 60.43 -53.57
C ILE L 100 -4.17 59.02 -53.46
N LYS L 101 -5.37 58.90 -52.90
CA LYS L 101 -5.99 57.61 -52.72
C LYS L 101 -6.65 57.14 -54.02
N PRO L 102 -6.64 55.83 -54.28
CA PRO L 102 -7.27 55.31 -55.50
C PRO L 102 -8.80 55.37 -55.39
N SER L 103 -9.43 56.00 -56.38
CA SER L 103 -10.88 56.10 -56.43
C SER L 103 -11.35 55.82 -57.84
N ALA L 104 -12.38 54.98 -57.98
CA ALA L 104 -12.88 54.64 -59.31
C ALA L 104 -14.40 54.57 -59.35
N GLN L 105 -15.09 55.24 -58.42
CA GLN L 105 -16.55 55.21 -58.40
C GLN L 105 -17.05 56.50 -57.78
N VAL L 106 -17.75 57.30 -58.56
CA VAL L 106 -18.42 58.49 -58.06
C VAL L 106 -19.85 58.13 -57.71
N VAL L 107 -20.44 58.89 -56.80
CA VAL L 107 -21.78 58.63 -56.28
C VAL L 107 -22.68 59.78 -56.72
N TRP L 108 -23.84 59.43 -57.27
CA TRP L 108 -24.76 60.44 -57.80
C TRP L 108 -25.40 61.23 -56.67
N PRO L 109 -25.47 62.55 -56.78
CA PRO L 109 -26.09 63.39 -55.73
C PRO L 109 -27.60 63.59 -55.89
N VAL L 110 -28.37 62.59 -55.46
CA VAL L 110 -29.82 62.71 -55.50
C VAL L 110 -30.37 62.87 -54.09
N VAL L 111 -29.69 62.25 -53.12
CA VAL L 111 -29.99 62.39 -51.69
C VAL L 111 -28.67 62.77 -51.05
N GLY L 112 -28.60 62.75 -49.72
CA GLY L 112 -27.37 63.13 -49.05
C GLY L 112 -26.18 62.19 -49.20
N GLN L 113 -26.19 61.29 -50.19
CA GLN L 113 -25.08 60.39 -50.44
C GLN L 113 -23.91 61.06 -51.16
N ASP L 114 -24.02 62.37 -51.43
CA ASP L 114 -22.90 63.12 -52.00
C ASP L 114 -21.75 63.21 -51.01
N ILE L 115 -22.03 62.99 -49.71
CA ILE L 115 -21.02 62.93 -48.66
C ILE L 115 -20.17 61.68 -48.84
N LEU L 116 -20.69 60.67 -49.56
CA LEU L 116 -19.95 59.45 -49.79
C LEU L 116 -18.82 59.63 -50.80
N ASN L 117 -18.77 60.76 -51.50
CA ASN L 117 -17.66 61.09 -52.38
C ASN L 117 -16.52 61.64 -51.52
N ALA L 118 -15.58 60.77 -51.19
CA ALA L 118 -14.47 61.14 -50.32
C ALA L 118 -13.48 62.05 -51.04
N ASP L 119 -12.88 62.96 -50.28
CA ASP L 119 -11.81 63.79 -50.80
C ASP L 119 -10.53 62.98 -50.81
N VAL L 120 -10.10 62.55 -52.00
CA VAL L 120 -8.98 61.64 -52.13
C VAL L 120 -7.76 62.27 -52.80
N GLY L 121 -7.87 63.49 -53.30
CA GLY L 121 -6.72 64.17 -53.87
C GLY L 121 -6.83 64.46 -55.34
N GLY L 122 -6.16 65.51 -55.79
CA GLY L 122 -6.18 65.87 -57.20
C GLY L 122 -7.47 66.51 -57.67
N GLY L 123 -8.25 67.06 -56.74
CA GLY L 123 -9.54 67.64 -57.10
C GLY L 123 -10.55 66.63 -57.58
N PHE L 124 -10.53 65.42 -57.03
CA PHE L 124 -11.45 64.36 -57.39
C PHE L 124 -12.18 63.88 -56.15
N HIS L 125 -13.50 63.75 -56.26
CA HIS L 125 -14.33 63.27 -55.17
C HIS L 125 -14.97 61.95 -55.60
N GLY L 126 -14.81 60.93 -54.78
CA GLY L 126 -15.35 59.62 -55.10
C GLY L 126 -15.06 58.65 -53.99
N ILE L 127 -15.46 57.40 -54.22
CA ILE L 127 -15.29 56.35 -53.23
C ILE L 127 -13.87 55.80 -53.34
N GLN L 128 -13.15 55.78 -52.23
CA GLN L 128 -11.80 55.21 -52.20
C GLN L 128 -11.88 53.71 -52.39
N ILE L 129 -11.52 53.24 -53.58
CA ILE L 129 -11.58 51.81 -53.87
C ILE L 129 -10.39 51.11 -53.24
N THR L 130 -10.58 49.83 -52.93
CA THR L 130 -9.55 49.00 -52.33
C THR L 130 -9.31 47.72 -53.11
N SER L 131 -9.80 47.67 -54.35
CA SER L 131 -9.66 46.47 -55.17
C SER L 131 -8.25 46.24 -55.68
N GLY L 132 -7.40 47.28 -55.69
CA GLY L 132 -6.08 47.14 -56.23
C GLY L 132 -6.01 47.15 -57.73
N PHE L 133 -7.02 47.70 -58.40
CA PHE L 133 -6.99 47.80 -59.85
C PHE L 133 -5.95 48.84 -60.29
N PHE L 134 -5.77 49.90 -59.51
CA PHE L 134 -4.86 50.97 -59.90
C PHE L 134 -3.42 50.51 -59.88
N GLN L 135 -3.02 49.77 -58.84
CA GLN L 135 -1.69 49.20 -58.76
C GLN L 135 -1.47 48.13 -59.82
N LEU L 136 -2.54 47.39 -60.16
CA LEU L 136 -2.47 46.41 -61.24
C LEU L 136 -2.23 47.07 -62.58
N TRP L 137 -2.88 48.21 -62.83
CA TRP L 137 -2.69 48.91 -64.09
C TRP L 137 -1.35 49.62 -64.15
N ARG L 138 -0.84 50.06 -63.00
CA ARG L 138 0.52 50.60 -62.97
C ARG L 138 1.56 49.52 -63.23
N ALA L 139 1.33 48.32 -62.71
CA ALA L 139 2.23 47.21 -63.02
C ALA L 139 2.07 46.70 -64.44
N SER L 140 0.93 46.98 -65.07
CA SER L 140 0.70 46.59 -66.46
C SER L 140 1.26 47.61 -67.44
N GLY L 141 1.78 48.73 -66.96
CA GLY L 141 2.29 49.76 -67.83
C GLY L 141 1.26 50.71 -68.39
N ILE L 142 0.04 50.70 -67.85
CA ILE L 142 -0.99 51.61 -68.34
C ILE L 142 -0.73 53.00 -67.79
N THR L 143 -0.59 53.97 -68.68
CA THR L 143 -0.25 55.33 -68.29
C THR L 143 -1.38 56.32 -68.43
N ASN L 144 -2.33 56.10 -69.33
CA ASN L 144 -3.45 57.00 -69.53
C ASN L 144 -4.75 56.23 -69.55
N GLU L 145 -5.84 56.98 -69.41
CA GLU L 145 -7.19 56.42 -69.32
C GLU L 145 -7.72 55.92 -70.66
N TYR L 146 -7.12 56.34 -71.77
CA TYR L 146 -7.52 55.81 -73.07
C TYR L 146 -7.15 54.35 -73.22
N GLN L 147 -6.04 53.93 -72.60
CA GLN L 147 -5.67 52.52 -72.62
C GLN L 147 -6.60 51.68 -71.77
N LEU L 148 -7.22 52.28 -70.76
CA LEU L 148 -8.27 51.62 -70.01
C LEU L 148 -9.58 51.56 -70.79
N TYR L 149 -9.89 52.62 -71.54
CA TYR L 149 -11.09 52.65 -72.37
C TYR L 149 -11.02 51.60 -73.48
N CYS L 150 -9.85 51.45 -74.11
CA CYS L 150 -9.66 50.41 -75.11
C CYS L 150 -9.80 49.02 -74.52
N THR L 151 -9.32 48.81 -73.30
CA THR L 151 -9.44 47.51 -72.66
C THR L 151 -10.89 47.22 -72.27
N ALA L 152 -11.63 48.27 -71.88
CA ALA L 152 -13.07 48.10 -71.61
C ALA L 152 -13.84 47.74 -72.87
N ILE L 153 -13.52 48.39 -73.99
CA ILE L 153 -14.15 48.07 -75.27
C ILE L 153 -13.81 46.63 -75.69
N GLY L 154 -12.55 46.23 -75.54
CA GLY L 154 -12.15 44.87 -75.80
C GLY L 154 -12.81 43.85 -74.88
N GLY L 155 -13.06 44.22 -73.63
CA GLY L 155 -13.79 43.34 -72.74
C GLY L 155 -15.24 43.16 -73.14
N LEU L 156 -15.88 44.23 -73.61
CA LEU L 156 -17.24 44.10 -74.14
C LEU L 156 -17.27 43.24 -75.41
N VAL L 157 -16.30 43.41 -76.30
CA VAL L 157 -16.23 42.60 -77.51
C VAL L 157 -15.99 41.13 -77.16
N MET L 158 -15.11 40.87 -76.19
CA MET L 158 -14.84 39.51 -75.77
C MET L 158 -16.04 38.88 -75.05
N ALA L 159 -16.80 39.68 -74.30
CA ALA L 159 -18.01 39.18 -73.66
C ALA L 159 -19.08 38.82 -74.68
N GLY L 160 -19.27 39.67 -75.69
CA GLY L 160 -20.15 39.31 -76.80
C GLY L 160 -19.69 38.10 -77.58
N LEU L 161 -18.38 37.96 -77.76
CA LEU L 161 -17.82 36.77 -78.40
C LEU L 161 -18.07 35.51 -77.59
N MET L 162 -17.95 35.60 -76.26
CA MET L 162 -18.24 34.46 -75.40
C MET L 162 -19.72 34.11 -75.39
N LEU L 163 -20.61 35.12 -75.44
CA LEU L 163 -22.03 34.86 -75.56
C LEU L 163 -22.36 34.17 -76.88
N PHE L 164 -21.75 34.63 -77.97
CA PHE L 164 -21.95 33.98 -79.27
C PHE L 164 -21.40 32.57 -79.27
N ALA L 165 -20.28 32.32 -78.61
CA ALA L 165 -19.75 30.97 -78.52
C ALA L 165 -20.64 30.06 -77.68
N GLY L 166 -21.24 30.60 -76.63
CA GLY L 166 -22.17 29.81 -75.84
C GLY L 166 -23.43 29.46 -76.59
N TRP L 167 -23.93 30.38 -77.41
CA TRP L 167 -25.05 30.05 -78.29
C TRP L 167 -24.64 29.05 -79.36
N PHE L 168 -23.42 29.20 -79.89
CA PHE L 168 -22.95 28.35 -80.98
C PHE L 168 -22.73 26.91 -80.52
N HIS L 169 -22.20 26.72 -79.33
CA HIS L 169 -21.85 25.38 -78.86
C HIS L 169 -23.02 24.67 -78.19
N TYR L 170 -24.21 25.27 -78.21
CA TYR L 170 -25.42 24.58 -77.79
C TYR L 170 -26.49 24.54 -78.85
N HIS L 171 -26.47 25.43 -79.84
CA HIS L 171 -27.54 25.50 -80.82
C HIS L 171 -27.11 25.33 -82.26
N LYS L 172 -25.81 25.42 -82.55
CA LYS L 172 -25.35 25.28 -83.92
C LYS L 172 -24.40 24.11 -84.10
N ALA L 173 -23.36 24.01 -83.29
CA ALA L 173 -22.38 22.93 -83.41
C ALA L 173 -22.00 22.51 -81.99
N ALA L 174 -22.67 21.48 -81.48
CA ALA L 174 -22.45 21.09 -80.10
C ALA L 174 -21.62 19.82 -80.05
N PRO L 175 -20.54 19.79 -79.26
CA PRO L 175 -19.65 18.63 -79.28
C PRO L 175 -20.29 17.38 -78.66
N LYS L 176 -19.79 16.22 -79.08
CA LYS L 176 -20.31 14.96 -78.61
C LYS L 176 -19.72 14.62 -77.25
N LEU L 177 -20.11 13.45 -76.72
CA LEU L 177 -19.63 13.01 -75.42
C LEU L 177 -18.15 12.67 -75.44
N GLU L 178 -17.67 12.02 -76.50
CA GLU L 178 -16.27 11.64 -76.57
C GLU L 178 -15.35 12.81 -76.87
N TRP L 179 -15.91 13.98 -77.23
CA TRP L 179 -15.12 15.21 -77.25
C TRP L 179 -14.77 15.69 -75.85
N PHE L 180 -15.52 15.24 -74.84
CA PHE L 180 -15.22 15.56 -73.46
C PHE L 180 -14.41 14.47 -72.76
N GLN L 181 -14.53 13.21 -73.19
CA GLN L 181 -13.85 12.12 -72.50
C GLN L 181 -12.34 12.17 -72.67
N ASN L 182 -11.86 12.67 -73.81
CA ASN L 182 -10.42 12.81 -74.02
C ASN L 182 -9.93 14.03 -73.25
N VAL L 183 -9.76 13.83 -71.95
CA VAL L 183 -9.19 14.84 -71.06
C VAL L 183 -7.69 14.98 -71.25
N GLU L 184 -7.07 14.07 -72.02
CA GLU L 184 -5.65 14.15 -72.31
C GLU L 184 -5.34 15.39 -73.13
N SER L 185 -6.07 15.56 -74.23
CA SER L 185 -5.96 16.74 -75.08
C SER L 185 -6.36 18.01 -74.34
N MET L 186 -7.41 17.91 -73.53
CA MET L 186 -7.89 19.05 -72.75
C MET L 186 -6.82 19.54 -71.79
N MET L 187 -6.16 18.60 -71.10
CA MET L 187 -5.18 18.99 -70.10
C MET L 187 -3.89 19.45 -70.75
N ASN L 188 -3.53 18.86 -71.90
CA ASN L 188 -2.38 19.34 -72.66
C ASN L 188 -2.59 20.76 -73.18
N HIS L 189 -3.80 21.07 -73.62
CA HIS L 189 -4.08 22.41 -74.11
C HIS L 189 -4.37 23.41 -73.00
N HIS L 190 -4.65 22.94 -71.79
CA HIS L 190 -4.79 23.84 -70.65
C HIS L 190 -3.46 24.10 -69.95
N LEU L 191 -2.53 23.16 -69.98
CA LEU L 191 -1.22 23.38 -69.39
C LEU L 191 -0.33 24.20 -70.31
N ALA L 192 -0.06 23.69 -71.51
CA ALA L 192 0.80 24.40 -72.44
C ALA L 192 0.09 25.58 -73.10
N GLY L 193 -1.16 25.40 -73.50
CA GLY L 193 -1.82 26.39 -74.31
C GLY L 193 -2.54 27.50 -73.57
N LEU L 194 -2.96 27.25 -72.33
CA LEU L 194 -3.66 28.26 -71.55
C LEU L 194 -2.79 28.86 -70.47
N LEU L 195 -2.25 28.03 -69.57
CA LEU L 195 -1.34 28.54 -68.55
C LEU L 195 0.03 28.87 -69.12
N GLY L 196 0.58 27.97 -69.95
CA GLY L 196 1.89 28.17 -70.53
C GLY L 196 1.96 29.31 -71.53
N LEU L 197 1.06 29.31 -72.51
CA LEU L 197 1.03 30.40 -73.48
C LEU L 197 0.56 31.70 -72.86
N GLY L 198 -0.36 31.63 -71.89
CA GLY L 198 -0.79 32.84 -71.22
C GLY L 198 0.30 33.50 -70.41
N SER L 199 1.05 32.70 -69.65
CA SER L 199 2.17 33.24 -68.90
C SER L 199 3.34 33.62 -69.81
N LEU L 200 3.48 32.98 -70.97
CA LEU L 200 4.50 33.40 -71.92
C LEU L 200 4.14 34.74 -72.56
N GLY L 201 2.87 34.93 -72.91
CA GLY L 201 2.43 36.21 -73.42
C GLY L 201 2.54 37.32 -72.39
N TRP L 202 2.23 37.00 -71.13
CA TRP L 202 2.38 38.00 -70.08
C TRP L 202 3.86 38.28 -69.79
N ALA L 203 4.72 37.27 -69.92
CA ALA L 203 6.15 37.50 -69.80
C ALA L 203 6.65 38.41 -70.91
N GLY L 204 6.17 38.21 -72.13
CA GLY L 204 6.53 39.10 -73.23
C GLY L 204 6.02 40.51 -73.05
N HIS L 205 4.80 40.66 -72.51
CA HIS L 205 4.27 41.98 -72.20
C HIS L 205 5.09 42.66 -71.11
N GLN L 206 5.47 41.91 -70.08
CA GLN L 206 6.27 42.47 -69.00
C GLN L 206 7.69 42.78 -69.46
N ILE L 207 8.21 42.07 -70.45
CA ILE L 207 9.47 42.46 -71.05
C ILE L 207 9.32 43.76 -71.83
N HIS L 208 8.31 43.84 -72.69
CA HIS L 208 8.25 44.93 -73.66
C HIS L 208 7.47 46.14 -73.20
N VAL L 209 6.55 45.99 -72.25
CA VAL L 209 5.69 47.12 -71.87
C VAL L 209 5.88 47.49 -70.42
N SER L 210 5.71 46.53 -69.52
CA SER L 210 5.67 46.82 -68.09
C SER L 210 7.03 47.28 -67.57
N LEU L 211 8.11 46.60 -67.98
CA LEU L 211 9.45 46.92 -67.50
C LEU L 211 9.96 48.30 -67.93
N PRO L 212 9.91 48.72 -69.21
CA PRO L 212 10.42 50.06 -69.52
C PRO L 212 9.55 51.18 -68.96
N ILE L 213 8.23 51.04 -69.03
CA ILE L 213 7.32 52.05 -68.51
C ILE L 213 7.45 52.17 -67.00
N ASN L 214 7.55 51.05 -66.29
CA ASN L 214 7.72 51.09 -64.85
C ASN L 214 9.11 51.55 -64.44
N LYS L 215 10.15 51.29 -65.22
CA LYS L 215 11.47 51.80 -64.87
C LYS L 215 11.53 53.32 -65.09
N LEU L 216 10.86 53.82 -66.13
CA LEU L 216 10.74 55.27 -66.29
C LEU L 216 9.87 55.90 -65.21
N LEU L 217 8.85 55.17 -64.74
CA LEU L 217 8.01 55.67 -63.66
C LEU L 217 8.78 55.76 -62.35
N ASP L 218 9.58 54.74 -62.03
CA ASP L 218 10.39 54.77 -60.83
C ASP L 218 11.59 55.69 -60.94
N ALA L 219 12.04 56.00 -62.16
CA ALA L 219 13.15 56.91 -62.35
C ALA L 219 12.77 58.38 -62.13
N GLY L 220 11.49 58.69 -62.06
CA GLY L 220 11.04 60.04 -61.81
C GLY L 220 10.48 60.78 -63.01
N VAL L 221 10.02 60.08 -64.04
CA VAL L 221 9.45 60.69 -65.23
C VAL L 221 7.93 60.72 -65.08
N ALA L 222 7.33 61.87 -65.37
CA ALA L 222 5.88 62.01 -65.29
C ALA L 222 5.23 61.18 -66.40
N PRO L 223 4.05 60.59 -66.14
CA PRO L 223 3.49 59.62 -67.10
C PRO L 223 3.05 60.21 -68.44
N ASN L 224 2.83 61.52 -68.53
CA ASN L 224 2.41 62.07 -69.81
C ASN L 224 3.57 62.60 -70.66
N GLU L 225 4.81 62.47 -70.19
CA GLU L 225 5.97 62.50 -71.07
C GLU L 225 6.59 61.13 -71.26
N ILE L 226 6.09 60.12 -70.56
CA ILE L 226 6.56 58.74 -70.78
C ILE L 226 6.07 58.27 -72.15
N PRO L 227 6.94 57.69 -72.98
CA PRO L 227 6.50 57.23 -74.30
C PRO L 227 5.51 56.09 -74.20
N LEU L 228 4.65 56.00 -75.21
CA LEU L 228 3.68 54.92 -75.30
C LEU L 228 4.41 53.60 -75.55
N PRO L 229 3.82 52.48 -75.12
CA PRO L 229 4.56 51.20 -75.22
C PRO L 229 4.76 50.68 -76.63
N HIS L 230 4.18 51.30 -77.66
CA HIS L 230 4.36 50.76 -78.99
C HIS L 230 5.56 51.36 -79.71
N GLU L 231 6.04 52.55 -79.33
CA GLU L 231 7.31 53.01 -79.86
C GLU L 231 8.51 52.41 -79.15
N PHE L 232 8.28 51.70 -78.04
CA PHE L 232 9.35 50.88 -77.48
C PHE L 232 9.65 49.69 -78.38
N ILE L 233 8.64 49.16 -79.05
CA ILE L 233 8.81 48.07 -80.01
C ILE L 233 9.19 48.60 -81.39
N LEU L 234 8.52 49.66 -81.84
CA LEU L 234 8.79 50.22 -83.16
C LEU L 234 10.17 50.84 -83.24
N ASP L 235 10.60 51.51 -82.17
CA ASP L 235 11.95 52.06 -82.09
C ASP L 235 12.72 51.36 -80.98
N PRO L 236 13.55 50.37 -81.28
CA PRO L 236 14.30 49.67 -80.23
C PRO L 236 15.45 50.47 -79.64
N ALA L 237 15.77 51.65 -80.18
CA ALA L 237 16.81 52.48 -79.58
C ALA L 237 16.35 53.03 -78.23
N LYS L 238 15.09 53.48 -78.15
CA LYS L 238 14.55 53.95 -76.87
C LYS L 238 14.37 52.80 -75.90
N MET L 239 14.15 51.58 -76.42
CA MET L 239 14.03 50.42 -75.57
C MET L 239 15.39 49.95 -75.08
N ALA L 240 16.46 50.23 -75.84
CA ALA L 240 17.80 49.77 -75.51
C ALA L 240 18.65 50.81 -74.79
N GLU L 241 18.20 52.07 -74.70
CA GLU L 241 18.95 53.04 -73.91
C GLU L 241 18.88 52.74 -72.42
N LEU L 242 17.79 52.15 -71.95
CA LEU L 242 17.69 51.59 -70.61
C LEU L 242 17.66 50.07 -70.74
N TYR L 243 18.32 49.37 -69.80
CA TYR L 243 18.61 47.94 -69.87
C TYR L 243 19.33 47.64 -71.18
N PRO L 244 20.62 47.96 -71.28
CA PRO L 244 21.27 48.05 -72.61
C PRO L 244 21.57 46.71 -73.27
N SER L 245 21.06 45.60 -72.77
CA SER L 245 21.24 44.32 -73.44
C SER L 245 20.18 44.07 -74.52
N PHE L 246 19.34 45.06 -74.83
CA PHE L 246 18.48 44.94 -75.99
C PHE L 246 19.20 45.40 -77.25
N ALA L 247 20.43 45.91 -77.11
CA ALA L 247 21.23 46.25 -78.28
C ALA L 247 21.58 45.00 -79.09
N GLN L 248 21.95 43.93 -78.41
CA GLN L 248 22.06 42.63 -79.07
C GLN L 248 20.67 42.05 -79.27
N GLY L 249 20.52 41.22 -80.30
CA GLY L 249 19.23 40.73 -80.71
C GLY L 249 18.74 39.56 -79.90
N LEU L 250 17.94 38.71 -80.55
CA LEU L 250 17.39 37.52 -79.90
C LEU L 250 18.33 36.34 -79.94
N THR L 251 19.44 36.44 -80.69
CA THR L 251 20.43 35.37 -80.81
C THR L 251 21.05 34.87 -79.50
N PRO L 252 21.32 35.69 -78.45
CA PRO L 252 21.73 35.07 -77.18
C PRO L 252 20.66 34.19 -76.55
N PHE L 253 19.38 34.40 -76.87
CA PHE L 253 18.38 33.43 -76.46
C PHE L 253 18.56 32.10 -77.19
N PHE L 254 18.93 32.14 -78.47
CA PHE L 254 18.98 30.93 -79.27
C PHE L 254 20.33 30.24 -79.22
N THR L 255 21.39 30.95 -78.85
CA THR L 255 22.70 30.36 -78.60
C THR L 255 22.88 29.98 -77.13
N LEU L 256 21.81 30.06 -76.35
CA LEU L 256 21.76 29.81 -74.90
C LEU L 256 22.68 30.73 -74.11
N ASN L 257 22.93 31.94 -74.61
CA ASN L 257 23.62 32.97 -73.82
C ASN L 257 22.60 33.79 -73.05
N TRP L 258 21.97 33.12 -72.08
CA TRP L 258 20.88 33.74 -71.35
C TRP L 258 21.38 34.73 -70.31
N GLY L 259 22.64 34.59 -69.88
CA GLY L 259 23.21 35.42 -68.84
C GLY L 259 23.29 36.89 -69.19
N VAL L 260 23.45 37.24 -70.47
CA VAL L 260 23.49 38.65 -70.85
C VAL L 260 22.11 39.27 -70.77
N TYR L 261 21.06 38.44 -70.67
CA TYR L 261 19.73 38.93 -70.38
C TYR L 261 19.52 39.19 -68.88
N SER L 262 20.57 39.11 -68.07
CA SER L 262 20.47 39.24 -66.63
C SER L 262 20.15 40.66 -66.16
N ASP L 263 20.27 41.67 -67.02
CA ASP L 263 19.94 43.01 -66.58
C ASP L 263 18.45 43.21 -66.46
N PHE L 264 17.65 42.56 -67.32
CA PHE L 264 16.21 42.71 -67.25
C PHE L 264 15.50 41.41 -66.86
N LEU L 265 16.23 40.30 -66.71
CA LEU L 265 15.68 39.06 -66.16
C LEU L 265 16.51 38.75 -64.93
N THR L 266 16.12 39.34 -63.81
CA THR L 266 16.87 39.24 -62.57
C THR L 266 16.23 38.19 -61.65
N PHE L 267 16.93 37.86 -60.58
CA PHE L 267 16.38 37.02 -59.53
C PHE L 267 16.67 37.76 -58.22
N LYS L 268 16.29 39.04 -58.17
CA LYS L 268 16.63 39.90 -57.04
C LYS L 268 15.92 39.43 -55.77
N GLY L 269 14.69 39.00 -55.88
CA GLY L 269 13.99 38.41 -54.74
C GLY L 269 13.16 39.32 -53.87
N GLY L 270 13.77 40.38 -53.36
CA GLY L 270 13.10 41.24 -52.38
C GLY L 270 12.10 42.19 -52.99
N LEU L 271 11.86 43.28 -52.29
CA LEU L 271 10.92 44.31 -52.73
C LEU L 271 11.67 45.50 -53.31
N ASN L 272 11.01 46.20 -54.22
CA ASN L 272 11.55 47.43 -54.77
C ASN L 272 11.54 48.50 -53.69
N PRO L 273 12.68 49.12 -53.36
CA PRO L 273 12.66 50.19 -52.35
C PRO L 273 11.91 51.44 -52.80
N VAL L 274 11.78 51.66 -54.11
CA VAL L 274 11.09 52.86 -54.59
C VAL L 274 9.58 52.71 -54.46
N THR L 275 9.04 51.56 -54.85
CA THR L 275 7.60 51.36 -54.90
C THR L 275 7.05 50.43 -53.83
N GLY L 276 7.86 49.55 -53.26
CA GLY L 276 7.36 48.60 -52.29
C GLY L 276 6.83 47.32 -52.86
N GLY L 277 6.74 47.21 -54.19
CA GLY L 277 6.31 45.99 -54.82
C GLY L 277 7.47 45.09 -55.17
N LEU L 278 7.14 43.94 -55.75
CA LEU L 278 8.15 43.06 -56.30
C LEU L 278 8.81 43.71 -57.51
N TRP L 279 10.07 43.34 -57.74
CA TRP L 279 10.75 43.77 -58.95
C TRP L 279 10.05 43.20 -60.16
N LEU L 280 9.73 44.05 -61.14
CA LEU L 280 9.07 43.56 -62.33
C LEU L 280 9.98 42.73 -63.21
N SER L 281 11.30 42.89 -63.07
CA SER L 281 12.23 41.96 -63.70
C SER L 281 12.08 40.57 -63.11
N ASP L 282 11.88 40.48 -61.79
CA ASP L 282 11.63 39.19 -61.15
C ASP L 282 10.31 38.59 -61.62
N THR L 283 9.28 39.41 -61.80
CA THR L 283 8.00 38.88 -62.26
C THR L 283 8.07 38.43 -63.71
N ALA L 284 8.77 39.17 -64.57
CA ALA L 284 8.92 38.78 -65.97
C ALA L 284 9.74 37.50 -66.10
N HIS L 285 10.83 37.40 -65.34
CA HIS L 285 11.63 36.18 -65.30
C HIS L 285 10.82 35.01 -64.74
N HIS L 286 9.99 35.28 -63.72
CA HIS L 286 9.13 34.25 -63.14
C HIS L 286 8.10 33.74 -64.14
N HIS L 287 7.46 34.65 -64.88
CA HIS L 287 6.48 34.24 -65.86
C HIS L 287 7.12 33.50 -67.03
N LEU L 288 8.32 33.89 -67.44
CA LEU L 288 9.03 33.14 -68.46
C LEU L 288 9.40 31.74 -67.99
N ALA L 289 9.87 31.62 -66.74
CA ALA L 289 10.25 30.32 -66.19
C ALA L 289 9.04 29.40 -66.05
N ILE L 290 7.94 29.90 -65.48
CA ILE L 290 6.76 29.06 -65.35
C ILE L 290 6.07 28.83 -66.68
N ALA L 291 6.27 29.72 -67.67
CA ALA L 291 5.75 29.46 -69.00
C ALA L 291 6.46 28.30 -69.65
N VAL L 292 7.79 28.27 -69.52
CA VAL L 292 8.56 27.14 -70.05
C VAL L 292 8.20 25.86 -69.31
N LEU L 293 8.02 25.94 -67.99
CA LEU L 293 7.67 24.77 -67.19
C LEU L 293 6.28 24.25 -67.53
N PHE L 294 5.31 25.15 -67.71
CA PHE L 294 3.95 24.73 -68.07
C PHE L 294 3.87 24.21 -69.48
N ILE L 295 4.62 24.79 -70.42
CA ILE L 295 4.65 24.27 -71.79
C ILE L 295 5.28 22.88 -71.81
N ILE L 296 6.35 22.67 -71.03
CA ILE L 296 6.94 21.35 -70.90
C ILE L 296 5.95 20.36 -70.30
N ALA L 297 5.23 20.78 -69.25
CA ALA L 297 4.22 19.93 -68.63
C ALA L 297 3.02 19.65 -69.53
N GLY L 298 2.78 20.50 -70.52
CA GLY L 298 1.68 20.28 -71.44
C GLY L 298 1.98 19.32 -72.58
N HIS L 299 3.15 18.67 -72.52
CA HIS L 299 3.52 17.67 -73.51
C HIS L 299 3.62 16.29 -72.85
N MET L 300 2.93 16.12 -71.73
CA MET L 300 3.02 14.91 -70.94
C MET L 300 2.04 13.83 -71.39
N TYR L 301 0.87 14.21 -71.88
CA TYR L 301 -0.24 13.30 -72.04
C TYR L 301 -0.49 12.95 -73.50
N ARG L 302 -0.76 11.67 -73.75
CA ARG L 302 -0.97 11.14 -75.10
C ARG L 302 -2.31 11.58 -75.66
N THR L 303 -2.29 12.31 -76.77
CA THR L 303 -3.51 12.79 -77.39
C THR L 303 -3.79 12.10 -78.72
N ASN L 304 -2.89 12.23 -79.70
CA ASN L 304 -3.14 11.66 -81.02
C ASN L 304 -1.95 10.97 -81.65
N TRP L 305 -0.75 11.05 -81.06
CA TRP L 305 0.46 10.71 -81.78
C TRP L 305 1.34 9.72 -81.04
N GLY L 306 0.76 8.90 -80.17
CA GLY L 306 1.53 7.85 -79.51
C GLY L 306 2.39 8.25 -78.34
N ILE L 307 3.10 9.37 -78.45
CA ILE L 307 3.91 9.86 -77.35
C ILE L 307 3.02 10.42 -76.25
N GLY L 308 3.39 10.16 -75.01
CA GLY L 308 2.64 10.74 -73.93
C GLY L 308 2.06 9.69 -72.99
N HIS L 309 1.39 10.18 -71.94
CA HIS L 309 0.72 9.31 -71.00
C HIS L 309 -0.79 9.32 -71.25
N ASN L 310 -1.47 8.30 -70.73
CA ASN L 310 -2.90 8.18 -70.92
C ASN L 310 -3.71 8.44 -69.65
N MET L 311 -3.05 8.90 -68.57
CA MET L 311 -3.61 9.11 -67.22
C MET L 311 -4.39 7.92 -66.67
N LYS L 312 -4.18 6.74 -67.18
CA LYS L 312 -4.80 5.56 -66.63
C LYS L 312 -3.76 4.56 -66.16
N GLU L 313 -2.75 4.26 -66.99
CA GLU L 313 -1.62 3.44 -66.56
C GLU L 313 -0.80 4.10 -65.46
N ILE L 314 -0.79 5.44 -65.40
CA ILE L 314 -0.27 6.11 -64.23
C ILE L 314 -1.10 5.75 -63.01
N LEU L 315 -2.42 5.77 -63.14
CA LEU L 315 -3.29 5.39 -62.04
C LEU L 315 -3.22 3.89 -61.77
N GLU L 316 -3.18 3.07 -62.83
CA GLU L 316 -3.10 1.63 -62.65
C GLU L 316 -1.81 1.17 -61.99
N GLY L 317 -0.69 1.86 -62.24
CA GLY L 317 0.57 1.45 -61.67
C GLY L 317 0.77 1.87 -60.23
N HIS L 318 -0.06 2.79 -59.75
CA HIS L 318 0.08 3.33 -58.39
C HIS L 318 -0.78 2.51 -57.46
N LYS L 319 -0.17 1.51 -56.82
CA LYS L 319 -0.88 0.62 -55.91
C LYS L 319 0.14 0.03 -54.94
N GLY L 320 -0.28 -0.11 -53.69
CA GLY L 320 0.61 -0.54 -52.64
C GLY L 320 0.03 -1.66 -51.81
N PRO L 321 0.74 -2.05 -50.75
CA PRO L 321 0.24 -3.13 -49.89
C PRO L 321 -0.90 -2.67 -49.00
N PHE L 322 -0.83 -1.43 -48.52
CA PHE L 322 -1.88 -0.88 -47.68
C PHE L 322 -3.16 -0.60 -48.44
N THR L 323 -3.10 -0.55 -49.76
CA THR L 323 -4.27 -0.29 -50.58
C THR L 323 -4.65 -1.47 -51.46
N GLY L 324 -3.67 -2.14 -52.06
CA GLY L 324 -4.00 -3.31 -52.86
C GLY L 324 -4.22 -2.96 -54.32
N GLU L 325 -5.47 -2.80 -54.72
CA GLU L 325 -5.82 -2.55 -56.11
C GLU L 325 -5.39 -1.17 -56.60
N GLY L 326 -5.53 -0.13 -55.79
CA GLY L 326 -4.90 1.14 -56.14
C GLY L 326 -5.88 2.15 -56.68
N HIS L 327 -5.48 2.82 -57.75
CA HIS L 327 -6.27 3.90 -58.34
C HIS L 327 -7.12 3.40 -59.51
N LYS L 328 -7.39 2.09 -59.57
CA LYS L 328 -8.21 1.56 -60.64
C LYS L 328 -9.66 1.98 -60.44
N GLY L 329 -10.26 2.54 -61.48
CA GLY L 329 -11.60 3.07 -61.41
C GLY L 329 -11.67 4.57 -61.24
N LEU L 330 -10.55 5.21 -60.89
CA LEU L 330 -10.56 6.66 -60.67
C LEU L 330 -10.60 7.44 -61.98
N TYR L 331 -9.98 6.93 -63.04
CA TYR L 331 -10.08 7.58 -64.34
C TYR L 331 -11.51 7.56 -64.87
N GLU L 332 -12.22 6.45 -64.68
CA GLU L 332 -13.63 6.40 -65.09
C GLU L 332 -14.49 7.29 -64.20
N ILE L 333 -14.12 7.41 -62.92
CA ILE L 333 -14.82 8.32 -62.01
C ILE L 333 -14.67 9.76 -62.50
N LEU L 334 -13.46 10.16 -62.84
CA LEU L 334 -13.20 11.54 -63.21
C LEU L 334 -13.50 11.84 -64.68
N THR L 335 -13.78 10.83 -65.49
CA THR L 335 -14.20 11.04 -66.86
C THR L 335 -15.67 10.72 -67.10
N THR L 336 -16.40 10.25 -66.10
CA THR L 336 -17.83 10.08 -66.25
C THR L 336 -18.66 10.95 -65.30
N SER L 337 -18.05 11.49 -64.25
CA SER L 337 -18.75 12.31 -63.27
C SER L 337 -18.22 13.73 -63.33
N TRP L 338 -19.13 14.69 -63.56
CA TRP L 338 -18.74 16.09 -63.52
C TRP L 338 -18.60 16.57 -62.08
N HIS L 339 -19.29 15.94 -61.14
CA HIS L 339 -19.25 16.38 -59.75
C HIS L 339 -17.94 16.06 -59.06
N ALA L 340 -17.33 14.92 -59.39
CA ALA L 340 -16.01 14.61 -58.85
C ALA L 340 -14.96 15.57 -59.38
N GLN L 341 -15.06 15.92 -60.67
CA GLN L 341 -14.17 16.93 -61.25
C GLN L 341 -14.38 18.28 -60.60
N LEU L 342 -15.63 18.68 -60.35
CA LEU L 342 -15.90 19.92 -59.65
C LEU L 342 -15.40 19.90 -58.21
N ALA L 343 -15.49 18.75 -57.52
CA ALA L 343 -15.00 18.66 -56.16
C ALA L 343 -13.48 18.77 -56.10
N ILE L 344 -12.77 18.19 -57.07
CA ILE L 344 -11.32 18.35 -57.10
C ILE L 344 -10.93 19.77 -57.46
N ASN L 345 -11.53 20.30 -58.54
CA ASN L 345 -11.13 21.60 -59.07
C ASN L 345 -11.49 22.73 -58.13
N LEU L 346 -12.63 22.63 -57.46
CA LEU L 346 -13.07 23.65 -56.53
C LEU L 346 -12.23 23.67 -55.26
N ALA L 347 -11.83 22.51 -54.75
CA ALA L 347 -10.90 22.43 -53.63
C ALA L 347 -9.54 23.01 -53.96
N LEU L 348 -8.99 22.66 -55.12
CA LEU L 348 -7.70 23.21 -55.50
C LEU L 348 -7.77 24.68 -55.83
N LEU L 349 -8.88 25.17 -56.39
CA LEU L 349 -9.02 26.60 -56.63
C LEU L 349 -9.22 27.37 -55.34
N GLY L 350 -9.92 26.78 -54.36
CA GLY L 350 -10.06 27.43 -53.07
C GLY L 350 -8.75 27.52 -52.31
N SER L 351 -8.00 26.41 -52.27
CA SER L 351 -6.69 26.44 -51.64
C SER L 351 -5.73 27.33 -52.41
N LEU L 352 -5.89 27.41 -53.72
CA LEU L 352 -5.10 28.31 -54.55
C LEU L 352 -5.40 29.77 -54.24
N THR L 353 -6.67 30.10 -54.03
CA THR L 353 -7.04 31.48 -53.71
C THR L 353 -6.54 31.86 -52.32
N ILE L 354 -6.55 30.89 -51.40
CA ILE L 354 -5.97 31.12 -50.08
C ILE L 354 -4.45 31.29 -50.17
N ILE L 355 -3.78 30.54 -51.05
CA ILE L 355 -2.35 30.73 -51.31
C ILE L 355 -2.09 32.11 -51.91
N VAL L 356 -2.95 32.55 -52.82
CA VAL L 356 -2.87 33.89 -53.40
C VAL L 356 -2.95 34.96 -52.32
N ALA L 357 -3.90 34.80 -51.39
CA ALA L 357 -4.04 35.72 -50.28
C ALA L 357 -2.80 35.73 -49.38
N GLN L 358 -2.32 34.54 -49.00
CA GLN L 358 -1.15 34.45 -48.13
C GLN L 358 0.14 34.87 -48.81
N HIS L 359 0.17 34.95 -50.14
CA HIS L 359 1.36 35.35 -50.86
C HIS L 359 1.39 36.83 -51.22
N MET L 360 0.26 37.41 -51.60
CA MET L 360 0.27 38.80 -52.03
C MET L 360 0.43 39.79 -50.90
N TYR L 361 0.20 39.39 -49.65
CA TYR L 361 0.49 40.31 -48.55
C TYR L 361 1.98 40.35 -48.23
N ALA L 362 2.65 39.21 -48.30
CA ALA L 362 4.05 39.12 -47.91
C ALA L 362 4.99 39.49 -49.03
N MET L 363 4.62 39.17 -50.27
CA MET L 363 5.37 39.55 -51.46
C MET L 363 4.41 40.32 -52.35
N PRO L 364 4.22 41.62 -52.09
CA PRO L 364 3.27 42.41 -52.89
C PRO L 364 3.75 42.58 -54.30
N PRO L 365 2.98 42.13 -55.29
CA PRO L 365 3.47 42.12 -56.68
C PRO L 365 3.37 43.45 -57.39
N TYR L 366 2.74 44.44 -56.80
CA TYR L 366 2.39 45.64 -57.52
C TYR L 366 3.03 46.87 -56.90
N PRO L 367 3.34 47.89 -57.70
CA PRO L 367 3.91 49.12 -57.14
C PRO L 367 2.89 49.84 -56.28
N TYR L 368 3.34 50.27 -55.09
CA TYR L 368 2.53 50.98 -54.09
C TYR L 368 1.31 50.15 -53.65
N LEU L 369 1.48 48.84 -53.57
CA LEU L 369 0.45 47.96 -53.04
C LEU L 369 0.55 47.82 -51.54
N ALA L 370 1.76 47.65 -51.01
CA ALA L 370 1.95 47.48 -49.57
C ALA L 370 1.81 48.81 -48.84
N THR L 371 2.00 49.93 -49.55
CA THR L 371 1.83 51.24 -48.93
C THR L 371 0.38 51.51 -48.60
N ASP L 372 -0.52 51.26 -49.57
CA ASP L 372 -1.94 51.39 -49.32
C ASP L 372 -2.41 50.16 -48.55
N TYR L 373 -2.58 50.30 -47.23
CA TYR L 373 -2.94 49.18 -46.39
C TYR L 373 -4.35 48.69 -46.66
N GLY L 374 -5.23 49.57 -47.14
CA GLY L 374 -6.60 49.19 -47.42
C GLY L 374 -6.72 48.18 -48.53
N THR L 375 -5.95 48.40 -49.61
CA THR L 375 -5.92 47.46 -50.73
C THR L 375 -5.41 46.09 -50.29
N GLN L 376 -4.33 46.05 -49.52
CA GLN L 376 -3.72 44.80 -49.11
C GLN L 376 -4.65 44.02 -48.18
N LEU L 377 -5.25 44.71 -47.21
CA LEU L 377 -6.20 44.08 -46.30
C LEU L 377 -7.42 43.57 -47.05
N SER L 378 -7.93 44.35 -47.99
CA SER L 378 -9.13 43.96 -48.74
C SER L 378 -8.87 42.77 -49.65
N ILE L 379 -7.72 42.73 -50.33
CA ILE L 379 -7.47 41.60 -51.22
C ILE L 379 -7.17 40.33 -50.42
N PHE L 380 -6.51 40.46 -49.27
CA PHE L 380 -6.31 39.30 -48.40
C PHE L 380 -7.63 38.73 -47.91
N THR L 381 -8.49 39.60 -47.38
CA THR L 381 -9.77 39.18 -46.84
C THR L 381 -10.67 38.59 -47.92
N HIS L 382 -10.72 39.25 -49.08
CA HIS L 382 -11.54 38.81 -50.19
C HIS L 382 -11.11 37.45 -50.70
N HIS L 383 -9.80 37.23 -50.85
CA HIS L 383 -9.34 35.95 -51.36
C HIS L 383 -9.43 34.83 -50.33
N MET L 384 -9.27 35.12 -49.03
CA MET L 384 -9.63 34.11 -48.02
C MET L 384 -11.09 33.71 -48.08
N TRP L 385 -12.01 34.68 -48.22
CA TRP L 385 -13.42 34.34 -48.22
C TRP L 385 -13.80 33.54 -49.46
N ILE L 386 -13.28 33.94 -50.62
CA ILE L 386 -13.54 33.22 -51.86
C ILE L 386 -12.97 31.81 -51.80
N GLY L 387 -11.73 31.68 -51.30
CA GLY L 387 -11.12 30.36 -51.19
C GLY L 387 -11.84 29.42 -50.26
N GLY L 388 -12.27 29.91 -49.10
CA GLY L 388 -13.02 29.06 -48.19
C GLY L 388 -14.37 28.66 -48.72
N PHE L 389 -15.04 29.58 -49.44
CA PHE L 389 -16.31 29.22 -50.08
C PHE L 389 -16.11 28.14 -51.12
N LEU L 390 -15.02 28.22 -51.90
CA LEU L 390 -14.76 27.19 -52.90
C LEU L 390 -14.42 25.84 -52.27
N ILE L 391 -13.72 25.86 -51.13
CA ILE L 391 -13.41 24.60 -50.45
C ILE L 391 -14.69 23.93 -49.91
N VAL L 392 -15.60 24.74 -49.34
CA VAL L 392 -16.86 24.18 -48.87
C VAL L 392 -17.73 23.69 -50.03
N GLY L 393 -17.70 24.39 -51.17
CA GLY L 393 -18.34 23.86 -52.36
C GLY L 393 -17.73 22.59 -52.88
N ALA L 394 -16.44 22.41 -52.70
CA ALA L 394 -15.80 21.15 -53.05
C ALA L 394 -16.30 20.00 -52.18
N GLY L 395 -16.44 20.25 -50.87
CA GLY L 395 -17.09 19.28 -50.01
C GLY L 395 -18.51 18.97 -50.43
N ALA L 396 -19.24 20.00 -50.86
CA ALA L 396 -20.59 19.84 -51.38
C ALA L 396 -20.64 18.92 -52.59
N HIS L 397 -19.79 19.19 -53.57
CA HIS L 397 -19.85 18.39 -54.80
C HIS L 397 -19.24 17.02 -54.66
N ALA L 398 -18.34 16.82 -53.69
CA ALA L 398 -17.96 15.46 -53.33
C ALA L 398 -19.16 14.70 -52.76
N SER L 399 -19.96 15.35 -51.91
CA SER L 399 -21.17 14.72 -51.40
C SER L 399 -22.18 14.43 -52.50
N ILE L 400 -22.32 15.35 -53.48
CA ILE L 400 -23.21 15.11 -54.61
C ILE L 400 -22.69 13.98 -55.50
N PHE L 401 -21.37 13.86 -55.65
CA PHE L 401 -20.79 12.73 -56.37
C PHE L 401 -21.12 11.41 -55.70
N MET L 402 -21.07 11.36 -54.37
CA MET L 402 -21.18 10.08 -53.68
C MET L 402 -22.57 9.46 -53.78
N VAL L 403 -23.64 10.25 -53.83
CA VAL L 403 -24.96 9.65 -53.94
C VAL L 403 -25.52 9.63 -55.35
N ARG L 404 -25.00 10.45 -56.25
CA ARG L 404 -25.59 10.56 -57.58
C ARG L 404 -24.71 10.02 -58.69
N ASP L 405 -23.39 9.95 -58.48
CA ASP L 405 -22.49 9.51 -59.52
C ASP L 405 -21.59 8.35 -59.10
N TYR L 406 -21.56 8.00 -57.82
CA TYR L 406 -20.72 6.89 -57.38
C TYR L 406 -21.38 5.56 -57.75
N ASP L 407 -20.60 4.67 -58.36
CA ASP L 407 -21.07 3.35 -58.71
C ASP L 407 -20.22 2.30 -58.00
N PRO L 408 -20.81 1.48 -57.12
CA PRO L 408 -20.03 0.46 -56.42
C PRO L 408 -19.50 -0.65 -57.30
N ALA L 409 -20.07 -0.86 -58.48
CA ALA L 409 -19.58 -1.90 -59.38
C ALA L 409 -18.19 -1.56 -59.92
N LYS L 410 -17.97 -0.30 -60.26
CA LYS L 410 -16.67 0.11 -60.79
C LYS L 410 -15.65 0.28 -59.68
N ASN L 411 -16.10 0.35 -58.43
CA ASN L 411 -15.23 0.62 -57.28
C ASN L 411 -15.28 -0.58 -56.34
N VAL L 412 -14.42 -1.55 -56.59
CA VAL L 412 -14.22 -2.69 -55.69
C VAL L 412 -12.76 -2.67 -55.30
N ASN L 413 -12.49 -2.56 -53.99
CA ASN L 413 -11.17 -2.64 -53.37
C ASN L 413 -10.18 -1.59 -53.85
N ASN L 414 -10.63 -0.50 -54.46
CA ASN L 414 -9.73 0.59 -54.81
C ASN L 414 -9.63 1.54 -53.62
N LEU L 415 -9.10 2.74 -53.85
CA LEU L 415 -8.91 3.70 -52.76
C LEU L 415 -10.25 4.20 -52.22
N LEU L 416 -11.19 4.51 -53.11
CA LEU L 416 -12.48 5.05 -52.69
C LEU L 416 -13.29 4.01 -51.91
N ASP L 417 -13.23 2.75 -52.35
CA ASP L 417 -13.91 1.67 -51.64
C ASP L 417 -13.33 1.49 -50.24
N ARG L 418 -12.01 1.57 -50.10
CA ARG L 418 -11.40 1.39 -48.79
C ARG L 418 -11.61 2.58 -47.87
N VAL L 419 -11.68 3.80 -48.44
CA VAL L 419 -12.06 4.96 -47.66
C VAL L 419 -13.48 4.81 -47.12
N LEU L 420 -14.40 4.31 -47.96
CA LEU L 420 -15.75 4.02 -47.48
C LEU L 420 -15.76 2.90 -46.46
N ARG L 421 -14.83 1.95 -46.57
CA ARG L 421 -14.78 0.83 -45.64
C ARG L 421 -14.21 1.21 -44.27
N HIS L 422 -13.34 2.20 -44.18
CA HIS L 422 -12.82 2.60 -42.88
C HIS L 422 -13.15 4.06 -42.57
N ARG L 423 -14.27 4.56 -43.12
CA ARG L 423 -14.77 5.89 -42.80
C ARG L 423 -15.01 6.12 -41.31
N ASP L 424 -15.34 5.09 -40.54
CA ASP L 424 -15.46 5.26 -39.09
C ASP L 424 -14.12 5.59 -38.45
N ALA L 425 -13.05 4.89 -38.87
CA ALA L 425 -11.71 5.18 -38.37
C ALA L 425 -11.21 6.54 -38.84
N ILE L 426 -11.61 6.97 -40.03
CA ILE L 426 -11.25 8.30 -40.48
C ILE L 426 -11.94 9.37 -39.63
N ILE L 427 -13.26 9.25 -39.51
CA ILE L 427 -14.06 10.32 -38.91
C ILE L 427 -13.84 10.38 -37.40
N SER L 428 -13.62 9.23 -36.75
CA SER L 428 -13.41 9.24 -35.31
C SER L 428 -12.06 9.86 -34.94
N HIS L 429 -11.01 9.60 -35.71
CA HIS L 429 -9.73 10.23 -35.43
C HIS L 429 -9.72 11.70 -35.81
N LEU L 430 -10.45 12.07 -36.86
CA LEU L 430 -10.64 13.49 -37.15
C LEU L 430 -11.42 14.18 -36.04
N ASN L 431 -12.43 13.50 -35.48
CA ASN L 431 -13.17 14.04 -34.35
C ASN L 431 -12.28 14.20 -33.13
N TRP L 432 -11.38 13.23 -32.88
CA TRP L 432 -10.45 13.35 -31.77
C TRP L 432 -9.48 14.51 -31.96
N VAL L 433 -8.95 14.67 -33.18
CA VAL L 433 -8.00 15.77 -33.37
C VAL L 433 -8.71 17.12 -33.34
N CYS L 434 -9.99 17.17 -33.71
CA CYS L 434 -10.76 18.40 -33.55
C CYS L 434 -10.99 18.72 -32.08
N ILE L 435 -11.31 17.72 -31.26
CA ILE L 435 -11.50 17.93 -29.82
C ILE L 435 -10.19 18.33 -29.16
N TRP L 436 -9.09 17.66 -29.52
CA TRP L 436 -7.78 17.99 -28.97
C TRP L 436 -7.36 19.40 -29.34
N LEU L 437 -7.55 19.77 -30.61
CA LEU L 437 -7.19 21.10 -31.06
C LEU L 437 -8.06 22.16 -30.41
N GLY L 438 -9.35 21.87 -30.22
CA GLY L 438 -10.21 22.81 -29.52
C GLY L 438 -9.81 23.04 -28.09
N PHE L 439 -9.51 21.97 -27.37
CA PHE L 439 -9.04 22.12 -25.99
C PHE L 439 -7.71 22.85 -25.94
N HIS L 440 -6.70 22.39 -26.67
CA HIS L 440 -5.35 22.95 -26.55
C HIS L 440 -5.10 24.11 -27.49
N SER L 441 -6.16 24.72 -28.04
CA SER L 441 -6.04 26.00 -28.70
C SER L 441 -6.97 27.04 -28.09
N PHE L 442 -8.15 26.62 -27.62
CA PHE L 442 -9.09 27.57 -27.05
C PHE L 442 -9.04 27.58 -25.53
N GLY L 443 -8.80 26.44 -24.89
CA GLY L 443 -8.60 26.43 -23.46
C GLY L 443 -7.34 27.13 -23.02
N LEU L 444 -6.36 27.30 -23.90
CA LEU L 444 -5.27 28.22 -23.63
C LEU L 444 -5.76 29.65 -23.48
N TYR L 445 -6.68 30.06 -24.37
CA TYR L 445 -7.27 31.39 -24.26
C TYR L 445 -8.17 31.49 -23.03
N ILE L 446 -8.89 30.43 -22.70
CA ILE L 446 -9.76 30.42 -21.52
C ILE L 446 -8.92 30.49 -20.24
N HIS L 447 -7.83 29.73 -20.20
CA HIS L 447 -6.88 29.80 -19.09
C HIS L 447 -6.26 31.17 -18.98
N ASN L 448 -5.92 31.79 -20.11
CA ASN L 448 -5.34 33.13 -20.06
C ASN L 448 -6.35 34.17 -19.61
N ASP L 449 -7.62 34.05 -20.03
CA ASP L 449 -8.68 34.89 -19.50
C ASP L 449 -8.82 34.73 -18.00
N THR L 450 -8.77 33.48 -17.52
CA THR L 450 -8.96 33.21 -16.11
C THR L 450 -7.81 33.77 -15.28
N MET L 451 -6.56 33.50 -15.68
CA MET L 451 -5.43 34.01 -14.91
C MET L 451 -5.25 35.50 -15.04
N ARG L 452 -5.60 36.11 -16.17
CA ARG L 452 -5.59 37.56 -16.23
C ARG L 452 -6.72 38.16 -15.41
N ALA L 453 -7.86 37.47 -15.30
CA ALA L 453 -8.96 37.93 -14.46
C ALA L 453 -8.67 37.72 -12.97
N LEU L 454 -8.02 36.63 -12.60
CA LEU L 454 -7.74 36.32 -11.21
C LEU L 454 -6.48 36.99 -10.69
N GLY L 455 -5.89 37.91 -11.44
CA GLY L 455 -4.68 38.58 -11.00
C GLY L 455 -3.47 37.67 -10.95
N ARG L 456 -3.34 36.81 -11.96
CA ARG L 456 -2.20 35.88 -12.05
C ARG L 456 -1.54 36.04 -13.40
N PRO L 457 -0.80 37.13 -13.62
CA PRO L 457 -0.16 37.33 -14.93
C PRO L 457 1.03 36.43 -15.16
N GLN L 458 1.57 35.80 -14.11
CA GLN L 458 2.67 34.88 -14.24
C GLN L 458 2.23 33.44 -14.47
N ASP L 459 0.94 33.16 -14.38
CA ASP L 459 0.39 31.83 -14.60
C ASP L 459 -0.22 31.67 -15.99
N MET L 460 -0.05 32.66 -16.86
CA MET L 460 -0.69 32.68 -18.15
C MET L 460 0.15 31.96 -19.20
N PHE L 461 -0.35 31.96 -20.42
CA PHE L 461 0.42 31.52 -21.59
C PHE L 461 0.80 32.76 -22.39
N SER L 462 1.90 33.39 -21.98
CA SER L 462 2.35 34.64 -22.56
C SER L 462 3.85 34.57 -22.79
N ASP L 463 4.39 35.65 -23.37
CA ASP L 463 5.83 35.74 -23.51
C ASP L 463 6.51 36.02 -22.18
N SER L 464 5.89 36.83 -21.32
CA SER L 464 6.41 37.04 -19.98
C SER L 464 6.07 35.86 -19.07
N ALA L 465 4.92 35.24 -19.31
CA ALA L 465 4.41 34.13 -18.52
C ALA L 465 4.95 32.82 -19.12
N ILE L 466 4.35 31.66 -18.86
CA ILE L 466 4.70 30.38 -19.47
C ILE L 466 4.71 30.51 -20.99
N GLN L 467 5.87 30.31 -21.60
CA GLN L 467 6.03 30.57 -23.02
C GLN L 467 5.64 29.35 -23.83
N LEU L 468 5.13 29.60 -25.03
CA LEU L 468 4.72 28.59 -25.99
C LEU L 468 5.27 28.95 -27.36
N GLN L 469 6.58 29.20 -27.41
CA GLN L 469 7.21 29.74 -28.61
C GLN L 469 7.15 28.75 -29.78
N PRO L 470 6.69 29.18 -30.95
CA PRO L 470 6.62 28.29 -32.12
C PRO L 470 8.00 28.09 -32.74
N VAL L 471 8.75 27.14 -32.15
CA VAL L 471 10.15 26.95 -32.50
C VAL L 471 10.35 26.42 -33.92
N PHE L 472 9.40 25.65 -34.46
CA PHE L 472 9.52 25.16 -35.82
C PHE L 472 9.35 26.28 -36.85
N ALA L 473 8.34 27.12 -36.67
CA ALA L 473 8.14 28.26 -37.55
C ALA L 473 9.25 29.30 -37.44
N GLN L 474 9.78 29.52 -36.23
CA GLN L 474 10.92 30.39 -36.07
C GLN L 474 12.18 29.82 -36.72
N TRP L 475 12.38 28.50 -36.65
CA TRP L 475 13.49 27.86 -37.36
C TRP L 475 13.35 27.99 -38.86
N ILE L 476 12.13 27.85 -39.37
CA ILE L 476 11.88 28.00 -40.80
C ILE L 476 12.08 29.46 -41.24
N GLN L 477 11.69 30.40 -40.38
CA GLN L 477 11.94 31.82 -40.64
C GLN L 477 13.44 32.11 -40.68
N GLY L 478 14.20 31.50 -39.78
CA GLY L 478 15.65 31.66 -39.79
C GLY L 478 16.28 31.03 -41.03
N LEU L 479 15.72 29.92 -41.50
CA LEU L 479 16.17 29.32 -42.76
C LEU L 479 15.88 30.22 -43.95
N HIS L 480 14.73 30.87 -43.98
CA HIS L 480 14.39 31.72 -45.12
C HIS L 480 15.14 33.05 -45.10
N ALA L 481 15.42 33.58 -43.91
CA ALA L 481 16.17 34.83 -43.82
C ALA L 481 17.61 34.63 -44.27
N ALA L 482 18.17 33.45 -44.00
CA ALA L 482 19.53 33.13 -44.44
C ALA L 482 19.55 32.41 -45.79
N ALA L 483 18.42 32.33 -46.48
CA ALA L 483 18.36 31.57 -47.73
C ALA L 483 19.10 32.28 -48.86
N ALA L 484 19.06 33.60 -48.87
CA ALA L 484 19.73 34.37 -49.91
C ALA L 484 21.24 34.35 -49.68
N GLY L 485 21.97 33.76 -50.63
CA GLY L 485 23.40 33.64 -50.54
C GLY L 485 23.92 32.33 -50.00
N ALA L 486 23.07 31.54 -49.35
CA ALA L 486 23.52 30.27 -48.79
C ALA L 486 22.85 29.10 -49.50
N THR L 487 21.53 29.06 -49.50
CA THR L 487 20.78 28.04 -50.23
C THR L 487 20.15 28.59 -51.50
N ALA L 488 20.10 29.91 -51.65
CA ALA L 488 19.79 30.54 -52.93
C ALA L 488 20.92 31.52 -53.23
N PRO L 489 22.05 31.03 -53.74
CA PRO L 489 23.23 31.88 -53.87
C PRO L 489 23.11 33.00 -54.88
N PHE L 490 22.16 32.92 -55.82
CA PHE L 490 22.00 33.95 -56.83
C PHE L 490 20.77 34.81 -56.59
N ALA L 491 20.35 34.96 -55.34
CA ALA L 491 19.29 35.89 -54.97
C ALA L 491 19.90 37.08 -54.25
N SER L 492 19.52 38.29 -54.66
CA SER L 492 20.03 39.49 -54.00
C SER L 492 19.49 39.61 -52.59
N ALA L 493 18.22 39.26 -52.39
CA ALA L 493 17.62 39.27 -51.06
C ALA L 493 16.69 38.07 -50.90
N GLY L 494 16.01 37.98 -49.76
CA GLY L 494 15.03 36.94 -49.53
C GLY L 494 13.78 37.18 -50.35
N VAL L 495 12.89 36.19 -50.32
CA VAL L 495 11.66 36.27 -51.10
C VAL L 495 10.74 37.35 -50.55
N SER L 496 10.84 37.64 -49.25
CA SER L 496 9.96 38.58 -48.59
C SER L 496 10.70 39.13 -47.39
N PRO L 497 10.39 40.35 -46.95
CA PRO L 497 10.96 40.87 -45.70
C PRO L 497 10.33 40.25 -44.45
N VAL L 498 9.36 39.35 -44.61
CA VAL L 498 8.66 38.74 -43.49
C VAL L 498 9.61 37.92 -42.63
N PHE L 499 10.43 37.10 -43.27
CA PHE L 499 11.24 36.13 -42.53
C PHE L 499 12.45 36.76 -41.86
N GLY L 500 12.82 37.96 -42.27
CA GLY L 500 13.96 38.63 -41.67
C GLY L 500 14.42 39.78 -42.54
N GLY L 501 15.59 40.29 -42.19
CA GLY L 501 16.16 41.41 -42.92
C GLY L 501 15.87 42.73 -42.26
N GLU L 502 15.51 43.73 -43.05
CA GLU L 502 15.27 45.07 -42.56
C GLU L 502 13.86 45.50 -42.92
N VAL L 503 13.45 46.65 -42.37
CA VAL L 503 12.15 47.22 -42.65
C VAL L 503 12.14 47.83 -44.03
N VAL L 504 11.37 47.26 -44.95
CA VAL L 504 11.15 47.88 -46.25
C VAL L 504 10.03 48.91 -46.08
N ALA L 505 10.35 50.16 -46.36
CA ALA L 505 9.45 51.29 -46.13
C ALA L 505 9.46 52.21 -47.33
N VAL L 506 8.29 52.66 -47.75
CA VAL L 506 8.12 53.54 -48.90
C VAL L 506 7.35 54.77 -48.45
N GLY L 507 7.89 55.95 -48.75
CA GLY L 507 7.28 57.19 -48.33
C GLY L 507 7.54 57.45 -46.87
N GLY L 508 6.50 57.34 -46.05
CA GLY L 508 6.67 57.45 -44.62
C GLY L 508 6.11 56.23 -43.92
N LYS L 509 5.39 55.41 -44.68
CA LYS L 509 4.74 54.22 -44.16
C LYS L 509 5.59 52.99 -44.47
N VAL L 510 5.35 51.93 -43.70
CA VAL L 510 6.07 50.68 -43.86
C VAL L 510 5.41 49.87 -44.98
N ALA L 511 6.22 49.46 -45.96
CA ALA L 511 5.75 48.42 -46.87
C ALA L 511 5.64 47.09 -46.15
N MET L 512 6.77 46.55 -45.68
CA MET L 512 6.78 45.30 -44.91
C MET L 512 7.88 45.32 -43.87
N MET L 513 7.61 44.68 -42.74
CA MET L 513 8.57 44.42 -41.67
C MET L 513 8.73 42.91 -41.51
N PRO L 514 9.78 42.48 -40.81
CA PRO L 514 9.79 41.11 -40.28
C PRO L 514 8.61 40.87 -39.34
N ILE L 515 8.02 39.68 -39.44
CA ILE L 515 6.86 39.30 -38.65
C ILE L 515 7.34 38.26 -37.64
N THR L 516 7.68 38.71 -36.45
CA THR L 516 8.11 37.81 -35.39
C THR L 516 6.92 37.03 -34.84
N LEU L 517 7.14 35.75 -34.58
CA LEU L 517 6.10 34.85 -34.10
C LEU L 517 6.37 34.51 -32.64
N GLY L 518 5.40 34.77 -31.78
CA GLY L 518 5.54 34.47 -30.37
C GLY L 518 4.45 33.55 -29.86
N THR L 519 4.12 33.66 -28.58
CA THR L 519 3.09 32.81 -27.97
C THR L 519 1.72 33.07 -28.57
N ALA L 520 1.40 34.35 -28.84
CA ALA L 520 0.13 34.70 -29.44
C ALA L 520 -0.03 34.13 -30.84
N ASP L 521 1.04 34.16 -31.64
CA ASP L 521 1.03 33.58 -32.97
C ASP L 521 0.89 32.08 -32.94
N PHE L 522 1.58 31.41 -32.01
CA PHE L 522 1.41 29.97 -31.79
C PHE L 522 -0.03 29.62 -31.47
N MET L 523 -0.63 30.36 -30.54
CA MET L 523 -1.98 30.06 -30.07
C MET L 523 -3.02 30.33 -31.15
N VAL L 524 -2.87 31.43 -31.91
CA VAL L 524 -3.80 31.70 -32.98
C VAL L 524 -3.58 30.80 -34.21
N HIS L 525 -2.36 30.31 -34.44
CA HIS L 525 -2.17 29.32 -35.50
C HIS L 525 -2.78 27.98 -35.12
N HIS L 526 -2.75 27.64 -33.83
CA HIS L 526 -3.45 26.43 -33.42
C HIS L 526 -4.95 26.58 -33.49
N ILE L 527 -5.48 27.78 -33.26
CA ILE L 527 -6.90 28.00 -33.50
C ILE L 527 -7.22 27.92 -34.99
N HIS L 528 -6.32 28.39 -35.85
CA HIS L 528 -6.49 28.23 -37.28
C HIS L 528 -6.55 26.77 -37.69
N ALA L 529 -5.61 25.97 -37.17
CA ALA L 529 -5.60 24.54 -37.44
C ALA L 529 -6.85 23.86 -36.89
N PHE L 530 -7.31 24.28 -35.72
CA PHE L 530 -8.51 23.73 -35.11
C PHE L 530 -9.74 24.00 -35.96
N THR L 531 -9.94 25.25 -36.37
CA THR L 531 -11.14 25.60 -37.12
C THR L 531 -11.12 24.99 -38.52
N ILE L 532 -9.95 24.95 -39.16
CA ILE L 532 -9.80 24.25 -40.43
C ILE L 532 -10.11 22.78 -40.26
N HIS L 533 -9.67 22.17 -39.15
CA HIS L 533 -9.91 20.75 -38.92
C HIS L 533 -11.36 20.45 -38.68
N VAL L 534 -12.09 21.33 -37.98
CA VAL L 534 -13.51 21.07 -37.77
C VAL L 534 -14.28 21.25 -39.07
N THR L 535 -13.90 22.24 -39.88
CA THR L 535 -14.52 22.36 -41.20
C THR L 535 -14.27 21.13 -42.06
N VAL L 536 -13.04 20.60 -42.01
CA VAL L 536 -12.69 19.33 -42.66
C VAL L 536 -13.54 18.20 -42.10
N LEU L 537 -13.76 18.19 -40.78
CA LEU L 537 -14.52 17.13 -40.14
C LEU L 537 -15.97 17.11 -40.61
N ILE L 538 -16.62 18.29 -40.66
CA ILE L 538 -18.00 18.34 -41.10
C ILE L 538 -18.12 18.00 -42.58
N LEU L 539 -17.25 18.57 -43.41
CA LEU L 539 -17.34 18.31 -44.85
C LEU L 539 -16.99 16.87 -45.21
N LEU L 540 -15.91 16.33 -44.63
CA LEU L 540 -15.53 14.95 -44.88
C LEU L 540 -16.51 13.96 -44.28
N LYS L 541 -17.12 14.30 -43.15
CA LYS L 541 -18.18 13.45 -42.59
C LYS L 541 -19.40 13.45 -43.49
N GLY L 542 -19.69 14.58 -44.12
CA GLY L 542 -20.74 14.60 -45.13
C GLY L 542 -20.40 13.79 -46.35
N VAL L 543 -19.12 13.75 -46.72
CA VAL L 543 -18.70 13.00 -47.90
C VAL L 543 -18.76 11.50 -47.64
N LEU L 544 -18.17 11.06 -46.53
CA LEU L 544 -18.01 9.63 -46.30
C LEU L 544 -19.32 8.98 -45.89
N TYR L 545 -20.13 9.69 -45.11
CA TYR L 545 -21.44 9.20 -44.68
C TYR L 545 -22.55 9.73 -45.57
N SER L 546 -22.26 9.96 -46.84
CA SER L 546 -23.26 10.50 -47.75
C SER L 546 -24.24 9.41 -48.18
N ARG L 547 -23.72 8.21 -48.42
CA ARG L 547 -24.52 7.11 -48.94
C ARG L 547 -25.21 6.30 -47.86
N SER L 548 -24.54 6.08 -46.73
CA SER L 548 -25.06 5.19 -45.70
C SER L 548 -24.41 5.53 -44.38
N SER L 549 -25.00 5.03 -43.31
CA SER L 549 -24.45 5.15 -41.97
C SER L 549 -25.02 4.03 -41.11
N ARG L 550 -24.62 4.00 -39.85
CA ARG L 550 -25.26 3.10 -38.91
C ARG L 550 -26.67 3.57 -38.58
N LEU L 551 -26.93 4.87 -38.70
CA LEU L 551 -28.26 5.41 -38.44
C LEU L 551 -29.21 5.12 -39.60
N ILE L 552 -28.90 5.66 -40.78
CA ILE L 552 -29.72 5.49 -41.96
C ILE L 552 -28.90 4.76 -43.02
N PRO L 553 -29.12 3.45 -43.17
CA PRO L 553 -28.35 2.69 -44.17
C PRO L 553 -28.78 2.97 -45.60
N ASP L 554 -30.07 3.22 -45.81
CA ASP L 554 -30.59 3.51 -47.14
C ASP L 554 -30.72 5.02 -47.32
N LYS L 555 -29.56 5.69 -47.28
CA LYS L 555 -29.51 7.14 -47.39
C LYS L 555 -29.16 7.63 -48.77
N ALA L 556 -28.65 6.76 -49.65
CA ALA L 556 -28.38 7.16 -51.02
C ALA L 556 -29.67 7.30 -51.82
N GLU L 557 -30.70 6.54 -51.47
CA GLU L 557 -31.97 6.65 -52.19
C GLU L 557 -32.72 7.91 -51.80
N LEU L 558 -32.42 8.48 -50.63
CA LEU L 558 -33.05 9.73 -50.23
C LEU L 558 -32.48 10.92 -50.97
N GLY L 559 -31.23 10.84 -51.44
CA GLY L 559 -30.64 11.87 -52.25
C GLY L 559 -29.60 12.67 -51.51
N PHE L 560 -29.00 13.62 -52.23
CA PHE L 560 -28.05 14.54 -51.63
C PHE L 560 -28.77 15.56 -50.75
N ARG L 561 -29.87 16.12 -51.26
CA ARG L 561 -30.53 17.26 -50.67
C ARG L 561 -31.91 16.84 -50.18
N PHE L 562 -31.97 16.31 -48.97
CA PHE L 562 -33.21 16.01 -48.29
C PHE L 562 -33.09 16.47 -46.85
N PRO L 563 -34.20 16.86 -46.21
CA PRO L 563 -34.12 17.41 -44.85
C PRO L 563 -33.71 16.41 -43.79
N CYS L 564 -34.40 15.27 -43.77
CA CYS L 564 -34.31 14.31 -42.68
C CYS L 564 -34.97 13.03 -43.15
N ASP L 565 -34.82 11.99 -42.34
CA ASP L 565 -35.59 10.78 -42.56
C ASP L 565 -36.81 10.70 -41.64
N GLY L 566 -36.85 11.48 -40.58
CA GLY L 566 -37.99 11.54 -39.71
C GLY L 566 -37.58 11.76 -38.27
N PRO L 567 -38.56 11.81 -37.35
CA PRO L 567 -38.24 11.90 -35.92
C PRO L 567 -37.84 10.57 -35.31
N GLY L 568 -37.82 9.51 -36.09
CA GLY L 568 -37.43 8.21 -35.57
C GLY L 568 -35.94 8.10 -35.43
N ARG L 569 -35.54 6.98 -34.81
CA ARG L 569 -34.16 6.70 -34.40
C ARG L 569 -33.62 7.82 -33.50
N GLY L 570 -34.50 8.38 -32.67
CA GLY L 570 -34.20 9.55 -31.89
C GLY L 570 -34.47 10.87 -32.59
N GLY L 571 -34.52 10.86 -33.92
CA GLY L 571 -34.65 12.07 -34.71
C GLY L 571 -33.48 12.24 -35.66
N THR L 572 -33.73 12.00 -36.94
CA THR L 572 -32.65 11.99 -37.94
C THR L 572 -32.59 13.32 -38.68
N CYS L 573 -32.45 14.41 -37.92
CA CYS L 573 -32.45 15.75 -38.46
C CYS L 573 -31.07 16.10 -38.98
N GLN L 574 -31.01 16.72 -40.17
CA GLN L 574 -29.76 17.17 -40.79
C GLN L 574 -28.77 16.03 -41.03
N VAL L 575 -29.31 14.90 -41.50
CA VAL L 575 -28.46 13.74 -41.79
C VAL L 575 -27.85 13.79 -43.18
N SER L 576 -28.36 14.63 -44.07
CA SER L 576 -27.98 14.58 -45.48
C SER L 576 -26.56 15.11 -45.68
N GLY L 577 -26.03 14.85 -46.87
CA GLY L 577 -24.78 15.47 -47.26
C GLY L 577 -24.88 16.96 -47.46
N TRP L 578 -26.08 17.46 -47.78
CA TRP L 578 -26.29 18.91 -47.92
C TRP L 578 -26.16 19.62 -46.57
N ASP L 579 -26.67 19.01 -45.51
CA ASP L 579 -26.67 19.67 -44.21
C ASP L 579 -25.27 19.75 -43.61
N HIS L 580 -24.37 18.85 -44.01
CA HIS L 580 -22.98 18.99 -43.62
C HIS L 580 -22.31 20.17 -44.32
N VAL L 581 -22.70 20.46 -45.56
CA VAL L 581 -22.27 21.69 -46.21
C VAL L 581 -22.85 22.90 -45.50
N PHE L 582 -24.10 22.76 -45.05
CA PHE L 582 -24.79 23.83 -44.34
C PHE L 582 -24.07 24.17 -43.03
N LEU L 583 -23.61 23.15 -42.30
CA LEU L 583 -22.84 23.39 -41.08
C LEU L 583 -21.39 23.82 -41.38
N GLY L 584 -20.81 23.29 -42.46
CA GLY L 584 -19.47 23.68 -42.85
C GLY L 584 -19.36 25.10 -43.34
N LEU L 585 -20.46 25.68 -43.81
CA LEU L 585 -20.48 27.11 -44.11
C LEU L 585 -20.34 27.95 -42.85
N PHE L 586 -21.01 27.58 -41.76
CA PHE L 586 -20.80 28.25 -40.49
C PHE L 586 -19.37 28.07 -40.01
N TRP L 587 -18.82 26.89 -40.18
CA TRP L 587 -17.47 26.68 -39.68
C TRP L 587 -16.40 27.32 -40.56
N MET L 588 -16.62 27.46 -41.87
CA MET L 588 -15.68 28.26 -42.66
C MET L 588 -15.81 29.74 -42.33
N TYR L 589 -17.04 30.21 -42.03
CA TYR L 589 -17.20 31.57 -41.51
C TYR L 589 -16.35 31.78 -40.26
N ASN L 590 -16.45 30.85 -39.31
CA ASN L 590 -15.67 30.96 -38.07
C ASN L 590 -14.17 30.90 -38.35
N SER L 591 -13.75 29.97 -39.20
CA SER L 591 -12.34 29.78 -39.51
C SER L 591 -11.75 31.00 -40.20
N LEU L 592 -12.39 31.46 -41.27
CA LEU L 592 -11.83 32.54 -42.05
C LEU L 592 -11.99 33.88 -41.33
N SER L 593 -13.00 34.00 -40.47
CA SER L 593 -13.11 35.19 -39.62
C SER L 593 -11.95 35.28 -38.66
N ILE L 594 -11.56 34.16 -38.06
CA ILE L 594 -10.39 34.17 -37.17
C ILE L 594 -9.12 34.42 -37.97
N VAL L 595 -9.04 33.91 -39.21
CA VAL L 595 -7.88 34.13 -40.07
C VAL L 595 -7.72 35.61 -40.41
N ILE L 596 -8.79 36.25 -40.86
CA ILE L 596 -8.69 37.66 -41.22
C ILE L 596 -8.59 38.55 -39.98
N PHE L 597 -9.05 38.09 -38.82
CA PHE L 597 -8.84 38.85 -37.60
C PHE L 597 -7.38 38.79 -37.16
N HIS L 598 -6.76 37.61 -37.27
CA HIS L 598 -5.34 37.46 -37.00
C HIS L 598 -4.51 38.30 -37.94
N PHE L 599 -4.88 38.33 -39.23
CA PHE L 599 -4.19 39.18 -40.18
C PHE L 599 -4.35 40.65 -39.85
N SER L 600 -5.58 41.11 -39.66
CA SER L 600 -5.86 42.52 -39.44
C SER L 600 -5.32 43.03 -38.11
N TRP L 601 -5.07 42.15 -37.14
CA TRP L 601 -4.43 42.60 -35.92
C TRP L 601 -2.91 42.47 -35.97
N LYS L 602 -2.38 41.37 -36.49
CA LYS L 602 -0.94 41.17 -36.52
C LYS L 602 -0.25 42.18 -37.44
N MET L 603 -0.83 42.46 -38.61
CA MET L 603 -0.20 43.42 -39.51
C MET L 603 -0.33 44.85 -38.99
N GLN L 604 -1.45 45.17 -38.34
CA GLN L 604 -1.64 46.52 -37.82
C GLN L 604 -0.77 46.76 -36.59
N SER L 605 -0.51 45.72 -35.80
CA SER L 605 0.26 45.89 -34.58
C SER L 605 1.75 45.70 -34.78
N ASP L 606 2.17 44.89 -35.74
CA ASP L 606 3.56 44.51 -35.86
C ASP L 606 4.18 44.74 -37.22
N VAL L 607 3.40 45.08 -38.24
CA VAL L 607 3.95 45.31 -39.57
C VAL L 607 3.64 46.73 -40.04
N TRP L 608 2.35 47.04 -40.16
CA TRP L 608 1.95 48.33 -40.71
C TRP L 608 2.20 49.45 -39.71
N GLY L 609 2.40 50.64 -40.24
CA GLY L 609 2.65 51.80 -39.42
C GLY L 609 3.53 52.80 -40.13
N THR L 610 3.86 53.87 -39.42
CA THR L 610 4.73 54.90 -39.96
C THR L 610 6.16 54.71 -39.49
N VAL L 611 7.09 55.35 -40.19
CA VAL L 611 8.51 55.28 -39.86
C VAL L 611 8.88 56.65 -39.30
N LEU L 612 9.40 56.65 -38.08
CA LEU L 612 9.92 57.88 -37.50
C LEU L 612 11.24 58.23 -38.18
N PRO L 613 11.62 59.52 -38.22
CA PRO L 613 12.91 59.90 -38.83
C PRO L 613 14.13 59.34 -38.10
N ASP L 614 13.96 58.96 -36.84
CA ASP L 614 15.02 58.31 -36.07
C ASP L 614 15.30 56.91 -36.62
N GLY L 615 14.26 56.25 -37.14
CA GLY L 615 14.37 54.92 -37.71
C GLY L 615 13.39 53.91 -37.14
N SER L 616 12.85 54.17 -35.96
CA SER L 616 11.90 53.24 -35.35
C SER L 616 10.56 53.32 -36.04
N VAL L 617 9.78 52.24 -35.91
CA VAL L 617 8.49 52.12 -36.57
C VAL L 617 7.40 52.28 -35.52
N SER L 618 6.52 53.25 -35.70
CA SER L 618 5.35 53.43 -34.86
C SER L 618 4.17 52.78 -35.55
N HIS L 619 3.72 51.66 -34.99
CA HIS L 619 2.67 50.88 -35.63
C HIS L 619 1.30 51.51 -35.40
N ILE L 620 0.28 50.90 -36.00
CA ILE L 620 -1.06 51.46 -35.96
C ILE L 620 -1.66 51.35 -34.57
N THR L 621 -1.59 50.16 -33.97
CA THR L 621 -2.13 49.97 -32.62
C THR L 621 -1.06 50.08 -31.54
N GLY L 622 0.17 49.68 -31.82
CA GLY L 622 1.24 49.86 -30.88
C GLY L 622 1.84 48.58 -30.36
N GLY L 623 1.79 47.52 -31.15
CA GLY L 623 2.34 46.24 -30.74
C GLY L 623 1.64 45.57 -29.59
N ASN L 624 0.31 45.61 -29.57
CA ASN L 624 -0.46 44.98 -28.51
C ASN L 624 -0.84 43.54 -28.83
N PHE L 625 -0.38 43.00 -29.95
CA PHE L 625 -0.64 41.59 -30.25
C PHE L 625 0.13 40.66 -29.33
N ALA L 626 1.27 41.11 -28.79
CA ALA L 626 2.08 40.24 -27.95
C ALA L 626 1.42 39.94 -26.62
N GLN L 627 0.65 40.89 -26.08
CA GLN L 627 0.08 40.75 -24.75
C GLN L 627 -1.44 40.67 -24.71
N SER L 628 -2.13 41.11 -25.77
CA SER L 628 -3.58 41.08 -25.78
C SER L 628 -4.18 40.04 -26.71
N ALA L 629 -3.43 39.52 -27.67
CA ALA L 629 -3.96 38.47 -28.54
C ALA L 629 -3.86 37.10 -27.92
N ILE L 630 -3.57 37.01 -26.63
CA ILE L 630 -3.55 35.75 -25.90
C ILE L 630 -4.82 35.54 -25.09
N THR L 631 -5.69 36.54 -25.01
CA THR L 631 -6.92 36.49 -24.23
C THR L 631 -8.11 36.82 -25.12
N ILE L 632 -9.24 36.20 -24.82
CA ILE L 632 -10.48 36.55 -25.51
C ILE L 632 -10.91 37.98 -25.15
N ASN L 633 -10.67 38.41 -23.92
CA ASN L 633 -10.96 39.79 -23.55
C ASN L 633 -10.04 40.76 -24.26
N GLY L 634 -8.80 40.34 -24.54
CA GLY L 634 -7.92 41.18 -25.33
C GLY L 634 -8.36 41.28 -26.78
N TRP L 635 -8.86 40.19 -27.34
CA TRP L 635 -9.41 40.21 -28.70
C TRP L 635 -10.68 41.03 -28.77
N LEU L 636 -11.48 41.01 -27.71
CA LEU L 636 -12.70 41.79 -27.67
C LEU L 636 -12.42 43.27 -27.45
N ARG L 637 -11.46 43.57 -26.59
CA ARG L 637 -11.21 44.95 -26.17
C ARG L 637 -10.26 45.66 -27.11
N ASP L 638 -9.08 45.10 -27.34
CA ASP L 638 -8.04 45.77 -28.09
C ASP L 638 -8.17 45.57 -29.60
N PHE L 639 -9.03 44.67 -30.05
CA PHE L 639 -9.26 44.49 -31.48
C PHE L 639 -10.69 44.84 -31.89
N LEU L 640 -11.70 44.19 -31.31
CA LEU L 640 -13.05 44.45 -31.79
C LEU L 640 -13.61 45.75 -31.24
N TRP L 641 -13.40 46.04 -29.96
CA TRP L 641 -13.92 47.29 -29.40
C TRP L 641 -13.08 48.48 -29.84
N ALA L 642 -11.75 48.32 -29.87
CA ALA L 642 -10.88 49.46 -30.10
C ALA L 642 -10.88 49.88 -31.56
N GLN L 643 -10.86 48.93 -32.49
CA GLN L 643 -10.74 49.25 -33.90
C GLN L 643 -12.09 49.50 -34.57
N ALA L 644 -13.20 49.27 -33.88
CA ALA L 644 -14.51 49.63 -34.39
C ALA L 644 -14.94 51.01 -33.94
N ALA L 645 -14.03 51.75 -33.30
CA ALA L 645 -14.26 53.17 -33.01
C ALA L 645 -14.32 54.01 -34.26
N ASN L 646 -13.73 53.54 -35.37
CA ASN L 646 -13.80 54.23 -36.64
C ASN L 646 -15.09 53.99 -37.41
N VAL L 647 -15.69 52.80 -37.26
CA VAL L 647 -16.84 52.43 -38.09
C VAL L 647 -18.12 52.99 -37.46
N ILE L 648 -18.08 53.26 -36.16
CA ILE L 648 -19.26 53.80 -35.49
C ILE L 648 -19.23 55.31 -35.38
N ASN L 649 -18.07 55.94 -35.54
CA ASN L 649 -17.94 57.39 -35.55
C ASN L 649 -17.83 57.92 -36.97
N SER L 650 -18.13 57.06 -37.94
CA SER L 650 -18.02 57.40 -39.35
C SER L 650 -19.22 58.18 -39.87
N TYR L 651 -20.27 58.32 -39.08
CA TYR L 651 -21.49 59.00 -39.51
C TYR L 651 -21.23 60.49 -39.69
N GLY L 652 -21.85 61.05 -40.72
CA GLY L 652 -21.59 62.43 -41.06
C GLY L 652 -20.25 62.66 -41.71
N SER L 653 -19.63 61.61 -42.25
CA SER L 653 -18.33 61.70 -42.89
C SER L 653 -18.36 60.91 -44.19
N ALA L 654 -17.19 60.77 -44.82
CA ALA L 654 -17.12 60.11 -46.11
C ALA L 654 -17.18 58.59 -46.00
N LEU L 655 -16.99 58.04 -44.80
CA LEU L 655 -17.03 56.60 -44.58
C LEU L 655 -18.30 56.17 -43.88
N SER L 656 -19.36 56.98 -43.93
CA SER L 656 -20.60 56.65 -43.25
C SER L 656 -21.36 55.52 -43.92
N ALA L 657 -21.11 55.29 -45.21
CA ALA L 657 -21.67 54.12 -45.87
C ALA L 657 -21.14 52.84 -45.28
N TYR L 658 -19.90 52.84 -44.79
CA TYR L 658 -19.38 51.69 -44.07
C TYR L 658 -20.06 51.49 -42.72
N GLY L 659 -20.39 52.56 -41.99
CA GLY L 659 -21.17 52.38 -40.77
C GLY L 659 -22.57 51.87 -41.05
N ILE L 660 -23.17 52.35 -42.15
CA ILE L 660 -24.47 51.86 -42.59
C ILE L 660 -24.39 50.37 -42.92
N MET L 661 -23.34 49.95 -43.63
CA MET L 661 -23.19 48.55 -43.98
C MET L 661 -22.85 47.69 -42.77
N PHE L 662 -22.16 48.27 -41.79
CA PHE L 662 -21.90 47.61 -40.51
C PHE L 662 -23.20 47.26 -39.80
N LEU L 663 -24.07 48.25 -39.66
CA LEU L 663 -25.38 48.02 -39.04
C LEU L 663 -26.25 47.10 -39.89
N ALA L 664 -26.13 47.20 -41.21
CA ALA L 664 -26.92 46.37 -42.11
C ALA L 664 -26.51 44.90 -42.00
N GLY L 665 -25.21 44.63 -41.91
CA GLY L 665 -24.75 43.28 -41.68
C GLY L 665 -25.14 42.73 -40.33
N HIS L 666 -25.16 43.59 -39.30
CA HIS L 666 -25.70 43.15 -38.01
C HIS L 666 -27.16 42.76 -38.13
N PHE L 667 -27.95 43.54 -38.88
CA PHE L 667 -29.35 43.24 -39.12
C PHE L 667 -29.51 41.90 -39.83
N VAL L 668 -28.71 41.65 -40.87
CA VAL L 668 -28.88 40.42 -41.65
C VAL L 668 -28.42 39.21 -40.85
N PHE L 669 -27.38 39.36 -40.03
CA PHE L 669 -26.97 38.28 -39.14
C PHE L 669 -28.07 37.94 -38.14
N ALA L 670 -28.72 38.96 -37.57
CA ALA L 670 -29.82 38.69 -36.64
C ALA L 670 -31.04 38.15 -37.37
N PHE L 671 -31.24 38.57 -38.62
CA PHE L 671 -32.35 38.10 -39.44
C PHE L 671 -32.20 36.64 -39.81
N SER L 672 -30.95 36.17 -39.91
CA SER L 672 -30.68 34.77 -40.24
C SER L 672 -31.21 33.82 -39.18
N LEU L 673 -31.21 34.23 -37.92
CA LEU L 673 -31.54 33.32 -36.84
C LEU L 673 -33.03 33.01 -36.77
N MET L 674 -33.87 33.81 -37.41
CA MET L 674 -35.27 33.44 -37.54
C MET L 674 -35.43 32.18 -38.38
N PHE L 675 -34.68 32.10 -39.48
CA PHE L 675 -34.71 30.91 -40.32
C PHE L 675 -33.90 29.77 -39.71
N LEU L 676 -32.81 30.09 -39.02
CA LEU L 676 -31.94 29.05 -38.48
C LEU L 676 -32.55 28.39 -37.26
N PHE L 677 -33.21 29.15 -36.40
CA PHE L 677 -33.65 28.62 -35.11
C PHE L 677 -35.02 27.96 -35.23
N SER L 678 -35.92 28.57 -35.98
CA SER L 678 -37.28 28.09 -36.09
C SER L 678 -37.37 26.93 -37.07
N GLY L 679 -38.59 26.42 -37.24
CA GLY L 679 -38.83 25.33 -38.17
C GLY L 679 -40.03 25.63 -39.04
N ARG L 680 -40.27 24.73 -40.00
CA ARG L 680 -41.27 24.98 -41.02
C ARG L 680 -42.68 24.94 -40.48
N GLY L 681 -42.95 24.06 -39.51
CA GLY L 681 -44.31 23.84 -39.06
C GLY L 681 -44.89 24.98 -38.26
N TYR L 682 -44.06 25.86 -37.70
CA TYR L 682 -44.59 27.11 -37.17
C TYR L 682 -45.13 27.98 -38.29
N TRP L 683 -44.31 28.19 -39.31
CA TRP L 683 -44.60 29.18 -40.33
C TRP L 683 -45.69 28.72 -41.26
N GLN L 684 -45.83 27.41 -41.46
CA GLN L 684 -46.95 26.90 -42.24
C GLN L 684 -48.27 27.18 -41.54
N GLU L 685 -48.29 27.11 -40.22
CA GLU L 685 -49.54 27.35 -39.49
C GLU L 685 -49.84 28.84 -39.46
N LEU L 686 -48.79 29.67 -39.35
CA LEU L 686 -48.98 31.12 -39.43
C LEU L 686 -49.50 31.55 -40.80
N ILE L 687 -48.94 30.98 -41.87
CA ILE L 687 -49.44 31.24 -43.22
C ILE L 687 -50.87 30.71 -43.37
N GLU L 688 -51.22 29.61 -42.69
CA GLU L 688 -52.60 29.15 -42.69
C GLU L 688 -53.54 30.16 -42.05
N SER L 689 -53.10 30.82 -40.99
CA SER L 689 -53.89 31.91 -40.42
C SER L 689 -54.01 33.10 -41.36
N ILE L 690 -52.96 33.39 -42.13
CA ILE L 690 -53.03 34.51 -43.09
C ILE L 690 -53.93 34.16 -44.29
N VAL L 691 -53.94 32.89 -44.72
CA VAL L 691 -54.75 32.46 -45.86
C VAL L 691 -56.23 32.66 -45.57
N TRP L 692 -56.67 32.49 -44.32
CA TRP L 692 -58.09 32.65 -44.04
C TRP L 692 -58.47 34.12 -44.12
N ALA L 693 -57.58 35.01 -43.69
CA ALA L 693 -57.84 36.45 -43.79
C ALA L 693 -57.84 36.91 -45.22
N HIS L 694 -57.07 36.24 -46.08
CA HIS L 694 -57.16 36.52 -47.50
C HIS L 694 -58.44 35.95 -48.11
N ASN L 695 -58.85 34.77 -47.66
CA ASN L 695 -60.09 34.14 -48.11
C ASN L 695 -61.31 34.96 -47.71
N LYS L 696 -61.21 35.67 -46.59
CA LYS L 696 -62.32 36.50 -46.11
C LYS L 696 -62.59 37.67 -47.05
N LEU L 697 -61.55 38.17 -47.72
CA LEU L 697 -61.69 39.31 -48.61
C LEU L 697 -61.42 38.96 -50.06
N LYS L 698 -61.66 37.69 -50.45
CA LYS L 698 -61.50 37.19 -51.82
C LYS L 698 -60.09 37.40 -52.34
N LEU L 699 -59.10 37.24 -51.46
CA LEU L 699 -57.70 37.43 -51.80
C LEU L 699 -56.92 36.12 -51.80
N ALA L 700 -57.58 35.02 -52.10
CA ALA L 700 -56.90 33.74 -52.22
C ALA L 700 -56.02 33.73 -53.47
N PRO L 701 -54.72 33.53 -53.33
CA PRO L 701 -53.88 33.41 -54.52
C PRO L 701 -54.06 32.05 -55.17
N ALA L 702 -53.87 32.00 -56.49
CA ALA L 702 -53.94 30.74 -57.22
C ALA L 702 -52.78 29.82 -56.81
N ILE L 703 -51.57 30.36 -56.79
CA ILE L 703 -50.42 29.65 -56.25
C ILE L 703 -50.52 29.70 -54.73
N GLN L 704 -50.78 28.55 -54.11
CA GLN L 704 -51.04 28.48 -52.68
C GLN L 704 -49.77 28.79 -51.88
N PRO L 705 -49.83 29.70 -50.91
CA PRO L 705 -48.63 30.06 -50.16
C PRO L 705 -48.23 28.96 -49.18
N ARG L 706 -47.02 28.46 -49.36
CA ARG L 706 -46.43 27.49 -48.45
C ARG L 706 -45.24 28.12 -47.75
N ALA L 707 -44.94 27.61 -46.57
CA ALA L 707 -43.70 27.97 -45.90
C ALA L 707 -42.53 27.40 -46.70
N LEU L 708 -41.36 28.01 -46.51
CA LEU L 708 -40.15 27.50 -47.15
C LEU L 708 -39.84 26.11 -46.62
N SER L 709 -39.32 25.24 -47.48
CA SER L 709 -39.01 23.88 -47.07
C SER L 709 -37.85 23.89 -46.08
N ILE L 710 -37.66 22.74 -45.43
CA ILE L 710 -36.70 22.63 -44.34
C ILE L 710 -35.28 22.88 -44.84
N VAL L 711 -34.93 22.28 -45.98
CA VAL L 711 -33.65 22.54 -46.61
C VAL L 711 -33.57 23.98 -47.08
N GLN L 712 -34.65 24.53 -47.63
CA GLN L 712 -34.63 25.92 -48.05
C GLN L 712 -34.60 26.86 -46.85
N GLY L 713 -35.24 26.48 -45.75
CA GLY L 713 -35.13 27.29 -44.54
C GLY L 713 -33.72 27.34 -44.00
N ARG L 714 -33.03 26.19 -44.00
CA ARG L 714 -31.62 26.16 -43.63
C ARG L 714 -30.75 26.93 -44.62
N ALA L 715 -31.04 26.83 -45.92
CA ALA L 715 -30.26 27.55 -46.92
C ALA L 715 -30.41 29.06 -46.78
N VAL L 716 -31.65 29.53 -46.57
CA VAL L 716 -31.89 30.95 -46.37
C VAL L 716 -31.21 31.44 -45.10
N GLY L 717 -31.30 30.64 -44.03
CA GLY L 717 -30.64 31.02 -42.79
C GLY L 717 -29.13 31.09 -42.90
N VAL L 718 -28.51 30.12 -43.55
CA VAL L 718 -27.05 30.14 -43.66
C VAL L 718 -26.59 31.22 -44.66
N ALA L 719 -27.35 31.48 -45.72
CA ALA L 719 -26.98 32.53 -46.66
C ALA L 719 -27.08 33.90 -46.01
N HIS L 720 -28.14 34.12 -45.22
CA HIS L 720 -28.27 35.37 -44.47
C HIS L 720 -27.20 35.49 -43.39
N TYR L 721 -26.83 34.38 -42.74
CA TYR L 721 -25.81 34.41 -41.70
C TYR L 721 -24.47 34.81 -42.29
N LEU L 722 -24.08 34.16 -43.38
CA LEU L 722 -22.80 34.45 -44.03
C LEU L 722 -22.80 35.85 -44.61
N LEU L 723 -23.91 36.27 -45.24
CA LEU L 723 -23.99 37.61 -45.81
C LEU L 723 -23.89 38.68 -44.74
N GLY L 724 -24.65 38.54 -43.66
CA GLY L 724 -24.62 39.51 -42.58
C GLY L 724 -23.31 39.56 -41.83
N GLY L 725 -22.66 38.42 -41.62
CA GLY L 725 -21.37 38.45 -40.98
C GLY L 725 -20.25 39.00 -41.86
N ILE L 726 -20.25 38.60 -43.12
CA ILE L 726 -19.22 39.01 -44.06
C ILE L 726 -19.33 40.49 -44.40
N VAL L 727 -20.56 41.01 -44.56
CA VAL L 727 -20.77 42.43 -44.79
C VAL L 727 -20.32 43.24 -43.59
N THR L 728 -20.60 42.75 -42.39
CA THR L 728 -20.15 43.39 -41.14
C THR L 728 -18.64 43.47 -41.07
N THR L 729 -17.95 42.35 -41.34
CA THR L 729 -16.50 42.34 -41.26
C THR L 729 -15.88 43.17 -42.37
N TRP L 730 -16.48 43.18 -43.56
CA TRP L 730 -16.04 44.02 -44.67
C TRP L 730 -16.12 45.50 -44.30
N ALA L 731 -17.26 45.91 -43.74
CA ALA L 731 -17.45 47.29 -43.33
C ALA L 731 -16.51 47.71 -42.22
N PHE L 732 -16.34 46.84 -41.21
CA PHE L 732 -15.43 47.13 -40.11
C PHE L 732 -13.99 47.25 -40.58
N PHE L 733 -13.53 46.29 -41.39
CA PHE L 733 -12.17 46.30 -41.90
C PHE L 733 -11.91 47.52 -42.76
N LEU L 734 -12.82 47.81 -43.69
CA LEU L 734 -12.58 48.89 -44.65
C LEU L 734 -12.67 50.25 -43.98
N CYS L 735 -13.58 50.44 -43.03
CA CYS L 735 -13.68 51.75 -42.40
C CYS L 735 -12.55 51.95 -41.39
N ARG L 736 -12.07 50.88 -40.77
CA ARG L 736 -10.89 51.01 -39.92
C ARG L 736 -9.66 51.37 -40.74
N ILE L 737 -9.43 50.64 -41.84
CA ILE L 737 -8.20 50.79 -42.61
C ILE L 737 -8.23 51.99 -43.55
N LEU L 738 -9.40 52.57 -43.81
CA LEU L 738 -9.49 53.81 -44.56
C LEU L 738 -9.38 55.03 -43.66
N SER L 739 -9.26 54.82 -42.35
CA SER L 739 -9.03 55.88 -41.39
C SER L 739 -7.64 55.81 -40.78
N VAL L 740 -7.10 54.62 -40.55
CA VAL L 740 -5.77 54.47 -39.96
C VAL L 740 -4.70 54.18 -41.01
N GLY L 741 -5.07 53.85 -42.23
CA GLY L 741 -4.10 53.53 -43.25
C GLY L 741 -3.92 54.64 -44.28
N ALA M 1 -35.04 -2.27 -17.22
CA ALA M 1 -35.12 -2.69 -15.82
C ALA M 1 -34.23 -1.82 -14.94
N THR M 2 -34.41 -0.51 -15.05
CA THR M 2 -33.63 0.47 -14.28
C THR M 2 -34.58 1.26 -13.40
N LYS M 3 -34.21 1.42 -12.13
CA LYS M 3 -35.07 2.06 -11.14
C LYS M 3 -35.26 3.55 -11.37
N PHE M 4 -34.43 4.19 -12.18
CA PHE M 4 -34.60 5.59 -12.51
C PHE M 4 -35.04 5.73 -13.96
N PRO M 5 -36.06 6.54 -14.26
CA PRO M 5 -36.92 7.23 -13.29
C PRO M 5 -38.00 6.33 -12.71
N LYS M 6 -38.29 6.53 -11.42
CA LYS M 6 -39.31 5.72 -10.74
C LYS M 6 -40.70 6.06 -11.27
N PHE M 7 -40.95 7.34 -11.55
CA PHE M 7 -42.28 7.80 -11.88
C PHE M 7 -42.73 7.42 -13.30
N SER M 8 -41.79 7.16 -14.21
CA SER M 8 -42.12 6.79 -15.58
C SER M 8 -41.48 5.45 -15.89
N GLN M 9 -42.31 4.48 -16.29
CA GLN M 9 -41.79 3.17 -16.65
C GLN M 9 -41.48 3.05 -18.13
N ASP M 10 -42.02 3.95 -18.96
CA ASP M 10 -41.60 4.01 -20.36
C ASP M 10 -40.14 4.45 -20.47
N LEU M 11 -39.73 5.40 -19.64
CA LEU M 11 -38.34 5.85 -19.60
C LEU M 11 -37.45 4.92 -18.79
N ALA M 12 -38.03 4.07 -17.95
CA ALA M 12 -37.22 3.18 -17.13
C ALA M 12 -36.59 2.07 -17.95
N GLN M 13 -37.27 1.59 -18.98
CA GLN M 13 -36.72 0.57 -19.87
C GLN M 13 -36.00 1.17 -21.07
N ASP M 14 -35.77 2.48 -21.07
CA ASP M 14 -34.96 3.11 -22.12
C ASP M 14 -33.50 2.71 -21.93
N PRO M 15 -32.87 2.07 -22.90
CA PRO M 15 -31.46 1.65 -22.74
C PRO M 15 -30.43 2.70 -23.11
N THR M 16 -30.83 3.93 -23.37
CA THR M 16 -29.94 4.98 -23.83
C THR M 16 -29.76 6.04 -22.75
N THR M 17 -29.02 7.10 -23.10
CA THR M 17 -28.83 8.23 -22.21
C THR M 17 -30.02 9.18 -22.19
N ARG M 18 -31.00 8.96 -23.08
CA ARG M 18 -32.21 9.76 -23.08
C ARG M 18 -33.04 9.53 -21.82
N ARG M 19 -32.85 8.37 -21.18
CA ARG M 19 -33.57 8.04 -19.95
C ARG M 19 -33.25 9.03 -18.83
N ILE M 20 -31.97 9.36 -18.65
CA ILE M 20 -31.58 10.27 -17.58
C ILE M 20 -32.04 11.69 -17.88
N TRP M 21 -31.85 12.14 -19.11
CA TRP M 21 -32.22 13.50 -19.51
C TRP M 21 -33.73 13.71 -19.43
N TYR M 22 -34.49 12.69 -19.79
CA TYR M 22 -35.95 12.82 -19.74
C TYR M 22 -36.50 12.52 -18.35
N GLY M 23 -35.77 11.80 -17.51
CA GLY M 23 -36.17 11.68 -16.12
C GLY M 23 -35.92 12.94 -15.33
N ILE M 24 -34.94 13.73 -15.76
CA ILE M 24 -34.74 15.04 -15.14
C ILE M 24 -35.88 15.99 -15.52
N ALA M 25 -36.27 16.02 -16.80
CA ALA M 25 -37.21 17.01 -17.29
C ALA M 25 -38.68 16.64 -17.07
N THR M 26 -39.00 15.37 -16.82
CA THR M 26 -40.37 14.97 -16.53
C THR M 26 -40.59 14.71 -15.05
N ALA M 27 -39.68 15.16 -14.20
CA ALA M 27 -39.80 14.90 -12.77
C ALA M 27 -40.92 15.72 -12.14
N HIS M 28 -41.12 16.95 -12.58
CA HIS M 28 -42.13 17.82 -11.99
C HIS M 28 -43.45 17.80 -12.74
N ASP M 29 -43.53 17.10 -13.86
CA ASP M 29 -44.80 16.95 -14.58
C ASP M 29 -45.52 15.77 -13.96
N PHE M 30 -46.19 16.03 -12.83
CA PHE M 30 -46.79 14.96 -12.05
C PHE M 30 -47.99 14.33 -12.75
N GLU M 31 -48.61 15.04 -13.70
CA GLU M 31 -49.80 14.53 -14.37
C GLU M 31 -49.50 13.35 -15.26
N THR M 32 -48.30 13.24 -15.82
CA THR M 32 -47.92 12.15 -16.70
C THR M 32 -47.17 11.05 -15.97
N HIS M 33 -47.11 11.10 -14.65
CA HIS M 33 -46.45 10.06 -13.89
C HIS M 33 -47.30 8.79 -13.89
N ASP M 34 -46.63 7.65 -13.86
CA ASP M 34 -47.34 6.37 -13.89
C ASP M 34 -48.01 6.10 -12.56
N GLY M 35 -49.27 5.65 -12.63
CA GLY M 35 -50.05 5.38 -11.45
C GLY M 35 -50.40 6.61 -10.64
N MET M 36 -50.65 7.74 -11.31
CA MET M 36 -50.96 8.99 -10.63
C MET M 36 -52.44 9.28 -10.75
N THR M 37 -53.10 9.42 -9.61
CA THR M 37 -54.47 9.89 -9.55
C THR M 37 -54.49 11.39 -9.25
N GLU M 38 -55.67 11.99 -9.44
CA GLU M 38 -55.83 13.41 -9.16
C GLU M 38 -55.68 13.71 -7.68
N GLU M 39 -56.17 12.80 -6.83
CA GLU M 39 -56.09 12.95 -5.38
C GLU M 39 -54.65 12.95 -4.89
N ASN M 40 -53.81 12.10 -5.46
CA ASN M 40 -52.37 12.12 -5.17
C ASN M 40 -51.65 13.27 -5.85
N LEU M 41 -52.11 13.67 -7.05
CA LEU M 41 -51.53 14.79 -7.78
C LEU M 41 -51.58 16.08 -6.97
N TYR M 42 -52.78 16.40 -6.46
CA TYR M 42 -52.97 17.64 -5.71
C TYR M 42 -52.17 17.64 -4.41
N GLN M 43 -52.08 16.50 -3.73
CA GLN M 43 -51.32 16.43 -2.49
C GLN M 43 -49.82 16.54 -2.72
N LYS M 44 -49.31 15.93 -3.80
CA LYS M 44 -47.90 16.10 -4.13
C LYS M 44 -47.57 17.54 -4.51
N ILE M 45 -48.48 18.21 -5.23
CA ILE M 45 -48.30 19.62 -5.55
C ILE M 45 -48.34 20.46 -4.27
N PHE M 46 -49.23 20.11 -3.34
CA PHE M 46 -49.35 20.82 -2.07
C PHE M 46 -48.08 20.72 -1.25
N ALA M 47 -47.46 19.54 -1.20
CA ALA M 47 -46.19 19.38 -0.49
C ALA M 47 -45.03 20.05 -1.20
N SER M 48 -45.03 20.03 -2.55
CA SER M 48 -43.99 20.73 -3.30
C SER M 48 -44.07 22.23 -3.09
N HIS M 49 -45.29 22.76 -2.88
CA HIS M 49 -45.44 24.17 -2.52
C HIS M 49 -44.76 24.49 -1.20
N PHE M 50 -44.89 23.62 -0.21
CA PHE M 50 -44.25 23.86 1.08
C PHE M 50 -42.74 23.77 0.98
N GLY M 51 -42.24 22.80 0.21
CA GLY M 51 -40.81 22.72 -0.04
C GLY M 51 -40.28 23.95 -0.76
N HIS M 52 -41.05 24.49 -1.69
CA HIS M 52 -40.64 25.70 -2.40
C HIS M 52 -40.70 26.94 -1.52
N LEU M 53 -41.71 27.07 -0.66
CA LEU M 53 -41.74 28.17 0.30
C LEU M 53 -40.59 28.08 1.28
N ALA M 54 -40.22 26.86 1.68
CA ALA M 54 -39.06 26.69 2.53
C ALA M 54 -37.76 27.07 1.81
N ILE M 55 -37.69 26.80 0.51
CA ILE M 55 -36.53 27.23 -0.28
C ILE M 55 -36.47 28.74 -0.34
N ILE M 56 -37.62 29.40 -0.51
CA ILE M 56 -37.68 30.86 -0.51
C ILE M 56 -37.24 31.43 0.83
N PHE M 57 -37.73 30.86 1.92
CA PHE M 57 -37.40 31.36 3.24
C PHE M 57 -35.94 31.08 3.61
N LEU M 58 -35.38 29.96 3.18
CA LEU M 58 -33.95 29.71 3.35
C LEU M 58 -33.09 30.64 2.52
N TRP M 59 -33.52 30.99 1.30
CA TRP M 59 -32.79 31.95 0.48
C TRP M 59 -32.81 33.33 1.12
N THR M 60 -33.98 33.74 1.63
CA THR M 60 -34.07 35.02 2.35
C THR M 60 -33.23 35.00 3.62
N SER M 61 -33.25 33.88 4.35
CA SER M 61 -32.45 33.75 5.57
C SER M 61 -30.96 33.83 5.27
N GLY M 62 -30.53 33.22 4.16
CA GLY M 62 -29.14 33.34 3.76
C GLY M 62 -28.75 34.74 3.34
N THR M 63 -29.65 35.45 2.66
CA THR M 63 -29.39 36.84 2.31
C THR M 63 -29.22 37.72 3.55
N VAL M 64 -30.15 37.62 4.50
CA VAL M 64 -30.07 38.42 5.72
C VAL M 64 -28.89 37.99 6.58
N PHE M 65 -28.57 36.70 6.60
CA PHE M 65 -27.44 36.21 7.36
C PHE M 65 -26.12 36.67 6.77
N HIS M 66 -26.05 36.85 5.45
CA HIS M 66 -24.81 37.34 4.87
C HIS M 66 -24.70 38.85 4.97
N VAL M 67 -25.82 39.57 5.03
CA VAL M 67 -25.75 40.98 5.40
C VAL M 67 -25.28 41.13 6.84
N ALA M 68 -25.79 40.29 7.75
CA ALA M 68 -25.43 40.41 9.16
C ALA M 68 -24.01 39.96 9.44
N TRP M 69 -23.59 38.86 8.82
CA TRP M 69 -22.34 38.21 9.21
C TRP M 69 -21.13 38.89 8.58
N GLN M 70 -21.04 38.87 7.25
CA GLN M 70 -19.86 39.36 6.56
C GLN M 70 -20.15 40.56 5.68
N GLY M 71 -21.31 41.19 5.85
CA GLY M 71 -21.58 42.47 5.25
C GLY M 71 -21.23 43.62 6.20
N ASN M 72 -21.44 44.83 5.73
CA ASN M 72 -21.21 46.03 6.53
C ASN M 72 -22.54 46.77 6.67
N PHE M 73 -23.34 46.36 7.65
CA PHE M 73 -24.56 47.09 7.94
C PHE M 73 -24.35 48.14 9.03
N GLU M 74 -23.30 48.02 9.83
CA GLU M 74 -22.96 49.07 10.78
C GLU M 74 -22.41 50.30 10.07
N GLN M 75 -21.51 50.10 9.11
CA GLN M 75 -20.88 51.21 8.42
C GLN M 75 -21.79 51.86 7.40
N TRP M 76 -22.73 51.10 6.83
CA TRP M 76 -23.53 51.62 5.72
C TRP M 76 -24.60 52.58 6.20
N ILE M 77 -25.15 52.37 7.41
CA ILE M 77 -26.21 53.23 7.90
C ILE M 77 -25.69 54.61 8.26
N LYS M 78 -24.38 54.73 8.50
CA LYS M 78 -23.80 56.04 8.77
C LYS M 78 -23.71 56.89 7.50
N ASP M 79 -23.27 56.28 6.40
CA ASP M 79 -23.16 56.97 5.12
C ASP M 79 -23.73 56.09 4.01
N PRO M 80 -25.06 56.11 3.84
CA PRO M 80 -25.68 55.27 2.80
C PRO M 80 -25.37 55.70 1.38
N LEU M 81 -24.97 56.96 1.17
CA LEU M 81 -24.70 57.44 -0.18
C LEU M 81 -23.24 57.26 -0.61
N ASN M 82 -22.37 56.84 0.30
CA ASN M 82 -20.95 56.68 -0.02
C ASN M 82 -20.45 55.27 0.24
N VAL M 83 -20.90 54.64 1.32
CA VAL M 83 -20.44 53.29 1.63
C VAL M 83 -21.14 52.30 0.70
N ARG M 84 -20.35 51.41 0.09
CA ARG M 84 -20.88 50.37 -0.78
C ARG M 84 -21.37 49.20 0.05
N PRO M 85 -22.58 48.70 -0.20
CA PRO M 85 -23.09 47.56 0.58
C PRO M 85 -22.39 46.28 0.20
N ILE M 86 -22.05 45.47 1.20
CA ILE M 86 -21.36 44.21 0.97
C ILE M 86 -22.37 43.07 1.03
N ALA M 87 -22.44 42.28 -0.04
CA ALA M 87 -23.31 41.12 -0.06
C ALA M 87 -22.77 40.00 0.82
N HIS M 88 -21.59 39.49 0.47
CA HIS M 88 -20.97 38.39 1.19
C HIS M 88 -19.48 38.42 0.88
N ALA M 89 -18.72 37.65 1.65
CA ALA M 89 -17.29 37.55 1.43
C ALA M 89 -16.98 36.56 0.32
N ILE M 90 -15.79 36.68 -0.24
CA ILE M 90 -15.30 35.78 -1.28
C ILE M 90 -14.21 34.93 -0.67
N TRP M 91 -14.38 33.61 -0.73
CA TRP M 91 -13.29 32.68 -0.45
C TRP M 91 -13.04 31.88 -1.72
N ASP M 92 -11.96 32.25 -2.42
CA ASP M 92 -11.61 31.62 -3.68
C ASP M 92 -10.18 31.12 -3.59
N PRO M 93 -9.94 29.82 -3.79
CA PRO M 93 -8.56 29.33 -3.85
C PRO M 93 -7.79 29.78 -5.08
N HIS M 94 -8.48 30.28 -6.09
CA HIS M 94 -7.89 30.61 -7.38
C HIS M 94 -7.40 32.04 -7.49
N PHE M 95 -7.70 32.89 -6.52
CA PHE M 95 -7.28 34.28 -6.59
C PHE M 95 -5.76 34.40 -6.48
N GLY M 96 -5.19 35.26 -7.33
CA GLY M 96 -3.84 35.74 -7.16
C GLY M 96 -3.82 36.94 -6.24
N GLN M 97 -2.67 37.61 -6.19
CA GLN M 97 -2.57 38.80 -5.36
C GLN M 97 -3.36 39.96 -5.95
N GLY M 98 -3.43 40.03 -7.29
CA GLY M 98 -4.14 41.12 -7.93
C GLY M 98 -5.64 41.09 -7.68
N ALA M 99 -6.25 39.91 -7.73
CA ALA M 99 -7.67 39.78 -7.45
C ALA M 99 -8.02 40.00 -5.99
N VAL M 100 -7.16 39.55 -5.06
CA VAL M 100 -7.39 39.84 -3.64
C VAL M 100 -7.28 41.33 -3.38
N ASP M 101 -6.31 42.01 -4.01
CA ASP M 101 -6.19 43.45 -3.84
C ASP M 101 -7.35 44.21 -4.50
N ALA M 102 -7.86 43.69 -5.62
CA ALA M 102 -8.94 44.37 -6.33
C ALA M 102 -10.29 44.17 -5.66
N PHE M 103 -10.53 42.99 -5.10
CA PHE M 103 -11.82 42.70 -4.49
C PHE M 103 -11.86 43.03 -3.01
N THR M 104 -10.76 43.53 -2.45
CA THR M 104 -10.77 44.09 -1.09
C THR M 104 -11.33 45.50 -1.23
N GLN M 105 -12.65 45.61 -1.10
CA GLN M 105 -13.37 46.85 -1.39
C GLN M 105 -14.35 47.14 -0.27
N ALA M 106 -14.99 48.32 -0.38
CA ALA M 106 -16.05 48.79 0.51
C ALA M 106 -15.61 48.82 1.97
N GLY M 107 -14.35 49.19 2.21
CA GLY M 107 -13.85 49.32 3.56
C GLY M 107 -13.57 48.02 4.27
N ALA M 108 -13.54 46.91 3.54
CA ALA M 108 -13.28 45.61 4.15
C ALA M 108 -11.78 45.31 4.12
N SER M 109 -11.38 44.29 4.88
CA SER M 109 -10.01 43.79 4.83
C SER M 109 -9.92 42.44 4.13
N SER M 110 -10.98 42.02 3.47
CA SER M 110 -11.12 40.71 2.84
C SER M 110 -11.68 40.91 1.45
N PRO M 111 -11.46 39.96 0.54
CA PRO M 111 -12.21 39.97 -0.73
C PRO M 111 -13.69 39.79 -0.49
N VAL M 112 -14.47 40.82 -0.82
CA VAL M 112 -15.90 40.83 -0.62
C VAL M 112 -16.58 41.23 -1.92
N ASN M 113 -17.86 40.88 -2.02
CA ASN M 113 -18.69 41.23 -3.16
C ASN M 113 -19.57 42.41 -2.78
N VAL M 114 -19.75 43.34 -3.71
CA VAL M 114 -20.63 44.48 -3.45
C VAL M 114 -22.06 44.09 -3.80
N ALA M 115 -22.97 44.32 -2.84
CA ALA M 115 -24.38 43.99 -3.01
C ALA M 115 -25.03 44.94 -3.99
N TYR M 116 -25.76 44.37 -4.95
CA TYR M 116 -26.50 45.16 -5.93
C TYR M 116 -27.98 44.83 -5.92
N SER M 117 -28.40 43.87 -5.10
CA SER M 117 -29.82 43.61 -4.87
C SER M 117 -30.47 44.71 -4.05
N GLY M 118 -29.69 45.49 -3.30
CA GLY M 118 -30.20 46.60 -2.53
C GLY M 118 -31.09 46.22 -1.37
N VAL M 119 -30.81 45.11 -0.70
CA VAL M 119 -31.58 44.77 0.49
C VAL M 119 -31.13 45.60 1.67
N TYR M 120 -29.98 46.27 1.56
CA TYR M 120 -29.52 47.17 2.62
C TYR M 120 -30.47 48.34 2.80
N HIS M 121 -30.91 48.94 1.69
CA HIS M 121 -31.88 50.02 1.71
C HIS M 121 -33.23 49.56 2.25
N TRP M 122 -33.65 48.36 1.87
CA TRP M 122 -34.88 47.75 2.37
C TRP M 122 -34.82 47.56 3.88
N PHE M 123 -33.73 47.01 4.38
CA PHE M 123 -33.60 46.76 5.81
C PHE M 123 -33.53 48.05 6.60
N TYR M 124 -32.80 49.04 6.07
CA TYR M 124 -32.72 50.35 6.74
C TYR M 124 -34.08 51.05 6.75
N THR M 125 -34.88 50.82 5.71
CA THR M 125 -36.18 51.47 5.66
C THR M 125 -37.19 50.79 6.59
N ILE M 126 -37.14 49.45 6.69
CA ILE M 126 -38.14 48.75 7.48
C ILE M 126 -37.82 48.72 8.98
N GLY M 127 -36.64 49.15 9.38
CA GLY M 127 -36.38 49.28 10.80
C GLY M 127 -35.16 48.58 11.33
N MET M 128 -34.42 47.88 10.46
CA MET M 128 -33.18 47.25 10.86
C MET M 128 -32.13 48.34 11.11
N THR M 129 -31.43 48.24 12.24
CA THR M 129 -30.38 49.19 12.57
C THR M 129 -29.02 48.54 12.74
N ASN M 130 -28.94 47.45 13.49
CA ASN M 130 -27.65 46.81 13.74
C ASN M 130 -27.66 45.40 13.16
N ASN M 131 -26.53 44.71 13.34
CA ASN M 131 -26.40 43.37 12.78
C ASN M 131 -27.16 42.34 13.59
N GLN M 132 -27.46 42.64 14.85
CA GLN M 132 -28.19 41.68 15.68
C GLN M 132 -29.65 41.59 15.27
N ASP M 133 -30.23 42.71 14.83
CA ASP M 133 -31.59 42.68 14.33
C ASP M 133 -31.70 41.93 13.02
N LEU M 134 -30.63 41.92 12.21
CA LEU M 134 -30.59 41.07 11.03
C LEU M 134 -30.37 39.61 11.40
N TYR M 135 -29.54 39.34 12.42
CA TYR M 135 -29.29 37.97 12.82
C TYR M 135 -30.54 37.31 13.39
N GLN M 136 -31.30 38.04 14.20
CA GLN M 136 -32.55 37.49 14.73
C GLN M 136 -33.57 37.28 13.61
N GLY M 137 -33.56 38.13 12.58
CA GLY M 137 -34.42 37.90 11.43
C GLY M 137 -34.03 36.68 10.63
N ALA M 138 -32.72 36.45 10.48
CA ALA M 138 -32.24 35.26 9.77
C ALA M 138 -32.57 33.98 10.54
N VAL M 139 -32.44 34.02 11.87
CA VAL M 139 -32.78 32.85 12.68
C VAL M 139 -34.29 32.60 12.64
N PHE M 140 -35.09 33.67 12.66
CA PHE M 140 -36.54 33.53 12.56
C PHE M 140 -36.96 32.97 11.21
N LEU M 141 -36.28 33.39 10.14
CA LEU M 141 -36.55 32.82 8.82
C LEU M 141 -36.11 31.38 8.71
N LEU M 142 -35.04 30.98 9.41
CA LEU M 142 -34.67 29.57 9.47
C LEU M 142 -35.76 28.75 10.16
N ILE M 143 -36.30 29.27 11.28
CA ILE M 143 -37.38 28.58 11.98
C ILE M 143 -38.63 28.52 11.11
N LEU M 144 -38.92 29.58 10.35
CA LEU M 144 -40.08 29.59 9.45
C LEU M 144 -39.91 28.60 8.31
N SER M 145 -38.70 28.48 7.76
CA SER M 145 -38.44 27.48 6.72
C SER M 145 -38.56 26.07 7.25
N ALA M 146 -38.08 25.83 8.48
CA ALA M 146 -38.24 24.52 9.10
C ALA M 146 -39.71 24.21 9.38
N LEU M 147 -40.48 25.24 9.75
CA LEU M 147 -41.91 25.08 9.97
C LEU M 147 -42.63 24.71 8.69
N PHE M 148 -42.28 25.37 7.58
CA PHE M 148 -42.86 25.03 6.28
C PHE M 148 -42.46 23.63 5.81
N LEU M 149 -41.21 23.23 6.09
CA LEU M 149 -40.78 21.86 5.77
C LEU M 149 -41.54 20.83 6.56
N PHE M 150 -41.77 21.09 7.86
CA PHE M 150 -42.53 20.15 8.67
C PHE M 150 -43.98 20.11 8.25
N ALA M 151 -44.54 21.25 7.83
CA ALA M 151 -45.91 21.26 7.31
C ALA M 151 -46.02 20.44 6.03
N GLY M 152 -45.04 20.57 5.14
CA GLY M 152 -45.06 19.79 3.91
C GLY M 152 -44.88 18.31 4.15
N TRP M 153 -44.03 17.94 5.12
CA TRP M 153 -43.91 16.53 5.50
C TRP M 153 -45.18 16.02 6.14
N LEU M 154 -45.85 16.87 6.93
CA LEU M 154 -47.07 16.46 7.63
C LEU M 154 -48.21 16.24 6.66
N HIS M 155 -48.32 17.06 5.63
CA HIS M 155 -49.43 16.94 4.68
C HIS M 155 -49.20 15.85 3.64
N LEU M 156 -48.11 15.10 3.74
CA LEU M 156 -47.95 13.86 2.99
C LEU M 156 -48.34 12.63 3.80
N GLN M 157 -48.45 12.76 5.11
CA GLN M 157 -48.91 11.67 5.95
C GLN M 157 -50.39 11.43 5.72
N PRO M 158 -50.85 10.18 5.70
CA PRO M 158 -52.24 9.88 5.31
C PRO M 158 -53.29 10.43 6.27
N LYS M 159 -52.92 10.74 7.50
CA LYS M 159 -53.86 11.37 8.43
C LYS M 159 -54.15 12.80 8.02
N PHE M 160 -53.15 13.50 7.49
CA PHE M 160 -53.23 14.92 7.21
C PHE M 160 -53.23 15.24 5.72
N ARG M 161 -53.29 14.22 4.86
CA ARG M 161 -53.42 14.47 3.43
C ARG M 161 -54.81 15.01 3.14
N PRO M 162 -54.94 16.19 2.56
CA PRO M 162 -56.28 16.74 2.30
C PRO M 162 -56.99 15.99 1.19
N SER M 163 -58.31 16.01 1.27
CA SER M 163 -59.14 15.36 0.26
C SER M 163 -59.19 16.23 -1.00
N LEU M 164 -59.75 15.64 -2.07
CA LEU M 164 -59.84 16.36 -3.33
C LEU M 164 -60.84 17.50 -3.26
N SER M 165 -61.88 17.37 -2.42
CA SER M 165 -62.86 18.44 -2.27
C SER M 165 -62.28 19.65 -1.56
N TRP M 166 -61.29 19.44 -0.68
CA TRP M 166 -60.62 20.56 -0.03
C TRP M 166 -59.78 21.37 -1.01
N PHE M 167 -59.12 20.68 -1.95
CA PHE M 167 -58.27 21.35 -2.91
C PHE M 167 -59.07 22.14 -3.93
N LYS M 168 -60.26 21.66 -4.29
CA LYS M 168 -61.11 22.31 -5.26
C LYS M 168 -62.14 23.23 -4.60
N ASN M 169 -61.98 23.50 -3.31
CA ASN M 169 -62.80 24.49 -2.61
C ASN M 169 -62.25 25.87 -2.94
N ALA M 170 -62.72 26.41 -4.07
CA ALA M 170 -62.28 27.72 -4.53
C ALA M 170 -62.82 28.86 -3.68
N GLU M 171 -64.04 28.73 -3.15
CA GLU M 171 -64.69 29.81 -2.44
C GLU M 171 -63.99 30.11 -1.12
N SER M 172 -63.63 29.08 -0.36
CA SER M 172 -62.90 29.24 0.89
C SER M 172 -61.46 29.71 0.66
N ARG M 173 -60.80 29.19 -0.38
CA ARG M 173 -59.43 29.60 -0.68
C ARG M 173 -59.36 31.06 -1.06
N LEU M 174 -60.30 31.54 -1.88
CA LEU M 174 -60.34 32.95 -2.23
C LEU M 174 -60.63 33.84 -1.02
N ASN M 175 -61.55 33.41 -0.15
CA ASN M 175 -61.87 34.17 1.05
C ASN M 175 -60.68 34.30 1.97
N HIS M 176 -59.96 33.20 2.20
CA HIS M 176 -58.81 33.23 3.08
C HIS M 176 -57.57 33.82 2.44
N HIS M 177 -57.56 33.91 1.10
CA HIS M 177 -56.41 34.52 0.43
C HIS M 177 -56.57 36.02 0.30
N LEU M 178 -57.80 36.51 0.15
CA LEU M 178 -58.01 37.95 0.11
C LEU M 178 -58.09 38.53 1.52
N ALA M 179 -58.83 37.87 2.41
CA ALA M 179 -58.94 38.38 3.77
C ALA M 179 -57.66 38.15 4.58
N GLY M 180 -57.08 36.96 4.46
CA GLY M 180 -55.96 36.59 5.31
C GLY M 180 -54.59 36.74 4.69
N LEU M 181 -54.40 36.22 3.47
CA LEU M 181 -53.09 36.31 2.85
C LEU M 181 -52.80 37.71 2.33
N PHE M 182 -53.83 38.44 1.91
CA PHE M 182 -53.64 39.78 1.36
C PHE M 182 -54.07 40.89 2.31
N GLY M 183 -55.06 40.64 3.16
CA GLY M 183 -55.55 41.66 4.06
C GLY M 183 -54.91 41.63 5.43
N VAL M 184 -54.83 40.45 6.04
CA VAL M 184 -54.23 40.33 7.36
C VAL M 184 -52.73 40.58 7.28
N SER M 185 -52.09 40.13 6.19
CA SER M 185 -50.66 40.38 6.03
C SER M 185 -50.35 41.84 5.78
N SER M 186 -51.17 42.54 4.99
CA SER M 186 -50.99 43.97 4.81
C SER M 186 -51.31 44.75 6.09
N LEU M 187 -52.30 44.31 6.86
CA LEU M 187 -52.59 44.92 8.16
C LEU M 187 -51.44 44.70 9.14
N ALA M 188 -50.84 43.52 9.12
CA ALA M 188 -49.69 43.24 9.96
C ALA M 188 -48.47 44.06 9.54
N TRP M 189 -48.29 44.27 8.24
CA TRP M 189 -47.20 45.13 7.79
C TRP M 189 -47.45 46.58 8.16
N THR M 190 -48.72 47.00 8.17
CA THR M 190 -49.06 48.32 8.71
C THR M 190 -48.71 48.41 10.19
N GLY M 191 -48.96 47.34 10.94
CA GLY M 191 -48.59 47.30 12.34
C GLY M 191 -47.09 47.39 12.56
N HIS M 192 -46.32 46.71 11.72
CA HIS M 192 -44.86 46.83 11.79
C HIS M 192 -44.40 48.24 11.42
N LEU M 193 -45.04 48.85 10.42
CA LEU M 193 -44.64 50.18 9.99
C LEU M 193 -44.90 51.21 11.07
N VAL M 194 -46.11 51.21 11.64
CA VAL M 194 -46.43 52.22 12.65
C VAL M 194 -45.79 51.87 13.99
N HIS M 195 -45.36 50.61 14.16
CA HIS M 195 -44.78 50.20 15.42
C HIS M 195 -43.25 50.18 15.42
N VAL M 196 -42.61 49.86 14.29
CA VAL M 196 -41.16 49.75 14.22
C VAL M 196 -40.58 50.73 13.22
N ALA M 197 -41.05 50.69 11.97
CA ALA M 197 -40.33 51.35 10.88
C ALA M 197 -40.44 52.87 10.96
N ILE M 198 -41.64 53.40 11.19
CA ILE M 198 -41.85 54.83 11.35
C ILE M 198 -41.14 55.38 12.59
N PRO M 199 -41.22 54.78 13.80
CA PRO M 199 -40.41 55.34 14.91
C PRO M 199 -38.90 55.15 14.75
N GLU M 200 -38.45 54.07 14.12
CA GLU M 200 -37.01 53.94 13.87
C GLU M 200 -36.53 54.93 12.82
N SER M 201 -37.40 55.36 11.90
CA SER M 201 -37.06 56.46 11.01
C SER M 201 -36.97 57.78 11.74
N ARG M 202 -37.60 57.89 12.91
CA ARG M 202 -37.58 59.09 13.72
C ARG M 202 -36.65 58.98 14.92
N GLY M 203 -35.71 58.03 14.88
CA GLY M 203 -34.68 57.90 15.90
C GLY M 203 -35.11 57.11 17.12
N VAL M 204 -36.37 56.69 17.19
CA VAL M 204 -36.88 55.98 18.36
C VAL M 204 -36.68 54.49 18.13
N HIS M 205 -35.72 53.90 18.83
CA HIS M 205 -35.56 52.46 18.81
C HIS M 205 -36.72 51.77 19.51
N VAL M 206 -37.22 50.70 18.91
CA VAL M 206 -38.34 49.97 19.49
C VAL M 206 -37.92 48.57 19.89
N GLY M 207 -37.54 47.74 18.92
CA GLY M 207 -37.19 46.37 19.24
C GLY M 207 -38.38 45.53 19.71
N TRP M 208 -38.08 44.29 20.05
CA TRP M 208 -39.11 43.42 20.62
C TRP M 208 -39.33 43.65 22.10
N ASP M 209 -38.51 44.48 22.74
CA ASP M 209 -38.64 44.71 24.18
C ASP M 209 -39.55 45.87 24.51
N ASN M 210 -39.61 46.88 23.64
CA ASN M 210 -40.30 48.12 23.95
C ASN M 210 -41.55 48.35 23.12
N PHE M 211 -41.98 47.40 22.29
CA PHE M 211 -43.16 47.68 21.45
C PHE M 211 -44.44 47.62 22.27
N LEU M 212 -44.42 46.95 23.42
CA LEU M 212 -45.53 47.01 24.36
C LEU M 212 -45.42 48.22 25.29
N SER M 213 -44.32 48.97 25.22
CA SER M 213 -44.13 50.16 26.04
C SER M 213 -44.11 51.45 25.26
N VAL M 214 -43.44 51.49 24.11
CA VAL M 214 -43.47 52.67 23.25
C VAL M 214 -44.78 52.70 22.49
N LYS M 215 -45.54 53.76 22.69
CA LYS M 215 -46.84 53.93 22.07
C LYS M 215 -46.66 54.66 20.75
N PRO M 216 -47.17 54.12 19.64
CA PRO M 216 -46.85 54.68 18.31
C PRO M 216 -47.31 56.10 18.08
N HIS M 217 -48.40 56.52 18.71
CA HIS M 217 -48.87 57.89 18.61
C HIS M 217 -49.03 58.43 20.02
N PRO M 218 -48.91 59.76 20.20
CA PRO M 218 -49.23 60.35 21.52
C PRO M 218 -50.67 60.10 21.95
N ALA M 219 -51.61 60.05 21.04
CA ALA M 219 -52.99 59.63 21.32
C ALA M 219 -53.13 58.20 20.79
N GLY M 220 -52.76 57.23 21.63
CA GLY M 220 -52.71 55.85 21.20
C GLY M 220 -54.01 55.09 21.34
N LEU M 221 -54.61 54.73 20.20
CA LEU M 221 -55.83 53.93 20.05
C LEU M 221 -57.09 54.62 20.58
N ALA M 222 -57.00 55.82 21.10
CA ALA M 222 -58.18 56.59 21.49
C ALA M 222 -58.87 57.28 20.31
N PRO M 223 -58.17 57.91 19.34
CA PRO M 223 -58.91 58.41 18.16
C PRO M 223 -59.40 57.32 17.22
N PHE M 224 -58.88 56.09 17.34
CA PHE M 224 -59.30 55.04 16.43
C PHE M 224 -60.75 54.62 16.69
N PHE M 225 -61.15 54.56 17.96
CA PHE M 225 -62.48 54.07 18.31
C PHE M 225 -63.51 55.20 18.41
N THR M 226 -63.08 56.42 18.71
CA THR M 226 -64.02 57.54 18.75
C THR M 226 -64.47 57.94 17.34
N GLY M 227 -63.57 57.87 16.36
CA GLY M 227 -63.89 58.21 14.99
C GLY M 227 -63.09 59.37 14.42
N ASN M 228 -62.58 60.27 15.26
CA ASN M 228 -61.79 61.40 14.79
C ASN M 228 -60.37 60.97 14.40
N TRP M 229 -60.28 60.28 13.26
CA TRP M 229 -59.04 59.69 12.76
C TRP M 229 -58.02 60.71 12.29
N GLY M 230 -58.38 61.99 12.19
CA GLY M 230 -57.45 63.02 11.76
C GLY M 230 -56.33 63.30 12.73
N VAL M 231 -56.44 62.83 13.98
CA VAL M 231 -55.40 63.01 14.97
C VAL M 231 -54.11 62.30 14.54
N TYR M 232 -54.24 61.15 13.87
CA TYR M 232 -53.11 60.45 13.28
C TYR M 232 -52.52 61.13 12.06
N ALA M 233 -53.02 62.30 11.66
CA ALA M 233 -52.45 63.06 10.55
C ALA M 233 -52.36 64.54 10.90
N GLN M 234 -52.13 64.84 12.17
CA GLN M 234 -52.10 66.22 12.63
C GLN M 234 -50.72 66.86 12.53
N ASN M 235 -49.66 66.10 12.85
CA ASN M 235 -48.30 66.61 12.87
C ASN M 235 -47.43 65.74 11.97
N PRO M 236 -47.43 66.01 10.67
CA PRO M 236 -46.64 65.18 9.75
C PRO M 236 -45.16 65.49 9.86
N ASP M 237 -44.37 64.69 9.15
CA ASP M 237 -42.93 64.87 9.15
C ASP M 237 -42.55 66.13 8.38
N THR M 238 -41.66 66.93 8.97
CA THR M 238 -41.19 68.15 8.35
C THR M 238 -40.30 67.80 7.16
N ALA M 239 -40.23 68.70 6.17
CA ALA M 239 -39.36 68.51 5.02
C ALA M 239 -37.87 68.52 5.40
N SER M 240 -37.53 69.08 6.56
CA SER M 240 -36.16 69.06 7.06
C SER M 240 -35.89 67.85 7.96
N HIS M 241 -36.66 66.78 7.81
CA HIS M 241 -36.42 65.58 8.59
C HIS M 241 -35.21 64.83 8.07
N VAL M 242 -34.38 64.33 8.97
CA VAL M 242 -33.25 63.48 8.63
C VAL M 242 -33.59 62.06 9.06
N PHE M 243 -33.42 61.11 8.14
CA PHE M 243 -33.82 59.74 8.38
C PHE M 243 -32.95 59.07 9.43
N GLY M 244 -33.58 58.28 10.29
CA GLY M 244 -32.88 57.55 11.32
C GLY M 244 -32.55 58.34 12.57
N THR M 245 -33.04 59.56 12.68
CA THR M 245 -32.74 60.41 13.83
C THR M 245 -33.91 61.36 14.09
N SER M 246 -33.90 61.95 15.27
CA SER M 246 -35.10 62.59 15.81
C SER M 246 -35.28 64.05 15.39
N GLU M 247 -34.27 64.70 14.81
CA GLU M 247 -34.44 66.10 14.47
C GLU M 247 -35.24 66.25 13.18
N GLY M 248 -36.20 67.17 13.19
CA GLY M 248 -37.09 67.35 12.06
C GLY M 248 -38.22 66.35 12.00
N ALA M 249 -38.30 65.43 12.95
CA ALA M 249 -39.27 64.36 12.91
C ALA M 249 -40.64 64.83 13.37
N GLY M 250 -41.68 64.21 12.82
CA GLY M 250 -43.04 64.44 13.24
C GLY M 250 -43.49 63.43 14.28
N SER M 251 -44.82 63.39 14.47
CA SER M 251 -45.42 62.43 15.38
C SER M 251 -46.56 61.64 14.75
N ALA M 252 -47.11 62.08 13.62
CA ALA M 252 -48.21 61.38 12.98
C ALA M 252 -47.73 60.08 12.35
N ILE M 253 -48.51 59.02 12.54
CA ILE M 253 -48.14 57.72 11.99
C ILE M 253 -48.82 57.44 10.66
N LEU M 254 -49.89 58.16 10.32
CA LEU M 254 -50.58 57.99 9.04
C LEU M 254 -50.72 59.36 8.39
N THR M 255 -49.68 59.79 7.68
CA THR M 255 -49.73 61.00 6.88
C THR M 255 -50.10 60.63 5.45
N PHE M 256 -50.49 61.63 4.68
CA PHE M 256 -51.07 61.35 3.37
C PHE M 256 -50.61 62.44 2.37
N LEU M 257 -49.31 62.77 2.40
CA LEU M 257 -48.81 63.85 1.55
C LEU M 257 -48.72 63.43 0.09
N GLY M 258 -48.31 62.19 -0.18
CA GLY M 258 -48.21 61.72 -1.54
C GLY M 258 -46.97 62.16 -2.29
N GLY M 259 -46.00 62.77 -1.62
CA GLY M 259 -44.80 63.24 -2.25
C GLY M 259 -43.61 62.34 -1.99
N PHE M 260 -42.43 62.96 -1.96
CA PHE M 260 -41.18 62.25 -1.69
C PHE M 260 -40.52 62.84 -0.46
N HIS M 261 -39.80 61.99 0.26
CA HIS M 261 -38.95 62.47 1.35
C HIS M 261 -37.81 63.29 0.76
N PRO M 262 -37.57 64.51 1.24
CA PRO M 262 -36.53 65.36 0.64
C PRO M 262 -35.11 64.86 0.84
N GLN M 263 -34.86 63.99 1.81
CA GLN M 263 -33.51 63.49 2.04
C GLN M 263 -33.27 62.15 1.35
N THR M 264 -34.13 61.16 1.61
CA THR M 264 -33.94 59.83 1.06
C THR M 264 -34.42 59.70 -0.38
N GLU M 265 -35.14 60.71 -0.89
CA GLU M 265 -35.74 60.71 -2.23
C GLU M 265 -36.65 59.51 -2.44
N SER M 266 -37.44 59.20 -1.40
CA SER M 266 -38.32 58.05 -1.41
C SER M 266 -39.66 58.45 -0.82
N LEU M 267 -40.62 57.54 -0.93
CA LEU M 267 -41.94 57.78 -0.35
C LEU M 267 -41.86 57.77 1.17
N TRP M 268 -42.77 58.53 1.79
CA TRP M 268 -42.84 58.59 3.24
C TRP M 268 -43.31 57.26 3.81
N LEU M 269 -42.72 56.86 4.94
CA LEU M 269 -43.12 55.60 5.57
C LEU M 269 -44.53 55.69 6.15
N THR M 270 -44.94 56.88 6.59
CA THR M 270 -46.31 57.07 7.02
C THR M 270 -47.29 56.97 5.87
N ASP M 271 -46.90 57.47 4.69
CA ASP M 271 -47.68 57.25 3.46
C ASP M 271 -47.80 55.77 3.13
N ILE M 272 -46.70 55.03 3.29
CA ILE M 272 -46.69 53.60 3.01
C ILE M 272 -47.61 52.86 3.98
N ALA M 273 -47.57 53.26 5.26
CA ALA M 273 -48.43 52.63 6.27
C ALA M 273 -49.91 52.94 6.02
N HIS M 274 -50.22 54.18 5.65
CA HIS M 274 -51.59 54.55 5.33
C HIS M 274 -52.10 53.80 4.10
N HIS M 275 -51.26 53.66 3.08
CA HIS M 275 -51.61 52.87 1.90
C HIS M 275 -51.87 51.41 2.24
N HIS M 276 -51.02 50.84 3.10
CA HIS M 276 -51.18 49.45 3.47
C HIS M 276 -52.41 49.22 4.32
N LEU M 277 -52.73 50.15 5.21
CA LEU M 277 -53.96 50.01 5.98
C LEU M 277 -55.21 50.14 5.10
N ALA M 278 -55.17 51.05 4.13
CA ALA M 278 -56.27 51.18 3.18
C ALA M 278 -56.48 49.90 2.37
N ILE M 279 -55.41 49.38 1.78
CA ILE M 279 -55.55 48.15 0.99
C ILE M 279 -55.80 46.93 1.84
N ALA M 280 -55.41 46.94 3.13
CA ALA M 280 -55.76 45.83 4.01
C ALA M 280 -57.25 45.83 4.32
N VAL M 281 -57.83 47.01 4.53
CA VAL M 281 -59.27 47.12 4.73
C VAL M 281 -60.01 46.66 3.48
N ILE M 282 -59.56 47.11 2.30
CA ILE M 282 -60.22 46.74 1.04
C ILE M 282 -60.07 45.25 0.76
N PHE M 283 -58.91 44.67 1.08
CA PHE M 283 -58.69 43.24 0.84
C PHE M 283 -59.49 42.38 1.81
N ILE M 284 -59.66 42.82 3.06
CA ILE M 284 -60.50 42.09 4.00
C ILE M 284 -61.96 42.14 3.57
N VAL M 285 -62.43 43.32 3.13
CA VAL M 285 -63.79 43.46 2.63
C VAL M 285 -64.01 42.59 1.39
N ALA M 286 -63.05 42.58 0.47
CA ALA M 286 -63.12 41.69 -0.69
C ALA M 286 -63.01 40.22 -0.32
N GLY M 287 -62.35 39.90 0.78
CA GLY M 287 -62.32 38.55 1.29
C GLY M 287 -63.61 38.10 1.90
N HIS M 288 -64.49 39.02 2.28
CA HIS M 288 -65.85 38.67 2.66
C HIS M 288 -66.81 38.73 1.48
N MET M 289 -66.56 37.93 0.45
CA MET M 289 -67.38 37.96 -0.75
C MET M 289 -68.01 36.62 -1.09
N TYR M 290 -67.26 35.52 -0.99
CA TYR M 290 -67.73 34.22 -1.45
C TYR M 290 -68.21 33.38 -0.28
N ARG M 291 -69.31 32.65 -0.50
CA ARG M 291 -69.94 31.89 0.57
C ARG M 291 -69.12 30.63 0.86
N THR M 292 -68.89 30.35 2.14
CA THR M 292 -68.15 29.15 2.50
C THR M 292 -69.00 28.18 3.32
N ASN M 293 -69.49 28.63 4.47
CA ASN M 293 -70.21 27.77 5.41
C ASN M 293 -71.42 28.44 6.02
N TRP M 294 -71.55 29.76 5.92
CA TRP M 294 -72.54 30.51 6.67
C TRP M 294 -73.64 31.09 5.81
N GLY M 295 -73.88 30.51 4.64
CA GLY M 295 -75.02 30.90 3.82
C GLY M 295 -74.81 32.16 2.99
N ILE M 296 -74.47 33.27 3.66
CA ILE M 296 -74.26 34.52 2.95
C ILE M 296 -72.94 34.46 2.18
N GLY M 297 -72.89 35.19 1.09
CA GLY M 297 -71.72 35.24 0.23
C GLY M 297 -72.09 35.02 -1.22
N HIS M 298 -71.10 34.62 -2.00
CA HIS M 298 -71.26 34.37 -3.42
C HIS M 298 -70.80 32.96 -3.76
N SER M 299 -71.38 32.43 -4.82
CA SER M 299 -70.88 31.22 -5.48
C SER M 299 -70.41 31.63 -6.87
N ILE M 300 -69.20 31.21 -7.22
CA ILE M 300 -68.55 31.66 -8.45
C ILE M 300 -69.30 31.16 -9.68
N LYS M 301 -69.87 29.95 -9.59
CA LYS M 301 -70.60 29.37 -10.72
C LYS M 301 -71.85 30.18 -11.06
N ASP M 302 -72.56 30.70 -10.07
CA ASP M 302 -73.73 31.54 -10.35
C ASP M 302 -73.33 32.88 -10.94
N ILE M 303 -72.20 33.45 -10.49
CA ILE M 303 -71.71 34.71 -11.05
C ILE M 303 -71.31 34.52 -12.51
N LEU M 304 -70.66 33.39 -12.82
CA LEU M 304 -70.22 33.13 -14.18
C LEU M 304 -71.41 32.83 -15.09
N ALA M 305 -72.35 32.01 -14.62
CA ALA M 305 -73.50 31.64 -15.45
C ALA M 305 -74.48 32.80 -15.60
N ALA M 306 -74.50 33.73 -14.67
CA ALA M 306 -75.40 34.88 -14.79
C ALA M 306 -74.79 35.97 -15.65
N HIS M 307 -73.51 35.84 -16.00
CA HIS M 307 -72.82 36.87 -16.79
C HIS M 307 -72.78 36.45 -18.26
N ASN M 308 -73.90 36.69 -18.93
CA ASN M 308 -74.03 36.51 -20.36
C ASN M 308 -75.06 37.52 -20.82
N PRO M 309 -74.73 38.41 -21.74
CA PRO M 309 -75.68 39.46 -22.17
C PRO M 309 -76.87 38.86 -22.90
N PRO M 310 -78.07 39.08 -22.40
CA PRO M 310 -79.26 38.43 -22.98
C PRO M 310 -79.71 39.10 -24.25
N GLN M 311 -80.85 38.63 -24.76
CA GLN M 311 -81.46 39.24 -25.92
C GLN M 311 -82.14 40.54 -25.52
N GLY M 312 -82.03 41.56 -26.39
CA GLY M 312 -82.47 42.89 -26.07
C GLY M 312 -81.37 43.82 -25.59
N THR M 313 -80.30 43.27 -25.03
CA THR M 313 -79.07 43.99 -24.75
C THR M 313 -78.46 44.44 -26.07
N PRO M 314 -77.89 45.66 -26.12
CA PRO M 314 -77.32 46.16 -27.39
C PRO M 314 -76.21 45.30 -27.98
N PHE M 315 -75.48 44.56 -27.16
CA PHE M 315 -74.54 43.59 -27.68
C PHE M 315 -75.19 42.24 -27.96
N GLY M 316 -76.32 41.93 -27.32
CA GLY M 316 -77.05 40.72 -27.64
C GLY M 316 -76.32 39.49 -27.14
N GLY M 317 -76.57 38.36 -27.80
CA GLY M 317 -75.85 37.14 -27.49
C GLY M 317 -74.54 37.03 -28.24
N ALA M 318 -73.69 38.05 -28.09
CA ALA M 318 -72.42 38.07 -28.81
C ALA M 318 -71.42 37.09 -28.20
N LEU M 319 -71.53 36.83 -26.90
CA LEU M 319 -70.65 35.90 -26.21
C LEU M 319 -71.13 34.46 -26.31
N GLY M 320 -72.23 34.21 -27.00
CA GLY M 320 -72.72 32.85 -27.15
C GLY M 320 -73.39 32.37 -25.88
N ALA M 321 -72.83 31.33 -25.27
CA ALA M 321 -73.36 30.84 -24.01
C ALA M 321 -72.79 31.58 -22.81
N GLY M 322 -71.87 32.52 -23.02
CA GLY M 322 -71.35 33.29 -21.91
C GLY M 322 -70.22 32.56 -21.22
N HIS M 323 -70.34 32.40 -19.91
CA HIS M 323 -69.30 31.79 -19.10
C HIS M 323 -69.73 30.48 -18.46
N ARG M 324 -70.79 29.84 -18.95
CA ARG M 324 -71.18 28.57 -18.38
C ARG M 324 -70.21 27.49 -18.86
N GLY M 325 -69.90 26.55 -17.98
CA GLY M 325 -68.82 25.63 -18.19
C GLY M 325 -67.52 26.04 -17.53
N LEU M 326 -67.37 27.32 -17.21
CA LEU M 326 -66.30 27.77 -16.34
C LEU M 326 -66.70 27.47 -14.89
N TYR M 327 -65.69 27.48 -14.00
CA TYR M 327 -65.65 27.00 -12.61
C TYR M 327 -65.64 25.46 -12.57
N ASP M 328 -65.87 24.83 -13.71
CA ASP M 328 -65.52 23.42 -13.85
C ASP M 328 -64.26 23.28 -14.70
N THR M 329 -64.21 24.06 -15.79
CA THR M 329 -63.03 24.10 -16.64
C THR M 329 -61.83 24.66 -15.89
N ILE M 330 -62.03 25.75 -15.14
CA ILE M 330 -60.93 26.37 -14.43
C ILE M 330 -60.53 25.55 -13.22
N ASN M 331 -61.50 25.04 -12.47
CA ASN M 331 -61.20 24.37 -11.22
C ASN M 331 -60.65 22.96 -11.46
N ASN M 332 -61.10 22.29 -12.52
CA ASN M 332 -60.59 20.95 -12.80
C ASN M 332 -59.17 21.01 -13.38
N SER M 333 -58.89 22.02 -14.20
CA SER M 333 -57.60 22.13 -14.89
C SER M 333 -56.63 22.94 -14.03
N LEU M 334 -55.53 22.30 -13.63
CA LEU M 334 -54.50 23.03 -12.89
C LEU M 334 -53.69 23.94 -13.80
N HIS M 335 -53.64 23.66 -15.09
CA HIS M 335 -52.87 24.49 -16.00
C HIS M 335 -53.58 25.81 -16.29
N PHE M 336 -54.92 25.82 -16.26
CA PHE M 336 -55.66 27.07 -16.35
C PHE M 336 -55.36 27.98 -15.15
N GLN M 337 -55.41 27.40 -13.94
CA GLN M 337 -55.11 28.17 -12.74
C GLN M 337 -53.66 28.65 -12.74
N LEU M 338 -52.75 27.79 -13.19
CA LEU M 338 -51.33 28.14 -13.27
C LEU M 338 -51.07 29.24 -14.29
N GLY M 339 -51.73 29.18 -15.45
CA GLY M 339 -51.59 30.23 -16.44
C GLY M 339 -52.16 31.56 -15.99
N LEU M 340 -53.33 31.53 -15.33
CA LEU M 340 -53.90 32.76 -14.78
C LEU M 340 -53.01 33.34 -13.69
N ALA M 341 -52.46 32.47 -12.83
CA ALA M 341 -51.56 32.91 -11.78
C ALA M 341 -50.29 33.52 -12.34
N LEU M 342 -49.71 32.89 -13.36
CA LEU M 342 -48.49 33.41 -13.96
C LEU M 342 -48.74 34.69 -14.74
N ALA M 343 -49.90 34.84 -15.36
CA ALA M 343 -50.20 36.09 -16.06
C ALA M 343 -50.39 37.24 -15.08
N SER M 344 -51.14 37.00 -14.01
CA SER M 344 -51.31 38.02 -12.98
C SER M 344 -49.99 38.36 -12.31
N LEU M 345 -49.17 37.35 -12.03
CA LEU M 345 -47.87 37.59 -11.40
C LEU M 345 -46.91 38.30 -12.33
N GLY M 346 -46.93 38.00 -13.63
CA GLY M 346 -46.09 38.71 -14.57
C GLY M 346 -46.51 40.16 -14.72
N VAL M 347 -47.81 40.43 -14.73
CA VAL M 347 -48.28 41.81 -14.83
C VAL M 347 -47.93 42.59 -13.57
N ILE M 348 -48.09 41.99 -12.39
CA ILE M 348 -47.76 42.75 -11.18
C ILE M 348 -46.25 42.83 -10.98
N THR M 349 -45.47 41.91 -11.55
CA THR M 349 -44.02 42.06 -11.51
C THR M 349 -43.55 43.17 -12.45
N SER M 350 -44.20 43.29 -13.60
CA SER M 350 -43.96 44.43 -14.47
C SER M 350 -44.32 45.74 -13.77
N LEU M 351 -45.42 45.74 -13.02
CA LEU M 351 -45.80 46.90 -12.22
C LEU M 351 -44.82 47.20 -11.12
N VAL M 352 -44.28 46.17 -10.46
CA VAL M 352 -43.24 46.36 -9.46
C VAL M 352 -42.01 47.02 -10.09
N ALA M 353 -41.59 46.52 -11.24
CA ALA M 353 -40.43 47.11 -11.92
C ALA M 353 -40.70 48.55 -12.35
N GLN M 354 -41.87 48.83 -12.92
CA GLN M 354 -42.19 50.17 -13.37
C GLN M 354 -42.49 51.14 -12.23
N HIS M 355 -42.74 50.64 -11.02
CA HIS M 355 -43.09 51.50 -9.91
C HIS M 355 -41.98 51.71 -8.89
N MET M 356 -41.10 50.74 -8.68
CA MET M 356 -39.99 50.94 -7.75
C MET M 356 -38.88 51.83 -8.31
N TYR M 357 -38.87 52.12 -9.60
CA TYR M 357 -37.88 53.08 -10.08
C TYR M 357 -38.41 54.50 -10.06
N SER M 358 -39.68 54.70 -10.41
CA SER M 358 -40.27 56.02 -10.43
C SER M 358 -40.76 56.46 -9.06
N LEU M 359 -41.18 55.51 -8.24
CA LEU M 359 -41.63 55.76 -6.87
C LEU M 359 -40.86 54.85 -5.94
N PRO M 360 -39.63 55.23 -5.57
CA PRO M 360 -38.87 54.41 -4.63
C PRO M 360 -39.48 54.46 -3.23
N SER M 361 -39.49 53.31 -2.57
CA SER M 361 -40.03 53.19 -1.23
C SER M 361 -38.96 52.91 -0.19
N TYR M 362 -37.69 52.93 -0.57
CA TYR M 362 -36.60 52.59 0.33
C TYR M 362 -35.65 53.75 0.48
N ALA M 363 -35.07 53.88 1.67
CA ALA M 363 -34.26 55.04 2.00
C ALA M 363 -32.94 55.02 1.23
N PHE M 364 -32.63 56.15 0.57
CA PHE M 364 -31.41 56.38 -0.19
C PHE M 364 -31.22 55.38 -1.32
N ILE M 365 -32.30 54.81 -1.84
CA ILE M 365 -32.18 53.84 -2.93
C ILE M 365 -32.27 54.50 -4.29
N ALA M 366 -32.80 55.73 -4.37
CA ALA M 366 -32.83 56.43 -5.65
C ALA M 366 -31.46 56.93 -6.04
N LYS M 367 -30.59 57.16 -5.05
CA LYS M 367 -29.23 57.64 -5.30
C LYS M 367 -28.22 56.51 -5.38
N ASP M 368 -28.64 55.26 -5.17
CA ASP M 368 -27.81 54.10 -5.47
C ASP M 368 -28.29 53.58 -6.83
N TYR M 369 -27.59 54.03 -7.87
CA TYR M 369 -28.09 53.89 -9.24
C TYR M 369 -28.00 52.45 -9.73
N THR M 370 -26.91 51.77 -9.37
CA THR M 370 -26.72 50.38 -9.80
C THR M 370 -27.73 49.44 -9.16
N THR M 371 -28.18 49.75 -7.94
CA THR M 371 -29.25 48.98 -7.32
C THR M 371 -30.56 49.15 -8.09
N GLN M 372 -30.87 50.38 -8.51
CA GLN M 372 -32.06 50.64 -9.31
C GLN M 372 -32.01 49.89 -10.64
N ALA M 373 -30.84 49.90 -11.30
CA ALA M 373 -30.70 49.21 -12.57
C ALA M 373 -30.87 47.71 -12.43
N ALA M 374 -30.21 47.13 -11.42
CA ALA M 374 -30.30 45.69 -11.18
C ALA M 374 -31.72 45.28 -10.81
N LEU M 375 -32.40 46.09 -9.99
CA LEU M 375 -33.76 45.77 -9.59
C LEU M 375 -34.75 45.85 -10.74
N TYR M 376 -34.66 46.91 -11.56
CA TYR M 376 -35.57 47.03 -12.70
C TYR M 376 -35.36 45.90 -13.70
N THR M 377 -34.10 45.63 -14.07
CA THR M 377 -33.83 44.58 -15.04
C THR M 377 -34.20 43.20 -14.49
N HIS M 378 -33.91 42.95 -13.22
CA HIS M 378 -34.23 41.68 -12.59
C HIS M 378 -35.72 41.42 -12.52
N HIS M 379 -36.51 42.45 -12.22
CA HIS M 379 -37.95 42.24 -12.18
C HIS M 379 -38.58 42.19 -13.55
N GLN M 380 -38.07 42.93 -14.54
CA GLN M 380 -38.67 42.85 -15.87
C GLN M 380 -38.36 41.53 -16.56
N TYR M 381 -37.16 40.98 -16.38
CA TYR M 381 -36.87 39.68 -16.99
C TYR M 381 -37.70 38.58 -16.37
N ILE M 382 -37.92 38.64 -15.06
CA ILE M 382 -38.77 37.67 -14.38
C ILE M 382 -40.22 37.83 -14.80
N ALA M 383 -40.68 39.07 -14.99
CA ALA M 383 -42.02 39.32 -15.52
C ALA M 383 -42.21 38.75 -16.93
N GLY M 384 -41.20 38.88 -17.79
CA GLY M 384 -41.25 38.24 -19.09
C GLY M 384 -41.30 36.72 -19.00
N PHE M 385 -40.51 36.14 -18.08
CA PHE M 385 -40.58 34.71 -17.83
C PHE M 385 -41.96 34.26 -17.41
N LEU M 386 -42.56 34.97 -16.45
CA LEU M 386 -43.88 34.61 -15.93
C LEU M 386 -44.94 34.75 -17.00
N MET M 387 -44.81 35.75 -17.87
CA MET M 387 -45.84 35.97 -18.88
C MET M 387 -45.77 34.92 -19.99
N VAL M 388 -44.55 34.57 -20.41
CA VAL M 388 -44.37 33.49 -21.39
C VAL M 388 -44.80 32.15 -20.81
N GLY M 389 -44.51 31.91 -19.53
CA GLY M 389 -45.00 30.70 -18.87
C GLY M 389 -46.51 30.66 -18.72
N ALA M 390 -47.14 31.82 -18.52
CA ALA M 390 -48.60 31.89 -18.50
C ALA M 390 -49.20 31.45 -19.82
N PHE M 391 -48.65 31.95 -20.93
CA PHE M 391 -49.15 31.52 -22.22
C PHE M 391 -48.79 30.08 -22.54
N ALA M 392 -47.64 29.60 -22.07
CA ALA M 392 -47.27 28.20 -22.26
C ALA M 392 -48.23 27.28 -21.53
N HIS M 393 -48.64 27.66 -20.33
CA HIS M 393 -49.60 26.85 -19.60
C HIS M 393 -51.02 26.99 -20.13
N GLY M 394 -51.35 28.12 -20.75
CA GLY M 394 -52.57 28.17 -21.55
C GLY M 394 -52.56 27.19 -22.70
N ALA M 395 -51.41 27.07 -23.39
CA ALA M 395 -51.26 26.06 -24.44
C ALA M 395 -51.37 24.65 -23.89
N ILE M 396 -50.76 24.39 -22.72
CA ILE M 396 -50.86 23.09 -22.09
C ILE M 396 -52.30 22.77 -21.69
N PHE M 397 -53.03 23.78 -21.21
CA PHE M 397 -54.44 23.60 -20.89
C PHE M 397 -55.26 23.23 -22.12
N PHE M 398 -55.00 23.90 -23.25
CA PHE M 398 -55.73 23.56 -24.46
C PHE M 398 -55.39 22.16 -24.95
N VAL M 399 -54.12 21.75 -24.85
CA VAL M 399 -53.78 20.47 -25.45
C VAL M 399 -54.15 19.28 -24.55
N ARG M 400 -54.16 19.44 -23.22
CA ARG M 400 -54.44 18.25 -22.41
C ARG M 400 -55.54 18.42 -21.36
N ASP M 401 -56.13 19.61 -21.24
CA ASP M 401 -57.18 19.83 -20.26
C ASP M 401 -58.46 20.42 -20.82
N TYR M 402 -58.49 20.83 -22.07
CA TYR M 402 -59.68 21.47 -22.64
C TYR M 402 -60.67 20.44 -23.12
N ASP M 403 -61.91 20.56 -22.63
CA ASP M 403 -63.01 19.69 -23.04
C ASP M 403 -63.98 20.51 -23.86
N PRO M 404 -64.13 20.23 -25.16
CA PRO M 404 -65.11 20.98 -25.97
C PRO M 404 -66.55 20.68 -25.60
N GLU M 405 -66.83 19.56 -24.94
CA GLU M 405 -68.20 19.24 -24.54
C GLU M 405 -68.64 20.11 -23.37
N ALA M 406 -67.76 20.27 -22.36
CA ALA M 406 -68.09 21.12 -21.23
C ALA M 406 -68.08 22.59 -21.62
N ASN M 407 -67.07 23.01 -22.37
CA ASN M 407 -67.01 24.35 -22.93
C ASN M 407 -67.64 24.34 -24.32
N LYS M 408 -68.96 24.34 -24.33
CA LYS M 408 -69.72 24.33 -25.58
C LYS M 408 -70.32 25.72 -25.82
N ASP M 409 -69.78 26.42 -26.82
CA ASP M 409 -70.26 27.71 -27.33
C ASP M 409 -70.16 28.79 -26.24
N ASN M 410 -69.26 28.61 -25.26
CA ASN M 410 -69.00 29.63 -24.27
C ASN M 410 -67.96 30.62 -24.80
N VAL M 411 -67.43 31.45 -23.90
CA VAL M 411 -66.38 32.38 -24.33
C VAL M 411 -65.11 31.63 -24.68
N LEU M 412 -64.77 30.57 -23.95
CA LEU M 412 -63.55 29.82 -24.20
C LEU M 412 -63.63 29.03 -25.51
N ALA M 413 -64.80 28.49 -25.82
CA ALA M 413 -64.99 27.82 -27.09
C ALA M 413 -65.00 28.80 -28.25
N ARG M 414 -65.61 29.96 -28.06
CA ARG M 414 -65.66 30.94 -29.15
C ARG M 414 -64.33 31.64 -29.35
N MET M 415 -63.41 31.57 -28.38
CA MET M 415 -62.03 31.97 -28.65
C MET M 415 -61.40 31.04 -29.69
N LEU M 416 -61.59 29.74 -29.53
CA LEU M 416 -61.08 28.78 -30.51
C LEU M 416 -61.86 28.81 -31.82
N GLU M 417 -63.10 29.29 -31.79
CA GLU M 417 -63.92 29.30 -33.00
C GLU M 417 -63.38 30.30 -34.02
N HIS M 418 -62.87 31.43 -33.56
CA HIS M 418 -62.23 32.42 -34.42
C HIS M 418 -60.74 32.57 -34.10
N LYS M 419 -60.10 31.44 -33.74
CA LYS M 419 -58.76 31.44 -33.14
C LYS M 419 -57.68 31.99 -34.05
N GLU M 420 -57.92 32.02 -35.35
CA GLU M 420 -56.93 32.51 -36.29
C GLU M 420 -57.27 33.86 -36.90
N ALA M 421 -58.48 34.38 -36.64
CA ALA M 421 -58.72 35.81 -36.84
C ALA M 421 -57.84 36.63 -35.91
N ILE M 422 -57.71 36.17 -34.66
CA ILE M 422 -56.81 36.76 -33.69
C ILE M 422 -55.37 36.69 -34.17
N ILE M 423 -54.96 35.54 -34.73
CA ILE M 423 -53.59 35.38 -35.20
C ILE M 423 -53.31 36.26 -36.41
N SER M 424 -54.28 36.37 -37.33
CA SER M 424 -54.11 37.22 -38.50
C SER M 424 -54.05 38.70 -38.13
N HIS M 425 -54.91 39.16 -37.23
CA HIS M 425 -54.86 40.56 -36.84
C HIS M 425 -53.67 40.89 -35.95
N LEU M 426 -53.23 39.94 -35.12
CA LEU M 426 -52.02 40.12 -34.35
C LEU M 426 -50.77 40.09 -35.22
N SER M 427 -50.78 39.28 -36.29
CA SER M 427 -49.73 39.35 -37.30
C SER M 427 -49.74 40.70 -38.01
N TRP M 428 -50.93 41.23 -38.32
CA TRP M 428 -51.01 42.53 -38.96
C TRP M 428 -50.46 43.63 -38.07
N VAL M 429 -50.79 43.61 -36.77
CA VAL M 429 -50.31 44.68 -35.90
C VAL M 429 -48.82 44.49 -35.61
N SER M 430 -48.33 43.25 -35.62
CA SER M 430 -46.89 43.01 -35.48
C SER M 430 -46.13 43.55 -36.68
N LEU M 431 -46.62 43.31 -37.89
CA LEU M 431 -45.97 43.86 -39.08
C LEU M 431 -46.13 45.38 -39.15
N PHE M 432 -47.27 45.90 -38.71
CA PHE M 432 -47.54 47.33 -38.70
C PHE M 432 -46.61 48.06 -37.76
N LEU M 433 -46.28 47.45 -36.62
CA LEU M 433 -45.28 48.05 -35.76
C LEU M 433 -43.88 47.86 -36.31
N GLY M 434 -43.58 46.66 -36.85
CA GLY M 434 -42.22 46.32 -37.19
C GLY M 434 -41.69 47.04 -38.41
N PHE M 435 -42.45 47.03 -39.52
CA PHE M 435 -42.06 47.70 -40.75
C PHE M 435 -41.79 49.17 -40.55
N HIS M 436 -42.65 49.87 -39.81
CA HIS M 436 -42.53 51.30 -39.61
C HIS M 436 -41.56 51.69 -38.51
N THR M 437 -41.41 50.90 -37.45
CA THR M 437 -40.38 51.19 -36.47
C THR M 437 -38.99 51.00 -37.08
N LEU M 438 -38.79 49.89 -37.80
CA LEU M 438 -37.51 49.71 -38.48
C LEU M 438 -37.35 50.71 -39.63
N GLY M 439 -38.43 51.09 -40.29
CA GLY M 439 -38.34 52.07 -41.34
C GLY M 439 -37.91 53.44 -40.85
N LEU M 440 -38.47 53.89 -39.72
CA LEU M 440 -38.05 55.16 -39.15
C LEU M 440 -36.65 55.10 -38.57
N TYR M 441 -36.27 53.98 -37.93
CA TYR M 441 -34.90 53.82 -37.46
C TYR M 441 -33.89 53.80 -38.60
N VAL M 442 -34.17 53.07 -39.66
CA VAL M 442 -33.26 53.00 -40.80
C VAL M 442 -33.23 54.34 -41.54
N HIS M 443 -34.36 55.03 -41.63
CA HIS M 443 -34.40 56.36 -42.23
C HIS M 443 -33.55 57.34 -41.44
N ASN M 444 -33.68 57.32 -40.11
CA ASN M 444 -32.87 58.19 -39.26
C ASN M 444 -31.39 57.84 -39.34
N ASP M 445 -31.06 56.54 -39.40
CA ASP M 445 -29.68 56.10 -39.55
C ASP M 445 -29.09 56.60 -40.87
N VAL M 446 -29.86 56.52 -41.95
CA VAL M 446 -29.35 56.90 -43.26
C VAL M 446 -29.20 58.41 -43.35
N VAL M 447 -30.15 59.18 -42.83
CA VAL M 447 -30.04 60.63 -42.97
C VAL M 447 -29.02 61.20 -41.98
N VAL M 448 -28.82 60.57 -40.82
CA VAL M 448 -27.75 61.01 -39.92
C VAL M 448 -26.40 60.64 -40.50
N ALA M 449 -26.30 59.46 -41.12
CA ALA M 449 -25.07 59.07 -41.81
C ALA M 449 -24.79 59.98 -43.00
N PHE M 450 -25.83 60.47 -43.66
CA PHE M 450 -25.65 61.36 -44.80
C PHE M 450 -25.44 62.82 -44.38
N GLY M 451 -25.11 63.07 -43.12
CA GLY M 451 -24.79 64.40 -42.65
C GLY M 451 -25.97 65.31 -42.43
N THR M 452 -27.20 64.78 -42.48
CA THR M 452 -28.41 65.58 -42.37
C THR M 452 -29.29 65.01 -41.28
N PRO M 453 -28.98 65.28 -40.00
CA PRO M 453 -29.85 64.77 -38.92
C PRO M 453 -31.16 65.51 -38.80
N GLU M 454 -31.31 66.67 -39.45
CA GLU M 454 -32.56 67.41 -39.44
C GLU M 454 -33.59 66.82 -40.38
N LYS M 455 -33.21 65.87 -41.23
CA LYS M 455 -34.16 65.15 -42.08
C LYS M 455 -34.74 63.93 -41.38
N GLN M 456 -34.42 63.73 -40.11
CA GLN M 456 -34.98 62.64 -39.33
C GLN M 456 -36.48 62.82 -39.15
N ILE M 457 -37.21 61.71 -39.12
CA ILE M 457 -38.60 61.74 -38.71
C ILE M 457 -38.62 61.68 -37.19
N LEU M 458 -38.65 62.84 -36.55
CA LEU M 458 -38.73 62.93 -35.11
C LEU M 458 -40.17 63.20 -34.72
N ILE M 459 -40.74 62.31 -33.92
CA ILE M 459 -42.15 62.37 -33.56
C ILE M 459 -42.26 62.56 -32.06
N GLU M 460 -42.91 63.65 -31.65
CA GLU M 460 -43.09 63.92 -30.24
C GLU M 460 -44.23 63.06 -29.71
N PRO M 461 -44.02 62.27 -28.66
CA PRO M 461 -45.08 61.41 -28.15
C PRO M 461 -46.14 62.21 -27.39
N VAL M 462 -47.02 62.89 -28.13
CA VAL M 462 -47.93 63.84 -27.51
C VAL M 462 -49.02 63.16 -26.67
N PHE M 463 -49.34 61.89 -26.93
CA PHE M 463 -50.37 61.23 -26.12
C PHE M 463 -49.84 60.91 -24.73
N ALA M 464 -48.63 60.33 -24.65
CA ALA M 464 -48.04 60.04 -23.34
C ALA M 464 -47.62 61.31 -22.62
N GLN M 465 -47.20 62.34 -23.34
CA GLN M 465 -46.96 63.63 -22.72
C GLN M 465 -48.23 64.28 -22.23
N PHE M 466 -49.35 64.08 -22.92
CA PHE M 466 -50.65 64.50 -22.41
C PHE M 466 -51.02 63.75 -21.14
N VAL M 467 -50.67 62.46 -21.07
CA VAL M 467 -50.88 61.69 -19.84
C VAL M 467 -50.03 62.23 -18.70
N GLN M 468 -48.77 62.58 -19.01
CA GLN M 468 -47.89 63.17 -18.01
C GLN M 468 -48.41 64.51 -17.51
N ALA M 469 -48.89 65.35 -18.43
CA ALA M 469 -49.49 66.62 -18.05
C ALA M 469 -50.80 66.46 -17.30
N ALA M 470 -51.59 65.43 -17.61
CA ALA M 470 -52.78 65.12 -16.86
C ALA M 470 -52.49 64.57 -15.47
N SER M 471 -51.31 64.01 -15.27
CA SER M 471 -50.89 63.60 -13.94
C SER M 471 -50.24 64.73 -13.16
N GLY M 472 -50.02 65.89 -13.78
CA GLY M 472 -49.60 67.06 -13.04
C GLY M 472 -48.29 67.68 -13.46
N LYS M 473 -47.82 67.40 -14.67
CA LYS M 473 -46.55 67.91 -15.17
C LYS M 473 -46.82 69.14 -16.01
N ALA M 474 -46.25 70.28 -15.60
CA ALA M 474 -46.47 71.55 -16.28
C ALA M 474 -45.41 71.84 -17.33
N LEU M 475 -44.53 70.90 -17.62
CA LEU M 475 -43.43 71.14 -18.54
C LEU M 475 -43.90 71.22 -20.00
N TYR M 476 -44.90 70.43 -20.37
CA TYR M 476 -45.37 70.42 -21.75
C TYR M 476 -46.42 71.47 -22.06
N GLY M 477 -46.93 72.16 -21.04
CA GLY M 477 -47.87 73.24 -21.24
C GLY M 477 -49.22 72.84 -21.82
N PHE M 478 -49.68 71.63 -21.51
CA PHE M 478 -50.99 71.22 -21.98
C PHE M 478 -52.12 71.88 -21.21
N ASP M 479 -51.88 72.17 -19.92
CA ASP M 479 -52.86 72.74 -18.99
C ASP M 479 -54.13 71.89 -18.93
N ALA M 480 -53.95 70.61 -18.61
CA ALA M 480 -55.04 69.66 -18.67
C ALA M 480 -55.14 68.87 -17.37
N LEU M 481 -56.15 69.23 -16.59
CA LEU M 481 -56.80 68.43 -15.54
C LEU M 481 -55.99 68.22 -14.27
N LEU M 482 -54.67 68.42 -14.29
CA LEU M 482 -53.89 68.70 -13.10
C LEU M 482 -52.79 69.73 -13.34
N SER M 483 -52.46 70.02 -14.60
CA SER M 483 -51.45 71.01 -14.89
C SER M 483 -51.97 72.41 -14.60
N ASN M 484 -53.21 72.70 -14.97
CA ASN M 484 -53.76 73.95 -14.49
C ASN M 484 -54.32 73.81 -13.07
N PRO M 485 -54.20 74.84 -12.24
CA PRO M 485 -54.73 74.75 -10.87
C PRO M 485 -56.23 74.99 -10.78
N ASP M 486 -56.89 75.35 -11.88
CA ASP M 486 -58.31 75.68 -11.88
C ASP M 486 -59.15 74.61 -12.55
N SER M 487 -58.73 73.35 -12.52
CA SER M 487 -59.49 72.24 -13.04
C SER M 487 -60.38 71.66 -11.94
N VAL M 488 -61.33 70.83 -12.35
CA VAL M 488 -62.24 70.23 -11.38
C VAL M 488 -61.52 69.17 -10.55
N ALA M 489 -60.48 68.55 -11.11
CA ALA M 489 -59.69 67.60 -10.35
C ALA M 489 -58.69 68.31 -9.45
N SER M 490 -58.14 69.44 -9.89
CA SER M 490 -57.14 70.14 -9.11
C SER M 490 -57.76 70.93 -7.96
N THR M 491 -59.02 71.37 -8.14
CA THR M 491 -59.66 72.17 -7.10
C THR M 491 -60.44 71.29 -6.13
N ALA M 492 -60.26 69.97 -6.23
CA ALA M 492 -60.97 69.05 -5.35
C ALA M 492 -60.33 68.99 -3.96
N SER M 493 -60.79 68.06 -3.13
CA SER M 493 -60.19 67.85 -1.81
C SER M 493 -58.98 66.94 -1.87
N ALA M 494 -58.36 66.78 -3.03
CA ALA M 494 -57.18 65.93 -3.18
C ALA M 494 -56.00 66.54 -2.46
N VAL M 495 -55.68 66.01 -1.27
CA VAL M 495 -54.60 66.55 -0.47
C VAL M 495 -53.29 65.82 -0.74
N TRP M 496 -53.28 64.88 -1.70
CA TRP M 496 -52.00 64.35 -2.16
C TRP M 496 -51.31 65.32 -3.09
N LEU M 497 -52.07 66.27 -3.63
CA LEU M 497 -51.57 67.17 -4.67
C LEU M 497 -50.41 68.08 -4.26
N PRO M 498 -50.35 68.70 -3.06
CA PRO M 498 -49.15 69.49 -2.72
C PRO M 498 -47.85 68.69 -2.69
N GLY M 499 -47.90 67.40 -2.38
CA GLY M 499 -46.70 66.58 -2.46
C GLY M 499 -46.46 66.03 -3.85
N TRP M 500 -47.54 65.59 -4.50
CA TRP M 500 -47.42 64.96 -5.82
C TRP M 500 -46.98 65.95 -6.88
N LEU M 501 -47.48 67.19 -6.83
CA LEU M 501 -47.17 68.16 -7.88
C LEU M 501 -45.71 68.61 -7.85
N ASP M 502 -45.15 68.87 -6.67
CA ASP M 502 -43.74 69.21 -6.65
C ASP M 502 -42.83 67.99 -6.62
N ALA M 503 -43.39 66.78 -6.44
CA ALA M 503 -42.63 65.58 -6.72
C ALA M 503 -42.54 65.29 -8.21
N ILE M 504 -43.57 65.63 -8.99
CA ILE M 504 -43.56 65.31 -10.41
C ILE M 504 -42.95 66.42 -11.26
N ASN M 505 -42.94 67.66 -10.77
CA ASN M 505 -42.43 68.79 -11.52
C ASN M 505 -40.99 69.13 -11.16
N SER M 506 -40.32 68.27 -10.38
CA SER M 506 -38.91 68.40 -10.07
C SER M 506 -38.13 67.33 -10.84
N GLY M 507 -37.08 67.74 -11.52
CA GLY M 507 -36.30 66.84 -12.34
C GLY M 507 -35.22 66.06 -11.62
N THR M 508 -35.23 66.06 -10.28
CA THR M 508 -34.24 65.35 -9.50
C THR M 508 -34.63 63.92 -9.18
N ASN M 509 -35.76 63.45 -9.66
CA ASN M 509 -36.22 62.09 -9.40
C ASN M 509 -36.49 61.39 -10.72
N SER M 510 -36.86 60.11 -10.62
CA SER M 510 -37.22 59.30 -11.78
C SER M 510 -38.72 59.28 -12.02
N LEU M 511 -39.46 60.15 -11.35
CA LEU M 511 -40.91 60.18 -11.42
C LEU M 511 -41.34 60.96 -12.67
N PHE M 512 -41.92 60.23 -13.64
CA PHE M 512 -42.50 60.79 -14.86
C PHE M 512 -41.46 61.58 -15.67
N LEU M 513 -40.51 60.81 -16.21
CA LEU M 513 -39.35 61.34 -16.93
C LEU M 513 -39.76 62.13 -18.16
N ASN M 514 -38.87 63.03 -18.56
CA ASN M 514 -39.04 63.76 -19.81
C ASN M 514 -38.89 62.81 -20.98
N ILE M 515 -39.90 62.78 -21.85
CA ILE M 515 -39.92 61.89 -23.00
C ILE M 515 -39.97 62.71 -24.27
N GLY M 516 -39.24 62.26 -25.29
CA GLY M 516 -39.15 62.97 -26.54
C GLY M 516 -39.21 62.05 -27.72
N PRO M 517 -38.63 62.47 -28.85
CA PRO M 517 -38.69 61.64 -30.07
C PRO M 517 -37.92 60.34 -29.98
N GLY M 518 -36.92 60.26 -29.09
CA GLY M 518 -36.25 59.01 -28.85
C GLY M 518 -36.99 58.06 -27.94
N ASP M 519 -38.09 58.51 -27.33
CA ASP M 519 -38.93 57.67 -26.51
C ASP M 519 -40.13 57.13 -27.27
N PHE M 520 -40.54 57.81 -28.34
CA PHE M 520 -41.64 57.35 -29.18
C PHE M 520 -41.26 56.07 -29.91
N LEU M 521 -40.10 56.08 -30.57
CA LEU M 521 -39.67 54.95 -31.38
C LEU M 521 -39.37 53.73 -30.55
N VAL M 522 -38.78 53.90 -29.37
CA VAL M 522 -38.46 52.76 -28.54
C VAL M 522 -39.74 52.18 -27.94
N HIS M 523 -40.72 53.03 -27.65
CA HIS M 523 -42.01 52.54 -27.20
C HIS M 523 -42.73 51.75 -28.28
N HIS M 524 -42.56 52.15 -29.54
CA HIS M 524 -43.15 51.35 -30.61
C HIS M 524 -42.37 50.07 -30.86
N ALA M 525 -41.06 50.08 -30.61
CA ALA M 525 -40.29 48.85 -30.59
C ALA M 525 -40.78 47.90 -29.49
N ILE M 526 -41.08 48.46 -28.32
CA ILE M 526 -41.61 47.70 -27.20
C ILE M 526 -42.98 47.13 -27.54
N ALA M 527 -43.83 47.94 -28.17
CA ALA M 527 -45.15 47.48 -28.60
C ALA M 527 -45.02 46.38 -29.65
N LEU M 528 -44.05 46.51 -30.56
CA LEU M 528 -43.76 45.46 -31.53
C LEU M 528 -43.33 44.18 -30.83
N GLY M 529 -42.48 44.30 -29.81
CA GLY M 529 -42.00 43.13 -29.10
C GLY M 529 -43.09 42.39 -28.33
N LEU M 530 -43.92 43.14 -27.59
CA LEU M 530 -45.05 42.53 -26.90
C LEU M 530 -46.07 41.95 -27.86
N HIS M 531 -46.37 42.65 -28.96
CA HIS M 531 -47.33 42.14 -29.91
C HIS M 531 -46.82 40.91 -30.63
N THR M 532 -45.53 40.86 -30.95
CA THR M 532 -45.02 39.70 -31.65
C THR M 532 -44.87 38.51 -30.71
N THR M 533 -44.36 38.73 -29.49
CA THR M 533 -44.29 37.65 -28.51
C THR M 533 -45.67 37.10 -28.19
N THR M 534 -46.66 38.00 -28.09
CA THR M 534 -48.05 37.60 -28.00
C THR M 534 -48.49 36.84 -29.24
N LEU M 535 -47.96 37.18 -30.41
CA LEU M 535 -48.36 36.49 -31.63
C LEU M 535 -47.88 35.05 -31.64
N ILE M 536 -46.60 34.82 -31.32
CA ILE M 536 -46.10 33.44 -31.16
C ILE M 536 -46.88 32.70 -30.06
N LEU M 537 -47.14 33.37 -28.93
CA LEU M 537 -47.75 32.67 -27.81
C LEU M 537 -49.23 32.35 -28.03
N VAL M 538 -50.03 33.32 -28.49
CA VAL M 538 -51.43 33.08 -28.85
C VAL M 538 -51.53 32.11 -30.01
N LYS M 539 -50.61 32.21 -30.98
CA LYS M 539 -50.62 31.35 -32.14
C LYS M 539 -50.38 29.90 -31.74
N GLY M 540 -49.48 29.66 -30.78
CA GLY M 540 -49.26 28.30 -30.35
C GLY M 540 -50.24 27.81 -29.30
N ALA M 541 -50.86 28.73 -28.54
CA ALA M 541 -51.85 28.31 -27.56
C ALA M 541 -53.16 27.94 -28.23
N LEU M 542 -53.57 28.69 -29.25
CA LEU M 542 -54.82 28.41 -29.91
C LEU M 542 -54.70 27.29 -30.94
N ASP M 543 -53.50 27.07 -31.49
CA ASP M 543 -53.25 25.96 -32.39
C ASP M 543 -52.67 24.76 -31.66
N ALA M 544 -52.88 24.69 -30.35
CA ALA M 544 -52.33 23.60 -29.55
C ALA M 544 -53.07 22.29 -29.79
N ARG M 545 -54.39 22.35 -29.91
CA ARG M 545 -55.20 21.15 -30.10
C ARG M 545 -55.07 20.58 -31.51
N GLY M 546 -54.76 21.42 -32.49
CA GLY M 546 -54.68 20.96 -33.86
C GLY M 546 -55.04 22.04 -34.84
N SER M 547 -54.72 21.82 -36.11
CA SER M 547 -54.98 22.79 -37.17
C SER M 547 -54.89 22.08 -38.52
N LYS M 548 -54.75 22.86 -39.58
CA LYS M 548 -54.94 22.34 -40.93
C LYS M 548 -53.84 21.37 -41.36
N LEU M 549 -52.58 21.65 -41.01
CA LEU M 549 -51.50 20.73 -41.36
C LEU M 549 -51.48 19.52 -40.43
N MET M 550 -51.79 19.73 -39.15
CA MET M 550 -51.74 18.68 -38.13
C MET M 550 -53.03 18.72 -37.34
N PRO M 551 -54.07 18.01 -37.77
CA PRO M 551 -55.33 18.01 -37.01
C PRO M 551 -55.25 17.39 -35.63
N ASP M 552 -54.56 16.27 -35.46
CA ASP M 552 -54.53 15.58 -34.17
C ASP M 552 -53.26 15.96 -33.43
N LYS M 553 -53.13 17.24 -33.12
CA LYS M 553 -52.00 17.68 -32.32
C LYS M 553 -52.17 17.38 -30.85
N LYS M 554 -53.40 17.11 -30.40
CA LYS M 554 -53.65 16.78 -29.01
C LYS M 554 -53.29 15.35 -28.66
N ASP M 555 -53.17 14.47 -29.65
CA ASP M 555 -52.85 13.07 -29.37
C ASP M 555 -51.38 12.89 -28.99
N PHE M 556 -50.49 13.69 -29.56
CA PHE M 556 -49.08 13.64 -29.23
C PHE M 556 -48.73 14.47 -28.01
N GLY M 557 -49.67 15.23 -27.48
CA GLY M 557 -49.44 16.02 -26.30
C GLY M 557 -48.91 17.41 -26.62
N PHE M 558 -48.40 18.05 -25.57
CA PHE M 558 -47.89 19.42 -25.65
C PHE M 558 -46.55 19.50 -26.37
N SER M 559 -45.64 18.57 -26.10
CA SER M 559 -44.24 18.69 -26.49
C SER M 559 -43.83 17.45 -27.28
N PHE M 560 -43.81 17.58 -28.55
CA PHE M 560 -43.28 16.55 -29.41
C PHE M 560 -42.36 17.17 -30.46
N PRO M 561 -41.39 16.40 -31.01
CA PRO M 561 -40.45 16.99 -31.99
C PRO M 561 -41.09 17.53 -33.26
N CYS M 562 -41.75 16.66 -33.99
CA CYS M 562 -42.27 16.98 -35.31
C CYS M 562 -43.31 15.93 -35.68
N ASP M 563 -43.70 15.90 -36.94
CA ASP M 563 -44.55 14.85 -37.46
C ASP M 563 -43.97 14.37 -38.79
N GLY M 564 -42.64 14.30 -38.83
CA GLY M 564 -41.95 13.78 -39.99
C GLY M 564 -41.74 14.82 -41.06
N PRO M 565 -40.94 14.49 -42.07
CA PRO M 565 -40.76 15.40 -43.21
C PRO M 565 -41.91 15.40 -44.19
N GLY M 566 -42.88 14.49 -44.02
CA GLY M 566 -44.03 14.47 -44.87
C GLY M 566 -44.96 15.63 -44.60
N ARG M 567 -45.94 15.78 -45.50
CA ARG M 567 -46.85 16.92 -45.56
C ARG M 567 -46.08 18.24 -45.67
N GLY M 568 -44.98 18.22 -46.42
CA GLY M 568 -44.23 19.41 -46.73
C GLY M 568 -43.09 19.71 -45.77
N GLY M 569 -43.12 19.14 -44.56
CA GLY M 569 -42.09 19.47 -43.56
C GLY M 569 -42.78 20.03 -42.34
N THR M 570 -42.42 19.51 -41.17
CA THR M 570 -43.25 19.73 -40.00
C THR M 570 -42.37 20.07 -38.78
N CYS M 571 -41.31 20.86 -38.98
CA CYS M 571 -40.44 21.22 -37.88
C CYS M 571 -41.08 22.32 -37.05
N ASP M 572 -41.03 22.19 -35.72
CA ASP M 572 -41.63 23.15 -34.77
C ASP M 572 -43.12 23.34 -35.03
N ILE M 573 -43.89 22.29 -34.80
CA ILE M 573 -45.34 22.37 -34.91
C ILE M 573 -46.05 22.08 -33.58
N SER M 574 -45.36 21.47 -32.61
CA SER M 574 -45.94 21.28 -31.29
C SER M 574 -46.19 22.63 -30.64
N ALA M 575 -47.13 22.66 -29.69
CA ALA M 575 -47.41 23.90 -28.96
C ALA M 575 -46.24 24.35 -28.11
N TRP M 576 -45.25 23.47 -27.88
CA TRP M 576 -43.97 23.84 -27.32
C TRP M 576 -43.15 24.77 -28.23
N ASP M 577 -43.49 24.85 -29.54
CA ASP M 577 -42.79 25.81 -30.39
C ASP M 577 -43.12 27.24 -30.00
N ALA M 578 -44.33 27.46 -29.49
CA ALA M 578 -44.73 28.79 -29.03
C ALA M 578 -43.83 29.27 -27.91
N PHE M 579 -43.64 28.42 -26.90
CA PHE M 579 -42.72 28.73 -25.81
C PHE M 579 -41.31 28.89 -26.32
N TYR M 580 -40.87 27.97 -27.19
CA TYR M 580 -39.48 27.97 -27.63
C TYR M 580 -39.15 29.18 -28.49
N LEU M 581 -40.05 29.56 -29.39
CA LEU M 581 -39.82 30.70 -30.27
C LEU M 581 -40.20 32.02 -29.62
N ALA M 582 -40.91 31.98 -28.50
CA ALA M 582 -41.28 33.19 -27.80
C ALA M 582 -40.35 33.53 -26.66
N MET M 583 -39.53 32.58 -26.20
CA MET M 583 -38.42 32.96 -25.32
C MET M 583 -37.47 33.91 -26.01
N PHE M 584 -37.17 33.67 -27.30
CA PHE M 584 -36.32 34.59 -28.05
C PHE M 584 -36.95 35.97 -28.19
N TRP M 585 -38.24 36.03 -28.47
CA TRP M 585 -38.89 37.32 -28.66
C TRP M 585 -39.09 38.06 -27.35
N MET M 586 -39.38 37.33 -26.27
CA MET M 586 -39.43 37.91 -24.94
C MET M 586 -38.07 38.43 -24.51
N LEU M 587 -36.99 37.68 -24.77
CA LEU M 587 -35.67 38.16 -24.42
C LEU M 587 -35.27 39.36 -25.26
N ASN M 588 -35.66 39.38 -26.54
CA ASN M 588 -35.39 40.53 -27.39
C ASN M 588 -36.15 41.76 -26.93
N THR M 589 -37.42 41.60 -26.55
CA THR M 589 -38.22 42.71 -26.06
C THR M 589 -37.69 43.24 -24.73
N LEU M 590 -37.30 42.33 -23.85
CA LEU M 590 -36.75 42.76 -22.56
C LEU M 590 -35.38 43.37 -22.74
N GLY M 591 -34.62 42.92 -23.74
CA GLY M 591 -33.39 43.61 -24.08
C GLY M 591 -33.64 45.01 -24.58
N TRP M 592 -34.66 45.18 -25.43
CA TRP M 592 -35.01 46.52 -25.94
C TRP M 592 -35.41 47.46 -24.81
N LEU M 593 -36.27 46.99 -23.90
CA LEU M 593 -36.76 47.89 -22.85
C LEU M 593 -35.72 48.11 -21.76
N THR M 594 -34.85 47.12 -21.50
CA THR M 594 -33.82 47.33 -20.49
C THR M 594 -32.67 48.18 -21.03
N PHE M 595 -32.34 48.06 -22.32
CA PHE M 595 -31.46 49.04 -22.96
C PHE M 595 -32.05 50.44 -22.91
N TYR M 596 -33.37 50.56 -23.13
CA TYR M 596 -34.05 51.84 -23.03
C TYR M 596 -33.93 52.43 -21.63
N TRP M 597 -34.27 51.63 -20.62
CA TRP M 597 -34.20 52.08 -19.23
C TRP M 597 -32.79 52.44 -18.84
N HIS M 598 -31.81 51.62 -19.23
CA HIS M 598 -30.44 51.83 -18.81
C HIS M 598 -29.84 53.06 -19.50
N TRP M 599 -30.09 53.25 -20.80
CA TRP M 599 -29.51 54.40 -21.47
C TRP M 599 -30.18 55.70 -21.05
N LYS M 600 -31.52 55.70 -20.90
CA LYS M 600 -32.20 56.90 -20.43
C LYS M 600 -31.78 57.26 -19.02
N HIS M 601 -31.65 56.26 -18.14
CA HIS M 601 -31.24 56.54 -16.79
C HIS M 601 -29.76 56.85 -16.68
N LEU M 602 -28.92 56.36 -17.59
CA LEU M 602 -27.52 56.77 -17.59
C LEU M 602 -27.39 58.23 -18.01
N GLY M 603 -28.20 58.65 -18.99
CA GLY M 603 -28.24 60.07 -19.32
C GLY M 603 -28.75 60.93 -18.19
N ILE M 604 -29.72 60.41 -17.42
CA ILE M 604 -30.24 61.15 -16.27
C ILE M 604 -29.22 61.22 -15.14
N TRP M 605 -28.60 60.09 -14.81
CA TRP M 605 -27.70 60.02 -13.66
C TRP M 605 -26.39 60.72 -13.93
N THR M 606 -25.90 60.66 -15.18
CA THR M 606 -24.67 61.37 -15.52
C THR M 606 -24.90 62.87 -15.55
N GLY M 607 -26.14 63.30 -15.75
CA GLY M 607 -26.47 64.69 -15.87
C GLY M 607 -26.48 65.21 -17.29
N ASN M 608 -26.10 64.39 -18.26
CA ASN M 608 -26.11 64.77 -19.67
C ASN M 608 -27.24 63.95 -20.32
N VAL M 609 -28.44 64.52 -20.29
CA VAL M 609 -29.60 63.84 -20.88
C VAL M 609 -29.70 64.06 -22.38
N ALA M 610 -28.90 64.96 -22.93
CA ALA M 610 -28.95 65.25 -24.36
C ALA M 610 -28.45 64.12 -25.22
N GLN M 611 -27.57 63.25 -24.68
CA GLN M 611 -27.03 62.13 -25.44
C GLN M 611 -28.11 61.15 -25.88
N PHE M 612 -28.95 60.71 -24.94
CA PHE M 612 -30.12 59.92 -25.30
C PHE M 612 -31.09 60.72 -26.14
N ASN M 613 -31.28 62.00 -25.84
CA ASN M 613 -32.32 62.78 -26.50
C ASN M 613 -32.00 63.09 -27.96
N GLU M 614 -30.73 62.99 -28.39
CA GLU M 614 -30.41 63.17 -29.79
C GLU M 614 -29.92 61.90 -30.48
N ASN M 615 -29.44 60.90 -29.73
CA ASN M 615 -28.82 59.74 -30.35
C ASN M 615 -29.69 58.50 -30.34
N SER M 616 -30.79 58.49 -29.59
CA SER M 616 -31.67 57.31 -29.55
C SER M 616 -32.67 57.29 -30.69
N THR M 617 -32.69 58.31 -31.53
CA THR M 617 -33.60 58.32 -32.66
C THR M 617 -33.10 57.49 -33.83
N TYR M 618 -31.82 57.12 -33.82
CA TYR M 618 -31.23 56.27 -34.84
C TYR M 618 -30.41 55.19 -34.14
N LEU M 619 -30.30 54.04 -34.80
CA LEU M 619 -29.75 52.86 -34.14
C LEU M 619 -28.23 52.90 -33.98
N MET M 620 -27.52 53.73 -34.74
CA MET M 620 -26.08 53.81 -34.56
C MET M 620 -25.74 54.58 -33.28
N GLY M 621 -26.59 55.53 -32.89
CA GLY M 621 -26.43 56.15 -31.58
C GLY M 621 -26.63 55.17 -30.44
N TRP M 622 -27.59 54.25 -30.61
CA TRP M 622 -27.75 53.14 -29.68
C TRP M 622 -26.52 52.25 -29.65
N PHE M 623 -25.97 51.98 -30.82
CA PHE M 623 -24.88 51.01 -30.94
C PHE M 623 -23.56 51.59 -30.45
N ARG M 624 -23.41 52.91 -30.55
CA ARG M 624 -22.16 53.59 -30.23
C ARG M 624 -22.19 54.22 -28.85
N ASP M 625 -23.18 55.07 -28.58
CA ASP M 625 -23.20 55.84 -27.35
C ASP M 625 -23.72 55.05 -26.16
N TYR M 626 -24.29 53.87 -26.38
CA TYR M 626 -24.77 53.04 -25.27
C TYR M 626 -23.97 51.74 -25.16
N LEU M 627 -23.78 50.99 -26.24
CA LEU M 627 -23.08 49.72 -26.13
C LEU M 627 -21.58 49.93 -26.07
N TRP M 628 -21.01 50.53 -27.11
CA TRP M 628 -19.57 50.74 -27.20
C TRP M 628 -19.06 51.70 -26.14
N ALA M 629 -19.82 52.75 -25.84
CA ALA M 629 -19.38 53.75 -24.89
C ALA M 629 -19.38 53.22 -23.47
N ASN M 630 -20.39 52.43 -23.11
CA ASN M 630 -20.50 51.98 -21.73
C ASN M 630 -19.88 50.62 -21.51
N SER M 631 -19.41 49.96 -22.58
CA SER M 631 -18.66 48.73 -22.38
C SER M 631 -17.18 48.97 -22.11
N ALA M 632 -16.75 50.24 -22.12
CA ALA M 632 -15.32 50.58 -22.03
C ALA M 632 -14.71 50.16 -20.71
N GLN M 633 -15.32 50.58 -19.60
CA GLN M 633 -14.83 50.22 -18.27
C GLN M 633 -15.13 48.76 -17.93
N LEU M 634 -16.17 48.19 -18.54
CA LEU M 634 -16.46 46.77 -18.44
C LEU M 634 -15.32 45.91 -18.96
N ILE M 635 -14.97 46.04 -20.24
CA ILE M 635 -13.95 45.17 -20.82
C ILE M 635 -12.54 45.46 -20.33
N ASN M 636 -12.33 46.60 -19.68
CA ASN M 636 -11.07 46.91 -19.03
C ASN M 636 -11.09 46.50 -17.56
N GLY M 637 -11.97 45.58 -17.18
CA GLY M 637 -11.96 45.06 -15.82
C GLY M 637 -10.69 44.27 -15.52
N TYR M 638 -10.19 43.53 -16.50
CA TYR M 638 -8.84 42.99 -16.46
C TYR M 638 -8.19 43.23 -17.81
N ASN M 639 -6.99 43.79 -17.77
CA ASN M 639 -6.19 44.13 -18.94
C ASN M 639 -4.79 43.61 -18.66
N PRO M 640 -3.81 43.71 -19.58
CA PRO M 640 -2.44 43.33 -19.22
C PRO M 640 -1.81 44.15 -18.10
N TYR M 641 -2.33 45.33 -17.79
CA TYR M 641 -1.72 46.22 -16.81
C TYR M 641 -2.28 46.09 -15.41
N GLY M 642 -3.27 45.23 -15.19
CA GLY M 642 -3.78 45.05 -13.84
C GLY M 642 -5.17 44.43 -13.83
N VAL M 643 -5.78 44.48 -12.65
CA VAL M 643 -7.11 43.91 -12.38
C VAL M 643 -7.91 44.94 -11.59
N ASN M 644 -9.11 45.25 -12.06
CA ASN M 644 -10.03 46.14 -11.38
C ASN M 644 -11.00 45.32 -10.53
N ASN M 645 -11.93 46.00 -9.88
CA ASN M 645 -13.02 45.32 -9.18
C ASN M 645 -14.08 44.79 -10.13
N LEU M 646 -14.07 45.22 -11.39
CA LEU M 646 -15.00 44.75 -12.40
C LEU M 646 -14.42 43.62 -13.24
N SER M 647 -13.38 42.95 -12.76
CA SER M 647 -12.82 41.83 -13.51
C SER M 647 -13.75 40.64 -13.52
N VAL M 648 -14.50 40.43 -12.44
CA VAL M 648 -15.50 39.37 -12.42
C VAL M 648 -16.64 39.71 -13.37
N TRP M 649 -16.94 41.00 -13.56
CA TRP M 649 -18.00 41.37 -14.50
C TRP M 649 -17.55 41.27 -15.94
N ALA M 650 -16.27 41.54 -16.24
CA ALA M 650 -15.75 41.27 -17.57
C ALA M 650 -15.70 39.77 -17.84
N TRP M 651 -15.37 38.98 -16.82
CA TRP M 651 -15.38 37.53 -16.97
C TRP M 651 -16.80 36.99 -17.19
N MET M 652 -17.79 37.53 -16.47
CA MET M 652 -19.17 37.17 -16.72
C MET M 652 -19.68 37.64 -18.07
N PHE M 653 -19.18 38.79 -18.54
CA PHE M 653 -19.49 39.27 -19.88
C PHE M 653 -19.04 38.27 -20.94
N LEU M 654 -17.79 37.84 -20.87
CA LEU M 654 -17.27 36.84 -21.79
C LEU M 654 -17.93 35.48 -21.59
N PHE M 655 -18.26 35.13 -20.34
CA PHE M 655 -18.95 33.87 -20.05
C PHE M 655 -20.33 33.84 -20.67
N GLY M 656 -21.07 34.94 -20.55
CA GLY M 656 -22.37 35.04 -21.19
C GLY M 656 -22.30 35.01 -22.69
N HIS M 657 -21.27 35.64 -23.29
CA HIS M 657 -21.05 35.50 -24.72
C HIS M 657 -20.79 34.05 -25.12
N LEU M 658 -19.97 33.34 -24.34
CA LEU M 658 -19.66 31.94 -24.63
C LEU M 658 -20.88 31.04 -24.52
N VAL M 659 -21.70 31.21 -23.49
CA VAL M 659 -22.88 30.37 -23.32
C VAL M 659 -23.93 30.71 -24.38
N TRP M 660 -24.09 31.99 -24.69
CA TRP M 660 -25.04 32.42 -25.71
C TRP M 660 -24.65 31.91 -27.09
N ALA M 661 -23.36 31.91 -27.41
CA ALA M 661 -22.90 31.36 -28.67
C ALA M 661 -22.90 29.83 -28.68
N THR M 662 -22.76 29.19 -27.52
CA THR M 662 -22.87 27.74 -27.46
C THR M 662 -24.30 27.30 -27.69
N GLY M 663 -25.27 28.14 -27.33
CA GLY M 663 -26.66 27.87 -27.66
C GLY M 663 -26.94 27.78 -29.14
N PHE M 664 -26.22 28.57 -29.94
CA PHE M 664 -26.34 28.53 -31.40
C PHE M 664 -26.01 27.15 -31.96
N MET M 665 -25.11 26.42 -31.29
CA MET M 665 -24.77 25.05 -31.69
C MET M 665 -25.97 24.12 -31.59
N PHE M 666 -26.72 24.20 -30.50
CA PHE M 666 -27.90 23.36 -30.36
C PHE M 666 -29.08 23.86 -31.18
N LEU M 667 -29.15 25.15 -31.45
CA LEU M 667 -30.28 25.69 -32.18
C LEU M 667 -30.13 25.60 -33.70
N ILE M 668 -28.90 25.61 -34.22
CA ILE M 668 -28.71 25.59 -35.67
C ILE M 668 -28.40 24.18 -36.13
N SER M 669 -27.36 23.57 -35.56
CA SER M 669 -27.08 22.18 -35.88
C SER M 669 -28.11 21.28 -35.21
N TRP M 670 -28.57 20.28 -35.94
CA TRP M 670 -29.67 19.43 -35.49
C TRP M 670 -29.19 17.99 -35.37
N ARG M 671 -30.12 17.08 -35.03
CA ARG M 671 -29.76 15.91 -34.23
C ARG M 671 -28.95 14.87 -34.98
N GLY M 672 -29.36 14.53 -36.20
CA GLY M 672 -28.77 13.38 -36.88
C GLY M 672 -27.32 13.52 -37.26
N TYR M 673 -26.84 14.76 -37.45
CA TYR M 673 -25.41 15.01 -37.57
C TYR M 673 -24.68 14.51 -36.33
N TRP M 674 -25.21 14.86 -35.16
CA TRP M 674 -24.57 14.49 -33.91
C TRP M 674 -24.74 13.01 -33.60
N GLN M 675 -25.86 12.41 -34.01
CA GLN M 675 -26.01 10.97 -33.86
C GLN M 675 -25.00 10.22 -34.74
N GLU M 676 -24.82 10.67 -35.98
CA GLU M 676 -23.80 10.11 -36.86
C GLU M 676 -22.39 10.31 -36.33
N LEU M 677 -22.13 11.41 -35.63
CA LEU M 677 -20.85 11.66 -34.99
C LEU M 677 -20.61 10.74 -33.78
N ILE M 678 -21.61 10.63 -32.92
CA ILE M 678 -21.51 9.78 -31.73
C ILE M 678 -21.39 8.30 -32.12
N GLU M 679 -21.95 7.90 -33.27
CA GLU M 679 -21.70 6.53 -33.74
C GLU M 679 -20.24 6.25 -34.06
N THR M 680 -19.53 7.18 -34.69
CA THR M 680 -18.09 7.05 -34.90
C THR M 680 -17.32 7.09 -33.59
N ILE M 681 -17.73 7.94 -32.65
CA ILE M 681 -17.07 7.98 -31.34
C ILE M 681 -17.28 6.67 -30.58
N VAL M 682 -18.46 6.08 -30.71
CA VAL M 682 -18.76 4.78 -30.10
C VAL M 682 -17.90 3.69 -30.70
N TRP M 683 -17.72 3.71 -32.03
CA TRP M 683 -16.82 2.77 -32.69
C TRP M 683 -15.39 2.94 -32.18
N ALA M 684 -14.94 4.19 -32.05
CA ALA M 684 -13.58 4.44 -31.58
C ALA M 684 -13.39 3.98 -30.15
N HIS M 685 -14.41 4.11 -29.30
CA HIS M 685 -14.28 3.61 -27.94
C HIS M 685 -14.27 2.09 -27.90
N GLU M 686 -15.16 1.43 -28.64
CA GLU M 686 -15.24 -0.01 -28.58
C GLU M 686 -14.12 -0.71 -29.32
N ARG M 687 -13.38 -0.02 -30.18
CA ARG M 687 -12.32 -0.67 -30.93
C ARG M 687 -10.93 -0.32 -30.45
N THR M 688 -10.77 0.69 -29.61
CA THR M 688 -9.45 0.94 -29.08
C THR M 688 -9.12 -0.04 -27.96
N PRO M 689 -7.85 -0.39 -27.78
CA PRO M 689 -7.46 -1.18 -26.61
C PRO M 689 -7.44 -0.31 -25.36
N LEU M 690 -7.60 -0.99 -24.22
CA LEU M 690 -7.47 -0.49 -22.84
C LEU M 690 -8.57 0.47 -22.43
N ALA M 691 -9.45 0.90 -23.34
CA ALA M 691 -10.60 1.70 -23.01
C ALA M 691 -11.90 0.98 -23.30
N ASN M 692 -11.87 -0.11 -24.06
CA ASN M 692 -13.03 -0.94 -24.27
C ASN M 692 -13.36 -1.81 -23.05
N LEU M 693 -12.46 -1.86 -22.07
CA LEU M 693 -12.80 -2.42 -20.77
C LEU M 693 -13.91 -1.61 -20.11
N VAL M 694 -13.85 -0.30 -20.23
CA VAL M 694 -14.86 0.58 -19.67
C VAL M 694 -16.05 0.61 -20.62
N ARG M 695 -17.15 0.01 -20.22
CA ARG M 695 -18.35 -0.09 -21.02
C ARG M 695 -19.48 0.71 -20.38
N TRP M 696 -20.22 1.44 -21.21
CA TRP M 696 -21.36 2.20 -20.72
C TRP M 696 -22.53 1.28 -20.40
N LYS M 697 -23.27 1.60 -19.34
CA LYS M 697 -24.49 0.86 -19.07
C LYS M 697 -25.62 1.31 -20.00
N ASP M 698 -25.69 2.61 -20.29
CA ASP M 698 -26.67 3.14 -21.22
C ASP M 698 -25.99 3.60 -22.51
N LYS M 699 -26.67 3.38 -23.62
CA LYS M 699 -26.08 3.59 -24.92
C LYS M 699 -26.02 5.08 -25.23
N PRO M 700 -24.86 5.64 -25.50
CA PRO M 700 -24.76 7.09 -25.75
C PRO M 700 -25.41 7.47 -27.08
N VAL M 701 -26.45 8.30 -27.00
CA VAL M 701 -27.14 8.81 -28.17
C VAL M 701 -27.07 10.33 -28.12
N ALA M 702 -27.41 10.95 -29.25
CA ALA M 702 -27.51 12.39 -29.30
C ALA M 702 -28.71 12.88 -28.50
N LEU M 703 -28.66 14.15 -28.11
CA LEU M 703 -29.81 14.76 -27.45
C LEU M 703 -30.97 14.82 -28.40
N SER M 704 -32.17 14.53 -27.90
CA SER M 704 -33.35 14.49 -28.75
C SER M 704 -33.72 15.91 -29.21
N ILE M 705 -34.68 15.97 -30.12
CA ILE M 705 -34.95 17.21 -30.85
C ILE M 705 -35.51 18.29 -29.92
N VAL M 706 -36.53 17.94 -29.13
CA VAL M 706 -37.08 18.87 -28.16
C VAL M 706 -36.07 19.18 -27.06
N GLN M 707 -35.31 18.17 -26.65
CA GLN M 707 -34.31 18.33 -25.61
C GLN M 707 -33.24 19.32 -26.04
N ALA M 708 -32.80 19.24 -27.29
CA ALA M 708 -31.79 20.15 -27.77
C ALA M 708 -32.32 21.53 -28.09
N ARG M 709 -33.58 21.65 -28.51
CA ARG M 709 -34.22 22.97 -28.58
C ARG M 709 -34.25 23.61 -27.20
N LEU M 710 -34.58 22.83 -26.17
CA LEU M 710 -34.58 23.32 -24.79
C LEU M 710 -33.17 23.66 -24.30
N VAL M 711 -32.17 22.85 -24.67
CA VAL M 711 -30.81 23.08 -24.21
C VAL M 711 -30.22 24.33 -24.87
N GLY M 712 -30.45 24.50 -26.18
CA GLY M 712 -30.03 25.72 -26.84
C GLY M 712 -30.79 26.94 -26.34
N LEU M 713 -32.07 26.76 -26.02
CA LEU M 713 -32.87 27.83 -25.43
C LEU M 713 -32.34 28.24 -24.06
N ALA M 714 -31.99 27.25 -23.25
CA ALA M 714 -31.45 27.52 -21.92
C ALA M 714 -30.08 28.17 -22.00
N HIS M 715 -29.26 27.77 -22.97
CA HIS M 715 -27.97 28.41 -23.17
C HIS M 715 -28.13 29.85 -23.63
N PHE M 716 -29.02 30.08 -24.60
CA PHE M 716 -29.33 31.42 -25.09
C PHE M 716 -29.81 32.31 -23.95
N THR M 717 -30.71 31.77 -23.12
CA THR M 717 -31.27 32.52 -22.00
C THR M 717 -30.23 32.83 -20.93
N VAL M 718 -29.50 31.80 -20.48
CA VAL M 718 -28.51 31.98 -19.42
C VAL M 718 -27.39 32.90 -19.88
N GLY M 719 -26.93 32.74 -21.12
CA GLY M 719 -25.95 33.67 -21.66
C GLY M 719 -26.48 35.10 -21.78
N TYR M 720 -27.76 35.22 -22.16
CA TYR M 720 -28.40 36.53 -22.31
C TYR M 720 -28.44 37.30 -20.98
N ILE M 721 -29.03 36.68 -19.95
CA ILE M 721 -29.07 37.31 -18.63
C ILE M 721 -27.68 37.49 -18.03
N LEU M 722 -26.76 36.54 -18.22
CA LEU M 722 -25.43 36.70 -17.61
C LEU M 722 -24.66 37.85 -18.26
N THR M 723 -24.64 37.93 -19.60
CA THR M 723 -23.90 39.01 -20.23
C THR M 723 -24.59 40.36 -20.07
N TYR M 724 -25.93 40.43 -20.01
CA TYR M 724 -26.51 41.74 -19.78
C TYR M 724 -26.43 42.17 -18.32
N ALA M 725 -26.51 41.25 -17.37
CA ALA M 725 -26.31 41.60 -15.97
C ALA M 725 -24.89 42.07 -15.72
N ALA M 726 -23.91 41.41 -16.34
CA ALA M 726 -22.53 41.86 -16.25
C ALA M 726 -22.34 43.25 -16.86
N PHE M 727 -22.89 43.47 -18.07
CA PHE M 727 -22.74 44.78 -18.71
C PHE M 727 -23.46 45.88 -17.94
N LEU M 728 -24.68 45.60 -17.46
CA LEU M 728 -25.46 46.57 -16.71
C LEU M 728 -24.74 46.97 -15.43
N ILE M 729 -24.34 45.98 -14.64
CA ILE M 729 -23.77 46.25 -13.32
C ILE M 729 -22.42 46.92 -13.45
N ALA M 730 -21.55 46.42 -14.35
CA ALA M 730 -20.27 47.08 -14.54
C ALA M 730 -20.39 48.46 -15.19
N SER M 731 -21.33 48.65 -16.12
CA SER M 731 -21.51 49.94 -16.78
C SER M 731 -21.96 51.02 -15.81
N THR M 732 -22.91 50.71 -14.93
CA THR M 732 -23.36 51.72 -14.00
C THR M 732 -22.71 51.62 -12.63
N ALA M 733 -21.71 50.74 -12.47
CA ALA M 733 -20.91 50.72 -11.25
C ALA M 733 -19.49 51.23 -11.45
N GLY M 734 -18.97 51.21 -12.67
CA GLY M 734 -17.67 51.83 -12.92
C GLY M 734 -17.76 53.34 -12.94
N LYS M 735 -18.96 53.87 -13.17
CA LYS M 735 -19.19 55.31 -13.11
C LYS M 735 -19.67 55.72 -11.72
N PHE M 736 -20.79 55.17 -11.28
CA PHE M 736 -21.36 55.49 -9.97
C PHE M 736 -21.02 54.37 -8.99
N GLY M 737 -19.77 54.37 -8.55
CA GLY M 737 -19.28 53.38 -7.61
C GLY M 737 -18.23 53.90 -6.67
N SER N 1 -41.45 1.10 -27.80
CA SER N 1 -42.13 0.70 -29.03
C SER N 1 -43.13 1.75 -29.45
N HIS N 2 -43.18 2.04 -30.75
CA HIS N 2 -44.10 3.00 -31.30
C HIS N 2 -45.40 2.32 -31.70
N SER N 3 -46.46 3.12 -31.82
CA SER N 3 -47.78 2.61 -32.17
C SER N 3 -48.13 3.07 -33.59
N VAL N 4 -48.19 2.12 -34.52
CA VAL N 4 -48.59 2.45 -35.88
C VAL N 4 -50.06 2.04 -36.04
N LYS N 5 -50.94 3.03 -36.10
CA LYS N 5 -52.36 2.75 -36.16
C LYS N 5 -52.90 3.07 -37.54
N ILE N 6 -53.65 2.14 -38.10
CA ILE N 6 -54.22 2.28 -39.45
C ILE N 6 -55.71 2.50 -39.30
N TYR N 7 -56.21 3.59 -39.87
CA TYR N 7 -57.61 3.97 -39.76
C TYR N 7 -58.38 3.56 -41.00
N ASP N 8 -59.70 3.65 -40.91
CA ASP N 8 -60.58 3.10 -41.93
C ASP N 8 -60.73 3.98 -43.17
N THR N 9 -60.03 5.11 -43.24
CA THR N 9 -60.00 5.92 -44.47
C THR N 9 -58.82 5.51 -45.35
N CYS N 10 -58.70 4.21 -45.60
CA CYS N 10 -57.56 3.65 -46.31
C CYS N 10 -58.01 3.15 -47.67
N ILE N 11 -57.31 3.58 -48.72
CA ILE N 11 -57.66 3.19 -50.07
C ILE N 11 -56.91 1.95 -50.54
N GLY N 12 -56.05 1.37 -49.70
CA GLY N 12 -55.32 0.17 -50.06
C GLY N 12 -54.34 0.34 -51.19
N CYS N 13 -53.67 1.50 -51.26
CA CYS N 13 -52.73 1.78 -52.33
C CYS N 13 -51.37 1.15 -52.11
N THR N 14 -51.15 0.54 -50.94
CA THR N 14 -49.94 -0.16 -50.50
C THR N 14 -48.69 0.72 -50.48
N GLN N 15 -48.84 2.05 -50.51
CA GLN N 15 -47.67 2.92 -50.52
C GLN N 15 -46.96 2.95 -49.18
N CYS N 16 -47.70 2.76 -48.08
CA CYS N 16 -47.09 2.76 -46.75
C CYS N 16 -46.19 1.54 -46.56
N VAL N 17 -46.60 0.39 -47.08
CA VAL N 17 -45.81 -0.83 -46.92
C VAL N 17 -44.54 -0.76 -47.76
N ARG N 18 -44.63 -0.25 -48.98
CA ARG N 18 -43.44 -0.10 -49.81
C ARG N 18 -42.54 1.01 -49.30
N ALA N 19 -43.10 2.00 -48.61
CA ALA N 19 -42.30 3.06 -48.03
C ALA N 19 -41.67 2.67 -46.69
N CYS N 20 -42.13 1.58 -46.08
CA CYS N 20 -41.63 1.21 -44.76
C CYS N 20 -40.26 0.55 -44.87
N PRO N 21 -39.25 1.04 -44.16
CA PRO N 21 -37.92 0.43 -44.27
C PRO N 21 -37.64 -0.71 -43.31
N LEU N 22 -38.55 -1.03 -42.37
CA LEU N 22 -38.24 -2.12 -41.44
C LEU N 22 -39.34 -3.18 -41.38
N ASP N 23 -40.17 -3.29 -42.42
CA ASP N 23 -41.16 -4.36 -42.59
C ASP N 23 -42.18 -4.38 -41.45
N VAL N 24 -42.47 -3.19 -40.92
CA VAL N 24 -43.48 -3.09 -39.89
C VAL N 24 -44.87 -3.36 -40.45
N LEU N 25 -45.14 -2.93 -41.67
CA LEU N 25 -46.48 -2.94 -42.23
C LEU N 25 -46.64 -4.09 -43.22
N GLU N 26 -47.88 -4.47 -43.45
CA GLU N 26 -48.24 -5.48 -44.45
C GLU N 26 -49.68 -5.23 -44.86
N MET N 27 -50.14 -5.96 -45.86
CA MET N 27 -51.51 -5.86 -46.33
C MET N 27 -52.33 -7.07 -45.93
N VAL N 28 -53.50 -6.82 -45.37
CA VAL N 28 -54.44 -7.86 -44.98
C VAL N 28 -55.69 -7.64 -45.84
N PRO N 29 -56.47 -8.68 -46.13
CA PRO N 29 -57.71 -8.48 -46.87
C PRO N 29 -58.73 -7.70 -46.05
N TRP N 30 -59.52 -6.89 -46.74
CA TRP N 30 -60.46 -6.00 -46.08
C TRP N 30 -61.65 -5.78 -47.00
N ASP N 31 -62.85 -6.00 -46.47
CA ASP N 31 -64.07 -5.85 -47.26
C ASP N 31 -64.55 -4.41 -47.37
N GLY N 32 -63.96 -3.50 -46.62
CA GLY N 32 -64.40 -2.12 -46.57
C GLY N 32 -63.72 -1.16 -47.52
N CYS N 33 -63.03 -1.66 -48.54
CA CYS N 33 -62.32 -0.80 -49.48
C CYS N 33 -62.50 -1.33 -50.90
N LYS N 34 -62.30 -0.44 -51.87
CA LYS N 34 -62.38 -0.83 -53.27
C LYS N 34 -61.23 -1.73 -53.66
N ALA N 35 -60.04 -1.46 -53.13
CA ALA N 35 -58.87 -2.29 -53.40
C ALA N 35 -58.92 -3.64 -52.67
N GLY N 36 -59.81 -3.80 -51.70
CA GLY N 36 -59.96 -5.07 -51.03
C GLY N 36 -58.87 -5.39 -50.03
N GLN N 37 -58.17 -4.39 -49.52
CA GLN N 37 -57.05 -4.62 -48.62
C GLN N 37 -56.84 -3.38 -47.75
N ILE N 38 -56.33 -3.62 -46.54
CA ILE N 38 -55.97 -2.53 -45.64
C ILE N 38 -54.60 -2.83 -45.04
N ALA N 39 -53.90 -1.78 -44.62
CA ALA N 39 -52.61 -1.95 -43.98
C ALA N 39 -52.78 -2.42 -42.54
N SER N 40 -51.83 -3.24 -42.10
CA SER N 40 -51.76 -3.66 -40.71
C SER N 40 -50.30 -3.57 -40.29
N SER N 41 -50.08 -3.43 -38.98
CA SER N 41 -48.75 -3.28 -38.41
C SER N 41 -48.53 -4.35 -37.35
N PRO N 42 -48.21 -5.59 -37.75
CA PRO N 42 -48.02 -6.63 -36.74
C PRO N 42 -46.76 -6.46 -35.92
N ARG N 43 -45.61 -6.34 -36.57
CA ARG N 43 -44.32 -6.21 -35.90
C ARG N 43 -43.93 -4.74 -35.72
N THR N 44 -44.82 -4.03 -35.03
CA THR N 44 -44.63 -2.62 -34.72
C THR N 44 -43.58 -2.39 -33.64
N GLU N 45 -43.07 -3.45 -33.01
CA GLU N 45 -41.92 -3.32 -32.12
C GLU N 45 -40.64 -3.02 -32.88
N ASP N 46 -40.63 -3.23 -34.20
CA ASP N 46 -39.51 -2.86 -35.05
C ASP N 46 -39.64 -1.45 -35.62
N CYS N 47 -40.67 -0.71 -35.26
CA CYS N 47 -40.86 0.63 -35.83
C CYS N 47 -39.86 1.61 -35.23
N VAL N 48 -39.10 2.28 -36.10
CA VAL N 48 -38.20 3.31 -35.60
C VAL N 48 -38.92 4.63 -35.43
N GLY N 49 -39.95 4.90 -36.21
CA GLY N 49 -40.64 6.17 -36.15
C GLY N 49 -40.27 7.15 -37.25
N CYS N 50 -39.77 6.67 -38.39
CA CYS N 50 -39.32 7.56 -39.45
C CYS N 50 -40.47 8.27 -40.15
N LYS N 51 -41.69 7.72 -40.05
CA LYS N 51 -42.90 8.27 -40.68
C LYS N 51 -42.76 8.39 -42.20
N ARG N 52 -42.05 7.44 -42.82
CA ARG N 52 -42.08 7.34 -44.28
C ARG N 52 -43.43 6.82 -44.76
N CYS N 53 -44.09 5.99 -43.95
CA CYS N 53 -45.43 5.53 -44.26
C CYS N 53 -46.42 6.68 -44.21
N GLU N 54 -46.27 7.57 -43.22
CA GLU N 54 -47.11 8.76 -43.14
C GLU N 54 -46.82 9.75 -44.27
N THR N 55 -45.60 9.73 -44.80
CA THR N 55 -45.27 10.58 -45.93
C THR N 55 -45.97 10.11 -47.20
N ALA N 56 -46.04 8.80 -47.41
CA ALA N 56 -46.55 8.22 -48.64
C ALA N 56 -48.06 8.05 -48.66
N CYS N 57 -48.76 8.41 -47.59
CA CYS N 57 -50.20 8.18 -47.53
C CYS N 57 -50.94 9.24 -48.34
N PRO N 58 -51.77 8.86 -49.31
CA PRO N 58 -52.46 9.84 -50.16
C PRO N 58 -53.81 10.32 -49.64
N THR N 59 -54.16 10.04 -48.39
CA THR N 59 -55.44 10.49 -47.84
C THR N 59 -55.28 11.93 -47.33
N ASP N 60 -56.40 12.66 -47.24
CA ASP N 60 -56.36 14.08 -46.85
C ASP N 60 -55.77 14.27 -45.46
N PHE N 61 -56.20 13.47 -44.51
CA PHE N 61 -55.38 13.22 -43.35
C PHE N 61 -55.12 11.71 -43.27
N LEU N 62 -53.94 11.38 -42.77
CA LEU N 62 -53.31 10.11 -43.06
C LEU N 62 -54.05 8.96 -42.40
N SER N 63 -54.36 7.92 -43.20
CA SER N 63 -55.00 6.74 -42.66
C SER N 63 -54.06 5.94 -41.79
N ILE N 64 -52.77 6.00 -42.06
CA ILE N 64 -51.75 5.38 -41.23
C ILE N 64 -51.09 6.47 -40.40
N ARG N 65 -50.89 6.22 -39.11
CA ARG N 65 -50.51 7.29 -38.22
C ARG N 65 -49.58 6.71 -37.17
N VAL N 66 -48.38 7.27 -37.05
CA VAL N 66 -47.37 6.75 -36.13
C VAL N 66 -47.35 7.61 -34.87
N TYR N 67 -47.43 6.97 -33.73
CA TYR N 67 -47.37 7.59 -32.42
C TYR N 67 -46.08 7.16 -31.75
N LEU N 68 -45.17 8.12 -31.55
CA LEU N 68 -43.89 7.82 -30.94
C LEU N 68 -44.07 7.62 -29.44
N GLY N 69 -43.74 6.43 -28.95
CA GLY N 69 -43.93 6.11 -27.55
C GLY N 69 -42.66 5.77 -26.82
N ALA N 70 -42.63 4.59 -26.20
CA ALA N 70 -41.46 4.14 -25.47
C ALA N 70 -40.32 3.83 -26.43
N GLU N 71 -39.10 4.16 -25.99
CA GLU N 71 -37.91 4.01 -26.82
C GLU N 71 -37.16 2.76 -26.39
N THR N 72 -36.91 1.87 -27.35
CA THR N 72 -36.14 0.65 -27.15
C THR N 72 -34.86 0.75 -27.96
N THR N 73 -34.09 -0.34 -27.97
CA THR N 73 -32.88 -0.38 -28.77
C THR N 73 -33.17 -0.57 -30.26
N ARG N 74 -34.40 -0.93 -30.63
CA ARG N 74 -34.80 -0.99 -32.03
C ARG N 74 -35.50 0.29 -32.48
N SER N 75 -36.16 0.98 -31.56
CA SER N 75 -36.76 2.27 -31.91
C SER N 75 -35.70 3.33 -32.17
N MET N 76 -34.64 3.32 -31.37
CA MET N 76 -33.48 4.17 -31.63
C MET N 76 -32.67 3.77 -32.85
N GLY N 77 -32.84 2.55 -33.36
CA GLY N 77 -32.07 2.10 -34.50
C GLY N 77 -30.58 2.08 -34.26
N LEU N 78 -30.15 1.54 -33.12
CA LEU N 78 -28.76 1.57 -32.72
C LEU N 78 -28.07 0.29 -33.17
N ALA N 79 -26.98 0.46 -33.93
CA ALA N 79 -26.12 -0.67 -34.27
C ALA N 79 -25.25 -1.10 -33.10
N TYR N 80 -25.15 -0.27 -32.07
CA TYR N 80 -24.36 -0.58 -30.89
C TYR N 80 -25.24 -0.80 -29.68
N ILE O 1 -33.18 -21.99 -39.44
CA ILE O 1 -32.55 -22.85 -38.45
C ILE O 1 -31.14 -23.24 -38.91
N GLN O 2 -30.15 -22.82 -38.12
CA GLN O 2 -28.71 -23.09 -38.21
C GLN O 2 -28.03 -22.36 -39.36
N LEU O 3 -28.81 -21.73 -40.25
CA LEU O 3 -28.36 -20.78 -41.26
C LEU O 3 -27.23 -21.27 -42.16
N THR O 4 -27.49 -22.29 -42.98
CA THR O 4 -26.50 -22.76 -43.93
C THR O 4 -26.25 -21.69 -45.00
N GLY O 5 -25.09 -21.06 -44.95
CA GLY O 5 -24.79 -20.01 -45.90
C GLY O 5 -23.31 -19.70 -45.91
N THR O 6 -22.85 -19.23 -47.07
CA THR O 6 -21.47 -18.77 -47.21
C THR O 6 -21.48 -17.25 -47.33
N MET O 7 -20.43 -16.65 -46.83
CA MET O 7 -20.32 -15.21 -46.72
C MET O 7 -19.82 -14.62 -48.05
N PRO O 8 -20.37 -13.48 -48.47
CA PRO O 8 -19.88 -12.80 -49.68
C PRO O 8 -18.42 -12.37 -49.55
N LYS O 9 -17.70 -12.32 -50.66
CA LYS O 9 -16.29 -11.94 -50.64
C LYS O 9 -16.20 -10.45 -50.34
N PHE O 10 -15.94 -10.14 -49.08
CA PHE O 10 -15.86 -8.78 -48.58
C PHE O 10 -14.50 -8.56 -47.94
N GLY O 11 -13.94 -7.38 -48.16
CA GLY O 11 -12.63 -7.07 -47.62
C GLY O 11 -12.62 -6.68 -46.16
N GLY O 12 -13.78 -6.61 -45.52
CA GLY O 12 -13.86 -6.18 -44.13
C GLY O 12 -13.89 -4.67 -44.01
N SER O 13 -14.80 -4.19 -43.18
CA SER O 13 -15.00 -2.76 -43.00
C SER O 13 -15.11 -2.46 -41.51
N THR O 14 -15.31 -1.19 -41.20
CA THR O 14 -15.50 -0.74 -39.83
C THR O 14 -16.95 -0.45 -39.48
N GLY O 15 -17.85 -0.49 -40.45
CA GLY O 15 -19.26 -0.23 -40.21
C GLY O 15 -20.08 -1.46 -39.85
N GLY O 16 -19.44 -2.60 -39.67
CA GLY O 16 -20.17 -3.84 -39.45
C GLY O 16 -20.62 -4.05 -38.02
N LEU O 17 -20.45 -5.26 -37.51
CA LEU O 17 -20.93 -5.61 -36.18
C LEU O 17 -20.07 -4.95 -35.11
N LEU O 18 -20.73 -4.37 -34.12
CA LEU O 18 -20.08 -3.86 -32.93
C LEU O 18 -20.25 -4.87 -31.80
N SER O 19 -19.91 -4.45 -30.57
CA SER O 19 -19.93 -5.35 -29.43
C SER O 19 -21.34 -5.83 -29.06
N ALA O 20 -22.38 -5.06 -29.38
CA ALA O 20 -23.74 -5.44 -29.02
C ALA O 20 -24.33 -6.51 -29.93
N ALA O 21 -23.69 -6.80 -31.06
CA ALA O 21 -24.20 -7.85 -31.94
C ALA O 21 -24.03 -9.24 -31.34
N ASP O 22 -22.96 -9.45 -30.59
CA ASP O 22 -22.74 -10.73 -29.92
C ASP O 22 -23.28 -10.76 -28.51
N ARG O 23 -23.98 -9.71 -28.07
CA ARG O 23 -24.47 -9.62 -26.70
C ARG O 23 -25.95 -9.30 -26.60
N GLU O 24 -26.53 -8.59 -27.57
CA GLU O 24 -27.94 -8.27 -27.46
C GLU O 24 -28.75 -8.99 -28.54
N GLU O 25 -28.42 -8.74 -29.80
CA GLU O 25 -29.01 -9.38 -30.97
C GLU O 25 -28.23 -8.95 -32.20
N LYS O 26 -28.25 -9.81 -33.20
CA LYS O 26 -27.75 -9.46 -34.53
C LYS O 26 -28.73 -10.02 -35.54
N TYR O 27 -28.56 -9.64 -36.80
CA TYR O 27 -29.52 -9.95 -37.84
C TYR O 27 -28.78 -10.60 -38.99
N ALA O 28 -29.49 -11.37 -39.79
CA ALA O 28 -28.88 -12.04 -40.93
C ALA O 28 -29.81 -11.98 -42.12
N ILE O 29 -29.21 -11.96 -43.31
CA ILE O 29 -29.95 -12.02 -44.57
C ILE O 29 -29.31 -13.07 -45.45
N THR O 30 -30.11 -14.01 -45.94
CA THR O 30 -29.67 -15.06 -46.83
C THR O 30 -30.40 -14.94 -48.16
N TRP O 31 -29.67 -14.98 -49.26
CA TRP O 31 -30.31 -14.86 -50.56
C TRP O 31 -29.57 -15.69 -51.60
N THR O 32 -30.33 -16.26 -52.53
CA THR O 32 -29.80 -17.14 -53.55
C THR O 32 -29.73 -16.38 -54.87
N SER O 33 -28.55 -16.41 -55.50
CA SER O 33 -28.31 -15.78 -56.79
C SER O 33 -27.66 -16.76 -57.75
N LYS O 34 -28.06 -16.68 -59.01
CA LYS O 34 -27.55 -17.55 -60.06
C LYS O 34 -26.39 -16.93 -60.83
N THR O 35 -25.90 -15.77 -60.42
CA THR O 35 -24.79 -15.12 -61.10
C THR O 35 -23.95 -14.36 -60.07
N GLU O 36 -22.74 -14.00 -60.48
CA GLU O 36 -21.82 -13.29 -59.61
C GLU O 36 -21.78 -11.82 -60.02
N GLN O 37 -22.16 -10.96 -59.09
CA GLN O 37 -22.23 -9.52 -59.33
C GLN O 37 -21.73 -8.74 -58.12
N VAL O 38 -21.75 -7.42 -58.22
CA VAL O 38 -21.19 -6.53 -57.21
C VAL O 38 -22.35 -5.77 -56.57
N PHE O 39 -22.37 -5.74 -55.24
CA PHE O 39 -23.39 -4.99 -54.52
C PHE O 39 -22.73 -4.09 -53.49
N GLU O 40 -23.50 -3.15 -52.98
CA GLU O 40 -23.03 -2.21 -51.96
C GLU O 40 -23.60 -2.62 -50.60
N MET O 41 -22.73 -2.79 -49.63
CA MET O 41 -23.24 -3.09 -48.30
C MET O 41 -23.68 -1.81 -47.60
N PRO O 42 -24.72 -1.88 -46.76
CA PRO O 42 -25.01 -0.77 -45.84
C PRO O 42 -23.91 -0.52 -44.83
N THR O 43 -23.10 -1.53 -44.55
CA THR O 43 -21.88 -1.43 -43.77
C THR O 43 -20.92 -0.39 -44.34
N GLY O 44 -20.72 -0.43 -45.65
CA GLY O 44 -19.81 0.48 -46.31
C GLY O 44 -18.96 -0.21 -47.34
N GLY O 45 -18.84 0.38 -48.52
CA GLY O 45 -18.08 -0.23 -49.58
C GLY O 45 -18.90 -1.23 -50.38
N ALA O 46 -18.18 -1.97 -51.23
CA ALA O 46 -18.79 -2.93 -52.13
C ALA O 46 -18.27 -4.33 -51.87
N ALA O 47 -19.14 -5.31 -52.06
CA ALA O 47 -18.79 -6.71 -51.89
C ALA O 47 -19.35 -7.53 -53.06
N ILE O 48 -19.05 -8.81 -53.05
CA ILE O 48 -19.26 -9.70 -54.19
C ILE O 48 -20.29 -10.76 -53.83
N MET O 49 -21.45 -10.72 -54.49
CA MET O 49 -22.38 -11.83 -54.44
C MET O 49 -21.79 -13.02 -55.17
N ASN O 50 -21.33 -14.03 -54.43
CA ASN O 50 -20.75 -15.18 -55.11
C ASN O 50 -21.86 -16.09 -55.61
N GLU O 51 -21.49 -17.03 -56.49
CA GLU O 51 -22.48 -17.87 -57.13
C GLU O 51 -23.11 -18.84 -56.14
N GLY O 52 -24.44 -18.84 -56.11
CA GLY O 52 -25.14 -19.68 -55.16
C GLY O 52 -25.83 -18.88 -54.07
N GLU O 53 -25.82 -19.38 -52.85
CA GLU O 53 -26.57 -18.76 -51.77
C GLU O 53 -25.64 -18.05 -50.79
N ASN O 54 -26.10 -16.91 -50.28
CA ASN O 54 -25.32 -15.94 -49.53
C ASN O 54 -25.92 -15.73 -48.16
N LEU O 55 -25.04 -15.49 -47.18
CA LEU O 55 -25.45 -15.20 -45.81
C LEU O 55 -24.62 -14.02 -45.33
N LEU O 56 -25.28 -12.96 -44.87
CA LEU O 56 -24.62 -11.80 -44.29
C LEU O 56 -25.22 -11.48 -42.94
N TYR O 57 -24.41 -10.93 -42.04
CA TYR O 57 -24.84 -10.52 -40.72
C TYR O 57 -24.71 -9.01 -40.57
N PHE O 58 -25.70 -8.41 -39.91
CA PHE O 58 -25.78 -6.98 -39.70
C PHE O 58 -26.22 -6.71 -38.27
N ALA O 59 -26.02 -5.48 -37.82
CA ALA O 59 -26.37 -5.13 -36.45
C ALA O 59 -27.80 -4.66 -36.30
N ARG O 60 -28.47 -4.31 -37.40
CA ARG O 60 -29.82 -3.76 -37.35
C ARG O 60 -30.68 -4.44 -38.40
N LYS O 61 -32.00 -4.40 -38.17
CA LYS O 61 -32.94 -4.87 -39.18
C LYS O 61 -33.00 -3.94 -40.37
N GLU O 62 -32.83 -2.63 -40.13
CA GLU O 62 -32.87 -1.65 -41.21
C GLU O 62 -31.73 -1.85 -42.20
N GLN O 63 -30.55 -2.27 -41.72
CA GLN O 63 -29.45 -2.59 -42.62
C GLN O 63 -29.79 -3.79 -43.50
N CYS O 64 -30.45 -4.80 -42.92
CA CYS O 64 -30.85 -5.98 -43.68
C CYS O 64 -31.90 -5.64 -44.73
N LEU O 65 -32.88 -4.80 -44.40
CA LEU O 65 -33.84 -4.46 -45.45
C LEU O 65 -33.30 -3.42 -46.42
N ALA O 66 -32.33 -2.61 -46.03
CA ALA O 66 -31.64 -1.76 -46.99
C ALA O 66 -30.83 -2.58 -47.97
N LEU O 67 -30.28 -3.70 -47.53
CA LEU O 67 -29.68 -4.66 -48.44
C LEU O 67 -30.73 -5.37 -49.30
N GLY O 68 -31.87 -5.74 -48.70
CA GLY O 68 -32.89 -6.44 -49.45
C GLY O 68 -33.55 -5.60 -50.53
N THR O 69 -33.70 -4.30 -50.29
CA THR O 69 -34.14 -3.37 -51.31
C THR O 69 -33.14 -3.28 -52.46
N GLN O 70 -31.85 -3.26 -52.15
CA GLN O 70 -30.82 -3.30 -53.18
C GLN O 70 -30.82 -4.64 -53.92
N LEU O 71 -31.22 -5.71 -53.26
CA LEU O 71 -31.32 -7.00 -53.94
C LEU O 71 -32.54 -7.06 -54.84
N ARG O 72 -33.63 -6.40 -54.45
CA ARG O 72 -34.84 -6.43 -55.26
C ARG O 72 -34.73 -5.47 -56.43
N THR O 73 -34.63 -4.17 -56.14
CA THR O 73 -34.48 -3.15 -57.18
C THR O 73 -33.03 -3.09 -57.63
N LYS O 74 -32.79 -2.37 -58.72
CA LYS O 74 -31.46 -2.03 -59.23
C LYS O 74 -30.60 -3.21 -59.69
N PHE O 75 -31.14 -4.44 -59.63
CA PHE O 75 -30.48 -5.62 -60.19
C PHE O 75 -31.30 -6.19 -61.32
N LYS O 76 -30.65 -6.42 -62.45
CA LYS O 76 -31.30 -7.10 -63.58
C LYS O 76 -31.76 -8.54 -63.30
N PRO O 77 -31.00 -9.42 -62.60
CA PRO O 77 -31.58 -10.73 -62.29
C PRO O 77 -32.76 -10.71 -61.32
N LYS O 78 -32.99 -9.60 -60.61
CA LYS O 78 -34.20 -9.33 -59.83
C LYS O 78 -34.38 -10.37 -58.72
N ILE O 79 -33.45 -10.30 -57.76
CA ILE O 79 -33.45 -11.23 -56.63
C ILE O 79 -34.55 -10.87 -55.64
N GLU O 80 -35.53 -11.75 -55.50
CA GLU O 80 -36.55 -11.64 -54.45
C GLU O 80 -36.40 -12.70 -53.38
N ASP O 81 -35.65 -13.77 -53.62
CA ASP O 81 -35.57 -14.90 -52.71
C ASP O 81 -34.56 -14.63 -51.59
N TYR O 82 -34.93 -13.71 -50.71
CA TYR O 82 -34.11 -13.35 -49.56
C TYR O 82 -34.91 -13.54 -48.29
N LYS O 83 -34.23 -14.02 -47.25
CA LYS O 83 -34.83 -14.32 -45.96
C LYS O 83 -34.02 -13.63 -44.88
N ILE O 84 -34.71 -13.02 -43.92
CA ILE O 84 -34.08 -12.23 -42.87
C ILE O 84 -34.38 -12.86 -41.53
N TYR O 85 -33.34 -13.10 -40.73
CA TYR O 85 -33.41 -13.76 -39.45
C TYR O 85 -32.84 -12.86 -38.36
N ARG O 86 -33.20 -13.14 -37.13
CA ARG O 86 -32.66 -12.50 -35.95
C ARG O 86 -31.99 -13.56 -35.08
N ILE O 87 -30.74 -13.34 -34.70
CA ILE O 87 -29.98 -14.27 -33.91
C ILE O 87 -29.68 -13.60 -32.58
N TYR O 88 -30.22 -14.16 -31.51
CA TYR O 88 -29.83 -13.75 -30.17
C TYR O 88 -28.56 -14.50 -29.76
N PRO O 89 -27.77 -13.96 -28.82
CA PRO O 89 -26.54 -14.66 -28.41
C PRO O 89 -26.78 -15.99 -27.69
N THR O 90 -28.00 -16.27 -27.24
CA THR O 90 -28.31 -17.59 -26.70
C THR O 90 -28.24 -18.66 -27.78
N GLY O 91 -28.59 -18.30 -29.02
CA GLY O 91 -28.52 -19.23 -30.13
C GLY O 91 -29.83 -19.33 -30.89
N GLU O 92 -30.88 -18.73 -30.33
CA GLU O 92 -32.21 -18.79 -30.94
C GLU O 92 -32.27 -17.93 -32.20
N THR O 93 -32.87 -18.48 -33.25
CA THR O 93 -33.03 -17.79 -34.51
C THR O 93 -34.52 -17.58 -34.79
N GLN O 94 -34.90 -16.33 -35.03
CA GLN O 94 -36.28 -15.96 -35.34
C GLN O 94 -36.35 -15.51 -36.80
N TYR O 95 -37.16 -16.20 -37.59
CA TYR O 95 -37.32 -15.85 -39.00
C TYR O 95 -38.34 -14.72 -39.14
N LEU O 96 -37.92 -13.62 -39.78
CA LEU O 96 -38.63 -12.35 -39.62
C LEU O 96 -39.32 -11.85 -40.87
N HIS O 97 -38.60 -11.61 -41.97
CA HIS O 97 -39.18 -10.68 -42.94
C HIS O 97 -40.23 -11.33 -43.86
N PRO O 98 -39.94 -12.42 -44.61
CA PRO O 98 -41.08 -13.00 -45.37
C PRO O 98 -41.77 -14.11 -44.59
N ALA O 99 -42.56 -13.71 -43.58
CA ALA O 99 -43.18 -14.66 -42.65
C ALA O 99 -44.16 -15.60 -43.34
N ASP O 100 -44.97 -15.08 -44.25
CA ASP O 100 -45.86 -15.93 -45.02
C ASP O 100 -45.20 -16.50 -46.27
N GLY O 101 -43.94 -16.13 -46.53
CA GLY O 101 -43.29 -16.47 -47.77
C GLY O 101 -43.57 -15.52 -48.90
N VAL O 102 -44.47 -14.55 -48.70
CA VAL O 102 -44.82 -13.56 -49.70
C VAL O 102 -44.47 -12.19 -49.12
N PHE O 103 -44.14 -11.25 -50.00
CA PHE O 103 -43.75 -9.92 -49.58
C PHE O 103 -44.94 -9.18 -48.99
N PRO O 104 -44.70 -8.30 -48.00
CA PRO O 104 -45.83 -7.64 -47.30
C PRO O 104 -46.65 -6.70 -48.16
N GLU O 105 -46.10 -6.18 -49.26
CA GLU O 105 -46.89 -5.31 -50.13
C GLU O 105 -47.92 -6.08 -50.94
N LYS O 106 -47.79 -7.40 -51.02
CA LYS O 106 -48.78 -8.25 -51.67
C LYS O 106 -49.70 -8.84 -50.60
N VAL O 107 -51.01 -8.73 -50.83
CA VAL O 107 -51.98 -9.19 -49.84
C VAL O 107 -52.00 -10.71 -49.82
N ASN O 108 -52.19 -11.28 -48.62
CA ASN O 108 -52.25 -12.73 -48.46
C ASN O 108 -53.27 -13.04 -47.39
N GLU O 109 -53.99 -14.15 -47.57
CA GLU O 109 -54.86 -14.65 -46.53
C GLU O 109 -54.04 -15.24 -45.39
N GLY O 110 -54.64 -15.25 -44.20
CA GLY O 110 -53.97 -15.73 -43.02
C GLY O 110 -53.32 -14.66 -42.17
N ARG O 111 -53.27 -13.42 -42.66
CA ARG O 111 -52.77 -12.29 -41.89
C ARG O 111 -53.96 -11.61 -41.22
N GLU O 112 -53.81 -11.27 -39.94
CA GLU O 112 -54.89 -10.68 -39.17
C GLU O 112 -54.70 -9.17 -39.04
N PHE O 113 -55.74 -8.51 -38.52
CA PHE O 113 -55.78 -7.06 -38.38
C PHE O 113 -54.93 -6.67 -37.18
N HIS O 114 -53.85 -5.96 -37.46
CA HIS O 114 -53.03 -5.37 -36.41
C HIS O 114 -53.03 -3.86 -36.51
N GLY O 115 -53.30 -3.20 -35.38
CA GLY O 115 -53.35 -1.76 -35.33
C GLY O 115 -54.46 -1.11 -36.13
N LYS O 116 -55.48 -1.85 -36.51
CA LYS O 116 -56.54 -1.31 -37.34
C LYS O 116 -57.62 -0.73 -36.45
N LYS O 117 -57.96 0.54 -36.68
CA LYS O 117 -59.02 1.22 -35.96
C LYS O 117 -60.25 1.28 -36.87
N ASP O 118 -61.40 0.88 -36.34
CA ASP O 118 -62.65 0.95 -37.09
C ASP O 118 -63.35 2.29 -36.78
N ARG O 119 -62.58 3.36 -36.99
CA ARG O 119 -63.03 4.72 -36.70
C ARG O 119 -62.14 5.68 -37.48
N ASN O 120 -62.70 6.84 -37.78
CA ASN O 120 -61.93 7.89 -38.41
C ASN O 120 -60.90 8.46 -37.43
N ILE O 121 -59.77 8.91 -37.97
CA ILE O 121 -58.72 9.51 -37.16
C ILE O 121 -59.17 10.82 -36.52
N GLY O 122 -60.12 11.54 -37.15
CA GLY O 122 -60.70 12.69 -36.49
C GLY O 122 -61.66 12.33 -35.38
N LYS O 123 -62.18 11.10 -35.41
CA LYS O 123 -63.12 10.63 -34.39
C LYS O 123 -62.38 9.90 -33.27
N ASN O 124 -61.41 10.61 -32.69
CA ASN O 124 -60.57 10.13 -31.61
C ASN O 124 -60.99 10.77 -30.30
N PRO O 125 -60.87 10.06 -29.17
CA PRO O 125 -61.24 10.67 -27.88
C PRO O 125 -60.28 11.77 -27.46
N GLU O 126 -60.82 12.75 -26.74
CA GLU O 126 -59.99 13.84 -26.24
C GLU O 126 -59.14 13.35 -25.06
N PRO O 127 -57.95 13.92 -24.87
CA PRO O 127 -57.13 13.52 -23.71
C PRO O 127 -57.74 13.87 -22.37
N VAL O 128 -58.59 14.90 -22.32
CA VAL O 128 -59.24 15.31 -21.08
C VAL O 128 -60.20 14.23 -20.58
N THR O 129 -60.74 13.42 -21.50
CA THR O 129 -61.53 12.27 -21.10
C THR O 129 -60.65 11.22 -20.43
N LEU O 130 -59.43 11.05 -20.91
CA LEU O 130 -58.55 9.98 -20.46
C LEU O 130 -57.49 10.46 -19.48
N LYS O 131 -57.83 11.43 -18.64
CA LYS O 131 -56.89 11.92 -17.65
C LYS O 131 -56.71 10.92 -16.52
N PHE O 132 -55.48 10.86 -15.99
CA PHE O 132 -55.04 10.07 -14.84
C PHE O 132 -55.24 8.57 -15.05
N SER O 133 -55.18 8.08 -16.27
CA SER O 133 -55.26 6.66 -16.58
C SER O 133 -54.11 6.30 -17.51
N GLY O 134 -53.84 5.00 -17.63
CA GLY O 134 -52.76 4.56 -18.50
C GLY O 134 -53.12 4.65 -19.97
N LYS O 135 -54.41 4.76 -20.28
CA LYS O 135 -54.86 4.81 -21.66
C LYS O 135 -54.59 6.18 -22.27
N THR O 136 -54.04 6.17 -23.48
CA THR O 136 -53.72 7.30 -24.32
C THR O 136 -54.75 7.41 -25.43
N PRO O 137 -55.04 8.63 -25.97
CA PRO O 137 -56.17 8.78 -26.91
C PRO O 137 -56.14 7.99 -28.21
N TYR O 138 -55.04 7.31 -28.54
CA TYR O 138 -55.04 6.41 -29.69
C TYR O 138 -55.24 4.95 -29.31
N ASP O 139 -56.03 4.67 -28.28
CA ASP O 139 -56.38 3.29 -27.94
C ASP O 139 -57.89 3.06 -28.07
N ALA P 1 -78.52 12.72 -54.54
CA ALA P 1 -78.19 13.96 -55.22
C ALA P 1 -76.70 14.01 -55.55
N ILE P 2 -75.94 13.11 -54.96
CA ILE P 2 -74.50 13.05 -55.19
C ILE P 2 -74.26 12.28 -56.49
N GLN P 3 -73.81 12.98 -57.52
CA GLN P 3 -73.55 12.40 -58.83
C GLN P 3 -72.30 13.02 -59.39
N ARG P 4 -71.76 12.41 -60.45
CA ARG P 4 -70.45 12.78 -60.98
C ARG P 4 -70.49 14.15 -61.64
N GLY P 5 -69.62 15.05 -61.17
CA GLY P 5 -69.59 16.41 -61.67
C GLY P 5 -70.32 17.41 -60.81
N SER P 6 -71.02 16.96 -59.77
CA SER P 6 -71.74 17.87 -58.89
C SER P 6 -70.78 18.51 -57.89
N LYS P 7 -70.88 19.82 -57.73
CA LYS P 7 -70.01 20.55 -56.82
C LYS P 7 -70.52 20.34 -55.41
N VAL P 8 -69.62 20.01 -54.47
CA VAL P 8 -70.01 19.52 -53.17
C VAL P 8 -69.02 20.05 -52.13
N ARG P 9 -69.53 20.35 -50.93
CA ARG P 9 -68.73 20.89 -49.84
C ARG P 9 -68.44 19.82 -48.80
N ILE P 10 -67.21 19.84 -48.29
CA ILE P 10 -66.67 18.79 -47.42
C ILE P 10 -67.08 19.12 -45.99
N LEU P 11 -67.49 18.11 -45.22
CA LEU P 11 -67.83 18.29 -43.82
C LEU P 11 -66.85 17.58 -42.87
N ARG P 12 -65.78 17.00 -43.38
CA ARG P 12 -64.72 16.47 -42.52
C ARG P 12 -63.92 17.63 -41.96
N LYS P 13 -63.84 17.72 -40.62
CA LYS P 13 -63.11 18.81 -40.00
C LYS P 13 -61.62 18.74 -40.30
N GLU P 14 -61.05 17.54 -40.25
CA GLU P 14 -59.61 17.34 -40.40
C GLU P 14 -59.12 17.44 -41.84
N SER P 15 -60.02 17.48 -42.81
CA SER P 15 -59.61 17.55 -44.21
C SER P 15 -59.00 18.92 -44.52
N TYR P 16 -58.12 18.94 -45.53
CA TYR P 16 -57.51 20.20 -45.97
C TYR P 16 -58.56 21.15 -46.54
N TRP P 17 -59.54 20.63 -47.26
CA TRP P 17 -60.62 21.41 -47.85
C TRP P 17 -61.91 21.32 -47.04
N TYR P 18 -61.82 21.33 -45.72
CA TYR P 18 -63.00 21.52 -44.88
C TYR P 18 -63.67 22.84 -45.21
N LYS P 19 -65.00 22.78 -45.41
CA LYS P 19 -65.84 23.88 -45.88
C LYS P 19 -65.34 24.48 -47.19
N ASP P 20 -64.88 23.64 -48.11
CA ASP P 20 -64.46 24.06 -49.43
C ASP P 20 -65.15 23.17 -50.46
N VAL P 21 -65.28 23.67 -51.69
CA VAL P 21 -66.15 23.03 -52.67
C VAL P 21 -65.32 22.39 -53.77
N GLY P 22 -65.55 21.09 -53.99
CA GLY P 22 -64.87 20.37 -55.04
C GLY P 22 -65.85 19.55 -55.84
N THR P 23 -65.39 19.04 -56.98
CA THR P 23 -66.24 18.29 -57.90
C THR P 23 -66.16 16.80 -57.59
N VAL P 24 -67.16 16.06 -58.05
CA VAL P 24 -67.20 14.62 -57.84
C VAL P 24 -66.67 13.92 -59.09
N ALA P 25 -65.64 13.08 -58.90
CA ALA P 25 -65.09 12.34 -60.01
C ALA P 25 -65.84 11.02 -60.22
N SER P 26 -66.07 10.27 -59.14
CA SER P 26 -66.78 9.00 -59.23
C SER P 26 -67.38 8.67 -57.88
N VAL P 27 -68.49 7.93 -57.92
CA VAL P 27 -69.14 7.39 -56.73
C VAL P 27 -69.21 5.87 -56.89
N ASP P 28 -68.72 5.15 -55.88
CA ASP P 28 -68.69 3.70 -55.92
C ASP P 28 -69.99 3.13 -55.37
N LYS P 29 -70.54 2.14 -56.07
CA LYS P 29 -71.81 1.54 -55.69
C LYS P 29 -71.67 0.30 -54.81
N SER P 30 -70.45 -0.18 -54.59
CA SER P 30 -70.25 -1.32 -53.70
C SER P 30 -70.25 -0.86 -52.25
N GLY P 31 -70.29 -1.84 -51.34
CA GLY P 31 -70.36 -1.56 -49.93
C GLY P 31 -69.05 -1.18 -49.30
N ILE P 32 -68.56 0.03 -49.59
CA ILE P 32 -67.34 0.54 -49.00
C ILE P 32 -67.67 1.77 -48.16
N LEU P 33 -66.77 2.11 -47.25
CA LEU P 33 -67.07 3.14 -46.25
C LEU P 33 -67.03 4.54 -46.84
N TYR P 34 -66.13 4.78 -47.80
CA TYR P 34 -65.93 6.10 -48.38
C TYR P 34 -66.01 5.97 -49.90
N PRO P 35 -67.22 6.03 -50.46
CA PRO P 35 -67.36 5.73 -51.89
C PRO P 35 -67.24 6.93 -52.82
N VAL P 36 -67.38 8.15 -52.30
CA VAL P 36 -67.46 9.34 -53.14
C VAL P 36 -66.06 9.91 -53.35
N ILE P 37 -65.52 9.74 -54.54
CA ILE P 37 -64.22 10.32 -54.88
C ILE P 37 -64.45 11.78 -55.29
N VAL P 38 -63.82 12.71 -54.55
CA VAL P 38 -64.00 14.13 -54.76
C VAL P 38 -62.64 14.73 -55.11
N ARG P 39 -62.59 15.49 -56.21
CA ARG P 39 -61.39 16.16 -56.69
C ARG P 39 -61.53 17.66 -56.52
N PHE P 40 -60.44 18.29 -56.09
CA PHE P 40 -60.43 19.70 -55.70
C PHE P 40 -59.52 20.51 -56.61
N ASP P 41 -59.77 21.82 -56.61
CA ASP P 41 -58.92 22.74 -57.35
C ASP P 41 -57.57 22.93 -56.67
N LYS P 42 -57.57 23.11 -55.35
CA LYS P 42 -56.35 23.25 -54.60
C LYS P 42 -55.70 21.90 -54.36
N VAL P 43 -54.45 21.91 -53.91
CA VAL P 43 -53.73 20.69 -53.61
C VAL P 43 -53.49 20.61 -52.11
N ASN P 44 -53.34 19.39 -51.64
CA ASN P 44 -53.11 19.10 -50.24
C ASN P 44 -51.66 19.44 -49.87
N TYR P 45 -51.35 19.35 -48.58
CA TYR P 45 -49.98 19.45 -48.10
C TYR P 45 -49.13 18.24 -48.43
N ASN P 46 -49.75 17.15 -48.88
CA ASN P 46 -49.09 15.85 -48.92
C ASN P 46 -47.92 15.84 -49.90
N GLY P 47 -46.89 15.10 -49.54
CA GLY P 47 -45.65 15.04 -50.28
C GLY P 47 -44.48 15.24 -49.33
N PHE P 48 -43.29 15.00 -49.85
CA PHE P 48 -42.08 15.23 -49.08
C PHE P 48 -41.80 16.73 -48.98
N SER P 49 -40.79 17.08 -48.19
CA SER P 49 -40.39 18.48 -48.08
C SER P 49 -39.70 18.93 -49.37
N GLY P 50 -40.10 20.09 -49.87
CA GLY P 50 -39.59 20.58 -51.13
C GLY P 50 -40.34 20.08 -52.36
N SER P 51 -41.32 19.21 -52.18
CA SER P 51 -42.10 18.72 -53.31
C SER P 51 -43.10 19.78 -53.74
N ALA P 52 -43.11 20.09 -55.04
CA ALA P 52 -43.99 21.09 -55.60
C ALA P 52 -45.37 20.53 -55.95
N THR P 53 -45.57 19.23 -55.77
CA THR P 53 -46.83 18.58 -56.12
C THR P 53 -47.51 18.06 -54.86
N GLY P 54 -48.82 17.87 -54.97
CA GLY P 54 -49.59 17.33 -53.87
C GLY P 54 -50.88 16.73 -54.40
N VAL P 55 -51.51 15.89 -53.58
CA VAL P 55 -52.75 15.26 -54.01
C VAL P 55 -53.89 16.27 -53.94
N ASN P 56 -54.92 16.02 -54.75
CA ASN P 56 -56.06 16.93 -54.82
C ASN P 56 -57.38 16.17 -54.89
N THR P 57 -57.39 14.91 -54.47
CA THR P 57 -58.61 14.12 -54.46
C THR P 57 -58.60 13.19 -53.26
N ASN P 58 -59.79 12.84 -52.79
CA ASN P 58 -59.91 11.88 -51.71
C ASN P 58 -61.30 11.25 -51.76
N ASN P 59 -61.42 10.08 -51.15
CA ASN P 59 -62.69 9.44 -50.91
C ASN P 59 -63.36 10.03 -49.67
N PHE P 60 -64.67 10.20 -49.74
CA PHE P 60 -65.50 10.71 -48.67
C PHE P 60 -66.79 9.90 -48.61
N ALA P 61 -67.45 9.96 -47.45
CA ALA P 61 -68.73 9.31 -47.24
C ALA P 61 -69.88 10.23 -47.63
N GLU P 62 -71.10 9.69 -47.57
CA GLU P 62 -72.28 10.47 -47.93
C GLU P 62 -72.57 11.54 -46.88
N HIS P 63 -72.46 11.18 -45.59
CA HIS P 63 -72.73 12.11 -44.50
C HIS P 63 -71.62 13.13 -44.31
N GLU P 64 -70.49 12.97 -44.97
CA GLU P 64 -69.37 13.90 -44.90
C GLU P 64 -69.43 15.01 -45.95
N LEU P 65 -70.58 15.18 -46.60
CA LEU P 65 -70.73 16.04 -47.76
C LEU P 65 -72.01 16.86 -47.65
N GLU P 66 -72.07 17.95 -48.43
CA GLU P 66 -73.37 18.56 -48.72
C GLU P 66 -73.33 19.17 -50.12
N GLU P 67 -74.41 18.95 -50.86
CA GLU P 67 -74.54 19.41 -52.23
C GLU P 67 -74.89 20.90 -52.24
N VAL P 68 -74.20 21.67 -53.08
CA VAL P 68 -74.47 23.10 -53.19
C VAL P 68 -75.42 23.35 -54.34
N ASP Q 1 -50.30 72.54 -25.53
CA ASP Q 1 -49.87 73.60 -26.43
C ASP Q 1 -48.42 73.42 -26.85
N LEU Q 2 -47.78 72.42 -26.26
CA LEU Q 2 -46.38 72.03 -26.53
C LEU Q 2 -45.42 73.20 -26.32
N SER Q 3 -45.32 73.63 -25.06
CA SER Q 3 -44.41 74.72 -24.73
C SER Q 3 -42.96 74.26 -24.77
N HIS Q 4 -42.72 72.95 -24.63
CA HIS Q 4 -41.37 72.42 -24.72
C HIS Q 4 -40.86 72.42 -26.16
N LEU Q 5 -41.77 72.41 -27.14
CA LEU Q 5 -41.39 72.45 -28.54
C LEU Q 5 -41.54 73.87 -29.07
N THR Q 6 -40.42 74.50 -29.41
CA THR Q 6 -40.40 75.85 -29.95
C THR Q 6 -40.43 75.78 -31.47
N PRO Q 7 -40.94 76.79 -32.15
CA PRO Q 7 -40.76 76.85 -33.61
C PRO Q 7 -39.30 77.01 -33.97
N CYS Q 8 -38.92 76.47 -35.12
CA CYS Q 8 -37.50 76.39 -35.48
C CYS Q 8 -36.90 77.75 -35.80
N SER Q 9 -37.73 78.70 -36.24
CA SER Q 9 -37.25 80.05 -36.46
C SER Q 9 -36.90 80.74 -35.15
N GLU Q 10 -37.73 80.53 -34.12
CA GLU Q 10 -37.50 81.17 -32.84
C GLU Q 10 -36.52 80.38 -31.98
N SER Q 11 -36.25 79.14 -32.36
CA SER Q 11 -35.32 78.31 -31.60
C SER Q 11 -33.88 78.71 -31.91
N PRO Q 12 -33.06 78.99 -30.89
CA PRO Q 12 -31.66 79.37 -31.15
C PRO Q 12 -30.69 78.21 -31.31
N ALA Q 13 -31.18 76.96 -31.35
CA ALA Q 13 -30.36 75.81 -31.69
C ALA Q 13 -30.52 75.40 -33.15
N TYR Q 14 -31.66 75.71 -33.75
CA TYR Q 14 -31.87 75.40 -35.16
C TYR Q 14 -31.09 76.35 -36.06
N GLN Q 15 -30.93 77.61 -35.63
CA GLN Q 15 -30.25 78.59 -36.46
C GLN Q 15 -28.75 78.35 -36.51
N ALA Q 16 -28.19 77.72 -35.47
CA ALA Q 16 -26.79 77.33 -35.50
C ALA Q 16 -26.57 76.17 -36.47
N LYS Q 17 -27.53 75.24 -36.52
CA LYS Q 17 -27.41 74.10 -37.42
C LYS Q 17 -27.69 74.50 -38.86
N ALA Q 18 -28.59 75.48 -39.06
CA ALA Q 18 -29.12 75.77 -40.39
C ALA Q 18 -28.10 76.44 -41.29
N LYS Q 19 -27.04 76.99 -40.71
CA LYS Q 19 -25.92 77.44 -41.53
C LYS Q 19 -25.24 76.25 -42.19
N SER Q 20 -24.95 75.20 -41.43
CA SER Q 20 -24.30 74.00 -41.96
C SER Q 20 -25.34 72.90 -42.21
N PHE Q 21 -26.26 73.17 -43.12
CA PHE Q 21 -27.03 72.12 -43.79
C PHE Q 21 -26.35 71.81 -45.12
N ARG Q 22 -26.04 70.54 -45.32
CA ARG Q 22 -25.34 70.13 -46.52
C ARG Q 22 -26.29 70.10 -47.71
N ASN Q 23 -25.75 70.30 -48.90
CA ASN Q 23 -26.52 70.14 -50.11
C ASN Q 23 -26.74 68.66 -50.39
N THR Q 24 -27.98 68.31 -50.76
CA THR Q 24 -28.33 66.94 -51.08
C THR Q 24 -28.31 66.68 -52.58
N THR Q 25 -28.86 67.60 -53.38
CA THR Q 25 -28.88 67.45 -54.82
C THR Q 25 -27.72 68.21 -55.45
N SER Q 26 -27.75 68.32 -56.78
CA SER Q 26 -26.73 69.07 -57.49
C SER Q 26 -27.01 70.58 -57.41
N ASP Q 27 -28.18 70.95 -56.92
CA ASP Q 27 -28.55 72.34 -56.71
C ASP Q 27 -27.69 72.94 -55.60
N PRO Q 28 -27.01 74.07 -55.86
CA PRO Q 28 -26.08 74.61 -54.86
C PRO Q 28 -26.75 75.19 -53.64
N GLU Q 29 -27.95 75.73 -53.74
CA GLU Q 29 -28.66 76.30 -52.61
C GLU Q 29 -29.66 75.34 -51.99
N SER Q 30 -29.43 74.03 -52.14
CA SER Q 30 -30.37 73.03 -51.61
C SER Q 30 -30.38 73.03 -50.08
N GLY Q 31 -29.22 73.29 -49.47
CA GLY Q 31 -29.18 73.41 -48.02
C GLY Q 31 -29.95 74.60 -47.50
N GLN Q 32 -29.88 75.73 -48.21
CA GLN Q 32 -30.64 76.91 -47.83
C GLN Q 32 -32.14 76.71 -48.04
N LYS Q 33 -32.53 76.01 -49.13
CA LYS Q 33 -33.92 75.66 -49.33
C LYS Q 33 -34.46 74.73 -48.24
N ARG Q 34 -33.67 73.73 -47.83
CA ARG Q 34 -34.04 72.89 -46.70
C ARG Q 34 -34.14 73.68 -45.41
N ALA Q 35 -33.22 74.63 -45.20
CA ALA Q 35 -33.23 75.44 -43.98
C ALA Q 35 -34.47 76.34 -43.91
N GLU Q 36 -34.87 76.92 -45.03
CA GLU Q 36 -36.07 77.76 -45.01
C GLU Q 36 -37.34 76.91 -44.99
N SER Q 37 -37.28 75.70 -45.55
CA SER Q 37 -38.46 74.86 -45.60
C SER Q 37 -38.73 74.16 -44.27
N TYR Q 38 -37.69 73.91 -43.49
CA TYR Q 38 -37.88 73.24 -42.20
C TYR Q 38 -38.09 74.23 -41.06
N ALA Q 39 -38.12 75.53 -41.34
CA ALA Q 39 -38.27 76.52 -40.27
C ALA Q 39 -39.70 76.61 -39.77
N GLU Q 40 -40.67 76.11 -40.55
CA GLU Q 40 -42.06 76.18 -40.13
C GLU Q 40 -42.42 75.03 -39.20
N ALA Q 41 -41.51 74.06 -39.03
CA ALA Q 41 -41.76 72.96 -38.12
C ALA Q 41 -41.45 73.38 -36.69
N LEU Q 42 -41.65 72.45 -35.76
CA LEU Q 42 -41.31 72.66 -34.37
C LEU Q 42 -39.99 71.97 -34.06
N CYS Q 43 -39.08 72.71 -33.42
CA CYS Q 43 -37.76 72.19 -33.08
C CYS Q 43 -37.65 72.04 -31.56
N GLY Q 44 -36.99 70.97 -31.13
CA GLY Q 44 -36.73 70.76 -29.73
C GLY Q 44 -35.44 71.44 -29.31
N PRO Q 45 -34.87 71.01 -28.18
CA PRO Q 45 -33.60 71.59 -27.75
C PRO Q 45 -32.42 71.21 -28.63
N GLU Q 46 -32.57 70.14 -29.42
CA GLU Q 46 -31.48 69.71 -30.30
C GLU Q 46 -31.32 70.67 -31.47
N GLY Q 47 -32.42 71.21 -31.97
CA GLY Q 47 -32.40 72.06 -33.15
C GLY Q 47 -32.84 71.31 -34.38
N TYR Q 48 -33.60 70.24 -34.19
CA TYR Q 48 -34.05 69.40 -35.27
C TYR Q 48 -35.56 69.42 -35.34
N PRO Q 49 -36.16 69.36 -36.53
CA PRO Q 49 -37.63 69.45 -36.63
C PRO Q 49 -38.33 68.24 -36.03
N HIS Q 50 -39.45 68.50 -35.36
CA HIS Q 50 -40.27 67.47 -34.76
C HIS Q 50 -41.63 67.44 -35.44
N LEU Q 51 -42.26 66.27 -35.44
CA LEU Q 51 -43.57 66.09 -36.03
C LEU Q 51 -44.58 65.74 -34.94
N VAL Q 52 -45.66 66.50 -34.89
CA VAL Q 52 -46.73 66.30 -33.91
C VAL Q 52 -47.84 65.53 -34.60
N VAL Q 53 -48.18 64.37 -34.07
CA VAL Q 53 -49.17 63.49 -34.69
C VAL Q 53 -50.38 63.41 -33.75
N ASP Q 54 -51.34 64.30 -33.97
CA ASP Q 54 -52.64 64.17 -33.33
C ASP Q 54 -53.77 64.66 -34.22
N GLY Q 55 -53.53 64.84 -35.52
CA GLY Q 55 -54.60 65.22 -36.41
C GLY Q 55 -54.99 66.68 -36.36
N ARG Q 56 -54.26 67.50 -35.64
CA ARG Q 56 -54.56 68.93 -35.60
C ARG Q 56 -54.16 69.58 -36.90
N LEU Q 57 -54.79 70.72 -37.20
CA LEU Q 57 -54.45 71.48 -38.39
C LEU Q 57 -53.48 72.61 -38.01
N ASP Q 58 -52.57 72.91 -38.95
CA ASP Q 58 -51.27 73.59 -38.91
C ASP Q 58 -50.16 72.62 -38.51
N HIS Q 59 -50.53 71.37 -38.21
CA HIS Q 59 -49.60 70.25 -38.18
C HIS Q 59 -50.17 69.03 -38.89
N ALA Q 60 -51.16 69.21 -39.74
CA ALA Q 60 -51.69 68.08 -40.51
C ALA Q 60 -50.73 67.66 -41.60
N GLY Q 61 -49.83 68.55 -42.04
CA GLY Q 61 -48.86 68.20 -43.04
C GLY Q 61 -47.81 67.22 -42.58
N ASP Q 62 -47.64 67.07 -41.26
CA ASP Q 62 -46.72 66.07 -40.74
C ASP Q 62 -47.23 64.66 -40.98
N PHE Q 63 -48.51 64.41 -40.72
CA PHE Q 63 -49.03 63.05 -40.81
C PHE Q 63 -50.30 62.90 -41.64
N ILE Q 64 -51.20 63.89 -41.58
CA ILE Q 64 -52.55 63.68 -42.12
C ILE Q 64 -52.53 63.67 -43.64
N ILE Q 65 -51.90 64.66 -44.26
CA ILE Q 65 -51.72 64.66 -45.72
C ILE Q 65 -50.84 63.50 -46.21
N PRO Q 66 -49.64 63.22 -45.65
CA PRO Q 66 -48.92 62.02 -46.11
C PRO Q 66 -49.64 60.72 -45.80
N GLY Q 67 -50.36 60.67 -44.69
CA GLY Q 67 -51.13 59.48 -44.36
C GLY Q 67 -52.27 59.22 -45.32
N LEU Q 68 -53.02 60.26 -45.66
CA LEU Q 68 -54.12 60.11 -46.61
C LEU Q 68 -53.59 59.80 -48.01
N LEU Q 69 -52.46 60.39 -48.38
CA LEU Q 69 -51.84 60.07 -49.66
C LEU Q 69 -51.39 58.62 -49.72
N PHE Q 70 -50.76 58.11 -48.65
CA PHE Q 70 -50.38 56.71 -48.63
C PHE Q 70 -51.60 55.81 -48.63
N LEU Q 71 -52.66 56.19 -47.91
CA LEU Q 71 -53.86 55.37 -47.88
C LEU Q 71 -54.49 55.26 -49.25
N TYR Q 72 -54.52 56.36 -50.01
CA TYR Q 72 -54.99 56.31 -51.39
C TYR Q 72 -54.10 55.42 -52.27
N VAL Q 73 -52.77 55.55 -52.14
CA VAL Q 73 -51.88 54.76 -53.01
C VAL Q 73 -51.91 53.27 -52.63
N ALA Q 74 -51.92 52.97 -51.34
CA ALA Q 74 -51.96 51.57 -50.88
C ALA Q 74 -53.30 50.93 -51.18
N GLY Q 75 -54.40 51.69 -51.06
CA GLY Q 75 -55.68 51.18 -51.50
C GLY Q 75 -55.74 50.96 -53.00
N TRP Q 76 -55.08 51.81 -53.77
CA TRP Q 76 -54.94 51.59 -55.21
C TRP Q 76 -54.22 50.26 -55.48
N ILE Q 77 -53.08 50.04 -54.84
CA ILE Q 77 -52.29 48.83 -55.07
C ILE Q 77 -53.06 47.59 -54.65
N GLY Q 78 -53.67 47.63 -53.45
CA GLY Q 78 -54.43 46.48 -52.97
C GLY Q 78 -55.69 46.21 -53.77
N TRP Q 79 -56.36 47.27 -54.23
CA TRP Q 79 -57.59 47.06 -54.99
C TRP Q 79 -57.30 46.54 -56.39
N VAL Q 80 -56.24 47.03 -57.04
CA VAL Q 80 -55.86 46.50 -58.34
C VAL Q 80 -55.40 45.05 -58.23
N GLY Q 81 -54.65 44.73 -57.16
CA GLY Q 81 -54.26 43.36 -56.93
C GLY Q 81 -55.43 42.43 -56.67
N ARG Q 82 -56.39 42.86 -55.85
CA ARG Q 82 -57.57 42.06 -55.58
C ARG Q 82 -58.45 41.93 -56.82
N SER Q 83 -58.54 42.99 -57.63
CA SER Q 83 -59.33 42.93 -58.86
C SER Q 83 -58.72 41.97 -59.87
N TYR Q 84 -57.39 41.99 -60.03
CA TYR Q 84 -56.72 41.03 -60.91
C TYR Q 84 -56.87 39.61 -60.40
N LEU Q 85 -56.72 39.42 -59.08
CA LEU Q 85 -56.84 38.10 -58.49
C LEU Q 85 -58.25 37.53 -58.66
N ILE Q 86 -59.28 38.37 -58.50
CA ILE Q 86 -60.65 37.93 -58.71
C ILE Q 86 -60.91 37.64 -60.19
N ALA Q 87 -60.39 38.49 -61.07
CA ALA Q 87 -60.64 38.35 -62.50
C ALA Q 87 -59.98 37.10 -63.09
N ILE Q 88 -58.85 36.67 -62.54
CA ILE Q 88 -58.21 35.47 -63.08
C ILE Q 88 -58.71 34.17 -62.46
N ARG Q 89 -59.75 34.21 -61.62
CA ARG Q 89 -60.24 32.98 -61.01
C ARG Q 89 -61.05 32.15 -61.99
N GLU Q 90 -62.17 32.68 -62.47
CA GLU Q 90 -63.22 31.87 -63.11
C GLU Q 90 -62.96 31.67 -64.59
N GLU Q 91 -61.75 31.26 -64.95
CA GLU Q 91 -61.43 30.97 -66.35
C GLU Q 91 -60.53 29.74 -66.50
N LYS Q 92 -60.49 28.87 -65.48
CA LYS Q 92 -60.09 27.47 -65.53
C LYS Q 92 -58.60 27.22 -65.70
N ASP Q 93 -57.80 28.28 -65.87
CA ASP Q 93 -56.34 28.15 -65.88
C ASP Q 93 -55.74 29.36 -65.17
N THR Q 94 -55.62 29.23 -63.86
CA THR Q 94 -55.37 30.41 -63.02
C THR Q 94 -53.93 30.46 -62.50
N GLU Q 95 -53.27 29.30 -62.38
CA GLU Q 95 -51.91 29.30 -61.85
C GLU Q 95 -50.91 29.80 -62.88
N MET Q 96 -51.18 29.53 -64.16
CA MET Q 96 -50.25 29.92 -65.22
C MET Q 96 -50.23 31.43 -65.41
N LYS Q 97 -51.38 32.09 -65.26
CA LYS Q 97 -51.37 33.55 -65.33
C LYS Q 97 -51.36 34.19 -63.96
N GLU Q 98 -51.27 33.40 -62.91
CA GLU Q 98 -50.74 33.81 -61.62
C GLU Q 98 -49.23 33.89 -61.61
N ILE Q 99 -48.56 33.02 -62.37
CA ILE Q 99 -47.10 33.00 -62.37
C ILE Q 99 -46.55 33.84 -63.53
N ILE Q 100 -47.31 33.96 -64.63
CA ILE Q 100 -46.91 34.73 -65.80
C ILE Q 100 -48.03 35.72 -66.04
N ILE Q 101 -47.82 36.97 -65.64
CA ILE Q 101 -48.91 37.91 -65.40
C ILE Q 101 -49.51 38.36 -66.73
N ASP Q 102 -50.83 38.28 -66.85
CA ASP Q 102 -51.55 38.69 -68.06
C ASP Q 102 -51.51 40.21 -68.11
N VAL Q 103 -50.62 40.74 -68.96
CA VAL Q 103 -50.39 42.19 -69.01
C VAL Q 103 -51.58 43.00 -69.50
N PRO Q 104 -52.28 42.65 -70.60
CA PRO Q 104 -53.43 43.49 -71.02
C PRO Q 104 -54.57 43.56 -70.01
N LEU Q 105 -54.77 42.53 -69.19
CA LEU Q 105 -55.75 42.65 -68.10
C LEU Q 105 -55.21 43.48 -66.96
N ALA Q 106 -53.91 43.37 -66.65
CA ALA Q 106 -53.33 44.09 -65.54
C ALA Q 106 -53.27 45.59 -65.79
N ILE Q 107 -53.01 46.00 -67.04
CA ILE Q 107 -53.05 47.42 -67.39
C ILE Q 107 -54.46 48.00 -67.22
N ASN Q 108 -55.48 47.28 -67.67
CA ASN Q 108 -56.85 47.75 -67.52
C ASN Q 108 -57.29 47.77 -66.06
N LYS Q 109 -56.73 46.87 -65.25
CA LYS Q 109 -56.99 46.94 -63.81
C LYS Q 109 -56.27 48.13 -63.18
N MET Q 110 -55.04 48.42 -63.63
CA MET Q 110 -54.22 49.46 -62.99
C MET Q 110 -54.75 50.85 -63.29
N LEU Q 111 -54.98 51.16 -64.57
CA LEU Q 111 -55.37 52.52 -64.95
C LEU Q 111 -56.80 52.86 -64.55
N PHE Q 112 -57.63 51.85 -64.30
CA PHE Q 112 -58.95 52.08 -63.74
C PHE Q 112 -58.98 51.83 -62.24
N GLY Q 113 -57.83 51.77 -61.60
CA GLY Q 113 -57.72 51.61 -60.17
C GLY Q 113 -57.70 52.91 -59.38
N PHE Q 114 -57.88 54.05 -60.04
CA PHE Q 114 -57.92 55.32 -59.32
C PHE Q 114 -59.19 55.44 -58.50
N MET Q 115 -60.29 54.86 -58.96
CA MET Q 115 -61.58 54.90 -58.27
C MET Q 115 -61.70 53.66 -57.39
N TRP Q 116 -60.68 53.43 -56.57
CA TRP Q 116 -60.73 52.33 -55.61
C TRP Q 116 -61.65 52.54 -54.40
N PRO Q 117 -61.81 53.73 -53.77
CA PRO Q 117 -62.72 53.77 -52.61
C PRO Q 117 -64.19 53.72 -53.01
N LEU Q 118 -64.56 54.21 -54.18
CA LEU Q 118 -65.93 54.07 -54.65
C LEU Q 118 -66.29 52.61 -54.91
N GLN Q 119 -65.39 51.87 -55.55
CA GLN Q 119 -65.62 50.45 -55.79
C GLN Q 119 -65.57 49.65 -54.48
N ALA Q 120 -64.71 50.08 -53.55
CA ALA Q 120 -64.64 49.41 -52.24
C ALA Q 120 -65.92 49.62 -51.45
N PHE Q 121 -66.48 50.84 -51.48
CA PHE Q 121 -67.76 51.10 -50.82
C PHE Q 121 -68.89 50.35 -51.50
N GLY Q 122 -68.86 50.25 -52.84
CA GLY Q 122 -69.88 49.51 -53.56
C GLY Q 122 -69.84 48.02 -53.24
N GLU Q 123 -68.65 47.45 -53.15
CA GLU Q 123 -68.53 46.04 -52.81
C GLU Q 123 -68.82 45.79 -51.33
N PHE Q 124 -68.60 46.78 -50.48
CA PHE Q 124 -68.91 46.63 -49.06
C PHE Q 124 -70.42 46.68 -48.83
N THR Q 125 -71.11 47.62 -49.47
CA THR Q 125 -72.55 47.71 -49.29
C THR Q 125 -73.27 46.60 -50.07
N SER Q 126 -72.68 46.12 -51.15
CA SER Q 126 -73.26 45.03 -51.91
C SER Q 126 -73.02 43.66 -51.28
N GLY Q 127 -72.09 43.57 -50.33
CA GLY Q 127 -71.79 42.30 -49.70
C GLY Q 127 -70.86 41.40 -50.48
N LYS Q 128 -70.37 41.84 -51.64
CA LYS Q 128 -69.48 41.04 -52.47
C LYS Q 128 -68.01 41.29 -52.16
N LEU Q 129 -67.71 42.09 -51.14
CA LEU Q 129 -66.34 42.29 -50.69
C LEU Q 129 -65.90 41.22 -49.70
N THR Q 130 -66.78 40.80 -48.80
CA THR Q 130 -66.42 39.91 -47.70
C THR Q 130 -67.10 38.57 -47.88
N VAL Q 131 -66.34 37.49 -47.77
CA VAL Q 131 -66.88 36.14 -47.86
C VAL Q 131 -67.48 35.74 -46.51
N LYS Q 132 -68.68 35.15 -46.56
CA LYS Q 132 -69.37 34.68 -45.38
C LYS Q 132 -68.60 33.53 -44.73
N ASP Q 133 -68.73 33.41 -43.41
CA ASP Q 133 -67.95 32.45 -42.62
C ASP Q 133 -68.31 31.00 -42.92
N SER Q 134 -69.42 30.75 -43.62
CA SER Q 134 -69.75 29.38 -44.01
C SER Q 134 -68.92 28.93 -45.20
N GLU Q 135 -68.74 29.78 -46.19
CA GLU Q 135 -68.14 29.42 -47.47
C GLU Q 135 -66.63 29.73 -47.46
N ILE Q 136 -65.92 29.21 -46.47
CA ILE Q 136 -64.50 29.56 -46.30
C ILE Q 136 -63.78 28.44 -45.55
N PRO Q 137 -62.56 28.07 -45.97
CA PRO Q 137 -61.85 27.00 -45.26
C PRO Q 137 -61.31 27.45 -43.91
N VAL Q 138 -61.63 26.69 -42.88
CA VAL Q 138 -61.23 26.96 -41.50
C VAL Q 138 -60.49 25.74 -40.97
N SER Q 139 -59.36 25.98 -40.31
CA SER Q 139 -58.58 24.91 -39.72
C SER Q 139 -59.33 24.26 -38.56
N PRO Q 140 -59.03 22.99 -38.25
CA PRO Q 140 -59.63 22.36 -37.07
C PRO Q 140 -59.20 23.04 -35.78
N ARG Q 141 -60.04 22.93 -34.76
CA ARG Q 141 -59.80 23.57 -33.47
C ARG Q 141 -58.66 22.90 -32.72
N ILE R 1 -7.54 34.37 2.05
CA ILE R 1 -7.39 35.49 2.97
C ILE R 1 -8.57 35.52 3.94
N LEU R 2 -8.24 35.44 5.23
CA LEU R 2 -9.27 35.43 6.27
C LEU R 2 -9.87 36.82 6.43
N GLY R 3 -11.16 36.85 6.78
CA GLY R 3 -11.88 38.11 6.89
C GLY R 3 -11.94 38.63 8.32
N ASP R 4 -12.38 39.88 8.42
CA ASP R 4 -12.58 40.52 9.72
C ASP R 4 -13.89 40.13 10.38
N PHE R 5 -14.76 39.40 9.68
CA PHE R 5 -16.01 38.96 10.25
C PHE R 5 -15.78 37.80 11.20
N ALA R 6 -16.78 37.54 12.03
CA ALA R 6 -16.69 36.48 13.03
C ALA R 6 -16.68 35.11 12.37
N ALA R 7 -15.86 34.22 12.94
CA ALA R 7 -15.62 32.86 12.45
C ALA R 7 -15.17 32.86 11.00
N SER R 8 -14.02 33.51 10.76
CA SER R 8 -13.46 33.62 9.42
C SER R 8 -12.92 32.32 8.87
N PHE R 9 -12.72 31.31 9.72
CA PHE R 9 -12.22 30.01 9.29
C PHE R 9 -13.31 29.14 8.66
N LEU R 10 -14.57 29.54 8.77
CA LEU R 10 -15.68 28.78 8.20
C LEU R 10 -15.80 28.87 6.68
N PRO R 11 -15.47 29.97 6.00
CA PRO R 11 -15.28 29.90 4.54
C PRO R 11 -14.16 28.95 4.11
N ALA R 12 -13.11 28.77 4.92
CA ALA R 12 -12.03 27.88 4.56
C ALA R 12 -12.41 26.41 4.66
N ILE R 13 -13.55 26.08 5.27
CA ILE R 13 -14.01 24.71 5.42
C ILE R 13 -15.25 24.45 4.59
N LEU R 14 -16.23 25.35 4.64
CA LEU R 14 -17.51 25.11 4.00
C LEU R 14 -17.43 25.26 2.48
N VAL R 15 -16.68 26.25 1.99
CA VAL R 15 -16.56 26.46 0.55
C VAL R 15 -15.88 25.28 -0.17
N PRO R 16 -14.78 24.70 0.33
CA PRO R 16 -14.33 23.45 -0.31
C PRO R 16 -15.24 22.27 -0.05
N ALA R 17 -16.07 22.30 1.00
CA ALA R 17 -17.01 21.21 1.21
C ALA R 17 -18.17 21.29 0.23
N VAL R 18 -18.70 22.49 0.01
CA VAL R 18 -19.87 22.64 -0.86
C VAL R 18 -19.44 22.72 -2.32
N GLY R 19 -18.18 23.05 -2.58
CA GLY R 19 -17.71 23.15 -3.95
C GLY R 19 -17.01 21.92 -4.45
N LEU R 20 -16.43 21.11 -3.56
CA LEU R 20 -15.71 19.91 -3.97
C LEU R 20 -16.28 18.64 -3.34
N VAL R 21 -16.52 18.64 -2.02
CA VAL R 21 -16.77 17.38 -1.32
C VAL R 21 -18.20 16.91 -1.56
N MET R 22 -19.20 17.69 -1.16
CA MET R 22 -20.57 17.24 -1.35
C MET R 22 -21.04 17.20 -2.81
N PRO R 23 -20.52 18.00 -3.78
CA PRO R 23 -20.87 17.68 -5.17
C PRO R 23 -20.32 16.35 -5.63
N ALA R 24 -19.12 15.96 -5.18
CA ALA R 24 -18.60 14.62 -5.48
C ALA R 24 -19.49 13.55 -4.85
N VAL R 25 -19.93 13.78 -3.62
CA VAL R 25 -20.82 12.85 -2.93
C VAL R 25 -22.16 12.75 -3.65
N VAL R 26 -22.73 13.89 -4.08
CA VAL R 26 -24.03 13.90 -4.74
C VAL R 26 -23.95 13.26 -6.12
N MET R 27 -22.89 13.56 -6.88
CA MET R 27 -22.74 12.86 -8.17
C MET R 27 -22.47 11.38 -8.02
N GLY R 28 -21.70 10.93 -7.03
CA GLY R 28 -21.54 9.52 -6.79
C GLY R 28 -22.83 8.81 -6.40
N LEU R 29 -23.56 9.42 -5.46
CA LEU R 29 -24.82 8.85 -4.99
C LEU R 29 -25.90 8.87 -6.08
N LEU R 30 -26.01 9.95 -6.85
CA LEU R 30 -26.96 10.01 -7.93
C LEU R 30 -26.56 9.10 -9.09
N PHE R 31 -25.25 8.90 -9.30
CA PHE R 31 -24.80 7.95 -10.30
C PHE R 31 -25.18 6.53 -9.92
N LEU R 32 -24.97 6.15 -8.65
CA LEU R 32 -25.41 4.85 -8.17
C LEU R 32 -26.92 4.72 -8.18
N GLN R 33 -27.64 5.82 -7.99
CA GLN R 33 -29.10 5.77 -7.99
C GLN R 33 -29.64 5.60 -9.41
N ILE R 34 -29.11 6.35 -10.37
CA ILE R 34 -29.66 6.31 -11.73
C ILE R 34 -29.09 5.20 -12.57
N GLU R 35 -28.03 4.53 -12.12
CA GLU R 35 -27.46 3.44 -12.90
C GLU R 35 -27.72 2.06 -12.30
N SER R 36 -28.28 1.96 -11.10
CA SER R 36 -28.60 0.66 -10.55
C SER R 36 -29.80 0.05 -11.26
N GLU R 37 -29.75 -1.26 -11.45
CA GLU R 37 -30.81 -1.98 -12.12
C GLU R 37 -31.93 -2.31 -11.14
N ALA R 38 -33.06 -2.79 -11.69
CA ALA R 38 -34.27 -3.18 -10.96
C ALA R 38 -34.84 -2.07 -10.08
N LYS S 1 -42.90 36.03 -80.35
CA LYS S 1 -44.19 35.75 -79.72
C LYS S 1 -44.01 35.09 -78.37
N GLY S 2 -42.99 34.24 -78.26
CA GLY S 2 -42.67 33.60 -77.00
C GLY S 2 -41.84 34.50 -76.11
N LEU S 3 -41.32 35.58 -76.67
CA LEU S 3 -40.56 36.54 -75.87
C LEU S 3 -41.46 37.40 -75.02
N THR S 4 -42.64 37.77 -75.54
CA THR S 4 -43.56 38.60 -74.78
C THR S 4 -44.16 37.85 -73.59
N THR S 5 -44.24 36.52 -73.69
CA THR S 5 -44.68 35.71 -72.55
C THR S 5 -43.60 35.69 -71.46
N PHE S 6 -42.33 35.65 -71.88
CA PHE S 6 -41.22 35.74 -70.91
C PHE S 6 -41.17 37.11 -70.25
N LEU S 7 -41.43 38.17 -71.02
CA LEU S 7 -41.49 39.51 -70.43
C LEU S 7 -42.72 39.70 -69.57
N SER S 8 -43.74 38.86 -69.75
CA SER S 8 -44.94 38.90 -68.91
C SER S 8 -44.82 38.03 -67.67
N THR S 9 -43.66 37.45 -67.42
CA THR S 9 -43.48 36.65 -66.21
C THR S 9 -43.40 37.54 -64.98
N ALA S 10 -43.56 36.91 -63.82
CA ALA S 10 -43.52 37.64 -62.55
C ALA S 10 -42.18 38.33 -62.25
N PRO S 11 -40.97 37.70 -62.42
CA PRO S 11 -39.75 38.44 -62.07
C PRO S 11 -39.44 39.62 -62.99
N VAL S 12 -39.68 39.46 -64.30
CA VAL S 12 -39.41 40.53 -65.25
C VAL S 12 -40.33 41.72 -65.00
N LEU S 13 -41.62 41.46 -64.77
CA LEU S 13 -42.55 42.54 -64.50
C LEU S 13 -42.33 43.15 -63.12
N ILE S 14 -41.95 42.36 -62.12
CA ILE S 14 -41.70 42.93 -60.80
C ILE S 14 -40.41 43.76 -60.82
N THR S 15 -39.45 43.37 -61.66
CA THR S 15 -38.23 44.15 -61.80
C THR S 15 -38.51 45.45 -62.54
N ALA S 16 -39.32 45.39 -63.60
CA ALA S 16 -39.71 46.59 -64.33
C ALA S 16 -40.51 47.54 -63.44
N LEU S 17 -41.41 46.99 -62.63
CA LEU S 17 -42.21 47.80 -61.71
C LEU S 17 -41.34 48.45 -60.64
N LEU S 18 -40.39 47.69 -60.08
CA LEU S 18 -39.55 48.23 -59.02
C LEU S 18 -38.57 49.26 -59.56
N VAL S 19 -38.04 49.05 -60.77
CA VAL S 19 -37.17 50.04 -61.39
C VAL S 19 -37.95 51.31 -61.74
N PHE S 20 -39.19 51.15 -62.23
CA PHE S 20 -40.02 52.32 -62.53
C PHE S 20 -40.38 53.09 -61.26
N THR S 21 -40.73 52.38 -60.18
CA THR S 21 -41.08 53.04 -58.93
C THR S 21 -39.88 53.72 -58.28
N ALA S 22 -38.73 53.04 -58.27
CA ALA S 22 -37.51 53.63 -57.74
C ALA S 22 -37.05 54.82 -58.58
N GLY S 23 -37.20 54.73 -59.90
CA GLY S 23 -36.86 55.85 -60.75
C GLY S 23 -37.77 57.04 -60.55
N LEU S 24 -39.07 56.78 -60.34
CA LEU S 24 -40.01 57.86 -60.06
C LEU S 24 -39.69 58.53 -58.73
N LEU S 25 -39.37 57.74 -57.71
CA LEU S 25 -39.02 58.31 -56.41
C LEU S 25 -37.69 59.07 -56.47
N ILE S 26 -36.72 58.55 -57.22
CA ILE S 26 -35.41 59.20 -57.33
C ILE S 26 -35.53 60.50 -58.12
N GLU S 27 -36.28 60.49 -59.22
CA GLU S 27 -36.52 61.71 -59.98
C GLU S 27 -37.35 62.72 -59.21
N PHE S 28 -38.21 62.27 -58.29
CA PHE S 28 -38.91 63.21 -57.44
C PHE S 28 -38.01 63.83 -56.38
N ASN S 29 -37.17 63.02 -55.73
CA ASN S 29 -36.25 63.55 -54.72
C ASN S 29 -35.05 64.27 -55.30
N ARG S 30 -34.83 64.22 -56.61
CA ARG S 30 -33.88 65.13 -57.23
C ARG S 30 -34.47 66.51 -57.47
N PHE S 31 -35.63 66.57 -58.11
CA PHE S 31 -36.22 67.85 -58.46
C PHE S 31 -36.86 68.51 -57.24
N TYR S 32 -37.43 67.73 -56.33
CA TYR S 32 -38.05 68.25 -55.12
C TYR S 32 -37.47 67.52 -53.92
N PRO S 33 -36.26 67.88 -53.49
CA PRO S 33 -35.63 67.19 -52.37
C PRO S 33 -36.11 67.72 -51.03
N ASP S 34 -35.82 66.92 -49.98
CA ASP S 34 -35.94 67.31 -48.58
C ASP S 34 -37.37 67.67 -48.20
N LEU S 35 -38.28 66.72 -48.39
CA LEU S 35 -39.69 66.91 -48.04
C LEU S 35 -39.98 66.06 -46.81
N LEU S 36 -39.70 66.63 -45.64
CA LEU S 36 -39.99 65.92 -44.39
C LEU S 36 -41.47 65.99 -44.07
N PHE S 37 -42.16 67.04 -44.50
CA PHE S 37 -43.57 67.21 -44.21
C PHE S 37 -44.19 68.09 -45.29
N HIS S 38 -45.51 68.05 -45.36
CA HIS S 38 -46.22 68.96 -46.24
C HIS S 38 -46.33 70.33 -45.59
N PRO S 39 -45.88 71.40 -46.24
CA PRO S 39 -45.95 72.76 -45.67
C PRO S 39 -47.37 73.29 -45.56
N ALA T 1 25.27 38.79 -59.59
CA ALA T 1 26.13 37.63 -59.79
C ALA T 1 25.69 36.81 -60.99
N VAL T 2 26.34 37.03 -62.13
CA VAL T 2 26.03 36.31 -63.36
C VAL T 2 26.50 34.87 -63.24
N PRO T 3 25.79 33.91 -63.84
CA PRO T 3 26.19 32.50 -63.74
C PRO T 3 27.18 32.00 -64.79
N THR T 4 27.93 32.89 -65.47
CA THR T 4 29.02 32.55 -66.39
C THR T 4 28.55 31.64 -67.54
N THR T 5 27.79 32.21 -68.48
CA THR T 5 26.88 31.43 -69.30
C THR T 5 27.57 30.85 -70.56
N LEU T 6 28.81 31.29 -70.88
CA LEU T 6 29.59 30.76 -72.00
C LEU T 6 28.96 30.91 -73.38
N GLU T 7 29.06 32.10 -73.97
CA GLU T 7 28.40 32.44 -75.22
C GLU T 7 28.93 31.66 -76.44
N TRP T 8 28.36 30.48 -76.69
CA TRP T 8 28.40 29.75 -77.96
C TRP T 8 29.80 29.42 -78.47
N ASN T 9 30.49 28.49 -77.80
CA ASN T 9 31.60 27.81 -78.43
C ASN T 9 31.09 26.54 -79.09
N LEU T 10 31.99 25.84 -79.80
CA LEU T 10 31.59 24.61 -80.49
C LEU T 10 31.33 23.46 -79.54
N ASN T 11 31.86 23.53 -78.31
CA ASN T 11 31.60 22.48 -77.33
C ASN T 11 30.15 22.52 -76.85
N VAL T 12 29.51 23.70 -76.92
CA VAL T 12 28.08 23.81 -76.65
C VAL T 12 27.28 23.01 -77.67
N GLY T 13 27.61 23.15 -78.95
CA GLY T 13 26.93 22.38 -79.99
C GLY T 13 27.22 20.90 -79.89
N LEU T 14 28.46 20.54 -79.53
CA LEU T 14 28.82 19.14 -79.35
C LEU T 14 28.05 18.53 -78.18
N THR T 15 27.91 19.27 -77.07
CA THR T 15 27.15 18.79 -75.93
C THR T 15 25.67 18.66 -76.26
N MET T 16 25.14 19.59 -77.06
CA MET T 16 23.74 19.49 -77.50
C MET T 16 23.51 18.25 -78.36
N ILE T 17 24.43 17.97 -79.29
CA ILE T 17 24.32 16.78 -80.13
C ILE T 17 24.44 15.50 -79.29
N VAL T 18 25.37 15.49 -78.33
CA VAL T 18 25.57 14.33 -77.47
C VAL T 18 24.34 14.06 -76.63
N CYS T 19 23.72 15.11 -76.07
CA CYS T 19 22.53 14.90 -75.25
C CYS T 19 21.30 14.58 -76.10
N ASN T 20 21.28 15.04 -77.37
CA ASN T 20 20.26 14.55 -78.29
C ASN T 20 20.40 13.05 -78.52
N ILE T 21 21.65 12.58 -78.69
CA ILE T 21 21.92 11.14 -78.84
C ILE T 21 21.54 10.38 -77.56
N VAL T 22 21.77 11.00 -76.41
CA VAL T 22 21.38 10.41 -75.12
C VAL T 22 19.86 10.28 -75.03
N ALA T 23 19.14 11.30 -75.52
CA ALA T 23 17.67 11.22 -75.59
C ALA T 23 17.21 10.13 -76.54
N ILE T 24 17.90 9.96 -77.69
CA ILE T 24 17.64 8.85 -78.59
C ILE T 24 17.80 7.50 -77.88
N ALA T 25 18.89 7.32 -77.14
CA ALA T 25 19.14 6.06 -76.46
C ALA T 25 18.11 5.80 -75.37
N PHE T 26 17.76 6.85 -74.60
CA PHE T 26 16.80 6.72 -73.52
C PHE T 26 15.41 6.41 -74.06
N ALA T 27 15.03 7.03 -75.18
CA ALA T 27 13.72 6.78 -75.76
C ALA T 27 13.65 5.44 -76.45
N LYS T 28 14.77 4.98 -77.03
CA LYS T 28 14.79 3.66 -77.64
C LYS T 28 14.76 2.57 -76.57
N TYR T 29 15.23 2.88 -75.38
CA TYR T 29 15.20 1.90 -74.30
C TYR T 29 13.86 1.92 -73.55
N THR T 30 13.21 3.09 -73.45
CA THR T 30 12.16 3.26 -72.45
C THR T 30 10.78 3.60 -73.00
N MET T 31 10.64 4.02 -74.26
CA MET T 31 9.31 4.40 -74.76
C MET T 31 8.42 3.18 -74.96
N LYS T 32 7.12 3.41 -74.95
CA LYS T 32 6.13 2.36 -75.10
C LYS T 32 5.59 2.25 -76.53
N GLU T 33 5.24 3.37 -77.15
CA GLU T 33 4.76 3.39 -78.54
C GLU T 33 5.61 4.39 -79.32
N PRO T 34 6.76 3.96 -79.84
CA PRO T 34 7.55 4.87 -80.67
C PRO T 34 7.23 4.75 -82.15
N GLY T 35 6.47 3.73 -82.55
CA GLY T 35 6.24 3.50 -83.97
C GLY T 35 5.10 4.33 -84.52
N ALA T 36 4.42 5.08 -83.66
CA ALA T 36 3.33 5.93 -84.13
C ALA T 36 3.88 7.13 -84.89
N GLY T 37 3.30 7.37 -86.08
CA GLY T 37 3.74 8.45 -86.93
C GLY T 37 3.14 8.33 -88.31
N PRO T 38 2.89 9.47 -88.96
CA PRO T 38 2.31 9.44 -90.31
C PRO T 38 3.23 8.82 -91.36
N LYS T 39 4.42 9.40 -91.56
CA LYS T 39 5.37 8.95 -92.58
C LYS T 39 6.71 9.66 -92.43
N LEU T 40 7.79 8.96 -92.75
CA LEU T 40 9.11 9.54 -92.93
C LEU T 40 9.95 8.61 -93.79
N PRO T 41 10.63 9.17 -94.79
CA PRO T 41 11.60 8.36 -95.56
C PRO T 41 12.77 7.90 -94.69
N GLY T 42 13.24 6.70 -94.99
CA GLY T 42 14.39 6.14 -94.29
C GLY T 42 14.12 5.79 -92.84
N GLU T 43 13.21 4.84 -92.59
CA GLU T 43 12.91 4.43 -91.23
C GLU T 43 14.05 3.63 -90.60
N ALA T 44 14.93 3.05 -91.42
CA ALA T 44 16.08 2.32 -90.88
C ALA T 44 17.09 3.28 -90.28
N PHE T 45 17.25 4.46 -90.87
CA PHE T 45 18.18 5.45 -90.33
C PHE T 45 17.63 6.10 -89.07
N PHE T 46 16.32 6.28 -88.97
CA PHE T 46 15.69 6.89 -87.82
C PHE T 46 15.24 5.86 -86.79
N GLY T 47 15.79 4.66 -86.83
CA GLY T 47 15.56 3.67 -85.79
C GLY T 47 14.14 3.15 -85.72
N GLY T 48 13.37 3.33 -86.79
CA GLY T 48 11.99 2.88 -86.81
C GLY T 48 11.04 3.60 -85.88
N MET T 49 11.15 4.92 -85.79
CA MET T 49 10.15 5.74 -85.12
C MET T 49 9.49 6.65 -86.14
N GLY T 50 8.27 7.08 -85.84
CA GLY T 50 7.60 8.07 -86.65
C GLY T 50 8.07 9.47 -86.34
N LEU T 51 7.52 10.42 -87.11
CA LEU T 51 7.83 11.85 -86.95
C LEU T 51 7.47 12.45 -85.60
N PRO T 52 6.30 12.19 -84.98
CA PRO T 52 6.09 12.73 -83.62
C PRO T 52 7.05 12.18 -82.58
N ALA T 53 7.45 10.91 -82.71
CA ALA T 53 8.47 10.37 -81.84
C ALA T 53 9.80 11.05 -82.07
N LEU T 54 10.11 11.39 -83.32
CA LEU T 54 11.32 12.15 -83.62
C LEU T 54 11.29 13.54 -82.98
N LEU T 55 10.14 14.21 -83.06
CA LEU T 55 9.99 15.52 -82.41
C LEU T 55 10.09 15.41 -80.90
N ALA T 56 9.54 14.35 -80.31
CA ALA T 56 9.63 14.14 -78.87
C ALA T 56 11.07 13.90 -78.42
N THR T 57 11.81 13.06 -79.15
CA THR T 57 13.21 12.81 -78.80
C THR T 57 14.07 14.04 -78.99
N THR T 58 13.85 14.81 -80.06
CA THR T 58 14.66 16.01 -80.28
C THR T 58 14.33 17.08 -79.23
N SER T 59 13.06 17.20 -78.84
CA SER T 59 12.67 18.13 -77.80
C SER T 59 13.25 17.74 -76.44
N PHE T 60 13.19 16.45 -76.10
CA PHE T 60 13.79 15.98 -74.85
C PHE T 60 15.29 16.14 -74.84
N GLY T 61 15.94 15.92 -75.98
CA GLY T 61 17.36 16.21 -76.10
C GLY T 61 17.66 17.68 -75.95
N HIS T 62 16.75 18.55 -76.41
CA HIS T 62 16.96 19.98 -76.23
C HIS T 62 16.79 20.41 -74.77
N LEU T 63 15.82 19.82 -74.06
CA LEU T 63 15.70 20.06 -72.62
C LEU T 63 16.95 19.59 -71.87
N LEU T 64 17.39 18.36 -72.13
CA LEU T 64 18.58 17.83 -71.46
C LEU T 64 19.83 18.62 -71.83
N GLY T 65 19.97 18.99 -73.10
CA GLY T 65 21.12 19.75 -73.53
C GLY T 65 21.15 21.16 -72.94
N ALA T 66 19.99 21.80 -72.86
CA ALA T 66 19.92 23.12 -72.22
C ALA T 66 20.27 23.03 -70.75
N GLY T 67 19.76 22.01 -70.06
CA GLY T 67 20.08 21.83 -68.66
C GLY T 67 21.55 21.57 -68.41
N VAL T 68 22.16 20.67 -69.18
CA VAL T 68 23.58 20.39 -68.98
C VAL T 68 24.48 21.52 -69.47
N ILE T 69 24.07 22.27 -70.50
CA ILE T 69 24.90 23.37 -71.00
C ILE T 69 24.92 24.50 -69.98
N LEU T 70 23.76 24.84 -69.43
CA LEU T 70 23.72 25.89 -68.41
C LEU T 70 24.38 25.42 -67.12
N GLY T 71 24.22 24.14 -66.76
CA GLY T 71 24.87 23.64 -65.54
C GLY T 71 26.38 23.60 -65.65
N LEU T 72 26.90 23.11 -66.77
CA LEU T 72 28.34 23.02 -66.96
C LEU T 72 28.95 24.36 -67.34
N ALA T 73 28.13 25.32 -67.76
CA ALA T 73 28.61 26.69 -67.88
C ALA T 73 28.74 27.34 -66.51
N SER T 74 27.76 27.09 -65.63
CA SER T 74 27.83 27.61 -64.27
C SER T 74 28.96 26.98 -63.47
N LEU T 75 29.24 25.68 -63.70
CA LEU T 75 30.40 25.06 -63.06
C LEU T 75 31.69 25.55 -63.69
N GLY T 76 31.71 25.71 -65.01
CA GLY T 76 32.90 26.14 -65.72
C GLY T 76 33.46 25.12 -66.69
N ALA T 77 32.70 24.12 -67.08
CA ALA T 77 33.15 23.12 -68.05
C ALA T 77 33.01 23.66 -69.47
N LEU T 78 33.11 22.75 -70.44
CA LEU T 78 32.96 23.02 -71.88
C LEU T 78 33.95 24.05 -72.40
N ILE U 1 -0.20 -7.94 -52.01
CA ILE U 1 -0.24 -8.45 -50.64
C ILE U 1 -1.01 -7.49 -49.75
N ASP U 2 -2.16 -7.94 -49.26
CA ASP U 2 -2.99 -7.11 -48.38
C ASP U 2 -2.45 -7.16 -46.95
N VAL U 3 -1.77 -6.09 -46.54
CA VAL U 3 -1.30 -6.03 -45.16
C VAL U 3 -2.45 -5.63 -44.24
N VAL U 4 -3.44 -4.93 -44.77
CA VAL U 4 -4.65 -4.56 -44.03
C VAL U 4 -5.70 -5.61 -44.35
N ASN U 5 -5.87 -6.56 -43.45
CA ASN U 5 -6.88 -7.60 -43.57
C ASN U 5 -7.96 -7.37 -42.51
N HIS U 6 -8.96 -8.23 -42.52
CA HIS U 6 -9.87 -8.30 -41.39
C HIS U 6 -9.30 -9.23 -40.32
N GLY U 7 -10.03 -9.38 -39.23
CA GLY U 7 -9.54 -10.20 -38.12
C GLY U 7 -9.82 -11.68 -38.28
N GLY U 8 -10.38 -12.09 -39.41
CA GLY U 8 -10.80 -13.46 -39.60
C GLY U 8 -12.29 -13.50 -39.87
N ASP U 9 -12.97 -12.40 -39.53
CA ASP U 9 -14.41 -12.32 -39.69
C ASP U 9 -14.69 -10.95 -40.30
N PRO U 10 -14.99 -10.86 -41.60
CA PRO U 10 -15.05 -9.53 -42.25
C PRO U 10 -16.25 -8.69 -41.86
N GLN U 11 -17.34 -9.30 -41.42
CA GLN U 11 -18.58 -8.55 -41.20
C GLN U 11 -18.60 -7.91 -39.82
N VAL U 12 -17.59 -8.19 -39.00
CA VAL U 12 -17.39 -7.44 -37.76
C VAL U 12 -16.73 -6.11 -38.09
N GLY U 13 -17.26 -5.04 -37.53
CA GLY U 13 -16.80 -3.70 -37.85
C GLY U 13 -15.44 -3.34 -37.29
N ASN U 14 -14.40 -3.98 -37.80
CA ASN U 14 -13.02 -3.69 -37.43
C ASN U 14 -12.10 -4.19 -38.52
N LEU U 15 -10.90 -3.64 -38.57
CA LEU U 15 -9.89 -4.03 -39.55
C LEU U 15 -8.58 -4.34 -38.85
N SER U 16 -7.88 -5.36 -39.34
CA SER U 16 -6.61 -5.77 -38.74
C SER U 16 -5.48 -5.06 -39.49
N THR U 17 -5.30 -3.79 -39.19
CA THR U 17 -4.24 -2.98 -39.75
C THR U 17 -2.94 -3.27 -39.00
N PRO U 18 -1.76 -2.85 -39.55
CA PRO U 18 -0.50 -3.00 -38.80
C PRO U 18 -0.50 -2.37 -37.41
N ILE U 19 -1.14 -1.23 -37.26
CA ILE U 19 -1.23 -0.54 -35.98
C ILE U 19 -2.17 -1.30 -35.06
N ASN U 20 -3.23 -1.87 -35.63
CA ASN U 20 -4.27 -2.50 -34.81
C ASN U 20 -3.80 -3.84 -34.25
N GLY U 21 -3.52 -4.81 -35.11
CA GLY U 21 -3.31 -6.16 -34.62
C GLY U 21 -2.26 -7.02 -35.29
N SER U 22 -1.15 -6.44 -35.76
CA SER U 22 -0.32 -7.22 -36.67
C SER U 22 0.57 -8.25 -35.97
N ALA U 23 1.65 -7.81 -35.31
CA ALA U 23 2.47 -8.74 -34.55
C ALA U 23 2.97 -8.12 -33.25
N PHE U 24 3.17 -6.81 -33.26
CA PHE U 24 3.81 -6.13 -32.15
C PHE U 24 2.78 -5.42 -31.29
N THR U 25 1.54 -5.31 -31.77
CA THR U 25 0.50 -4.67 -30.98
C THR U 25 -0.43 -5.70 -30.36
N LYS U 26 -0.49 -6.91 -30.90
CA LYS U 26 -1.17 -8.00 -30.18
C LYS U 26 -0.43 -8.34 -28.90
N ALA U 27 0.89 -8.57 -28.98
CA ALA U 27 1.74 -8.52 -27.81
C ALA U 27 1.88 -7.06 -27.39
N PHE U 28 2.26 -6.80 -26.14
CA PHE U 28 2.43 -5.47 -25.53
C PHE U 28 1.08 -4.76 -25.32
N ILE U 29 -0.02 -5.32 -25.84
CA ILE U 29 -1.35 -4.96 -25.34
C ILE U 29 -1.94 -6.15 -24.61
N ASN U 30 -1.66 -7.35 -25.11
CA ASN U 30 -1.93 -8.54 -24.34
C ASN U 30 -0.95 -8.78 -23.21
N ALA U 31 0.11 -7.97 -23.11
CA ALA U 31 1.13 -8.10 -22.08
C ALA U 31 1.18 -6.90 -21.15
N LEU U 32 0.26 -5.94 -21.31
CA LEU U 32 -0.02 -4.87 -20.37
C LEU U 32 -0.73 -5.45 -19.15
N PRO U 33 -0.78 -4.72 -17.99
CA PRO U 33 -1.48 -5.25 -16.81
C PRO U 33 -2.94 -5.63 -17.07
N ALA U 34 -3.67 -4.75 -17.75
CA ALA U 34 -4.91 -5.17 -18.37
C ALA U 34 -4.56 -6.06 -19.56
N TYR U 35 -5.28 -7.17 -19.68
CA TYR U 35 -5.21 -8.24 -20.69
C TYR U 35 -4.05 -9.20 -20.50
N ARG U 36 -3.26 -9.09 -19.44
CA ARG U 36 -2.24 -10.11 -19.23
C ARG U 36 -2.87 -11.38 -18.66
N LYS U 37 -2.27 -12.51 -18.99
CA LYS U 37 -2.96 -13.79 -18.81
C LYS U 37 -3.00 -14.23 -17.34
N GLY U 38 -1.88 -14.09 -16.62
CA GLY U 38 -1.79 -14.71 -15.31
C GLY U 38 -2.15 -13.84 -14.12
N LEU U 39 -2.26 -12.53 -14.33
CA LEU U 39 -2.48 -11.61 -13.22
C LEU U 39 -3.92 -11.67 -12.71
N SER U 40 -4.05 -11.54 -11.41
CA SER U 40 -5.32 -11.33 -10.73
C SER U 40 -5.58 -9.84 -10.60
N PRO U 41 -6.83 -9.43 -10.33
CA PRO U 41 -7.06 -8.05 -9.88
C PRO U 41 -6.43 -7.84 -8.51
N ASN U 42 -6.17 -6.56 -8.19
CA ASN U 42 -5.34 -6.03 -7.09
C ASN U 42 -3.87 -6.29 -7.41
N ARG U 43 -3.59 -6.74 -8.64
CA ARG U 43 -2.23 -6.75 -9.16
C ARG U 43 -2.17 -6.01 -10.48
N ARG U 44 -3.16 -6.24 -11.36
CA ARG U 44 -3.37 -5.38 -12.52
C ARG U 44 -3.59 -3.93 -12.10
N GLY U 45 -4.47 -3.74 -11.11
CA GLY U 45 -4.73 -2.41 -10.61
C GLY U 45 -3.52 -1.80 -9.94
N LEU U 46 -2.71 -2.63 -9.27
CA LEU U 46 -1.49 -2.15 -8.64
C LEU U 46 -0.49 -1.63 -9.66
N GLU U 47 -0.28 -2.39 -10.73
CA GLU U 47 0.65 -1.97 -11.78
C GLU U 47 0.15 -0.74 -12.52
N VAL U 48 -1.14 -0.73 -12.88
CA VAL U 48 -1.74 0.39 -13.60
C VAL U 48 -1.71 1.65 -12.74
N GLY U 49 -2.05 1.52 -11.46
CA GLY U 49 -2.02 2.67 -10.57
C GLY U 49 -0.63 3.19 -10.31
N MET U 50 0.36 2.30 -10.23
CA MET U 50 1.74 2.73 -10.02
C MET U 50 2.24 3.54 -11.22
N ALA U 51 1.96 3.05 -12.43
CA ALA U 51 2.34 3.79 -13.63
C ALA U 51 1.61 5.13 -13.70
N HIS U 52 0.32 5.14 -13.36
CA HIS U 52 -0.47 6.36 -13.48
C HIS U 52 -0.07 7.40 -12.44
N GLY U 53 0.13 6.98 -11.20
CA GLY U 53 0.58 7.86 -10.15
C GLY U 53 1.97 8.39 -10.40
N TYR U 54 2.83 7.59 -11.04
CA TYR U 54 4.15 8.09 -11.41
C TYR U 54 4.10 9.11 -12.54
N LEU U 55 3.25 8.89 -13.55
CA LEU U 55 3.22 9.83 -14.67
C LEU U 55 2.48 11.11 -14.30
N LEU U 56 1.51 11.02 -13.38
CA LEU U 56 0.70 12.19 -13.05
C LEU U 56 1.40 13.16 -12.11
N TYR U 57 2.59 12.82 -11.61
CA TYR U 57 3.41 13.79 -10.89
C TYR U 57 4.37 14.44 -11.91
N GLY U 58 3.80 14.83 -13.03
CA GLY U 58 4.52 15.66 -13.98
C GLY U 58 3.84 16.96 -14.34
N PRO U 59 2.52 16.95 -14.54
CA PRO U 59 1.82 18.23 -14.72
C PRO U 59 1.23 18.79 -13.45
N PHE U 60 1.53 18.23 -12.29
CA PHE U 60 1.13 18.90 -11.05
C PHE U 60 2.33 19.48 -10.32
N ALA U 61 3.49 18.83 -10.42
CA ALA U 61 4.68 19.28 -9.70
C ALA U 61 5.27 20.55 -10.30
N VAL U 62 5.40 20.59 -11.62
CA VAL U 62 6.03 21.76 -12.25
C VAL U 62 4.98 22.64 -12.90
N LEU U 63 3.72 22.24 -12.86
CA LEU U 63 2.63 23.03 -13.43
C LEU U 63 1.52 23.16 -12.40
N GLY U 64 1.56 24.25 -11.65
CA GLY U 64 0.58 24.48 -10.63
C GLY U 64 0.61 25.90 -10.12
N PRO U 65 -0.28 26.22 -9.17
CA PRO U 65 -0.25 27.56 -8.58
C PRO U 65 0.97 27.79 -7.70
N LEU U 66 1.62 26.72 -7.24
CA LEU U 66 2.73 26.83 -6.32
C LEU U 66 4.07 26.47 -6.96
N ARG U 67 4.15 26.43 -8.28
CA ARG U 67 5.32 25.89 -8.96
C ARG U 67 6.55 26.78 -8.83
N LEU U 68 6.38 28.05 -8.48
CA LEU U 68 7.51 28.93 -8.17
C LEU U 68 7.86 28.91 -6.69
N THR U 69 7.18 28.09 -5.90
CA THR U 69 7.30 28.05 -4.46
C THR U 69 7.87 26.69 -4.06
N GLU U 70 8.66 26.66 -2.98
CA GLU U 70 9.22 25.44 -2.41
C GLU U 70 8.16 24.44 -1.97
N TYR U 71 6.92 24.89 -1.71
CA TYR U 71 5.80 24.01 -1.45
C TYR U 71 5.22 23.39 -2.71
N GLY U 72 5.77 23.71 -3.87
CA GLY U 72 5.29 23.23 -5.15
C GLY U 72 5.31 21.74 -5.39
N PRO U 73 6.45 21.08 -5.13
CA PRO U 73 6.44 19.60 -5.17
C PRO U 73 5.48 18.95 -4.19
N THR U 74 5.34 19.50 -2.98
CA THR U 74 4.40 18.94 -2.01
C THR U 74 2.95 19.14 -2.46
N ALA U 75 2.66 20.32 -3.02
CA ALA U 75 1.32 20.59 -3.54
C ALA U 75 1.03 19.71 -4.75
N GLY U 76 2.04 19.44 -5.57
CA GLY U 76 1.85 18.52 -6.69
C GLY U 76 1.61 17.09 -6.24
N LEU U 77 2.29 16.68 -5.17
CA LEU U 77 2.02 15.37 -4.57
C LEU U 77 0.60 15.29 -4.04
N LEU U 78 0.15 16.32 -3.33
CA LEU U 78 -1.21 16.33 -2.80
C LEU U 78 -2.26 16.35 -3.91
N ALA U 79 -1.98 17.07 -4.99
CA ALA U 79 -2.91 17.10 -6.12
C ALA U 79 -2.95 15.76 -6.84
N THR U 80 -1.80 15.08 -6.95
CA THR U 80 -1.77 13.75 -7.56
C THR U 80 -2.52 12.74 -6.68
N ILE U 81 -2.37 12.86 -5.36
CA ILE U 81 -3.11 12.00 -4.43
C ILE U 81 -4.61 12.26 -4.54
N GLY U 82 -5.01 13.52 -4.66
CA GLY U 82 -6.41 13.84 -4.82
C GLY U 82 -7.01 13.34 -6.12
N LEU U 83 -6.25 13.46 -7.22
CA LEU U 83 -6.73 12.95 -8.49
C LEU U 83 -6.80 11.42 -8.51
N VAL U 84 -5.83 10.76 -7.89
CA VAL U 84 -5.86 9.29 -7.77
C VAL U 84 -7.04 8.85 -6.91
N SER U 85 -7.34 9.57 -5.83
CA SER U 85 -8.50 9.27 -5.00
C SER U 85 -9.82 9.48 -5.75
N ILE U 86 -9.92 10.54 -6.54
CA ILE U 86 -11.13 10.78 -7.35
C ILE U 86 -11.29 9.67 -8.39
N LEU U 87 -10.20 9.27 -9.04
CA LEU U 87 -10.24 8.20 -10.01
C LEU U 87 -10.57 6.85 -9.37
N THR U 88 -10.11 6.63 -8.14
CA THR U 88 -10.47 5.41 -7.40
C THR U 88 -11.94 5.40 -7.03
N ILE U 89 -12.49 6.55 -6.64
CA ILE U 89 -13.93 6.66 -6.39
C ILE U 89 -14.71 6.39 -7.66
N CYS U 90 -14.23 6.89 -8.79
CA CYS U 90 -14.86 6.62 -10.09
C CYS U 90 -14.82 5.13 -10.45
N LEU U 91 -13.67 4.49 -10.25
CA LEU U 91 -13.56 3.04 -10.48
C LEU U 91 -14.46 2.25 -9.55
N SER U 92 -14.53 2.65 -8.29
CA SER U 92 -15.36 1.96 -7.31
C SER U 92 -16.84 2.07 -7.63
N ILE U 93 -17.31 3.26 -8.03
CA ILE U 93 -18.72 3.39 -8.39
C ILE U 93 -19.02 2.75 -9.73
N TYR U 94 -18.06 2.71 -10.66
CA TYR U 94 -18.24 2.00 -11.92
C TYR U 94 -18.41 0.50 -11.68
N GLY U 95 -17.61 -0.06 -10.77
CA GLY U 95 -17.81 -1.44 -10.39
C GLY U 95 -19.08 -1.66 -9.60
N ALA U 96 -19.45 -0.70 -8.75
CA ALA U 96 -20.59 -0.88 -7.86
C ALA U 96 -21.91 -0.81 -8.61
N VAL U 97 -21.94 -0.11 -9.75
CA VAL U 97 -23.10 -0.20 -10.64
C VAL U 97 -23.29 -1.61 -11.16
N GLY U 98 -22.20 -2.25 -11.59
CA GLY U 98 -22.30 -3.57 -12.17
C GLY U 98 -21.64 -3.59 -13.53
N VAL U 99 -20.64 -4.44 -13.70
CA VAL U 99 -19.82 -4.46 -14.90
C VAL U 99 -20.22 -5.67 -15.75
N SER U 100 -20.01 -5.55 -17.05
CA SER U 100 -20.22 -6.67 -17.96
C SER U 100 -18.85 -7.23 -18.37
N LYS U 101 -18.87 -8.24 -19.21
CA LYS U 101 -17.62 -8.78 -19.72
C LYS U 101 -17.01 -7.78 -20.71
N PRO U 102 -15.71 -7.49 -20.59
CA PRO U 102 -15.11 -6.42 -21.40
C PRO U 102 -15.09 -6.74 -22.88
N THR U 103 -15.02 -5.69 -23.70
CA THR U 103 -15.16 -5.85 -25.14
C THR U 103 -13.96 -6.59 -25.74
N GLU U 104 -14.24 -7.64 -26.48
CA GLU U 104 -13.23 -8.43 -27.17
C GLU U 104 -13.03 -7.86 -28.57
N THR U 105 -11.79 -7.53 -28.89
CA THR U 105 -11.45 -6.95 -30.19
C THR U 105 -10.44 -7.83 -30.89
N LEU U 106 -9.95 -7.35 -32.03
CA LEU U 106 -8.93 -8.07 -32.78
C LEU U 106 -7.60 -8.01 -32.06
N THR U 107 -7.29 -6.89 -31.41
CA THR U 107 -6.05 -6.77 -30.65
C THR U 107 -6.08 -7.65 -29.41
N THR U 108 -7.24 -7.77 -28.77
CA THR U 108 -7.41 -8.53 -27.54
C THR U 108 -8.51 -9.56 -27.74
N PRO U 109 -8.19 -10.72 -28.32
CA PRO U 109 -9.20 -11.78 -28.46
C PRO U 109 -9.64 -12.37 -27.13
N GLU U 110 -8.79 -12.30 -26.10
CA GLU U 110 -9.13 -12.78 -24.76
C GLU U 110 -9.04 -11.60 -23.78
N VAL U 111 -10.16 -11.31 -23.15
CA VAL U 111 -10.24 -10.24 -22.15
C VAL U 111 -10.24 -10.90 -20.79
N PRO U 112 -9.80 -10.19 -19.74
CA PRO U 112 -9.79 -10.79 -18.40
C PRO U 112 -11.19 -11.08 -17.88
N MET U 113 -11.46 -12.36 -17.64
CA MET U 113 -12.70 -12.82 -17.03
C MET U 113 -12.84 -12.38 -15.58
N ASP U 114 -11.73 -12.09 -14.91
CA ASP U 114 -11.76 -11.65 -13.52
C ASP U 114 -12.22 -10.20 -13.37
N LEU U 115 -12.18 -9.42 -14.43
CA LEU U 115 -12.71 -8.06 -14.42
C LEU U 115 -14.15 -7.98 -14.89
N ALA U 116 -14.78 -9.12 -15.15
CA ALA U 116 -16.16 -9.18 -15.59
C ALA U 116 -17.14 -9.25 -14.42
N THR U 117 -16.64 -9.20 -13.19
CA THR U 117 -17.48 -9.27 -11.99
C THR U 117 -17.27 -8.01 -11.16
N LYS U 118 -18.24 -7.74 -10.29
CA LYS U 118 -18.14 -6.57 -9.42
C LYS U 118 -17.04 -6.74 -8.38
N GLU U 119 -16.81 -7.98 -7.94
CA GLU U 119 -15.77 -8.22 -6.94
C GLU U 119 -14.38 -8.04 -7.53
N GLY U 120 -14.20 -8.39 -8.81
CA GLY U 120 -12.92 -8.19 -9.45
C GLY U 120 -12.59 -6.72 -9.66
N TRP U 121 -13.60 -5.93 -10.04
CA TRP U 121 -13.39 -4.50 -10.21
C TRP U 121 -13.21 -3.77 -8.90
N SER U 122 -13.64 -4.34 -7.78
CA SER U 122 -13.34 -3.75 -6.49
C SER U 122 -11.88 -3.98 -6.11
N GLU U 123 -11.35 -5.17 -6.39
CA GLU U 123 -9.93 -5.42 -6.21
C GLU U 123 -9.09 -4.57 -7.13
N PHE U 124 -9.54 -4.36 -8.37
CA PHE U 124 -8.84 -3.48 -9.30
C PHE U 124 -8.82 -2.04 -8.78
N ALA U 125 -9.93 -1.58 -8.21
CA ALA U 125 -9.99 -0.22 -7.67
C ALA U 125 -9.09 -0.06 -6.45
N GLY U 126 -9.07 -1.07 -5.57
CA GLY U 126 -8.19 -1.00 -4.40
C GLY U 126 -6.72 -1.04 -4.78
N GLY U 127 -6.38 -1.89 -5.74
CA GLY U 127 -5.02 -1.90 -6.27
C GLY U 127 -4.65 -0.61 -6.96
N PHE U 128 -5.61 0.02 -7.65
CA PHE U 128 -5.36 1.32 -8.26
C PHE U 128 -5.09 2.38 -7.21
N LEU U 129 -5.83 2.34 -6.09
CA LEU U 129 -5.60 3.29 -5.00
C LEU U 129 -4.21 3.14 -4.41
N LEU U 130 -3.84 1.91 -4.04
CA LEU U 130 -2.53 1.67 -3.45
C LEU U 130 -1.40 1.96 -4.42
N GLY U 131 -1.55 1.57 -5.68
CA GLY U 131 -0.57 1.87 -6.70
C GLY U 131 -0.43 3.34 -7.01
N GLY U 132 -1.54 4.08 -7.10
CA GLY U 132 -1.49 5.50 -7.36
C GLY U 132 -0.84 6.27 -6.24
N CYS U 133 -1.19 5.93 -5.00
CA CYS U 133 -0.54 6.55 -3.85
C CYS U 133 0.95 6.24 -3.80
N GLY U 134 1.31 4.98 -4.04
CA GLY U 134 2.72 4.60 -4.06
C GLY U 134 3.52 5.24 -5.18
N GLY U 135 2.96 5.27 -6.39
CA GLY U 135 3.63 5.91 -7.51
C GLY U 135 3.77 7.41 -7.37
N ALA U 136 2.73 8.10 -6.90
CA ALA U 136 2.81 9.52 -6.62
C ALA U 136 3.83 9.83 -5.53
N PHE U 137 3.85 9.05 -4.45
CA PHE U 137 4.83 9.26 -3.40
C PHE U 137 6.24 8.94 -3.85
N PHE U 138 6.42 7.92 -4.69
CA PHE U 138 7.74 7.57 -5.20
C PHE U 138 8.27 8.65 -6.13
N ALA U 139 7.41 9.19 -7.00
CA ALA U 139 7.81 10.29 -7.86
C ALA U 139 8.10 11.55 -7.06
N PHE U 140 7.34 11.80 -5.99
CA PHE U 140 7.61 12.92 -5.09
C PHE U 140 8.96 12.77 -4.42
N PHE U 141 9.25 11.55 -3.93
CA PHE U 141 10.50 11.28 -3.24
C PHE U 141 11.69 11.42 -4.19
N LEU U 142 11.56 10.90 -5.41
CA LEU U 142 12.63 11.01 -6.40
C LEU U 142 12.84 12.45 -6.83
N CYS U 143 11.77 13.23 -7.00
CA CYS U 143 11.93 14.62 -7.42
C CYS U 143 12.42 15.50 -6.27
N GLN U 144 12.17 15.08 -5.02
CA GLN U 144 12.42 15.97 -3.90
C GLN U 144 13.79 15.73 -3.27
N THR U 145 14.27 14.48 -3.27
CA THR U 145 15.48 14.17 -2.51
C THR U 145 16.79 14.78 -3.04
N PRO U 146 17.05 14.89 -4.35
CA PRO U 146 18.22 15.69 -4.76
C PRO U 146 17.98 17.19 -4.68
N HIS U 147 16.71 17.61 -4.62
CA HIS U 147 16.20 18.97 -4.40
C HIS U 147 16.41 19.90 -5.59
N LEU U 148 17.21 19.50 -6.58
CA LEU U 148 17.25 20.23 -7.84
C LEU U 148 16.94 19.24 -8.96
N GLN U 149 17.71 18.14 -9.09
CA GLN U 149 17.63 17.07 -10.10
C GLN U 149 17.39 17.60 -11.50
N PRO U 150 18.44 18.05 -12.21
CA PRO U 150 18.25 18.92 -13.39
C PRO U 150 17.51 18.30 -14.57
N LEU U 151 17.02 17.06 -14.47
CA LEU U 151 16.02 16.58 -15.41
C LEU U 151 14.70 17.32 -15.26
N ILE U 152 14.36 17.73 -14.03
CA ILE U 152 13.20 18.59 -13.78
C ILE U 152 13.44 20.01 -14.26
N GLU U 153 14.71 20.44 -14.36
CA GLU U 153 15.01 21.71 -15.00
C GLU U 153 14.62 21.70 -16.48
N VAL U 154 14.77 20.54 -17.13
CA VAL U 154 14.18 20.31 -18.45
C VAL U 154 12.68 20.13 -18.23
N ALA U 155 11.87 20.65 -19.16
CA ALA U 155 10.41 20.66 -19.17
C ALA U 155 9.81 21.52 -18.05
N SER U 156 10.64 22.26 -17.33
CA SER U 156 10.18 23.41 -16.57
C SER U 156 10.74 24.70 -17.12
N ASN U 157 11.90 24.63 -17.80
CA ASN U 157 12.35 25.75 -18.63
C ASN U 157 11.46 25.88 -19.86
N ILE U 158 11.00 24.76 -20.40
CA ILE U 158 9.96 24.78 -21.43
C ILE U 158 8.64 25.29 -20.88
N TRP U 159 8.22 24.81 -19.71
CA TRP U 159 6.96 25.24 -19.11
C TRP U 159 7.24 26.36 -18.12
N SER U 160 7.87 27.45 -18.59
CA SER U 160 8.34 28.51 -17.70
C SER U 160 7.20 29.34 -17.13
N SER V 1 -20.89 44.11 15.07
CA SER V 1 -20.96 42.85 14.33
C SER V 1 -21.45 41.72 15.22
N ILE V 2 -21.86 40.62 14.60
CA ILE V 2 -22.32 39.45 15.35
C ILE V 2 -21.10 38.73 15.89
N SER V 3 -21.30 37.87 16.89
CA SER V 3 -20.22 37.18 17.56
C SER V 3 -19.90 35.88 16.83
N GLU V 4 -18.80 35.25 17.25
CA GLU V 4 -18.38 33.99 16.65
C GLU V 4 -19.34 32.87 17.03
N THR V 5 -19.87 32.91 18.25
CA THR V 5 -20.76 31.86 18.73
C THR V 5 -22.11 31.92 18.03
N GLN V 6 -22.52 33.12 17.60
CA GLN V 6 -23.79 33.29 16.92
C GLN V 6 -23.79 32.61 15.55
N VAL V 7 -22.62 32.49 14.92
CA VAL V 7 -22.52 31.81 13.64
C VAL V 7 -22.72 30.31 13.83
N PHE V 8 -22.12 29.73 14.87
CA PHE V 8 -22.31 28.31 15.15
C PHE V 8 -23.72 28.03 15.66
N VAL V 9 -24.31 28.99 16.37
CA VAL V 9 -25.71 28.84 16.80
C VAL V 9 -26.63 28.82 15.59
N ALA V 10 -26.39 29.71 14.62
CA ALA V 10 -27.21 29.73 13.42
C ALA V 10 -26.98 28.51 12.55
N LEU V 11 -25.80 27.89 12.63
CA LEU V 11 -25.54 26.67 11.86
C LEU V 11 -26.30 25.49 12.44
N VAL V 12 -26.28 25.31 13.76
CA VAL V 12 -27.01 24.21 14.36
C VAL V 12 -28.51 24.47 14.39
N ILE V 13 -28.94 25.73 14.29
CA ILE V 13 -30.34 26.01 14.02
C ILE V 13 -30.69 25.59 12.60
N ALA V 14 -29.79 25.86 11.64
CA ALA V 14 -30.00 25.50 10.25
C ALA V 14 -29.99 24.01 9.98
N LEU V 15 -29.53 23.19 10.94
CA LEU V 15 -29.66 21.74 10.80
C LEU V 15 -31.10 21.28 10.99
N ILE V 16 -31.94 22.09 11.62
CA ILE V 16 -33.35 21.73 11.82
C ILE V 16 -34.11 21.83 10.51
N PRO V 17 -33.95 22.86 9.65
CA PRO V 17 -34.43 22.68 8.27
C PRO V 17 -33.54 21.78 7.44
N GLY V 18 -32.32 21.48 7.88
CA GLY V 18 -31.50 20.51 7.17
C GLY V 18 -32.06 19.12 7.23
N ILE V 19 -32.49 18.70 8.43
CA ILE V 19 -33.08 17.38 8.60
C ILE V 19 -34.47 17.31 7.97
N LEU V 20 -35.27 18.36 8.17
CA LEU V 20 -36.65 18.34 7.70
C LEU V 20 -36.76 18.45 6.19
N ALA V 21 -35.76 19.04 5.53
CA ALA V 21 -35.73 19.00 4.07
C ALA V 21 -35.42 17.60 3.56
N PHE V 22 -34.55 16.87 4.27
CA PHE V 22 -34.29 15.48 3.93
C PHE V 22 -35.51 14.62 4.19
N ARG V 23 -36.30 14.94 5.22
CA ARG V 23 -37.49 14.15 5.51
C ARG V 23 -38.61 14.44 4.53
N LEU V 24 -38.73 15.68 4.06
CA LEU V 24 -39.75 15.99 3.07
C LEU V 24 -39.40 15.43 1.70
N ALA V 25 -38.12 15.46 1.33
CA ALA V 25 -37.70 15.02 0.00
C ALA V 25 -37.88 13.52 -0.18
N THR V 26 -37.66 12.74 0.89
CA THR V 26 -37.88 11.30 0.78
C THR V 26 -39.36 10.96 0.74
N GLU V 27 -40.19 11.71 1.46
CA GLU V 27 -41.63 11.46 1.42
C GLU V 27 -42.26 12.00 0.14
N LEU V 28 -41.66 13.03 -0.46
CA LEU V 28 -42.11 13.47 -1.77
C LEU V 28 -41.72 12.47 -2.84
N TYR V 29 -40.63 11.73 -2.62
CA TYR V 29 -40.25 10.64 -3.53
C TYR V 29 -41.27 9.52 -3.48
N LYS V 30 -41.77 9.17 -2.30
CA LYS V 30 -42.76 8.12 -2.14
C LYS V 30 -44.12 8.54 -2.68
N LYS W 1 47.37 -63.29 24.26
CA LYS W 1 46.67 -62.49 23.27
C LYS W 1 47.64 -61.87 22.27
N ALA W 2 48.77 -61.36 22.75
CA ALA W 2 49.79 -60.73 21.91
C ALA W 2 51.05 -61.56 22.00
N LYS W 3 51.33 -62.33 20.94
CA LYS W 3 52.50 -63.18 20.88
C LYS W 3 53.20 -62.99 19.54
N VAL W 4 54.44 -63.47 19.46
CA VAL W 4 55.20 -63.41 18.22
C VAL W 4 55.10 -64.75 17.52
N ILE W 5 54.48 -64.76 16.35
CA ILE W 5 54.42 -65.93 15.49
C ILE W 5 54.73 -65.51 14.07
N VAL W 6 55.66 -66.23 13.43
CA VAL W 6 56.14 -65.90 12.10
C VAL W 6 56.14 -67.16 11.24
N ASP W 7 56.23 -66.94 9.94
CA ASP W 7 56.49 -68.00 8.97
C ASP W 7 57.95 -67.92 8.56
N LYS W 8 58.61 -69.08 8.56
CA LYS W 8 60.03 -69.14 8.21
C LYS W 8 60.20 -69.39 6.72
N ASP W 9 60.95 -68.50 6.07
CA ASP W 9 61.26 -68.47 4.64
C ASP W 9 60.02 -68.55 3.76
N PRO W 10 59.14 -67.54 3.75
CA PRO W 10 57.95 -67.64 2.89
C PRO W 10 58.25 -67.31 1.43
N VAL W 11 59.16 -66.37 1.18
CA VAL W 11 59.52 -65.94 -0.17
C VAL W 11 61.01 -66.18 -0.34
N PRO W 12 61.43 -67.00 -1.31
CA PRO W 12 62.87 -67.17 -1.54
C PRO W 12 63.49 -65.92 -2.15
N THR W 13 64.77 -65.73 -1.86
CA THR W 13 65.52 -64.57 -2.35
C THR W 13 66.24 -64.98 -3.63
N SER W 14 65.62 -64.65 -4.77
CA SER W 14 66.20 -64.96 -6.07
C SER W 14 66.04 -63.77 -6.99
N PHE W 15 66.92 -63.69 -7.98
CA PHE W 15 66.93 -62.60 -8.96
C PHE W 15 66.11 -62.91 -10.20
N GLU W 16 65.40 -64.04 -10.22
CA GLU W 16 64.65 -64.42 -11.41
C GLU W 16 63.44 -63.52 -11.63
N LYS W 17 62.84 -63.01 -10.55
CA LYS W 17 61.73 -62.07 -10.67
C LYS W 17 62.18 -60.64 -10.89
N TRP W 18 63.47 -60.34 -10.70
CA TRP W 18 63.98 -59.00 -10.99
C TRP W 18 63.96 -58.74 -12.50
N GLY W 19 64.24 -59.76 -13.29
CA GLY W 19 64.21 -59.66 -14.73
C GLY W 19 62.86 -59.90 -15.36
N LYS W 20 61.81 -60.02 -14.55
CA LYS W 20 60.47 -60.22 -15.04
C LYS W 20 59.57 -59.11 -14.49
N PRO W 21 59.57 -57.93 -15.11
CA PRO W 21 58.73 -56.84 -14.61
C PRO W 21 57.25 -57.12 -14.79
N GLY W 22 56.44 -56.57 -13.89
CA GLY W 22 55.02 -56.82 -13.93
C GLY W 22 54.61 -58.13 -13.32
N HIS W 23 55.50 -58.75 -12.54
CA HIS W 23 55.20 -60.04 -11.91
C HIS W 23 54.13 -59.92 -10.83
N PHE W 24 53.97 -58.74 -10.22
CA PHE W 24 53.05 -58.59 -9.11
C PHE W 24 51.59 -58.56 -9.53
N ASP W 25 51.30 -58.23 -10.78
CA ASP W 25 49.93 -58.21 -11.28
C ASP W 25 49.77 -59.27 -12.36
N ARG W 26 48.57 -59.86 -12.39
CA ARG W 26 48.27 -60.85 -13.42
C ARG W 26 48.14 -60.20 -14.79
N THR W 27 47.53 -59.01 -14.86
CA THR W 27 47.35 -58.32 -16.13
C THR W 27 48.67 -57.79 -16.68
N LEU W 28 49.60 -57.43 -15.79
CA LEU W 28 50.89 -56.91 -16.20
C LEU W 28 51.86 -58.00 -16.65
N ALA W 29 51.53 -59.27 -16.41
CA ALA W 29 52.45 -60.37 -16.69
C ALA W 29 52.30 -60.95 -18.09
N ARG W 30 51.28 -60.57 -18.85
CA ARG W 30 51.13 -61.06 -20.21
C ARG W 30 52.17 -60.49 -21.17
N GLY W 31 52.79 -59.37 -20.83
CA GLY W 31 53.77 -58.77 -21.70
C GLY W 31 53.34 -57.40 -22.18
N PRO W 32 54.31 -56.54 -22.48
CA PRO W 32 54.03 -55.18 -22.97
C PRO W 32 53.59 -55.11 -24.44
N LYS W 33 52.29 -55.28 -24.67
CA LYS W 33 51.80 -55.12 -26.04
C LYS W 33 51.69 -53.65 -26.42
N THR W 34 51.34 -52.79 -25.47
CA THR W 34 51.23 -51.35 -25.67
C THR W 34 52.08 -50.63 -24.63
N THR W 35 52.29 -49.33 -24.84
CA THR W 35 53.04 -48.52 -23.88
C THR W 35 52.24 -48.22 -22.61
N THR W 36 50.95 -48.52 -22.58
CA THR W 36 50.18 -48.39 -21.36
C THR W 36 50.63 -49.41 -20.32
N TRP W 37 51.22 -50.51 -20.76
CA TRP W 37 51.83 -51.48 -19.85
C TRP W 37 52.94 -50.86 -19.03
N ILE W 38 53.75 -50.00 -19.63
CA ILE W 38 54.87 -49.36 -18.94
C ILE W 38 54.36 -48.44 -17.82
N TRP W 39 53.32 -47.65 -18.09
CA TRP W 39 52.79 -46.77 -17.06
C TRP W 39 52.00 -47.53 -16.01
N ASN W 40 51.34 -48.63 -16.41
CA ASN W 40 50.67 -49.48 -15.43
C ASN W 40 51.64 -50.23 -14.55
N LEU W 41 52.87 -50.43 -15.03
CA LEU W 41 53.92 -51.04 -14.21
C LEU W 41 54.26 -50.17 -13.01
N HIS W 42 54.24 -48.85 -13.18
CA HIS W 42 54.60 -47.95 -12.10
C HIS W 42 53.39 -47.50 -11.30
N ALA W 43 52.22 -47.43 -11.95
CA ALA W 43 51.02 -47.00 -11.25
C ALA W 43 50.56 -48.03 -10.23
N ASP W 44 50.79 -49.31 -10.49
CA ASP W 44 50.34 -50.39 -9.62
C ASP W 44 51.48 -51.13 -8.95
N ALA W 45 52.67 -50.52 -8.86
CA ALA W 45 53.81 -51.20 -8.26
C ALA W 45 53.67 -51.32 -6.75
N HIS W 46 53.11 -50.30 -6.10
CA HIS W 46 52.97 -50.29 -4.65
C HIS W 46 51.56 -50.61 -4.19
N ASP W 47 50.59 -50.69 -5.09
CA ASP W 47 49.22 -51.02 -4.72
C ASP W 47 49.17 -52.51 -4.41
N PHE W 48 49.48 -52.84 -3.15
CA PHE W 48 49.59 -54.24 -2.74
C PHE W 48 48.23 -54.91 -2.64
N ASP W 49 47.15 -54.15 -2.49
CA ASP W 49 45.81 -54.73 -2.41
C ASP W 49 45.37 -55.28 -3.75
N SER W 50 45.73 -54.61 -4.85
CA SER W 50 45.37 -55.11 -6.17
C SER W 50 46.24 -56.28 -6.59
N GLN W 51 47.40 -56.44 -5.95
CA GLN W 51 48.28 -57.55 -6.30
C GLN W 51 47.78 -58.86 -5.71
N THR W 52 47.69 -58.93 -4.38
CA THR W 52 47.23 -60.14 -3.70
C THR W 52 45.94 -59.82 -2.94
N SER W 53 45.09 -60.83 -2.82
CA SER W 53 43.84 -60.69 -2.08
C SER W 53 43.97 -61.06 -0.62
N ASP W 54 45.11 -61.61 -0.20
CA ASP W 54 45.31 -62.03 1.18
C ASP W 54 45.88 -60.87 1.99
N LEU W 55 45.19 -60.50 3.07
CA LEU W 55 45.60 -59.35 3.88
C LEU W 55 46.93 -59.61 4.60
N GLU W 56 47.25 -60.87 4.89
CA GLU W 56 48.51 -61.21 5.54
C GLU W 56 49.70 -60.89 4.64
N ASP W 57 49.61 -61.25 3.35
CA ASP W 57 50.69 -60.97 2.41
C ASP W 57 50.81 -59.47 2.17
N ILE W 58 49.68 -58.76 2.13
CA ILE W 58 49.69 -57.31 1.98
C ILE W 58 50.37 -56.63 3.16
N SER W 59 50.04 -57.07 4.38
CA SER W 59 50.67 -56.51 5.57
C SER W 59 52.15 -56.85 5.64
N ARG W 60 52.54 -58.04 5.18
CA ARG W 60 53.96 -58.40 5.12
C ARG W 60 54.71 -57.51 4.15
N LYS W 61 54.13 -57.25 2.97
CA LYS W 61 54.74 -56.37 1.99
C LYS W 61 54.88 -54.95 2.53
N ILE W 62 53.84 -54.47 3.24
CA ILE W 62 53.87 -53.13 3.82
C ILE W 62 54.94 -53.02 4.90
N PHE W 63 55.01 -54.04 5.79
CA PHE W 63 56.00 -54.04 6.85
C PHE W 63 57.42 -54.09 6.32
N SER W 64 57.66 -54.89 5.27
CA SER W 64 58.98 -54.94 4.69
C SER W 64 59.32 -53.71 3.84
N ALA W 65 58.32 -53.04 3.26
CA ALA W 65 58.58 -51.82 2.52
C ALA W 65 58.84 -50.62 3.42
N HIS W 66 58.28 -50.62 4.63
CA HIS W 66 58.60 -49.59 5.61
C HIS W 66 60.08 -49.58 5.97
N PHE W 67 60.70 -50.76 6.06
CA PHE W 67 62.12 -50.84 6.35
C PHE W 67 62.96 -50.28 5.21
N GLY W 68 62.57 -50.54 3.97
CA GLY W 68 63.27 -49.96 2.84
C GLY W 68 63.11 -48.46 2.77
N HIS W 69 61.93 -47.95 3.09
CA HIS W 69 61.75 -46.50 3.17
C HIS W 69 62.58 -45.88 4.28
N LEU W 70 62.64 -46.54 5.44
CA LEU W 70 63.49 -46.06 6.53
C LEU W 70 64.95 -46.12 6.16
N ALA W 71 65.37 -47.10 5.37
CA ALA W 71 66.74 -47.16 4.88
C ALA W 71 67.03 -46.00 3.93
N VAL W 72 66.06 -45.64 3.08
CA VAL W 72 66.22 -44.50 2.19
C VAL W 72 66.34 -43.20 2.98
N VAL W 73 65.48 -43.04 4.01
CA VAL W 73 65.52 -41.85 4.85
C VAL W 73 66.82 -41.78 5.64
N PHE W 74 67.33 -42.93 6.09
CA PHE W 74 68.58 -42.94 6.83
C PHE W 74 69.78 -42.67 5.92
N VAL W 75 69.74 -43.12 4.66
CA VAL W 75 70.75 -42.74 3.69
C VAL W 75 70.73 -41.24 3.46
N TRP W 76 69.53 -40.65 3.37
CA TRP W 76 69.41 -39.20 3.22
C TRP W 76 69.98 -38.45 4.42
N LEU W 77 69.63 -38.89 5.63
CA LEU W 77 70.11 -38.23 6.84
C LEU W 77 71.62 -38.37 7.02
N SER W 78 72.14 -39.55 6.70
CA SER W 78 73.59 -39.75 6.72
C SER W 78 74.30 -38.92 5.67
N GLY W 79 73.67 -38.71 4.51
CA GLY W 79 74.23 -37.81 3.53
C GLY W 79 74.25 -36.37 3.99
N MET W 80 73.22 -35.94 4.73
CA MET W 80 73.24 -34.58 5.26
C MET W 80 74.30 -34.39 6.33
N TYR W 81 74.46 -35.38 7.20
CA TYR W 81 75.51 -35.31 8.21
C TYR W 81 76.90 -35.40 7.59
N PHE W 82 77.05 -36.17 6.50
CA PHE W 82 78.33 -36.23 5.80
C PHE W 82 78.64 -34.91 5.10
N HIS W 83 77.62 -34.25 4.55
CA HIS W 83 77.85 -32.94 3.94
C HIS W 83 78.19 -31.89 4.98
N GLY W 84 77.59 -31.99 6.17
CA GLY W 84 78.03 -31.15 7.28
C GLY W 84 79.43 -31.43 7.73
N ALA W 85 79.84 -32.70 7.70
CA ALA W 85 81.16 -33.11 8.15
C ALA W 85 82.27 -32.75 7.17
N LYS W 86 82.02 -32.86 5.87
CA LYS W 86 83.07 -32.73 4.88
C LYS W 86 82.98 -31.48 4.03
N PHE W 87 81.80 -31.08 3.59
CA PHE W 87 81.64 -30.02 2.62
C PHE W 87 80.87 -28.85 3.20
N SER W 88 81.19 -28.47 4.43
CA SER W 88 80.47 -27.41 5.10
C SER W 88 81.43 -26.52 5.88
N ASN W 89 80.94 -25.34 6.24
CA ASN W 89 81.66 -24.41 7.11
C ASN W 89 81.10 -24.39 8.52
N TYR W 90 80.70 -25.56 9.04
CA TYR W 90 80.06 -25.62 10.35
C TYR W 90 81.03 -25.23 11.46
N SER W 91 82.29 -25.64 11.36
CA SER W 91 83.29 -25.22 12.33
C SER W 91 83.55 -23.72 12.23
N ALA W 92 83.51 -23.18 11.01
CA ALA W 92 83.60 -21.73 10.84
C ALA W 92 82.34 -21.03 11.32
N TRP W 93 81.17 -21.65 11.12
CA TRP W 93 79.91 -21.04 11.53
C TRP W 93 79.77 -21.00 13.04
N LEU W 94 80.34 -21.98 13.75
CA LEU W 94 80.21 -22.01 15.21
C LEU W 94 81.02 -20.90 15.87
N ALA W 95 82.10 -20.44 15.23
CA ALA W 95 82.88 -19.35 15.79
C ALA W 95 82.13 -18.02 15.71
N ASP W 96 81.56 -17.73 14.53
CA ASP W 96 80.87 -16.47 14.28
C ASP W 96 79.52 -16.76 13.62
N PRO W 97 78.50 -17.10 14.40
CA PRO W 97 77.20 -17.43 13.82
C PRO W 97 76.33 -16.25 13.44
N LEU W 98 76.80 -15.02 13.65
CA LEU W 98 76.02 -13.83 13.32
C LEU W 98 76.46 -13.16 12.03
N ASN W 99 77.59 -13.56 11.45
CA ASN W 99 78.06 -12.95 10.22
C ASN W 99 78.49 -13.97 9.17
N ILE W 100 78.35 -15.26 9.44
CA ILE W 100 78.70 -16.32 8.50
C ILE W 100 77.44 -17.10 8.17
N LYS W 101 77.13 -17.22 6.89
CA LYS W 101 75.94 -17.93 6.46
C LYS W 101 76.19 -19.44 6.45
N PRO W 102 75.17 -20.23 6.78
CA PRO W 102 75.33 -21.69 6.76
C PRO W 102 75.41 -22.21 5.33
N SER W 103 76.46 -22.98 5.05
CA SER W 103 76.65 -23.59 3.74
C SER W 103 77.10 -25.03 3.92
N ALA W 104 76.49 -25.95 3.19
CA ALA W 104 76.84 -27.36 3.30
C ALA W 104 76.89 -28.06 1.95
N GLN W 105 77.08 -27.32 0.86
CA GLN W 105 77.12 -27.94 -0.46
C GLN W 105 77.99 -27.08 -1.37
N VAL W 106 79.11 -27.63 -1.82
CA VAL W 106 79.95 -26.98 -2.81
C VAL W 106 79.54 -27.48 -4.18
N VAL W 107 79.81 -26.66 -5.20
CA VAL W 107 79.41 -26.94 -6.57
C VAL W 107 80.67 -27.15 -7.39
N TRP W 108 80.71 -28.23 -8.17
CA TRP W 108 81.88 -28.58 -8.94
C TRP W 108 82.08 -27.60 -10.10
N PRO W 109 83.30 -27.12 -10.33
CA PRO W 109 83.57 -26.18 -11.44
C PRO W 109 83.91 -26.85 -12.76
N VAL W 110 82.88 -27.29 -13.48
CA VAL W 110 83.07 -27.89 -14.80
C VAL W 110 82.56 -26.94 -15.88
N VAL W 111 81.53 -26.17 -15.55
CA VAL W 111 81.00 -25.12 -16.41
C VAL W 111 80.95 -23.88 -15.53
N GLY W 112 80.29 -22.82 -15.99
CA GLY W 112 80.24 -21.60 -15.20
C GLY W 112 79.41 -21.63 -13.93
N GLN W 113 79.10 -22.81 -13.40
CA GLN W 113 78.36 -22.94 -12.14
C GLN W 113 79.23 -22.72 -10.91
N ASP W 114 80.52 -22.39 -11.10
CA ASP W 114 81.38 -22.02 -9.98
C ASP W 114 80.93 -20.71 -9.36
N ILE W 115 80.14 -19.91 -10.09
CA ILE W 115 79.53 -18.69 -9.58
C ILE W 115 78.46 -19.04 -8.55
N LEU W 116 77.96 -20.28 -8.57
CA LEU W 116 76.94 -20.70 -7.61
C LEU W 116 77.52 -20.93 -6.22
N ASN W 117 78.84 -20.95 -6.08
CA ASN W 117 79.50 -21.03 -4.78
C ASN W 117 79.50 -19.62 -4.18
N ALA W 118 78.53 -19.35 -3.32
CA ALA W 118 78.38 -18.03 -2.72
C ALA W 118 79.47 -17.77 -1.69
N ASP W 119 79.87 -16.51 -1.59
CA ASP W 119 80.79 -16.09 -0.54
C ASP W 119 80.01 -15.93 0.76
N VAL W 120 80.17 -16.87 1.67
CA VAL W 120 79.37 -16.91 2.89
C VAL W 120 80.17 -16.63 4.15
N GLY W 121 81.50 -16.53 4.07
CA GLY W 121 82.29 -16.17 5.23
C GLY W 121 83.26 -17.26 5.67
N GLY W 122 84.36 -16.85 6.29
CA GLY W 122 85.34 -17.80 6.76
C GLY W 122 86.20 -18.42 5.69
N GLY W 123 86.29 -17.78 4.52
CA GLY W 123 87.04 -18.35 3.41
C GLY W 123 86.44 -19.61 2.84
N PHE W 124 85.11 -19.71 2.84
CA PHE W 124 84.40 -20.87 2.31
C PHE W 124 83.43 -20.41 1.23
N HIS W 125 83.44 -21.11 0.10
CA HIS W 125 82.54 -20.82 -1.00
C HIS W 125 81.63 -22.02 -1.20
N GLY W 126 80.32 -21.77 -1.21
CA GLY W 126 79.37 -22.85 -1.37
C GLY W 126 77.96 -22.30 -1.41
N ILE W 127 77.01 -23.20 -1.49
CA ILE W 127 75.59 -22.83 -1.54
C ILE W 127 75.10 -22.57 -0.13
N GLN W 128 74.51 -21.40 0.08
CA GLN W 128 73.92 -21.06 1.37
C GLN W 128 72.69 -21.92 1.60
N ILE W 129 72.82 -22.91 2.48
CA ILE W 129 71.72 -23.81 2.77
C ILE W 129 70.73 -23.13 3.70
N THR W 130 69.47 -23.54 3.61
CA THR W 130 68.39 -23.00 4.44
C THR W 130 67.63 -24.11 5.16
N SER W 131 68.20 -25.30 5.23
CA SER W 131 67.53 -26.43 5.87
C SER W 131 67.51 -26.34 7.38
N GLY W 132 68.36 -25.52 7.97
CA GLY W 132 68.42 -25.45 9.42
C GLY W 132 69.14 -26.60 10.08
N PHE W 133 70.00 -27.30 9.33
CA PHE W 133 70.78 -28.37 9.93
C PHE W 133 71.83 -27.82 10.87
N PHE W 134 72.38 -26.65 10.56
CA PHE W 134 73.47 -26.08 11.37
C PHE W 134 72.96 -25.67 12.74
N GLN W 135 71.80 -25.01 12.80
CA GLN W 135 71.19 -24.65 14.07
C GLN W 135 70.74 -25.88 14.84
N LEU W 136 70.31 -26.92 14.14
CA LEU W 136 69.96 -28.18 14.78
C LEU W 136 71.17 -28.85 15.42
N TRP W 137 72.33 -28.80 14.75
CA TRP W 137 73.53 -29.40 15.32
C TRP W 137 74.10 -28.55 16.45
N ARG W 138 73.91 -27.23 16.38
CA ARG W 138 74.30 -26.39 17.51
C ARG W 138 73.41 -26.64 18.72
N ALA W 139 72.12 -26.88 18.51
CA ALA W 139 71.25 -27.24 19.61
C ALA W 139 71.49 -28.66 20.11
N SER W 140 72.09 -29.51 19.28
CA SER W 140 72.42 -30.86 19.69
C SER W 140 73.75 -30.95 20.43
N GLY W 141 74.48 -29.83 20.53
CA GLY W 141 75.76 -29.84 21.17
C GLY W 141 76.92 -30.29 20.31
N ILE W 142 76.73 -30.39 19.00
CA ILE W 142 77.81 -30.80 18.11
C ILE W 142 78.76 -29.62 17.92
N THR W 143 80.03 -29.82 18.25
CA THR W 143 81.03 -28.76 18.18
C THR W 143 82.02 -28.90 17.05
N ASN W 144 82.30 -30.12 16.60
CA ASN W 144 83.25 -30.34 15.52
C ASN W 144 82.66 -31.26 14.47
N GLU W 145 83.30 -31.27 13.31
CA GLU W 145 82.85 -32.02 12.14
C GLU W 145 83.09 -33.51 12.26
N TYR W 146 83.93 -33.95 13.20
CA TYR W 146 84.13 -35.37 13.43
C TYR W 146 82.88 -35.99 14.04
N GLN W 147 82.16 -35.24 14.88
CA GLN W 147 80.91 -35.73 15.45
C GLN W 147 79.81 -35.83 14.39
N LEU W 148 79.90 -35.02 13.34
CA LEU W 148 79.02 -35.18 12.19
C LEU W 148 79.42 -36.37 11.33
N TYR W 149 80.73 -36.61 11.18
CA TYR W 149 81.20 -37.77 10.42
C TYR W 149 80.81 -39.08 11.08
N CYS W 150 80.91 -39.14 12.41
CA CYS W 150 80.46 -40.32 13.15
C CYS W 150 78.97 -40.55 13.00
N THR W 151 78.18 -39.48 12.99
CA THR W 151 76.73 -39.62 12.82
C THR W 151 76.38 -40.05 11.41
N ALA W 152 77.15 -39.60 10.41
CA ALA W 152 76.95 -40.06 9.04
C ALA W 152 77.28 -41.54 8.89
N ILE W 153 78.37 -41.98 9.53
CA ILE W 153 78.73 -43.40 9.51
C ILE W 153 77.64 -44.23 10.21
N GLY W 154 77.16 -43.77 11.36
CA GLY W 154 76.05 -44.42 12.04
C GLY W 154 74.76 -44.44 11.24
N GLY W 155 74.50 -43.39 10.46
CA GLY W 155 73.35 -43.39 9.57
C GLY W 155 73.46 -44.40 8.46
N LEU W 156 74.67 -44.56 7.90
CA LEU W 156 74.88 -45.62 6.90
C LEU W 156 74.72 -47.01 7.50
N VAL W 157 75.25 -47.22 8.72
CA VAL W 157 75.10 -48.51 9.39
C VAL W 157 73.63 -48.79 9.70
N MET W 158 72.89 -47.78 10.15
CA MET W 158 71.48 -47.95 10.43
C MET W 158 70.67 -48.18 9.16
N ALA W 159 71.05 -47.55 8.05
CA ALA W 159 70.37 -47.78 6.78
C ALA W 159 70.60 -49.20 6.27
N GLY W 160 71.83 -49.70 6.37
CA GLY W 160 72.09 -51.09 6.07
C GLY W 160 71.37 -52.06 6.98
N LEU W 161 71.26 -51.71 8.27
CA LEU W 161 70.50 -52.52 9.22
C LEU W 161 69.02 -52.56 8.86
N MET W 162 68.45 -51.42 8.44
CA MET W 162 67.06 -51.38 8.01
C MET W 162 66.83 -52.15 6.71
N LEU W 163 67.79 -52.11 5.78
CA LEU W 163 67.70 -52.93 4.58
C LEU W 163 67.74 -54.42 4.91
N PHE W 164 68.63 -54.81 5.83
CA PHE W 164 68.68 -56.20 6.26
C PHE W 164 67.41 -56.63 6.98
N ALA W 165 66.82 -55.73 7.77
CA ALA W 165 65.57 -56.04 8.44
C ALA W 165 64.42 -56.17 7.44
N GLY W 166 64.42 -55.35 6.39
CA GLY W 166 63.40 -55.48 5.36
C GLY W 166 63.52 -56.77 4.56
N TRP W 167 64.76 -57.20 4.31
CA TRP W 167 64.94 -58.52 3.69
C TRP W 167 64.55 -59.64 4.64
N PHE W 168 64.85 -59.48 5.93
CA PHE W 168 64.60 -60.51 6.93
C PHE W 168 63.12 -60.72 7.16
N HIS W 169 62.34 -59.64 7.20
CA HIS W 169 60.93 -59.73 7.54
C HIS W 169 60.06 -60.01 6.33
N TYR W 170 60.66 -60.25 5.17
CA TYR W 170 59.91 -60.74 4.02
C TYR W 170 60.44 -62.05 3.46
N HIS W 171 61.69 -62.43 3.74
CA HIS W 171 62.27 -63.62 3.14
C HIS W 171 62.79 -64.64 4.13
N LYS W 172 62.94 -64.28 5.42
CA LYS W 172 63.45 -65.22 6.40
C LYS W 172 62.45 -65.50 7.51
N ALA W 173 61.91 -64.46 8.15
CA ALA W 173 60.96 -64.62 9.25
C ALA W 173 59.91 -63.54 9.10
N ALA W 174 58.80 -63.88 8.45
CA ALA W 174 57.78 -62.88 8.16
C ALA W 174 56.60 -63.07 9.09
N PRO W 175 56.13 -62.01 9.76
CA PRO W 175 55.07 -62.17 10.76
C PRO W 175 53.73 -62.51 10.14
N LYS W 176 52.88 -63.15 10.93
CA LYS W 176 51.58 -63.59 10.48
C LYS W 176 50.59 -62.42 10.52
N LEU W 177 49.34 -62.69 10.14
CA LEU W 177 48.32 -61.66 10.12
C LEU W 177 47.94 -61.20 11.52
N GLU W 178 47.84 -62.13 12.48
CA GLU W 178 47.46 -61.77 13.84
C GLU W 178 48.59 -61.08 14.60
N TRP W 179 49.81 -61.08 14.06
CA TRP W 179 50.86 -60.21 14.60
C TRP W 179 50.60 -58.74 14.27
N PHE W 180 49.76 -58.47 13.27
CA PHE W 180 49.37 -57.10 12.94
C PHE W 180 48.04 -56.71 13.57
N GLN W 181 47.14 -57.67 13.83
CA GLN W 181 45.83 -57.33 14.33
C GLN W 181 45.86 -56.81 15.76
N ASN W 182 46.81 -57.27 16.57
CA ASN W 182 46.96 -56.77 17.94
C ASN W 182 47.63 -55.40 17.88
N VAL W 183 46.83 -54.39 17.55
CA VAL W 183 47.27 -53.00 17.56
C VAL W 183 47.40 -52.45 18.97
N GLU W 184 46.93 -53.20 19.97
CA GLU W 184 47.06 -52.80 21.36
C GLU W 184 48.53 -52.75 21.77
N SER W 185 49.24 -53.85 21.52
CA SER W 185 50.67 -53.94 21.77
C SER W 185 51.45 -52.96 20.92
N MET W 186 51.04 -52.80 19.66
CA MET W 186 51.69 -51.87 18.74
C MET W 186 51.61 -50.45 19.25
N MET W 187 50.43 -50.06 19.72
CA MET W 187 50.22 -48.68 20.15
C MET W 187 50.88 -48.44 21.51
N ASN W 188 50.89 -49.46 22.37
CA ASN W 188 51.60 -49.35 23.64
C ASN W 188 53.10 -49.20 23.43
N HIS W 189 53.66 -49.92 22.47
CA HIS W 189 55.08 -49.82 22.19
C HIS W 189 55.44 -48.62 21.33
N HIS W 190 54.47 -48.00 20.67
CA HIS W 190 54.73 -46.75 19.97
C HIS W 190 54.56 -45.52 20.83
N LEU W 191 53.69 -45.59 21.84
CA LEU W 191 53.53 -44.46 22.75
C LEU W 191 54.65 -44.44 23.80
N ALA W 192 54.74 -45.50 24.60
CA ALA W 192 55.76 -45.55 25.64
C ALA W 192 57.15 -45.83 25.08
N GLY W 193 57.25 -46.75 24.12
CA GLY W 193 58.55 -47.23 23.70
C GLY W 193 59.21 -46.45 22.57
N LEU W 194 58.43 -45.76 21.74
CA LEU W 194 58.98 -44.98 20.65
C LEU W 194 58.95 -43.49 20.91
N LEU W 195 57.76 -42.94 21.17
CA LEU W 195 57.67 -41.53 21.51
C LEU W 195 58.15 -41.26 22.93
N GLY W 196 57.73 -42.06 23.89
CA GLY W 196 58.12 -41.89 25.28
C GLY W 196 59.58 -42.12 25.55
N LEU W 197 60.10 -43.28 25.13
CA LEU W 197 61.52 -43.56 25.32
C LEU W 197 62.40 -42.68 24.43
N GLY W 198 61.92 -42.34 23.24
CA GLY W 198 62.68 -41.45 22.38
C GLY W 198 62.82 -40.06 22.95
N SER W 199 61.72 -39.50 23.46
CA SER W 199 61.78 -38.20 24.09
C SER W 199 62.48 -38.24 25.44
N LEU W 200 62.45 -39.38 26.13
CA LEU W 200 63.23 -39.51 27.36
C LEU W 200 64.72 -39.56 27.09
N GLY W 201 65.12 -40.29 26.04
CA GLY W 201 66.52 -40.29 25.65
C GLY W 201 66.98 -38.93 25.16
N TRP W 202 66.12 -38.22 24.43
CA TRP W 202 66.50 -36.88 24.00
C TRP W 202 66.53 -35.91 25.17
N ALA W 203 65.66 -36.10 26.16
CA ALA W 203 65.72 -35.30 27.38
C ALA W 203 67.02 -35.55 28.12
N GLY W 204 67.45 -36.81 28.20
CA GLY W 204 68.73 -37.11 28.81
C GLY W 204 69.92 -36.54 28.06
N HIS W 205 69.86 -36.57 26.73
CA HIS W 205 70.90 -35.95 25.92
C HIS W 205 70.93 -34.45 26.13
N GLN W 206 69.75 -33.81 26.18
CA GLN W 206 69.70 -32.37 26.38
C GLN W 206 70.11 -31.99 27.79
N ILE W 207 69.93 -32.88 28.76
CA ILE W 207 70.49 -32.63 30.09
C ILE W 207 72.01 -32.72 30.06
N HIS W 208 72.55 -33.80 29.48
CA HIS W 208 73.96 -34.08 29.63
C HIS W 208 74.86 -33.50 28.55
N VAL W 209 74.32 -33.21 27.37
CA VAL W 209 75.18 -32.77 26.26
C VAL W 209 74.81 -31.37 25.80
N SER W 210 73.54 -31.18 25.45
CA SER W 210 73.13 -29.94 24.79
C SER W 210 73.20 -28.76 25.75
N LEU W 211 72.74 -28.92 26.98
CA LEU W 211 72.73 -27.84 27.96
C LEU W 211 74.11 -27.34 28.39
N PRO W 212 75.08 -28.18 28.78
CA PRO W 212 76.39 -27.60 29.14
C PRO W 212 77.14 -27.02 27.96
N ILE W 213 77.12 -27.69 26.81
CA ILE W 213 77.82 -27.21 25.63
C ILE W 213 77.21 -25.91 25.13
N ASN W 214 75.87 -25.84 25.12
CA ASN W 214 75.22 -24.60 24.70
C ASN W 214 75.35 -23.48 25.70
N LYS W 215 75.43 -23.78 27.01
CA LYS W 215 75.65 -22.72 27.98
C LYS W 215 77.08 -22.18 27.88
N LEU W 216 78.05 -23.05 27.61
CA LEU W 216 79.41 -22.57 27.34
C LEU W 216 79.48 -21.81 26.03
N LEU W 217 78.69 -22.20 25.04
CA LEU W 217 78.66 -21.48 23.76
C LEU W 217 78.08 -20.08 23.93
N ASP W 218 77.00 -19.96 24.68
CA ASP W 218 76.39 -18.65 24.94
C ASP W 218 77.19 -17.82 25.92
N ALA W 219 78.02 -18.45 26.76
CA ALA W 219 78.85 -17.70 27.70
C ALA W 219 80.05 -17.05 27.04
N GLY W 220 80.37 -17.40 25.80
CA GLY W 220 81.46 -16.78 25.08
C GLY W 220 82.71 -17.62 24.93
N VAL W 221 82.60 -18.94 25.04
CA VAL W 221 83.74 -19.83 24.89
C VAL W 221 83.77 -20.35 23.46
N ALA W 222 84.96 -20.31 22.85
CA ALA W 222 85.12 -20.81 21.50
C ALA W 222 84.95 -22.32 21.47
N PRO W 223 84.38 -22.88 20.40
CA PRO W 223 84.02 -24.31 20.42
C PRO W 223 85.20 -25.28 20.46
N ASN W 224 86.40 -24.86 20.09
CA ASN W 224 87.52 -25.79 20.13
C ASN W 224 88.31 -25.73 21.43
N GLU W 225 87.92 -24.89 22.39
CA GLU W 225 88.30 -25.08 23.78
C GLU W 225 87.15 -25.58 24.63
N ILE W 226 85.96 -25.71 24.06
CA ILE W 226 84.83 -26.30 24.78
C ILE W 226 85.08 -27.79 24.97
N PRO W 227 84.92 -28.34 26.16
CA PRO W 227 85.17 -29.78 26.37
C PRO W 227 84.18 -30.64 25.61
N LEU W 228 84.63 -31.83 25.24
CA LEU W 228 83.78 -32.79 24.57
C LEU W 228 82.69 -33.28 25.54
N PRO W 229 81.53 -33.70 25.03
CA PRO W 229 80.42 -34.04 25.93
C PRO W 229 80.63 -35.30 26.76
N HIS W 230 81.68 -36.07 26.53
CA HIS W 230 81.84 -37.29 27.31
C HIS W 230 82.63 -37.07 28.59
N GLU W 231 83.46 -36.04 28.68
CA GLU W 231 84.06 -35.70 29.97
C GLU W 231 83.12 -34.91 30.86
N PHE W 232 81.98 -34.46 30.33
CA PHE W 232 80.94 -33.93 31.21
C PHE W 232 80.31 -35.05 32.03
N ILE W 233 80.22 -36.25 31.45
CA ILE W 233 79.71 -37.41 32.16
C ILE W 233 80.81 -38.10 32.97
N LEU W 234 81.99 -38.26 32.37
CA LEU W 234 83.09 -38.94 33.05
C LEU W 234 83.60 -38.13 34.24
N ASP W 235 83.65 -36.80 34.09
CA ASP W 235 84.02 -35.93 35.20
C ASP W 235 82.84 -35.05 35.55
N PRO W 236 82.07 -35.38 36.59
CA PRO W 236 80.91 -34.55 36.97
C PRO W 236 81.27 -33.23 37.64
N ALA W 237 82.54 -33.00 37.97
CA ALA W 237 82.93 -31.72 38.53
C ALA W 237 82.80 -30.59 37.50
N LYS W 238 83.23 -30.85 36.26
CA LYS W 238 83.06 -29.87 35.19
C LYS W 238 81.59 -29.71 34.82
N MET W 239 80.79 -30.75 35.02
CA MET W 239 79.37 -30.67 34.76
C MET W 239 78.65 -29.91 35.87
N ALA W 240 79.20 -29.93 37.09
CA ALA W 240 78.56 -29.32 38.25
C ALA W 240 79.09 -27.93 38.57
N GLU W 241 80.18 -27.47 37.92
CA GLU W 241 80.61 -26.10 38.14
C GLU W 241 79.64 -25.09 37.53
N LEU W 242 78.96 -25.45 36.46
CA LEU W 242 77.84 -24.69 35.92
C LEU W 242 76.57 -25.49 36.18
N TYR W 243 75.48 -24.78 36.51
CA TYR W 243 74.24 -25.37 37.03
C TYR W 243 74.56 -26.23 38.25
N PRO W 244 74.82 -25.62 39.41
CA PRO W 244 75.48 -26.35 40.49
C PRO W 244 74.61 -27.35 41.25
N SER W 245 73.41 -27.66 40.77
CA SER W 245 72.60 -28.70 41.39
C SER W 245 72.95 -30.10 40.90
N PHE W 246 74.01 -30.26 40.11
CA PHE W 246 74.51 -31.59 39.81
C PHE W 246 75.48 -32.06 40.89
N ALA W 247 75.79 -31.21 41.86
CA ALA W 247 76.59 -31.63 43.00
C ALA W 247 75.86 -32.69 43.83
N GLN W 248 74.58 -32.48 44.06
CA GLN W 248 73.75 -33.53 44.63
C GLN W 248 73.41 -34.54 43.54
N GLY W 249 73.19 -35.78 43.95
CA GLY W 249 73.02 -36.89 43.02
C GLY W 249 71.63 -36.98 42.44
N LEU W 250 71.24 -38.21 42.10
CA LEU W 250 69.91 -38.47 41.53
C LEU W 250 68.84 -38.63 42.60
N THR W 251 69.22 -38.71 43.88
CA THR W 251 68.29 -38.87 45.00
C THR W 251 67.19 -37.81 45.11
N PRO W 252 67.39 -36.51 44.81
CA PRO W 252 66.23 -35.60 44.77
C PRO W 252 65.22 -35.95 43.69
N PHE W 253 65.62 -36.67 42.64
CA PHE W 253 64.63 -37.20 41.70
C PHE W 253 63.80 -38.29 42.37
N PHE W 254 64.43 -39.12 43.20
CA PHE W 254 63.74 -40.27 43.76
C PHE W 254 63.03 -39.98 45.07
N THR W 255 63.43 -38.91 45.77
CA THR W 255 62.71 -38.44 46.95
C THR W 255 61.69 -37.38 46.59
N LEU W 256 61.41 -37.18 45.30
CA LEU W 256 60.52 -36.18 44.72
C LEU W 256 60.90 -34.75 45.10
N ASN W 257 62.19 -34.48 45.32
CA ASN W 257 62.69 -33.12 45.48
C ASN W 257 63.09 -32.57 44.12
N TRP W 258 62.08 -32.38 43.27
CA TRP W 258 62.35 -31.98 41.90
C TRP W 258 62.69 -30.51 41.79
N GLY W 259 62.29 -29.70 42.77
CA GLY W 259 62.50 -28.26 42.76
C GLY W 259 63.95 -27.84 42.73
N VAL W 260 64.85 -28.62 43.32
CA VAL W 260 66.27 -28.27 43.29
C VAL W 260 66.85 -28.52 41.91
N TYR W 261 66.14 -29.25 41.06
CA TYR W 261 66.50 -29.36 39.65
C TYR W 261 66.04 -28.17 38.83
N SER W 262 65.52 -27.12 39.48
CA SER W 262 64.95 -25.97 38.79
C SER W 262 65.99 -25.09 38.10
N ASP W 263 67.28 -25.27 38.39
CA ASP W 263 68.27 -24.45 37.71
C ASP W 263 68.47 -24.90 36.27
N PHE W 264 68.35 -26.20 36.00
CA PHE W 264 68.52 -26.70 34.65
C PHE W 264 67.24 -27.27 34.05
N LEU W 265 66.16 -27.34 34.82
CA LEU W 265 64.84 -27.70 34.31
C LEU W 265 63.93 -26.52 34.61
N THR W 266 63.94 -25.54 33.73
CA THR W 266 63.22 -24.29 33.93
C THR W 266 61.91 -24.32 33.15
N PHE W 267 61.07 -23.33 33.41
CA PHE W 267 59.86 -23.12 32.62
C PHE W 267 59.87 -21.63 32.25
N LYS W 268 60.99 -21.18 31.69
CA LYS W 268 61.19 -19.76 31.40
C LYS W 268 60.21 -19.26 30.34
N GLY W 269 59.95 -20.07 29.34
CA GLY W 269 58.94 -19.74 28.35
C GLY W 269 59.37 -19.00 27.11
N GLY W 270 60.03 -17.86 27.28
CA GLY W 270 60.35 -16.98 26.17
C GLY W 270 61.53 -17.46 25.36
N LEU W 271 62.18 -16.51 24.69
CA LEU W 271 63.33 -16.78 23.85
C LEU W 271 64.61 -16.39 24.57
N ASN W 272 65.69 -17.07 24.23
CA ASN W 272 67.01 -16.72 24.73
C ASN W 272 67.44 -15.40 24.13
N PRO W 273 67.75 -14.37 24.93
CA PRO W 273 68.22 -13.11 24.35
C PRO W 273 69.57 -13.21 23.66
N VAL W 274 70.40 -14.19 24.01
CA VAL W 274 71.71 -14.31 23.41
C VAL W 274 71.61 -14.92 22.00
N THR W 275 70.81 -15.98 21.85
CA THR W 275 70.74 -16.71 20.60
C THR W 275 69.45 -16.53 19.82
N GLY W 276 68.36 -16.14 20.47
CA GLY W 276 67.09 -16.01 19.78
C GLY W 276 66.27 -17.26 19.73
N GLY W 277 66.80 -18.40 20.19
CA GLY W 277 66.06 -19.62 20.25
C GLY W 277 65.36 -19.82 21.58
N LEU W 278 64.65 -20.93 21.68
CA LEU W 278 64.07 -21.34 22.96
C LEU W 278 65.19 -21.71 23.93
N TRP W 279 64.90 -21.52 25.22
CA TRP W 279 65.82 -21.99 26.25
C TRP W 279 65.93 -23.51 26.18
N LEU W 280 67.16 -24.01 26.15
CA LEU W 280 67.33 -25.46 26.10
C LEU W 280 66.98 -26.14 27.41
N SER W 281 66.98 -25.40 28.52
CA SER W 281 66.41 -25.92 29.75
C SER W 281 64.91 -26.15 29.60
N ASP W 282 64.21 -25.24 28.91
CA ASP W 282 62.80 -25.42 28.63
C ASP W 282 62.56 -26.61 27.73
N THR W 283 63.43 -26.83 26.73
CA THR W 283 63.25 -27.97 25.84
C THR W 283 63.55 -29.28 26.55
N ALA W 284 64.57 -29.32 27.41
CA ALA W 284 64.88 -30.53 28.16
C ALA W 284 63.77 -30.87 29.15
N HIS W 285 63.26 -29.86 29.86
CA HIS W 285 62.12 -30.04 30.74
C HIS W 285 60.88 -30.46 29.98
N HIS W 286 60.67 -29.90 28.79
CA HIS W 286 59.55 -30.26 27.93
C HIS W 286 59.63 -31.71 27.49
N HIS W 287 60.81 -32.15 27.06
CA HIS W 287 60.98 -33.53 26.62
C HIS W 287 60.83 -34.51 27.78
N LEU W 288 61.32 -34.16 28.96
CA LEU W 288 61.09 -34.99 30.13
C LEU W 288 59.62 -35.10 30.50
N ALA W 289 58.89 -33.97 30.44
CA ALA W 289 57.48 -33.97 30.78
C ALA W 289 56.66 -34.78 29.77
N ILE W 290 56.90 -34.58 28.48
CA ILE W 290 56.15 -35.35 27.48
C ILE W 290 56.63 -36.79 27.42
N ALA W 291 57.87 -37.08 27.85
CA ALA W 291 58.31 -38.46 27.96
C ALA W 291 57.55 -39.20 29.04
N VAL W 292 57.39 -38.55 30.20
CA VAL W 292 56.61 -39.15 31.28
C VAL W 292 55.15 -39.30 30.86
N LEU W 293 54.61 -38.30 30.17
CA LEU W 293 53.22 -38.35 29.73
C LEU W 293 53.00 -39.44 28.67
N PHE W 294 53.92 -39.59 27.72
CA PHE W 294 53.81 -40.62 26.70
C PHE W 294 54.02 -42.02 27.27
N ILE W 295 54.94 -42.18 28.24
CA ILE W 295 55.13 -43.47 28.88
C ILE W 295 53.89 -43.84 29.68
N ILE W 296 53.27 -42.87 30.36
CA ILE W 296 52.01 -43.12 31.06
C ILE W 296 50.91 -43.51 30.08
N ALA W 297 50.82 -42.80 28.95
CA ALA W 297 49.84 -43.12 27.92
C ALA W 297 50.09 -44.46 27.24
N GLY W 298 51.32 -44.96 27.29
CA GLY W 298 51.62 -46.25 26.68
C GLY W 298 51.31 -47.44 27.56
N HIS W 299 50.65 -47.21 28.70
CA HIS W 299 50.20 -48.28 29.58
C HIS W 299 48.69 -48.35 29.62
N MET W 300 48.04 -47.82 28.59
CA MET W 300 46.59 -47.71 28.54
C MET W 300 45.91 -48.97 28.00
N TYR W 301 46.55 -49.67 27.09
CA TYR W 301 45.87 -50.69 26.28
C TYR W 301 46.28 -52.10 26.69
N ARG W 302 45.29 -52.98 26.75
CA ARG W 302 45.47 -54.37 27.18
C ARG W 302 46.21 -55.17 26.11
N THR W 303 47.38 -55.71 26.46
CA THR W 303 48.17 -56.50 25.53
C THR W 303 48.19 -57.97 25.90
N ASN W 304 48.72 -58.31 27.08
CA ASN W 304 48.86 -59.70 27.47
C ASN W 304 48.49 -60.00 28.91
N TRP W 305 48.23 -59.00 29.75
CA TRP W 305 48.21 -59.20 31.19
C TRP W 305 46.92 -58.69 31.84
N GLY W 306 45.83 -58.63 31.09
CA GLY W 306 44.54 -58.26 31.70
C GLY W 306 44.29 -56.80 31.95
N ILE W 307 45.29 -56.08 32.46
CA ILE W 307 45.15 -54.65 32.68
C ILE W 307 45.17 -53.91 31.35
N GLY W 308 44.32 -52.90 31.24
CA GLY W 308 44.37 -52.10 30.04
C GLY W 308 43.04 -52.08 29.31
N HIS W 309 43.00 -51.33 28.21
CA HIS W 309 41.83 -51.26 27.36
C HIS W 309 42.04 -52.09 26.10
N ASN W 310 40.93 -52.42 25.43
CA ASN W 310 41.00 -53.24 24.23
C ASN W 310 40.68 -52.46 22.96
N MET W 311 40.53 -51.13 23.05
CA MET W 311 40.11 -50.22 21.99
C MET W 311 38.85 -50.64 21.24
N LYS W 312 38.04 -51.49 21.82
CA LYS W 312 36.76 -51.85 21.23
C LYS W 312 35.61 -51.50 22.14
N GLU W 313 35.68 -51.86 23.43
CA GLU W 313 34.70 -51.42 24.40
C GLU W 313 34.71 -49.91 24.61
N ILE W 314 35.85 -49.25 24.39
CA ILE W 314 35.87 -47.80 24.29
C ILE W 314 35.01 -47.35 23.12
N LEU W 315 35.17 -48.01 21.97
CA LEU W 315 34.36 -47.67 20.81
C LEU W 315 32.91 -48.12 20.99
N GLU W 316 32.69 -49.30 21.58
CA GLU W 316 31.32 -49.79 21.81
C GLU W 316 30.55 -48.91 22.79
N GLY W 317 31.22 -48.33 23.78
CA GLY W 317 30.51 -47.54 24.76
C GLY W 317 30.18 -46.13 24.31
N HIS W 318 30.81 -45.69 23.23
CA HIS W 318 30.63 -44.32 22.73
C HIS W 318 29.51 -44.32 21.70
N LYS W 319 28.30 -44.00 22.16
CA LYS W 319 27.13 -44.01 21.31
C LYS W 319 26.08 -43.08 21.93
N GLY W 320 25.40 -42.33 21.08
CA GLY W 320 24.47 -41.33 21.54
C GLY W 320 23.13 -41.42 20.87
N PRO W 321 22.24 -40.47 21.15
CA PRO W 321 20.91 -40.50 20.52
C PRO W 321 20.95 -40.07 19.07
N PHE W 322 21.81 -39.10 18.74
CA PHE W 322 21.95 -38.63 17.36
C PHE W 322 22.63 -39.65 16.46
N THR W 323 23.29 -40.64 17.03
CA THR W 323 23.99 -41.66 16.27
C THR W 323 23.39 -43.04 16.46
N GLY W 324 23.03 -43.41 17.69
CA GLY W 324 22.40 -44.70 17.89
C GLY W 324 23.41 -45.77 18.21
N GLU W 325 23.81 -46.55 17.22
CA GLU W 325 24.71 -47.68 17.42
C GLU W 325 26.13 -47.26 17.78
N GLY W 326 26.67 -46.21 17.18
CA GLY W 326 27.91 -45.66 17.68
C GLY W 326 29.11 -46.03 16.84
N HIS W 327 30.19 -46.39 17.52
CA HIS W 327 31.46 -46.72 16.88
C HIS W 327 31.62 -48.21 16.65
N LYS W 328 30.52 -48.96 16.63
CA LYS W 328 30.62 -50.40 16.40
C LYS W 328 30.96 -50.66 14.94
N GLY W 329 31.98 -51.48 14.72
CA GLY W 329 32.48 -51.75 13.40
C GLY W 329 33.72 -50.97 13.04
N LEU W 330 34.06 -49.93 13.81
CA LEU W 330 35.23 -49.11 13.49
C LEU W 330 36.53 -49.81 13.85
N TYR W 331 36.55 -50.61 14.91
CA TYR W 331 37.75 -51.38 15.24
C TYR W 331 38.06 -52.41 14.15
N GLU W 332 37.04 -53.06 13.61
CA GLU W 332 37.26 -54.00 12.50
C GLU W 332 37.66 -53.26 11.22
N ILE W 333 37.15 -52.05 11.03
CA ILE W 333 37.56 -51.21 9.91
C ILE W 333 39.04 -50.87 10.00
N LEU W 334 39.50 -50.46 11.18
CA LEU W 334 40.87 -50.02 11.34
C LEU W 334 41.84 -51.15 11.60
N THR W 335 41.35 -52.37 11.82
CA THR W 335 42.21 -53.53 11.95
C THR W 335 42.14 -54.49 10.78
N THR W 336 41.28 -54.23 9.79
CA THR W 336 41.29 -55.02 8.58
C THR W 336 41.64 -54.24 7.33
N SER W 337 41.59 -52.91 7.37
CA SER W 337 41.87 -52.07 6.21
C SER W 337 43.13 -51.25 6.50
N TRP W 338 44.12 -51.39 5.62
CA TRP W 338 45.31 -50.55 5.73
C TRP W 338 45.06 -49.14 5.21
N HIS W 339 44.08 -48.98 4.31
CA HIS W 339 43.82 -47.67 3.72
C HIS W 339 43.13 -46.72 4.69
N ALA W 340 42.24 -47.23 5.55
CA ALA W 340 41.65 -46.39 6.58
C ALA W 340 42.68 -45.94 7.59
N GLN W 341 43.61 -46.83 7.97
CA GLN W 341 44.72 -46.45 8.83
C GLN W 341 45.61 -45.41 8.17
N LEU W 342 45.90 -45.58 6.88
CA LEU W 342 46.69 -44.57 6.17
C LEU W 342 45.96 -43.24 6.05
N ALA W 343 44.64 -43.26 5.87
CA ALA W 343 43.86 -42.03 5.80
C ALA W 343 43.85 -41.29 7.13
N ILE W 344 43.77 -42.01 8.25
CA ILE W 344 43.83 -41.34 9.54
C ILE W 344 45.24 -40.82 9.81
N ASN W 345 46.24 -41.68 9.62
CA ASN W 345 47.62 -41.35 9.99
C ASN W 345 48.19 -40.25 9.11
N LEU W 346 47.85 -40.25 7.83
CA LEU W 346 48.33 -39.25 6.90
C LEU W 346 47.69 -37.89 7.15
N ALA W 347 46.40 -37.84 7.49
CA ALA W 347 45.75 -36.60 7.91
C ALA W 347 46.35 -36.02 9.17
N LEU W 348 46.55 -36.85 10.20
CA LEU W 348 47.15 -36.37 11.43
C LEU W 348 48.61 -35.98 11.26
N LEU W 349 49.36 -36.69 10.40
CA LEU W 349 50.74 -36.29 10.14
C LEU W 349 50.81 -35.00 9.33
N GLY W 350 49.86 -34.80 8.41
CA GLY W 350 49.83 -33.56 7.66
C GLY W 350 49.47 -32.36 8.53
N SER W 351 48.45 -32.51 9.37
CA SER W 351 48.10 -31.45 10.29
C SER W 351 49.19 -31.24 11.33
N LEU W 352 49.89 -32.31 11.71
CA LEU W 352 51.03 -32.22 12.60
C LEU W 352 52.18 -31.44 11.98
N THR W 353 52.44 -31.66 10.69
CA THR W 353 53.53 -30.94 10.01
C THR W 353 53.17 -29.48 9.85
N ILE W 354 51.89 -29.18 9.63
CA ILE W 354 51.42 -27.81 9.60
C ILE W 354 51.54 -27.16 10.98
N ILE W 355 51.26 -27.90 12.05
CA ILE W 355 51.47 -27.43 13.42
C ILE W 355 52.94 -27.15 13.67
N VAL W 356 53.81 -28.03 13.18
CA VAL W 356 55.26 -27.85 13.29
C VAL W 356 55.69 -26.55 12.61
N ALA W 357 55.16 -26.31 11.41
CA ALA W 357 55.47 -25.06 10.70
C ALA W 357 54.97 -23.84 11.46
N GLN W 358 53.72 -23.87 11.93
CA GLN W 358 53.16 -22.73 12.66
C GLN W 358 53.78 -22.53 14.03
N HIS W 359 54.48 -23.53 14.56
CA HIS W 359 55.11 -23.41 15.87
C HIS W 359 56.58 -23.02 15.81
N MET W 360 57.32 -23.52 14.84
CA MET W 360 58.74 -23.24 14.80
C MET W 360 59.07 -21.83 14.34
N TYR W 361 58.14 -21.12 13.71
CA TYR W 361 58.42 -19.72 13.39
C TYR W 361 58.22 -18.82 14.60
N ALA W 362 57.20 -19.10 15.41
CA ALA W 362 56.87 -18.25 16.54
C ALA W 362 57.68 -18.57 17.78
N MET W 363 58.00 -19.84 17.98
CA MET W 363 58.86 -20.29 19.07
C MET W 363 60.01 -21.04 18.42
N PRO W 364 61.04 -20.34 17.96
CA PRO W 364 62.15 -21.00 17.29
C PRO W 364 62.96 -21.84 18.27
N PRO W 365 63.08 -23.14 18.03
CA PRO W 365 63.69 -24.03 19.01
C PRO W 365 65.21 -24.03 19.01
N TYR W 366 65.83 -23.39 18.04
CA TYR W 366 67.24 -23.56 17.83
C TYR W 366 67.99 -22.25 17.97
N PRO W 367 69.25 -22.29 18.41
CA PRO W 367 70.05 -21.05 18.50
C PRO W 367 70.33 -20.48 17.12
N TYR W 368 70.11 -19.16 16.99
CA TYR W 368 70.30 -18.40 15.75
C TYR W 368 69.44 -18.94 14.61
N LEU W 369 68.23 -19.39 14.94
CA LEU W 369 67.27 -19.82 13.93
C LEU W 369 66.43 -18.64 13.44
N ALA W 370 65.95 -17.81 14.37
CA ALA W 370 65.11 -16.67 13.99
C ALA W 370 65.95 -15.55 13.35
N THR W 371 67.24 -15.53 13.64
CA THR W 371 68.12 -14.52 13.04
C THR W 371 68.29 -14.76 11.55
N ASP W 372 68.57 -16.00 11.16
CA ASP W 372 68.64 -16.34 9.75
C ASP W 372 67.23 -16.50 9.22
N TYR W 373 66.74 -15.47 8.52
CA TYR W 373 65.36 -15.47 8.03
C TYR W 373 65.14 -16.51 6.95
N GLY W 374 66.19 -16.86 6.21
CA GLY W 374 66.07 -17.82 5.13
C GLY W 374 65.72 -19.20 5.63
N THR W 375 66.37 -19.63 6.71
CA THR W 375 66.08 -20.92 7.33
C THR W 375 64.64 -20.98 7.83
N GLN W 376 64.19 -19.93 8.51
CA GLN W 376 62.86 -19.91 9.09
C GLN W 376 61.78 -19.93 8.02
N LEU W 377 61.96 -19.10 6.98
CA LEU W 377 61.03 -19.07 5.85
C LEU W 377 61.00 -20.42 5.12
N SER W 378 62.17 -21.03 4.92
CA SER W 378 62.25 -22.28 4.19
C SER W 378 61.62 -23.43 4.97
N ILE W 379 61.84 -23.50 6.28
CA ILE W 379 61.26 -24.60 7.05
C ILE W 379 59.75 -24.43 7.19
N PHE W 380 59.27 -23.18 7.31
CA PHE W 380 57.83 -22.94 7.35
C PHE W 380 57.18 -23.36 6.04
N THR W 381 57.74 -22.92 4.91
CA THR W 381 57.17 -23.23 3.61
C THR W 381 57.23 -24.72 3.31
N HIS W 382 58.36 -25.35 3.63
CA HIS W 382 58.54 -26.78 3.38
C HIS W 382 57.56 -27.61 4.20
N HIS W 383 57.37 -27.26 5.48
CA HIS W 383 56.46 -28.05 6.29
C HIS W 383 55.00 -27.79 5.97
N MET W 384 54.62 -26.57 5.57
CA MET W 384 53.28 -26.38 5.00
C MET W 384 53.04 -27.23 3.76
N TRP W 385 54.01 -27.28 2.84
CA TRP W 385 53.78 -28.04 1.61
C TRP W 385 53.69 -29.54 1.89
N ILE W 386 54.57 -30.04 2.76
CA ILE W 386 54.54 -31.46 3.12
C ILE W 386 53.24 -31.81 3.85
N GLY W 387 52.81 -30.95 4.78
CA GLY W 387 51.58 -31.20 5.50
C GLY W 387 50.34 -31.20 4.63
N GLY W 388 50.25 -30.25 3.69
CA GLY W 388 49.11 -30.22 2.79
C GLY W 388 49.09 -31.40 1.84
N PHE W 389 50.27 -31.84 1.38
CA PHE W 389 50.34 -33.03 0.54
C PHE W 389 49.86 -34.26 1.31
N LEU W 390 50.25 -34.37 2.58
CA LEU W 390 49.81 -35.51 3.38
C LEU W 390 48.30 -35.47 3.64
N ILE W 391 47.73 -34.28 3.82
CA ILE W 391 46.29 -34.18 4.03
C ILE W 391 45.52 -34.60 2.78
N VAL W 392 46.01 -34.17 1.59
CA VAL W 392 45.36 -34.59 0.36
C VAL W 392 45.52 -36.09 0.11
N GLY W 393 46.68 -36.66 0.47
CA GLY W 393 46.82 -38.10 0.44
C GLY W 393 45.91 -38.84 1.41
N ALA W 394 45.60 -38.22 2.54
CA ALA W 394 44.62 -38.80 3.45
C ALA W 394 43.23 -38.84 2.83
N GLY W 395 42.84 -37.77 2.15
CA GLY W 395 41.60 -37.80 1.37
C GLY W 395 41.62 -38.87 0.30
N ALA W 396 42.77 -39.06 -0.34
CA ALA W 396 42.95 -40.10 -1.35
C ALA W 396 42.72 -41.48 -0.76
N HIS W 397 43.36 -41.78 0.36
CA HIS W 397 43.26 -43.12 0.91
C HIS W 397 41.95 -43.37 1.62
N ALA W 398 41.26 -42.32 2.08
CA ALA W 398 39.88 -42.50 2.50
C ALA W 398 39.00 -42.89 1.32
N SER W 399 39.22 -42.27 0.15
CA SER W 399 38.49 -42.67 -1.05
C SER W 399 38.83 -44.09 -1.48
N ILE W 400 40.09 -44.50 -1.37
CA ILE W 400 40.47 -45.88 -1.68
C ILE W 400 39.87 -46.87 -0.68
N PHE W 401 39.76 -46.48 0.59
CA PHE W 401 39.08 -47.32 1.58
C PHE W 401 37.62 -47.53 1.22
N MET W 402 36.95 -46.47 0.75
CA MET W 402 35.50 -46.55 0.57
C MET W 402 35.08 -47.51 -0.55
N VAL W 403 35.85 -47.64 -1.62
CA VAL W 403 35.45 -48.56 -2.69
C VAL W 403 36.13 -49.91 -2.63
N ARG W 404 37.26 -50.03 -1.93
CA ARG W 404 38.02 -51.27 -1.95
C ARG W 404 38.02 -52.02 -0.63
N ASP W 405 37.80 -51.33 0.49
CA ASP W 405 37.84 -51.97 1.79
C ASP W 405 36.57 -51.78 2.62
N TYR W 406 35.65 -50.93 2.20
CA TYR W 406 34.43 -50.72 2.95
C TYR W 406 33.48 -51.88 2.71
N ASP W 407 32.94 -52.44 3.80
CA ASP W 407 31.97 -53.51 3.72
C ASP W 407 30.66 -53.06 4.37
N PRO W 408 29.56 -52.99 3.62
CA PRO W 408 28.28 -52.56 4.21
C PRO W 408 27.69 -53.54 5.21
N ALA W 409 28.11 -54.81 5.20
CA ALA W 409 27.59 -55.77 6.16
C ALA W 409 28.06 -55.47 7.58
N LYS W 410 29.33 -55.06 7.71
CA LYS W 410 29.86 -54.75 9.03
C LYS W 410 29.43 -53.36 9.50
N ASN W 411 28.93 -52.54 8.57
CA ASN W 411 28.57 -51.15 8.87
C ASN W 411 27.08 -50.96 8.64
N VAL W 412 26.29 -51.25 9.67
CA VAL W 412 24.85 -50.97 9.66
C VAL W 412 24.60 -50.03 10.83
N ASN W 413 24.07 -48.84 10.54
CA ASN W 413 23.62 -47.83 11.51
C ASN W 413 24.72 -47.31 12.42
N ASN W 414 25.99 -47.49 12.09
CA ASN W 414 27.06 -46.89 12.87
C ASN W 414 27.33 -45.48 12.33
N LEU W 415 28.47 -44.90 12.72
CA LEU W 415 28.77 -43.54 12.31
C LEU W 415 29.03 -43.45 10.81
N LEU W 416 29.78 -44.41 10.26
CA LEU W 416 30.12 -44.38 8.84
C LEU W 416 28.90 -44.57 7.96
N ASP W 417 27.99 -45.47 8.38
CA ASP W 417 26.74 -45.67 7.66
C ASP W 417 25.88 -44.42 7.65
N ARG W 418 25.82 -43.71 8.77
CA ARG W 418 25.00 -42.51 8.84
C ARG W 418 25.63 -41.33 8.11
N VAL W 419 26.96 -41.26 8.08
CA VAL W 419 27.64 -40.28 7.23
C VAL W 419 27.33 -40.54 5.76
N LEU W 420 27.34 -41.80 5.34
CA LEU W 420 26.94 -42.13 3.98
C LEU W 420 25.46 -41.84 3.74
N ARG W 421 24.63 -41.96 4.77
CA ARG W 421 23.20 -41.71 4.63
C ARG W 421 22.85 -40.23 4.55
N HIS W 422 23.64 -39.35 5.14
CA HIS W 422 23.34 -37.91 5.03
C HIS W 422 24.49 -37.15 4.38
N ARG W 423 25.25 -37.83 3.51
CA ARG W 423 26.29 -37.20 2.71
C ARG W 423 25.81 -36.03 1.87
N ASP W 424 24.55 -36.01 1.43
CA ASP W 424 24.03 -34.85 0.72
C ASP W 424 23.93 -33.63 1.62
N ALA W 425 23.45 -33.82 2.86
CA ALA W 425 23.40 -32.74 3.83
C ALA W 425 24.78 -32.28 4.27
N ILE W 426 25.75 -33.19 4.31
CA ILE W 426 27.12 -32.80 4.61
C ILE W 426 27.69 -31.95 3.48
N ILE W 427 27.61 -32.45 2.25
CA ILE W 427 28.30 -31.83 1.12
C ILE W 427 27.62 -30.53 0.70
N SER W 428 26.30 -30.45 0.82
CA SER W 428 25.61 -29.22 0.46
C SER W 428 25.89 -28.08 1.42
N HIS W 429 25.98 -28.36 2.72
CA HIS W 429 26.33 -27.31 3.67
C HIS W 429 27.80 -26.94 3.60
N LEU W 430 28.67 -27.91 3.30
CA LEU W 430 30.05 -27.58 3.02
C LEU W 430 30.18 -26.73 1.76
N ASN W 431 29.38 -27.01 0.74
CA ASN W 431 29.35 -26.20 -0.47
C ASN W 431 28.86 -24.79 -0.17
N TRP W 432 27.85 -24.66 0.68
CA TRP W 432 27.38 -23.33 1.08
C TRP W 432 28.42 -22.56 1.85
N VAL W 433 29.12 -23.21 2.79
CA VAL W 433 30.12 -22.47 3.55
C VAL W 433 31.32 -22.13 2.68
N CYS W 434 31.63 -22.94 1.67
CA CYS W 434 32.67 -22.58 0.71
C CYS W 434 32.27 -21.38 -0.13
N ILE W 435 31.02 -21.33 -0.59
CA ILE W 435 30.53 -20.19 -1.36
C ILE W 435 30.49 -18.92 -0.50
N TRP W 436 30.01 -19.04 0.74
CA TRP W 436 29.97 -17.90 1.66
C TRP W 436 31.37 -17.39 1.96
N LEU W 437 32.30 -18.29 2.23
CA LEU W 437 33.67 -17.89 2.53
C LEU W 437 34.35 -17.27 1.32
N GLY W 438 34.07 -17.80 0.12
CA GLY W 438 34.60 -17.20 -1.08
C GLY W 438 34.10 -15.80 -1.32
N PHE W 439 32.79 -15.58 -1.17
CA PHE W 439 32.26 -14.24 -1.32
C PHE W 439 32.79 -13.30 -0.25
N HIS W 440 32.68 -13.66 1.03
CA HIS W 440 33.05 -12.74 2.10
C HIS W 440 34.50 -12.86 2.52
N SER W 441 35.34 -13.45 1.70
CA SER W 441 36.78 -13.34 1.86
C SER W 441 37.45 -12.79 0.61
N PHE W 442 36.94 -13.11 -0.57
CA PHE W 442 37.55 -12.63 -1.80
C PHE W 442 36.84 -11.41 -2.35
N GLY W 443 35.51 -11.32 -2.21
CA GLY W 443 34.82 -10.11 -2.60
C GLY W 443 35.15 -8.92 -1.75
N LEU W 444 35.67 -9.13 -0.54
CA LEU W 444 36.27 -8.03 0.20
C LEU W 444 37.49 -7.49 -0.53
N TYR W 445 38.33 -8.38 -1.07
CA TYR W 445 39.47 -7.95 -1.87
C TYR W 445 39.05 -7.31 -3.18
N ILE W 446 37.98 -7.84 -3.78
CA ILE W 446 37.46 -7.27 -5.04
C ILE W 446 36.87 -5.89 -4.80
N HIS W 447 36.12 -5.73 -3.71
CA HIS W 447 35.60 -4.44 -3.30
C HIS W 447 36.72 -3.46 -3.00
N ASN W 448 37.78 -3.93 -2.35
CA ASN W 448 38.90 -3.04 -2.05
C ASN W 448 39.67 -2.65 -3.31
N ASP W 449 39.82 -3.56 -4.27
CA ASP W 449 40.37 -3.23 -5.58
C ASP W 449 39.52 -2.18 -6.27
N THR W 450 38.20 -2.34 -6.22
CA THR W 450 37.30 -1.43 -6.91
C THR W 450 37.33 -0.04 -6.28
N MET W 451 37.21 0.05 -4.95
CA MET W 451 37.23 1.36 -4.31
C MET W 451 38.61 2.02 -4.33
N ARG W 452 39.69 1.25 -4.29
CA ARG W 452 41.00 1.86 -4.50
C ARG W 452 41.19 2.30 -5.94
N ALA W 453 40.60 1.60 -6.90
CA ALA W 453 40.65 2.00 -8.30
C ALA W 453 39.76 3.19 -8.59
N LEU W 454 38.59 3.26 -7.98
CA LEU W 454 37.63 4.34 -8.23
C LEU W 454 37.90 5.58 -7.40
N GLY W 455 39.04 5.66 -6.72
CA GLY W 455 39.35 6.81 -5.90
C GLY W 455 38.46 6.95 -4.68
N ARG W 456 38.17 5.83 -4.02
CA ARG W 456 37.34 5.83 -2.82
C ARG W 456 38.09 5.10 -1.71
N PRO W 457 39.11 5.75 -1.13
CA PRO W 457 39.87 5.07 -0.07
C PRO W 457 39.12 4.99 1.25
N GLN W 458 38.04 5.76 1.42
CA GLN W 458 37.22 5.71 2.62
C GLN W 458 36.10 4.69 2.54
N ASP W 459 35.89 4.08 1.37
CA ASP W 459 34.85 3.08 1.18
C ASP W 459 35.40 1.67 1.20
N MET W 460 36.67 1.51 1.54
CA MET W 460 37.34 0.22 1.47
C MET W 460 37.16 -0.57 2.75
N PHE W 461 37.77 -1.75 2.79
CA PHE W 461 37.89 -2.53 4.02
C PHE W 461 39.34 -2.44 4.49
N SER W 462 39.64 -1.38 5.21
CA SER W 462 40.99 -1.08 5.65
C SER W 462 40.95 -0.65 7.12
N ASP W 463 42.14 -0.39 7.66
CA ASP W 463 42.21 0.15 9.02
C ASP W 463 41.78 1.61 9.05
N SER W 464 42.13 2.38 8.02
CA SER W 464 41.65 3.75 7.94
C SER W 464 40.21 3.79 7.44
N ALA W 465 39.84 2.84 6.60
CA ALA W 465 38.51 2.75 6.01
C ALA W 465 37.61 1.91 6.94
N ILE W 466 36.50 1.34 6.47
CA ILE W 466 35.65 0.42 7.23
C ILE W 466 36.49 -0.71 7.82
N GLN W 467 36.53 -0.78 9.14
CA GLN W 467 37.43 -1.72 9.81
C GLN W 467 36.77 -3.08 9.97
N LEU W 468 37.58 -4.11 9.94
CA LEU W 468 37.18 -5.50 10.12
C LEU W 468 38.10 -6.18 11.10
N GLN W 469 38.28 -5.56 12.26
CA GLN W 469 39.30 -5.99 13.22
C GLN W 469 38.98 -7.37 13.78
N PRO W 470 39.93 -8.30 13.77
CA PRO W 470 39.71 -9.65 14.31
C PRO W 470 39.75 -9.65 15.83
N VAL W 471 38.60 -9.30 16.43
CA VAL W 471 38.52 -9.06 17.87
C VAL W 471 38.72 -10.33 18.69
N PHE W 472 38.36 -11.50 18.16
CA PHE W 472 38.56 -12.74 18.89
C PHE W 472 40.04 -13.11 18.97
N ALA W 473 40.75 -13.02 17.85
CA ALA W 473 42.18 -13.28 17.84
C ALA W 473 42.98 -12.26 18.63
N GLN W 474 42.58 -10.99 18.60
CA GLN W 474 43.20 -9.98 19.45
C GLN W 474 42.94 -10.22 20.92
N TRP W 475 41.73 -10.68 21.28
CA TRP W 475 41.44 -11.05 22.66
C TRP W 475 42.29 -12.23 23.12
N ILE W 476 42.47 -13.22 22.24
CA ILE W 476 43.30 -14.38 22.55
C ILE W 476 44.76 -13.98 22.67
N GLN W 477 45.22 -13.04 21.83
CA GLN W 477 46.57 -12.50 21.95
C GLN W 477 46.75 -11.77 23.27
N GLY W 478 45.74 -11.00 23.70
CA GLY W 478 45.82 -10.34 24.99
C GLY W 478 45.83 -11.32 26.15
N LEU W 479 45.09 -12.43 26.00
CA LEU W 479 45.15 -13.50 27.00
C LEU W 479 46.51 -14.16 27.07
N HIS W 480 47.17 -14.38 25.94
CA HIS W 480 48.47 -15.03 25.95
C HIS W 480 49.58 -14.09 26.41
N ALA W 481 49.46 -12.80 26.11
CA ALA W 481 50.48 -11.85 26.56
C ALA W 481 50.45 -11.67 28.06
N ALA W 482 49.25 -11.77 28.66
CA ALA W 482 49.10 -11.69 30.11
C ALA W 482 49.11 -13.06 30.77
N ALA W 483 49.43 -14.12 30.05
CA ALA W 483 49.36 -15.46 30.60
C ALA W 483 50.48 -15.72 31.60
N ALA W 484 51.64 -15.14 31.37
CA ALA W 484 52.77 -15.34 32.27
C ALA W 484 52.57 -14.54 33.55
N GLY W 485 52.45 -15.24 34.67
CA GLY W 485 52.23 -14.61 35.95
C GLY W 485 50.79 -14.56 36.41
N ALA W 486 49.83 -14.76 35.50
CA ALA W 486 48.43 -14.71 35.89
C ALA W 486 47.78 -16.08 35.75
N THR W 487 47.82 -16.65 34.56
CA THR W 487 47.31 -18.00 34.33
C THR W 487 48.43 -19.02 34.18
N ALA W 488 49.66 -18.57 34.00
CA ALA W 488 50.85 -19.41 34.11
C ALA W 488 51.78 -18.73 35.10
N PRO W 489 51.53 -18.88 36.40
CA PRO W 489 52.27 -18.08 37.39
C PRO W 489 53.74 -18.43 37.50
N PHE W 490 54.17 -19.61 37.03
CA PHE W 490 55.56 -20.00 37.12
C PHE W 490 56.28 -19.95 35.78
N ALA W 491 55.84 -19.07 34.88
CA ALA W 491 56.54 -18.82 33.63
C ALA W 491 57.21 -17.45 33.71
N SER W 492 58.50 -17.39 33.34
CA SER W 492 59.20 -16.12 33.35
C SER W 492 58.66 -15.17 32.27
N ALA W 493 58.32 -15.72 31.11
CA ALA W 493 57.74 -14.92 30.04
C ALA W 493 56.66 -15.72 29.32
N GLY W 494 56.09 -15.16 28.28
CA GLY W 494 55.12 -15.86 27.46
C GLY W 494 55.78 -16.93 26.61
N VAL W 495 54.94 -17.73 25.95
CA VAL W 495 55.45 -18.83 25.13
C VAL W 495 56.19 -18.30 23.91
N SER W 496 55.83 -17.10 23.45
CA SER W 496 56.38 -16.53 22.25
C SER W 496 56.26 -15.02 22.34
N PRO W 497 57.15 -14.26 21.70
CA PRO W 497 56.97 -12.80 21.64
C PRO W 497 55.87 -12.37 20.68
N VAL W 498 55.21 -13.30 20.00
CA VAL W 498 54.18 -12.99 19.02
C VAL W 498 52.99 -12.30 19.67
N PHE W 499 52.53 -12.82 20.80
CA PHE W 499 51.29 -12.33 21.38
C PHE W 499 51.46 -11.02 22.11
N GLY W 500 52.69 -10.63 22.43
CA GLY W 500 52.92 -9.39 23.11
C GLY W 500 54.32 -9.35 23.69
N GLY W 501 54.53 -8.35 24.54
CA GLY W 501 55.84 -8.17 25.16
C GLY W 501 56.70 -7.19 24.42
N GLU W 502 57.97 -7.51 24.26
CA GLU W 502 58.93 -6.62 23.63
C GLU W 502 59.56 -7.30 22.43
N VAL W 503 60.33 -6.52 21.67
CA VAL W 503 61.03 -7.03 20.50
C VAL W 503 62.24 -7.85 20.95
N VAL W 504 62.20 -9.16 20.70
CA VAL W 504 63.38 -9.99 20.93
C VAL W 504 64.26 -9.87 19.69
N ALA W 505 65.48 -9.38 19.89
CA ALA W 505 66.41 -9.07 18.81
C ALA W 505 67.79 -9.60 19.15
N VAL W 506 68.45 -10.22 18.18
CA VAL W 506 69.78 -10.80 18.35
C VAL W 506 70.68 -10.22 17.28
N GLY W 507 71.84 -9.69 17.70
CA GLY W 507 72.76 -9.06 16.78
C GLY W 507 72.28 -7.68 16.40
N GLY W 508 71.85 -7.53 15.16
CA GLY W 508 71.26 -6.28 14.72
C GLY W 508 69.88 -6.52 14.12
N LYS W 509 69.57 -7.79 13.91
CA LYS W 509 68.31 -8.20 13.31
C LYS W 509 67.32 -8.64 14.39
N VAL W 510 66.05 -8.61 14.03
CA VAL W 510 64.98 -9.00 14.94
C VAL W 510 64.85 -10.52 14.92
N ALA W 511 64.90 -11.13 16.11
CA ALA W 511 64.46 -12.52 16.21
C ALA W 511 62.95 -12.60 16.04
N MET W 512 62.18 -12.00 16.95
CA MET W 512 60.73 -11.95 16.86
C MET W 512 60.18 -10.65 17.43
N MET W 513 59.10 -10.17 16.83
CA MET W 513 58.30 -9.05 17.32
C MET W 513 56.90 -9.53 17.64
N PRO W 514 56.12 -8.74 18.38
CA PRO W 514 54.67 -8.93 18.39
C PRO W 514 54.08 -8.79 17.00
N ILE W 515 53.12 -9.67 16.69
CA ILE W 515 52.48 -9.70 15.38
C ILE W 515 51.06 -9.18 15.59
N THR W 516 50.87 -7.89 15.34
CA THR W 516 49.55 -7.29 15.46
C THR W 516 48.66 -7.70 14.28
N LEU W 517 47.41 -7.99 14.58
CA LEU W 517 46.45 -8.46 13.59
C LEU W 517 45.43 -7.35 13.32
N GLY W 518 45.31 -6.96 12.05
CA GLY W 518 44.37 -5.93 11.66
C GLY W 518 43.38 -6.41 10.63
N THR W 519 42.89 -5.49 9.80
CA THR W 519 41.91 -5.83 8.77
C THR W 519 42.50 -6.77 7.72
N ALA W 520 43.76 -6.54 7.34
CA ALA W 520 44.43 -7.39 6.37
C ALA W 520 44.60 -8.82 6.87
N ASP W 521 44.95 -8.96 8.15
CA ASP W 521 45.08 -10.29 8.75
C ASP W 521 43.74 -11.01 8.87
N PHE W 522 42.68 -10.29 9.22
CA PHE W 522 41.32 -10.82 9.20
C PHE W 522 40.95 -11.34 7.82
N MET W 523 41.18 -10.53 6.79
CA MET W 523 40.78 -10.87 5.44
C MET W 523 41.59 -12.04 4.89
N VAL W 524 42.90 -12.08 5.15
CA VAL W 524 43.70 -13.19 4.69
C VAL W 524 43.48 -14.46 5.51
N HIS W 525 43.08 -14.35 6.79
CA HIS W 525 42.71 -15.55 7.53
C HIS W 525 41.40 -16.11 7.05
N HIS W 526 40.48 -15.26 6.62
CA HIS W 526 39.26 -15.75 6.01
C HIS W 526 39.50 -16.39 4.65
N ILE W 527 40.48 -15.89 3.90
CA ILE W 527 40.87 -16.58 2.67
C ILE W 527 41.52 -17.92 2.98
N HIS W 528 42.28 -17.99 4.08
CA HIS W 528 42.85 -19.28 4.51
C HIS W 528 41.75 -20.27 4.85
N ALA W 529 40.76 -19.83 5.62
CA ALA W 529 39.62 -20.69 5.95
C ALA W 529 38.84 -21.10 4.71
N PHE W 530 38.68 -20.17 3.76
CA PHE W 530 37.97 -20.45 2.52
C PHE W 530 38.67 -21.52 1.70
N THR W 531 39.98 -21.36 1.49
CA THR W 531 40.71 -22.30 0.65
C THR W 531 40.84 -23.67 1.31
N ILE W 532 41.04 -23.68 2.63
CA ILE W 532 41.02 -24.93 3.38
C ILE W 532 39.66 -25.61 3.26
N HIS W 533 38.58 -24.82 3.32
CA HIS W 533 37.24 -25.38 3.24
C HIS W 533 36.94 -25.95 1.88
N VAL W 534 37.42 -25.30 0.82
CA VAL W 534 37.18 -25.85 -0.52
C VAL W 534 38.00 -27.12 -0.74
N THR W 535 39.23 -27.16 -0.22
CA THR W 535 40.00 -28.40 -0.28
C THR W 535 39.31 -29.52 0.49
N VAL W 536 38.74 -29.20 1.66
CA VAL W 536 37.92 -30.13 2.42
C VAL W 536 36.70 -30.57 1.62
N LEU W 537 36.10 -29.63 0.89
CA LEU W 537 34.89 -29.93 0.11
C LEU W 537 35.19 -30.92 -1.01
N ILE W 538 36.27 -30.70 -1.75
CA ILE W 538 36.61 -31.61 -2.85
C ILE W 538 37.02 -32.97 -2.31
N LEU W 539 37.87 -33.00 -1.28
CA LEU W 539 38.33 -34.28 -0.75
C LEU W 539 37.20 -35.06 -0.07
N LEU W 540 36.39 -34.40 0.76
CA LEU W 540 35.28 -35.06 1.44
C LEU W 540 34.18 -35.44 0.46
N LYS W 541 33.98 -34.66 -0.60
CA LYS W 541 33.03 -35.06 -1.64
C LYS W 541 33.52 -36.27 -2.39
N GLY W 542 34.84 -36.39 -2.58
CA GLY W 542 35.38 -37.62 -3.14
C GLY W 542 35.23 -38.80 -2.21
N VAL W 543 35.30 -38.56 -0.90
CA VAL W 543 35.19 -39.66 0.06
C VAL W 543 33.75 -40.15 0.15
N LEU W 544 32.80 -39.23 0.30
CA LEU W 544 31.42 -39.62 0.58
C LEU W 544 30.73 -40.15 -0.67
N TYR W 545 31.03 -39.55 -1.82
CA TYR W 545 30.47 -39.99 -3.09
C TYR W 545 31.41 -40.93 -3.83
N SER W 546 32.21 -41.69 -3.09
CA SER W 546 33.16 -42.60 -3.73
C SER W 546 32.46 -43.84 -4.27
N ARG W 547 31.49 -44.35 -3.52
CA ARG W 547 30.82 -45.60 -3.86
C ARG W 547 29.64 -45.40 -4.79
N SER W 548 28.87 -44.34 -4.59
CA SER W 548 27.63 -44.14 -5.34
C SER W 548 27.27 -42.68 -5.32
N SER W 549 26.35 -42.31 -6.20
CA SER W 549 25.79 -40.96 -6.25
C SER W 549 24.44 -41.04 -6.93
N ARG W 550 23.79 -39.89 -7.07
CA ARG W 550 22.58 -39.83 -7.88
C ARG W 550 22.91 -39.95 -9.36
N LEU W 551 24.14 -39.58 -9.75
CA LEU W 551 24.55 -39.69 -11.14
C LEU W 551 24.90 -41.13 -11.50
N ILE W 552 25.91 -41.69 -10.84
CA ILE W 552 26.37 -43.04 -11.08
C ILE W 552 26.18 -43.85 -9.80
N PRO W 553 25.12 -44.65 -9.73
CA PRO W 553 24.89 -45.45 -8.52
C PRO W 553 25.84 -46.63 -8.40
N ASP W 554 26.22 -47.22 -9.51
CA ASP W 554 27.14 -48.36 -9.51
C ASP W 554 28.57 -47.88 -9.78
N LYS W 555 29.07 -47.05 -8.86
CA LYS W 555 30.38 -46.46 -9.00
C LYS W 555 31.46 -47.18 -8.20
N ALA W 556 31.08 -48.05 -7.27
CA ALA W 556 32.07 -48.83 -6.54
C ALA W 556 32.65 -49.94 -7.40
N GLU W 557 31.87 -50.45 -8.36
CA GLU W 557 32.37 -51.50 -9.24
C GLU W 557 33.35 -50.95 -10.27
N LEU W 558 33.27 -49.64 -10.55
CA LEU W 558 34.21 -49.02 -11.47
C LEU W 558 35.59 -48.84 -10.85
N GLY W 559 35.66 -48.71 -9.53
CA GLY W 559 36.93 -48.63 -8.83
C GLY W 559 37.21 -47.24 -8.31
N PHE W 560 38.35 -47.13 -7.63
CA PHE W 560 38.82 -45.84 -7.16
C PHE W 560 39.35 -45.00 -8.32
N ARG W 561 40.14 -45.61 -9.20
CA ARG W 561 40.90 -44.90 -10.21
C ARG W 561 40.37 -45.29 -11.58
N PHE W 562 39.33 -44.60 -12.03
CA PHE W 562 38.81 -44.73 -13.38
C PHE W 562 38.53 -43.34 -13.92
N PRO W 563 38.63 -43.14 -15.24
CA PRO W 563 38.47 -41.78 -15.78
C PRO W 563 37.05 -41.24 -15.68
N CYS W 564 36.09 -42.03 -16.13
CA CYS W 564 34.73 -41.56 -16.33
C CYS W 564 33.86 -42.79 -16.54
N ASP W 565 32.55 -42.55 -16.56
CA ASP W 565 31.63 -43.60 -16.99
C ASP W 565 31.20 -43.43 -18.43
N GLY W 566 31.38 -42.26 -19.02
CA GLY W 566 31.08 -42.03 -20.41
C GLY W 566 30.56 -40.63 -20.64
N PRO W 567 30.23 -40.30 -21.90
CA PRO W 567 29.61 -39.00 -22.19
C PRO W 567 28.13 -38.95 -21.87
N GLY W 568 27.56 -40.03 -21.37
CA GLY W 568 26.17 -40.04 -21.02
C GLY W 568 25.91 -39.36 -19.70
N ARG W 569 24.61 -39.21 -19.41
CA ARG W 569 24.10 -38.43 -18.29
C ARG W 569 24.63 -36.99 -18.33
N GLY W 570 24.77 -36.45 -19.53
CA GLY W 570 25.41 -35.18 -19.76
C GLY W 570 26.90 -35.25 -19.93
N GLY W 571 27.54 -36.32 -19.46
CA GLY W 571 28.98 -36.44 -19.44
C GLY W 571 29.53 -36.63 -18.05
N THR W 572 29.93 -37.85 -17.72
CA THR W 572 30.34 -38.18 -16.35
C THR W 572 31.86 -38.13 -16.21
N CYS W 573 32.44 -36.98 -16.55
CA CYS W 573 33.88 -36.81 -16.55
C CYS W 573 34.36 -36.48 -15.14
N GLN W 574 35.46 -37.10 -14.72
CA GLN W 574 36.09 -36.86 -13.41
C GLN W 574 35.14 -37.15 -12.25
N VAL W 575 34.39 -38.24 -12.37
CA VAL W 575 33.47 -38.65 -11.31
C VAL W 575 34.14 -39.46 -10.21
N SER W 576 35.33 -40.00 -10.45
CA SER W 576 35.93 -40.96 -9.54
C SER W 576 36.43 -40.27 -8.27
N GLY W 577 36.73 -41.10 -7.27
CA GLY W 577 37.39 -40.60 -6.08
C GLY W 577 38.80 -40.13 -6.33
N TRP W 578 39.46 -40.66 -7.36
CA TRP W 578 40.80 -40.21 -7.73
C TRP W 578 40.77 -38.78 -8.24
N ASP W 579 39.77 -38.43 -9.04
CA ASP W 579 39.73 -37.10 -9.65
C ASP W 579 39.43 -36.02 -8.64
N HIS W 580 38.79 -36.36 -7.53
CA HIS W 580 38.66 -35.40 -6.45
C HIS W 580 39.97 -35.13 -5.76
N VAL W 581 40.85 -36.14 -5.66
CA VAL W 581 42.21 -35.90 -5.19
C VAL W 581 42.97 -35.06 -6.20
N PHE W 582 42.70 -35.29 -7.49
CA PHE W 582 43.34 -34.54 -8.56
C PHE W 582 42.99 -33.06 -8.48
N LEU W 583 41.71 -32.75 -8.19
CA LEU W 583 41.30 -31.36 -8.01
C LEU W 583 41.74 -30.79 -6.65
N GLY W 584 41.75 -31.62 -5.61
CA GLY W 584 42.21 -31.19 -4.31
C GLY W 584 43.68 -30.90 -4.24
N LEU W 585 44.48 -31.46 -5.15
CA LEU W 585 45.87 -31.06 -5.27
C LEU W 585 46.01 -29.63 -5.78
N PHE W 586 45.19 -29.23 -6.75
CA PHE W 586 45.17 -27.83 -7.17
C PHE W 586 44.72 -26.93 -6.04
N TRP W 587 43.72 -27.37 -5.30
CA TRP W 587 43.23 -26.50 -4.23
C TRP W 587 44.14 -26.46 -3.01
N MET W 588 44.90 -27.51 -2.72
CA MET W 588 45.93 -27.36 -1.68
C MET W 588 47.08 -26.50 -2.17
N TYR W 589 47.42 -26.57 -3.47
CA TYR W 589 48.37 -25.61 -4.03
C TYR W 589 47.92 -24.18 -3.80
N ASN W 590 46.66 -23.88 -4.11
CA ASN W 590 46.12 -22.55 -3.92
C ASN W 590 46.12 -22.15 -2.44
N SER W 591 45.68 -23.06 -1.57
CA SER W 591 45.58 -22.80 -0.15
C SER W 591 46.95 -22.53 0.47
N LEU W 592 47.89 -23.44 0.25
CA LEU W 592 49.19 -23.33 0.89
C LEU W 592 50.03 -22.23 0.24
N SER W 593 49.79 -21.91 -1.03
CA SER W 593 50.44 -20.77 -1.64
C SER W 593 49.99 -19.47 -0.98
N ILE W 594 48.70 -19.35 -0.70
CA ILE W 594 48.22 -18.16 0.01
C ILE W 594 48.75 -18.13 1.43
N VAL W 595 48.89 -19.30 2.07
CA VAL W 595 49.43 -19.38 3.43
C VAL W 595 50.87 -18.91 3.47
N ILE W 596 51.71 -19.43 2.58
CA ILE W 596 53.12 -19.04 2.60
C ILE W 596 53.31 -17.62 2.06
N PHE W 597 52.38 -17.11 1.25
CA PHE W 597 52.45 -15.72 0.84
C PHE W 597 52.11 -14.78 1.98
N HIS W 598 51.09 -15.14 2.78
CA HIS W 598 50.74 -14.40 3.98
C HIS W 598 51.90 -14.41 4.97
N PHE W 599 52.54 -15.55 5.14
CA PHE W 599 53.71 -15.63 6.03
C PHE W 599 54.85 -14.77 5.51
N SER W 600 55.23 -14.94 4.24
CA SER W 600 56.39 -14.25 3.69
C SER W 600 56.17 -12.75 3.56
N TRP W 601 54.93 -12.28 3.54
CA TRP W 601 54.70 -10.84 3.57
C TRP W 601 54.53 -10.30 4.98
N LYS W 602 53.78 -10.98 5.85
CA LYS W 602 53.54 -10.48 7.19
C LYS W 602 54.82 -10.46 8.02
N MET W 603 55.66 -11.48 7.91
CA MET W 603 56.89 -11.50 8.68
C MET W 603 57.90 -10.51 8.14
N GLN W 604 57.95 -10.33 6.81
CA GLN W 604 58.88 -9.38 6.23
C GLN W 604 58.47 -7.94 6.49
N SER W 605 57.17 -7.68 6.58
CA SER W 605 56.69 -6.32 6.76
C SER W 605 56.54 -5.93 8.22
N ASP W 606 56.26 -6.88 9.11
CA ASP W 606 55.90 -6.55 10.48
C ASP W 606 56.72 -7.26 11.54
N VAL W 607 57.55 -8.25 11.18
CA VAL W 607 58.35 -8.95 12.18
C VAL W 607 59.83 -8.81 11.85
N TRP W 608 60.25 -9.31 10.69
CA TRP W 608 61.65 -9.33 10.34
C TRP W 608 62.15 -7.93 10.00
N GLY W 609 63.43 -7.72 10.19
CA GLY W 609 64.05 -6.44 9.91
C GLY W 609 65.21 -6.19 10.84
N THR W 610 65.79 -5.00 10.69
CA THR W 610 66.92 -4.60 11.53
C THR W 610 66.45 -3.71 12.66
N VAL W 611 67.28 -3.58 13.68
CA VAL W 611 67.00 -2.75 14.83
C VAL W 611 67.89 -1.53 14.75
N LEU W 612 67.30 -0.34 14.72
CA LEU W 612 68.07 0.88 14.78
C LEU W 612 68.63 1.06 16.18
N PRO W 613 69.77 1.78 16.34
CA PRO W 613 70.32 2.02 17.68
C PRO W 613 69.41 2.85 18.59
N ASP W 614 68.48 3.60 18.00
CA ASP W 614 67.50 4.35 18.76
C ASP W 614 66.51 3.40 19.44
N GLY W 615 66.24 2.26 18.82
CA GLY W 615 65.34 1.26 19.35
C GLY W 615 64.23 0.85 18.40
N SER W 616 63.92 1.66 17.40
CA SER W 616 62.87 1.32 16.44
C SER W 616 63.35 0.23 15.48
N VAL W 617 62.38 -0.47 14.90
CA VAL W 617 62.65 -1.60 14.02
C VAL W 617 62.35 -1.15 12.59
N SER W 618 63.35 -1.24 11.72
CA SER W 618 63.17 -0.97 10.30
C SER W 618 62.98 -2.32 9.61
N HIS W 619 61.77 -2.59 9.15
CA HIS W 619 61.45 -3.88 8.57
C HIS W 619 61.96 -3.98 7.14
N ILE W 620 61.76 -5.16 6.56
CA ILE W 620 62.32 -5.46 5.24
C ILE W 620 61.59 -4.66 4.16
N THR W 621 60.26 -4.70 4.18
CA THR W 621 59.49 -3.95 3.19
C THR W 621 59.00 -2.61 3.70
N GLY W 622 58.71 -2.49 4.99
CA GLY W 622 58.37 -1.20 5.57
C GLY W 622 56.96 -1.11 6.10
N GLY W 623 56.41 -2.24 6.53
CA GLY W 623 55.06 -2.27 7.07
C GLY W 623 53.97 -1.96 6.08
N ASN W 624 54.07 -2.49 4.87
CA ASN W 624 53.06 -2.27 3.85
C ASN W 624 51.96 -3.33 3.85
N PHE W 625 51.98 -4.26 4.81
CA PHE W 625 50.91 -5.23 4.91
C PHE W 625 49.62 -4.61 5.39
N ALA W 626 49.69 -3.50 6.14
CA ALA W 626 48.49 -2.90 6.68
C ALA W 626 47.63 -2.26 5.59
N GLN W 627 48.25 -1.73 4.54
CA GLN W 627 47.52 -1.00 3.51
C GLN W 627 47.53 -1.64 2.14
N SER W 628 48.45 -2.57 1.86
CA SER W 628 48.50 -3.20 0.55
C SER W 628 48.06 -4.66 0.54
N ALA W 629 48.03 -5.32 1.69
CA ALA W 629 47.55 -6.70 1.72
C ALA W 629 46.03 -6.80 1.78
N ILE W 630 45.34 -5.70 1.54
CA ILE W 630 43.88 -5.70 1.47
C ILE W 630 43.39 -5.69 0.03
N THR W 631 44.27 -5.54 -0.94
CA THR W 631 43.92 -5.47 -2.35
C THR W 631 44.70 -6.52 -3.13
N ILE W 632 44.08 -7.04 -4.18
CA ILE W 632 44.79 -7.95 -5.08
C ILE W 632 45.89 -7.21 -5.83
N ASN W 633 45.67 -5.94 -6.17
CA ASN W 633 46.72 -5.15 -6.80
C ASN W 633 47.87 -4.88 -5.84
N GLY W 634 47.56 -4.77 -4.54
CA GLY W 634 48.63 -4.64 -3.56
C GLY W 634 49.43 -5.91 -3.40
N TRP W 635 48.76 -7.07 -3.46
CA TRP W 635 49.45 -8.35 -3.42
C TRP W 635 50.27 -8.58 -4.68
N LEU W 636 49.79 -8.09 -5.81
CA LEU W 636 50.54 -8.22 -7.06
C LEU W 636 51.71 -7.27 -7.12
N ARG W 637 51.52 -6.04 -6.64
CA ARG W 637 52.51 -4.99 -6.80
C ARG W 637 53.54 -5.01 -5.68
N ASP W 638 53.07 -4.93 -4.44
CA ASP W 638 53.96 -4.79 -3.30
C ASP W 638 54.51 -6.11 -2.78
N PHE W 639 53.98 -7.24 -3.25
CA PHE W 639 54.52 -8.54 -2.86
C PHE W 639 55.09 -9.31 -4.03
N LEU W 640 54.32 -9.58 -5.08
CA LEU W 640 54.84 -10.41 -6.16
C LEU W 640 55.76 -9.62 -7.08
N TRP W 641 55.39 -8.39 -7.45
CA TRP W 641 56.25 -7.62 -8.33
C TRP W 641 57.46 -7.08 -7.59
N ALA W 642 57.26 -6.60 -6.36
CA ALA W 642 58.31 -5.90 -5.64
C ALA W 642 59.39 -6.85 -5.14
N GLN W 643 58.99 -8.00 -4.60
CA GLN W 643 59.94 -8.92 -3.98
C GLN W 643 60.54 -9.90 -4.98
N ALA W 644 60.07 -9.93 -6.23
CA ALA W 644 60.71 -10.73 -7.26
C ALA W 644 61.73 -9.92 -8.04
N ALA W 645 62.03 -8.71 -7.59
CA ALA W 645 63.14 -7.94 -8.14
C ALA W 645 64.49 -8.58 -7.83
N ASN W 646 64.57 -9.41 -6.78
CA ASN W 646 65.79 -10.13 -6.44
C ASN W 646 66.00 -11.38 -7.27
N VAL W 647 64.93 -12.05 -7.68
CA VAL W 647 65.05 -13.35 -8.34
C VAL W 647 65.31 -13.15 -9.83
N ILE W 648 64.93 -11.98 -10.36
CA ILE W 648 65.15 -11.72 -11.77
C ILE W 648 66.43 -10.94 -12.03
N ASN W 649 66.99 -10.29 -11.01
CA ASN W 649 68.26 -9.59 -11.12
C ASN W 649 69.40 -10.42 -10.54
N SER W 650 69.12 -11.69 -10.29
CA SER W 650 70.08 -12.60 -9.68
C SER W 650 71.08 -13.16 -10.69
N TYR W 651 70.88 -12.94 -11.98
CA TYR W 651 71.75 -13.48 -13.01
C TYR W 651 73.14 -12.84 -12.94
N GLY W 652 74.15 -13.66 -13.19
CA GLY W 652 75.52 -13.19 -13.03
C GLY W 652 75.94 -13.02 -11.59
N SER W 653 75.24 -13.67 -10.66
CA SER W 653 75.56 -13.58 -9.24
C SER W 653 75.48 -14.97 -8.64
N ALA W 654 75.60 -15.03 -7.31
CA ALA W 654 75.62 -16.31 -6.62
C ALA W 654 74.24 -16.94 -6.48
N LEU W 655 73.18 -16.15 -6.69
CA LEU W 655 71.81 -16.66 -6.59
C LEU W 655 71.17 -16.84 -7.95
N SER W 656 71.97 -16.96 -9.01
CA SER W 656 71.42 -17.09 -10.36
C SER W 656 70.79 -18.45 -10.60
N ALA W 657 71.19 -19.47 -9.83
CA ALA W 657 70.50 -20.76 -9.90
C ALA W 657 69.06 -20.64 -9.45
N TYR W 658 68.77 -19.72 -8.53
CA TYR W 658 67.39 -19.45 -8.15
C TYR W 658 66.60 -18.77 -9.27
N GLY W 659 67.21 -17.87 -10.03
CA GLY W 659 66.52 -17.31 -11.18
C GLY W 659 66.28 -18.35 -12.26
N ILE W 660 67.25 -19.26 -12.44
CA ILE W 660 67.11 -20.38 -13.38
C ILE W 660 65.96 -21.27 -12.94
N MET W 661 65.86 -21.57 -11.64
CA MET W 661 64.79 -22.42 -11.14
C MET W 661 63.45 -21.71 -11.17
N PHE W 662 63.45 -20.39 -11.03
CA PHE W 662 62.24 -19.58 -11.19
C PHE W 662 61.67 -19.71 -12.60
N LEU W 663 62.52 -19.54 -13.60
CA LEU W 663 62.10 -19.71 -14.98
C LEU W 663 61.75 -21.16 -15.29
N ALA W 664 62.46 -22.10 -14.68
CA ALA W 664 62.20 -23.51 -14.91
C ALA W 664 60.83 -23.92 -14.36
N GLY W 665 60.49 -23.41 -13.17
CA GLY W 665 59.16 -23.65 -12.63
C GLY W 665 58.06 -23.00 -13.43
N HIS W 666 58.32 -21.81 -13.99
CA HIS W 666 57.35 -21.23 -14.93
C HIS W 666 57.15 -22.12 -16.15
N PHE W 667 58.24 -22.69 -16.67
CA PHE W 667 58.16 -23.60 -17.80
C PHE W 667 57.34 -24.84 -17.45
N VAL W 668 57.57 -25.42 -16.28
CA VAL W 668 56.86 -26.66 -15.93
C VAL W 668 55.39 -26.39 -15.64
N PHE W 669 55.08 -25.24 -15.05
CA PHE W 669 53.68 -24.86 -14.87
C PHE W 669 52.97 -24.68 -16.20
N ALA W 670 53.63 -24.05 -17.17
CA ALA W 670 53.02 -23.91 -18.49
C ALA W 670 52.95 -25.24 -19.22
N PHE W 671 53.93 -26.12 -18.98
CA PHE W 671 53.96 -27.44 -19.59
C PHE W 671 52.85 -28.33 -19.07
N SER W 672 52.41 -28.09 -17.83
CA SER W 672 51.33 -28.87 -17.23
C SER W 672 50.02 -28.70 -17.98
N LEU W 673 49.79 -27.52 -18.55
CA LEU W 673 48.48 -27.22 -19.13
C LEU W 673 48.26 -27.93 -20.45
N MET W 674 49.32 -28.43 -21.09
CA MET W 674 49.14 -29.29 -22.25
C MET W 674 48.44 -30.59 -21.86
N PHE W 675 48.85 -31.17 -20.74
CA PHE W 675 48.20 -32.38 -20.24
C PHE W 675 46.86 -32.08 -19.57
N LEU W 676 46.76 -30.92 -18.91
CA LEU W 676 45.55 -30.60 -18.17
C LEU W 676 44.41 -30.20 -19.10
N PHE W 677 44.72 -29.45 -20.16
CA PHE W 677 43.67 -28.88 -20.98
C PHE W 677 43.21 -29.84 -22.06
N SER W 678 44.16 -30.54 -22.68
CA SER W 678 43.86 -31.41 -23.80
C SER W 678 43.32 -32.75 -23.31
N GLY W 679 43.01 -33.63 -24.27
CA GLY W 679 42.51 -34.94 -23.94
C GLY W 679 43.26 -36.01 -24.72
N ARG W 680 42.93 -37.26 -24.42
CA ARG W 680 43.69 -38.39 -24.95
C ARG W 680 43.48 -38.57 -26.45
N GLY W 681 42.26 -38.32 -26.93
CA GLY W 681 41.93 -38.64 -28.32
C GLY W 681 42.59 -37.74 -29.33
N TYR W 682 43.05 -36.55 -28.94
CA TYR W 682 43.92 -35.79 -29.83
C TYR W 682 45.24 -36.51 -30.01
N TRP W 683 45.86 -36.87 -28.89
CA TRP W 683 47.23 -37.35 -28.90
C TRP W 683 47.33 -38.75 -29.45
N GLN W 684 46.29 -39.56 -29.29
CA GLN W 684 46.27 -40.87 -29.92
C GLN W 684 46.26 -40.75 -31.43
N GLU W 685 45.56 -39.75 -31.97
CA GLU W 685 45.51 -39.60 -33.42
C GLU W 685 46.82 -39.03 -33.94
N LEU W 686 47.44 -38.13 -33.17
CA LEU W 686 48.75 -37.62 -33.53
C LEU W 686 49.81 -38.72 -33.52
N ILE W 687 49.79 -39.57 -32.50
CA ILE W 687 50.69 -40.74 -32.47
C ILE W 687 50.38 -41.69 -33.62
N GLU W 688 49.10 -41.80 -34.03
CA GLU W 688 48.77 -42.60 -35.21
C GLU W 688 49.41 -42.05 -36.46
N SER W 689 49.46 -40.72 -36.59
CA SER W 689 50.18 -40.11 -37.70
C SER W 689 51.69 -40.38 -37.62
N ILE W 690 52.25 -40.40 -36.42
CA ILE W 690 53.69 -40.68 -36.28
C ILE W 690 54.01 -42.15 -36.56
N VAL W 691 53.10 -43.07 -36.20
CA VAL W 691 53.31 -44.51 -36.42
C VAL W 691 53.42 -44.82 -37.90
N TRP W 692 52.70 -44.10 -38.76
CA TRP W 692 52.79 -44.39 -40.18
C TRP W 692 54.14 -43.97 -40.73
N ALA W 693 54.67 -42.85 -40.23
CA ALA W 693 55.99 -42.38 -40.65
C ALA W 693 57.08 -43.30 -40.16
N HIS W 694 56.86 -43.95 -39.02
CA HIS W 694 57.79 -44.98 -38.58
C HIS W 694 57.65 -46.25 -39.41
N ASN W 695 56.41 -46.61 -39.77
CA ASN W 695 56.14 -47.77 -40.61
C ASN W 695 56.74 -47.60 -42.00
N LYS W 696 56.83 -46.36 -42.47
CA LYS W 696 57.38 -46.08 -43.79
C LYS W 696 58.88 -46.40 -43.85
N LEU W 697 59.58 -46.26 -42.73
CA LEU W 697 61.01 -46.50 -42.68
C LEU W 697 61.38 -47.70 -41.81
N LYS W 698 60.47 -48.67 -41.67
CA LYS W 698 60.67 -49.91 -40.90
C LYS W 698 61.02 -49.62 -39.44
N LEU W 699 60.40 -48.59 -38.88
CA LEU W 699 60.66 -48.17 -37.51
C LEU W 699 59.47 -48.44 -36.60
N ALA W 700 58.67 -49.45 -36.89
CA ALA W 700 57.56 -49.83 -36.04
C ALA W 700 58.10 -50.45 -34.75
N PRO W 701 57.79 -49.88 -33.59
CA PRO W 701 58.21 -50.52 -32.33
C PRO W 701 57.32 -51.72 -32.03
N ALA W 702 57.90 -52.69 -31.33
CA ALA W 702 57.13 -53.86 -30.91
C ALA W 702 56.08 -53.47 -29.88
N ILE W 703 56.47 -52.70 -28.88
CA ILE W 703 55.53 -52.10 -27.94
C ILE W 703 54.85 -50.93 -28.63
N GLN W 704 53.57 -51.08 -28.93
CA GLN W 704 52.85 -50.09 -29.73
C GLN W 704 52.67 -48.80 -28.95
N PRO W 705 53.01 -47.65 -29.53
CA PRO W 705 52.90 -46.37 -28.79
C PRO W 705 51.45 -45.94 -28.65
N ARG W 706 51.02 -45.79 -27.40
CA ARG W 706 49.71 -45.27 -27.07
C ARG W 706 49.87 -43.93 -26.39
N ALA W 707 48.84 -43.09 -26.51
CA ALA W 707 48.78 -41.90 -25.69
C ALA W 707 48.57 -42.28 -24.23
N LEU W 708 48.96 -41.37 -23.34
CA LEU W 708 48.75 -41.59 -21.91
C LEU W 708 47.26 -41.67 -21.63
N SER W 709 46.89 -42.52 -20.67
CA SER W 709 45.47 -42.68 -20.34
C SER W 709 44.94 -41.41 -19.69
N ILE W 710 43.61 -41.33 -19.60
CA ILE W 710 42.94 -40.11 -19.14
C ILE W 710 43.33 -39.80 -17.70
N VAL W 711 43.32 -40.81 -16.84
CA VAL W 711 43.78 -40.65 -15.47
C VAL W 711 45.27 -40.34 -15.43
N GLN W 712 46.06 -40.98 -16.29
CA GLN W 712 47.48 -40.67 -16.31
C GLN W 712 47.75 -39.29 -16.91
N GLY W 713 46.93 -38.87 -17.87
CA GLY W 713 47.04 -37.51 -18.38
C GLY W 713 46.76 -36.47 -17.31
N ARG W 714 45.71 -36.70 -16.52
CA ARG W 714 45.43 -35.82 -15.39
C ARG W 714 46.52 -35.87 -14.33
N ALA W 715 47.08 -37.07 -14.07
CA ALA W 715 48.14 -37.20 -13.07
C ALA W 715 49.41 -36.49 -13.50
N VAL W 716 49.79 -36.62 -14.76
CA VAL W 716 50.96 -35.93 -15.30
C VAL W 716 50.73 -34.42 -15.27
N GLY W 717 49.54 -33.97 -15.64
CA GLY W 717 49.24 -32.55 -15.60
C GLY W 717 49.28 -31.96 -14.19
N VAL W 718 48.70 -32.65 -13.22
CA VAL W 718 48.69 -32.12 -11.86
C VAL W 718 50.08 -32.21 -11.22
N ALA W 719 50.85 -33.25 -11.53
CA ALA W 719 52.21 -33.35 -10.99
C ALA W 719 53.11 -32.27 -11.56
N HIS W 720 52.99 -32.00 -12.86
CA HIS W 720 53.73 -30.90 -13.47
C HIS W 720 53.26 -29.55 -12.95
N TYR W 721 51.97 -29.39 -12.70
CA TYR W 721 51.45 -28.13 -12.19
C TYR W 721 51.99 -27.83 -10.80
N LEU W 722 51.91 -28.83 -9.91
CA LEU W 722 52.41 -28.66 -8.55
C LEU W 722 53.93 -28.48 -8.54
N LEU W 723 54.65 -29.26 -9.36
CA LEU W 723 56.09 -29.14 -9.42
C LEU W 723 56.53 -27.77 -9.92
N GLY W 724 55.93 -27.31 -11.02
CA GLY W 724 56.27 -26.01 -11.57
C GLY W 724 55.88 -24.84 -10.69
N GLY W 725 54.75 -24.92 -10.00
CA GLY W 725 54.40 -23.85 -9.09
C GLY W 725 55.23 -23.82 -7.83
N ILE W 726 55.49 -25.00 -7.26
CA ILE W 726 56.23 -25.10 -6.02
C ILE W 726 57.70 -24.76 -6.23
N VAL W 727 58.30 -25.17 -7.34
CA VAL W 727 59.67 -24.80 -7.66
C VAL W 727 59.79 -23.29 -7.86
N THR W 728 58.79 -22.69 -8.51
CA THR W 728 58.74 -21.24 -8.70
C THR W 728 58.70 -20.50 -7.37
N THR W 729 57.81 -20.93 -6.48
CA THR W 729 57.68 -20.26 -5.19
C THR W 729 58.91 -20.49 -4.31
N TRP W 730 59.50 -21.68 -4.40
CA TRP W 730 60.75 -21.98 -3.69
C TRP W 730 61.88 -21.07 -4.14
N ALA W 731 62.03 -20.92 -5.45
CA ALA W 731 63.07 -20.06 -6.01
C ALA W 731 62.84 -18.59 -5.66
N PHE W 732 61.60 -18.12 -5.77
CA PHE W 732 61.27 -16.74 -5.43
C PHE W 732 61.54 -16.45 -3.96
N PHE W 733 61.04 -17.32 -3.08
CA PHE W 733 61.22 -17.15 -1.63
C PHE W 733 62.69 -17.16 -1.26
N LEU W 734 63.43 -18.15 -1.76
CA LEU W 734 64.82 -18.31 -1.33
C LEU W 734 65.71 -17.21 -1.89
N CYS W 735 65.47 -16.76 -3.13
CA CYS W 735 66.32 -15.72 -3.66
C CYS W 735 65.97 -14.35 -3.08
N ARG W 736 64.70 -14.14 -2.72
CA ARG W 736 64.34 -12.92 -2.00
C ARG W 736 64.98 -12.88 -0.62
N ILE W 737 64.85 -13.97 0.13
CA ILE W 737 65.28 -13.99 1.52
C ILE W 737 66.78 -14.21 1.69
N LEU W 738 67.48 -14.64 0.63
CA LEU W 738 68.94 -14.71 0.65
C LEU W 738 69.57 -13.41 0.21
N SER W 739 68.76 -12.42 -0.17
CA SER W 739 69.21 -11.08 -0.51
C SER W 739 68.79 -10.05 0.52
N VAL W 740 67.60 -10.19 1.10
CA VAL W 740 67.12 -9.23 2.10
C VAL W 740 67.31 -9.72 3.52
N GLY W 741 67.62 -11.00 3.72
CA GLY W 741 67.77 -11.54 5.06
C GLY W 741 69.22 -11.77 5.45
N ALA X 1 8.10 -29.35 -24.48
CA ALA X 1 7.08 -28.47 -25.04
C ALA X 1 7.38 -27.01 -24.72
N THR X 2 8.60 -26.58 -25.05
CA THR X 2 9.05 -25.22 -24.80
C THR X 2 9.37 -24.56 -26.14
N LYS X 3 8.89 -23.33 -26.32
CA LYS X 3 9.03 -22.63 -27.59
C LYS X 3 10.45 -22.21 -27.92
N PHE X 4 11.36 -22.21 -26.94
CA PHE X 4 12.76 -21.90 -27.18
C PHE X 4 13.58 -23.17 -27.02
N PRO X 5 14.50 -23.48 -27.96
CA PRO X 5 14.70 -22.77 -29.23
C PRO X 5 13.68 -23.16 -30.30
N LYS X 6 13.26 -22.18 -31.10
CA LYS X 6 12.30 -22.45 -32.16
C LYS X 6 12.91 -23.30 -33.26
N PHE X 7 14.18 -23.06 -33.58
CA PHE X 7 14.83 -23.68 -34.73
C PHE X 7 15.18 -25.14 -34.51
N SER X 8 15.33 -25.58 -33.27
CA SER X 8 15.68 -26.96 -32.96
C SER X 8 14.61 -27.54 -32.04
N GLN X 9 13.99 -28.64 -32.48
CA GLN X 9 12.99 -29.30 -31.67
C GLN X 9 13.58 -30.39 -30.78
N ASP X 10 14.79 -30.86 -31.07
CA ASP X 10 15.49 -31.75 -30.16
C ASP X 10 15.84 -31.03 -28.86
N LEU X 11 16.25 -29.76 -28.97
CA LEU X 11 16.54 -28.96 -27.80
C LEU X 11 15.31 -28.36 -27.16
N ALA X 12 14.18 -28.33 -27.89
CA ALA X 12 12.97 -27.73 -27.34
C ALA X 12 12.35 -28.62 -26.27
N GLN X 13 12.46 -29.93 -26.40
CA GLN X 13 11.96 -30.86 -25.40
C GLN X 13 13.02 -31.22 -24.36
N ASP X 14 14.15 -30.54 -24.35
CA ASP X 14 15.15 -30.73 -23.31
C ASP X 14 14.63 -30.14 -22.00
N PRO X 15 14.50 -30.93 -20.94
CA PRO X 15 13.98 -30.40 -19.67
C PRO X 15 15.02 -29.79 -18.75
N THR X 16 16.25 -29.60 -19.22
CA THR X 16 17.33 -29.12 -18.38
C THR X 16 17.74 -27.71 -18.81
N THR X 17 18.79 -27.20 -18.17
CA THR X 17 19.36 -25.90 -18.53
C THR X 17 20.25 -25.97 -19.77
N ARG X 18 20.53 -27.18 -20.27
CA ARG X 18 21.30 -27.32 -21.49
C ARG X 18 20.54 -26.80 -22.70
N ARG X 19 19.21 -26.73 -22.61
CA ARG X 19 18.38 -26.22 -23.69
C ARG X 19 18.70 -24.75 -23.99
N ILE X 20 18.83 -23.92 -22.96
CA ILE X 20 19.10 -22.50 -23.17
C ILE X 20 20.52 -22.29 -23.70
N TRP X 21 21.49 -22.98 -23.11
CA TRP X 21 22.88 -22.83 -23.49
C TRP X 21 23.12 -23.31 -24.92
N TYR X 22 22.44 -24.39 -25.33
CA TYR X 22 22.60 -24.90 -26.67
C TYR X 22 21.72 -24.18 -27.68
N GLY X 23 20.65 -23.52 -27.23
CA GLY X 23 19.90 -22.67 -28.13
C GLY X 23 20.62 -21.36 -28.40
N ILE X 24 21.47 -20.93 -27.47
CA ILE X 24 22.31 -19.77 -27.75
C ILE X 24 23.39 -20.12 -28.78
N ALA X 25 24.03 -21.28 -28.63
CA ALA X 25 25.19 -21.61 -29.45
C ALA X 25 24.84 -22.23 -30.80
N THR X 26 23.63 -22.73 -30.99
CA THR X 26 23.22 -23.28 -32.27
C THR X 26 22.30 -22.33 -33.03
N ALA X 27 22.24 -21.07 -32.62
CA ALA X 27 21.34 -20.11 -33.25
C ALA X 27 21.82 -19.73 -34.64
N HIS X 28 23.13 -19.59 -34.83
CA HIS X 28 23.66 -19.17 -36.11
C HIS X 28 24.08 -20.32 -37.01
N ASP X 29 24.01 -21.56 -36.53
CA ASP X 29 24.28 -22.72 -37.37
C ASP X 29 22.98 -23.08 -38.08
N PHE X 30 22.72 -22.36 -39.17
CA PHE X 30 21.44 -22.47 -39.86
C PHE X 30 21.28 -23.81 -40.58
N GLU X 31 22.39 -24.50 -40.87
CA GLU X 31 22.34 -25.76 -41.60
C GLU X 31 21.69 -26.88 -40.79
N THR X 32 21.81 -26.84 -39.47
CA THR X 32 21.24 -27.87 -38.60
C THR X 32 19.88 -27.48 -38.04
N HIS X 33 19.30 -26.39 -38.52
CA HIS X 33 17.98 -25.99 -38.05
C HIS X 33 16.92 -26.91 -38.63
N ASP X 34 15.86 -27.13 -37.85
CA ASP X 34 14.80 -28.03 -38.27
C ASP X 34 13.96 -27.39 -39.38
N GLY X 35 13.68 -28.19 -40.41
CA GLY X 35 12.92 -27.71 -41.55
C GLY X 35 13.63 -26.65 -42.37
N MET X 36 14.95 -26.78 -42.51
CA MET X 36 15.75 -25.81 -43.26
C MET X 36 16.14 -26.41 -44.60
N THR X 37 15.77 -25.73 -45.67
CA THR X 37 16.22 -26.04 -47.01
C THR X 37 17.40 -25.14 -47.38
N GLU X 38 18.09 -25.53 -48.45
CA GLU X 38 19.21 -24.72 -48.94
C GLU X 38 18.75 -23.36 -49.44
N GLU X 39 17.58 -23.32 -50.07
CA GLU X 39 17.03 -22.07 -50.61
C GLU X 39 16.71 -21.08 -49.50
N ASN X 40 16.18 -21.56 -48.37
CA ASN X 40 15.98 -20.71 -47.20
C ASN X 40 17.28 -20.43 -46.45
N LEU X 41 18.22 -21.37 -46.44
CA LEU X 41 19.53 -21.20 -45.81
C LEU X 41 20.27 -20.01 -46.39
N TYR X 42 20.38 -19.97 -47.72
CA TYR X 42 21.12 -18.90 -48.38
C TYR X 42 20.46 -17.54 -48.18
N GLN X 43 19.14 -17.48 -48.19
CA GLN X 43 18.45 -16.21 -47.97
C GLN X 43 18.56 -15.71 -46.55
N LYS X 44 18.51 -16.62 -45.56
CA LYS X 44 18.74 -16.21 -44.17
C LYS X 44 20.17 -15.72 -43.96
N ILE X 45 21.14 -16.37 -44.61
CA ILE X 45 22.53 -15.90 -44.53
C ILE X 45 22.66 -14.53 -45.21
N PHE X 46 21.97 -14.34 -46.33
CA PHE X 46 21.99 -13.07 -47.05
C PHE X 46 21.44 -11.93 -46.21
N ALA X 47 20.35 -12.17 -45.50
CA ALA X 47 19.80 -11.15 -44.61
C ALA X 47 20.66 -10.92 -43.36
N SER X 48 21.28 -11.97 -42.83
CA SER X 48 22.20 -11.81 -41.71
C SER X 48 23.42 -11.00 -42.10
N HIS X 49 23.86 -11.10 -43.36
CA HIS X 49 24.92 -10.26 -43.87
C HIS X 49 24.55 -8.79 -43.82
N PHE X 50 23.32 -8.45 -44.20
CA PHE X 50 22.88 -7.07 -44.18
C PHE X 50 22.77 -6.55 -42.75
N GLY X 51 22.24 -7.38 -41.84
CA GLY X 51 22.23 -7.01 -40.43
C GLY X 51 23.62 -6.79 -39.86
N HIS X 52 24.58 -7.61 -40.27
CA HIS X 52 25.94 -7.45 -39.81
C HIS X 52 26.62 -6.21 -40.40
N LEU X 53 26.39 -5.92 -41.69
CA LEU X 53 26.90 -4.67 -42.26
C LEU X 53 26.29 -3.46 -41.59
N ALA X 54 25.01 -3.53 -41.24
CA ALA X 54 24.39 -2.45 -40.49
C ALA X 54 24.99 -2.31 -39.10
N ILE X 55 25.37 -3.41 -38.46
CA ILE X 55 26.05 -3.35 -37.17
C ILE X 55 27.42 -2.69 -37.33
N ILE X 56 28.14 -3.01 -38.41
CA ILE X 56 29.43 -2.38 -38.69
C ILE X 56 29.27 -0.88 -38.92
N PHE X 57 28.26 -0.50 -39.71
CA PHE X 57 28.06 0.92 -40.01
C PHE X 57 27.56 1.70 -38.80
N LEU X 58 26.75 1.09 -37.93
CA LEU X 58 26.37 1.71 -36.68
C LEU X 58 27.54 1.85 -35.71
N TRP X 59 28.44 0.86 -35.67
CA TRP X 59 29.63 0.96 -34.84
C TRP X 59 30.55 2.08 -35.33
N THR X 60 30.73 2.18 -36.65
CA THR X 60 31.52 3.27 -37.21
C THR X 60 30.85 4.62 -36.96
N SER X 61 29.52 4.68 -37.10
CA SER X 61 28.79 5.91 -36.83
C SER X 61 28.91 6.34 -35.37
N GLY X 62 28.87 5.38 -34.45
CA GLY X 62 29.10 5.70 -33.05
C GLY X 62 30.50 6.18 -32.75
N THR X 63 31.50 5.59 -33.42
CA THR X 63 32.88 6.05 -33.25
C THR X 63 33.05 7.49 -33.73
N VAL X 64 32.55 7.80 -34.94
CA VAL X 64 32.69 9.15 -35.47
C VAL X 64 31.84 10.13 -34.68
N PHE X 65 30.67 9.69 -34.19
CA PHE X 65 29.81 10.56 -33.40
C PHE X 65 30.43 10.86 -32.04
N HIS X 66 31.20 9.93 -31.49
CA HIS X 66 31.84 10.21 -30.21
C HIS X 66 33.12 11.03 -30.38
N VAL X 67 33.77 10.92 -31.53
CA VAL X 67 34.84 11.88 -31.84
C VAL X 67 34.26 13.28 -32.00
N ALA X 68 33.12 13.40 -32.70
CA ALA X 68 32.53 14.71 -32.96
C ALA X 68 31.94 15.33 -31.70
N TRP X 69 31.24 14.53 -30.90
CA TRP X 69 30.41 15.06 -29.83
C TRP X 69 31.24 15.39 -28.60
N GLN X 70 31.85 14.37 -27.98
CA GLN X 70 32.54 14.55 -26.72
C GLN X 70 34.03 14.28 -26.81
N GLY X 71 34.57 14.20 -28.02
CA GLY X 71 36.00 14.20 -28.24
C GLY X 71 36.52 15.62 -28.47
N ASN X 72 37.83 15.69 -28.68
CA ASN X 72 38.48 16.97 -28.98
C ASN X 72 39.14 16.86 -30.35
N PHE X 73 38.36 17.10 -31.39
CA PHE X 73 38.93 17.15 -32.73
C PHE X 73 39.33 18.56 -33.14
N GLU X 74 38.78 19.58 -32.47
CA GLU X 74 39.23 20.93 -32.72
C GLU X 74 40.62 21.17 -32.14
N GLN X 75 40.85 20.71 -30.91
CA GLN X 75 42.12 20.94 -30.24
C GLN X 75 43.23 20.04 -30.76
N TRP X 76 42.88 18.85 -31.26
CA TRP X 76 43.91 17.88 -31.63
C TRP X 76 44.59 18.23 -32.94
N ILE X 77 43.86 18.85 -33.87
CA ILE X 77 44.44 19.18 -35.18
C ILE X 77 45.45 20.31 -35.06
N LYS X 78 45.37 21.10 -33.99
CA LYS X 78 46.36 22.15 -33.78
C LYS X 78 47.70 21.58 -33.32
N ASP X 79 47.67 20.63 -32.40
CA ASP X 79 48.88 19.97 -31.89
C ASP X 79 48.66 18.47 -31.83
N PRO X 80 48.84 17.77 -32.98
CA PRO X 80 48.62 16.32 -32.99
C PRO X 80 49.66 15.53 -32.22
N LEU X 81 50.84 16.10 -31.96
CA LEU X 81 51.89 15.38 -31.27
C LEU X 81 51.85 15.57 -29.75
N ASN X 82 51.01 16.47 -29.25
CA ASN X 82 50.94 16.74 -27.82
C ASN X 82 49.55 16.52 -27.25
N VAL X 83 48.49 16.89 -27.97
CA VAL X 83 47.15 16.72 -27.47
C VAL X 83 46.75 15.24 -27.58
N ARG X 84 46.22 14.70 -26.49
CA ARG X 84 45.75 13.32 -26.46
C ARG X 84 44.36 13.24 -27.05
N PRO X 85 44.10 12.31 -27.96
CA PRO X 85 42.77 12.19 -28.57
C PRO X 85 41.77 11.62 -27.56
N ILE X 86 40.57 12.17 -27.53
CA ILE X 86 39.53 11.71 -26.63
C ILE X 86 38.57 10.82 -27.38
N ALA X 87 38.38 9.59 -26.88
CA ALA X 87 37.42 8.68 -27.49
C ALA X 87 36.00 9.09 -27.17
N HIS X 88 35.64 9.09 -25.89
CA HIS X 88 34.30 9.43 -25.44
C HIS X 88 34.39 9.83 -23.98
N ALA X 89 33.30 10.40 -23.47
CA ALA X 89 33.24 10.79 -22.07
C ALA X 89 32.89 9.60 -21.19
N ILE X 90 33.20 9.72 -19.91
CA ILE X 90 32.87 8.70 -18.92
C ILE X 90 31.77 9.26 -18.04
N TRP X 91 30.66 8.55 -17.96
CA TRP X 91 29.63 8.80 -16.95
C TRP X 91 29.53 7.56 -16.08
N ASP X 92 30.11 7.62 -14.89
CA ASP X 92 30.16 6.50 -13.98
C ASP X 92 29.57 6.95 -12.65
N PRO X 93 28.52 6.31 -12.13
CA PRO X 93 28.04 6.62 -10.79
C PRO X 93 28.98 6.18 -9.68
N HIS X 94 29.96 5.32 -9.98
CA HIS X 94 30.80 4.70 -8.98
C HIS X 94 32.09 5.47 -8.72
N PHE X 95 32.39 6.49 -9.51
CA PHE X 95 33.63 7.24 -9.32
C PHE X 95 33.60 8.03 -8.01
N GLY X 96 34.72 7.98 -7.30
CA GLY X 96 34.99 8.90 -6.22
C GLY X 96 35.60 10.18 -6.76
N GLN X 97 36.11 11.00 -5.84
CA GLN X 97 36.74 12.24 -6.27
C GLN X 97 38.09 11.96 -6.93
N GLY X 98 38.79 10.92 -6.47
CA GLY X 98 40.09 10.59 -7.03
C GLY X 98 40.04 10.16 -8.48
N ALA X 99 39.06 9.32 -8.82
CA ALA X 99 38.89 8.89 -10.20
C ALA X 99 38.41 9.99 -11.13
N VAL X 100 37.53 10.87 -10.66
CA VAL X 100 37.12 12.02 -11.47
C VAL X 100 38.30 12.95 -11.71
N ASP X 101 39.13 13.16 -10.69
CA ASP X 101 40.31 14.00 -10.87
C ASP X 101 41.35 13.33 -11.77
N ALA X 102 41.46 12.00 -11.72
CA ALA X 102 42.45 11.30 -12.51
C ALA X 102 42.04 11.17 -13.97
N PHE X 103 40.75 10.97 -14.23
CA PHE X 103 40.27 10.78 -15.59
C PHE X 103 39.86 12.07 -16.26
N THR X 104 39.97 13.21 -15.57
CA THR X 104 39.83 14.51 -16.21
C THR X 104 41.16 14.80 -16.88
N GLN X 105 41.27 14.40 -18.13
CA GLN X 105 42.52 14.43 -18.87
C GLN X 105 42.31 15.02 -20.25
N ALA X 106 43.44 15.20 -20.96
CA ALA X 106 43.47 15.66 -22.36
C ALA X 106 42.79 17.01 -22.54
N GLY X 107 42.93 17.90 -21.55
CA GLY X 107 42.38 19.23 -21.66
C GLY X 107 40.89 19.32 -21.48
N ALA X 108 40.25 18.26 -21.00
CA ALA X 108 38.81 18.26 -20.79
C ALA X 108 38.49 18.73 -19.37
N SER X 109 37.21 19.04 -19.15
CA SER X 109 36.71 19.36 -17.82
C SER X 109 35.85 18.24 -17.25
N SER X 110 35.85 17.07 -17.87
CA SER X 110 35.02 15.93 -17.55
C SER X 110 35.88 14.69 -17.54
N PRO X 111 35.47 13.64 -16.82
CA PRO X 111 36.11 12.33 -17.00
C PRO X 111 35.92 11.82 -18.42
N VAL X 112 37.03 11.69 -19.14
CA VAL X 112 37.03 11.25 -20.53
C VAL X 112 38.03 10.12 -20.70
N ASN X 113 37.84 9.34 -21.75
CA ASN X 113 38.73 8.25 -22.09
C ASN X 113 39.63 8.71 -23.23
N VAL X 114 40.91 8.32 -23.18
CA VAL X 114 41.82 8.67 -24.25
C VAL X 114 41.74 7.62 -25.35
N ALA X 115 41.53 8.08 -26.58
CA ALA X 115 41.39 7.21 -27.73
C ALA X 115 42.74 6.59 -28.09
N TYR X 116 42.74 5.27 -28.28
CA TYR X 116 43.92 4.54 -28.68
C TYR X 116 43.72 3.78 -29.98
N SER X 117 42.51 3.81 -30.53
CA SER X 117 42.26 3.29 -31.87
C SER X 117 42.87 4.14 -32.95
N GLY X 118 43.15 5.41 -32.66
CA GLY X 118 43.79 6.30 -33.60
C GLY X 118 42.96 6.68 -34.80
N VAL X 119 41.64 6.81 -34.65
CA VAL X 119 40.83 7.26 -35.76
C VAL X 119 40.97 8.77 -35.96
N TYR X 120 41.53 9.47 -34.97
CA TYR X 120 41.80 10.89 -35.11
C TYR X 120 42.81 11.16 -36.24
N HIS X 121 43.88 10.38 -36.29
CA HIS X 121 44.87 10.47 -37.36
C HIS X 121 44.28 10.11 -38.70
N TRP X 122 43.43 9.09 -38.75
CA TRP X 122 42.74 8.70 -39.96
C TRP X 122 41.85 9.81 -40.48
N PHE X 123 41.06 10.43 -39.59
CA PHE X 123 40.15 11.49 -40.01
C PHE X 123 40.92 12.73 -40.45
N TYR X 124 42.00 13.07 -39.75
CA TYR X 124 42.81 14.22 -40.15
C TYR X 124 43.49 13.97 -41.48
N THR X 125 43.84 12.71 -41.77
CA THR X 125 44.50 12.41 -43.03
C THR X 125 43.52 12.41 -44.19
N ILE X 126 42.31 11.90 -43.98
CA ILE X 126 41.35 11.79 -45.09
C ILE X 126 40.61 13.07 -45.39
N GLY X 127 40.73 14.10 -44.55
CA GLY X 127 40.16 15.38 -44.90
C GLY X 127 39.22 16.00 -43.89
N MET X 128 38.99 15.31 -42.77
CA MET X 128 38.17 15.87 -41.70
C MET X 128 38.94 16.99 -41.03
N THR X 129 38.29 18.13 -40.83
CA THR X 129 38.91 19.26 -40.17
C THR X 129 38.18 19.68 -38.90
N ASN X 130 36.86 19.81 -38.93
CA ASN X 130 36.10 20.26 -37.79
C ASN X 130 35.15 19.17 -37.34
N ASN X 131 34.40 19.47 -36.28
CA ASN X 131 33.47 18.49 -35.72
C ASN X 131 32.22 18.33 -36.58
N GLN X 132 31.91 19.33 -37.40
CA GLN X 132 30.71 19.25 -38.23
C GLN X 132 30.90 18.26 -39.37
N ASP X 133 32.12 18.18 -39.90
CA ASP X 133 32.42 17.20 -40.93
C ASP X 133 32.38 15.78 -40.38
N LEU X 134 32.70 15.60 -39.10
CA LEU X 134 32.51 14.30 -38.47
C LEU X 134 31.04 14.02 -38.18
N TYR X 135 30.28 15.05 -37.79
CA TYR X 135 28.87 14.85 -37.50
C TYR X 135 28.09 14.48 -38.76
N GLN X 136 28.38 15.12 -39.88
CA GLN X 136 27.72 14.75 -41.13
C GLN X 136 28.12 13.36 -41.60
N GLY X 137 29.35 12.93 -41.30
CA GLY X 137 29.74 11.57 -41.59
C GLY X 137 29.04 10.55 -40.72
N ALA X 138 28.83 10.88 -39.44
CA ALA X 138 28.10 10.00 -38.54
C ALA X 138 26.63 9.88 -38.95
N VAL X 139 26.03 10.99 -39.36
CA VAL X 139 24.64 10.96 -39.81
C VAL X 139 24.51 10.17 -41.12
N PHE X 140 25.49 10.35 -42.02
CA PHE X 140 25.49 9.59 -43.27
C PHE X 140 25.66 8.10 -43.02
N LEU X 141 26.50 7.73 -42.05
CA LEU X 141 26.65 6.33 -41.69
C LEU X 141 25.40 5.76 -41.01
N LEU X 142 24.67 6.59 -40.25
CA LEU X 142 23.38 6.16 -39.73
C LEU X 142 22.39 5.88 -40.86
N ILE X 143 22.35 6.75 -41.86
CA ILE X 143 21.47 6.54 -43.02
C ILE X 143 21.89 5.29 -43.80
N LEU X 144 23.21 5.06 -43.92
CA LEU X 144 23.70 3.87 -44.61
C LEU X 144 23.36 2.59 -43.86
N SER X 145 23.45 2.61 -42.52
CA SER X 145 23.07 1.45 -41.72
C SER X 145 21.57 1.19 -41.82
N ALA X 146 20.75 2.25 -41.83
CA ALA X 146 19.31 2.08 -42.01
C ALA X 146 19.00 1.54 -43.40
N LEU X 147 19.76 1.96 -44.41
CA LEU X 147 19.60 1.46 -45.77
C LEU X 147 19.93 -0.02 -45.85
N PHE X 148 21.01 -0.45 -45.19
CA PHE X 148 21.36 -1.86 -45.16
C PHE X 148 20.33 -2.69 -44.39
N LEU X 149 19.78 -2.14 -43.31
CA LEU X 149 18.72 -2.81 -42.57
C LEU X 149 17.46 -2.98 -43.42
N PHE X 150 17.09 -1.94 -44.17
CA PHE X 150 15.92 -2.05 -45.03
C PHE X 150 16.17 -3.01 -46.19
N ALA X 151 17.40 -3.07 -46.70
CA ALA X 151 17.73 -4.04 -47.74
C ALA X 151 17.62 -5.47 -47.20
N GLY X 152 18.11 -5.70 -45.98
CA GLY X 152 18.00 -7.03 -45.39
C GLY X 152 16.58 -7.42 -45.09
N TRP X 153 15.75 -6.47 -44.64
CA TRP X 153 14.33 -6.76 -44.46
C TRP X 153 13.64 -7.02 -45.79
N LEU X 154 14.05 -6.30 -46.84
CA LEU X 154 13.43 -6.45 -48.15
C LEU X 154 13.76 -7.79 -48.77
N HIS X 155 14.98 -8.28 -48.59
CA HIS X 155 15.38 -9.54 -49.18
C HIS X 155 14.91 -10.76 -48.40
N LEU X 156 14.13 -10.57 -47.33
CA LEU X 156 13.40 -11.65 -46.71
C LEU X 156 11.95 -11.73 -47.18
N GLN X 157 11.45 -10.68 -47.82
CA GLN X 157 10.12 -10.71 -48.39
C GLN X 157 10.11 -11.63 -49.61
N PRO X 158 9.03 -12.40 -49.82
CA PRO X 158 9.04 -13.43 -50.87
C PRO X 158 9.12 -12.87 -52.29
N LYS X 159 8.79 -11.59 -52.49
CA LYS X 159 8.94 -10.99 -53.81
C LYS X 159 10.42 -10.80 -54.14
N PHE X 160 11.23 -10.46 -53.13
CA PHE X 160 12.62 -10.08 -53.33
C PHE X 160 13.60 -11.11 -52.78
N ARG X 161 13.12 -12.27 -52.34
CA ARG X 161 14.02 -13.34 -51.92
C ARG X 161 14.71 -13.90 -53.15
N PRO X 162 16.03 -13.89 -53.22
CA PRO X 162 16.72 -14.40 -54.41
C PRO X 162 16.62 -15.91 -54.50
N SER X 163 16.68 -16.41 -55.74
CA SER X 163 16.63 -17.84 -55.98
C SER X 163 17.98 -18.46 -55.65
N LEU X 164 18.02 -19.80 -55.64
CA LEU X 164 19.26 -20.51 -55.35
C LEU X 164 20.28 -20.36 -56.46
N SER X 165 19.82 -20.20 -57.71
CA SER X 165 20.74 -20.01 -58.82
C SER X 165 21.44 -18.66 -58.76
N TRP X 166 20.78 -17.65 -58.18
CA TRP X 166 21.42 -16.34 -58.02
C TRP X 166 22.54 -16.40 -57.00
N PHE X 167 22.35 -17.16 -55.92
CA PHE X 167 23.35 -17.26 -54.86
C PHE X 167 24.57 -18.05 -55.32
N LYS X 168 24.39 -19.04 -56.17
CA LYS X 168 25.47 -19.87 -56.67
C LYS X 168 26.01 -19.38 -57.99
N ASN X 169 25.63 -18.17 -58.41
CA ASN X 169 26.22 -17.52 -59.58
C ASN X 169 27.56 -16.93 -59.17
N ALA X 170 28.59 -17.77 -59.24
CA ALA X 170 29.94 -17.36 -58.86
C ALA X 170 30.56 -16.39 -59.86
N GLU X 171 30.26 -16.57 -61.16
CA GLU X 171 30.91 -15.77 -62.20
C GLU X 171 30.51 -14.31 -62.12
N SER X 172 29.22 -14.04 -61.96
CA SER X 172 28.74 -12.67 -61.80
C SER X 172 29.16 -12.03 -60.50
N ARG X 173 29.17 -12.80 -59.40
CA ARG X 173 29.59 -12.28 -58.10
C ARG X 173 31.06 -11.88 -58.12
N LEU X 174 31.92 -12.70 -58.73
CA LEU X 174 33.33 -12.36 -58.85
C LEU X 174 33.54 -11.14 -59.72
N ASN X 175 32.81 -11.03 -60.83
CA ASN X 175 32.93 -9.88 -61.72
C ASN X 175 32.54 -8.59 -61.01
N HIS X 176 31.42 -8.61 -60.28
CA HIS X 176 30.97 -7.41 -59.61
C HIS X 176 31.72 -7.14 -58.32
N HIS X 177 32.43 -8.13 -57.79
CA HIS X 177 33.22 -7.92 -56.59
C HIS X 177 34.62 -7.40 -56.92
N LEU X 178 35.19 -7.82 -58.04
CA LEU X 178 36.48 -7.29 -58.45
C LEU X 178 36.33 -5.96 -59.16
N ALA X 179 35.37 -5.85 -60.08
CA ALA X 179 35.18 -4.60 -60.81
C ALA X 179 34.51 -3.54 -59.94
N GLY X 180 33.49 -3.92 -59.17
CA GLY X 180 32.71 -2.95 -58.45
C GLY X 180 33.05 -2.79 -56.98
N LEU X 181 33.17 -3.90 -56.25
CA LEU X 181 33.47 -3.78 -54.82
C LEU X 181 34.93 -3.43 -54.57
N PHE X 182 35.82 -3.88 -55.45
CA PHE X 182 37.26 -3.63 -55.28
C PHE X 182 37.79 -2.56 -56.21
N GLY X 183 37.23 -2.42 -57.40
CA GLY X 183 37.73 -1.46 -58.36
C GLY X 183 37.02 -0.13 -58.33
N VAL X 184 35.69 -0.15 -58.32
CA VAL X 184 34.92 1.09 -58.27
C VAL X 184 35.09 1.77 -56.92
N SER X 185 35.18 0.98 -55.84
CA SER X 185 35.39 1.57 -54.52
C SER X 185 36.79 2.18 -54.38
N SER X 186 37.81 1.52 -54.92
CA SER X 186 39.15 2.10 -54.91
C SER X 186 39.24 3.32 -55.81
N LEU X 187 38.55 3.31 -56.95
CA LEU X 187 38.48 4.48 -57.82
C LEU X 187 37.76 5.63 -57.14
N ALA X 188 36.70 5.34 -56.41
CA ALA X 188 35.99 6.37 -55.65
C ALA X 188 36.84 6.92 -54.52
N TRP X 189 37.64 6.06 -53.87
CA TRP X 189 38.54 6.56 -52.84
C TRP X 189 39.65 7.40 -53.44
N THR X 190 40.09 7.06 -54.65
CA THR X 190 41.01 7.94 -55.39
C THR X 190 40.36 9.29 -55.67
N GLY X 191 39.08 9.28 -56.03
CA GLY X 191 38.36 10.53 -56.24
C GLY X 191 38.26 11.37 -54.99
N HIS X 192 38.02 10.74 -53.85
CA HIS X 192 38.01 11.46 -52.58
C HIS X 192 39.39 12.01 -52.23
N LEU X 193 40.44 11.23 -52.51
CA LEU X 193 41.80 11.65 -52.19
C LEU X 193 42.20 12.85 -53.02
N VAL X 194 42.00 12.80 -54.33
CA VAL X 194 42.42 13.90 -55.19
C VAL X 194 41.44 15.07 -55.08
N HIS X 195 40.23 14.82 -54.57
CA HIS X 195 39.23 15.87 -54.47
C HIS X 195 39.14 16.51 -53.09
N VAL X 196 39.35 15.75 -52.02
CA VAL X 196 39.21 16.26 -50.66
C VAL X 196 40.51 16.16 -49.88
N ALA X 197 41.09 14.96 -49.81
CA ALA X 197 42.16 14.70 -48.84
C ALA X 197 43.46 15.41 -49.20
N ILE X 198 43.88 15.32 -50.46
CA ILE X 198 45.08 16.01 -50.94
C ILE X 198 44.93 17.54 -50.87
N PRO X 199 43.84 18.17 -51.33
CA PRO X 199 43.75 19.64 -51.12
C PRO X 199 43.57 20.07 -49.67
N GLU X 200 42.90 19.27 -48.83
CA GLU X 200 42.83 19.62 -47.41
C GLU X 200 44.17 19.44 -46.71
N SER X 201 45.02 18.56 -47.21
CA SER X 201 46.39 18.49 -46.73
C SER X 201 47.21 19.71 -47.14
N ARG X 202 46.78 20.41 -48.19
CA ARG X 202 47.45 21.59 -48.68
C ARG X 202 46.73 22.87 -48.30
N GLY X 203 45.87 22.82 -47.28
CA GLY X 203 45.21 23.98 -46.74
C GLY X 203 43.96 24.42 -47.48
N VAL X 204 43.63 23.75 -48.58
CA VAL X 204 42.48 24.13 -49.40
C VAL X 204 41.27 23.36 -48.90
N HIS X 205 40.37 24.05 -48.21
CA HIS X 205 39.10 23.45 -47.83
C HIS X 205 38.23 23.20 -49.06
N VAL X 206 37.60 22.04 -49.09
CA VAL X 206 36.75 21.69 -50.22
C VAL X 206 35.30 21.55 -49.78
N GLY X 207 35.02 20.57 -48.93
CA GLY X 207 33.64 20.35 -48.52
C GLY X 207 32.75 19.83 -49.65
N TRP X 208 31.47 19.67 -49.32
CA TRP X 208 30.50 19.29 -50.34
C TRP X 208 30.02 20.47 -51.17
N ASP X 209 30.39 21.69 -50.81
CA ASP X 209 29.91 22.87 -51.52
C ASP X 209 30.83 23.27 -52.66
N ASN X 210 32.13 23.02 -52.53
CA ASN X 210 33.11 23.53 -53.47
C ASN X 210 33.79 22.45 -54.31
N PHE X 211 33.36 21.18 -54.23
CA PHE X 211 34.06 20.17 -55.00
C PHE X 211 33.70 20.23 -56.48
N LEU X 212 32.56 20.85 -56.81
CA LEU X 212 32.23 21.14 -58.19
C LEU X 212 32.84 22.46 -58.66
N SER X 213 33.48 23.21 -57.75
CA SER X 213 34.12 24.47 -58.09
C SER X 213 35.63 24.45 -57.97
N VAL X 214 36.18 23.85 -56.91
CA VAL X 214 37.62 23.69 -56.77
C VAL X 214 38.08 22.55 -57.66
N LYS X 215 38.96 22.87 -58.61
CA LYS X 215 39.46 21.91 -59.56
C LYS X 215 40.73 21.28 -58.99
N PRO X 216 40.80 19.94 -58.92
CA PRO X 216 41.92 19.28 -58.19
C PRO X 216 43.30 19.56 -58.73
N HIS X 217 43.43 19.77 -60.04
CA HIS X 217 44.70 20.11 -60.65
C HIS X 217 44.52 21.41 -61.44
N PRO X 218 45.59 22.20 -61.59
CA PRO X 218 45.50 23.36 -62.51
C PRO X 218 45.16 22.99 -63.94
N ALA X 219 45.60 21.84 -64.43
CA ALA X 219 45.17 21.30 -65.72
C ALA X 219 44.18 20.18 -65.41
N GLY X 220 42.91 20.55 -65.25
CA GLY X 220 41.89 19.61 -64.82
C GLY X 220 41.24 18.84 -65.94
N LEU X 221 41.49 17.52 -65.97
CA LEU X 221 40.93 16.52 -66.88
C LEU X 221 41.34 16.71 -68.34
N ALA X 222 42.16 17.70 -68.66
CA ALA X 222 42.71 17.86 -70.00
C ALA X 222 43.92 16.94 -70.27
N PRO X 223 44.89 16.77 -69.35
CA PRO X 223 45.93 15.75 -69.63
C PRO X 223 45.45 14.33 -69.53
N PHE X 224 44.29 14.08 -68.92
CA PHE X 224 43.80 12.71 -68.78
C PHE X 224 43.39 12.12 -70.12
N PHE X 225 42.76 12.92 -70.97
CA PHE X 225 42.25 12.41 -72.23
C PHE X 225 43.25 12.55 -73.38
N THR X 226 44.15 13.53 -73.31
CA THR X 226 45.17 13.66 -74.35
C THR X 226 46.20 12.55 -74.26
N GLY X 227 46.57 12.13 -73.05
CA GLY X 227 47.53 11.08 -72.84
C GLY X 227 48.78 11.48 -72.09
N ASN X 228 49.14 12.75 -72.09
CA ASN X 228 50.32 13.24 -71.36
C ASN X 228 50.03 13.34 -69.86
N TRP X 229 49.97 12.17 -69.22
CA TRP X 229 49.62 12.03 -67.81
C TRP X 229 50.69 12.56 -66.86
N GLY X 230 51.88 12.90 -67.35
CA GLY X 230 52.94 13.43 -66.50
C GLY X 230 52.66 14.79 -65.91
N VAL X 231 51.66 15.51 -66.43
CA VAL X 231 51.28 16.81 -65.90
C VAL X 231 50.80 16.69 -64.46
N TYR X 232 50.12 15.58 -64.14
CA TYR X 232 49.71 15.29 -62.77
C TYR X 232 50.87 14.90 -61.86
N ALA X 233 52.11 14.89 -62.33
CA ALA X 233 53.27 14.60 -61.50
C ALA X 233 54.40 15.59 -61.79
N GLN X 234 54.04 16.82 -62.13
CA GLN X 234 55.04 17.82 -62.51
C GLN X 234 55.57 18.61 -61.31
N ASN X 235 54.69 18.97 -60.37
CA ASN X 235 55.06 19.80 -59.22
C ASN X 235 54.67 19.05 -57.95
N PRO X 236 55.53 18.16 -57.46
CA PRO X 236 55.19 17.38 -56.26
C PRO X 236 55.33 18.25 -55.01
N ASP X 237 54.92 17.65 -53.89
CA ASP X 237 54.99 18.35 -52.61
C ASP X 237 56.45 18.47 -52.16
N THR X 238 56.82 19.67 -51.73
CA THR X 238 58.16 19.93 -51.24
C THR X 238 58.37 19.21 -49.90
N ALA X 239 59.62 18.87 -49.61
CA ALA X 239 59.95 18.26 -48.32
C ALA X 239 59.70 19.18 -47.13
N SER X 240 59.63 20.50 -47.37
CA SER X 240 59.30 21.47 -46.33
C SER X 240 57.80 21.73 -46.24
N HIS X 241 56.96 20.81 -46.72
CA HIS X 241 55.52 20.98 -46.63
C HIS X 241 55.05 20.74 -45.20
N VAL X 242 54.14 21.57 -44.74
CA VAL X 242 53.48 21.40 -43.44
C VAL X 242 52.05 20.96 -43.69
N PHE X 243 51.64 19.88 -43.02
CA PHE X 243 50.35 19.27 -43.27
C PHE X 243 49.22 20.17 -42.79
N GLY X 244 48.14 20.22 -43.58
CA GLY X 244 46.97 21.00 -43.24
C GLY X 244 47.06 22.47 -43.56
N THR X 245 48.11 22.91 -44.24
CA THR X 245 48.29 24.32 -44.56
C THR X 245 49.07 24.45 -45.86
N SER X 246 49.02 25.66 -46.43
CA SER X 246 49.40 25.86 -47.82
C SER X 246 50.88 26.12 -48.05
N GLU X 247 51.68 26.38 -47.01
CA GLU X 247 53.08 26.67 -47.24
C GLU X 247 53.87 25.38 -47.47
N GLY X 248 54.73 25.41 -48.49
CA GLY X 248 55.46 24.22 -48.88
C GLY X 248 54.68 23.24 -49.72
N ALA X 249 53.43 23.55 -50.02
CA ALA X 249 52.56 22.62 -50.72
C ALA X 249 52.83 22.62 -52.22
N GLY X 250 52.60 21.46 -52.84
CA GLY X 250 52.69 21.32 -54.27
C GLY X 250 51.33 21.49 -54.94
N SER X 251 51.28 21.07 -56.20
CA SER X 251 50.04 21.08 -56.97
C SER X 251 49.70 19.76 -57.62
N ALA X 252 50.66 18.84 -57.73
CA ALA X 252 50.41 17.55 -58.36
C ALA X 252 49.54 16.68 -57.49
N ILE X 253 48.56 16.02 -58.10
CA ILE X 253 47.66 15.15 -57.34
C ILE X 253 48.08 13.68 -57.38
N LEU X 254 48.94 13.30 -58.32
CA LEU X 254 49.43 11.93 -58.42
C LEU X 254 50.96 11.98 -58.49
N THR X 255 51.61 12.06 -57.34
CA THR X 255 53.05 11.94 -57.27
C THR X 255 53.43 10.50 -56.97
N PHE X 256 54.70 10.16 -57.17
CA PHE X 256 55.11 8.78 -57.13
C PHE X 256 56.51 8.68 -56.49
N LEU X 257 56.71 9.39 -55.38
CA LEU X 257 58.03 9.43 -54.76
C LEU X 257 58.36 8.13 -54.04
N GLY X 258 57.37 7.54 -53.37
CA GLY X 258 57.59 6.29 -52.66
C GLY X 258 58.28 6.43 -51.32
N GLY X 259 58.43 7.63 -50.80
CA GLY X 259 59.08 7.86 -49.53
C GLY X 259 58.10 8.16 -48.42
N PHE X 260 58.56 8.96 -47.46
CA PHE X 260 57.75 9.39 -46.32
C PHE X 260 57.64 10.90 -46.31
N HIS X 261 56.52 11.39 -45.81
CA HIS X 261 56.38 12.82 -45.54
C HIS X 261 57.32 13.21 -44.41
N PRO X 262 58.15 14.24 -44.59
CA PRO X 262 59.12 14.59 -43.54
C PRO X 262 58.49 15.13 -42.25
N GLN X 263 57.25 15.60 -42.28
CA GLN X 263 56.63 16.12 -41.06
C GLN X 263 55.77 15.07 -40.37
N THR X 264 54.83 14.47 -41.09
CA THR X 264 53.91 13.52 -40.49
C THR X 264 54.51 12.12 -40.34
N GLU X 265 55.68 11.88 -40.93
CA GLU X 265 56.35 10.57 -40.95
C GLU X 265 55.44 9.48 -41.50
N SER X 266 54.72 9.82 -42.58
CA SER X 266 53.76 8.93 -43.18
C SER X 266 53.91 9.00 -44.70
N LEU X 267 53.21 8.10 -45.39
CA LEU X 267 53.23 8.10 -46.84
C LEU X 267 52.49 9.32 -47.38
N TRP X 268 52.91 9.77 -48.56
CA TRP X 268 52.27 10.91 -49.21
C TRP X 268 50.86 10.56 -49.64
N LEU X 269 49.94 11.51 -49.50
CA LEU X 269 48.56 11.27 -49.91
C LEU X 269 48.45 11.18 -51.43
N THR X 270 49.31 11.87 -52.16
CA THR X 270 49.35 11.73 -53.62
C THR X 270 49.87 10.36 -54.02
N ASP X 271 50.83 9.82 -53.28
CA ASP X 271 51.27 8.44 -53.47
C ASP X 271 50.14 7.46 -53.21
N ILE X 272 49.35 7.72 -52.16
CA ILE X 272 48.22 6.85 -51.81
C ILE X 272 47.17 6.89 -52.91
N ALA X 273 46.90 8.08 -53.45
CA ALA X 273 45.93 8.24 -54.52
C ALA X 273 46.39 7.56 -55.81
N HIS X 274 47.68 7.70 -56.13
CA HIS X 274 48.22 7.03 -57.31
C HIS X 274 48.18 5.50 -57.18
N HIS X 275 48.50 4.99 -55.98
CA HIS X 275 48.38 3.56 -55.71
C HIS X 275 46.96 3.07 -55.84
N HIS X 276 46.00 3.85 -55.33
CA HIS X 276 44.61 3.44 -55.40
C HIS X 276 44.06 3.48 -56.82
N LEU X 277 44.48 4.46 -57.62
CA LEU X 277 44.06 4.49 -59.01
C LEU X 277 44.66 3.33 -59.80
N ALA X 278 45.92 2.99 -59.52
CA ALA X 278 46.55 1.83 -60.17
C ALA X 278 45.82 0.53 -59.83
N ILE X 279 45.59 0.28 -58.54
CA ILE X 279 44.89 -0.94 -58.17
C ILE X 279 43.42 -0.93 -58.54
N ALA X 280 42.80 0.24 -58.70
CA ALA X 280 41.43 0.30 -59.19
C ALA X 280 41.36 -0.10 -60.66
N VAL X 281 42.33 0.36 -61.46
CA VAL X 281 42.41 -0.05 -62.86
C VAL X 281 42.64 -1.55 -62.97
N ILE X 282 43.57 -2.08 -62.15
CA ILE X 282 43.88 -3.51 -62.19
C ILE X 282 42.70 -4.35 -61.72
N PHE X 283 41.97 -3.87 -60.70
CA PHE X 283 40.81 -4.60 -60.18
C PHE X 283 39.65 -4.58 -61.16
N ILE X 284 39.45 -3.47 -61.87
CA ILE X 284 38.40 -3.40 -62.89
C ILE X 284 38.73 -4.35 -64.06
N VAL X 285 40.00 -4.36 -64.48
CA VAL X 285 40.45 -5.27 -65.54
C VAL X 285 40.27 -6.72 -65.11
N ALA X 286 40.65 -7.04 -63.87
CA ALA X 286 40.43 -8.38 -63.33
C ALA X 286 38.95 -8.71 -63.15
N GLY X 287 38.11 -7.71 -62.94
CA GLY X 287 36.68 -7.90 -62.91
C GLY X 287 36.07 -8.17 -64.25
N HIS X 288 36.75 -7.83 -65.33
CA HIS X 288 36.34 -8.26 -66.67
C HIS X 288 37.00 -9.57 -67.07
N MET X 289 36.77 -10.64 -66.31
CA MET X 289 37.42 -11.92 -66.58
C MET X 289 36.43 -13.07 -66.81
N TYR X 290 35.38 -13.15 -66.00
CA TYR X 290 34.48 -14.30 -66.03
C TYR X 290 33.22 -13.97 -66.81
N ARG X 291 32.75 -14.93 -67.59
CA ARG X 291 31.59 -14.71 -68.47
C ARG X 291 30.31 -14.70 -67.63
N THR X 292 29.45 -13.72 -67.90
CA THR X 292 28.17 -13.66 -67.18
C THR X 292 26.99 -13.83 -68.12
N ASN X 293 26.86 -12.92 -69.09
CA ASN X 293 25.71 -12.88 -69.98
C ASN X 293 26.07 -12.61 -71.42
N TRP X 294 27.29 -12.14 -71.70
CA TRP X 294 27.63 -11.63 -73.02
C TRP X 294 28.62 -12.51 -73.76
N GLY X 295 28.68 -13.80 -73.42
CA GLY X 295 29.47 -14.74 -74.19
C GLY X 295 30.95 -14.73 -73.88
N ILE X 296 31.60 -13.57 -74.01
CA ILE X 296 33.02 -13.47 -73.72
C ILE X 296 33.26 -13.54 -72.22
N GLY X 297 34.42 -14.05 -71.85
CA GLY X 297 34.80 -14.20 -70.47
C GLY X 297 35.33 -15.61 -70.20
N HIS X 298 35.28 -15.98 -68.93
CA HIS X 298 35.74 -17.27 -68.47
C HIS X 298 34.65 -17.99 -67.69
N SER X 299 34.71 -19.31 -67.71
CA SER X 299 33.94 -20.15 -66.82
C SER X 299 34.94 -20.86 -65.90
N ILE X 300 34.66 -20.82 -64.59
CA ILE X 300 35.60 -21.30 -63.59
C ILE X 300 35.78 -22.82 -63.71
N LYS X 301 34.72 -23.54 -64.07
CA LYS X 301 34.78 -24.98 -64.20
C LYS X 301 35.74 -25.42 -65.30
N ASP X 302 35.75 -24.71 -66.43
CA ASP X 302 36.69 -25.04 -67.51
C ASP X 302 38.12 -24.73 -67.13
N ILE X 303 38.35 -23.64 -66.37
CA ILE X 303 39.69 -23.30 -65.90
C ILE X 303 40.19 -24.37 -64.93
N LEU X 304 39.32 -24.84 -64.05
CA LEU X 304 39.71 -25.85 -63.07
C LEU X 304 39.94 -27.20 -63.74
N ALA X 305 39.05 -27.60 -64.65
CA ALA X 305 39.19 -28.90 -65.30
C ALA X 305 40.33 -28.92 -66.30
N ALA X 306 40.71 -27.77 -66.84
CA ALA X 306 41.82 -27.73 -67.79
C ALA X 306 43.15 -27.65 -67.07
N HIS X 307 43.14 -27.45 -65.75
CA HIS X 307 44.37 -27.32 -64.98
C HIS X 307 44.70 -28.64 -64.29
N ASN X 308 45.30 -29.53 -65.08
CA ASN X 308 45.82 -30.80 -64.59
C ASN X 308 46.99 -31.14 -65.51
N PRO X 309 48.20 -31.31 -64.98
CA PRO X 309 49.36 -31.57 -65.84
C PRO X 309 49.25 -32.92 -66.53
N PRO X 310 49.27 -32.94 -67.86
CA PRO X 310 49.03 -34.19 -68.59
C PRO X 310 50.26 -35.09 -68.60
N GLN X 311 50.14 -36.17 -69.35
CA GLN X 311 51.28 -37.07 -69.53
C GLN X 311 52.27 -36.46 -70.53
N GLY X 312 53.55 -36.63 -70.23
CA GLY X 312 54.61 -35.96 -70.97
C GLY X 312 55.14 -34.71 -70.31
N THR X 313 54.33 -34.06 -69.49
CA THR X 313 54.76 -33.00 -68.59
C THR X 313 55.75 -33.57 -67.59
N PRO X 314 56.81 -32.83 -67.24
CA PRO X 314 57.82 -33.34 -66.30
C PRO X 314 57.29 -33.73 -64.93
N PHE X 315 56.20 -33.11 -64.48
CA PHE X 315 55.54 -33.57 -63.27
C PHE X 315 54.52 -34.67 -63.53
N GLY X 316 54.02 -34.78 -64.76
CA GLY X 316 53.14 -35.88 -65.11
C GLY X 316 51.79 -35.75 -64.44
N GLY X 317 51.13 -36.87 -64.23
CA GLY X 317 49.87 -36.88 -63.51
C GLY X 317 50.05 -36.96 -62.02
N ALA X 318 50.83 -36.03 -61.46
CA ALA X 318 51.12 -36.04 -60.03
C ALA X 318 49.91 -35.59 -59.22
N LEU X 319 49.08 -34.73 -59.79
CA LEU X 319 47.89 -34.24 -59.12
C LEU X 319 46.68 -35.16 -59.29
N GLY X 320 46.85 -36.29 -59.97
CA GLY X 320 45.76 -37.22 -60.13
C GLY X 320 44.78 -36.74 -61.18
N ALA X 321 43.54 -36.48 -60.75
CA ALA X 321 42.54 -35.93 -61.65
C ALA X 321 42.59 -34.42 -61.73
N GLY X 322 43.46 -33.77 -60.96
CA GLY X 322 43.58 -32.33 -61.05
C GLY X 322 42.55 -31.65 -60.19
N HIS X 323 41.79 -30.72 -60.79
CA HIS X 323 40.82 -29.93 -60.07
C HIS X 323 39.39 -30.20 -60.51
N ARG X 324 39.12 -31.32 -61.18
CA ARG X 324 37.74 -31.61 -61.55
C ARG X 324 36.98 -32.07 -60.32
N GLY X 325 35.71 -31.67 -60.25
CA GLY X 325 34.94 -31.80 -59.04
C GLY X 325 34.92 -30.55 -58.18
N LEU X 326 35.89 -29.65 -58.37
CA LEU X 326 35.81 -28.31 -57.83
C LEU X 326 34.88 -27.48 -58.72
N TYR X 327 34.41 -26.35 -58.16
CA TYR X 327 33.32 -25.46 -58.59
C TYR X 327 31.96 -26.11 -58.36
N ASP X 328 31.95 -27.40 -58.01
CA ASP X 328 30.76 -27.99 -57.41
C ASP X 328 30.98 -28.19 -55.92
N THR X 329 32.17 -28.67 -55.56
CA THR X 329 32.55 -28.82 -54.16
C THR X 329 32.61 -27.47 -53.47
N ILE X 330 33.22 -26.48 -54.12
CA ILE X 330 33.39 -25.16 -53.50
C ILE X 330 32.06 -24.42 -53.49
N ASN X 331 31.31 -24.48 -54.58
CA ASN X 331 30.10 -23.66 -54.70
C ASN X 331 28.95 -24.25 -53.89
N ASN X 332 28.88 -25.59 -53.78
CA ASN X 332 27.83 -26.19 -52.98
C ASN X 332 28.08 -26.02 -51.49
N SER X 333 29.33 -26.09 -51.06
CA SER X 333 29.68 -26.04 -49.65
C SER X 333 29.94 -24.60 -49.23
N LEU X 334 29.13 -24.09 -48.30
CA LEU X 334 29.35 -22.76 -47.78
C LEU X 334 30.54 -22.70 -46.82
N HIS X 335 30.90 -23.84 -46.22
CA HIS X 335 32.02 -23.84 -45.29
C HIS X 335 33.35 -23.78 -46.03
N PHE X 336 33.42 -24.32 -47.25
CA PHE X 336 34.61 -24.13 -48.09
C PHE X 336 34.81 -22.66 -48.44
N GLN X 337 33.75 -21.99 -48.87
CA GLN X 337 33.83 -20.57 -49.18
C GLN X 337 34.17 -19.75 -47.96
N LEU X 338 33.58 -20.10 -46.81
CA LEU X 338 33.85 -19.40 -45.56
C LEU X 338 35.29 -19.60 -45.10
N GLY X 339 35.82 -20.81 -45.22
CA GLY X 339 37.20 -21.06 -44.87
C GLY X 339 38.19 -20.34 -45.77
N LEU X 340 37.92 -20.34 -47.08
CA LEU X 340 38.76 -19.59 -48.00
C LEU X 340 38.71 -18.10 -47.73
N ALA X 341 37.50 -17.58 -47.43
CA ALA X 341 37.33 -16.18 -47.10
C ALA X 341 38.07 -15.80 -45.82
N LEU X 342 37.96 -16.64 -44.80
CA LEU X 342 38.64 -16.37 -43.54
C LEU X 342 40.15 -16.51 -43.65
N ALA X 343 40.65 -17.41 -44.49
CA ALA X 343 42.08 -17.54 -44.68
C ALA X 343 42.65 -16.32 -45.42
N SER X 344 41.97 -15.90 -46.49
CA SER X 344 42.38 -14.70 -47.21
C SER X 344 42.30 -13.46 -46.33
N LEU X 345 41.23 -13.36 -45.53
CA LEU X 345 41.07 -12.21 -44.65
C LEU X 345 42.08 -12.20 -43.53
N GLY X 346 42.43 -13.37 -42.99
CA GLY X 346 43.46 -13.44 -41.96
C GLY X 346 44.83 -13.08 -42.51
N VAL X 347 45.15 -13.51 -43.73
CA VAL X 347 46.43 -13.17 -44.34
C VAL X 347 46.49 -11.68 -44.63
N ILE X 348 45.42 -11.08 -45.15
CA ILE X 348 45.49 -9.67 -45.45
C ILE X 348 45.37 -8.82 -44.19
N THR X 349 44.80 -9.36 -43.10
CA THR X 349 44.83 -8.64 -41.83
C THR X 349 46.22 -8.68 -41.21
N SER X 350 46.92 -9.81 -41.36
CA SER X 350 48.33 -9.88 -40.98
C SER X 350 49.15 -8.89 -41.78
N LEU X 351 48.85 -8.77 -43.08
CA LEU X 351 49.52 -7.78 -43.92
C LEU X 351 49.20 -6.35 -43.52
N VAL X 352 47.96 -6.07 -43.12
CA VAL X 352 47.58 -4.76 -42.60
C VAL X 352 48.39 -4.44 -41.37
N ALA X 353 48.50 -5.39 -40.44
CA ALA X 353 49.26 -5.17 -39.22
C ALA X 353 50.76 -4.97 -39.52
N GLN X 354 51.33 -5.78 -40.39
CA GLN X 354 52.74 -5.66 -40.71
C GLN X 354 53.06 -4.47 -41.59
N HIS X 355 52.06 -3.85 -42.22
CA HIS X 355 52.31 -2.73 -43.11
C HIS X 355 51.95 -1.37 -42.54
N MET X 356 50.95 -1.27 -41.68
CA MET X 356 50.63 0.03 -41.07
C MET X 356 51.60 0.46 -39.99
N TYR X 357 52.48 -0.42 -39.51
CA TYR X 357 53.49 0.05 -38.58
C TYR X 357 54.76 0.48 -39.29
N SER X 358 55.16 -0.24 -40.33
CA SER X 358 56.38 0.10 -41.06
C SER X 358 56.13 1.16 -42.12
N LEU X 359 54.93 1.20 -42.67
CA LEU X 359 54.53 2.20 -43.67
C LEU X 359 53.25 2.84 -43.19
N PRO X 360 53.33 3.82 -42.29
CA PRO X 360 52.12 4.52 -41.84
C PRO X 360 51.53 5.37 -42.95
N SER X 361 50.21 5.37 -43.04
CA SER X 361 49.50 6.14 -44.04
C SER X 361 48.70 7.29 -43.45
N TYR X 362 48.84 7.54 -42.15
CA TYR X 362 48.04 8.54 -41.46
C TYR X 362 48.95 9.59 -40.84
N ALA X 363 48.47 10.83 -40.81
CA ALA X 363 49.28 11.96 -40.40
C ALA X 363 49.55 11.90 -38.90
N PHE X 364 50.83 12.03 -38.54
CA PHE X 364 51.35 12.04 -37.17
C PHE X 364 50.98 10.79 -36.38
N ILE X 365 50.79 9.66 -37.06
CA ILE X 365 50.44 8.42 -36.36
C ILE X 365 51.68 7.60 -36.02
N ALA X 366 52.82 7.88 -36.66
CA ALA X 366 54.05 7.18 -36.30
C ALA X 366 54.59 7.68 -34.98
N LYS X 367 54.29 8.93 -34.62
CA LYS X 367 54.75 9.52 -33.37
C LYS X 367 53.73 9.37 -32.24
N ASP X 368 52.56 8.79 -32.51
CA ASP X 368 51.64 8.39 -31.45
C ASP X 368 51.86 6.89 -31.28
N TYR X 369 52.71 6.56 -30.29
CA TYR X 369 53.26 5.22 -30.18
C TYR X 369 52.22 4.23 -29.68
N THR X 370 51.39 4.65 -28.73
CA THR X 370 50.37 3.78 -28.17
C THR X 370 49.29 3.42 -29.19
N THR X 371 49.01 4.33 -30.12
CA THR X 371 48.10 4.02 -31.22
C THR X 371 48.69 2.94 -32.13
N GLN X 372 49.99 3.03 -32.43
CA GLN X 372 50.66 2.01 -33.24
C GLN X 372 50.64 0.65 -32.54
N ALA X 373 50.89 0.63 -31.23
CA ALA X 373 50.88 -0.61 -30.48
C ALA X 373 49.50 -1.26 -30.45
N ALA X 374 48.47 -0.44 -30.16
CA ALA X 374 47.10 -0.94 -30.12
C ALA X 374 46.65 -1.45 -31.49
N LEU X 375 47.01 -0.72 -32.55
CA LEU X 375 46.60 -1.12 -33.90
C LEU X 375 47.29 -2.40 -34.35
N TYR X 376 48.60 -2.55 -34.11
CA TYR X 376 49.29 -3.77 -34.49
C TYR X 376 48.76 -4.97 -33.73
N THR X 377 48.63 -4.85 -32.41
CA THR X 377 48.15 -5.97 -31.61
C THR X 377 46.71 -6.33 -31.95
N HIS X 378 45.87 -5.31 -32.16
CA HIS X 378 44.47 -5.52 -32.49
C HIS X 378 44.30 -6.22 -33.83
N HIS X 379 45.10 -5.85 -34.81
CA HIS X 379 44.97 -6.52 -36.10
C HIS X 379 45.62 -7.89 -36.12
N GLN X 380 46.71 -8.11 -35.39
CA GLN X 380 47.30 -9.45 -35.38
C GLN X 380 46.45 -10.46 -34.63
N TYR X 381 45.81 -10.06 -33.53
CA TYR X 381 44.96 -11.00 -32.81
C TYR X 381 43.73 -11.36 -33.64
N ILE X 382 43.17 -10.39 -34.37
CA ILE X 382 42.04 -10.66 -35.25
C ILE X 382 42.47 -11.53 -36.43
N ALA X 383 43.68 -11.32 -36.96
CA ALA X 383 44.21 -12.19 -37.99
C ALA X 383 44.39 -13.62 -37.53
N GLY X 384 44.87 -13.81 -36.29
CA GLY X 384 44.92 -15.15 -35.73
C GLY X 384 43.55 -15.79 -35.56
N PHE X 385 42.56 -15.00 -35.12
CA PHE X 385 41.18 -15.47 -35.05
C PHE X 385 40.67 -15.93 -36.41
N LEU X 386 40.87 -15.11 -37.44
CA LEU X 386 40.38 -15.42 -38.78
C LEU X 386 41.08 -16.65 -39.35
N MET X 387 42.36 -16.83 -39.03
CA MET X 387 43.09 -17.95 -39.59
C MET X 387 42.68 -19.27 -38.93
N VAL X 388 42.51 -19.25 -37.60
CA VAL X 388 42.02 -20.42 -36.89
C VAL X 388 40.58 -20.75 -37.29
N GLY X 389 39.75 -19.73 -37.49
CA GLY X 389 38.41 -19.97 -38.01
C GLY X 389 38.38 -20.51 -39.43
N ALA X 390 39.34 -20.10 -40.27
CA ALA X 390 39.47 -20.66 -41.60
C ALA X 390 39.74 -22.16 -41.55
N PHE X 391 40.69 -22.55 -40.70
CA PHE X 391 40.95 -23.98 -40.57
C PHE X 391 39.81 -24.75 -39.89
N ALA X 392 39.11 -24.10 -38.96
CA ALA X 392 37.95 -24.72 -38.33
C ALA X 392 36.84 -24.97 -39.34
N HIS X 393 36.62 -24.02 -40.25
CA HIS X 393 35.63 -24.23 -41.28
C HIS X 393 36.08 -25.18 -42.39
N GLY X 394 37.39 -25.31 -42.60
CA GLY X 394 37.88 -26.42 -43.41
C GLY X 394 37.55 -27.76 -42.78
N ALA X 395 37.71 -27.87 -41.46
CA ALA X 395 37.32 -29.08 -40.74
C ALA X 395 35.81 -29.34 -40.84
N ILE X 396 35.01 -28.28 -40.71
CA ILE X 396 33.56 -28.41 -40.84
C ILE X 396 33.19 -28.85 -42.25
N PHE X 397 33.88 -28.33 -43.27
CA PHE X 397 33.64 -28.76 -44.64
C PHE X 397 33.96 -30.23 -44.83
N PHE X 398 35.07 -30.70 -44.25
CA PHE X 398 35.38 -32.13 -44.38
C PHE X 398 34.36 -33.00 -43.66
N VAL X 399 33.88 -32.56 -42.49
CA VAL X 399 33.02 -33.46 -41.74
C VAL X 399 31.59 -33.45 -42.25
N ARG X 400 31.08 -32.35 -42.81
CA ARG X 400 29.67 -32.36 -43.19
C ARG X 400 29.38 -31.93 -44.62
N ASP X 401 30.41 -31.55 -45.40
CA ASP X 401 30.18 -31.12 -46.77
C ASP X 401 31.04 -31.83 -47.80
N TYR X 402 32.01 -32.65 -47.39
CA TYR X 402 32.90 -33.30 -48.34
C TYR X 402 32.27 -34.57 -48.90
N ASP X 403 32.23 -34.65 -50.23
CA ASP X 403 31.71 -35.82 -50.92
C ASP X 403 32.87 -36.52 -51.60
N PRO X 404 33.25 -37.73 -51.18
CA PRO X 404 34.34 -38.44 -51.87
C PRO X 404 34.00 -38.90 -53.26
N GLU X 405 32.71 -39.00 -53.60
CA GLU X 405 32.32 -39.41 -54.94
C GLU X 405 32.55 -38.28 -55.95
N ALA X 406 32.17 -37.06 -55.58
CA ALA X 406 32.38 -35.91 -56.46
C ALA X 406 33.86 -35.54 -56.53
N ASN X 407 34.54 -35.53 -55.38
CA ASN X 407 35.97 -35.33 -55.31
C ASN X 407 36.66 -36.69 -55.34
N LYS X 408 36.74 -37.27 -56.52
CA LYS X 408 37.37 -38.58 -56.71
C LYS X 408 38.72 -38.38 -57.37
N ASP X 409 39.79 -38.63 -56.61
CA ASP X 409 41.19 -38.65 -57.03
C ASP X 409 41.61 -37.26 -57.55
N ASN X 410 40.94 -36.19 -57.10
CA ASN X 410 41.36 -34.84 -57.42
C ASN X 410 42.42 -34.38 -56.43
N VAL X 411 42.70 -33.07 -56.42
CA VAL X 411 43.65 -32.53 -55.46
C VAL X 411 43.10 -32.62 -54.03
N LEU X 412 41.79 -32.38 -53.87
CA LEU X 412 41.19 -32.40 -52.54
C LEU X 412 41.13 -33.81 -51.98
N ALA X 413 40.86 -34.80 -52.83
CA ALA X 413 40.88 -36.19 -52.38
C ALA X 413 42.29 -36.65 -52.08
N ARG X 414 43.26 -36.24 -52.89
CA ARG X 414 44.64 -36.67 -52.67
C ARG X 414 45.28 -35.95 -51.49
N MET X 415 44.71 -34.83 -51.04
CA MET X 415 45.10 -34.28 -49.75
C MET X 415 44.75 -35.25 -48.62
N LEU X 416 43.54 -35.80 -48.64
CA LEU X 416 43.14 -36.78 -47.63
C LEU X 416 43.82 -38.12 -47.84
N GLU X 417 44.30 -38.41 -49.05
CA GLU X 417 44.93 -39.70 -49.30
C GLU X 417 46.26 -39.83 -48.56
N HIS X 418 47.01 -38.74 -48.47
CA HIS X 418 48.25 -38.70 -47.70
C HIS X 418 48.15 -37.75 -46.51
N LYS X 419 46.95 -37.70 -45.89
CA LYS X 419 46.59 -36.67 -44.92
C LYS X 419 47.45 -36.68 -43.67
N GLU X 420 48.11 -37.78 -43.37
CA GLU X 420 48.92 -37.89 -42.18
C GLU X 420 50.41 -37.90 -42.47
N ALA X 421 50.82 -37.98 -43.73
CA ALA X 421 52.18 -37.58 -44.10
C ALA X 421 52.40 -36.11 -43.81
N ILE X 422 51.40 -35.28 -44.11
CA ILE X 422 51.42 -33.87 -43.78
C ILE X 422 51.51 -33.68 -42.27
N ILE X 423 50.74 -34.46 -41.51
CA ILE X 423 50.74 -34.32 -40.05
C ILE X 423 52.08 -34.77 -39.46
N SER X 424 52.66 -35.84 -39.99
CA SER X 424 53.96 -36.30 -39.50
C SER X 424 55.07 -35.32 -39.82
N HIS X 425 55.10 -34.77 -41.04
CA HIS X 425 56.14 -33.80 -41.36
C HIS X 425 55.94 -32.46 -40.69
N LEU X 426 54.70 -32.06 -40.47
CA LEU X 426 54.42 -30.85 -39.70
C LEU X 426 54.73 -31.03 -38.22
N SER X 427 54.54 -32.23 -37.68
CA SER X 427 55.02 -32.55 -36.35
C SER X 427 56.53 -32.49 -36.28
N TRP X 428 57.22 -33.01 -37.32
CA TRP X 428 58.67 -32.96 -37.36
C TRP X 428 59.18 -31.52 -37.37
N VAL X 429 58.57 -30.66 -38.19
CA VAL X 429 59.06 -29.29 -38.26
C VAL X 429 58.67 -28.51 -37.00
N SER X 430 57.56 -28.88 -36.36
CA SER X 430 57.21 -28.26 -35.08
C SER X 430 58.21 -28.64 -33.99
N LEU X 431 58.60 -29.92 -33.92
CA LEU X 431 59.61 -30.33 -32.95
C LEU X 431 60.98 -29.75 -33.30
N PHE X 432 61.29 -29.66 -34.60
CA PHE X 432 62.56 -29.12 -35.06
C PHE X 432 62.70 -27.65 -34.71
N LEU X 433 61.62 -26.90 -34.78
CA LEU X 433 61.68 -25.52 -34.30
C LEU X 433 61.69 -25.45 -32.78
N GLY X 434 60.88 -26.30 -32.13
CA GLY X 434 60.67 -26.13 -30.69
C GLY X 434 61.85 -26.55 -29.84
N PHE X 435 62.40 -27.75 -30.10
CA PHE X 435 63.56 -28.24 -29.35
C PHE X 435 64.74 -27.30 -29.43
N HIS X 436 65.05 -26.78 -30.60
CA HIS X 436 66.20 -25.93 -30.79
C HIS X 436 65.98 -24.48 -30.42
N THR X 437 64.77 -23.92 -30.59
CA THR X 437 64.50 -22.59 -30.08
C THR X 437 64.54 -22.57 -28.55
N LEU X 438 63.90 -23.55 -27.91
CA LEU X 438 64.00 -23.64 -26.45
C LEU X 438 65.40 -24.01 -26.00
N GLY X 439 66.12 -24.82 -26.79
CA GLY X 439 67.48 -25.16 -26.44
C GLY X 439 68.42 -23.97 -26.47
N LEU X 440 68.30 -23.12 -27.49
CA LEU X 440 69.13 -21.92 -27.54
C LEU X 440 68.72 -20.91 -26.48
N TYR X 441 67.42 -20.75 -26.22
CA TYR X 441 66.98 -19.86 -25.14
C TYR X 441 67.45 -20.34 -23.78
N VAL X 442 67.32 -21.64 -23.49
CA VAL X 442 67.75 -22.17 -22.20
C VAL X 442 69.27 -22.13 -22.09
N HIS X 443 69.99 -22.38 -23.20
CA HIS X 443 71.44 -22.26 -23.20
C HIS X 443 71.89 -20.83 -22.90
N ASN X 444 71.24 -19.85 -23.54
CA ASN X 444 71.56 -18.45 -23.28
C ASN X 444 71.20 -18.05 -21.86
N ASP X 445 70.08 -18.54 -21.34
CA ASP X 445 69.68 -18.28 -19.95
C ASP X 445 70.71 -18.83 -18.97
N VAL X 446 71.20 -20.05 -19.22
CA VAL X 446 72.13 -20.69 -18.31
C VAL X 446 73.49 -20.01 -18.37
N VAL X 447 73.97 -19.67 -19.57
CA VAL X 447 75.30 -19.07 -19.64
C VAL X 447 75.28 -17.61 -19.20
N VAL X 448 74.17 -16.89 -19.38
CA VAL X 448 74.06 -15.54 -18.84
C VAL X 448 73.94 -15.58 -17.32
N ALA X 449 73.19 -16.56 -16.79
CA ALA X 449 73.11 -16.76 -15.35
C ALA X 449 74.46 -17.17 -14.77
N PHE X 450 75.27 -17.91 -15.53
CA PHE X 450 76.57 -18.32 -15.05
C PHE X 450 77.65 -17.25 -15.26
N GLY X 451 77.24 -16.00 -15.50
CA GLY X 451 78.18 -14.90 -15.60
C GLY X 451 78.93 -14.81 -16.90
N THR X 452 78.56 -15.61 -17.91
CA THR X 452 79.28 -15.67 -19.18
C THR X 452 78.31 -15.45 -20.32
N PRO X 453 77.92 -14.20 -20.58
CA PRO X 453 77.01 -13.94 -21.71
C PRO X 453 77.68 -14.06 -23.06
N GLU X 454 79.01 -14.11 -23.12
CA GLU X 454 79.72 -14.30 -24.37
C GLU X 454 79.71 -15.74 -24.85
N LYS X 455 79.26 -16.69 -24.02
CA LYS X 455 79.08 -18.07 -24.43
C LYS X 455 77.71 -18.32 -25.02
N GLN X 456 76.91 -17.27 -25.21
CA GLN X 456 75.61 -17.40 -25.86
C GLN X 456 75.78 -17.80 -27.31
N ILE X 457 74.83 -18.59 -27.81
CA ILE X 457 74.73 -18.84 -29.24
C ILE X 457 73.96 -17.69 -29.85
N LEU X 458 74.68 -16.67 -30.32
CA LEU X 458 74.08 -15.52 -30.97
C LEU X 458 74.20 -15.72 -32.48
N ILE X 459 73.07 -15.72 -33.16
CA ILE X 459 73.04 -16.01 -34.59
C ILE X 459 72.50 -14.79 -35.31
N GLU X 460 73.29 -14.25 -36.23
CA GLU X 460 72.87 -13.10 -37.00
C GLU X 460 71.93 -13.55 -38.11
N PRO X 461 70.72 -12.99 -38.20
CA PRO X 461 69.79 -13.43 -39.25
C PRO X 461 70.19 -12.92 -40.62
N VAL X 462 71.18 -13.56 -41.23
CA VAL X 462 71.77 -13.04 -42.46
C VAL X 462 70.84 -13.14 -43.66
N PHE X 463 69.87 -14.05 -43.65
CA PHE X 463 68.96 -14.15 -44.79
C PHE X 463 67.98 -12.99 -44.82
N ALA X 464 67.37 -12.66 -43.67
CA ALA X 464 66.47 -11.53 -43.61
C ALA X 464 67.21 -10.21 -43.71
N GLN X 465 68.43 -10.13 -43.20
CA GLN X 465 69.27 -8.95 -43.43
C GLN X 465 69.68 -8.81 -44.89
N PHE X 466 69.89 -9.93 -45.59
CA PHE X 466 70.08 -9.89 -47.04
C PHE X 466 68.84 -9.38 -47.75
N VAL X 467 67.66 -9.76 -47.27
CA VAL X 467 66.41 -9.23 -47.82
C VAL X 467 66.31 -7.73 -47.59
N GLN X 468 66.68 -7.28 -46.38
CA GLN X 468 66.67 -5.85 -46.06
C GLN X 468 67.65 -5.08 -46.95
N ALA X 469 68.84 -5.63 -47.16
CA ALA X 469 69.81 -5.01 -48.05
C ALA X 469 69.39 -5.04 -49.50
N ALA X 470 68.68 -6.09 -49.92
CA ALA X 470 68.11 -6.14 -51.26
C ALA X 470 66.96 -5.18 -51.45
N SER X 471 66.29 -4.78 -50.38
CA SER X 471 65.28 -3.73 -50.47
C SER X 471 65.88 -2.33 -50.36
N GLY X 472 67.18 -2.21 -50.11
CA GLY X 472 67.83 -0.91 -50.20
C GLY X 472 68.50 -0.41 -48.94
N LYS X 473 68.80 -1.30 -48.00
CA LYS X 473 69.41 -0.92 -46.74
C LYS X 473 70.92 -1.14 -46.83
N ALA X 474 71.68 -0.07 -46.66
CA ALA X 474 73.13 -0.11 -46.79
C ALA X 474 73.84 -0.37 -45.47
N LEU X 475 73.08 -0.64 -44.40
CA LEU X 475 73.68 -0.80 -43.08
C LEU X 475 74.46 -2.09 -42.94
N TYR X 476 74.01 -3.18 -43.58
CA TYR X 476 74.67 -4.47 -43.45
C TYR X 476 75.80 -4.67 -44.44
N GLY X 477 75.96 -3.78 -45.41
CA GLY X 477 77.06 -3.84 -46.36
C GLY X 477 77.05 -5.05 -47.28
N PHE X 478 75.87 -5.54 -47.64
CA PHE X 478 75.80 -6.67 -48.56
C PHE X 478 76.08 -6.22 -50.00
N ASP X 479 75.71 -4.98 -50.33
CA ASP X 479 75.83 -4.40 -51.68
C ASP X 479 75.12 -5.27 -52.72
N ALA X 480 73.83 -5.52 -52.48
CA ALA X 480 73.08 -6.47 -53.30
C ALA X 480 71.78 -5.85 -53.79
N LEU X 481 71.78 -5.50 -55.06
CA LEU X 481 70.62 -5.31 -55.94
C LEU X 481 69.78 -4.06 -55.68
N LEU X 482 69.91 -3.43 -54.51
CA LEU X 482 69.53 -2.03 -54.32
C LEU X 482 70.49 -1.30 -53.39
N SER X 483 71.32 -2.02 -52.64
CA SER X 483 72.28 -1.36 -51.76
C SER X 483 73.40 -0.72 -52.57
N ASN X 484 73.89 -1.42 -53.60
CA ASN X 484 74.79 -0.70 -54.47
C ASN X 484 74.02 0.10 -55.51
N PRO X 485 74.53 1.28 -55.90
CA PRO X 485 73.84 2.09 -56.90
C PRO X 485 74.09 1.63 -58.34
N ASP X 486 74.95 0.65 -58.56
CA ASP X 486 75.33 0.20 -59.89
C ASP X 486 74.76 -1.17 -60.22
N SER X 487 73.61 -1.52 -59.65
CA SER X 487 72.92 -2.77 -59.97
C SER X 487 71.95 -2.53 -61.11
N VAL X 488 71.46 -3.63 -61.68
CA VAL X 488 70.52 -3.53 -62.79
C VAL X 488 69.16 -3.04 -62.31
N ALA X 489 68.82 -3.34 -61.04
CA ALA X 489 67.58 -2.83 -60.47
C ALA X 489 67.72 -1.38 -60.03
N SER X 490 68.90 -0.99 -59.55
CA SER X 490 69.08 0.37 -59.06
C SER X 490 69.26 1.35 -60.20
N THR X 491 69.81 0.90 -61.34
CA THR X 491 70.05 1.81 -62.46
C THR X 491 68.87 1.83 -63.41
N ALA X 492 67.74 1.25 -63.01
CA ALA X 492 66.55 1.22 -63.84
C ALA X 492 65.81 2.55 -63.80
N SER X 493 64.62 2.59 -64.42
CA SER X 493 63.78 3.78 -64.36
C SER X 493 62.93 3.84 -63.09
N ALA X 494 63.31 3.11 -62.04
CA ALA X 494 62.57 3.11 -60.78
C ALA X 494 62.70 4.47 -60.10
N VAL X 495 61.65 5.28 -60.21
CA VAL X 495 61.69 6.62 -59.62
C VAL X 495 61.11 6.63 -58.22
N TRP X 496 60.73 5.46 -57.69
CA TRP X 496 60.41 5.39 -56.26
C TRP X 496 61.67 5.39 -55.42
N LEU X 497 62.80 5.08 -56.04
CA LEU X 497 64.06 4.87 -55.32
C LEU X 497 64.60 6.10 -54.58
N PRO X 498 64.57 7.35 -55.10
CA PRO X 498 65.03 8.48 -54.26
C PRO X 498 64.25 8.69 -52.97
N GLY X 499 62.97 8.34 -52.94
CA GLY X 499 62.21 8.40 -51.71
C GLY X 499 62.38 7.16 -50.85
N TRP X 500 62.37 5.99 -51.50
CA TRP X 500 62.44 4.74 -50.77
C TRP X 500 63.79 4.53 -50.09
N LEU X 501 64.88 4.92 -50.76
CA LEU X 501 66.20 4.66 -50.22
C LEU X 501 66.51 5.50 -48.99
N ASP X 502 66.14 6.79 -48.98
CA ASP X 502 66.36 7.56 -47.77
C ASP X 502 65.22 7.41 -46.77
N ALA X 503 64.11 6.77 -47.16
CA ALA X 503 63.15 6.32 -46.17
C ALA X 503 63.58 5.06 -45.45
N ILE X 504 64.31 4.17 -46.13
CA ILE X 504 64.71 2.90 -45.50
C ILE X 504 66.04 3.01 -44.79
N ASN X 505 66.91 3.95 -45.17
CA ASN X 505 68.23 4.09 -44.59
C ASN X 505 68.27 5.14 -43.48
N SER X 506 67.11 5.63 -43.05
CA SER X 506 67.00 6.54 -41.92
C SER X 506 66.38 5.77 -40.75
N GLY X 507 67.01 5.88 -39.58
CA GLY X 507 66.56 5.16 -38.41
C GLY X 507 65.47 5.83 -37.61
N THR X 508 64.83 6.87 -38.14
CA THR X 508 63.79 7.60 -37.44
C THR X 508 62.40 7.04 -37.69
N ASN X 509 62.28 5.96 -38.46
CA ASN X 509 60.99 5.35 -38.76
C ASN X 509 61.02 3.89 -38.37
N SER X 510 59.87 3.23 -38.54
CA SER X 510 59.73 1.80 -38.28
C SER X 510 59.90 0.97 -39.54
N LEU X 511 60.40 1.58 -40.62
CA LEU X 511 60.54 0.92 -41.90
C LEU X 511 61.83 0.10 -41.92
N PHE X 512 61.69 -1.23 -41.94
CA PHE X 512 62.80 -2.19 -42.07
C PHE X 512 63.80 -2.02 -40.93
N LEU X 513 63.34 -2.39 -39.75
CA LEU X 513 64.07 -2.23 -38.50
C LEU X 513 65.38 -3.01 -38.50
N ASN X 514 66.32 -2.54 -37.68
CA ASN X 514 67.55 -3.26 -37.45
C ASN X 514 67.27 -4.55 -36.69
N ILE X 515 67.72 -5.67 -37.26
CA ILE X 515 67.47 -6.98 -36.68
C ILE X 515 68.81 -7.63 -36.36
N GLY X 516 68.85 -8.33 -35.22
CA GLY X 516 70.06 -8.95 -34.76
C GLY X 516 69.82 -10.33 -34.19
N PRO X 517 70.69 -10.78 -33.29
CA PRO X 517 70.55 -12.14 -32.73
C PRO X 517 69.32 -12.32 -31.86
N GLY X 518 68.77 -11.24 -31.31
CA GLY X 518 67.51 -11.33 -30.60
C GLY X 518 66.29 -11.35 -31.48
N ASP X 519 66.47 -11.15 -32.77
CA ASP X 519 65.38 -11.24 -33.74
C ASP X 519 65.34 -12.58 -34.44
N PHE X 520 66.46 -13.28 -34.49
CA PHE X 520 66.52 -14.61 -35.08
C PHE X 520 65.72 -15.62 -34.24
N LEU X 521 65.97 -15.63 -32.94
CA LEU X 521 65.35 -16.60 -32.04
C LEU X 521 63.86 -16.37 -31.90
N VAL X 522 63.43 -15.12 -31.87
CA VAL X 522 62.00 -14.84 -31.73
C VAL X 522 61.28 -15.19 -33.03
N HIS X 523 61.95 -14.98 -34.17
CA HIS X 523 61.38 -15.39 -35.45
C HIS X 523 61.23 -16.90 -35.53
N HIS X 524 62.18 -17.64 -34.95
CA HIS X 524 62.01 -19.08 -34.94
C HIS X 524 60.96 -19.53 -33.93
N ALA X 525 60.78 -18.77 -32.85
CA ALA X 525 59.64 -19.00 -31.96
C ALA X 525 58.32 -18.76 -32.69
N ILE X 526 58.27 -17.72 -33.51
CA ILE X 526 57.10 -17.40 -34.32
C ILE X 526 56.84 -18.51 -35.33
N ALA X 527 57.89 -19.00 -35.99
CA ALA X 527 57.78 -20.10 -36.93
C ALA X 527 57.29 -21.37 -36.23
N LEU X 528 57.79 -21.61 -35.02
CA LEU X 528 57.30 -22.73 -34.21
C LEU X 528 55.83 -22.57 -33.88
N GLY X 529 55.40 -21.36 -33.55
CA GLY X 529 54.00 -21.13 -33.20
C GLY X 529 53.06 -21.31 -34.37
N LEU X 530 53.40 -20.74 -35.53
CA LEU X 530 52.60 -20.95 -36.73
C LEU X 530 52.61 -22.41 -37.18
N HIS X 531 53.77 -23.07 -37.13
CA HIS X 531 53.82 -24.48 -37.55
C HIS X 531 53.04 -25.38 -36.61
N THR X 532 53.10 -25.10 -35.31
CA THR X 532 52.38 -25.96 -34.37
C THR X 532 50.88 -25.69 -34.42
N THR X 533 50.46 -24.41 -34.49
CA THR X 533 49.04 -24.11 -34.65
C THR X 533 48.50 -24.68 -35.94
N THR X 534 49.29 -24.63 -37.01
CA THR X 534 48.96 -25.31 -38.24
C THR X 534 48.91 -26.83 -38.03
N LEU X 535 49.75 -27.37 -37.14
CA LEU X 535 49.73 -28.81 -36.91
C LEU X 535 48.44 -29.26 -36.23
N ILE X 536 48.02 -28.57 -35.17
CA ILE X 536 46.71 -28.85 -34.58
C ILE X 536 45.59 -28.65 -35.60
N LEU X 537 45.64 -27.58 -36.38
CA LEU X 537 44.53 -27.27 -37.28
C LEU X 537 44.43 -28.21 -38.48
N VAL X 538 45.55 -28.47 -39.16
CA VAL X 538 45.59 -29.45 -40.25
C VAL X 538 45.29 -30.85 -39.73
N LYS X 539 45.79 -31.17 -38.53
CA LYS X 539 45.59 -32.48 -37.94
C LYS X 539 44.11 -32.73 -37.65
N GLY X 540 43.40 -31.70 -37.19
CA GLY X 540 41.98 -31.87 -36.94
C GLY X 540 41.10 -31.68 -38.17
N ALA X 541 41.59 -30.94 -39.16
CA ALA X 541 40.81 -30.78 -40.39
C ALA X 541 40.87 -32.03 -41.24
N LEU X 542 42.04 -32.66 -41.33
CA LEU X 542 42.18 -33.84 -42.17
C LEU X 542 41.68 -35.09 -41.47
N ASP X 543 41.68 -35.12 -40.14
CA ASP X 543 41.12 -36.23 -39.38
C ASP X 543 39.68 -35.95 -38.96
N ALA X 544 39.01 -35.02 -39.65
CA ALA X 544 37.65 -34.66 -39.29
C ALA X 544 36.65 -35.76 -39.65
N ARG X 545 36.83 -36.39 -40.83
CA ARG X 545 35.91 -37.42 -41.27
C ARG X 545 36.08 -38.72 -40.52
N GLY X 546 37.26 -38.99 -39.99
CA GLY X 546 37.50 -40.24 -39.30
C GLY X 546 38.94 -40.67 -39.41
N SER X 547 39.33 -41.64 -38.58
CA SER X 547 40.70 -42.14 -38.54
C SER X 547 40.70 -43.49 -37.82
N LYS X 548 41.89 -43.91 -37.40
CA LYS X 548 42.08 -45.28 -36.94
C LYS X 548 41.38 -45.59 -35.63
N LEU X 549 41.39 -44.65 -34.68
CA LEU X 549 40.68 -44.89 -33.42
C LEU X 549 39.18 -44.69 -33.57
N MET X 550 38.77 -43.73 -34.40
CA MET X 550 37.37 -43.38 -34.59
C MET X 550 37.10 -43.29 -36.08
N PRO X 551 36.73 -44.39 -36.73
CA PRO X 551 36.44 -44.32 -38.18
C PRO X 551 35.24 -43.48 -38.56
N ASP X 552 34.14 -43.56 -37.82
CA ASP X 552 32.92 -42.86 -38.19
C ASP X 552 32.83 -41.56 -37.40
N LYS X 553 33.80 -40.68 -37.61
CA LYS X 553 33.74 -39.38 -36.97
C LYS X 553 32.79 -38.42 -37.66
N LYS X 554 32.41 -38.72 -38.90
CA LYS X 554 31.47 -37.87 -39.64
C LYS X 554 30.02 -38.09 -39.22
N ASP X 555 29.72 -39.23 -38.58
CA ASP X 555 28.34 -39.50 -38.19
C ASP X 555 27.92 -38.66 -36.98
N PHE X 556 28.84 -38.38 -36.07
CA PHE X 556 28.56 -37.54 -34.91
C PHE X 556 28.70 -36.05 -35.21
N GLY X 557 29.16 -35.69 -36.39
CA GLY X 557 29.28 -34.31 -36.77
C GLY X 557 30.62 -33.71 -36.39
N PHE X 558 30.67 -32.39 -36.44
CA PHE X 558 31.87 -31.62 -36.16
C PHE X 558 32.21 -31.58 -34.68
N SER X 559 31.21 -31.39 -33.82
CA SER X 559 31.42 -31.05 -32.43
C SER X 559 30.70 -32.07 -31.55
N PHE X 560 31.41 -33.00 -31.05
CA PHE X 560 30.88 -33.91 -30.06
C PHE X 560 31.87 -34.06 -28.91
N PRO X 561 31.42 -34.44 -27.69
CA PRO X 561 32.34 -34.54 -26.54
C PRO X 561 33.45 -35.57 -26.70
N CYS X 562 33.07 -36.83 -26.88
CA CYS X 562 34.01 -37.93 -26.87
C CYS X 562 33.32 -39.12 -27.50
N ASP X 563 33.91 -40.29 -27.35
CA ASP X 563 33.28 -41.55 -27.75
C ASP X 563 33.46 -42.56 -26.62
N GLY X 564 33.34 -42.07 -25.39
CA GLY X 564 33.40 -42.92 -24.23
C GLY X 564 34.82 -43.20 -23.77
N PRO X 565 34.96 -43.81 -22.60
CA PRO X 565 36.28 -44.22 -22.12
C PRO X 565 36.81 -45.47 -22.78
N GLY X 566 35.99 -46.15 -23.57
CA GLY X 566 36.43 -47.32 -24.28
C GLY X 566 37.38 -46.97 -25.41
N ARG X 567 37.99 -48.03 -25.96
CA ARG X 567 39.08 -47.94 -26.94
C ARG X 567 40.25 -47.11 -26.41
N GLY X 568 40.52 -47.25 -25.11
CA GLY X 568 41.66 -46.63 -24.50
C GLY X 568 41.41 -45.26 -23.90
N GLY X 569 40.35 -44.58 -24.31
CA GLY X 569 40.10 -43.22 -23.83
C GLY X 569 40.06 -42.30 -25.04
N THR X 570 39.02 -41.46 -25.08
CA THR X 570 38.71 -40.79 -26.34
C THR X 570 38.37 -39.30 -26.06
N CYS X 571 39.10 -38.66 -25.16
CA CYS X 571 38.85 -37.26 -24.86
C CYS X 571 39.46 -36.38 -25.96
N ASP X 572 38.71 -35.38 -26.42
CA ASP X 572 39.14 -34.44 -27.47
C ASP X 572 39.51 -35.19 -28.76
N ILE X 573 38.51 -35.81 -29.37
CA ILE X 573 38.72 -36.47 -30.65
C ILE X 573 37.87 -35.87 -31.77
N SER X 574 36.84 -35.09 -31.45
CA SER X 574 36.08 -34.37 -32.46
C SER X 574 36.96 -33.36 -33.16
N ALA X 575 36.59 -33.00 -34.39
CA ALA X 575 37.36 -31.99 -35.12
C ALA X 575 37.28 -30.61 -34.48
N TRP X 576 36.36 -30.41 -33.53
CA TRP X 576 36.33 -29.26 -32.65
C TRP X 576 37.53 -29.22 -31.70
N ASP X 577 38.25 -30.35 -31.50
CA ASP X 577 39.45 -30.30 -30.68
C ASP X 577 40.55 -29.49 -31.36
N ALA X 578 40.56 -29.49 -32.69
CA ALA X 578 41.53 -28.70 -33.44
C ALA X 578 41.36 -27.22 -33.14
N PHE X 579 40.13 -26.74 -33.24
CA PHE X 579 39.85 -25.35 -32.90
C PHE X 579 40.15 -25.08 -31.44
N TYR X 580 39.73 -25.98 -30.56
CA TYR X 580 39.85 -25.77 -29.12
C TYR X 580 41.31 -25.75 -28.67
N LEU X 581 42.13 -26.65 -29.19
CA LEU X 581 43.52 -26.73 -28.81
C LEU X 581 44.40 -25.79 -29.62
N ALA X 582 43.87 -25.23 -30.71
CA ALA X 582 44.63 -24.30 -31.50
C ALA X 582 44.33 -22.85 -31.17
N MET X 583 43.24 -22.56 -30.46
CA MET X 583 43.08 -21.24 -29.86
C MET X 583 44.20 -20.96 -28.87
N PHE X 584 44.58 -21.95 -28.06
CA PHE X 584 45.69 -21.77 -27.13
C PHE X 584 47.01 -21.51 -27.86
N TRP X 585 47.27 -22.25 -28.93
CA TRP X 585 48.53 -22.09 -29.66
C TRP X 585 48.56 -20.81 -30.47
N MET X 586 47.43 -20.42 -31.04
CA MET X 586 47.31 -19.13 -31.70
C MET X 586 47.49 -17.98 -30.73
N LEU X 587 46.89 -18.07 -29.54
CA LEU X 587 47.07 -17.02 -28.55
C LEU X 587 48.50 -16.98 -28.04
N ASN X 588 49.15 -18.13 -27.89
CA ASN X 588 50.55 -18.17 -27.49
C ASN X 588 51.46 -17.56 -28.56
N THR X 589 51.21 -17.88 -29.82
CA THR X 589 52.00 -17.33 -30.92
C THR X 589 51.80 -15.82 -31.05
N LEU X 590 50.55 -15.37 -30.90
CA LEU X 590 50.28 -13.94 -30.99
C LEU X 590 50.84 -13.22 -29.77
N GLY X 591 50.87 -13.89 -28.62
CA GLY X 591 51.57 -13.33 -27.48
C GLY X 591 53.06 -13.20 -27.73
N TRP X 592 53.67 -14.21 -28.35
CA TRP X 592 55.10 -14.16 -28.66
C TRP X 592 55.41 -13.01 -29.62
N LEU X 593 54.62 -12.87 -30.69
CA LEU X 593 54.94 -11.86 -31.68
C LEU X 593 54.56 -10.46 -31.21
N THR X 594 53.51 -10.34 -30.37
CA THR X 594 53.17 -9.01 -29.88
C THR X 594 54.10 -8.56 -28.76
N PHE X 595 54.58 -9.49 -27.93
CA PHE X 595 55.70 -9.18 -27.03
C PHE X 595 56.94 -8.76 -27.81
N TYR X 596 57.22 -9.44 -28.93
CA TYR X 596 58.34 -9.07 -29.79
C TYR X 596 58.18 -7.64 -30.32
N TRP X 597 57.02 -7.36 -30.91
CA TRP X 597 56.76 -6.04 -31.47
C TRP X 597 56.82 -4.97 -30.39
N HIS X 598 56.21 -5.23 -29.24
CA HIS X 598 56.13 -4.23 -28.18
C HIS X 598 57.50 -3.96 -27.56
N TRP X 599 58.30 -5.00 -27.31
CA TRP X 599 59.60 -4.76 -26.70
C TRP X 599 60.57 -4.14 -27.67
N LYS X 600 60.58 -4.58 -28.94
CA LYS X 600 61.45 -3.96 -29.94
C LYS X 600 61.06 -2.50 -30.17
N HIS X 601 59.76 -2.22 -30.24
CA HIS X 601 59.34 -0.85 -30.46
C HIS X 601 59.49 0.01 -29.20
N LEU X 602 59.43 -0.58 -28.01
CA LEU X 602 59.72 0.20 -26.81
C LEU X 602 61.19 0.57 -26.75
N GLY X 603 62.07 -0.34 -27.16
CA GLY X 603 63.48 0.01 -27.29
C GLY X 603 63.72 1.09 -28.34
N ILE X 604 62.95 1.04 -29.43
CA ILE X 604 63.10 2.05 -30.47
C ILE X 604 62.58 3.41 -30.01
N TRP X 605 61.38 3.42 -29.40
CA TRP X 605 60.72 4.67 -29.04
C TRP X 605 61.40 5.34 -27.85
N THR X 606 61.91 4.54 -26.91
CA THR X 606 62.62 5.10 -25.77
C THR X 606 63.97 5.67 -26.21
N GLY X 607 64.50 5.17 -27.31
CA GLY X 607 65.81 5.57 -27.79
C GLY X 607 66.94 4.68 -27.33
N ASN X 608 66.66 3.72 -26.46
CA ASN X 608 67.66 2.76 -25.97
C ASN X 608 67.31 1.42 -26.59
N VAL X 609 67.86 1.18 -27.79
CA VAL X 609 67.61 -0.07 -28.50
C VAL X 609 68.52 -1.20 -28.02
N ALA X 610 69.53 -0.89 -27.22
CA ALA X 610 70.47 -1.90 -26.76
C ALA X 610 69.85 -2.88 -25.77
N GLN X 611 68.78 -2.47 -25.07
CA GLN X 611 68.13 -3.34 -24.09
C GLN X 611 67.55 -4.58 -24.74
N PHE X 612 66.76 -4.41 -25.81
CA PHE X 612 66.29 -5.53 -26.61
C PHE X 612 67.45 -6.25 -27.28
N ASN X 613 68.44 -5.52 -27.76
CA ASN X 613 69.50 -6.12 -28.56
C ASN X 613 70.45 -6.99 -27.74
N GLU X 614 70.50 -6.83 -26.42
CA GLU X 614 71.30 -7.73 -25.59
C GLU X 614 70.48 -8.62 -24.67
N ASN X 615 69.23 -8.29 -24.38
CA ASN X 615 68.47 -9.05 -23.39
C ASN X 615 67.41 -9.96 -23.99
N SER X 616 67.11 -9.84 -25.28
CA SER X 616 66.12 -10.70 -25.90
C SER X 616 66.68 -12.03 -26.36
N THR X 617 67.98 -12.24 -26.20
CA THR X 617 68.58 -13.51 -26.59
C THR X 617 68.37 -14.60 -25.54
N TYR X 618 67.98 -14.22 -24.32
CA TYR X 618 67.68 -15.15 -23.26
C TYR X 618 66.36 -14.75 -22.61
N LEU X 619 65.65 -15.73 -22.07
CA LEU X 619 64.27 -15.52 -21.64
C LEU X 619 64.15 -14.74 -20.34
N MET X 620 65.20 -14.66 -19.54
CA MET X 620 65.10 -13.86 -18.32
C MET X 620 65.15 -12.38 -18.63
N GLY X 621 65.84 -11.99 -19.71
CA GLY X 621 65.75 -10.62 -20.18
C GLY X 621 64.37 -10.26 -20.66
N TRP X 622 63.69 -11.21 -21.31
CA TRP X 622 62.29 -11.04 -21.65
C TRP X 622 61.42 -10.91 -20.42
N PHE X 623 61.72 -11.71 -19.40
CA PHE X 623 60.85 -11.78 -18.23
C PHE X 623 61.06 -10.57 -17.32
N ARG X 624 62.26 -10.00 -17.35
CA ARG X 624 62.64 -8.91 -16.45
C ARG X 624 62.53 -7.55 -17.13
N ASP X 625 63.21 -7.37 -18.26
CA ASP X 625 63.30 -6.07 -18.89
C ASP X 625 62.07 -5.71 -19.71
N TYR X 626 61.17 -6.66 -19.95
CA TYR X 626 59.94 -6.37 -20.68
C TYR X 626 58.70 -6.52 -19.81
N LEU X 627 58.55 -7.63 -19.10
CA LEU X 627 57.34 -7.82 -18.30
C LEU X 627 57.41 -7.04 -16.99
N TRP X 628 58.41 -7.35 -16.16
CA TRP X 628 58.56 -6.72 -14.86
C TRP X 628 58.86 -5.24 -14.97
N ALA X 629 59.69 -4.85 -15.94
CA ALA X 629 60.10 -3.46 -16.07
C ALA X 629 58.94 -2.58 -16.55
N ASN X 630 58.13 -3.09 -17.48
CA ASN X 630 57.09 -2.25 -18.07
C ASN X 630 55.75 -2.43 -17.37
N SER X 631 55.65 -3.37 -16.43
CA SER X 631 54.44 -3.46 -15.63
C SER X 631 54.45 -2.50 -14.44
N ALA X 632 55.54 -1.75 -14.25
CA ALA X 632 55.72 -0.93 -13.05
C ALA X 632 54.69 0.18 -12.95
N GLN X 633 54.56 0.98 -14.00
CA GLN X 633 53.59 2.07 -14.04
C GLN X 633 52.17 1.55 -14.22
N LEU X 634 52.01 0.36 -14.82
CA LEU X 634 50.73 -0.32 -14.90
C LEU X 634 50.15 -0.62 -13.52
N ILE X 635 50.85 -1.42 -12.72
CA ILE X 635 50.32 -1.85 -11.42
C ILE X 635 50.26 -0.73 -10.40
N ASN X 636 50.95 0.39 -10.64
CA ASN X 636 50.83 1.58 -9.81
C ASN X 636 49.77 2.53 -10.33
N GLY X 637 48.83 2.04 -11.14
CA GLY X 637 47.73 2.87 -11.59
C GLY X 637 46.83 3.29 -10.44
N TYR X 638 46.62 2.39 -9.48
CA TYR X 638 46.05 2.76 -8.20
C TYR X 638 46.87 2.09 -7.10
N ASN X 639 47.28 2.87 -6.12
CA ASN X 639 48.09 2.44 -4.99
C ASN X 639 47.40 3.03 -3.75
N PRO X 640 47.88 2.76 -2.52
CA PRO X 640 47.30 3.45 -1.36
C PRO X 640 47.45 4.97 -1.37
N TYR X 641 48.37 5.53 -2.15
CA TYR X 641 48.65 6.95 -2.11
C TYR X 641 47.90 7.75 -3.17
N GLY X 642 47.10 7.13 -4.02
CA GLY X 642 46.32 7.88 -4.98
C GLY X 642 45.86 7.03 -6.14
N VAL X 643 45.38 7.72 -7.17
CA VAL X 643 44.83 7.12 -8.39
C VAL X 643 45.39 7.86 -9.59
N ASN X 644 45.96 7.12 -10.54
CA ASN X 644 46.46 7.68 -11.78
C ASN X 644 45.40 7.56 -12.87
N ASN X 645 45.75 7.98 -14.07
CA ASN X 645 44.87 7.77 -15.23
C ASN X 645 44.90 6.33 -15.72
N LEU X 646 45.89 5.54 -15.29
CA LEU X 646 46.00 4.14 -15.65
C LEU X 646 45.39 3.21 -14.62
N SER X 647 44.51 3.73 -13.76
CA SER X 647 43.85 2.87 -12.78
C SER X 647 42.86 1.94 -13.44
N VAL X 648 42.20 2.38 -14.51
CA VAL X 648 41.32 1.48 -15.25
C VAL X 648 42.14 0.41 -15.96
N TRP X 649 43.37 0.72 -16.35
CA TRP X 649 44.20 -0.31 -17.00
C TRP X 649 44.77 -1.29 -16.00
N ALA X 650 45.08 -0.85 -14.78
CA ALA X 650 45.45 -1.81 -13.74
C ALA X 650 44.26 -2.69 -13.35
N TRP X 651 43.06 -2.10 -13.33
CA TRP X 651 41.87 -2.87 -13.05
C TRP X 651 41.57 -3.88 -14.15
N MET X 652 41.76 -3.50 -15.42
CA MET X 652 41.63 -4.44 -16.52
C MET X 652 42.72 -5.50 -16.51
N PHE X 653 43.92 -5.15 -16.06
CA PHE X 653 45.00 -6.11 -15.88
C PHE X 653 44.60 -7.21 -14.91
N LEU X 654 44.11 -6.80 -13.73
CA LEU X 654 43.64 -7.77 -12.75
C LEU X 654 42.39 -8.51 -13.21
N PHE X 655 41.51 -7.83 -13.94
CA PHE X 655 40.30 -8.45 -14.47
C PHE X 655 40.64 -9.54 -15.49
N GLY X 656 41.60 -9.27 -16.38
CA GLY X 656 42.07 -10.26 -17.31
C GLY X 656 42.75 -11.43 -16.64
N HIS X 657 43.52 -11.18 -15.58
CA HIS X 657 44.07 -12.28 -14.80
C HIS X 657 42.96 -13.13 -14.16
N LEU X 658 41.93 -12.50 -13.62
CA LEU X 658 40.82 -13.22 -13.00
C LEU X 658 40.04 -14.06 -14.01
N VAL X 659 39.75 -13.51 -15.19
CA VAL X 659 39.00 -14.27 -16.20
C VAL X 659 39.86 -15.39 -16.77
N TRP X 660 41.15 -15.12 -17.01
CA TRP X 660 42.06 -16.12 -17.52
C TRP X 660 42.24 -17.28 -16.54
N ALA X 661 42.33 -16.98 -15.25
CA ALA X 661 42.41 -18.02 -14.24
C ALA X 661 41.08 -18.72 -14.00
N THR X 662 39.95 -18.04 -14.23
CA THR X 662 38.66 -18.70 -14.13
C THR X 662 38.45 -19.69 -15.26
N GLY X 663 39.08 -19.43 -16.42
CA GLY X 663 39.07 -20.40 -17.50
C GLY X 663 39.71 -21.72 -17.15
N PHE X 664 40.74 -21.70 -16.31
CA PHE X 664 41.40 -22.91 -15.83
C PHE X 664 40.44 -23.83 -15.09
N MET X 665 39.44 -23.25 -14.43
CA MET X 665 38.41 -24.05 -13.75
C MET X 665 37.61 -24.89 -14.73
N PHE X 666 37.20 -24.31 -15.85
CA PHE X 666 36.46 -25.08 -16.84
C PHE X 666 37.36 -26.01 -17.65
N LEU X 667 38.62 -25.66 -17.82
CA LEU X 667 39.51 -26.48 -18.64
C LEU X 667 40.14 -27.63 -17.89
N ILE X 668 40.33 -27.53 -16.58
CA ILE X 668 40.99 -28.58 -15.83
C ILE X 668 39.95 -29.46 -15.13
N SER X 669 39.08 -28.85 -14.32
CA SER X 669 38.00 -29.61 -13.72
C SER X 669 36.96 -29.92 -14.78
N TRP X 670 36.43 -31.14 -14.75
CA TRP X 670 35.55 -31.64 -15.79
C TRP X 670 34.19 -31.99 -15.17
N ARG X 671 33.29 -32.53 -16.00
CA ARG X 671 31.85 -32.27 -15.82
C ARG X 671 31.26 -33.00 -14.61
N GLY X 672 31.56 -34.28 -14.46
CA GLY X 672 30.84 -35.08 -13.47
C GLY X 672 31.08 -34.70 -12.03
N TYR X 673 32.22 -34.09 -11.72
CA TYR X 673 32.41 -33.47 -10.42
C TYR X 673 31.35 -32.40 -10.18
N TRP X 674 31.13 -31.55 -11.17
CA TRP X 674 30.17 -30.47 -11.03
C TRP X 674 28.74 -30.97 -11.07
N GLN X 675 28.47 -32.04 -11.82
CA GLN X 675 27.14 -32.64 -11.79
C GLN X 675 26.84 -33.23 -10.42
N GLU X 676 27.82 -33.92 -9.83
CA GLU X 676 27.69 -34.44 -8.48
C GLU X 676 27.53 -33.33 -7.44
N LEU X 677 28.16 -32.18 -7.65
CA LEU X 677 27.99 -31.02 -6.78
C LEU X 677 26.61 -30.38 -6.90
N ILE X 678 26.14 -30.19 -8.13
CA ILE X 678 24.83 -29.60 -8.38
C ILE X 678 23.72 -30.51 -7.88
N GLU X 679 23.94 -31.83 -7.87
CA GLU X 679 22.94 -32.71 -7.25
C GLU X 679 22.76 -32.47 -5.75
N THR X 680 23.85 -32.25 -5.00
CA THR X 680 23.75 -31.87 -3.61
C THR X 680 23.11 -30.49 -3.42
N ILE X 681 23.44 -29.55 -4.31
CA ILE X 681 22.82 -28.22 -4.24
C ILE X 681 21.33 -28.30 -4.53
N VAL X 682 20.93 -29.17 -5.44
CA VAL X 682 19.52 -29.40 -5.76
C VAL X 682 18.79 -30.01 -4.56
N TRP X 683 19.43 -30.97 -3.89
CA TRP X 683 18.87 -31.51 -2.66
C TRP X 683 18.70 -30.44 -1.59
N ALA X 684 19.70 -29.59 -1.43
CA ALA X 684 19.63 -28.53 -0.43
C ALA X 684 18.54 -27.53 -0.74
N HIS X 685 18.31 -27.24 -2.02
CA HIS X 685 17.21 -26.33 -2.38
C HIS X 685 15.86 -26.99 -2.14
N GLU X 686 15.68 -28.24 -2.56
CA GLU X 686 14.38 -28.88 -2.42
C GLU X 686 14.06 -29.30 -1.00
N ARG X 687 15.04 -29.36 -0.10
CA ARG X 687 14.77 -29.80 1.26
C ARG X 687 14.76 -28.67 2.27
N THR X 688 15.25 -27.48 1.93
CA THR X 688 15.15 -26.40 2.87
C THR X 688 13.73 -25.82 2.87
N PRO X 689 13.27 -25.30 4.01
CA PRO X 689 12.00 -24.58 4.02
C PRO X 689 12.16 -23.19 3.41
N LEU X 690 11.03 -22.66 2.92
CA LEU X 690 10.82 -21.31 2.41
C LEU X 690 11.52 -21.01 1.09
N ALA X 691 12.38 -21.90 0.61
CA ALA X 691 12.99 -21.77 -0.70
C ALA X 691 12.57 -22.88 -1.65
N ASN X 692 11.97 -23.95 -1.13
CA ASN X 692 11.40 -24.98 -1.99
C ASN X 692 10.09 -24.55 -2.62
N LEU X 693 9.52 -23.42 -2.19
CA LEU X 693 8.42 -22.80 -2.93
C LEU X 693 8.88 -22.39 -4.32
N VAL X 694 10.09 -21.86 -4.42
CA VAL X 694 10.66 -21.45 -5.71
C VAL X 694 11.20 -22.69 -6.40
N ARG X 695 10.53 -23.11 -7.47
CA ARG X 695 10.90 -24.30 -8.22
C ARG X 695 11.36 -23.90 -9.62
N TRP X 696 12.43 -24.54 -10.07
CA TRP X 696 12.93 -24.29 -11.42
C TRP X 696 12.03 -24.95 -12.45
N LYS X 697 11.85 -24.29 -13.59
CA LYS X 697 11.15 -24.93 -14.70
C LYS X 697 12.05 -25.93 -15.41
N ASP X 698 13.33 -25.61 -15.56
CA ASP X 698 14.29 -26.51 -16.17
C ASP X 698 15.27 -27.04 -15.12
N LYS X 699 15.65 -28.29 -15.26
CA LYS X 699 16.42 -28.97 -14.23
C LYS X 699 17.87 -28.51 -14.30
N PRO X 700 18.44 -27.98 -13.22
CA PRO X 700 19.81 -27.48 -13.28
C PRO X 700 20.81 -28.62 -13.39
N VAL X 701 21.56 -28.62 -14.49
CA VAL X 701 22.60 -29.60 -14.73
C VAL X 701 23.90 -28.86 -14.93
N ALA X 702 25.01 -29.61 -14.89
CA ALA X 702 26.31 -29.04 -15.18
C ALA X 702 26.41 -28.69 -16.66
N LEU X 703 27.35 -27.80 -16.97
CA LEU X 703 27.63 -27.48 -18.36
C LEU X 703 28.21 -28.70 -19.05
N SER X 704 27.78 -28.95 -20.29
CA SER X 704 28.21 -30.13 -21.01
C SER X 704 29.69 -30.01 -21.38
N ILE X 705 30.24 -31.10 -21.91
CA ILE X 705 31.69 -31.22 -22.06
C ILE X 705 32.22 -30.24 -23.10
N VAL X 706 31.59 -30.21 -24.28
CA VAL X 706 31.99 -29.26 -25.31
C VAL X 706 31.68 -27.84 -24.88
N GLN X 707 30.55 -27.65 -24.19
CA GLN X 707 30.16 -26.33 -23.73
C GLN X 707 31.16 -25.77 -22.75
N ALA X 708 31.66 -26.59 -21.84
CA ALA X 708 32.64 -26.14 -20.88
C ALA X 708 34.02 -25.99 -21.46
N ARG X 709 34.40 -26.81 -22.45
CA ARG X 709 35.62 -26.54 -23.20
C ARG X 709 35.54 -25.17 -23.87
N LEU X 710 34.38 -24.85 -24.46
CA LEU X 710 34.16 -23.55 -25.08
C LEU X 710 34.14 -22.42 -24.06
N VAL X 711 33.55 -22.65 -22.89
CA VAL X 711 33.46 -21.61 -21.87
C VAL X 711 34.84 -21.31 -21.27
N GLY X 712 35.61 -22.36 -20.99
CA GLY X 712 36.98 -22.15 -20.54
C GLY X 712 37.86 -21.53 -21.61
N LEU X 713 37.62 -21.90 -22.88
CA LEU X 713 38.33 -21.29 -23.99
C LEU X 713 38.00 -19.81 -24.12
N ALA X 714 36.72 -19.46 -23.96
CA ALA X 714 36.31 -18.07 -24.05
C ALA X 714 36.85 -17.27 -22.88
N HIS X 715 36.90 -17.86 -21.70
CA HIS X 715 37.50 -17.18 -20.55
C HIS X 715 38.98 -16.96 -20.73
N PHE X 716 39.70 -18.00 -21.19
CA PHE X 716 41.11 -17.90 -21.49
C PHE X 716 41.38 -16.82 -22.52
N THR X 717 40.56 -16.78 -23.57
CA THR X 717 40.73 -15.81 -24.65
C THR X 717 40.43 -14.39 -24.17
N VAL X 718 39.27 -14.19 -23.52
CA VAL X 718 38.86 -12.86 -23.08
C VAL X 718 39.84 -12.32 -22.03
N GLY X 719 40.26 -13.17 -21.10
CA GLY X 719 41.28 -12.76 -20.15
C GLY X 719 42.62 -12.45 -20.80
N TYR X 720 42.99 -13.22 -21.83
CA TYR X 720 44.24 -13.02 -22.55
C TYR X 720 44.29 -11.66 -23.24
N ILE X 721 43.28 -11.37 -24.08
CA ILE X 721 43.21 -10.06 -24.74
C ILE X 721 43.01 -8.92 -23.74
N LEU X 722 42.21 -9.11 -22.69
CA LEU X 722 41.99 -8.00 -21.75
C LEU X 722 43.26 -7.65 -20.97
N THR X 723 43.97 -8.67 -20.45
CA THR X 723 45.18 -8.38 -19.70
C THR X 723 46.32 -7.92 -20.60
N TYR X 724 46.43 -8.41 -21.84
CA TYR X 724 47.51 -7.88 -22.67
C TYR X 724 47.19 -6.50 -23.23
N ALA X 725 45.92 -6.21 -23.54
CA ALA X 725 45.56 -4.87 -23.97
C ALA X 725 45.78 -3.85 -22.86
N ALA X 726 45.44 -4.23 -21.62
CA ALA X 726 45.72 -3.37 -20.47
C ALA X 726 47.21 -3.14 -20.30
N PHE X 727 48.01 -4.22 -20.34
CA PHE X 727 49.45 -4.08 -20.16
C PHE X 727 50.09 -3.28 -21.28
N LEU X 728 49.69 -3.55 -22.52
CA LEU X 728 50.23 -2.85 -23.69
C LEU X 728 49.94 -1.36 -23.61
N ILE X 729 48.66 -1.01 -23.40
CA ILE X 729 48.25 0.38 -23.46
C ILE X 729 48.82 1.16 -22.28
N ALA X 730 48.78 0.60 -21.07
CA ALA X 730 49.37 1.29 -19.93
C ALA X 730 50.89 1.35 -20.01
N SER X 731 51.55 0.30 -20.51
CA SER X 731 53.00 0.29 -20.61
C SER X 731 53.53 1.34 -21.58
N THR X 732 52.88 1.50 -22.74
CA THR X 732 53.36 2.50 -23.67
C THR X 732 52.56 3.80 -23.61
N ALA X 733 51.68 3.95 -22.63
CA ALA X 733 51.03 5.24 -22.38
C ALA X 733 51.50 5.92 -21.10
N GLY X 734 52.04 5.16 -20.15
CA GLY X 734 52.62 5.79 -18.98
C GLY X 734 53.96 6.42 -19.28
N LYS X 735 54.62 5.98 -20.35
CA LYS X 735 55.85 6.58 -20.82
C LYS X 735 55.57 7.66 -21.87
N PHE X 736 54.95 7.27 -22.98
CA PHE X 736 54.64 8.20 -24.05
C PHE X 736 53.16 8.61 -23.96
N GLY X 737 52.89 9.50 -23.00
CA GLY X 737 51.55 9.99 -22.78
C GLY X 737 51.50 11.42 -22.28
N SER Y 1 16.44 -38.85 -26.61
CA SER Y 1 16.71 -40.27 -26.67
C SER Y 1 17.90 -40.56 -27.59
N HIS Y 2 18.76 -41.48 -27.15
CA HIS Y 2 19.93 -41.87 -27.92
C HIS Y 2 19.59 -43.04 -28.83
N SER Y 3 20.40 -43.22 -29.86
CA SER Y 3 20.21 -44.28 -30.84
C SER Y 3 21.29 -45.33 -30.67
N VAL Y 4 20.90 -46.51 -30.20
CA VAL Y 4 21.85 -47.61 -30.09
C VAL Y 4 21.67 -48.53 -31.28
N LYS Y 5 22.61 -48.51 -32.21
CA LYS Y 5 22.48 -49.28 -33.44
C LYS Y 5 23.44 -50.45 -33.43
N ILE Y 6 22.93 -51.64 -33.73
CA ILE Y 6 23.73 -52.86 -33.73
C ILE Y 6 23.93 -53.28 -35.17
N TYR Y 7 25.19 -53.46 -35.57
CA TYR Y 7 25.54 -53.78 -36.94
C TYR Y 7 25.81 -55.27 -37.08
N ASP Y 8 25.93 -55.72 -38.33
CA ASP Y 8 25.98 -57.14 -38.64
C ASP Y 8 27.34 -57.78 -38.41
N THR Y 9 28.33 -57.03 -37.93
CA THR Y 9 29.61 -57.61 -37.54
C THR Y 9 29.61 -57.98 -36.06
N CYS Y 10 28.59 -58.72 -35.65
CA CYS Y 10 28.36 -59.05 -34.25
C CYS Y 10 28.60 -60.53 -34.04
N ILE Y 11 29.43 -60.87 -33.05
CA ILE Y 11 29.75 -62.26 -32.78
C ILE Y 11 28.84 -62.87 -31.72
N GLY Y 12 27.90 -62.11 -31.17
CA GLY Y 12 26.96 -62.63 -30.19
C GLY Y 12 27.61 -63.02 -28.88
N CYS Y 13 28.61 -62.27 -28.43
CA CYS Y 13 29.32 -62.58 -27.19
C CYS Y 13 28.57 -62.12 -25.95
N THR Y 14 27.47 -61.38 -26.13
CA THR Y 14 26.59 -60.85 -25.09
C THR Y 14 27.29 -59.91 -24.12
N GLN Y 15 28.48 -59.39 -24.44
CA GLN Y 15 29.19 -58.51 -23.53
C GLN Y 15 28.53 -57.15 -23.42
N CYS Y 16 27.88 -56.68 -24.49
CA CYS Y 16 27.22 -55.38 -24.45
C CYS Y 16 26.01 -55.40 -23.53
N VAL Y 17 25.26 -56.50 -23.52
CA VAL Y 17 24.07 -56.59 -22.67
C VAL Y 17 24.46 -56.68 -21.20
N ARG Y 18 25.50 -57.46 -20.88
CA ARG Y 18 25.96 -57.53 -19.50
C ARG Y 18 26.63 -56.24 -19.05
N ALA Y 19 27.22 -55.50 -19.99
CA ALA Y 19 27.82 -54.21 -19.68
C ALA Y 19 26.81 -53.08 -19.58
N CYS Y 20 25.58 -53.28 -20.05
CA CYS Y 20 24.60 -52.20 -20.07
C CYS Y 20 23.99 -52.00 -18.69
N PRO Y 21 24.04 -50.80 -18.13
CA PRO Y 21 23.48 -50.60 -16.78
C PRO Y 21 22.02 -50.24 -16.74
N LEU Y 22 21.33 -50.03 -17.87
CA LEU Y 22 19.92 -49.66 -17.80
C LEU Y 22 19.02 -50.55 -18.65
N ASP Y 23 19.46 -51.78 -18.97
CA ASP Y 23 18.67 -52.82 -19.63
C ASP Y 23 18.16 -52.35 -21.00
N VAL Y 24 18.97 -51.53 -21.65
CA VAL Y 24 18.62 -51.10 -23.01
C VAL Y 24 18.73 -52.25 -23.99
N LEU Y 25 19.69 -53.13 -23.82
CA LEU Y 25 20.02 -54.14 -24.80
C LEU Y 25 19.48 -55.50 -24.38
N GLU Y 26 19.34 -56.39 -25.35
CA GLU Y 26 18.95 -57.77 -25.12
C GLU Y 26 19.44 -58.59 -26.30
N MET Y 27 19.31 -59.90 -26.20
CA MET Y 27 19.69 -60.80 -27.28
C MET Y 27 18.47 -61.38 -27.98
N VAL Y 28 18.51 -61.33 -29.30
CA VAL Y 28 17.46 -61.89 -30.15
C VAL Y 28 18.13 -62.99 -30.96
N PRO Y 29 17.39 -64.02 -31.38
CA PRO Y 29 17.99 -65.03 -32.26
C PRO Y 29 18.34 -64.46 -33.63
N TRP Y 30 19.43 -64.98 -34.19
CA TRP Y 30 19.95 -64.46 -35.45
C TRP Y 30 20.65 -65.59 -36.20
N ASP Y 31 20.27 -65.78 -37.45
CA ASP Y 31 20.84 -66.84 -38.27
C ASP Y 31 22.18 -66.48 -38.88
N GLY Y 32 22.60 -65.23 -38.79
CA GLY Y 32 23.81 -64.76 -39.42
C GLY Y 32 25.06 -64.78 -38.58
N CYS Y 33 25.07 -65.53 -37.48
CA CYS Y 33 26.23 -65.58 -36.60
C CYS Y 33 26.45 -67.00 -36.11
N LYS Y 34 27.69 -67.27 -35.69
CA LYS Y 34 28.01 -68.59 -35.15
C LYS Y 34 27.34 -68.81 -33.80
N ALA Y 35 27.26 -67.76 -32.98
CA ALA Y 35 26.58 -67.86 -31.69
C ALA Y 35 25.07 -67.91 -31.81
N GLY Y 36 24.51 -67.61 -32.98
CA GLY Y 36 23.09 -67.71 -33.18
C GLY Y 36 22.27 -66.61 -32.53
N GLN Y 37 22.87 -65.46 -32.26
CA GLN Y 37 22.18 -64.39 -31.57
C GLN Y 37 22.83 -63.06 -31.92
N ILE Y 38 22.03 -61.99 -31.90
CA ILE Y 38 22.54 -60.65 -32.11
C ILE Y 38 21.90 -59.74 -31.05
N ALA Y 39 22.59 -58.63 -30.76
CA ALA Y 39 22.07 -57.66 -29.82
C ALA Y 39 20.99 -56.81 -30.46
N SER Y 40 20.01 -56.44 -29.66
CA SER Y 40 18.97 -55.50 -30.06
C SER Y 40 18.76 -54.52 -28.93
N SER Y 41 18.25 -53.33 -29.27
CA SER Y 41 18.05 -52.25 -28.31
C SER Y 41 16.59 -51.81 -28.37
N PRO Y 42 15.68 -52.55 -27.73
CA PRO Y 42 14.26 -52.13 -27.79
C PRO Y 42 13.96 -50.89 -27.00
N ARG Y 43 14.31 -50.86 -25.73
CA ARG Y 43 14.03 -49.73 -24.84
C ARG Y 43 15.22 -48.76 -24.79
N THR Y 44 15.56 -48.27 -25.98
CA THR Y 44 16.64 -47.31 -26.16
C THR Y 44 16.26 -45.92 -25.68
N GLU Y 45 15.01 -45.69 -25.30
CA GLU Y 45 14.64 -44.45 -24.63
C GLU Y 45 15.20 -44.37 -23.21
N ASP Y 46 15.64 -45.49 -22.66
CA ASP Y 46 16.30 -45.52 -21.36
C ASP Y 46 17.82 -45.39 -21.47
N CYS Y 47 18.36 -45.19 -22.67
CA CYS Y 47 19.81 -45.12 -22.82
C CYS Y 47 20.33 -43.78 -22.30
N VAL Y 48 21.29 -43.84 -21.38
CA VAL Y 48 21.91 -42.61 -20.92
C VAL Y 48 23.03 -42.17 -21.86
N GLY Y 49 23.70 -43.11 -22.52
CA GLY Y 49 24.83 -42.79 -23.37
C GLY Y 49 26.18 -43.05 -22.75
N CYS Y 50 26.28 -43.94 -21.77
CA CYS Y 50 27.54 -44.18 -21.08
C CYS Y 50 28.55 -44.91 -21.95
N LYS Y 51 28.10 -45.59 -23.01
CA LYS Y 51 28.94 -46.35 -23.94
C LYS Y 51 29.75 -47.43 -23.24
N ARG Y 52 29.18 -48.05 -22.19
CA ARG Y 52 29.79 -49.24 -21.64
C ARG Y 52 29.63 -50.43 -22.58
N CYS Y 53 28.55 -50.44 -23.36
CA CYS Y 53 28.38 -51.47 -24.39
C CYS Y 53 29.42 -51.32 -25.49
N GLU Y 54 29.72 -50.08 -25.88
CA GLU Y 54 30.78 -49.84 -26.86
C GLU Y 54 32.15 -50.16 -26.30
N THR Y 55 32.32 -50.07 -24.98
CA THR Y 55 33.59 -50.42 -24.37
C THR Y 55 33.82 -51.93 -24.42
N ALA Y 56 32.77 -52.72 -24.21
CA ALA Y 56 32.89 -54.17 -24.08
C ALA Y 56 32.83 -54.90 -25.42
N CYS Y 57 32.66 -54.19 -26.53
CA CYS Y 57 32.51 -54.86 -27.82
C CYS Y 57 33.88 -55.33 -28.34
N PRO Y 58 34.05 -56.61 -28.64
CA PRO Y 58 35.36 -57.12 -29.09
C PRO Y 58 35.61 -57.07 -30.59
N THR Y 59 34.78 -56.38 -31.36
CA THR Y 59 34.98 -56.28 -32.80
C THR Y 59 35.99 -55.15 -33.08
N ASP Y 60 36.66 -55.23 -34.24
CA ASP Y 60 37.72 -54.27 -34.59
C ASP Y 60 37.20 -52.84 -34.63
N PHE Y 61 36.07 -52.64 -35.28
CA PHE Y 61 35.24 -51.49 -34.95
C PHE Y 61 33.87 -51.99 -34.52
N LEU Y 62 33.28 -51.25 -33.60
CA LEU Y 62 32.25 -51.78 -32.71
C LEU Y 62 30.98 -52.11 -33.46
N SER Y 63 30.46 -53.32 -33.25
CA SER Y 63 29.21 -53.71 -33.87
C SER Y 63 28.03 -53.00 -33.23
N ILE Y 64 28.14 -52.63 -31.96
CA ILE Y 64 27.15 -51.82 -31.28
C ILE Y 64 27.68 -50.40 -31.18
N ARG Y 65 26.84 -49.42 -31.48
CA ARG Y 65 27.34 -48.06 -31.66
C ARG Y 65 26.27 -47.12 -31.13
N VAL Y 66 26.64 -46.26 -30.19
CA VAL Y 66 25.70 -45.34 -29.56
C VAL Y 66 25.85 -43.96 -30.16
N TYR Y 67 24.74 -43.39 -30.59
CA TYR Y 67 24.67 -42.05 -31.16
C TYR Y 67 23.91 -41.18 -30.18
N LEU Y 68 24.59 -40.20 -29.60
CA LEU Y 68 23.97 -39.31 -28.62
C LEU Y 68 23.09 -38.29 -29.35
N GLY Y 69 21.80 -38.31 -29.06
CA GLY Y 69 20.87 -37.44 -29.75
C GLY Y 69 20.14 -36.49 -28.82
N ALA Y 70 18.81 -36.51 -28.86
CA ALA Y 70 18.01 -35.65 -28.02
C ALA Y 70 18.13 -36.06 -26.56
N GLU Y 71 18.15 -35.06 -25.68
CA GLU Y 71 18.33 -35.26 -24.26
C GLU Y 71 16.99 -35.19 -23.55
N THR Y 72 16.67 -36.23 -22.80
CA THR Y 72 15.46 -36.29 -22.00
C THR Y 72 15.85 -36.35 -20.52
N THR Y 73 14.85 -36.52 -19.67
CA THR Y 73 15.13 -36.66 -18.24
C THR Y 73 15.70 -38.03 -17.88
N ARG Y 74 15.62 -39.01 -18.79
CA ARG Y 74 16.25 -40.30 -18.59
C ARG Y 74 17.62 -40.38 -19.24
N SER Y 75 17.85 -39.62 -20.32
CA SER Y 75 19.17 -39.57 -20.93
C SER Y 75 20.15 -38.85 -20.03
N MET Y 76 19.71 -37.77 -19.38
CA MET Y 76 20.52 -37.10 -18.36
C MET Y 76 20.70 -37.90 -17.09
N GLY Y 77 19.88 -38.92 -16.85
CA GLY Y 77 19.99 -39.70 -15.63
C GLY Y 77 19.77 -38.88 -14.37
N LEU Y 78 18.73 -38.06 -14.36
CA LEU Y 78 18.50 -37.13 -13.25
C LEU Y 78 17.55 -37.77 -12.25
N ALA Y 79 17.99 -37.85 -10.99
CA ALA Y 79 17.11 -38.26 -9.90
C ALA Y 79 16.14 -37.15 -9.50
N TYR Y 80 16.37 -35.93 -9.96
CA TYR Y 80 15.49 -34.81 -9.65
C TYR Y 80 14.78 -34.33 -10.90
N ILE Z 1 1.23 -54.93 -10.88
CA ILE Z 1 -0.03 -54.27 -10.57
C ILE Z 1 -0.23 -54.21 -9.06
N GLN Z 2 -0.29 -52.97 -8.55
CA GLN Z 2 -0.56 -52.56 -7.16
C GLN Z 2 0.59 -52.85 -6.20
N LEU Z 3 1.60 -53.60 -6.64
CA LEU Z 3 2.90 -53.78 -5.99
C LEU Z 3 2.83 -54.21 -4.54
N THR Z 4 2.34 -55.42 -4.29
CA THR Z 4 2.32 -55.98 -2.95
C THR Z 4 3.75 -56.24 -2.46
N GLY Z 5 4.22 -55.42 -1.53
CA GLY Z 5 5.58 -55.56 -1.05
C GLY Z 5 5.76 -54.79 0.25
N THR Z 6 6.70 -55.30 1.05
CA THR Z 6 7.10 -54.63 2.27
C THR Z 6 8.50 -54.04 2.08
N MET Z 7 8.72 -52.93 2.74
CA MET Z 7 9.93 -52.16 2.57
C MET Z 7 11.05 -52.71 3.45
N PRO Z 8 12.29 -52.77 2.94
CA PRO Z 8 13.43 -53.19 3.76
C PRO Z 8 13.67 -52.28 4.95
N LYS Z 9 14.21 -52.83 6.04
CA LYS Z 9 14.45 -52.04 7.25
C LYS Z 9 15.61 -51.10 6.98
N PHE Z 10 15.27 -49.86 6.67
CA PHE Z 10 16.22 -48.81 6.33
C PHE Z 10 16.03 -47.64 7.26
N GLY Z 11 17.14 -47.04 7.67
CA GLY Z 11 17.08 -45.92 8.59
C GLY Z 11 16.73 -44.60 7.97
N GLY Z 12 16.56 -44.55 6.65
CA GLY Z 12 16.28 -43.31 5.97
C GLY Z 12 17.54 -42.53 5.65
N SER Z 13 17.62 -42.05 4.42
CA SER Z 13 18.79 -41.35 3.94
C SER Z 13 18.37 -40.09 3.21
N THR Z 14 19.35 -39.36 2.70
CA THR Z 14 19.11 -38.15 1.92
C THR Z 14 19.27 -38.37 0.43
N GLY Z 15 19.74 -39.53 -0.01
CA GLY Z 15 19.94 -39.82 -1.41
C GLY Z 15 18.74 -40.44 -2.10
N GLY Z 16 17.61 -40.54 -1.42
CA GLY Z 16 16.45 -41.22 -1.97
C GLY Z 16 15.62 -40.39 -2.92
N LEU Z 17 14.31 -40.48 -2.77
CA LEU Z 17 13.40 -39.78 -3.67
C LEU Z 17 13.42 -38.29 -3.42
N LEU Z 18 13.49 -37.52 -4.50
CA LEU Z 18 13.34 -36.08 -4.46
C LEU Z 18 11.93 -35.72 -4.91
N SER Z 19 11.70 -34.43 -5.16
CA SER Z 19 10.37 -33.95 -5.49
C SER Z 19 9.84 -34.47 -6.83
N ALA Z 20 10.73 -34.81 -7.76
CA ALA Z 20 10.30 -35.26 -9.08
C ALA Z 20 9.82 -36.72 -9.08
N ALA Z 21 10.07 -37.46 -8.02
CA ALA Z 21 9.60 -38.85 -7.95
C ALA Z 21 8.09 -38.94 -7.84
N ASP Z 22 7.48 -37.99 -7.12
CA ASP Z 22 6.03 -37.95 -6.99
C ASP Z 22 5.36 -37.08 -8.04
N ARG Z 23 6.11 -36.55 -9.00
CA ARG Z 23 5.56 -35.65 -10.00
C ARG Z 23 5.88 -36.05 -11.44
N GLU Z 24 6.99 -36.73 -11.69
CA GLU Z 24 7.32 -37.11 -13.05
C GLU Z 24 7.23 -38.61 -13.24
N GLU Z 25 8.04 -39.35 -12.48
CA GLU Z 25 8.06 -40.81 -12.46
C GLU Z 25 8.97 -41.25 -11.34
N LYS Z 26 8.69 -42.45 -10.80
CA LYS Z 26 9.60 -43.12 -9.90
C LYS Z 26 9.65 -44.57 -10.29
N TYR Z 27 10.57 -45.31 -9.69
CA TYR Z 27 10.85 -46.67 -10.11
C TYR Z 27 10.79 -47.56 -8.88
N ALA Z 28 10.52 -48.85 -9.08
CA ALA Z 28 10.44 -49.78 -7.98
C ALA Z 28 11.11 -51.09 -8.34
N ILE Z 29 11.66 -51.76 -7.35
CA ILE Z 29 12.24 -53.08 -7.50
C ILE Z 29 11.71 -53.98 -6.40
N THR Z 30 11.16 -55.13 -6.80
CA THR Z 30 10.63 -56.12 -5.87
C THR Z 30 11.41 -57.41 -6.04
N TRP Z 31 11.86 -57.98 -4.92
CA TRP Z 31 12.63 -59.23 -5.00
C TRP Z 31 12.34 -60.10 -3.79
N THR Z 32 12.33 -61.41 -4.03
CA THR Z 32 12.01 -62.39 -3.00
C THR Z 32 13.29 -63.07 -2.53
N SER Z 33 13.50 -63.07 -1.21
CA SER Z 33 14.66 -63.69 -0.59
C SER Z 33 14.21 -64.61 0.54
N LYS Z 34 14.91 -65.74 0.66
CA LYS Z 34 14.62 -66.75 1.68
C LYS Z 34 15.45 -66.58 2.94
N THR Z 35 16.26 -65.52 3.03
CA THR Z 35 17.08 -65.30 4.20
C THR Z 35 17.22 -63.80 4.44
N GLU Z 36 17.66 -63.44 5.64
CA GLU Z 36 17.83 -62.04 6.02
C GLU Z 36 19.31 -61.69 5.97
N GLN Z 37 19.65 -60.72 5.13
CA GLN Z 37 21.03 -60.30 4.94
C GLN Z 37 21.10 -58.78 4.79
N VAL Z 38 22.31 -58.27 4.61
CA VAL Z 38 22.59 -56.84 4.57
C VAL Z 38 23.01 -56.48 3.15
N PHE Z 39 22.41 -55.43 2.60
CA PHE Z 39 22.78 -54.97 1.27
C PHE Z 39 23.05 -53.47 1.32
N GLU Z 40 23.67 -52.95 0.27
CA GLU Z 40 23.98 -51.54 0.15
C GLU Z 40 23.01 -50.91 -0.84
N MET Z 41 22.35 -49.85 -0.41
CA MET Z 41 21.50 -49.14 -1.35
C MET Z 41 22.32 -48.21 -2.22
N PRO Z 42 21.90 -48.02 -3.49
CA PRO Z 42 22.47 -46.92 -4.29
C PRO Z 42 22.14 -45.55 -3.74
N THR Z 43 21.07 -45.43 -2.96
CA THR Z 43 20.72 -44.26 -2.18
C THR Z 43 21.85 -43.84 -1.25
N GLY Z 44 22.42 -44.81 -0.54
CA GLY Z 44 23.50 -44.52 0.40
C GLY Z 44 23.33 -45.28 1.68
N GLY Z 45 24.40 -45.90 2.16
CA GLY Z 45 24.33 -46.68 3.38
C GLY Z 45 23.87 -48.11 3.12
N ALA Z 46 23.58 -48.81 4.21
CA ALA Z 46 23.21 -50.21 4.16
C ALA Z 46 21.82 -50.42 4.75
N ALA Z 47 21.09 -51.37 4.19
CA ALA Z 47 19.77 -51.73 4.67
C ALA Z 47 19.65 -53.24 4.74
N ILE Z 48 18.48 -53.69 5.21
CA ILE Z 48 18.27 -55.08 5.62
C ILE Z 48 17.22 -55.71 4.71
N MET Z 49 17.64 -56.70 3.92
CA MET Z 49 16.69 -57.56 3.22
C MET Z 49 15.95 -58.42 4.24
N ASN Z 50 14.69 -58.10 4.52
CA ASN Z 50 13.98 -58.91 5.50
C ASN Z 50 13.46 -60.18 4.83
N GLU Z 51 13.04 -61.13 5.66
CA GLU Z 51 12.65 -62.45 5.16
C GLU Z 51 11.37 -62.37 4.34
N GLY Z 52 11.43 -62.90 3.13
CA GLY Z 52 10.28 -62.83 2.25
C GLY Z 52 10.51 -61.92 1.07
N GLU Z 53 9.49 -61.18 0.67
CA GLU Z 53 9.55 -60.36 -0.54
C GLU Z 53 9.66 -58.88 -0.19
N ASN Z 54 10.46 -58.15 -0.99
CA ASN Z 54 10.91 -56.80 -0.73
C ASN Z 54 10.46 -55.88 -1.85
N LEU Z 55 10.17 -54.64 -1.47
CA LEU Z 55 9.80 -53.60 -2.44
C LEU Z 55 10.55 -52.33 -2.06
N LEU Z 56 11.31 -51.78 -3.01
CA LEU Z 56 12.03 -50.52 -2.83
C LEU Z 56 11.68 -49.56 -3.96
N TYR Z 57 11.70 -48.26 -3.66
CA TYR Z 57 11.46 -47.22 -4.64
C TYR Z 57 12.70 -46.37 -4.82
N PHE Z 58 12.97 -46.00 -6.08
CA PHE Z 58 14.14 -45.23 -6.46
C PHE Z 58 13.72 -44.16 -7.46
N ALA Z 59 14.57 -43.17 -7.65
CA ALA Z 59 14.25 -42.09 -8.56
C ALA Z 59 14.67 -42.36 -10.00
N ARG Z 60 15.53 -43.35 -10.22
CA ARG Z 60 16.08 -43.64 -11.54
C ARG Z 60 16.02 -45.13 -11.81
N LYS Z 61 16.01 -45.48 -13.09
CA LYS Z 61 16.13 -46.89 -13.47
C LYS Z 61 17.52 -47.43 -13.19
N GLU Z 62 18.55 -46.58 -13.34
CA GLU Z 62 19.93 -47.01 -13.10
C GLU Z 62 20.15 -47.39 -11.65
N GLN Z 63 19.49 -46.70 -10.71
CA GLN Z 63 19.59 -47.09 -9.30
C GLN Z 63 18.96 -48.47 -9.08
N CYS Z 64 17.84 -48.74 -9.75
CA CYS Z 64 17.19 -50.04 -9.61
C CYS Z 64 18.04 -51.16 -10.20
N LEU Z 65 18.68 -50.94 -11.35
CA LEU Z 65 19.52 -52.01 -11.86
C LEU Z 65 20.87 -52.09 -11.15
N ALA Z 66 21.33 -50.99 -10.55
CA ALA Z 66 22.50 -51.07 -9.69
C ALA Z 66 22.21 -51.86 -8.43
N LEU Z 67 20.97 -51.80 -7.94
CA LEU Z 67 20.54 -52.69 -6.88
C LEU Z 67 20.38 -54.13 -7.38
N GLY Z 68 19.83 -54.31 -8.58
CA GLY Z 68 19.62 -55.65 -9.11
C GLY Z 68 20.91 -56.39 -9.40
N THR Z 69 21.95 -55.68 -9.84
CA THR Z 69 23.29 -56.25 -9.98
C THR Z 69 23.85 -56.68 -8.64
N GLN Z 70 23.65 -55.89 -7.59
CA GLN Z 70 24.05 -56.29 -6.24
C GLN Z 70 23.22 -57.47 -5.73
N LEU Z 71 21.99 -57.60 -6.19
CA LEU Z 71 21.18 -58.76 -5.81
C LEU Z 71 21.63 -60.01 -6.55
N ARG Z 72 22.07 -59.87 -7.80
CA ARG Z 72 22.51 -61.04 -8.57
C ARG Z 72 23.90 -61.47 -8.15
N THR Z 73 24.90 -60.62 -8.37
CA THR Z 73 26.28 -60.91 -8.00
C THR Z 73 26.45 -60.62 -6.52
N LYS Z 74 27.60 -61.04 -5.97
CA LYS Z 74 28.07 -60.73 -4.62
C LYS Z 74 27.20 -61.26 -3.49
N PHE Z 75 26.13 -62.00 -3.79
CA PHE Z 75 25.31 -62.69 -2.79
C PHE Z 75 25.40 -64.19 -3.00
N LYS Z 76 25.70 -64.91 -1.93
CA LYS Z 76 25.67 -66.37 -1.96
C LYS Z 76 24.30 -66.99 -2.26
N PRO Z 77 23.15 -66.53 -1.72
CA PRO Z 77 21.87 -67.12 -2.15
C PRO Z 77 21.51 -66.85 -3.60
N LYS Z 78 22.16 -65.89 -4.27
CA LYS Z 78 22.09 -65.66 -5.71
C LYS Z 78 20.67 -65.33 -6.16
N ILE Z 79 20.21 -64.16 -5.70
CA ILE Z 79 18.86 -63.69 -6.01
C ILE Z 79 18.77 -63.21 -7.45
N GLU Z 80 17.98 -63.91 -8.27
CA GLU Z 80 17.64 -63.47 -9.61
C GLU Z 80 16.19 -63.04 -9.74
N ASP Z 81 15.33 -63.41 -8.79
CA ASP Z 81 13.89 -63.16 -8.91
C ASP Z 81 13.54 -61.74 -8.48
N TYR Z 82 13.96 -60.78 -9.31
CA TYR Z 82 13.68 -59.37 -9.08
C TYR Z 82 12.95 -58.79 -10.27
N LYS Z 83 12.00 -57.91 -9.99
CA LYS Z 83 11.16 -57.28 -11.01
C LYS Z 83 11.21 -55.77 -10.81
N ILE Z 84 11.33 -55.04 -11.90
CA ILE Z 84 11.49 -53.59 -11.87
C ILE Z 84 10.31 -52.95 -12.59
N TYR Z 85 9.67 -52.00 -11.92
CA TYR Z 85 8.48 -51.31 -12.39
C TYR Z 85 8.73 -49.81 -12.43
N ARG Z 86 7.91 -49.12 -13.21
CA ARG Z 86 7.88 -47.67 -13.29
C ARG Z 86 6.51 -47.20 -12.87
N ILE Z 87 6.45 -46.27 -11.92
CA ILE Z 87 5.20 -45.74 -11.39
C ILE Z 87 5.15 -44.27 -11.76
N TYR Z 88 4.18 -43.90 -12.58
CA TYR Z 88 3.88 -42.51 -12.83
C TYR Z 88 2.96 -41.98 -11.72
N PRO Z 89 2.94 -40.67 -11.47
CA PRO Z 89 2.07 -40.14 -10.41
C PRO Z 89 0.57 -40.28 -10.70
N THR Z 90 0.18 -40.57 -11.94
CA THR Z 90 -1.22 -40.87 -12.22
C THR Z 90 -1.64 -42.17 -11.56
N GLY Z 91 -0.72 -43.13 -11.45
CA GLY Z 91 -1.01 -44.39 -10.80
C GLY Z 91 -0.67 -45.59 -11.66
N GLU Z 92 -0.36 -45.33 -12.94
CA GLU Z 92 -0.05 -46.39 -13.88
C GLU Z 92 1.31 -47.02 -13.57
N THR Z 93 1.36 -48.35 -13.62
CA THR Z 93 2.58 -49.10 -13.37
C THR Z 93 2.98 -49.84 -14.63
N GLN Z 94 4.21 -49.63 -15.08
CA GLN Z 94 4.75 -50.29 -16.27
C GLN Z 94 5.84 -51.27 -15.82
N TYR Z 95 5.66 -52.53 -16.14
CA TYR Z 95 6.64 -53.56 -15.79
C TYR Z 95 7.76 -53.59 -16.82
N LEU Z 96 9.01 -53.41 -16.36
CA LEU Z 96 10.09 -53.01 -17.26
C LEU Z 96 11.16 -54.06 -17.47
N HIS Z 97 11.86 -54.51 -16.43
CA HIS Z 97 13.17 -55.11 -16.71
C HIS Z 97 13.10 -56.56 -17.19
N PRO Z 98 12.47 -57.53 -16.45
CA PRO Z 98 12.40 -58.86 -17.09
C PRO Z 98 11.07 -59.04 -17.86
N ALA Z 99 11.00 -58.40 -19.04
CA ALA Z 99 9.75 -58.36 -19.81
C ALA Z 99 9.32 -59.75 -20.27
N ASP Z 100 10.24 -60.57 -20.74
CA ASP Z 100 9.91 -61.94 -21.10
C ASP Z 100 9.96 -62.89 -19.91
N GLY Z 101 10.34 -62.40 -18.74
CA GLY Z 101 10.60 -63.25 -17.60
C GLY Z 101 11.99 -63.83 -17.55
N VAL Z 102 12.78 -63.61 -18.59
CA VAL Z 102 14.16 -64.09 -18.67
C VAL Z 102 15.06 -62.87 -18.80
N PHE Z 103 16.28 -63.01 -18.30
CA PHE Z 103 17.23 -61.90 -18.32
C PHE Z 103 17.68 -61.61 -19.76
N PRO Z 104 17.96 -60.34 -20.07
CA PRO Z 104 18.27 -59.97 -21.47
C PRO Z 104 19.55 -60.57 -22.02
N GLU Z 105 20.50 -60.97 -21.16
CA GLU Z 105 21.72 -61.59 -21.67
C GLU Z 105 21.48 -63.01 -22.17
N LYS Z 106 20.35 -63.62 -21.80
CA LYS Z 106 19.98 -64.93 -22.31
C LYS Z 106 19.00 -64.73 -23.47
N VAL Z 107 19.28 -65.43 -24.58
CA VAL Z 107 18.46 -65.27 -25.78
C VAL Z 107 17.11 -65.95 -25.58
N ASN Z 108 16.06 -65.35 -26.13
CA ASN Z 108 14.71 -65.89 -26.00
C ASN Z 108 13.98 -65.62 -27.32
N GLU Z 109 13.14 -66.57 -27.72
CA GLU Z 109 12.25 -66.36 -28.85
C GLU Z 109 11.15 -65.37 -28.46
N GLY Z 110 10.61 -64.69 -29.47
CA GLY Z 110 9.58 -63.69 -29.26
C GLY Z 110 10.09 -62.27 -29.18
N ARG Z 111 11.40 -62.07 -29.13
CA ARG Z 111 12.00 -60.75 -29.16
C ARG Z 111 12.35 -60.41 -30.60
N GLU Z 112 12.03 -59.19 -31.03
CA GLU Z 112 12.25 -58.79 -32.41
C GLU Z 112 13.50 -57.92 -32.54
N PHE Z 113 13.88 -57.66 -33.77
CA PHE Z 113 15.09 -56.91 -34.10
C PHE Z 113 14.83 -55.42 -33.87
N HIS Z 114 15.52 -54.87 -32.88
CA HIS Z 114 15.49 -53.43 -32.66
C HIS Z 114 16.87 -52.82 -32.85
N GLY Z 115 16.92 -51.76 -33.66
CA GLY Z 115 18.17 -51.08 -33.94
C GLY Z 115 19.19 -51.89 -34.72
N LYS Z 116 18.77 -52.97 -35.38
CA LYS Z 116 19.70 -53.82 -36.11
C LYS Z 116 19.84 -53.30 -37.53
N LYS Z 117 21.09 -53.05 -37.94
CA LYS Z 117 21.40 -52.63 -39.29
C LYS Z 117 21.95 -53.84 -40.04
N ASP Z 118 21.41 -54.09 -41.24
CA ASP Z 118 21.91 -55.18 -42.09
C ASP Z 118 22.97 -54.63 -43.04
N ARG Z 119 23.97 -53.98 -42.44
CA ARG Z 119 25.05 -53.33 -43.17
C ARG Z 119 26.21 -53.14 -42.20
N ASN Z 120 27.41 -53.08 -42.77
CA ASN Z 120 28.59 -52.78 -42.00
C ASN Z 120 28.57 -51.31 -41.55
N ILE Z 121 29.15 -51.06 -40.38
CA ILE Z 121 29.24 -49.71 -39.85
C ILE Z 121 30.11 -48.81 -40.72
N GLY Z 122 31.09 -49.37 -41.43
CA GLY Z 122 31.83 -48.58 -42.40
C GLY Z 122 31.04 -48.29 -43.66
N LYS Z 123 29.99 -49.08 -43.92
CA LYS Z 123 29.15 -48.90 -45.10
C LYS Z 123 27.94 -48.02 -44.76
N ASN Z 124 28.23 -46.85 -44.22
CA ASN Z 124 27.24 -45.85 -43.82
C ASN Z 124 27.21 -44.70 -44.82
N PRO Z 125 26.04 -44.08 -45.04
CA PRO Z 125 25.98 -42.96 -45.99
C PRO Z 125 26.70 -41.73 -45.46
N GLU Z 126 27.25 -40.95 -46.38
CA GLU Z 126 27.93 -39.72 -46.01
C GLU Z 126 26.90 -38.66 -45.62
N PRO Z 127 27.23 -37.73 -44.71
CA PRO Z 127 26.28 -36.66 -44.37
C PRO Z 127 25.99 -35.71 -45.51
N VAL Z 128 26.92 -35.55 -46.46
CA VAL Z 128 26.73 -34.67 -47.60
C VAL Z 128 25.59 -35.18 -48.50
N THR Z 129 25.35 -36.49 -48.50
CA THR Z 129 24.19 -37.04 -49.18
C THR Z 129 22.90 -36.61 -48.50
N LEU Z 130 22.91 -36.54 -47.16
CA LEU Z 130 21.71 -36.30 -46.38
C LEU Z 130 21.61 -34.86 -45.88
N LYS Z 131 22.08 -33.91 -46.68
CA LYS Z 131 21.99 -32.51 -46.30
C LYS Z 131 20.56 -32.00 -46.43
N PHE Z 132 20.19 -31.10 -45.52
CA PHE Z 132 18.93 -30.37 -45.46
C PHE Z 132 17.72 -31.28 -45.31
N SER Z 133 17.87 -32.44 -44.70
CA SER Z 133 16.77 -33.36 -44.42
C SER Z 133 16.83 -33.76 -42.95
N GLY Z 134 15.73 -34.33 -42.46
CA GLY Z 134 15.70 -34.76 -41.07
C GLY Z 134 16.50 -36.03 -40.82
N LYS Z 135 16.82 -36.77 -41.89
CA LYS Z 135 17.54 -38.02 -41.76
C LYS Z 135 19.01 -37.77 -41.49
N THR Z 136 19.54 -38.49 -40.50
CA THR Z 136 20.93 -38.50 -40.07
C THR Z 136 21.61 -39.77 -40.57
N PRO Z 137 22.94 -39.76 -40.82
CA PRO Z 137 23.59 -40.91 -41.48
C PRO Z 137 23.51 -42.28 -40.82
N TYR Z 138 23.00 -42.38 -39.59
CA TYR Z 138 22.76 -43.68 -38.99
C TYR Z 138 21.31 -44.13 -39.10
N ASP Z 139 20.61 -43.78 -40.18
CA ASP Z 139 19.27 -44.28 -40.40
C ASP Z 139 19.20 -45.12 -41.68
N ALA AA 1 41.40 -70.29 -51.38
CA ALA AA 1 42.80 -70.13 -51.00
C ALA AA 1 42.92 -69.72 -49.53
N ILE AA 2 41.80 -69.34 -48.93
CA ILE AA 2 41.78 -68.95 -47.52
C ILE AA 2 41.70 -70.22 -46.68
N GLN AA 3 42.79 -70.51 -45.97
CA GLN AA 3 42.88 -71.70 -45.13
C GLN AA 3 43.64 -71.33 -43.86
N ARG AA 4 43.56 -72.22 -42.87
CA ARG AA 4 44.06 -71.91 -41.53
C ARG AA 4 45.59 -71.82 -41.53
N GLY AA 5 46.11 -70.69 -41.06
CA GLY AA 5 47.53 -70.44 -41.03
C GLY AA 5 48.05 -69.62 -42.21
N SER AA 6 47.20 -69.31 -43.19
CA SER AA 6 47.61 -68.52 -44.33
C SER AA 6 47.65 -67.04 -43.94
N LYS AA 7 48.74 -66.36 -44.31
CA LYS AA 7 48.89 -64.95 -43.99
C LYS AA 7 48.07 -64.14 -44.99
N VAL AA 8 47.28 -63.19 -44.49
CA VAL AA 8 46.25 -62.54 -45.29
C VAL AA 8 46.17 -61.06 -44.88
N ARG AA 9 45.89 -60.21 -45.86
CA ARG AA 9 45.81 -58.77 -45.66
C ARG AA 9 44.35 -58.31 -45.65
N ILE AA 10 44.06 -57.38 -44.74
CA ILE AA 10 42.70 -56.95 -44.43
C ILE AA 10 42.33 -55.84 -45.41
N LEU AA 11 41.10 -55.87 -45.93
CA LEU AA 11 40.61 -54.83 -46.82
C LEU AA 11 39.49 -53.98 -46.20
N ARG AA 12 39.15 -54.21 -44.94
CA ARG AA 12 38.23 -53.31 -44.24
C ARG AA 12 38.94 -52.01 -43.92
N LYS AA 13 38.37 -50.89 -44.39
CA LYS AA 13 39.00 -49.59 -44.15
C LYS AA 13 38.99 -49.24 -42.67
N GLU AA 14 37.88 -49.50 -41.99
CA GLU AA 14 37.69 -49.10 -40.60
C GLU AA 14 38.43 -49.97 -39.60
N SER AA 15 39.00 -51.10 -40.03
CA SER AA 15 39.70 -52.00 -39.12
C SER AA 15 41.01 -51.37 -38.66
N TYR AA 16 41.46 -51.76 -37.47
CA TYR AA 16 42.74 -51.30 -36.95
C TYR AA 16 43.91 -51.75 -37.81
N TRP AA 17 43.83 -52.97 -38.33
CA TRP AA 17 44.86 -53.54 -39.20
C TRP AA 17 44.48 -53.51 -40.67
N TYR AA 18 43.86 -52.42 -41.12
CA TYR AA 18 43.69 -52.16 -42.54
C TYR AA 18 45.04 -52.11 -43.23
N LYS AA 19 45.15 -52.85 -44.34
CA LYS AA 19 46.39 -53.09 -45.09
C LYS AA 19 47.52 -53.63 -44.21
N ASP AA 20 47.19 -54.54 -43.30
CA ASP AA 20 48.16 -55.22 -42.45
C ASP AA 20 47.91 -56.71 -42.54
N VAL AA 21 48.93 -57.50 -42.25
CA VAL AA 21 48.89 -58.93 -42.55
C VAL AA 21 48.79 -59.73 -41.25
N GLY AA 22 47.79 -60.59 -41.18
CA GLY AA 22 47.61 -61.46 -40.02
C GLY AA 22 47.33 -62.88 -40.47
N THR AA 23 47.40 -63.80 -39.51
CA THR AA 23 47.21 -65.22 -39.81
C THR AA 23 45.76 -65.62 -39.62
N VAL AA 24 45.38 -66.74 -40.22
CA VAL AA 24 44.01 -67.25 -40.13
C VAL AA 24 43.95 -68.31 -39.03
N ALA AA 25 43.09 -68.10 -38.05
CA ALA AA 25 42.92 -69.08 -37.00
C ALA AA 25 41.91 -70.16 -37.38
N SER AA 26 40.75 -69.75 -37.90
CA SER AA 26 39.72 -70.69 -38.31
C SER AA 26 38.81 -70.03 -39.33
N VAL AA 27 38.24 -70.86 -40.20
CA VAL AA 27 37.24 -70.45 -41.18
C VAL AA 27 35.98 -71.28 -40.95
N ASP AA 28 34.86 -70.62 -40.78
CA ASP AA 28 33.59 -71.29 -40.51
C ASP AA 28 32.91 -71.66 -41.82
N LYS AA 29 32.40 -72.89 -41.89
CA LYS AA 29 31.76 -73.41 -43.09
C LYS AA 29 30.25 -73.21 -43.11
N SER AA 30 29.65 -72.74 -42.02
CA SER AA 30 28.21 -72.48 -42.02
C SER AA 30 27.93 -71.12 -42.66
N GLY AA 31 26.64 -70.88 -42.90
CA GLY AA 31 26.23 -69.66 -43.57
C GLY AA 31 26.18 -68.44 -42.69
N ILE AA 32 27.36 -67.92 -42.32
CA ILE AA 32 27.45 -66.70 -41.53
C ILE AA 32 28.16 -65.64 -42.37
N LEU AA 33 27.97 -64.38 -41.96
CA LEU AA 33 28.42 -63.27 -42.79
C LEU AA 33 29.93 -63.08 -42.74
N TYR AA 34 30.54 -63.34 -41.59
CA TYR AA 34 31.97 -63.11 -41.38
C TYR AA 34 32.58 -64.40 -40.84
N PRO AA 35 32.96 -65.33 -41.71
CA PRO AA 35 33.39 -66.65 -41.23
C PRO AA 35 34.88 -66.78 -40.94
N VAL AA 36 35.71 -65.88 -41.46
CA VAL AA 36 37.16 -66.04 -41.39
C VAL AA 36 37.67 -65.35 -40.13
N ILE AA 37 38.07 -66.13 -39.14
CA ILE AA 37 38.67 -65.58 -37.93
C ILE AA 37 40.15 -65.35 -38.20
N VAL AA 38 40.59 -64.09 -38.07
CA VAL AA 38 41.95 -63.69 -38.36
C VAL AA 38 42.56 -63.12 -37.08
N ARG AA 39 43.75 -63.61 -36.73
CA ARG AA 39 44.49 -63.19 -35.56
C ARG AA 39 45.74 -62.42 -36.00
N PHE AA 40 46.03 -61.34 -35.28
CA PHE AA 40 47.08 -60.39 -35.64
C PHE AA 40 48.18 -60.36 -34.59
N ASP AA 41 49.35 -59.88 -35.02
CA ASP AA 41 50.46 -59.68 -34.10
C ASP AA 41 50.22 -58.49 -33.17
N LYS AA 42 49.75 -57.38 -33.73
CA LYS AA 42 49.46 -56.20 -32.95
C LYS AA 42 48.11 -56.36 -32.24
N VAL AA 43 47.84 -55.47 -31.30
CA VAL AA 43 46.59 -55.48 -30.57
C VAL AA 43 45.79 -54.24 -30.93
N ASN AA 44 44.48 -54.36 -30.79
CA ASN AA 44 43.55 -53.28 -31.09
C ASN AA 44 43.59 -52.23 -29.98
N TYR AA 45 42.90 -51.12 -30.20
CA TYR AA 45 42.68 -50.12 -29.17
C TYR AA 45 41.73 -50.57 -28.08
N ASN AA 46 41.01 -51.68 -28.28
CA ASN AA 46 39.85 -52.02 -27.47
C ASN AA 46 40.25 -52.30 -26.03
N GLY AA 47 39.37 -51.91 -25.12
CA GLY AA 47 39.61 -52.00 -23.69
C GLY AA 47 39.25 -50.67 -23.04
N PHE AA 48 39.24 -50.68 -21.72
CA PHE AA 48 39.00 -49.45 -20.97
C PHE AA 48 40.26 -48.59 -20.99
N SER AA 49 40.14 -47.38 -20.45
CA SER AA 49 41.28 -46.50 -20.34
C SER AA 49 42.25 -47.02 -19.28
N GLY AA 50 43.53 -47.05 -19.63
CA GLY AA 50 44.53 -47.61 -18.75
C GLY AA 50 44.72 -49.10 -18.85
N SER AA 51 43.92 -49.78 -19.68
CA SER AA 51 44.07 -51.22 -19.87
C SER AA 51 45.26 -51.50 -20.76
N ALA AA 52 46.15 -52.38 -20.30
CA ALA AA 52 47.34 -52.75 -21.04
C ALA AA 52 47.10 -53.86 -22.04
N THR AA 53 45.88 -54.39 -22.10
CA THR AA 53 45.54 -55.48 -23.00
C THR AA 53 44.53 -55.01 -24.03
N GLY AA 54 44.49 -55.73 -25.14
CA GLY AA 54 43.52 -55.45 -26.20
C GLY AA 54 43.33 -56.67 -27.06
N VAL AA 55 42.23 -56.68 -27.82
CA VAL AA 55 41.95 -57.83 -28.67
C VAL AA 55 42.87 -57.81 -29.89
N ASN AA 56 43.10 -58.99 -30.47
CA ASN AA 56 43.99 -59.11 -31.61
C ASN AA 56 43.43 -60.06 -32.65
N THR AA 57 42.13 -60.31 -32.63
CA THR AA 57 41.50 -61.17 -33.61
C THR AA 57 40.11 -60.64 -33.93
N ASN AA 58 39.64 -60.94 -35.14
CA ASN AA 58 38.28 -60.57 -35.54
C ASN AA 58 37.84 -61.48 -36.66
N ASN AA 59 36.53 -61.58 -36.83
CA ASN AA 59 35.91 -62.23 -37.98
C ASN AA 59 35.88 -61.26 -39.17
N PHE AA 60 36.15 -61.81 -40.35
CA PHE AA 60 36.13 -61.08 -41.61
C PHE AA 60 35.46 -61.95 -42.68
N ALA AA 61 35.01 -61.29 -43.73
CA ALA AA 61 34.40 -61.95 -44.87
C ALA AA 61 35.46 -62.34 -45.90
N GLU AA 62 35.02 -63.04 -46.95
CA GLU AA 62 35.94 -63.47 -47.99
C GLU AA 62 36.40 -62.28 -48.84
N HIS AA 63 35.47 -61.38 -49.18
CA HIS AA 63 35.77 -60.22 -50.01
C HIS AA 63 36.53 -59.14 -49.26
N GLU AA 64 36.65 -59.26 -47.94
CA GLU AA 64 37.36 -58.32 -47.11
C GLU AA 64 38.83 -58.66 -46.92
N LEU AA 65 39.36 -59.59 -47.72
CA LEU AA 65 40.67 -60.17 -47.54
C LEU AA 65 41.42 -60.25 -48.87
N GLU AA 66 42.74 -60.39 -48.79
CA GLU AA 66 43.48 -60.90 -49.93
C GLU AA 66 44.68 -61.71 -49.44
N GLU AA 67 44.90 -62.84 -50.08
CA GLU AA 67 45.97 -63.78 -49.74
C GLU AA 67 47.30 -63.26 -50.28
N VAL AA 68 48.33 -63.27 -49.44
CA VAL AA 68 49.65 -62.83 -49.87
C VAL AA 68 50.48 -64.03 -50.31
N ASP BA 1 78.61 -8.55 -46.74
CA ASP BA 1 79.94 -8.60 -46.17
C ASP BA 1 79.90 -8.40 -44.66
N LEU BA 2 78.70 -8.11 -44.15
CA LEU BA 2 78.43 -7.92 -42.73
C LEU BA 2 79.29 -6.81 -42.12
N SER BA 3 79.07 -5.59 -42.60
CA SER BA 3 79.82 -4.44 -42.08
C SER BA 3 79.36 -4.07 -40.67
N HIS BA 4 78.13 -4.46 -40.31
CA HIS BA 4 77.62 -4.20 -38.97
C HIS BA 4 78.28 -5.11 -37.94
N LEU BA 5 78.79 -6.27 -38.37
CA LEU BA 5 79.46 -7.19 -37.47
C LEU BA 5 80.98 -7.03 -37.63
N THR BA 6 81.62 -6.54 -36.58
CA THR BA 6 83.06 -6.36 -36.56
C THR BA 6 83.72 -7.58 -35.97
N PRO BA 7 84.97 -7.88 -36.32
CA PRO BA 7 85.71 -8.92 -35.60
C PRO BA 7 85.93 -8.51 -34.15
N CYS BA 8 85.98 -9.51 -33.26
CA CYS BA 8 86.01 -9.23 -31.82
C CYS BA 8 87.32 -8.61 -31.38
N SER BA 9 88.41 -8.87 -32.09
CA SER BA 9 89.68 -8.24 -31.78
C SER BA 9 89.64 -6.75 -32.11
N GLU BA 10 89.01 -6.39 -33.22
CA GLU BA 10 88.96 -4.99 -33.63
C GLU BA 10 87.80 -4.26 -32.95
N SER BA 11 86.87 -5.00 -32.36
CA SER BA 11 85.73 -4.39 -31.70
C SER BA 11 86.14 -3.84 -30.33
N PRO BA 12 85.86 -2.57 -30.04
CA PRO BA 12 86.23 -2.01 -28.73
C PRO BA 12 85.24 -2.25 -27.61
N ALA BA 13 84.19 -3.05 -27.84
CA ALA BA 13 83.30 -3.50 -26.77
C ALA BA 13 83.64 -4.88 -26.28
N TYR BA 14 84.26 -5.70 -27.13
CA TYR BA 14 84.67 -7.04 -26.70
C TYR BA 14 85.89 -6.98 -25.80
N GLN BA 15 86.78 -6.01 -26.03
CA GLN BA 15 88.00 -5.93 -25.23
C GLN BA 15 87.72 -5.45 -23.81
N ALA BA 16 86.65 -4.67 -23.63
CA ALA BA 16 86.25 -4.30 -22.27
C ALA BA 16 85.67 -5.48 -21.52
N LYS BA 17 84.93 -6.34 -22.21
CA LYS BA 17 84.36 -7.52 -21.57
C LYS BA 17 85.40 -8.59 -21.32
N ALA BA 18 86.40 -8.68 -22.20
CA ALA BA 18 87.32 -9.82 -22.21
C ALA BA 18 88.29 -9.79 -21.04
N LYS BA 19 88.44 -8.64 -20.38
CA LYS BA 19 89.16 -8.61 -19.11
C LYS BA 19 88.40 -9.38 -18.05
N SER BA 20 87.09 -9.13 -17.93
CA SER BA 20 86.25 -9.81 -16.95
C SER BA 20 85.45 -10.94 -17.60
N PHE BA 21 86.19 -11.93 -18.12
CA PHE BA 21 85.62 -13.25 -18.39
C PHE BA 21 85.94 -14.15 -17.21
N ARG BA 22 84.90 -14.75 -16.64
CA ARG BA 22 85.08 -15.59 -15.46
C ARG BA 22 85.66 -16.93 -15.85
N ASN BA 23 86.38 -17.55 -14.92
CA ASN BA 23 86.86 -18.90 -15.12
C ASN BA 23 85.71 -19.88 -14.97
N THR BA 24 85.64 -20.85 -15.88
CA THR BA 24 84.60 -21.87 -15.86
C THR BA 24 85.09 -23.16 -15.22
N THR BA 25 86.30 -23.60 -15.54
CA THR BA 25 86.86 -24.81 -14.96
C THR BA 25 87.76 -24.47 -13.78
N SER BA 26 88.49 -25.49 -13.30
CA SER BA 26 89.44 -25.26 -12.22
C SER BA 26 90.73 -24.64 -12.73
N ASP BA 27 90.89 -24.58 -14.05
CA ASP BA 27 92.04 -23.95 -14.68
C ASP BA 27 91.99 -22.45 -14.43
N PRO BA 28 93.06 -21.85 -13.90
CA PRO BA 28 93.02 -20.43 -13.53
C PRO BA 28 92.97 -19.48 -14.72
N GLU BA 29 93.57 -19.84 -15.84
CA GLU BA 29 93.57 -18.98 -17.02
C GLU BA 29 92.48 -19.36 -18.02
N SER BA 30 91.39 -19.97 -17.55
CA SER BA 30 90.32 -20.40 -18.45
C SER BA 30 89.60 -19.20 -19.07
N GLY BA 31 89.47 -18.11 -18.31
CA GLY BA 31 88.87 -16.90 -18.86
C GLY BA 31 89.73 -16.29 -19.96
N GLN BA 32 91.06 -16.30 -19.78
CA GLN BA 32 91.95 -15.80 -20.81
C GLN BA 32 91.95 -16.69 -22.05
N LYS BA 33 91.87 -18.01 -21.86
CA LYS BA 33 91.74 -18.92 -22.99
C LYS BA 33 90.43 -18.72 -23.75
N ARG BA 34 89.32 -18.51 -23.04
CA ARG BA 34 88.07 -18.17 -23.71
C ARG BA 34 88.16 -16.82 -24.42
N ALA BA 35 88.84 -15.84 -23.83
CA ALA BA 35 88.98 -14.52 -24.45
C ALA BA 35 89.79 -14.58 -25.73
N GLU BA 36 90.86 -15.38 -25.75
CA GLU BA 36 91.65 -15.49 -26.98
C GLU BA 36 90.97 -16.39 -28.00
N SER BA 37 90.17 -17.36 -27.53
CA SER BA 37 89.53 -18.28 -28.45
C SER BA 37 88.29 -17.66 -29.11
N TYR BA 38 87.64 -16.71 -28.43
CA TYR BA 38 86.46 -16.08 -29.02
C TYR BA 38 86.79 -14.83 -29.81
N ALA BA 39 88.07 -14.48 -29.93
CA ALA BA 39 88.43 -13.25 -30.64
C ALA BA 39 88.36 -13.43 -32.15
N GLU BA 40 88.35 -14.67 -32.64
CA GLU BA 40 88.28 -14.90 -34.08
C GLU BA 40 86.85 -14.84 -34.59
N ALA BA 41 85.87 -14.76 -33.69
CA ALA BA 41 84.48 -14.64 -34.09
C ALA BA 41 84.15 -13.20 -34.44
N LEU BA 42 82.91 -12.98 -34.85
CA LEU BA 42 82.41 -11.65 -35.13
C LEU BA 42 81.59 -11.16 -33.95
N CYS BA 43 81.88 -9.94 -33.49
CA CYS BA 43 81.20 -9.34 -32.36
C CYS BA 43 80.34 -8.17 -32.83
N GLY BA 44 79.15 -8.04 -32.24
CA GLY BA 44 78.29 -6.92 -32.52
C GLY BA 44 78.62 -5.74 -31.64
N PRO BA 45 77.68 -4.80 -31.51
CA PRO BA 45 77.90 -3.66 -30.61
C PRO BA 45 77.92 -4.04 -29.13
N GLU BA 46 77.36 -5.20 -28.79
CA GLU BA 46 77.35 -5.63 -27.40
C GLU BA 46 78.74 -6.04 -26.93
N GLY BA 47 79.51 -6.66 -27.82
CA GLY BA 47 80.80 -7.19 -27.45
C GLY BA 47 80.76 -8.69 -27.24
N TYR BA 48 79.77 -9.34 -27.85
CA TYR BA 48 79.57 -10.76 -27.68
C TYR BA 48 79.71 -11.45 -29.04
N PRO BA 49 80.25 -12.66 -29.10
CA PRO BA 49 80.46 -13.32 -30.40
C PRO BA 49 79.15 -13.68 -31.08
N HIS BA 50 79.12 -13.50 -32.40
CA HIS BA 50 77.97 -13.85 -33.22
C HIS BA 50 78.36 -14.98 -34.17
N LEU BA 51 77.36 -15.77 -34.56
CA LEU BA 51 77.55 -16.87 -35.48
C LEU BA 51 76.79 -16.59 -36.76
N VAL BA 52 77.49 -16.67 -37.89
CA VAL BA 52 76.92 -16.45 -39.21
C VAL BA 52 76.63 -17.81 -39.82
N VAL BA 53 75.37 -18.05 -40.16
CA VAL BA 53 74.94 -19.36 -40.68
C VAL BA 53 74.49 -19.18 -42.12
N ASP BA 54 75.44 -19.36 -43.04
CA ASP BA 54 75.08 -19.45 -44.45
C ASP BA 54 76.00 -20.41 -45.20
N GLY BA 55 76.77 -21.25 -44.50
CA GLY BA 55 77.58 -22.22 -45.18
C GLY BA 55 78.86 -21.70 -45.77
N ARG BA 56 79.21 -20.44 -45.52
CA ARG BA 56 80.45 -19.90 -46.05
C ARG BA 56 81.62 -20.46 -45.26
N LEU BA 57 82.79 -20.44 -45.89
CA LEU BA 57 84.01 -20.88 -45.23
C LEU BA 57 84.76 -19.68 -44.69
N ASP BA 58 85.43 -19.89 -43.55
CA ASP BA 58 85.94 -19.02 -42.48
C ASP BA 58 84.83 -18.66 -41.49
N HIS BA 59 83.62 -19.14 -41.75
CA HIS BA 59 82.57 -19.24 -40.74
C HIS BA 59 81.86 -20.57 -40.77
N ALA BA 60 82.49 -21.60 -41.37
CA ALA BA 60 81.88 -22.93 -41.37
C ALA BA 60 81.98 -23.57 -40.00
N GLY BA 61 82.92 -23.12 -39.16
CA GLY BA 61 83.03 -23.67 -37.81
C GLY BA 61 81.89 -23.30 -36.89
N ASP BA 62 81.12 -22.26 -37.25
CA ASP BA 62 79.95 -21.91 -36.47
C ASP BA 62 78.85 -22.96 -36.60
N PHE BA 63 78.58 -23.40 -37.83
CA PHE BA 63 77.46 -24.31 -38.04
C PHE BA 63 77.79 -25.56 -38.85
N ILE BA 64 78.68 -25.46 -39.84
CA ILE BA 64 78.83 -26.54 -40.81
C ILE BA 64 79.54 -27.74 -40.19
N ILE BA 65 80.66 -27.51 -39.52
CA ILE BA 65 81.35 -28.58 -38.78
C ILE BA 65 80.52 -29.11 -37.62
N PRO BA 66 79.95 -28.29 -36.70
CA PRO BA 66 79.06 -28.89 -35.68
C PRO BA 66 77.82 -29.54 -36.25
N GLY BA 67 77.28 -28.99 -37.34
CA GLY BA 67 76.12 -29.59 -37.98
C GLY BA 67 76.40 -30.95 -38.59
N LEU BA 68 77.53 -31.07 -39.30
CA LEU BA 68 77.91 -32.35 -39.89
C LEU BA 68 78.27 -33.37 -38.81
N LEU BA 69 78.91 -32.91 -37.73
CA LEU BA 69 79.20 -33.79 -36.61
C LEU BA 69 77.93 -34.31 -35.95
N PHE BA 70 76.94 -33.43 -35.73
CA PHE BA 70 75.67 -33.89 -35.18
C PHE BA 70 74.95 -34.81 -36.14
N LEU BA 71 75.01 -34.52 -37.44
CA LEU BA 71 74.33 -35.38 -38.41
C LEU BA 71 74.92 -36.77 -38.42
N TYR BA 72 76.25 -36.88 -38.31
CA TYR BA 72 76.89 -38.18 -38.18
C TYR BA 72 76.47 -38.90 -36.90
N VAL BA 73 76.46 -38.19 -35.76
CA VAL BA 73 76.13 -38.84 -34.49
C VAL BA 73 74.64 -39.23 -34.43
N ALA BA 74 73.75 -38.35 -34.91
CA ALA BA 74 72.33 -38.64 -34.90
C ALA BA 74 71.98 -39.74 -35.90
N GLY BA 75 72.64 -39.76 -37.05
CA GLY BA 75 72.48 -40.88 -37.96
C GLY BA 75 72.99 -42.18 -37.39
N TRP BA 76 74.08 -42.13 -36.62
CA TRP BA 76 74.55 -43.30 -35.88
C TRP BA 76 73.48 -43.81 -34.92
N ILE BA 77 72.92 -42.92 -34.10
CA ILE BA 77 71.92 -43.32 -33.12
C ILE BA 77 70.67 -43.87 -33.79
N GLY BA 78 70.17 -43.17 -34.80
CA GLY BA 78 68.98 -43.62 -35.50
C GLY BA 78 69.19 -44.91 -36.29
N TRP BA 79 70.37 -45.08 -36.87
CA TRP BA 79 70.62 -46.29 -37.66
C TRP BA 79 70.81 -47.50 -36.76
N VAL BA 80 71.49 -47.33 -35.62
CA VAL BA 80 71.63 -48.45 -34.68
C VAL BA 80 70.27 -48.80 -34.08
N GLY BA 81 69.45 -47.80 -33.77
CA GLY BA 81 68.11 -48.08 -33.30
C GLY BA 81 67.23 -48.79 -34.31
N ARG BA 82 67.28 -48.35 -35.57
CA ARG BA 82 66.51 -49.01 -36.63
C ARG BA 82 67.03 -50.41 -36.90
N SER BA 83 68.35 -50.61 -36.83
CA SER BA 83 68.93 -51.94 -37.05
C SER BA 83 68.52 -52.90 -35.94
N TYR BA 84 68.55 -52.45 -34.68
CA TYR BA 84 68.10 -53.29 -33.58
C TYR BA 84 66.60 -53.59 -33.69
N LEU BA 85 65.81 -52.58 -34.05
CA LEU BA 85 64.37 -52.77 -34.19
C LEU BA 85 64.03 -53.75 -35.31
N ILE BA 86 64.75 -53.68 -36.43
CA ILE BA 86 64.54 -54.63 -37.52
C ILE BA 86 65.00 -56.02 -37.11
N ALA BA 87 66.14 -56.11 -36.42
CA ALA BA 87 66.70 -57.42 -36.07
C ALA BA 87 65.86 -58.16 -35.05
N ILE BA 88 65.15 -57.44 -34.17
CA ILE BA 88 64.32 -58.14 -33.19
C ILE BA 88 62.90 -58.45 -33.68
N ARG BA 89 62.60 -58.21 -34.96
CA ARG BA 89 61.26 -58.50 -35.45
C ARG BA 89 61.04 -59.98 -35.67
N GLU BA 90 61.80 -60.59 -36.58
CA GLU BA 90 61.45 -61.90 -37.14
C GLU BA 90 61.96 -63.06 -36.29
N GLU BA 91 61.70 -63.01 -34.98
CA GLU BA 91 62.09 -64.10 -34.11
C GLU BA 91 61.04 -64.40 -33.04
N LYS BA 92 59.79 -63.97 -33.27
CA LYS BA 92 58.56 -64.48 -32.67
C LYS BA 92 58.34 -64.09 -31.20
N ASP BA 93 59.30 -63.41 -30.58
CA ASP BA 93 59.12 -62.86 -29.24
C ASP BA 93 59.81 -61.50 -29.17
N THR BA 94 59.06 -60.47 -29.55
CA THR BA 94 59.68 -59.18 -29.85
C THR BA 94 59.40 -58.15 -28.76
N GLU BA 95 58.29 -58.29 -28.03
CA GLU BA 95 57.96 -57.30 -27.01
C GLU BA 95 58.84 -57.46 -25.78
N MET BA 96 59.23 -58.70 -25.46
CA MET BA 96 60.02 -58.96 -24.26
C MET BA 96 61.44 -58.42 -24.41
N LYS BA 97 62.00 -58.50 -25.62
CA LYS BA 97 63.32 -57.89 -25.80
C LYS BA 97 63.23 -56.51 -26.44
N GLU BA 98 62.03 -56.01 -26.66
CA GLU BA 98 61.75 -54.58 -26.76
C GLU BA 98 61.73 -53.90 -25.41
N ILE BA 99 61.29 -54.60 -24.36
CA ILE BA 99 61.20 -54.00 -23.03
C ILE BA 99 62.46 -54.30 -22.21
N ILE BA 100 63.11 -55.42 -22.48
CA ILE BA 100 64.32 -55.84 -21.77
C ILE BA 100 65.38 -56.06 -22.85
N ILE BA 101 66.27 -55.08 -23.01
CA ILE BA 101 67.04 -54.95 -24.24
C ILE BA 101 68.11 -56.02 -24.33
N ASP BA 102 68.17 -56.71 -25.46
CA ASP BA 102 69.14 -57.78 -25.69
C ASP BA 102 70.50 -57.12 -25.88
N VAL BA 103 71.32 -57.17 -24.82
CA VAL BA 103 72.59 -56.45 -24.82
C VAL BA 103 73.61 -56.98 -25.84
N PRO BA 104 73.87 -58.31 -25.97
CA PRO BA 104 74.86 -58.75 -26.99
C PRO BA 104 74.51 -58.40 -28.42
N LEU BA 105 73.23 -58.30 -28.77
CA LEU BA 105 72.87 -57.81 -30.10
C LEU BA 105 73.03 -56.30 -30.20
N ALA BA 106 72.72 -55.56 -29.12
CA ALA BA 106 72.78 -54.11 -29.16
C ALA BA 106 74.21 -53.61 -29.24
N ILE BA 107 75.16 -54.29 -28.58
CA ILE BA 107 76.58 -53.95 -28.70
C ILE BA 107 77.08 -54.15 -30.12
N ASN BA 108 76.72 -55.27 -30.76
CA ASN BA 108 77.13 -55.51 -32.13
C ASN BA 108 76.48 -54.54 -33.10
N LYS BA 109 75.28 -54.06 -32.79
CA LYS BA 109 74.67 -53.02 -33.60
C LYS BA 109 75.38 -51.68 -33.38
N MET BA 110 75.78 -51.38 -32.14
CA MET BA 110 76.34 -50.07 -31.82
C MET BA 110 77.74 -49.90 -32.40
N LEU BA 111 78.63 -50.86 -32.14
CA LEU BA 111 80.02 -50.71 -32.56
C LEU BA 111 80.21 -50.85 -34.06
N PHE BA 112 79.25 -51.46 -34.75
CA PHE BA 112 79.26 -51.47 -36.21
C PHE BA 112 78.32 -50.42 -36.80
N GLY BA 113 77.91 -49.45 -35.99
CA GLY BA 113 77.09 -48.36 -36.43
C GLY BA 113 77.84 -47.15 -36.93
N PHE BA 114 79.17 -47.22 -37.02
CA PHE BA 114 79.95 -46.11 -37.54
C PHE BA 114 79.74 -45.93 -39.03
N MET BA 115 79.50 -47.03 -39.75
CA MET BA 115 79.29 -47.02 -41.19
C MET BA 115 77.78 -46.94 -41.45
N TRP BA 116 77.14 -45.96 -40.83
CA TRP BA 116 75.72 -45.72 -41.08
C TRP BA 116 75.38 -45.07 -42.43
N PRO BA 117 76.13 -44.10 -43.00
CA PRO BA 117 75.68 -43.57 -44.30
C PRO BA 117 75.89 -44.51 -45.46
N LEU BA 118 76.90 -45.38 -45.40
CA LEU BA 118 77.08 -46.39 -46.44
C LEU BA 118 75.94 -47.39 -46.43
N GLN BA 119 75.54 -47.85 -45.24
CA GLN BA 119 74.42 -48.78 -45.14
C GLN BA 119 73.10 -48.09 -45.48
N ALA BA 120 72.98 -46.80 -45.15
CA ALA BA 120 71.78 -46.05 -45.50
C ALA BA 120 71.65 -45.88 -47.00
N PHE BA 121 72.76 -45.58 -47.68
CA PHE BA 121 72.75 -45.50 -49.14
C PHE BA 121 72.48 -46.85 -49.79
N GLY BA 122 73.04 -47.92 -49.21
CA GLY BA 122 72.76 -49.25 -49.73
C GLY BA 122 71.31 -49.66 -49.59
N GLU BA 123 70.70 -49.35 -48.45
CA GLU BA 123 69.28 -49.66 -48.26
C GLU BA 123 68.39 -48.74 -49.07
N PHE BA 124 68.84 -47.52 -49.35
CA PHE BA 124 68.05 -46.61 -50.18
C PHE BA 124 68.06 -47.05 -51.64
N THR BA 125 69.24 -47.41 -52.17
CA THR BA 125 69.32 -47.85 -53.55
C THR BA 125 68.74 -49.26 -53.72
N SER BA 126 68.81 -50.08 -52.67
CA SER BA 126 68.24 -51.41 -52.74
C SER BA 126 66.73 -51.43 -52.55
N GLY BA 127 66.14 -50.34 -52.07
CA GLY BA 127 64.71 -50.28 -51.85
C GLY BA 127 64.24 -50.91 -50.56
N LYS BA 128 65.15 -51.41 -49.73
CA LYS BA 128 64.80 -52.05 -48.47
C LYS BA 128 64.79 -51.08 -47.30
N LEU BA 129 64.99 -49.79 -47.56
CA LEU BA 129 64.87 -48.76 -46.54
C LEU BA 129 63.44 -48.28 -46.35
N THR BA 130 62.69 -48.14 -47.44
CA THR BA 130 61.37 -47.52 -47.40
C THR BA 130 60.31 -48.56 -47.75
N VAL BA 131 59.27 -48.63 -46.92
CA VAL BA 131 58.16 -49.54 -47.17
C VAL BA 131 57.20 -48.92 -48.19
N LYS BA 132 56.78 -49.73 -49.16
CA LYS BA 132 55.83 -49.31 -50.18
C LYS BA 132 54.48 -48.98 -49.55
N ASP BA 133 53.75 -48.05 -50.19
CA ASP BA 133 52.48 -47.54 -49.63
C ASP BA 133 51.38 -48.59 -49.61
N SER BA 134 51.55 -49.72 -50.31
CA SER BA 134 50.55 -50.78 -50.23
C SER BA 134 50.67 -51.57 -48.94
N GLU BA 135 51.89 -51.88 -48.51
CA GLU BA 135 52.14 -52.81 -47.40
C GLU BA 135 52.32 -52.02 -46.09
N ILE BA 136 51.36 -51.17 -45.75
CA ILE BA 136 51.51 -50.29 -44.60
C ILE BA 136 50.13 -49.89 -44.07
N PRO BA 137 49.93 -49.88 -42.75
CA PRO BA 137 48.62 -49.50 -42.21
C PRO BA 137 48.34 -48.01 -42.33
N VAL BA 138 47.19 -47.68 -42.90
CA VAL BA 138 46.77 -46.31 -43.13
C VAL BA 138 45.40 -46.12 -42.48
N SER BA 139 45.23 -45.01 -41.76
CA SER BA 139 43.96 -44.71 -41.12
C SER BA 139 42.89 -44.41 -42.16
N PRO BA 140 41.61 -44.60 -41.81
CA PRO BA 140 40.52 -44.22 -42.72
C PRO BA 140 40.49 -42.71 -42.95
N ARG BA 141 39.96 -42.32 -44.10
CA ARG BA 141 39.90 -40.92 -44.49
C ARG BA 141 38.88 -40.15 -43.66
N ILE CA 1 29.62 13.96 -13.00
CA ILE CA 1 30.16 15.25 -13.41
C ILE CA 1 29.78 15.54 -14.86
N LEU CA 2 29.08 16.65 -15.07
CA LEU CA 2 28.65 17.02 -16.40
C LEU CA 2 29.82 17.53 -17.23
N GLY CA 3 29.77 17.27 -18.54
CA GLY CA 3 30.84 17.62 -19.43
C GLY CA 3 30.63 18.95 -20.13
N ASP CA 4 31.69 19.42 -20.77
CA ASP CA 4 31.65 20.65 -21.57
C ASP CA 4 31.07 20.42 -22.95
N PHE CA 5 30.82 19.18 -23.34
CA PHE CA 5 30.22 18.90 -24.63
C PHE CA 5 28.74 19.22 -24.62
N ALA CA 6 28.17 19.32 -25.82
CA ALA CA 6 26.77 19.67 -25.96
C ALA CA 6 25.87 18.54 -25.47
N ALA CA 7 24.78 18.93 -24.82
CA ALA CA 7 23.80 18.04 -24.19
C ALA CA 7 24.47 17.09 -23.20
N SER CA 8 25.08 17.68 -22.17
CA SER CA 8 25.79 16.92 -21.15
C SER CA 8 24.87 16.12 -20.24
N PHE CA 9 23.57 16.43 -20.24
CA PHE CA 9 22.61 15.71 -19.43
C PHE CA 9 22.20 14.36 -20.02
N LEU CA 10 22.57 14.08 -21.27
CA LEU CA 10 22.24 12.83 -21.93
C LEU CA 10 23.04 11.62 -21.43
N PRO CA 11 24.33 11.73 -21.05
CA PRO CA 11 24.93 10.63 -20.28
C PRO CA 11 24.24 10.34 -18.96
N ALA CA 12 23.65 11.34 -18.30
CA ALA CA 12 22.97 11.10 -17.03
C ALA CA 12 21.65 10.36 -17.18
N ILE CA 13 21.14 10.21 -18.40
CA ILE CA 13 19.89 9.52 -18.67
C ILE CA 13 20.12 8.22 -19.43
N LEU CA 14 20.96 8.26 -20.47
CA LEU CA 14 21.11 7.10 -21.34
C LEU CA 14 21.96 6.01 -20.69
N VAL CA 15 23.02 6.39 -19.96
CA VAL CA 15 23.87 5.39 -19.32
C VAL CA 15 23.16 4.59 -18.24
N PRO CA 16 22.35 5.18 -17.34
CA PRO CA 16 21.52 4.31 -16.48
C PRO CA 16 20.41 3.59 -17.23
N ALA CA 17 19.99 4.08 -18.40
CA ALA CA 17 18.98 3.36 -19.17
C ALA CA 17 19.58 2.14 -19.85
N VAL CA 18 20.77 2.27 -20.42
CA VAL CA 18 21.39 1.18 -21.17
C VAL CA 18 22.12 0.23 -20.21
N GLY CA 19 22.46 0.72 -19.01
CA GLY CA 19 23.17 -0.11 -18.06
C GLY CA 19 22.29 -0.77 -17.03
N LEU CA 20 21.13 -0.19 -16.73
CA LEU CA 20 20.22 -0.76 -15.73
C LEU CA 20 18.85 -1.06 -16.30
N VAL CA 21 18.23 -0.13 -17.03
CA VAL CA 21 16.81 -0.26 -17.35
C VAL CA 21 16.58 -1.27 -18.46
N MET CA 22 17.14 -1.02 -19.65
CA MET CA 22 16.91 -1.95 -20.75
C MET CA 22 17.60 -3.32 -20.59
N PRO CA 23 18.72 -3.50 -19.86
CA PRO CA 23 19.12 -4.89 -19.58
C PRO CA 23 18.14 -5.61 -18.67
N ALA CA 24 17.52 -4.93 -17.71
CA ALA CA 24 16.46 -5.55 -16.92
C ALA CA 24 15.26 -5.91 -17.80
N VAL CA 25 14.91 -5.02 -18.72
CA VAL CA 25 13.82 -5.29 -19.65
C VAL CA 25 14.15 -6.47 -20.57
N VAL CA 26 15.37 -6.52 -21.09
CA VAL CA 26 15.77 -7.58 -22.00
C VAL CA 26 15.86 -8.92 -21.28
N MET CA 27 16.42 -8.95 -20.07
CA MET CA 27 16.42 -10.20 -19.32
C MET CA 27 15.03 -10.64 -18.89
N GLY CA 28 14.13 -9.73 -18.53
CA GLY CA 28 12.76 -10.12 -18.26
C GLY CA 28 12.03 -10.67 -19.46
N LEU CA 29 12.15 -9.98 -20.60
CA LEU CA 29 11.51 -10.40 -21.83
C LEU CA 29 12.09 -11.70 -22.36
N LEU CA 30 13.41 -11.86 -22.34
CA LEU CA 30 14.04 -13.10 -22.78
C LEU CA 30 13.76 -14.23 -21.82
N PHE CA 31 13.62 -13.94 -20.52
CA PHE CA 31 13.22 -14.97 -19.56
C PHE CA 31 11.82 -15.47 -19.83
N LEU CA 32 10.88 -14.56 -20.09
CA LEU CA 32 9.53 -14.94 -20.46
C LEU CA 32 9.50 -15.66 -21.82
N GLN CA 33 10.42 -15.31 -22.72
CA GLN CA 33 10.46 -15.95 -24.02
C GLN CA 33 11.00 -17.38 -23.93
N ILE CA 34 12.10 -17.57 -23.18
CA ILE CA 34 12.74 -18.88 -23.13
C ILE CA 34 12.12 -19.81 -22.12
N GLU CA 35 11.27 -19.31 -21.23
CA GLU CA 35 10.65 -20.17 -20.24
C GLU CA 35 9.17 -20.43 -20.47
N SER CA 36 8.55 -19.78 -21.45
CA SER CA 36 7.16 -20.05 -21.76
C SER CA 36 7.03 -21.40 -22.47
N GLU CA 37 5.96 -22.12 -22.14
CA GLU CA 37 5.70 -23.43 -22.72
C GLU CA 37 5.02 -23.26 -24.07
N ALA CA 38 4.91 -24.39 -24.79
CA ALA CA 38 4.29 -24.51 -26.12
C ALA CA 38 4.88 -23.56 -27.15
N LYS DA 1 72.17 -64.98 -12.58
CA LYS DA 1 71.69 -65.16 -13.96
C LYS DA 1 70.46 -64.32 -14.23
N GLY DA 2 69.60 -64.20 -13.21
CA GLY DA 2 68.43 -63.36 -13.32
C GLY DA 2 68.74 -61.89 -13.07
N LEU DA 3 69.93 -61.63 -12.54
CA LEU DA 3 70.34 -60.24 -12.31
C LEU DA 3 70.76 -59.57 -13.61
N THR DA 4 71.39 -60.31 -14.53
CA THR DA 4 71.81 -59.72 -15.80
C THR DA 4 70.62 -59.39 -16.68
N THR DA 5 69.50 -60.11 -16.51
CA THR DA 5 68.28 -59.75 -17.23
C THR DA 5 67.69 -58.45 -16.68
N PHE DA 6 67.77 -58.25 -15.37
CA PHE DA 6 67.33 -57.00 -14.76
C PHE DA 6 68.22 -55.83 -15.19
N LEU DA 7 69.53 -56.06 -15.29
CA LEU DA 7 70.43 -55.03 -15.78
C LEU DA 7 70.25 -54.77 -17.27
N SER DA 8 69.66 -55.72 -17.99
CA SER DA 8 69.37 -55.56 -19.41
C SER DA 8 68.00 -54.93 -19.66
N THR DA 9 67.30 -54.50 -18.61
CA THR DA 9 66.02 -53.84 -18.80
C THR DA 9 66.22 -52.44 -19.36
N ALA DA 10 65.12 -51.88 -19.88
CA ALA DA 10 65.16 -50.53 -20.45
C ALA DA 10 65.55 -49.41 -19.48
N PRO DA 11 65.00 -49.33 -18.21
CA PRO DA 11 65.43 -48.20 -17.35
C PRO DA 11 66.87 -48.26 -16.89
N VAL DA 12 67.37 -49.47 -16.58
CA VAL DA 12 68.76 -49.61 -16.12
C VAL DA 12 69.73 -49.26 -17.24
N LEU DA 13 69.46 -49.76 -18.46
CA LEU DA 13 70.33 -49.44 -19.57
C LEU DA 13 70.21 -47.99 -20.03
N ILE DA 14 69.01 -47.40 -19.95
CA ILE DA 14 68.88 -46.00 -20.34
C ILE DA 14 69.53 -45.10 -19.29
N THR DA 15 69.54 -45.53 -18.02
CA THR DA 15 70.23 -44.77 -16.99
C THR DA 15 71.73 -44.88 -17.14
N ALA DA 16 72.23 -46.10 -17.45
CA ALA DA 16 73.65 -46.28 -17.71
C ALA DA 16 74.11 -45.49 -18.93
N LEU DA 17 73.29 -45.48 -19.99
CA LEU DA 17 73.61 -44.74 -21.19
C LEU DA 17 73.62 -43.23 -20.94
N LEU DA 18 72.63 -42.73 -20.19
CA LEU DA 18 72.57 -41.29 -19.93
C LEU DA 18 73.67 -40.84 -18.98
N VAL DA 19 74.02 -41.67 -18.00
CA VAL DA 19 75.15 -41.35 -17.12
C VAL DA 19 76.46 -41.37 -17.89
N PHE DA 20 76.63 -42.35 -18.79
CA PHE DA 20 77.84 -42.40 -19.61
C PHE DA 20 77.94 -41.22 -20.55
N THR DA 21 76.82 -40.83 -21.18
CA THR DA 21 76.83 -39.70 -22.11
C THR DA 21 77.05 -38.39 -21.38
N ALA DA 22 76.38 -38.20 -20.24
CA ALA DA 22 76.58 -36.99 -19.44
C ALA DA 22 77.99 -36.92 -18.88
N GLY DA 23 78.56 -38.07 -18.48
CA GLY DA 23 79.93 -38.08 -18.00
C GLY DA 23 80.93 -37.77 -19.10
N LEU DA 24 80.67 -38.28 -20.30
CA LEU DA 24 81.54 -37.97 -21.44
C LEU DA 24 81.49 -36.48 -21.78
N LEU DA 25 80.29 -35.90 -21.77
CA LEU DA 25 80.15 -34.47 -22.06
C LEU DA 25 80.77 -33.61 -20.96
N ILE DA 26 80.62 -34.02 -19.70
CA ILE DA 26 81.17 -33.26 -18.58
C ILE DA 26 82.69 -33.35 -18.57
N GLU DA 27 83.24 -34.54 -18.82
CA GLU DA 27 84.69 -34.69 -18.91
C GLU DA 27 85.26 -33.98 -20.14
N PHE DA 28 84.47 -33.82 -21.20
CA PHE DA 28 84.94 -33.03 -22.33
C PHE DA 28 84.92 -31.53 -22.02
N ASN DA 29 83.87 -31.02 -21.40
CA ASN DA 29 83.79 -29.61 -21.05
C ASN DA 29 84.64 -29.23 -19.85
N ARG DA 30 85.19 -30.19 -19.13
CA ARG DA 30 86.24 -29.86 -18.16
C ARG DA 30 87.60 -29.68 -18.81
N PHE DA 31 88.03 -30.66 -19.62
CA PHE DA 31 89.35 -30.59 -20.23
C PHE DA 31 89.39 -29.61 -21.39
N TYR DA 32 88.30 -29.49 -22.14
CA TYR DA 32 88.21 -28.56 -23.26
C TYR DA 32 86.96 -27.70 -23.10
N PRO DA 33 87.02 -26.70 -22.23
CA PRO DA 33 85.84 -25.86 -21.99
C PRO DA 33 85.69 -24.77 -23.05
N ASP DA 34 84.48 -24.19 -23.07
CA ASP DA 34 84.17 -22.96 -23.79
C ASP DA 34 84.38 -23.09 -25.30
N LEU DA 35 83.68 -24.06 -25.90
CA LEU DA 35 83.76 -24.30 -27.34
C LEU DA 35 82.45 -23.84 -27.96
N LEU DA 36 82.37 -22.54 -28.26
CA LEU DA 36 81.18 -22.00 -28.91
C LEU DA 36 81.16 -22.35 -30.38
N PHE DA 37 82.33 -22.51 -31.00
CA PHE DA 37 82.43 -22.80 -32.42
C PHE DA 37 83.74 -23.50 -32.68
N HIS DA 38 83.81 -24.13 -33.84
CA HIS DA 38 85.07 -24.73 -34.27
C HIS DA 38 85.97 -23.64 -34.86
N PRO DA 39 87.21 -23.47 -34.36
CA PRO DA 39 88.11 -22.43 -34.85
C PRO DA 39 88.61 -22.72 -36.27
N ALA EA 1 60.95 -18.60 40.41
CA ALA EA 1 59.97 -18.92 41.45
C ALA EA 1 59.85 -20.42 41.65
N VAL EA 2 60.54 -20.94 42.67
CA VAL EA 2 60.52 -22.36 42.98
C VAL EA 2 59.16 -22.73 43.59
N PRO EA 3 58.64 -23.92 43.34
CA PRO EA 3 57.34 -24.31 43.88
C PRO EA 3 57.35 -24.94 45.27
N THR EA 4 58.41 -24.77 46.07
CA THR EA 4 58.49 -25.18 47.49
C THR EA 4 58.26 -26.69 47.65
N THR EA 5 59.24 -27.49 47.26
CA THR EA 5 59.01 -28.88 46.88
C THR EA 5 59.06 -29.84 48.09
N LEU EA 6 59.52 -29.36 49.27
CA LEU EA 6 59.55 -30.16 50.51
C LEU EA 6 60.37 -31.44 50.46
N GLU EA 7 61.70 -31.32 50.60
CA GLU EA 7 62.62 -32.43 50.44
C GLU EA 7 62.49 -33.52 51.53
N TRP EA 8 61.59 -34.49 51.29
CA TRP EA 8 61.56 -35.80 51.94
C TRP EA 8 61.43 -35.76 53.47
N ASN EA 9 60.26 -35.35 53.97
CA ASN EA 9 59.90 -35.68 55.34
C ASN EA 9 59.13 -37.00 55.34
N LEU EA 10 58.81 -37.50 56.54
CA LEU EA 10 58.07 -38.76 56.64
C LEU EA 10 56.62 -38.63 56.21
N ASN EA 11 56.07 -37.42 56.20
CA ASN EA 11 54.70 -37.22 55.73
C ASN EA 11 54.58 -37.45 54.23
N VAL EA 12 55.68 -37.24 53.50
CA VAL EA 12 55.73 -37.59 52.07
C VAL EA 12 55.56 -39.09 51.88
N GLY EA 13 56.28 -39.89 52.67
CA GLY EA 13 56.12 -41.33 52.58
C GLY EA 13 54.75 -41.81 53.04
N LEU EA 14 54.21 -41.17 54.08
CA LEU EA 14 52.87 -41.51 54.55
C LEU EA 14 51.82 -41.18 53.49
N THR EA 15 51.96 -40.05 52.80
CA THR EA 15 51.04 -39.68 51.74
C THR EA 15 51.16 -40.62 50.55
N MET EA 16 52.39 -41.06 50.24
CA MET EA 16 52.59 -42.04 49.17
C MET EA 16 51.92 -43.37 49.49
N ILE EA 17 52.06 -43.84 50.74
CA ILE EA 17 51.42 -45.09 51.16
C ILE EA 17 49.89 -44.95 51.14
N VAL EA 18 49.38 -43.81 51.59
CA VAL EA 18 47.94 -43.58 51.62
C VAL EA 18 47.37 -43.55 50.21
N CYS EA 19 48.06 -42.90 49.27
CA CYS EA 19 47.55 -42.86 47.90
C CYS EA 19 47.75 -44.19 47.18
N ASN EA 20 48.74 -44.99 47.59
CA ASN EA 20 48.81 -46.37 47.11
C ASN EA 20 47.60 -47.16 47.58
N ILE EA 21 47.19 -46.97 48.83
CA ILE EA 21 45.99 -47.63 49.35
C ILE EA 21 44.74 -47.13 48.64
N VAL EA 22 44.72 -45.84 48.28
CA VAL EA 22 43.61 -45.26 47.51
C VAL EA 22 43.55 -45.90 46.13
N ALA EA 23 44.70 -46.13 45.50
CA ALA EA 23 44.74 -46.84 44.23
C ALA EA 23 44.26 -48.28 44.35
N ILE EA 24 44.62 -48.96 45.44
CA ILE EA 24 44.08 -50.29 45.75
C ILE EA 24 42.56 -50.26 45.83
N ALA EA 25 41.99 -49.30 46.55
CA ALA EA 25 40.54 -49.23 46.71
C ALA EA 25 39.86 -48.92 45.37
N PHE EA 26 40.43 -47.99 44.60
CA PHE EA 26 39.86 -47.62 43.31
C PHE EA 26 39.92 -48.77 42.32
N ALA EA 27 41.02 -49.52 42.33
CA ALA EA 27 41.16 -50.64 41.41
C ALA EA 27 40.30 -51.83 41.83
N LYS EA 28 40.12 -52.01 43.14
CA LYS EA 28 39.25 -53.08 43.61
C LYS EA 28 37.78 -52.75 43.33
N TYR EA 29 37.46 -51.46 43.23
CA TYR EA 29 36.09 -51.08 42.93
C TYR EA 29 35.82 -51.04 41.43
N THR EA 30 36.84 -50.71 40.62
CA THR EA 30 36.58 -50.29 39.24
C THR EA 30 37.21 -51.16 38.15
N MET EA 31 38.18 -52.02 38.46
CA MET EA 31 38.82 -52.80 37.41
C MET EA 31 37.89 -53.88 36.87
N LYS EA 32 38.18 -54.32 35.64
CA LYS EA 32 37.37 -55.33 34.97
C LYS EA 32 37.99 -56.72 35.06
N GLU EA 33 39.29 -56.86 34.82
CA GLU EA 33 39.98 -58.14 34.94
C GLU EA 33 41.19 -57.95 35.85
N PRO EA 34 40.99 -58.07 37.17
CA PRO EA 34 42.15 -57.98 38.07
C PRO EA 34 42.76 -59.33 38.40
N GLY EA 35 42.10 -60.42 38.03
CA GLY EA 35 42.58 -61.73 38.41
C GLY EA 35 43.63 -62.29 37.47
N ALA EA 36 43.93 -61.55 36.40
CA ALA EA 36 44.95 -62.00 35.46
C ALA EA 36 46.34 -61.83 36.07
N GLY EA 37 47.14 -62.88 35.98
CA GLY EA 37 48.47 -62.89 36.55
C GLY EA 37 49.06 -64.28 36.57
N PRO EA 38 50.39 -64.38 36.42
CA PRO EA 38 51.03 -65.70 36.44
C PRO EA 38 50.93 -66.42 37.78
N LYS EA 39 51.47 -65.81 38.85
CA LYS EA 39 51.51 -66.41 40.18
C LYS EA 39 51.98 -65.41 41.22
N LEU EA 40 51.47 -65.52 42.43
CA LEU EA 40 51.98 -64.83 43.61
C LEU EA 40 51.53 -65.58 44.86
N PRO EA 41 52.45 -65.83 45.79
CA PRO EA 41 52.06 -66.38 47.08
C PRO EA 41 51.18 -65.42 47.87
N GLY EA 42 50.24 -65.98 48.61
CA GLY EA 42 49.35 -65.21 49.45
C GLY EA 42 48.37 -64.34 48.70
N GLU EA 43 47.47 -64.97 47.93
CA GLU EA 43 46.47 -64.21 47.18
C GLU EA 43 45.42 -63.59 48.09
N ALA EA 44 45.24 -64.12 49.30
CA ALA EA 44 44.28 -63.54 50.23
C ALA EA 44 44.79 -62.20 50.77
N PHE EA 45 46.09 -62.08 50.95
CA PHE EA 45 46.65 -60.81 51.42
C PHE EA 45 46.65 -59.75 50.33
N PHE EA 46 46.84 -60.17 49.07
CA PHE EA 46 46.86 -59.25 47.95
C PHE EA 46 45.51 -59.08 47.29
N GLY EA 47 44.43 -59.42 48.00
CA GLY EA 47 43.08 -59.15 47.54
C GLY EA 47 42.67 -59.93 46.31
N GLY EA 48 43.38 -61.01 46.00
CA GLY EA 48 43.06 -61.82 44.84
C GLY EA 48 43.31 -61.18 43.50
N MET EA 49 44.42 -60.44 43.36
CA MET EA 49 44.88 -59.97 42.06
C MET EA 49 46.19 -60.65 41.72
N GLY EA 50 46.50 -60.73 40.43
CA GLY EA 50 47.79 -61.21 39.99
C GLY EA 50 48.86 -60.14 40.06
N LEU EA 51 50.08 -60.54 39.72
CA LEU EA 51 51.25 -59.65 39.72
C LEU EA 51 51.15 -58.46 38.76
N PRO EA 52 50.69 -58.58 37.51
CA PRO EA 52 50.53 -57.36 36.69
C PRO EA 52 49.50 -56.39 37.23
N ALA EA 53 48.43 -56.90 37.84
CA ALA EA 53 47.47 -56.02 38.50
C ALA EA 53 48.11 -55.32 39.69
N LEU EA 54 48.98 -56.04 40.42
CA LEU EA 54 49.73 -55.41 41.51
C LEU EA 54 50.64 -54.30 41.01
N LEU EA 55 51.35 -54.53 39.89
CA LEU EA 55 52.18 -53.51 39.30
C LEU EA 55 51.36 -52.32 38.81
N ALA EA 56 50.19 -52.57 38.24
CA ALA EA 56 49.32 -51.49 37.78
C ALA EA 56 48.81 -50.65 38.95
N THR EA 57 48.37 -51.29 40.04
CA THR EA 57 47.91 -50.53 41.20
C THR EA 57 49.05 -49.75 41.87
N THR EA 58 50.23 -50.35 41.97
CA THR EA 58 51.35 -49.63 42.59
C THR EA 58 51.81 -48.47 41.72
N SER EA 59 51.79 -48.64 40.40
CA SER EA 59 52.15 -47.56 39.49
C SER EA 59 51.12 -46.43 39.53
N PHE EA 60 49.83 -46.77 39.55
CA PHE EA 60 48.79 -45.75 39.67
C PHE EA 60 48.85 -45.03 40.99
N GLY EA 61 49.16 -45.76 42.07
CA GLY EA 61 49.39 -45.12 43.35
C GLY EA 61 50.60 -44.21 43.34
N HIS EA 62 51.64 -44.56 42.57
CA HIS EA 62 52.79 -43.68 42.45
C HIS EA 62 52.47 -42.42 41.66
N LEU EA 63 51.68 -42.53 40.58
CA LEU EA 63 51.21 -41.34 39.87
C LEU EA 63 50.37 -40.44 40.76
N LEU EA 64 49.40 -41.01 41.47
CA LEU EA 64 48.55 -40.23 42.36
C LEU EA 64 49.34 -39.63 43.52
N GLY EA 65 50.27 -40.40 44.08
CA GLY EA 65 51.07 -39.90 45.18
C GLY EA 65 52.02 -38.80 44.76
N ALA EA 66 52.62 -38.94 43.57
CA ALA EA 66 53.47 -37.87 43.04
C ALA EA 66 52.68 -36.60 42.80
N GLY EA 67 51.47 -36.74 42.22
CA GLY EA 67 50.63 -35.59 41.98
C GLY EA 67 50.22 -34.87 43.26
N VAL EA 68 49.76 -35.64 44.25
CA VAL EA 68 49.33 -35.01 45.50
C VAL EA 68 50.51 -34.51 46.33
N ILE EA 69 51.69 -35.15 46.25
CA ILE EA 69 52.83 -34.69 47.02
C ILE EA 69 53.35 -33.38 46.46
N LEU EA 70 53.45 -33.27 45.14
CA LEU EA 70 53.89 -32.02 44.54
C LEU EA 70 52.82 -30.93 44.70
N GLY EA 71 51.54 -31.29 44.60
CA GLY EA 71 50.50 -30.30 44.79
C GLY EA 71 50.42 -29.76 46.21
N LEU EA 72 50.50 -30.64 47.20
CA LEU EA 72 50.42 -30.21 48.58
C LEU EA 72 51.75 -29.65 49.08
N ALA EA 73 52.85 -29.89 48.36
CA ALA EA 73 54.07 -29.16 48.63
C ALA EA 73 53.98 -27.74 48.10
N SER EA 74 53.40 -27.58 46.90
CA SER EA 74 53.21 -26.24 46.34
C SER EA 74 52.21 -25.43 47.16
N LEU EA 75 51.17 -26.07 47.70
CA LEU EA 75 50.26 -25.37 48.58
C LEU EA 75 50.91 -25.09 49.93
N GLY EA 76 51.68 -26.05 50.45
CA GLY EA 76 52.33 -25.91 51.74
C GLY EA 76 51.87 -26.89 52.79
N ALA EA 77 51.20 -27.98 52.41
CA ALA EA 77 50.76 -28.98 53.36
C ALA EA 77 51.92 -29.92 53.70
N LEU EA 78 51.57 -31.06 54.32
CA LEU EA 78 52.51 -32.13 54.72
C LEU EA 78 53.61 -31.65 55.67
N ILE FA 1 17.72 -44.51 21.71
CA ILE FA 1 16.62 -43.69 21.22
C ILE FA 1 17.08 -42.89 20.01
N ASP FA 2 16.52 -43.18 18.84
CA ASP FA 2 16.88 -42.47 17.63
C ASP FA 2 16.12 -41.15 17.56
N VAL FA 3 16.83 -40.05 17.84
CA VAL FA 3 16.19 -38.73 17.71
C VAL FA 3 16.19 -38.32 16.24
N VAL FA 4 17.10 -38.84 15.44
CA VAL FA 4 17.14 -38.59 14.00
C VAL FA 4 16.43 -39.77 13.33
N ASN FA 5 15.17 -39.56 12.98
CA ASN FA 5 14.37 -40.55 12.27
C ASN FA 5 14.13 -40.07 10.85
N HIS FA 6 13.43 -40.89 10.08
CA HIS FA 6 12.89 -40.43 8.82
C HIS FA 6 11.54 -39.76 9.06
N GLY FA 7 10.92 -39.27 7.99
CA GLY FA 7 9.66 -38.58 8.12
C GLY FA 7 8.45 -39.48 8.17
N GLY FA 8 8.66 -40.79 8.17
CA GLY FA 8 7.57 -41.74 8.08
C GLY FA 8 7.74 -42.60 6.84
N ASP FA 9 8.57 -42.12 5.92
CA ASP FA 9 8.81 -42.82 4.66
C ASP FA 9 10.32 -42.79 4.44
N PRO FA 10 11.03 -43.90 4.67
CA PRO FA 10 12.50 -43.84 4.67
C PRO FA 10 13.13 -43.66 3.29
N GLN FA 11 12.44 -44.06 2.22
CA GLN FA 11 13.07 -44.07 0.90
C GLN FA 11 12.97 -42.70 0.23
N VAL FA 12 12.27 -41.76 0.87
CA VAL FA 12 12.34 -40.37 0.43
C VAL FA 12 13.62 -39.75 0.95
N GLY FA 13 14.33 -39.03 0.08
CA GLY FA 13 15.64 -38.50 0.42
C GLY FA 13 15.61 -37.32 1.37
N ASN FA 14 15.22 -37.56 2.62
CA ASN FA 14 15.24 -36.55 3.67
C ASN FA 14 15.26 -37.26 5.02
N LEU FA 15 15.70 -36.53 6.04
CA LEU FA 15 15.77 -37.05 7.40
C LEU FA 15 15.09 -36.09 8.36
N SER FA 16 14.39 -36.63 9.34
CA SER FA 16 13.68 -35.82 10.33
C SER FA 16 14.59 -35.61 11.53
N THR FA 17 15.56 -34.72 11.36
CA THR FA 17 16.48 -34.34 12.42
C THR FA 17 15.79 -33.35 13.36
N PRO FA 18 16.36 -33.09 14.57
CA PRO FA 18 15.80 -32.04 15.43
C PRO FA 18 15.69 -30.66 14.80
N ILE FA 19 16.66 -30.29 13.96
CA ILE FA 19 16.66 -29.01 13.27
C ILE FA 19 15.60 -29.04 12.17
N ASN FA 20 15.43 -30.19 11.52
CA ASN FA 20 14.55 -30.27 10.36
C ASN FA 20 13.08 -30.23 10.78
N GLY FA 21 12.62 -31.22 11.52
CA GLY FA 21 11.19 -31.36 11.73
C GLY FA 21 10.70 -31.82 13.08
N SER FA 22 11.36 -31.47 14.19
CA SER FA 22 11.06 -32.19 15.42
C SER FA 22 9.78 -31.72 16.11
N ALA FA 23 9.80 -30.55 16.75
CA ALA FA 23 8.58 -30.02 17.34
C ALA FA 23 8.47 -28.52 17.18
N PHE FA 24 9.62 -27.85 17.15
CA PHE FA 24 9.66 -26.39 17.19
C PHE FA 24 9.93 -25.83 15.79
N THR FA 25 10.32 -26.69 14.85
CA THR FA 25 10.57 -26.21 13.51
C THR FA 25 9.41 -26.58 12.57
N LYS FA 26 8.61 -27.60 12.93
CA LYS FA 26 7.35 -27.80 12.20
C LYS FA 26 6.40 -26.63 12.41
N ALA FA 27 6.17 -26.25 13.67
CA ALA FA 27 5.61 -24.94 13.98
C ALA FA 27 6.68 -23.89 13.71
N PHE FA 28 6.29 -22.63 13.51
CA PHE FA 28 7.16 -21.48 13.21
C PHE FA 28 7.76 -21.57 11.79
N ILE FA 29 7.57 -22.69 11.10
CA ILE FA 29 7.73 -22.70 9.64
C ILE FA 29 6.37 -22.91 9.01
N ASN FA 30 5.53 -23.73 9.64
CA ASN FA 30 4.14 -23.77 9.27
C ASN FA 30 3.33 -22.58 9.76
N ALA FA 31 3.95 -21.69 10.54
CA ALA FA 31 3.28 -20.51 11.08
C ALA FA 31 3.90 -19.21 10.58
N LEU FA 32 4.87 -19.29 9.65
CA LEU FA 32 5.38 -18.19 8.85
C LEU FA 32 4.33 -17.79 7.82
N PRO FA 33 4.42 -16.58 7.20
CA PRO FA 33 3.43 -16.18 6.18
C PRO FA 33 3.31 -17.17 5.03
N ALA FA 34 4.44 -17.62 4.50
CA ALA FA 34 4.44 -18.82 3.68
C ALA FA 34 4.21 -20.01 4.61
N TYR FA 35 3.32 -20.91 4.20
CA TYR FA 35 2.87 -22.16 4.82
C TYR FA 35 1.85 -21.96 5.95
N ARG FA 36 1.41 -20.73 6.23
CA ARG FA 36 0.35 -20.60 7.23
C ARG FA 36 -0.99 -20.98 6.63
N LYS FA 37 -1.87 -21.52 7.48
CA LYS FA 37 -3.04 -22.23 6.98
C LYS FA 37 -4.11 -21.30 6.44
N GLY FA 38 -4.39 -20.20 7.13
CA GLY FA 38 -5.57 -19.41 6.79
C GLY FA 38 -5.36 -18.24 5.85
N LEU FA 39 -4.09 -17.86 5.63
CA LEU FA 39 -3.81 -16.65 4.85
C LEU FA 39 -4.01 -16.89 3.37
N SER FA 40 -4.51 -15.87 2.70
CA SER FA 40 -4.58 -15.78 1.26
C SER FA 40 -3.32 -15.11 0.73
N PRO FA 41 -3.02 -15.24 -0.56
CA PRO FA 41 -2.01 -14.36 -1.17
C PRO FA 41 -2.51 -12.93 -1.18
N ASN FA 42 -1.56 -11.98 -1.27
CA ASN FA 42 -1.65 -10.53 -1.04
C ASN FA 42 -1.81 -10.28 0.47
N ARG FA 43 -1.63 -11.33 1.27
CA ARG FA 43 -1.48 -11.17 2.70
C ARG FA 43 -0.20 -11.85 3.18
N ARG FA 44 0.08 -13.05 2.65
CA ARG FA 44 1.39 -13.67 2.79
C ARG FA 44 2.46 -12.79 2.20
N GLY FA 45 2.21 -12.29 0.99
CA GLY FA 45 3.16 -11.40 0.33
C GLY FA 45 3.32 -10.09 1.07
N LEU FA 46 2.22 -9.60 1.67
CA LEU FA 46 2.28 -8.36 2.44
C LEU FA 46 3.17 -8.51 3.67
N GLU FA 47 3.00 -9.61 4.41
CA GLU FA 47 3.80 -9.84 5.61
C GLU FA 47 5.27 -10.09 5.25
N VAL FA 48 5.52 -10.91 4.22
CA VAL FA 48 6.87 -11.22 3.78
C VAL FA 48 7.58 -9.96 3.28
N GLY FA 49 6.87 -9.16 2.48
CA GLY FA 49 7.45 -7.93 1.98
C GLY FA 49 7.71 -6.91 3.06
N MET FA 50 6.84 -6.84 4.06
CA MET FA 50 7.05 -5.88 5.14
C MET FA 50 8.29 -6.24 5.95
N ALA FA 51 8.45 -7.53 6.25
CA ALA FA 51 9.65 -7.98 6.96
C ALA FA 51 10.91 -7.75 6.12
N HIS FA 52 10.83 -8.02 4.82
CA HIS FA 52 12.00 -7.90 3.95
C HIS FA 52 12.40 -6.45 3.74
N GLY FA 53 11.42 -5.57 3.50
CA GLY FA 53 11.68 -4.16 3.35
C GLY FA 53 12.18 -3.53 4.63
N TYR FA 54 11.73 -4.02 5.78
CA TYR FA 54 12.27 -3.54 7.04
C TYR FA 54 13.70 -3.99 7.28
N LEU FA 55 14.05 -5.24 6.94
CA LEU FA 55 15.40 -5.70 7.22
C LEU FA 55 16.40 -5.15 6.20
N LEU FA 56 15.93 -4.88 4.98
CA LEU FA 56 16.84 -4.44 3.93
C LEU FA 56 17.20 -2.96 4.03
N TYR FA 57 16.61 -2.22 4.97
CA TYR FA 57 17.07 -0.87 5.28
C TYR FA 57 18.07 -0.97 6.44
N GLY FA 58 18.99 -1.92 6.31
CA GLY FA 58 20.11 -1.98 7.20
C GLY FA 58 21.47 -1.98 6.52
N PRO FA 59 21.63 -2.69 5.41
CA PRO FA 59 22.88 -2.55 4.64
C PRO FA 59 22.82 -1.54 3.52
N PHE FA 60 21.75 -0.76 3.41
CA PHE FA 60 21.77 0.35 2.47
C PHE FA 60 21.86 1.70 3.17
N ALA FA 61 21.28 1.82 4.36
CA ALA FA 61 21.26 3.08 5.09
C ALA FA 61 22.63 3.43 5.65
N VAL FA 62 23.29 2.47 6.29
CA VAL FA 62 24.57 2.76 6.93
C VAL FA 62 25.72 2.21 6.10
N LEU FA 63 25.41 1.52 5.01
CA LEU FA 63 26.45 0.98 4.12
C LEU FA 63 26.13 1.38 2.68
N GLY FA 64 26.72 2.48 2.26
CA GLY FA 64 26.49 2.97 0.93
C GLY FA 64 27.50 4.03 0.53
N PRO FA 65 27.39 4.53 -0.70
CA PRO FA 65 28.28 5.62 -1.12
C PRO FA 65 28.00 6.92 -0.40
N LEU FA 66 26.80 7.08 0.17
CA LEU FA 66 26.40 8.33 0.80
C LEU FA 66 26.31 8.23 2.31
N ARG FA 67 26.90 7.20 2.92
CA ARG FA 67 26.67 6.92 4.33
C ARG FA 67 27.33 7.94 5.26
N LEU FA 68 28.30 8.73 4.77
CA LEU FA 68 28.86 9.85 5.52
C LEU FA 68 28.11 11.14 5.25
N THR FA 69 27.06 11.10 4.45
CA THR FA 69 26.32 12.28 4.00
C THR FA 69 24.92 12.21 4.57
N GLU FA 70 24.34 13.39 4.86
CA GLU FA 70 22.97 13.51 5.33
C GLU FA 70 21.93 12.96 4.36
N TYR FA 71 22.27 12.84 3.07
CA TYR FA 71 21.44 12.18 2.08
C TYR FA 71 21.52 10.66 2.15
N GLY FA 72 22.33 10.13 3.07
CA GLY FA 72 22.55 8.70 3.20
C GLY FA 72 21.34 7.85 3.55
N PRO FA 73 20.57 8.23 4.59
CA PRO FA 73 19.30 7.54 4.83
C PRO FA 73 18.31 7.61 3.67
N THR FA 74 18.22 8.74 2.98
CA THR FA 74 17.32 8.85 1.83
C THR FA 74 17.80 7.99 0.67
N ALA FA 75 19.12 7.94 0.44
CA ALA FA 75 19.68 7.09 -0.60
C ALA FA 75 19.49 5.62 -0.25
N GLY FA 76 19.60 5.27 1.04
CA GLY FA 76 19.33 3.91 1.45
C GLY FA 76 17.88 3.52 1.28
N LEU FA 77 16.96 4.46 1.53
CA LEU FA 77 15.54 4.22 1.26
C LEU FA 77 15.29 4.01 -0.22
N LEU FA 78 15.89 4.84 -1.08
CA LEU FA 78 15.72 4.68 -2.51
C LEU FA 78 16.32 3.38 -3.02
N ALA FA 79 17.46 2.97 -2.46
CA ALA FA 79 18.07 1.70 -2.85
C ALA FA 79 17.23 0.52 -2.40
N THR FA 80 16.63 0.61 -1.21
CA THR FA 80 15.74 -0.44 -0.74
C THR FA 80 14.49 -0.55 -1.60
N ILE FA 81 13.95 0.61 -2.01
CA ILE FA 81 12.80 0.65 -2.91
C ILE FA 81 13.16 0.03 -4.26
N GLY FA 82 14.35 0.35 -4.77
CA GLY FA 82 14.77 -0.23 -6.04
C GLY FA 82 14.99 -1.73 -5.97
N LEU FA 83 15.59 -2.22 -4.88
CA LEU FA 83 15.77 -3.66 -4.71
C LEU FA 83 14.44 -4.38 -4.54
N VAL FA 84 13.49 -3.78 -3.80
CA VAL FA 84 12.17 -4.36 -3.64
C VAL FA 84 11.42 -4.39 -4.98
N SER FA 85 11.57 -3.33 -5.79
CA SER FA 85 10.98 -3.31 -7.13
C SER FA 85 11.58 -4.36 -8.05
N ILE FA 86 12.90 -4.55 -8.01
CA ILE FA 86 13.56 -5.59 -8.80
C ILE FA 86 13.09 -6.98 -8.37
N LEU FA 87 12.99 -7.21 -7.06
CA LEU FA 87 12.50 -8.47 -6.55
C LEU FA 87 11.03 -8.71 -6.89
N THR FA 88 10.23 -7.65 -6.93
CA THR FA 88 8.84 -7.78 -7.35
C THR FA 88 8.72 -8.10 -8.83
N ILE FA 89 9.59 -7.52 -9.66
CA ILE FA 89 9.64 -7.87 -11.07
C ILE FA 89 10.04 -9.33 -11.25
N CYS FA 90 11.00 -9.80 -10.43
CA CYS FA 90 11.41 -11.20 -10.44
C CYS FA 90 10.27 -12.14 -10.03
N LEU FA 91 9.54 -11.79 -8.97
CA LEU FA 91 8.39 -12.57 -8.55
C LEU FA 91 7.29 -12.59 -9.62
N SER FA 92 7.04 -11.45 -10.25
CA SER FA 92 6.02 -11.34 -11.27
C SER FA 92 6.37 -12.16 -12.50
N ILE FA 93 7.63 -12.13 -12.95
CA ILE FA 93 7.98 -12.96 -14.10
C ILE FA 93 8.08 -14.43 -13.75
N TYR FA 94 8.43 -14.77 -12.50
CA TYR FA 94 8.41 -16.16 -12.06
C TYR FA 94 6.99 -16.71 -12.07
N GLY FA 95 6.02 -15.91 -11.61
CA GLY FA 95 4.63 -16.31 -11.73
C GLY FA 95 4.14 -16.34 -13.16
N ALA FA 96 4.61 -15.40 -13.98
CA ALA FA 96 4.08 -15.26 -15.34
C ALA FA 96 4.57 -16.37 -16.25
N VAL FA 97 5.72 -16.96 -15.92
CA VAL FA 97 6.14 -18.19 -16.61
C VAL FA 97 5.16 -19.32 -16.35
N GLY FA 98 4.74 -19.49 -15.10
CA GLY FA 98 3.86 -20.57 -14.75
C GLY FA 98 4.46 -21.38 -13.62
N VAL FA 99 3.73 -21.49 -12.51
CA VAL FA 99 4.23 -22.08 -11.29
C VAL FA 99 3.60 -23.45 -11.12
N SER FA 100 4.31 -24.34 -10.44
CA SER FA 100 3.77 -25.65 -10.09
C SER FA 100 3.40 -25.64 -8.61
N LYS FA 101 2.91 -26.77 -8.12
CA LYS FA 101 2.60 -26.89 -6.71
C LYS FA 101 3.91 -26.95 -5.92
N PRO FA 102 4.05 -26.19 -4.84
CA PRO FA 102 5.35 -26.08 -4.15
C PRO FA 102 5.76 -27.38 -3.48
N THR FA 103 7.06 -27.52 -3.27
CA THR FA 103 7.62 -28.79 -2.79
C THR FA 103 7.19 -29.07 -1.35
N GLU FA 104 6.64 -30.26 -1.14
CA GLU FA 104 6.21 -30.72 0.16
C GLU FA 104 7.36 -31.48 0.81
N THR FA 105 7.75 -31.06 2.01
CA THR FA 105 8.84 -31.67 2.73
C THR FA 105 8.35 -32.20 4.07
N LEU FA 106 9.29 -32.67 4.88
CA LEU FA 106 8.96 -33.15 6.22
C LEU FA 106 8.59 -31.99 7.14
N THR FA 107 9.25 -30.85 6.97
CA THR FA 107 8.92 -29.67 7.78
C THR FA 107 7.56 -29.12 7.40
N THR FA 108 7.23 -29.16 6.11
CA THR FA 108 5.97 -28.60 5.58
C THR FA 108 5.24 -29.70 4.83
N PRO FA 109 4.46 -30.53 5.54
CA PRO FA 109 3.66 -31.55 4.84
C PRO FA 109 2.53 -30.95 4.01
N GLU FA 110 2.06 -29.75 4.36
CA GLU FA 110 1.03 -29.07 3.61
C GLU FA 110 1.58 -27.73 3.11
N VAL FA 111 1.61 -27.57 1.80
CA VAL FA 111 2.08 -26.34 1.16
C VAL FA 111 0.85 -25.56 0.73
N PRO FA 112 0.95 -24.24 0.59
CA PRO FA 112 -0.21 -23.44 0.17
C PRO FA 112 -0.65 -23.77 -1.26
N MET FA 113 -1.87 -24.27 -1.39
CA MET FA 113 -2.49 -24.51 -2.68
C MET FA 113 -2.77 -23.23 -3.45
N ASP FA 114 -2.91 -22.10 -2.77
CA ASP FA 114 -3.18 -20.84 -3.41
C ASP FA 114 -1.95 -20.25 -4.11
N LEU FA 115 -0.75 -20.71 -3.78
CA LEU FA 115 0.46 -20.32 -4.47
C LEU FA 115 0.82 -21.27 -5.61
N ALA FA 116 -0.02 -22.25 -5.90
CA ALA FA 116 0.21 -23.20 -6.97
C ALA FA 116 -0.33 -22.73 -8.30
N THR FA 117 -0.91 -21.53 -8.35
CA THR FA 117 -1.49 -20.98 -9.57
C THR FA 117 -0.80 -19.67 -9.90
N LYS FA 118 -0.92 -19.26 -11.17
CA LYS FA 118 -0.31 -18.01 -11.61
C LYS FA 118 -1.01 -16.81 -11.00
N GLU FA 119 -2.32 -16.92 -10.77
CA GLU FA 119 -3.07 -15.81 -10.19
C GLU FA 119 -2.71 -15.61 -8.72
N GLY FA 120 -2.43 -16.69 -8.00
CA GLY FA 120 -2.01 -16.56 -6.61
C GLY FA 120 -0.63 -15.93 -6.47
N TRP FA 121 0.29 -16.29 -7.35
CA TRP FA 121 1.62 -15.70 -7.32
C TRP FA 121 1.64 -14.25 -7.80
N SER FA 122 0.62 -13.82 -8.54
CA SER FA 122 0.50 -12.41 -8.87
C SER FA 122 0.06 -11.60 -7.66
N GLU FA 123 -0.89 -12.14 -6.89
CA GLU FA 123 -1.28 -11.51 -5.63
C GLU FA 123 -0.14 -11.49 -4.63
N PHE FA 124 0.66 -12.56 -4.60
CA PHE FA 124 1.83 -12.59 -3.73
C PHE FA 124 2.84 -11.53 -4.14
N ALA FA 125 3.04 -11.33 -5.44
CA ALA FA 125 3.98 -10.32 -5.92
C ALA FA 125 3.50 -8.91 -5.62
N GLY FA 126 2.19 -8.67 -5.79
CA GLY FA 126 1.65 -7.35 -5.47
C GLY FA 126 1.72 -7.04 -3.98
N GLY FA 127 1.40 -8.04 -3.16
CA GLY FA 127 1.56 -7.89 -1.72
C GLY FA 127 3.01 -7.69 -1.32
N PHE FA 128 3.95 -8.34 -2.01
CA PHE FA 128 5.35 -8.14 -1.74
C PHE FA 128 5.78 -6.71 -2.09
N LEU FA 129 5.25 -6.16 -3.19
CA LEU FA 129 5.56 -4.79 -3.56
C LEU FA 129 5.07 -3.79 -2.51
N LEU FA 130 3.79 -3.91 -2.14
CA LEU FA 130 3.23 -2.99 -1.14
C LEU FA 130 3.89 -3.15 0.22
N GLY FA 131 4.15 -4.39 0.64
CA GLY FA 131 4.84 -4.65 1.88
C GLY FA 131 6.27 -4.16 1.90
N GLY FA 132 7.02 -4.37 0.82
CA GLY FA 132 8.39 -3.91 0.74
C GLY FA 132 8.50 -2.41 0.77
N CYS FA 133 7.63 -1.73 0.01
CA CYS FA 133 7.60 -0.28 0.03
C CYS FA 133 7.22 0.25 1.41
N GLY FA 134 6.21 -0.35 2.05
CA GLY FA 134 5.80 0.06 3.38
C GLY FA 134 6.85 -0.19 4.45
N GLY FA 135 7.49 -1.36 4.43
CA GLY FA 135 8.54 -1.68 5.36
C GLY FA 135 9.78 -0.83 5.21
N ALA FA 136 10.21 -0.59 3.97
CA ALA FA 136 11.33 0.31 3.71
C ALA FA 136 11.03 1.73 4.14
N PHE FA 137 9.83 2.23 3.86
CA PHE FA 137 9.47 3.58 4.30
C PHE FA 137 9.31 3.68 5.80
N PHE FA 138 8.81 2.62 6.45
CA PHE FA 138 8.68 2.62 7.91
C PHE FA 138 10.03 2.60 8.59
N ALA FA 139 10.96 1.80 8.06
CA ALA FA 139 12.33 1.80 8.60
C ALA FA 139 13.03 3.12 8.35
N PHE FA 140 12.78 3.74 7.18
CA PHE FA 140 13.32 5.06 6.91
C PHE FA 140 12.79 6.10 7.88
N PHE FA 141 11.48 6.07 8.14
CA PHE FA 141 10.86 7.02 9.05
C PHE FA 141 11.36 6.83 10.48
N LEU FA 142 11.48 5.57 10.91
CA LEU FA 142 12.00 5.29 12.26
C LEU FA 142 13.45 5.71 12.40
N CYS FA 143 14.28 5.47 11.38
CA CYS FA 143 15.68 5.84 11.46
C CYS FA 143 15.89 7.34 11.32
N GLN FA 144 14.94 8.03 10.67
CA GLN FA 144 15.17 9.42 10.30
C GLN FA 144 14.59 10.38 11.33
N THR FA 145 13.46 10.03 11.96
CA THR FA 145 12.75 11.00 12.80
C THR FA 145 13.48 11.40 14.10
N PRO FA 146 14.18 10.54 14.85
CA PRO FA 146 15.02 11.08 15.94
C PRO FA 146 16.30 11.71 15.45
N HIS FA 147 16.72 11.42 14.21
CA HIS FA 147 17.84 11.98 13.46
C HIS FA 147 19.21 11.54 13.96
N LEU FA 148 19.28 10.92 15.15
CA LEU FA 148 20.51 10.28 15.57
C LEU FA 148 20.20 8.82 15.88
N GLN FA 149 19.25 8.55 16.81
CA GLN FA 149 18.79 7.25 17.30
C GLN FA 149 19.94 6.29 17.56
N PRO FA 150 20.61 6.37 18.72
CA PRO FA 150 21.95 5.76 18.88
C PRO FA 150 22.01 4.24 18.77
N LEU FA 151 20.89 3.56 18.49
CA LEU FA 151 20.97 2.16 18.03
C LEU FA 151 21.63 2.07 16.66
N ILE FA 152 21.42 3.08 15.79
CA ILE FA 152 22.12 3.17 14.52
C ILE FA 152 23.58 3.54 14.70
N GLU FA 153 23.94 4.19 15.82
CA GLU FA 153 25.35 4.39 16.14
C GLU FA 153 26.05 3.06 16.38
N VAL FA 154 25.34 2.09 16.96
CA VAL FA 154 25.79 0.69 16.98
C VAL FA 154 25.61 0.15 15.57
N ALA FA 155 26.56 -0.69 15.12
CA ALA FA 155 26.65 -1.31 13.80
C ALA FA 155 26.91 -0.30 12.68
N SER FA 156 27.17 0.96 13.03
CA SER FA 156 27.84 1.88 12.13
C SER FA 156 29.22 2.27 12.66
N ASN FA 157 29.41 2.19 13.98
CA ASN FA 157 30.75 2.23 14.54
C ASN FA 157 31.51 0.96 14.21
N ILE FA 158 30.80 -0.18 14.18
CA ILE FA 158 31.36 -1.42 13.64
C ILE FA 158 31.64 -1.31 12.16
N TRP FA 159 30.68 -0.79 11.38
CA TRP FA 159 30.85 -0.66 9.94
C TRP FA 159 31.34 0.75 9.62
N SER FA 160 32.48 1.13 10.20
CA SER FA 160 32.96 2.51 10.12
C SER FA 160 33.48 2.85 8.73
N SER GA 1 32.73 22.94 -31.77
CA SER GA 1 31.98 21.77 -31.34
C SER GA 1 30.59 21.76 -31.95
N ILE GA 2 29.94 20.59 -31.91
CA ILE GA 2 28.59 20.46 -32.43
C ILE GA 2 27.61 21.08 -31.43
N SER GA 3 26.41 21.38 -31.88
CA SER GA 3 25.42 22.06 -31.06
C SER GA 3 24.61 21.03 -30.28
N GLU GA 4 23.80 21.55 -29.34
CA GLU GA 4 22.95 20.68 -28.53
C GLU GA 4 21.84 20.06 -29.38
N THR GA 5 21.32 20.83 -30.35
CA THR GA 5 20.22 20.34 -31.18
C THR GA 5 20.69 19.26 -32.13
N GLN GA 6 21.97 19.29 -32.51
CA GLN GA 6 22.51 18.28 -33.43
C GLN GA 6 22.56 16.90 -32.78
N VAL GA 7 22.70 16.86 -31.45
CA VAL GA 7 22.69 15.58 -30.74
C VAL GA 7 21.30 14.97 -30.76
N PHE GA 8 20.26 15.79 -30.54
CA PHE GA 8 18.89 15.27 -30.60
C PHE GA 8 18.48 14.96 -32.02
N VAL GA 9 19.02 15.69 -33.00
CA VAL GA 9 18.76 15.38 -34.40
C VAL GA 9 19.37 14.03 -34.77
N ALA GA 10 20.60 13.76 -34.31
CA ALA GA 10 21.23 12.49 -34.57
C ALA GA 10 20.56 11.35 -33.82
N LEU GA 11 19.91 11.64 -32.69
CA LEU GA 11 19.20 10.59 -31.96
C LEU GA 11 17.92 10.19 -32.68
N VAL GA 12 17.15 11.15 -33.17
CA VAL GA 12 15.92 10.81 -33.90
C VAL GA 12 16.23 10.33 -35.30
N ILE GA 13 17.40 10.64 -35.85
CA ILE GA 13 17.86 9.95 -37.05
C ILE GA 13 18.18 8.50 -36.73
N ALA GA 14 18.81 8.25 -35.58
CA ALA GA 14 19.18 6.90 -35.17
C ALA GA 14 17.99 6.03 -34.82
N LEU GA 15 16.80 6.60 -34.66
CA LEU GA 15 15.60 5.78 -34.49
C LEU GA 15 15.17 5.12 -35.80
N ILE GA 16 15.64 5.62 -36.94
CA ILE GA 16 15.30 5.02 -38.23
C ILE GA 16 16.06 3.70 -38.42
N PRO GA 17 17.36 3.57 -38.09
CA PRO GA 17 17.88 2.20 -37.95
C PRO GA 17 17.43 1.52 -36.67
N GLY GA 18 16.90 2.25 -35.69
CA GLY GA 18 16.35 1.60 -34.52
C GLY GA 18 15.11 0.78 -34.84
N ILE GA 19 14.20 1.35 -35.64
CA ILE GA 19 12.99 0.64 -36.03
C ILE GA 19 13.32 -0.48 -37.02
N LEU GA 20 14.19 -0.18 -37.99
CA LEU GA 20 14.47 -1.14 -39.06
C LEU GA 20 15.29 -2.32 -38.57
N ALA GA 21 16.06 -2.16 -37.50
CA ALA GA 21 16.72 -3.30 -36.88
C ALA GA 21 15.71 -4.20 -36.18
N PHE GA 22 14.70 -3.61 -35.56
CA PHE GA 22 13.62 -4.39 -34.97
C PHE GA 22 12.80 -5.10 -36.04
N ARG GA 23 12.64 -4.48 -37.21
CA ARG GA 23 11.87 -5.10 -38.28
C ARG GA 23 12.65 -6.23 -38.95
N LEU GA 24 13.97 -6.09 -39.07
CA LEU GA 24 14.78 -7.15 -39.65
C LEU GA 24 14.92 -8.34 -38.70
N ALA GA 25 15.04 -8.06 -37.40
CA ALA GA 25 15.26 -9.14 -36.43
C ALA GA 25 14.04 -10.03 -36.30
N THR GA 26 12.84 -9.46 -36.38
CA THR GA 26 11.63 -10.28 -36.31
C THR GA 26 11.44 -11.09 -37.59
N GLU GA 27 11.81 -10.53 -38.74
CA GLU GA 27 11.69 -11.28 -39.98
C GLU GA 27 12.80 -12.31 -40.12
N LEU GA 28 13.96 -12.06 -39.52
CA LEU GA 28 14.99 -13.09 -39.47
C LEU GA 28 14.60 -14.22 -38.53
N TYR GA 29 13.78 -13.92 -37.52
CA TYR GA 29 13.24 -14.96 -36.65
C TYR GA 29 12.28 -15.86 -37.42
N LYS GA 30 11.45 -15.30 -38.28
CA LYS GA 30 10.50 -16.07 -39.07
C LYS GA 30 11.20 -16.89 -40.15
MG CL0 HA . -10.78 6.37 56.46
CHA CL0 HA . -13.95 7.56 55.73
CHB CL0 HA . -12.00 3.20 56.37
CHC CL0 HA . -7.73 5.20 57.47
CHD CL0 HA . -9.78 9.65 57.25
NA CL0 HA . -12.62 5.54 55.92
C1A CL0 HA . -13.79 6.21 55.57
C2A CL0 HA . -14.91 5.21 55.33
C3A CL0 HA . -14.40 3.99 56.13
C4A CL0 HA . -12.89 4.21 56.07
CMA CL0 HA . -14.92 4.05 57.53
CAA CL0 HA . -15.00 4.89 53.85
CBA CL0 HA . -16.17 3.98 53.55
CGA CL0 HA . -16.10 3.54 52.12
O1A CL0 HA . -16.66 2.59 51.59
O2A CL0 HA . -15.30 4.33 51.35
NB CL0 HA . -9.95 4.55 56.65
C1B CL0 HA . -10.62 3.38 56.61
C2B CL0 HA . -9.63 2.28 56.57
C3B CL0 HA . -8.45 2.79 57.02
C4B CL0 HA . -8.61 4.27 57.00
CMB CL0 HA . -9.89 1.02 55.88
CAB CL0 HA . -7.17 2.13 56.94
CBB CL0 HA . -6.13 2.20 57.78
NC CL0 HA . -9.05 7.27 57.19
C1C CL0 HA . -7.89 6.61 57.43
C2C CL0 HA . -6.85 7.57 57.82
C3C CL0 HA . -7.46 8.82 57.86
C4C CL0 HA . -8.87 8.62 57.53
CMC CL0 HA . -5.50 7.21 58.23
CAC CL0 HA . -6.82 10.12 58.04
CBC CL0 HA . -7.03 10.69 59.42
ND CL0 HA . -11.58 8.21 56.43
C1D CL0 HA . -11.10 9.44 56.92
C2D CL0 HA . -12.14 10.47 56.70
C3D CL0 HA . -13.28 9.79 56.33
C4D CL0 HA . -12.89 8.38 56.22
CMD CL0 HA . -11.82 11.89 56.61
CAD CL0 HA . -14.61 9.91 55.76
OBD CL0 HA . -15.36 10.88 55.75
CBD CL0 HA . -15.03 8.50 55.27
CGD CL0 HA . -15.19 8.45 53.78
O1D CL0 HA . -14.35 8.69 52.92
O2D CL0 HA . -16.44 8.10 53.38
CED CL0 HA . -16.70 8.18 51.98
C1 CL0 HA . -15.95 4.94 50.21
C2 CL0 HA . -14.92 5.74 49.51
C3 CL0 HA . -15.23 6.75 48.68
C4 CL0 HA . -16.62 7.16 48.41
C5 CL0 HA . -14.16 7.53 47.99
C6 CL0 HA . -12.85 7.55 48.75
C7 CL0 HA . -12.40 8.98 48.92
C8 CL0 HA . -11.67 9.49 47.68
C9 CL0 HA . -10.20 9.13 47.75
C10 CL0 HA . -11.82 11.00 47.57
C11 CL0 HA . -12.73 11.41 46.44
C12 CL0 HA . -12.25 10.88 45.10
C13 CL0 HA . -12.70 11.66 43.87
C14 CL0 HA . -13.92 12.54 44.10
C15 CL0 HA . -12.99 10.70 42.73
C16 CL0 HA . -14.13 9.76 43.06
C17 CL0 HA . -14.26 8.68 42.01
C18 CL0 HA . -15.16 7.52 42.41
C19 CL0 HA . -15.53 7.42 43.87
C20 CL0 HA . -16.40 7.45 41.53
MG CLA IA . -14.80 -11.23 62.24
CHA CLA IA . -15.15 -14.27 63.85
CHB CLA IA . -15.92 -9.65 64.98
CHC CLA IA . -14.43 -8.24 60.62
CHD CLA IA . -14.78 -12.90 59.19
NA CLA IA . -15.33 -11.88 64.14
C1A CLA IA . -15.43 -13.18 64.61
C2A CLA IA . -15.49 -13.14 66.13
C3A CLA IA . -16.13 -11.75 66.37
C4A CLA IA . -15.69 -11.00 65.12
CMA CLA IA . -17.63 -11.84 66.49
CAA CLA IA . -14.08 -13.23 66.67
CBA CLA IA . -14.08 -13.29 68.18
CGA CLA IA . -13.77 -11.93 68.71
O1A CLA IA . -13.01 -11.09 68.22
O2A CLA IA . -14.42 -11.64 69.88
NB CLA IA . -14.85 -9.31 62.79
C1B CLA IA . -15.48 -8.86 63.90
C2B CLA IA . -15.12 -7.43 64.05
C3B CLA IA . -14.69 -6.99 62.81
C4B CLA IA . -14.61 -8.20 61.96
CMB CLA IA . -15.08 -6.83 65.37
CAB CLA IA . -14.45 -5.67 62.30
CBB CLA IA . -13.82 -4.66 62.92
NC CLA IA . -14.41 -10.69 60.27
C1C CLA IA . -14.40 -9.41 59.81
C2C CLA IA . -14.25 -9.41 58.37
C3C CLA IA . -14.21 -10.75 57.97
C4C CLA IA . -14.51 -11.53 59.16
CMC CLA IA . -13.85 -8.25 57.60
CAC CLA IA . -13.62 -11.26 56.74
CBC CLA IA . -14.62 -11.90 55.82
ND CLA IA . -14.86 -13.14 61.59
C1D CLA IA . -14.68 -13.68 60.31
C2D CLA IA . -14.80 -15.14 60.39
C3D CLA IA . -14.89 -15.45 61.74
C4D CLA IA . -14.91 -14.15 62.45
CMD CLA IA . -15.11 -15.93 59.20
CAD CLA IA . -15.20 -16.46 62.75
OBD CLA IA . -15.12 -17.67 62.65
CBD CLA IA . -15.14 -15.75 64.14
CGD CLA IA . -16.29 -16.14 65.02
O1D CLA IA . -17.39 -15.58 65.14
O2D CLA IA . -16.08 -17.22 65.80
CED CLA IA . -16.50 -17.16 67.17
C1 CLA IA . -15.70 -10.98 69.82
C2 CLA IA . -15.41 -9.56 69.52
C3 CLA IA . -16.31 -8.64 69.21
C4 CLA IA . -15.84 -7.27 68.93
C5 CLA IA . -17.77 -8.95 69.13
C6 CLA IA . -18.67 -7.75 68.84
C7 CLA IA . -19.33 -7.23 70.10
C8 CLA IA . -19.77 -5.78 69.95
C9 CLA IA . -18.58 -4.85 69.91
C10 CLA IA . -20.71 -5.39 71.07
C11 CLA IA . -21.65 -4.29 70.62
C12 CLA IA . -22.78 -4.08 71.61
C13 CLA IA . -23.59 -2.84 71.24
C14 CLA IA . -24.25 -2.25 72.47
C15 CLA IA . -24.62 -3.14 70.17
MG CLA JA . -14.32 3.45 45.39
CHA CLA JA . -11.42 3.87 47.20
CHB CLA JA . -12.72 4.77 42.72
CHC CLA JA . -17.01 2.63 43.45
CHD CLA JA . -15.61 1.49 48.00
NA CLA JA . -12.53 4.48 45.14
C1A CLA JA . -11.38 4.37 45.92
C2A CLA JA . -10.26 5.22 45.32
C3A CLA JA . -10.93 5.89 44.11
C4A CLA JA . -12.20 5.06 43.96
CMA CLA JA . -11.24 7.33 44.37
CAA CLA JA . -9.09 4.36 44.89
CBA CLA JA . -7.78 5.10 44.97
CGA CLA JA . -7.39 5.47 43.59
O1A CLA JA . -8.08 5.37 42.57
O2A CLA JA . -6.13 5.96 43.49
NB CLA JA . -14.83 3.78 43.47
C1B CLA JA . -13.95 4.12 42.51
C2B CLA JA . -14.57 3.96 41.17
C3B CLA JA . -15.74 3.27 41.39
C4B CLA JA . -15.99 3.27 42.85
CMB CLA JA . -14.15 4.79 40.05
CAB CLA JA . -16.49 2.39 40.53
CBB CLA JA . -16.43 2.29 39.21
NC CLA JA . -15.99 2.25 45.68
C1C CLA JA . -17.02 2.12 44.78
C2C CLA JA . -18.21 1.67 45.49
C3C CLA JA . -17.85 1.54 46.82
C4C CLA JA . -16.40 1.64 46.85
CMC CLA JA . -19.41 1.15 44.82
CAC CLA JA . -18.69 1.11 47.94
CBC CLA JA . -19.41 2.26 48.56
ND CLA JA . -13.80 2.96 47.28
C1D CLA JA . -14.34 1.99 48.16
C2D CLA JA . -13.46 1.87 49.34
C3D CLA JA . -12.32 2.59 49.04
C4D CLA JA . -12.59 3.26 47.75
CMD CLA JA . -13.70 0.92 50.42
CAD CLA JA . -10.91 2.70 49.29
OBD CLA JA . -10.17 1.94 49.90
CBD CLA JA . -10.33 3.67 48.22
CGD CLA JA . -9.87 4.97 48.81
O1D CLA JA . -10.29 5.55 49.81
O2D CLA JA . -8.85 5.54 48.14
CED CLA JA . -7.83 6.15 48.94
C1 CLA JA . -5.67 6.34 42.18
C2 CLA JA . -5.12 5.13 41.53
C3 CLA JA . -3.99 5.12 40.81
C4 CLA JA . -3.17 6.34 40.63
C5 CLA JA . -3.51 3.87 40.18
C6 CLA JA . -3.85 3.80 38.71
C7 CLA JA . -4.17 2.37 38.32
C8 CLA JA . -4.66 2.28 36.87
C9 CLA JA . -5.54 1.06 36.70
C10 CLA JA . -3.49 2.22 35.91
C11 CLA JA . -2.58 1.06 36.17
C12 CLA JA . -2.06 0.48 34.87
C13 CLA JA . -0.54 0.32 34.88
C14 CLA JA . 0.13 1.67 34.98
C15 CLA JA . -0.08 -0.38 33.61
C16 CLA JA . 0.80 -1.58 33.91
C17 CLA JA . 2.26 -1.26 33.72
C18 CLA JA . 3.10 -2.51 33.51
C19 CLA JA . 2.67 -3.24 32.25
C20 CLA JA . 4.56 -2.16 33.43
MG CLA KA . -44.54 -1.57 64.29
CHA CLA KA . -47.04 -3.96 64.16
CHB CLA KA . -46.74 0.70 63.07
CHC CLA KA . -42.02 0.64 63.61
CHD CLA KA . -42.17 -4.16 64.38
NA CLA KA . -46.60 -1.58 63.98
C1A CLA KA . -47.48 -2.65 64.12
C2A CLA KA . -48.89 -2.23 63.73
C3A CLA KA . -48.67 -0.87 63.02
C4A CLA KA . -47.20 -0.58 63.26
CMA CLA KA . -48.95 -0.97 61.54
CAA CLA KA . -49.78 -2.10 64.95
CBA CLA KA . -49.45 -0.93 65.87
CGA CLA KA . -49.89 -1.27 67.25
O1A CLA KA . -50.61 -2.19 67.63
O2A CLA KA . -49.41 -0.40 68.20
NB CLA KA . -44.46 0.42 63.93
C1B CLA KA . -45.52 1.18 63.59
C2B CLA KA . -45.07 2.59 63.41
C3B CLA KA . -43.70 2.55 63.36
C4B CLA KA . -43.29 1.14 63.61
CMB CLA KA . -46.00 3.61 62.95
CAB CLA KA . -42.74 3.56 63.00
CBB CLA KA . -42.68 4.79 63.52
NC CLA KA . -42.45 -1.68 64.39
C1C CLA KA . -41.61 -0.64 64.08
C2C CLA KA . -40.24 -1.12 64.03
C3C CLA KA . -40.28 -2.50 64.22
C4C CLA KA . -41.68 -2.85 64.40
CMC CLA KA . -39.06 -0.25 64.02
CAC CLA KA . -39.14 -3.43 64.28
CBC CLA KA . -38.79 -4.00 62.92
ND CLA KA . -44.54 -3.57 64.51
C1D CLA KA . -43.49 -4.52 64.63
C2D CLA KA . -44.07 -5.87 64.73
C3D CLA KA . -45.44 -5.69 64.72
C4D CLA KA . -45.66 -4.27 64.38
CMD CLA KA . -43.30 -7.09 64.93
CAD CLA KA . -46.73 -6.34 64.74
OBD CLA KA . -47.03 -7.43 65.20
CBD CLA KA . -47.80 -5.23 64.44
CGD CLA KA . -48.72 -5.62 63.32
O1D CLA KA . -49.88 -6.02 63.41
O2D CLA KA . -48.17 -5.52 62.07
CED CLA KA . -49.03 -5.75 60.96
C1 CLA KA . -50.41 0.40 68.87
C2 CLA KA . -49.81 0.84 70.16
C3 CLA KA . -49.07 1.95 70.29
C4 CLA KA . -48.76 2.83 69.15
C5 CLA KA . -48.51 2.32 71.62
C6 CLA KA . -47.02 2.08 71.71
C7 CLA KA . -46.59 1.90 73.15
C8 CLA KA . -45.21 1.28 73.27
C9 CLA KA . -44.17 2.18 72.64
C10 CLA KA . -45.18 -0.09 72.61
MG CLA LA . -46.13 4.24 54.01
CHA CLA LA . -46.05 7.39 52.59
CHB CLA LA . -44.98 5.54 56.93
CHC CLA LA . -46.48 1.18 55.46
CHD CLA LA . -47.49 3.00 51.02
NA CLA LA . -45.52 6.15 54.61
C1A CLA LA . -45.60 7.33 53.88
C2A CLA LA . -45.34 8.52 54.79
C3A CLA LA . -44.63 7.85 55.98
C4A CLA LA . -45.19 6.43 55.90
CMA CLA LA . -43.14 7.85 55.78
CAA CLA LA . -46.65 9.17 55.19
CBA CLA LA . -46.47 10.66 55.41
CGA CLA LA . -45.88 10.88 56.76
O1A CLA LA . -46.35 10.50 57.83
O2A CLA LA . -44.68 11.56 56.79
NB CLA LA . -46.00 3.55 55.90
C1B CLA LA . -45.39 4.20 56.93
C2B CLA LA . -45.40 3.33 58.13
C3B CLA LA . -45.77 2.08 57.71
C4B CLA LA . -46.22 2.21 56.29
CMB CLA LA . -44.79 3.74 59.40
CAB CLA LA . -45.55 0.79 58.30
CBB CLA LA . -46.05 0.38 59.46
NC CLA LA . -46.88 2.42 53.35
C1C CLA LA . -46.80 1.26 54.06
C2C CLA LA . -46.74 0.14 53.14
C3C CLA LA . -46.94 0.65 51.86
C4C CLA LA . -47.21 2.07 52.04
CMC CLA LA . -46.88 -1.24 53.54
CAC CLA LA . -47.31 -0.15 50.70
CBC CLA LA . -46.33 -0.06 49.56
ND CLA LA . -46.42 4.91 52.13
C1D CLA LA . -47.04 4.30 51.01
C2D CLA LA . -47.27 5.34 49.98
C3D CLA LA . -46.62 6.47 50.44
C4D CLA LA . -46.30 6.20 51.84
CMD CLA LA . -47.83 5.08 48.67
CAD CLA LA . -46.39 7.88 50.21
OBD CLA LA . -46.70 8.56 49.25
CBD CLA LA . -45.99 8.51 51.59
CGD CLA LA . -44.63 9.12 51.54
O1D CLA LA . -44.20 10.07 52.19
O2D CLA LA . -43.78 8.53 50.65
CED CLA LA . -42.94 9.38 49.88
C1 CLA LA . -44.36 12.55 55.79
C2 CLA LA . -44.80 13.88 56.27
C3 CLA LA . -44.16 14.60 57.21
C4 CLA LA . -42.92 14.14 57.87
C5 CLA LA . -44.69 15.93 57.62
C6 CLA LA . -44.73 16.11 59.13
C7 CLA LA . -45.40 17.42 59.49
C8 CLA LA . -44.81 18.08 60.72
C9 CLA LA . -44.72 17.12 61.87
C10 CLA LA . -45.63 19.30 61.13
MG CLA MA . -39.36 7.94 59.24
CHA CLA MA . -39.61 4.60 60.10
CHB CLA MA . -39.65 7.14 56.00
CHC CLA MA . -39.49 11.28 58.50
CHD CLA MA . -39.11 8.74 62.64
NA CLA MA . -39.82 6.16 58.25
C1A CLA MA . -39.93 4.88 58.80
C2A CLA MA . -40.12 3.85 57.68
C3A CLA MA . -39.78 4.66 56.40
C4A CLA MA . -39.90 6.10 56.88
CMA CLA MA . -38.40 4.38 55.87
CAA CLA MA . -41.55 3.36 57.64
CBA CLA MA . -41.71 1.95 58.17
CGA CLA MA . -41.43 0.90 57.14
O1A CLA MA . -42.19 0.41 56.32
O2A CLA MA . -40.15 0.44 57.17
NB CLA MA . -39.65 9.01 57.57
C1B CLA MA . -39.68 8.50 56.32
C2B CLA MA . -39.92 9.60 55.34
C3B CLA MA . -39.67 10.77 56.03
C4B CLA MA . -39.58 10.42 57.47
CMB CLA MA . -40.01 9.36 53.90
CAB CLA MA . -39.77 12.14 55.60
CBB CLA MA . -40.82 12.68 54.98
NC CLA MA . -39.07 9.68 60.35
C1C CLA MA . -39.16 10.94 59.85
C2C CLA MA . -38.71 11.88 60.86
C3C CLA MA . -38.62 11.15 62.04
C4C CLA MA . -39.04 9.80 61.73
CMC CLA MA . -38.70 13.33 60.69
CAC CLA MA . -38.21 11.64 63.37
CBC CLA MA . -36.78 11.32 63.69
ND CLA MA . -39.15 6.95 60.98
C1D CLA MA . -38.97 7.41 62.31
C2D CLA MA . -38.86 6.24 63.20
C3D CLA MA . -39.08 5.13 62.40
C4D CLA MA . -39.39 5.65 61.06
CMD CLA MA . -38.52 6.30 64.62
CAD CLA MA . -39.34 3.71 62.39
OBD CLA MA . -39.55 2.97 63.33
CBD CLA MA . -39.72 3.34 60.92
CGD CLA MA . -38.87 2.23 60.38
O1D CLA MA . -39.20 1.06 60.19
O2D CLA MA . -37.60 2.62 60.09
CED CLA MA . -36.88 1.87 59.11
C1 CLA MA . -39.32 0.77 56.05
C2 CLA MA . -38.36 -0.34 55.87
C3 CLA MA . -37.11 -0.17 55.40
C4 CLA MA . -36.18 -1.31 55.23
C5 CLA MA . -36.60 1.17 55.02
C6 CLA MA . -35.21 1.46 55.58
C7 CLA MA . -34.94 2.95 55.54
C8 CLA MA . -33.55 3.32 56.04
C9 CLA MA . -33.30 2.69 57.40
C10 CLA MA . -33.36 4.83 56.17
C11 CLA MA . -34.00 5.63 55.05
C12 CLA MA . -34.15 7.09 55.42
C13 CLA MA . -35.60 7.48 55.62
C14 CLA MA . -35.81 8.95 55.31
C15 CLA MA . -36.08 7.18 57.03
C16 CLA MA . -35.20 7.81 58.08
C17 CLA MA . -35.77 7.65 59.47
C18 CLA MA . -34.88 6.80 60.36
C19 CLA MA . -35.09 7.13 61.82
C20 CLA MA . -35.13 5.33 60.12
MG CLA NA . -35.97 14.36 75.95
CHA CLA NA . -33.77 14.89 78.56
CHB CLA NA . -33.41 13.12 74.10
CHC CLA NA . -38.13 13.97 73.34
CHD CLA NA . -38.48 16.01 77.79
NA CLA NA . -33.96 13.99 76.34
C1A CLA NA . -33.31 14.08 77.56
C2A CLA NA . -31.91 13.47 77.48
C3A CLA NA . -31.73 13.17 75.96
C4A CLA NA . -33.10 13.52 75.37
CMA CLA NA . -30.64 13.97 75.34
CAA CLA NA . -31.80 12.21 78.31
CBA CLA NA . -33.02 11.33 78.20
CGA CLA NA . -32.85 10.09 79.02
O1A CLA NA . -31.83 9.68 79.58
O2A CLA NA . -34.00 9.36 79.15
NB CLA NA . -35.82 13.60 74.10
C1B CLA NA . -34.66 13.29 73.48
C2B CLA NA . -34.93 12.86 72.07
C3B CLA NA . -36.28 13.00 71.89
C4B CLA NA . -36.83 13.64 73.12
CMB CLA NA . -33.96 12.06 71.33
CAB CLA NA . -37.12 12.71 70.75
CBB CLA NA . -36.84 13.03 69.50
NC CLA NA . -37.96 14.94 75.61
C1C CLA NA . -38.60 14.77 74.42
C2C CLA NA . -39.99 15.19 74.57
C3C CLA NA . -40.09 15.81 75.82
C4C CLA NA . -38.78 15.67 76.45
CMC CLA NA . -41.08 14.77 73.69
CAC CLA NA . -41.27 16.48 76.37
CBC CLA NA . -42.07 15.59 77.29
ND CLA NA . -36.16 15.26 77.75
C1D CLA NA . -37.23 15.97 78.34
C2D CLA NA . -36.82 16.33 79.73
C3D CLA NA . -35.49 15.97 79.84
C4D CLA NA . -35.10 15.41 78.54
CMD CLA NA . -37.75 16.76 80.77
CAD CLA NA . -34.30 16.01 80.67
OBD CLA NA . -34.14 16.47 81.80
CBD CLA NA . -33.17 15.29 79.88
CGD CLA NA . -31.96 16.14 79.69
O1D CLA NA . -31.61 16.77 78.68
O2D CLA NA . -31.15 16.22 80.79
CED CLA NA . -30.85 17.52 81.30
C1 CLA NA . -33.94 8.15 79.93
C2 CLA NA . -35.06 7.29 79.47
C3 CLA NA . -35.36 6.11 80.05
C4 CLA NA . -34.61 5.57 81.19
C5 CLA NA . -36.50 5.29 79.54
C6 CLA NA . -36.04 3.91 79.09
C7 CLA NA . -37.23 2.97 78.95
C8 CLA NA . -38.12 3.34 77.78
C9 CLA NA . -39.30 2.39 77.69
C10 CLA NA . -37.34 3.32 76.46
MG CLA OA . -27.27 14.25 69.85
CHA CLA OA . -29.17 16.67 68.26
CHB CLA OA . -30.08 13.10 71.33
CHC CLA OA . -25.37 11.92 71.46
CHD CLA OA . -24.40 15.56 68.30
NA CLA OA . -29.26 14.82 69.80
C1A CLA OA . -29.86 15.64 68.85
C2A CLA OA . -31.38 15.49 68.92
C3A CLA OA . -31.57 14.82 70.30
C4A CLA OA . -30.19 14.29 70.66
CMA CLA OA . -32.02 15.78 71.36
CAA CLA OA . -31.90 14.70 67.72
CBA CLA OA . -31.60 13.22 67.74
CGA CLA OA . -32.63 12.45 66.99
O1A CLA OA . -33.84 12.63 66.95
O2A CLA OA . -32.10 11.40 66.28
NB CLA OA . -27.67 12.70 71.05
C1B CLA OA . -28.90 12.37 71.52
C2B CLA OA . -28.76 11.33 72.57
C3B CLA OA . -27.45 10.90 72.53
C4B CLA OA . -26.72 11.90 71.70
CMB CLA OA . -29.95 10.73 73.20
CAB CLA OA . -26.82 9.74 73.08
CBB CLA OA . -26.89 9.35 74.36
NC CLA OA . -25.22 13.86 69.92
C1C CLA OA . -24.65 12.89 70.70
C2C CLA OA . -23.24 12.81 70.38
C3C CLA OA . -22.95 13.92 69.60
C4C CLA OA . -24.22 14.46 69.16
CMC CLA OA . -22.45 11.58 70.52
CAC CLA OA . -21.63 14.40 69.18
CBC CLA OA . -21.15 15.60 69.96
ND CLA OA . -26.79 15.86 68.72
C1D CLA OA . -25.56 16.32 68.19
C2D CLA OA . -25.82 17.46 67.29
C3D CLA OA . -27.18 17.70 67.36
C4D CLA OA . -27.74 16.65 68.24
CMD CLA OA . -24.85 18.00 66.35
CAD CLA OA . -28.30 18.42 66.78
OBD CLA OA . -28.30 19.18 65.83
CBD CLA OA . -29.60 17.73 67.28
CGD CLA OA . -30.55 18.73 67.88
O1D CLA OA . -31.28 19.52 67.28
O2D CLA OA . -30.60 18.71 69.24
CED CLA OA . -31.72 19.34 69.88
C1 CLA OA . -33.02 10.50 65.64
C2 CLA OA . -32.80 9.15 66.21
C3 CLA OA . -32.16 8.16 65.57
C4 CLA OA . -31.95 6.83 66.19
C5 CLA OA . -31.61 8.34 64.20
MG CLA PA . -23.37 8.59 77.19
CHA CLA PA . -26.01 10.81 77.53
CHB CLA PA . -24.26 7.21 80.12
CHC CLA PA . -20.40 6.90 77.30
CHD CLA PA . -22.02 10.67 74.69
NA CLA PA . -25.10 8.71 78.35
C1A CLA PA . -26.15 9.64 78.23
C2A CLA PA . -27.15 9.45 79.38
C3A CLA PA . -26.48 8.39 80.29
C4A CLA PA . -25.16 8.10 79.58
CMA CLA PA . -26.27 8.92 81.69
CAA CLA PA . -28.53 8.98 78.93
CBA CLA PA . -28.54 8.37 77.54
CGA CLA PA . -29.78 8.82 76.83
O1A CLA PA . -30.08 9.97 76.50
O2A CLA PA . -30.64 7.81 76.52
NB CLA PA . -22.67 7.04 78.26
C1B CLA PA . -23.18 6.62 79.45
C2B CLA PA . -22.22 5.68 80.11
C3B CLA PA . -21.24 5.44 79.18
C4B CLA PA . -21.40 6.46 78.11
CMB CLA PA . -22.22 5.47 81.55
CAB CLA PA . -20.26 4.39 79.10
CBB CLA PA . -19.28 4.18 79.97
NC CLA PA . -21.62 8.66 76.06
C1C CLA PA . -20.56 7.82 76.24
C2C CLA PA . -19.59 8.04 75.17
C3C CLA PA . -20.02 9.16 74.48
C4C CLA PA . -21.21 9.64 75.16
CMC CLA PA . -18.61 7.05 74.74
CAC CLA PA . -19.27 9.90 73.45
CBC CLA PA . -19.75 9.56 72.06
ND CLA PA . -23.94 10.23 76.16
C1D CLA PA . -23.29 10.96 75.14
C2D CLA PA . -24.03 12.20 74.89
C3D CLA PA . -25.11 12.19 75.76
C4D CLA PA . -24.92 11.00 76.62
CMD CLA PA . -23.44 13.31 74.19
CAD CLA PA . -26.45 12.68 75.99
OBD CLA PA . -27.01 13.65 75.50
CBD CLA PA . -27.01 11.89 77.20
CGD CLA PA . -27.26 12.80 78.37
O1D CLA PA . -26.43 13.25 79.15
O2D CLA PA . -28.56 13.16 78.53
CED CLA PA . -28.82 14.44 79.07
C1 CLA PA . -31.56 8.05 75.45
C2 CLA PA . -32.88 8.34 76.04
C3 CLA PA . -33.90 8.88 75.35
C4 CLA PA . -33.80 9.22 73.91
C5 CLA PA . -35.22 9.16 76.00
MG CLA QA . -60.95 11.87 60.33
CHA CLA QA . -64.20 10.69 60.35
CHB CLA QA . -60.69 10.98 57.07
CHC CLA QA . -57.65 12.83 60.39
CHD CLA QA . -60.99 11.84 63.83
NA CLA QA . -62.30 11.18 58.92
C1A CLA QA . -63.65 10.86 59.11
C2A CLA QA . -64.33 10.65 57.75
C3A CLA QA . -63.12 10.36 56.82
C4A CLA QA . -61.92 10.78 57.67
CMA CLA QA . -63.04 8.92 56.42
CAA CLA QA . -65.13 11.89 57.38
CBA CLA QA . -64.49 12.73 56.29
CGA CLA QA . -65.29 13.97 56.07
O1A CLA QA . -66.46 14.08 55.73
O2A CLA QA . -64.57 15.11 56.30
NB CLA QA . -59.49 11.98 58.96
C1B CLA QA . -59.56 11.54 57.68
C2B CLA QA . -58.34 11.97 56.94
C3B CLA QA . -57.49 12.51 57.87
C4B CLA QA . -58.16 12.40 59.20
CMB CLA QA . -58.30 12.06 55.49
CAB CLA QA . -56.18 13.08 57.73
CBB CLA QA . -55.14 12.47 57.15
NC CLA QA . -59.61 12.39 61.84
C1C CLA QA . -58.34 12.84 61.64
C2C CLA QA . -57.76 13.25 62.90
C3C CLA QA . -58.71 12.99 63.88
C4C CLA QA . -59.80 12.27 63.21
CMC CLA QA . -56.45 13.87 63.05
CAC CLA QA . -58.74 13.51 65.25
CBC CLA QA . -58.34 12.47 66.26
ND CLA QA . -62.33 11.65 61.79
C1D CLA QA . -62.20 11.69 63.20
C2D CLA QA . -63.53 11.37 63.79
C3D CLA QA . -64.36 11.10 62.73
C4D CLA QA . -63.49 11.07 61.53
CMD CLA QA . -63.86 11.57 65.19
CAD CLA QA . -65.72 10.90 62.28
OBD CLA QA . -66.74 10.78 62.96
CBD CLA QA . -65.64 10.48 60.78
CGD CLA QA . -66.11 9.06 60.58
O1D CLA QA . -66.46 8.26 61.45
O2D CLA QA . -66.15 8.67 59.28
CED CLA QA . -67.44 8.55 58.67
MG CLA RA . -53.63 -1.54 66.88
CHA CLA RA . -53.51 -4.20 64.65
CHB CLA RA . -54.85 -3.62 69.26
CHC CLA RA . -53.94 1.13 69.01
CHD CLA RA . -53.14 0.68 64.18
NA CLA RA . -53.87 -3.61 66.99
C1A CLA RA . -53.71 -4.55 65.97
C2A CLA RA . -54.06 -5.94 66.47
C3A CLA RA . -54.68 -5.70 67.86
C4A CLA RA . -54.56 -4.18 68.03
CMA CLA RA . -56.11 -6.16 67.92
CAA CLA RA . -52.83 -6.83 66.56
CBA CLA RA . -51.90 -6.44 67.68
CGA CLA RA . -50.67 -5.84 67.10
O1A CLA RA . -50.59 -5.04 66.18
O2A CLA RA . -49.51 -6.31 67.67
NB CLA RA . -54.13 -1.32 68.80
C1B CLA RA . -54.58 -2.29 69.62
C2B CLA RA . -54.46 -1.82 71.03
C3B CLA RA . -54.16 -0.48 70.98
C4B CLA RA . -54.07 -0.12 69.53
CMB CLA RA . -54.55 -2.72 72.18
CAB CLA RA . -54.23 0.51 72.02
CBB CLA RA . -53.20 1.25 72.45
NC CLA RA . -53.55 0.53 66.63
C1C CLA RA . -53.58 1.42 67.66
C2C CLA RA . -52.86 2.62 67.25
C3C CLA RA . -52.64 2.51 65.88
C4C CLA RA . -53.22 1.23 65.48
CMC CLA RA . -52.69 3.80 68.10
CAC CLA RA . -52.04 3.51 64.99
CBC CLA RA . -50.60 3.22 64.67
ND CLA RA . -53.23 -1.66 64.90
C1D CLA RA . -53.08 -0.67 63.91
C2D CLA RA . -52.76 -1.34 62.62
C3D CLA RA . -52.86 -2.69 62.87
C4D CLA RA . -53.32 -2.83 64.26
CMD CLA RA . -52.66 -0.65 61.34
CAD CLA RA . -52.84 -4.02 62.28
OBD CLA RA . -52.34 -4.37 61.22
CBD CLA RA . -53.14 -5.01 63.43
CGD CLA RA . -54.22 -6.00 63.07
O1D CLA RA . -55.33 -6.15 63.58
O2D CLA RA . -53.87 -6.83 62.04
CED CLA RA . -53.55 -8.18 62.35
C1 CLA RA . -48.88 -5.49 68.69
C2 CLA RA . -48.07 -4.47 67.99
C3 CLA RA . -47.14 -3.70 68.56
C4 CLA RA . -46.80 -3.81 70.00
C5 CLA RA . -46.39 -2.71 67.73
C6 CLA RA . -45.92 -1.48 68.48
C7 CLA RA . -44.73 -0.88 67.76
C8 CLA RA . -44.69 0.64 67.90
C9 CLA RA . -45.89 1.26 67.21
C10 CLA RA . -43.40 1.20 67.30
C11 CLA RA . -43.28 2.69 67.55
MG CLA SA . -63.59 18.41 51.96
CHA CLA SA . -64.10 15.03 51.43
CHB CLA SA . -65.05 19.01 48.94
CHC CLA SA . -62.33 21.58 51.96
CHD CLA SA . -61.45 17.61 54.65
NA CLA SA . -64.61 17.23 50.57
C1A CLA SA . -64.84 15.85 50.64
C2A CLA SA . -65.65 15.39 49.43
C3A CLA SA . -65.64 16.61 48.49
C4A CLA SA . -64.99 17.70 49.34
CMA CLA SA . -64.86 16.34 47.23
CAA CLA SA . -67.08 14.99 49.81
CBA CLA SA . -67.68 15.90 50.85
CGA CLA SA . -67.81 15.18 52.16
O1A CLA SA . -67.49 15.56 53.28
O2A CLA SA . -68.38 13.95 52.02
NB CLA SA . -63.97 20.08 50.89
C1B CLA SA . -64.50 20.10 49.65
C2B CLA SA . -64.54 21.50 49.14
C3B CLA SA . -63.85 22.26 50.04
C4B CLA SA . -63.34 21.33 51.09
CMB CLA SA . -65.48 21.92 48.09
CAB CLA SA . -63.42 23.62 49.94
CBB CLA SA . -63.66 24.58 50.84
NC CLA SA . -62.37 19.48 53.28
C1C CLA SA . -61.92 20.74 53.03
C2C CLA SA . -61.11 21.18 54.16
C3C CLA SA . -60.82 20.05 54.92
C4C CLA SA . -61.60 18.97 54.34
CMC CLA SA . -60.69 22.57 54.40
CAC CLA SA . -59.88 19.93 56.04
CBC CLA SA . -60.56 19.84 57.37
ND CLA SA . -63.02 16.76 52.97
C1D CLA SA . -62.03 16.56 53.97
C2D CLA SA . -61.97 15.12 54.30
C3D CLA SA . -62.85 14.50 53.44
C4D CLA SA . -63.32 15.55 52.52
CMD CLA SA . -61.26 14.56 55.45
CAD CLA SA . -63.30 13.22 52.90
OBD CLA SA . -63.09 12.09 53.30
CBD CLA SA . -64.20 13.54 51.67
CGD CLA SA . -63.79 12.75 50.46
O1D CLA SA . -63.24 13.14 49.43
O2D CLA SA . -64.09 11.43 50.57
CED CLA SA . -63.44 10.52 49.67
C1 CLA SA . -69.81 13.87 52.18
MG CLA TA . -55.44 13.57 53.64
CHA CLA TA . -52.61 11.70 54.28
CHB CLA TA . -53.87 16.31 54.93
CHC CLA TA . -58.20 15.44 52.86
CHD CLA TA . -56.87 10.81 52.01
NA CLA TA . -53.60 13.88 54.58
C1A CLA TA . -52.51 13.01 54.66
C2A CLA TA . -51.41 13.62 55.53
C3A CLA TA . -52.02 14.95 56.00
C4A CLA TA . -53.22 15.10 55.08
CMA CLA TA . -52.41 14.92 57.46
CAA CLA TA . -50.13 13.85 54.75
CBA CLA TA . -48.91 13.72 55.63
CGA CLA TA . -48.28 15.06 55.86
O1A CLA TA . -47.38 15.61 55.22
O2A CLA TA . -48.83 15.72 56.93
NB CLA TA . -55.94 15.51 53.88
C1B CLA TA . -55.12 16.50 54.31
C2B CLA TA . -55.91 17.74 54.46
C3B CLA TA . -57.10 17.53 53.79
C4B CLA TA . -57.18 16.07 53.52
CMB CLA TA . -55.58 18.73 55.50
CAB CLA TA . -58.06 18.45 53.24
CBB CLA TA . -57.87 19.74 52.99
NC CLA TA . -57.14 13.22 52.50
C1C CLA TA . -58.10 14.16 52.24
C2C CLA TA . -59.08 13.59 51.32
C3C CLA TA . -58.74 12.26 51.11
C4C CLA TA . -57.48 12.06 51.83
CMC CLA TA . -60.34 14.24 50.95
CAC CLA TA . -59.68 11.18 50.77
CBC CLA TA . -59.74 10.85 49.30
ND CLA TA . -54.95 11.65 53.27
C1D CLA TA . -55.58 10.65 52.49
C2D CLA TA . -54.81 9.41 52.61
C3D CLA TA . -53.61 9.77 53.21
C4D CLA TA . -53.74 11.20 53.55
CMD CLA TA . -55.36 8.07 52.49
CAD CLA TA . -52.46 9.27 53.91
OBD CLA TA . -52.26 8.13 54.30
CBD CLA TA . -51.70 10.51 54.47
CGD CLA TA . -51.34 10.33 55.92
O1D CLA TA . -50.28 10.63 56.48
O2D CLA TA . -52.32 9.77 56.67
CED CLA TA . -52.41 10.22 58.02
C1 CLA TA . -48.29 17.02 57.22
C2 CLA TA . -49.44 17.94 57.45
C3 CLA TA . -50.12 18.01 58.61
C4 CLA TA . -49.78 17.19 59.79
C5 CLA TA . -51.25 18.97 58.74
C6 CLA TA . -52.53 18.34 59.27
C7 CLA TA . -53.70 19.27 59.04
C8 CLA TA . -54.92 18.90 59.88
C9 CLA TA . -55.37 17.48 59.59
C10 CLA TA . -56.06 19.88 59.62
MG CLA UA . -48.61 31.09 63.55
CHA CLA UA . -47.21 31.75 66.65
CHB CLA UA . -46.46 28.50 63.16
CHC CLA UA . -50.12 30.39 60.58
CHD CLA UA . -50.24 34.21 63.67
NA CLA UA . -47.20 30.18 64.81
C1A CLA UA . -46.86 30.53 66.11
C2A CLA UA . -45.72 29.63 66.62
C3A CLA UA . -45.39 28.73 65.41
C4A CLA UA . -46.39 29.17 64.36
CMA CLA UA . -43.97 28.89 64.95
CAA CLA UA . -46.13 28.83 67.84
CBA CLA UA . -47.26 27.85 67.60
CGA CLA UA . -47.70 27.32 68.93
O1A CLA UA . -47.06 27.28 69.99
O2A CLA UA . -48.98 26.82 68.94
NB CLA UA . -48.45 29.61 62.20
C1B CLA UA . -47.48 28.65 62.20
C2B CLA UA . -47.67 27.77 61.01
C3B CLA UA . -48.62 28.37 60.22
C4B CLA UA . -49.10 29.57 60.95
CMB CLA UA . -46.92 26.53 60.83
CAB CLA UA . -49.11 27.99 58.93
CBB CLA UA . -49.78 26.87 58.65
NC CLA UA . -49.91 32.15 62.32
C1C CLA UA . -50.48 31.63 61.19
C2C CLA UA . -51.39 32.61 60.61
C3C CLA UA . -51.40 33.70 61.46
C4C CLA UA . -50.55 33.36 62.59
CMC CLA UA . -52.23 32.36 59.45
CAC CLA UA . -51.95 35.03 61.18
CBC CLA UA . -53.26 35.28 61.89
ND CLA UA . -48.73 32.66 64.81
C1D CLA UA . -49.55 33.82 64.79
C2D CLA UA . -49.34 34.55 66.05
C3D CLA UA . -48.38 33.86 66.76
C4D CLA UA . -48.04 32.68 65.94
CMD CLA UA . -49.93 35.86 66.36
CAD CLA UA . -47.71 33.73 68.04
OBD CLA UA . -47.93 34.32 69.08
CBD CLA UA . -46.92 32.38 67.98
CGD CLA UA . -45.45 32.60 68.17
O1D CLA UA . -44.70 31.99 68.94
O2D CLA UA . -44.91 33.55 67.37
CED CLA UA . -43.64 33.26 66.80
C1 CLA UA . -49.61 26.69 70.23
C2 CLA UA . -50.63 25.62 70.10
C3 CLA UA . -51.13 24.95 71.16
C4 CLA UA . -52.15 23.88 71.00
C5 CLA UA . -50.68 25.23 72.56
MG CLA VA . -54.00 39.25 56.53
CHA CLA VA . -55.09 42.10 58.12
CHB CLA VA . -55.25 37.42 59.09
CHC CLA VA . -52.88 36.45 54.98
CHD CLA VA . -52.19 41.25 54.26
NA CLA VA . -55.30 39.68 58.10
C1A CLA VA . -55.69 40.95 58.56
C2A CLA VA . -56.59 40.84 59.77
C3A CLA VA . -56.37 39.37 60.22
C4A CLA VA . -55.69 38.73 59.00
CMA CLA VA . -55.47 39.27 61.43
CAA CLA VA . -58.03 41.09 59.39
CBA CLA VA . -58.59 42.30 60.12
CGA CLA VA . -58.42 42.14 61.59
O1A CLA VA . -58.54 41.12 62.27
O2A CLA VA . -58.09 43.30 62.23
NB CLA VA . -54.09 37.28 56.94
C1B CLA VA . -54.58 36.73 58.07
C2B CLA VA . -54.68 35.26 57.88
C3B CLA VA . -53.98 34.96 56.73
C4B CLA VA . -53.52 36.25 56.16
CMB CLA VA . -55.56 34.43 58.71
CAB CLA VA . -53.43 33.71 56.27
CBB CLA VA . -54.09 32.58 56.05
NC CLA VA . -52.58 38.91 55.04
C1C CLA VA . -52.28 37.67 54.56
C2C CLA VA . -51.48 37.80 53.35
C3C CLA VA . -51.51 39.14 53.00
C4C CLA VA . -52.04 39.85 54.16
CMC CLA VA . -51.02 36.67 52.56
CAC CLA VA . -50.88 39.77 51.83
CBC CLA VA . -51.88 40.05 50.73
ND CLA VA . -53.77 41.22 56.13
C1D CLA VA . -52.88 41.90 55.26
C2D CLA VA . -53.10 43.35 55.43
C3D CLA VA . -53.82 43.49 56.60
C4D CLA VA . -54.31 42.13 56.93
CMD CLA VA . -52.69 44.38 54.48
CAD CLA VA . -54.47 44.41 57.53
OBD CLA VA . -54.59 45.62 57.44
CBD CLA VA . -55.28 43.54 58.54
CGD CLA VA . -54.85 43.76 59.95
O1D CLA VA . -55.56 44.07 60.92
O2D CLA VA . -53.51 43.61 60.15
CED CLA VA . -53.03 43.57 61.51
MG CLA WA . -51.70 34.15 70.32
CHA CLA WA . -50.51 34.15 73.55
CHB CLA WA . -50.08 31.23 69.75
CHC CLA WA . -53.04 34.09 67.16
CHD CLA WA . -53.90 36.77 71.18
NA CLA WA . -50.35 33.01 71.42
C1A CLA WA . -50.06 33.11 72.79
C2A CLA WA . -49.41 31.84 73.30
C3A CLA WA . -48.92 31.17 71.99
C4A CLA WA . -49.78 31.87 70.93
CMA CLA WA . -47.45 31.37 71.76
CAA CLA WA . -50.43 30.97 74.00
CBA CLA WA . -50.00 30.65 75.41
CGA CLA WA . -51.09 29.92 76.13
O1A CLA WA . -51.19 29.68 77.34
O2A CLA WA . -52.10 29.49 75.32
NB CLA WA . -51.49 32.96 68.71
C1B CLA WA . -50.83 31.77 68.69
C2B CLA WA . -50.93 31.17 67.34
C3B CLA WA . -51.92 31.86 66.67
C4B CLA WA . -52.26 33.03 67.53
CMB CLA WA . -50.32 29.90 67.00
CAB CLA WA . -52.28 31.77 65.28
CBB CLA WA . -53.52 31.56 64.83
NC CLA WA . -53.15 35.28 69.34
C1C CLA WA . -53.42 35.17 68.00
C2C CLA WA . -54.32 36.25 67.59
C3C CLA WA . -54.58 37.00 68.73
C4C CLA WA . -53.86 36.38 69.83
CMC CLA WA . -54.95 36.34 66.27
CAC CLA WA . -55.48 38.16 68.83
CBC CLA WA . -56.87 37.76 69.27
ND CLA WA . -52.06 35.33 71.91
C1D CLA WA . -53.02 36.34 72.15
C2D CLA WA . -52.81 36.90 73.51
C3D CLA WA . -51.86 36.07 74.10
C4D CLA WA . -51.52 35.05 73.10
CMD CLA WA . -53.34 38.17 73.98
CAD CLA WA . -50.95 35.91 75.21
OBD CLA WA . -50.82 36.58 76.23
CBD CLA WA . -50.16 34.59 74.96
CGD CLA WA . -48.68 34.77 75.13
O1D CLA WA . -47.83 34.89 74.24
O2D CLA WA . -48.27 34.81 76.43
CED CLA WA . -46.90 35.09 76.70
C1 CLA WA . -52.63 28.17 75.57
MG CLA XA . -47.61 39.11 42.83
CHA CLA XA . -45.21 41.46 42.03
CHB CLA XA . -48.59 41.12 45.40
CHC CLA XA . -49.46 36.56 44.14
CHD CLA XA . -46.03 36.82 40.68
NA CLA XA . -47.09 41.01 43.47
C1A CLA XA . -46.24 41.89 42.81
C2A CLA XA . -46.52 43.34 43.23
C3A CLA XA . -47.36 43.14 44.50
C4A CLA XA . -47.79 41.68 44.43
CMA CLA XA . -46.56 43.37 45.75
CAA CLA XA . -47.24 44.12 42.13
CBA CLA XA . -48.38 43.37 41.46
CGA CLA XA . -47.96 42.88 40.10
O1A CLA XA . -47.78 43.53 39.07
O2A CLA XA . -47.77 41.52 40.06
NB CLA XA . -49.04 38.99 44.26
C1B CLA XA . -49.17 39.84 45.30
C2B CLA XA . -50.31 39.40 46.14
C3B CLA XA . -50.76 38.22 45.60
C4B CLA XA . -49.77 37.82 44.56
CMB CLA XA . -51.01 40.32 47.04
CAB CLA XA . -51.85 37.39 46.05
CBB CLA XA . -52.71 36.75 45.26
NC CLA XA . -47.93 37.13 42.27
C1C CLA XA . -48.71 36.26 42.97
C2C CLA XA . -48.79 35.01 42.21
C3C CLA XA . -47.70 35.03 41.34
C4C CLA XA . -47.20 36.39 41.34
CMC CLA XA . -49.99 34.19 42.11
CAC CLA XA . -47.06 33.86 40.70
CBC CLA XA . -47.41 33.75 39.24
ND CLA XA . -46.09 39.12 41.51
C1D CLA XA . -45.45 38.05 40.82
C2D CLA XA . -44.29 38.61 40.08
C3D CLA XA . -44.19 39.93 40.47
C4D CLA XA . -45.26 40.15 41.45
CMD CLA XA . -43.65 37.93 38.97
CAD CLA XA . -43.53 41.22 40.24
OBD CLA XA . -42.97 41.61 39.24
CBD CLA XA . -44.10 42.19 41.32
CGD CLA XA . -43.05 42.66 42.28
O1D CLA XA . -43.05 42.61 43.51
O2D CLA XA . -41.95 43.21 41.66
CED CLA XA . -41.03 43.95 42.46
C1 CLA XA . -48.93 40.69 39.89
C2 CLA XA . -48.49 39.57 39.02
C3 CLA XA . -49.09 38.37 38.91
C4 CLA XA . -48.55 37.34 38.01
C5 CLA XA . -50.31 38.00 39.69
C6 CLA XA . -51.35 37.32 38.84
C7 CLA XA . -51.95 36.12 39.55
C8 CLA XA . -52.72 35.22 38.61
C9 CLA XA . -54.03 34.79 39.23
C10 CLA XA . -51.90 33.98 38.24
MG CLA YA . -39.73 31.23 44.52
CHA CLA YA . -36.93 29.93 46.05
CHB CLA YA . -39.04 34.26 45.86
CHC CLA YA . -42.80 32.33 43.50
CHD CLA YA . -40.44 28.05 43.19
NA CLA YA . -38.26 31.94 45.81
C1A CLA YA . -37.19 31.24 46.36
C2A CLA YA . -36.26 32.19 47.09
C3A CLA YA . -37.18 33.42 47.33
C4A CLA YA . -38.32 33.19 46.35
CMA CLA YA . -37.66 33.48 48.76
CAA CLA YA . -35.05 32.52 46.23
CBA CLA YA . -34.81 33.99 46.02
CGA CLA YA . -35.21 34.39 44.63
O1A CLA YA . -34.76 35.31 43.96
O2A CLA YA . -36.19 33.60 44.09
NB CLA YA . -40.65 33.01 44.49
C1B CLA YA . -40.14 34.17 44.99
C2B CLA YA . -41.16 35.24 44.88
C3B CLA YA . -42.25 34.69 44.23
C4B CLA YA . -42.00 33.24 44.13
CMB CLA YA . -41.09 36.42 45.73
CAB CLA YA . -43.25 35.33 43.43
CBB CLA YA . -43.07 36.42 42.70
NC CLA YA . -41.25 30.40 43.36
C1C CLA YA . -42.45 31.01 43.12
C2C CLA YA . -43.24 30.17 42.22
C3C CLA YA . -42.52 28.99 42.03
C4C CLA YA . -41.32 29.10 42.86
CMC CLA YA . -44.46 30.61 41.54
CAC CLA YA . -42.97 27.78 41.33
CBC CLA YA . -43.81 26.89 42.21
ND CLA YA . -38.94 29.38 44.59
C1D CLA YA . -39.31 28.17 43.94
C2D CLA YA . -38.16 27.24 44.04
C3D CLA YA . -37.26 27.82 44.92
C4D CLA YA . -37.76 29.18 45.16
CMD CLA YA . -38.19 25.86 43.56
CAD CLA YA . -36.28 27.58 45.96
OBD CLA YA . -35.82 26.51 46.35
CBD CLA YA . -35.91 28.95 46.57
CGD CLA YA . -35.89 28.93 48.07
O1D CLA YA . -36.85 28.86 48.83
O2D CLA YA . -34.64 28.99 48.62
CED CLA YA . -34.21 27.89 49.40
C1 CLA YA . -36.71 34.05 42.81
C2 CLA YA . -37.79 33.12 42.41
C3 CLA YA . -38.04 32.82 41.13
C4 CLA YA . -37.26 33.38 40.01
C5 CLA YA . -39.12 31.87 40.76
C6 CLA YA . -40.29 32.60 40.11
C7 CLA YA . -41.06 31.68 39.18
C8 CLA YA . -42.39 32.29 38.78
C9 CLA YA . -43.12 31.39 37.80
MG CLA ZA . -41.96 26.69 52.27
CHA CLA ZA . -40.13 27.90 54.94
CHB CLA ZA . -39.38 27.50 50.21
CHC CLA ZA . -43.48 24.96 49.81
CHD CLA ZA . -44.55 25.79 54.46
NA CLA ZA . -40.13 27.63 52.54
C1A CLA ZA . -39.45 27.82 53.75
C2A CLA ZA . -38.01 28.22 53.50
C3A CLA ZA . -38.01 28.59 51.99
C4A CLA ZA . -39.33 28.00 51.49
CMA CLA ZA . -37.94 30.08 51.77
CAA CLA ZA . -37.04 27.09 53.83
CBA CLA ZA . -37.45 25.73 53.29
CGA CLA ZA . -36.85 25.45 51.95
O1A CLA ZA . -35.74 25.76 51.51
O2A CLA ZA . -37.69 24.74 51.14
NB CLA ZA . -41.58 26.43 50.32
C1B CLA ZA . -40.37 26.62 49.73
C2B CLA ZA . -40.48 26.23 48.30
C3B CLA ZA . -41.75 25.76 48.10
C4B CLA ZA . -42.34 25.62 49.46
CMB CLA ZA . -39.38 26.45 47.36
CAB CLA ZA . -42.39 25.24 46.92
CBB CLA ZA . -42.47 25.84 45.74
NC CLA ZA . -43.88 25.90 52.07
C1C CLA ZA . -44.30 25.28 50.93
C2C CLA ZA . -45.60 24.67 51.16
C3C CLA ZA . -45.78 24.67 52.55
C4C CLA ZA . -44.75 25.55 53.09
CMC CLA ZA . -46.35 23.95 50.15
CAC CLA ZA . -46.95 24.16 53.27
CBC CLA ZA . -46.71 22.78 53.84
ND CLA ZA . -42.34 26.83 54.25
C1D CLA ZA . -43.39 26.28 55.02
C2D CLA ZA . -43.01 26.37 56.46
C3D CLA ZA . -41.81 27.06 56.49
C4D CLA ZA . -41.43 27.32 55.08
CMD CLA ZA . -43.89 26.01 57.56
CAD CLA ZA . -40.70 27.53 57.30
OBD CLA ZA . -40.57 27.49 58.52
CBD CLA ZA . -39.63 28.13 56.35
CGD CLA ZA . -39.40 29.59 56.65
O1D CLA ZA . -39.53 30.16 57.74
O2D CLA ZA . -38.99 30.34 55.60
CED CLA ZA . -38.01 31.34 55.85
C1 CLA ZA . -37.19 24.28 49.87
C2 CLA ZA . -38.30 23.48 49.31
C3 CLA ZA . -38.36 23.02 48.05
C4 CLA ZA . -37.28 23.29 47.07
C5 CLA ZA . -39.52 22.21 47.57
C6 CLA ZA . -40.39 21.72 48.72
C7 CLA ZA . -41.61 20.93 48.32
C8 CLA ZA . -42.59 21.68 47.43
C9 CLA ZA . -43.93 21.78 48.10
C10 CLA ZA . -42.73 20.98 46.09
C11 CLA ZA . -43.28 21.92 45.05
C12 CLA ZA . -42.70 21.63 43.69
C13 CLA ZA . -43.19 22.64 42.67
C14 CLA ZA . -44.26 22.02 41.79
C15 CLA ZA . -42.04 23.17 41.82
MG CLA AB . -63.21 25.20 46.14
CHA CLA AB . -64.18 22.41 44.30
CHB CLA AB . -64.68 27.13 43.79
CHC CLA AB . -61.34 27.90 47.06
CHD CLA AB . -60.71 23.22 47.55
NA CLA AB . -64.53 24.81 44.57
C1A CLA AB . -64.87 23.56 44.00
C2A CLA AB . -65.75 23.74 42.78
C3A CLA AB . -65.59 25.24 42.46
C4A CLA AB . -65.00 25.80 43.75
CMA CLA AB . -64.64 25.49 41.31
CAA CLA AB . -67.21 23.37 43.04
CBA CLA AB . -67.62 23.50 44.50
CGA CLA AB . -69.10 23.38 44.63
O1A CLA AB . -69.98 23.65 43.81
O2A CLA AB . -69.48 22.91 45.86
NB CLA AB . -63.39 27.20 45.88
C1B CLA AB . -64.05 27.79 44.85
C2B CLA AB . -63.80 29.26 44.86
C3B CLA AB . -62.90 29.49 45.87
C4B CLA AB . -62.49 28.16 46.38
CMB CLA AB . -64.66 30.19 44.17
CAB CLA AB . -62.15 30.69 46.13
CBB CLA AB . -62.08 31.31 47.31
NC CLA AB . -61.68 25.50 47.54
C1C CLA AB . -61.11 26.70 47.80
C2C CLA AB . -60.02 26.55 48.75
C3C CLA AB . -59.80 25.18 48.87
C4C CLA AB . -60.75 24.55 47.96
CMC CLA AB . -59.40 27.64 49.50
CAC CLA AB . -58.91 24.50 49.82
CBC CLA AB . -59.67 23.85 50.95
ND CLA AB . -62.82 23.22 46.31
C1D CLA AB . -61.78 22.54 47.01
C2D CLA AB . -61.83 21.11 46.66
C3D CLA AB . -62.78 21.00 45.66
C4D CLA AB . -63.22 22.38 45.37
CMD CLA AB . -60.81 20.16 47.07
CAD CLA AB . -63.71 20.11 45.00
OBD CLA AB . -63.74 18.88 45.01
CBD CLA AB . -64.48 20.98 43.97
CGD CLA AB . -64.13 20.59 42.56
O1D CLA AB . -64.83 19.97 41.75
O2D CLA AB . -62.88 20.97 42.17
CED CLA AB . -62.50 20.71 40.82
C1 CLA AB . -69.57 23.87 46.93
MG CLA BB . -49.70 18.68 39.18
CHA CLA BB . -50.33 16.58 36.53
CHB CLA BB . -48.18 16.10 40.72
CHC CLA BB . -48.44 20.85 41.50
CHD CLA BB . -50.73 21.41 37.20
NA CLA BB . -49.62 16.62 38.83
C1A CLA BB . -49.65 16.02 37.58
C2A CLA BB . -49.29 14.53 37.68
C3A CLA BB . -49.20 14.33 39.22
C4A CLA BB . -49.11 15.76 39.74
CMA CLA BB . -50.43 13.61 39.71
CAA CLA BB . -48.00 14.20 36.96
CBA CLA BB . -46.96 15.30 37.05
CGA CLA BB . -46.12 15.29 35.81
O1A CLA BB . -46.33 15.86 34.73
O2A CLA BB . -44.99 14.55 35.94
NB CLA BB . -48.78 18.47 40.96
C1B CLA BB . -48.18 17.33 41.39
C2B CLA BB . -47.63 17.57 42.76
C3B CLA BB . -47.55 18.94 42.90
C4B CLA BB . -48.25 19.52 41.72
CMB CLA BB . -47.67 16.54 43.80
CAB CLA BB . -47.13 19.73 44.02
CBB CLA BB . -46.02 19.54 44.73
NC CLA BB . -49.67 20.77 39.35
C1C CLA BB . -49.10 21.44 40.39
C2C CLA BB . -48.97 22.85 40.03
C3C CLA BB . -49.61 23.02 38.82
C4C CLA BB . -50.03 21.69 38.38
CMC CLA BB . -48.41 23.87 40.91
CAC CLA BB . -50.13 24.29 38.28
CBC CLA BB . -49.35 24.78 37.09
ND CLA BB . -50.54 18.98 37.37
C1D CLA BB . -50.84 20.16 36.64
C2D CLA BB . -50.98 19.81 35.21
C3D CLA BB . -50.98 18.42 35.16
C4D CLA BB . -50.64 17.97 36.51
CMD CLA BB . -51.14 20.80 34.14
CAD CLA BB . -51.35 17.23 34.41
OBD CLA BB . -51.60 17.13 33.21
CBD CLA BB . -50.87 16.01 35.24
CGD CLA BB . -51.96 15.02 35.52
O1D CLA BB . -52.67 14.94 36.51
O2D CLA BB . -52.14 14.12 34.52
CED CLA BB . -52.42 12.77 34.89
C1 CLA BB . -43.79 15.24 36.37
C2 CLA BB . -42.70 14.25 36.21
C3 CLA BB . -41.50 14.37 36.78
C4 CLA BB . -41.13 15.52 37.63
C5 CLA BB . -40.46 13.33 36.56
C6 CLA BB . -41.00 11.90 36.57
C7 CLA BB . -39.87 10.91 36.42
C8 CLA BB . -40.27 9.49 36.82
C9 CLA BB . -40.87 9.46 38.20
C10 CLA BB . -39.06 8.55 36.78
C11 CLA BB . -38.39 8.52 35.43
C12 CLA BB . -38.63 7.23 34.69
C13 CLA BB . -37.80 6.09 35.24
C14 CLA BB . -36.33 6.28 34.91
C15 CLA BB . -38.27 4.74 34.72
C16 CLA BB . -39.76 4.54 34.93
C17 CLA BB . -40.27 3.30 34.23
C18 CLA BB . -39.85 2.04 34.96
C19 CLA BB . -40.40 2.02 36.37
C20 CLA BB . -40.35 0.83 34.20
MG CLA CB . -57.85 22.20 32.12
CHA CLA CB . -61.12 21.53 31.23
CHB CLA CB . -56.85 21.15 29.05
CHC CLA CB . -54.60 22.68 33.08
CHD CLA CB . -58.90 22.64 35.45
NA CLA CB . -58.86 21.57 30.40
C1A CLA CB . -60.24 21.57 30.19
C2A CLA CB . -60.55 21.18 28.75
C3A CLA CB . -59.19 20.70 28.20
C4A CLA CB . -58.21 21.07 29.31
CMA CLA CB . -59.18 19.21 27.93
CAA CLA CB . -61.10 22.36 27.97
CBA CLA CB . -60.34 23.65 28.20
CGA CLA CB . -59.35 23.88 27.09
O1A CLA CB . -59.56 23.96 25.88
O2A CLA CB . -58.06 23.99 27.52
NB CLA CB . -56.07 22.08 31.19
C1B CLA CB . -55.86 21.51 29.98
C2B CLA CB . -54.42 21.59 29.64
C3B CLA CB . -53.76 22.03 30.77
C4B CLA CB . -54.82 22.21 31.82
CMB CLA CB . -53.95 21.48 28.25
CAB CLA CB . -52.42 22.48 30.97
CBB CLA CB . -51.31 21.81 30.63
NC CLA CB . -56.93 22.70 33.91
C1C CLA CB . -55.60 22.91 34.07
C2C CLA CB . -55.32 23.30 35.45
C3C CLA CB . -56.57 23.44 36.06
C4C CLA CB . -57.53 22.81 35.16
CMC CLA CB . -54.01 23.71 35.95
CAC CLA CB . -56.90 24.17 37.29
CBC CLA CB . -57.36 25.58 37.02
ND CLA CB . -59.59 22.21 33.14
C1D CLA CB . -59.87 22.33 34.52
C2D CLA CB . -61.33 22.21 34.72
C3D CLA CB . -61.82 21.68 33.54
C4D CLA CB . -60.71 21.75 32.57
CMD CLA CB . -61.99 22.37 36.01
CAD CLA CB . -62.99 21.22 32.81
OBD CLA CB . -64.10 20.94 33.23
CBD CLA CB . -62.58 21.12 31.31
CGD CLA CB . -62.80 19.74 30.77
O1D CLA CB . -63.05 19.42 29.60
O2D CLA CB . -62.72 18.75 31.71
CED CLA CB . -62.29 17.46 31.27
C1 CLA CB . -57.76 25.02 28.50
C2 CLA CB . -56.29 25.18 28.54
C3 CLA CB . -55.63 25.67 29.60
C4 CLA CB . -56.32 26.08 30.84
C5 CLA CB . -54.14 25.80 29.58
MG CLA DB . -51.12 17.53 26.69
CHA CLA DB . -54.52 16.92 26.62
CHB CLA DB . -50.93 16.45 23.46
CHC CLA DB . -47.71 17.40 26.91
CHD CLA DB . -51.32 18.08 30.15
NA CLA DB . -52.53 16.97 25.25
C1A CLA DB . -53.92 16.97 25.39
C2A CLA DB . -54.58 16.65 24.06
C3A CLA DB . -53.41 16.07 23.23
C4A CLA DB . -52.17 16.39 24.07
CMA CLA DB . -53.57 14.60 23.01
CAA CLA DB . -55.22 17.89 23.45
CBA CLA DB . -54.27 19.04 23.23
CGA CLA DB . -54.47 20.10 24.27
O1A CLA DB . -55.43 20.86 24.42
O2A CLA DB . -53.43 20.18 25.16
NB CLA DB . -49.63 17.30 25.36
C1B CLA DB . -49.75 16.89 24.08
C2B CLA DB . -48.43 17.01 23.40
C3B CLA DB . -47.49 17.21 24.39
C4B CLA DB . -48.24 17.39 25.66
CMB CLA DB . -48.24 16.75 21.98
CAB CLA DB . -46.06 17.13 24.36
CBB CLA DB . -45.26 17.96 23.68
NC CLA DB . -49.76 17.89 28.23
C1C CLA DB . -48.42 17.63 28.11
C2C CLA DB . -47.76 17.96 29.37
C3C CLA DB . -48.78 18.15 30.31
C4C CLA DB . -50.03 18.04 29.58
CMC CLA DB . -46.31 18.04 29.53
CAC CLA DB . -48.62 18.06 31.78
CBC CLA DB . -48.22 19.37 32.40
ND CLA DB . -52.57 17.64 28.09
C1D CLA DB . -52.50 17.79 29.49
C2D CLA DB . -53.86 17.62 30.04
C3D CLA DB . -54.70 17.40 28.97
C4D CLA DB . -53.82 17.30 27.80
CMD CLA DB . -54.25 17.98 31.40
CAD CLA DB . -56.05 17.15 28.52
OBD CLA DB . -57.05 16.93 29.21
CBD CLA DB . -55.97 16.77 27.02
CGD CLA DB . -56.48 15.37 26.80
O1D CLA DB . -56.55 14.45 27.62
O2D CLA DB . -56.90 15.12 25.53
CED CLA DB . -57.47 13.85 25.24
C1 CLA DB . -52.15 20.59 24.65
C2 CLA DB . -51.29 20.85 25.83
C3 CLA DB . -49.97 21.10 25.76
C4 CLA DB . -49.24 21.11 24.47
C5 CLA DB . -49.17 21.35 26.99
MG CLA EB . -44.92 9.35 30.63
CHA CLA EB . -47.05 11.60 32.19
CHB CLA EB . -44.30 11.63 28.20
CHC CLA EB . -42.71 7.16 29.23
CHD CLA EB . -45.69 6.98 33.10
NA CLA EB . -45.60 11.29 30.26
C1A CLA EB . -46.39 12.09 31.10
C2A CLA EB . -46.59 13.48 30.49
C3A CLA EB . -45.87 13.37 29.12
C4A CLA EB . -45.25 11.98 29.14
CMA CLA EB . -46.80 13.56 27.96
CAA CLA EB . -45.98 14.56 31.37
CBA CLA EB . -44.61 15.01 30.92
CGA CLA EB . -43.68 14.99 32.09
O1A CLA EB . -43.90 14.53 33.20
O2A CLA EB . -42.47 15.55 31.83
NB CLA EB . -43.74 9.38 29.00
C1B CLA EB . -43.73 10.35 28.07
C2B CLA EB . -42.73 10.01 27.01
C3B CLA EB . -42.18 8.80 27.36
C4B CLA EB . -42.94 8.32 28.56
CMB CLA EB . -42.32 10.95 25.98
CAB CLA EB . -41.38 7.90 26.59
CBB CLA EB . -41.75 7.36 25.43
NC CLA EB . -44.43 7.36 31.00
C1C CLA EB . -43.40 6.71 30.38
C2C CLA EB . -43.18 5.42 31.01
C3C CLA EB . -44.18 5.28 31.98
C4C CLA EB . -44.87 6.55 32.04
CMC CLA EB . -41.98 4.60 30.83
CAC CLA EB . -44.30 4.19 32.94
CBC CLA EB . -45.01 2.99 32.39
ND CLA EB . -46.18 9.19 32.21
C1D CLA EB . -46.47 8.12 33.09
C2D CLA EB . -47.37 8.62 34.16
C3D CLA EB . -47.65 9.93 33.85
C4D CLA EB . -46.81 10.27 32.67
CMD CLA EB . -47.77 7.84 35.32
CAD CLA EB . -48.49 11.08 34.11
OBD CLA EB . -49.20 11.31 35.09
CBD CLA EB . -48.21 12.13 33.00
CGD CLA EB . -49.41 12.39 32.14
O1D CLA EB . -49.87 11.69 31.24
O2D CLA EB . -50.05 13.56 32.42
CED CLA EB . -49.96 14.59 31.44
C1 CLA EB . -41.35 15.05 32.59
C2 CLA EB . -40.16 15.19 31.72
C3 CLA EB . -38.93 14.71 32.00
C4 CLA EB . -37.80 14.90 31.07
C5 CLA EB . -38.67 13.96 33.27
C6 CLA EB . -37.62 12.89 33.14
C7 CLA EB . -38.24 11.57 32.73
C8 CLA EB . -37.25 10.69 31.98
C9 CLA EB . -37.98 9.57 31.28
C10 CLA EB . -36.21 10.14 32.95
C11 CLA EB . -35.34 9.06 32.34
C12 CLA EB . -33.97 9.60 32.01
C13 CLA EB . -33.58 9.59 30.54
C14 CLA EB . -33.09 10.97 30.16
C15 CLA EB . -34.69 9.15 29.58
MG CLA FB . -48.61 11.21 42.22
CHA CLA FB . -48.89 12.69 45.33
CHB CLA FB . -45.56 12.62 41.90
CHC CLA FB . -48.54 10.21 38.94
CHD CLA FB . -52.01 10.33 42.39
NA CLA FB . -47.35 12.23 43.53
C1A CLA FB . -47.61 12.67 44.83
C2A CLA FB . -46.35 13.28 45.45
C3A CLA FB . -45.29 13.15 44.34
C4A CLA FB . -46.07 12.55 43.18
CMA CLA FB . -44.65 14.45 43.96
CAA CLA FB . -45.90 12.55 46.70
CBA CLA FB . -44.79 13.25 47.45
CGA CLA FB . -44.86 12.94 48.91
O1A CLA FB . -44.10 13.31 49.80
O2A CLA FB . -45.91 12.16 49.26
NB CLA FB . -47.26 11.31 40.73
C1B CLA FB . -46.18 12.12 40.75
C2B CLA FB . -45.50 12.05 39.43
C3B CLA FB . -46.34 11.40 38.57
C4B CLA FB . -47.53 11.00 39.38
CMB CLA FB . -44.29 12.82 39.16
CAB CLA FB . -46.09 10.78 37.29
CBB CLA FB . -45.57 11.37 36.21
NC CLA FB . -49.99 10.27 40.96
C1C CLA FB . -49.75 9.95 39.64
C2C CLA FB . -50.99 9.54 39.01
C3C CLA FB . -51.92 9.39 40.02
C4C CLA FB . -51.33 10.00 41.21
CMC CLA FB . -51.23 9.59 37.56
CAC CLA FB . -53.34 9.06 39.85
CBC CLA FB . -53.63 7.63 40.22
ND CLA FB . -50.07 11.19 43.61
C1D CLA FB . -51.44 10.85 43.52
C2D CLA FB . -52.07 11.10 44.83
C3D CLA FB . -51.13 11.77 45.58
C4D CLA FB . -49.91 11.85 44.75
CMD CLA FB . -53.52 11.07 45.03
CAD CLA FB . -50.96 12.70 46.67
OBD CLA FB . -51.82 13.36 47.22
CBD CLA FB . -49.47 13.14 46.65
CGD CLA FB . -49.36 14.63 46.88
O1D CLA FB . -49.81 15.54 46.18
O2D CLA FB . -48.69 14.96 48.03
CED CLA FB . -49.13 16.11 48.74
C1 CLA FB . -46.72 12.64 50.35
C2 CLA FB . -47.78 11.61 50.53
C3 CLA FB . -49.03 11.90 50.91
C4 CLA FB . -49.47 13.28 51.17
C5 CLA FB . -50.04 10.81 51.08
C6 CLA FB . -49.68 9.54 50.34
C7 CLA FB . -50.91 8.71 50.10
C8 CLA FB . -50.90 7.97 48.76
C9 CLA FB . -50.51 8.89 47.64
C10 CLA FB . -52.28 7.37 48.54
C11 CLA FB . -52.63 7.01 47.11
C12 CLA FB . -52.52 5.52 46.87
C13 CLA FB . -53.83 4.89 46.41
C14 CLA FB . -54.90 5.07 47.46
C15 CLA FB . -53.60 3.41 46.08
C16 CLA FB . -54.88 2.58 46.07
C17 CLA FB . -54.57 1.10 46.15
MG CLA GB . -31.12 12.46 40.40
CHA CLA GB . -29.83 15.67 40.52
CHB CLA GB . -33.16 13.41 37.85
CHC CLA GB . -31.83 9.17 39.83
CHD CLA GB . -28.96 11.57 43.02
NA CLA GB . -31.48 14.28 39.42
C1A CLA GB . -30.80 15.48 39.58
C2A CLA GB . -31.14 16.43 38.45
C3A CLA GB . -32.50 15.85 37.97
C4A CLA GB . -32.36 14.39 38.38
CMA CLA GB . -33.66 16.51 38.66
CAA CLA GB . -30.07 16.34 37.38
CBA CLA GB . -30.39 17.21 36.19
CGA CLA GB . -29.11 17.56 35.50
O1A CLA GB . -27.97 17.55 35.96
O2A CLA GB . -29.29 17.92 34.19
NB CLA GB . -32.28 11.48 39.09
C1B CLA GB . -32.99 12.03 38.08
C2B CLA GB . -33.38 10.98 37.10
C3B CLA GB . -33.07 9.76 37.70
C4B CLA GB . -32.42 10.07 39.00
CMB CLA GB . -34.26 11.26 35.98
CAB CLA GB . -33.44 8.42 37.34
CBB CLA GB . -33.31 7.86 36.13
NC CLA GB . -30.58 10.69 41.34
C1C CLA GB . -30.87 9.45 40.85
C2C CLA GB . -30.26 8.44 41.71
C3C CLA GB . -29.44 9.12 42.60
C4C CLA GB . -29.58 10.53 42.30
CMC CLA GB . -30.27 7.01 41.42
CAC CLA GB . -28.37 8.55 43.44
CBC CLA GB . -28.80 8.40 44.88
ND CLA GB . -29.84 13.38 41.65
C1D CLA GB . -29.00 12.90 42.68
C2D CLA GB . -28.12 13.98 43.16
C3D CLA GB . -28.42 15.08 42.36
C4D CLA GB . -29.51 14.66 41.47
CMD CLA GB . -27.38 13.93 44.41
CAD CLA GB . -28.31 16.52 42.25
OBD CLA GB . -27.90 17.31 43.09
CBD CLA GB . -29.28 16.94 41.11
CGD CLA GB . -30.38 17.80 41.67
O1D CLA GB . -31.54 17.47 41.92
O2D CLA GB . -29.99 19.07 41.91
CED CLA GB . -30.94 19.94 42.53
C1 CLA GB . -28.32 18.84 33.67
C2 CLA GB . -29.05 19.97 33.05
C3 CLA GB . -29.45 19.98 31.77
C4 CLA GB . -29.16 18.87 30.84
C5 CLA GB . -30.17 21.16 31.24
C6 CLA GB . -31.36 20.82 30.35
C7 CLA GB . -31.68 21.99 29.45
C8 CLA GB . -33.07 22.55 29.67
C9 CLA GB . -33.46 23.43 28.48
C10 CLA GB . -33.16 23.35 30.96
MG CLA HB . -32.29 25.02 40.67
CHA CLA HB . -32.51 21.87 39.29
CHB CLA HB . -35.55 25.55 39.91
CHC CLA HB . -32.06 28.09 42.16
CHD CLA HB . -29.05 24.25 41.80
NA CLA HB . -33.83 23.80 39.94
C1A CLA HB . -33.72 22.49 39.45
C2A CLA HB . -35.02 22.09 38.77
C3A CLA HB . -35.70 23.45 38.53
C4A CLA HB . -35.06 24.29 39.62
CMA CLA HB . -35.39 23.98 37.16
CAA CLA HB . -35.83 21.21 39.69
CBA CLA HB . -36.05 19.83 39.10
CGA CLA HB . -37.50 19.48 39.12
O1A CLA HB . -38.38 19.81 38.33
O2A CLA HB . -37.84 18.70 40.19
NB CLA HB . -33.55 26.57 40.89
C1B CLA HB . -34.89 26.53 40.67
C2B CLA HB . -35.52 27.78 41.15
C3B CLA HB . -34.53 28.53 41.74
C4B CLA HB . -33.27 27.72 41.66
CMB CLA HB . -36.89 28.14 40.79
CAB CLA HB . -34.51 29.90 42.17
CBB CLA HB . -35.37 30.46 43.02
NC CLA HB . -30.73 26.07 41.56
C1C CLA HB . -30.84 27.35 42.03
C2C CLA HB . -29.58 27.75 42.64
C3C CLA HB . -28.74 26.63 42.60
C4C CLA HB . -29.55 25.54 42.08
CMC CLA HB . -29.39 29.00 43.36
CAC CLA HB . -27.37 26.50 43.09
CBC CLA HB . -26.32 26.80 42.05
ND CLA HB . -31.02 23.46 40.61
C1D CLA HB . -29.68 23.31 41.03
C2D CLA HB . -29.08 22.20 40.25
C3D CLA HB . -30.12 21.62 39.55
C4D CLA HB . -31.34 22.34 39.97
CMD CLA HB . -27.74 21.68 40.51
CAD CLA HB . -30.57 20.42 38.86
OBD CLA HB . -29.94 19.41 38.63
CBD CLA HB . -32.12 20.52 38.75
CGD CLA HB . -32.57 20.30 37.33
O1D CLA HB . -33.57 19.73 36.93
O2D CLA HB . -31.71 20.83 36.40
CED CLA HB . -32.05 20.65 35.02
C1 CLA HB . -38.66 17.56 39.91
C2 CLA HB . -39.91 17.74 40.67
C3 CLA HB . -40.04 17.48 41.98
C4 CLA HB . -38.92 16.97 42.80
C5 CLA HB . -41.35 17.68 42.69
C6 CLA HB . -42.39 18.38 41.83
C7 CLA HB . -43.77 17.82 42.11
C8 CLA HB . -44.54 17.55 40.82
C9 CLA HB . -43.89 16.42 40.06
C10 CLA HB . -44.59 18.80 39.94
C11 CLA HB . -45.49 18.61 38.74
C12 CLA HB . -45.19 19.66 37.70
C13 CLA HB . -46.45 20.08 36.96
C14 CLA HB . -46.77 19.11 35.85
C15 CLA HB . -46.30 21.50 36.40
C16 CLA HB . -46.06 22.49 37.51
C17 CLA HB . -45.39 23.76 37.01
C18 CLA HB . -45.64 24.93 37.95
C19 CLA HB . -44.99 24.69 39.29
C20 CLA HB . -45.12 26.22 37.35
MG CLA IB . -28.80 12.94 59.94
CHA CLA IB . -30.45 14.36 62.61
CHB CLA IB . -26.63 15.55 59.90
CHC CLA IB . -27.06 11.35 57.47
CHD CLA IB . -31.40 10.58 59.66
NA CLA IB . -28.60 14.68 61.06
C1A CLA IB . -29.43 15.13 62.10
C2A CLA IB . -28.86 16.40 62.72
C3A CLA IB . -27.88 16.89 61.63
C4A CLA IB . -27.74 15.68 60.70
CMA CLA IB . -28.44 18.07 60.87
CAA CLA IB . -28.20 16.16 64.07
CBA CLA IB . -27.02 15.19 64.07
CGA CLA IB . -27.48 13.80 64.36
O1A CLA IB . -27.35 12.79 63.66
O2A CLA IB . -28.11 13.68 65.57
NB CLA IB . -27.13 13.36 58.92
C1B CLA IB . -26.36 14.45 59.07
C2B CLA IB . -25.04 14.21 58.43
C3B CLA IB . -25.13 12.98 57.78
C4B CLA IB . -26.55 12.53 57.93
CMB CLA IB . -23.98 15.22 58.45
CAB CLA IB . -24.12 12.00 57.49
CBB CLA IB . -22.92 12.20 56.94
NC CLA IB . -29.20 11.28 58.75
C1C CLA IB . -28.32 10.77 57.83
C2C CLA IB . -28.73 9.43 57.49
C3C CLA IB . -29.96 9.20 58.12
C4C CLA IB . -30.30 10.43 58.80
CMC CLA IB . -28.15 8.63 56.42
CAC CLA IB . -30.88 8.09 57.84
CBC CLA IB . -30.90 7.05 58.94
ND CLA IB . -30.55 12.52 60.87
C1D CLA IB . -31.40 11.39 60.77
C2D CLA IB . -32.39 11.44 61.88
C3D CLA IB . -32.08 12.58 62.60
C4D CLA IB . -30.92 13.20 61.93
CMD CLA IB . -33.58 10.62 61.92
CAD CLA IB . -32.53 13.51 63.62
OBD CLA IB . -33.62 13.58 64.17
CBD CLA IB . -31.56 14.73 63.56
CGD CLA IB . -32.25 15.95 63.07
O1D CLA IB . -33.19 16.02 62.28
O2D CLA IB . -31.77 17.10 63.58
CED CLA IB . -32.40 17.52 64.78
C1 CLA IB . -28.39 12.35 66.03
C2 CLA IB . -27.16 11.87 66.70
C3 CLA IB . -27.14 10.88 67.60
C4 CLA IB . -28.36 10.16 68.02
C5 CLA IB . -25.84 10.47 68.21
C6 CLA IB . -25.74 9.01 68.59
C7 CLA IB . -24.28 8.65 68.81
C8 CLA IB . -24.09 7.46 69.73
C9 CLA IB . -24.90 6.28 69.27
C10 CLA IB . -24.43 7.85 71.17
C11 CLA IB . -24.30 6.66 72.11
C12 CLA IB . -24.17 7.08 73.56
C13 CLA IB . -23.27 6.14 74.34
C14 CLA IB . -21.97 5.88 73.61
C15 CLA IB . -23.97 4.81 74.65
C16 CLA IB . -23.05 3.83 75.35
C17 CLA IB . -23.08 2.48 74.68
C18 CLA IB . -22.21 1.47 75.40
C19 CLA IB . -21.30 0.75 74.42
C20 CLA IB . -23.07 0.45 76.12
MG CLA JB . -36.01 17.89 56.73
CHA CLA JB . -35.35 21.17 57.60
CHB CLA JB . -34.79 16.89 59.71
CHC CLA JB . -36.39 14.65 55.73
CHD CLA JB . -37.22 18.99 53.63
NA CLA JB . -35.08 18.87 58.31
C1A CLA JB . -35.04 20.25 58.57
C2A CLA JB . -34.23 20.52 59.83
C3A CLA JB . -33.73 19.12 60.26
C4A CLA JB . -34.49 18.18 59.32
CMA CLA JB . -32.25 18.99 60.11
CAA CLA JB . -35.08 21.16 60.92
CBA CLA JB . -36.43 20.49 61.06
CGA CLA JB . -37.54 21.49 61.05
O1A CLA JB . -38.28 21.81 61.96
O2A CLA JB . -37.68 22.09 59.83
NB CLA JB . -35.82 16.11 57.62
C1B CLA JB . -35.38 15.91 58.90
C2B CLA JB . -35.23 14.45 59.14
C3B CLA JB . -35.75 13.82 58.04
C4B CLA JB . -35.91 14.86 56.98
CMB CLA JB . -34.97 13.92 60.47
CAB CLA JB . -36.20 12.47 57.84
CBB CLA JB . -35.46 11.38 58.04
NC CLA JB . -36.80 16.99 55.03
C1C CLA JB . -36.79 15.64 54.79
C2C CLA JB . -37.59 15.37 53.60
C3C CLA JB . -37.83 16.61 53.00
C4C CLA JB . -37.29 17.61 53.89
CMC CLA JB . -37.94 14.04 53.13
CAC CLA JB . -38.50 16.86 51.71
CBC CLA JB . -39.92 17.34 51.87
ND CLA JB . -36.32 19.64 55.80
C1D CLA JB . -36.93 19.96 54.57
C2D CLA JB . -36.79 21.41 54.34
C3D CLA JB . -36.21 21.94 55.47
C4D CLA JB . -36.03 20.80 56.39
CMD CLA JB . -37.38 22.08 53.19
CAD CLA JB . -35.87 23.14 56.21
OBD CLA JB . -36.14 24.31 55.97
CBD CLA JB . -35.27 22.68 57.57
CGD CLA JB . -33.85 23.15 57.73
O1D CLA JB . -32.84 22.65 57.23
O2D CLA JB . -33.70 24.23 58.53
CED CLA JB . -32.38 24.60 58.91
C1 CLA JB . -38.88 22.85 59.63
C2 CLA JB . -38.89 23.26 58.21
C3 CLA JB . -40.02 23.47 57.52
C4 CLA JB . -41.36 23.30 58.14
C5 CLA JB . -39.98 23.86 56.10
C6 CLA JB . -40.44 22.74 55.21
C7 CLA JB . -41.57 23.18 54.30
C8 CLA JB . -41.56 22.41 53.00
C9 CLA JB . -40.94 23.29 51.95
C10 CLA JB . -42.97 21.99 52.59
C11 CLA JB . -43.11 20.50 52.40
C12 CLA JB . -44.58 20.10 52.33
C13 CLA JB . -44.81 18.60 52.29
C14 CLA JB . -44.57 17.98 53.65
C15 CLA JB . -43.96 17.91 51.24
C16 CLA JB . -44.77 17.62 50.00
C17 CLA JB . -43.90 17.14 48.86
C18 CLA JB . -44.46 17.53 47.50
C19 CLA JB . -45.82 16.89 47.29
C20 CLA JB . -43.53 17.13 46.38
MG CLA KB . -39.06 -0.08 52.36
CHA CLA KB . -39.60 -3.47 52.19
CHB CLA KB . -42.36 0.29 53.05
CHC CLA KB . -38.66 3.30 52.24
CHD CLA KB . -35.97 -0.50 50.77
NA CLA KB . -40.59 -1.40 52.90
C1A CLA KB . -40.51 -2.79 52.93
C2A CLA KB . -41.84 -3.37 53.41
C3A CLA KB . -42.80 -2.17 53.29
C4A CLA KB . -41.85 -0.99 53.20
CMA CLA KB . -43.65 -2.29 52.05
CAA CLA KB . -41.74 -3.93 54.82
CBA CLA KB . -40.71 -3.25 55.68
CGA CLA KB . -40.45 -4.07 56.90
O1A CLA KB . -41.23 -4.73 57.57
O2A CLA KB . -39.13 -4.06 57.27
NB CLA KB . -40.23 1.50 52.80
C1B CLA KB . -41.58 1.45 52.88
C2B CLA KB . -42.08 2.79 53.25
C3B CLA KB . -41.08 3.67 52.88
C4B CLA KB . -39.90 2.84 52.54
CMB CLA KB . -43.02 2.91 54.34
CAB CLA KB . -41.00 5.10 53.04
CBB CLA KB . -41.99 5.96 52.81
NC CLA KB . -37.59 1.18 51.59
C1C CLA KB . -37.59 2.53 51.71
C2C CLA KB . -36.21 3.01 51.69
C3C CLA KB . -35.41 1.89 51.42
C4C CLA KB . -36.33 0.82 51.12
CMC CLA KB . -35.83 4.37 52.05
CAC CLA KB . -34.00 1.93 50.98
CBC CLA KB . -33.05 1.43 52.05
ND CLA KB . -37.92 -1.61 51.74
C1D CLA KB . -36.78 -1.61 50.90
C2D CLA KB . -36.45 -3.00 50.54
C3D CLA KB . -37.51 -3.77 51.01
C4D CLA KB . -38.45 -2.82 51.65
CMD CLA KB . -35.14 -3.43 50.09
CAD CLA KB . -37.97 -5.10 51.33
OBD CLA KB . -37.34 -6.15 51.31
CBD CLA KB . -39.32 -4.96 52.09
CGD CLA KB . -40.44 -5.70 51.41
O1D CLA KB . -41.47 -5.25 50.92
O2D CLA KB . -40.24 -7.05 51.35
CED CLA KB . -40.98 -7.79 50.38
C1 CLA KB . -38.85 -3.60 58.61
C2 CLA KB . -37.37 -3.68 58.77
C3 CLA KB . -36.69 -2.82 59.54
C4 CLA KB . -37.32 -1.72 60.29
C5 CLA KB . -35.20 -2.95 59.68
C6 CLA KB . -34.49 -1.67 59.28
C7 CLA KB . -33.11 -1.62 59.91
C8 CLA KB . -32.44 -0.29 59.65
C9 CLA KB . -31.19 -0.49 58.81
C10 CLA KB . -32.06 0.39 60.97
C11 CLA KB . -32.42 1.86 60.95
C12 CLA KB . -31.19 2.73 60.86
C13 CLA KB . -30.81 3.27 62.23
C14 CLA KB . -30.54 4.77 62.16
C15 CLA KB . -29.60 2.54 62.79
C16 CLA KB . -29.39 2.88 64.25
C17 CLA KB . -28.47 1.88 64.93
C18 CLA KB . -28.57 1.96 66.44
C19 CLA KB . -29.95 1.56 66.92
C20 CLA KB . -27.53 1.08 67.09
MG CLA LB . -36.59 3.97 25.03
CHA CLA LB . -39.10 2.87 22.89
CHB CLA LB . -34.33 2.58 22.92
CHC CLA LB . -34.11 4.39 27.37
CHD CLA LB . -38.97 4.09 27.58
NA CLA LB . -36.71 3.23 23.07
C1A CLA LB . -37.86 2.98 22.32
C2A CLA LB . -37.50 2.35 20.98
C3A CLA LB . -36.02 1.94 21.18
C4A CLA LB . -35.61 2.71 22.44
CMA CLA LB . -35.88 0.45 21.38
CAA CLA LB . -37.68 3.33 19.83
CBA CLA LB . -37.30 4.75 20.15
CGA CLA LB . -37.24 5.55 18.90
O1A CLA LB . -37.07 5.15 17.74
O2A CLA LB . -37.41 6.90 19.10
NB CLA LB . -34.59 3.83 25.01
C1B CLA LB . -33.86 3.16 24.11
C2B CLA LB . -32.44 3.54 24.31
C3B CLA LB . -32.34 3.90 25.62
C4B CLA LB . -33.73 4.13 26.09
CMB CLA LB . -31.42 3.23 23.31
CAB CLA LB . -31.21 4.37 26.37
CBB CLA LB . -30.39 5.36 25.99
NC CLA LB . -36.58 4.47 27.05
C1C CLA LB . -35.46 4.45 27.84
C2C CLA LB . -35.83 4.79 29.21
C3C CLA LB . -37.21 4.79 29.26
C4C CLA LB . -37.67 4.49 27.91
CMC CLA LB . -34.90 5.37 30.19
CAC CLA LB . -38.05 4.80 30.47
CBC CLA LB . -38.03 3.46 31.17
ND CLA LB . -38.61 3.95 25.17
C1D CLA LB . -39.46 4.00 26.30
C2D CLA LB . -40.84 3.74 25.87
C3D CLA LB . -40.75 3.27 24.60
C4D CLA LB . -39.34 3.43 24.19
CMD CLA LB . -41.97 3.71 26.78
CAD CLA LB . -41.50 2.96 23.39
OBD CLA LB . -42.66 2.58 23.32
CBD CLA LB . -40.45 2.63 22.29
CGD CLA LB . -40.67 1.24 21.80
O1D CLA LB . -41.47 0.87 20.93
O2D CLA LB . -39.92 0.28 22.40
CED CLA LB . -40.47 -1.04 22.45
C1 CLA LB . -36.25 7.63 19.51
C2 CLA LB . -36.46 9.05 19.10
C3 CLA LB . -35.48 9.96 19.09
C4 CLA LB . -34.09 9.65 19.46
C5 CLA LB . -35.76 11.37 18.67
MG CLA MB . -12.84 8.26 23.97
CHA CLA MB . -14.61 5.34 24.53
CHB CLA MB . -10.20 6.92 25.66
CHC CLA MB . -11.31 11.33 23.98
CHD CLA MB . -15.86 9.78 23.04
NA CLA MB . -12.42 6.36 24.74
C1A CLA MB . -13.28 5.26 24.82
C2A CLA MB . -12.60 4.10 25.53
C3A CLA MB . -11.34 4.74 26.14
C4A CLA MB . -11.27 6.09 25.42
CMA CLA MB . -11.48 4.93 27.62
CAA CLA MB . -12.24 2.99 24.57
CBA CLA MB . -11.54 1.85 25.28
CGA CLA MB . -12.54 1.05 26.02
O1A CLA MB . -13.74 1.26 26.19
O2A CLA MB . -12.00 -0.07 26.59
NB CLA MB . -11.05 8.95 24.57
C1B CLA MB . -10.09 8.25 25.22
C2B CLA MB . -8.81 8.99 25.12
C3B CLA MB . -9.14 10.27 24.71
C4B CLA MB . -10.61 10.29 24.50
CMB CLA MB . -7.59 8.51 25.75
CAB CLA MB . -8.31 11.40 24.42
CBB CLA MB . -7.32 11.41 23.52
NC CLA MB . -13.43 10.17 23.40
C1C CLA MB . -12.68 11.30 23.62
C2C CLA MB . -13.39 12.46 23.08
C3C CLA MB . -14.68 12.02 22.76
C4C CLA MB . -14.70 10.58 23.01
CMC CLA MB . -12.73 13.69 22.65
CAC CLA MB . -15.75 12.80 22.14
CBC CLA MB . -16.63 13.47 23.17
ND CLA MB . -14.71 7.67 23.48
C1D CLA MB . -15.84 8.40 23.07
C2D CLA MB . -16.98 7.47 22.93
C3D CLA MB . -16.55 6.26 23.40
C4D CLA MB . -15.15 6.46 23.83
CMD CLA MB . -18.24 7.81 22.25
CAD CLA MB . -16.91 4.91 23.77
OBD CLA MB . -17.87 4.25 23.40
CBD CLA MB . -15.70 4.29 24.53
CGD CLA MB . -16.05 3.83 25.92
O1D CLA MB . -15.43 4.02 26.96
O2D CLA MB . -17.22 3.14 26.00
CED CLA MB . -17.14 1.72 26.15
C1 CLA MB . -12.93 -1.11 26.92
C2 CLA MB . -12.24 -2.03 27.86
C3 CLA MB . -12.89 -2.90 28.63
C4 CLA MB . -14.37 -3.05 28.59
C5 CLA MB . -12.15 -3.80 29.56
C6 CLA MB . -10.68 -3.91 29.28
C7 CLA MB . -10.08 -4.97 30.19
C8 CLA MB . -8.57 -5.11 30.04
C9 CLA MB . -7.87 -3.77 30.16
C10 CLA MB . -8.21 -5.77 28.71
C11 CLA MB . -8.83 -7.15 28.61
C12 CLA MB . -8.30 -7.88 27.39
C13 CLA MB . -8.82 -9.31 27.35
C14 CLA MB . -10.33 -9.31 27.16
C15 CLA MB . -8.45 -10.09 28.59
C16 CLA MB . -7.98 -11.48 28.23
C17 CLA MB . -8.27 -12.47 29.34
C18 CLA MB . -7.61 -13.82 29.13
C19 CLA MB . -8.17 -14.83 30.11
C20 CLA MB . -7.80 -14.33 27.72
MG CLA NB . -4.39 9.28 29.33
CHA CLA NB . -1.78 10.69 27.54
CHB CLA NB . -6.55 11.41 27.81
CHC CLA NB . -6.95 7.83 31.05
CHD CLA NB . -2.05 7.49 31.26
NA CLA NB . -4.17 10.75 27.87
C1A CLA NB . -3.04 10.99 27.09
C2A CLA NB . -3.37 12.00 26.00
C3A CLA NB . -4.77 12.52 26.39
C4A CLA NB . -5.23 11.49 27.42
CMA CLA NB . -4.72 13.91 26.98
CAA CLA NB . -3.35 11.37 24.62
CBA CLA NB . -3.78 9.92 24.61
CGA CLA NB . -3.71 9.42 23.20
O1A CLA NB . -2.72 9.12 22.54
O2A CLA NB . -4.94 9.29 22.63
NB CLA NB . -6.38 9.49 29.32
C1B CLA NB . -7.08 10.47 28.71
C2B CLA NB . -8.53 10.27 28.92
C3B CLA NB . -8.66 9.13 29.67
C4B CLA NB . -7.29 8.74 30.10
CMB CLA NB . -9.55 10.98 28.16
CAB CLA NB . -9.85 8.55 30.24
CBB CLA NB . -10.24 7.29 30.05
NC CLA NB . -4.48 7.91 30.88
C1C CLA NB . -5.63 7.51 31.49
C2C CLA NB . -5.34 6.44 32.42
C3C CLA NB . -3.95 6.28 32.44
C4C CLA NB . -3.41 7.34 31.58
CMC CLA NB . -6.34 5.46 32.84
CAC CLA NB . -3.21 5.09 32.86
CBC CLA NB . -2.46 5.30 34.13
ND CLA NB . -2.39 9.11 29.46
C1D CLA NB . -1.56 8.25 30.22
C2D CLA NB . -0.24 8.19 29.57
C3D CLA NB . -0.20 9.27 28.71
C4D CLA NB . -1.60 9.73 28.58
CMD CLA NB . 0.89 7.42 30.10
CAD CLA NB . 0.56 9.97 27.69
OBD CLA NB . 1.77 9.95 27.51
CBD CLA NB . -0.40 10.98 27.00
CGD CLA NB . 0.05 12.38 27.28
O1D CLA NB . 0.99 12.73 27.99
O2D CLA NB . -0.67 13.34 26.66
CED CLA NB . -0.91 14.55 27.39
C1 CLA NB . -5.22 8.05 21.95
C2 CLA NB . -6.66 8.06 21.63
C3 CLA NB . -7.22 7.25 20.71
C4 CLA NB . -6.44 6.26 19.93
C5 CLA NB . -8.67 7.29 20.40
C6 CLA NB . -9.41 8.43 21.05
C7 CLA NB . -10.88 8.07 21.14
C8 CLA NB . -11.73 8.71 20.07
C9 CLA NB . -11.53 10.22 20.08
C10 CLA NB . -13.20 8.35 20.31
C11 CLA NB . -14.13 9.08 19.38
C12 CLA NB . -15.35 8.24 19.06
C13 CLA NB . -16.32 9.02 18.18
C14 CLA NB . -16.96 10.15 18.96
C15 CLA NB . -17.38 8.10 17.61
C16 CLA NB . -17.79 8.54 16.22
C17 CLA NB . -18.91 7.68 15.69
C18 CLA NB . -19.19 7.91 14.20
C19 CLA NB . -20.49 7.25 13.81
C20 CLA NB . -19.26 9.39 13.88
MG CLA OB . -32.32 29.08 34.07
CHA CLA OB . -33.52 31.96 35.57
CHB CLA OB . -32.29 27.60 37.14
CHC CLA OB . -30.84 26.35 32.67
CHD CLA OB . -31.84 30.87 31.08
NA CLA OB . -32.99 29.64 35.97
C1A CLA OB . -33.63 30.83 36.33
C2A CLA OB . -34.00 30.81 37.80
C3A CLA OB . -33.17 29.62 38.35
C4A CLA OB . -32.68 28.92 37.08
CMA CLA OB . -32.00 30.11 39.15
CAA CLA OB . -35.51 30.65 37.99
CBA CLA OB . -36.07 29.40 37.35
CGA CLA OB . -37.50 29.61 36.95
O1A CLA OB . -38.20 30.61 37.06
O2A CLA OB . -38.04 28.49 36.36
NB CLA OB . -31.71 27.28 34.76
C1B CLA OB . -31.72 26.90 36.06
C2B CLA OB . -31.12 25.54 36.18
C3B CLA OB . -30.65 25.20 34.94
C4B CLA OB . -30.99 26.33 34.02
CMB CLA OB . -31.36 24.68 37.33
CAB CLA OB . -30.43 23.88 34.44
CBB CLA OB . -29.29 23.45 33.86
NC CLA OB . -31.52 28.67 32.19
C1C CLA OB . -30.91 27.49 31.84
C2C CLA OB . -30.67 27.48 30.41
C3C CLA OB . -31.03 28.75 29.94
C4C CLA OB . -31.41 29.54 31.11
CMC CLA OB . -30.39 26.28 29.64
CAC CLA OB . -31.17 29.16 28.54
CBC CLA OB . -32.59 29.00 28.04
ND CLA OB . -32.72 30.93 33.37
C1D CLA OB . -32.35 31.55 32.16
C2D CLA OB . -32.69 33.00 32.25
C3D CLA OB . -33.26 33.17 33.50
C4D CLA OB . -33.06 31.90 34.21
CMD CLA OB . -32.66 33.90 31.11
CAD CLA OB . -33.80 34.12 34.45
OBD CLA OB . -34.07 35.31 34.29
CBD CLA OB . -34.09 33.34 35.76
CGD CLA OB . -33.49 34.05 36.95
O1D CLA OB . -32.42 33.80 37.50
O2D CLA OB . -34.25 35.06 37.43
CED CLA OB . -33.67 35.94 38.40
C1 CLA OB . -39.47 28.33 36.49
C2 CLA OB . -39.75 27.84 37.86
C3 CLA OB . -39.74 26.55 38.21
C4 CLA OB . -40.03 26.11 39.60
C5 CLA OB . -39.45 25.47 37.22
C6 CLA OB . -40.60 24.49 37.06
C7 CLA OB . -40.18 23.08 37.39
C8 CLA OB . -41.36 22.12 37.38
C9 CLA OB . -41.38 21.29 38.63
C10 CLA OB . -41.29 21.21 36.16
C11 CLA OB . -42.44 21.47 35.22
C12 CLA OB . -42.25 20.77 33.89
C13 CLA OB . -43.57 20.27 33.34
C14 CLA OB . -43.69 18.76 33.52
C15 CLA OB . -43.75 20.64 31.87
C16 CLA OB . -42.70 19.99 30.99
C17 CLA OB . -43.11 20.03 29.54
C18 CLA OB . -42.32 19.05 28.68
C19 CLA OB . -42.53 17.63 29.16
C20 CLA OB . -42.72 19.16 27.24
MG CLA PB . -38.62 36.11 31.92
CHA CLA PB . -40.30 38.03 34.25
CHB CLA PB . -37.81 34.00 34.44
CHC CLA PB . -36.31 34.55 29.95
CHD CLA PB . -38.64 38.85 29.70
NA CLA PB . -39.32 35.86 33.87
C1A CLA PB . -40.17 36.70 34.58
C2A CLA PB . -40.50 36.07 35.92
C3A CLA PB . -39.29 35.13 36.15
C4A CLA PB . -38.69 35.02 34.75
CMA CLA PB . -38.31 35.69 37.15
CAA CLA PB . -41.79 35.26 35.91
CBA CLA PB . -42.78 35.66 34.84
CGA CLA PB . -42.70 34.74 33.67
O1A CLA PB . -42.01 34.86 32.66
O2A CLA PB . -43.52 33.65 33.79
NB CLA PB . -37.65 34.35 32.01
C1B CLA PB . -37.33 33.72 33.15
C2B CLA PB . -36.62 32.45 32.82
C3B CLA PB . -36.35 32.49 31.46
C4B CLA PB . -36.83 33.83 30.99
CMB CLA PB . -36.62 31.31 33.73
CAB CLA PB . -35.52 31.65 30.67
CBB CLA PB . -35.81 31.18 29.46
NC CLA PB . -37.83 36.52 30.03
C1C CLA PB . -36.87 35.75 29.42
C2C CLA PB . -36.47 36.36 28.17
C3C CLA PB . -37.06 37.63 28.15
C4C CLA PB . -37.95 37.70 29.30
CMC CLA PB . -35.80 35.66 27.08
CAC CLA PB . -36.64 38.78 27.32
CBC CLA PB . -37.49 38.93 26.08
ND CLA PB . -39.44 37.95 31.84
C1D CLA PB . -39.27 39.02 30.92
C2D CLA PB . -40.00 40.20 31.43
C3D CLA PB . -40.52 39.83 32.65
C4D CLA PB . -39.94 38.50 32.94
CMD CLA PB . -40.27 41.41 30.65
CAD CLA PB . -41.50 40.10 33.68
OBD CLA PB . -42.15 41.12 33.86
CBD CLA PB . -41.20 39.09 34.84
CGD CLA PB . -40.54 39.79 35.99
O1D CLA PB . -40.19 40.97 36.04
O2D CLA PB . -40.34 39.02 37.08
CED CLA PB . -40.42 39.70 38.34
C1 CLA PB . -44.95 33.89 33.71
C2 CLA PB . -45.21 34.49 32.37
C3 CLA PB . -46.26 34.16 31.61
C4 CLA PB . -47.27 33.16 32.04
C5 CLA PB . -46.46 34.81 30.28
C6 CLA PB . -47.88 35.27 30.05
C7 CLA PB . -47.93 36.38 29.03
C8 CLA PB . -49.04 36.19 27.98
C9 CLA PB . -49.21 37.44 27.16
C10 CLA PB . -50.37 35.80 28.63
C11 CLA PB . -50.94 34.54 28.01
MG CLA QB . -24.19 21.51 40.35
CHA CLA QB . -24.37 23.98 37.95
CHB CLA QB . -25.84 19.40 38.29
CHC CLA QB . -23.53 18.96 42.52
CHD CLA QB . -22.11 23.61 42.26
NA CLA QB . -24.98 21.70 38.42
C1A CLA QB . -24.83 22.77 37.53
C2A CLA QB . -25.72 22.55 36.30
C3A CLA QB . -26.30 21.13 36.51
C4A CLA QB . -25.60 20.66 37.79
CMA CLA QB . -27.79 21.16 36.68
CAA CLA QB . -24.96 22.63 35.00
CBA CLA QB . -25.76 23.37 33.95
CGA CLA QB . -25.42 22.88 32.58
O1A CLA QB . -24.31 22.58 32.14
O2A CLA QB . -26.49 22.77 31.74
NB CLA QB . -24.68 19.58 40.44
C1B CLA QB . -25.41 18.91 39.52
C2B CLA QB . -25.41 17.46 39.86
C3B CLA QB . -24.73 17.34 41.05
C4B CLA QB . -24.10 18.65 41.33
CMB CLA QB . -25.77 16.43 38.87
CAB CLA QB . -24.90 16.42 42.14
CBB CLA QB . -24.89 15.10 42.03
NC CLA QB . -23.21 21.39 42.19
C1C CLA QB . -22.99 20.22 42.86
C2C CLA QB . -22.30 20.49 44.12
C3C CLA QB . -21.98 21.84 44.11
C4C CLA QB . -22.42 22.36 42.81
CMC CLA QB . -22.29 19.57 45.26
CAC CLA QB . -21.71 22.67 45.30
CBC CLA QB . -20.28 23.17 45.36
ND CLA QB . -23.56 23.43 40.29
C1D CLA QB . -22.70 24.16 41.15
C2D CLA QB . -22.48 25.49 40.56
C3D CLA QB . -23.19 25.51 39.38
C4D CLA QB . -23.65 24.12 39.17
CMD CLA QB . -21.92 26.60 41.30
CAD CLA QB . -23.92 26.34 38.44
OBD CLA QB . -24.24 27.50 38.58
CBD CLA QB . -24.65 25.38 37.46
CGD CLA QB . -26.12 25.68 37.40
O1D CLA QB . -26.78 25.99 36.41
O2D CLA QB . -26.75 25.60 38.60
CED CLA QB . -28.10 26.07 38.67
C1 CLA QB . -26.18 22.82 30.33
C2 CLA QB . -27.42 22.70 29.52
C3 CLA QB . -27.41 22.68 28.18
C4 CLA QB . -26.16 22.77 27.39
C5 CLA QB . -28.66 22.56 27.40
C6 CLA QB . -29.03 23.84 26.68
MG CLA RB . -21.36 16.66 30.06
CHA CLA RB . -21.57 19.56 31.93
CHB CLA RB . -23.20 15.04 32.41
CHC CLA RB . -20.99 13.78 28.27
CHD CLA RB . -18.98 18.23 28.00
NA CLA RB . -22.22 17.23 31.87
C1A CLA RB . -22.28 18.51 32.43
C2A CLA RB . -23.45 18.61 33.39
C3A CLA RB . -23.72 17.13 33.73
C4A CLA RB . -22.92 16.37 32.68
CMA CLA RB . -23.27 16.77 35.12
CAA CLA RB . -24.64 19.34 32.79
CBA CLA RB . -25.25 18.71 31.55
CGA CLA RB . -24.66 19.24 30.27
O1A CLA RB . -24.08 20.31 30.07
O2A CLA RB . -24.82 18.38 29.23
NB CLA RB . -22.13 14.82 30.20
C1B CLA RB . -22.73 14.31 31.30
C2B CLA RB . -23.10 12.90 31.07
C3B CLA RB . -22.56 12.54 29.85
C4B CLA RB . -21.82 13.73 29.36
CMB CLA RB . -24.07 12.19 31.88
CAB CLA RB . -22.33 11.21 29.34
CBB CLA RB . -22.67 10.78 28.13
NC CLA RB . -20.29 16.15 28.35
C1C CLA RB . -20.18 14.87 27.87
C2C CLA RB . -19.48 14.91 26.59
C3C CLA RB . -18.94 16.19 26.48
C4C CLA RB . -19.33 16.91 27.68
CMC CLA RB . -19.68 13.94 25.52
CAC CLA RB . -18.02 16.69 25.45
CBC CLA RB . -18.73 17.46 24.38
ND CLA RB . -20.45 18.46 29.92
C1D CLA RB . -19.63 19.03 28.92
C2D CLA RB . -19.48 20.48 29.18
C3D CLA RB . -20.11 20.71 30.38
C4D CLA RB . -20.72 19.43 30.79
CMD CLA RB . -18.58 21.34 28.42
CAD CLA RB . -20.58 21.71 31.33
OBD CLA RB . -20.66 22.92 31.17
CBD CLA RB . -21.36 20.97 32.45
CGD CLA RB . -20.63 20.98 33.75
O1D CLA RB . -19.53 20.47 34.01
O2D CLA RB . -21.28 21.63 34.76
CED CLA RB . -20.55 21.91 35.95
C1 CLA RB . -23.79 18.43 28.22
C2 CLA RB . -24.18 17.45 27.18
C3 CLA RB . -23.46 17.22 26.07
C4 CLA RB . -22.21 17.94 25.77
C5 CLA RB . -23.91 16.23 25.06
C6 CLA RB . -23.54 14.79 25.35
C7 CLA RB . -24.73 13.86 25.24
C8 CLA RB . -25.65 14.16 24.06
C9 CLA RB . -27.07 13.66 24.34
C10 CLA RB . -25.10 13.63 22.74
C11 CLA RB . -25.54 12.22 22.37
C12 CLA RB . -25.13 11.87 20.96
C13 CLA RB . -26.25 11.12 20.24
C14 CLA RB . -25.72 10.40 19.00
C15 CLA RB . -27.38 12.06 19.86
MG CLA SB . -28.90 10.13 30.95
CHA CLA SB . -28.33 12.83 33.02
CHB CLA SB . -30.77 8.73 33.37
CHC CLA SB . -28.82 7.16 29.26
CHD CLA SB . -26.55 11.46 28.67
NA CLA SB . -29.71 10.85 32.73
C1A CLA SB . -29.40 12.05 33.38
C2A CLA SB . -30.07 12.11 34.75
C3A CLA SB . -30.58 10.66 34.94
C4A CLA SB . -30.50 10.08 33.53
CMA CLA SB . -29.70 9.88 35.87
CAA CLA SB . -31.21 13.11 34.83
CBA CLA SB . -31.70 13.62 33.48
CGA CLA SB . -33.00 14.35 33.65
O1A CLA SB . -34.09 13.90 34.00
O2A CLA SB . -32.91 15.68 33.38
NB CLA SB . -29.89 8.40 31.10
C1B CLA SB . -30.57 7.99 32.21
C2B CLA SB . -31.20 6.67 31.91
C3B CLA SB . -30.63 6.22 30.74
C4B CLA SB . -29.65 7.25 30.33
CMB CLA SB . -32.29 6.14 32.72
CAB CLA SB . -30.54 4.89 30.21
CBB CLA SB . -31.57 4.12 29.83
NC CLA SB . -27.93 9.48 29.22
C1C CLA SB . -27.99 8.19 28.76
C2C CLA SB . -27.28 8.11 27.49
C3C CLA SB . -26.74 9.38 27.25
C4C CLA SB . -26.97 10.13 28.47
CMC CLA SB . -27.15 6.90 26.68
CAC CLA SB . -26.41 9.96 25.94
CBC CLA SB . -24.97 9.76 25.57
ND CLA SB . -27.72 11.76 30.79
C1D CLA SB . -26.93 12.25 29.73
C2D CLA SB . -26.67 13.69 29.97
C3D CLA SB . -27.24 13.97 31.19
C4D CLA SB . -27.72 12.69 31.73
CMD CLA SB . -26.01 14.58 29.02
CAD CLA SB . -27.34 14.93 32.27
OBD CLA SB . -26.99 16.10 32.31
CBD CLA SB . -27.94 14.21 33.50
CGD CLA SB . -26.99 14.19 34.66
O1D CLA SB . -26.07 14.98 34.89
O2D CLA SB . -27.18 13.19 35.55
CED CLA SB . -27.22 13.55 36.92
C1 CLA SB . -34.13 16.30 32.90
C2 CLA SB . -33.87 17.75 32.79
C3 CLA SB . -34.78 18.61 32.28
C4 CLA SB . -34.50 20.06 32.17
C5 CLA SB . -36.11 18.16 31.81
C6 CLA SB . -36.30 18.35 30.32
C7 CLA SB . -37.51 19.23 30.03
C8 CLA SB . -37.36 19.91 28.67
C9 CLA SB . -36.43 21.11 28.79
C10 CLA SB . -38.73 20.31 28.09
C11 CLA SB . -39.26 21.62 28.59
C12 CLA SB . -40.37 22.16 27.71
C13 CLA SB . -40.82 23.54 28.16
C14 CLA SB . -39.72 24.56 27.94
C15 CLA SB . -41.26 23.54 29.62
C16 CLA SB . -41.72 24.90 30.10
C17 CLA SB . -41.98 24.91 31.59
C18 CLA SB . -42.53 26.24 32.07
C19 CLA SB . -43.92 26.48 31.52
C20 CLA SB . -42.56 26.30 33.58
MG CLA TB . -23.07 -19.11 75.14
CHA CLA TB . -19.88 -20.11 74.29
CHB CLA TB . -22.78 -20.77 78.07
CHC CLA TB . -26.28 -18.24 75.88
CHD CLA TB . -23.54 -17.89 71.87
NA CLA TB . -21.64 -20.39 75.95
C1A CLA TB . -20.32 -20.58 75.50
C2A CLA TB . -19.48 -21.24 76.59
C3A CLA TB . -20.56 -21.79 77.55
C4A CLA TB . -21.82 -21.04 77.13
CMA CLA TB . -20.73 -23.28 77.39
CAA CLA TB . -18.51 -20.29 77.27
CBA CLA TB . -19.12 -19.03 77.85
CGA CLA TB . -19.01 -17.92 76.85
O1A CLA TB . -18.19 -17.81 75.94
O2A CLA TB . -19.97 -16.97 76.98
NB CLA TB . -24.22 -19.27 76.78
C1B CLA TB . -24.00 -20.13 77.79
C2B CLA TB . -25.09 -20.03 78.80
C3B CLA TB . -26.08 -19.29 78.19
C4B CLA TB . -25.59 -18.91 76.84
CMB CLA TB . -24.79 -20.28 80.20
CAB CLA TB . -27.41 -18.95 78.62
CBB CLA TB . -28.17 -19.64 79.47
NC CLA TB . -24.53 -18.00 74.15
C1C CLA TB . -25.81 -17.85 74.60
C2C CLA TB . -26.53 -16.95 73.71
C3C CLA TB . -25.68 -16.73 72.62
C4C CLA TB . -24.52 -17.58 72.83
CMC CLA TB . -27.76 -16.26 74.05
CAC CLA TB . -25.98 -15.93 71.42
CBC CLA TB . -25.35 -14.55 71.48
ND CLA TB . -22.04 -19.05 73.41
C1D CLA TB . -22.31 -18.48 72.14
C2D CLA TB . -21.05 -18.37 71.39
C3D CLA TB . -20.11 -19.07 72.12
C4D CLA TB . -20.75 -19.42 73.40
CMD CLA TB . -20.94 -17.78 70.05
CAD CLA TB . -18.87 -19.84 72.07
OBD CLA TB . -18.00 -19.81 71.23
CBD CLA TB . -18.63 -20.39 73.51
CGD CLA TB . -18.29 -21.86 73.49
O1D CLA TB . -18.73 -22.72 72.73
O2D CLA TB . -17.37 -22.22 74.43
CED CLA TB . -17.23 -23.60 74.75
C1 CLA TB . -20.23 -16.20 75.78
C2 CLA TB . -21.63 -15.74 75.83
C3 CLA TB . -22.18 -15.03 74.84
C4 CLA TB . -21.42 -14.67 73.62
C5 CLA TB . -23.60 -14.56 74.89
C6 CLA TB . -24.30 -14.87 76.20
C7 CLA TB . -25.56 -14.06 76.33
C8 CLA TB . -26.13 -14.07 77.74
C9 CLA TB . -25.08 -13.67 78.75
C10 CLA TB . -26.70 -15.43 78.09
C11 CLA TB . -27.58 -15.39 79.33
C12 CLA TB . -28.79 -14.50 79.16
C13 CLA TB . -29.93 -15.20 78.45
C14 CLA TB . -30.17 -14.59 77.09
C15 CLA TB . -31.22 -15.13 79.26
C16 CLA TB . -31.12 -15.94 80.53
C17 CLA TB . -32.42 -16.66 80.83
C18 CLA TB . -33.25 -15.92 81.87
C19 CLA TB . -34.65 -15.63 81.36
C20 CLA TB . -33.32 -16.68 83.17
MG CLA UB . -26.15 -4.85 64.74
CHA CLA UB . -28.89 -4.95 62.65
CHB CLA UB . -26.09 -1.48 64.41
CHC CLA UB . -23.09 -4.77 66.29
CHD CLA UB . -25.67 -8.29 64.11
NA CLA UB . -27.48 -3.45 63.95
C1A CLA UB . -28.64 -3.72 63.19
C2A CLA UB . -29.26 -2.41 62.71
C3A CLA UB . -28.11 -1.40 62.89
C4A CLA UB . -27.19 -2.13 63.88
CMA CLA UB . -27.43 -1.08 61.59
CAA CLA UB . -30.49 -2.02 63.50
CBA CLA UB . -30.69 -2.81 64.78
CGA CLA UB . -31.23 -1.93 65.85
O1A CLA UB . -31.91 -0.91 65.73
O2A CLA UB . -30.92 -2.36 67.10
NB CLA UB . -24.97 -3.40 65.48
C1B CLA UB . -25.15 -2.07 65.28
C2B CLA UB . -24.02 -1.34 65.89
C3B CLA UB . -23.00 -2.25 66.05
C4B CLA UB . -23.62 -3.60 65.87
CMB CLA UB . -24.00 0.11 66.02
CAB CLA UB . -21.75 -2.11 66.73
CBB CLA UB . -21.63 -1.79 68.02
NC CLA UB . -24.78 -6.31 65.32
C1C CLA UB . -23.67 -6.06 66.06
C2C CLA UB . -23.05 -7.32 66.43
C3C CLA UB . -23.65 -8.30 65.65
C4C CLA UB . -24.69 -7.63 64.90
CMC CLA UB . -22.19 -7.50 67.61
CAC CLA UB . -23.55 -9.76 65.85
CBC CLA UB . -22.39 -10.37 65.10
ND CLA UB . -27.16 -6.36 63.86
C1D CLA UB . -26.81 -7.71 63.62
C2D CLA UB . -28.00 -8.37 63.04
C3D CLA UB . -28.89 -7.36 62.74
C4D CLA UB . -28.16 -6.10 63.04
CMD CLA UB . -28.26 -9.80 63.19
CAD CLA UB . -30.11 -6.98 62.04
OBD CLA UB . -30.84 -7.71 61.38
CBD CLA UB . -30.05 -5.45 61.82
CGD CLA UB . -29.88 -5.09 60.37
O1D CLA UB . -28.85 -4.66 59.83
O2D CLA UB . -30.97 -5.30 59.61
CED CLA UB . -31.11 -4.50 58.43
C1 CLA UB . -32.02 -2.85 67.89
C2 CLA UB . -31.74 -2.44 69.29
C3 CLA UB . -32.01 -1.22 69.78
C4 CLA UB . -32.66 -0.17 68.96
C5 CLA UB . -31.70 -0.87 71.19
C6 CLA UB . -32.92 -0.48 71.98
C7 CLA UB . -33.35 -1.58 72.93
C8 CLA UB . -32.22 -2.02 73.86
C9 CLA UB . -32.53 -3.38 74.45
C10 CLA UB . -31.98 -1.01 74.96
C11 CLA UB . -30.49 -0.83 75.23
C12 CLA UB . -30.22 0.39 76.10
C13 CLA UB . -28.75 0.44 76.53
C14 CLA UB . -27.84 0.58 75.33
C15 CLA UB . -28.38 -0.79 77.33
C16 CLA UB . -26.95 -0.74 77.86
C17 CLA UB . -26.74 -1.75 78.96
C18 CLA UB . -25.48 -2.58 78.76
C19 CLA UB . -24.24 -1.75 79.02
C20 CLA UB . -25.42 -3.20 77.39
MG CLA VB . -17.17 -5.02 23.58
CHA CLA VB . -19.34 -2.52 24.56
CHB CLA VB . -17.32 -3.83 20.40
CHC CLA VB . -14.67 -7.18 22.71
CHD CLA VB . -16.81 -5.98 26.94
NA CLA VB . -18.33 -3.56 22.63
C1A CLA VB . -18.99 -2.48 23.24
C2A CLA VB . -19.70 -1.63 22.18
C3A CLA VB . -19.29 -2.32 20.86
C4A CLA VB . -18.26 -3.35 21.29
CMA CLA VB . -20.48 -2.98 20.25
CAA CLA VB . -19.28 -0.16 22.26
CBA CLA VB . -18.04 0.14 21.48
CGA CLA VB . -17.01 0.75 22.37
O1A CLA VB . -16.53 1.88 22.31
O2A CLA VB . -16.57 -0.09 23.35
NB CLA VB . -16.30 -5.55 21.84
C1B CLA VB . -16.40 -4.87 20.67
C2B CLA VB . -15.60 -5.56 19.64
C3B CLA VB . -14.72 -6.37 20.31
C4B CLA VB . -15.23 -6.46 21.70
CMB CLA VB . -15.98 -5.61 18.24
CAB CLA VB . -13.83 -7.36 19.77
CBB CLA VB . -12.53 -7.45 20.00
NC CLA VB . -15.95 -6.33 24.64
C1C CLA VB . -14.86 -6.95 24.10
C2C CLA VB . -14.17 -7.71 25.12
C3C CLA VB . -14.73 -7.32 26.33
C4C CLA VB . -15.96 -6.59 26.00
CMC CLA VB . -13.22 -8.78 24.85
CAC CLA VB . -14.37 -7.84 27.65
CBC CLA VB . -13.22 -7.10 28.27
ND CLA VB . -17.93 -4.49 25.37
C1D CLA VB . -17.59 -4.88 26.68
C2D CLA VB . -18.44 -4.12 27.63
C3D CLA VB . -19.20 -3.27 26.85
C4D CLA VB . -18.69 -3.41 25.47
CMD CLA VB . -18.60 -4.47 29.03
CAD CLA VB . -20.27 -2.29 26.82
OBD CLA VB . -21.11 -2.04 27.68
CBD CLA VB . -20.41 -1.80 25.35
CGD CLA VB . -21.78 -2.07 24.79
O1D CLA VB . -22.16 -3.05 24.17
O2D CLA VB . -22.67 -1.07 25.02
CED CLA VB . -23.62 -0.76 24.00
C1 CLA VB . -15.15 -0.15 23.53
C2 CLA VB . -14.59 -0.75 22.29
C3 CLA VB . -14.18 -2.02 22.21
C4 CLA VB . -14.26 -2.94 23.38
C5 CLA VB . -13.62 -2.57 20.95
C6 CLA VB . -12.24 -3.19 21.09
C7 CLA VB . -11.21 -2.13 21.42
C8 CLA VB . -10.20 -1.91 20.30
C9 CLA VB . -9.54 -3.21 19.90
C10 CLA VB . -9.15 -0.88 20.73
C11 CLA VB . -8.63 -0.06 19.57
C12 CLA VB . -9.75 0.65 18.84
C13 CLA VB . -9.20 1.54 17.72
C14 CLA VB . -8.67 2.83 18.29
C15 CLA VB . -10.24 1.81 16.65
MG CLA WB . -44.85 13.13 19.84
CHA CLA WB . -43.93 12.54 16.55
CHB CLA WB . -41.60 13.66 20.65
CHC CLA WB . -45.78 13.48 23.14
CHD CLA WB . -48.17 12.27 19.02
NA CLA WB . -43.07 13.07 18.76
C1A CLA WB . -42.93 13.03 17.37
C2A CLA WB . -41.47 13.20 16.97
C3A CLA WB . -40.73 13.27 18.32
C4A CLA WB . -41.85 13.23 19.36
CMA CLA WB . -39.76 12.13 18.49
CAA CLA WB . -41.23 14.48 16.18
CBA CLA WB . -40.19 14.25 15.11
CGA CLA WB . -39.93 15.51 14.34
O1A CLA WB . -40.74 16.31 13.85
O2A CLA WB . -38.60 15.76 14.16
NB CLA WB . -43.89 13.58 21.55
C1B CLA WB . -42.55 13.77 21.67
C2B CLA WB . -42.22 14.14 23.08
C3B CLA WB . -43.40 13.99 23.80
C4B CLA WB . -44.48 13.71 22.82
CMB CLA WB . -40.85 14.21 23.56
CAB CLA WB . -43.68 14.27 25.19
CBB CLA WB . -43.35 15.38 25.85
NC CLA WB . -46.68 13.05 20.85
C1C CLA WB . -46.82 13.15 22.21
C2C CLA WB . -48.23 13.14 22.55
C3C CLA WB . -48.93 12.92 21.36
C4C CLA WB . -47.93 12.74 20.32
CMC CLA WB . -48.77 13.40 23.88
CAC CLA WB . -50.39 12.98 21.17
CBC CLA WB . -50.83 14.26 20.48
ND CLA WB . -45.88 12.55 18.21
C1D CLA WB . -47.27 12.36 17.99
C2D CLA WB . -47.50 12.19 16.53
C3D CLA WB . -46.26 12.30 15.93
C4D CLA WB . -45.27 12.41 17.03
CMD CLA WB . -48.76 11.76 15.96
CAD CLA WB . -45.49 12.01 14.74
OBD CLA WB . -45.89 11.71 13.61
CBD CLA WB . -44.01 12.36 15.05
CGD CLA WB . -43.07 11.32 14.55
O1D CLA WB . -42.04 11.47 13.87
O2D CLA WB . -43.41 10.04 14.90
CED CLA WB . -43.10 8.99 13.99
C1 PQN XB . -22.13 -13.48 59.32
O1 PQN XB . -21.12 -12.80 59.07
C2 PQN XB . -22.44 -13.85 60.72
C2M PQN XB . -21.51 -13.37 61.80
C3 PQN XB . -23.54 -14.60 60.99
C4 PQN XB . -24.43 -15.04 59.89
O4 PQN XB . -25.44 -15.72 60.16
C5 PQN XB . -24.14 -14.68 58.49
C6 PQN XB . -24.98 -15.10 57.48
C7 PQN XB . -24.69 -14.75 56.16
C8 PQN XB . -23.57 -13.98 55.88
C9 PQN XB . -22.73 -13.57 56.90
C10 PQN XB . -23.01 -13.92 58.20
C11 PQN XB . -23.91 -15.01 62.40
C12 PQN XB . -24.75 -13.93 63.06
C13 PQN XB . -25.58 -14.18 64.06
C14 PQN XB . -25.79 -15.57 64.57
C15 PQN XB . -26.37 -13.03 64.67
C16 PQN XB . -26.27 -13.12 66.20
C17 PQN XB . -27.38 -12.34 66.88
C18 PQN XB . -26.83 -11.03 67.44
C19 PQN XB . -26.37 -11.24 68.87
C20 PQN XB . -27.90 -9.95 67.33
C21 PQN XB . -27.41 -8.64 67.93
C22 PQN XB . -27.81 -7.45 67.07
C23 PQN XB . -29.17 -6.91 67.49
C24 PQN XB . -30.07 -6.67 66.29
C25 PQN XB . -28.97 -5.63 68.29
C26 PQN XB . -29.91 -5.56 69.49
C27 PQN XB . -29.73 -6.76 70.42
C28 PQN XB . -30.05 -6.41 71.86
C29 PQN XB . -29.77 -7.60 72.78
C30 PQN XB . -29.27 -5.19 72.33
FE1 SF4 YB . -25.31 -18.79 48.24
FE2 SF4 YB . -24.70 -18.10 45.68
FE3 SF4 YB . -27.16 -19.11 46.27
FE4 SF4 YB . -24.97 -20.74 46.36
S1 SF4 YB . -25.82 -19.70 44.53
S2 SF4 YB . -26.63 -20.60 47.90
S3 SF4 YB . -23.38 -19.29 47.11
S4 SF4 YB . -26.27 -17.15 47.00
C1 BCR ZB . -47.41 22.57 66.12
C2 BCR ZB . -46.36 21.64 66.68
C3 BCR ZB . -45.43 21.21 65.59
C4 BCR ZB . -44.70 22.39 65.03
C5 BCR ZB . -45.57 23.57 64.83
C6 BCR ZB . -46.82 23.68 65.31
C7 BCR ZB . -47.63 24.88 65.11
C8 BCR ZB . -48.44 25.04 64.07
C9 BCR ZB . -49.51 26.02 64.03
C10 BCR ZB . -50.17 26.21 62.89
C11 BCR ZB . -51.29 27.10 62.71
C33 BCR ZB . -44.93 24.65 64.06
C31 BCR ZB . -48.20 23.11 67.29
C32 BCR ZB . -48.33 21.72 65.27
C34 BCR ZB . -50.01 26.54 65.31
C12 BCR ZB . -51.84 27.18 61.50
C13 BCR ZB . -52.84 28.13 61.09
C14 BCR ZB . -53.23 28.11 59.81
C15 BCR ZB . -54.25 28.97 59.25
C16 BCR ZB . -54.50 28.91 57.94
C17 BCR ZB . -55.59 29.66 57.38
C18 BCR ZB . -55.93 29.67 56.09
C19 BCR ZB . -57.09 30.43 55.68
C20 BCR ZB . -57.40 30.63 54.40
C21 BCR ZB . -58.65 31.24 54.06
C22 BCR ZB . -59.05 31.57 52.83
C23 BCR ZB . -60.14 32.52 52.69
C24 BCR ZB . -60.91 32.59 51.60
C25 BCR ZB . -61.79 33.69 51.23
C26 BCR ZB . -63.05 33.80 51.68
C27 BCR ZB . -64.02 34.87 51.36
C28 BCR ZB . -63.38 36.04 50.64
C29 BCR ZB . -62.36 35.53 49.65
C30 BCR ZB . -61.25 34.73 50.29
C35 BCR ZB . -53.30 29.18 62.02
C36 BCR ZB . -55.14 28.98 55.07
C37 BCR ZB . -58.60 30.80 51.65
C38 BCR ZB . -63.66 32.81 52.60
C39 BCR ZB . -60.25 35.64 50.98
C40 BCR ZB . -60.50 34.08 49.13
C1 BCR AC . -44.75 2.67 37.31
C2 BCR AC . -44.77 1.49 38.25
C3 BCR AC . -43.36 1.09 38.57
C4 BCR AC . -42.69 2.19 39.34
C5 BCR AC . -42.91 3.51 38.71
C6 BCR AC . -43.84 3.75 37.77
C7 BCR AC . -44.03 5.08 37.19
C8 BCR AC . -43.35 5.54 36.14
C9 BCR AC . -43.19 6.95 35.87
C10 BCR AC . -42.57 7.34 34.75
C11 BCR AC . -42.67 8.68 34.24
C33 BCR AC . -42.00 4.54 39.22
C31 BCR AC . -46.17 3.17 37.18
C32 BCR AC . -44.29 2.11 35.99
C34 BCR AC . -43.96 7.91 36.69
C12 BCR AC . -42.11 8.95 33.07
C13 BCR AC . -42.06 10.27 32.48
C14 BCR AC . -41.49 10.42 31.29
C15 BCR AC . -41.25 11.69 30.67
C16 BCR AC . -40.52 11.75 29.55
C17 BCR AC . -40.41 13.03 28.92
C18 BCR AC . -39.63 13.32 27.87
C19 BCR AC . -39.63 14.68 27.37
C20 BCR AC . -38.76 15.13 26.46
C21 BCR AC . -38.73 16.55 26.21
C22 BCR AC . -38.31 17.13 25.10
C23 BCR AC . -38.57 18.56 24.92
C24 BCR AC . -38.39 19.20 23.76
C25 BCR AC . -38.35 20.65 23.58
C26 BCR AC . -39.45 21.37 23.37
C27 BCR AC . -39.52 22.84 23.17
C28 BCR AC . -38.20 23.53 23.45
C29 BCR AC . -37.06 22.68 22.95
C30 BCR AC . -37.00 21.32 23.61
C35 BCR AC . -42.74 11.39 33.15
C36 BCR AC . -38.62 12.37 27.36
C37 BCR AC . -37.74 16.35 23.98
C38 BCR AC . -40.80 20.78 23.32
C39 BCR AC . -36.47 21.42 25.03
C40 BCR AC . -35.97 20.52 22.82
C1 BCR BC . -35.28 4.51 39.20
C2 BCR BC . -35.84 3.17 38.78
C3 BCR BC . -36.96 2.78 39.70
C4 BCR BC . -38.10 3.76 39.62
C5 BCR BC . -37.63 5.16 39.53
C6 BCR BC . -36.36 5.53 39.35
C7 BCR BC . -35.97 6.94 39.23
C8 BCR BC . -35.62 7.68 40.27
C9 BCR BC . -35.87 9.11 40.34
C10 BCR BC . -36.54 9.72 39.34
C11 BCR BC . -36.97 11.08 39.42
C33 BCR BC . -38.72 6.15 39.66
C31 BCR BC . -34.27 4.91 38.15
C32 BCR BC . -34.56 4.30 40.52
C34 BCR BC . -35.35 9.86 41.47
C12 BCR BC . -36.91 11.85 38.33
C13 BCR BC . -36.93 13.29 38.35
C14 BCR BC . -36.95 13.95 37.19
C15 BCR BC . -37.15 15.37 37.09
C16 BCR BC . -36.94 15.99 35.93
C17 BCR BC . -36.96 17.43 35.95
C18 BCR BC . -37.73 18.21 35.17
C19 BCR BC . -37.49 19.64 35.18
C20 BCR BC . -38.17 20.48 34.41
C21 BCR BC . -37.90 21.89 34.51
C22 BCR BC . -38.09 22.76 33.52
C23 BCR BC . -37.53 24.10 33.66
C24 BCR BC . -36.49 24.49 32.93
C25 BCR BC . -36.26 25.82 32.37
C26 BCR BC . -35.59 26.74 33.04
C27 BCR BC . -35.29 28.09 32.54
C28 BCR BC . -35.05 28.01 31.06
C29 BCR BC . -36.24 27.39 30.39
C30 BCR BC . -36.78 26.10 31.00
C35 BCR BC . -37.18 14.01 39.60
C36 BCR BC . -38.91 17.68 34.47
C37 BCR BC . -38.34 22.27 32.15
C38 BCR BC . -35.03 26.52 34.39
C39 BCR BC . -36.52 24.91 30.09
C40 BCR BC . -38.29 26.29 30.99
C1 BCR CC . -27.20 8.40 61.97
C2 BCR CC . -26.58 9.14 60.79
C3 BCR CC . -26.00 10.45 61.24
C4 BCR CC . -24.87 10.16 62.20
C5 BCR CC . -25.30 9.26 63.29
C6 BCR CC . -26.35 8.43 63.21
C7 BCR CC . -26.75 7.56 64.32
C8 BCR CC . -26.19 6.38 64.60
C9 BCR CC . -26.55 5.58 65.75
C10 BCR CC . -25.72 4.60 66.14
C11 BCR CC . -24.34 4.46 65.78
C33 BCR CC . -24.43 9.36 64.48
C31 BCR CC . -27.54 7.03 61.46
C32 BCR CC . -28.50 9.11 62.28
C34 BCR CC . -27.89 5.74 66.31
C12 BCR CC . -23.57 3.70 66.58
C13 BCR CC . -22.24 3.23 66.28
C14 BCR CC . -21.59 2.57 67.25
C15 BCR CC . -20.40 1.79 67.09
C16 BCR CC . -19.63 1.52 68.15
C17 BCR CC . -18.82 0.33 68.18
C18 BCR CC . -18.43 -0.33 69.29
C19 BCR CC . -19.04 0.03 70.55
C20 BCR CC . -18.49 -0.29 71.72
C21 BCR CC . -19.05 -1.41 72.45
C22 BCR CC . -18.36 -2.46 72.88
C23 BCR CC . -19.06 -3.44 73.69
C24 BCR CC . -19.07 -3.40 75.03
C25 BCR CC . -19.78 -4.31 75.92
C26 BCR CC . -19.22 -5.45 76.34
C27 BCR CC . -19.85 -6.43 77.26
C28 BCR CC . -20.85 -5.75 78.15
C29 BCR CC . -21.80 -4.93 77.32
C30 BCR CC . -21.14 -3.90 76.41
C35 BCR CC . -21.52 3.75 65.11
C36 BCR CC . -17.28 -1.23 69.32
C37 BCR CC . -16.89 -2.47 72.86
C38 BCR CC . -17.89 -5.91 75.92
C39 BCR CC . -21.03 -2.56 77.10
C40 BCR CC . -22.15 -3.71 75.28
O1 LHG DC . -40.04 -16.14 55.04
C1 LHG DC . -39.41 -15.36 54.03
C2 LHG DC . -38.56 -14.31 54.70
O2 LHG DC . -39.35 -13.25 55.17
C3 LHG DC . -37.55 -13.68 53.77
O3 LHG DC . -36.90 -12.81 54.68
P LHG DC . -35.33 -12.98 55.00
O4 LHG DC . -35.22 -13.73 56.29
O5 LHG DC . -34.73 -13.18 53.66
O6 LHG DC . -35.10 -11.40 55.47
C4 LHG DC . -34.46 -10.51 54.61
C5 LHG DC . -34.36 -9.21 55.42
C6 LHG DC . -35.41 -8.20 55.00
O7 LHG DC . -34.61 -9.56 56.76
C7 LHG DC . -34.08 -8.71 57.66
O9 LHG DC . -33.14 -7.97 57.41
C8 LHG DC . -34.59 -9.01 59.02
C9 LHG DC . -33.82 -8.21 60.02
C10 LHG DC . -34.68 -7.10 60.58
O8 LHG DC . -34.67 -7.00 54.73
C23 LHG DC . -35.36 -5.82 54.76
O10 LHG DC . -36.49 -5.79 55.22
C24 LHG DC . -34.78 -4.57 54.13
C11 LHG DC . -34.19 -7.02 61.99
C12 LHG DC . -34.76 -5.81 62.64
C13 LHG DC . -34.14 -5.67 64.01
C14 LHG DC . -34.44 -4.32 64.61
C25 LHG DC . -33.57 -3.97 54.83
C26 LHG DC . -32.61 -3.17 53.95
C27 LHG DC . -32.10 -2.08 54.86
C28 LHG DC . -30.95 -1.26 54.33
C29 LHG DC . -30.99 0.07 55.08
C30 LHG DC . -29.67 0.63 55.53
C31 LHG DC . -29.74 1.93 56.31
C32 LHG DC . -28.63 2.13 57.32
C33 LHG DC . -28.33 3.61 57.38
O1 LHG EC . -47.05 8.06 25.34
C1 LHG EC . -45.86 8.77 25.59
C2 LHG EC . -45.84 9.98 24.70
O2 LHG EC . -46.89 10.86 25.05
C3 LHG EC . -46.06 9.64 23.25
O3 LHG EC . -44.72 9.53 22.85
P LHG EC . -44.34 9.01 21.38
O4 LHG EC . -44.83 7.61 21.27
O5 LHG EC . -44.49 10.20 20.52
O6 LHG EC . -42.73 8.81 21.70
C4 LHG EC . -42.03 9.76 22.45
C5 LHG EC . -40.57 9.49 22.07
C6 LHG EC . -39.82 10.80 21.96
O7 LHG EC . -40.01 8.76 23.14
C7 LHG EC . -39.48 7.56 22.78
O9 LHG EC . -39.68 7.05 21.69
C8 LHG EC . -38.50 7.10 23.78
C9 LHG EC . -37.14 6.97 23.14
C10 LHG EC . -36.08 7.48 24.07
O8 LHG EC . -38.46 10.47 22.26
C23 LHG EC . -37.86 11.21 23.23
O10 LHG EC . -38.55 11.69 24.11
C24 LHG EC . -36.46 11.76 23.00
C11 LHG EC . -34.83 6.88 23.48
C12 LHG EC . -33.71 7.88 23.54
C13 LHG EC . -32.97 7.70 24.85
C14 LHG EC . -33.12 8.89 25.75
C15 LHG EC . -32.17 8.69 26.92
C16 LHG EC . -30.80 9.17 26.55
C17 LHG EC . -30.81 10.65 26.19
C18 LHG EC . -30.52 11.34 27.50
C19 LHG EC . -30.31 12.83 27.37
C20 LHG EC . -30.51 13.30 28.80
C21 LHG EC . -30.24 14.75 28.89
C22 LHG EC . -30.66 15.23 30.26
C25 LHG EC . -35.93 12.64 24.10
C26 LHG EC . -34.66 12.15 24.79
C27 LHG EC . -34.90 12.47 26.24
C28 LHG EC . -34.15 13.65 26.79
C29 LHG EC . -34.64 13.83 28.22
C30 LHG EC . -34.95 15.24 28.63
C1 BCR FC . -61.77 28.59 56.86
C2 BCR FC . -62.78 29.67 57.21
C3 BCR FC . -62.09 30.90 57.73
C4 BCR FC . -61.26 30.59 58.96
C5 BCR FC . -60.58 29.27 58.90
C6 BCR FC . -60.77 28.35 57.95
C7 BCR FC . -60.07 27.07 57.96
C8 BCR FC . -58.93 26.87 57.29
C9 BCR FC . -58.20 25.63 57.31
C10 BCR FC . -56.89 25.65 57.09
C11 BCR FC . -56.04 24.48 57.01
C33 BCR FC . -59.62 29.07 59.99
C31 BCR FC . -61.12 29.03 55.56
C32 BCR FC . -62.55 27.32 56.61
C34 BCR FC . -58.96 24.36 57.39
C12 BCR FC . -54.73 24.67 56.88
C13 BCR FC . -53.73 23.62 56.83
C14 BCR FC . -52.46 23.94 57.10
C15 BCR FC . -51.36 23.03 57.02
C16 BCR FC . -50.15 23.43 57.42
C17 BCR FC . -49.02 22.60 57.12
C18 BCR FC . -47.74 22.96 57.28
C19 BCR FC . -46.76 21.91 57.47
C20 BCR FC . -45.47 22.17 57.70
C21 BCR FC . -44.62 21.13 58.20
C22 BCR FC . -43.60 20.59 57.53
C23 BCR FC . -42.66 19.72 58.21
C24 BCR FC . -41.42 19.48 57.76
C25 BCR FC . -40.74 18.20 57.77
C26 BCR FC . -40.61 17.49 56.65
C27 BCR FC . -39.94 16.18 56.49
C28 BCR FC . -39.46 15.59 57.80
C29 BCR FC . -39.08 16.64 58.80
C30 BCR FC . -40.14 17.71 59.05
C35 BCR FC . -54.10 22.27 56.37
C36 BCR FC . -47.34 24.36 57.48
C37 BCR FC . -43.58 20.67 56.06
C38 BCR FC . -41.18 17.93 55.36
C39 BCR FC . -39.55 18.87 59.83
C40 BCR FC . -41.15 17.04 59.97
MG CLA GC . -10.49 -4.33 61.95
CHA CLA GC . -10.77 -0.93 61.43
CHB CLA GC . -10.56 -3.78 65.30
CHC CLA GC . -10.96 -7.69 62.45
CHD CLA GC . -10.89 -4.82 58.52
NA CLA GC . -10.60 -2.61 63.14
C1A CLA GC . -10.81 -1.29 62.74
C2A CLA GC . -10.61 -0.36 63.95
C3A CLA GC . -10.16 -1.32 65.06
C4A CLA GC . -10.58 -2.66 64.50
CMA CLA GC . -8.67 -1.26 65.30
CAA CLA GC . -11.89 0.35 64.37
CBA CLA GC . -11.62 1.50 65.32
CGA CLA GC . -12.34 1.27 66.61
O1A CLA GC . -12.83 0.24 67.06
O2A CLA GC . -12.46 2.40 67.37
NB CLA GC . -10.61 -5.52 63.57
C1B CLA GC . -10.76 -5.08 64.84
C2B CLA GC . -11.57 -6.07 65.60
C3B CLA GC . -11.50 -7.23 64.89
C4B CLA GC . -10.95 -6.89 63.55
CMB CLA GC . -11.88 -5.91 67.02
CAB CLA GC . -11.46 -8.54 65.43
CBB CLA GC . -12.52 -9.31 65.66
NC CLA GC . -10.55 -5.98 60.69
C1C CLA GC . -10.75 -7.27 61.10
C2C CLA GC . -10.62 -8.16 59.95
C3C CLA GC . -10.52 -7.32 58.82
C4C CLA GC . -10.75 -5.98 59.31
CMC CLA GC . -10.77 -9.61 59.99
CAC CLA GC . -10.25 -7.72 57.43
CBC CLA GC . -8.85 -7.36 56.95
ND CLA GC . -10.45 -3.19 60.30
C1D CLA GC . -10.57 -3.55 58.92
C2D CLA GC . -10.75 -2.33 58.13
C3D CLA GC . -10.78 -1.28 59.03
C4D CLA GC . -10.53 -1.87 60.37
CMD CLA GC . -11.22 -2.35 56.75
CAD CLA GC . -11.20 0.09 59.24
OBD CLA GC . -11.87 0.78 58.50
CBD CLA GC . -11.17 0.36 60.77
CGD CLA GC . -10.24 1.47 61.13
O1D CLA GC . -10.27 2.19 62.14
O2D CLA GC . -9.27 1.69 60.22
CED CLA GC . -8.30 2.68 60.54
C1 CLA GC . -12.53 2.23 68.81
C2 CLA GC . -13.55 3.14 69.41
C3 CLA GC . -14.87 2.95 69.29
C4 CLA GC . -15.43 1.82 68.53
C5 CLA GC . -15.87 3.86 69.92
C6 CLA GC . -16.94 3.10 70.69
C7 CLA GC . -17.90 3.99 71.43
C8 CLA GC . -19.27 4.02 70.78
C9 CLA GC . -19.77 5.44 70.65
C10 CLA GC . -20.31 3.21 71.54
C11 CLA GC . -21.65 3.24 70.83
C12 CLA GC . -22.46 1.98 71.04
C13 CLA GC . -23.74 2.02 70.21
C14 CLA GC . -24.84 2.76 70.94
C15 CLA GC . -24.21 0.62 69.85
MG CLA HC . -6.28 3.99 54.18
CHA CLA HC . -4.16 1.31 54.80
CHB CLA HC . -8.49 1.92 52.68
CHC CLA HC . -8.32 6.67 53.57
CHD CLA HC . -3.73 6.19 55.19
NA CLA HC . -6.31 1.93 53.84
C1A CLA HC . -5.38 0.95 54.26
C2A CLA HC . -5.64 -0.34 53.48
C3A CLA HC . -6.85 -0.01 52.57
C4A CLA HC . -7.29 1.36 53.07
CMA CLA HC . -6.42 0.00 51.13
CAA CLA HC . -5.94 -1.54 54.35
CBA CLA HC . -7.29 -1.53 55.02
CGA CLA HC . -7.65 -2.95 55.30
O1A CLA HC . -7.71 -3.91 54.52
O2A CLA HC . -7.92 -3.18 56.61
NB CLA HC . -8.13 4.22 53.43
C1B CLA HC . -8.93 3.21 53.01
C2B CLA HC . -10.31 3.75 52.82
C3B CLA HC . -10.23 5.12 53.01
C4B CLA HC . -8.80 5.44 53.26
CMB CLA HC . -11.48 2.89 52.80
CAB CLA HC . -11.22 6.16 53.02
CBB CLA HC . -12.20 6.35 52.15
NC CLA HC . -6.06 6.05 54.36
C1C CLA HC . -6.96 6.96 53.88
C2C CLA HC . -6.49 8.31 54.20
C3C CLA HC . -5.21 8.16 54.72
C4C CLA HC . -4.89 6.75 54.63
CMC CLA HC . -7.39 9.44 54.40
CAC CLA HC . -4.32 9.21 55.21
CBC CLA HC . -3.37 9.67 54.13
ND CLA HC . -4.39 3.86 54.85
C1D CLA HC . -3.53 4.85 55.38
C2D CLA HC . -2.29 4.19 55.81
C3D CLA HC . -2.42 2.85 55.51
C4D CLA HC . -3.76 2.69 54.90
CMD CLA HC . -1.27 4.89 56.57
CAD CLA HC . -1.96 1.53 55.84
OBD CLA HC . -0.81 1.10 55.89
CBD CLA HC . -3.21 0.61 55.75
CGD CLA HC . -2.76 -0.76 55.33
O1D CLA HC . -2.05 -1.07 54.38
O2D CLA HC . -3.19 -1.75 56.14
CED CLA HC . -2.37 -2.92 56.20
C1 CLA HC . -6.78 -3.41 57.46
C2 CLA HC . -7.09 -2.72 58.73
C3 CLA HC . -6.28 -2.73 59.78
C4 CLA HC . -4.98 -3.44 59.77
C5 CLA HC . -6.66 -2.01 61.02
C6 CLA HC . -5.54 -1.15 61.54
C7 CLA HC . -6.06 0.17 62.07
C8 CLA HC . -5.79 0.33 63.56
C9 CLA HC . -6.21 1.70 64.03
C10 CLA HC . -4.33 0.08 63.88
C11 CLA HC . -4.17 -0.44 65.30
C12 CLA HC . -4.60 -1.87 65.45
C13 CLA HC . -4.11 -2.42 66.78
C14 CLA HC . -2.64 -2.74 66.71
C15 CLA HC . -4.87 -3.67 67.19
C16 CLA HC . -6.36 -3.43 67.33
C17 CLA HC . -6.92 -4.54 68.17
C18 CLA HC . -8.42 -4.73 68.12
C19 CLA HC . -9.11 -3.46 68.57
C20 CLA HC . -8.79 -5.87 69.04
MG CLA IC . -18.01 -1.20 40.84
CHA CLA IC . -19.97 -1.39 38.02
CHB CLA IC . -15.26 -0.90 38.90
CHC CLA IC . -16.03 -1.26 43.64
CHD CLA IC . -20.36 -3.14 42.50
NA CLA IC . -17.73 -0.86 38.80
C1A CLA IC . -18.69 -0.94 37.80
C2A CLA IC . -18.06 -0.58 36.46
C3A CLA IC . -16.55 -0.72 36.74
C4A CLA IC . -16.49 -0.94 38.24
CMA CLA IC . -15.93 -1.87 35.99
CAA CLA IC . -18.44 0.84 36.09
CBA CLA IC . -18.02 1.14 34.67
CGA CLA IC . -16.77 1.93 34.73
O1A CLA IC . -16.51 2.87 35.46
O2A CLA IC . -15.82 1.51 33.83
NB CLA IC . -16.07 -0.82 41.21
C1B CLA IC . -15.10 -0.73 40.28
C2B CLA IC . -13.86 -0.22 40.93
C3B CLA IC . -14.09 -0.27 42.28
C4B CLA IC . -15.44 -0.88 42.47
CMB CLA IC . -12.62 -0.10 40.16
CAB CLA IC . -13.34 0.21 43.41
CBB CLA IC . -12.43 1.18 43.42
NC CLA IC . -18.31 -1.79 42.82
C1C CLA IC . -17.38 -1.69 43.80
C2C CLA IC . -17.93 -2.27 45.01
C3C CLA IC . -19.22 -2.67 44.71
C4C CLA IC . -19.27 -2.68 43.26
CMC CLA IC . -17.46 -1.90 46.33
CAC CLA IC . -20.38 -2.49 45.58
CBC CLA IC . -21.00 -3.80 45.98
ND CLA IC . -19.91 -1.78 40.53
C1D CLA IC . -20.75 -2.62 41.30
C2D CLA IC . -22.00 -2.85 40.56
C3D CLA IC . -21.82 -2.25 39.33
C4D CLA IC . -20.41 -1.82 39.31
CMD CLA IC . -23.24 -3.22 41.24
CAD CLA IC . -22.34 -2.02 38.00
OBD CLA IC . -23.34 -2.50 37.48
CBD CLA IC . -21.23 -1.32 37.18
CGD CLA IC . -21.05 -1.96 35.83
O1D CLA IC . -20.26 -2.86 35.54
O2D CLA IC . -21.85 -1.48 34.86
CED CLA IC . -21.31 -0.48 34.01
C1 CLA IC . -14.60 2.27 33.77
C2 CLA IC . -13.64 1.67 34.72
C3 CLA IC . -13.09 2.35 35.74
C4 CLA IC . -13.41 3.77 36.00
C5 CLA IC . -12.13 1.71 36.67
C6 CLA IC . -10.76 2.38 36.59
C7 CLA IC . -10.06 1.96 35.32
C8 CLA IC . -9.21 3.05 34.69
C9 CLA IC . -10.02 4.31 34.48
C10 CLA IC . -8.66 2.58 33.36
C11 CLA IC . -7.33 1.89 33.51
C12 CLA IC . -7.24 0.69 32.59
C13 CLA IC . -5.80 0.41 32.18
C14 CLA IC . -5.28 1.55 31.33
C15 CLA IC . -5.70 -0.92 31.44
C16 CLA IC . -4.29 -1.20 30.98
C17 CLA IC . -3.50 -1.95 32.03
C18 CLA IC . -3.01 -3.29 31.50
C19 CLA IC . -1.79 -3.77 32.26
C20 CLA IC . -4.12 -4.32 31.60
MG CLA JC . 2.55 -23.18 34.47
CHA CLA JC . 1.13 -25.62 32.47
CHB CLA JC . 4.89 -25.43 35.47
CHC CLA JC . 3.77 -20.88 36.70
CHD CLA JC . -0.44 -21.34 34.25
NA CLA JC . 3.00 -25.14 33.93
C1A CLA JC . 2.40 -25.88 32.91
C2A CLA JC . 3.18 -27.16 32.66
C3A CLA JC . 4.16 -27.23 33.86
C4A CLA JC . 3.97 -25.88 34.54
CMA CLA JC . 3.83 -28.35 34.80
CAA CLA JC . 3.92 -27.12 31.33
CBA CLA JC . 4.65 -25.81 31.10
CGA CLA JC . 4.26 -25.24 29.78
O1A CLA JC . 3.54 -25.75 28.91
O2A CLA JC . 4.78 -24.01 29.54
NB CLA JC . 4.16 -23.09 35.68
C1B CLA JC . 4.95 -24.15 36.01
C2B CLA JC . 6.03 -23.69 36.92
C3B CLA JC . 5.70 -22.41 37.31
C4B CLA JC . 4.44 -22.06 36.61
CMB CLA JC . 7.31 -24.41 37.01
CAB CLA JC . 6.39 -21.46 38.14
CBB CLA JC . 6.96 -21.73 39.32
NC CLA JC . 1.89 -21.30 35.13
C1C CLA JC . 2.50 -20.57 36.11
C2C CLA JC . 1.83 -19.29 36.21
C3C CLA JC . 0.60 -19.44 35.57
C4C CLA JC . 0.61 -20.77 34.98
CMC CLA JC . 2.53 -18.04 36.53
CAC CLA JC . -0.31 -18.35 35.19
CBC CLA JC . -1.22 -17.92 36.32
ND CLA JC . 0.83 -23.27 33.44
C1D CLA JC . -0.32 -22.44 33.43
C2D CLA JC . -1.22 -22.92 32.36
C3D CLA JC . -0.71 -24.14 31.95
C4D CLA JC . 0.48 -24.38 32.79
CMD CLA JC . -2.48 -22.29 32.00
CAD CLA JC . -0.88 -25.29 31.09
OBD CLA JC . -1.67 -25.46 30.17
CBD CLA JC . 0.31 -26.25 31.37
CGD CLA JC . -0.16 -27.62 31.75
O1D CLA JC . -0.57 -28.51 31.01
O2D CLA JC . -0.11 -27.88 33.08
CED CLA JC . 0.27 -29.19 33.48
C1 CLA JC . 4.99 -23.68 28.16
C2 CLA JC . 5.79 -22.43 28.12
C3 CLA JC . 6.61 -22.13 27.11
C4 CLA JC . 6.80 -23.01 25.94
C5 CLA JC . 7.39 -20.86 27.14
C6 CLA JC . 8.86 -21.08 27.43
C7 CLA JC . 9.66 -19.85 27.08
C8 CLA JC . 10.90 -19.70 27.95
C9 CLA JC . 10.52 -19.67 29.42
C10 CLA JC . 11.65 -18.43 27.58
C11 CLA JC . 12.75 -18.70 26.58
C12 CLA JC . 13.16 -17.44 25.84
C13 CLA JC . 14.53 -17.57 25.22
C14 CLA JC . 14.93 -16.28 24.52
C15 CLA JC . 14.61 -18.74 24.24
MG CLA KC . 5.47 -28.66 44.96
CHA CLA KC . 7.39 -28.31 47.81
CHB CLA KC . 6.99 -25.91 43.66
CHC CLA KC . 3.33 -28.84 42.29
CHD CLA KC . 3.83 -31.37 46.47
NA CLA KC . 7.01 -27.42 45.59
C1A CLA KC . 7.80 -27.55 46.76
C2A CLA KC . 8.95 -26.56 46.75
C3A CLA KC . 8.46 -25.55 45.68
C4A CLA KC . 7.51 -26.39 44.85
CMA CLA KC . 7.73 -24.43 46.34
CAA CLA KC . 10.25 -27.29 46.43
CBA CLA KC . 10.97 -26.79 45.19
CGA CLA KC . 11.79 -25.58 45.50
O1A CLA KC . 12.07 -24.64 44.76
O2A CLA KC . 12.26 -25.54 46.79
NB CLA KC . 5.23 -27.59 43.27
C1B CLA KC . 6.00 -26.55 42.89
C2B CLA KC . 5.56 -26.07 41.55
C3B CLA KC . 4.51 -26.88 41.17
C4B CLA KC . 4.34 -27.91 42.23
CMB CLA KC . 6.27 -25.03 40.82
CAB CLA KC . 3.56 -26.72 40.10
CBB CLA KC . 3.84 -26.68 38.80
NC CLA KC . 3.87 -29.90 44.47
C1C CLA KC . 3.07 -29.72 43.38
C2C CLA KC . 1.84 -30.48 43.55
C3C CLA KC . 1.98 -31.19 44.76
C4C CLA KC . 3.31 -30.90 45.25
CMC CLA KC . 0.85 -30.70 42.51
CAC CLA KC . 1.10 -32.25 45.25
CBC CLA KC . 0.25 -31.81 46.42
ND CLA KC . 5.60 -29.71 46.68
C1D CLA KC . 4.76 -30.70 47.24
C2D CLA KC . 5.25 -31.04 48.59
C3D CLA KC . 6.19 -30.08 48.90
C4D CLA KC . 6.46 -29.36 47.64
CMD CLA KC . 4.91 -32.26 49.31
CAD CLA KC . 7.18 -29.63 49.87
OBD CLA KC . 7.65 -30.28 50.79
CBD CLA KC . 7.98 -28.49 49.18
CGD CLA KC . 7.98 -27.18 49.96
O1D CLA KC . 8.81 -26.28 49.88
O2D CLA KC . 6.94 -27.04 50.82
CED CLA KC . 6.84 -25.79 51.51
C1 CLA KC . 12.14 -24.29 47.48
C2 CLA KC . 11.52 -24.63 48.79
C3 CLA KC . 12.14 -24.46 49.97
C4 CLA KC . 13.50 -23.89 50.07
C5 CLA KC . 11.47 -24.82 51.24
C6 CLA KC . 12.13 -25.98 51.95
C7 CLA KC . 11.97 -27.28 51.17
C8 CLA KC . 12.75 -28.43 51.79
C9 CLA KC . 14.20 -28.03 52.00
C10 CLA KC . 12.72 -29.67 50.92
C11 CLA KC . 11.36 -30.33 50.84
C12 CLA KC . 11.49 -31.77 50.38
C13 CLA KC . 10.74 -32.12 49.09
C14 CLA KC . 10.57 -30.92 48.17
C15 CLA KC . 9.40 -32.78 49.41
C16 CLA KC . 8.52 -32.95 48.19
C17 CLA KC . 8.85 -34.21 47.43
C18 CLA KC . 7.59 -34.85 46.86
C19 CLA KC . 7.65 -34.92 45.35
C20 CLA KC . 7.42 -36.24 47.43
MG CLA LC . 7.34 -19.33 44.83
CHA CLA LC . 5.00 -20.18 42.43
CHB CLA LC . 5.87 -21.43 47.02
CHC CLA LC . 10.13 -19.18 46.77
CHD CLA LC . 9.08 -17.51 42.39
NA CLA LC . 5.74 -20.66 44.70
C1A CLA LC . 4.93 -20.90 43.59
C2A CLA LC . 3.85 -21.91 43.95
C3A CLA LC . 3.95 -21.98 45.49
C4A CLA LC . 5.36 -21.47 45.73
CMA CLA LC . 2.93 -21.13 46.18
CAA CLA LC . 4.17 -23.24 43.31
CBA CLA LC . 3.07 -24.24 43.53
CGA CLA LC . 1.90 -23.96 42.65
O1A CLA LC . 1.86 -23.93 41.43
O2A CLA LC . 0.76 -23.70 43.34
NB CLA LC . 7.82 -20.01 46.66
C1B CLA LC . 7.12 -20.93 47.36
C2B CLA LC . 7.85 -21.25 48.62
C3B CLA LC . 8.94 -20.41 48.65
C4B CLA LC . 9.08 -19.90 47.25
CMB CLA LC . 7.27 -22.05 49.68
CAB CLA LC . 9.95 -20.20 49.64
CBB CLA LC . 10.73 -21.16 50.16
NC CLA LC . 9.06 -18.16 44.79
C1C CLA LC . 10.01 -18.18 45.76
C2C CLA LC . 11.07 -17.27 45.43
C3C CLA LC . 10.93 -17.01 44.07
C4C CLA LC . 9.68 -17.64 43.65
CMC CLA LC . 12.26 -17.07 46.25
CAC CLA LC . 11.66 -16.02 43.27
CBC CLA LC . 11.06 -14.64 43.43
ND CLA LC . 7.03 -18.72 42.94
C1D CLA LC . 7.82 -17.91 42.07
C2D CLA LC . 7.16 -17.87 40.74
C3D CLA LC . 6.08 -18.73 40.84
C4D CLA LC . 6.13 -19.32 42.18
CMD CLA LC . 7.47 -16.90 39.70
CAD CLA LC . 4.83 -19.13 40.23
OBD CLA LC . 4.37 -18.85 39.14
CBD CLA LC . 4.19 -20.20 41.17
CGD CLA LC . 2.74 -19.92 41.41
O1D CLA LC . 2.25 -19.12 42.21
O2D CLA LC . 1.90 -20.64 40.63
CED CLA LC . 0.72 -20.00 40.14
C1 CLA LC . 0.05 -22.51 42.93
C2 CLA LC . 0.01 -21.60 44.10
C3 CLA LC . -1.09 -21.38 44.83
C4 CLA LC . -2.39 -22.01 44.51
C5 CLA LC . -1.06 -20.45 45.98
C6 CLA LC . -0.55 -19.09 45.55
C7 CLA LC . -0.52 -18.15 46.73
C8 CLA LC . 0.23 -16.82 46.52
C9 CLA LC . 0.87 -16.67 45.16
C10 CLA LC . 1.28 -16.63 47.60
C11 CLA LC . 2.14 -17.86 47.83
C12 CLA LC . 3.11 -17.68 48.99
C13 CLA LC . 4.56 -17.79 48.53
C14 CLA LC . 5.48 -18.01 49.69
C15 CLA LC . 4.99 -16.54 47.78
C16 CLA LC . 5.43 -16.88 46.37
C17 CLA LC . 5.91 -15.65 45.64
C18 CLA LC . 5.73 -15.78 44.14
C19 CLA LC . 4.29 -16.09 43.79
C20 CLA LC . 6.15 -14.52 43.43
MG CLA MC . 12.21 -3.53 41.19
CHA CLA MC . 14.42 -4.98 43.39
CHB CLA MC . 12.61 -6.12 39.06
CHC CLA MC . 9.96 -2.11 39.11
CHD CLA MC . 11.85 -0.83 43.40
NA CLA MC . 13.51 -5.17 41.15
C1A CLA MC . 14.16 -5.71 42.25
C2A CLA MC . 14.32 -7.22 42.10
C3A CLA MC . 14.17 -7.37 40.56
C4A CLA MC . 13.49 -6.08 40.13
CMA CLA MC . 15.51 -7.53 39.90
CAA CLA MC . 13.31 -8.01 42.93
CBA CLA MC . 11.85 -7.81 42.60
CGA CLA MC . 11.25 -6.72 43.44
O1A CLA MC . 11.66 -6.26 44.50
O2A CLA MC . 10.09 -6.21 42.91
NB CLA MC . 11.24 -4.15 39.55
C1B CLA MC . 11.51 -5.26 38.84
C2B CLA MC . 10.71 -5.24 37.60
C3B CLA MC . 9.78 -4.23 37.73
C4B CLA MC . 10.26 -3.40 38.87
CMB CLA MC . 10.75 -6.31 36.60
CAB CLA MC . 8.83 -3.74 36.77
CBB CLA MC . 7.55 -3.46 37.04
NC CLA MC . 10.92 -1.92 41.38
C1C CLA MC . 10.19 -1.43 40.34
C2C CLA MC . 9.38 -0.32 40.80
C3C CLA MC . 9.90 0.03 42.05
C4C CLA MC . 10.88 -0.98 42.40
CMC CLA MC . 8.10 0.05 40.24
CAC CLA MC . 9.72 1.32 42.74
CBC CLA MC . 8.62 1.25 43.75
ND CLA MC . 13.09 -2.87 42.89
C1D CLA MC . 12.80 -1.77 43.73
C2D CLA MC . 13.34 -2.05 45.07
C3D CLA MC . 14.09 -3.21 44.95
C4D CLA MC . 13.91 -3.67 43.57
CMD CLA MC . 12.83 -1.41 46.27
CAD CLA MC . 15.02 -4.11 45.60
OBD CLA MC . 15.31 -4.18 46.79
CBD CLA MC . 15.22 -5.31 44.62
CGD CLA MC . 16.67 -5.57 44.28
O1D CLA MC . 17.16 -5.82 43.19
O2D CLA MC . 17.50 -5.51 45.36
CED CLA MC . 18.88 -5.22 45.08
C1 CLA MC . 9.79 -4.85 43.32
C2 CLA MC . 8.43 -4.53 42.82
C3 CLA MC . 7.73 -3.48 43.28
C4 CLA MC . 8.25 -2.55 44.30
C5 CLA MC . 6.37 -3.18 42.76
C6 CLA MC . 6.34 -3.17 41.24
C7 CLA MC . 5.23 -4.06 40.73
C8 CLA MC . 5.77 -5.12 39.79
C9 CLA MC . 4.72 -5.51 38.77
C10 CLA MC . 6.22 -6.35 40.56
C11 CLA MC . 7.45 -6.98 39.94
C12 CLA MC . 7.58 -8.42 40.37
C13 CLA MC . 9.00 -8.95 40.19
C14 CLA MC . 9.29 -9.10 38.72
C15 CLA MC . 9.16 -10.25 40.95
C16 CLA MC . 10.41 -11.02 40.58
C17 CLA MC . 10.14 -12.51 40.50
C18 CLA MC . 10.32 -13.06 39.09
C19 CLA MC . 10.74 -14.51 39.12
C20 CLA MC . 9.04 -12.90 38.31
MG CLA NC . 3.06 3.25 26.93
CHA CLA NC . 2.89 6.35 25.43
CHB CLA NC . 6.25 2.90 25.84
CHC CLA NC . 3.23 0.26 28.57
CHD CLA NC . -0.03 3.88 28.48
NA CLA NC . 4.40 4.52 25.95
C1A CLA NC . 4.14 5.79 25.42
C2A CLA NC . 5.32 6.28 24.59
C3A CLA NC . 6.23 5.03 24.50
C4A CLA NC . 5.64 4.10 25.55
CMA CLA NC . 6.21 4.41 23.13
CAA CLA NC . 6.03 7.41 25.31
CBA CLA NC . 7.20 7.90 24.48
CGA CLA NC . 7.00 9.34 24.11
O1A CLA NC . 7.40 10.34 24.71
O2A CLA NC . 6.26 9.50 22.97
NB CLA NC . 4.45 1.81 27.11
C1B CLA NC . 5.75 1.94 26.72
C2B CLA NC . 6.53 0.78 27.23
C3B CLA NC . 5.72 0.11 28.11
C4B CLA NC . 4.37 0.72 28.00
CMB CLA NC . 7.94 0.57 26.92
CAB CLA NC . 5.90 -1.22 28.63
CBB CLA NC . 5.84 -1.57 29.92
NC CLA NC . 1.70 2.14 28.05
C1C CLA NC . 1.95 0.89 28.52
C2C CLA NC . 0.79 0.41 29.27
C3C CLA NC . -0.06 1.51 29.42
C4C CLA NC . 0.52 2.60 28.65
CMC CLA NC . 0.78 -0.83 30.03
CAC CLA NC . -1.43 1.46 29.93
CBC CLA NC . -1.57 2.12 31.28
ND CLA NC . 1.66 4.70 26.92
C1D CLA NC . 0.42 4.82 27.59
C2D CLA NC . -0.31 5.95 26.99
C3D CLA NC . 0.61 6.62 26.20
C4D CLA NC . 1.87 5.85 26.29
CMD CLA NC . -1.76 6.11 27.05
CAD CLA NC . 0.84 7.68 25.23
OBD CLA NC . 0.03 8.44 24.72
CBD CLA NC . 2.34 7.61 24.83
CGD CLA NC . 2.48 7.62 23.33
O1D CLA NC . 3.16 8.39 22.64
O2D CLA NC . 1.77 6.67 22.69
CED CLA NC . 2.42 5.95 21.65
C1 CLA NC . 6.89 9.14 21.72
C2 CLA NC . 5.98 8.17 21.06
C3 CLA NC . 6.35 7.42 20.00
C4 CLA NC . 7.69 7.52 19.39
C5 CLA NC . 5.40 6.46 19.38
C6 CLA NC . 5.90 5.03 19.48
C7 CLA NC . 5.17 4.12 18.52
C8 CLA NC . 6.05 2.97 18.04
C9 CLA NC . 7.32 3.50 17.40
C10 CLA NC . 5.30 2.09 17.03
C11 CLA NC . 5.96 0.74 16.90
C12 CLA NC . 5.31 -0.09 15.81
C13 CLA NC . 5.34 -1.58 16.14
C14 CLA NC . 5.82 -2.37 14.95
C15 CLA NC . 3.98 -2.08 16.60
C16 CLA NC . 3.91 -2.21 18.10
C17 CLA NC . 4.78 -3.33 18.62
C18 CLA NC . 4.36 -4.70 18.08
C19 CLA NC . 5.38 -5.76 18.40
C20 CLA NC . 3.01 -5.10 18.66
MG CLA OC . 20.01 -36.75 39.52
CHA CLA OC . 20.28 -40.02 38.45
CHB CLA OC . 17.82 -37.77 41.92
CHC CLA OC . 19.74 -33.51 40.58
CHD CLA OC . 21.83 -35.70 36.70
NA CLA OC . 19.26 -38.60 40.11
C1A CLA OC . 19.65 -39.87 39.64
C2A CLA OC . 18.90 -40.96 40.40
C3A CLA OC . 17.84 -40.19 41.22
C4A CLA OC . 18.26 -38.73 41.04
CMA CLA OC . 16.45 -40.43 40.68
CAA CLA OC . 19.84 -41.78 41.28
CBA CLA OC . 20.91 -40.92 41.92
CGA CLA OC . 21.96 -41.80 42.53
O1A CLA OC . 21.83 -42.92 43.03
O2A CLA OC . 23.20 -41.24 42.51
NB CLA OC . 18.94 -35.81 40.94
C1B CLA OC . 18.10 -36.40 41.83
C2B CLA OC . 17.79 -35.44 42.92
C3B CLA OC . 18.34 -34.23 42.56
C4B CLA OC . 18.98 -34.43 41.22
CMB CLA OC . 17.23 -35.88 44.19
CAB CLA OC . 18.32 -32.96 43.22
CBB CLA OC . 17.24 -32.34 43.67
NC CLA OC . 20.64 -34.93 38.74
C1C CLA OC . 20.48 -33.73 39.38
C2C CLA OC . 21.40 -32.76 38.81
C3C CLA OC . 21.92 -33.35 37.65
C4C CLA OC . 21.40 -34.71 37.60
CMC CLA OC . 21.59 -31.40 39.30
CAC CLA OC . 22.78 -32.71 36.64
CBC CLA OC . 21.99 -32.25 35.45
ND CLA OC . 21.01 -37.61 38.00
C1D CLA OC . 21.65 -37.07 36.86
C2D CLA OC . 22.08 -38.17 35.97
C3D CLA OC . 21.56 -39.33 36.53
C4D CLA OC . 20.88 -38.92 37.77
CMD CLA OC . 22.99 -38.01 34.85
CAD CLA OC . 21.25 -40.72 36.30
OBD CLA OC . 21.69 -41.49 35.45
CBD CLA OC . 20.46 -41.23 37.55
CGD CLA OC . 19.14 -41.85 37.18
O1D CLA OC . 18.01 -41.41 37.39
O2D CLA OC . 19.25 -43.04 36.54
CED CLA OC . 18.35 -44.07 36.92
C1 CLA OC . 23.94 -41.26 43.75
C2 CLA OC . 24.96 -40.20 43.64
C3 CLA OC . 26.00 -40.06 44.49
C4 CLA OC . 26.19 -40.99 45.64
C5 CLA OC . 27.00 -38.97 44.33
C6 CLA OC . 26.98 -38.34 42.96
C7 CLA OC . 27.89 -37.14 42.90
C8 CLA OC . 27.81 -36.43 41.55
C9 CLA OC . 29.08 -36.65 40.75
C10 CLA OC . 27.52 -34.95 41.72
C11 CLA OC . 28.57 -34.26 42.57
C12 CLA OC . 27.94 -33.43 43.66
C13 CLA OC . 27.92 -31.96 43.30
C14 CLA OC . 29.05 -31.22 43.98
C15 CLA OC . 26.58 -31.32 43.66
C16 CLA OC . 26.54 -29.85 43.31
C17 CLA OC . 25.29 -29.18 43.83
C18 CLA OC . 25.20 -27.73 43.39
C19 CLA OC . 23.88 -27.11 43.82
C20 CLA OC . 26.36 -26.92 43.95
MG CLA PC . 23.95 -40.89 48.40
CHA CLA PC . 21.24 -42.56 47.06
CHB CLA PC . 24.17 -43.28 50.77
CHC CLA PC . 25.99 -38.92 50.28
CHD CLA PC . 22.91 -37.99 46.69
NA CLA PC . 23.06 -42.77 48.63
C1A CLA PC . 22.00 -43.30 47.90
C2A CLA PC . 21.56 -44.65 48.49
C3A CLA PC . 22.33 -44.72 49.81
C4A CLA PC . 23.33 -43.56 49.71
CMA CLA PC . 21.42 -44.55 51.00
CAA CLA PC . 21.90 -45.81 47.57
CBA CLA PC . 23.18 -45.59 46.77
CGA CLA PC . 22.83 -45.38 45.32
O1A CLA PC . 21.93 -45.89 44.66
O2A CLA PC . 23.66 -44.48 44.72
NB CLA PC . 25.23 -41.23 49.92
C1B CLA PC . 25.15 -42.29 50.77
C2B CLA PC . 26.16 -42.13 51.86
C3B CLA PC . 26.77 -40.91 51.65
C4B CLA PC . 26.03 -40.25 50.54
CMB CLA PC . 26.63 -43.27 52.66
CAB CLA PC . 27.77 -40.25 52.45
CBB CLA PC . 28.90 -39.71 51.98
NC CLA PC . 24.66 -38.94 48.19
C1C CLA PC . 25.52 -38.34 49.07
C2C CLA PC . 25.77 -36.96 48.65
C3C CLA PC . 24.96 -36.73 47.54
C4C CLA PC . 24.15 -37.94 47.36
CMC CLA PC . 26.56 -36.00 49.42
CAC CLA PC . 24.86 -35.51 46.74
CBC CLA PC . 25.41 -35.69 45.34
ND CLA PC . 22.61 -40.40 46.98
C1D CLA PC . 22.22 -39.15 46.44
C2D CLA PC . 21.20 -39.39 45.39
C3D CLA PC . 20.84 -40.73 45.51
C4D CLA PC . 21.66 -41.26 46.62
CMD CLA PC . 20.53 -38.34 44.65
CAD CLA PC . 19.80 -41.72 45.24
OBD CLA PC . 18.86 -41.65 44.47
CBD CLA PC . 20.01 -42.89 46.25
CGD CLA PC . 18.81 -43.10 47.12
O1D CLA PC . 18.73 -42.97 48.34
O2D CLA PC . 17.69 -43.47 46.44
CED CLA PC . 16.93 -44.56 46.96
MG CLA QC . 16.88 -34.39 47.39
CHA CLA QC . 14.32 -32.29 46.43
CHB CLA QC . 18.97 -31.75 47.67
CHC CLA QC . 19.41 -36.53 48.00
CHD CLA QC . 14.74 -37.15 46.97
NA CLA QC . 16.66 -32.34 47.08
C1A CLA QC . 15.51 -31.66 46.69
C2A CLA QC . 15.72 -30.15 46.83
C3A CLA QC . 17.24 -30.02 47.03
C4A CLA QC . 17.65 -31.45 47.38
CMA CLA QC . 17.95 -29.51 45.82
CAA CLA QC . 14.96 -29.65 48.04
CBA CLA QC . 14.36 -28.28 47.79
CGA CLA QC . 15.43 -27.24 47.88
O1A CLA QC . 16.23 -26.88 47.02
O2A CLA QC . 15.49 -26.63 49.11
NB CLA QC . 18.74 -34.16 48.10
C1B CLA QC . 19.43 -33.00 48.10
C2B CLA QC . 20.76 -33.24 48.74
C3B CLA QC . 20.95 -34.61 48.71
C4B CLA QC . 19.66 -35.22 48.28
CMB CLA QC . 21.71 -32.16 48.97
CAB CLA QC . 22.08 -35.40 49.08
CBB CLA QC . 22.71 -35.36 50.26
NC CLA QC . 16.95 -36.43 47.82
C1C CLA QC . 18.12 -37.12 47.95
C2C CLA QC . 17.83 -38.53 48.15
C3C CLA QC . 16.46 -38.71 47.93
C4C CLA QC . 15.94 -37.38 47.66
CMC CLA QC . 18.83 -39.59 48.13
CAC CLA QC . 15.84 -39.96 47.49
CBC CLA QC . 15.01 -40.65 48.54
ND CLA QC . 14.99 -34.72 46.78
C1D CLA QC . 14.21 -35.90 46.71
C2D CLA QC . 12.80 -35.53 46.45
C3D CLA QC . 12.79 -34.16 46.31
C4D CLA QC . 14.15 -33.69 46.64
CMD CLA QC . 11.76 -36.49 46.08
CAD CLA QC . 12.10 -33.06 45.69
OBD CLA QC . 11.13 -33.13 44.96
CBD CLA QC . 13.10 -31.85 45.66
CGD CLA QC . 13.40 -31.47 44.24
O1D CLA QC . 13.14 -32.09 43.21
O2D CLA QC . 14.05 -30.28 44.09
CED CLA QC . 14.55 -30.01 42.80
C1 CLA QC . 16.80 -26.24 49.54
C2 CLA QC . 16.61 -25.60 50.87
C3 CLA QC . 17.61 -25.34 51.72
C4 CLA QC . 19.01 -25.71 51.44
C5 CLA QC . 17.32 -24.70 53.02
C6 CLA QC . 16.26 -25.47 53.79
C7 CLA QC . 15.62 -24.63 54.88
C8 CLA QC . 16.63 -24.19 55.92
C9 CLA QC . 17.20 -25.38 56.68
C10 CLA QC . 16.01 -23.21 56.90
C11 CLA QC . 17.01 -22.17 57.33
C12 CLA QC . 17.63 -21.47 56.14
C13 CLA QC . 18.87 -20.71 56.56
C14 CLA QC . 18.50 -19.63 57.56
C15 CLA QC . 19.63 -20.17 55.36
C16 CLA QC . 19.04 -18.91 54.78
C17 CLA QC . 19.62 -18.56 53.44
C18 CLA QC . 20.27 -17.18 53.32
C19 CLA QC . 19.65 -16.37 52.20
C20 CLA QC . 20.30 -16.37 54.61
MG CLA RC . 31.67 -19.91 48.72
CHA CLA RC . 32.79 -17.03 47.13
CHB CLA RC . 28.51 -18.72 48.55
CHC CLA RC . 30.63 -22.67 50.42
CHD CLA RC . 35.02 -20.65 49.49
NA CLA RC . 30.79 -18.26 47.80
C1A CLA RC . 31.44 -17.26 47.06
C2A CLA RC . 30.41 -16.29 46.49
C3A CLA RC . 29.12 -16.68 47.25
C4A CLA RC . 29.44 -18.08 47.76
CMA CLA RC . 28.88 -15.76 48.42
CAA CLA RC . 30.26 -16.45 44.98
CBA CLA RC . 30.56 -17.84 44.47
CGA CLA RC . 30.94 -17.80 43.03
O1A CLA RC . 31.15 -16.82 42.33
O2A CLA RC . 31.07 -19.04 42.47
NB CLA RC . 29.89 -20.60 49.33
C1B CLA RC . 28.73 -19.91 49.27
C2B CLA RC . 27.62 -20.78 49.75
C3B CLA RC . 28.22 -21.88 50.34
C4B CLA RC . 29.69 -21.73 50.14
CMB CLA RC . 26.22 -20.40 49.62
CAB CLA RC . 27.65 -23.08 50.88
CBB CLA RC . 26.68 -23.14 51.80
NC CLA RC . 32.67 -21.42 49.75
C1C CLA RC . 32.05 -22.47 50.35
C2C CLA RC . 33.07 -23.43 50.81
C3C CLA RC . 34.30 -22.87 50.47
C4C CLA RC . 34.04 -21.52 50.00
CMC CLA RC . 32.80 -24.82 51.13
CAC CLA RC . 35.58 -23.58 50.35
CBC CLA RC . 36.38 -23.53 51.63
ND CLA RC . 33.50 -19.20 48.27
C1D CLA RC . 34.79 -19.71 48.52
C2D CLA RC . 35.75 -18.90 47.74
C3D CLA RC . 35.07 -17.76 47.33
C4D CLA RC . 33.66 -18.00 47.70
CMD CLA RC . 37.19 -19.17 47.75
CAD CLA RC . 35.12 -16.56 46.53
OBD CLA RC . 36.07 -15.99 46.02
CBD CLA RC . 33.66 -16.04 46.40
CGD CLA RC . 33.51 -14.65 46.94
O1D CLA RC . 33.60 -13.58 46.33
O2D CLA RC . 33.25 -14.59 48.27
CED CLA RC . 32.15 -13.79 48.69
C1 CLA RC . 31.91 -19.15 41.31
MG CLA SC . 38.60 -25.91 55.72
CHA CLA SC . 42.02 -25.71 55.20
CHB CLA SC . 38.19 -26.77 52.45
CHC CLA SC . 35.32 -26.34 56.33
CHD CLA SC . 39.06 -24.60 58.96
NA CLA SC . 39.92 -26.37 54.17
C1A CLA SC . 41.31 -26.28 54.17
C2A CLA SC . 41.90 -26.74 52.85
C3A CLA SC . 40.67 -26.71 51.92
C4A CLA SC . 39.50 -26.68 52.90
CMA CLA SC . 40.67 -25.51 51.01
CAA CLA SC . 42.47 -28.14 52.99
CBA CLA SC . 42.74 -28.79 51.65
CGA CLA SC . 44.05 -28.35 51.06
O1A CLA SC . 44.49 -28.56 49.94
O2A CLA SC . 44.82 -27.62 51.94
NB CLA SC . 37.02 -26.31 54.56
C1B CLA SC . 37.05 -26.69 53.26
C2B CLA SC . 35.72 -27.25 52.86
C3B CLA SC . 34.87 -27.03 53.93
C4B CLA SC . 35.69 -26.45 55.03
CMB CLA SC . 35.41 -27.64 51.49
CAB CLA SC . 33.45 -27.20 54.05
CBB CLA SC . 32.79 -28.33 53.80
NC CLA SC . 37.36 -25.31 57.28
C1C CLA SC . 36.02 -25.61 57.33
C2C CLA SC . 35.53 -25.47 58.69
C3C CLA SC . 36.60 -25.03 59.46
C4C CLA SC . 37.75 -24.93 58.57
CMC CLA SC . 34.30 -26.09 59.15
CAC CLA SC . 36.56 -24.61 60.86
CBC CLA SC . 37.02 -25.69 61.82
ND CLA SC . 40.15 -25.39 56.91
C1D CLA SC . 40.20 -24.80 58.20
C2D CLA SC . 41.58 -24.39 58.49
C3D CLA SC . 42.32 -24.71 57.37
C4D CLA SC . 41.39 -25.39 56.45
CMD CLA SC . 42.04 -23.96 59.81
CAD CLA SC . 43.66 -24.84 56.80
OBD CLA SC . 44.73 -24.88 57.38
CBD CLA SC . 43.47 -25.35 55.34
CGD CLA SC . 43.90 -24.32 54.33
O1D CLA SC . 43.27 -23.33 53.95
O2D CLA SC . 45.13 -24.54 53.81
CED CLA SC . 45.32 -24.25 52.42
MG CLA TC . 32.30 -26.34 70.07
CHA CLA TC . 33.51 -24.06 72.37
CHB CLA TC . 35.02 -25.73 68.17
CHC CLA TC . 30.93 -28.18 67.52
CHD CLA TC . 29.28 -26.48 71.83
NA CLA TC . 34.12 -25.36 70.43
C1A CLA TC . 34.47 -24.57 71.53
C2A CLA TC . 35.86 -23.96 71.33
C3A CLA TC . 36.25 -24.39 69.91
C4A CLA TC . 35.03 -25.18 69.43
CMA CLA TC . 36.53 -23.21 69.02
CAA CLA TC . 36.89 -24.46 72.35
CBA CLA TC . 36.50 -25.72 73.09
CGA CLA TC . 36.63 -25.47 74.56
O1A CLA TC . 37.14 -24.50 75.13
O2A CLA TC . 36.11 -26.46 75.34
NB CLA TC . 33.00 -27.13 68.36
C1B CLA TC . 34.17 -26.78 67.77
C2B CLA TC . 34.37 -27.60 66.55
C3B CLA TC . 33.16 -28.21 66.30
C4B CLA TC . 32.22 -27.75 67.36
CMB CLA TC . 35.65 -27.68 65.85
CAB CLA TC . 32.80 -29.26 65.38
CBB CLA TC . 33.45 -30.42 65.22
NC CLA TC . 30.41 -27.13 69.72
C1C CLA TC . 30.07 -27.86 68.60
C2C CLA TC . 28.76 -28.47 68.82
C3C CLA TC . 28.26 -27.94 70.01
C4C CLA TC . 29.30 -27.09 70.56
CMC CLA TC . 28.23 -29.59 68.05
CAC CLA TC . 26.88 -28.05 70.51
CBC CLA TC . 26.73 -29.10 71.58
ND CLA TC . 31.48 -25.43 71.66
C1D CLA TC . 30.20 -25.54 72.26
C2D CLA TC . 30.21 -24.81 73.54
C3D CLA TC . 31.45 -24.22 73.64
C4D CLA TC . 32.20 -24.64 72.44
CMD CLA TC . 29.05 -24.65 74.41
CAD CLA TC . 32.24 -23.19 74.30
OBD CLA TC . 32.01 -22.61 75.36
CBD CLA TC . 33.64 -23.17 73.60
CGD CLA TC . 34.08 -21.78 73.23
O1D CLA TC . 34.35 -21.35 72.11
O2D CLA TC . 34.15 -20.93 74.29
CED CLA TC . 35.03 -19.80 74.17
C1 CLA TC . 34.77 -26.26 75.85
C2 CLA TC . 33.90 -27.18 75.09
C3 CLA TC . 32.64 -27.47 75.43
C4 CLA TC . 31.97 -26.89 76.62
C5 CLA TC . 31.83 -28.42 74.60
C6 CLA TC . 32.22 -28.39 73.13
C7 CLA TC . 32.43 -29.78 72.58
C8 CLA TC . 31.47 -30.11 71.45
C9 CLA TC . 30.18 -30.67 72.01
C10 CLA TC . 32.11 -31.11 70.51
C11 CLA TC . 31.20 -31.50 69.36
C12 CLA TC . 31.96 -32.20 68.25
C13 CLA TC . 31.46 -33.62 68.06
C14 CLA TC . 32.20 -34.58 68.96
C15 CLA TC . 31.57 -34.07 66.61
C16 CLA TC . 32.98 -33.91 66.08
C17 CLA TC . 33.09 -34.40 64.65
C18 CLA TC . 34.54 -34.61 64.23
C19 CLA TC . 35.14 -35.79 64.97
C20 CLA TC . 34.65 -34.82 62.74
MG CLA UC . 22.79 -20.61 68.15
CHA CLA UC . 20.90 -17.89 67.14
CHB CLA UC . 25.51 -18.59 68.40
CHC CLA UC . 24.78 -23.38 68.44
CHD CLA UC . 20.05 -22.72 67.48
NA CLA UC . 23.12 -18.57 67.84
C1A CLA UC . 22.22 -17.61 67.40
C2A CLA UC . 22.86 -16.23 67.42
C3A CLA UC . 24.37 -16.59 67.36
C4A CLA UC . 24.38 -18.04 67.84
CMA CLA UC . 24.92 -16.47 65.96
CAA CLA UC . 22.46 -15.49 68.70
CBA CLA UC . 23.64 -14.97 69.49
CGA CLA UC . 23.62 -15.52 70.88
O1A CLA UC . 24.16 -15.09 71.91
O2A CLA UC . 22.88 -16.67 70.99
NB CLA UC . 24.72 -20.91 68.60
C1B CLA UC . 25.66 -19.94 68.75
C2B CLA UC . 26.99 -20.57 68.82
C3B CLA UC . 26.79 -21.92 69.01
C4B CLA UC . 25.36 -22.17 68.65
CMB CLA UC . 28.17 -19.87 68.33
CAB CLA UC . 27.77 -22.97 69.09
CBB CLA UC . 27.81 -23.89 70.07
NC CLA UC . 22.41 -22.65 68.29
C1C CLA UC . 23.38 -23.61 68.32
C2C CLA UC . 22.76 -24.91 68.55
C3C CLA UC . 21.40 -24.73 68.28
C4C CLA UC . 21.20 -23.31 68.05
CMC CLA UC . 23.39 -25.97 69.33
CAC CLA UC . 20.36 -25.77 68.29
CBC CLA UC . 20.40 -26.62 67.03
ND CLA UC . 20.86 -20.41 67.60
C1D CLA UC . 19.87 -21.36 67.27
C2D CLA UC . 18.62 -20.63 66.96
C3D CLA UC . 18.97 -19.29 66.86
C4D CLA UC . 20.42 -19.23 67.15
CMD CLA UC . 17.30 -21.24 66.83
CAD CLA UC . 18.61 -18.01 66.29
OBD CLA UC . 17.75 -17.78 65.45
CBD CLA UC . 19.81 -17.06 66.52
CGD CLA UC . 20.27 -16.43 65.24
O1D CLA UC . 20.83 -16.98 64.29
O2D CLA UC . 20.00 -15.09 65.16
CED CLA UC . 20.17 -14.46 63.90
C1 CLA UC . 23.22 -17.58 72.06
C2 CLA UC . 22.97 -18.94 71.54
C3 CLA UC . 22.66 -19.99 72.32
C4 CLA UC . 22.53 -19.87 73.79
C5 CLA UC . 22.43 -21.34 71.71
MG CLA VC . 21.79 -20.03 58.53
CHA CLA VC . 23.11 -17.04 57.42
CHB CLA VC . 21.15 -18.62 61.55
CHC CLA VC . 20.42 -22.98 59.54
CHD CLA VC . 23.03 -21.59 55.62
NA CLA VC . 21.97 -18.10 59.28
C1A CLA VC . 22.54 -17.00 58.66
C2A CLA VC . 22.36 -15.76 59.53
C3A CLA VC . 22.16 -16.39 60.94
C4A CLA VC . 21.68 -17.79 60.58
CMA CLA VC . 23.43 -16.42 61.75
CAA CLA VC . 21.16 -14.97 59.05
CBA CLA VC . 20.27 -14.52 60.19
CGA CLA VC . 19.03 -15.35 60.22
O1A CLA VC . 18.10 -15.34 59.41
O2A CLA VC . 18.97 -16.24 61.26
NB CLA VC . 20.92 -20.67 60.23
C1B CLA VC . 20.65 -19.91 61.31
C2B CLA VC . 19.88 -20.71 62.31
C3B CLA VC . 19.83 -22.00 61.83
C4B CLA VC . 20.44 -21.98 60.46
CMB CLA VC . 19.12 -20.05 63.37
CAB CLA VC . 19.53 -23.25 62.48
CBB CLA VC . 19.63 -23.52 63.78
NC CLA VC . 21.84 -21.98 57.78
C1C CLA VC . 21.28 -23.05 58.40
C2C CLA VC . 21.39 -24.22 57.54
C3C CLA VC . 21.94 -23.78 56.35
C4C CLA VC . 22.34 -22.40 56.55
CMC CLA VC . 20.78 -25.52 57.83
CAC CLA VC . 22.29 -24.60 55.18
CBC CLA VC . 21.35 -24.38 54.02
ND CLA VC . 22.76 -19.50 56.85
C1D CLA VC . 23.18 -20.23 55.72
C2D CLA VC . 23.54 -19.25 54.65
C3D CLA VC . 23.67 -18.03 55.29
C4D CLA VC . 23.07 -18.22 56.63
CMD CLA VC . 23.81 -19.60 53.26
CAD CLA VC . 23.97 -16.61 55.16
OBD CLA VC . 24.16 -15.97 54.14
CBD CLA VC . 23.69 -15.96 56.54
CGD CLA VC . 24.92 -15.37 57.18
O1D CLA VC . 25.30 -15.52 58.33
O2D CLA VC . 25.66 -14.57 56.37
CED CLA VC . 26.57 -13.66 57.00
C1 CLA VC . 17.67 -16.62 61.74
C2 CLA VC . 17.31 -17.88 61.05
C3 CLA VC . 16.37 -18.73 61.50
C4 CLA VC . 15.60 -18.47 62.73
C5 CLA VC . 16.06 -19.97 60.73
C6 CLA VC . 15.98 -21.19 61.62
C7 CLA VC . 15.63 -22.40 60.78
C8 CLA VC . 16.01 -23.71 61.46
C9 CLA VC . 16.85 -24.55 60.53
C10 CLA VC . 14.76 -24.47 61.87
C11 CLA VC . 14.76 -24.87 63.33
C12 CLA VC . 15.01 -23.70 64.25
C13 CLA VC . 15.31 -24.16 65.68
C14 CLA VC . 16.36 -25.27 65.70
C15 CLA VC . 14.04 -24.59 66.40
C16 CLA VC . 14.31 -24.98 67.83
C17 CLA VC . 14.76 -23.82 68.69
C18 CLA VC . 15.58 -24.29 69.88
C19 CLA VC . 15.89 -23.14 70.82
C20 CLA VC . 16.87 -24.94 69.42
MG CLA WC . 14.24 -34.99 63.31
CHA CLA WC . 11.76 -37.23 64.18
CHB CLA WC . 12.29 -33.90 60.74
CHC CLA WC . 16.51 -32.51 62.71
CHD CLA WC . 16.14 -36.08 66.07
NA CLA WC . 12.35 -35.51 62.60
C1A CLA WC . 11.40 -36.33 63.23
C2A CLA WC . 10.11 -36.40 62.41
C3A CLA WC . 10.44 -35.55 61.16
C4A CLA WC . 11.82 -34.98 61.46
CMA CLA WC . 10.44 -36.40 59.92
CAA CLA WC . 8.94 -35.80 63.18
CBA CLA WC . 9.33 -34.58 63.97
CGA CLA WC . 8.17 -34.13 64.81
O1A CLA WC . 7.30 -34.82 65.34
O2A CLA WC . 8.13 -32.78 64.96
NB CLA WC . 14.37 -33.48 61.99
C1B CLA WC . 13.43 -33.14 61.08
C2B CLA WC . 13.88 -31.90 60.37
C3B CLA WC . 14.89 -31.37 61.12
C4B CLA WC . 15.37 -32.48 62.00
CMB CLA WC . 13.55 -31.65 58.98
CAB CLA WC . 15.77 -30.28 60.77
CBB CLA WC . 15.70 -29.06 61.28
NC CLA WC . 16.06 -34.45 64.18
C1C CLA WC . 16.76 -33.33 63.85
C2C CLA WC . 17.65 -32.96 64.93
C3C CLA WC . 17.54 -33.96 65.89
C4C CLA WC . 16.60 -34.94 65.37
CMC CLA WC . 18.65 -31.91 64.83
CAC CLA WC . 18.33 -34.11 67.12
CBC CLA WC . 19.55 -34.99 66.91
ND CLA WC . 14.13 -36.43 64.73
C1D CLA WC . 14.94 -36.70 65.86
C2D CLA WC . 14.18 -37.57 66.79
C3D CLA WC . 13.00 -37.90 66.13
C4D CLA WC . 13.02 -37.14 64.87
CMD CLA WC . 14.76 -38.18 67.98
CAD CLA WC . 11.91 -38.84 66.03
OBD CLA WC . 11.75 -39.91 66.61
CBD CLA WC . 11.02 -38.37 64.84
CGD CLA WC . 10.76 -39.48 63.86
O1D CLA WC . 11.26 -39.64 62.75
O2D CLA WC . 9.84 -40.38 64.28
CED CLA WC . 8.98 -40.96 63.30
C1 CLA WC . 7.35 -32.28 66.06
C2 CLA WC . 7.93 -30.96 66.41
C3 CLA WC . 7.74 -30.37 67.60
C4 CLA WC . 6.95 -30.98 68.69
C5 CLA WC . 8.36 -29.04 67.88
C6 CLA WC . 9.27 -29.10 69.09
C7 CLA WC . 10.41 -28.10 68.96
C8 CLA WC . 10.59 -27.32 70.26
C9 CLA WC . 11.52 -26.14 70.04
C10 CLA WC . 11.11 -28.22 71.37
C11 CLA WC . 12.49 -28.75 71.07
C12 CLA WC . 13.21 -29.19 72.32
C13 CLA WC . 14.72 -29.23 72.11
C14 CLA WC . 15.42 -29.84 73.31
C15 CLA WC . 15.28 -27.85 71.82
MG CLA XC . 27.93 -41.84 56.56
CHA CLA XC . 25.18 -43.98 56.35
CHB CLA XC . 29.22 -43.96 58.85
CHC CLA XC . 30.06 -39.45 57.70
CHD CLA XC . 25.88 -39.29 55.30
NA CLA XC . 27.49 -43.82 57.10
C1A CLA XC . 26.33 -44.55 56.81
C2A CLA XC . 26.42 -45.93 57.45
C3A CLA XC . 27.33 -45.62 58.66
C4A CLA XC . 28.13 -44.42 58.15
CMA CLA XC . 26.54 -45.27 59.90
CAA CLA XC . 27.06 -46.91 56.49
NB CLA XC . 29.64 -41.88 57.62
C1B CLA XC . 30.03 -42.90 58.41
C2B CLA XC . 31.31 -42.53 59.09
C3B CLA XC . 31.43 -41.16 58.96
C4B CLA XC . 30.31 -40.72 58.08
CMB CLA XC . 32.07 -43.45 59.93
CAB CLA XC . 32.58 -40.34 59.21
CBB CLA XC . 32.63 -39.31 60.06
NC CLA XC . 28.18 -39.82 56.11
C1C CLA XC . 29.13 -39.02 56.71
C2C CLA XC . 28.92 -37.63 56.35
C3C CLA XC . 27.72 -37.58 55.65
C4C CLA XC . 27.22 -38.95 55.58
CMC CLA XC . 29.91 -36.57 56.51
CAC CLA XC . 27.18 -36.45 54.90
CBC CLA XC . 27.32 -36.61 53.40
ND CLA XC . 26.11 -41.69 55.68
C1D CLA XC . 25.41 -40.57 55.15
C2D CLA XC . 24.04 -40.98 54.77
C3D CLA XC . 23.94 -42.31 55.13
C4D CLA XC . 25.18 -42.63 55.87
CMD CLA XC . 23.12 -40.17 53.97
CAD CLA XC . 23.21 -43.55 54.95
OBD CLA XC . 22.31 -43.80 54.15
CBD CLA XC . 23.91 -44.61 55.83
CGD CLA XC . 23.02 -45.10 56.95
O1D CLA XC . 22.63 -46.24 57.16
O2D CLA XC . 22.61 -44.10 57.79
CED CLA XC . 21.89 -44.48 58.95
MG CLA YC . 18.58 -44.40 68.39
CHA CLA YC . 19.21 -47.66 67.43
CHB CLA YC . 16.39 -45.55 70.71
CHC CLA YC . 17.51 -41.17 68.92
CHD CLA YC . 20.13 -43.31 65.42
NA CLA YC . 18.13 -46.29 69.13
C1A CLA YC . 18.56 -47.52 68.63
C2A CLA YC . 17.97 -48.67 69.44
C3A CLA YC . 16.89 -47.98 70.30
C4A CLA YC . 17.18 -46.49 70.10
CMA CLA YC . 15.50 -48.35 69.85
CAA CLA YC . 19.04 -49.33 70.30
CBA CLA YC . 18.71 -50.78 70.56
CGA CLA YC . 19.95 -51.61 70.65
O1A CLA YC . 20.78 -51.65 71.57
O2A CLA YC . 20.15 -52.41 69.56
NB CLA YC . 17.33 -43.51 69.69
C1B CLA YC . 16.50 -44.15 70.55
C2B CLA YC . 15.69 -43.16 71.30
C3B CLA YC . 16.04 -41.92 70.83
C4B CLA YC . 16.93 -42.16 69.65
CMB CLA YC . 14.95 -43.52 72.51
CAB CLA YC . 15.88 -40.61 71.40
CBB CLA YC . 14.72 -40.02 71.69
NC CLA YC . 18.98 -42.56 67.49
C1C CLA YC . 18.51 -41.35 67.92
C2C CLA YC . 19.17 -40.28 67.18
C3C CLA YC . 19.98 -40.91 66.25
C4C CLA YC . 19.63 -42.32 66.28
CMC CLA YC . 18.83 -38.87 67.28
CAC CLA YC . 20.97 -40.28 65.37
CBC CLA YC . 22.39 -40.54 65.82
ND CLA YC . 19.75 -45.20 66.94
C1D CLA YC . 20.32 -44.63 65.78
C2D CLA YC . 20.94 -45.71 64.98
C3D CLA YC . 20.52 -46.90 65.54
C4D CLA YC . 19.78 -46.52 66.76
CMD CLA YC . 21.72 -45.48 63.76
CAD CLA YC . 20.43 -48.33 65.41
OBD CLA YC . 20.69 -49.03 64.43
CBD CLA YC . 19.62 -48.86 66.63
CGD CLA YC . 18.44 -49.69 66.20
O1D CLA YC . 18.38 -50.90 66.05
O2D CLA YC . 17.31 -48.94 65.97
CED CLA YC . 16.08 -49.64 65.76
C1 CLA YC . 21.27 -52.08 68.72
MG CLA ZC . 10.58 -42.85 72.79
CHA CLA ZC . 11.31 -45.76 71.08
CHB CLA ZC . 8.78 -44.68 75.02
CHC CLA ZC . 9.13 -39.98 74.02
CHD CLA ZC . 11.74 -41.00 70.02
NA CLA ZC . 10.35 -44.90 73.14
C1A CLA ZC . 10.85 -45.95 72.35
C2A CLA ZC . 10.41 -47.30 72.93
C3A CLA ZC . 9.45 -46.91 74.07
C4A CLA ZC . 9.42 -45.38 74.01
CMA CLA ZC . 8.09 -47.51 73.88
CAA CLA ZC . 11.59 -48.10 73.44
CBA CLA ZC . 12.40 -47.35 74.48
CGA CLA ZC . 13.55 -48.20 74.90
O1A CLA ZC . 14.68 -48.26 74.40
O2A CLA ZC . 13.27 -48.99 75.98
NB CLA ZC . 9.46 -42.39 74.41
C1B CLA ZC . 8.75 -43.28 75.15
C2B CLA ZC . 8.20 -42.57 76.34
C3B CLA ZC . 8.31 -41.23 76.07
C4B CLA ZC . 9.02 -41.11 74.78
CMB CLA ZC . 8.07 -43.25 77.63
CAB CLA ZC . 7.75 -40.08 76.74
CBB CLA ZC . 6.54 -40.02 77.29
NC CLA ZC . 10.69 -40.82 72.28
C1C CLA ZC . 9.95 -39.84 72.86
C2C CLA ZC . 10.26 -38.56 72.24
C3C CLA ZC . 11.09 -38.83 71.16
C4C CLA ZC . 11.25 -40.28 71.12
CMC CLA ZC . 10.00 -37.26 72.87
CAC CLA ZC . 11.89 -37.86 70.40
CBC CLA ZC . 11.13 -37.29 69.22
ND CLA ZC . 11.59 -43.21 71.08
C1D CLA ZC . 11.97 -42.36 70.01
C2D CLA ZC . 12.55 -43.18 68.94
C3D CLA ZC . 12.44 -44.49 69.35
C4D CLA ZC . 11.70 -44.45 70.62
CMD CLA ZC . 13.30 -42.65 67.80
CAD CLA ZC . 12.63 -45.89 69.00
OBD CLA ZC . 12.92 -46.35 67.90
CBD CLA ZC . 11.86 -46.73 70.06
CGD CLA ZC . 10.79 -47.55 69.41
O1D CLA ZC . 10.17 -47.30 68.38
O2D CLA ZC . 10.52 -48.72 70.07
CED CLA ZC . 10.60 -49.93 69.31
C1 CLA ZC . 13.38 -50.41 75.77
MG CLA AD . 2.08 -36.78 67.66
CHA CLA AD . 5.23 -37.90 66.84
CHB CLA AD . 2.80 -37.43 70.90
CHC CLA AD . -1.15 -36.03 68.45
CHD CLA AD . 1.22 -36.83 64.23
NA CLA AD . 3.86 -37.18 68.69
C1A CLA AD . 5.11 -37.50 68.14
C2A CLA AD . 6.07 -37.88 69.26
C3A CLA AD . 5.09 -38.30 70.37
C4A CLA AD . 3.87 -37.43 70.04
CMA CLA AD . 4.73 -39.76 70.30
CAA CLA AD . 6.91 -36.70 69.72
CBA CLA AD . 7.43 -35.85 68.58
CGA CLA AD . 8.23 -34.70 69.11
O1A CLA AD . 7.97 -33.97 70.06
O2A CLA AD . 9.39 -34.49 68.42
NB CLA AD . 1.07 -36.56 69.38
C1B CLA AD . 1.50 -36.99 70.59
C2B CLA AD . 0.51 -36.56 71.61
C3B CLA AD . -0.65 -36.28 70.93
C4B CLA AD . -0.31 -36.32 69.48
CMB CLA AD . 0.76 -36.69 73.05
CAB CLA AD . -1.90 -35.72 71.40
CBB CLA AD . -2.01 -34.60 72.11
NC CLA AD . 0.36 -36.50 66.54
C1C CLA AD . -0.88 -36.26 67.07
C2C CLA AD . -1.78 -35.86 66.01
C3C CLA AD . -1.15 -36.15 64.81
C4C CLA AD . 0.24 -36.42 65.15
CMC CLA AD . -2.86 -34.91 66.23
CAC CLA AD . -1.76 -36.32 63.50
CBC CLA AD . -1.61 -35.11 62.62
ND CLA AD . 3.00 -37.13 65.90
C1D CLA AD . 2.48 -37.28 64.59
C2D CLA AD . 3.58 -37.68 63.69
C3D CLA AD . 4.69 -37.85 64.49
C4D CLA AD . 4.25 -37.55 65.86
CMD CLA AD . 3.53 -37.51 62.24
CAD CLA AD . 6.05 -38.34 64.56
OBD CLA AD . 6.89 -38.40 63.67
CBD CLA AD . 6.43 -38.42 66.07
CGD CLA AD . 6.77 -39.81 66.50
O1D CLA AD . 6.00 -40.75 66.74
O2D CLA AD . 8.11 -40.03 66.62
CED CLA AD . 8.67 -39.93 67.94
C1 CLA AD . 10.00 -33.19 68.55
C2 CLA AD . 11.44 -33.42 68.83
C3 CLA AD . 12.38 -33.53 67.89
C4 CLA AD . 12.05 -33.46 66.44
C5 CLA AD . 13.81 -33.76 68.24
C6 CLA AD . 14.10 -33.60 69.72
C7 CLA AD . 15.41 -34.26 70.09
C8 CLA AD . 15.93 -33.76 71.43
C9 CLA AD . 17.44 -33.66 71.41
C10 CLA AD . 15.47 -34.68 72.56
MG CLA BD . 8.13 -34.67 57.71
CHA CLA BD . 10.62 -33.33 55.75
CHB CLA BD . 7.64 -31.65 59.12
CHC CLA BD . 6.41 -36.21 60.24
CHD CLA BD . 8.95 -37.82 56.37
NA CLA BD . 8.85 -32.77 57.30
C1A CLA BD . 9.93 -32.41 56.50
C2A CLA BD . 10.06 -30.90 56.44
C3A CLA BD . 9.27 -30.45 57.69
C4A CLA BD . 8.41 -31.67 57.98
CMA CLA BD . 10.17 -30.14 58.85
CAA CLA BD . 9.37 -30.36 55.21
CBA CLA BD . 10.32 -29.60 54.32
CGA CLA BD . 10.20 -28.14 54.59
O1A CLA BD . 9.28 -27.37 54.32
O2A CLA BD . 11.29 -27.64 55.23
NB CLA BD . 7.16 -34.04 59.35
C1B CLA BD . 7.24 -32.79 59.84
C2B CLA BD . 6.63 -32.72 61.19
C3B CLA BD . 6.25 -34.00 61.50
C4B CLA BD . 6.66 -34.87 60.37
CMB CLA BD . 6.87 -31.58 62.07
CAB CLA BD . 5.39 -34.46 62.56
CBB CLA BD . 4.26 -33.87 62.94
NC CLA BD . 7.56 -36.65 58.07
C1C CLA BD . 6.88 -37.05 59.18
C2C CLA BD . 6.65 -38.49 59.10
C3C CLA BD . 7.24 -38.90 57.91
C4C CLA BD . 8.06 -37.79 57.45
CMC CLA BD . 6.19 -39.32 60.22
CAC CLA BD . 7.16 -40.23 57.28
CBC CLA BD . 6.23 -40.24 56.09
ND CLA BD . 9.18 -35.40 56.15
C1D CLA BD . 9.36 -36.72 55.67
C2D CLA BD . 10.31 -36.66 54.53
C3D CLA BD . 10.80 -35.38 54.49
C4D CLA BD . 10.16 -34.68 55.62
CMD CLA BD . 10.76 -37.83 53.78
CAD CLA BD . 11.44 -34.38 53.67
OBD CLA BD . 12.07 -34.51 52.64
CBD CLA BD . 11.60 -33.14 54.61
CGD CLA BD . 13.02 -32.98 55.07
O1D CLA BD . 13.54 -33.32 56.13
O2D CLA BD . 13.80 -32.38 54.14
CED CLA BD . 13.97 -30.97 54.27
C1 CLA BD . 11.10 -27.25 56.61
C2 CLA BD . 12.45 -26.85 57.06
C3 CLA BD . 12.80 -26.68 58.35
C4 CLA BD . 14.17 -26.29 58.70
C5 CLA BD . 11.85 -26.88 59.49
C6 CLA BD . 12.45 -27.74 60.58
C7 CLA BD . 11.43 -28.03 61.66
C8 CLA BD . 11.74 -29.31 62.43
C9 CLA BD . 10.48 -30.12 62.63
C10 CLA BD . 12.39 -28.99 63.78
C11 CLA BD . 12.63 -30.23 64.62
C12 CLA BD . 14.11 -30.58 64.72
C13 CLA BD . 14.87 -29.63 65.63
C14 CLA BD . 15.98 -28.92 64.89
C15 CLA BD . 15.45 -30.38 66.84
C16 CLA BD . 15.35 -29.56 68.11
C17 CLA BD . 16.69 -29.00 68.54
C18 CLA BD . 17.69 -30.09 68.91
C19 CLA BD . 18.96 -29.96 68.09
C20 CLA BD . 18.03 -30.02 70.39
MG CLA CD . 1.53 -19.29 64.33
CHA CLA CD . 4.13 -17.39 65.59
CHB CLA CD . 2.26 -21.74 66.54
CHC CLA CD . -1.50 -20.70 63.65
CHD CLA CD . 0.94 -16.80 61.92
NA CLA CD . 2.98 -19.50 65.81
C1A CLA CD . 3.81 -18.50 66.32
C2A CLA CD . 4.40 -18.95 67.65
C3A CLA CD . 4.22 -20.48 67.58
C4A CLA CD . 3.02 -20.58 66.63
CMA CLA CD . 5.43 -21.16 67.00
CAA CLA CD . 3.60 -18.34 68.79
CBA CLA CD . 3.97 -18.98 70.12
CGA CLA CD . 3.63 -18.05 71.23
O1A CLA CD . 3.07 -16.95 71.17
O2A CLA CD . 4.01 -18.52 72.45
NB CLA CD . 0.61 -20.98 64.89
C1B CLA CD . 1.05 -21.85 65.83
C2B CLA CD . 0.00 -22.86 66.13
C3B CLA CD . -1.01 -22.65 65.21
C4B CLA CD . -0.73 -21.32 64.57
CMB CLA CD . 0.05 -23.69 67.33
CAB CLA CD . -1.94 -23.55 64.61
CBB CLA CD . -2.70 -24.46 65.24
NC CLA CD . 0.03 -18.89 62.94
C1C CLA CD . -1.19 -19.48 62.97
C2C CLA CD . -2.04 -18.89 61.94
C3C CLA CD . -1.34 -17.80 61.42
C4C CLA CD . -0.08 -17.75 62.14
CMC CLA CD . -3.21 -19.55 61.36
CAC CLA CD . -1.76 -16.90 60.34
CBC CLA CD . -2.31 -15.59 60.86
ND CLA CD . 2.34 -17.52 63.79
C1D CLA CD . 2.03 -16.63 62.74
C2D CLA CD . 2.84 -15.40 62.94
C3D CLA CD . 3.79 -15.72 63.89
C4D CLA CD . 3.29 -16.95 64.53
CMD CLA CD . 2.69 -14.20 62.13
CAD CLA CD . 4.94 -15.27 64.65
OBD CLA CD . 5.57 -14.23 64.56
CBD CLA CD . 5.16 -16.31 65.80
CGD CLA CD . 6.57 -16.82 65.83
O1D CLA CD . 7.57 -16.23 66.25
O2D CLA CD . 6.73 -18.07 65.32
CED CLA CD . 8.02 -18.65 65.36
C1 CLA CD . 3.59 -17.76 73.61
C2 CLA CD . 4.25 -18.37 74.79
C3 CLA CD . 3.78 -19.44 75.44
C4 CLA CD . 2.53 -20.14 75.03
C5 CLA CD . 4.50 -20.00 76.62
MG CLA DD . 12.95 -16.77 70.27
CHA CLA DD . 9.99 -18.37 69.44
CHB CLA DD . 14.60 -19.74 70.07
CHC CLA DD . 15.90 -15.11 70.46
CHD CLA DD . 11.38 -13.72 69.55
NA CLA DD . 12.34 -18.75 69.94
C1A CLA DD . 11.08 -19.20 69.56
C2A CLA DD . 11.05 -20.73 69.54
C3A CLA DD . 12.47 -21.11 69.99
C4A CLA DD . 13.23 -19.79 69.89
CMA CLA DD . 12.48 -21.66 71.39
CAA CLA DD . 10.78 -21.25 68.13
CBA CLA DD . 10.58 -22.75 68.14
CGA CLA DD . 9.58 -23.11 67.10
O1A CLA DD . 8.41 -22.72 67.01
O2A CLA DD . 10.05 -23.98 66.16
NB CLA DD . 14.86 -17.34 70.54
C1B CLA DD . 15.33 -18.61 70.45
C2B CLA DD . 16.82 -18.59 70.53
C3B CLA DD . 17.21 -17.27 70.50
C4B CLA DD . 15.97 -16.46 70.59
CMB CLA DD . 17.63 -19.79 70.29
CAB CLA DD . 18.48 -16.69 70.20
CBB CLA DD . 19.58 -16.82 70.94
NC CLA DD . 13.45 -14.76 70.43
C1C CLA DD . 14.73 -14.32 70.64
C2C CLA DD . 14.74 -12.87 70.63
C3C CLA DD . 13.47 -12.47 70.25
C4C CLA DD . 12.73 -13.67 69.91
CMC CLA DD . 15.97 -12.10 70.55
CAC CLA DD . 13.00 -11.09 70.02
CBC CLA DD . 12.37 -10.48 71.25
ND CLA DD . 11.08 -16.12 69.91
C1D CLA DD . 10.56 -14.81 69.74
C2D CLA DD . 9.10 -14.91 69.53
C3D CLA DD . 8.84 -16.25 69.35
C4D CLA DD . 10.13 -16.95 69.51
CMD CLA DD . 8.24 -13.76 69.29
CAD CLA DD . 7.81 -17.26 69.28
OBD CLA DD . 6.59 -17.10 69.38
CBD CLA DD . 8.51 -18.64 69.43
CGD CLA DD . 8.07 -19.35 70.68
O1D CLA DD . 8.24 -18.99 71.85
O2D CLA DD . 7.42 -20.53 70.45
CED CLA DD . 6.75 -21.15 71.55
C1 CLA DD . 9.81 -25.39 66.40
C2 CLA DD . 8.45 -25.72 65.90
C3 CLA DD . 8.16 -25.91 64.61
C4 CLA DD . 9.18 -25.81 63.54
C5 CLA DD . 6.78 -26.23 64.16
C6 CLA DD . 6.67 -27.65 63.64
C7 CLA DD . 5.34 -27.86 62.93
C8 CLA DD . 4.54 -29.01 63.52
C9 CLA DD . 3.27 -29.23 62.73
C10 CLA DD . 4.22 -28.78 64.99
C11 CLA DD . 3.49 -29.94 65.61
C12 CLA DD . 3.69 -29.99 67.11
C13 CLA DD . 2.64 -29.22 67.89
C14 CLA DD . 2.68 -29.67 69.35
C15 CLA DD . 1.24 -29.36 67.30
C16 CLA DD . 0.11 -29.00 68.25
C17 CLA DD . -0.22 -27.53 68.21
C18 CLA DD . -0.88 -27.08 69.51
C19 CLA DD . 0.03 -26.16 70.29
C20 CLA DD . -2.19 -26.39 69.23
MG CLA ED . 8.11 -8.75 49.30
CHA CLA ED . 11.03 -8.67 47.49
CHB CLA ED . 9.13 -6.01 51.01
CHC CLA ED . 5.37 -9.00 51.28
CHD CLA ED . 7.19 -11.75 47.70
NA CLA ED . 9.89 -7.69 49.38
C1A CLA ED . 10.92 -7.67 48.42
C2A CLA ED . 12.05 -6.76 48.91
C3A CLA ED . 11.55 -6.26 50.29
C4A CLA ED . 10.09 -6.70 50.30
CMA CLA ED . 12.31 -6.87 51.43
CAA CLA ED . 12.30 -5.63 47.93
CBA CLA ED . 11.81 -4.29 48.41
CGA CLA ED . 10.55 -3.94 47.68
O1A CLA ED . 10.33 -4.00 46.47
O2A CLA ED . 9.56 -3.50 48.51
NB CLA ED . 7.27 -7.58 50.68
C1B CLA ED . 7.80 -6.43 51.18
C2B CLA ED . 6.81 -5.80 52.08
C3B CLA ED . 5.75 -6.67 52.19
C4B CLA ED . 6.12 -7.89 51.42
CMB CLA ED . 7.17 -4.63 52.89
CAB CLA ED . 4.41 -6.54 52.71
CBB CLA ED . 3.71 -5.41 52.81
NC CLA ED . 6.41 -9.95 49.23
C1C CLA ED . 5.44 -9.91 50.18
C2C CLA ED . 4.53 -11.01 50.00
C3C CLA ED . 4.92 -11.67 48.84
C4C CLA ED . 6.21 -11.10 48.47
CMC CLA ED . 3.27 -11.11 50.72
CAC CLA ED . 4.32 -12.88 48.25
CBC CLA ED . 3.73 -12.64 46.88
ND CLA ED . 8.93 -10.05 47.99
C1D CLA ED . 8.40 -11.18 47.33
C2D CLA ED . 9.07 -11.28 46.02
C3D CLA ED . 10.18 -10.46 46.10
C4D CLA ED . 10.04 -9.71 47.36
CMD CLA ED . 8.68 -12.21 44.97
CAD CLA ED . 11.41 -10.03 45.46
OBD CLA ED . 12.04 -10.58 44.58
CBD CLA ED . 12.04 -8.96 46.41
CGD CLA ED . 13.35 -9.43 46.97
O1D CLA ED . 13.55 -10.44 47.63
O2D CLA ED . 14.40 -8.62 46.70
CED CLA ED . 15.65 -9.25 46.42
C1 CLA ED . 8.24 -3.39 47.95
C2 CLA ED . 7.61 -4.73 48.06
C3 CLA ED . 6.41 -5.02 47.54
C4 CLA ED . 5.61 -4.02 46.80
C5 CLA ED . 5.83 -6.38 47.66
C6 CLA ED . 6.37 -7.31 46.60
C7 CLA ED . 5.26 -7.91 45.78
C8 CLA ED . 5.76 -9.02 44.86
C9 CLA ED . 6.95 -8.53 44.03
C10 CLA ED . 4.66 -9.53 43.95
MG CLA FD . 13.68 -14.99 52.26
CHA CLA FD . 16.59 -13.23 52.96
CHB CLA FD . 13.28 -13.09 49.52
CHC CLA FD . 10.81 -16.70 51.62
CHD CLA FD . 14.19 -16.92 55.17
NA CLA FD . 14.65 -13.28 51.54
C1A CLA FD . 15.96 -12.89 51.80
C2A CLA FD . 16.32 -11.68 50.94
C3A CLA FD . 14.98 -11.34 50.22
C4A CLA FD . 14.17 -12.61 50.46
CMA CLA FD . 14.32 -10.14 50.82
CAA CLA FD . 17.43 -12.00 49.95
CBA CLA FD . 17.43 -13.43 49.48
CGA CLA FD . 18.07 -13.51 48.13
O1A CLA FD . 17.89 -12.79 47.15
O2A CLA FD . 18.98 -14.53 48.02
NB CLA FD . 12.21 -14.80 50.91
C1B CLA FD . 12.32 -14.09 49.77
C2B CLA FD . 11.17 -14.36 48.89
C3B CLA FD . 10.56 -15.49 49.41
C4B CLA FD . 11.13 -15.69 50.77
CMB CLA FD . 11.08 -13.74 47.57
CAB CLA FD . 9.61 -16.41 48.86
CBB CLA FD . 8.53 -16.12 48.12
NC CLA FD . 12.75 -16.62 53.16
C1C CLA FD . 11.60 -17.19 52.70
C2C CLA FD . 11.22 -18.30 53.58
C3C CLA FD . 12.18 -18.35 54.58
C4C CLA FD . 13.12 -17.28 54.33
CMC CLA FD . 10.15 -19.24 53.28
CAC CLA FD . 12.32 -19.40 55.61
CBC CLA FD . 13.34 -20.45 55.22
ND CLA FD . 15.09 -15.18 53.70
C1D CLA FD . 15.11 -15.93 54.90
C2D CLA FD . 16.33 -15.56 55.65
C3D CLA FD . 16.88 -14.48 54.99
C4D CLA FD . 16.10 -14.31 53.77
CMD CLA FD . 16.97 -16.46 56.58
CAD CLA FD . 18.04 -13.63 54.88
OBD CLA FD . 18.96 -13.47 55.67
CBD CLA FD . 17.93 -12.86 53.54
CGD CLA FD . 18.06 -11.38 53.78
O1D CLA FD . 17.46 -10.71 54.60
O2D CLA FD . 18.96 -10.77 52.97
CED CLA FD . 19.58 -9.61 53.50
C1 CLA FD . 18.46 -15.88 47.92
C2 CLA FD . 19.53 -16.75 48.46
C3 CLA FD . 20.02 -17.84 47.85
C4 CLA FD . 19.53 -18.32 46.54
C5 CLA FD . 21.11 -18.62 48.50
C6 CLA FD . 20.67 -19.95 49.04
C7 CLA FD . 21.85 -20.67 49.65
C8 CLA FD . 21.43 -21.96 50.34
C9 CLA FD . 20.56 -21.64 51.54
C10 CLA FD . 22.63 -22.79 50.78
C11 CLA FD . 23.58 -23.05 49.62
C12 CLA FD . 23.68 -24.52 49.30
C13 CLA FD . 24.93 -24.79 48.46
C14 CLA FD . 24.57 -25.34 47.10
C15 CLA FD . 25.86 -25.76 49.19
C16 CLA FD . 27.10 -26.06 48.37
C17 CLA FD . 27.93 -27.14 49.01
C18 CLA FD . 29.10 -27.53 48.12
C19 CLA FD . 28.63 -28.07 46.79
C20 CLA FD . 29.97 -28.56 48.83
MG CLA GD . -1.61 -24.18 47.19
CHA CLA GD . -4.35 -25.65 45.64
CHB CLA GD . 0.41 -26.36 45.56
CHC CLA GD . 1.03 -23.08 49.06
CHD CLA GD . -3.78 -22.19 49.09
NA CLA GD . -1.93 -25.60 45.70
C1A CLA GD . -3.13 -25.93 45.07
C2A CLA GD . -2.89 -27.02 44.02
C3A CLA GD . -1.46 -27.50 44.31
C4A CLA GD . -0.94 -26.46 45.29
CMA CLA GD . -1.46 -28.88 44.89
CAA CLA GD . -3.04 -26.49 42.61
CBA CLA GD . -2.58 -25.07 42.42
CGA CLA GD . -3.63 -24.36 41.64
O1A CLA GD . -4.78 -24.11 42.00
O2A CLA GD . -3.22 -23.97 40.39
NB CLA GD . 0.35 -24.58 47.25
C1B CLA GD . 1.00 -25.39 46.39
C2B CLA GD . 2.42 -25.46 46.79
C3B CLA GD . 2.61 -24.60 47.83
C4B CLA GD . 1.27 -24.10 48.20
CMB CLA GD . 3.23 -26.57 46.34
CAB CLA GD . 3.81 -23.98 48.32
CBB CLA GD . 4.93 -24.60 48.68
NC CLA GD . -1.42 -22.89 48.81
C1C CLA GD . -0.24 -22.53 49.38
C2C CLA GD . -0.38 -21.22 49.99
C3C CLA GD . -1.74 -20.89 49.93
C4C CLA GD . -2.41 -22.07 49.36
CMC CLA GD . 0.77 -20.38 50.32
CAC CLA GD . -2.41 -19.82 50.68
CBC CLA GD . -2.40 -18.50 49.94
ND CLA GD . -3.59 -23.84 47.28
C1D CLA GD . -4.35 -23.03 48.16
C2D CLA GD . -5.77 -23.39 48.00
C3D CLA GD . -5.84 -24.26 46.93
C4D CLA GD . -4.44 -24.68 46.68
CMD CLA GD . -6.77 -23.15 49.03
CAD CLA GD . -6.62 -24.72 45.80
OBD CLA GD . -7.81 -24.59 45.59
CBD CLA GD . -5.75 -25.79 45.08
CGD CLA GD . -6.35 -27.16 45.27
O1D CLA GD . -7.39 -27.45 45.86
O2D CLA GD . -5.65 -28.17 44.71
CED CLA GD . -5.73 -29.46 45.34
C1 CLA GD . -2.44 -22.77 40.25
C2 CLA GD . -3.24 -21.63 40.79
C3 CLA GD . -3.41 -20.47 40.14
C4 CLA GD . -2.81 -20.21 38.80
C5 CLA GD . -4.23 -19.38 40.73
C6 CLA GD . -3.55 -18.03 40.70
C7 CLA GD . -2.65 -17.85 41.90
C8 CLA GD . -1.94 -16.50 41.90
C9 CLA GD . -2.96 -15.38 42.01
C10 CLA GD . -1.10 -16.32 40.65
C11 CLA GD . 0.20 -15.61 40.96
C12 CLA GD . 1.20 -15.74 39.83
C13 CLA GD . 2.38 -14.79 40.01
C14 CLA GD . 2.46 -13.80 38.88
C15 CLA GD . 3.70 -15.56 40.12
MG CLA HD . -7.73 -32.98 72.57
CHA CLA HD . -8.53 -36.30 72.99
CHB CLA HD . -10.60 -32.22 74.19
CHC CLA HD . -7.38 -29.70 71.61
CHD CLA HD . -5.14 -33.89 70.41
NA CLA HD . -9.03 -34.07 73.78
C1A CLA HD . -9.10 -35.46 73.92
C2A CLA HD . -10.24 -35.87 74.84
C3A CLA HD . -11.03 -34.56 75.02
C4A CLA HD . -10.21 -33.54 74.22
CMA CLA HD . -12.43 -34.68 74.46
CAA CLA HD . -9.72 -36.41 76.16
CBA CLA HD . -9.17 -35.32 77.05
CGA CLA HD . -8.81 -35.89 78.40
O1A CLA HD . -9.52 -36.51 79.18
O2A CLA HD . -7.51 -35.64 78.73
NB CLA HD . -8.63 -31.25 73.08
C1B CLA HD . -9.84 -31.16 73.66
C2B CLA HD . -10.19 -29.72 73.85
C3B CLA HD . -9.26 -29.00 73.18
C4B CLA HD . -8.29 -29.97 72.59
CMB CLA HD . -11.18 -29.29 74.83
CAB CLA HD . -9.07 -27.58 73.16
CBB CLA HD . -8.16 -26.92 73.89
NC CLA HD . -6.52 -31.99 71.19
C1C CLA HD . -6.56 -30.65 70.93
C2C CLA HD . -5.45 -30.30 70.05
C3C CLA HD . -4.81 -31.49 69.71
C4C CLA HD . -5.56 -32.56 70.35
CMC CLA HD . -4.99 -28.93 69.82
CAC CLA HD . -3.70 -31.66 68.76
CBC CLA HD . -2.36 -31.68 69.43
ND CLA HD . -6.89 -34.68 71.91
C1D CLA HD . -5.90 -34.92 70.93
C2D CLA HD . -6.04 -36.31 70.42
C3D CLA HD . -6.98 -36.91 71.25
C4D CLA HD . -7.51 -35.83 72.10
CMD CLA HD . -5.17 -36.92 69.42
CAD CLA HD . -7.63 -38.14 71.64
OBD CLA HD . -7.30 -39.28 71.36
CBD CLA HD . -8.64 -37.79 72.78
CGD CLA HD . -10.04 -38.19 72.42
O1D CLA HD . -10.91 -38.63 73.18
O2D CLA HD . -10.36 -38.04 71.11
CED CLA HD . -11.66 -38.44 70.67
MG CLA ID . -13.45 -27.07 78.81
CHA CLA ID . -14.37 -30.29 77.97
CHB CLA ID . -16.71 -26.13 78.50
CHC CLA ID . -12.52 -23.78 78.99
CHD CLA ID . -10.09 -27.98 78.38
NA CLA ID . -15.25 -28.10 78.50
C1A CLA ID . -15.42 -29.48 78.31
C2A CLA ID . -16.90 -29.81 78.11
C3A CLA ID . -17.56 -28.42 77.94
C4A CLA ID . -16.42 -27.44 78.22
CMA CLA ID . -18.12 -28.22 76.56
CAA CLA ID . -17.46 -30.58 79.28
CBA CLA ID . -17.36 -29.82 80.59
CGA CLA ID . -17.21 -30.78 81.74
O1A CLA ID . -17.41 -30.57 82.95
O2A CLA ID . -16.80 -32.03 81.35
NB CLA ID . -14.43 -25.33 78.97
C1B CLA ID . -15.77 -25.17 78.95
C2B CLA ID . -16.11 -23.75 79.23
C3B CLA ID . -14.94 -23.05 79.09
C4B CLA ID . -13.85 -24.04 78.90
CMB CLA ID . -17.48 -23.27 79.32
CAB CLA ID . -14.63 -21.69 79.48
CBB CLA ID . -14.91 -21.15 80.66
NC CLA ID . -11.62 -26.10 78.95
C1C CLA ID . -11.46 -24.74 78.93
C2C CLA ID . -10.05 -24.40 79.03
C3C CLA ID . -9.36 -25.61 78.97
C4C CLA ID . -10.35 -26.65 78.75
CMC CLA ID . -9.56 -23.10 79.46
CAC CLA ID . -7.92 -25.81 79.15
CBC CLA ID . -7.16 -25.80 77.85
ND CLA ID . -12.41 -28.77 78.54
C1D CLA ID . -11.01 -29.01 78.41
C2D CLA ID . -10.80 -30.44 78.15
C3D CLA ID . -12.05 -30.97 77.89
C4D CLA ID . -13.02 -29.87 78.09
CMD CLA ID . -9.49 -31.03 77.86
CAD CLA ID . -12.83 -32.17 77.66
OBD CLA ID . -12.45 -33.34 77.61
CBD CLA ID . -14.32 -31.77 77.68
CGD CLA ID . -15.01 -32.11 76.37
O1D CLA ID . -14.91 -31.51 75.31
O2D CLA ID . -15.81 -33.20 76.43
CED CLA ID . -16.01 -33.94 75.22
C1 CLA ID . -15.66 -32.61 82.02
C2 CLA ID . -14.55 -31.62 81.92
C3 CLA ID . -13.31 -31.92 81.50
C4 CLA ID . -12.92 -33.29 81.11
C5 CLA ID . -12.27 -30.86 81.43
C6 CLA ID . -11.34 -30.86 82.63
C7 CLA ID . -10.70 -29.51 82.83
C8 CLA ID . -9.57 -29.23 81.85
C9 CLA ID . -8.58 -30.38 81.80
C10 CLA ID . -8.85 -27.94 82.22
MG CLA JD . -15.53 -10.66 80.97
CHA CLA JD . -16.94 -13.33 79.29
CHB CLA JD . -17.78 -8.58 79.54
CHC CLA JD . -14.54 -8.23 83.16
CHD CLA JD . -13.12 -12.84 82.26
NA CLA JD . -17.09 -10.95 79.62
C1A CLA JD . -17.63 -12.16 79.17
C2A CLA JD . -18.77 -11.91 78.19
C3A CLA JD . -18.85 -10.37 78.09
C4A CLA JD . -17.82 -9.90 79.13
CMA CLA JD . -18.51 -9.88 76.72
CAA CLA JD . -20.09 -12.54 78.65
CBA CLA JD . -20.22 -12.58 80.16
CGA CLA JD . -21.37 -13.45 80.58
O1A CLA JD . -21.92 -13.51 81.67
O2A CLA JD . -21.83 -14.25 79.58
NB CLA JD . -16.00 -8.73 81.24
C1B CLA JD . -17.02 -8.09 80.61
C2B CLA JD . -17.17 -6.72 81.17
C3B CLA JD . -16.22 -6.60 82.17
C4B CLA JD . -15.58 -7.93 82.32
CMB CLA JD . -17.97 -5.70 80.49
CAB CLA JD . -15.68 -5.45 82.85
CBB CLA JD . -16.36 -4.40 83.32
NC CLA JD . -13.99 -10.52 82.38
C1C CLA JD . -13.82 -9.45 83.22
C2C CLA JD . -12.98 -9.86 84.34
C3C CLA JD . -12.65 -11.20 84.15
C4C CLA JD . -13.18 -11.56 82.84
CMC CLA JD . -12.61 -8.98 85.45
CAC CLA JD . -11.68 -11.98 84.93
CBC CLA JD . -12.28 -13.16 85.67
ND CLA JD . -15.03 -12.61 80.82
C1D CLA JD . -14.14 -13.42 81.55
C2D CLA JD . -14.48 -14.84 81.38
C3D CLA JD . -15.44 -14.86 80.37
C4D CLA JD . -15.85 -13.47 80.20
CMD CLA JD . -13.78 -15.95 82.02
CAD CLA JD . -16.02 -15.61 79.29
OBD CLA JD . -15.90 -16.80 79.01
CBD CLA JD . -17.07 -14.67 78.62
CGD CLA JD . -16.85 -14.55 77.14
O1D CLA JD . -17.63 -14.14 76.28
O2D CLA JD . -15.62 -14.96 76.74
CED CLA JD . -15.62 -15.82 75.60
C1 CLA JD . -22.14 -15.61 79.94
C2 CLA JD . -20.85 -16.23 80.33
C3 CLA JD . -20.77 -17.38 81.02
C4 CLA JD . -21.98 -18.14 81.43
C5 CLA JD . -19.45 -17.94 81.39
C6 CLA JD . -19.35 -18.33 82.84
C7 CLA JD . -18.30 -17.52 83.57
C8 CLA JD . -17.14 -18.37 84.09
C9 CLA JD . -16.20 -18.69 82.94
C10 CLA JD . -17.63 -19.63 84.79
C11 CLA JD . -16.57 -20.69 85.00
C12 CLA JD . -15.64 -20.39 86.16
C13 CLA JD . -14.25 -20.96 85.90
C14 CLA JD . -13.55 -21.29 87.20
C15 CLA JD . -13.40 -20.02 85.06
C16 CLA JD . -13.05 -20.64 83.73
C17 CLA JD . -11.99 -19.83 83.00
MG CLA KD . -15.09 0.39 81.29
CHA CLA KD . -14.99 2.50 84.03
CHB CLA KD . -13.62 -2.03 83.16
CHC CLA KD . -15.04 -1.62 78.52
CHD CLA KD . -16.00 3.13 79.26
NA CLA KD . -14.60 0.23 83.31
C1A CLA KD . -14.78 1.18 84.32
C2A CLA KD . -14.16 0.68 85.63
C3A CLA KD . -13.41 -0.61 85.22
C4A CLA KD . -13.90 -0.85 83.80
CMA CLA KD . -11.91 -0.41 85.27
CAA CLA KD . -15.19 0.40 86.73
CBA CLA KD . -16.62 0.43 86.27
CGA CLA KD . -17.52 0.34 87.47
O1A CLA KD . -18.59 0.91 87.68
O2A CLA KD . -17.02 -0.51 88.43
NB CLA KD . -14.59 -1.52 80.95
C1B CLA KD . -13.85 -2.28 81.78
C2B CLA KD . -13.36 -3.48 81.06
C3B CLA KD . -14.09 -3.55 79.90
C4B CLA KD . -14.68 -2.20 79.71
CMB CLA KD . -12.47 -4.47 81.64
CAB CLA KD . -14.02 -4.53 78.86
CBB CLA KD . -15.05 -5.11 78.25
NC CLA KD . -15.50 0.69 79.27
C1C CLA KD . -15.53 -0.31 78.34
C2C CLA KD . -16.22 0.17 77.15
C3C CLA KD . -16.57 1.50 77.38
C4C CLA KD . -15.98 1.85 78.66
CMC CLA KD . -16.76 -0.74 76.14
CAC CLA KD . -17.08 2.45 76.39
CBC CLA KD . -18.60 2.54 76.39
ND CLA KD . -15.51 2.35 81.53
C1D CLA KD . -15.85 3.37 80.61
C2D CLA KD . -15.87 4.66 81.32
C3D CLA KD . -15.73 4.36 82.66
C4D CLA KD . -15.36 2.94 82.71
CMD CLA KD . -16.17 5.95 80.70
CAD CLA KD . -15.61 4.89 84.01
OBD CLA KD . -15.87 6.00 84.43
CBD CLA KD . -15.21 3.69 84.92
CGD CLA KD . -13.99 4.00 85.74
O1D CLA KD . -13.89 4.08 86.96
O2D CLA KD . -12.87 4.20 84.99
CED CLA KD . -11.63 3.72 85.52
C1 CLA KD . -17.70 -0.56 89.70
C2 CLA KD . -18.74 -1.61 89.63
C3 CLA KD . -19.01 -2.46 90.64
C4 CLA KD . -18.28 -2.42 91.92
C5 CLA KD . -20.08 -3.50 90.50
C6 CLA KD . -21.11 -3.41 91.60
C7 CLA KD . -22.45 -3.93 91.14
C8 CLA KD . -22.40 -5.40 90.73
C9 CLA KD . -22.93 -5.57 89.31
C10 CLA KD . -23.21 -6.27 91.69
C11 CLA KD . -22.31 -7.04 92.63
C12 CLA KD . -23.11 -7.98 93.51
C13 CLA KD . -22.20 -8.79 94.42
MG CLA LD . 14.07 -17.80 77.87
CHA CLA LD . 17.50 -18.06 77.56
CHB CLA LD . 13.83 -17.20 74.53
CHC CLA LD . 10.67 -18.26 78.09
CHD CLA LD . 14.37 -18.59 81.29
NA CLA LD . 15.46 -17.64 76.33
C1A CLA LD . 16.83 -17.93 76.36
C2A CLA LD . 17.49 -17.49 75.05
C3A CLA LD . 16.33 -16.92 74.21
C4A CLA LD . 15.10 -17.23 75.07
CMA CLA LD . 16.49 -15.45 74.00
CAA CLA LD . 18.19 -18.64 74.33
CBA CLA LD . 17.26 -19.78 73.99
CGA CLA LD . 18.09 -20.99 73.67
O1A CLA LD . 19.28 -21.04 73.33
O2A CLA LD . 17.39 -22.17 73.76
NB CLA LD . 12.53 -17.64 76.58
C1B CLA LD . 12.64 -17.38 75.26
C2B CLA LD . 11.29 -17.48 74.63
C3B CLA LD . 10.39 -17.52 75.67
C4B CLA LD . 11.18 -17.90 76.87
CMB CLA LD . 11.05 -17.27 73.21
CAB CLA LD . 8.96 -17.40 75.69
CBB CLA LD . 8.11 -18.20 75.06
NC CLA LD . 12.75 -18.12 79.46
C1C CLA LD . 11.42 -18.38 79.30
C2C CLA LD . 10.79 -18.56 80.60
C3C CLA LD . 11.84 -18.70 81.51
C4C CLA LD . 13.07 -18.40 80.78
CMC CLA LD . 9.37 -18.80 80.82
CAC CLA LD . 11.72 -18.91 82.96
CBC CLA LD . 11.86 -20.35 83.35
ND CLA LD . 15.56 -18.05 79.21
C1D CLA LD . 15.54 -18.43 80.57
C2D CLA LD . 16.93 -18.41 81.07
C3D CLA LD . 17.72 -18.42 79.94
C4D CLA LD . 16.82 -18.16 78.80
CMD CLA LD . 17.31 -18.59 82.47
CAD CLA LD . 19.08 -18.45 79.41
OBD CLA LD . 20.12 -18.73 79.98
CBD CLA LD . 18.98 -18.15 77.89
CGD CLA LD . 19.71 -16.89 77.51
O1D CLA LD . 19.27 -15.75 77.50
O2D CLA LD . 21.00 -17.10 77.14
CED CLA LD . 21.35 -16.82 75.78
C1 CLA LD . 18.17 -23.38 73.79
C2 CLA LD . 17.45 -24.30 74.71
C3 CLA LD . 18.00 -25.41 75.23
C4 CLA LD . 19.40 -25.81 74.91
C5 CLA LD . 17.24 -26.31 76.15
C6 CLA LD . 15.77 -25.98 76.27
C7 CLA LD . 15.46 -25.21 77.53
C8 CLA LD . 15.50 -26.07 78.78
C9 CLA LD . 14.12 -26.10 79.43
C10 CLA LD . 16.54 -25.57 79.77
C11 CLA LD . 16.56 -26.37 81.05
C12 CLA LD . 17.75 -26.04 81.93
C13 CLA LD . 17.74 -26.89 83.19
C14 CLA LD . 16.60 -26.47 84.10
C15 CLA LD . 19.07 -26.81 83.94
C16 CLA LD . 20.21 -27.27 83.07
C17 CLA LD . 21.38 -27.77 83.89
C18 CLA LD . 22.68 -27.80 83.10
C19 CLA LD . 23.80 -28.36 83.94
C20 CLA LD . 22.53 -28.61 81.82
MG CLA MD . 19.74 -22.70 81.56
CHA CLA MD . 22.89 -23.97 80.99
CHB CLA MD . 19.38 -22.13 78.24
CHC CLA MD . 16.39 -22.14 82.08
CHD CLA MD . 20.15 -23.33 85.01
NA CLA MD . 21.00 -22.92 79.91
C1A CLA MD . 22.24 -23.57 79.87
C2A CLA MD . 22.64 -23.92 78.45
C3A CLA MD . 21.44 -23.40 77.61
C4A CLA MD . 20.60 -22.64 78.63
CMA CLA MD . 21.89 -22.52 76.47
NB CLA MD . 18.19 -22.20 80.39
C1B CLA MD . 18.22 -22.16 79.04
C2B CLA MD . 16.84 -22.03 78.50
C3B CLA MD . 15.98 -22.06 79.57
C4B CLA MD . 16.83 -22.10 80.79
CMB CLA MD . 16.59 -21.63 77.12
CAB CLA MD . 14.60 -21.64 79.60
CBB CLA MD . 13.58 -22.39 80.03
NC CLA MD . 18.52 -22.64 83.26
C1C CLA MD . 17.18 -22.36 83.24
C2C CLA MD . 16.60 -22.62 84.55
C3C CLA MD . 17.68 -22.87 85.40
C4C CLA MD . 18.86 -23.02 84.55
CMC CLA MD . 15.19 -22.91 84.78
CAC CLA MD . 17.64 -22.98 86.87
CBC CLA MD . 17.55 -24.42 87.34
ND CLA MD . 21.23 -23.27 82.80
C1D CLA MD . 21.24 -23.55 84.19
C2D CLA MD . 22.48 -24.30 84.51
C3D CLA MD . 23.26 -24.25 83.36
C4D CLA MD . 22.38 -23.70 82.31
CMD CLA MD . 22.85 -24.76 85.85
CAD CLA MD . 24.49 -24.68 82.72
OBD CLA MD . 25.57 -24.95 83.22
CBD CLA MD . 24.27 -24.57 81.18
CGD CLA MD . 25.32 -23.73 80.53
O1D CLA MD . 25.53 -22.53 80.67
O2D CLA MD . 26.13 -24.43 79.66
CED CLA MD . 27.44 -23.91 79.42
MG CLA ND . 6.71 -10.78 70.54
CHA CLA ND . 7.80 -11.27 73.78
CHB CLA ND . 4.53 -13.30 71.01
CHC CLA ND . 5.09 -9.98 67.63
CHD CLA ND . 8.00 -7.52 70.67
NA CLA ND . 6.53 -12.27 71.99
C1A CLA ND . 6.92 -12.22 73.34
C2A CLA ND . 6.67 -13.59 73.97
C3A CLA ND . 5.80 -14.33 72.94
C4A CLA ND . 5.63 -13.28 71.84
CMA CLA ND . 6.47 -15.58 72.43
CAA CLA ND . 5.96 -13.47 75.31
CBA CLA ND . 6.68 -14.31 76.35
CGA CLA ND . 5.76 -14.70 77.44
O1A CLA ND . 5.08 -13.99 78.19
O2A CLA ND . 5.66 -16.06 77.60
NB CLA ND . 5.37 -11.70 69.37
C1B CLA ND . 4.45 -12.60 69.79
C2B CLA ND . 3.80 -13.18 68.61
C3B CLA ND . 4.05 -12.32 67.55
C4B CLA ND . 4.94 -11.25 68.11
CMB CLA ND . 3.49 -14.62 68.62
CAB CLA ND . 3.53 -12.22 66.22
CBB CLA ND . 2.61 -13.01 65.65
NC CLA ND . 6.79 -9.15 69.24
C1C CLA ND . 5.97 -8.99 68.16
C2C CLA ND . 6.38 -7.79 67.43
C3C CLA ND . 7.19 -7.06 68.31
C4C CLA ND . 7.45 -7.94 69.45
CMC CLA ND . 5.82 -7.36 66.15
CAC CLA ND . 7.44 -5.62 68.28
CBC CLA ND . 8.86 -5.26 67.95
ND CLA ND . 7.90 -9.71 71.77
C1D CLA ND . 8.29 -8.35 71.73
C2D CLA ND . 9.22 -8.12 72.85
C3D CLA ND . 9.08 -9.22 73.67
C4D CLA ND . 8.08 -10.08 73.03
CMD CLA ND . 10.36 -7.20 72.77
CAD CLA ND . 9.76 -10.06 74.63
OBD CLA ND . 10.96 -10.02 74.93
CBD CLA ND . 8.93 -11.36 74.78
CGD CLA ND . 9.77 -12.58 74.53
O1D CLA ND . 9.78 -13.63 75.18
O2D CLA ND . 10.59 -12.50 73.44
CED CLA ND . 11.55 -13.55 73.27
C1 CLA ND . 5.80 -16.55 78.96
C2 CLA ND . 4.64 -17.45 79.21
C3 CLA ND . 4.35 -17.93 80.43
C4 CLA ND . 5.18 -17.61 81.63
C5 CLA ND . 3.19 -18.83 80.65
MG CLA OD . -1.92 -13.41 78.44
CHA CLA OD . 1.21 -12.09 77.79
CHB CLA OD . -2.00 -14.67 75.27
CHC CLA OD . -5.22 -14.22 78.86
CHD CLA OD . -1.97 -11.66 81.49
NA CLA OD . -0.54 -13.51 76.88
C1A CLA OD . 0.70 -12.89 76.80
C2A CLA OD . 1.50 -13.49 75.64
C3A CLA OD . 0.37 -14.02 74.74
C4A CLA OD . -0.85 -13.99 75.64
CMA CLA OD . 0.19 -13.14 73.54
CAA CLA OD . 2.50 -14.54 76.12
CBA CLA OD . 1.92 -15.83 76.69
CGA CLA OD . 1.63 -15.73 78.16
O1A CLA OD . 2.29 -15.19 79.05
O2A CLA OD . 0.46 -16.36 78.49
NB CLA OD . -3.30 -14.34 77.33
C1B CLA OD . -3.06 -14.96 76.15
C2B CLA OD . -4.27 -15.73 75.74
C3B CLA OD . -5.26 -15.37 76.61
C4B CLA OD . -4.60 -14.69 77.75
CMB CLA OD . -4.37 -16.34 74.42
CAB CLA OD . -6.60 -15.86 76.70
CBB CLA OD . -6.93 -17.14 76.84
NC CLA OD . -3.31 -13.10 79.96
C1C CLA OD . -4.64 -13.37 79.84
C2C CLA OD . -5.32 -13.03 81.09
C3C CLA OD . -4.33 -12.50 81.93
C4C CLA OD . -3.14 -12.35 81.12
CMC CLA OD . -6.63 -13.53 81.47
CAC CLA OD . -4.54 -11.92 83.26
CBC CLA OD . -5.03 -10.51 83.18
ND CLA OD . -0.62 -12.34 79.56
C1D CLA OD . -0.76 -11.70 80.82
C2D CLA OD . 0.44 -10.88 81.06
C3D CLA OD . 1.24 -11.00 79.93
C4D CLA OD . 0.55 -11.96 79.06
CMD CLA OD . 0.74 -10.17 82.30
CAD CLA OD . 2.55 -10.80 79.36
OBD CLA OD . 3.62 -10.63 79.92
CBD CLA OD . 2.47 -11.28 77.87
CGD CLA OD . 2.48 -10.13 76.92
O1D CLA OD . 1.61 -9.27 76.77
O2D CLA OD . 3.59 -10.06 76.14
CED CLA OD . 4.07 -8.75 75.80
C1 CLA OD . -0.13 -16.07 79.77
C2 CLA OD . -1.29 -17.00 79.84
C3 CLA OD . -2.26 -16.94 80.76
C4 CLA OD . -2.27 -15.94 81.85
C5 CLA OD . -3.37 -17.93 80.73
C6 CLA OD . -4.75 -17.30 80.80
C7 CLA OD . -5.81 -18.30 80.38
C8 CLA OD . -6.91 -18.43 81.43
C9 CLA OD . -7.65 -19.73 81.25
C10 CLA OD . -7.87 -17.26 81.35
C11 CLA OD . -8.92 -17.33 82.44
C12 CLA OD . -8.34 -17.09 83.81
C13 CLA OD . -9.26 -16.21 84.64
C14 CLA OD . -9.32 -14.82 84.05
C15 CLA OD . -8.81 -16.16 86.10
MG CLA PD . -3.86 -21.68 72.29
CHA CLA PD . -1.28 -19.42 71.94
CHB CLA PD . -3.62 -22.41 68.98
CHC CLA PD . -6.93 -23.19 72.36
CHD CLA PD . -4.41 -20.44 75.54
NA CLA PD . -2.50 -21.17 70.79
C1A CLA PD . -1.44 -20.27 70.88
C2A CLA PD . -0.71 -20.14 69.54
C3A CLA PD . -1.68 -20.86 68.56
C4A CLA PD . -2.71 -21.50 69.48
CMA CLA PD . -2.30 -19.91 67.58
CAA CLA PD . 0.66 -20.77 69.60
CBA CLA PD . 0.78 -21.93 70.56
CGA CLA PD . 2.21 -22.38 70.65
O1A CLA PD . 3.04 -22.47 69.75
O2A CLA PD . 2.58 -22.74 71.91
NB CLA PD . -4.85 -22.91 71.06
C1B CLA PD . -4.51 -23.17 69.77
C2B CLA PD . -5.47 -24.16 69.22
C3B CLA PD . -6.55 -24.17 70.07
C4B CLA PD . -6.20 -23.32 71.23
CMB CLA PD . -5.32 -24.77 67.89
CAB CLA PD . -7.64 -25.09 70.14
CBB CLA PD . -7.50 -26.40 70.32
NC CLA PD . -5.30 -21.95 73.78
C1C CLA PD . -6.49 -22.59 73.58
C2C CLA PD . -7.30 -22.48 74.78
C3C CLA PD . -6.50 -21.86 75.73
C4C CLA PD . -5.40 -21.26 74.98
CMC CLA PD . -8.55 -23.22 75.00
CAC CLA PD . -6.67 -21.84 77.18
CBC CLA PD . -7.42 -20.62 77.63
ND CLA PD . -2.98 -20.39 73.57
C1D CLA PD . -3.34 -19.93 74.86
C2D CLA PD . -2.26 -19.04 75.34
C3D CLA PD . -1.47 -18.77 74.25
C4D CLA PD . -1.91 -19.68 73.19
CMD CLA PD . -2.04 -18.72 76.75
CAD CLA PD . -0.48 -17.88 73.66
OBD CLA PD . 0.31 -17.13 74.21
CBD CLA PD . -0.32 -18.30 72.16
CGD CLA PD . -0.56 -17.16 71.22
O1D CLA PD . -1.35 -17.12 70.28
O2D CLA PD . 0.20 -16.05 71.45
CED CLA PD . 0.27 -15.10 70.38
C1 CLA PD . 3.83 -23.46 72.04
C2 CLA PD . 3.97 -23.90 73.45
C3 CLA PD . 3.42 -25.03 73.93
C4 CLA PD . 2.63 -25.95 73.08
C5 CLA PD . 3.59 -25.40 75.36
MG CLA QD . -14.54 -12.04 25.21
CHA CLA QD . -12.81 -12.45 22.26
CHB CLA QD . -12.00 -13.55 26.87
CHC CLA QD . -15.99 -11.11 28.18
CHD CLA QD . -17.02 -10.28 23.48
NA CLA QD . -12.71 -12.85 24.63
C1A CLA QD . -12.08 -12.68 23.39
C2A CLA QD . -10.65 -13.20 23.42
C3A CLA QD . -10.49 -13.71 24.86
C4A CLA QD . -11.79 -13.27 25.54
CMA CLA QD . -10.32 -15.20 24.93
CAA CLA QD . -9.63 -12.12 23.09
CBA CLA QD . -9.91 -10.84 23.85
CGA CLA QD . -10.21 -9.72 22.92
O1A CLA QD . -10.49 -9.76 21.71
O2A CLA QD . -10.17 -8.51 23.54
NB CLA QD . -14.10 -12.32 27.15
C1B CLA QD . -13.09 -13.09 27.63
C2B CLA QD . -13.13 -13.11 29.10
C3B CLA QD . -14.31 -12.50 29.47
C4B CLA QD . -14.84 -11.85 28.25
CMB CLA QD . -11.90 -13.30 29.87
CAB CLA QD . -15.12 -12.66 30.64
CBB CLA QD . -15.04 -13.64 31.54
NC CLA QD . -16.29 -11.04 25.73
C1C CLA QD . -16.52 -10.54 26.99
C2C CLA QD . -17.71 -9.70 26.99
C3C CLA QD . -18.15 -9.64 25.67
C4C CLA QD . -17.17 -10.38 24.87
CMC CLA QD . -18.49 -9.41 28.19
CAC CLA QD . -19.52 -9.32 25.23
CBC CLA QD . -19.61 -8.03 24.44
ND CLA QD . -15.00 -11.64 23.29
C1D CLA QD . -15.99 -10.79 22.73
C2D CLA QD . -15.67 -10.53 21.32
C3D CLA QD . -14.51 -11.24 21.06
C4D CLA QD . -14.13 -11.88 22.32
CMD CLA QD . -16.58 -9.90 20.38
CAD CLA QD . -13.52 -11.59 20.06
OBD CLA QD . -13.63 -11.62 18.85
CBD CLA QD . -12.45 -12.46 20.79
CGD CLA QD . -12.41 -13.84 20.23
O1D CLA QD . -12.93 -14.87 20.71
O2D CLA QD . -11.71 -13.94 19.08
CED CLA QD . -11.81 -15.16 18.33
C1 CLA QD . -10.06 -7.33 22.71
C2 CLA QD . -9.43 -6.31 23.59
C3 CLA QD . -10.12 -5.43 24.34
C4 CLA QD . -11.59 -5.38 24.36
C5 CLA QD . -9.41 -4.44 25.19
C6 CLA QD . -9.68 -3.02 24.77
C7 CLA QD . -8.79 -2.05 25.53
C8 CLA QD . -7.31 -2.40 25.39
C9 CLA QD . -6.64 -2.42 26.74
C10 CLA QD . -6.62 -1.42 24.45
C11 CLA QD . -5.17 -1.79 24.24
C12 CLA QD . -4.57 -1.07 23.05
C13 CLA QD . -3.05 -1.15 23.10
C14 CLA QD . -2.44 -0.32 21.99
C15 CLA QD . -2.57 -2.59 23.01
C16 CLA QD . -1.07 -2.67 23.17
C17 CLA QD . -0.52 -4.04 22.87
C18 CLA QD . 0.93 -4.16 23.31
C19 CLA QD . 1.17 -5.43 24.09
C20 CLA QD . 1.87 -4.08 22.12
MG CLA RD . -8.03 -6.61 37.68
CHA CLA RD . -6.72 -9.76 38.25
CHB CLA RD . -5.28 -5.23 39.13
CHC CLA RD . -9.68 -3.62 37.92
CHD CLA RD . -11.07 -8.15 36.78
NA CLA RD . -6.20 -7.38 38.33
C1A CLA RD . -5.82 -8.73 38.43
C2A CLA RD . -4.48 -8.87 39.12
C3A CLA RD . -4.21 -7.46 39.68
C4A CLA RD . -5.26 -6.61 38.96
CMA CLA RD . -4.37 -7.42 41.17
CAA CLA RD . -3.38 -9.32 38.16
CBA CLA RD . -3.62 -8.89 36.73
CGA CLA RD . -2.61 -9.52 35.83
O1A CLA RD . -1.58 -10.12 36.13
O2A CLA RD . -2.94 -9.40 34.50
NB CLA RD . -7.52 -4.76 38.26
C1B CLA RD . -6.39 -4.42 38.93
C2B CLA RD . -6.41 -2.94 39.15
C3B CLA RD . -7.73 -2.59 39.14
C4B CLA RD . -8.45 -3.71 38.47
CMB CLA RD . -5.27 -2.09 38.85
CAB CLA RD . -8.33 -1.29 39.26
CBB CLA RD . -8.46 -0.40 38.27
NC CLA RD . -9.97 -5.97 37.23
C1C CLA RD . -10.46 -4.74 37.54
C2C CLA RD . -11.79 -4.60 36.98
C3C CLA RD . -12.21 -5.89 36.67
C4C CLA RD . -11.08 -6.76 36.93
CMC CLA RD . -12.60 -3.39 37.09
CAC CLA RD . -13.61 -6.33 36.64
CBC CLA RD . -14.15 -6.52 35.27
ND CLA RD . -8.72 -8.48 37.31
C1D CLA RD . -10.04 -8.97 37.18
C2D CLA RD . -10.00 -10.44 37.07
C3D CLA RD . -8.71 -10.80 37.38
C4D CLA RD . -7.97 -9.54 37.60
CMD CLA RD . -11.02 -11.22 36.36
CAD CLA RD . -7.82 -11.89 37.73
OBD CLA RD . -7.91 -13.08 37.43
CBD CLA RD . -6.54 -11.25 38.33
CGD CLA RD . -6.29 -11.71 39.74
O1D CLA RD . -6.49 -11.07 40.77
O2D CLA RD . -5.81 -12.97 39.83
CED CLA RD . -6.63 -13.96 40.43
C1 CLA RD . -2.10 -8.55 33.70
C2 CLA RD . -2.97 -8.03 32.61
C3 CLA RD . -3.04 -8.59 31.39
C4 CLA RD . -2.24 -9.78 31.02
C5 CLA RD . -3.94 -8.03 30.35
C6 CLA RD . -3.16 -7.58 29.13
C7 CLA RD . -4.09 -7.17 28.00
C8 CLA RD . -3.48 -6.03 27.20
C9 CLA RD . -3.88 -4.70 27.81
C10 CLA RD . -3.88 -6.10 25.73
C11 CLA RD . -5.30 -5.67 25.48
C12 CLA RD . -5.88 -6.31 24.24
C13 CLA RD . -5.16 -5.87 22.97
C14 CLA RD . -6.00 -4.88 22.20
C15 CLA RD . -4.85 -7.07 22.10
C16 CLA RD . -3.38 -7.17 21.77
C17 CLA RD . -3.11 -8.44 20.99
C18 CLA RD . -1.66 -8.59 20.59
C19 CLA RD . -1.44 -9.91 19.89
C20 CLA RD . -1.23 -7.44 19.70
MG CLA SD . 4.27 -42.58 79.15
CHA CLA SD . 3.48 -41.21 76.08
CHB CLA SD . 3.25 -39.73 80.68
CHC CLA SD . 5.37 -43.87 82.14
CHD CLA SD . 5.21 -45.57 77.51
NA CLA SD . 3.30 -40.87 78.49
C1A CLA SD . 3.06 -40.48 77.15
C2A CLA SD . 2.40 -39.11 77.10
C3A CLA SD . 2.68 -38.55 78.52
C4A CLA SD . 3.03 -39.81 79.31
CMA CLA SD . 3.79 -37.54 78.52
CAA CLA SD . 0.91 -39.24 76.82
CBA CLA SD . 0.30 -37.89 76.54
CGA CLA SD . -1.03 -38.08 75.88
O1A CLA SD . -1.64 -39.12 75.67
O2A CLA SD . -1.58 -36.89 75.47
NB CLA SD . 4.36 -41.90 81.04
C1B CLA SD . 3.83 -40.73 81.48
C2B CLA SD . 4.25 -40.50 82.89
C3B CLA SD . 4.80 -41.70 83.33
C4B CLA SD . 4.84 -42.61 82.15
CMB CLA SD . 4.36 -39.16 83.46
CAB CLA SD . 5.26 -42.11 84.63
CBB CLA SD . 4.66 -41.85 85.79
NC CLA SD . 5.17 -44.38 79.70
C1C CLA SD . 5.49 -44.71 81.00
C2C CLA SD . 5.87 -46.12 81.06
C3C CLA SD . 5.92 -46.58 79.74
C4C CLA SD . 5.41 -45.50 78.91
CMC CLA SD . 6.25 -46.82 82.29
CAC CLA SD . 6.67 -47.74 79.25
CBC CLA SD . 8.09 -47.39 78.87
ND CLA SD . 4.29 -43.32 77.27
C1D CLA SD . 4.82 -44.51 76.72
C2D CLA SD . 4.77 -44.44 75.24
C3D CLA SD . 4.26 -43.19 74.95
C4D CLA SD . 4.03 -42.51 76.24
CMD CLA SD . 4.91 -45.60 74.36
CAD CLA SD . 3.71 -42.34 73.91
OBD CLA SD . 3.80 -42.46 72.70
CBD CLA SD . 3.34 -40.98 74.60
CGD CLA SD . 4.24 -39.89 74.11
O1D CLA SD . 5.36 -39.99 73.59
O2D CLA SD . 3.74 -38.64 74.29
CED CLA SD . 4.64 -37.64 74.76
C1 CLA SD . -2.38 -36.19 76.45
C2 CLA SD . -3.75 -36.77 76.37
C3 CLA SD . -4.71 -36.26 75.59
C4 CLA SD . -6.06 -36.87 75.54
C5 CLA SD . -4.48 -35.07 74.72
C6 CLA SD . -5.10 -33.81 75.30
C7 CLA SD . -4.70 -32.59 74.49
C8 CLA SD . -4.91 -31.30 75.26
C9 CLA SD . -6.35 -31.16 75.69
C10 CLA SD . -4.49 -30.09 74.40
C11 CLA SD . -4.74 -28.78 75.09
C12 CLA SD . -3.76 -27.71 74.63
C13 CLA SD . -4.47 -26.52 74.00
C14 CLA SD . -4.13 -26.42 72.53
C15 CLA SD . -4.13 -25.22 74.70
C16 CLA SD . -2.67 -24.88 74.57
C17 CLA SD . -2.27 -23.69 75.43
C18 CLA SD . -0.77 -23.45 75.39
C19 CLA SD . -0.33 -22.96 74.03
C20 CLA SD . -0.35 -22.47 76.46
C1 PQN TD . -17.80 -8.89 39.42
O1 PQN TD . -17.62 -8.02 40.27
C2 PQN TD . -17.52 -8.62 37.99
C2M PQN TD . -17.04 -7.24 37.63
C3 PQN TD . -17.72 -9.58 37.05
C4 PQN TD . -18.21 -10.91 37.45
O4 PQN TD . -18.39 -11.79 36.59
C5 PQN TD . -18.49 -11.21 38.88
C6 PQN TD . -18.95 -12.47 39.23
C7 PQN TD . -19.21 -12.71 40.57
C8 PQN TD . -19.00 -11.75 41.53
C9 PQN TD . -18.54 -10.50 41.17
C10 PQN TD . -18.29 -10.23 39.83
C11 PQN TD . -17.46 -9.38 35.58
C12 PQN TD . -16.00 -9.62 35.30
C13 PQN TD . -15.55 -10.03 34.11
C14 PQN TD . -16.51 -10.31 33.00
C15 PQN TD . -14.07 -10.22 33.94
C16 PQN TD . -13.66 -9.89 32.51
C17 PQN TD . -12.96 -8.54 32.43
C18 PQN TD . -11.57 -8.66 31.84
C19 PQN TD . -11.54 -9.58 30.62
C20 PQN TD . -10.62 -9.16 32.92
C21 PQN TD . -9.72 -8.04 33.41
C22 PQN TD . -8.31 -8.20 32.85
C23 PQN TD . -7.40 -8.81 33.90
C24 PQN TD . -6.38 -7.78 34.38
C25 PQN TD . -6.73 -10.06 33.35
C26 PQN TD . -6.00 -10.79 34.46
C27 PQN TD . -5.89 -12.28 34.19
C28 PQN TD . -5.01 -12.57 32.98
C29 PQN TD . -3.54 -12.48 33.35
C30 PQN TD . -5.33 -13.93 32.40
C1 BCR UD . 36.06 -31.32 56.28
C2 BCR UD . 37.13 -31.11 55.23
C3 BCR UD . 37.50 -29.66 55.18
C4 BCR UD . 38.11 -29.24 56.49
C5 BCR UD . 37.37 -29.78 57.66
C6 BCR UD . 36.43 -30.71 57.59
C7 BCR UD . 35.74 -31.23 58.78
C8 BCR UD . 34.61 -30.71 59.27
C9 BCR UD . 33.77 -31.38 60.23
C10 BCR UD . 33.16 -32.52 59.89
C11 BCR UD . 32.11 -33.13 60.67
C33 BCR UD . 37.78 -29.16 58.93
C31 BCR UD . 35.85 -32.82 56.41
C32 BCR UD . 34.79 -30.71 55.74
C34 BCR UD . 33.75 -30.87 61.61
C12 BCR UD . 31.72 -34.38 60.39
C13 BCR UD . 30.70 -35.09 61.12
C14 BCR UD . 30.57 -36.40 60.96
C15 BCR UD . 29.82 -37.26 61.85
C16 BCR UD . 29.43 -38.47 61.48
C17 BCR UD . 28.47 -39.13 62.32
C18 BCR UD . 28.07 -40.40 62.23
C19 BCR UD . 27.08 -40.88 63.18
C20 BCR UD . 26.68 -42.15 63.23
C21 BCR UD . 26.19 -42.67 64.49
C22 BCR UD . 25.76 -43.92 64.69
C23 BCR UD . 25.39 -44.32 66.05
C24 BCR UD . 24.19 -44.83 66.34
C25 BCR UD . 23.88 -45.73 67.44
C26 BCR UD . 23.91 -47.06 67.30
C27 BCR UD . 23.59 -48.05 68.35
C28 BCR UD . 23.35 -47.43 69.71
C29 BCR UD . 22.68 -46.09 69.58
C30 BCR UD . 23.48 -45.11 68.74
C35 BCR UD . 29.94 -34.39 62.18
C36 BCR UD . 28.83 -41.40 61.45
C37 BCR UD . 25.41 -44.80 63.56
C38 BCR UD . 24.29 -47.71 66.04
C39 BCR UD . 24.69 -44.61 69.52
C40 BCR UD . 22.57 -43.90 68.55
C1 BCR VD . 32.19 -32.00 51.20
C2 BCR VD . 33.00 -32.29 52.45
C3 BCR VD . 32.10 -32.80 53.53
C4 BCR VD . 31.48 -34.12 53.11
C5 BCR VD . 31.03 -34.11 51.70
C6 BCR VD . 31.32 -33.16 50.81
C7 BCR VD . 30.86 -33.21 49.42
C8 BCR VD . 29.70 -32.70 49.01
C9 BCR VD . 29.09 -33.04 47.74
C10 BCR VD . 27.95 -32.44 47.35
C11 BCR VD . 27.14 -31.57 48.18
C33 BCR VD . 30.20 -35.27 51.36
C31 BCR VD . 33.18 -31.67 50.10
C32 BCR VD . 31.36 -30.77 51.49
C34 BCR VD . 29.76 -34.03 46.89
C12 BCR VD . 26.09 -30.97 47.60
C13 BCR VD . 25.12 -30.15 48.28
C14 BCR VD . 24.26 -29.44 47.55
C15 BCR VD . 23.13 -28.73 48.09
C16 BCR VD . 22.26 -28.11 47.28
C17 BCR VD . 21.35 -27.16 47.86
C18 BCR VD . 20.56 -26.31 47.18
C19 BCR VD . 19.92 -25.25 47.93
C20 BCR VD . 19.08 -24.37 47.38
C21 BCR VD . 18.76 -23.18 48.13
C22 BCR VD . 17.54 -22.63 48.25
C23 BCR VD . 17.25 -21.91 49.48
C24 BCR VD . 16.07 -21.36 49.77
C25 BCR VD . 15.84 -20.03 50.34
C26 BCR VD . 16.04 -19.74 51.63
C27 BCR VD . 15.84 -18.43 52.26
C28 BCR VD . 16.01 -17.34 51.23
C29 BCR VD . 15.09 -17.63 50.08
C30 BCR VD . 15.32 -18.97 49.40
C35 BCR VD . 24.93 -30.27 49.73
C36 BCR VD . 20.49 -26.30 45.72
C37 BCR VD . 16.69 -22.39 47.07
C38 BCR VD . 16.52 -20.70 52.65
C39 BCR VD . 16.22 -18.80 48.20
C40 BCR VD . 13.96 -19.36 48.86
C1 BCR WD . 37.92 -32.73 49.18
C2 BCR WD . 37.43 -33.84 50.09
C3 BCR WD . 38.33 -34.02 51.28
C4 BCR WD . 38.33 -32.75 52.08
C5 BCR WD . 38.69 -31.60 51.23
C6 BCR WD . 38.50 -31.55 49.91
C7 BCR WD . 38.92 -30.39 49.09
C8 BCR WD . 38.17 -29.29 48.92
C9 BCR WD . 38.69 -28.06 48.32
C10 BCR WD . 37.84 -27.09 48.00
C11 BCR WD . 36.40 -27.19 48.04
C33 BCR WD . 39.29 -30.48 52.00
C31 BCR WD . 36.74 -32.38 48.30
C32 BCR WD . 39.00 -33.34 48.31
C34 BCR WD . 40.15 -27.95 48.14
C12 BCR WD . 35.69 -26.12 47.66
C13 BCR WD . 34.25 -26.01 47.74
C14 BCR WD . 33.66 -24.90 47.27
C15 BCR WD . 32.26 -24.61 47.37
C16 BCR WD . 31.70 -23.71 46.56
C17 BCR WD . 30.45 -23.12 46.95
C18 BCR WD . 29.28 -23.20 46.29
C19 BCR WD . 28.19 -22.37 46.74
C20 BCR WD . 27.01 -22.29 46.13
C21 BCR WD . 26.38 -21.00 46.04
C22 BCR WD . 25.07 -20.75 45.85
C23 BCR WD . 24.66 -19.35 45.88
C24 BCR WD . 25.48 -18.42 46.36
C25 BCR WD . 25.46 -16.99 46.07
C26 BCR WD . 26.07 -16.46 45.01
C27 BCR WD . 26.13 -15.02 44.65
C28 BCR WD . 25.39 -14.13 45.62
C29 BCR WD . 25.33 -14.71 47.01
C30 BCR WD . 24.76 -16.11 47.04
C35 BCR WD . 33.44 -27.16 48.19
C36 BCR WD . 29.02 -24.27 45.32
C37 BCR WD . 24.06 -21.79 46.11
C38 BCR WD . 26.79 -17.28 44.02
C39 BCR WD . 23.27 -16.10 46.75
C40 BCR WD . 24.92 -16.60 48.48
C1 BCR XD . 12.49 -35.52 78.97
C2 BCR XD . 14.00 -35.58 79.16
C3 BCR XD . 14.46 -36.99 79.03
C4 BCR XD . 14.19 -37.50 77.64
C5 BCR XD . 12.86 -37.11 77.14
C6 BCR XD . 12.06 -36.22 77.73
C7 BCR XD . 10.76 -35.84 77.17
C8 BCR XD . 9.62 -36.45 77.51
C9 BCR XD . 8.31 -36.02 77.06
C10 BCR XD . 8.19 -35.48 75.85
C11 BCR XD . 6.97 -34.86 75.36
C33 BCR XD . 12.48 -37.80 75.89
C31 BCR XD . 12.11 -34.06 78.95
C32 BCR XD . 11.89 -36.16 80.20
C34 BCR XD . 7.23 -35.99 78.05
C12 BCR XD . 6.77 -34.78 74.04
C13 BCR XD . 5.53 -34.41 73.43
C14 BCR XD . 5.45 -34.37 72.09
C15 BCR XD . 4.25 -34.09 71.35
C16 BCR XD . 4.30 -33.86 70.04
C17 BCR XD . 3.03 -33.77 69.34
C18 BCR XD . 2.86 -33.52 68.05
C19 BCR XD . 1.49 -33.38 67.59
C20 BCR XD . 1.16 -32.92 66.38
C21 BCR XD . -0.19 -32.48 66.18
C22 BCR XD . -0.65 -31.77 65.14
C23 BCR XD . -2.07 -31.48 65.08
C24 BCR XD . -2.61 -30.76 64.08
C25 BCR XD . -4.02 -30.44 63.93
C26 BCR XD . -4.85 -31.23 63.22
C27 BCR XD . -6.29 -31.00 62.98
C28 BCR XD . -6.83 -29.80 63.70
C29 BCR XD . -5.79 -28.72 63.84
C30 BCR XD . -4.53 -29.18 64.54
C35 BCR XD . 4.40 -33.94 74.25
C36 BCR XD . 3.91 -33.73 67.05
C37 BCR XD . 0.21 -31.51 63.96
C38 BCR XD . -4.40 -32.48 62.58
C39 BCR XD . -4.77 -29.33 66.03
C40 BCR XD . -3.54 -28.04 64.40
C1 BCR YD . 10.97 -22.11 75.39
C2 BCR YD . 12.07 -21.50 76.23
C3 BCR YD . 13.31 -21.30 75.40
C4 BCR YD . 13.82 -22.61 74.85
C5 BCR YD . 12.73 -23.51 74.40
C6 BCR YD . 11.43 -23.30 74.60
C7 BCR YD . 10.40 -24.23 74.13
C8 BCR YD . 9.82 -24.09 72.94
C9 BCR YD . 8.64 -24.84 72.54
C10 BCR YD . 8.19 -24.68 71.29
C11 BCR YD . 6.94 -25.20 70.82
C33 BCR YD . 13.22 -24.68 73.64
C31 BCR YD . 10.44 -21.01 74.50
C32 BCR YD . 9.88 -22.53 76.35
C34 BCR YD . 7.85 -25.51 73.58
C12 BCR YD . 6.56 -24.96 69.57
C13 BCR YD . 5.32 -25.43 69.01
C14 BCR YD . 5.01 -25.09 67.75
C15 BCR YD . 3.80 -25.54 67.10
C16 BCR YD . 3.52 -25.18 65.84
C17 BCR YD . 2.28 -25.69 65.32
C18 BCR YD . 1.87 -25.61 64.06
C19 BCR YD . 0.69 -26.37 63.69
C20 BCR YD . 0.34 -26.56 62.42
C21 BCR YD . -0.82 -27.34 62.14
C22 BCR YD . -1.46 -27.39 60.97
C23 BCR YD . -2.46 -28.42 60.77
C24 BCR YD . -2.70 -28.92 59.57
C25 BCR YD . -2.79 -30.34 59.24
C26 BCR YD . -3.97 -30.96 59.19
C27 BCR YD . -4.14 -32.38 58.84
C28 BCR YD . -3.13 -32.74 57.79
C29 BCR YD . -1.75 -32.45 58.29
C30 BCR YD . -1.52 -31.08 58.92
C35 BCR YD . 4.47 -26.36 69.76
C36 BCR YD . 2.76 -25.15 62.99
C37 BCR YD . -0.90 -26.70 59.78
C38 BCR YD . -5.24 -30.27 59.48
C39 BCR YD . -0.66 -30.22 58.03
C40 BCR YD . -0.69 -31.38 60.16
C1 BCR ZD . 4.22 0.22 37.80
C2 BCR ZD . 5.22 1.23 38.30
C3 BCR ZD . 4.60 2.10 39.34
C4 BCR ZD . 4.21 1.27 40.53
C5 BCR ZD . 3.51 0.03 40.14
C6 BCR ZD . 3.49 -0.47 38.91
C7 BCR ZD . 2.80 -1.72 38.57
C8 BCR ZD . 1.53 -1.75 38.21
C9 BCR ZD . 0.90 -2.87 37.53
C10 BCR ZD . -0.35 -2.72 37.10
C11 BCR ZD . -1.24 -3.79 36.72
C33 BCR ZD . 2.83 -0.63 41.27
C31 BCR ZD . 4.97 -0.76 36.94
C32 BCR ZD . 3.27 1.01 36.93
C34 BCR ZD . 1.76 -3.97 37.05
C12 BCR ZD . -2.54 -3.50 36.73
C13 BCR ZD . -3.53 -4.07 35.84
C14 BCR ZD . -4.61 -3.35 35.55
C15 BCR ZD . -5.81 -3.90 34.98
C16 BCR ZD . -6.86 -3.09 34.78
C17 BCR ZD . -8.10 -3.68 34.36
C18 BCR ZD . -9.26 -3.03 34.23
C19 BCR ZD . -10.35 -3.68 33.55
C20 BCR ZD . -11.51 -3.08 33.31
C21 BCR ZD . -12.68 -3.92 33.21
C22 BCR ZD . -13.84 -3.60 32.63
C23 BCR ZD . -14.72 -4.70 32.26
C24 BCR ZD . -15.96 -4.57 31.79
C25 BCR ZD . -17.11 -5.36 32.18
C26 BCR ZD . -17.38 -6.56 31.65
C27 BCR ZD . -18.54 -7.42 31.97
C28 BCR ZD . -19.38 -6.89 33.10
C29 BCR ZD . -19.42 -5.38 33.09
C30 BCR ZD . -18.03 -4.78 33.19
C35 BCR ZD . -3.36 -5.45 35.33
C36 BCR ZD . -9.39 -1.61 34.60
C37 BCR ZD . -14.33 -2.22 32.57
C38 BCR ZD . -16.54 -7.21 30.63
C39 BCR ZD . -17.47 -4.95 34.59
C40 BCR ZD . -18.22 -3.29 32.98
C1 LMG AE . -11.00 -26.11 40.67
O1 LMG AE . -10.69 -24.75 40.93
C2 LMG AE . -11.37 -26.79 42.03
O2 LMG AE . -10.31 -27.66 42.30
C3 LMG AE . -12.67 -27.66 41.81
O3 LMG AE . -13.71 -26.74 41.76
C4 LMG AE . -12.61 -28.43 40.47
O4 LMG AE . -13.82 -29.09 40.28
C5 LMG AE . -12.40 -27.38 39.32
O5 LMG AE . -13.22 -27.76 37.17
C6 LMG AE . -13.64 -27.33 38.42
O6 LMG AE . -12.14 -26.08 39.83
C7 LMG AE . -11.75 -23.94 41.38
C8 LMG AE . -11.09 -22.59 41.85
C9 LMG AE . -9.55 -22.64 41.77
O7 LMG AE . -11.55 -21.51 40.99
C10 LMG AE . -10.91 -21.23 39.82
O9 LMG AE . -11.06 -21.99 38.87
C11 LMG AE . -10.55 -19.79 39.73
C12 LMG AE . -10.42 -19.35 38.28
C13 LMG AE . -9.82 -17.97 38.13
C14 LMG AE . -8.32 -18.09 38.34
C15 LMG AE . -7.64 -17.13 37.40
C16 LMG AE . -6.21 -16.94 37.83
C17 LMG AE . -5.65 -15.78 37.05
C18 LMG AE . -4.16 -15.75 37.33
C19 LMG AE . -3.51 -14.87 36.30
C20 LMG AE . -2.37 -14.17 37.01
O8 LMG AE . -9.05 -22.20 43.02
C28 LMG AE . -7.70 -22.07 43.12
O10 LMG AE . -7.00 -22.21 42.13
C29 LMG AE . -7.24 -21.48 44.41
C30 LMG AE . -5.87 -20.85 44.23
C31 LMG AE . -5.53 -20.09 45.50
C32 LMG AE . -4.55 -18.99 45.11
C33 LMG AE . -4.22 -18.21 46.37
C34 LMG AE . -4.55 -16.76 46.14
C35 LMG AE . -3.55 -15.95 46.96
C36 LMG AE . -4.01 -14.53 46.90
C37 LMG AE . -3.34 -13.88 45.72
C38 LMG AE . -2.04 -13.41 46.28
MG CLA BE . 6.47 3.02 35.59
CHA CLA BE . 9.24 0.97 35.73
CHB CLA BE . 5.48 1.47 32.74
CHC CLA BE . 3.67 4.99 35.56
CHD CLA BE . 7.68 4.80 38.37
NA CLA BE . 7.28 1.48 34.43
C1A CLA BE . 8.36 0.65 34.73
C2A CLA BE . 8.68 -0.23 33.52
C3A CLA BE . 7.66 0.23 32.44
C4A CLA BE . 6.70 1.09 33.26
CMA CLA BE . 8.31 1.00 31.32
CAA CLA BE . 8.53 -1.71 33.79
CBA CLA BE . 9.49 -2.49 32.92
CGA CLA BE . 9.13 -3.92 32.80
O1A CLA BE . 9.80 -4.84 32.31
O2A CLA BE . 7.89 -4.23 33.29
NB CLA BE . 4.85 3.16 34.41
C1B CLA BE . 4.70 2.54 33.22
C2B CLA BE . 3.35 2.83 32.69
C3B CLA BE . 2.83 3.86 33.46
C4B CLA BE . 3.75 4.02 34.61
CMB CLA BE . 2.69 1.89 31.81
CAB CLA BE . 1.88 4.89 33.14
CBB CLA BE . 0.73 4.74 32.48
NC CLA BE . 5.81 4.63 36.74
C1C CLA BE . 4.55 5.14 36.66
C2C CLA BE . 4.33 6.09 37.74
C3C CLA BE . 5.52 6.16 38.46
C4C CLA BE . 6.41 5.15 37.89
CMC CLA BE . 3.17 6.98 37.82
CAC CLA BE . 5.86 7.08 39.55
CBC CLA BE . 6.77 8.21 39.10
ND CLA BE . 8.12 3.03 36.75
C1D CLA BE . 8.46 3.77 37.90
C2D CLA BE . 9.55 3.08 38.60
C3D CLA BE . 9.93 2.04 37.79
C4D CLA BE . 9.02 2.05 36.63
CMD CLA BE . 10.21 3.61 39.80
CAD CLA BE . 10.94 1.04 37.52
OBD CLA BE . 12.05 0.92 38.00
CBD CLA BE . 10.50 0.29 36.23
CGD CLA BE . 11.58 0.28 35.19
O1D CLA BE . 11.86 1.17 34.38
O2D CLA BE . 12.30 -0.87 35.15
CED CLA BE . 12.88 -1.22 33.89
C1 CLA BE . 7.38 -5.54 32.95
C2 CLA BE . 5.95 -5.54 33.36
C3 CLA BE . 5.52 -6.02 34.54
C4 CLA BE . 6.42 -6.59 35.56
C5 CLA BE . 4.07 -5.98 34.87
C6 CLA BE . 3.47 -7.35 34.98
C7 CLA BE . 2.70 -7.49 36.27
C8 CLA BE . 1.71 -8.65 36.26
C9 CLA BE . 1.08 -8.81 37.62
C10 CLA BE . 2.39 -9.94 35.84
C11 CLA BE . 1.58 -10.68 34.80
C12 CLA BE . 2.06 -12.11 34.64
C13 CLA BE . 1.01 -12.96 33.95
C14 CLA BE . 1.36 -14.43 34.03
C15 CLA BE . 0.79 -12.52 32.51
C16 CLA BE . 1.93 -12.90 31.61
C17 CLA BE . 2.18 -11.88 30.52
C18 CLA BE . 0.93 -11.56 29.70
C19 CLA BE . 1.14 -10.31 28.88
C20 CLA BE . 0.58 -12.72 28.80
C1 BCR CE . -7.49 -9.00 79.51
C2 BCR CE . -6.80 -10.04 78.68
C3 BCR CE . -7.78 -10.81 77.86
C4 BCR CE . -8.84 -11.47 78.70
C5 BCR CE . -9.20 -10.69 79.91
C6 BCR CE . -8.62 -9.56 80.29
C7 BCR CE . -9.03 -8.86 81.51
C8 BCR CE . -9.84 -7.82 81.51
C9 BCR CE . -9.71 -6.72 82.46
C10 BCR CE . -10.41 -6.77 83.59
C11 BCR CE . -10.16 -5.92 84.72
C33 BCR CE . -10.30 -11.28 80.67
C31 BCR CE . -7.89 -7.89 78.56
C32 BCR CE . -6.45 -8.43 80.46
C34 BCR CE . -8.50 -5.88 82.36
C12 BCR CE . -10.94 -4.86 84.91
C13 BCR CE . -10.84 -3.96 86.02
C14 BCR CE . -11.92 -3.80 86.80
C15 BCR CE . -11.95 -3.00 87.99
C16 BCR CE . -13.03 -2.99 88.77
C17 BCR CE . -13.00 -2.19 89.96
C18 BCR CE . -13.82 -2.31 91.01
C19 BCR CE . -13.59 -1.47 92.16
C20 BCR CE . -14.29 -1.57 93.28
C21 BCR CE . -13.84 -0.82 94.43
C22 BCR CE . -14.54 -0.64 95.56
C23 BCR CE . -14.06 0.33 96.53
C24 BCR CE . -14.58 0.47 97.75
C25 BCR CE . -14.38 1.61 98.64
C26 BCR CE . -13.35 1.68 99.48
C27 BCR CE . -13.08 2.79 100.43
C28 BCR CE . -13.96 3.99 100.20
C29 BCR CE . -15.35 3.55 99.86
C30 BCR CE . -15.42 2.69 98.61
C35 BCR CE . -9.53 -3.42 86.43
C36 BCR CE . -14.71 -3.48 91.15
C37 BCR CE . -15.72 -1.47 95.87
C38 BCR CE . -12.31 0.64 99.57
C39 BCR CE . -15.27 3.56 97.36
C40 BCR CE . -16.83 2.12 98.57
FE1 SF4 DE . -32.51 -27.88 38.86
FE2 SF4 DE . -34.05 -29.88 37.83
FE3 SF4 DE . -32.57 -30.33 40.07
FE4 SF4 DE . -31.33 -30.03 37.67
S1 SF4 DE . -32.75 -31.69 38.26
S2 SF4 DE . -30.72 -29.06 39.65
S3 SF4 DE . -32.67 -28.48 36.68
S4 SF4 DE . -34.30 -28.87 39.86
FE1 SF4 EE . -36.88 -36.27 47.25
FE2 SF4 EE . -38.16 -36.40 44.84
FE3 SF4 EE . -39.61 -36.37 47.16
FE4 SF4 EE . -38.14 -38.57 46.49
S1 SF4 EE . -39.93 -37.73 45.36
S2 SF4 EE . -38.25 -37.57 48.53
S3 SF4 EE . -36.35 -37.60 45.49
S4 SF4 EE . -38.28 -34.71 46.35
MG CLA FE . -30.24 -17.95 71.38
CHA CLA FE . -31.82 -17.81 74.48
CHB CLA FE . -32.25 -15.44 70.28
CHC CLA FE . -28.22 -17.61 68.63
CHD CLA FE . -28.04 -20.39 72.66
NA CLA FE . -31.81 -16.88 72.23
C1A CLA FE . -32.25 -16.88 73.57
C2A CLA FE . -33.49 -16.00 73.71
C3A CLA FE . -33.82 -15.60 72.25
C4A CLA FE . -32.54 -15.97 71.52
CMA CLA FE . -35.01 -16.32 71.72
CAA CLA FE . -33.23 -14.76 74.54
CBA CLA FE . -34.51 -14.27 75.18
CGA CLA FE . -34.22 -13.19 76.16
O1A CLA FE . -33.46 -12.22 76.03
O2A CLA FE . -34.92 -13.33 77.33
NB CLA FE . -30.31 -16.85 69.71
C1B CLA FE . -31.19 -15.85 69.44
C2B CLA FE . -31.03 -15.42 68.03
C3B CLA FE . -29.86 -16.00 67.57
C4B CLA FE . -29.35 -16.86 68.67
CMB CLA FE . -32.01 -14.61 67.32
CAB CLA FE . -29.07 -15.70 66.41
CBB CLA FE . -29.42 -15.97 65.15
NC CLA FE . -28.55 -18.96 70.68
C1C CLA FE . -27.77 -18.49 69.66
C2C CLA FE . -26.53 -19.24 69.59
C3C CLA FE . -26.57 -20.17 70.62
C4C CLA FE . -27.81 -19.93 71.35
CMC CLA FE . -25.61 -19.23 68.45
CAC CLA FE . -25.52 -21.10 71.03
CBC CLA FE . -25.80 -22.52 70.62
ND CLA FE . -30.05 -19.03 73.08
C1D CLA FE . -29.06 -19.96 73.49
C2D CLA FE . -29.28 -20.32 74.90
C3D CLA FE . -30.22 -19.42 75.36
C4D CLA FE . -30.77 -18.73 74.16
CMD CLA FE . -28.38 -21.17 75.67
CAD CLA FE . -30.71 -18.71 76.51
OBD CLA FE . -30.67 -19.06 77.68
CBD CLA FE . -31.85 -17.78 76.01
CGD CLA FE . -33.14 -18.24 76.61
O1D CLA FE . -33.46 -19.38 76.95
O2D CLA FE . -34.05 -17.25 76.80
CED CLA FE . -34.80 -17.35 78.02
C1 CLA FE . -35.02 -12.18 78.19
C2 CLA FE . -33.92 -12.29 79.17
C3 CLA FE . -34.06 -12.13 80.50
C4 CLA FE . -32.91 -12.26 81.41
C5 CLA FE . -35.38 -11.83 81.13
C6 CLA FE . -35.29 -10.67 82.10
C7 CLA FE . -36.40 -10.73 83.13
C8 CLA FE . -36.24 -9.66 84.21
C9 CLA FE . -37.27 -9.85 85.30
C10 CLA FE . -36.34 -8.27 83.61
C1 BCR GE . -17.29 -6.12 87.07
C2 BCR GE . -16.58 -5.11 87.93
C3 BCR GE . -16.19 -3.93 87.10
C4 BCR GE . -17.41 -3.24 86.57
C5 BCR GE . -18.41 -4.20 86.02
C6 BCR GE . -18.37 -5.52 86.22
C7 BCR GE . -19.39 -6.43 85.68
C8 BCR GE . -19.29 -6.98 84.46
C9 BCR GE . -20.33 -7.78 83.86
C10 BCR GE . -20.38 -7.91 82.53
C11 BCR GE . -21.26 -8.81 81.83
C33 BCR GE . -19.46 -3.54 85.22
C31 BCR GE . -16.21 -6.79 86.23
C32 BCR GE . -17.90 -7.15 88.00
C34 BCR GE . -21.19 -8.59 84.75
C12 BCR GE . -21.33 -8.76 80.50
C13 BCR GE . -22.29 -9.50 79.71
C14 BCR GE . -22.24 -9.42 78.37
C15 BCR GE . -23.18 -10.10 77.52
C16 BCR GE . -22.87 -10.42 76.25
C17 BCR GE . -22.28 -9.40 75.42
C18 BCR GE . -22.13 -9.46 74.08
C19 BCR GE . -22.39 -10.70 73.39
C20 BCR GE . -22.57 -10.75 72.07
C21 BCR GE . -22.32 -11.99 71.36
C22 BCR GE . -22.13 -12.10 70.04
C23 BCR GE . -22.11 -13.43 69.44
C24 BCR GE . -22.35 -13.63 68.13
C25 BCR GE . -22.16 -14.86 67.38
C26 BCR GE . -23.09 -15.82 67.33
C27 BCR GE . -23.00 -17.09 66.59
C28 BCR GE . -22.10 -16.93 65.40
C29 BCR GE . -20.79 -16.35 65.85
C30 BCR GE . -20.89 -15.02 66.61
C35 BCR GE . -23.27 -10.37 80.38
C36 BCR GE . -21.86 -8.25 73.29
C37 BCR GE . -21.73 -10.94 69.23
C38 BCR GE . -24.38 -15.73 68.05
C39 BCR GE . -20.72 -13.84 65.67
C40 BCR GE . -19.66 -15.04 67.51
MG CLA HE . -26.88 -8.89 84.48
CHA CLA HE . -28.34 -10.55 87.14
CHB CLA HE . -25.02 -7.06 86.68
CHC CLA HE . -25.16 -7.56 81.84
CHD CLA HE . -28.45 -11.11 82.28
NA CLA HE . -26.66 -8.89 86.56
C1A CLA HE . -27.31 -9.73 87.49
C2A CLA HE . -27.03 -9.23 88.91
C3A CLA HE . -26.29 -7.89 88.69
C4A CLA HE . -25.88 -7.99 87.23
CMA CLA HE . -27.20 -6.71 88.93
CAA CLA HE . -26.17 -10.21 89.68
CBA CLA HE . -25.67 -9.61 90.98
CGA CLA HE . -26.74 -9.55 92.03
O1A CLA HE . -26.71 -8.96 93.12
O2A CLA HE . -27.87 -10.23 91.71
NB CLA HE . -25.40 -7.54 84.29
C1B CLA HE . -24.71 -6.97 85.30
C2B CLA HE . -23.69 -6.03 84.75
C3B CLA HE . -23.72 -6.16 83.38
C4B CLA HE . -24.75 -7.19 83.08
CMB CLA HE . -22.88 -5.15 85.59
CAB CLA HE . -23.31 -5.19 82.40
CBB CLA HE . -22.51 -5.41 81.36
NC CLA HE . -27.07 -9.04 82.41
C1C CLA HE . -26.29 -8.36 81.52
C2C CLA HE . -26.63 -8.78 80.17
C3C CLA HE . -27.42 -9.91 80.30
C4C CLA HE . -27.76 -10.02 81.71
CMC CLA HE . -26.05 -8.19 78.96
CAC CLA HE . -27.57 -10.98 79.31
CBC CLA HE . -28.74 -10.77 78.37
ND CLA HE . -28.30 -10.31 84.59
C1D CLA HE . -28.86 -11.16 83.60
C2D CLA HE . -29.65 -12.21 84.25
C3D CLA HE . -29.54 -12.00 85.61
C4D CLA HE . -28.65 -10.83 85.77
CMD CLA HE . -30.09 -13.44 83.57
CAD CLA HE . -29.72 -12.57 86.94
OBD CLA HE . -29.96 -13.73 87.23
CBD CLA HE . -29.15 -11.53 87.95
CGD CLA HE . -30.26 -10.86 88.72
O1D CLA HE . -31.00 -9.96 88.34
O2D CLA HE . -30.38 -11.32 90.00
CED CLA HE . -31.48 -10.85 90.79
MG CLA IE . 2.05 -15.73 90.06
CHA CLA IE . 0.81 -15.39 93.27
CHB CLA IE . -0.52 -17.81 89.30
CHC CLA IE . 3.36 -16.14 86.94
CHD CLA IE . 4.42 -13.22 90.75
NA CLA IE . 0.38 -16.40 91.11
C1A CLA IE . -0.01 -16.10 92.42
C2A CLA IE . -1.17 -16.98 92.85
C3A CLA IE . -1.27 -18.01 91.70
C4A CLA IE . -0.51 -17.30 90.58
CMA CLA IE . -0.64 -19.32 92.06
CAA CLA IE . -2.45 -16.18 92.98
CBA CLA IE . -3.59 -17.05 93.49
CGA CLA IE . -4.91 -16.39 93.25
O1A CLA IE . -5.37 -15.95 92.19
O2A CLA IE . -5.67 -16.30 94.38
NB CLA IE . 1.42 -16.62 88.36
C1B CLA IE . 0.29 -17.37 88.24
C2B CLA IE . 0.25 -17.97 86.88
C3B CLA IE . 1.31 -17.45 86.18
C4B CLA IE . 2.12 -16.66 87.14
CMB CLA IE . -0.67 -19.04 86.51
CAB CLA IE . 1.45 -17.29 84.75
CBB CLA IE . 2.46 -17.78 84.02
NC CLA IE . 3.66 -14.86 89.05
C1C CLA IE . 3.98 -15.13 87.74
C2C CLA IE . 5.11 -14.32 87.34
C3C CLA IE . 5.45 -13.54 88.45
C4C CLA IE . 4.42 -13.77 89.46
CMC CLA IE . 5.88 -14.53 86.11
CAC CLA IE . 6.76 -12.91 88.70
CBC CLA IE . 7.74 -13.86 89.33
ND CLA IE . 2.68 -14.70 91.67
C1D CLA IE . 3.61 -13.63 91.80
C2D CLA IE . 3.60 -13.14 93.20
C3D CLA IE . 2.57 -13.83 93.83
C4D CLA IE . 1.96 -14.69 92.79
CMD CLA IE . 4.62 -12.29 93.78
CAD CLA IE . 1.85 -14.06 95.07
OBD CLA IE . 1.94 -13.46 96.13
CBD CLA IE . 0.66 -15.02 94.72
CGD CLA IE . 0.65 -16.22 95.62
O1D CLA IE . -0.32 -16.78 96.13
O2D CLA IE . 1.90 -16.72 95.88
CED CLA IE . 2.22 -18.01 95.35
C1 CLA IE . -7.09 -16.49 94.22
C1 BCR JE . -22.07 -22.67 82.90
C2 BCR JE . -23.11 -21.78 83.53
C3 BCR JE . -22.48 -20.76 84.44
C4 BCR JE . -21.70 -21.43 85.54
C5 BCR JE . -20.97 -22.64 85.09
C6 BCR JE . -21.10 -23.21 83.90
C7 BCR JE . -20.35 -24.41 83.53
C8 BCR JE . -19.19 -24.37 82.89
C9 BCR JE . -18.00 -25.08 83.33
C10 BCR JE . -16.82 -24.76 82.80
C11 BCR JE . -15.56 -25.27 83.28
C33 BCR JE . -20.04 -23.16 86.12
C31 BCR JE . -21.39 -21.83 81.83
C32 BCR JE . -22.81 -23.80 82.24
C34 BCR JE . -18.12 -26.00 84.48
C12 BCR JE . -14.49 -25.19 82.50
C13 BCR JE . -13.59 -26.29 82.24
C14 BCR JE . -12.28 -26.05 82.26
C15 BCR JE . -11.70 -24.79 82.66
C16 BCR JE . -10.38 -24.64 82.70
C17 BCR JE . -9.86 -23.46 83.33
C18 BCR JE . -8.57 -23.12 83.42
C19 BCR JE . -8.22 -21.96 84.22
C20 BCR JE . -6.97 -21.55 84.38
C21 BCR JE . -6.76 -20.28 85.04
C22 BCR JE . -5.57 -19.69 85.20
C23 BCR JE . -5.52 -18.51 86.04
C24 BCR JE . -4.38 -17.91 86.39
C25 BCR JE . -4.24 -16.60 87.04
C26 BCR JE . -4.35 -16.46 88.37
C27 BCR JE . -4.20 -15.20 89.13
C28 BCR JE . -3.41 -14.18 88.34
C29 BCR JE . -3.95 -14.11 86.94
C30 BCR JE . -3.89 -15.43 86.19
C35 BCR JE . -14.10 -27.67 82.24
C36 BCR JE . -7.52 -23.76 82.60
C37 BCR JE . -4.43 -20.00 84.31
C38 BCR JE . -4.65 -17.57 89.30
C39 BCR JE . -2.51 -15.64 85.58
C40 BCR JE . -4.85 -15.23 85.01
MG CLA KE . 16.80 -8.42 34.25
CHA CLA KE . 16.61 -5.28 32.82
CHB CLA KE . 14.12 -7.65 36.18
CHC CLA KE . 17.03 -11.48 35.70
CHD CLA KE . 19.80 -9.01 32.50
NA CLA KE . 15.58 -6.75 34.43
C1A CLA KE . 15.56 -5.63 33.61
C2A CLA KE . 14.37 -4.74 33.95
C3A CLA KE . 13.95 -5.27 35.33
C4A CLA KE . 14.61 -6.64 35.38
CMA CLA KE . 14.47 -4.39 36.43
CAA CLA KE . 13.24 -4.84 32.93
CBA CLA KE . 13.10 -6.20 32.27
CGA CLA KE . 13.73 -6.15 30.91
O1A CLA KE . 13.37 -5.51 29.92
O2A CLA KE . 14.86 -6.91 30.81
NB CLA KE . 15.78 -9.38 35.70
C1B CLA KE . 14.76 -8.87 36.42
C2B CLA KE . 14.18 -9.94 37.27
C3B CLA KE . 15.05 -11.02 37.19
C4B CLA KE . 16.10 -10.65 36.21
CMB CLA KE . 13.00 -9.72 38.10
CAB CLA KE . 14.89 -12.37 37.62
CBB CLA KE . 13.80 -13.13 37.45
NC CLA KE . 18.21 -9.96 34.14
C1C CLA KE . 18.17 -11.07 34.94
C2C CLA KE . 19.37 -11.87 34.73
C3C CLA KE . 20.06 -11.24 33.69
C4C CLA KE . 19.44 -9.94 33.50
CMC CLA KE . 19.60 -13.19 35.30
CAC CLA KE . 21.08 -11.83 32.81
CBC CLA KE . 22.47 -11.66 33.37
ND CLA KE . 17.95 -7.45 32.90
C1D CLA KE . 19.20 -7.78 32.31
C2D CLA KE . 19.52 -6.74 31.31
C3D CLA KE . 18.58 -5.74 31.48
C4D CLA KE . 17.68 -6.20 32.55
CMD CLA KE . 20.76 -6.72 30.53
CAD CLA KE . 18.04 -4.48 31.00
OBD CLA KE . 18.29 -3.88 29.96
CBD CLA KE . 16.88 -4.08 31.95
CGD CLA KE . 17.20 -2.88 32.78
O1D CLA KE . 18.09 -2.77 33.63
O2D CLA KE . 16.41 -1.81 32.55
CED CLA KE . 16.56 -0.66 33.39
C1 CLA KE . 14.73 -8.34 30.84
C2 CLA KE . 15.82 -8.83 29.98
C3 CLA KE . 16.43 -10.02 30.14
C4 CLA KE . 17.51 -10.47 29.25
C5 CLA KE . 16.03 -10.95 31.25
C6 CLA KE . 15.81 -12.36 30.73
C7 CLA KE . 15.01 -13.17 31.71
C8 CLA KE . 15.79 -13.46 32.99
C9 CLA KE . 17.05 -14.23 32.67
C10 CLA KE . 14.99 -14.19 34.07
C11 CLA KE . 13.71 -14.86 33.61
C12 CLA KE . 12.50 -14.24 34.28
C13 CLA KE . 11.62 -15.28 34.97
C14 CLA KE . 12.41 -16.17 35.89
C15 CLA KE . 10.84 -16.09 33.96
C16 CLA KE . 9.38 -15.67 33.91
C17 CLA KE . 8.68 -15.93 35.22
C18 CLA KE . 7.20 -15.62 35.14
C19 CLA KE . 6.40 -16.48 36.10
C20 CLA KE . 6.93 -14.16 35.39
C1 BCR LE . 10.09 -10.04 34.02
C2 BCR LE . 11.51 -9.51 34.05
C3 BCR LE . 12.46 -10.54 33.51
C4 BCR LE . 12.14 -10.79 32.07
C5 BCR LE . 10.70 -11.06 31.87
C6 BCR LE . 9.73 -10.71 32.73
C7 BCR LE . 8.31 -11.02 32.51
C8 BCR LE . 7.50 -10.30 31.73
C9 BCR LE . 6.22 -9.77 32.15
C10 BCR LE . 5.70 -8.74 31.48
C11 BCR LE . 4.31 -8.40 31.43
C33 BCR LE . 10.43 -11.76 30.59
C31 BCR LE . 9.21 -8.87 34.37
C32 BCR LE . 9.98 -11.05 35.14
C34 BCR LE . 5.41 -10.58 33.09
C12 BCR LE . 3.92 -7.55 30.47
C13 BCR LE . 2.58 -7.05 30.29
C14 BCR LE . 2.37 -6.13 29.35
C15 BCR LE . 1.15 -5.42 29.16
C16 BCR LE . 1.08 -4.47 28.21
C17 BCR LE . -0.15 -3.75 28.03
C18 BCR LE . -0.31 -2.72 27.20
C19 BCR LE . -1.56 -1.97 27.27
C20 BCR LE . -1.67 -0.77 26.70
C21 BCR LE . -2.93 -0.06 26.79
C22 BCR LE . -3.14 1.17 26.30
C23 BCR LE . -4.44 1.76 26.50
C24 BCR LE . -4.83 2.20 27.70
C25 BCR LE . -6.03 2.98 28.04
C26 BCR LE . -7.21 2.39 28.25
C27 BCR LE . -8.45 3.09 28.63
C28 BCR LE . -8.14 4.38 29.33
C29 BCR LE . -7.17 5.17 28.50
C30 BCR LE . -5.87 4.46 28.19
C35 BCR LE . 1.52 -7.39 31.26
C36 BCR LE . 0.81 -2.14 26.47
C37 BCR LE . -1.99 2.06 26.07
C38 BCR LE . -7.44 0.94 28.15
C39 BCR LE . -4.82 4.72 29.25
C40 BCR LE . -5.37 5.14 26.93
O6 SQD ME . 0.86 -21.20 17.16
C44 SQD ME . 2.15 -21.05 16.58
C45 SQD ME . 3.21 -21.07 17.66
C46 SQD ME . 2.89 -22.16 18.69
O47 SQD ME . 4.52 -21.23 17.14
C7 SQD ME . 5.34 -20.10 16.89
O49 SQD ME . 4.84 -19.07 16.49
C8 SQD ME . 6.76 -20.08 17.47
C9 SQD ME . 6.96 -18.82 18.31
C10 SQD ME . 7.76 -17.80 17.51
C11 SQD ME . 8.02 -16.55 18.36
C12 SQD ME . 7.07 -15.43 17.99
C13 SQD ME . 7.11 -15.14 16.49
C14 SQD ME . 7.14 -13.63 16.24
C15 SQD ME . 5.72 -13.09 16.13
C16 SQD ME . 5.75 -11.77 15.38
C17 SQD ME . 4.61 -10.85 15.85
C18 SQD ME . 3.27 -11.53 15.62
C19 SQD ME . 2.40 -11.42 16.87
C20 SQD ME . 1.44 -12.58 16.93
C21 SQD ME . 2.19 -13.84 17.30
O48 SQD ME . 3.30 -21.75 19.98
C23 SQD ME . 2.35 -21.66 21.02
O10 SQD ME . 1.16 -21.75 20.77
C24 SQD ME . 2.82 -21.83 22.47
C25 SQD ME . 1.85 -21.13 23.42
C26 SQD ME . 2.33 -21.32 24.87
C27 SQD ME . 3.70 -20.63 25.05
C28 SQD ME . 3.51 -19.11 24.96
C29 SQD ME . 3.16 -18.56 26.36
C30 SQD ME . 4.43 -18.38 27.18
C31 SQD ME . 4.05 -18.10 28.64
C32 SQD ME . 5.29 -17.63 29.40
C33 SQD ME . 5.39 -16.11 29.34
C34 SQD ME . 6.63 -15.64 30.12
C35 SQD ME . 7.87 -15.92 29.31
C1 SQD ME . -0.13 -21.97 16.49
C2 SQD ME . -0.98 -22.71 17.48
O2 SQD ME . -0.26 -23.72 18.07
C3 SQD ME . -2.17 -23.35 16.81
O3 SQD ME . -3.04 -23.80 17.78
C4 SQD ME . -2.92 -22.45 15.86
O4 SQD ME . -3.79 -23.19 15.10
C5 SQD ME . -1.99 -21.69 14.97
C6 SQD ME . -2.77 -20.57 14.33
O5 SQD ME . -0.86 -21.14 15.62
S SQD ME . -2.32 -20.45 12.60
O7 SQD ME . -0.94 -20.83 12.39
O8 SQD ME . -3.23 -21.28 11.78
O9 SQD ME . -2.32 -19.09 12.16
MG CLA NE . -38.33 -6.98 68.89
CHA CLA NE . -36.23 -9.63 69.66
CHB CLA NE . -35.62 -4.98 68.46
CHC CLA NE . -40.41 -4.45 67.92
CHD CLA NE . -41.07 -9.16 69.13
NA CLA NE . -36.27 -7.30 68.95
C1A CLA NE . -35.59 -8.48 69.28
C2A CLA NE . -34.10 -8.21 69.36
C3A CLA NE . -34.04 -6.67 69.49
C4A CLA NE . -35.37 -6.27 68.85
CMA CLA NE . -33.96 -6.24 70.94
CAA CLA NE . -33.38 -8.68 68.12
CBA CLA NE . -31.97 -9.14 68.43
CGA CLA NE . -31.98 -10.55 68.93
O1A CLA NE . -32.52 -11.53 68.41
O2A CLA NE . -31.31 -10.71 70.11
NB CLA NE . -38.08 -5.02 68.51
C1B CLA NE . -36.89 -4.43 68.22
C2B CLA NE . -37.13 -2.99 67.92
C3B CLA NE . -38.48 -2.79 67.94
C4B CLA NE . -39.11 -4.13 68.15
CMB CLA NE . -36.05 -2.00 67.93
CAB CLA NE . -39.22 -1.67 67.43
CBB CLA NE . -40.17 -1.01 68.09
NC CLA NE . -40.40 -6.81 68.70
C1C CLA NE . -41.02 -5.72 68.18
C2C CLA NE . -42.46 -5.92 68.24
C3C CLA NE . -42.65 -7.28 68.52
C4C CLA NE . -41.34 -7.81 68.87
CMC CLA NE . -43.45 -4.86 68.23
CAC CLA NE . -43.93 -7.99 68.61
CBC CLA NE . -44.45 -8.08 70.03
ND CLA NE . -38.64 -8.96 69.08
C1D CLA NE . -39.83 -9.74 69.13
C2D CLA NE . -39.49 -11.10 69.63
C3D CLA NE . -38.11 -11.15 69.68
C4D CLA NE . -37.65 -9.76 69.50
CMD CLA NE . -40.46 -11.94 70.30
CAD CLA NE . -36.95 -11.93 70.07
OBD CLA NE . -36.87 -12.85 70.86
CBD CLA NE . -35.72 -11.03 69.78
CGD CLA NE . -34.69 -11.23 70.86
O1D CLA NE . -33.84 -12.11 70.95
O2D CLA NE . -34.73 -10.30 71.85
CED CLA NE . -34.18 -10.66 73.11
C1 CLA NE . -30.22 -11.65 70.10
C2 CLA NE . -30.29 -12.41 71.37
C3 CLA NE . -29.49 -12.18 72.43
C4 CLA NE . -28.44 -11.14 72.41
C5 CLA NE . -29.63 -12.99 73.67
MG CLA OE . -14.20 -5.74 99.57
CHA CLA OE . -12.35 -4.28 102.13
CHB CLA OE . -11.98 -8.31 99.46
CHC CLA OE . -15.86 -7.01 96.85
CHD CLA OE . -16.30 -2.90 99.52
NA CLA OE . -12.53 -6.27 100.72
C1A CLA OE . -11.93 -5.52 101.75
C2A CLA OE . -10.64 -6.19 102.22
C3A CLA OE . -10.41 -7.29 101.15
C4A CLA OE . -11.75 -7.35 100.43
CMA CLA OE . -9.28 -6.95 100.21
NB CLA OE . -14.09 -7.45 98.52
C1B CLA OE . -13.14 -8.40 98.66
C2B CLA OE . -13.41 -9.53 97.72
C3B CLA OE . -14.47 -9.14 96.94
C4B CLA OE . -14.84 -7.76 97.36
CMB CLA OE . -12.54 -10.70 97.61
CAB CLA OE . -15.07 -9.77 95.79
CBB CLA OE . -15.64 -10.99 95.79
NC CLA OE . -15.79 -5.06 98.40
C1C CLA OE . -16.37 -5.80 97.40
C2C CLA OE . -17.61 -5.17 96.99
C3C CLA OE . -17.78 -4.04 97.79
C4C CLA OE . -16.55 -3.90 98.57
CMC CLA OE . -18.52 -5.70 95.98
CAC CLA OE . -19.02 -3.30 98.05
CBC CLA OE . -19.26 -2.18 97.05
ND CLA OE . -14.32 -3.96 100.52
C1D CLA OE . -15.21 -2.87 100.38
C2D CLA OE . -14.87 -1.85 101.41
C3D CLA OE . -13.69 -2.28 101.99
C4D CLA OE . -13.50 -3.66 101.52
CMD CLA OE . -15.79 -0.79 101.85
CAD CLA OE . -12.68 -2.01 102.99
OBD CLA OE . -12.68 -1.19 103.90
CBD CLA OE . -11.66 -3.19 102.91
CGD CLA OE . -10.37 -2.78 102.26
O1D CLA OE . -9.27 -3.33 102.34
O2D CLA OE . -10.47 -1.64 101.50
CED CLA OE . -9.27 -0.91 101.25
MG CLA PE . -32.37 6.71 90.17
CHA CLA PE . -32.13 9.02 92.71
CHB CLA PE . -31.20 4.31 92.25
CHC CLA PE . -32.25 4.53 87.52
CHD CLA PE . -33.29 9.30 87.97
NA CLA PE . -32.01 6.64 92.22
C1A CLA PE . -32.01 7.71 93.12
C2A CLA PE . -31.59 7.25 94.52
C3A CLA PE . -31.13 5.79 94.29
C4A CLA PE . -31.40 5.56 92.80
CMA CLA PE . -29.67 5.59 94.63
CAA CLA PE . -32.74 7.35 95.51
CBA CLA PE . -33.63 6.14 95.50
CGA CLA PE . -34.77 6.32 94.53
O1A CLA PE . -35.51 7.28 94.39
O2A CLA PE . -34.97 5.22 93.73
NB CLA PE . -32.00 4.74 89.97
C1B CLA PE . -31.58 3.91 90.95
C2B CLA PE . -31.28 2.57 90.38
C3B CLA PE . -31.78 2.58 89.10
C4B CLA PE . -32.06 4.00 88.76
CMB CLA PE . -30.47 1.57 91.07
CAB CLA PE . -31.69 1.55 88.08
CBB CLA PE . -32.71 1.09 87.37
NC CLA PE . -32.66 6.90 88.11
C1C CLA PE . -32.72 5.84 87.24
C2C CLA PE . -33.31 6.25 85.98
C3C CLA PE . -33.54 7.63 86.08
C4C CLA PE . -33.08 8.03 87.40
CMC CLA PE . -33.49 5.38 84.82
CAC CLA PE . -34.39 8.44 85.19
CBC CLA PE . -33.63 9.06 84.04
ND CLA PE . -32.71 8.69 90.26
C1D CLA PE . -32.97 9.67 89.25
C2D CLA PE . -33.11 10.99 89.90
C3D CLA PE . -32.70 10.81 91.22
C4D CLA PE . -32.56 9.36 91.40
CMD CLA PE . -33.79 12.13 89.31
CAD CLA PE . -32.27 11.46 92.44
OBD CLA PE . -31.98 12.63 92.62
CBD CLA PE . -31.90 10.33 93.44
CGD CLA PE . -30.47 10.46 93.92
O1D CLA PE . -29.50 10.86 93.29
O2D CLA PE . -30.29 10.07 95.22
CED CLA PE . -29.78 11.06 96.13
C1 BCR QE . -19.60 -0.74 80.92
C2 BCR QE . -18.33 -1.12 81.65
C3 BCR QE . -18.09 -0.38 82.94
C4 BCR QE . -18.46 1.07 82.85
C5 BCR QE . -19.86 1.17 82.43
C6 BCR QE . -20.41 0.35 81.54
C7 BCR QE . -21.83 0.44 81.15
C8 BCR QE . -22.27 1.21 80.15
C9 BCR QE . -23.58 1.82 80.15
C10 BCR QE . -24.05 2.39 79.04
C11 BCR QE . -25.27 3.14 78.96
C33 BCR QE . -20.61 2.25 83.09
C31 BCR QE . -20.42 -2.01 80.80
C32 BCR QE . -19.16 -0.34 79.52
C34 BCR QE . -24.25 2.00 81.46
C12 BCR QE . -25.75 3.48 77.76
C13 BCR QE . -26.88 4.35 77.55
C14 BCR QE . -27.34 4.51 76.30
C15 BCR QE . -28.63 5.06 76.00
C16 BCR QE . -29.11 5.13 74.75
C17 BCR QE . -28.35 5.83 73.75
C18 BCR QE . -28.83 6.33 72.61
C19 BCR QE . -30.27 6.45 72.46
C20 BCR QE . -30.82 7.11 71.44
C21 BCR QE . -32.26 7.13 71.32
C22 BCR QE . -32.95 8.00 70.57
C23 BCR QE . -34.40 7.86 70.48
C24 BCR QE . -35.19 8.83 70.01
C25 BCR QE . -36.59 8.70 69.59
C26 BCR QE . -37.60 8.76 70.46
C27 BCR QE . -39.04 8.68 70.13
C28 BCR QE . -39.29 9.13 68.71
C29 BCR QE . -38.34 8.40 67.79
C30 BCR QE . -36.86 8.56 68.12
C35 BCR QE . -27.62 4.88 78.70
C36 BCR QE . -27.97 6.58 71.44
C37 BCR QE . -32.27 9.05 69.81
C38 BCR QE . -37.42 8.94 71.92
C39 BCR QE . -36.27 9.74 67.38
C40 BCR QE . -36.22 7.31 67.52
C1 BCR RE . -27.69 10.99 86.16
C2 BCR RE . -27.16 12.24 86.82
C3 BCR RE . -27.88 13.45 86.29
C4 BCR RE . -29.35 13.36 86.63
C5 BCR RE . -29.91 12.01 86.38
C6 BCR RE . -29.18 10.92 86.13
C7 BCR RE . -29.78 9.60 85.91
C8 BCR RE . -30.07 9.15 84.69
C9 BCR RE . -29.79 7.80 84.26
C10 BCR RE . -29.82 7.53 82.95
C11 BCR RE . -29.90 6.21 82.39
C33 BCR RE . -31.38 11.98 86.39
C31 BCR RE . -27.07 10.94 84.77
C32 BCR RE . -27.15 9.81 86.93
C34 BCR RE . -29.86 6.72 85.27
C12 BCR RE . -30.27 6.10 81.12
C13 BCR RE . -30.78 4.89 80.51
C14 BCR RE . -31.25 4.96 79.26
C15 BCR RE . -31.83 3.84 78.56
C16 BCR RE . -32.23 3.98 77.29
C17 BCR RE . -32.93 2.88 76.69
C18 BCR RE . -33.39 2.82 75.44
C19 BCR RE . -34.34 1.78 75.10
C20 BCR RE . -35.00 1.76 73.95
C21 BCR RE . -36.21 0.97 73.86
C22 BCR RE . -36.95 0.78 72.76
C23 BCR RE . -38.17 0.01 72.87
C24 BCR RE . -38.64 -0.74 71.87
C25 BCR RE . -39.69 -1.76 71.98
C26 BCR RE . -40.97 -1.44 71.73
C27 BCR RE . -42.08 -2.41 71.78
C28 BCR RE . -41.60 -3.75 71.31
C29 BCR RE . -40.40 -4.18 72.12
C30 BCR RE . -39.30 -3.15 72.34
C35 BCR RE . -30.89 3.66 81.30
C36 BCR RE . -32.85 3.69 74.38
C37 BCR RE . -36.36 1.03 71.42
C38 BCR RE . -41.42 -0.10 71.36
C39 BCR RE . -38.04 -3.53 71.61
C40 BCR RE . -38.98 -3.28 73.83
C1 BCR SE . -56.45 37.83 52.86
C2 BCR SE . -56.51 38.49 54.22
C3 BCR SE . -57.60 37.86 55.04
C4 BCR SE . -57.30 36.39 55.27
C5 BCR SE . -56.76 35.72 54.07
C6 BCR SE . -56.38 36.35 52.95
C7 BCR SE . -55.84 35.63 51.80
C8 BCR SE . -56.60 35.17 50.80
C9 BCR SE . -56.09 34.43 49.68
C10 BCR SE . -56.84 33.46 49.15
C11 BCR SE . -56.51 32.72 47.96
C33 BCR SE . -56.69 34.26 54.21
C31 BCR SE . -55.25 38.40 52.14
C32 BCR SE . -57.70 38.26 52.12
C34 BCR SE . -54.89 34.93 48.99
C12 BCR SE . -57.44 31.99 47.36
C13 BCR SE . -57.33 31.46 46.02
C14 BCR SE . -58.42 31.01 45.41
C15 BCR SE . -58.42 30.54 44.04
C16 BCR SE . -59.26 29.59 43.66
C17 BCR SE . -59.19 29.16 42.29
C18 BCR SE . -60.13 28.48 41.63
C19 BCR SE . -59.96 28.25 40.22
C20 BCR SE . -60.81 27.51 39.51
C21 BCR SE . -60.71 27.49 38.08
C22 BCR SE . -61.41 26.69 37.27
C23 BCR SE . -61.24 26.78 35.84
C24 BCR SE . -61.53 25.79 35.00
C25 BCR SE . -61.81 25.85 33.57
C26 BCR SE . -60.83 25.86 32.66
C27 BCR SE . -61.01 25.91 31.19
C28 BCR SE . -62.36 25.36 30.80
C29 BCR SE . -63.42 26.02 31.63
C30 BCR SE . -63.25 25.86 33.13
C35 BCR SE . -56.03 31.51 45.32
C36 BCR SE . -61.40 28.10 42.27
C37 BCR SE . -62.28 25.63 37.83
C38 BCR SE . -59.40 25.84 33.00
C39 BCR SE . -63.92 24.60 33.63
C40 BCR SE . -64.05 27.01 33.73
MG CLA TE . -76.28 35.42 30.82
CHA CLA TE . -76.64 33.54 27.94
CHB CLA TE . -78.77 37.50 29.76
CHC CLA TE . -75.83 37.33 33.64
CHD CLA TE . -73.95 33.05 32.03
NA CLA TE . -77.56 35.43 29.16
C1A CLA TE . -77.57 34.54 28.08
C2A CLA TE . -78.47 35.07 26.98
C3A CLA TE . -78.74 36.53 27.42
C4A CLA TE . -78.42 36.46 28.92
CMA CLA TE . -77.86 37.53 26.73
CAA CLA TE . -79.75 34.27 26.88
CBA CLA TE . -79.89 33.64 25.51
CGA CLA TE . -80.68 32.38 25.56
O1A CLA TE . -80.78 31.50 24.70
O2A CLA TE . -81.38 32.21 26.73
NB CLA TE . -77.23 37.00 31.63
C1B CLA TE . -78.26 37.68 31.07
C2B CLA TE . -78.61 38.87 31.91
C3B CLA TE . -77.56 39.00 32.81
C4B CLA TE . -76.78 37.74 32.74
CMB CLA TE . -79.63 39.83 31.55
CAB CLA TE . -77.47 39.90 33.93
CBB CLA TE . -76.44 40.73 34.16
NC CLA TE . -75.05 35.26 32.50
C1C CLA TE . -75.05 36.14 33.55
C2C CLA TE . -74.27 35.59 34.64
C3C CLA TE . -73.57 34.50 34.11
C4C CLA TE . -74.23 34.18 32.85
CMC CLA TE . -74.26 36.14 36.01
CAC CLA TE . -72.28 33.97 34.59
CBC CLA TE . -71.15 34.96 34.42
ND CLA TE . -75.33 33.79 30.13
C1D CLA TE . -74.52 32.83 30.79
C2D CLA TE . -74.22 31.74 29.83
C3D CLA TE . -74.87 32.06 28.67
C4D CLA TE . -75.67 33.26 28.96
CMD CLA TE . -73.72 30.43 30.22
CAD CLA TE . -75.32 31.53 27.40
OBD CLA TE . -74.92 30.55 26.78
CBD CLA TE . -76.53 32.41 26.94
CGD CLA TE . -76.31 32.90 25.54
O1D CLA TE . -76.57 32.30 24.49
O2D CLA TE . -75.75 34.14 25.48
CED CLA TE . -75.81 34.86 24.24
MG CLA UE . -65.27 39.69 42.88
CHA CLA UE . -66.01 41.84 40.29
CHB CLA UE . -68.53 38.69 42.95
CHC CLA UE . -64.39 37.12 44.97
CHD CLA UE . -61.90 40.72 42.74
NA CLA UE . -66.98 40.23 41.80
C1A CLA UE . -67.04 41.03 40.65
C2A CLA UE . -68.48 41.18 40.17
C3A CLA UE . -69.29 40.38 41.23
C4A CLA UE . -68.20 39.66 42.02
CMA CLA UE . -70.10 41.30 42.12
CAA CLA UE . -68.69 40.63 38.77
CBA CLA UE . -67.89 39.37 38.51
CGA CLA UE . -68.57 38.53 37.46
O1A CLA UE . -68.49 37.30 37.29
O2A CLA UE . -69.37 39.25 36.62
NB CLA UE . -66.27 38.21 43.80
C1B CLA UE . -67.61 38.06 43.81
C2B CLA UE . -68.00 37.27 45.03
C3B CLA UE . -66.85 36.65 45.46
C4B CLA UE . -65.72 37.33 44.75
CMB CLA UE . -69.39 37.03 45.39
CAB CLA UE . -66.72 35.35 46.06
CBB CLA UE . -66.09 35.09 47.21
NC CLA UE . -63.48 39.11 43.78
C1C CLA UE . -63.34 37.98 44.55
C2C CLA UE . -62.01 37.98 45.14
C3C CLA UE . -61.27 38.93 44.42
C4C CLA UE . -62.20 39.58 43.51
CMC CLA UE . -61.70 37.41 46.44
CAC CLA UE . -59.92 39.38 44.73
CBC CLA UE . -58.88 38.77 43.82
ND CLA UE . -64.18 41.09 41.91
C1D CLA UE . -62.80 41.38 41.93
C2D CLA UE . -62.50 42.34 40.83
C3D CLA UE . -63.72 42.59 40.21
C4D CLA UE . -64.69 41.69 40.84
CMD CLA UE . -61.26 43.10 40.73
CAD CLA UE . -64.47 43.57 39.44
OBD CLA UE . -64.18 44.74 39.27
CBD CLA UE . -65.93 43.05 39.38
CGD CLA UE . -66.91 44.12 39.79
O1D CLA UE . -67.85 44.59 39.13
O2D CLA UE . -66.70 44.61 41.04
CED CLA UE . -67.76 45.32 41.68
C1 CLA UE . -70.51 38.57 36.07
C1 BCR VE . -57.12 34.94 42.41
C2 BCR VE . -55.80 35.33 43.03
C3 BCR VE . -56.02 36.40 44.06
C4 BCR VE . -56.87 35.87 45.18
C5 BCR VE . -58.03 35.10 44.69
C6 BCR VE . -58.18 34.67 43.43
C7 BCR VE . -59.33 33.88 43.00
C8 BCR VE . -60.48 34.42 42.56
C9 BCR VE . -61.71 33.67 42.48
C10 BCR VE . -62.89 34.31 42.51
C11 BCR VE . -64.16 33.66 42.53
C33 BCR VE . -59.03 34.83 45.73
C31 BCR VE . -56.87 33.72 41.55
C32 BCR VE . -57.54 36.09 41.51
C34 BCR VE . -61.64 32.19 42.54
C12 BCR VE . -65.26 34.41 42.49
C13 BCR VE . -66.61 33.91 42.57
C14 BCR VE . -67.61 34.79 42.68
C15 BCR VE . -68.99 34.51 42.37
C16 BCR VE . -69.76 35.44 41.81
C17 BCR VE . -70.68 35.03 40.79
C18 BCR VE . -71.54 35.83 40.13
C19 BCR VE . -72.90 35.39 39.96
C20 BCR VE . -73.90 36.21 39.65
C21 BCR VE . -75.24 35.69 39.67
C22 BCR VE . -76.35 36.39 39.42
C23 BCR VE . -77.63 35.69 39.43
C24 BCR VE . -78.77 36.24 38.99
C25 BCR VE . -79.75 35.60 38.12
C26 BCR VE . -79.68 35.69 36.79
C27 BCR VE . -80.63 35.10 35.82
C28 BCR VE . -81.61 34.16 36.47
C29 BCR VE . -82.03 34.68 37.81
C30 BCR VE . -80.87 34.86 38.77
C35 BCR VE . -66.90 32.48 42.29
C36 BCR VE . -71.13 37.15 39.61
C37 BCR VE . -76.28 37.77 38.87
C38 BCR VE . -78.61 36.43 36.09
C39 BCR VE . -80.41 33.50 39.30
C40 BCR VE . -81.43 35.61 39.96
MG CLA WE . -49.73 38.24 32.10
CHA CLA WE . -46.74 38.42 33.82
CHB CLA WE . -48.78 40.87 30.18
CHC CLA WE . -52.71 38.00 30.41
CHD CLA WE . -50.68 35.51 34.14
NA CLA WE . -47.96 39.35 31.95
C1A CLA WE . -46.79 39.22 32.70
C2A CLA WE . -45.82 40.36 32.40
C3A CLA WE . -46.61 41.25 31.40
C4A CLA WE . -47.85 40.40 31.09
CMA CLA WE . -46.97 42.58 31.99
CAA CLA WE . -44.52 39.87 31.78
CBA CLA WE . -44.73 38.70 30.84
CGA CLA WE . -43.40 38.15 30.41
O1A CLA WE . -42.60 37.47 31.06
O2A CLA WE . -43.07 38.48 29.13
NB CLA WE . -50.58 39.25 30.59
C1B CLA WE . -50.09 40.37 30.03
C2B CLA WE . -51.02 40.85 28.97
C3B CLA WE . -52.18 40.12 29.11
C4B CLA WE . -51.88 39.02 30.07
CMB CLA WE . -50.62 41.75 27.88
CAB CLA WE . -53.37 40.11 28.29
CBB CLA WE . -53.44 39.64 27.04
NC CLA WE . -51.39 36.99 32.27
C1C CLA WE . -52.48 37.03 31.43
C2C CLA WE . -53.35 35.90 31.69
C3C CLA WE . -52.70 35.11 32.65
C4C CLA WE . -51.55 35.88 33.10
CMC CLA WE . -54.52 35.55 30.90
CAC CLA WE . -53.14 33.83 33.21
CBC CLA WE . -54.04 33.99 34.41
ND CLA WE . -48.97 37.19 33.65
C1D CLA WE . -49.43 36.04 34.35
C2D CLA WE . -48.25 35.42 35.00
C3D CLA WE . -47.23 36.33 34.91
C4D CLA WE . -47.72 37.41 34.05
CMD CLA WE . -48.28 34.09 35.62
CAD CLA WE . -46.04 36.84 35.57
OBD CLA WE . -45.51 36.47 36.61
CBD CLA WE . -45.64 38.17 34.84
CGD CLA WE . -45.49 39.32 35.80
O1D CLA WE . -44.45 39.89 36.13
O2D CLA WE . -46.65 39.74 36.35
MG CLA XE . -27.55 3.21 20.06
CHA CLA XE . -30.33 1.54 18.89
CHB CLA XE . -25.80 0.30 19.78
CHC CLA XE . -24.91 4.69 21.64
CHD CLA XE . -29.60 5.92 20.96
NA CLA XE . -27.97 1.32 19.26
C1A CLA XE . -29.15 0.90 18.66
C2A CLA XE . -28.99 -0.51 18.11
C3A CLA XE . -27.73 -1.02 18.84
C4A CLA XE . -27.13 0.26 19.43
CMA CLA XE . -28.05 -2.02 19.91
CAA CLA XE . -28.81 -0.54 16.60
CBA CLA XE . -28.44 0.80 15.99
CGA CLA XE . -28.37 0.70 14.50
O1A CLA XE . -29.01 -0.01 13.73
O2A CLA XE . -27.43 1.54 13.97
NB CLA XE . -25.65 2.66 20.45
C1B CLA XE . -25.11 1.45 20.20
C2B CLA XE . -23.68 1.45 20.58
C3B CLA XE . -23.45 2.64 21.23
C4B CLA XE . -24.73 3.41 21.20
CMB CLA XE . -22.88 0.22 20.47
CAB CLA XE . -22.25 3.22 21.77
CBB CLA XE . -21.02 3.11 21.27
NC CLA XE . -27.27 5.04 21.01
C1C CLA XE . -26.13 5.40 21.66
C2C CLA XE . -26.27 6.77 22.15
C3C CLA XE . -27.60 7.11 21.96
C4C CLA XE . -28.26 5.96 21.38
CMC CLA XE . -25.15 7.64 22.46
CAC CLA XE . -28.20 8.46 22.08
CBC CLA XE . -28.99 8.63 23.35
ND CLA XE . -29.48 3.76 19.83
C1D CLA XE . -30.21 4.86 20.35
C2D CLA XE . -31.64 4.68 20.01
C3D CLA XE . -31.75 3.37 19.55
C4D CLA XE . -30.38 2.88 19.39
CMD CLA XE . -32.70 5.58 20.46
CAD CLA XE . -32.62 2.42 18.91
OBD CLA XE . -33.72 2.62 18.42
CBD CLA XE . -31.76 1.17 18.56
CGD CLA XE . -32.19 -0.05 19.32
O1D CLA XE . -32.18 -0.23 20.54
O2D CLA XE . -32.65 -1.06 18.53
CED CLA XE . -33.52 -2.02 19.12
C1 CLA XE . -27.77 2.94 13.96
C2 CLA XE . -26.71 3.65 13.20
C3 CLA XE . -26.82 4.94 12.83
C4 CLA XE . -28.01 5.76 13.17
C5 CLA XE . -25.74 5.61 12.06
C6 CLA XE . -24.89 6.51 12.93
C7 CLA XE . -25.07 7.97 12.55
C8 CLA XE . -25.25 8.86 13.77
C9 CLA XE . -26.27 9.93 13.49
C10 CLA XE . -23.92 9.49 14.18
C11 CLA XE . -24.06 10.34 15.42
C12 CLA XE . -22.74 10.99 15.80
C13 CLA XE . -22.91 12.00 16.92
C14 CLA XE . -23.86 13.11 16.51
C15 CLA XE . -21.57 12.58 17.36
C1 BCR YE . 1.88 1.68 22.95
C2 BCR YE . 2.66 0.53 22.36
C3 BCR YE . 3.20 0.87 21.00
C4 BCR YE . 2.07 1.20 20.07
C5 BCR YE . 1.10 2.14 20.66
C6 BCR YE . 0.97 2.38 21.98
C7 BCR YE . 0.00 3.34 22.53
C8 BCR YE . -1.29 3.09 22.69
C9 BCR YE . -2.33 4.11 22.67
C10 BCR YE . -3.57 3.72 22.33
C11 BCR YE . -4.77 4.39 22.74
C33 BCR YE . 0.27 2.80 19.63
C31 BCR YE . 2.90 2.66 23.48
C32 BCR YE . 1.14 1.10 24.13
C34 BCR YE . -2.09 5.36 23.40
C12 BCR YE . -5.91 3.71 22.58
C13 BCR YE . -7.23 4.26 22.80
C14 BCR YE . -8.25 3.69 22.15
C15 BCR YE . -9.59 4.22 22.14
C16 BCR YE . -10.53 3.57 21.45
C17 BCR YE . -11.79 4.22 21.24
C18 BCR YE . -12.92 3.61 20.87
C19 BCR YE . -14.11 4.41 20.69
C20 BCR YE . -15.21 3.92 20.11
C21 BCR YE . -16.41 4.71 20.16
C22 BCR YE . -17.54 4.40 19.50
C23 BCR YE . -17.49 3.31 18.55
C24 BCR YE . -18.58 2.90 17.90
C25 BCR YE . -18.61 1.96 16.77
C26 BCR YE . -18.48 2.37 15.51
C27 BCR YE . -18.50 1.51 14.32
C28 BCR YE . -18.34 0.06 14.68
C29 BCR YE . -19.20 -0.27 15.86
C30 BCR YE . -18.83 0.51 17.09
C35 BCR YE . -7.46 5.29 23.82
C36 BCR YE . -12.97 2.16 20.62
C37 BCR YE . -18.73 5.26 19.58
C38 BCR YE . -18.27 3.79 15.14
C39 BCR YE . -17.62 -0.11 17.77
C40 BCR YE . -19.99 0.34 18.05
MG CLA ZE . -16.50 5.84 1.21
CHA CLA ZE . -13.73 5.53 -0.86
CHB CLA ZE . -14.53 7.12 3.64
CHC CLA ZE . -19.13 5.61 3.37
CHD CLA ZE . -18.56 4.74 -1.42
NA CLA ZE . -14.46 6.27 1.33
C1A CLA ZE . -13.51 6.24 0.29
C2A CLA ZE . -12.16 6.76 0.79
C3A CLA ZE . -12.39 6.97 2.31
C4A CLA ZE . -13.90 6.82 2.45
CMA CLA ZE . -11.67 5.94 3.14
CAA CLA ZE . -11.74 8.06 0.13
CBA CLA ZE . -12.92 8.95 -0.22
CGA CLA ZE . -13.02 10.09 0.76
O1A CLA ZE . -12.34 11.12 0.81
O2A CLA ZE . -14.02 9.91 1.67
NB CLA ZE . -16.77 6.25 3.14
C1B CLA ZE . -15.90 6.96 3.91
C2B CLA ZE . -16.51 7.23 5.24
C3B CLA ZE . -17.72 6.57 5.25
C4B CLA ZE . -17.98 6.18 3.83
CMB CLA ZE . -15.70 7.66 6.37
CAB CLA ZE . -18.78 6.61 6.21
CBB CLA ZE . -19.31 7.73 6.70
NC CLA ZE . -18.48 5.22 1.01
C1C CLA ZE . -19.39 5.19 2.03
C2C CLA ZE . -20.72 4.98 1.49
C3C CLA ZE . -20.58 4.87 0.11
C4C CLA ZE . -19.15 4.87 -0.16
CMC CLA ZE . -21.94 5.17 2.26
CAC CLA ZE . -21.65 4.84 -0.90
CBC CLA ZE . -21.96 3.45 -1.39
ND CLA ZE . -16.28 5.30 -0.72
C1D CLA ZE . -17.21 4.80 -1.68
C2D CLA ZE . -16.47 4.44 -2.91
C3D CLA ZE . -15.14 4.67 -2.63
C4D CLA ZE . -15.07 5.15 -1.25
CMD CLA ZE . -17.07 3.69 -4.01
CAD CLA ZE . -13.78 4.48 -3.07
OBD CLA ZE . -13.31 3.65 -3.82
CBD CLA ZE . -12.91 5.36 -2.12
CGD CLA ZE . -11.56 4.75 -1.86
O1D CLA ZE . -10.46 5.30 -2.00
O2D CLA ZE . -11.59 3.46 -1.43
CED CLA ZE . -10.65 2.57 -2.02
C1 CLA ZE . -14.53 11.09 2.33
C2 CLA ZE . -15.62 10.62 3.22
C3 CLA ZE . -16.57 11.44 3.70
C4 CLA ZE . -16.62 12.89 3.39
C5 CLA ZE . -17.64 10.91 4.59
MG CLA AF . -9.89 14.42 13.76
CHA CLA AF . -8.93 16.32 11.05
CHB CLA AF . -7.99 16.40 15.72
CHC CLA AF . -11.19 12.84 16.50
CHD CLA AF . -12.27 12.80 11.70
NA CLA AF . -8.47 15.89 13.38
C1A CLA AF . -8.35 16.68 12.23
C2A CLA AF . -7.28 17.75 12.41
C3A CLA AF . -6.71 17.43 13.81
C4A CLA AF . -7.70 16.42 14.38
CMA CLA AF . -5.32 16.84 13.72
CAA CLA AF . -7.88 19.14 12.32
CBA CLA AF . -9.23 19.25 13.00
CGA CLA AF . -10.07 20.30 12.34
O1A CLA AF . -10.28 20.46 11.14
O2A CLA AF . -10.65 21.14 13.24
NB CLA AF . -9.51 14.48 15.73
C1B CLA AF . -8.83 15.47 16.36
C2B CLA AF . -8.81 15.21 17.81
C3B CLA AF . -9.70 14.19 18.04
C4B CLA AF . -10.16 13.69 16.71
CMB CLA AF . -8.27 16.19 18.75
CAB CLA AF . -10.27 13.69 19.27
CBB CLA AF . -9.58 13.27 20.33
NC CLA AF . -11.45 13.05 14.04
C1C CLA AF . -11.86 12.60 15.27
C2C CLA AF . -12.88 11.58 15.08
C3C CLA AF . -13.20 11.57 13.72
C4C CLA AF . -12.34 12.57 13.09
CMC CLA AF . -13.60 10.93 16.17
CAC CLA AF . -14.32 10.88 13.09
CBC CLA AF . -15.56 11.75 13.02
ND CLA AF . -10.40 14.38 11.80
C1D CLA AF . -11.42 13.69 11.09
C2D CLA AF . -11.41 14.15 9.69
C3D CLA AF . -10.50 15.18 9.62
C4D CLA AF . -9.96 15.34 10.98
CMD CLA AF . -12.38 13.71 8.68
CAD CLA AF . -9.71 16.04 8.76
OBD CLA AF . -9.76 16.16 7.54
CBD CLA AF . -8.54 16.59 9.62
CGD CLA AF . -7.22 15.95 9.27
O1D CLA AF . -6.75 14.91 9.74
O2D CLA AF . -6.50 16.63 8.35
CED CLA AF . -5.08 16.66 8.53
C1 CLA AF . -11.39 22.26 12.71
C1 BCR BF . -1.52 -16.58 30.88
C2 BCR BF . -1.23 -17.87 31.61
C3 BCR BF . -1.14 -19.02 30.66
C4 BCR BF . -2.41 -19.19 29.87
C5 BCR BF . -3.04 -17.90 29.48
C6 BCR BF . -2.65 -16.71 29.91
C7 BCR BF . -3.31 -15.48 29.50
C8 BCR BF . -2.91 -14.76 28.44
C9 BCR BF . -3.59 -13.57 27.99
C10 BCR BF . -3.91 -13.45 26.69
C11 BCR BF . -4.69 -12.37 26.15
C33 BCR BF . -4.15 -18.07 28.54
C31 BCR BF . -0.21 -16.17 30.22
C32 BCR BF . -1.86 -15.55 31.94
C34 BCR BF . -3.91 -12.51 28.97
C12 BCR BF . -4.96 -12.36 24.84
C13 BCR BF . -5.49 -11.22 24.14
C14 BCR BF . -5.74 -11.33 22.83
C15 BCR BF . -6.44 -10.32 22.08
C16 BCR BF . -6.89 -10.58 20.85
C17 BCR BF . -7.63 -9.54 20.18
C18 BCR BF . -8.46 -9.71 19.16
C19 BCR BF . -9.17 -8.55 18.65
C20 BCR BF . -10.01 -8.61 17.63
C21 BCR BF . -10.51 -7.38 17.08
C22 BCR BF . -11.09 -7.22 15.89
C23 BCR BF . -10.81 -6.01 15.16
C24 BCR BF . -11.72 -5.09 14.83
C25 BCR BF . -11.58 -4.09 13.77
C26 BCR BF . -12.22 -4.24 12.62
C27 BCR BF . -12.16 -3.28 11.49
C28 BCR BF . -12.06 -1.88 12.04
C29 BCR BF . -10.93 -1.75 13.02
C30 BCR BF . -10.70 -2.90 14.00
C35 BCR BF . -5.87 -10.01 24.88
C36 BCR BF . -8.94 -11.04 18.74
C37 BCR BF . -11.61 -8.39 15.15
C38 BCR BF . -13.11 -5.38 12.32
C39 BCR BF . -10.84 -2.41 15.44
C40 BCR BF . -9.23 -3.22 13.80
MG CLA CF . -15.42 2.32 12.93
CHA CLA CF . -16.79 2.33 9.75
CHB CLA CF . -15.49 5.71 12.96
CHC CLA CF . -13.92 2.25 16.01
CHD CLA CF . -15.43 -1.18 12.83
NA CLA CF . -16.03 3.77 11.55
C1A CLA CF . -16.73 3.56 10.35
C2A CLA CF . -16.99 4.89 9.66
C3A CLA CF . -16.34 5.93 10.59
C4A CLA CF . -15.87 5.10 11.78
CMA CLA CF . -15.18 6.60 9.90
CAA CLA CF . -18.48 5.12 9.46
CBA CLA CF . -19.16 5.71 10.67
CGA CLA CF . -19.92 4.63 11.37
O1A CLA CF . -19.50 3.58 11.84
O2A CLA CF . -21.26 4.90 11.47
NB CLA CF . -14.85 3.72 14.26
C1B CLA CF . -14.92 5.05 14.07
C2B CLA CF . -14.31 5.76 15.24
C3B CLA CF . -13.94 4.78 16.14
C4B CLA CF . -14.16 3.47 15.47
CMB CLA CF . -14.40 7.20 15.42
CAB CLA CF . -13.14 4.87 17.33
CBB CLA CF . -11.96 5.49 17.42
NC CLA CF . -14.73 0.79 14.17
C1C CLA CF . -14.26 0.99 15.43
C2C CLA CF . -14.11 -0.29 16.11
C3C CLA CF . -14.56 -1.26 15.21
C4C CLA CF . -14.86 -0.57 13.97
CMC CLA CF . -13.81 -0.44 17.53
CAC CLA CF . -14.79 -2.68 15.49
CBC CLA CF . -16.25 -2.99 15.72
ND CLA CF . -15.88 0.87 11.61
C1D CLA CF . -15.67 -0.53 11.64
C2D CLA CF . -16.14 -1.11 10.37
C3D CLA CF . -16.40 -0.04 9.55
C4D CLA CF . -16.25 1.17 10.38
CMD CLA CF . -16.03 -2.53 10.03
CAD CLA CF . -16.95 0.39 8.28
OBD CLA CF . -17.55 -0.26 7.43
CBD CLA CF . -16.94 1.96 8.30
CGD CLA CF . -15.83 2.53 7.48
O1D CLA CF . -14.62 2.50 7.70
O2D CLA CF . -16.26 3.17 6.36
CED CLA CF . -15.29 3.92 5.61
C1 CLA CF . -22.11 3.84 11.94
C2 CLA CF . -22.22 3.98 13.41
C3 CLA CF . -22.52 2.95 14.22
C4 CLA CF . -22.75 1.58 13.72
C5 CLA CF . -22.63 3.17 15.69
C6 CLA CF . -24.07 3.30 16.13
C7 CLA CF . -24.13 3.69 17.59
C8 CLA CF . -24.88 5.00 17.86
C9 CLA CF . -26.21 5.04 17.13
C10 CLA CF . -24.03 6.21 17.48
C11 CLA CF . -22.61 6.14 18.01
C12 CLA CF . -22.48 6.69 19.42
C13 CLA CF . -22.32 8.21 19.46
C14 CLA CF . -21.29 8.69 18.44
C15 CLA CF . -21.93 8.67 20.85
C16 CLA CF . -21.76 10.18 20.92
C17 CLA CF . -20.81 10.59 22.02
C18 CLA CF . -21.41 10.35 23.40
C19 CLA CF . -20.34 10.05 24.41
C20 CLA CF . -22.16 11.58 23.84
C1 BCR DF . 14.73 -16.39 14.86
C2 BCR DF . 14.41 -17.63 15.66
C3 BCR DF . 14.09 -17.25 17.08
C4 BCR DF . 12.86 -16.39 17.11
C5 BCR DF . 12.85 -15.35 16.05
C6 BCR DF . 13.70 -15.32 15.02
C7 BCR DF . 13.64 -14.29 13.98
C8 BCR DF . 14.29 -13.13 14.05
C9 BCR DF . 14.27 -12.16 12.98
C10 BCR DF . 13.64 -11.00 13.17
C11 BCR DF . 13.34 -10.07 12.11
C33 BCR DF . 11.80 -14.34 16.24
C31 BCR DF . 14.85 -16.81 13.41
C32 BCR DF . 16.08 -15.90 15.33
C34 BCR DF . 14.64 -12.63 11.63
C12 BCR DF . 12.50 -9.07 12.35
C13 BCR DF . 11.97 -8.18 11.35
C14 BCR DF . 10.97 -7.36 11.68
C15 BCR DF . 10.31 -6.48 10.75
C16 BCR DF . 9.32 -5.69 11.18
C17 BCR DF . 8.54 -4.99 10.20
C18 BCR DF . 7.57 -4.11 10.45
C19 BCR DF . 6.95 -3.44 9.32
C20 BCR DF . 5.90 -2.64 9.44
C21 BCR DF . 5.66 -1.66 8.42
C22 BCR DF . 4.61 -0.84 8.35
C23 BCR DF . 4.59 0.14 7.26
C24 BCR DF . 3.58 0.97 7.03
C25 BCR DF . 3.37 1.77 5.82
C26 BCR DF . 2.76 1.27 4.74
C27 BCR DF . 2.48 1.99 3.48
C28 BCR DF . 2.45 3.48 3.70
C29 BCR DF . 3.67 3.89 4.48
C30 BCR DF . 3.82 3.21 5.84
C35 BCR DF . 12.60 -8.11 10.02
C36 BCR DF . 7.34 -3.58 11.80
C37 BCR DF . 3.62 -0.75 9.43
C38 BCR DF . 2.27 -0.12 4.66
C39 BCR DF . 3.07 3.95 6.92
C40 BCR DF . 5.30 3.38 6.17
C1 BCR EF . 7.47 -20.77 33.31
C2 BCR EF . 6.11 -21.42 33.43
C3 BCR EF . 6.07 -22.65 32.54
C4 BCR EF . 7.07 -23.66 33.02
C5 BCR EF . 8.38 -23.05 33.38
C6 BCR EF . 8.58 -21.74 33.51
C7 BCR EF . 9.89 -21.19 33.89
C8 BCR EF . 10.80 -20.83 32.98
C9 BCR EF . 12.00 -20.09 33.31
C10 BCR EF . 12.35 -19.08 32.53
C11 BCR EF . 13.70 -18.66 32.26
C33 BCR EF . 9.44 -24.05 33.57
C31 BCR EF . 7.51 -19.68 34.37
C32 BCR EF . 7.53 -20.13 31.95
C34 BCR EF . 12.96 -20.72 34.25
C12 BCR EF . 13.89 -17.80 31.26
C13 BCR EF . 15.17 -17.32 30.79
C14 BCR EF . 15.20 -16.48 29.75
C15 BCR EF . 16.38 -15.87 29.24
C16 BCR EF . 16.31 -15.02 28.21
C17 BCR EF . 17.51 -14.38 27.77
C18 BCR EF . 17.61 -13.50 26.77
C19 BCR EF . 18.92 -13.23 26.21
C20 BCR EF . 19.09 -12.66 25.03
C21 BCR EF . 20.41 -12.63 24.46
C22 BCR EF . 20.72 -12.21 23.23
C23 BCR EF . 22.13 -12.20 22.84
C24 BCR EF . 22.57 -11.50 21.78
C25 BCR EF . 23.96 -11.29 21.40
C26 BCR EF . 24.61 -12.16 20.61
C27 BCR EF . 26.00 -12.03 20.14
C28 BCR EF . 26.39 -10.57 20.07
C29 BCR EF . 26.09 -9.92 21.39
C30 BCR EF . 24.64 -10.04 21.87
C35 BCR EF . 16.41 -17.73 31.48
C36 BCR EF . 16.42 -12.92 26.12
C37 BCR EF . 19.73 -11.54 22.37
C38 BCR EF . 24.00 -13.39 20.08
C39 BCR EF . 23.83 -8.84 21.46
C40 BCR EF . 24.76 -9.98 23.40
MG CL0 FF . -20.67 42.70 -33.17
CHA CL0 FF . -19.11 41.33 -35.94
CHB CL0 FF . -23.34 40.69 -33.75
CHC CL0 FF . -22.35 44.26 -30.63
CHD CL0 FF . -18.24 45.24 -33.11
NA CL0 FF . -21.04 41.13 -34.49
C1A CL0 FF . -20.22 40.66 -35.53
C2A CL0 FF . -20.92 39.54 -36.27
C3A CL0 FF . -22.40 39.84 -35.95
C4A CL0 FF . -22.26 40.52 -34.59
CMA CL0 FF . -22.98 40.74 -36.98
CAA CL0 FF . -20.49 38.21 -35.73
CBA CL0 FF . -21.08 37.07 -36.52
CGA CL0 FF . -20.79 35.77 -35.82
O1A CL0 FF . -21.33 34.68 -35.96
O2A CL0 FF . -19.76 35.86 -34.92
NB CL0 FF . -22.41 42.38 -32.22
C1B CL0 FF . -23.38 41.53 -32.63
C2B CL0 FF . -24.38 41.42 -31.54
C3B CL0 FF . -24.21 42.51 -30.73
C4B CL0 FF . -22.88 43.10 -31.10
CMB CL0 FF . -25.14 40.20 -31.29
CAB CL0 FF . -24.83 42.70 -29.44
CBB CL0 FF . -25.22 43.82 -28.84
NC CL0 FF . -20.32 44.42 -32.04
C1C CL0 FF . -21.08 44.80 -30.98
C2C CL0 FF . -20.48 45.98 -30.35
C3C CL0 FF . -19.37 46.32 -31.12
C4C CL0 FF . -19.32 45.37 -32.23
CMC CL0 FF . -21.06 46.71 -29.23
CAC CL0 FF . -18.34 47.32 -30.81
CBC CL0 FF . -18.49 48.58 -31.63
ND CL0 FF . -18.99 43.18 -34.18
C1D CL0 FF . -18.18 44.33 -34.13
C2D CL0 FF . -17.11 44.18 -35.14
C3D CL0 FF . -17.46 43.10 -35.93
C4D CL0 FF . -18.68 42.54 -35.31
CMD CL0 FF . -15.84 44.88 -35.04
CAD CL0 FF . -17.01 42.14 -36.92
OBD CL0 FF . -16.12 42.25 -37.75
CBD CL0 FF . -18.00 40.93 -36.88
CGD CL0 FF . -17.32 39.68 -36.43
O1D CL0 FF . -16.75 39.48 -35.36
O2D CL0 FF . -17.36 38.68 -37.35
CED CL0 FF . -16.61 37.51 -37.05
C1 CL0 FF . -18.66 34.96 -35.15
C2 CL0 FF . -17.69 35.21 -34.07
C3 CL0 FF . -16.38 34.90 -34.18
C4 CL0 FF . -15.82 34.27 -35.39
C5 CL0 FF . -15.44 35.15 -33.06
C6 CL0 FF . -15.85 36.32 -32.18
C7 CL0 FF . -14.70 37.29 -32.05
C8 CL0 FF . -13.70 36.86 -30.99
C9 CL0 FF . -14.13 37.37 -29.63
C10 CL0 FF . -12.32 37.39 -31.31
C11 CL0 FF . -11.37 36.30 -31.75
C12 CL0 FF . -11.22 35.22 -30.70
C13 CL0 FF . -9.93 34.42 -30.75
C14 CL0 FF . -9.19 34.47 -32.08
C15 CL0 FF . -10.21 32.96 -30.40
C16 CL0 FF . -11.12 32.31 -31.42
C17 CL0 FF . -11.57 30.95 -30.96
C18 CL0 FF . -12.72 30.34 -31.74
C19 CL0 FF . -13.49 31.29 -32.63
C20 CL0 FF . -12.30 29.11 -32.50
MG CLA GF . -38.64 37.56 -36.33
CHA CLA GF . -42.06 37.30 -36.81
CHB CLA GF . -38.50 39.97 -38.68
CHC CLA GF . -35.26 37.81 -35.82
CHD CLA GF . -38.66 34.43 -34.84
NA CLA GF . -40.09 38.54 -37.46
C1A CLA GF . -41.45 38.29 -37.54
C2A CLA GF . -42.13 39.47 -38.20
C3A CLA GF . -41.00 40.01 -39.09
C4A CLA GF . -39.76 39.56 -38.32
CMA CLA GF . -41.04 39.42 -40.47
CAA CLA GF . -42.55 40.45 -37.12
CBA CLA GF . -43.31 41.60 -37.71
CGA CLA GF . -42.39 42.77 -37.85
O1A CLA GF . -41.46 43.08 -37.11
O2A CLA GF . -42.66 43.54 -38.95
NB CLA GF . -37.22 38.85 -36.91
C1B CLA GF . -37.32 39.66 -37.97
C2B CLA GF . -36.16 40.58 -37.94
C3B CLA GF . -35.20 39.99 -37.13
C4B CLA GF . -35.86 38.80 -36.53
CMB CLA GF . -36.25 41.90 -38.52
CAB CLA GF . -33.80 40.29 -36.92
CBB CLA GF . -33.26 41.50 -36.75
NC CLA GF . -37.25 36.43 -35.28
C1C CLA GF . -35.92 36.66 -35.29
C2C CLA GF . -35.24 35.59 -34.59
C3C CLA GF . -36.22 34.69 -34.18
C4C CLA GF . -37.45 35.14 -34.80
CMC CLA GF . -33.87 35.68 -34.09
CAC CLA GF . -36.12 33.73 -33.08
CBC CLA GF . -36.18 32.30 -33.51
ND CLA GF . -40.00 36.17 -35.82
C1D CLA GF . -39.88 34.99 -35.07
C2D CLA GF . -41.19 34.35 -34.98
C3D CLA GF . -42.10 35.23 -35.55
C4D CLA GF . -41.29 36.36 -36.06
CMD CLA GF . -41.30 32.93 -34.67
CAD CLA GF . -43.45 35.43 -36.07
OBD CLA GF . -44.47 34.83 -35.77
CBD CLA GF . -43.49 36.86 -36.69
CGD CLA GF . -44.19 36.90 -38.02
O1D CLA GF . -43.70 36.78 -39.13
O2D CLA GF . -45.53 37.11 -37.96
CED CLA GF . -46.09 38.03 -38.89
C1 CLA GF . -41.98 43.25 -40.19
C2 CLA GF . -40.61 43.78 -40.03
C3 CLA GF . -39.60 43.56 -40.87
C4 CLA GF . -38.30 44.16 -40.56
C5 CLA GF . -39.75 42.75 -42.11
C6 CLA GF . -38.52 42.68 -43.00
C7 CLA GF . -38.61 43.63 -44.18
C8 CLA GF . -37.25 43.99 -44.74
C9 CLA GF . -36.48 44.88 -43.79
C10 CLA GF . -37.39 44.64 -46.10
C11 CLA GF . -36.16 44.39 -46.94
C12 CLA GF . -36.38 44.78 -48.39
C13 CLA GF . -35.07 44.72 -49.17
C14 CLA GF . -35.12 45.66 -50.35
C15 CLA GF . -34.76 43.29 -49.63
MG CLA HF . -17.77 31.20 -31.52
CHA CLA HF . -18.41 34.04 -29.68
CHB CLA HF . -15.42 30.38 -29.22
CHC CLA HF . -17.41 28.16 -33.07
CHD CLA HF . -20.66 31.82 -33.41
NA CLA HF . -16.84 32.23 -29.96
C1A CLA HF . -17.37 33.28 -29.21
C2A CLA HF . -16.41 33.67 -28.11
C3A CLA HF . -15.20 32.74 -28.34
C4A CLA HF . -15.78 31.70 -29.29
CMA CLA HF . -14.04 33.46 -28.95
CAA CLA HF . -17.02 33.42 -26.74
CBA CLA HF . -16.48 34.39 -25.71
CGA CLA HF . -15.52 33.63 -24.87
O1A CLA HF . -15.08 32.50 -25.07
O2A CLA HF . -15.12 34.31 -23.76
NB CLA HF . -16.54 29.62 -31.27
C1B CLA HF . -15.82 29.40 -30.15
C2B CLA HF . -15.30 28.01 -30.15
C3B CLA HF . -15.93 27.38 -31.19
C4B CLA HF . -16.60 28.41 -31.99
CMB CLA HF . -14.05 27.68 -29.47
CAB CLA HF . -16.25 25.99 -31.40
CBB CLA HF . -15.71 24.93 -30.81
NC CLA HF . -18.85 30.17 -32.96
C1C CLA HF . -18.49 28.97 -33.51
C2C CLA HF . -19.15 28.82 -34.80
C3C CLA HF . -19.92 29.97 -34.98
C4C CLA HF . -19.93 30.65 -33.70
CMC CLA HF . -19.23 27.56 -35.54
CAC CLA HF . -20.78 30.30 -36.12
CBC CLA HF . -20.03 31.00 -37.20
ND CLA HF . -19.12 32.68 -31.73
C1D CLA HF . -20.36 32.70 -32.41
C2D CLA HF . -21.07 33.94 -32.08
C3D CLA HF . -20.36 34.51 -31.03
C4D CLA HF . -19.15 33.69 -30.87
CMD CLA HF . -22.40 34.26 -32.57
CAD CLA HF . -20.46 35.37 -29.87
OBD CLA HF . -21.47 35.81 -29.33
CBD CLA HF . -19.14 35.20 -29.08
CGD CLA HF . -18.31 36.46 -29.11
O1D CLA HF . -18.25 37.32 -29.97
O2D CLA HF . -17.55 36.62 -28.00
CED CLA HF . -17.44 37.95 -27.49
C1 CLA HF . -14.19 33.65 -22.88
C2 CLA HF . -14.96 32.82 -21.94
C3 CLA HF . -14.70 32.73 -20.64
C4 CLA HF . -13.58 33.48 -20.01
C5 CLA HF . -15.51 31.88 -19.75
C6 CLA HF . -14.87 30.54 -19.47
C7 CLA HF . -15.91 29.45 -19.37
C8 CLA HF . -15.27 28.08 -19.24
C9 CLA HF . -16.21 27.01 -19.76
C10 CLA HF . -14.94 27.79 -17.78
C11 CLA HF . -16.13 27.85 -16.87
C12 CLA HF . -16.04 26.79 -15.80
C13 CLA HF . -16.27 27.36 -14.40
C14 CLA HF . -15.17 28.35 -14.05
C15 CLA HF . -16.32 26.25 -13.37
C16 CLA HF . -17.56 26.31 -12.50
C17 CLA HF . -17.27 26.93 -11.16
C18 CLA HF . -18.31 26.55 -10.12
C19 CLA HF . -18.32 25.05 -9.89
C20 CLA HF . -18.04 27.27 -8.81
MG CLA IF . -29.47 30.97 -65.55
CHA CLA IF . -31.37 28.74 -67.40
CHB CLA IF . -26.78 30.12 -67.42
CHC CLA IF . -27.35 32.50 -63.36
CHD CLA IF . -31.92 30.86 -63.05
NA CLA IF . -29.21 29.86 -67.30
C1A CLA IF . -30.18 29.09 -67.97
C2A CLA IF . -29.54 28.39 -69.17
C3A CLA IF . -28.02 28.53 -68.90
C4A CLA IF . -27.96 29.48 -67.71
CMA CLA IF . -27.39 27.21 -68.56
CAA CLA IF . -29.96 29.03 -70.48
CBA CLA IF . -29.40 30.41 -70.72
CGA CLA IF . -30.32 31.17 -71.63
O1A CLA IF . -31.26 30.73 -72.28
O2A CLA IF . -30.03 32.50 -71.70
NB CLA IF . -27.57 31.62 -65.66
C1B CLA IF . -26.68 31.24 -66.60
C2B CLA IF . -25.38 31.94 -66.35
C3B CLA IF . -25.47 32.46 -65.08
C4B CLA IF . -26.85 32.19 -64.59
CMB CLA IF . -24.20 31.65 -67.17
CAB CLA IF . -24.46 33.04 -64.24
CBB CLA IF . -23.63 34.03 -64.57
NC CLA IF . -29.74 31.87 -63.69
C1C CLA IF . -28.72 32.45 -62.97
C2C CLA IF . -29.20 32.80 -61.64
C3C CLA IF . -30.49 32.30 -61.54
C4C CLA IF . -30.81 31.69 -62.82
CMC CLA IF . -28.50 33.68 -60.71
CAC CLA IF . -31.40 32.40 -60.38
CBC CLA IF . -31.27 31.23 -59.44
ND CLA IF . -31.34 30.24 -65.34
C1D CLA IF . -32.27 30.34 -64.28
C2D CLA IF . -33.48 29.56 -64.63
C3D CLA IF . -33.25 29.06 -65.90
C4D CLA IF . -31.82 29.34 -66.19
CMD CLA IF . -34.69 29.50 -63.82
CAD CLA IF . -33.74 28.22 -66.97
OBD CLA IF . -34.91 27.97 -67.25
CBD CLA IF . -32.58 28.05 -67.98
CGD CLA IF . -32.33 26.60 -68.31
O1D CLA IF . -32.66 26.00 -69.34
O2D CLA IF . -31.68 25.91 -67.35
CED CLA IF . -31.30 24.56 -67.65
C1 CLA IF . -29.60 32.97 -72.99
C2 CLA IF . -29.86 34.43 -73.04
C3 CLA IF . -28.99 35.36 -72.59
C4 CLA IF . -27.69 34.99 -72.00
C5 CLA IF . -29.32 36.80 -72.68
C6 CLA IF . -29.67 37.39 -71.33
C7 CLA IF . -30.52 38.62 -71.48
C8 CLA IF . -31.21 39.02 -70.18
C9 CLA IF . -30.18 39.38 -69.13
C10 CLA IF . -32.10 37.90 -69.67
MG CLA JF . -19.38 24.86 -63.84
CHA CLA JF . -15.96 25.21 -63.69
CHB CLA JF . -19.70 28.23 -64.15
CHC CLA JF . -22.75 24.45 -64.25
CHD CLA JF . -18.98 21.38 -63.68
NA CLA JF . -18.04 26.45 -63.82
C1A CLA JF . -16.64 26.39 -63.78
C2A CLA JF . -16.05 27.75 -64.10
C3A CLA JF . -17.24 28.67 -63.83
C4A CLA JF . -18.42 27.73 -64.07
CMA CLA JF . -17.23 29.15 -62.40
CAA CLA JF . -15.59 27.80 -65.55
CBA CLA JF . -14.40 28.71 -65.71
CGA CLA JF . -14.88 30.13 -65.75
O1A CLA JF . -15.71 30.60 -66.54
O2A CLA JF . -14.37 30.97 -64.79
NB CLA JF . -20.90 26.09 -64.35
C1B CLA JF . -20.86 27.44 -64.31
C2B CLA JF . -22.20 27.99 -64.67
C3B CLA JF . -23.07 26.93 -64.64
C4B CLA JF . -22.25 25.69 -64.49
CMB CLA JF . -22.47 29.42 -64.69
CAB CLA JF . -24.49 26.91 -64.47
CBB CLA JF . -25.38 27.43 -65.32
NC CLA JF . -20.63 23.20 -63.96
C1C CLA JF . -21.99 23.28 -63.99
C2C CLA JF . -22.53 22.06 -63.40
C3C CLA JF . -21.46 21.22 -63.15
C4C CLA JF . -20.29 21.88 -63.69
CMC CLA JF . -23.94 21.69 -63.48
CAC CLA JF . -21.60 19.78 -62.90
CBC CLA JF . -21.03 19.33 -61.58
ND CLA JF . -17.89 23.56 -63.46
C1D CLA JF . -17.85 22.14 -63.48
C2D CLA JF . -16.44 21.71 -63.44
C3D CLA JF . -15.71 22.86 -63.22
C4D CLA JF . -16.63 23.97 -63.44
CMD CLA JF . -16.00 20.33 -63.38
CAD CLA JF . -14.37 23.42 -63.13
OBD CLA JF . -13.30 22.84 -63.14
CBD CLA JF . -14.50 24.94 -63.42
CGD CLA JF . -14.01 25.77 -62.26
O1D CLA JF . -13.51 26.89 -62.29
O2D CLA JF . -14.15 25.16 -61.06
CED CLA JF . -13.09 25.30 -60.12
C1 CLA JF . -13.04 30.76 -64.25
C2 CLA JF . -12.08 31.56 -65.05
C3 CLA JF . -11.93 32.89 -64.95
C4 CLA JF . -12.72 33.73 -64.03
C5 CLA JF . -10.93 33.60 -65.80
C6 CLA JF . -11.49 34.84 -66.47
C7 CLA JF . -10.48 35.44 -67.43
C8 CLA JF . -10.51 36.96 -67.48
C9 CLA JF . -11.92 37.46 -67.72
C10 CLA JF . -9.59 37.48 -68.58
MG CLA KF . -19.01 33.50 -60.37
CHA CLA KF . -22.33 32.56 -60.41
CHB CLA KF . -18.16 30.47 -59.21
CHC CLA KF . -15.72 34.38 -60.72
CHD CLA KF . -19.95 36.64 -61.62
NA CLA KF . -20.07 31.72 -60.11
C1A CLA KF . -21.46 31.53 -60.23
C2A CLA KF . -21.82 30.11 -59.79
C3A CLA KF . -20.51 29.61 -59.11
C4A CLA KF . -19.47 30.59 -59.64
CMA CLA KF . -20.59 29.66 -57.61
CAA CLA KF . -22.15 29.25 -60.99
CBA CLA KF . -23.63 28.95 -61.13
CGA CLA KF . -24.08 27.79 -60.31
O1A CLA KF . -24.06 26.60 -60.60
O2A CLA KF . -24.57 28.15 -59.08
NB CLA KF . -17.26 32.55 -60.15
C1B CLA KF . -17.12 31.33 -59.59
C2B CLA KF . -15.67 30.96 -59.59
C3B CLA KF . -14.98 32.13 -59.83
C4B CLA KF . -15.98 33.14 -60.25
CMB CLA KF . -15.19 29.69 -59.06
CAB CLA KF . -13.58 32.37 -59.96
CBB CLA KF . -12.74 31.69 -60.75
NC CLA KF . -18.03 35.28 -60.82
C1C CLA KF . -16.68 35.42 -60.91
C2C CLA KF . -16.36 36.84 -61.04
C3C CLA KF . -17.58 37.47 -61.31
C4C CLA KF . -18.59 36.43 -61.37
CMC CLA KF . -15.01 37.37 -61.21
CAC CLA KF . -17.79 38.90 -61.55
CBC CLA KF . -18.31 39.62 -60.34
ND CLA KF . -20.72 34.51 -60.72
C1D CLA KF . -20.96 35.84 -61.15
C2D CLA KF . -22.42 36.06 -61.23
C3D CLA KF . -23.00 34.83 -60.93
C4D CLA KF . -21.89 33.88 -60.76
CMD CLA KF . -23.05 37.34 -61.49
CAD CLA KF . -24.23 34.07 -60.94
OBD CLA KF . -25.32 34.38 -61.39
CBD CLA KF . -23.83 32.58 -60.65
CGD CLA KF . -24.59 32.03 -59.49
O1D CLA KF . -25.51 31.21 -59.51
O2D CLA KF . -24.19 32.51 -58.27
CED CLA KF . -24.42 31.70 -57.12
C1 CLA KF . -23.78 27.76 -57.94
C2 CLA KF . -24.73 27.54 -56.82
C3 CLA KF . -24.42 27.77 -55.54
C4 CLA KF . -25.40 27.51 -54.45
C5 CLA KF . -23.09 28.30 -55.13
C6 CLA KF . -23.18 29.45 -54.15
C7 CLA KF . -21.88 30.21 -54.12
C8 CLA KF . -21.87 31.36 -53.12
C9 CLA KF . -23.08 32.25 -53.33
C10 CLA KF . -20.62 32.22 -53.22
C11 CLA KF . -19.35 31.44 -53.50
C12 CLA KF . -18.23 32.32 -54.00
C13 CLA KF . -17.90 32.05 -55.46
C14 CLA KF . -16.46 32.38 -55.75
C15 CLA KF . -18.81 32.81 -56.42
C16 CLA KF . -18.80 34.30 -56.13
C17 CLA KF . -19.58 35.07 -57.17
C18 CLA KF . -20.80 35.77 -56.58
C19 CLA KF . -21.19 36.98 -57.40
C20 CLA KF . -21.96 34.81 -56.48
MG CLA LF . -21.53 50.96 -64.96
CHA CLA LF . -22.43 54.17 -64.08
CHB CLA LF . -21.87 50.03 -61.70
CHC CLA LF . -20.50 47.82 -65.81
CHD CLA LF . -20.82 52.08 -68.21
NA CLA LF . -22.15 51.94 -63.22
C1A CLA LF . -22.69 53.22 -63.13
C2A CLA LF . -23.26 53.48 -61.74
C3A CLA LF . -22.82 52.22 -60.94
C4A CLA LF . -22.15 51.34 -61.99
CMA CLA LF . -21.88 52.56 -59.82
CAA CLA LF . -24.78 53.61 -61.77
CBA CLA LF . -25.43 52.58 -62.69
CGA CLA LF . -26.92 52.76 -62.67
O1A CLA LF . -27.60 53.44 -61.91
O2A CLA LF . -27.55 52.04 -63.65
NB CLA LF . -21.32 49.22 -63.95
C1B CLA LF . -21.36 49.09 -62.61
C2B CLA LF . -21.06 47.68 -62.23
C3B CLA LF . -20.77 47.03 -63.41
C4B CLA LF . -20.75 48.04 -64.49
CMB CLA LF . -21.46 47.14 -60.94
CAB CLA LF . -20.45 45.65 -63.66
CBB CLA LF . -19.57 44.93 -62.96
NC CLA LF . -20.75 50.11 -66.70
C1C CLA LF . -20.29 48.83 -66.79
C2C CLA LF . -19.92 48.55 -68.16
C3C CLA LF . -19.96 49.76 -68.84
C4C CLA LF . -20.46 50.76 -67.89
CMC CLA LF . -19.81 47.21 -68.74
CAC CLA LF . -19.58 50.01 -70.24
CBC CLA LF . -20.74 49.99 -71.19
ND CLA LF . -21.58 52.70 -65.97
C1D CLA LF . -21.19 53.04 -67.29
C2D CLA LF . -21.56 54.46 -67.53
C3D CLA LF . -22.00 54.94 -66.32
C4D CLA LF . -21.89 53.83 -65.35
CMD CLA LF . -21.62 55.07 -68.85
CAD CLA LF . -22.42 56.12 -65.57
OBD CLA LF . -22.56 57.28 -65.95
CBD CLA LF . -22.74 55.64 -64.13
CGD CLA LF . -21.97 56.40 -63.08
O1D CLA LF . -20.96 56.04 -62.47
O2D CLA LF . -22.47 57.64 -62.80
CED CLA LF . -21.58 58.75 -62.94
C1 CLA LF . -28.98 52.14 -63.71
C2 CLA LF . -29.46 50.91 -64.40
C3 CLA LF . -30.75 50.70 -64.72
C4 CLA LF . -31.81 51.67 -64.41
C5 CLA LF . -31.17 49.44 -65.41
C6 CLA LF . -32.19 48.66 -64.62
C7 CLA LF . -32.88 47.62 -65.48
C8 CLA LF . -31.95 46.49 -65.88
C9 CLA LF . -32.67 45.50 -66.77
C10 CLA LF . -31.38 45.78 -64.66
MG CLA MF . -19.21 49.80 -54.63
CHA CLA MF . -16.22 48.86 -56.12
CHB CLA MF . -20.77 49.25 -57.60
CHC CLA MF . -22.13 50.82 -53.20
CHD CLA MF . -17.48 50.40 -51.64
NA CLA MF . -18.57 49.18 -56.51
C1A CLA MF . -17.36 48.56 -56.81
C2A CLA MF . -17.44 47.90 -58.18
C3A CLA MF . -18.69 48.59 -58.81
C4A CLA MF . -19.38 49.22 -57.61
CMA CLA MF . -18.32 49.67 -59.79
CAA CLA MF . -17.53 46.38 -58.05
CBA CLA MF . -18.87 45.85 -57.56
CGA CLA MF . -19.12 44.47 -58.07
O1A CLA MF . -18.88 44.01 -59.18
O2A CLA MF . -19.75 43.67 -57.15
NB CLA MF . -21.12 49.88 -55.24
C1B CLA MF . -21.56 49.57 -56.48
C2B CLA MF . -22.98 49.99 -56.62
C3B CLA MF . -23.41 50.31 -55.35
C4B CLA MF . -22.19 50.42 -54.50
CMB CLA MF . -23.74 49.71 -57.84
CAB CLA MF . -24.72 50.49 -54.81
CBB CLA MF . -25.68 51.28 -55.31
NC CLA MF . -19.69 50.56 -52.76
C1C CLA MF . -20.95 50.95 -52.40
C2C CLA MF . -20.95 51.28 -50.98
C3C CLA MF . -19.61 51.29 -50.58
C4C CLA MF . -18.87 50.64 -51.65
CMC CLA MF . -22.13 51.16 -50.13
CAC CLA MF . -19.07 51.73 -49.29
CBC CLA MF . -18.42 53.10 -49.37
ND CLA MF . -17.29 49.86 -54.02
C1D CLA MF . -16.71 50.16 -52.76
C2D CLA MF . -15.26 49.86 -52.82
C3D CLA MF . -15.00 49.45 -54.12
C4D CLA MF . -16.31 49.42 -54.80
CMD CLA MF . -14.39 49.78 -51.65
CAD CLA MF . -14.02 48.85 -55.01
OBD CLA MF . -12.90 48.45 -54.75
CBD CLA MF . -14.80 48.38 -56.28
CGD CLA MF . -14.16 48.90 -57.54
O1D CLA MF . -13.13 48.48 -58.07
O2D CLA MF . -14.82 49.94 -58.11
CED CLA MF . -14.51 50.25 -59.48
C1 CLA MF . -20.17 42.36 -57.59
C2 CLA MF . -21.64 42.30 -57.40
C3 CLA MF . -22.24 41.62 -56.40
C4 CLA MF . -23.72 41.60 -56.26
C5 CLA MF . -21.45 40.86 -55.40
MG CLA NF . -27.89 54.65 -53.13
CHA CLA NF . -25.96 54.80 -56.00
CHB CLA NF . -30.44 55.95 -54.89
CHC CLA NF . -29.60 55.23 -50.22
CHD CLA NF . -24.95 54.20 -51.26
NA CLA NF . -28.24 54.89 -55.18
C1A CLA NF . -27.31 54.77 -56.23
C2A CLA NF . -27.96 55.16 -57.56
C3A CLA NF . -29.36 55.68 -57.15
C4A CLA NF . -29.35 55.55 -55.63
CMA CLA NF . -29.58 57.10 -57.58
CAA CLA NF . -28.09 54.01 -58.55
CBA CLA NF . -27.97 52.64 -57.92
CGA CLA NF . -27.15 51.77 -58.82
O1A CLA NF . -25.97 51.89 -59.14
O2A CLA NF . -27.85 50.70 -59.33
NB CLA NF . -29.79 55.09 -52.68
C1B CLA NF . -30.70 55.61 -53.55
C2B CLA NF . -31.89 56.11 -52.80
C3B CLA NF . -31.72 55.69 -51.50
C4B CLA NF . -30.32 55.24 -51.38
CMB CLA NF . -32.77 57.15 -53.33
CAB CLA NF . -32.66 55.56 -50.42
CBB CLA NF . -33.32 56.57 -49.85
NC CLA NF . -27.39 54.54 -51.11
C1C CLA NF . -28.27 54.75 -50.10
C2C CLA NF . -27.62 54.43 -48.83
C3C CLA NF . -26.28 54.20 -49.12
C4C CLA NF . -26.12 54.45 -50.55
CMC CLA NF . -28.34 54.04 -47.62
CAC CLA NF . -25.19 54.04 -48.15
CBC CLA NF . -24.79 52.59 -47.98
ND CLA NF . -25.94 54.34 -53.50
C1D CLA NF . -24.84 54.15 -52.62
C2D CLA NF . -23.59 54.21 -53.40
C3D CLA NF . -23.95 54.42 -54.71
C4D CLA NF . -25.41 54.64 -54.69
CMD CLA NF . -22.31 54.41 -52.75
CAD CLA NF . -23.55 54.26 -56.08
OBD CLA NF . -22.44 54.07 -56.55
CBD CLA NF . -24.80 54.61 -56.95
CGD CLA NF . -24.54 55.84 -57.78
O1D CLA NF . -24.56 57.01 -57.41
O2D CLA NF . -24.23 55.57 -59.08
CED CLA NF . -23.34 56.47 -59.74
C1 CLA NF . -27.08 49.57 -59.76
C2 CLA NF . -27.02 49.61 -61.24
C3 CLA NF . -26.17 48.87 -61.98
C4 CLA NF . -25.19 47.95 -61.36
C5 CLA NF . -26.16 48.96 -63.46
MG CLA OF . -14.87 27.00 -80.95
CHA CLA OF . -15.74 25.10 -83.71
CHB CLA OF . -14.12 24.14 -79.28
CHC CLA OF . -14.24 28.87 -78.14
CHD CLA OF . -16.57 29.72 -82.37
NA CLA OF . -14.73 25.01 -81.50
C1A CLA OF . -15.03 24.45 -82.74
C2A CLA OF . -14.53 23.00 -82.79
C3A CLA OF . -14.40 22.65 -81.28
C4A CLA OF . -14.51 24.00 -80.60
CMA CLA OF . -15.48 21.71 -80.82
CAA CLA OF . -13.21 22.92 -83.56
CBA CLA OF . -12.00 22.71 -82.67
CGA CLA OF . -10.76 22.78 -83.51
O1A CLA OF . -10.43 22.06 -84.47
O2A CLA OF . -9.91 23.78 -83.13
NB CLA OF . -14.21 26.60 -79.09
C1B CLA OF . -13.98 25.36 -78.59
C2B CLA OF . -13.32 25.49 -77.26
C3B CLA OF . -13.34 26.83 -76.95
C4B CLA OF . -14.03 27.54 -78.06
CMB CLA OF . -12.55 24.41 -76.67
CAB CLA OF . -12.85 27.53 -75.79
CBB CLA OF . -13.16 27.24 -74.53
NC CLA OF . -15.21 29.00 -80.43
C1C CLA OF . -14.79 29.56 -79.26
C2C CLA OF . -15.07 31.00 -79.30
C3C CLA OF . -15.71 31.24 -80.52
C4C CLA OF . -15.96 29.94 -81.11
CMC CLA OF . -14.66 31.95 -78.27
CAC CLA OF . -15.91 32.54 -81.16
CBC CLA OF . -17.32 33.04 -81.04
ND CLA OF . -15.68 27.47 -82.74
C1D CLA OF . -16.33 28.64 -83.19
C2D CLA OF . -16.82 28.40 -84.57
C3D CLA OF . -16.51 27.09 -84.86
C4D CLA OF . -16.00 26.51 -83.60
CMD CLA OF . -17.29 29.46 -85.46
CAD CLA OF . -16.39 26.07 -85.88
OBD CLA OF . -16.76 26.12 -87.06
CBD CLA OF . -16.04 24.74 -85.15
CGD CLA OF . -17.16 23.75 -85.27
O1D CLA OF . -18.27 23.92 -85.81
O2D CLA OF . -16.90 22.53 -84.73
CED CLA OF . -16.63 21.46 -85.63
MG CLA PF . -30.17 29.16 -74.80
CHA CLA PF . -31.45 26.27 -73.40
CHB CLA PF . -33.06 29.57 -76.53
CHC CLA PF . -28.82 31.92 -76.36
CHD CLA PF . -26.97 28.27 -73.65
NA CLA PF . -32.03 28.22 -74.75
C1A CLA PF . -32.37 27.05 -74.04
C2A CLA PF . -33.81 26.66 -74.34
C3A CLA PF . -34.23 27.61 -75.49
C4A CLA PF . -32.98 28.48 -75.69
CMA CLA PF . -34.58 26.84 -76.74
CAA CLA PF . -34.70 26.86 -73.14
CBA CLA PF . -34.94 28.31 -72.79
CGA CLA PF . -34.22 28.64 -71.54
O1A CLA PF . -33.08 28.32 -71.24
O2A CLA PF . -34.96 29.38 -70.65
NB CLA PF . -30.86 30.57 -76.06
C1B CLA PF . -32.08 30.58 -76.65
C2B CLA PF . -32.35 31.94 -77.16
C3B CLA PF . -31.16 32.64 -77.08
C4B CLA PF . -30.16 31.71 -76.49
CMB CLA PF . -33.68 32.40 -77.56
CAB CLA PF . -30.79 33.88 -77.72
CBB CLA PF . -30.40 34.98 -77.07
NC CLA PF . -28.24 29.94 -74.98
C1C CLA PF . -27.94 31.14 -75.55
C2C CLA PF . -26.74 31.67 -74.93
C3C CLA PF . -26.19 30.63 -74.16
C4C CLA PF . -27.10 29.49 -74.32
CMC CLA PF . -26.12 32.93 -75.29
CAC CLA PF . -24.93 30.64 -73.43
CBC CLA PF . -25.11 30.87 -71.95
ND CLA PF . -29.36 27.73 -73.64
C1D CLA PF . -28.02 27.46 -73.28
C2D CLA PF . -28.01 26.28 -72.37
C3D CLA PF . -29.32 25.82 -72.34
C4D CLA PF . -30.08 26.67 -73.29
CMD CLA PF . -26.80 25.64 -71.87
CAD CLA PF . -30.20 24.77 -71.89
OBD CLA PF . -30.03 23.98 -70.96
CBD CLA PF . -31.60 25.09 -72.46
CGD CLA PF . -32.24 23.91 -73.13
O1D CLA PF . -32.55 23.77 -74.32
O2D CLA PF . -32.49 22.87 -72.28
CED CLA PF . -33.85 22.63 -71.90
C1 CLA PF . -34.77 30.81 -70.62
C2 CLA PF . -33.58 31.07 -69.76
C3 CLA PF . -33.23 32.26 -69.27
C4 CLA PF . -34.03 33.48 -69.52
C5 CLA PF . -32.01 32.37 -68.42
C6 CLA PF . -31.30 33.71 -68.48
C7 CLA PF . -30.50 33.92 -67.22
C8 CLA PF . -29.23 34.73 -67.47
C9 CLA PF . -28.29 33.97 -68.38
C10 CLA PF . -28.54 35.07 -66.17
C11 CLA PF . -27.36 36.00 -66.38
MG CLA QF . -5.00 22.29 -81.03
CHA CLA QF . -7.68 20.12 -80.77
CHB CLA QF . -2.95 19.57 -81.26
CHC CLA QF . -2.30 24.25 -80.40
CHD CLA QF . -7.10 24.93 -80.04
NA CLA QF . -5.32 20.23 -81.23
C1A CLA QF . -6.55 19.55 -81.25
C2A CLA QF . -6.33 18.05 -81.43
C3A CLA QF . -4.81 17.88 -81.24
C4A CLA QF . -4.30 19.32 -81.15
CMA CLA QF . -4.49 17.09 -79.99
CAA CLA QF . -6.79 17.57 -82.81
CBA CLA QF . -6.44 18.54 -83.92
CGA CLA QF . -7.69 19.18 -84.43
O1A CLA QF . -7.92 20.38 -84.64
O2A CLA QF . -8.68 18.27 -84.70
NB CLA QF . -3.01 22.04 -81.22
C1B CLA QF . -2.37 20.84 -81.22
C2B CLA QF . -0.89 21.06 -81.27
C3B CLA QF . -0.70 22.41 -81.12
C4B CLA QF . -2.04 23.03 -80.93
CMB CLA QF . 0.03 20.04 -81.77
CAB CLA QF . 0.53 23.13 -80.92
CBB CLA QF . 0.95 24.17 -81.64
NC CLA QF . -4.76 24.32 -80.64
C1C CLA QF . -3.56 24.89 -80.32
C2C CLA QF . -3.75 26.32 -80.11
C3C CLA QF . -5.12 26.52 -79.98
C4C CLA QF . -5.75 25.24 -80.28
CMC CLA QF . -2.68 27.31 -80.05
CAC CLA QF . -5.81 27.74 -79.54
CBC CLA QF . -6.50 28.47 -80.68
ND CLA QF . -6.97 22.57 -80.67
C1D CLA QF . -7.67 23.68 -80.14
C2D CLA QF . -9.09 23.31 -80.00
C3D CLA QF . -9.18 21.98 -80.35
C4D CLA QF . -7.79 21.53 -80.57
CMD CLA QF . -10.16 24.26 -79.71
CAD CLA QF . -10.02 20.79 -80.33
OBD CLA QF . -11.21 20.68 -80.12
CBD CLA QF . -9.09 19.59 -80.71
CGD CLA QF . -9.25 18.45 -79.74
O1D CLA QF . -8.44 18.06 -78.90
O2D CLA QF . -10.44 17.82 -79.84
CED CLA QF . -10.85 16.97 -78.76
C1 CLA QF . -8.75 17.77 -86.04
MG CLA RF . -10.50 24.86 -73.57
CHA CLA RF . -12.61 25.70 -70.98
CHB CLA RF . -8.80 27.77 -73.10
CHC CLA RF . -8.35 23.92 -76.05
CHD CLA RF . -12.07 21.72 -73.79
NA CLA RF . -10.79 26.52 -72.34
C1A CLA RF . -11.64 26.64 -71.24
C2A CLA RF . -11.59 28.08 -70.70
C3A CLA RF . -10.61 28.78 -71.64
C4A CLA RF . -9.97 27.61 -72.39
CMA CLA RF . -11.31 29.73 -72.57
CAA CLA RF . -11.09 28.10 -69.26
CBA CLA RF . -11.70 29.25 -68.48
CGA CLA RF . -10.66 30.30 -68.22
O1A CLA RF . -9.92 30.42 -67.24
O2A CLA RF . -10.56 31.21 -69.24
NB CLA RF . -8.89 25.70 -74.43
C1B CLA RF . -8.28 26.84 -74.02
C2B CLA RF . -7.20 27.19 -74.99
C3B CLA RF . -7.01 26.07 -75.77
C4B CLA RF . -8.15 25.16 -75.50
CMB CLA RF . -6.86 28.59 -75.25
CAB CLA RF . -5.88 25.64 -76.56
CBB CLA RF . -4.63 26.11 -76.49
NC CLA RF . -10.17 23.08 -74.61
C1C CLA RF . -9.17 22.89 -75.52
C2C CLA RF . -9.18 21.50 -75.95
C3C CLA RF . -10.26 20.88 -75.35
C4C CLA RF . -10.85 21.88 -74.47
CMC CLA RF . -8.36 20.98 -77.04
CAC CLA RF . -10.99 19.73 -75.90
CBC CLA RF . -10.57 18.40 -75.31
ND CLA RF . -12.03 23.90 -72.69
C1D CLA RF . -12.51 22.57 -72.79
C2D CLA RF . -13.70 22.43 -71.94
C3D CLA RF . -13.73 23.57 -71.16
C4D CLA RF . -12.64 24.43 -71.63
CMD CLA RF . -14.79 21.49 -72.18
CAD CLA RF . -14.58 24.38 -70.32
OBD CLA RF . -15.77 24.25 -70.11
CBD CLA RF . -13.80 25.70 -70.04
CGD CLA RF . -14.67 26.91 -70.26
O1D CLA RF . -14.72 27.93 -69.58
O2D CLA RF . -15.46 26.84 -71.36
CED CLA RF . -15.70 28.06 -72.05
C1 CLA RF . -9.58 32.26 -69.08
C2 CLA RF . -8.82 32.37 -70.35
C3 CLA RF . -9.27 33.02 -71.44
C4 CLA RF . -10.57 33.71 -71.47
C5 CLA RF . -8.43 33.09 -72.67
C6 CLA RF . -9.16 32.66 -73.92
C7 CLA RF . -8.17 32.42 -75.05
C8 CLA RF . -8.82 32.38 -76.42
C9 CLA RF . -9.90 31.33 -76.50
C10 CLA RF . -7.78 32.15 -77.51
MG CLA SF . -0.24 43.46 -74.09
CHA CLA SF . -1.21 46.78 -74.17
CHB CLA SF . -2.43 42.88 -71.59
CHC CLA SF . 0.65 40.16 -74.17
CHD CLA SF . 2.53 44.27 -76.10
NA CLA SF . -1.71 44.62 -73.18
C1A CLA SF . -2.04 45.96 -73.44
C2A CLA SF . -3.13 46.43 -72.47
C3A CLA SF . -3.38 45.21 -71.56
C4A CLA SF . -2.43 44.16 -72.11
CMA CLA SF . -3.08 45.52 -70.12
CAA CLA SF . -4.40 46.85 -73.20
CBA CLA SF . -5.09 45.74 -73.97
CGA CLA SF . -6.16 46.35 -74.82
O1A CLA SF . -6.74 47.43 -74.64
O2A CLA SF . -6.53 45.60 -75.89
NB CLA SF . -0.90 41.80 -73.17
C1B CLA SF . -1.79 41.77 -72.15
C2B CLA SF . -1.99 40.37 -71.70
C3B CLA SF . -1.04 39.61 -72.34
C4B CLA SF . -0.30 40.52 -73.27
CMB CLA SF . -3.04 39.97 -70.77
CAB CLA SF . -0.73 38.21 -72.22
CBB CLA SF . -1.55 37.21 -72.54
NC CLA SF . 1.35 42.41 -74.94
C1C CLA SF . 1.46 41.05 -74.93
C2C CLA SF . 2.65 40.66 -75.68
C3C CLA SF . 3.21 41.82 -76.20
C4C CLA SF . 2.32 42.91 -75.81
CMC CLA SF . 3.04 39.27 -75.94
CAC CLA SF . 4.54 41.96 -76.80
CBC CLA SF . 4.49 42.08 -78.31
ND CLA SF . 0.56 45.11 -74.94
C1D CLA SF . 1.62 45.27 -75.87
C2D CLA SF . 1.66 46.68 -76.30
C3D CLA SF . 0.66 47.33 -75.60
C4D CLA SF . -0.01 46.30 -74.78
CMD CLA SF . 2.69 47.26 -77.15
CAD CLA SF . -0.10 48.56 -75.47
OBD CLA SF . -0.08 49.55 -76.19
CBD CLA SF . -1.30 48.24 -74.52
CGD CLA SF . -1.29 49.11 -73.30
O1D CLA SF . -2.23 49.76 -72.84
O2D CLA SF . -0.10 49.14 -72.65
CED CLA SF . -0.15 49.09 -71.23
C1 CLA SF . -7.22 46.28 -76.96
C2 CLA SF . -8.05 45.27 -77.66
C3 CLA SF . -9.11 45.58 -78.43
C4 CLA SF . -9.91 44.53 -79.11
C5 CLA SF . -9.54 46.99 -78.62
MG CLA TF . 10.58 39.36 -77.47
CHA CLA TF . 12.38 41.44 -79.54
CHB CLA TF . 7.83 40.02 -79.33
CHC CLA TF . 8.79 37.36 -75.39
CHD CLA TF . 13.31 39.26 -75.25
NA CLA TF . 10.28 40.24 -79.34
C1A CLA TF . 11.20 41.01 -80.07
C2A CLA TF . 10.57 41.53 -81.35
C3A CLA TF . 9.05 41.31 -81.10
C4A CLA TF . 9.04 40.35 -79.90
CMA CLA TF . 8.34 42.60 -80.75
CAA CLA TF . 11.05 40.74 -82.54
CBA CLA TF . 11.81 41.62 -83.53
CGA CLA TF . 10.94 42.77 -83.93
O1A CLA TF . 9.73 42.79 -84.15
O2A CLA TF . 11.64 43.94 -84.07
NB CLA TF . 8.66 38.76 -77.41
C1B CLA TF . 7.66 39.20 -78.20
C2B CLA TF . 6.47 38.33 -77.99
C3B CLA TF . 6.71 37.59 -76.85
C4B CLA TF . 8.09 37.93 -76.41
CMB CLA TF . 5.39 38.23 -78.98
CAB CLA TF . 5.82 36.89 -75.97
CBB CLA TF . 4.96 35.92 -76.31
NC CLA TF . 10.91 38.63 -75.55
C1C CLA TF . 10.03 37.83 -74.88
C2C CLA TF . 10.67 37.28 -73.70
C3C CLA TF . 12.02 37.60 -73.80
C4C CLA TF . 12.12 38.61 -74.85
CMC CLA TF . 10.03 36.34 -72.79
CAC CLA TF . 13.10 37.23 -72.87
CBC CLA TF . 13.92 36.07 -73.36
ND CLA TF . 12.48 40.04 -77.40
C1D CLA TF . 13.44 40.04 -76.37
C2D CLA TF . 14.64 40.74 -76.87
C3D CLA TF . 14.25 41.41 -78.01
C4D CLA TF . 12.93 40.85 -78.36
CMD CLA TF . 15.98 40.63 -76.28
CAD CLA TF . 14.65 42.29 -79.09
OBD CLA TF . 15.77 42.72 -79.36
CBD CLA TF . 13.46 42.34 -80.10
CGD CLA TF . 12.95 43.74 -80.30
O1D CLA TF . 12.80 44.33 -81.38
O2D CLA TF . 12.64 44.40 -79.15
CED CLA TF . 11.94 45.63 -79.25
MG CLA UF . -0.60 48.85 -80.06
CHA CLA UF . -2.21 51.90 -80.26
CHB CLA UF . -2.99 47.76 -77.90
CHC CLA UF . 0.92 45.77 -80.01
CHD CLA UF . 1.41 49.78 -82.81
NA CLA UF . -2.20 49.77 -79.09
C1A CLA UF . -2.77 51.01 -79.39
C2A CLA UF . -4.18 51.10 -78.79
C3A CLA UF . -4.17 49.97 -77.73
C4A CLA UF . -3.00 49.10 -78.20
CMA CLA UF . -3.96 50.52 -76.34
CAA CLA UF . -5.21 50.83 -79.87
CBA CLA UF . -6.19 51.98 -79.99
CGA CLA UF . -7.12 51.75 -81.15
O1A CLA UF . -7.90 52.55 -81.68
O2A CLA UF . -7.04 50.49 -81.67
NB CLA UF . -0.89 47.13 -79.04
C1B CLA UF . -1.96 46.87 -78.25
C2B CLA UF . -1.84 45.48 -77.71
C3B CLA UF . -0.86 44.85 -78.45
C4B CLA UF . -0.22 45.91 -79.28
CMB CLA UF . -2.83 44.89 -76.82
CAB CLA UF . -0.26 43.57 -78.21
CBB CLA UF . -0.15 42.59 -79.11
NC CLA UF . 0.94 47.97 -81.16
C1C CLA UF . 1.50 46.76 -80.85
C2C CLA UF . 2.68 46.55 -81.67
C3C CLA UF . 2.82 47.68 -82.48
C4C CLA UF . 1.70 48.55 -82.17
CMC CLA UF . 3.43 45.29 -81.73
CAC CLA UF . 3.84 47.90 -83.51
CBC CLA UF . 3.36 47.48 -84.88
ND CLA UF . -0.30 50.49 -81.19
C1D CLA UF . 0.53 50.72 -82.32
C2D CLA UF . 0.35 52.12 -82.75
C3D CLA UF . -0.71 52.62 -82.01
C4D CLA UF . -1.13 51.51 -81.13
CMD CLA UF . 1.28 52.85 -83.62
CAD CLA UF . -1.43 53.80 -81.60
OBD CLA UF . -1.33 54.96 -81.99
CBD CLA UF . -2.51 53.34 -80.57
CGD CLA UF . -2.51 54.18 -79.33
O1D CLA UF . -2.04 53.89 -78.23
O2D CLA UF . -3.12 55.39 -79.49
CED CLA UF . -3.09 56.31 -78.39
C1 CLA UF . -8.30 49.88 -82.04
MG CLA VF . 16.61 31.25 -66.24
CHA CLA VF . 18.92 32.70 -64.12
CHB CLA VF . 17.20 33.77 -68.45
CHC CLA VF . 13.86 30.34 -68.02
CHD CLA VF . 15.54 29.20 -63.59
NA CLA VF . 17.95 32.83 -66.32
C1A CLA VF . 19.00 33.08 -65.42
C2A CLA VF . 20.07 33.94 -66.07
C3A CLA VF . 19.33 34.49 -67.32
C4A CLA VF . 18.12 33.59 -67.43
CMA CLA VF . 18.90 35.92 -67.12
CAA CLA VF . 21.32 33.13 -66.41
CBA CLA VF . 21.05 31.78 -67.05
CGA CLA VF . 21.24 30.67 -66.07
O1A CLA VF . 22.29 30.24 -65.59
O2A CLA VF . 20.07 30.11 -65.66
NB CLA VF . 15.90 31.71 -68.07
C1B CLA VF . 16.16 32.86 -68.73
C2B CLA VF . 15.44 32.84 -70.04
C3B CLA VF . 14.69 31.70 -70.05
C4B CLA VF . 14.78 31.12 -68.66
CMB CLA VF . 15.87 33.66 -71.17
CAB CLA VF . 13.81 31.21 -71.07
CBB CLA VF . 13.67 29.93 -71.43
NC CLA VF . 15.17 29.78 -65.98
C1C CLA VF . 14.11 29.60 -66.83
C2C CLA VF . 13.39 28.41 -66.41
C3C CLA VF . 13.74 28.20 -65.08
C4C CLA VF . 14.92 29.03 -64.84
CMC CLA VF . 12.78 27.45 -67.32
CAC CLA VF . 12.99 27.45 -64.07
CBC CLA VF . 13.61 26.10 -63.79
ND CLA VF . 17.16 30.86 -64.34
C1D CLA VF . 16.53 30.11 -63.31
C2D CLA VF . 17.30 30.28 -62.07
C3D CLA VF . 18.28 31.22 -62.33
C4D CLA VF . 18.06 31.64 -63.72
CMD CLA VF . 17.19 29.37 -60.94
CAD CLA VF . 19.47 31.91 -61.86
OBD CLA VF . 20.27 31.53 -61.01
CBD CLA VF . 19.84 32.95 -62.95
CGD CLA VF . 19.74 34.36 -62.44
O1D CLA VF . 19.11 35.30 -62.93
O2D CLA VF . 20.45 34.59 -61.30
CED CLA VF . 20.66 35.94 -60.90
C1 CLA VF . 19.47 29.10 -66.51
C2 CLA VF . 18.89 28.10 -65.58
C3 CLA VF . 17.92 27.22 -65.90
C4 CLA VF . 17.41 26.27 -64.90
C5 CLA VF . 17.30 27.15 -67.25
C6 CLA VF . 17.16 25.72 -67.75
C7 CLA VF . 15.80 25.50 -68.38
C8 CLA VF . 15.49 24.01 -68.57
C9 CLA VF . 14.89 23.75 -69.93
C10 CLA VF . 14.54 23.51 -67.49
MG CLA WF . 8.46 32.34 -58.53
CHA CLA WF . 6.43 34.15 -56.41
CHB CLA WF . 10.44 35.07 -58.92
CHC CLA WF . 10.08 30.74 -61.08
CHD CLA WF . 6.34 29.56 -58.16
NA CLA WF . 8.38 34.30 -57.83
C1A CLA WF . 7.45 34.87 -56.98
C2A CLA WF . 7.89 36.27 -56.57
C3A CLA WF . 8.89 36.63 -57.68
C4A CLA WF . 9.23 35.27 -58.29
CMA CLA WF . 8.30 37.57 -58.70
CAA CLA WF . 8.51 36.25 -55.18
CBA CLA WF . 9.88 36.86 -55.12
CGA CLA WF . 10.92 35.78 -54.99
O1A CLA WF . 12.03 35.86 -54.46
O2A CLA WF . 10.55 34.58 -55.53
NB CLA WF . 10.09 32.74 -59.63
C1B CLA WF . 10.83 33.87 -59.55
C2B CLA WF . 11.88 33.84 -60.61
C3B CLA WF . 11.77 32.62 -61.24
C4B CLA WF . 10.52 31.99 -60.74
CMB CLA WF . 12.51 35.08 -61.06
CAB CLA WF . 12.76 31.85 -61.93
CBB CLA WF . 14.06 31.86 -61.66
NC CLA WF . 8.36 30.41 -59.32
C1C CLA WF . 9.09 29.99 -60.40
C2C CLA WF . 8.82 28.58 -60.63
C3C CLA WF . 7.83 28.20 -59.73
C4C CLA WF . 7.47 29.41 -58.98
CMC CLA WF . 9.59 27.72 -61.53
CAC CLA WF . 7.13 26.91 -59.65
CBC CLA WF . 5.97 26.85 -60.62
ND CLA WF . 6.76 31.90 -57.56
C1D CLA WF . 6.02 30.69 -57.44
C2D CLA WF . 5.10 30.83 -56.29
C3D CLA WF . 5.14 32.15 -55.92
C4D CLA WF . 6.24 32.75 -56.70
CMD CLA WF . 4.12 29.80 -55.92
CAD CLA WF . 4.37 33.28 -55.41
OBD CLA WF . 3.23 33.30 -54.99
CBD CLA WF . 5.26 34.54 -55.53
CGD CLA WF . 4.53 35.71 -56.11
O1D CLA WF . 4.17 35.88 -57.28
O2D CLA WF . 4.26 36.69 -55.21
CED CLA WF . 2.89 36.99 -54.96
C1 CLA WF . 11.58 33.57 -55.57
C2 CLA WF . 11.01 32.37 -56.24
C3 CLA WF . 11.36 31.12 -55.91
C4 CLA WF . 12.35 30.83 -54.85
C5 CLA WF . 10.78 29.94 -56.60
C6 CLA WF . 11.79 29.27 -57.51
C7 CLA WF . 11.47 27.80 -57.69
C8 CLA WF . 12.28 27.20 -58.84
C9 CLA WF . 11.98 25.72 -58.96
MG CLA XF . 0.90 35.42 -62.90
CHA CLA XF . 0.59 38.85 -62.50
CHB CLA XF . 2.45 35.27 -59.89
CHC CLA XF . 0.65 32.06 -63.04
CHD CLA XF . -0.79 35.65 -65.98
NA CLA XF . 1.49 36.84 -61.51
C1A CLA XF . 1.05 38.16 -61.42
C2A CLA XF . 1.44 38.76 -60.07
C3A CLA XF . 2.49 37.75 -59.53
C4A CLA XF . 2.29 36.52 -60.44
CMA CLA XF . 3.89 38.27 -59.61
CAA CLA XF . 0.23 38.91 -59.16
CBA CLA XF . -0.68 37.71 -59.09
CGA CLA XF . -0.31 36.78 -57.97
O1A CLA XF . 0.11 37.05 -56.84
O2A CLA XF . -0.50 35.47 -58.29
NB CLA XF . 1.58 33.94 -61.75
C1B CLA XF . 1.97 34.08 -60.46
C2B CLA XF . 2.31 32.73 -59.92
C3B CLA XF . 2.06 31.83 -60.92
C4B CLA XF . 1.33 32.58 -61.97
CMB CLA XF . 2.88 32.56 -58.60
CAB CLA XF . 2.20 30.39 -60.95
CBB CLA XF . 3.30 29.69 -60.65
NC CLA XF . 0.41 34.11 -64.43
C1C CLA XF . 0.43 32.75 -64.27
C2C CLA XF . -0.13 32.11 -65.44
C3C CLA XF . -0.78 33.12 -66.16
C4C CLA XF . -0.33 34.38 -65.59
CMC CLA XF . -0.25 30.66 -65.61
CAC CLA XF . -1.51 32.95 -67.42
CBC CLA XF . -3.01 32.87 -67.22
ND CLA XF . 0.10 36.88 -64.06
C1D CLA XF . -0.69 36.80 -65.23
C2D CLA XF . -1.30 38.13 -65.48
C3D CLA XF . -0.79 38.97 -64.50
C4D CLA XF . 0.09 38.14 -63.65
CMD CLA XF . -2.10 38.46 -66.65
CAD CLA XF . -0.83 40.29 -63.91
OBD CLA XF . -1.45 41.28 -64.26
CBD CLA XF . 0.10 40.27 -62.66
CGD CLA XF . 1.22 41.27 -62.79
O1D CLA XF . 1.21 42.32 -63.42
O2D CLA XF . 2.35 40.95 -62.11
CED CLA XF . 3.06 42.02 -61.49
C1 CLA XF . -0.32 34.47 -57.27
C2 CLA XF . -0.71 33.20 -57.93
C3 CLA XF . -0.51 31.97 -57.40
C4 CLA XF . 0.13 31.79 -56.08
C5 CLA XF . -0.93 30.74 -58.14
C6 CLA XF . -1.85 31.06 -59.30
C7 CLA XF . -2.28 29.86 -60.12
C8 CLA XF . -1.15 29.10 -60.77
C9 CLA XF . -1.30 29.10 -62.27
C10 CLA XF . -1.12 27.67 -60.26
C11 CLA XF . 0.24 27.05 -60.49
C12 CLA XF . 0.59 26.09 -59.38
C13 CLA XF . 1.99 25.53 -59.58
C14 CLA XF . 1.93 24.11 -60.09
C15 CLA XF . 2.79 25.60 -58.28
MG CLA YF . 3.71 20.95 -79.46
CHA CLA YF . 2.20 17.84 -79.16
CHB CLA YF . 6.61 19.36 -80.16
CHC CLA YF . 5.53 23.68 -78.56
CHD CLA YF . 1.15 22.21 -77.45
NA CLA YF . 4.19 18.98 -79.97
C1A CLA YF . 3.38 17.84 -79.85
C2A CLA YF . 4.16 16.58 -80.19
C3A CLA YF . 5.63 17.07 -80.15
C4A CLA YF . 5.47 18.58 -80.23
CMA CLA YF . 6.35 16.68 -78.88
CAA CLA YF . 3.80 15.99 -81.55
CBA CLA YF . 3.25 17.03 -82.53
CGA CLA YF . 3.16 16.45 -83.90
O1A CLA YF . 3.84 15.56 -84.41
O2A CLA YF . 2.18 17.03 -84.66
NB CLA YF . 5.60 21.58 -79.83
C1B CLA YF . 6.64 20.76 -80.11
C2B CLA YF . 7.91 21.54 -80.12
C3B CLA YF . 7.59 22.82 -79.76
C4B CLA YF . 6.15 22.79 -79.37
CMB CLA YF . 9.11 21.05 -80.78
CAB CLA YF . 8.47 23.88 -79.36
CBB CLA YF . 8.45 25.11 -79.87
NC CLA YF . 3.22 22.83 -78.68
C1C CLA YF . 4.12 23.82 -78.45
C2C CLA YF . 3.47 24.96 -77.82
C3C CLA YF . 2.20 24.53 -77.46
C4C CLA YF . 2.13 23.13 -77.86
CMC CLA YF . 4.03 26.31 -77.74
CAC CLA YF . 1.10 25.33 -76.93
CBC CLA YF . 0.04 25.62 -77.96
ND CLA YF . 1.86 20.35 -78.87
C1D CLA YF . 0.89 21.03 -78.10
C2D CLA YF . -0.20 20.09 -77.79
C3D CLA YF . 0.22 18.86 -78.23
C4D CLA YF . 1.59 19.06 -78.72
CMD CLA YF . -1.30 20.41 -76.87
CAD CLA YF . -0.19 17.54 -78.66
OBD CLA YF . -1.27 16.98 -78.50
CBD CLA YF . 1.10 16.79 -79.08
CGD CLA YF . 1.42 15.66 -78.14
O1D CLA YF . 1.31 14.45 -78.36
O2D CLA YF . 1.87 16.06 -76.92
CED CLA YF . 2.26 15.04 -75.99
C1 CLA YF . 2.53 18.28 -85.31
MG CLA ZF . 0.54 18.26 -63.46
CHA CLA ZF . 0.00 14.96 -62.64
CHB CLA ZF . -2.54 18.93 -62.29
CHC CLA ZF . 1.28 21.59 -63.59
CHD CLA ZF . 3.95 17.50 -64.03
NA CLA ZF . -1.09 17.08 -62.93
C1A CLA ZF . -1.04 15.81 -62.36
C2A CLA ZF . -2.40 15.38 -61.84
C3A CLA ZF . -3.32 16.52 -62.33
C4A CLA ZF . -2.32 17.62 -62.68
CMA CLA ZF . -4.11 16.06 -63.52
CAA CLA ZF . -2.43 15.21 -60.33
CBA CLA ZF . -1.56 16.21 -59.60
CGA CLA ZF . -1.01 15.59 -58.35
O1A CLA ZF . 0.00 14.91 -58.20
O2A CLA ZF . -1.79 15.83 -57.26
NB CLA ZF . -0.54 19.94 -63.30
C1B CLA ZF . -1.77 20.01 -62.74
C2B CLA ZF . -2.25 21.42 -62.83
C3B CLA ZF . -1.12 22.19 -63.03
C4B CLA ZF . -0.01 21.25 -63.28
CMB CLA ZF . -3.64 21.77 -63.11
CAB CLA ZF . -0.98 23.61 -63.21
CBB CLA ZF . -1.54 24.56 -62.46
NC CLA ZF . 2.29 19.35 -63.83
C1C CLA ZF . 2.36 20.70 -63.82
C2C CLA ZF . 3.76 21.12 -63.79
C3C CLA ZF . 4.53 19.97 -63.93
C4C CLA ZF . 3.60 18.85 -63.91
CMC CLA ZF . 4.20 22.51 -63.79
CAC CLA ZF . 5.93 19.90 -64.38
CBC CLA ZF . 6.88 19.53 -63.27
ND CLA ZF . 1.72 16.62 -63.54
C1D CLA ZF . 3.11 16.45 -63.71
C2D CLA ZF . 3.50 15.11 -63.21
C3D CLA ZF . 2.31 14.44 -62.97
C4D CLA ZF . 1.25 15.44 -63.13
CMD CLA ZF . 4.88 14.66 -63.10
CAD CLA ZF . 1.64 13.15 -62.82
OBD CLA ZF . 2.14 12.07 -62.57
CBD CLA ZF . 0.14 13.46 -62.53
CGD CLA ZF . -0.79 12.77 -63.47
O1D CLA ZF . -1.30 13.21 -64.50
O2D CLA ZF . -1.11 11.49 -63.10
CED CLA ZF . -2.45 11.06 -63.29
C1 CLA ZF . -1.47 16.99 -56.47
C2 CLA ZF . -2.33 16.88 -55.25
C3 CLA ZF . -2.55 17.88 -54.41
C4 CLA ZF . -1.97 19.22 -54.60
C5 CLA ZF . -3.43 17.68 -53.22
C6 CLA ZF . -4.65 16.82 -53.50
C7 CLA ZF . -5.50 16.72 -52.25
C8 CLA ZF . -6.92 16.23 -52.54
C9 CLA ZF . -7.58 17.05 -53.63
C10 CLA ZF . -7.80 16.28 -51.29
C11 CLA ZF . -7.21 15.49 -50.14
C12 CLA ZF . -7.98 14.22 -49.87
C13 CLA ZF . -9.30 14.49 -49.15
C14 CLA ZF . -9.06 14.94 -47.73
C15 CLA ZF . -10.21 13.27 -49.15
C16 CLA ZF . -10.39 12.73 -50.55
C17 CLA ZF . -11.11 11.40 -50.55
C18 CLA ZF . -12.59 11.57 -50.25
C19 CLA ZF . -13.26 12.43 -51.30
C20 CLA ZF . -13.27 10.21 -50.21
MG CLA AG . 7.46 10.86 -68.58
CHA CLA AG . 7.47 8.47 -71.08
CHB CLA AG . 7.94 8.40 -66.29
CHC CLA AG . 7.23 13.21 -66.10
CHD CLA AG . 6.30 13.23 -70.92
NA CLA AG . 7.78 8.80 -68.71
C1A CLA AG . 7.95 8.04 -69.87
C2A CLA AG . 8.32 6.61 -69.52
C3A CLA AG . 8.07 6.53 -68.00
C4A CLA AG . 7.83 7.99 -67.61
CMA CLA AG . 6.90 5.65 -67.65
CAA CLA AG . 9.76 6.29 -69.90
CBA CLA AG . 10.73 7.39 -69.50
CGA CLA AG . 11.40 7.04 -68.20
O1A CLA AG . 12.07 6.03 -67.93
O2A CLA AG . 11.22 7.98 -67.22
NB CLA AG . 7.69 10.82 -66.58
C1B CLA AG . 7.75 9.70 -65.83
C2B CLA AG . 7.91 10.08 -64.40
C3B CLA AG . 7.71 11.44 -64.33
C4B CLA AG . 7.43 11.91 -65.71
CMB CLA AG . 8.45 9.15 -63.41
CAB CLA AG . 7.94 12.37 -63.25
CBB CLA AG . 7.46 12.28 -62.01
NC CLA AG . 6.98 12.88 -68.54
C1C CLA AG . 7.02 13.66 -67.42
C2C CLA AG . 6.69 15.04 -67.79
C3C CLA AG . 6.59 15.04 -69.18
C4C CLA AG . 6.52 13.66 -69.60
CMC CLA AG . 6.73 16.18 -66.87
CAC CLA AG . 6.66 16.20 -70.07
CBC CLA AG . 8.05 16.44 -70.62
ND CLA AG . 7.07 10.93 -70.56
C1D CLA AG . 6.54 11.95 -71.37
C2D CLA AG . 6.41 11.43 -72.75
C3D CLA AG . 6.55 10.05 -72.65
C4D CLA AG . 7.01 9.80 -71.27
CMD CLA AG . 5.98 12.23 -73.89
CAD CLA AG . 6.56 8.78 -73.34
OBD CLA AG . 6.18 8.51 -74.47
CBD CLA AG . 7.15 7.73 -72.37
CGD CLA AG . 6.21 6.59 -72.14
O1D CLA AG . 6.50 5.42 -71.85
O2D CLA AG . 4.90 6.90 -72.28
CED CLA AG . 3.95 6.16 -71.51
C1 CLA AG . 11.64 9.33 -67.51
C2 CLA AG . 11.69 10.06 -66.22
C3 CLA AG . 11.57 11.38 -66.11
C4 CLA AG . 11.39 12.26 -67.30
C5 CLA AG . 11.62 12.07 -64.78
MG CLA BG . 5.57 7.33 -59.60
CHA CLA BG . 5.26 5.55 -62.56
CHB CLA BG . 6.14 4.38 -57.98
CHC CLA BG . 5.16 8.88 -56.58
CHD CLA BG . 4.41 10.21 -61.24
NA CLA BG . 5.84 5.35 -60.22
C1A CLA BG . 5.84 4.88 -61.53
C2A CLA BG . 6.24 3.40 -61.56
C3A CLA BG . 6.07 2.98 -60.08
C4A CLA BG . 5.87 4.31 -59.34
CMA CLA BG . 4.89 2.08 -59.90
CAA CLA BG . 7.65 3.21 -62.09
CBA CLA BG . 8.71 3.97 -61.32
CGA CLA BG . 9.15 5.18 -62.08
O1A CLA BG . 9.81 5.23 -63.12
O2A CLA BG . 8.75 6.35 -61.51
NB CLA BG . 5.91 6.82 -57.69
C1B CLA BG . 6.18 5.57 -57.23
C2B CLA BG . 6.52 5.65 -55.79
C3B CLA BG . 6.18 6.91 -55.36
C4B CLA BG . 5.77 7.67 -56.57
CMB CLA BG . 6.96 4.49 -55.01
CAB CLA BG . 6.05 7.46 -54.05
CBB CLA BG . 7.05 7.64 -53.18
NC CLA BG . 5.07 9.28 -59.04
C1C CLA BG . 4.82 9.63 -57.75
C2C CLA BG . 4.48 11.04 -57.70
C3C CLA BG . 4.25 11.45 -59.02
C4C CLA BG . 4.57 10.29 -59.85
CMC CLA BG . 4.39 11.82 -56.46
CAC CLA BG . 3.47 12.61 -59.45
CBC CLA BG . 4.30 13.87 -59.53
ND CLA BG . 5.07 7.87 -61.48
C1D CLA BG . 4.53 9.06 -62.00
C2D CLA BG . 4.19 8.84 -63.43
C3D CLA BG . 4.57 7.54 -63.72
C4D CLA BG . 4.99 6.95 -62.45
CMD CLA BG . 3.89 9.91 -64.37
CAD CLA BG . 4.63 6.51 -64.73
OBD CLA BG . 4.17 6.53 -65.87
CBD CLA BG . 5.01 5.19 -64.00
CGD CLA BG . 3.91 4.16 -64.15
O1D CLA BG . 2.73 4.38 -64.40
O2D CLA BG . 4.33 2.88 -63.99
CED CLA BG . 3.37 1.83 -64.19
C1 CLA BG . 9.27 6.68 -60.20
C2 CLA BG . 8.89 8.09 -59.94
C3 CLA BG . 9.07 8.70 -58.76
C4 CLA BG . 9.66 8.01 -57.58
C5 CLA BG . 8.66 10.12 -58.57
MG CLA CG . -3.84 9.34 -54.28
CHA CLA CG . -2.49 10.68 -57.17
CHB CLA CG . -0.72 8.73 -53.11
CHC CLA CG . -5.22 8.19 -51.36
CHD CLA CG . -7.05 9.87 -55.58
NA CLA CG . -1.93 9.65 -55.05
C1A CLA CG . -1.56 10.33 -56.22
C2A CLA CG . -0.05 10.38 -56.37
C3A CLA CG . 0.47 9.58 -55.16
C4A CLA CG . -0.81 9.22 -54.40
CMA CLA CG . 1.24 8.35 -55.57
CAA CLA CG . 0.44 11.83 -56.34
CBA CLA CG . 0.98 12.26 -54.99
CGA CLA CG . 0.34 13.56 -54.62
O1A CLA CG . -0.58 14.13 -55.18
O2A CLA CG . 0.90 14.13 -53.50
NB CLA CG . -3.10 8.58 -52.56
C1B CLA CG . -1.80 8.28 -52.33
C2B CLA CG . -1.66 7.72 -50.96
C3B CLA CG . -2.92 7.68 -50.42
C4B CLA CG . -3.86 8.08 -51.49
CMB CLA CG . -0.36 7.52 -50.33
CAB CLA CG . -3.38 7.02 -49.23
CBB CLA CG . -3.29 5.70 -49.03
NC CLA CG . -5.79 8.94 -53.65
C1C CLA CG . -6.12 8.60 -52.38
C2C CLA CG . -7.57 8.60 -52.23
C3C CLA CG . -8.09 8.87 -53.49
C4C CLA CG . -6.97 9.20 -54.35
CMC CLA CG . -8.26 8.59 -50.94
CAC CLA CG . -9.50 9.09 -53.82
CBC CLA CG . -10.26 7.80 -54.04
ND CLA CG . -4.66 9.98 -56.00
C1D CLA CG . -6.00 10.07 -56.45
C2D CLA CG . -6.02 10.74 -57.76
C3D CLA CG . -4.71 10.97 -58.11
C4D CLA CG . -3.90 10.56 -56.94
CMD CLA CG . -7.24 11.13 -58.47
CAD CLA CG . -3.78 11.34 -59.16
OBD CLA CG . -4.01 11.92 -60.21
CBD CLA CG . -2.34 11.07 -58.62
CGD CLA CG . -1.63 10.01 -59.41
O1D CLA CG . -1.80 8.78 -59.36
O2D CLA CG . -0.71 10.48 -60.29
CED CLA CG . 0.67 10.22 -59.98
C1 CLA CG . 0.02 14.97 -52.71
C2 CLA CG . 0.51 14.85 -51.31
C3 CLA CG . -0.12 15.37 -50.25
C4 CLA CG . 0.43 15.21 -48.89
C5 CLA CG . -1.39 16.15 -50.40
C6 CLA CG . -2.34 16.00 -49.22
C7 CLA CG . -3.27 14.82 -49.42
C8 CLA CG . -3.73 14.26 -48.08
C9 CLA CG . -4.34 12.88 -48.29
C10 CLA CG . -4.74 15.20 -47.44
C11 CLA CG . -5.44 14.60 -46.24
C12 CLA CG . -4.89 15.18 -44.96
C13 CLA CG . -4.22 14.17 -44.02
C14 CLA CG . -2.85 14.71 -43.63
C15 CLA CG . -4.08 12.76 -44.57
MG CLA DG . -7.52 17.71 -62.50
CHA CLA DG . -7.69 20.70 -64.22
CHB CLA DG . -6.30 19.39 -59.83
CHC CLA DG . -6.85 14.72 -60.98
CHD CLA DG . -8.18 16.00 -65.51
NA CLA DG . -7.32 19.74 -62.03
C1A CLA DG . -7.55 20.84 -62.86
C2A CLA DG . -7.36 22.15 -62.07
C3A CLA DG . -7.02 21.67 -60.64
C4A CLA DG . -6.94 20.15 -60.79
CMA CLA DG . -5.72 22.23 -60.11
CAA CLA DG . -8.63 22.98 -62.04
CBA CLA DG . -8.44 24.36 -61.43
CGA CLA DG . -9.40 25.33 -62.03
O1A CLA DG . -9.55 26.53 -61.76
O2A CLA DG . -10.18 24.81 -63.00
NB CLA DG . -6.80 17.16 -60.71
C1B CLA DG . -6.16 18.00 -59.86
C2B CLA DG . -5.62 17.23 -58.71
C3B CLA DG . -5.75 15.89 -59.03
C4B CLA DG . -6.41 15.85 -60.36
CMB CLA DG . -4.89 17.87 -57.63
CAB CLA DG . -5.69 14.72 -58.20
CBB CLA DG . -4.69 14.36 -57.39
NC CLA DG . -7.67 15.72 -63.09
C1C CLA DG . -7.34 14.65 -62.31
C2C CLA DG . -7.31 13.44 -63.10
C3C CLA DG . -7.89 13.77 -64.33
C4C CLA DG . -7.95 15.23 -64.36
CMC CLA DG . -6.57 12.23 -62.75
CAC CLA DG . -8.02 12.89 -65.49
CBC CLA DG . -9.42 12.40 -65.67
ND CLA DG . -8.12 18.18 -64.37
C1D CLA DG . -8.29 17.37 -65.52
C2D CLA DG . -8.66 18.25 -66.65
C3D CLA DG . -8.49 19.54 -66.20
C4D CLA DG . -8.09 19.44 -64.78
CMD CLA DG . -8.71 17.78 -68.02
CAD CLA DG . -8.21 20.89 -66.64
OBD CLA DG . -7.83 21.25 -67.73
CBD CLA DG . -7.89 21.71 -65.34
CGD CLA DG . -6.70 22.61 -65.57
O1D CLA DG . -5.54 22.28 -65.84
O2D CLA DG . -6.99 23.92 -65.47
CED CLA DG . -6.30 24.83 -66.32
C1 CLA DG . -10.25 25.54 -64.24
C2 CLA DG . -11.18 24.78 -65.10
C3 CLA DG . -11.03 24.67 -66.43
C4 CLA DG . -9.92 25.32 -67.16
C5 CLA DG . -12.01 23.88 -67.24
C6 CLA DG . -12.79 22.88 -66.43
C7 CLA DG . -13.35 21.79 -67.32
C8 CLA DG . -13.35 20.41 -66.66
C9 CLA DG . -12.02 20.11 -65.99
C10 CLA DG . -13.70 19.39 -67.72
C11 CLA DG . -13.31 17.95 -67.41
C12 CLA DG . -14.51 17.13 -66.98
C13 CLA DG . -14.77 15.93 -67.88
C14 CLA DG . -15.05 16.38 -69.29
C15 CLA DG . -15.92 15.09 -67.32
C16 CLA DG . -16.57 14.18 -68.34
C17 CLA DG . -17.93 13.71 -67.86
MG CLA EG . -6.53 24.25 -46.16
CHA CLA EG . -3.85 26.35 -45.55
CHB CLA EG . -4.38 21.82 -47.15
CHC CLA EG . -9.12 22.02 -46.06
CHD CLA EG . -8.69 26.82 -45.11
NA CLA EG . -4.46 24.16 -46.39
C1A CLA EG . -3.51 25.12 -46.01
C2A CLA EG . -2.12 24.50 -46.03
C3A CLA EG . -2.33 23.30 -46.97
C4A CLA EG . -3.81 23.03 -46.78
CMA CLA EG . -2.00 23.65 -48.40
CAA CLA EG . -1.76 24.08 -44.62
CBA CLA EG . -0.41 23.41 -44.57
CGA CLA EG . 0.16 23.57 -43.20
O1A CLA EG . -0.12 24.41 -42.35
O2A CLA EG . 1.11 22.64 -42.90
NB CLA EG . -6.71 22.29 -46.53
C1B CLA EG . -5.71 21.45 -46.86
C2B CLA EG . -6.15 20.04 -46.66
C3B CLA EG . -7.50 20.10 -46.42
C4B CLA EG . -7.89 21.53 -46.39
CMB CLA EG . -5.30 18.92 -47.06
CAB CLA EG . -8.49 19.04 -46.40
CBB CLA EG . -8.42 17.90 -45.72
NC CLA EG . -8.57 24.42 -45.77
C1C CLA EG . -9.40 23.35 -45.63
C2C CLA EG . -10.73 23.83 -45.27
C3C CLA EG . -10.61 25.18 -44.98
C4C CLA EG . -9.22 25.52 -45.21
CMC CLA EG . -11.84 22.95 -44.93
CAC CLA EG . -11.56 26.03 -44.27
CBC CLA EG . -12.36 26.91 -45.20
ND CLA EG . -6.40 26.20 -45.64
C1D CLA EG . -7.36 27.15 -45.22
C2D CLA EG . -6.69 28.37 -44.78
C3D CLA EG . -5.33 28.13 -44.91
C4D CLA EG . -5.21 26.78 -45.48
CMD CLA EG . -7.36 29.65 -44.59
CAD CLA EG . -4.02 28.73 -44.99
OBD CLA EG . -3.74 29.92 -45.07
CBD CLA EG . -3.05 27.63 -45.49
CGD CLA EG . -2.50 27.99 -46.84
O1D CLA EG . -2.84 27.54 -47.93
O2D CLA EG . -1.51 28.92 -46.78
CED CLA EG . -1.00 29.39 -48.02
C1 CLA EG . 2.11 23.05 -41.96
C2 CLA EG . 3.43 22.76 -42.55
C3 CLA EG . 4.08 21.61 -42.40
C4 CLA EG . 3.53 20.49 -41.61
C5 CLA EG . 5.41 21.41 -43.04
C6 CLA EG . 5.59 20.06 -43.70
C7 CLA EG . 7.08 19.74 -43.82
C8 CLA EG . 7.55 19.58 -45.25
C9 CLA EG . 8.89 18.88 -45.27
C10 CLA EG . 7.63 20.92 -45.97
MG CLA FG . 4.42 29.65 -49.30
CHA CLA FG . 2.33 27.06 -48.46
CHB CLA FG . 5.43 27.92 -52.04
CHC CLA FG . 6.38 32.31 -50.16
CHD CLA FG . 3.04 31.57 -46.70
NA CLA FG . 3.79 27.89 -50.21
C1A CLA FG . 2.86 26.96 -49.71
C2A CLA FG . 2.90 25.69 -50.55
C3A CLA FG . 4.25 25.83 -51.29
C4A CLA FG . 4.45 27.34 -51.28
CMA CLA FG . 5.36 25.12 -50.55
CAA CLA FG . 1.74 25.67 -51.52
CBA CLA FG . 0.83 24.49 -51.26
CGA CLA FG . 0.59 23.73 -52.52
O1A CLA FG . 1.31 22.88 -53.05
O2A CLA FG . -0.58 24.07 -53.13
NB CLA FG . 5.76 30.01 -50.77
C1B CLA FG . 5.89 29.24 -51.88
C2B CLA FG . 6.80 29.92 -52.85
C3B CLA FG . 7.12 31.15 -52.29
C4B CLA FG . 6.38 31.24 -51.02
CMB CLA FG . 7.36 29.23 -54.00
CAB CLA FG . 8.12 32.11 -52.67
CBB CLA FG . 8.25 32.67 -53.87
NC CLA FG . 4.83 31.50 -48.41
C1C CLA FG . 5.73 32.39 -48.91
C2C CLA FG . 5.73 33.59 -48.07
C3C CLA FG . 4.72 33.40 -47.11
C4C CLA FG . 4.06 32.15 -47.46
CMC CLA FG . 6.48 34.80 -48.37
CAC CLA FG . 4.29 34.32 -46.05
CBC CLA FG . 5.00 34.07 -44.74
ND CLA FG . 3.01 29.45 -47.89
C1D CLA FG . 2.61 30.27 -46.82
C2D CLA FG . 1.97 29.43 -45.79
C3D CLA FG . 1.86 28.16 -46.36
C4D CLA FG . 2.36 28.29 -47.74
CMD CLA FG . 1.32 29.96 -44.60
CAD CLA FG . 1.16 26.90 -46.31
OBD CLA FG . 0.34 26.52 -45.48
CBD CLA FG . 1.38 26.18 -47.67
CGD CLA FG . 1.89 24.79 -47.48
O1D CLA FG . 1.63 23.79 -48.14
O2D CLA FG . 2.74 24.66 -46.43
CED CLA FG . 3.26 23.36 -46.16
C1 CLA FG . -1.41 22.99 -53.58
C2 CLA FG . -1.54 23.14 -55.05
C3 CLA FG . -2.39 23.99 -55.65
C4 CLA FG . -3.29 24.87 -54.87
C5 CLA FG . -2.47 24.08 -57.14
C6 CLA FG . -1.39 23.30 -57.85
C7 CLA FG . -1.93 22.68 -59.12
C8 CLA FG . -1.52 21.21 -59.26
C9 CLA FG . -2.18 20.38 -58.20
C10 CLA FG . -0.01 21.06 -59.16
C11 CLA FG . 0.45 19.66 -59.47
C12 CLA FG . 1.86 19.44 -58.95
C13 CLA FG . 2.65 18.53 -59.86
C14 CLA FG . 2.34 17.08 -59.55
C15 CLA FG . 4.15 18.79 -59.72
C16 CLA FG . 4.49 20.22 -60.10
C17 CLA FG . 5.79 20.67 -59.50
C18 CLA FG . 6.39 21.84 -60.28
C19 CLA FG . 5.51 23.06 -60.19
C20 CLA FG . 7.78 22.16 -59.77
MG CLA GG . -15.55 40.79 -51.89
CHA CLA GG . -15.48 42.84 -54.66
CHB CLA GG . -13.36 42.85 -50.32
CHC CLA GG . -15.86 38.87 -49.09
CHD CLA GG . -17.35 38.40 -53.76
NA CLA GG . -14.56 42.54 -52.43
C1A CLA GG . -14.62 43.20 -53.67
C2A CLA GG . -13.84 44.51 -53.59
C3A CLA GG . -12.93 44.29 -52.34
C4A CLA GG . -13.57 43.07 -51.66
CMA CLA GG . -11.51 43.99 -52.74
CAA CLA GG . -14.73 45.74 -53.49
CBA CLA GG . -15.64 45.79 -52.27
CGA CLA GG . -16.98 45.21 -52.59
O1A CLA GG . -17.54 44.26 -52.03
O2A CLA GG . -17.62 45.82 -53.62
NB CLA GG . -14.78 40.87 -50.04
C1B CLA GG . -13.95 41.82 -49.57
C2B CLA GG . -13.93 41.77 -48.09
C3B CLA GG . -14.69 40.67 -47.73
C4B CLA GG . -15.07 39.98 -48.99
CMB CLA GG . -13.11 42.69 -47.30
CAB CLA GG . -15.47 40.42 -46.54
CBB CLA GG . -15.10 40.59 -45.27
NC CLA GG . -16.42 38.93 -51.51
C1C CLA GG . -16.47 38.35 -50.28
C2C CLA GG . -17.48 37.30 -50.30
C3C CLA GG . -17.90 37.17 -51.62
C4C CLA GG . -17.13 38.12 -52.40
CMC CLA GG . -17.70 36.35 -49.22
CAC CLA GG . -18.69 36.06 -52.17
CBC CLA GG . -20.12 36.44 -52.46
ND CLA GG . -16.27 40.58 -53.77
C1D CLA GG . -17.16 39.64 -54.33
C2D CLA GG . -17.59 40.12 -55.66
C3D CLA GG . -16.95 41.33 -55.86
C4D CLA GG . -16.15 41.57 -54.64
CMD CLA GG . -18.26 39.26 -56.63
CAD CLA GG . -16.60 42.35 -56.81
OBD CLA GG . -16.74 42.35 -58.02
CBD CLA GG . -15.56 43.28 -56.10
CGD CLA GG . -14.20 43.14 -56.73
O1D CLA GG . -13.72 42.16 -57.28
O2D CLA GG . -13.46 44.27 -56.68
CED CLA GG . -13.63 45.14 -57.78
C1 CLA GG . -19.00 45.47 -53.85
C2 CLA GG . -19.80 46.30 -52.92
C3 CLA GG . -21.10 46.56 -53.10
C4 CLA GG . -21.86 46.04 -54.26
C5 CLA GG . -21.82 47.41 -52.11
C6 CLA GG . -23.29 47.09 -51.93
C7 CLA GG . -23.79 47.71 -50.65
C8 CLA GG . -25.28 47.99 -50.65
C9 CLA GG . -26.06 46.74 -51.01
C10 CLA GG . -25.62 49.14 -51.58
C11 CLA GG . -27.11 49.39 -51.66
C12 CLA GG . -27.44 50.78 -52.17
C13 CLA GG . -28.70 51.35 -51.53
C14 CLA GG . -28.63 51.21 -50.02
C15 CLA GG . -29.96 50.69 -52.08
C16 CLA GG . -31.21 51.19 -51.38
C17 CLA GG . -32.08 50.04 -50.91
C18 CLA GG . -33.35 50.52 -50.25
C19 CLA GG . -33.57 49.80 -48.93
C20 CLA GG . -34.53 50.26 -51.17
MG CLA HG . -9.27 37.45 -57.91
CHA CLA HG . -6.85 39.91 -58.18
CHB CLA HG . -11.64 39.86 -57.83
CHC CLA HG . -11.62 35.03 -57.36
CHD CLA HG . -6.76 35.01 -57.95
NA CLA HG . -9.21 39.54 -57.86
C1A CLA HG . -8.14 40.38 -58.14
C2A CLA HG . -8.54 41.84 -57.95
C3A CLA HG . -10.00 41.75 -57.45
C4A CLA HG . -10.33 40.26 -57.61
CMA CLA HG . -10.14 42.20 -56.02
CAA CLA HG . -8.45 42.62 -59.25
CBA CLA HG . -9.04 41.85 -60.42
CGA CLA HG . -8.09 41.83 -61.57
O1A CLA HG . -8.20 42.37 -62.67
O2A CLA HG . -6.98 41.08 -61.32
NB CLA HG . -11.28 37.43 -57.81
C1B CLA HG . -12.07 38.53 -57.89
C2B CLA HG . -13.48 38.12 -57.63
C3B CLA HG . -13.48 36.75 -57.56
C4B CLA HG . -12.06 36.32 -57.46
CMB CLA HG . -14.60 39.04 -57.83
CAB CLA HG . -14.55 35.79 -57.68
CBB CLA HG . -15.64 35.77 -56.91
NC CLA HG . -9.21 35.38 -57.81
C1C CLA HG . -10.28 34.59 -57.49
C2C CLA HG . -9.90 33.20 -57.70
C3C CLA HG . -8.52 33.18 -57.88
C4C CLA HG . -8.09 34.56 -57.91
CMC CLA HG . -10.83 32.07 -57.63
CAC CLA HG . -7.66 32.00 -58.01
CBC CLA HG . -7.23 31.74 -59.44
ND CLA HG . -7.27 37.39 -58.10
C1D CLA HG . -6.37 36.30 -58.22
C2D CLA HG . -5.01 36.84 -58.23
C3D CLA HG . -5.11 38.22 -58.23
C4D CLA HG . -6.57 38.51 -58.26
CMD CLA HG . -3.82 36.00 -58.41
CAD CLA HG . -4.43 39.49 -58.41
OBD CLA HG . -3.28 39.71 -58.73
CBD CLA HG . -5.52 40.60 -58.33
CGD CLA HG . -5.26 41.54 -57.18
O1D CLA HG . -5.51 41.36 -55.99
O2D CLA HG . -4.70 42.72 -57.55
CED CLA HG . -4.63 43.75 -56.56
C1 CLA HG . -6.14 40.77 -62.45
C2 CLA HG . -5.11 39.84 -61.95
C3 CLA HG . -4.53 38.91 -62.73
C4 CLA HG . -4.89 38.75 -64.16
C5 CLA HG . -3.51 37.98 -62.20
C6 CLA HG . -4.05 36.58 -62.08
C7 CLA HG . -3.16 35.60 -62.81
C8 CLA HG . -3.22 34.23 -62.17
C9 CLA HG . -1.98 34.07 -61.33
C10 CLA HG . -3.31 33.13 -63.21
C11 CLA HG . -4.53 32.23 -63.04
C12 CLA HG . -4.75 31.37 -64.26
C13 CLA HG . -6.05 30.57 -64.22
C14 CLA HG . -7.25 31.46 -64.45
C15 CLA HG . -6.20 29.79 -62.91
C16 CLA HG . -5.81 28.34 -63.12
C17 CLA HG . -5.75 27.60 -61.80
C18 CLA HG . -4.72 26.48 -61.85
C19 CLA HG . -5.11 25.45 -62.88
C20 CLA HG . -4.59 25.81 -60.49
MG CLA IG . -22.79 24.60 -56.12
CHA CLA IG . -25.66 22.70 -55.99
CHB CLA IG . -22.62 23.92 -59.42
CHC CLA IG . -19.78 26.21 -56.23
CHD CLA IG . -22.58 24.47 -52.61
NA CLA IG . -24.13 23.78 -57.49
C1A CLA IG . -25.36 23.21 -57.22
C2A CLA IG . -26.03 22.76 -58.52
C3A CLA IG . -24.87 22.79 -59.53
C4A CLA IG . -23.83 23.67 -58.83
CMA CLA IG . -24.33 21.42 -59.79
CAA CLA IG . -27.19 23.65 -58.91
CBA CLA IG . -27.06 25.08 -58.41
CGA CLA IG . -28.38 25.76 -58.53
O1A CLA IG . -29.23 25.67 -59.41
O2A CLA IG . -28.62 26.62 -57.49
NB CLA IG . -21.55 25.17 -57.59
C1B CLA IG . -21.56 24.63 -58.84
C2B CLA IG . -20.52 25.32 -59.64
C3B CLA IG . -19.63 25.85 -58.73
C4B CLA IG . -20.27 25.71 -57.40
CMB CLA IG . -20.89 25.83 -60.94
CAB CLA IG . -18.46 26.66 -58.95
CBB CLA IG . -17.54 26.45 -59.88
NC CLA IG . -21.40 25.19 -54.67
C1C CLA IG . -20.27 25.90 -54.93
C2C CLA IG . -19.92 26.68 -53.75
C3C CLA IG . -20.81 26.30 -52.74
C4C CLA IG . -21.57 25.18 -53.29
CMC CLA IG . -18.92 27.73 -53.76
CAC CLA IG . -20.65 26.57 -51.31
CBC CLA IG . -21.66 27.57 -50.79
ND CLA IG . -23.90 23.90 -54.58
C1D CLA IG . -23.56 23.73 -53.23
C2D CLA IG . -24.63 22.95 -52.57
C3D CLA IG . -25.47 22.53 -53.59
C4D CLA IG . -24.89 23.05 -54.84
CMD CLA IG . -24.86 22.97 -51.13
CAD CLA IG . -26.77 21.99 -53.92
OBD CLA IG . -27.71 21.75 -53.18
CBD CLA IG . -26.93 22.07 -55.47
CGD CLA IG . -27.19 20.73 -56.09
O1D CLA IG . -26.50 20.11 -56.90
O2D CLA IG . -28.36 20.16 -55.67
CED CLA IG . -28.50 18.75 -55.85
C1 CLA IG . -28.86 28.00 -57.84
C2 CLA IG . -29.10 28.71 -56.56
C3 CLA IG . -28.76 30.00 -56.37
C4 CLA IG . -28.10 30.82 -57.42
C5 CLA IG . -29.00 30.68 -55.07
C6 CLA IG . -27.74 31.25 -54.46
C7 CLA IG . -28.07 32.34 -53.49
C8 CLA IG . -26.82 33.04 -52.97
C9 CLA IG . -26.67 32.81 -51.49
C10 CLA IG . -26.87 34.52 -53.27
C11 CLA IG . -25.56 35.03 -53.82
C12 CLA IG . -24.81 35.88 -52.81
C13 CLA IG . -25.01 37.35 -53.09
C14 CLA IG . -23.68 38.09 -53.05
C15 CLA IG . -25.99 37.98 -52.10
C16 CLA IG . -26.40 39.36 -52.54
C17 CLA IG . -27.65 39.83 -51.83
C18 CLA IG . -28.30 41.02 -52.54
C19 CLA IG . -28.80 40.62 -53.91
C20 CLA IG . -29.44 41.57 -51.70
MG CLA JG . -6.36 6.03 -43.67
CHA CLA JG . -6.16 2.81 -44.91
CHB CLA JG . -6.69 4.71 -40.57
CHC CLA JG . -7.24 9.11 -42.43
CHD CLA JG . -7.34 7.08 -46.85
NA CLA JG . -6.07 4.12 -42.89
C1A CLA JG . -5.87 2.92 -43.58
C2A CLA JG . -5.80 1.74 -42.63
C3A CLA JG . -6.34 2.33 -41.31
C4A CLA JG . -6.29 3.83 -41.56
CMA CLA JG . -7.74 1.88 -41.01
CAA CLA JG . -4.39 1.20 -42.50
CBA CLA JG . -3.31 2.26 -42.49
CGA CLA JG . -2.01 1.66 -42.07
O1A CLA JG . -1.82 0.65 -41.39
O2A CLA JG . -0.93 2.36 -42.52
NB CLA JG . -6.58 6.81 -41.83
C1B CLA JG . -6.77 6.10 -40.70
C2B CLA JG . -6.62 7.02 -39.56
C3B CLA JG . -6.95 8.27 -40.04
C4B CLA JG . -6.89 8.15 -41.53
CMB CLA JG . -6.48 6.54 -38.19
CAB CLA JG . -6.95 9.55 -39.39
CBB CLA JG . -5.94 10.04 -38.66
NC CLA JG . -6.88 7.85 -44.54
C1C CLA JG . -7.34 8.94 -43.84
C2C CLA JG . -7.67 10.01 -44.76
C3C CLA JG . -7.63 9.46 -46.04
C4C CLA JG . -7.22 8.07 -45.87
CMC CLA JG . -7.68 11.43 -44.41
CAC CLA JG . -8.13 10.07 -47.27
CBC CLA JG . -9.64 10.03 -47.34
ND CLA JG . -6.34 5.28 -45.54
C1D CLA JG . -6.78 5.84 -46.77
C2D CLA JG . -6.72 4.80 -47.81
C3D CLA JG . -6.53 3.61 -47.14
C4D CLA JG . -6.28 3.96 -45.74
CMD CLA JG . -7.12 5.01 -49.19
CAD CLA JG . -6.20 2.22 -47.30
OBD CLA JG . -6.43 1.50 -48.26
CBD CLA JG . -6.01 1.65 -45.86
CGD CLA JG . -6.99 0.53 -45.65
O1D CLA JG . -6.84 -0.65 -45.96
O2D CLA JG . -8.17 0.90 -45.06
CED CLA JG . -9.31 0.10 -45.37
C1 CLA JG . -0.53 3.50 -41.75
C2 CLA JG . 0.91 3.73 -42.01
C3 CLA JG . 1.67 4.55 -41.26
C4 CLA JG . 1.14 5.29 -40.09
C5 CLA JG . 3.11 4.75 -41.57
MG CLA KG . -3.42 17.20 -22.45
CHA CLA KG . -6.16 15.57 -23.81
CHB CLA KG . -5.54 19.04 -20.51
CHC CLA KG . -0.82 19.23 -21.55
CHD CLA KG . -1.48 15.88 -25.04
NA CLA KG . -5.48 17.12 -22.07
C1A CLA KG . -6.43 16.32 -22.72
C2A CLA KG . -7.84 16.64 -22.20
C3A CLA KG . -7.63 17.94 -21.40
C4A CLA KG . -6.12 18.02 -21.26
CMA CLA KG . -8.16 19.13 -22.14
CAA CLA KG . -8.37 15.53 -21.31
CBA CLA KG . -9.74 15.87 -20.77
CGA CLA KG . -10.75 15.66 -21.85
O1A CLA KG . -10.56 15.38 -23.03
O2A CLA KG . -12.03 15.83 -21.41
NB CLA KG . -3.19 18.74 -21.18
C1B CLA KG . -4.18 19.34 -20.47
C2B CLA KG . -3.55 20.14 -19.37
C3B CLA KG . -2.22 20.25 -19.70
C4B CLA KG . -2.02 19.47 -20.96
CMB CLA KG . -4.35 20.93 -18.44
CAB CLA KG . -1.14 20.89 -19.03
CBB CLA KG . -0.75 20.61 -17.78
NC CLA KG . -1.43 17.36 -23.06
C1C CLA KG . -0.59 18.37 -22.65
C2C CLA KG . 0.72 18.16 -23.26
C3C CLA KG . 0.56 17.17 -24.22
C4C CLA KG . -0.82 16.71 -24.12
CMC CLA KG . 1.96 18.67 -22.69
CAC CLA KG . 1.60 16.59 -25.07
CBC CLA KG . 1.73 17.32 -26.38
ND CLA KG . -3.60 15.75 -23.85
C1D CLA KG . -2.70 15.28 -24.83
C2D CLA KG . -3.38 14.27 -25.66
C3D CLA KG . -4.70 14.27 -25.26
C4D CLA KG . -4.80 15.29 -24.20
CMD CLA KG . -2.70 13.37 -26.57
CAD CLA KG . -6.04 13.80 -25.52
OBD CLA KG . -6.39 12.80 -26.15
CBD CLA KG . -7.01 14.62 -24.62
CGD CLA KG . -8.04 15.36 -25.43
O1D CLA KG . -8.42 16.52 -25.30
O2D CLA KG . -8.64 14.62 -26.41
CED CLA KG . -9.95 14.13 -26.17
C1 CLA KG . -13.05 15.22 -22.22
C2 CLA KG . -14.33 15.85 -21.83
C3 CLA KG . -15.44 15.77 -22.58
C4 CLA KG . -15.46 15.06 -23.88
C5 CLA KG . -16.70 16.42 -22.15
C6 CLA KG . -16.75 16.77 -20.68
C7 CLA KG . -18.15 17.25 -20.33
C8 CLA KG . -18.29 17.71 -18.88
C9 CLA KG . -17.21 18.71 -18.52
C10 CLA KG . -18.26 16.52 -17.93
C11 CLA KG . -19.38 15.55 -18.24
C12 CLA KG . -19.47 14.50 -17.16
C13 CLA KG . -20.67 13.59 -17.39
C14 CLA KG . -20.50 12.81 -18.67
C15 CLA KG . -21.97 14.37 -17.42
C16 CLA KG . -23.04 13.66 -16.63
C17 CLA KG . -24.42 13.96 -17.18
C18 CLA KG . -25.55 13.45 -16.29
C19 CLA KG . -26.87 13.53 -17.03
C20 CLA KG . -25.32 12.03 -15.82
MG CLA LG . -5.55 25.44 -17.09
CHA CLA LG . -3.62 25.78 -14.25
CHB CLA LG . -2.83 24.29 -18.77
CHC CLA LG . -7.51 25.05 -19.87
CHD CLA LG . -8.17 27.13 -15.47
NA CLA LG . -3.58 25.05 -16.55
C1A CLA LG . -3.06 25.03 -15.25
C2A CLA LG . -1.64 24.49 -15.28
C3A CLA LG . -1.29 24.44 -16.78
C4A CLA LG . -2.66 24.59 -17.44
CMA CLA LG . -0.35 25.54 -17.19
CAA CLA LG . -1.53 23.13 -14.62
CBA CLA LG . -2.78 22.28 -14.77
CGA CLA LG . -2.55 20.98 -14.07
O1A CLA LG . -2.55 20.75 -12.86
O2A CLA LG . -2.32 19.95 -14.93
NB CLA LG . -5.26 24.68 -18.93
C1B CLA LG . -4.05 24.35 -19.46
C2B CLA LG . -4.26 23.82 -20.83
C3B CLA LG . -5.60 23.83 -21.07
C4B CLA LG . -6.24 24.57 -19.94
CMB CLA LG . -3.21 23.10 -21.56
CAB CLA LG . -6.32 23.51 -22.27
CBB CLA LG . -7.31 22.63 -22.36
NC CLA LG . -7.50 26.00 -17.57
C1C CLA LG . -8.06 25.80 -18.80
C2C CLA LG . -9.47 26.17 -18.73
C3C CLA LG . -9.68 26.70 -17.46
C4C CLA LG . -8.38 26.74 -16.79
CMC CLA LG . -10.47 25.64 -19.65
CAC CLA LG . -10.98 26.80 -16.76
CBC CLA LG . -11.44 28.23 -16.63
ND CLA LG . -5.87 26.32 -15.30
C1D CLA LG . -7.04 26.86 -14.73
C2D CLA LG . -6.86 26.89 -13.26
C3D CLA LG . -5.50 26.72 -13.05
C4D CLA LG . -4.96 26.24 -14.34
CMD CLA LG . -7.84 27.44 -12.33
CAD CLA LG . -4.45 26.55 -12.08
OBD CLA LG . -4.43 26.92 -10.91
CBD CLA LG . -3.18 26.07 -12.83
CGD CLA LG . -2.10 27.12 -12.76
O1D CLA LG . -2.19 28.24 -12.24
O2D CLA LG . -0.93 26.76 -13.32
CED CLA LG . -0.20 27.77 -14.01
C1 CLA LG . -3.07 18.74 -14.72
C2 CLA LG . -2.82 17.88 -15.89
C3 CLA LG . -3.06 16.55 -15.90
C4 CLA LG . -3.61 15.83 -14.74
C5 CLA LG . -2.80 15.71 -17.11
C6 CLA LG . -2.07 16.44 -18.22
C7 CLA LG . -2.36 15.72 -19.52
C8 CLA LG . -1.23 14.81 -19.98
C9 CLA LG . 0.07 15.58 -20.04
C10 CLA LG . -1.58 14.22 -21.33
C11 CLA LG . -0.44 13.42 -21.93
C12 CLA LG . -0.95 12.27 -22.77
C13 CLA LG . 0.20 11.53 -23.41
C14 CLA LG . 0.86 12.38 -24.47
C15 CLA LG . -0.27 10.21 -24.01
C16 CLA LG . 0.79 9.15 -23.89
C17 CLA LG . 0.36 7.86 -24.55
C18 CLA LG . 1.28 6.69 -24.25
C19 CLA LG . 0.95 5.53 -25.17
C20 CLA LG . 2.73 7.08 -24.43
MG CLA MG . 11.12 26.32 -47.35
CHA CLA MG . 13.01 28.28 -49.48
CHB CLA MG . 8.36 28.06 -48.30
CHC CLA MG . 9.31 24.60 -45.02
CHD CLA MG . 14.10 24.98 -46.00
NA CLA MG . 10.75 27.76 -48.80
C1A CLA MG . 11.67 28.32 -49.71
C2A CLA MG . 10.97 29.31 -50.63
C3A CLA MG . 9.62 29.55 -49.90
C4A CLA MG . 9.57 28.45 -48.85
CMA CLA MG . 9.59 30.90 -49.23
CAA CLA MG . 10.82 28.75 -52.03
CBA CLA MG . 10.06 27.43 -52.10
CGA CLA MG . 10.52 26.60 -53.26
O1A CLA MG . 11.38 26.87 -54.10
O2A CLA MG . 9.84 25.42 -53.35
NB CLA MG . 9.19 26.30 -46.79
C1B CLA MG . 8.23 27.13 -47.26
C2B CLA MG . 6.95 26.86 -46.54
C3B CLA MG . 7.23 25.93 -45.58
C4B CLA MG . 8.67 25.59 -45.69
CMB CLA MG . 5.66 27.28 -47.07
CAB CLA MG . 6.28 25.04 -44.96
CBB CLA MG . 6.13 24.89 -43.65
NC CLA MG . 11.62 24.98 -45.82
C1C CLA MG . 10.72 24.44 -44.95
C2C CLA MG . 11.38 23.42 -44.15
C3C CLA MG . 12.73 23.46 -44.49
C4C CLA MG . 12.88 24.58 -45.42
CMC CLA MG . 10.67 22.38 -43.40
CAC CLA MG . 13.76 22.49 -44.14
CBC CLA MG . 13.95 21.43 -45.19
ND CLA MG . 13.10 26.43 -47.72
C1D CLA MG . 14.22 25.92 -47.01
C2D CLA MG . 15.45 26.49 -47.58
C3D CLA MG . 15.05 27.31 -48.62
C4D CLA MG . 13.57 27.39 -48.52
CMD CLA MG . 16.80 26.03 -47.25
CAD CLA MG . 15.46 28.27 -49.64
OBD CLA MG . 16.59 28.56 -50.00
CBD CLA MG . 14.17 28.82 -50.29
CGD CLA MG . 14.18 30.32 -50.33
O1D CLA MG . 13.64 31.10 -49.55
O2D CLA MG . 14.89 30.84 -51.37
CED CLA MG . 15.17 32.24 -51.37
C1 CLA MG . 9.72 24.83 -54.66
C2 CLA MG . 8.65 25.58 -55.38
C3 CLA MG . 7.35 25.28 -55.31
C4 CLA MG . 6.32 26.05 -56.04
C5 CLA MG . 6.86 24.13 -54.48
C6 CLA MG . 6.16 23.07 -55.30
C7 CLA MG . 4.73 22.88 -54.82
C8 CLA MG . 3.95 21.92 -55.73
C9 CLA MG . 2.63 22.53 -56.13
C10 CLA MG . 3.73 20.58 -55.06
C11 CLA MG . 4.48 19.48 -55.76
C12 CLA MG . 4.48 18.20 -54.95
C13 CLA MG . 4.38 16.98 -55.85
C14 CLA MG . 2.98 16.39 -55.79
C15 CLA MG . 5.42 15.92 -55.48
C16 CLA MG . 5.20 15.38 -54.08
C17 CLA MG . 5.95 14.08 -53.88
C18 CLA MG . 5.45 13.31 -52.67
C19 CLA MG . 3.98 12.94 -52.83
C20 CLA MG . 6.26 12.05 -52.48
MG CLA NG . 18.68 25.13 -53.30
CHA CLA NG . 19.34 27.12 -56.05
CHB CLA NG . 15.58 26.51 -53.24
CHC CLA NG . 18.11 23.87 -50.19
CHD CLA NG . 22.14 24.64 -52.87
NA CLA NG . 17.57 26.26 -54.66
C1A CLA NG . 18.02 26.84 -55.85
C2A CLA NG . 16.84 27.47 -56.59
C3A CLA NG . 15.84 27.73 -55.43
C4A CLA NG . 16.38 26.84 -54.32
CMA CLA NG . 15.79 29.18 -55.04
CAA CLA NG . 16.21 26.54 -57.61
CBA CLA NG . 17.12 25.47 -58.16
CGA CLA NG . 16.88 24.16 -57.47
O1A CLA NG . 17.42 23.71 -56.46
O2A CLA NG . 15.90 23.42 -58.09
NB CLA NG . 17.04 24.82 -52.19
C1B CLA NG . 15.91 25.57 -52.24
C2B CLA NG . 14.93 25.03 -51.27
C3B CLA NG . 15.60 24.10 -50.51
C4B CLA NG . 17.02 24.14 -50.96
CMB CLA NG . 13.49 25.23 -51.46
CAB CLA NG . 15.18 23.45 -49.29
CBB CLA NG . 15.36 22.16 -49.00
NC CLA NG . 19.90 24.18 -51.91
C1C CLA NG . 19.46 23.76 -50.68
C2C CLA NG . 20.56 23.22 -49.91
C3C CLA NG . 21.73 23.53 -50.63
C4C CLA NG . 21.29 24.08 -51.91
CMC CLA NG . 20.43 22.34 -48.75
CAC CLA NG . 23.09 23.58 -50.10
CBC CLA NG . 23.87 22.32 -50.40
ND CLA NG . 20.37 25.56 -54.30
C1D CLA NG . 21.74 25.40 -53.95
C2D CLA NG . 22.58 26.02 -55.00
C3D CLA NG . 21.70 26.60 -55.90
C4D CLA NG . 20.36 26.48 -55.28
CMD CLA NG . 24.02 25.84 -55.12
CAD CLA NG . 21.50 27.11 -57.23
OBD CLA NG . 22.35 27.43 -58.05
CBD CLA NG . 20.05 27.69 -57.26
CGD CLA NG . 20.08 29.18 -57.24
O1D CLA NG . 21.06 29.91 -57.12
O2D CLA NG . 18.87 29.78 -57.38
CED CLA NG . 18.86 31.03 -58.04
C1 CLA NG . 16.23 22.85 -59.38
C2 CLA NG . 17.41 21.97 -59.18
C3 CLA NG . 17.55 20.78 -59.78
C4 CLA NG . 16.52 20.23 -60.70
C5 CLA NG . 18.76 19.95 -59.53
C6 CLA NG . 19.34 19.37 -60.80
C7 CLA NG . 20.81 19.05 -60.62
C8 CLA NG . 21.20 17.68 -61.18
C9 CLA NG . 22.71 17.53 -61.19
C10 CLA NG . 20.64 17.45 -62.57
C11 CLA NG . 19.85 16.16 -62.65
MG CLA OG . 1.05 31.25 -41.30
CHA CLA OG . 4.36 30.40 -40.90
CHB CLA OG . 0.26 27.97 -41.64
CHC CLA OG . -2.27 32.07 -41.16
CHD CLA OG . 1.86 34.58 -40.50
NA CLA OG . 2.17 29.49 -41.27
C1A CLA OG . 3.52 29.33 -40.96
C2A CLA OG . 3.96 27.89 -41.24
C3A CLA OG . 2.65 27.17 -41.63
C4A CLA OG . 1.60 28.26 -41.42
CMA CLA OG . 2.69 26.69 -43.05
CAA CLA OG . 4.62 27.24 -40.04
CBA CLA OG . 5.81 26.41 -40.47
CGA CLA OG . 6.02 25.25 -39.54
O1A CLA OG . 5.90 25.24 -38.32
O2A CLA OG . 6.38 24.09 -40.16
NB CLA OG . -0.68 30.24 -41.48
C1B CLA OG . -0.79 28.90 -41.66
C2B CLA OG . -2.22 28.50 -41.57
C3B CLA OG . -2.93 29.68 -41.41
C4B CLA OG . -1.95 30.75 -41.15
CMB CLA OG . -2.61 27.12 -41.34
CAB CLA OG . -4.24 30.05 -41.84
CBB CLA OG . -5.35 29.38 -41.59
NC CLA OG . 0.00 33.05 -41.13
C1C CLA OG . -1.35 33.15 -41.01
C2C CLA OG . -1.75 34.54 -40.93
C3C CLA OG . -0.58 35.29 -40.84
C4C CLA OG . 0.51 34.31 -40.80
CMC CLA OG . -3.09 35.02 -41.22
CAC CLA OG . -0.44 36.70 -41.19
CBC CLA OG . -0.12 37.59 -40.01
ND CLA OG . 2.72 32.34 -41.00
C1D CLA OG . 2.90 33.71 -40.69
C2D CLA OG . 4.33 33.94 -40.47
C3D CLA OG . 4.95 32.72 -40.64
C4D CLA OG . 3.87 31.73 -40.76
CMD CLA OG . 4.93 35.27 -40.42
CAD CLA OG . 6.17 32.05 -41.05
OBD CLA OG . 7.15 32.54 -41.58
CBD CLA OG . 5.84 30.54 -41.17
CGD CLA OG . 6.21 30.01 -42.53
O1D CLA OG . 7.00 29.09 -42.78
O2D CLA OG . 5.61 30.64 -43.56
CED CLA OG . 6.05 30.34 -44.88
C1 CLA OG . 7.07 23.14 -39.32
C2 CLA OG . 7.43 21.93 -40.12
C3 CLA OG . 8.04 20.87 -39.56
C4 CLA OG . 8.42 20.82 -38.14
C5 CLA OG . 8.38 19.67 -40.38
C6 CLA OG . 9.87 19.52 -40.62
MG CLA PG . 1.53 22.18 -33.90
CHA CLA PG . 3.19 24.87 -35.28
CHB CLA PG . -0.91 22.50 -36.23
CHC CLA PG . -0.17 19.62 -32.40
CHD CLA PG . 3.76 22.27 -31.16
NA CLA PG . 1.21 23.50 -35.49
C1A CLA PG . 2.08 24.48 -35.95
C2A CLA PG . 1.77 24.79 -37.42
C3A CLA PG . 0.33 24.26 -37.56
C4A CLA PG . 0.11 23.43 -36.29
CMA CLA PG . -0.67 25.39 -37.65
CAA CLA PG . 2.77 24.14 -38.37
CBA CLA PG . 2.84 22.63 -38.32
CGA CLA PG . 3.88 22.11 -37.37
O1A CLA PG . 4.88 22.69 -36.93
O2A CLA PG . 3.63 20.84 -36.96
NB CLA PG . -0.11 21.13 -34.35
C1B CLA PG . -1.05 21.51 -35.25
C2B CLA PG . -2.16 20.52 -35.27
C3B CLA PG . -1.92 19.63 -34.25
C4B CLA PG . -0.68 20.10 -33.57
CMB CLA PG . -3.10 20.43 -36.36
CAB CLA PG . -2.85 18.73 -33.63
CBB CLA PG . -2.64 17.45 -33.38
NC CLA PG . 1.83 21.05 -32.17
C1C CLA PG . 0.94 20.15 -31.67
C2C CLA PG . 1.54 19.46 -30.54
C3C CLA PG . 2.68 20.18 -30.20
C4C CLA PG . 2.77 21.28 -31.16
CMC CLA PG . 1.21 18.09 -30.14
CAC CLA PG . 3.55 19.98 -29.04
CBC CLA PG . 4.79 19.19 -29.39
ND CLA PG . 3.13 23.26 -33.30
C1D CLA PG . 4.05 23.07 -32.25
C2D CLA PG . 5.19 24.01 -32.44
C3D CLA PG . 4.85 24.78 -33.53
C4D CLA PG . 3.58 24.27 -34.04
CMD CLA PG . 6.26 24.18 -31.47
CAD CLA PG . 5.31 25.78 -34.47
OBD CLA PG . 6.45 26.18 -34.68
CBD CLA PG . 4.17 25.99 -35.51
CGD CLA PG . 3.52 27.34 -35.37
O1D CLA PG . 2.88 27.77 -34.41
O2D CLA PG . 3.65 28.14 -36.46
CED CLA PG . 3.29 29.51 -36.33
C1 CLA PG . 4.10 20.50 -35.63
C2 CLA PG . 3.75 19.07 -35.43
C3 CLA PG . 4.03 18.41 -34.30
C4 CLA PG . 4.74 19.04 -33.15
C5 CLA PG . 3.67 16.97 -34.15
C6 CLA PG . 2.25 16.71 -33.70
C7 CLA PG . 1.55 15.69 -34.59
C8 CLA PG . 2.43 14.51 -34.99
C9 CLA PG . 1.94 13.92 -36.30
C10 CLA PG . 2.56 13.47 -33.88
C11 CLA PG . 1.53 12.36 -33.91
C12 CLA PG . 1.87 11.26 -32.94
C13 CLA PG . 1.62 9.89 -33.54
C14 CLA PG . 1.55 8.83 -32.46
C15 CLA PG . 2.69 9.53 -34.57
MG CLA QG . -4.20 16.72 -40.03
CHA CLA QG . -2.86 19.81 -40.76
CHB CLA QG . -6.48 17.20 -42.47
CHC CLA QG . -6.01 14.08 -38.83
CHD CLA QG . -2.08 16.54 -37.21
NA CLA QG . -4.37 18.10 -41.58
C1A CLA QG . -3.65 19.30 -41.75
C2A CLA QG . -4.21 20.10 -42.91
C3A CLA QG . -5.54 19.38 -43.22
C4A CLA QG . -5.38 18.04 -42.50
CMA CLA QG . -6.72 20.13 -42.67
CAA CLA QG . -3.30 20.13 -44.14
CBA CLA QG . -2.20 19.11 -44.13
CGA CLA QG . -1.56 19.02 -45.48
O1A CLA QG . -2.06 18.62 -46.53
O2A CLA QG . -0.26 19.45 -45.50
NB CLA QG . -5.74 15.64 -40.73
C1B CLA QG . -6.59 16.03 -41.70
C2B CLA QG . -7.57 14.95 -41.95
C3B CLA QG . -7.43 14.06 -40.91
C4B CLA QG . -6.39 14.61 -40.01
CMB CLA QG . -8.36 14.88 -43.17
CAB CLA QG . -8.35 13.08 -40.41
CBB CLA QG . -8.79 12.00 -41.06
NC CLA QG . -4.01 15.48 -38.36
C1C CLA QG . -4.92 14.51 -38.02
C2C CLA QG . -4.41 13.78 -36.88
C3C CLA QG . -3.22 14.39 -36.49
C4C CLA QG . -3.12 15.60 -37.31
CMC CLA QG . -5.10 12.65 -36.25
CAC CLA QG . -2.11 13.77 -35.77
CBC CLA QG . -2.19 13.99 -34.29
ND CLA QG . -2.77 17.84 -39.16
C1D CLA QG . -1.87 17.57 -38.10
C2D CLA QG . -0.74 18.52 -38.18
C3D CLA QG . -1.05 19.36 -39.23
C4D CLA QG . -2.40 19.00 -39.68
CMD CLA QG . 0.46 18.45 -37.35
CAD CLA QG . -0.70 20.59 -39.91
OBD CLA QG . 0.29 21.30 -39.78
CBD CLA QG . -1.90 20.97 -40.82
CGD CLA QG . -2.51 22.28 -40.42
O1D CLA QG . -1.99 23.21 -39.81
O2D CLA QG . -3.81 22.44 -40.79
CED CLA QG . -4.14 23.67 -41.43
C1 CLA QG . 0.57 18.83 -46.51
C2 CLA QG . 1.89 19.51 -46.46
C3 CLA QG . 2.93 19.12 -47.22
C4 CLA QG . 4.24 19.82 -47.15
C5 CLA QG . 2.83 17.98 -48.17
C6 CLA QG . 3.73 16.83 -47.77
C7 CLA QG . 4.70 16.48 -48.88
C8 CLA QG . 5.94 15.79 -48.33
C9 CLA QG . 6.88 16.81 -47.72
C10 CLA QG . 6.63 14.93 -49.39
C11 CLA QG . 7.59 15.69 -50.28
C12 CLA QG . 8.54 14.77 -51.02
C13 CLA QG . 9.57 15.57 -51.83
C14 CLA QG . 10.50 16.32 -50.89
C15 CLA QG . 8.88 16.53 -52.79
C16 CLA QG . 9.88 17.32 -53.62
C17 CLA QG . 9.19 18.39 -54.45
C18 CLA QG . 10.17 19.13 -55.34
C19 CLA QG . 10.72 18.22 -56.42
C20 CLA QG . 9.50 20.34 -55.97
MG CLA RG . -51.24 40.61 -47.68
CHA CLA RG . -51.89 40.86 -44.32
CHB CLA RG . -54.11 42.29 -48.32
CHC CLA RG . -50.65 40.24 -51.03
CHD CLA RG . -48.58 38.41 -47.00
NA CLA RG . -52.82 41.29 -46.50
C1A CLA RG . -52.85 41.39 -45.12
C2A CLA RG . -54.00 42.31 -44.68
C3A CLA RG . -54.88 42.36 -45.95
C4A CLA RG . -53.95 41.84 -47.04
CMA CLA RG . -56.09 41.49 -45.82
CAA CLA RG . -53.54 43.69 -44.22
CBA CLA RG . -52.68 44.46 -45.20
CGA CLA RG . -51.24 44.22 -44.88
O1A CLA RG . -50.75 43.91 -43.80
O2A CLA RG . -50.41 44.34 -45.95
NB CLA RG . -52.09 41.35 -49.35
C1B CLA RG . -53.34 41.84 -49.42
C2B CLA RG . -53.67 42.22 -50.82
C3B CLA RG . -52.68 41.66 -51.59
C4B CLA RG . -51.73 40.97 -50.67
CMB CLA RG . -54.57 43.33 -51.07
CAB CLA RG . -52.50 41.60 -53.02
CBB CLA RG . -53.48 41.62 -53.93
NC CLA RG . -49.71 39.72 -48.79
C1C CLA RG . -49.73 39.60 -50.15
C2C CLA RG . -48.46 39.01 -50.58
C3C CLA RG . -47.79 38.62 -49.42
C4C CLA RG . -48.70 38.89 -48.32
CMC CLA RG . -47.94 39.07 -51.95
CAC CLA RG . -46.51 37.92 -49.35
CBC CLA RG . -45.37 38.84 -49.02
ND CLA RG . -50.42 39.73 -46.07
C1D CLA RG . -49.30 38.88 -45.92
C2D CLA RG . -48.91 38.87 -44.49
C3D CLA RG . -49.93 39.52 -43.81
C4D CLA RG . -50.80 40.09 -44.85
CMD CLA RG . -47.77 38.14 -43.95
CAD CLA RG . -50.65 39.66 -42.56
OBD CLA RG . -50.27 39.39 -41.43
CBD CLA RG . -51.84 40.64 -42.82
CGD CLA RG . -53.13 40.10 -42.28
O1D CLA RG . -53.51 38.93 -42.24
O2D CLA RG . -53.95 41.07 -41.77
CED CLA RG . -55.32 40.76 -41.55
C1 CLA RG . -49.15 43.64 -45.82
C2 CLA RG . -48.68 43.31 -47.19
C3 CLA RG . -47.56 42.62 -47.41
C4 CLA RG . -46.72 42.14 -46.29
C5 CLA RG . -47.10 42.27 -48.78
C6 CLA RG . -47.95 42.85 -49.89
C7 CLA RG . -47.23 42.78 -51.21
C8 CLA RG . -47.88 43.66 -52.28
C9 CLA RG . -48.06 45.08 -51.79
C10 CLA RG . -49.22 43.07 -52.72
C11 CLA RG . -49.72 43.69 -54.01
C12 CLA RG . -48.78 43.45 -55.18
C13 CLA RG . -48.99 42.08 -55.82
C14 CLA RG . -47.80 41.19 -55.59
C15 CLA RG . -49.25 42.22 -57.31
C16 CLA RG . -50.58 42.88 -57.61
C17 CLA RG . -51.27 42.24 -58.78
C18 CLA RG . -51.07 43.04 -60.07
C19 CLA RG . -50.50 42.18 -61.18
C20 CLA RG . -52.36 43.68 -60.53
MG CLA SG . -33.60 37.62 -48.59
CHA CLA SG . -32.53 34.77 -50.23
CHB CLA SG . -30.49 38.90 -48.94
CHC CLA SG . -34.44 40.16 -46.45
CHD CLA SG . -36.34 35.77 -47.36
NA CLA SG . -31.92 37.06 -49.71
C1A CLA SG . -31.72 35.86 -50.40
C2A CLA SG . -30.31 35.81 -50.99
C3A CLA SG . -29.58 36.91 -50.17
C4A CLA SG . -30.74 37.73 -49.62
CMA CLA SG . -28.72 36.31 -49.08
CAA CLA SG . -30.28 36.09 -52.48
CBA CLA SG . -31.57 36.65 -53.02
CGA CLA SG . -31.27 37.66 -54.09
O1A CLA SG . -30.28 37.74 -54.82
O2A CLA SG . -32.27 38.58 -54.24
NB CLA SG . -32.74 39.35 -48.04
C1B CLA SG . -31.47 39.71 -48.34
C2B CLA SG . -31.18 41.01 -47.67
C3B CLA SG . -32.12 41.15 -46.67
C4B CLA SG . -33.17 40.14 -46.96
CMB CLA SG . -29.97 41.78 -47.94
CAB CLA SG . -32.39 42.28 -45.83
CBB CLA SG . -32.74 43.49 -46.28
NC CLA SG . -35.23 38.00 -47.35
C1C CLA SG . -35.43 39.16 -46.67
C2C CLA SG . -36.74 39.14 -46.06
C3C CLA SG . -37.21 37.83 -46.15
C4C CLA SG . -36.19 37.09 -46.89
CMC CLA SG . -37.51 40.35 -45.73
CAC CLA SG . -38.57 37.37 -45.90
CBC CLA SG . -38.83 36.99 -44.46
ND CLA SG . -34.45 35.82 -48.92
C1D CLA SG . -35.53 35.16 -48.30
C2D CLA SG . -35.77 33.91 -49.04
C3D CLA SG . -34.69 33.75 -49.87
C4D CLA SG . -33.79 34.86 -49.54
CMD CLA SG . -37.08 33.27 -49.12
CAD CLA SG . -33.97 32.86 -50.77
OBD CLA SG . -34.24 31.71 -51.06
CBD CLA SG . -32.51 33.41 -50.87
CGD CLA SG . -31.52 32.50 -50.19
O1D CLA SG . -30.94 32.71 -49.12
O2D CLA SG . -31.27 31.34 -50.84
CED CLA SG . -30.00 30.72 -50.63
C1 CLA SG . -33.02 38.52 -55.47
C2 CLA SG . -33.34 39.91 -55.83
C3 CLA SG . -32.48 40.73 -56.47
C4 CLA SG . -31.13 40.29 -56.89
C5 CLA SG . -32.87 42.12 -56.79
C6 CLA SG . -32.83 42.41 -58.29
C7 CLA SG . -34.22 42.49 -58.87
C8 CLA SG . -35.12 43.49 -58.14
C9 CLA SG . -36.58 43.20 -58.44
C10 CLA SG . -34.77 44.92 -58.52
C11 CLA SG . -34.82 45.83 -57.32
C12 CLA SG . -34.19 47.18 -57.60
C13 CLA SG . -34.43 48.16 -56.46
C14 CLA SG . -33.78 47.66 -55.18
C15 CLA SG . -35.92 48.40 -56.24
C16 CLA SG . -36.19 49.43 -55.17
C17 CLA SG . -37.62 49.93 -55.26
C18 CLA SG . -38.33 49.93 -53.91
C19 CLA SG . -37.79 51.03 -53.02
C20 CLA SG . -38.22 48.59 -53.22
MG CLA TG . -14.64 9.04 -24.12
CHA CLA TG . -12.79 10.03 -26.86
CHB CLA TG . -12.08 7.02 -23.17
CHC CLA TG . -16.26 8.44 -21.17
CHD CLA TG . -17.10 11.40 -24.97
NA CLA TG . -12.85 8.47 -25.02
C1A CLA TG . -12.15 9.16 -26.02
C2A CLA TG . -10.87 8.41 -26.38
C3A CLA TG . -10.85 7.23 -25.38
C4A CLA TG . -12.03 7.54 -24.45
CMA CLA TG . -11.08 5.95 -26.11
CAA CLA TG . -9.65 9.31 -26.27
CBA CLA TG . -9.07 9.36 -24.87
CGA CLA TG . -9.01 10.77 -24.39
O1A CLA TG . -8.02 11.44 -24.11
O2A CLA TG . -10.24 11.35 -24.26
NB CLA TG . -14.32 7.81 -22.55
C1B CLA TG . -13.17 7.16 -22.30
C2B CLA TG . -13.33 6.37 -21.04
C3B CLA TG . -14.42 6.91 -20.39
C4B CLA TG . -15.12 7.74 -21.38
CMB CLA TG . -12.69 5.09 -20.82
CAB CLA TG . -15.07 6.40 -19.21
CBB CLA TG . -15.34 7.10 -18.11
NC CLA TG . -16.37 9.80 -23.22
C1C CLA TG . -16.71 9.56 -21.93
C2C CLA TG . -17.90 10.31 -21.59
C3C CLA TG . -18.12 11.19 -22.65
C4C CLA TG . -17.25 10.75 -23.73
CMC CLA TG . -18.78 10.01 -20.47
CAC CLA TG . -19.22 12.15 -22.76
CBC CLA TG . -18.92 13.45 -22.07
ND CLA TG . -15.00 10.36 -25.60
C1D CLA TG . -15.97 11.36 -25.75
C2D CLA TG . -15.71 12.09 -27.00
C3D CLA TG . -14.55 11.54 -27.53
C4D CLA TG . -14.05 10.62 -26.50
CMD CLA TG . -16.68 12.96 -27.66
CAD CLA TG . -13.62 11.51 -28.64
OBD CLA TG . -13.76 11.94 -29.77
CBD CLA TG . -12.49 10.51 -28.26
CGD CLA TG . -12.37 9.38 -29.24
O1D CLA TG . -12.93 8.28 -29.17
O2D CLA TG . -11.56 9.63 -30.29
CED CLA TG . -10.74 8.56 -30.78
C1 CLA TG . -10.47 12.06 -23.03
C2 CLA TG . -10.43 11.06 -21.94
C3 CLA TG . -11.54 10.59 -21.34
C4 CLA TG . -12.89 11.06 -21.74
C5 CLA TG . -11.45 9.58 -20.26
C6 CLA TG . -12.13 10.00 -18.96
C7 CLA TG . -11.41 11.18 -18.33
C8 CLA TG . -10.74 10.83 -17.01
C9 CLA TG . -11.74 10.21 -16.05
C10 CLA TG . -10.11 12.07 -16.38
C11 CLA TG . -8.87 11.75 -15.59
C12 CLA TG . -7.82 11.03 -16.42
C13 CLA TG . -6.56 10.78 -15.62
C14 CLA TG . -5.71 12.05 -15.56
C15 CLA TG . -5.74 9.63 -16.18
MG CLA UG . 4.61 2.62 -50.53
CHA CLA UG . 5.61 0.16 -48.30
CHB CLA UG . 4.51 4.86 -47.99
CHC CLA UG . 3.41 4.96 -52.73
CHD CLA UG . 4.44 0.17 -53.06
NA CLA UG . 4.98 2.49 -48.48
C1A CLA UG . 5.59 1.43 -47.79
C2A CLA UG . 5.85 1.83 -46.34
C3A CLA UG . 5.22 3.23 -46.22
C4A CLA UG . 4.76 3.55 -47.64
CMA CLA UG . 4.09 3.25 -45.22
CAA CLA UG . 7.34 1.89 -46.02
CBA CLA UG . 7.59 1.39 -44.60
CGA CLA UG . 9.05 1.46 -44.27
O1A CLA UG . 10.01 1.10 -44.93
O2A CLA UG . 9.27 1.99 -43.02
NB CLA UG . 4.14 4.57 -50.40
C1B CLA UG . 4.19 5.32 -49.27
C2B CLA UG . 3.81 6.72 -49.59
C3B CLA UG . 3.40 6.73 -50.91
C4B CLA UG . 3.68 5.37 -51.47
CMB CLA UG . 3.56 7.71 -48.55
CAB CLA UG . 3.00 7.82 -51.77
CBB CLA UG . 3.63 8.98 -51.90
NC CLA UG . 4.16 2.60 -52.56
C1C CLA UG . 3.62 3.65 -53.24
C2C CLA UG . 3.52 3.31 -54.66
C3C CLA UG . 3.93 1.98 -54.78
C4C CLA UG . 4.22 1.51 -53.43
CMC CLA UG . 3.16 4.25 -55.71
CAC CLA UG . 4.16 1.25 -56.04
CBC CLA UG . 5.63 1.09 -56.36
ND CLA UG . 4.95 0.63 -50.72
C1D CLA UG . 4.97 -0.21 -51.85
C2D CLA UG . 5.51 -1.52 -51.46
C3D CLA UG . 5.82 -1.43 -50.12
C4D CLA UG . 5.34 -0.10 -49.67
CMD CLA UG . 5.49 -2.71 -52.31
CAD CLA UG . 6.10 -2.17 -48.91
OBD CLA UG . 6.39 -3.36 -48.76
CBD CLA UG . 6.17 -1.14 -47.75
CGD CLA UG . 5.44 -1.61 -46.52
O1D CLA UG . 5.85 -1.63 -45.36
O2D CLA UG . 4.18 -2.05 -46.78
CED CLA UG . 3.68 -3.11 -45.96
C1 PQN VG . -38.82 31.15 -41.45
O1 PQN VG . -38.15 31.70 -40.55
C2 PQN VG . -39.79 31.96 -42.23
C2M PQN VG . -39.94 33.41 -41.87
C3 PQN VG . -40.51 31.37 -43.21
C4 PQN VG . -40.33 29.93 -43.51
O4 PQN VG . -41.00 29.41 -44.42
C5 PQN VG . -39.36 29.11 -42.74
C6 PQN VG . -39.20 27.77 -43.03
C7 PQN VG . -38.28 27.02 -42.31
C8 PQN VG . -37.54 27.61 -41.30
C9 PQN VG . -37.70 28.95 -41.01
C10 PQN VG . -38.62 29.70 -41.73
C11 PQN VG . -41.52 32.12 -44.04
C12 PQN VG . -40.84 32.78 -45.22
C13 PQN VG . -41.49 33.10 -46.35
C14 PQN VG . -42.94 32.78 -46.51
C15 PQN VG . -40.74 33.76 -47.47
C16 PQN VG . -41.54 34.96 -47.97
C17 PQN VG . -41.12 35.38 -49.37
C18 PQN VG . -40.26 36.64 -49.30
C19 PQN VG . -41.15 37.87 -49.42
C20 PQN VG . -39.21 36.60 -50.40
C21 PQN VG . -38.37 37.88 -50.40
C22 PQN VG . -36.90 37.57 -50.61
C23 PQN VG . -36.55 37.57 -52.09
C24 PQN VG . -35.70 36.35 -52.46
C25 PQN VG . -35.81 38.86 -52.43
C26 PQN VG . -36.28 39.43 -53.76
C27 PQN VG . -37.77 39.69 -53.78
C28 PQN VG . -38.14 40.85 -54.70
C29 PQN VG . -39.64 41.14 -54.62
C30 PQN VG . -37.33 42.09 -54.38
FE1 SF4 WG . -38.02 18.71 -39.08
FE2 SF4 WG . -36.23 17.27 -37.63
FE3 SF4 WG . -37.25 16.23 -39.93
FE4 SF4 WG . -38.84 16.50 -37.73
S1 SF4 WG . -37.02 15.16 -37.93
S2 SF4 WG . -39.38 17.06 -39.87
S3 SF4 WG . -38.03 18.42 -36.83
S4 SF4 WG . -35.93 18.07 -39.74
C1 BCR XG . -8.99 42.12 -72.69
C2 BCR XG . -10.14 42.58 -71.81
C3 BCR XG . -10.06 41.93 -70.47
C4 BCR XG . -8.79 42.34 -69.77
C5 BCR XG . -7.61 42.35 -70.67
C6 BCR XG . -7.68 42.24 -72.01
C7 BCR XG . -6.48 42.29 -72.86
C8 BCR XG . -5.80 41.20 -73.20
C9 BCR XG . -4.86 41.16 -74.31
C10 BCR XG . -4.11 40.07 -74.46
C11 BCR XG . -3.19 39.86 -75.56
C33 BCR XG . -6.33 42.49 -69.95
C31 BCR XG . -9.04 42.95 -73.95
C32 BCR XG . -9.29 40.68 -73.05
C34 BCR XG . -4.98 42.18 -75.35
C12 BCR XG . -2.51 38.71 -75.58
C13 BCR XG . -1.42 38.40 -76.48
C14 BCR XG . -0.80 37.22 -76.32
C15 BCR XG . 0.26 36.74 -77.16
C16 BCR XG . 0.85 35.58 -76.85
C17 BCR XG . 1.84 35.02 -77.73
C18 BCR XG . 2.48 33.86 -77.53
C19 BCR XG . 3.41 33.40 -78.54
C20 BCR XG . 4.22 32.35 -78.33
C21 BCR XG . 4.98 31.83 -79.44
C22 BCR XG . 5.88 30.84 -79.36
C23 BCR XG . 6.85 30.70 -80.44
C24 BCR XG . 7.47 29.55 -80.72
C25 BCR XG . 8.67 29.40 -81.54
C26 BCR XG . 8.60 29.26 -82.86
C27 BCR XG . 9.76 29.08 -83.78
C28 BCR XG . 11.08 29.32 -83.11
C29 BCR XG . 11.06 28.74 -81.72
C30 BCR XG . 9.98 29.35 -80.84
C35 BCR XG . -0.92 39.41 -77.43
C36 BCR XG . 2.32 33.08 -76.30
C37 BCR XG . 5.75 29.76 -78.37
C38 BCR XG . 7.33 29.28 -83.63
C39 BCR XG . 10.40 30.73 -80.36
C40 BCR XG . 9.92 28.46 -79.60
C1 BCR YG . -12.90 11.63 -55.72
C2 BCR YG . -14.37 11.83 -55.92
C3 BCR YG . -14.96 12.49 -54.72
C4 BCR YG . -14.40 13.87 -54.58
C5 BCR YG . -12.92 13.88 -54.74
C6 BCR YG . -12.21 12.87 -55.23
C7 BCR YG . -10.76 12.93 -55.40
C8 BCR YG . -9.90 12.61 -54.43
C9 BCR YG . -8.53 13.10 -54.41
C10 BCR YG . -7.70 12.66 -53.47
C11 BCR YG . -6.27 12.82 -53.56
C33 BCR YG . -12.32 15.14 -54.28
C31 BCR YG . -12.31 11.14 -57.02
C32 BCR YG . -12.78 10.53 -54.68
C34 BCR YG . -8.05 13.85 -55.58
C12 BCR YG . -5.51 12.25 -52.63
C13 BCR YG . -4.08 12.42 -52.56
C14 BCR YG . -3.41 11.80 -51.59
C15 BCR YG . -2.01 11.98 -51.33
C16 BCR YG . -1.46 11.44 -50.24
C17 BCR YG . -0.04 11.57 -50.09
C18 BCR YG . 0.66 11.21 -49.01
C19 BCR YG . 2.09 11.43 -49.04
C20 BCR YG . 2.87 11.30 -47.96
C21 BCR YG . 4.24 11.76 -48.06
C22 BCR YG . 5.26 11.32 -47.32
C23 BCR YG . 6.61 11.71 -47.72
C24 BCR YG . 7.72 11.18 -47.19
C25 BCR YG . 9.06 11.71 -47.31
C26 BCR YG . 9.86 11.41 -48.34
C27 BCR YG . 11.25 11.88 -48.55
C28 BCR YG . 11.65 12.96 -47.58
C29 BCR YG . 11.07 12.69 -46.21
C30 BCR YG . 9.56 12.60 -46.22
C35 BCR YG . -3.37 13.17 -53.63
C36 BCR YG . 0.01 10.80 -47.76
C37 BCR YG . 5.07 10.34 -46.24
C38 BCR YG . 9.44 10.52 -49.46
C39 BCR YG . 8.95 13.99 -46.31
C40 BCR YG . 9.17 12.06 -44.84
C1 BCR ZG . -12.71 17.95 -48.20
C2 BCR ZG . -13.65 16.78 -48.32
C3 BCR ZG . -14.37 16.85 -49.63
C4 BCR ZG . -13.41 16.75 -50.80
C5 BCR ZG . -12.16 17.51 -50.55
C6 BCR ZG . -11.82 18.08 -49.39
C7 BCR ZG . -10.55 18.78 -49.22
C8 BCR ZG . -10.41 20.08 -49.42
C9 BCR ZG . -9.18 20.67 -49.90
C10 BCR ZG . -8.13 19.89 -50.20
C11 BCR ZG . -6.95 20.39 -50.85
C33 BCR ZG . -11.30 17.59 -51.74
C31 BCR ZG . -11.91 17.74 -46.93
C32 BCR ZG . -13.55 19.20 -48.03
C34 BCR ZG . -9.09 22.13 -49.99
C12 BCR ZG . -5.76 19.91 -50.48
C13 BCR ZG . -4.51 20.57 -50.73
C14 BCR ZG . -3.37 19.94 -50.38
C15 BCR ZG . -2.07 20.43 -50.76
C16 BCR ZG . -0.97 19.88 -50.21
C17 BCR ZG . 0.28 20.54 -50.46
C18 BCR ZG . 1.37 19.96 -50.96
C19 BCR ZG . 2.60 20.72 -50.98
C20 BCR ZG . 3.75 20.21 -51.42
C21 BCR ZG . 4.92 21.03 -51.44
C22 BCR ZG . 6.18 20.57 -51.35
C23 BCR ZG . 7.24 21.53 -51.11
C24 BCR ZG . 7.87 21.57 -49.94
C25 BCR ZG . 9.29 21.82 -49.72
C26 BCR ZG . 9.75 23.07 -49.53
C27 BCR ZG . 11.15 23.40 -49.27
C28 BCR ZG . 11.78 22.30 -48.45
C29 BCR ZG . 11.63 20.99 -49.17
C30 BCR ZG . 10.24 20.66 -49.70
C35 BCR ZG . -4.46 21.77 -51.57
C36 BCR ZG . 1.32 18.68 -51.68
C37 BCR ZG . 6.40 19.16 -50.96
C38 BCR ZG . 8.89 24.26 -49.53
C39 BCR ZG . 9.60 19.52 -48.91
C40 BCR ZG . 10.49 20.11 -51.09
C1 BCR AH . -20.59 41.01 -50.54
C2 BCR AH . -19.42 40.67 -49.63
C3 BCR AH . -18.52 41.87 -49.48
C4 BCR AH . -19.28 42.97 -48.80
C5 BCR AH . -20.57 43.23 -49.48
C6 BCR AH . -21.21 42.34 -50.25
C7 BCR AH . -22.48 42.65 -50.93
C8 BCR AH . -23.68 42.57 -50.33
C9 BCR AH . -24.91 42.97 -50.99
C10 BCR AH . -26.00 43.18 -50.26
C11 BCR AH . -26.03 43.41 -48.83
C33 BCR AH . -21.10 44.58 -49.17
C31 BCR AH . -21.53 39.84 -50.41
C32 BCR AH . -20.03 41.02 -51.94
C34 BCR AH . -24.95 42.91 -52.46
C12 BCR AH . -27.11 44.03 -48.33
C13 BCR AH . -27.46 44.14 -46.94
C14 BCR AH . -28.54 44.88 -46.64
C15 BCR AH . -29.22 44.91 -45.36
C16 BCR AH . -30.01 45.93 -45.05
C17 BCR AH . -31.10 45.77 -44.15
C18 BCR AH . -32.22 46.50 -44.13
C19 BCR AH . -32.47 47.40 -45.24
C20 BCR AH . -33.35 48.40 -45.16
C21 BCR AH . -34.65 48.24 -45.77
C22 BCR AH . -35.82 48.38 -45.16
C23 BCR AH . -37.02 48.28 -45.95
C24 BCR AH . -37.62 49.34 -46.50
C25 BCR AH . -38.81 49.33 -47.36
C26 BCR AH . -40.04 49.38 -46.84
C27 BCR AH . -41.29 49.39 -47.61
C28 BCR AH . -41.06 49.97 -48.98
C29 BCR AH . -39.90 49.28 -49.64
C30 BCR AH . -38.60 49.33 -48.85
C35 BCR AH . -26.48 43.76 -45.90
C36 BCR AH . -33.10 46.60 -42.96
C37 BCR AH . -35.90 48.98 -43.81
C38 BCR AH . -40.31 49.41 -45.39
C39 BCR AH . -37.75 50.52 -49.23
C40 BCR AH . -37.85 48.10 -49.35
O1 LHG BH . -38.11 19.01 -55.54
C1 LHG BH . -36.98 18.85 -54.68
C2 LHG BH . -36.41 20.20 -54.34
O2 LHG BH . -35.67 20.72 -55.41
C3 LHG BH . -35.48 20.19 -53.16
O3 LHG BH . -35.19 21.56 -53.07
P LHG BH . -35.59 22.40 -51.75
O4 LHG BH . -36.85 23.13 -52.04
O5 LHG BH . -35.15 21.51 -50.64
O6 LHG BH . -34.43 23.59 -51.97
C4 LHG BH . -33.27 23.60 -51.20
C5 LHG BH . -32.53 24.86 -51.63
C6 LHG BH . -31.37 24.54 -52.57
O7 LHG BH . -33.46 25.64 -52.34
C7 LHG BH . -33.16 26.96 -52.35
O9 LHG BH . -32.45 27.49 -51.52
C8 LHG BH . -34.04 27.67 -53.30
C9 LHG BH . -33.87 29.15 -53.14
C10 LHG BH . -33.12 29.72 -54.30
O8 LHG BH . -30.24 25.18 -51.99
C23 LHG BH . -29.19 25.45 -52.81
O10 LHG BH . -29.31 25.34 -54.01
C24 LHG BH . -27.82 25.78 -52.23
C11 LHG BH . -33.75 31.08 -54.42
C12 LHG BH . -32.96 31.90 -55.40
C13 LHG BH . -33.52 33.29 -55.40
C14 LHG BH . -32.60 34.25 -56.12
C25 LHG BH . -27.69 27.11 -51.51
C26 LHG BH . -26.63 27.18 -50.41
C27 LHG BH . -26.12 28.60 -50.49
C28 LHG BH . -25.21 29.04 -49.37
C29 LHG BH . -24.41 30.21 -49.92
C30 LHG BH . -24.20 31.38 -48.99
C31 LHG BH . -23.44 32.55 -49.56
C32 LHG BH . -23.80 33.91 -48.99
C33 LHG BH . -22.53 34.76 -48.98
O1 LHG CH . -2.33 3.70 -53.89
C1 LHG CH . -1.88 4.72 -53.03
C2 LHG CH . -0.41 4.58 -52.86
O2 LHG CH . 0.26 4.80 -54.07
C3 LHG CH . 0.00 3.21 -52.42
O3 LHG CH . 0.01 3.40 -51.03
P LHG CH . 0.24 2.17 -50.02
O4 LHG CH . -0.91 1.24 -50.19
O5 LHG CH . 1.70 1.98 -50.01
O6 LHG CH . -0.19 3.02 -48.66
C4 LHG CH . 0.26 4.32 -48.47
C5 LHG CH . 0.12 4.53 -46.96
C6 LHG CH . 1.28 5.35 -46.44
O7 LHG CH . -1.06 5.28 -46.77
C7 LHG CH . -1.98 4.67 -45.96
O9 LHG CH . -1.89 3.50 -45.63
C8 LHG CH . -2.91 5.66 -45.39
C9 LHG CH . -2.79 5.67 -43.89
C10 LHG CH . -2.85 7.09 -43.38
O8 LHG CH . 0.77 6.02 -45.28
C23 LHG CH . 0.91 7.36 -45.24
O10 LHG CH . 0.96 7.98 -46.29
C24 LHG CH . 1.44 8.02 -43.98
C11 LHG CH . -3.15 6.88 -41.92
C12 LHG CH . -2.38 7.86 -41.09
C13 LHG CH . -3.21 9.11 -40.91
C14 LHG CH . -2.57 10.31 -41.60
C15 LHG CH . -3.37 11.52 -41.16
C16 LHG CH . -2.84 12.03 -39.85
C17 LHG CH . -1.37 12.41 -39.95
C18 LHG CH . -1.41 13.87 -40.32
C19 LHG CH . -0.06 14.54 -40.31
C20 LHG CH . -0.32 15.79 -41.13
C21 LHG CH . 0.92 16.64 -41.17
C22 LHG CH . 0.69 17.75 -42.16
C25 LHG CH . 1.66 9.51 -44.07
C26 LHG CH . 0.83 10.37 -43.11
C27 LHG CH . 0.43 11.55 -43.96
C28 LHG CH . 1.16 12.83 -43.68
C29 LHG CH . 0.67 13.82 -44.73
C30 LHG CH . 1.72 14.67 -45.40
C1 BCR DH . 1.50 31.51 -82.94
C2 BCR DH . 2.33 31.84 -84.16
C3 BCR DH . 3.12 33.10 -83.95
C4 BCR DH . 2.22 34.28 -83.64
C5 BCR DH . 1.06 33.92 -82.79
C6 BCR DH . 0.72 32.68 -82.44
C7 BCR DH . -0.45 32.40 -81.60
C8 BCR DH . -0.37 32.27 -80.28
C9 BCR DH . -1.52 32.02 -79.42
C10 BCR DH . -1.47 32.42 -78.16
C11 BCR DH . -2.51 32.19 -77.18
C33 BCR DH . 0.30 35.10 -82.32
C31 BCR DH . 2.47 30.96 -81.91
C32 BCR DH . 0.55 30.40 -83.35
C34 BCR DH . -2.62 31.21 -79.96
C12 BCR DH . -2.35 32.73 -75.96
C13 BCR DH . -3.29 32.62 -74.89
C14 BCR DH . -3.22 33.52 -73.89
C15 BCR DH . -4.05 33.51 -72.72
C16 BCR DH . -3.96 34.52 -71.85
C17 BCR DH . -4.59 34.39 -70.57
C18 BCR DH . -4.44 35.22 -69.53
C19 BCR DH . -5.50 35.31 -68.56
C20 BCR DH . -5.45 36.15 -67.52
C21 BCR DH . -6.65 36.44 -66.79
C22 BCR DH . -6.86 36.10 -65.52
C23 BCR DH . -8.01 36.64 -64.81
C24 BCR DH . -8.07 36.70 -63.47
C25 BCR DH . -9.24 36.42 -62.66
C26 BCR DH . -9.33 35.26 -61.98
C27 BCR DH . -10.44 34.84 -61.11
C28 BCR DH . -11.61 35.80 -61.09
C29 BCR DH . -11.18 37.22 -61.32
C30 BCR DH . -10.31 37.46 -62.53
C35 BCR DH . -4.24 31.50 -74.82
C36 BCR DH . -3.33 36.19 -69.47
C37 BCR DH . -6.08 34.99 -64.93
C38 BCR DH . -8.30 34.22 -62.06
C39 BCR DH . -9.69 38.83 -62.50
C40 BCR DH . -11.27 37.44 -63.71
MG CLA EH . -32.70 42.30 -33.41
CHA CLA EH . -29.45 43.31 -33.98
CHB CLA EH . -33.80 45.14 -34.88
CHC CLA EH . -35.85 40.96 -33.50
CHD CLA EH . -31.47 39.20 -32.34
NA CLA EH . -31.75 43.95 -34.26
C1A CLA EH . -30.39 44.16 -34.49
C2A CLA EH . -30.15 45.61 -34.93
C3A CLA EH . -31.55 46.25 -34.81
C4A CLA EH . -32.43 45.01 -34.76
CMA CLA EH . -31.70 47.09 -33.58
CAA CLA EH . -29.65 45.71 -36.37
CBA CLA EH . -29.12 47.09 -36.69
CGA CLA EH . -29.89 47.71 -37.82
O1A CLA EH . -30.99 47.37 -38.27
O2A CLA EH . -29.25 48.76 -38.40
NB CLA EH . -34.50 42.96 -33.97
C1B CLA EH . -34.72 44.10 -34.68
C2B CLA EH . -35.89 43.91 -35.55
C3B CLA EH . -36.58 42.85 -35.03
C4B CLA EH . -35.67 42.19 -34.06
CMB CLA EH . -36.41 44.96 -36.42
CAB CLA EH . -38.00 42.70 -35.00
CBB CLA EH . -38.72 42.08 -35.92
NC CLA EH . -33.53 40.53 -32.70
C1C CLA EH . -34.85 40.18 -32.84
C2C CLA EH . -35.08 38.92 -32.13
C3C CLA EH . -33.83 38.46 -31.73
C4C CLA EH . -32.86 39.37 -32.33
CMC CLA EH . -36.37 38.24 -32.05
CAC CLA EH . -33.52 37.32 -30.86
CBC CLA EH . -33.06 37.68 -29.47
ND CLA EH . -30.90 41.52 -32.90
C1D CLA EH . -30.56 40.23 -32.39
C2D CLA EH . -29.09 40.10 -32.44
C3D CLA EH . -28.60 41.27 -32.99
C4D CLA EH . -29.77 42.15 -33.21
CMD CLA EH . -28.44 38.79 -32.32
CAD CLA EH . -27.48 41.86 -33.67
OBD CLA EH . -26.47 41.32 -34.09
CBD CLA EH . -27.97 43.20 -34.29
CGD CLA EH . -27.22 44.38 -33.77
O1D CLA EH . -27.07 45.48 -34.31
O2D CLA EH . -26.64 44.17 -32.56
CED CLA EH . -25.99 45.28 -31.97
C1 CLA EH . -30.09 49.78 -39.01
C2 CLA EH . -29.52 50.23 -40.31
C3 CLA EH . -29.55 49.49 -41.43
C4 CLA EH . -30.15 48.14 -41.46
C5 CLA EH . -28.99 49.98 -42.73
C6 CLA EH . -29.97 49.79 -43.86
C7 CLA EH . -29.49 50.37 -45.18
C8 CLA EH . -29.07 49.28 -46.16
C9 CLA EH . -27.74 49.61 -46.78
C10 CLA EH . -30.09 49.08 -47.28
C11 CLA EH . -29.65 47.97 -48.22
C12 CLA EH . -30.81 47.20 -48.83
C13 CLA EH . -30.31 46.04 -49.68
C14 CLA EH . -29.95 46.48 -51.07
C15 CLA EH . -31.34 44.92 -49.73
MG CLA FH . -21.93 41.74 -27.83
CHA CLA FH . -24.69 41.91 -25.73
CHB CLA FH . -22.90 38.68 -28.91
CHC CLA FH . -19.17 41.62 -29.84
CHD CLA FH . -20.62 44.60 -26.27
NA CLA FH . -23.57 40.54 -27.40
C1A CLA FH . -24.67 40.81 -26.57
C2A CLA FH . -25.42 39.50 -26.29
C3A CLA FH . -24.63 38.43 -27.07
C4A CLA FH . -23.64 39.25 -27.88
CMA CLA FH . -23.97 37.48 -26.11
CAA CLA FH . -26.89 39.51 -26.71
CBA CLA FH . -27.12 39.47 -28.20
CGA CLA FH . -28.48 38.90 -28.41
O1A CLA FH . -28.93 37.83 -28.01
O2A CLA FH . -29.29 39.71 -29.15
NB CLA FH . -21.27 40.48 -29.24
C1B CLA FH . -21.90 39.36 -29.64
C2B CLA FH . -21.25 38.86 -30.90
C3B CLA FH . -20.15 39.67 -31.11
C4B CLA FH . -20.08 40.61 -29.97
CMB CLA FH . -21.94 37.96 -31.81
CAB CLA FH . -19.19 39.73 -32.17
CBB CLA FH . -18.56 38.71 -32.75
NC CLA FH . -20.21 42.91 -28.03
C1C CLA FH . -19.14 42.57 -28.79
C2C CLA FH . -18.14 43.62 -28.71
C3C CLA FH . -18.58 44.51 -27.73
C4C CLA FH . -19.79 43.93 -27.18
CMC CLA FH . -17.19 43.92 -29.78
CAC CLA FH . -17.94 45.74 -27.28
CBC CLA FH . -17.08 45.51 -26.07
ND CLA FH . -22.46 43.00 -26.37
C1D CLA FH . -21.90 44.24 -25.95
C2D CLA FH . -22.74 44.80 -24.89
C3D CLA FH . -23.77 43.91 -24.69
C4D CLA FH . -23.55 42.78 -25.63
CMD CLA FH . -22.55 46.15 -24.39
CAD CLA FH . -25.12 43.76 -24.20
OBD CLA FH . -25.59 44.08 -23.11
CBD CLA FH . -25.81 42.74 -25.14
CGD CLA FH . -26.84 41.99 -24.36
O1D CLA FH . -26.70 41.40 -23.29
O2D CLA FH . -28.07 41.99 -24.90
CED CLA FH . -29.17 41.85 -24.00
C1 CLA FH . -29.96 40.75 -28.42
C2 CLA FH . -29.93 41.93 -29.31
C3 CLA FH . -30.49 43.10 -28.99
C4 CLA FH . -31.18 43.32 -27.70
C5 CLA FH . -30.43 44.24 -29.94
C6 CLA FH . -29.98 45.51 -29.27
C7 CLA FH . -29.05 46.29 -30.16
C8 CLA FH . -29.63 47.66 -30.54
C9 CLA FH . -28.63 48.47 -31.31
C10 CLA FH . -30.09 48.41 -29.30
C11 CLA FH . -31.22 49.36 -29.63
C12 CLA FH . -32.53 48.65 -29.85
C13 CLA FH . -33.67 49.64 -29.86
C14 CLA FH . -34.00 50.07 -28.44
C15 CLA FH . -34.92 49.07 -30.50
C16 CLA FH . -34.69 48.66 -31.95
C17 CLA FH . -36.04 48.59 -32.61
C18 CLA FH . -36.09 47.82 -33.92
C19 CLA FH . -35.16 48.46 -34.92
C20 CLA FH . -37.52 47.87 -34.43
MG CLA GH . -19.48 23.96 -32.32
CHA CLA GH . -18.17 20.83 -32.95
CHB CLA GH . -18.44 23.73 -29.12
CHC CLA GH . -20.96 26.97 -31.63
CHD CLA GH . -21.84 23.39 -34.80
NA CLA GH . -18.21 22.64 -31.32
C1A CLA GH . -17.75 21.41 -31.78
C2A CLA GH . -16.84 20.79 -30.73
C3A CLA GH . -17.17 21.57 -29.45
C4A CLA GH . -18.08 22.69 -29.96
CMA CLA GH . -17.86 20.73 -28.42
CAA CLA GH . -15.39 20.97 -31.15
CBA CLA GH . -14.48 20.18 -30.26
CGA CLA GH . -13.87 21.11 -29.27
O1A CLA GH . -13.42 22.22 -29.48
O2A CLA GH . -13.88 20.61 -27.99
NB CLA GH . -19.41 25.25 -30.78
C1B CLA GH . -18.95 24.97 -29.55
C2B CLA GH . -18.88 26.22 -28.76
C3B CLA GH . -19.56 27.17 -29.50
C4B CLA GH . -20.11 26.47 -30.70
CMB CLA GH . -18.48 26.20 -27.35
CAB CLA GH . -19.72 28.59 -29.35
CBB CLA GH . -18.92 29.43 -28.67
NC CLA GH . -20.90 25.11 -33.29
C1C CLA GH . -21.34 26.33 -32.85
C2C CLA GH . -22.40 26.78 -33.73
C3C CLA GH . -22.54 25.82 -34.72
C4C CLA GH . -21.85 24.66 -34.19
CMC CLA GH . -22.72 28.18 -33.89
CAC CLA GH . -22.73 26.08 -36.15
CBC CLA GH . -24.03 25.54 -36.67
ND CLA GH . -19.73 22.66 -33.83
C1D CLA GH . -20.78 22.51 -34.76
C2D CLA GH . -20.56 21.31 -35.56
C3D CLA GH . -19.44 20.69 -35.00
C4D CLA GH . -19.14 21.46 -33.79
CMD CLA GH . -21.14 21.15 -36.89
CAD CLA GH . -18.59 19.52 -34.99
OBD CLA GH . -18.70 18.48 -35.61
CBD CLA GH . -17.65 19.67 -33.77
CGD CLA GH . -17.59 18.40 -32.97
O1D CLA GH . -18.27 18.09 -31.99
O2D CLA GH . -16.66 17.52 -33.39
CED CLA GH . -15.40 17.54 -32.71
C1 CLA GH . -13.25 21.43 -26.99
C2 CLA GH . -14.28 22.31 -26.40
C3 CLA GH . -14.19 23.64 -26.42
C4 CLA GH . -13.05 24.36 -27.03
C5 CLA GH . -15.25 24.50 -25.81
C6 CLA GH . -14.72 25.31 -24.65
C7 CLA GH . -14.51 24.42 -23.44
C8 CLA GH . -13.30 24.78 -22.60
C9 CLA GH . -12.04 24.85 -23.44
C10 CLA GH . -13.11 23.75 -21.50
C11 CLA GH . -13.86 24.13 -20.24
C12 CLA GH . -14.49 22.90 -19.61
C13 CLA GH . -14.63 23.06 -18.10
C14 CLA GH . -13.25 23.13 -17.47
C15 CLA GH . -15.43 21.92 -17.51
C16 CLA GH . -15.54 22.03 -16.01
C17 CLA GH . -16.75 22.85 -15.58
C18 CLA GH . -17.70 22.04 -14.72
C19 CLA GH . -18.55 22.94 -13.85
C20 CLA GH . -18.58 21.17 -15.60
MG CLA HH . -36.88 17.71 -7.74
CHA CLA HH . -37.98 14.43 -7.85
CHB CLA HH . -39.46 18.45 -5.66
CHC CLA HH . -35.99 21.01 -7.89
CHD CLA HH . -34.99 17.10 -10.65
NA CLA HH . -38.36 16.59 -6.82
C1A CLA HH . -38.49 15.20 -6.84
C2A CLA HH . -39.55 14.75 -5.83
C3A CLA HH . -40.23 16.08 -5.41
C4A CLA HH . -39.35 17.14 -6.06
CMA CLA HH . -41.64 16.16 -5.90
CAA CLA HH . -38.91 14.05 -4.64
CBA CLA HH . -37.69 14.77 -4.09
CGA CLA HH . -36.55 13.81 -4.02
O1A CLA HH . -36.54 12.60 -4.24
O2A CLA HH . -35.38 14.41 -3.63
NB CLA HH . -37.46 19.38 -6.78
C1B CLA HH . -38.59 19.50 -6.03
C2B CLA HH . -38.68 20.87 -5.48
C3B CLA HH . -37.72 21.61 -6.14
C4B CLA HH . -37.02 20.69 -7.06
CMB CLA HH . -39.43 21.16 -4.25
CAB CLA HH . -37.33 22.99 -5.99
CBB CLA HH . -38.16 24.03 -5.90
NC CLA HH . -35.50 18.79 -8.89
C1C CLA HH . -35.37 20.15 -8.85
C2C CLA HH . -34.25 20.53 -9.69
C3C CLA HH . -34.01 19.44 -10.53
C4C CLA HH . -34.88 18.38 -10.07
CMC CLA HH . -33.34 21.63 -9.39
CAC CLA HH . -32.82 19.25 -11.37
CBC CLA HH . -32.92 19.95 -12.71
ND CLA HH . -36.37 16.12 -8.88
C1D CLA HH . -35.58 16.01 -10.04
C2D CLA HH . -35.42 14.57 -10.35
C3D CLA HH . -36.33 13.92 -9.54
C4D CLA HH . -37.01 14.97 -8.76
CMD CLA HH . -34.63 14.04 -11.46
CAD CLA HH . -36.92 12.65 -9.17
OBD CLA HH . -36.59 11.51 -9.50
CBD CLA HH . -37.97 12.94 -8.06
CGD CLA HH . -39.32 12.41 -8.41
O1D CLA HH . -39.73 11.25 -8.35
O2D CLA HH . -40.18 13.36 -8.85
CED CLA HH . -41.54 13.24 -8.46
C1 CLA HH . -34.44 13.55 -2.95
C2 CLA HH . -33.38 14.43 -2.41
C3 CLA HH . -32.67 14.14 -1.31
C4 CLA HH . -32.89 12.89 -0.54
C5 CLA HH . -31.62 15.05 -0.82
C6 CLA HH . -32.04 15.80 0.43
C7 CLA HH . -30.83 16.43 1.09
C8 CLA HH . -31.17 17.70 1.85
C9 CLA HH . -31.84 18.70 0.92
C10 CLA HH . -29.93 18.31 2.48
C11 CLA HH . -29.75 17.86 3.91
C12 CLA HH . -28.32 18.02 4.37
C13 CLA HH . -28.22 18.07 5.89
C14 CLA HH . -26.77 18.27 6.32
C15 CLA HH . -28.78 16.80 6.52
MG CLA IH . -46.84 24.70 -8.40
CHA CLA IH . -48.00 27.90 -7.84
CHB CLA IH . -43.89 25.57 -6.95
CHC CLA IH . -45.61 21.61 -9.25
CHD CLA IH . -49.85 23.96 -10.06
NA CLA IH . -46.14 26.42 -7.46
C1A CLA IH . -46.85 27.59 -7.18
C2A CLA IH . -46.05 28.52 -6.29
C3A CLA IH . -44.63 27.93 -6.46
C4A CLA IH . -44.91 26.49 -6.87
CMA CLA IH . -43.92 28.65 -7.57
CAA CLA IH . -46.61 28.48 -4.87
CBA CLA IH . -45.61 28.05 -3.82
CGA CLA IH . -44.75 29.19 -3.39
O1A CLA IH . -43.59 29.15 -2.99
O2A CLA IH . -45.37 30.41 -3.48
NB CLA IH . -45.09 23.75 -8.11
C1B CLA IH . -44.03 24.25 -7.43
C2B CLA IH . -42.95 23.22 -7.37
C3B CLA IH . -43.42 22.11 -8.04
C4B CLA IH . -44.82 22.41 -8.47
CMB CLA IH . -41.73 23.43 -6.61
CAB CLA IH . -42.72 20.95 -8.50
CBB CLA IH . -42.09 20.06 -7.74
NC CLA IH . -47.61 23.07 -9.45
C1C CLA IH . -46.89 21.96 -9.78
C2C CLA IH . -47.57 21.23 -10.84
C3C CLA IH . -48.77 21.90 -11.08
C4C CLA IH . -48.83 23.00 -10.12
CMC CLA IH . -47.21 19.89 -11.28
CAC CLA IH . -49.89 21.44 -11.91
CBC CLA IH . -50.01 22.20 -13.21
ND CLA IH . -48.59 25.62 -8.80
C1D CLA IH . -49.68 25.26 -9.62
C2D CLA IH . -50.65 26.37 -9.67
C3D CLA IH . -50.00 27.44 -9.08
C4D CLA IH . -48.79 26.89 -8.47
CMD CLA IH . -52.05 26.24 -10.06
CAD CLA IH . -50.13 28.82 -8.65
OBD CLA IH . -51.16 29.46 -8.49
CBD CLA IH . -48.84 29.15 -7.84
CGD CLA IH . -48.07 30.34 -8.34
O1D CLA IH . -47.28 31.04 -7.70
O2D CLA IH . -48.29 30.64 -9.65
CED CLA IH . -47.52 31.71 -10.21
C1 CLA IH . -44.58 31.47 -4.06
C2 CLA IH . -45.46 32.08 -5.09
C3 CLA IH . -45.91 33.34 -5.01
C4 CLA IH . -45.55 34.26 -3.92
C5 CLA IH . -46.81 33.89 -6.07
C6 CLA IH . -48.20 34.20 -5.57
C7 CLA IH . -48.95 32.94 -5.20
C8 CLA IH . -50.29 33.23 -4.55
C9 CLA IH . -50.14 34.20 -3.40
C10 CLA IH . -50.98 31.98 -4.05
C11 CLA IH . -51.44 31.05 -5.15
C12 CLA IH . -52.49 30.08 -4.62
C13 CLA IH . -52.14 28.59 -4.73
C14 CLA IH . -50.65 28.35 -4.70
C15 CLA IH . -52.79 27.98 -5.97
C16 CLA IH . -52.32 26.57 -6.25
C17 CLA IH . -53.08 25.54 -5.45
C18 CLA IH . -53.30 24.27 -6.26
C19 CLA IH . -52.63 23.08 -5.60
C20 CLA IH . -54.79 24.02 -6.42
MG CLA JH . -38.70 29.61 -8.13
CHA CLA JH . -38.17 26.36 -9.15
CHB CLA JH . -41.50 29.74 -10.01
CHC CLA JH . -39.65 32.38 -6.40
CHD CLA JH . -36.03 29.26 -5.87
NA CLA JH . -39.71 28.22 -9.31
C1A CLA JH . -39.35 26.90 -9.57
C2A CLA JH . -40.35 26.27 -10.53
C3A CLA JH . -41.15 27.48 -11.04
C4A CLA JH . -40.89 28.51 -9.94
CMA CLA JH . -40.67 28.00 -12.36
CAA CLA JH . -41.22 25.30 -9.79
CBA CLA JH . -42.15 24.55 -10.70
CGA CLA JH . -41.42 23.50 -11.46
O1A CLA JH . -40.81 22.53 -11.01
O2A CLA JH . -41.46 23.67 -12.81
NB CLA JH . -40.19 30.93 -8.31
C1B CLA JH . -41.29 30.79 -9.09
C2B CLA JH . -42.21 31.93 -8.86
C3B CLA JH . -41.55 32.79 -8.02
C4B CLA JH . -40.45 31.99 -7.42
CMB CLA JH . -43.39 32.16 -9.69
CAB CLA JH . -41.90 34.09 -7.54
CBB CLA JH . -43.03 34.39 -6.88
NC CLA JH . -37.74 30.84 -6.74
C1C CLA JH . -38.29 31.99 -6.26
C2C CLA JH . -37.38 32.59 -5.31
C3C CLA JH . -36.50 31.57 -4.94
C4C CLA JH . -36.79 30.44 -5.81
CMC CLA JH . -37.67 33.83 -4.60
CAC CLA JH . -35.29 31.72 -4.12
CBC CLA JH . -34.12 32.20 -4.95
ND CLA JH . -37.25 28.26 -7.75
C1D CLA JH . -36.17 28.27 -6.82
C2D CLA JH . -35.46 26.99 -6.90
C3D CLA JH . -36.19 26.21 -7.78
C4D CLA JH . -37.36 27.01 -8.18
CMD CLA JH . -34.14 26.74 -6.35
CAD CLA JH . -36.20 25.02 -8.61
OBD CLA JH . -35.40 24.10 -8.62
CBD CLA JH . -37.54 25.00 -9.39
CGD CLA JH . -37.33 24.71 -10.85
O1D CLA JH . -36.98 25.49 -11.73
O2D CLA JH . -37.54 23.41 -11.18
CED CLA JH . -36.68 22.83 -12.14
C1 CLA JH . -40.18 23.60 -13.47
C2 CLA JH . -39.93 24.91 -14.11
C3 CLA JH . -40.02 25.10 -15.43
C4 CLA JH . -40.36 24.03 -16.38
C5 CLA JH . -39.75 26.44 -16.01
C6 CLA JH . -38.39 26.94 -15.59
C7 CLA JH . -38.13 28.31 -16.17
C8 CLA JH . -36.91 29.06 -15.62
C9 CLA JH . -36.16 28.33 -14.52
C10 CLA JH . -37.31 30.44 -15.12
C11 CLA JH . -38.54 30.43 -14.25
C12 CLA JH . -38.99 31.82 -13.86
C13 CLA JH . -38.95 32.03 -12.36
C14 CLA JH . -39.76 33.24 -11.95
C15 CLA JH . -37.53 32.18 -11.86
C16 CLA JH . -37.17 31.12 -10.84
C17 CLA JH . -35.77 31.30 -10.32
C18 CLA JH . -35.16 29.99 -9.87
C19 CLA JH . -35.18 28.96 -10.99
C20 CLA JH . -33.74 30.18 -9.40
MG CLA KH . -23.38 35.97 -4.76
CHA CLA KH . -25.82 37.97 -3.41
CHB CLA KH . -24.66 33.29 -3.16
CHC CLA KH . -21.01 34.03 -6.21
CHD CLA KH . -22.03 38.78 -6.40
NA CLA KH . -24.86 35.74 -3.32
C1A CLA KH . -25.90 36.64 -3.08
C2A CLA KH . -27.16 35.91 -2.63
C3A CLA KH . -26.56 34.57 -2.14
C4A CLA KH . -25.17 34.52 -2.79
CMA CLA KH . -26.45 34.54 -0.64
CAA CLA KH . -28.19 35.78 -3.75
CBA CLA KH . -27.78 34.99 -4.98
CGA CLA KH . -27.19 35.88 -6.03
O1A CLA KH . -27.31 37.10 -6.15
O2A CLA KH . -26.42 35.22 -6.94
NB CLA KH . -23.08 33.99 -4.90
C1B CLA KH . -23.74 33.05 -4.19
C2B CLA KH . -23.07 31.73 -4.43
C3B CLA KH . -22.20 31.91 -5.47
C4B CLA KH . -22.05 33.38 -5.63
CMB CLA KH . -23.55 30.49 -3.83
CAB CLA KH . -21.27 30.98 -6.04
CBB CLA KH . -21.07 30.78 -7.34
NC CLA KH . -21.98 36.30 -6.26
C1C CLA KH . -21.01 35.40 -6.59
C2C CLA KH . -20.21 35.93 -7.68
C3C CLA KH . -20.53 37.28 -7.76
C4C CLA KH . -21.63 37.51 -6.85
CMC CLA KH . -19.55 35.09 -8.68
CAC CLA KH . -19.72 38.32 -8.40
CBC CLA KH . -20.20 38.63 -9.79
ND CLA KH . -23.65 37.97 -4.75
C1D CLA KH . -23.07 39.01 -5.51
C2D CLA KH . -23.98 40.16 -5.52
C3D CLA KH . -24.99 39.87 -4.62
C4D CLA KH . -24.72 38.49 -4.15
CMD CLA KH . -23.97 41.18 -6.55
CAD CLA KH . -26.14 40.36 -3.88
OBD CLA KH . -26.78 41.38 -4.08
CBD CLA KH . -26.74 39.13 -3.12
CGD CLA KH . -26.88 39.36 -1.64
O1D CLA KH . -26.61 38.58 -0.73
O2D CLA KH . -27.39 40.58 -1.32
CED CLA KH . -27.07 41.08 -0.01
C1 CLA KH . -25.41 36.01 -7.60
C2 CLA KH . -24.82 35.20 -8.68
C3 CLA KH . -24.07 35.74 -9.66
C4 CLA KH . -23.78 37.18 -9.74
C5 CLA KH . -23.49 34.88 -10.73
C6 CLA KH . -22.75 33.69 -10.16
C7 CLA KH . -23.23 32.41 -10.82
C8 CLA KH . -23.74 31.43 -9.79
C9 CLA KH . -23.54 30.01 -10.28
C10 CLA KH . -25.21 31.66 -9.49
C11 CLA KH . -25.54 31.41 -8.04
C12 CLA KH . -27.01 31.15 -7.86
C13 CLA KH . -27.47 31.37 -6.43
C14 CLA KH . -26.92 30.27 -5.55
C15 CLA KH . -28.99 31.45 -6.38
C16 CLA KH . -29.55 31.33 -4.98
C17 CLA KH . -30.81 30.49 -4.95
C18 CLA KH . -30.63 29.21 -4.14
C19 CLA KH . -31.95 28.75 -3.55
C20 CLA KH . -30.05 28.12 -5.01
MG CLA LH . -10.12 23.98 -8.45
CHA CLA LH . -6.68 24.14 -8.51
CHB CLA LH . -10.08 24.31 -5.08
CHC CLA LH . -13.54 23.98 -8.48
CHD CLA LH . -10.14 24.18 -11.97
NA CLA LH . -8.61 24.35 -7.06
C1A CLA LH . -7.23 24.40 -7.28
C2A CLA LH . -6.47 24.47 -5.96
C3A CLA LH . -7.57 24.22 -4.90
C4A CLA LH . -8.85 24.37 -5.71
CMA CLA LH . -7.47 22.85 -4.28
CAA CLA LH . -5.86 25.84 -5.78
CBA CLA LH . -5.10 25.91 -4.47
CGA CLA LH . -3.66 26.19 -4.73
O1A CLA LH . -3.09 27.28 -4.77
O2A CLA LH . -2.92 25.06 -4.97
NB CLA LH . -11.54 24.06 -7.04
C1B CLA LH . -11.32 24.36 -5.74
C2B CLA LH . -12.63 24.57 -5.04
C3B CLA LH . -13.59 24.60 -6.03
C4B CLA LH . -12.92 24.22 -7.30
CMB CLA LH . -12.74 24.83 -3.62
CAB CLA LH . -15.02 24.49 -5.86
CBB CLA LH . -15.93 25.32 -6.37
NC CLA LH . -11.55 23.77 -9.95
C1C CLA LH . -12.89 23.68 -9.72
C2C CLA LH . -13.60 23.57 -10.99
C3C CLA LH . -12.66 23.81 -11.98
C4C CLA LH . -11.37 23.96 -11.33
CMC CLA LH . -15.06 23.59 -11.10
CAC CLA LH . -12.87 23.61 -13.42
CBC CLA LH . -12.92 24.92 -14.19
ND CLA LH . -8.77 24.03 -9.95
C1D CLA LH . -8.91 24.09 -11.35
C2D CLA LH . -7.59 23.81 -11.94
C3D CLA LH . -6.67 23.90 -10.90
C4D CLA LH . -7.47 24.14 -9.69
CMD CLA LH . -7.39 23.33 -13.31
CAD CLA LH . -5.30 23.72 -10.49
OBD CLA LH . -4.35 23.30 -11.13
CBD CLA LH . -5.24 24.00 -8.96
CGD CLA LH . -4.53 22.89 -8.24
O1D CLA LH . -3.57 22.99 -7.47
O2D CLA LH . -5.04 21.66 -8.49
CED CLA LH . -5.20 20.78 -7.36
C1 CLA LH . -2.69 24.18 -3.85
C2 CLA LH . -3.18 22.83 -4.25
C3 CLA LH . -3.34 21.81 -3.39
C4 CLA LH . -3.05 21.95 -1.94
C5 CLA LH . -3.84 20.50 -3.85
C6 CLA LH . -5.16 20.13 -3.20
C7 CLA LH . -5.47 18.66 -3.35
C8 CLA LH . -6.30 18.14 -2.18
C9 CLA LH . -5.60 18.42 -0.87
C10 CLA LH . -6.54 16.64 -2.31
C11 CLA LH . -7.71 16.19 -1.46
C12 CLA LH . -7.88 14.68 -1.49
C13 CLA LH . -9.34 14.29 -1.34
C14 CLA LH . -9.50 13.20 -0.32
C15 CLA LH . -9.93 13.84 -2.68
C16 CLA LH . -10.76 14.93 -3.32
C17 CLA LH . -12.04 15.20 -2.56
C18 CLA LH . -12.95 13.98 -2.52
C19 CLA LH . -14.09 14.18 -1.55
C20 CLA LH . -13.50 13.68 -3.90
MG CLA MH . -52.17 22.91 8.17
CHA CLA MH . -54.54 20.70 9.37
CHB CLA MH . -54.08 23.41 5.41
CHC CLA MH . -49.81 25.10 7.01
CHD CLA MH . -50.01 21.94 10.78
NA CLA MH . -54.03 22.22 7.56
C1A CLA MH . -54.94 21.44 8.28
C2A CLA MH . -56.22 21.22 7.49
C3A CLA MH . -55.87 21.76 6.08
C4A CLA MH . -54.53 22.45 6.31
CMA CLA MH . -55.75 20.65 5.09
CAA CLA MH . -57.40 21.94 8.12
CBA CLA MH . -57.02 23.28 8.69
CGA CLA MH . -58.15 23.80 9.55
O1A CLA MH . -59.35 23.63 9.40
O2A CLA MH . -57.70 24.57 10.59
NB CLA MH . -51.96 24.00 6.50
C1B CLA MH . -52.84 24.08 5.49
C2B CLA MH . -52.51 25.24 4.62
C3B CLA MH . -51.30 25.73 5.07
C4B CLA MH . -50.88 24.87 6.21
CMB CLA MH . -53.47 25.80 3.68
CAB CLA MH . -50.51 26.82 4.59
CBB CLA MH . -50.12 27.00 3.33
NC CLA MH . -50.23 23.40 8.77
C1C CLA MH . -49.47 24.37 8.18
C2C CLA MH . -48.40 24.74 9.09
C3C CLA MH . -48.40 23.80 10.12
C4C CLA MH . -49.54 22.93 9.88
CMC CLA MH . -47.45 25.83 8.85
CAC CLA MH . -47.41 23.65 11.19
CBC CLA MH . -46.38 22.59 10.88
ND CLA MH . -52.26 21.75 9.83
C1D CLA MH . -51.26 21.38 10.76
C2D CLA MH . -51.84 20.36 11.68
C3D CLA MH . -53.09 20.05 11.18
C4D CLA MH . -53.28 20.92 10.00
CMD CLA MH . -51.21 19.93 12.93
CAD CLA MH . -54.19 19.10 11.20
OBD CLA MH . -54.48 18.28 12.07
CBD CLA MH . -55.18 19.53 10.08
CGD CLA MH . -55.47 18.40 9.13
O1D CLA MH . -55.12 18.29 7.96
O2D CLA MH . -56.22 17.40 9.68
CED CLA MH . -57.26 16.85 8.86
C1 CLA MH . -58.36 25.84 10.77
C2 CLA MH . -57.43 26.68 11.57
C3 CLA MH . -57.78 27.84 12.14
C4 CLA MH . -59.15 28.42 12.01
C5 CLA MH . -56.80 28.64 12.94
C6 CLA MH . -55.59 27.84 13.38
C7 CLA MH . -54.55 28.72 14.03
C8 CLA MH . -53.29 27.94 14.38
C9 CLA MH . -53.17 27.77 15.88
C10 CLA MH . -52.05 28.62 13.82
C11 CLA MH . -51.92 30.05 14.32
C12 CLA MH . -51.68 31.02 13.18
C13 CLA MH . -50.20 31.40 13.08
C14 CLA MH . -49.95 32.75 13.71
C15 CLA MH . -49.74 31.40 11.62
C16 CLA MH . -48.28 31.77 11.51
C17 CLA MH . -47.87 31.95 10.05
C18 CLA MH . -46.38 32.23 9.91
C19 CLA MH . -45.98 32.30 8.46
C20 CLA MH . -46.01 33.52 10.61
MG CLA NH . -60.24 29.67 8.88
CHA CLA NH . -60.91 26.72 7.22
CHB CLA NH . -63.49 30.53 8.51
CHC CLA NH . -59.53 32.91 9.66
CHD CLA NH . -56.84 29.21 8.15
NA CLA NH . -61.95 28.63 8.28
C1A CLA NH . -62.02 27.36 7.69
C2A CLA NH . -63.45 27.02 7.27
C3A CLA NH . -64.18 28.37 7.45
C4A CLA NH . -63.18 29.22 8.21
CMA CLA NH . -64.55 28.97 6.13
CAA CLA NH . -64.06 25.92 8.13
CBA CLA NH . -63.55 25.93 9.56
CGA CLA NH . -62.65 24.76 9.79
O1A CLA NH . -62.74 23.62 9.31
O2A CLA NH . -61.63 25.04 10.64
NB CLA NH . -61.34 31.25 9.48
C1B CLA NH . -62.67 31.41 9.24
C2B CLA NH . -63.11 32.76 9.70
C3B CLA NH . -61.98 33.40 10.14
C4B CLA NH . -60.82 32.53 9.80
CMB CLA NH . -64.51 33.07 9.99
CAB CLA NH . -61.83 34.75 10.61
CBB CLA NH . -61.20 35.11 11.74
NC CLA NH . -58.48 30.69 9.30
C1C CLA NH . -58.42 32.02 9.62
C2C CLA NH . -57.03 32.42 9.79
C3C CLA NH . -56.25 31.31 9.47
C4C CLA NH . -57.18 30.28 9.01
CMC CLA NH . -56.59 33.79 10.06
CAC CLA NH . -54.78 31.20 9.51
CBC CLA NH . -54.31 30.25 10.59
ND CLA NH . -59.07 28.21 8.14
C1D CLA NH . -57.69 28.18 7.81
C2D CLA NH . -57.35 26.83 7.34
C3D CLA NH . -58.55 26.16 7.18
C4D CLA NH . -59.59 27.14 7.56
CMD CLA NH . -56.03 26.43 6.87
CAD CLA NH . -59.23 25.07 6.51
OBD CLA NH . -58.77 24.09 5.95
CBD CLA NH . -60.76 25.41 6.48
CGD CLA NH . -61.29 25.49 5.08
O1D CLA NH . -61.76 26.47 4.51
O2D CLA NH . -61.22 24.32 4.40
CED CLA NH . -62.39 23.91 3.67
MG CLA OH . -53.67 28.83 1.86
CHA CLA OH . -51.22 27.94 -0.41
CHB CLA OH . -51.60 31.14 3.22
CHC CLA OH . -55.97 29.42 4.24
CHD CLA OH . -55.77 26.34 0.52
NA CLA OH . -51.71 29.42 1.46
C1A CLA OH . -50.86 28.94 0.46
C2A CLA OH . -49.61 29.82 0.36
C3A CLA OH . -49.68 30.69 1.63
C4A CLA OH . -51.13 30.48 2.10
CMA CLA OH . -48.69 30.25 2.67
CAA CLA OH . -49.70 30.68 -0.88
CBA CLA OH . -48.35 30.85 -1.54
CGA CLA OH . -47.55 31.85 -0.78
O1A CLA OH . -46.87 31.67 0.23
O2A CLA OH . -47.60 33.10 -1.30
NB CLA OH . -53.91 30.28 3.22
C1B CLA OH . -52.94 31.10 3.67
C2B CLA OH . -53.52 32.06 4.65
C3B CLA OH . -54.71 31.49 5.05
C4B CLA OH . -54.97 30.33 4.14
CMB CLA OH . -52.73 33.12 5.25
CAB CLA OH . -55.65 31.91 6.05
CBB CLA OH . -56.21 33.11 6.14
NC CLA OH . -55.67 28.28 2.07
C1C CLA OH . -56.40 28.56 3.19
C2C CLA OH . -57.72 27.95 3.07
C3C CLA OH . -57.69 27.13 1.95
C4C CLA OH . -56.36 27.29 1.37
CMC CLA OH . -58.69 27.88 4.15
CAC CLA OH . -58.54 25.95 1.76
CBC CLA OH . -59.60 26.11 0.70
ND CLA OH . -53.56 27.40 0.44
C1D CLA OH . -54.52 26.48 -0.05
C2D CLA OH . -54.00 25.84 -1.28
C3D CLA OH . -52.73 26.36 -1.45
C4D CLA OH . -52.55 27.40 -0.42
CMD CLA OH . -54.60 24.69 -1.92
CAD CLA OH . -51.42 26.08 -2.00
OBD CLA OH . -51.09 25.05 -2.57
CBD CLA OH . -50.40 27.02 -1.28
CGD CLA OH . -49.41 26.20 -0.50
O1D CLA OH . -49.45 25.01 -0.23
O2D CLA OH . -48.34 26.91 -0.05
CED CLA OH . -47.50 26.22 0.89
C1 CLA OH . -47.54 34.18 -0.35
C2 CLA OH . -47.59 35.43 -1.15
C3 CLA OH . -47.84 36.64 -0.63
C4 CLA OH . -48.09 36.85 0.81
C5 CLA OH . -47.87 37.83 -1.52
C6 CLA OH . -48.86 37.64 -2.65
C7 CLA OH . -48.58 38.59 -3.79
C8 CLA OH . -48.77 40.04 -3.35
C9 CLA OH . -50.20 40.34 -2.96
C10 CLA OH . -48.35 40.99 -4.47
C11 CLA OH . -47.69 42.22 -3.89
C12 CLA OH . -46.54 41.86 -2.97
C13 CLA OH . -46.14 43.06 -2.14
C14 CLA OH . -45.66 44.18 -3.03
C15 CLA OH . -45.14 42.68 -1.05
C16 CLA OH . -43.73 42.55 -1.57
C17 CLA OH . -42.81 41.90 -0.56
C18 CLA OH . -41.58 42.71 -0.14
C19 CLA OH . -40.30 41.94 -0.38
C20 CLA OH . -41.49 44.10 -0.74
MG CLA PH . -42.42 42.70 12.43
CHA CLA PH . -39.20 43.22 13.61
CHB CLA PH . -41.12 41.76 9.45
CHC CLA PH . -45.60 42.34 11.25
CHD CLA PH . -43.63 44.37 15.27
NA CLA PH . -40.49 42.34 11.73
C1A CLA PH . -39.29 42.48 12.46
C2A CLA PH . -38.12 42.04 11.59
C3A CLA PH . -38.75 41.93 10.19
C4A CLA PH . -40.23 41.84 10.50
CMA CLA PH . -38.49 43.16 9.36
CAA CLA PH . -37.52 40.73 12.09
CBA CLA PH . -38.53 39.83 12.78
CGA CLA PH . -37.82 38.87 13.69
O1A CLA PH . -36.64 38.85 14.00
O2A CLA PH . -38.66 37.93 14.22
NB CLA PH . -43.22 42.11 10.68
C1B CLA PH . -42.52 41.88 9.55
C2B CLA PH . -43.45 41.40 8.49
C3B CLA PH . -44.73 41.61 8.97
C4B CLA PH . -44.59 42.15 10.35
CMB CLA PH . -42.97 40.87 7.22
CAB CLA PH . -46.01 41.24 8.43
CBB CLA PH . -46.45 41.53 7.21
NC CLA PH . -44.29 43.25 13.16
C1C CLA PH . -45.48 42.97 12.53
C2C CLA PH . -46.58 43.34 13.41
C3C CLA PH . -46.01 43.84 14.58
C4C CLA PH . -44.58 43.97 14.31
CMC CLA PH . -47.95 42.84 13.26
CAC CLA PH . -46.64 43.96 15.89
CBC CLA PH . -47.24 45.33 16.10
ND CLA PH . -41.67 43.43 14.15
C1D CLA PH . -42.33 43.95 15.30
C2D CLA PH . -41.31 44.11 16.35
C3D CLA PH . -40.08 44.02 15.72
C4D CLA PH . -40.37 43.60 14.33
CMD CLA PH . -41.63 44.60 17.68
CAD CLA PH . -38.63 43.95 15.88
OBD CLA PH . -37.94 44.22 16.85
CBD CLA PH . -38.03 43.46 14.53
CGD CLA PH . -37.06 44.46 13.97
O1D CLA PH . -35.84 44.50 14.12
O2D CLA PH . -37.64 45.42 13.19
CED CLA PH . -37.07 45.64 11.91
C1 CLA PH . -38.24 37.33 15.46
MG CLA QH . -51.42 48.41 16.86
CHA CLA QH . -51.18 49.52 20.12
CHB CLA QH . -50.59 45.27 17.93
CHC CLA QH . -51.90 47.29 13.72
CHD CLA QH . -51.84 51.73 15.79
NA CLA QH . -51.15 47.54 18.74
C1A CLA QH . -51.15 48.17 19.98
C2A CLA QH . -50.96 47.16 21.11
C3A CLA QH . -50.42 45.93 20.36
C4A CLA QH . -50.80 46.22 18.91
CMA CLA QH . -48.94 45.76 20.53
CAA CLA QH . -52.29 46.89 21.80
CBA CLA QH . -52.23 45.65 22.67
CGA CLA QH . -51.63 45.95 24.01
O1A CLA QH . -51.30 45.16 24.90
O2A CLA QH . -51.46 47.29 24.25
NB CLA QH . -51.12 46.64 15.95
C1B CLA QH . -50.84 45.45 16.55
C2B CLA QH . -51.06 44.34 15.59
C3B CLA QH . -51.32 44.91 14.37
C4B CLA QH . -51.39 46.38 14.58
CMB CLA QH . -50.74 42.95 15.93
CAB CLA QH . -51.47 44.32 13.07
CBB CLA QH . -52.30 43.34 12.74
NC CLA QH . -51.56 49.37 15.02
C1C CLA QH . -51.76 48.71 13.84
C2C CLA QH . -52.27 49.63 12.84
C3C CLA QH . -52.31 50.89 13.44
C4C CLA QH . -51.86 50.72 14.80
CMC CLA QH . -52.96 49.19 11.64
CAC CLA QH . -52.61 52.17 12.76
CBC CLA QH . -54.03 52.62 12.98
ND CLA QH . -51.61 50.23 17.70
C1D CLA QH . -51.71 51.53 17.14
C2D CLA QH . -51.56 52.53 18.22
C3D CLA QH . -51.35 51.82 19.39
C4D CLA QH . -51.47 50.39 19.02
CMD CLA QH . -51.85 53.95 18.05
CAD CLA QH . -51.28 51.87 20.83
OBD CLA QH . -51.64 52.76 21.58
CBD CLA QH . -51.01 50.42 21.33
CGD CLA QH . -49.65 50.28 21.95
O1D CLA QH . -48.57 50.15 21.38
O2D CLA QH . -49.66 50.29 23.31
CED CLA QH . -48.76 49.41 23.98
MG CLA RH . -58.27 56.80 5.54
CHA CLA RH . -57.43 60.15 5.36
CHB CLA RH . -56.98 56.73 8.65
CHC CLA RH . -58.59 53.38 5.60
CHD CLA RH . -59.07 56.84 2.13
NA CLA RH . -57.68 58.29 6.88
C1A CLA RH . -57.53 59.67 6.64
C2A CLA RH . -56.99 60.38 7.88
C3A CLA RH . -56.70 59.22 8.87
C4A CLA RH . -57.10 57.98 8.07
CMA CLA RH . -55.25 59.19 9.28
CAA CLA RH . -57.96 61.38 8.48
CBA CLA RH . -59.40 61.23 8.03
CGA CLA RH . -59.88 62.55 7.53
O1A CLA RH . -59.33 63.65 7.62
O2A CLA RH . -61.09 62.48 6.91
NB CLA RH . -58.19 55.40 6.98
C1B CLA RH . -57.67 55.59 8.21
C2B CLA RH . -57.82 54.35 9.00
C3B CLA RH . -58.17 53.35 8.10
C4B CLA RH . -58.22 54.01 6.76
CMB CLA RH . -57.62 54.30 10.45
CAB CLA RH . -58.63 52.00 8.30
CBB CLA RH . -59.60 51.64 9.14
NC CLA RH . -58.69 55.36 4.10
C1C CLA RH . -58.78 54.03 4.33
C2C CLA RH . -59.35 53.36 3.16
C3C CLA RH . -59.41 54.32 2.16
C4C CLA RH . -58.99 55.58 2.76
CMC CLA RH . -59.93 52.02 3.17
CAC CLA RH . -59.67 54.08 0.73
CBC CLA RH . -61.10 54.38 0.33
ND CLA RH . -58.18 58.12 4.01
C1D CLA RH . -58.50 58.00 2.64
C2D CLA RH . -58.47 59.34 2.03
C3D CLA RH . -58.07 60.21 3.02
C4D CLA RH . -57.90 59.39 4.24
CMD CLA RH . -58.67 59.60 0.60
CAD CLA RH . -57.52 61.52 3.31
OBD CLA RH . -57.50 62.51 2.59
CBD CLA RH . -57.25 61.57 4.84
CGD CLA RH . -55.88 62.10 5.16
O1D CLA RH . -54.98 61.53 5.79
O2D CLA RH . -55.64 63.34 4.69
CED CLA RH . -54.64 64.13 5.35
C1 CLA RH . -61.09 62.42 5.47
C2 CLA RH . -61.49 61.03 5.13
C3 CLA RH . -61.84 60.63 3.89
C4 CLA RH . -61.85 61.55 2.73
C5 CLA RH . -62.23 59.22 3.64
C6 CLA RH . -61.52 58.24 4.57
C7 CLA RH . -62.49 57.27 5.19
C8 CLA RH . -62.19 55.83 4.83
C9 CLA RH . -62.87 55.47 3.52
C10 CLA RH . -62.65 54.89 5.94
C11 CLA RH . -62.40 53.44 5.63
C12 CLA RH . -62.52 52.58 6.87
C13 CLA RH . -63.66 51.57 6.72
C14 CLA RH . -64.97 52.16 7.19
C15 CLA RH . -63.37 50.27 7.47
C16 CLA RH . -63.05 50.53 8.93
C17 CLA RH . -62.80 49.23 9.68
C18 CLA RH . -62.88 49.42 11.18
C19 CLA RH . -64.29 49.71 11.62
C20 CLA RH . -62.34 48.20 11.90
MG CLA SH . -51.79 53.87 -3.20
CHA CLA SH . -48.83 53.51 -4.94
CHB CLA SH . -50.29 56.12 -1.17
CHC CLA SH . -54.47 53.68 -1.09
CHD CLA SH . -53.17 51.22 -5.08
NA CLA SH . -49.88 54.69 -3.10
C1A CLA SH . -48.77 54.40 -3.90
C2A CLA SH . -47.62 55.31 -3.55
C3A CLA SH . -47.98 55.73 -2.10
C4A CLA SH . -49.48 55.46 -2.06
CMA CLA SH . -47.24 54.93 -1.07
CAA CLA SH . -47.54 56.48 -4.53
CBA CLA SH . -47.53 57.84 -3.85
CGA CLA SH . -48.68 58.66 -4.35
O1A CLA SH . -48.81 59.88 -4.32
O2A CLA SH . -49.70 57.91 -4.87
NB CLA SH . -52.38 54.91 -1.59
C1B CLA SH . -51.65 55.85 -0.96
C2B CLA SH . -52.31 56.19 0.32
C3B CLA SH . -53.58 55.64 0.28
C4B CLA SH . -53.55 54.64 -0.83
CMB CLA SH . -51.54 56.61 1.47
CAB CLA SH . -54.60 55.64 1.29
CBB CLA SH . -55.86 56.00 1.09
NC CLA SH . -53.63 52.88 -3.29
C1C CLA SH . -54.54 52.88 -2.26
C2C CLA SH . -55.76 52.22 -2.72
C3C CLA SH . -55.40 51.51 -3.86
C4C CLA SH . -54.03 51.89 -4.18
CMC CLA SH . -57.09 52.61 -2.29
CAC CLA SH . -56.25 50.61 -4.64
CBC CLA SH . -56.40 49.26 -3.97
ND CLA SH . -51.25 52.70 -4.76
C1D CLA SH . -51.88 51.60 -5.38
C2D CLA SH . -51.02 51.16 -6.50
C3D CLA SH . -49.81 51.82 -6.35
C4D CLA SH . -49.98 52.69 -5.18
CMD CLA SH . -51.41 50.22 -7.54
CAD CLA SH . -48.40 51.80 -6.66
OBD CLA SH . -47.74 50.90 -7.15
CBD CLA SH . -47.73 52.94 -5.82
CGD CLA SH . -46.60 52.41 -4.99
O1D CLA SH . -46.66 51.66 -4.02
O2D CLA SH . -45.37 52.84 -5.41
CED CLA SH . -44.22 52.21 -4.85
C1 CLA SH . -51.02 58.49 -4.84
C2 CLA SH . -51.96 57.36 -4.64
C3 CLA SH . -53.23 57.36 -5.07
C4 CLA SH . -53.82 58.51 -5.80
C5 CLA SH . -54.11 56.18 -4.84
MG CLA TH . -46.66 46.15 -0.38
CHA CLA TH . -43.57 47.19 0.78
CHB CLA TH . -46.82 48.89 -2.38
CHC CLA TH . -49.64 45.03 -1.57
CHD CLA TH . -46.71 43.69 2.13
NA CLA TH . -45.33 47.70 -0.82
C1A CLA TH . -44.09 47.95 -0.24
C2A CLA TH . -43.41 49.12 -0.94
C3A CLA TH . -44.62 49.85 -1.57
C4A CLA TH . -45.66 48.74 -1.65
CMA CLA TH . -45.10 51.01 -0.75
CAA CLA TH . -42.42 48.59 -1.96
CBA CLA TH . -42.51 49.31 -3.29
CGA CLA TH . -43.19 48.42 -4.28
O1A CLA TH . -42.75 47.41 -4.81
O2A CLA TH . -44.46 48.83 -4.61
NB CLA TH . -47.97 46.83 -1.75
C1B CLA TH . -47.80 47.91 -2.53
C2B CLA TH . -48.94 48.00 -3.50
C3B CLA TH . -49.84 47.02 -3.15
C4B CLA TH . -49.20 46.22 -2.07
CMB CLA TH . -48.82 48.81 -4.71
CAB CLA TH . -51.23 46.85 -3.49
CBB CLA TH . -52.08 47.79 -3.88
NC CLA TH . -48.00 44.71 0.27
C1C CLA TH . -49.21 44.47 -0.33
C2C CLA TH . -49.83 43.31 0.30
C3C CLA TH . -48.90 42.81 1.20
C4C CLA TH . -47.81 43.76 1.27
CMC CLA TH . -51.07 42.69 -0.16
CAC CLA TH . -49.09 41.67 2.11
CBC CLA TH . -48.30 40.46 1.69
ND CLA TH . -45.43 45.49 1.08
C1D CLA TH . -45.56 44.44 2.03
C2D CLA TH . -44.22 44.20 2.61
C3D CLA TH . -43.46 45.31 2.28
C4D CLA TH . -44.23 46.02 1.25
CMD CLA TH . -43.88 43.06 3.46
CAD CLA TH . -42.17 45.98 2.39
OBD CLA TH . -41.13 45.55 2.86
CBD CLA TH . -42.23 47.24 1.48
CGD CLA TH . -42.09 48.53 2.25
O1D CLA TH . -42.79 49.53 2.15
O2D CLA TH . -41.04 48.57 3.11
CED CLA TH . -40.59 49.86 3.54
C1 CLA TH . -44.95 48.47 -5.92
C2 CLA TH . -45.72 47.21 -5.77
C3 CLA TH . -46.62 46.77 -6.67
C4 CLA TH . -46.94 47.53 -7.90
C5 CLA TH . -47.32 45.49 -6.45
C6 CLA TH . -48.82 45.59 -6.68
C7 CLA TH . -49.45 44.24 -6.48
C8 CLA TH . -50.94 44.35 -6.20
C9 CLA TH . -51.29 43.58 -4.94
C10 CLA TH . -51.74 43.80 -7.36
C11 CLA TH . -52.79 44.75 -7.88
C12 CLA TH . -52.21 46.12 -8.20
C13 CLA TH . -53.32 47.15 -8.43
C14 CLA TH . -54.35 47.11 -7.31
C15 CLA TH . -53.96 46.98 -9.80
C16 CLA TH . -55.01 48.05 -10.05
C17 CLA TH . -54.41 49.44 -10.18
C18 CLA TH . -55.44 50.50 -9.83
C19 CLA TH . -54.90 51.90 -10.10
C20 CLA TH . -55.87 50.39 -8.39
MG CLA UH . -61.63 39.93 -6.76
CHA CLA UH . -63.88 38.56 -8.99
CHB CLA UH . -59.33 37.60 -7.67
CHC CLA UH . -59.29 41.56 -4.84
CHD CLA UH . -64.01 42.42 -5.96
NA CLA UH . -61.64 38.34 -8.10
C1A CLA UH . -62.61 38.05 -9.08
C2A CLA UH . -62.20 36.84 -9.91
C3A CLA UH . -60.88 36.38 -9.25
C4A CLA UH . -60.60 37.46 -8.21
CMA CLA UH . -61.04 35.03 -8.62
CAA CLA UH . -61.98 37.21 -11.36
CBA CLA UH . -61.31 38.56 -11.51
CGA CLA UH . -61.25 38.93 -12.97
O1A CLA UH . -62.06 38.67 -13.86
O2A CLA UH . -60.13 39.65 -13.28
NB CLA UH . -59.69 39.64 -6.34
C1B CLA UH . -58.90 38.68 -6.88
C2B CLA UH . -57.50 38.87 -6.41
C3B CLA UH . -57.45 40.13 -5.86
C4B CLA UH . -58.86 40.51 -5.61
CMB CLA UH . -56.59 37.76 -6.19
CAB CLA UH . -56.38 40.72 -5.10
CBB CLA UH . -55.53 41.65 -5.56
NC CLA UH . -61.67 41.63 -5.54
C1C CLA UH . -60.57 42.17 -4.95
C2C CLA UH . -60.81 43.56 -4.63
C3C CLA UH . -62.14 43.83 -4.96
C4C CLA UH . -62.70 42.56 -5.44
CMC CLA UH . -59.89 44.40 -3.86
CAC CLA UH . -62.90 45.05 -4.70
CBC CLA UH . -63.63 45.00 -3.39
ND CLA UH . -63.56 40.35 -7.18
C1D CLA UH . -64.38 41.45 -6.87
C2D CLA UH . -65.55 41.47 -7.77
C3D CLA UH . -65.45 40.31 -8.53
C4D CLA UH . -64.19 39.66 -8.14
CMD CLA UH . -66.68 42.38 -7.63
CAD CLA UH . -66.17 39.34 -9.33
OBD CLA UH . -67.38 39.24 -9.53
CBD CLA UH . -65.15 38.25 -9.74
CGD CLA UH . -65.64 36.86 -9.41
O1D CLA UH . -65.28 36.13 -8.49
O2D CLA UH . -66.58 36.39 -10.27
CED CLA UH . -66.57 34.99 -10.56
C1 CLA UH . -60.18 40.40 -14.50
C2 CLA UH . -59.22 41.52 -14.33
C3 CLA UH . -59.25 42.64 -15.05
C4 CLA UH . -60.26 42.88 -16.11
C5 CLA UH . -58.26 43.72 -14.82
C6 CLA UH . -58.93 45.03 -14.47
C7 CLA UH . -58.06 45.87 -13.56
C8 CLA UH . -58.00 47.33 -14.02
C9 CLA UH . -56.92 48.07 -13.27
C10 CLA UH . -59.35 48.00 -13.85
C11 CLA UH . -59.74 48.11 -12.39
C12 CLA UH . -60.78 49.20 -12.17
C13 CLA UH . -60.79 49.64 -10.71
C14 CLA UH . -61.94 50.60 -10.46
C15 CLA UH . -59.47 50.29 -10.31
MG CLA VH . -65.20 37.32 9.38
CHA CLA VH . -66.81 35.04 7.32
CHB CLA VH . -68.21 38.71 9.98
CHC CLA VH . -63.75 40.21 10.48
CHD CLA VH . -62.24 36.63 7.64
NA CLA VH . -67.16 36.67 9.08
C1A CLA VH . -67.59 35.62 8.27
C2A CLA VH . -69.12 35.54 8.31
C3A CLA VH . -69.48 37.01 8.60
C4A CLA VH . -68.23 37.48 9.34
CMA CLA VH . -69.71 37.80 7.34
CAA CLA VH . -69.56 34.61 9.42
NB CLA VH . -65.82 38.86 10.53
C1B CLA VH . -67.12 39.20 10.72
C2B CLA VH . -67.19 40.43 11.55
C3B CLA VH . -65.94 41.01 11.49
C4B CLA VH . -65.08 40.04 10.76
CMB CLA VH . -68.44 40.99 12.04
CAB CLA VH . -65.40 42.06 12.31
CBB CLA VH . -64.89 43.21 11.86
NC CLA VH . -63.23 38.00 9.47
C1C CLA VH . -62.87 39.22 9.97
C2C CLA VH . -61.45 39.48 9.70
C3C CLA VH . -61.02 38.45 8.88
C4C CLA VH . -62.16 37.57 8.68
CMC CLA VH . -60.65 40.52 10.36
CAC CLA VH . -59.63 38.15 8.51
CBC CLA VH . -59.06 36.97 9.27
ND CLA VH . -64.54 35.93 8.07
C1D CLA VH . -63.26 35.73 7.47
C2D CLA VH . -63.37 34.67 6.45
C3D CLA VH . -64.70 34.31 6.42
C4D CLA VH . -65.40 35.26 7.29
CMD CLA VH . -62.23 34.03 5.80
CAD CLA VH . -65.66 33.29 6.03
OBD CLA VH . -65.46 32.17 5.58
CBD CLA VH . -67.06 33.80 6.48
CGD CLA VH . -67.95 34.08 5.31
O1D CLA VH . -69.05 33.56 5.05
O2D CLA VH . -67.46 35.01 4.45
CED CLA VH . -68.31 35.45 3.39
MG CLA WH . -72.54 41.50 -3.36
CHA CLA WH . -74.98 39.53 -1.90
CHB CLA WH . -74.54 41.87 -6.09
CHC CLA WH . -69.90 42.92 -5.05
CHD CLA WH . -70.27 40.31 -0.95
NA CLA WH . -74.53 41.03 -3.76
C1A CLA WH . -75.41 40.25 -2.98
C2A CLA WH . -76.77 40.13 -3.65
C3A CLA WH . -76.51 40.66 -5.08
C4A CLA WH . -75.12 41.29 -4.97
CMA CLA WH . -76.53 39.56 -6.11
CAA CLA WH . -77.81 40.96 -2.93
CBA CLA WH . -79.19 40.36 -3.10
CGA CLA WH . -80.03 40.59 -1.88
O1A CLA WH . -80.56 41.63 -1.49
O2A CLA WH . -80.22 39.46 -1.15
NB CLA WH . -72.31 42.40 -5.15
C1B CLA WH . -73.25 42.42 -6.14
C2B CLA WH . -72.69 43.12 -7.33
C3B CLA WH . -71.39 43.45 -7.02
C4B CLA WH . -71.08 42.81 -5.71
CMB CLA WH . -73.53 43.60 -8.43
CAB CLA WH . -70.50 44.43 -7.59
CBB CLA WH . -70.06 44.43 -8.85
NC CLA WH . -70.52 41.79 -2.94
C1C CLA WH . -69.65 42.47 -3.72
C2C CLA WH . -68.39 42.66 -3.00
C3C CLA WH . -68.54 41.98 -1.80
C4C CLA WH . -69.79 41.23 -1.90
CMC CLA WH . -67.19 43.25 -3.57
CAC CLA WH . -67.64 42.00 -0.64
CBC CLA WH . -68.15 42.85 0.50
ND CLA WH . -72.63 40.49 -1.61
C1D CLA WH . -71.61 40.07 -0.71
C2D CLA WH . -72.21 39.23 0.34
C3D CLA WH . -73.49 38.96 -0.09
C4D CLA WH . -73.70 39.76 -1.30
CMD CLA WH . -71.47 38.70 1.49
CAD CLA WH . -74.68 38.15 0.11
OBD CLA WH . -74.83 37.18 0.84
CBD CLA WH . -75.68 38.53 -1.02
CGD CLA WH . -76.13 37.32 -1.79
O1D CLA WH . -77.13 36.63 -1.58
O2D CLA WH . -75.31 37.00 -2.83
CED CLA WH . -75.75 36.00 -3.76
C1 CLA WH . -79.59 39.41 0.15
MG CLA XH . -72.84 42.27 -12.59
CHA CLA XH . -74.61 39.92 -10.79
CHB CLA XH . -75.40 42.43 -14.80
CHC CLA XH . -70.82 43.92 -14.83
CHD CLA XH . -69.97 41.42 -10.74
NA CLA XH . -74.78 41.52 -12.60
C1A CLA XH . -75.36 40.63 -11.68
C2A CLA XH . -76.79 40.28 -12.09
C3A CLA XH . -76.94 40.95 -13.47
C4A CLA XH . -75.58 41.60 -13.72
CMA CLA XH . -77.30 39.95 -14.54
CAA CLA XH . -77.81 40.83 -11.10
CBA CLA XH . -77.69 42.33 -10.91
CGA CLA XH . -78.70 42.76 -9.88
O1A CLA XH . -78.57 42.81 -8.66
O2A CLA XH . -79.89 43.12 -10.45
NB CLA XH . -73.15 43.26 -14.31
C1B CLA XH . -74.24 43.14 -15.11
C2B CLA XH . -74.15 44.17 -16.19
C3B CLA XH . -72.84 44.62 -16.19
C4B CLA XH . -72.16 43.95 -15.05
CMB CLA XH . -75.35 44.82 -16.71
CAB CLA XH . -72.13 45.42 -17.14
CBB CLA XH . -72.26 45.36 -18.47
NC CLA XH . -70.82 42.83 -12.60
C1C CLA XH . -70.19 43.43 -13.66
C2C CLA XH . -68.78 43.64 -13.34
C3C CLA XH . -68.56 43.02 -12.12
C4C CLA XH . -69.82 42.40 -11.72
CMC CLA XH . -67.94 44.62 -14.02
CAC CLA XH . -67.39 43.20 -11.24
CBC CLA XH . -66.29 42.22 -11.54
ND CLA XH . -72.39 41.19 -10.94
C1D CLA XH . -71.16 40.90 -10.31
C2D CLA XH . -71.41 39.92 -9.23
C3D CLA XH . -72.74 39.61 -9.28
C4D CLA XH . -73.27 40.31 -10.46
CMD CLA XH . -70.43 39.59 -8.18
CAD CLA XH . -73.81 38.77 -8.74
OBD CLA XH . -73.71 37.83 -7.98
CBD CLA XH . -75.00 38.91 -9.73
CGD CLA XH . -75.37 37.57 -10.31
O1D CLA XH . -74.62 36.61 -10.51
O2D CLA XH . -76.68 37.44 -10.64
CED CLA XH . -77.40 36.34 -10.07
C1 CLA XH . -81.06 42.35 -10.05
MG CLA YH . -64.60 37.38 -19.19
CHA CLA YH . -65.35 37.57 -15.84
CHB CLA YH . -66.74 39.95 -19.72
CHC CLA YH . -64.13 36.98 -22.55
CHD CLA YH . -62.96 34.32 -18.60
NA CLA YH . -65.53 38.77 -17.93
C1A CLA YH . -65.62 38.72 -16.54
C2A CLA YH . -66.54 39.84 -16.04
C3A CLA YH . -67.38 40.11 -17.31
C4A CLA YH . -66.40 39.71 -18.41
CMA CLA YH . -68.61 39.24 -17.37
CAA CLA YH . -65.77 41.09 -15.65
CBA CLA YH . -64.50 40.80 -14.86
CGA CLA YH . -63.80 42.08 -14.53
O1A CLA YH . -63.59 43.04 -15.26
O2A CLA YH . -63.36 42.11 -13.24
NB CLA YH . -65.15 38.41 -20.82
C1B CLA YH . -66.14 39.35 -20.85
C2B CLA YH . -66.18 39.93 -22.21
C3B CLA YH . -65.55 39.03 -23.04
C4B CLA YH . -64.92 38.03 -22.15
CMB CLA YH . -67.00 41.11 -22.54
CAB CLA YH . -65.22 39.13 -24.44
CBB CLA YH . -64.56 40.13 -25.00
NC CLA YH . -63.71 35.90 -20.35
C1C CLA YH . -63.68 35.91 -21.71
C2C CLA YH . -62.78 34.88 -22.18
C3C CLA YH . -62.50 34.08 -21.07
C4C CLA YH . -62.97 34.81 -19.91
CMC CLA YH . -61.98 35.03 -23.39
CAC CLA YH . -61.98 32.70 -21.09
CBC CLA YH . -60.52 32.63 -20.80
ND CLA YH . -64.11 36.24 -17.61
C1D CLA YH . -63.59 34.92 -17.53
C2D CLA YH . -63.58 34.50 -16.12
C3D CLA YH . -64.17 35.52 -15.40
C4D CLA YH . -64.52 36.55 -16.39
CMD CLA YH . -62.73 33.42 -15.61
CAD CLA YH . -64.71 35.93 -14.13
OBD CLA YH . -64.38 35.56 -13.01
CBD CLA YH . -65.51 37.25 -14.38
CGD CLA YH . -66.97 37.10 -14.01
O1D CLA YH . -67.85 36.54 -14.65
O2D CLA YH . -67.29 37.66 -12.81
CED CLA YH . -67.85 38.97 -12.84
C1 CLA YH . -62.32 43.06 -12.95
C2 CLA YH . -62.72 43.80 -11.73
C3 CLA YH . -62.43 43.39 -10.48
C4 CLA YH . -61.65 42.17 -10.21
C5 CLA YH . -62.87 44.18 -9.29
C6 CLA YH . -63.46 45.54 -9.64
C7 CLA YH . -64.28 46.08 -8.49
C8 CLA YH . -64.52 47.58 -8.64
C9 CLA YH . -64.50 48.25 -7.28
C10 CLA YH . -65.83 47.86 -9.35
MG CLA ZH . -58.34 33.10 -10.10
CHA CLA ZH . -56.36 33.22 -7.28
CHB CLA ZH . -56.33 35.36 -11.59
CHC CLA ZH . -60.80 33.66 -12.43
CHD CLA ZH . -60.51 30.97 -8.34
NA CLA ZH . -56.51 33.95 -9.60
C1A CLA ZH . -55.88 33.93 -8.35
C2A CLA ZH . -54.53 34.62 -8.44
C3A CLA ZH . -54.69 35.48 -9.72
C4A CLA ZH . -55.85 34.79 -10.44
CMA CLA ZH . -55.03 36.91 -9.42
CAA CLA ZH . -53.43 33.62 -8.68
CBA CLA ZH . -52.40 33.67 -7.58
CGA CLA ZH . -51.23 34.49 -8.02
O1A CLA ZH . -50.38 34.23 -8.87
O2A CLA ZH . -51.16 35.69 -7.37
NB CLA ZH . -58.51 34.25 -11.73
C1B CLA ZH . -57.65 35.25 -12.05
C2B CLA ZH . -58.20 36.08 -13.15
C3B CLA ZH . -59.45 35.58 -13.42
C4B CLA ZH . -59.71 34.47 -12.46
CMB CLA ZH . -57.63 37.39 -13.46
CAB CLA ZH . -60.31 35.83 -14.54
CBB CLA ZH . -59.91 35.93 -15.81
NC CLA ZH . -60.21 32.24 -10.46
C1C CLA ZH . -61.06 32.65 -11.45
C2C CLA ZH . -62.27 31.84 -11.40
C3C CLA ZH . -62.10 30.96 -10.32
C4C CLA ZH . -60.95 31.45 -9.58
CMC CLA ZH . -63.50 32.14 -12.12
CAC CLA ZH . -62.95 29.83 -9.94
CBC CLA ZH . -62.35 28.50 -10.30
ND CLA ZH . -58.29 31.99 -8.42
C1D CLA ZH . -59.23 31.09 -7.85
C2D CLA ZH . -58.70 30.62 -6.56
C3D CLA ZH . -57.58 31.38 -6.30
C4D CLA ZH . -57.46 32.32 -7.44
CMD CLA ZH . -59.39 29.70 -5.67
CAD CLA ZH . -56.35 31.47 -5.56
OBD CLA ZH . -56.01 30.86 -4.56
CBD CLA ZH . -55.71 32.82 -5.97
CGD CLA ZH . -55.87 33.86 -4.90
O1D CLA ZH . -56.71 34.76 -4.81
O2D CLA ZH . -54.95 33.74 -3.92
CED CLA ZH . -53.78 34.55 -4.04
C1 CLA ZH . -51.47 36.86 -8.15
C2 CLA ZH . -51.42 37.97 -7.18
C3 CLA ZH . -51.89 39.20 -7.39
C4 CLA ZH . -51.79 40.23 -6.36
C5 CLA ZH . -52.55 39.59 -8.67
C6 CLA ZH . -53.86 40.32 -8.43
C7 CLA ZH . -54.58 40.61 -9.73
C8 CLA ZH . -56.09 40.77 -9.56
C9 CLA ZH . -56.82 40.02 -10.65
C10 CLA ZH . -56.48 42.23 -9.55
C11 CLA ZH . -57.98 42.44 -9.47
C12 CLA ZH . -58.41 42.98 -8.12
C13 CLA ZH . -58.07 44.46 -7.94
C14 CLA ZH . -57.15 44.66 -6.76
C15 CLA ZH . -59.33 45.30 -7.78
C16 CLA ZH . -59.21 46.62 -8.51
C17 CLA ZH . -59.00 47.79 -7.57
C18 CLA ZH . -60.18 48.01 -6.62
C19 CLA ZH . -59.75 47.96 -5.18
C20 CLA ZH . -60.85 49.34 -6.91
MG CLA AI . -47.62 42.47 -21.13
CHA CLA AI . -46.71 45.42 -19.57
CHB CLA AI . -50.87 43.41 -20.95
CHC CLA AI . -48.37 40.01 -23.37
CHD CLA AI . -44.26 41.46 -21.09
NA CLA AI . -48.59 44.14 -20.37
C1A CLA AI . -48.01 45.35 -19.98
C2A CLA AI . -49.06 46.45 -19.90
C3A CLA AI . -50.37 45.61 -19.79
C4A CLA AI . -49.94 44.33 -20.48
CMA CLA AI . -50.76 45.37 -18.36
CAA CLA AI . -49.04 47.27 -21.17
CBA CLA AI . -50.24 48.19 -21.26
CGA CLA AI . -49.94 49.33 -22.16
O1A CLA AI . -48.91 49.55 -22.81
O2A CLA AI . -50.95 50.24 -22.23
NB CLA AI . -49.32 41.75 -21.91
C1B CLA AI . -50.56 42.29 -21.74
C2B CLA AI . -51.52 41.61 -22.66
C3B CLA AI . -50.84 40.57 -23.25
C4B CLA AI . -49.40 40.79 -22.94
CMB CLA AI . -52.83 42.19 -22.96
CAB CLA AI . -51.31 39.28 -23.70
CBB CLA AI . -52.36 39.05 -24.49
NC CLA AI . -46.52 40.92 -21.98
C1C CLA AI . -46.99 40.16 -23.02
C2C CLA AI . -45.93 39.26 -23.47
C3C CLA AI . -44.77 39.64 -22.80
C4C CLA AI . -45.14 40.77 -21.95
CMC CLA AI . -46.18 38.01 -24.19
CAC CLA AI . -43.44 39.03 -22.89
CBC CLA AI . -42.51 39.80 -23.79
ND CLA AI . -45.86 43.19 -20.46
C1D CLA AI . -44.55 42.64 -20.46
C2D CLA AI . -43.62 43.69 -20.00
C3D CLA AI . -44.42 44.70 -19.47
C4D CLA AI . -45.77 44.43 -19.98
CMD CLA AI . -42.17 43.55 -20.02
CAD CLA AI . -44.45 45.98 -18.80
OBD CLA AI . -43.52 46.66 -18.36
CBD CLA AI . -45.91 46.51 -18.90
CGD CLA AI . -46.45 46.90 -17.55
O1D CLA AI . -46.20 47.92 -16.91
O2D CLA AI . -47.32 45.99 -17.01
CED CLA AI . -47.93 46.31 -15.76
C1 CLA AI . -50.82 51.31 -23.18
C2 CLA AI . -51.95 52.25 -22.96
C3 CLA AI . -53.17 52.06 -23.47
C4 CLA AI . -53.51 50.90 -24.32
C5 CLA AI . -54.26 53.04 -23.20
MG CLA BI . -48.89 53.10 -13.55
CHA CLA BI . -49.72 50.47 -15.64
CHB CLA BI . -51.49 52.29 -11.51
CHC CLA BI . -47.69 55.26 -11.22
CHD CLA BI . -45.78 53.25 -15.16
NA CLA BI . -50.42 51.69 -13.66
C1A CLA BI . -50.58 50.65 -14.58
C2A CLA BI . -51.91 49.93 -14.35
C3A CLA BI . -52.53 50.71 -13.19
C4A CLA BI . -51.37 51.56 -12.68
CMA CLA BI . -53.68 51.57 -13.65
CAA CLA BI . -51.68 48.48 -13.96
CBA CLA BI . -52.99 47.71 -13.90
CGA CLA BI . -52.75 46.31 -14.35
O1A CLA BI . -52.29 45.93 -15.42
O2A CLA BI . -53.10 45.38 -13.41
NB CLA BI . -49.61 53.87 -11.84
C1B CLA BI . -50.71 53.42 -11.17
C2B CLA BI . -50.83 54.12 -9.87
C3B CLA BI . -49.67 54.85 -9.71
C4B CLA BI . -48.93 54.77 -11.00
CMB CLA BI . -51.81 53.73 -8.86
CAB CLA BI . -49.09 55.43 -8.53
CBB CLA BI . -49.62 56.42 -7.81
NC CLA BI . -47.23 54.35 -13.48
C1C CLA BI . -47.02 55.26 -12.48
C2C CLA BI . -45.73 55.92 -12.69
C3C CLA BI . -45.13 55.25 -13.75
C4C CLA BI . -45.99 54.13 -14.08
CMC CLA BI . -45.08 56.72 -11.66
CAC CLA BI . -43.78 55.49 -14.30
CBC CLA BI . -43.80 56.48 -15.45
ND CLA BI . -48.03 52.33 -15.21
C1D CLA BI . -46.77 52.56 -15.81
C2D CLA BI . -46.68 51.73 -17.03
C3D CLA BI . -47.75 50.87 -16.98
C4D CLA BI . -48.51 51.23 -15.78
CMD CLA BI . -45.51 51.70 -17.90
CAD CLA BI . -48.55 49.93 -17.73
OBD CLA BI . -48.39 49.57 -18.89
CBD CLA BI . -49.88 49.71 -16.94
CGD CLA BI . -51.07 50.19 -17.72
O1D CLA BI . -51.33 51.34 -18.08
O2D CLA BI . -51.95 49.20 -18.03
CED CLA BI . -52.99 49.50 -18.97
C1 CLA BI . -54.42 44.83 -13.49
C2 CLA BI . -54.40 43.72 -14.48
C3 CLA BI . -53.94 42.50 -14.19
C4 CLA BI . -53.39 42.13 -12.86
C5 CLA BI . -53.94 41.42 -15.22
C6 CLA BI . -54.92 40.31 -14.89
C7 CLA BI . -54.70 39.11 -15.77
C8 CLA BI . -55.94 38.70 -16.55
C9 CLA BI . -55.67 37.45 -17.35
C10 CLA BI . -56.41 39.83 -17.46
C11 CLA BI . -57.69 39.47 -18.17
C12 CLA BI . -58.46 40.71 -18.59
C13 CLA BI . -58.10 41.24 -19.97
C14 CLA BI . -59.19 42.19 -20.44
C15 CLA BI . -57.86 40.11 -20.99
C16 CLA BI . -57.94 40.55 -22.43
C17 CLA BI . -56.60 41.04 -22.95
C18 CLA BI . -56.79 41.99 -24.13
C19 CLA BI . -56.41 43.40 -23.76
C20 CLA BI . -55.98 41.52 -25.32
MG CLA CI . -31.59 38.22 -10.87
CHA CLA CI . -30.82 38.09 -7.52
CHB CLA CI . -30.05 41.25 -11.06
CHC CLA CI . -32.60 38.51 -14.09
CHD CLA CI . -33.40 35.24 -10.59
NA CLA CI . -30.78 39.53 -9.46
C1A CLA CI . -30.38 39.22 -8.15
C2A CLA CI . -29.88 40.49 -7.47
C3A CLA CI . -30.06 41.59 -8.55
C4A CLA CI . -30.38 40.78 -9.80
CMA CLA CI . -31.19 42.53 -8.21
CAA CLA CI . -28.43 40.34 -7.03
CBA CLA CI . -27.45 41.12 -7.88
CGA CLA CI . -26.73 40.18 -8.78
O1A CLA CI . -26.20 39.10 -8.49
O2A CLA CI . -26.68 40.61 -10.08
NB CLA CI . -31.17 39.49 -12.36
C1B CLA CI . -30.43 40.63 -12.26
C2B CLA CI . -30.24 41.20 -13.62
C3B CLA CI . -31.02 40.44 -14.48
C4B CLA CI . -31.72 39.44 -13.65
CMB CLA CI . -29.64 42.51 -13.79
CAB CLA CI . -31.07 40.35 -15.92
CBB CLA CI . -30.09 40.64 -16.77
NC CLA CI . -32.51 36.91 -12.19
C1C CLA CI . -32.88 37.27 -13.45
C2C CLA CI . -33.71 36.24 -14.03
C3C CLA CI . -33.75 35.19 -13.11
C4C CLA CI . -33.14 35.70 -11.89
CMC CLA CI . -34.06 36.24 -15.44
CAC CLA CI . -34.50 33.94 -13.23
CBC CLA CI . -33.60 32.72 -13.26
ND CLA CI . -32.16 36.97 -9.40
C1D CLA CI . -32.81 35.71 -9.44
C2D CLA CI . -32.30 34.92 -8.30
C3D CLA CI . -31.68 35.82 -7.45
C4D CLA CI . -31.61 37.09 -8.20
CMD CLA CI . -32.60 33.51 -8.08
CAD CLA CI . -31.06 36.04 -6.17
OBD CLA CI . -31.17 35.35 -5.15
CBD CLA CI . -30.61 37.53 -6.14
CGD CLA CI . -31.36 38.31 -5.10
O1D CLA CI . -32.58 38.46 -5.03
O2D CLA CI . -30.59 38.91 -4.17
CED CLA CI . -31.07 38.94 -2.83
C1 CLA CI . -26.25 39.65 -11.07
C2 CLA CI . -27.45 38.87 -11.46
C3 CLA CI . -27.38 37.82 -12.29
C4 CLA CI . -26.11 37.36 -12.89
C5 CLA CI . -28.60 37.06 -12.66
C6 CLA CI . -28.94 36.04 -11.60
C7 CLA CI . -29.02 34.64 -12.18
C8 CLA CI . -29.58 33.64 -11.18
C9 CLA CI . -28.82 33.70 -9.86
C10 CLA CI . -29.53 32.23 -11.75
MG CLA DI . -38.78 40.09 -6.03
CHA CLA DI . -37.74 42.67 -3.96
CHB CLA DI . -35.79 38.63 -5.59
CHC CLA DI . -39.82 37.59 -8.09
CHD CLA DI . -41.88 41.71 -6.41
NA CLA DI . -37.00 40.70 -5.14
C1A CLA DI . -36.84 41.65 -4.12
C2A CLA DI . -35.40 41.66 -3.63
C3A CLA DI . -34.69 40.69 -4.62
C4A CLA DI . -35.87 39.96 -5.25
CMA CLA DI . -33.88 41.42 -5.65
CAA CLA DI . -35.26 41.21 -2.19
CBA CLA DI . -36.30 40.20 -1.77
CGA CLA DI . -35.76 39.37 -0.65
O1A CLA DI . -34.65 38.85 -0.53
O2A CLA DI . -36.67 39.20 0.37
NB CLA DI . -37.89 38.50 -6.84
C1B CLA DI . -36.73 37.97 -6.41
C2B CLA DI . -36.48 36.66 -7.06
C3B CLA DI . -37.69 36.31 -7.64
C4B CLA DI . -38.55 37.52 -7.63
CMB CLA DI . -35.31 35.87 -6.71
CAB CLA DI . -38.18 35.05 -8.13
CBB CLA DI . -37.52 34.15 -8.86
NC CLA DI . -40.59 39.66 -6.96
C1C CLA DI . -40.81 38.56 -7.74
C2C CLA DI . -42.17 38.58 -8.26
C3C CLA DI . -42.76 39.75 -7.77
C4C CLA DI . -41.75 40.43 -6.99
CMC CLA DI . -42.80 37.47 -8.96
CAC CLA DI . -44.17 40.13 -7.89
CBC CLA DI . -44.97 39.79 -6.65
ND CLA DI . -39.71 41.73 -5.29
C1D CLA DI . -40.94 42.33 -5.63
C2D CLA DI . -41.05 43.60 -4.89
C3D CLA DI . -39.82 43.81 -4.30
C4D CLA DI . -39.04 42.59 -4.54
CMD CLA DI . -42.31 44.20 -4.52
CAD CLA DI . -39.09 44.61 -3.33
OBD CLA DI . -39.37 45.69 -2.84
CBD CLA DI . -37.77 43.85 -3.04
CGD CLA DI . -36.60 44.76 -3.23
O1D CLA DI . -36.35 45.47 -4.21
O2D CLA DI . -35.73 44.79 -2.20
CED CLA DI . -34.98 46.00 -2.04
C1 CLA DI . -37.77 38.31 0.15
C2 CLA DI . -38.84 38.78 1.05
C3 CLA DI . -39.54 38.02 1.91
C4 CLA DI . -39.31 36.57 2.06
C5 CLA DI . -40.59 38.63 2.76
C6 CLA DI . -42.00 38.26 2.36
C7 CLA DI . -42.99 38.92 3.29
C8 CLA DI . -44.42 38.71 2.83
C9 CLA DI . -44.66 39.43 1.53
C10 CLA DI . -45.42 39.18 3.89
C11 CLA DI . -45.15 38.56 5.24
C12 CLA DI . -46.29 37.68 5.70
C13 CLA DI . -46.21 37.43 7.20
C14 CLA DI . -46.01 35.95 7.50
C15 CLA DI . -47.46 37.96 7.91
C16 CLA DI . -47.39 37.70 9.39
C17 CLA DI . -48.69 38.06 10.07
C18 CLA DI . -48.68 37.69 11.55
C19 CLA DI . -48.50 36.19 11.73
C20 CLA DI . -49.96 38.15 12.21
MG CLA EI . -43.57 25.47 -16.39
CHA CLA EI . -43.97 22.43 -18.02
CHB CLA EI . -44.82 24.06 -13.58
CHC CLA EI . -43.64 28.56 -14.92
CHD CLA EI . -42.62 26.95 -19.43
NA CLA EI . -44.10 23.52 -15.87
C1A CLA EI . -44.02 22.37 -16.66
C2A CLA EI . -44.48 21.16 -15.85
C3A CLA EI . -45.12 21.78 -14.58
C4A CLA EI . -44.71 23.23 -14.67
CMA CLA EI . -46.61 21.60 -14.61
CAA CLA EI . -43.34 20.22 -15.49
CBA CLA EI . -42.03 20.92 -15.24
CGA CLA EI . -40.97 20.19 -15.99
O1A CLA EI . -40.86 20.09 -17.21
O2A CLA EI . -40.07 19.56 -15.18
NB CLA EI . -44.06 26.16 -14.58
C1B CLA EI . -44.41 25.40 -13.53
C2B CLA EI . -44.73 26.28 -12.39
C3B CLA EI . -44.49 27.57 -12.77
C4B CLA EI . -44.14 27.52 -14.21
CMB CLA EI . -45.54 25.77 -11.30
CAB CLA EI . -44.24 28.75 -11.97
CBB CLA EI . -45.02 29.23 -11.00
NC CLA EI . -43.22 27.41 -17.07
C1C CLA EI . -43.24 28.52 -16.28
C2C CLA EI . -42.37 29.53 -16.86
C3C CLA EI . -42.00 29.06 -18.11
C4C CLA EI . -42.71 27.80 -18.30
CMC CLA EI . -41.86 30.65 -16.07
CAC CLA EI . -41.37 29.85 -19.19
CBC CLA EI . -39.86 29.87 -19.10
ND CLA EI . -43.20 24.86 -18.27
C1D CLA EI . -42.88 25.60 -19.43
C2D CLA EI . -43.04 24.71 -20.60
C3D CLA EI . -43.29 23.45 -20.10
C4D CLA EI . -43.61 23.66 -18.68
CMD CLA EI . -43.26 25.20 -21.94
CAD CLA EI . -43.11 22.02 -20.29
OBD CLA EI . -42.83 21.42 -21.31
CBD CLA EI . -43.76 21.34 -19.05
CGD CLA EI . -45.02 20.62 -19.45
O1D CLA EI . -45.50 20.50 -20.58
O2D CLA EI . -45.68 20.00 -18.43
CED CLA EI . -47.09 19.88 -18.56
C1 CLA EI . -38.98 20.32 -14.61
C2 CLA EI . -38.19 20.92 -15.73
C3 CLA EI . -36.86 20.86 -15.80
C4 CLA EI . -36.03 20.19 -14.77
C5 CLA EI . -36.14 21.46 -16.96
C6 CLA EI . -34.98 22.35 -16.53
C7 CLA EI . -35.44 23.76 -16.23
C8 CLA EI . -34.30 24.66 -15.81
C9 CLA EI . -33.31 24.83 -16.94
C10 CLA EI . -33.60 24.12 -14.57
C11 CLA EI . -33.19 25.23 -13.63
C12 CLA EI . -32.82 24.71 -12.26
C13 CLA EI . -32.15 25.78 -11.42
C14 CLA EI . -30.74 25.38 -11.06
C15 CLA EI . -32.94 26.08 -10.15
MG CLA FI . -63.04 38.82 -30.62
CHA CLA FI . -66.12 37.31 -30.98
CHB CLA FI . -62.98 39.21 -33.97
CHC CLA FI . -59.73 39.70 -30.43
CHD CLA FI . -62.97 37.80 -27.27
NA CLA FI . -64.51 38.73 -32.10
C1A CLA FI . -65.79 38.16 -31.98
C2A CLA FI . -66.52 38.22 -33.32
C3A CLA FI . -65.40 38.62 -34.32
C4A CLA FI . -64.18 38.81 -33.42
CMA CLA FI . -65.17 37.55 -35.35
CAA CLA FI . -67.65 39.24 -33.29
CBA CLA FI . -67.15 40.67 -33.33
CGA CLA FI . -68.31 41.61 -33.44
O1A CLA FI . -69.19 41.65 -34.30
O2A CLA FI . -68.33 42.54 -32.43
NB CLA FI . -61.71 39.62 -31.90
C1B CLA FI . -61.85 39.60 -33.25
C2B CLA FI . -60.66 40.25 -33.86
C3B CLA FI . -59.75 40.46 -32.86
C4B CLA FI . -60.38 39.96 -31.59
CMB CLA FI . -60.68 40.80 -35.20
CAB CLA FI . -58.50 41.16 -32.91
CBB CLA FI . -58.33 42.41 -32.47
NC CLA FI . -61.59 38.70 -29.12
C1C CLA FI . -60.28 39.08 -29.27
C2C CLA FI . -59.61 39.01 -27.98
C3C CLA FI . -60.53 38.48 -27.08
C4C CLA FI . -61.74 38.18 -27.84
CMC CLA FI . -58.34 39.65 -27.68
CAC CLA FI . -60.30 38.12 -25.67
CBC CLA FI . -60.71 39.22 -24.72
ND CLA FI . -64.27 37.89 -29.32
C1D CLA FI . -64.07 37.42 -27.99
C2D CLA FI . -65.03 36.33 -27.72
C3D CLA FI . -65.90 36.31 -28.78
C4D CLA FI . -65.34 37.24 -29.78
CMD CLA FI . -65.15 35.65 -26.43
CAD CLA FI . -67.13 35.79 -29.33
OBD CLA FI . -68.02 35.19 -28.75
CBD CLA FI . -67.31 36.41 -30.76
CGD CLA FI . -67.42 35.36 -31.83
O1D CLA FI . -68.12 35.39 -32.84
O2D CLA FI . -66.64 34.26 -31.60
CED CLA FI . -66.71 33.19 -32.55
MG CLA GI . -60.51 43.97 -39.20
CHA CLA GI . -62.88 41.46 -39.19
CHB CLA GI . -59.35 42.78 -42.16
CHC CLA GI . -57.76 46.00 -38.94
CHD CLA GI . -61.29 44.63 -35.83
NA CLA GI . -61.16 42.50 -40.53
C1A CLA GI . -62.27 41.65 -40.39
C2A CLA GI . -62.38 40.72 -41.60
C3A CLA GI . -61.05 40.93 -42.34
C4A CLA GI . -60.39 42.08 -41.58
CMA CLA GI . -60.19 39.69 -42.34
CAA CLA GI . -63.59 41.06 -42.46
CBA CLA GI . -63.55 42.47 -43.00
CGA CLA GI . -64.95 42.99 -43.17
O1A CLA GI . -65.32 43.95 -43.86
O2A CLA GI . -65.88 42.30 -42.45
NB CLA GI . -59.00 44.47 -40.42
C1B CLA GI . -58.77 43.95 -41.65
C2B CLA GI . -57.65 44.67 -42.29
C3B CLA GI . -57.02 45.38 -41.28
C4B CLA GI . -57.87 45.24 -40.06
CMB CLA GI . -57.20 44.38 -43.64
CAB CLA GI . -56.04 46.42 -41.37
CBB CLA GI . -56.12 47.48 -42.18
NC CLA GI . -59.83 45.30 -37.74
C1C CLA GI . -58.63 45.95 -37.81
C2C CLA GI . -58.47 46.78 -36.63
C3C CLA GI . -59.53 46.48 -35.78
C4C CLA GI . -60.29 45.42 -36.43
CMC CLA GI . -57.55 47.92 -36.57
CAC CLA GI . -59.89 47.14 -34.52
CBC CLA GI . -59.29 46.44 -33.32
ND CLA GI . -61.93 43.42 -37.86
C1D CLA GI . -62.16 43.81 -36.53
C2D CLA GI . -63.31 43.04 -36.00
C3D CLA GI . -63.57 42.07 -36.95
C4D CLA GI . -62.64 42.32 -38.07
CMD CLA GI . -63.75 43.10 -34.62
CAD CLA GI . -64.49 41.02 -37.36
OBD CLA GI . -65.49 40.61 -36.82
CBD CLA GI . -64.05 40.58 -38.79
CGD CLA GI . -63.68 39.12 -38.84
O1D CLA GI . -62.66 38.59 -38.42
O2D CLA GI . -64.63 38.33 -39.41
CED CLA GI . -64.68 36.96 -39.01
C1 CLA GI . -66.77 43.04 -41.59
C2 CLA GI . -65.92 43.88 -40.70
C3 CLA GI . -66.06 43.94 -39.38
C4 CLA GI . -67.09 43.17 -38.64
C5 CLA GI . -65.15 44.81 -38.56
C6 CLA GI . -65.78 46.14 -38.21
C7 CLA GI . -64.72 47.18 -37.91
C8 CLA GI . -64.07 47.01 -36.54
C9 CLA GI . -65.11 46.88 -35.45
C10 CLA GI . -63.16 48.20 -36.24
MG CLA HI . -47.02 52.22 -44.51
CHA CLA HI . -48.48 49.09 -44.70
CHB CLA HI . -44.39 51.08 -46.31
CHC CLA HI . -45.98 55.45 -44.87
CHD CLA HI . -49.69 53.26 -42.50
NA CLA HI . -46.54 50.36 -45.35
C1A CLA HI . -47.36 49.23 -45.46
C2A CLA HI . -46.61 48.09 -46.15
C3A CLA HI . -45.21 48.68 -46.42
C4A CLA HI . -45.35 50.14 -45.97
CMA CLA HI . -44.15 47.96 -45.65
CAA CLA HI . -47.31 47.62 -47.42
CBA CLA HI . -48.05 48.73 -48.13
CGA CLA HI . -48.95 48.17 -49.19
O1A CLA HI . -49.50 48.77 -50.12
O2A CLA HI . -49.16 46.82 -49.09
NB CLA HI . -45.42 53.10 -45.35
C1B CLA HI . -44.52 52.47 -46.13
C2B CLA HI . -43.57 53.46 -46.70
C3B CLA HI . -43.98 54.70 -46.25
C4B CLA HI . -45.26 54.49 -45.52
CMB CLA HI . -42.31 53.05 -47.30
CAB CLA HI . -43.33 55.98 -46.22
CBB CLA HI . -42.60 56.55 -47.18
NC CLA HI . -47.66 54.04 -43.71
C1C CLA HI . -47.12 55.25 -44.05
C2C CLA HI . -48.06 56.30 -43.67
C3C CLA HI . -49.17 55.69 -43.08
C4C CLA HI . -48.83 54.27 -42.98
CMC CLA HI . -47.84 57.73 -43.92
CAC CLA HI . -50.28 56.36 -42.39
CBC CLA HI . -51.64 56.14 -43.04
ND CLA HI . -48.69 51.42 -43.69
C1D CLA HI . -49.80 52.01 -43.04
C2D CLA HI . -50.94 51.09 -43.07
C3D CLA HI . -50.44 49.89 -43.54
C4D CLA HI . -49.09 50.21 -44.06
CMD CLA HI . -52.26 51.38 -42.51
CAD CLA HI . -50.54 48.45 -43.52
OBD CLA HI . -51.45 47.74 -43.11
CBD CLA HI . -49.34 47.90 -44.34
CGD CLA HI . -48.54 46.89 -43.58
O1D CLA HI . -47.72 46.07 -44.01
O2D CLA HI . -48.77 46.91 -42.25
CED CLA HI . -48.99 45.63 -41.64
C1 CLA HI . -50.50 46.37 -49.30
C2 CLA HI . -51.31 46.94 -48.20
C3 CLA HI . -52.65 46.99 -48.21
C4 CLA HI . -53.45 46.46 -49.34
C5 CLA HI . -53.39 47.59 -47.07
C6 CLA HI . -54.43 48.59 -47.51
C7 CLA HI . -54.13 49.98 -46.97
C8 CLA HI . -55.18 50.49 -45.99
C9 CLA HI . -54.97 49.84 -44.63
C10 CLA HI . -56.60 50.26 -46.52
C11 CLA HI . -57.68 50.39 -45.47
C12 CLA HI . -58.02 51.83 -45.13
C13 CLA HI . -58.48 51.95 -43.69
C14 CLA HI . -59.44 53.13 -43.53
C15 CLA HI . -57.30 52.09 -42.74
C16 CLA HI . -57.23 50.91 -41.79
C17 CLA HI . -56.23 51.15 -40.67
MG CLA II . -37.50 57.66 -45.98
CHA CLA II . -36.96 60.80 -47.30
CHB CLA II . -40.60 58.64 -45.02
CHC CLA II . -37.95 54.60 -44.52
CHD CLA II . -34.08 56.91 -46.44
NA CLA II . -38.64 59.37 -46.32
C1A CLA II . -38.27 60.52 -47.03
C2A CLA II . -39.37 61.58 -46.91
C3A CLA II . -40.34 61.00 -45.86
C4A CLA II . -39.84 59.57 -45.72
CMA CLA II . -40.28 61.76 -44.56
CAA CLA II . -40.08 61.89 -48.22
CBA CLA II . -39.76 60.93 -49.36
CGA CLA II . -40.36 61.45 -50.62
O1A CLA II . -39.88 61.43 -51.75
O2A CLA II . -41.58 62.03 -50.42
NB CLA II . -39.05 56.73 -45.10
C1B CLA II . -40.15 57.36 -44.63
C2B CLA II . -40.88 56.45 -43.71
C3B CLA II . -40.35 55.20 -43.91
C4B CLA II . -39.04 55.42 -44.58
CMB CLA II . -42.09 56.85 -42.98
CAB CLA II . -40.72 53.97 -43.26
CBB CLA II . -40.88 52.79 -43.89
NC CLA II . -36.25 56.04 -45.61
C1C CLA II . -36.68 54.85 -45.11
C2C CLA II . -35.67 53.83 -45.33
C3C CLA II . -34.58 54.46 -45.94
C4C CLA II . -34.92 55.88 -45.98
CMC CLA II . -35.94 52.39 -45.27
CAC CLA II . -33.25 53.90 -46.16
CBC CLA II . -33.08 53.31 -47.55
ND CLA II . -35.88 58.55 -46.77
C1D CLA II . -34.51 58.14 -46.87
C2D CLA II . -33.72 59.29 -47.37
C3D CLA II . -34.64 60.26 -47.73
C4D CLA II . -35.93 59.82 -47.18
CMD CLA II . -32.28 59.25 -47.61
CAD CLA II . -34.82 61.61 -48.23
OBD CLA II . -34.03 62.34 -48.81
CBD CLA II . -36.33 61.96 -48.05
CGD CLA II . -36.51 63.25 -47.32
O1D CLA II . -37.03 64.29 -47.73
O2D CLA II . -36.05 63.22 -46.04
CED CLA II . -36.79 63.95 -45.06
C1 CLA II . -42.19 62.72 -51.53
C2 CLA II . -43.03 61.74 -52.28
C3 CLA II . -44.23 62.04 -52.78
C4 CLA II . -44.86 63.38 -52.65
C5 CLA II . -45.02 61.02 -53.53
C6 CLA II . -45.41 61.48 -54.92
C7 CLA II . -45.57 60.31 -55.87
C8 CLA II . -46.67 59.34 -55.43
C9 CLA II . -46.12 57.94 -55.32
C10 CLA II . -47.84 59.37 -56.40
C11 CLA II . -49.02 60.13 -55.84
C12 CLA II . -50.22 60.06 -56.77
C13 CLA II . -51.42 60.79 -56.17
MG CLA JI . -53.47 59.07 -15.40
CHA CLA JI . -53.75 60.16 -12.12
CHB CLA JI . -51.33 56.62 -14.38
CHC CLA JI . -53.78 57.60 -18.47
CHD CLA JI . -55.81 61.53 -16.35
NA CLA JI . -52.68 58.52 -13.55
C1A CLA JI . -53.02 59.01 -12.27
C2A CLA JI . -52.04 58.45 -11.22
C3A CLA JI . -51.08 57.56 -12.04
C4A CLA JI . -51.70 57.58 -13.44
CMA CLA JI . -49.69 58.13 -12.03
CAA CLA JI . -52.76 57.66 -10.13
CBA CLA JI . -53.54 56.48 -10.65
CGA CLA JI . -54.49 56.03 -9.59
O1A CLA JI . -54.44 56.24 -8.37
O2A CLA JI . -55.53 55.28 -10.07
NB CLA JI . -52.63 57.49 -16.29
C1B CLA JI . -51.78 56.60 -15.72
C2B CLA JI . -51.50 55.50 -16.68
C3B CLA JI . -51.97 55.92 -17.89
C4B CLA JI . -52.93 57.03 -17.59
CMB CLA JI . -50.62 54.38 -16.35
CAB CLA JI . -51.79 55.38 -19.21
CBB CLA JI . -52.15 54.16 -19.59
NC CLA JI . -54.44 59.61 -17.16
C1C CLA JI . -54.50 58.81 -18.27
C2C CLA JI . -55.25 59.49 -19.31
C3C CLA JI . -55.86 60.58 -18.71
C4C CLA JI . -55.33 60.67 -17.35
CMC CLA JI . -55.49 58.95 -20.65
CAC CLA JI . -56.74 61.58 -19.35
CBC CLA JI . -58.20 61.27 -19.16
ND CLA JI . -54.41 60.63 -14.54
C1D CLA JI . -55.39 61.53 -15.04
C2D CLA JI . -55.68 62.52 -13.98
C3D CLA JI . -55.20 61.96 -12.81
C4D CLA JI . -54.38 60.82 -13.22
CMD CLA JI . -56.53 63.70 -14.16
CAD CLA JI . -55.06 62.11 -11.38
OBD CLA JI . -55.63 62.87 -10.61
CBD CLA JI . -54.06 61.00 -10.90
CGD CLA JI . -52.83 61.59 -10.29
O1D CLA JI . -51.78 61.92 -10.86
O2D CLA JI . -52.89 61.75 -8.94
CED CLA JI . -52.03 60.96 -8.14
C1 CLA JI . -56.65 55.08 -9.19
C2 CLA JI . -57.86 55.08 -10.05
C3 CLA JI . -59.11 55.21 -9.59
C4 CLA JI . -59.39 55.38 -8.14
C5 CLA JI . -60.29 55.22 -10.49
C6 CLA JI . -59.98 54.83 -11.93
C7 CLA JI . -59.89 56.05 -12.83
C8 CLA JI . -61.25 56.65 -13.16
C9 CLA JI . -61.50 56.56 -14.65
C10 CLA JI . -61.33 58.10 -12.68
C11 CLA JI . -62.64 58.74 -13.05
C12 CLA JI . -62.84 60.08 -12.38
C13 CLA JI . -64.19 60.69 -12.75
C14 CLA JI . -64.19 61.11 -14.21
C15 CLA JI . -64.55 61.87 -11.86
C16 CLA JI . -64.59 61.46 -10.40
C17 CLA JI . -65.49 62.37 -9.60
C18 CLA JI . -65.22 62.29 -8.10
C19 CLA JI . -66.17 63.18 -7.33
C20 CLA JI . -65.31 60.86 -7.61
MG CLA KI . -59.84 62.15 -10.96
CHA CLA KI . -60.86 62.47 -7.68
CHB CLA KI . -57.74 59.66 -10.06
CHC CLA KI . -59.40 61.39 -14.28
CHD CLA KI . -62.06 64.74 -11.85
NA CLA KI . -59.32 61.29 -9.13
C1A CLA KI . -59.94 61.48 -7.89
C2A CLA KI . -59.59 60.38 -6.90
C3A CLA KI . -58.68 59.45 -7.74
C4A CLA KI . -58.44 60.24 -9.02
CMA CLA KI . -57.38 59.15 -7.02
NB CLA KI . -58.76 60.80 -11.98
C1B CLA KI . -58.08 59.77 -11.41
C2B CLA KI . -57.63 58.82 -12.47
C3B CLA KI . -58.12 59.29 -13.67
C4B CLA KI . -58.79 60.59 -13.37
CMB CLA KI . -56.62 57.82 -12.21
CAB CLA KI . -57.70 58.91 -14.99
CBB CLA KI . -58.50 58.49 -15.97
NC CLA KI . -60.53 63.00 -12.74
C1C CLA KI . -60.20 62.54 -13.99
C2C CLA KI . -61.02 63.20 -14.99
C3C CLA KI . -61.71 64.22 -14.31
C4C CLA KI . -61.50 63.98 -12.89
CMC CLA KI . -61.31 62.65 -16.31
CAC CLA KI . -62.50 65.30 -14.91
CBC CLA KI . -63.98 64.97 -14.96
ND CLA KI . -61.02 63.50 -10.01
C1D CLA KI . -61.93 64.47 -10.51
C2D CLA KI . -62.81 64.90 -9.39
C3D CLA KI . -62.26 64.35 -8.25
C4D CLA KI . -61.24 63.40 -8.70
CMD CLA KI . -63.87 65.89 -9.52
CAD CLA KI . -62.40 64.18 -6.81
OBD CLA KI . -62.94 64.91 -6.00
CBD CLA KI . -61.56 62.93 -6.42
CGD CLA KI . -60.57 63.23 -5.33
O1D CLA KI . -59.59 63.98 -5.40
O2D CLA KI . -60.82 62.59 -4.16
CED CLA KI . -60.32 63.17 -2.96
MG CLA LI . -43.40 53.39 -20.24
CHA CLA LI . -45.44 56.17 -20.47
CHB CLA LI . -45.71 51.69 -22.00
CHC CLA LI . -41.23 50.78 -20.68
CHD CLA LI . -40.68 55.51 -19.64
NA CLA LI . -45.39 53.77 -20.75
C1A CLA LI . -46.01 55.02 -20.93
C2A CLA LI . -47.51 54.80 -21.20
C3A CLA LI . -47.61 53.27 -21.45
C4A CLA LI . -46.16 52.82 -21.34
CMA CLA LI . -48.50 52.59 -20.45
CAA CLA LI . -48.00 55.59 -22.39
CBA CLA LI . -49.26 56.34 -22.01
CGA CLA LI . -50.09 56.63 -23.23
O1A CLA LI . -49.77 57.25 -24.25
O2A CLA LI . -51.34 56.10 -23.17
NB CLA LI . -43.58 51.48 -20.84
C1B CLA LI . -44.52 51.03 -21.70
C2B CLA LI . -44.43 49.55 -21.74
C3B CLA LI . -43.18 49.23 -21.22
C4B CLA LI . -42.56 50.51 -20.80
CMB CLA LI . -45.67 48.79 -21.80
CAB CLA LI . -42.44 48.00 -21.18
CBB CLA LI . -42.81 46.81 -21.66
NC CLA LI . -41.36 53.14 -19.91
C1C CLA LI . -40.66 52.02 -20.26
C2C CLA LI . -39.28 52.17 -19.78
C3C CLA LI . -39.11 53.53 -19.51
C4C CLA LI . -40.43 54.13 -19.58
CMC CLA LI . -38.27 51.12 -19.84
CAC CLA LI . -37.84 54.26 -19.50
CBC CLA LI . -37.45 54.77 -18.15
ND CLA LI . -43.11 55.33 -19.82
C1D CLA LI . -41.92 56.09 -19.67
C2D CLA LI . -42.31 57.47 -19.32
C3D CLA LI . -43.67 57.56 -19.59
C4D CLA LI . -44.05 56.23 -20.11
CMD CLA LI . -41.53 58.30 -18.40
CAD CLA LI . -44.90 58.22 -19.21
OBD CLA LI . -45.06 58.98 -18.27
CBD CLA LI . -46.06 57.38 -19.82
CGD CLA LI . -47.06 56.99 -18.77
O1D CLA LI . -48.29 57.03 -18.86
O2D CLA LI . -46.52 56.53 -17.62
CED CLA LI . -47.40 56.33 -16.51
C1 CLA LI . -52.43 56.99 -23.50
C2 CLA LI . -53.28 56.30 -24.50
C3 CLA LI . -54.26 56.92 -25.17
C4 CLA LI . -54.60 58.34 -24.95
C5 CLA LI . -55.08 56.18 -26.17
MG CLA MI . -48.99 54.75 -30.77
CHA CLA MI . -47.70 56.15 -27.90
CHB CLA MI . -48.59 51.66 -29.39
CHC CLA MI . -49.71 53.31 -33.79
CHD CLA MI . -48.90 57.91 -32.29
NA CLA MI . -48.41 54.05 -28.88
C1A CLA MI . -47.89 54.81 -27.83
C2A CLA MI . -47.92 53.97 -26.56
C3A CLA MI . -47.90 52.53 -27.12
C4A CLA MI . -48.23 52.73 -28.60
CMA CLA MI . -46.53 51.91 -26.96
CAA CLA MI . -49.13 54.29 -25.68
CBA CLA MI . -50.49 53.90 -26.22
CGA CLA MI . -51.09 54.97 -27.08
O1A CLA MI . -51.08 56.19 -26.92
O2A CLA MI . -51.74 54.45 -28.16
NB CLA MI . -49.21 52.87 -31.42
C1B CLA MI . -49.20 51.76 -30.65
C2B CLA MI . -49.60 50.58 -31.45
C3B CLA MI . -49.64 51.00 -32.76
C4B CLA MI . -49.64 52.49 -32.71
CMB CLA MI . -49.51 49.23 -30.93
CAB CLA MI . -50.06 50.29 -33.93
CBB CLA MI . -51.22 49.68 -34.08
NC CLA MI . -49.36 55.49 -32.68
C1C CLA MI . -49.47 54.71 -33.80
C2C CLA MI . -49.74 55.56 -34.95
C3C CLA MI . -49.72 56.87 -34.48
C4C CLA MI . -49.27 56.81 -33.09
CMC CLA MI . -50.27 55.07 -36.21
CAC CLA MI . -49.84 58.09 -35.29
CBC CLA MI . -48.52 58.47 -35.92
ND CLA MI . -48.66 56.66 -30.21
C1D CLA MI . -48.69 57.87 -30.93
C2D CLA MI . -48.15 58.94 -30.06
C3D CLA MI . -47.76 58.34 -28.89
C4D CLA MI . -48.14 56.92 -29.01
CMD CLA MI . -48.14 60.36 -30.41
CAD CLA MI . -47.39 58.53 -27.50
OBD CLA MI . -47.57 59.51 -26.79
CBD CLA MI . -47.10 57.12 -26.91
CGD CLA MI . -45.63 56.89 -26.70
O1D CLA MI . -44.76 56.80 -27.57
O2D CLA MI . -45.26 56.79 -25.40
CED CLA MI . -43.99 57.32 -25.04
C1 CLA MI . -52.06 55.34 -29.26
C2 CLA MI . -52.83 54.48 -30.19
C3 CLA MI . -53.18 54.82 -31.44
C4 CLA MI . -52.81 56.13 -32.04
C5 CLA MI . -53.97 53.88 -32.28
C6 CLA MI . -53.37 53.63 -33.65
C7 CLA MI . -53.99 52.40 -34.29
C8 CLA MI . -54.54 52.70 -35.67
C9 CLA MI . -55.56 51.66 -36.07
C10 CLA MI . -53.43 52.77 -36.70
C11 CLA MI . -53.94 53.14 -38.07
C12 CLA MI . -54.42 54.58 -38.12
C13 CLA MI . -54.00 55.24 -39.42
C14 CLA MI . -52.48 55.38 -39.46
C15 CLA MI . -54.66 56.60 -39.61
MG CLA NI . -53.21 45.35 -28.79
CHA CLA NI . -51.21 47.18 -26.66
CHB CLA NI . -52.29 42.52 -27.14
CHC CLA NI . -54.40 43.43 -31.34
CHD CLA NI . -53.64 48.24 -30.76
NA CLA NI . -52.13 44.97 -27.03
C1A CLA NI . -51.44 45.91 -26.25
C2A CLA NI . -50.73 45.22 -25.09
C3A CLA NI . -50.84 43.72 -25.45
C4A CLA NI . -51.78 43.71 -26.65
CMA CLA NI . -49.50 43.12 -25.79
CAA CLA NI . -51.38 45.56 -23.75
CBA CLA NI . -52.87 45.85 -23.86
CGA CLA NI . -53.39 46.31 -22.53
O1A CLA NI . -53.07 45.92 -21.41
O2A CLA NI . -54.33 47.30 -22.64
NB CLA NI . -53.64 43.40 -28.99
C1B CLA NI . -53.28 42.43 -28.13
C2B CLA NI . -53.84 41.13 -28.62
C3B CLA NI . -54.19 41.34 -29.93
C4B CLA NI . -54.01 42.78 -30.20
CMB CLA NI . -53.75 39.89 -27.87
CAB CLA NI . -54.97 40.51 -30.80
CBB CLA NI . -56.21 40.13 -30.54
NC CLA NI . -54.07 45.79 -30.63
C1C CLA NI . -54.48 44.84 -31.52
C2C CLA NI . -54.90 45.48 -32.76
C3C CLA NI . -54.86 46.85 -32.50
C4C CLA NI . -54.05 47.00 -31.31
CMC CLA NI . -55.60 44.80 -33.85
CAC CLA NI . -55.53 47.93 -33.24
CBC CLA NI . -54.62 48.52 -34.29
ND CLA NI . -52.73 47.31 -28.69
C1D CLA NI . -52.92 48.38 -29.60
C2D CLA NI . -52.44 49.63 -28.96
C3D CLA NI . -51.71 49.22 -27.86
C4D CLA NI . -52.00 47.78 -27.69
CMD CLA NI . -52.84 50.97 -29.37
CAD CLA NI . -50.72 49.57 -26.86
OBD CLA NI . -50.37 50.69 -26.49
CBD CLA NI . -50.38 48.29 -26.06
CGD CLA NI . -48.92 47.95 -26.08
O1D CLA NI . -48.39 46.89 -26.43
O2D CLA NI . -48.10 48.95 -25.66
CED CLA NI . -46.76 48.59 -25.32
C1 CLA NI . -55.08 47.60 -21.44
C2 CLA NI . -56.14 48.57 -21.82
C3 CLA NI . -57.34 48.21 -22.32
C4 CLA NI . -57.70 46.79 -22.56
C5 CLA NI . -58.36 49.23 -22.67
MG CLA OI . -21.73 8.26 -21.29
CHA CLA OI . -20.77 6.48 -18.48
CHB CLA OI . -23.99 9.95 -19.40
CHC CLA OI . -22.24 10.39 -23.91
CHD CLA OI . -19.22 6.64 -23.11
NA CLA OI . -22.26 8.20 -19.27
C1A CLA OI . -21.56 7.58 -18.23
C2A CLA OI . -22.11 7.97 -16.86
C3A CLA OI . -23.26 8.94 -17.22
C4A CLA OI . -23.12 9.12 -18.72
CMA CLA OI . -24.61 8.39 -16.85
CAA CLA OI . -21.07 8.63 -15.98
CBA CLA OI . -20.29 9.68 -16.73
CGA CLA OI . -18.84 9.34 -16.82
O1A CLA OI . -18.29 8.25 -16.59
O2A CLA OI . -18.08 10.39 -17.22
NB CLA OI . -22.92 9.84 -21.61
C1B CLA OI . -23.88 10.28 -20.77
C2B CLA OI . -24.61 11.43 -21.38
C3B CLA OI . -24.18 11.48 -22.69
C4B CLA OI . -22.99 10.59 -22.79
CMB CLA OI . -25.20 12.45 -20.54
CAB CLA OI . -24.83 11.99 -23.87
CBB CLA OI . -26.12 12.28 -23.99
NC CLA OI . -21.00 8.37 -23.23
C1C CLA OI . -21.15 9.49 -24.00
C2C CLA OI . -20.34 9.37 -25.22
C3C CLA OI . -19.64 8.16 -25.10
C4C CLA OI . -19.96 7.63 -23.79
CMC CLA OI . -20.62 10.12 -26.44
CAC CLA OI . -19.07 7.39 -26.22
CBC CLA OI . -17.56 7.33 -26.19
ND CLA OI . -20.44 6.74 -21.00
C1D CLA OI . -19.38 6.27 -21.80
C2D CLA OI . -18.49 5.40 -20.99
C3D CLA OI . -19.05 5.37 -19.73
C4D CLA OI . -20.24 6.24 -19.79
CMD CLA OI . -17.44 4.56 -21.55
CAD CLA OI . -18.94 4.85 -18.38
OBD CLA OI . -18.37 3.83 -18.00
CBD CLA OI . -20.10 5.48 -17.57
CGD CLA OI . -21.07 4.44 -17.10
O1D CLA OI . -22.16 4.12 -17.59
O2D CLA OI . -20.63 3.78 -15.99
CED CLA OI . -21.34 2.61 -15.59
C1 CLA OI . -16.66 10.33 -16.98
C2 CLA OI . -16.21 11.74 -16.92
C3 CLA OI . -15.77 12.44 -17.97
C4 CLA OI . -15.64 11.86 -19.33
C5 CLA OI . -15.34 13.86 -17.82
C6 CLA OI . -13.88 14.06 -18.13
C7 CLA OI . -13.44 15.47 -17.78
C8 CLA OI . -13.76 15.82 -16.34
C9 CLA OI . -14.45 17.16 -16.27
C10 CLA OI . -12.49 15.82 -15.49
C11 CLA OI . -12.80 16.10 -14.03
C12 CLA OI . -11.64 15.75 -13.13
C13 CLA OI . -11.82 16.39 -11.76
C14 CLA OI . -10.59 16.15 -10.91
C15 CLA OI . -13.06 15.88 -11.06
C16 CLA OI . -13.29 16.61 -9.77
C17 CLA OI . -14.38 15.97 -8.93
C18 CLA OI . -14.78 16.87 -7.77
C19 CLA OI . -16.27 17.02 -7.66
C20 CLA OI . -14.19 16.37 -6.47
MG CLA PI . -23.27 23.24 -21.20
CHA CLA PI . -26.37 22.83 -19.74
CHB CLA PI . -22.91 26.19 -19.49
CHC CLA PI . -20.68 24.10 -23.26
CHD CLA PI . -24.02 20.56 -23.34
NA CLA PI . -24.36 24.19 -19.68
C1A CLA PI . -25.60 23.81 -19.16
C2A CLA PI . -26.14 24.86 -18.19
C3A CLA PI . -25.17 26.05 -18.40
C4A CLA PI . -24.02 25.43 -19.19
CMA CLA PI . -25.84 27.17 -19.14
CAA CLA PI . -26.14 24.37 -16.75
CBA CLA PI . -25.06 23.35 -16.47
CGA CLA PI . -25.25 22.77 -15.10
O1A CLA PI . -25.98 23.17 -14.20
O2A CLA PI . -24.49 21.65 -14.88
NB CLA PI . -21.94 24.77 -21.25
C1B CLA PI . -22.02 25.92 -20.55
C2B CLA PI . -20.84 26.75 -20.89
C3B CLA PI . -20.45 26.35 -22.14
C4B CLA PI . -21.08 25.01 -22.33
CMB CLA PI . -20.02 27.39 -19.88
CAB CLA PI . -19.34 26.78 -22.93
CBB CLA PI . -18.08 26.34 -22.80
NC CLA PI . -22.38 22.37 -22.87
C1C CLA PI . -21.42 22.96 -23.63
C2C CLA PI . -20.95 22.02 -24.64
C3C CLA PI . -21.92 21.02 -24.69
C4C CLA PI . -22.87 21.31 -23.63
CMC CLA PI . -19.91 22.32 -25.61
CAC CLA PI . -22.22 20.21 -25.87
CBC CLA PI . -21.69 18.81 -25.79
ND CLA PI . -24.69 21.82 -21.37
C1D CLA PI . -24.98 20.94 -22.44
C2D CLA PI . -26.23 20.20 -22.14
C3D CLA PI . -26.76 20.84 -21.03
C4D CLA PI . -25.81 21.90 -20.65
CMD CLA PI . -26.52 18.87 -22.64
CAD CLA PI . -27.94 20.99 -20.19
OBD CLA PI . -28.83 20.18 -19.97
CBD CLA PI . -27.73 22.30 -19.37
CGD CLA PI . -28.82 23.29 -19.63
O1D CLA PI . -28.75 24.31 -20.33
O2D CLA PI . -30.00 23.00 -19.03
CED CLA PI . -31.12 22.68 -19.87
C1 CLA PI . -23.41 21.77 -13.94
C2 CLA PI . -22.39 20.78 -14.38
C3 CLA PI . -22.29 19.54 -13.88
C4 CLA PI . -23.19 19.04 -12.81
C5 CLA PI . -21.24 18.59 -14.36
C6 CLA PI . -20.32 18.15 -13.25
C7 CLA PI . -19.38 17.07 -13.71
C8 CLA PI . -18.02 17.22 -13.02
C9 CLA PI . -17.13 18.13 -13.82
C10 CLA PI . -17.36 15.86 -12.77
C11 CLA PI . -16.79 15.26 -14.03
C12 CLA PI . -16.72 13.75 -13.97
C13 CLA PI . -15.77 13.26 -12.89
C14 CLA PI . -14.49 12.74 -13.49
C15 CLA PI . -16.42 12.16 -12.06
C16 CLA PI . -16.44 12.48 -10.59
C17 CLA PI . -17.20 11.40 -9.84
C18 CLA PI . -17.22 11.65 -8.34
C19 CLA PI . -18.06 10.59 -7.65
C20 CLA PI . -15.82 11.64 -7.78
MG CLA QI . -75.28 44.71 -20.85
CHA CLA QI . -72.57 42.59 -20.57
CHB CLA QI . -73.44 46.77 -22.84
CHC CLA QI . -77.89 46.94 -20.84
CHD CLA QI . -77.17 42.47 -18.89
NA CLA QI . -73.39 44.55 -21.74
C1A CLA QI . -72.41 43.58 -21.50
C2A CLA QI . -71.15 43.88 -22.29
C3A CLA QI . -71.34 45.36 -22.68
C4A CLA QI . -72.85 45.57 -22.47
CMA CLA QI . -70.51 46.29 -21.84
CAA CLA QI . -71.05 42.98 -23.49
CBA CLA QI . -69.69 43.10 -24.15
CGA CLA QI . -69.47 41.93 -25.06
O1A CLA QI . -70.25 41.04 -25.37
O2A CLA QI . -68.20 41.92 -25.59
NB CLA QI . -75.58 46.54 -21.64
C1B CLA QI . -74.73 47.19 -22.46
C2B CLA QI . -75.23 48.57 -22.69
C3B CLA QI . -76.52 48.60 -22.18
C4B CLA QI . -76.76 47.29 -21.53
CMB CLA QI . -74.33 49.68 -23.03
CAB CLA QI . -77.52 49.64 -22.21
CBB CLA QI . -77.82 50.41 -23.26
NC CLA QI . -77.17 44.71 -19.97
C1C CLA QI . -78.09 45.70 -20.15
C2C CLA QI . -79.38 45.28 -19.61
C3C CLA QI . -79.16 44.06 -18.98
C4C CLA QI . -77.78 43.67 -19.27
CMC CLA QI . -80.60 46.08 -19.64
CAC CLA QI . -79.99 43.46 -17.91
CBC CLA QI . -79.58 43.92 -16.54
ND CLA QI . -75.03 42.90 -19.98
C1D CLA QI . -75.84 42.16 -19.09
C2D CLA QI . -75.07 41.00 -18.57
C3D CLA QI . -73.81 41.13 -19.09
C4D CLA QI . -73.82 42.35 -19.93
CMD CLA QI . -75.68 39.85 -17.91
CAD CLA QI . -72.54 40.46 -19.32
OBD CLA QI . -72.07 39.50 -18.74
CBD CLA QI . -71.66 41.46 -20.14
CGD CLA QI . -70.51 41.96 -19.31
O1D CLA QI . -70.42 41.98 -18.07
O2D CLA QI . -69.46 42.45 -20.03
CED CLA QI . -68.87 43.66 -19.55
C1 CLA QI . -68.01 42.67 -26.81
C2 CLA QI . -68.39 41.77 -27.92
C3 CLA QI . -67.52 40.97 -28.56
C4 CLA QI . -67.96 40.09 -29.66
C5 CLA QI . -66.08 40.94 -28.19
C6 CLA QI . -65.23 41.69 -29.19
C7 CLA QI . -63.79 41.78 -28.69
C8 CLA QI . -63.00 42.88 -29.39
C9 CLA QI . -63.01 42.68 -30.89
C10 CLA QI . -61.57 42.92 -28.86
C11 CLA QI . -60.73 43.97 -29.56
C12 CLA QI . -59.62 44.50 -28.67
C13 CLA QI . -58.24 44.23 -29.25
C14 CLA QI . -57.47 43.27 -28.37
C15 CLA QI . -57.45 45.52 -29.43
C16 CLA QI . -57.17 46.19 -28.10
C17 CLA QI . -56.57 47.57 -28.27
C18 CLA QI . -56.42 48.28 -26.94
C19 CLA QI . -55.36 47.63 -26.08
C20 CLA QI . -56.10 49.75 -27.15
C1 PQN RI . -25.56 19.45 -30.36
O1 PQN RI . -25.20 20.60 -30.66
C2 PQN RI . -24.65 18.57 -29.58
C2M PQN RI . -23.30 19.11 -29.22
C3 PQN RI . -25.04 17.32 -29.24
C4 PQN RI . -26.37 16.82 -29.63
O4 PQN RI . -26.72 15.67 -29.31
C5 PQN RI . -27.29 17.67 -30.40
C6 PQN RI . -28.54 17.20 -30.76
C7 PQN RI . -29.37 18.02 -31.49
C8 PQN RI . -28.99 19.31 -31.84
C9 PQN RI . -27.74 19.78 -31.48
C10 PQN RI . -26.90 18.96 -30.75
C11 PQN RI . -24.18 16.36 -28.46
C12 PQN RI . -24.33 16.64 -26.98
C13 PQN RI . -24.15 15.72 -26.04
C14 PQN RI . -23.81 14.31 -26.42
C15 PQN RI . -24.32 16.13 -24.61
C16 PQN RI . -23.36 15.33 -23.72
C17 PQN RI . -22.18 16.17 -23.27
C18 PQN RI . -22.09 16.25 -21.75
C19 PQN RI . -22.32 14.89 -21.11
C20 PQN RI . -23.10 17.27 -21.24
C21 PQN RI . -22.39 18.54 -20.80
C22 PQN RI . -22.35 18.62 -19.29
C23 PQN RI . -23.43 19.55 -18.78
C24 PQN RI . -22.82 20.83 -18.20
C25 PQN RI . -24.30 18.85 -17.76
C26 PQN RI . -25.51 19.70 -17.42
C27 PQN RI . -26.70 18.86 -16.98
C28 PQN RI . -26.42 18.14 -15.67
C29 PQN RI . -26.60 19.10 -14.49
C30 PQN RI . -27.34 16.93 -15.51
C1 BCR SI . -56.28 45.31 15.20
C2 BCR SI . -55.66 45.03 16.54
C3 BCR SI . -54.39 45.81 16.67
C4 BCR SI . -54.68 47.29 16.64
C5 BCR SI . -55.67 47.65 15.59
C6 BCR SI . -56.40 46.77 14.90
C7 BCR SI . -57.38 47.18 13.89
C8 BCR SI . -57.09 47.32 12.60
C9 BCR SI . -58.09 47.42 11.57
C10 BCR SI . -58.89 46.38 11.32
C11 BCR SI . -59.74 46.28 10.16
C33 BCR SI . -55.75 49.10 15.35
C31 BCR SI . -57.65 44.64 15.19
C32 BCR SI . -55.41 44.63 14.17
C34 BCR SI . -58.30 48.73 10.92
C12 BCR SI . -60.68 45.31 10.11
C13 BCR SI . -61.59 45.15 9.01
C14 BCR SI . -62.67 44.36 9.18
C15 BCR SI . -63.80 44.36 8.27
C16 BCR SI . -64.66 43.35 8.25
C17 BCR SI . -65.59 43.31 7.15
C18 BCR SI . -66.64 42.48 7.03
C19 BCR SI . -67.46 42.59 5.84
C20 BCR SI . -68.57 41.88 5.65
C21 BCR SI . -69.60 42.44 4.80
C22 BCR SI . -70.76 41.84 4.52
C23 BCR SI . -71.74 42.58 3.72
C24 BCR SI . -72.27 42.06 2.60
C25 BCR SI . -73.55 42.39 2.02
C26 BCR SI . -74.66 41.70 2.31
C27 BCR SI . -76.02 41.93 1.76
C28 BCR SI . -76.10 43.17 0.91
C29 BCR SI . -74.83 43.39 0.14
C30 BCR SI . -73.62 43.52 1.05
C35 BCR SI . -61.44 45.96 7.79
C36 BCR SI . -67.19 41.74 8.19
C37 BCR SI . -70.98 40.41 4.80
C38 BCR SI . -74.66 40.56 3.25
C39 BCR SI . -73.62 44.87 1.75
C40 BCR SI . -72.42 43.53 0.11
C1 BCR TI . -54.24 39.38 13.82
C2 BCR TI . -55.13 40.57 14.10
C3 BCR TI . -56.05 40.80 12.94
C4 BCR TI . -56.97 39.62 12.76
C5 BCR TI . -56.27 38.33 12.90
C6 BCR TI . -55.02 38.18 13.37
C7 BCR TI . -54.39 36.87 13.51
C8 BCR TI . -53.67 36.30 12.54
C9 BCR TI . -53.33 34.89 12.54
C10 BCR TI . -52.56 34.38 11.58
C11 BCR TI . -52.14 35.06 10.38
C33 BCR TI . -57.08 37.18 12.46
C31 BCR TI . -53.48 39.09 15.10
C32 BCR TI . -53.27 39.81 12.74
C34 BCR TI . -53.84 34.05 13.65
C12 BCR TI . -51.29 34.44 9.56
C13 BCR TI . -50.83 34.94 8.29
C14 BCR TI . -49.82 34.31 7.69
C15 BCR TI . -49.38 34.59 6.34
C16 BCR TI . -48.41 33.86 5.77
C17 BCR TI . -47.79 34.37 4.58
C18 BCR TI . -46.69 33.89 3.99
C19 BCR TI . -46.08 34.68 2.94
C20 BCR TI . -44.99 34.29 2.26
C21 BCR TI . -44.29 35.28 1.50
C22 BCR TI . -43.79 35.11 0.27
C23 BCR TI . -43.74 36.28 -0.61
C24 BCR TI . -43.33 36.26 -1.89
C25 BCR TI . -42.41 37.21 -2.52
C26 BCR TI . -42.79 38.45 -2.89
C27 BCR TI . -41.91 39.44 -3.53
C28 BCR TI . -40.49 39.20 -3.13
C29 BCR TI . -40.14 37.77 -3.48
C30 BCR TI . -41.01 36.74 -2.78
C35 BCR TI . -51.62 35.95 7.56
C36 BCR TI . -45.97 32.71 4.52
C37 BCR TI . -42.97 33.94 -0.08
C38 BCR TI . -44.14 39.00 -2.70
C39 BCR TI . -40.34 36.24 -1.52
C40 BCR TI . -41.01 35.56 -3.74
C1 BCR UI . -54.25 39.89 19.91
C2 BCR UI . -55.62 39.90 19.28
C3 BCR UI . -56.39 41.12 19.66
C4 BCR UI . -55.66 42.33 19.13
C5 BCR UI . -54.27 42.34 19.62
C6 BCR UI . -53.59 41.24 19.96
C7 BCR UI . -52.21 41.30 20.48
C8 BCR UI . -51.11 41.36 19.71
C9 BCR UI . -49.79 41.66 20.22
C10 BCR UI . -48.72 41.49 19.43
C11 BCR UI . -48.76 40.87 18.12
C33 BCR UI . -53.70 43.70 19.68
C31 BCR UI . -53.46 38.86 19.14
C32 BCR UI . -54.43 39.40 21.33
C34 BCR UI . -49.67 42.19 21.59
C12 BCR UI . -47.60 40.75 17.46
C13 BCR UI . -47.46 40.24 16.11
C14 BCR UI . -46.23 40.14 15.60
C15 BCR UI . -45.94 39.76 14.24
C16 BCR UI . -44.73 39.29 13.90
C17 BCR UI . -44.32 39.34 12.53
C18 BCR UI . -44.02 38.30 11.75
C19 BCR UI . -43.44 38.56 10.45
C20 BCR UI . -43.02 37.61 9.61
C21 BCR UI . -41.81 37.85 8.87
C22 BCR UI . -41.43 37.27 7.73
C23 BCR UI . -40.20 37.76 7.12
C24 BCR UI . -39.64 38.90 7.54
C25 BCR UI . -38.25 39.31 7.40
C26 BCR UI . -37.32 38.97 8.29
C27 BCR UI . -35.89 39.36 8.25
C28 BCR UI . -35.53 40.23 7.06
C29 BCR UI . -36.70 41.03 6.56
C30 BCR UI . -37.90 40.17 6.24
C35 BCR UI . -48.64 39.75 15.37
C36 BCR UI . -44.48 36.93 12.06
C37 BCR UI . -42.40 36.57 6.87
C38 BCR UI . -37.59 38.13 9.46
C39 BCR UI . -37.68 39.31 5.01
C40 BCR UI . -39.02 41.15 5.89
C1 BCR VI . -69.44 51.25 -14.46
C2 BCR VI . -69.68 52.00 -13.17
C3 BCR VI . -70.88 51.46 -12.47
C4 BCR VI . -70.65 50.02 -12.08
C5 BCR VI . -69.98 49.24 -13.15
C6 BCR VI . -69.45 49.78 -14.25
C7 BCR VI . -68.77 48.95 -15.26
C8 BCR VI . -69.42 48.46 -16.33
C9 BCR VI . -68.75 47.75 -17.40
C10 BCR VI . -67.68 46.99 -17.12
C11 BCR VI . -66.85 46.38 -18.12
C33 BCR VI . -69.99 47.79 -12.90
C31 BCR VI . -68.14 51.73 -15.04
C32 BCR VI . -70.57 51.65 -15.40
C34 BCR VI . -69.13 48.08 -18.79
C12 BCR VI . -66.13 45.30 -17.79
C13 BCR VI . -65.45 44.45 -18.73
C14 BCR VI . -64.77 43.39 -18.28
C15 BCR VI . -64.11 42.44 -19.12
C16 BCR VI . -63.29 41.52 -18.60
C17 BCR VI . -62.80 40.48 -19.47
C18 BCR VI . -61.96 39.50 -19.16
C19 BCR VI . -61.54 38.62 -20.23
C20 BCR VI . -60.54 37.75 -20.12
C21 BCR VI . -59.98 37.22 -21.34
C22 BCR VI . -58.84 36.52 -21.44
C23 BCR VI . -58.47 36.01 -22.75
C24 BCR VI . -57.34 35.34 -22.96
C25 BCR VI . -56.91 34.75 -24.23
C26 BCR VI . -57.22 33.49 -24.56
C27 BCR VI . -56.81 32.79 -25.81
C28 BCR VI . -56.07 33.68 -26.79
C29 BCR VI . -55.25 34.71 -26.06
C30 BCR VI . -56.07 35.59 -25.14
C35 BCR VI . -65.37 44.83 -20.16
C36 BCR VI . -61.73 39.07 -17.77
C37 BCR VI . -58.10 36.09 -20.25
C38 BCR VI . -58.03 32.60 -23.71
C39 BCR VI . -56.90 36.59 -25.91
C40 BCR VI . -55.04 36.41 -24.36
C1 BCR WI . -55.90 53.86 -16.53
C2 BCR WI . -55.82 55.26 -15.96
C3 BCR WI . -55.33 55.23 -14.55
C4 BCR WI . -56.25 54.42 -13.67
C5 BCR WI . -56.75 53.20 -14.32
C6 BCR WI . -56.59 52.90 -15.62
C7 BCR WI . -57.13 51.68 -16.21
C8 BCR WI . -56.40 50.56 -16.29
C9 BCR WI . -56.80 49.41 -17.08
C10 BCR WI . -56.04 48.31 -17.01
C11 BCR WI . -56.21 47.17 -17.88
C33 BCR WI . -57.44 52.29 -13.40
C31 BCR WI . -54.47 53.45 -16.83
C32 BCR WI . -56.66 53.97 -17.84
C34 BCR WI . -57.84 49.58 -18.11
C12 BCR WI . -55.37 46.14 -17.76
C13 BCR WI . -55.45 44.96 -18.58
C14 BCR WI . -54.54 43.99 -18.42
C15 BCR WI . -54.56 42.78 -19.18
C16 BCR WI . -53.63 41.83 -19.00
C17 BCR WI . -53.75 40.67 -19.83
C18 BCR WI . -53.07 39.54 -19.72
C19 BCR WI . -53.49 38.41 -20.51
C20 BCR WI . -53.04 37.17 -20.29
C21 BCR WI . -53.52 36.11 -21.12
C22 BCR WI . -52.96 34.90 -21.22
C23 BCR WI . -53.71 33.85 -21.88
C24 BCR WI . -53.57 32.57 -21.55
C25 BCR WI . -54.65 31.64 -21.27
C26 BCR WI . -55.10 30.83 -22.22
C27 BCR WI . -56.18 29.84 -22.01
C28 BCR WI . -56.04 29.27 -20.63
C29 BCR WI . -56.12 30.38 -19.62
C30 BCR WI . -55.22 31.59 -19.88
C35 BCR WI . -56.58 44.77 -19.50
C36 BCR WI . -52.19 39.28 -18.55
C37 BCR WI . -51.83 34.53 -20.35
C38 BCR WI . -54.57 30.82 -23.60
C39 BCR WI . -54.09 31.64 -18.88
C40 BCR WI . -56.12 32.78 -19.57
C1 BCR XI . -18.01 31.63 -11.24
C2 BCR XI . -17.43 32.90 -10.69
C3 BCR XI . -17.12 33.85 -11.80
C4 BCR XI . -18.40 34.25 -12.50
C5 BCR XI . -19.27 33.08 -12.78
C6 BCR XI . -19.11 31.87 -12.22
C7 BCR XI . -20.01 30.75 -12.52
C8 BCR XI . -19.80 29.91 -13.53
C9 BCR XI . -20.41 28.61 -13.65
C10 BCR XI . -20.00 27.80 -14.63
C11 BCR XI . -20.72 26.66 -15.12
C33 BCR XI . -20.34 33.38 -13.74
C31 BCR XI . -18.52 30.83 -10.06
C32 BCR XI . -16.86 30.89 -11.88
C34 BCR XI . -21.20 28.10 -12.51
C12 BCR XI . -20.40 26.23 -16.35
C13 BCR XI . -20.42 24.86 -16.79
C14 BCR XI . -19.58 24.50 -17.76
C15 BCR XI . -19.73 23.30 -18.55
C16 BCR XI . -18.86 23.06 -19.54
C17 BCR XI . -19.12 21.94 -20.40
C18 BCR XI . -18.41 21.65 -21.50
C19 BCR XI . -18.60 20.36 -22.11
C20 BCR XI . -17.90 19.94 -23.16
C21 BCR XI . -18.52 19.00 -24.05
C22 BCR XI . -17.90 18.19 -24.92
C23 BCR XI . -18.65 17.03 -25.40
C24 BCR XI . -18.23 16.21 -26.35
C25 BCR XI . -19.04 15.65 -27.42
C26 BCR XI . -19.83 14.58 -27.27
C27 BCR XI . -20.67 13.96 -28.32
C28 BCR XI . -20.70 14.73 -29.61
C29 BCR XI . -19.37 15.39 -29.86
C30 BCR XI . -18.96 16.33 -28.75
C35 BCR XI . -21.39 23.91 -16.23
C36 BCR XI . -17.34 22.53 -22.00
C37 BCR XI . -16.62 18.57 -25.56
C38 BCR XI . -19.96 13.84 -26.00
C39 BCR XI . -19.81 17.59 -28.77
C40 BCR XI . -17.54 16.77 -29.07
C1 LMG YI . -41.64 15.52 -22.00
O1 LMG YI . -40.58 16.46 -22.03
C2 LMG YI . -42.86 16.11 -22.76
O2 LMG YI . -43.81 16.38 -21.77
C3 LMG YI . -43.44 15.00 -23.71
O3 LMG YI . -42.55 14.94 -24.79
C4 LMG YI . -43.50 13.63 -23.01
O4 LMG YI . -43.91 12.67 -23.92
C5 LMG YI . -42.04 13.29 -22.52
O5 LMG YI . -41.29 11.08 -22.35
C6 LMG YI . -41.49 12.07 -23.30
O6 LMG YI . -41.15 14.38 -22.70
C7 LMG YI . -40.03 16.74 -23.29
C8 LMG YI . -39.10 18.00 -23.10
C9 LMG YI . -39.20 18.56 -21.66
O7 LMG YI . -37.73 17.61 -23.35
C10 LMG YI . -36.96 17.09 -22.35
O9 LMG YI . -37.16 15.94 -21.98
C11 LMG YI . -35.67 17.82 -22.21
C12 LMG YI . -34.61 16.94 -21.59
C13 LMG YI . -33.36 17.70 -21.19
C14 LMG YI . -33.64 18.45 -19.91
C15 LMG YI . -32.39 18.42 -19.07
C16 LMG YI . -32.51 19.46 -17.98
C17 LMG YI . -31.15 19.61 -17.34
C18 LMG YI . -31.35 20.47 -16.11
C19 LMG YI . -30.11 20.34 -15.26
C20 LMG YI . -29.90 21.69 -14.62
O8 LMG YI . -39.44 19.95 -21.77
C28 LMG YI . -39.44 20.66 -20.62
O10 LMG YI . -39.13 20.11 -19.57
C29 LMG YI . -39.56 22.14 -20.80
C30 LMG YI . -39.01 22.87 -19.61
C31 LMG YI . -38.97 24.35 -19.91
C32 LMG YI . -37.87 24.94 -19.05
C33 LMG YI . -37.80 26.42 -19.37
C34 LMG YI . -36.39 26.77 -19.80
C35 LMG YI . -36.14 28.20 -19.35
C36 LMG YI . -34.84 28.61 -19.97
C37 LMG YI . -33.74 28.25 -19.00
C38 LMG YI . -33.67 29.46 -18.11
MG CLA ZI . -14.63 32.11 -8.76
CHA CLA ZI . -16.67 32.46 -6.00
CHB CLA ZI . -14.58 28.76 -8.29
CHC CLA ZI . -12.73 31.80 -11.61
CHD CLA ZI . -14.46 35.62 -9.06
NA CLA ZI . -15.47 30.85 -7.34
C1A CLA ZI . -16.42 31.16 -6.34
C2A CLA ZI . -16.61 29.94 -5.44
C3A CLA ZI . -15.66 28.88 -6.01
C4A CLA ZI . -15.23 29.50 -7.33
CMA CLA ZI . -14.49 28.63 -5.09
CAA CLA ZI . -18.05 29.43 -5.45
CBA CLA ZI . -18.36 28.80 -4.11
CGA CLA ZI . -19.55 27.90 -4.16
O1A CLA ZI . -20.15 27.40 -3.22
O2A CLA ZI . -19.99 27.62 -5.43
NB CLA ZI . -13.87 30.56 -9.79
C1B CLA ZI . -13.83 29.29 -9.35
C2B CLA ZI . -13.24 28.43 -10.41
C3B CLA ZI . -12.68 29.28 -11.34
C4B CLA ZI . -13.13 30.65 -10.99
CMB CLA ZI . -13.61 27.04 -10.50
CAB CLA ZI . -11.57 29.09 -12.24
CBB CLA ZI . -11.33 28.02 -13.00
NC CLA ZI . -13.73 33.46 -10.07
C1C CLA ZI . -13.18 33.10 -11.26
C2C CLA ZI . -12.85 34.29 -12.04
C3C CLA ZI . -13.20 35.38 -11.25
C4C CLA ZI . -13.86 34.86 -10.07
CMC CLA ZI . -12.04 34.27 -13.26
CAC CLA ZI . -12.92 36.80 -11.53
CBC CLA ZI . -11.77 37.35 -10.72
ND CLA ZI . -15.28 33.72 -7.74
C1D CLA ZI . -15.19 35.11 -8.01
C2D CLA ZI . -16.19 35.81 -7.19
C3D CLA ZI . -16.73 34.86 -6.35
C4D CLA ZI . -16.13 33.57 -6.73
CMD CLA ZI . -16.33 37.26 -7.15
CAD CLA ZI . -17.55 34.61 -5.18
OBD CLA ZI . -17.93 35.42 -4.34
CBD CLA ZI . -17.57 33.07 -4.95
CGD CLA ZI . -17.13 32.71 -3.56
O1D CLA ZI . -15.99 32.62 -3.13
O2D CLA ZI . -18.16 32.48 -2.71
CED CLA ZI . -17.92 31.57 -1.63
C1 CLA ZI . -20.94 26.55 -5.56
C2 CLA ZI . -21.06 26.27 -7.01
C3 CLA ZI . -22.01 26.80 -7.78
C4 CLA ZI . -23.05 27.71 -7.28
C5 CLA ZI . -22.05 26.46 -9.24
C6 CLA ZI . -23.28 25.66 -9.61
C7 CLA ZI . -23.97 26.29 -10.79
C8 CLA ZI . -24.92 25.33 -11.50
C9 CLA ZI . -25.68 26.07 -12.59
C10 CLA ZI . -25.90 24.71 -10.51
C11 CLA ZI . -26.01 23.22 -10.72
C12 CLA ZI . -27.21 22.65 -10.00
C13 CLA ZI . -27.58 21.28 -10.54
C14 CLA ZI . -28.93 20.82 -10.02
C15 CLA ZI . -26.48 20.26 -10.24
C16 CLA ZI . -26.45 19.85 -8.78
C17 CLA ZI . -25.05 19.57 -8.29
C18 CLA ZI . -24.32 18.55 -9.14
C19 CLA ZI . -22.84 18.55 -8.83
C20 CLA ZI . -24.88 17.16 -8.92
C1 BCR AJ . -45.31 55.23 -36.92
C2 BCR AJ . -45.88 54.40 -35.81
C3 BCR AJ . -46.10 52.98 -36.24
C4 BCR AJ . -47.03 52.90 -37.43
C5 BCR AJ . -46.90 54.05 -38.36
C6 BCR AJ . -46.11 55.10 -38.16
C7 BCR AJ . -46.07 56.20 -39.12
C8 BCR AJ . -45.10 56.33 -40.03
C9 BCR AJ . -44.60 57.63 -40.46
C10 BCR AJ . -45.13 58.20 -41.54
C11 BCR AJ . -44.95 59.58 -41.89
C33 BCR AJ . -47.72 53.91 -39.57
C31 BCR AJ . -43.87 54.81 -37.08
C32 BCR AJ . -45.34 56.67 -36.46
C34 BCR AJ . -43.89 58.44 -39.46
C12 BCR AJ . -44.05 59.87 -42.84
C13 BCR AJ . -43.81 61.20 -43.34
C14 BCR AJ . -43.98 61.43 -44.64
C15 BCR AJ . -43.84 62.71 -45.27
C16 BCR AJ . -44.15 62.86 -46.55
C17 BCR AJ . -44.01 64.17 -47.13
C18 BCR AJ . -44.58 64.60 -48.26
C19 BCR AJ . -44.39 65.98 -48.63
C20 BCR AJ . -44.97 66.52 -49.70
C21 BCR AJ . -44.89 67.96 -49.87
C22 BCR AJ . -45.23 68.61 -50.99
C23 BCR AJ . -44.87 70.02 -51.09
C24 BCR AJ . -45.30 70.82 -52.07
C25 BCR AJ . -44.73 72.12 -52.42
C26 BCR AJ . -45.13 73.26 -51.83
C27 BCR AJ . -44.62 74.62 -52.12
C28 BCR AJ . -43.42 74.61 -53.03
C29 BCR AJ . -43.56 73.55 -54.09
C30 BCR AJ . -43.71 72.15 -53.51
C35 BCR AJ . -43.60 62.31 -42.39
C36 BCR AJ . -45.62 63.81 -48.94
C37 BCR AJ . -46.04 67.99 -52.04
C38 BCR AJ . -46.14 73.30 -50.77
C39 BCR AJ . -42.36 71.63 -53.03
C40 BCR AJ . -44.12 71.26 -54.69
FE1 SF4 BJ . -41.12 4.19 -40.45
FE2 SF4 BJ . -42.30 1.82 -41.12
FE3 SF4 BJ . -43.85 4.01 -40.60
FE4 SF4 BJ . -42.50 2.78 -38.57
S1 SF4 BJ . -44.17 1.89 -39.83
S2 SF4 BJ . -42.63 5.02 -38.96
S3 SF4 BJ . -40.60 2.13 -39.63
S4 SF4 BJ . -42.36 3.76 -42.30
FE1 SF4 CJ . -52.23 5.12 -46.42
FE2 SF4 CJ . -51.13 2.63 -46.59
FE3 SF4 CJ . -52.12 3.84 -48.83
FE4 SF4 CJ . -53.82 2.95 -46.88
S1 SF4 CJ . -52.45 1.68 -48.19
S2 SF4 CJ . -53.91 4.96 -47.95
S3 SF4 CJ . -52.59 3.36 -45.01
S4 SF4 CJ . -50.36 4.53 -47.56
MG CLA DJ . -48.03 35.16 -52.86
CHA CLA DJ . -49.30 36.99 -55.54
CHB CLA DJ . -45.18 34.58 -54.63
CHC CLA DJ . -46.53 34.01 -50.00
CHD CLA DJ . -50.90 35.99 -51.00
NA CLA DJ . -47.40 35.65 -54.79
C1A CLA DJ . -48.02 36.51 -55.71
C2A CLA DJ . -47.23 36.50 -57.03
C3A CLA DJ . -46.17 35.40 -56.82
C4A CLA DJ . -46.22 35.19 -55.31
CMA CLA DJ . -46.50 34.15 -57.57
CAA CLA DJ . -46.55 37.82 -57.32
CBA CLA DJ . -46.36 38.00 -58.82
CGA CLA DJ . -45.90 39.39 -59.11
O1A CLA DJ . -45.02 40.04 -58.53
O2A CLA DJ . -46.54 39.94 -60.18
NB CLA DJ . -46.26 34.31 -52.43
C1B CLA DJ . -45.21 34.18 -53.29
C2B CLA DJ . -44.16 33.34 -52.64
C3B CLA DJ . -44.52 33.22 -51.31
C4B CLA DJ . -45.82 33.91 -51.15
CMB CLA DJ . -43.06 32.73 -53.38
CAB CLA DJ . -43.75 32.78 -50.19
CBB CLA DJ . -43.37 31.51 -49.96
NC CLA DJ . -48.67 34.88 -50.90
C1C CLA DJ . -47.82 34.62 -49.86
C2C CLA DJ . -48.52 34.75 -48.59
C3C CLA DJ . -49.82 35.11 -48.90
C4C CLA DJ . -49.89 35.26 -50.35
CMC CLA DJ . -48.01 34.24 -47.32
CAC CLA DJ . -50.88 35.47 -47.95
CBC CLA DJ . -51.92 34.37 -47.83
ND CLA DJ . -49.79 36.08 -53.19
C1D CLA DJ . -50.86 36.40 -52.31
C2D CLA DJ . -51.83 37.25 -53.02
C3D CLA DJ . -51.21 37.62 -54.19
C4D CLA DJ . -50.01 36.76 -54.32
CMD CLA DJ . -52.99 37.86 -52.37
CAD CLA DJ . -51.11 38.64 -55.20
OBD CLA DJ . -51.98 39.42 -55.58
CBD CLA DJ . -49.99 38.19 -56.17
CGD CLA DJ . -50.60 37.91 -57.51
O1D CLA DJ . -51.76 37.53 -57.76
O2D CLA DJ . -49.79 38.12 -58.57
CED CLA DJ . -50.40 38.72 -59.71
C1 CLA DJ . -45.94 41.11 -60.80
C2 CLA DJ . -46.57 42.29 -60.18
C3 CLA DJ . -47.05 43.34 -60.86
C4 CLA DJ . -47.66 44.48 -60.15
C5 CLA DJ . -47.00 43.41 -62.35
C6 CLA DJ . -46.45 44.74 -62.83
C7 CLA DJ . -46.94 45.04 -64.23
C8 CLA DJ . -46.53 46.44 -64.67
C9 CLA DJ . -47.15 46.78 -66.01
C10 CLA DJ . -45.02 46.57 -64.76
C1 BCR EJ . -45.84 58.30 -49.24
C2 BCR EJ . -45.40 59.74 -49.10
C3 BCR EJ . -43.99 59.79 -48.60
C4 BCR EJ . -43.07 59.17 -49.61
C5 BCR EJ . -43.59 57.90 -50.15
C6 BCR EJ . -44.85 57.47 -49.97
C7 BCR EJ . -45.33 56.20 -50.53
C8 BCR EJ . -45.25 55.03 -49.87
C9 BCR EJ . -45.60 53.75 -50.46
C10 BCR EJ . -45.08 52.63 -49.95
C11 BCR EJ . -45.49 51.31 -50.34
C33 BCR EJ . -42.58 57.11 -50.87
C31 BCR EJ . -46.10 57.80 -47.83
C32 BCR EJ . -47.16 58.32 -50.00
C34 BCR EJ . -46.69 53.72 -51.45
C12 BCR EJ . -44.80 50.25 -49.88
C13 BCR EJ . -45.04 48.89 -50.30
C14 BCR EJ . -44.33 47.90 -49.75
C15 BCR EJ . -44.46 46.52 -50.15
C16 BCR EJ . -44.15 45.52 -49.32
C17 BCR EJ . -42.89 45.57 -48.61
C18 BCR EJ . -42.32 44.56 -47.94
C19 BCR EJ . -43.06 43.35 -47.70
C20 BCR EJ . -42.47 42.21 -47.33
C21 BCR EJ . -43.23 41.20 -46.63
C22 BCR EJ . -42.71 40.20 -45.92
C23 BCR EJ . -43.59 39.12 -45.46
C24 BCR EJ . -43.12 37.92 -45.12
C25 BCR EJ . -43.87 36.84 -44.45
C26 BCR EJ . -44.63 35.98 -45.13
C27 BCR EJ . -45.39 34.85 -44.55
C28 BCR EJ . -44.74 34.37 -43.28
C29 BCR EJ . -44.52 35.55 -42.38
C30 BCR EJ . -43.71 36.70 -42.96
C35 BCR EJ . -46.06 48.61 -51.32
C36 BCR EJ . -40.89 44.61 -47.57
C37 BCR EJ . -41.31 40.26 -45.42
C38 BCR EJ . -44.82 36.03 -46.59
C39 BCR EJ . -42.24 36.57 -42.63
C40 BCR EJ . -44.22 37.92 -42.22
MG CLA FJ . -46.51 50.97 -56.45
CHA CLA FJ . -49.15 51.68 -58.56
CHB CLA FJ . -46.05 54.30 -55.92
CHC CLA FJ . -44.18 50.22 -54.05
CHD CLA FJ . -47.31 47.58 -56.64
NA CLA FJ . -47.52 52.69 -57.08
C1A CLA FJ . -48.64 52.78 -57.91
C2A CLA FJ . -48.91 54.23 -58.29
C3A CLA FJ . -47.66 54.97 -57.75
C4A CLA FJ . -47.08 53.95 -56.78
CMA CLA FJ . -46.70 55.31 -58.84
CAA CLA FJ . -50.18 54.75 -57.67
CBA CLA FJ . -50.30 56.26 -57.81
CGA CLA FJ . -50.68 56.66 -59.21
O1A CLA FJ . -50.69 57.79 -59.71
O2A CLA FJ . -51.07 55.61 -60.00
NB CLA FJ . -45.30 52.05 -55.25
C1B CLA FJ . -45.33 53.41 -55.11
C2B CLA FJ . -44.30 53.82 -54.12
C3B CLA FJ . -43.77 52.68 -53.57
C4B CLA FJ . -44.46 51.54 -54.24
CMB CLA FJ . -43.98 55.22 -53.86
CAB CLA FJ . -42.47 52.52 -52.98
CBB CLA FJ . -42.21 51.94 -51.81
NC CLA FJ . -45.64 49.20 -55.78
C1C CLA FJ . -44.66 49.14 -54.82
C2C CLA FJ . -44.36 47.75 -54.52
C3C CLA FJ . -45.37 46.99 -55.12
C4C CLA FJ . -46.12 47.91 -55.97
CMC CLA FJ . -43.31 47.30 -53.60
CAC CLA FJ . -45.84 45.67 -54.69
CBC CLA FJ . -45.14 44.54 -55.40
ND CLA FJ . -47.72 49.81 -57.55
C1D CLA FJ . -47.97 48.41 -57.53
C2D CLA FJ . -49.16 48.12 -58.34
C3D CLA FJ . -49.62 49.32 -58.81
C4D CLA FJ . -48.72 50.35 -58.26
CMD CLA FJ . -49.88 46.84 -58.27
CAD CLA FJ . -50.74 50.03 -59.41
OBD CLA FJ . -51.89 49.63 -59.57
CBD CLA FJ . -50.35 51.53 -59.47
CGD CLA FJ . -50.06 51.98 -60.87
O1D CLA FJ . -49.05 51.76 -61.54
O2D CLA FJ . -51.07 52.71 -61.42
CED CLA FJ . -50.96 53.09 -62.79
MG CLA GJ . -56.78 64.48 -31.42
CHA CLA GJ . -57.94 66.64 -33.87
CHB CLA GJ . -58.11 61.86 -33.12
CHC CLA GJ . -55.73 62.41 -28.93
CHD CLA GJ . -55.06 67.17 -29.95
NA CLA GJ . -57.78 64.30 -33.24
C1A CLA GJ . -58.11 65.31 -34.16
C2A CLA GJ . -59.03 64.75 -35.25
C3A CLA GJ . -59.38 63.34 -34.71
C4A CLA GJ . -58.27 63.11 -33.70
CMA CLA GJ . -60.74 63.29 -34.09
CAA CLA GJ . -58.31 64.67 -36.58
CBA CLA GJ . -59.26 64.20 -37.67
CGA CLA GJ . -58.50 63.75 -38.87
O1A CLA GJ . -57.58 62.93 -38.94
O2A CLA GJ . -58.91 64.36 -40.02
NB CLA GJ . -56.71 62.49 -31.19
C1B CLA GJ . -57.26 61.57 -32.04
C2B CLA GJ . -57.13 60.22 -31.43
C3B CLA GJ . -56.41 60.35 -30.27
C4B CLA GJ . -56.22 61.81 -30.06
CMB CLA GJ . -57.85 59.05 -31.96
CAB CLA GJ . -55.60 59.36 -29.61
CBB CLA GJ . -55.73 59.00 -28.33
NC CLA GJ . -55.63 64.76 -29.71
C1C CLA GJ . -55.26 63.75 -28.86
C2C CLA GJ . -54.42 64.29 -27.79
C3C CLA GJ . -54.29 65.66 -28.05
C4C CLA GJ . -54.91 65.91 -29.34
CMC CLA GJ . -54.07 63.55 -26.58
CAC CLA GJ . -53.93 66.69 -27.08
CBC CLA GJ . -55.12 67.17 -26.28
ND CLA GJ . -56.69 66.49 -31.65
C1D CLA GJ . -55.86 67.46 -31.02
C2D CLA GJ . -56.09 68.77 -31.68
C3D CLA GJ . -56.94 68.52 -32.74
C4D CLA GJ . -57.16 67.06 -32.75
CMD CLA GJ . -55.68 70.05 -31.12
CAD CLA GJ . -57.69 69.08 -33.85
OBD CLA GJ . -57.68 70.23 -34.29
CBD CLA GJ . -58.30 67.89 -34.64
CGD CLA GJ . -59.79 68.04 -34.81
O1D CLA GJ . -60.47 67.77 -35.81
O2D CLA GJ . -60.42 68.54 -33.72
CED CLA GJ . -61.32 67.68 -33.01
C1 CLA GJ . -58.92 63.55 -41.22
C1 BCR HJ . -58.11 45.53 -49.30
C2 BCR HJ . -57.56 45.98 -50.64
C3 BCR HJ . -57.15 47.42 -50.58
C4 BCR HJ . -58.31 48.32 -50.21
C5 BCR HJ . -59.19 47.73 -49.18
C6 BCR HJ . -59.12 46.48 -48.73
C7 BCR HJ . -60.04 45.96 -47.72
C8 BCR HJ . -59.76 45.96 -46.42
C9 BCR HJ . -60.66 46.49 -45.41
C10 BCR HJ . -60.19 46.71 -44.18
C11 BCR HJ . -60.93 47.40 -43.16
C33 BCR HJ . -60.19 48.68 -48.67
C31 BCR HJ . -56.90 45.34 -48.39
C32 BCR HJ . -58.76 44.18 -49.52
C34 BCR HJ . -62.00 46.93 -45.83
C12 BCR HJ . -60.55 47.27 -41.88
C13 BCR HJ . -61.45 46.96 -40.80
C14 BCR HJ . -61.32 47.64 -39.65
C15 BCR HJ . -60.44 48.75 -39.49
C16 BCR HJ . -60.41 49.41 -38.34
C17 BCR HJ . -59.70 50.67 -38.30
C18 BCR HJ . -59.51 51.43 -37.23
C19 BCR HJ . -58.90 52.74 -37.41
C20 BCR HJ . -58.68 53.58 -36.41
C21 BCR HJ . -57.90 54.76 -36.68
C22 BCR HJ . -57.52 55.67 -35.77
C23 BCR HJ . -56.88 56.88 -36.24
C24 BCR HJ . -56.59 57.91 -35.44
C25 BCR HJ . -55.76 59.08 -35.77
C26 BCR HJ . -56.26 60.13 -36.42
C27 BCR HJ . -55.52 61.36 -36.79
C28 BCR HJ . -54.30 61.54 -35.92
C29 BCR HJ . -53.53 60.25 -35.86
C30 BCR HJ . -54.33 59.07 -35.30
C35 BCR HJ . -62.63 46.12 -41.05
C36 BCR HJ . -59.73 50.95 -35.85
C37 BCR HJ . -57.43 55.31 -34.33
C38 BCR HJ . -57.66 60.22 -36.90
C39 BCR HJ . -54.31 59.09 -33.78
C40 BCR HJ . -53.56 57.85 -35.73
O6 SQD IJ . -26.83 4.16 -2.69
C44 SQD IJ . -26.50 4.32 -1.32
C45 SQD IJ . -27.09 5.62 -0.78
C46 SQD IJ . -28.51 5.80 -1.31
O47 SQD IJ . -27.05 5.68 0.63
C7 SQD IJ . -25.99 6.36 1.29
O49 SQD IJ . -24.86 6.29 0.84
C8 SQD IJ . -26.32 7.41 2.33
C9 SQD IJ . -25.62 8.73 1.98
C10 SQD IJ . -24.39 8.91 2.87
C11 SQD IJ . -23.72 10.25 2.56
C12 SQD IJ . -22.50 10.06 1.67
C13 SQD IJ . -21.54 9.03 2.27
C14 SQD IJ . -20.10 9.53 2.15
C15 SQD IJ . -19.49 9.08 0.82
C16 SQD IJ . -17.98 9.10 0.93
C17 SQD IJ . -17.34 9.40 -0.42
C18 SQD IJ . -17.75 8.34 -1.44
C19 SQD IJ . -18.19 9.02 -2.73
C20 SQD IJ . -19.19 8.13 -3.45
C21 SQD IJ . -20.51 8.17 -2.71
O48 SQD IJ . -28.79 7.17 -1.52
C23 SQD IJ . -29.16 7.63 -2.81
O10 SQD IJ . -29.05 6.87 -3.76
C24 SQD IJ . -30.03 8.88 -2.93
C25 SQD IJ . -29.81 9.53 -4.30
C26 SQD IJ . -30.69 10.79 -4.39
C27 SQD IJ . -30.24 11.82 -3.35
C28 SQD IJ . -28.86 12.36 -3.73
C29 SQD IJ . -29.02 13.55 -4.69
C30 SQD IJ . -29.32 14.82 -3.90
C31 SQD IJ . -29.74 15.93 -4.85
C32 SQD IJ . -29.76 17.27 -4.11
C33 SQD IJ . -28.41 17.96 -4.24
C34 SQD IJ . -28.43 19.30 -3.51
C35 SQD IJ . -28.37 19.06 -2.01
C1 SQD IJ . -27.14 2.88 -3.19
C2 SQD IJ . -28.22 2.94 -4.25
O2 SQD IJ . -29.42 3.27 -3.66
C3 SQD IJ . -28.39 1.63 -4.95
O3 SQD IJ . -29.19 1.82 -6.04
C4 SQD IJ . -27.11 0.98 -5.39
O4 SQD IJ . -27.35 -0.32 -5.75
C5 SQD IJ . -26.07 1.01 -4.32
C6 SQD IJ . -24.73 0.68 -4.94
O5 SQD IJ . -25.96 2.25 -3.65
S SQD IJ . -23.84 -0.43 -3.88
O7 SQD IJ . -24.14 -0.17 -2.48
O8 SQD IJ . -24.13 -1.83 -4.24
O9 SQD IJ . -22.43 -0.15 -3.92
MG CLA JJ . -24.62 30.25 2.92
CHA CLA JJ . -21.17 30.47 2.81
CHB CLA JJ . -24.71 30.97 -0.41
CHC CLA JJ . -28.00 30.10 3.03
CHD CLA JJ . -24.46 29.88 6.40
NA CLA JJ . -23.17 30.63 1.47
C1A CLA JJ . -21.79 30.48 1.60
C2A CLA JJ . -21.10 30.65 0.24
C3A CLA JJ . -22.21 31.33 -0.60
C4A CLA JJ . -23.47 31.02 0.20
CMA CLA JJ . -21.98 32.81 -0.71
CAA CLA JJ . -20.65 29.33 -0.37
CBA CLA JJ . -21.51 28.14 0.00
CGA CLA JJ . -20.86 27.36 1.09
O1A CLA JJ . -19.81 26.73 1.06
O2A CLA JJ . -21.55 27.42 2.28
NB CLA JJ . -26.09 30.52 1.56
C1B CLA JJ . -25.93 30.89 0.28
C2B CLA JJ . -27.25 30.82 -0.42
C3B CLA JJ . -28.20 30.65 0.56
C4B CLA JJ . -27.47 30.49 1.85
CMB CLA JJ . -27.38 31.07 -1.85
CAB CLA JJ . -29.59 30.30 0.46
CBB CLA JJ . -30.10 29.36 -0.33
NC CLA JJ . -26.00 30.06 4.46
C1C CLA JJ . -27.35 30.18 4.29
C2C CLA JJ . -28.00 30.16 5.58
C3C CLA JJ . -27.00 29.91 6.53
C4C CLA JJ . -25.73 30.09 5.83
CMC CLA JJ . -29.45 30.11 5.77
CAC CLA JJ . -27.16 29.39 7.88
CBC CLA JJ . -27.35 30.49 8.90
ND CLA JJ . -23.19 30.12 4.34
C1D CLA JJ . -23.26 30.02 5.74
C2D CLA JJ . -21.89 29.85 6.26
C3D CLA JJ . -21.05 30.05 5.19
C4D CLA JJ . -21.91 30.29 4.02
CMD CLA JJ . -21.58 29.78 7.69
CAD CLA JJ . -19.67 30.01 4.70
OBD CLA JJ . -18.67 29.58 5.24
CBD CLA JJ . -19.71 30.44 3.20
CGD CLA JJ . -19.08 31.78 2.99
O1D CLA JJ . -19.44 32.87 3.43
O2D CLA JJ . -17.97 31.74 2.18
CED CLA JJ . -17.38 32.99 1.82
C1 CLA JJ . -22.81 26.73 2.37
C2 CLA JJ . -22.90 26.29 3.77
C3 CLA JJ . -24.05 26.15 4.45
C4 CLA JJ . -24.07 25.70 5.85
C5 CLA JJ . -25.36 26.42 3.80
C6 CLA JJ . -26.34 25.29 4.03
C7 CLA JJ . -27.48 25.35 3.04
C8 CLA JJ . -28.39 26.55 3.29
C9 CLA JJ . -28.99 26.48 4.68
C10 CLA JJ . -29.49 26.73 2.25
C11 CLA JJ . -29.78 25.52 1.38
C12 CLA JJ . -29.49 25.82 -0.08
C13 CLA JJ . -30.67 25.52 -0.99
C14 CLA JJ . -31.95 26.17 -0.49
C15 CLA JJ . -30.87 24.02 -1.16
C16 CLA JJ . -30.40 23.57 -2.52
C17 CLA JJ . -31.22 24.18 -3.64
C18 CLA JJ . -30.82 23.61 -5.00
C19 CLA JJ . -31.98 23.65 -5.96
C20 CLA JJ . -29.64 24.37 -5.56
C1 BCR KJ . -25.56 26.49 -2.81
C2 BCR KJ . -25.18 27.36 -1.63
C3 BCR KJ . -25.89 26.88 -0.39
C4 BCR KJ . -25.40 25.49 -0.07
C5 BCR KJ . -25.47 24.60 -1.25
C6 BCR KJ . -25.52 25.03 -2.53
C7 BCR KJ . -25.60 24.11 -3.67
C8 BCR KJ . -24.54 23.49 -4.20
C9 BCR KJ . -24.21 23.52 -5.62
C10 BCR KJ . -22.96 23.24 -5.97
C11 BCR KJ . -22.55 22.76 -7.28
C33 BCR KJ . -25.45 23.17 -0.87
C31 BCR KJ . -24.64 26.93 -3.94
C32 BCR KJ . -26.97 26.87 -3.20
C34 BCR KJ . -25.32 23.54 -6.59
C12 BCR KJ . -21.33 22.23 -7.38
C13 BCR KJ . -20.73 21.74 -8.60
C14 BCR KJ . -19.46 21.34 -8.55
C15 BCR KJ . -18.67 20.99 -9.70
C16 BCR KJ . -17.40 20.65 -9.54
C17 BCR KJ . -16.61 20.31 -10.69
C18 BCR KJ . -15.29 20.06 -10.68
C19 BCR KJ . -14.60 19.93 -11.94
C20 BCR KJ . -13.27 19.97 -12.02
C21 BCR KJ . -12.61 19.83 -13.29
C22 BCR KJ . -11.30 19.92 -13.48
C23 BCR KJ . -10.80 19.79 -14.84
C24 BCR KJ . -10.97 20.77 -15.73
C25 BCR KJ . -10.37 20.87 -17.07
C26 BCR KJ . -10.93 20.28 -18.13
C27 BCR KJ . -10.42 20.36 -19.51
C28 BCR KJ . -9.64 21.64 -19.72
C29 BCR KJ . -8.61 21.75 -18.63
C30 BCR KJ . -9.16 21.74 -17.22
C35 BCR KJ . -21.44 21.89 -9.89
C36 BCR KJ . -14.50 20.23 -9.45
C37 BCR KJ . -10.47 20.63 -12.50
C38 BCR KJ . -12.14 19.44 -18.07
C39 BCR KJ . -9.49 23.13 -16.73
C40 BCR KJ . -7.98 21.26 -16.36
MG CLA LJ . -36.76 34.76 -60.92
CHA CLA LJ . -39.57 35.05 -58.91
CHB CLA LJ . -34.95 36.47 -58.61
CHC CLA LJ . -33.96 34.25 -62.81
CHD CLA LJ . -38.64 32.80 -63.15
NA CLA LJ . -37.18 35.54 -59.03
C1A CLA LJ . -38.41 35.54 -58.35
C2A CLA LJ . -38.31 36.36 -57.08
C3A CLA LJ . -37.02 37.19 -57.33
C4A CLA LJ . -36.28 36.30 -58.34
CMA CLA LJ . -37.32 38.55 -57.89
CAA CLA LJ . -38.16 35.47 -55.87
CBA CLA LJ . -38.80 36.11 -54.65
CGA CLA LJ . -40.27 35.85 -54.64
O1A CLA LJ . -40.86 34.79 -54.75
O2A CLA LJ . -41.01 36.99 -54.46
NB CLA LJ . -34.88 35.46 -60.85
C1B CLA LJ . -34.29 36.00 -59.75
C2B CLA LJ . -32.87 36.31 -60.07
C3B CLA LJ . -32.62 35.84 -61.34
C4B CLA LJ . -33.86 35.13 -61.78
CMB CLA LJ . -32.06 37.21 -59.26
CAB CLA LJ . -31.35 35.63 -61.98
CBB CLA LJ . -31.03 36.06 -63.21
NC CLA LJ . -36.40 33.81 -62.73
C1C CLA LJ . -35.16 33.62 -63.26
C2C CLA LJ . -35.29 32.97 -64.56
C3C CLA LJ . -36.60 32.50 -64.64
C4C CLA LJ . -37.31 33.09 -63.52
CMC CLA LJ . -34.29 33.03 -65.62
CAC CLA LJ . -37.21 31.70 -65.72
CBC CLA LJ . -37.93 32.56 -66.74
ND CLA LJ . -38.58 33.88 -60.95
C1D CLA LJ . -39.21 33.06 -61.93
C2D CLA LJ . -40.66 32.98 -61.61
C3D CLA LJ . -40.80 33.58 -60.38
C4D CLA LJ . -39.52 34.26 -60.10
CMD CLA LJ . -41.66 32.72 -62.63
CAD CLA LJ . -41.74 34.02 -59.35
OBD CLA LJ . -42.93 34.25 -59.46
CBD CLA LJ . -40.89 34.72 -58.26
CGD CLA LJ . -41.63 35.92 -57.74
O1D CLA LJ . -42.50 35.94 -56.87
O2D CLA LJ . -41.27 37.10 -58.32
CED CLA LJ . -42.24 38.16 -58.26
C1 CLA LJ . -41.90 37.02 -53.33
C2 CLA LJ . -43.16 37.65 -53.78
C3 CLA LJ . -43.50 38.91 -53.51
C4 CLA LJ . -42.65 39.83 -52.71
C5 CLA LJ . -44.79 39.47 -54.01
MG CLA MJ . -51.64 69.61 -51.47
CHA CLA MJ . -51.68 73.04 -51.03
CHB CLA MJ . -53.96 69.29 -49.00
CHC CLA MJ . -51.36 66.19 -51.68
CHD CLA MJ . -49.00 69.97 -53.79
NA CLA MJ . -52.74 70.97 -50.33
C1A CLA MJ . -52.62 72.37 -50.31
C2A CLA MJ . -53.49 72.98 -49.22
C3A CLA MJ . -53.96 71.74 -48.42
C4A CLA MJ . -53.60 70.58 -49.34
CMA CLA MJ . -53.27 71.64 -47.08
NB CLA MJ . -52.64 68.05 -50.68
C1B CLA MJ . -53.59 68.13 -49.72
C2B CLA MJ . -54.12 66.76 -49.42
C3B CLA MJ . -53.35 65.88 -50.13
C4B CLA MJ . -52.32 66.68 -50.85
CMB CLA MJ . -55.14 66.52 -48.41
CAB CLA MJ . -53.32 64.44 -50.12
CBB CLA MJ . -54.35 63.66 -50.44
NC CLA MJ . -50.40 68.32 -52.55
C1C CLA MJ . -50.53 66.95 -52.55
C2C CLA MJ . -49.71 66.39 -53.62
C3C CLA MJ . -49.10 67.47 -54.26
C4C CLA MJ . -49.42 68.65 -53.47
CMC CLA MJ . -49.66 64.97 -53.96
CAC CLA MJ . -48.50 67.47 -55.60
CBC CLA MJ . -47.04 67.10 -55.60
ND CLA MJ . -50.52 71.10 -52.23
C1D CLA MJ . -49.44 71.11 -53.16
C2D CLA MJ . -49.06 72.52 -53.42
C3D CLA MJ . -49.78 73.28 -52.51
C4D CLA MJ . -50.79 72.37 -51.94
CMD CLA MJ . -48.28 72.96 -54.58
CAD CLA MJ . -50.08 74.62 -52.04
OBD CLA MJ . -49.79 75.70 -52.52
CBD CLA MJ . -51.13 74.44 -50.89
CGD CLA MJ . -50.53 74.68 -49.53
O1D CLA MJ . -51.12 74.94 -48.48
O2D CLA MJ . -49.17 74.54 -49.50
CED CLA MJ . -48.47 75.19 -48.43
MG CLA NJ . -35.21 60.17 -66.13
CHA CLA NJ . -34.42 63.33 -67.29
CHB CLA NJ . -38.38 61.22 -65.51
CHC CLA NJ . -35.88 57.16 -64.63
CHD CLA NJ . -31.83 59.23 -66.50
NA CLA NJ . -36.27 61.91 -66.60
C1A CLA NJ . -35.76 63.10 -67.13
C2A CLA NJ . -36.85 64.17 -67.23
C3A CLA NJ . -38.06 63.51 -66.50
C4A CLA NJ . -37.53 62.13 -66.11
CMA CLA NJ . -38.47 64.31 -65.28
CAA CLA NJ . -37.17 64.50 -68.68
CBA CLA NJ . -38.20 63.56 -69.31
CGA CLA NJ . -37.51 62.41 -69.96
O1A CLA NJ . -36.55 62.42 -70.74
O2A CLA NJ . -38.08 61.20 -69.66
NB CLA NJ . -36.87 59.28 -65.40
C1B CLA NJ . -38.09 59.86 -65.28
C2B CLA NJ . -39.00 58.93 -64.57
C3B CLA NJ . -38.36 57.71 -64.51
C4B CLA NJ . -36.94 57.97 -64.86
CMB CLA NJ . -40.27 59.36 -63.96
CAB CLA NJ . -38.79 56.50 -63.87
CBB CLA NJ . -38.80 55.28 -64.44
NC CLA NJ . -34.04 58.52 -65.60
C1C CLA NJ . -34.57 57.34 -65.13
C2C CLA NJ . -33.57 56.29 -65.25
C3C CLA NJ . -32.40 56.88 -65.71
C4C CLA NJ . -32.69 58.31 -65.88
CMC CLA NJ . -33.77 54.90 -64.81
CAC CLA NJ . -31.21 56.21 -66.26
CBC CLA NJ . -30.17 55.90 -65.22
ND CLA NJ . -33.50 61.00 -66.78
C1D CLA NJ . -32.15 60.54 -66.77
C2D CLA NJ . -31.29 61.59 -67.36
C3D CLA NJ . -32.10 62.71 -67.49
C4D CLA NJ . -33.47 62.26 -67.20
CMD CLA NJ . -29.97 61.36 -67.93
CAD CLA NJ . -32.13 64.14 -67.68
OBD CLA NJ . -31.21 64.95 -67.67
CBD CLA NJ . -33.63 64.58 -67.57
CGD CLA NJ . -33.82 65.62 -66.50
O1D CLA NJ . -33.21 65.71 -65.42
O2D CLA NJ . -34.78 66.54 -66.77
CED CLA NJ . -34.39 67.91 -66.83
C1 BCR OJ . -38.06 54.94 -49.74
C2 BCR OJ . -38.83 55.89 -48.82
C3 BCR OJ . -38.80 57.33 -49.23
C4 BCR OJ . -37.46 57.76 -49.76
C5 BCR OJ . -37.09 56.89 -50.88
C6 BCR OJ . -37.36 55.58 -50.89
C7 BCR OJ . -37.01 54.72 -52.03
C8 BCR OJ . -35.84 54.10 -52.16
C9 BCR OJ . -35.24 53.82 -53.44
C10 BCR OJ . -34.17 53.00 -53.50
C11 BCR OJ . -33.40 52.77 -54.70
C33 BCR OJ . -36.42 57.59 -51.99
C31 BCR OJ . -39.08 53.93 -50.23
C32 BCR OJ . -37.07 54.22 -48.85
C34 BCR OJ . -35.66 54.64 -54.59
C12 BCR OJ . -32.52 51.78 -54.70
C13 BCR OJ . -31.58 51.52 -55.78
C14 BCR OJ . -30.82 50.42 -55.73
C15 BCR OJ . -30.12 49.90 -56.87
C16 BCR OJ . -29.45 48.74 -56.81
C17 BCR OJ . -28.40 48.60 -55.84
C18 BCR OJ . -27.38 47.73 -55.90
C19 BCR OJ . -27.12 47.06 -57.16
C20 BCR OJ . -26.03 46.32 -57.37
C21 BCR OJ . -25.87 45.63 -58.62
C22 BCR OJ . -24.72 45.13 -59.08
C23 BCR OJ . -24.72 44.39 -60.32
C24 BCR OJ . -23.59 44.13 -61.02
C25 BCR OJ . -23.43 43.14 -62.10
C26 BCR OJ . -23.73 43.43 -63.36
C27 BCR OJ . -23.57 42.52 -64.52
C28 BCR OJ . -22.49 41.50 -64.25
C29 BCR OJ . -22.75 40.85 -62.92
C30 BCR OJ . -22.84 41.80 -61.74
C35 BCR OJ . -31.62 52.35 -56.99
C36 BCR OJ . -26.66 47.28 -54.70
C37 BCR OJ . -23.46 45.31 -58.32
C38 BCR OJ . -24.28 44.73 -63.80
C39 BCR OJ . -21.49 42.01 -61.09
C40 BCR OJ . -23.68 41.05 -60.72
C1 BCR PJ . -29.81 60.95 -60.97
C2 BCR PJ . -29.05 62.25 -60.96
C3 BCR PJ . -27.71 62.09 -61.59
C4 BCR PJ . -27.87 61.69 -63.04
C5 BCR PJ . -28.90 60.64 -63.23
C6 BCR PJ . -29.78 60.27 -62.30
C7 BCR PJ . -30.79 59.23 -62.55
C8 BCR PJ . -30.60 57.95 -62.26
C9 BCR PJ . -31.59 57.12 -61.63
C10 BCR PJ . -31.20 55.97 -61.08
C11 BCR PJ . -32.09 54.89 -60.73
C33 BCR PJ . -28.84 60.01 -64.57
C31 BCR PJ . -29.24 60.10 -59.87
C32 BCR PJ . -31.24 61.24 -60.60
C34 BCR PJ . -33.02 57.39 -61.91
C12 BCR PJ . -31.56 53.68 -60.53
C13 BCR PJ . -32.30 52.44 -60.57
C14 BCR PJ . -31.62 51.30 -60.52
C15 BCR PJ . -32.24 49.99 -60.58
C16 BCR PJ . -31.49 48.89 -60.46
C17 BCR PJ . -32.13 47.62 -60.69
C18 BCR PJ . -31.56 46.42 -60.59
C19 BCR PJ . -32.25 45.29 -61.16
C20 BCR PJ . -31.68 44.09 -61.30
C21 BCR PJ . -32.27 43.16 -62.23
C22 BCR PJ . -31.87 41.89 -62.41
C23 BCR PJ . -32.53 41.12 -63.46
C24 BCR PJ . -32.70 39.80 -63.37
C25 BCR PJ . -33.57 38.97 -64.19
C26 BCR PJ . -33.11 38.37 -65.30
C27 BCR PJ . -33.92 37.51 -66.18
C28 BCR PJ . -34.90 36.73 -65.34
C29 BCR PJ . -35.74 37.68 -64.52
C30 BCR PJ . -34.99 38.78 -63.77
C35 BCR PJ . -33.76 52.46 -60.80
C36 BCR PJ . -30.32 46.20 -59.82
C37 BCR PJ . -31.05 41.20 -61.41
C38 BCR PJ . -31.72 38.50 -65.77
C39 BCR PJ . -35.04 38.57 -62.27
C40 BCR PJ . -35.83 40.03 -64.05
C1 BCR QJ . 11.21 34.80 -78.00
C2 BCR QJ . 11.14 36.14 -78.70
C3 BCR QJ . 10.26 36.04 -79.91
C4 BCR QJ . 8.85 35.69 -79.51
C5 BCR QJ . 8.80 34.67 -78.44
C6 BCR QJ . 9.87 34.24 -77.74
C7 BCR QJ . 9.76 33.23 -76.67
C8 BCR QJ . 9.87 31.92 -76.91
C9 BCR QJ . 9.72 30.92 -75.87
C10 BCR QJ . 9.17 29.75 -76.20
C11 BCR QJ . 9.07 28.63 -75.30
C33 BCR QJ . 7.45 34.14 -78.20
C31 BCR QJ . 11.99 35.01 -76.71
C32 BCR QJ . 12.02 33.88 -78.91
C34 BCR QJ . 10.42 31.12 -74.60
C12 BCR QJ . 8.76 27.42 -75.80
C13 BCR QJ . 8.93 26.19 -75.09
C14 BCR QJ . 8.88 25.03 -75.76
C15 BCR QJ . 9.13 23.75 -75.14
C16 BCR QJ . 8.52 22.66 -75.60
C17 BCR QJ . 8.79 21.42 -74.92
C18 BCR QJ . 8.57 20.21 -75.41
C19 BCR QJ . 9.03 19.05 -74.66
C20 BCR QJ . 8.76 17.80 -75.03
C21 BCR QJ . 9.43 16.71 -74.36
C22 BCR QJ . 9.13 15.42 -74.56
C23 BCR QJ . 9.90 14.42 -73.84
C24 BCR QJ . 9.44 13.18 -73.61
C25 BCR QJ . 10.20 11.97 -73.31
C26 BCR QJ . 10.58 11.68 -72.06
C27 BCR QJ . 11.33 10.47 -71.66
C28 BCR QJ . 11.11 9.35 -72.63
C29 BCR QJ . 11.34 9.85 -74.03
C30 BCR QJ . 10.48 11.03 -74.45
C35 BCR QJ . 9.24 26.21 -73.64
C36 BCR QJ . 7.99 20.00 -76.75
C37 BCR QJ . 7.99 15.02 -75.40
C38 BCR QJ . 10.32 12.54 -70.90
C39 BCR QJ . 9.18 10.56 -75.05
C40 BCR QJ . 11.25 11.68 -75.58
MG CLA RJ . 20.71 8.03 -86.82
CHA CLA RJ . 20.46 4.76 -85.70
CHB CLA RJ . 23.16 7.09 -88.97
CHC CLA RJ . 21.02 11.29 -87.82
CHD CLA RJ . 17.93 8.89 -84.83
NA CLA RJ . 21.58 6.20 -87.31
C1A CLA RJ . 21.31 4.94 -86.75
C2A CLA RJ . 22.36 3.93 -87.21
C3A CLA RJ . 23.44 4.83 -87.87
C4A CLA RJ . 22.64 6.09 -88.16
CMA CLA RJ . 24.60 5.10 -86.95
CAA CLA RJ . 21.77 2.94 -88.21
CBA CLA RJ . 21.87 1.53 -87.68
CGA CLA RJ . 20.78 0.66 -88.23
O1A CLA RJ . 20.44 -0.45 -87.83
O2A CLA RJ . 20.13 1.21 -89.30
NB CLA RJ . 21.77 8.98 -88.25
C1B CLA RJ . 22.69 8.41 -89.07
C2B CLA RJ . 23.34 9.46 -89.89
C3B CLA RJ . 22.97 10.66 -89.33
C4B CLA RJ . 21.85 10.38 -88.40
CMB CLA RJ . 24.42 9.17 -90.83
CAB CLA RJ . 23.21 11.99 -89.83
CBB CLA RJ . 23.78 12.98 -89.13
NC CLA RJ . 19.70 9.79 -86.34
C1C CLA RJ . 19.97 11.00 -86.90
C2C CLA RJ . 18.92 11.95 -86.54
C3C CLA RJ . 18.18 11.34 -85.52
C4C CLA RJ . 18.54 9.92 -85.57
CMC CLA RJ . 18.76 13.28 -87.16
CAC CLA RJ . 17.42 12.01 -84.46
CBC CLA RJ . 18.30 12.81 -83.53
ND CLA RJ . 19.55 7.15 -85.42
C1D CLA RJ . 18.35 7.57 -84.80
C2D CLA RJ . 17.83 6.45 -83.98
C3D CLA RJ . 18.70 5.42 -84.16
C4D CLA RJ . 19.66 5.85 -85.19
CMD CLA RJ . 16.47 6.37 -83.47
CAD CLA RJ . 18.87 3.99 -83.98
OBD CLA RJ . 18.29 3.23 -83.21
CBD CLA RJ . 19.93 3.51 -85.02
CGD CLA RJ . 21.01 2.73 -84.35
O1D CLA RJ . 20.99 1.52 -84.07
O2D CLA RJ . 22.10 3.48 -84.02
CED CLA RJ . 23.32 2.80 -83.70
MG CLA SJ . 18.09 24.09 -82.32
CHA CLA SJ . 21.26 22.72 -82.29
CHB CLA SJ . 17.36 22.30 -85.13
CHC CLA SJ . 14.80 24.93 -81.95
CHD CLA SJ . 18.87 25.86 -79.37
NA CLA SJ . 19.18 22.75 -83.51
C1A CLA SJ . 20.43 22.18 -83.24
C2A CLA SJ . 20.86 21.27 -84.38
C3A CLA SJ . 19.72 21.40 -85.41
C4A CLA SJ . 18.64 22.15 -84.61
CMA CLA SJ . 20.13 22.18 -86.63
CAA CLA SJ . 21.06 19.83 -83.93
CBA CLA SJ . 20.03 19.40 -82.91
CGA CLA SJ . 19.83 17.92 -82.97
O1A CLA SJ . 18.85 17.25 -82.64
O2A CLA SJ . 20.92 17.24 -83.47
NB CLA SJ . 16.41 23.71 -83.35
C1B CLA SJ . 16.35 23.08 -84.55
C2B CLA SJ . 15.11 23.52 -85.26
C3B CLA SJ . 14.29 24.07 -84.29
C4B CLA SJ . 15.15 24.29 -83.09
CMB CLA SJ . 14.80 23.10 -86.62
CAB CLA SJ . 12.85 24.01 -84.20
CBB CLA SJ . 12.04 25.05 -84.04
NC CLA SJ . 17.05 25.28 -80.96
C1C CLA SJ . 15.70 25.42 -80.96
C2C CLA SJ . 15.34 26.47 -79.99
C3C CLA SJ . 16.46 26.64 -79.19
C4C CLA SJ . 17.53 25.83 -79.77
CMC CLA SJ . 14.19 27.36 -80.14
CAC CLA SJ . 16.64 27.66 -78.16
CBC CLA SJ . 16.48 27.10 -76.77
ND CLA SJ . 19.72 24.42 -81.17
C1D CLA SJ . 19.90 25.15 -79.97
C2D CLA SJ . 21.24 24.85 -79.42
C3D CLA SJ . 21.82 23.96 -80.30
C4D CLA SJ . 20.79 23.64 -81.30
CMD CLA SJ . 21.89 25.64 -78.37
CAD CLA SJ . 23.08 23.49 -80.83
OBD CLA SJ . 24.19 23.99 -80.69
CBD CLA SJ . 22.75 22.58 -82.06
CGD CLA SJ . 23.55 22.97 -83.27
O1D CLA SJ . 24.32 22.26 -83.92
O2D CLA SJ . 23.37 24.28 -83.65
CED CLA SJ . 23.74 24.64 -84.98
C1 CLA SJ . 20.65 16.02 -84.18
C1 BCR TJ . 13.69 25.01 -74.01
C2 BCR TJ . 13.66 26.23 -73.12
C3 BCR TJ . 14.12 27.42 -73.90
C4 BCR TJ . 13.17 27.71 -75.03
C5 BCR TJ . 12.80 26.49 -75.76
C6 BCR TJ . 13.03 25.24 -75.32
C7 BCR TJ . 12.61 24.06 -76.08
C8 BCR TJ . 13.35 23.48 -77.03
C9 BCR TJ . 12.80 22.55 -77.99
C10 BCR TJ . 13.42 22.37 -79.16
C11 BCR TJ . 12.91 21.54 -80.22
C33 BCR TJ . 12.12 26.76 -77.04
C31 BCR TJ . 13.01 23.90 -73.24
C32 BCR TJ . 15.15 24.65 -74.21
C34 BCR TJ . 11.48 21.96 -77.71
C12 BCR TJ . 13.65 21.39 -81.33
C13 BCR TJ . 13.24 20.65 -82.50
C14 BCR TJ . 14.02 20.71 -83.58
C15 BCR TJ . 13.99 19.76 -84.66
C16 BCR TJ . 15.12 19.42 -85.28
C17 BCR TJ . 15.31 18.04 -85.65
C18 BCR TJ . 16.37 17.53 -86.28
C19 BCR TJ . 16.13 16.61 -87.38
C20 BCR TJ . 17.06 16.32 -88.28
C21 BCR TJ . 16.67 15.53 -89.42
C22 BCR TJ . 17.47 15.18 -90.45
C23 BCR TJ . 16.92 14.33 -91.49
C24 BCR TJ . 17.67 13.76 -92.43
C25 BCR TJ . 17.58 12.38 -92.88
C26 BCR TJ . 18.30 11.40 -92.30
C27 BCR TJ . 18.29 9.97 -92.68
C28 BCR TJ . 17.21 9.63 -93.68
C29 BCR TJ . 17.05 10.75 -94.67
C30 BCR TJ . 16.69 12.06 -94.03
C35 BCR TJ . 12.15 19.67 -82.42
C36 BCR TJ . 17.74 17.88 -85.92
C37 BCR TJ . 18.93 15.40 -90.38
C38 BCR TJ . 19.22 11.64 -91.17
C39 BCR TJ . 15.22 12.06 -93.61
C40 BCR TJ . 16.81 13.11 -95.13
MG CLA UJ . 21.08 21.54 -63.75
CHA CLA UJ . 20.25 24.24 -61.75
CHB CLA UJ . 24.26 21.63 -62.55
CHC CLA UJ . 21.84 18.85 -65.74
CHD CLA UJ . 17.77 21.50 -64.99
NA CLA UJ . 22.03 22.68 -62.28
C1A CLA UJ . 21.49 23.70 -61.49
C2A CLA UJ . 22.58 24.39 -60.68
C3A CLA UJ . 23.87 23.68 -61.13
C4A CLA UJ . 23.36 22.53 -61.99
CMA CLA UJ . 24.78 24.59 -61.90
CAA CLA UJ . 22.37 24.23 -59.18
CBA CLA UJ . 21.81 22.89 -58.80
CGA CLA UJ . 21.46 22.86 -57.35
O1A CLA UJ . 20.50 23.40 -56.78
O2A CLA UJ . 22.33 22.14 -56.60
NB CLA UJ . 22.74 20.45 -64.09
C1B CLA UJ . 23.97 20.74 -63.60
C2B CLA UJ . 24.94 19.71 -64.09
C3B CLA UJ . 24.30 19.01 -65.09
C4B CLA UJ . 22.85 19.40 -65.02
CMB CLA UJ . 26.21 19.45 -63.44
CAB CLA UJ . 24.74 17.87 -65.83
CBB CLA UJ . 24.93 16.65 -65.32
NC CLA UJ . 20.00 20.41 -65.13
C1C CLA UJ . 20.50 19.31 -65.78
C2C CLA UJ . 19.42 18.63 -66.50
C3C CLA UJ . 18.25 19.31 -66.17
C4C CLA UJ . 18.64 20.50 -65.42
CMC CLA UJ . 19.56 17.35 -67.20
CAC CLA UJ . 16.87 18.96 -66.59
CBC CLA UJ . 16.49 19.61 -67.90
ND CLA UJ . 19.38 22.61 -63.52
C1D CLA UJ . 18.07 22.45 -64.02
C2D CLA UJ . 17.14 23.16 -63.13
C3D CLA UJ . 17.92 23.95 -62.31
C4D CLA UJ . 19.31 23.56 -62.59
CMD CLA UJ . 15.69 23.03 -63.18
CAD CLA UJ . 18.00 25.20 -61.57
OBD CLA UJ . 17.14 26.07 -61.45
CBD CLA UJ . 19.49 25.39 -61.14
CGD CLA UJ . 20.03 26.73 -61.56
O1D CLA UJ . 20.32 27.69 -60.84
O2D CLA UJ . 20.20 26.86 -62.90
C1 BCR VJ . -22.27 10.41 10.00
C2 BCR VJ . -23.73 10.34 9.59
C3 BCR VJ . -24.05 11.49 8.67
C4 BCR VJ . -23.24 11.39 7.41
C5 BCR VJ . -21.83 11.01 7.66
C6 BCR VJ . -21.36 10.58 8.83
C7 BCR VJ . -19.95 10.21 9.03
C8 BCR VJ . -19.01 11.06 9.39
C9 BCR VJ . -17.64 10.66 9.66
C10 BCR VJ . -16.68 11.06 8.83
C11 BCR VJ . -15.34 10.51 8.83
C33 BCR VJ . -20.97 11.18 6.47
C31 BCR VJ . -21.96 9.13 10.75
C32 BCR VJ . -22.14 11.58 10.95
C34 BCR VJ . -17.44 9.54 10.60
C12 BCR VJ . -14.53 10.80 7.81
C13 BCR VJ . -13.25 10.20 7.59
C14 BCR VJ . -12.63 10.40 6.43
C15 BCR VJ . -11.38 9.79 6.06
C16 BCR VJ . -10.84 10.07 4.86
C17 BCR VJ . -9.72 9.27 4.44
C18 BCR VJ . -9.01 9.46 3.33
C19 BCR VJ . -7.85 8.61 3.11
C20 BCR VJ . -7.15 8.63 1.98
C21 BCR VJ . -5.79 8.16 2.01
C22 BCR VJ . -4.97 8.03 0.97
C23 BCR VJ . -3.60 7.63 1.22
C24 BCR VJ . -2.70 7.38 0.27
C25 BCR VJ . -1.41 6.71 0.44
C26 BCR VJ . -1.31 5.37 0.39
C27 BCR VJ . -0.06 4.59 0.52
C28 BCR VJ . 1.15 5.42 0.18
C29 BCR VJ . 1.07 6.75 0.89
C30 BCR VJ . -0.18 7.56 0.61
C35 BCR VJ . -12.59 9.45 8.68
C36 BCR VJ . -9.16 10.67 2.49
C37 BCR VJ . -5.36 8.50 -0.38
C38 BCR VJ . -2.46 4.46 0.19
C39 BCR VJ . 0.00 8.43 -0.62
C40 BCR VJ . -0.27 8.52 1.79
MG CLA WJ . -5.17 5.61 -33.40
CHA CLA WJ . -5.91 2.76 -35.19
CHB CLA WJ . -7.69 4.82 -31.26
CHC CLA WJ . -4.78 8.64 -31.86
CHD CLA WJ . -3.10 6.68 -36.04
NA CLA WJ . -6.41 3.96 -33.16
C1A CLA WJ . -6.43 2.79 -33.93
C2A CLA WJ . -7.42 1.78 -33.34
C3A CLA WJ . -8.28 2.66 -32.41
C4A CLA WJ . -7.48 3.95 -32.31
CMA CLA WJ . -9.66 2.91 -32.97
CAA CLA WJ . -6.75 0.66 -32.58
CBA CLA WJ . -5.30 0.95 -32.22
CGA CLA WJ . -4.67 -0.23 -31.54
O1A CLA WJ . -4.90 -1.43 -31.70
O2A CLA WJ . -3.73 0.13 -30.61
NB CLA WJ . -5.94 6.47 -31.76
C1B CLA WJ . -6.92 5.96 -30.98
C2B CLA WJ . -7.18 6.86 -29.83
C3B CLA WJ . -6.46 8.00 -30.08
C4B CLA WJ . -5.70 7.80 -31.33
CMB CLA WJ . -8.24 6.57 -28.87
CAB CLA WJ . -6.28 9.20 -29.29
CBB CLA WJ . -6.20 9.29 -27.96
NC CLA WJ . -4.03 7.31 -33.82
C1C CLA WJ . -4.08 8.46 -33.10
C2C CLA WJ . -3.11 9.41 -33.63
C3C CLA WJ . -2.63 8.85 -34.82
C4C CLA WJ . -3.35 7.60 -35.00
CMC CLA WJ . -2.56 10.53 -32.89
CAC CLA WJ . -1.49 9.30 -35.61
CBC CLA WJ . -1.91 10.04 -36.86
ND CLA WJ . -4.47 4.87 -35.15
C1D CLA WJ . -3.70 5.46 -36.18
C2D CLA WJ . -3.63 4.52 -37.31
C3D CLA WJ . -4.54 3.51 -37.03
C4D CLA WJ . -4.97 3.74 -35.64
CMD CLA WJ . -2.99 4.82 -38.58
CAD CLA WJ . -5.03 2.21 -37.41
OBD CLA WJ . -4.55 1.45 -38.24
CBD CLA WJ . -6.01 1.73 -36.29
CGD CLA WJ . -7.42 1.59 -36.79
O1D CLA WJ . -8.15 2.48 -37.23
O2D CLA WJ . -7.91 0.33 -36.73
CED CLA WJ . -8.97 -0.01 -37.61
C1 CLA WJ . -2.48 0.62 -31.14
C2 CLA WJ . -1.55 0.79 -29.99
C3 CLA WJ . -0.25 1.04 -30.15
C4 CLA WJ . 0.39 1.17 -31.49
C5 CLA WJ . 0.65 1.19 -28.96
C6 CLA WJ . 0.97 2.65 -28.70
C7 CLA WJ . 2.45 2.93 -28.93
C8 CLA WJ . 2.66 4.22 -29.71
C9 CLA WJ . 3.79 4.04 -30.71
C10 CLA WJ . 2.94 5.39 -28.77
C11 CLA WJ . 3.11 6.68 -29.53
C12 CLA WJ . 3.42 7.83 -28.58
C13 CLA WJ . 3.78 9.10 -29.36
C14 CLA WJ . 5.00 8.88 -30.22
C15 CLA WJ . 4.02 10.27 -28.40
C1 BCR XJ . -9.53 19.64 -7.69
C2 BCR XJ . -10.30 18.99 -6.58
C3 BCR XJ . -9.39 18.31 -5.60
C4 BCR XJ . -8.59 17.25 -6.30
C5 BCR XJ . -7.99 17.72 -7.56
C6 BCR XJ . -8.41 18.81 -8.25
C7 BCR XJ . -7.76 19.28 -9.48
C8 BCR XJ . -7.99 18.73 -10.69
C9 BCR XJ . -7.04 18.74 -11.77
C10 BCR XJ . -7.14 17.78 -12.69
C11 BCR XJ . -6.69 17.88 -14.05
C33 BCR XJ . -6.88 16.87 -8.01
C31 BCR XJ . -8.97 20.94 -7.14
C32 BCR XJ . -10.56 19.99 -8.75
C34 BCR XJ . -6.30 19.99 -12.04
C12 BCR XJ . -7.14 16.97 -14.92
C13 BCR XJ . -6.69 16.84 -16.27
C14 BCR XJ . -6.82 15.64 -16.86
C15 BCR XJ . -6.28 15.31 -18.15
C16 BCR XJ . -6.46 14.07 -18.61
C17 BCR XJ . -5.72 13.66 -19.78
C18 BCR XJ . -6.03 12.63 -20.55
C19 BCR XJ . -5.17 12.33 -21.68
C20 BCR XJ . -5.26 11.20 -22.37
C21 BCR XJ . -4.52 11.08 -23.61
C22 BCR XJ . -4.42 9.96 -24.31
C23 BCR XJ . -4.92 8.73 -23.73
C24 BCR XJ . -4.91 7.57 -24.39
C25 BCR XJ . -5.20 6.26 -23.82
C26 BCR XJ . -4.24 5.51 -23.26
C27 BCR XJ . -4.43 4.17 -22.67
C28 BCR XJ . -5.88 3.87 -22.44
C29 BCR XJ . -6.68 4.27 -23.63
C30 BCR XJ . -6.61 5.75 -23.91
C35 BCR XJ . -6.26 18.01 -17.05
C36 BCR XJ . -7.17 11.75 -20.28
C37 BCR XJ . -3.62 9.90 -25.56
C38 BCR XJ . -2.84 5.94 -23.15
C39 BCR XJ . -7.55 6.51 -22.99
C40 BCR XJ . -7.15 5.93 -25.32
MG CLA YJ . 5.50 -3.31 -16.34
CHA CLA YJ . 6.06 -3.91 -12.98
CHB CLA YJ . 5.35 0.02 -15.74
CHC CLA YJ . 4.42 -2.84 -19.55
CHD CLA YJ . 5.91 -6.75 -16.98
NA CLA YJ . 5.71 -2.15 -14.61
C1A CLA YJ . 6.12 -2.59 -13.35
C2A CLA YJ . 6.26 -1.39 -12.40
C3A CLA YJ . 5.73 -0.20 -13.25
C4A CLA YJ . 5.64 -0.80 -14.65
CMA CLA YJ . 4.40 0.29 -12.77
CAA CLA YJ . 7.70 -1.14 -11.97
CBA CLA YJ . 8.71 -1.50 -13.03
CGA CLA YJ . 9.25 -0.27 -13.69
O1A CLA YJ . 10.08 0.53 -13.26
O2A CLA YJ . 8.71 -0.06 -14.93
NB CLA YJ . 4.96 -1.71 -17.42
C1B CLA YJ . 5.15 -0.43 -17.05
C2B CLA YJ . 4.80 0.48 -18.18
C3B CLA YJ . 4.30 -0.33 -19.16
C4B CLA YJ . 4.63 -1.73 -18.78
CMB CLA YJ . 4.59 1.90 -17.95
CAB CLA YJ . 3.93 0.00 -20.51
CBB CLA YJ . 4.69 0.66 -21.37
NC CLA YJ . 5.16 -4.59 -17.96
C1C CLA YJ . 4.70 -4.18 -19.18
C2C CLA YJ . 4.84 -5.27 -20.14
C3C CLA YJ . 5.40 -6.34 -19.45
C4C CLA YJ . 5.44 -5.94 -18.04
CMC CLA YJ . 4.72 -5.09 -21.58
CAC CLA YJ . 5.92 -7.59 -20.01
CBC CLA YJ . 4.96 -8.74 -19.88
ND CLA YJ . 5.94 -4.98 -15.29
C1D CLA YJ . 6.00 -6.34 -15.67
C2D CLA YJ . 6.23 -7.17 -14.47
C3D CLA YJ . 6.23 -6.28 -13.41
C4D CLA YJ . 5.98 -4.94 -13.97
CMD CLA YJ . 6.14 -8.62 -14.45
CAD CLA YJ . 6.19 -6.13 -11.97
OBD CLA YJ . 5.79 -6.90 -11.12
CBD CLA YJ . 6.46 -4.62 -11.70
CGD CLA YJ . 5.73 -4.12 -10.50
O1D CLA YJ . 6.21 -3.52 -9.53
O2D CLA YJ . 4.40 -4.38 -10.49
CED CLA YJ . 3.83 -4.85 -9.26
C1 CLA YJ . 9.46 0.79 -15.83
C2 CLA YJ . 8.70 0.81 -17.10
C3 CLA YJ . 9.24 1.16 -18.28
C4 CLA YJ . 10.66 1.54 -18.43
C5 CLA YJ . 8.41 1.16 -19.52
MG CLA ZJ . 6.69 13.21 -16.70
CHA CLA ZJ . 9.59 12.37 -15.05
CHB CLA ZJ . 7.38 16.47 -16.07
CHC CLA ZJ . 4.07 14.11 -18.72
CHD CLA ZJ . 6.37 9.87 -17.78
NA CLA ZJ . 8.07 14.18 -15.49
C1A CLA ZJ . 9.30 13.69 -15.05
C2A CLA ZJ . 10.10 14.78 -14.32
C3A CLA ZJ . 9.13 15.97 -14.31
C4A CLA ZJ . 8.03 15.54 -15.28
CMA CLA ZJ . 8.57 16.23 -12.94
CAA CLA ZJ . 11.40 15.08 -15.05
CBA CLA ZJ . 11.24 15.09 -16.56
CGA CLA ZJ . 12.52 14.70 -17.22
O1A CLA ZJ . 13.25 13.74 -16.96
O2A CLA ZJ . 12.87 15.54 -18.25
NB CLA ZJ . 5.77 14.95 -17.15
C1B CLA ZJ . 6.31 16.18 -16.94
C2B CLA ZJ . 5.39 17.22 -17.46
C3B CLA ZJ . 4.42 16.55 -18.19
C4B CLA ZJ . 4.65 15.10 -18.00
CMB CLA ZJ . 5.76 18.63 -17.49
CAB CLA ZJ . 3.44 17.05 -19.11
CBB CLA ZJ . 2.53 17.99 -18.85
NC CLA ZJ . 5.44 12.16 -18.00
C1C CLA ZJ . 4.48 12.74 -18.79
C2C CLA ZJ . 3.74 11.71 -19.48
C3C CLA ZJ . 4.39 10.51 -19.23
C4C CLA ZJ . 5.51 10.82 -18.36
CMC CLA ZJ . 2.68 11.96 -20.45
CAC CLA ZJ . 4.14 9.21 -19.89
CBC CLA ZJ . 5.02 9.03 -21.11
ND CLA ZJ . 7.61 11.45 -16.37
C1D CLA ZJ . 7.40 10.16 -16.90
C2D CLA ZJ . 8.47 9.26 -16.41
C3D CLA ZJ . 9.35 10.06 -15.72
C4D CLA ZJ . 8.81 11.43 -15.81
CMD CLA ZJ . 8.62 7.87 -16.82
CAD CLA ZJ . 10.48 10.11 -14.80
OBD CLA ZJ . 11.16 9.19 -14.39
CBD CLA ZJ . 10.49 11.52 -14.17
CGD CLA ZJ . 10.01 11.52 -12.76
O1D CLA ZJ . 8.85 11.61 -12.35
O2D CLA ZJ . 11.00 11.41 -11.83
CED CLA ZJ . 10.86 12.17 -10.63
C1 CLA ZJ . 14.15 15.32 -18.87
C1 BCR AK . -29.15 16.17 -11.03
C2 BCR AK . -30.64 16.27 -10.86
C3 BCR AK . -31.20 15.04 -10.21
C4 BCR AK . -30.90 13.81 -11.02
C5 BCR AK . -29.55 13.82 -11.64
C6 BCR AK . -28.73 14.86 -11.64
C7 BCR AK . -27.42 14.82 -12.28
C8 BCR AK . -26.31 14.48 -11.62
C9 BCR AK . -25.00 14.38 -12.24
C10 BCR AK . -24.27 13.28 -12.03
C11 BCR AK . -23.02 13.01 -12.69
C33 BCR AK . -29.18 12.53 -12.26
C31 BCR AK . -28.54 16.38 -9.66
C32 BCR AK . -28.73 17.30 -11.93
C34 BCR AK . -24.53 15.48 -13.08
C12 BCR AK . -22.38 11.87 -12.41
C13 BCR AK . -21.01 11.62 -12.79
C14 BCR AK . -20.46 10.43 -12.49
C15 BCR AK . -19.18 10.00 -12.98
C16 BCR AK . -18.80 8.73 -12.86
C17 BCR AK . -17.52 8.36 -13.42
C18 BCR AK . -17.14 7.13 -13.76
C19 BCR AK . -15.85 6.96 -14.38
C20 BCR AK . -15.36 5.77 -14.72
C21 BCR AK . -13.99 5.70 -15.14
C22 BCR AK . -13.25 4.58 -15.22
C23 BCR AK . -11.85 4.68 -14.86
C24 BCR AK . -10.84 4.45 -15.70
C25 BCR AK . -9.47 4.13 -15.30
C26 BCR AK . -9.01 2.89 -15.41
C27 BCR AK . -7.64 2.47 -15.06
C28 BCR AK . -6.68 3.57 -15.40
C29 BCR AK . -7.10 4.88 -14.80
C30 BCR AK . -8.58 5.23 -14.80
C35 BCR AK . -20.28 12.60 -13.63
C36 BCR AK . -18.09 6.01 -13.80
C37 BCR AK . -13.89 3.24 -15.22
C38 BCR AK . -9.82 1.77 -15.92
C39 BCR AK . -8.84 6.51 -15.57
C40 BCR AK . -8.86 5.55 -13.34
MG CLA BK . -3.23 4.75 -19.48
CHA CLA BK . -1.62 1.68 -19.44
CHB CLA BK . -0.27 6.28 -20.08
CHC CLA BK . -4.84 7.77 -19.31
CHD CLA BK . -6.24 3.08 -18.88
NA CLA BK . -1.27 4.07 -19.69
C1A CLA BK . -0.84 2.74 -19.82
C2A CLA BK . 0.67 2.68 -19.99
C3A CLA BK . 1.10 4.16 -19.94
C4A CLA BK . -0.21 4.92 -19.85
CMA CLA BK . 1.96 4.42 -18.73
CAA CLA BK . 1.05 2.00 -21.30
CBA CLA BK . 1.03 2.93 -22.48
CGA CLA BK . -0.20 2.67 -23.28
O1A CLA BK . -1.37 2.74 -22.91
O2A CLA BK . 0.06 2.31 -24.57
NB CLA BK . -2.67 6.67 -19.70
C1B CLA BK . -1.40 7.10 -19.89
C2B CLA BK . -1.38 8.58 -19.92
C3B CLA BK . -2.68 9.00 -19.78
C4B CLA BK . -3.50 7.79 -19.52
CMB CLA BK . -0.18 9.35 -20.29
CAB CLA BK . -3.21 10.33 -19.55
CBB CLA BK . -2.79 11.17 -18.61
NC CLA BK . -5.20 5.32 -19.10
C1C CLA BK . -5.65 6.60 -19.20
C2C CLA BK . -7.11 6.61 -19.13
C3C CLA BK . -7.51 5.28 -19.03
C4C CLA BK . -6.29 4.49 -18.91
CMC CLA BK . -7.94 7.79 -19.40
CAC CLA BK . -8.88 4.76 -19.12
CBC CLA BK . -9.17 4.19 -20.49
ND CLA BK . -3.85 2.87 -19.13
C1D CLA BK . -5.09 2.34 -18.73
C2D CLA BK . -4.99 0.88 -18.56
C3D CLA BK . -3.63 0.61 -18.64
C4D CLA BK . -2.98 1.87 -19.01
CMD CLA BK . -6.07 0.03 -18.10
CAD CLA BK . -2.62 -0.42 -18.69
OBD CLA BK . -2.76 -1.63 -18.80
CBD CLA BK . -1.26 0.31 -18.94
CGD CLA BK . -0.42 0.40 -17.71
O1D CLA BK . -0.63 1.07 -16.70
O2D CLA BK . 0.70 -0.38 -17.75
CED CLA BK . 1.65 -0.22 -16.70
C1 CLA BK . -1.05 1.83 -25.36
C2 CLA BK . -1.62 3.00 -26.08
C3 CLA BK . -2.89 3.04 -26.49
C4 CLA BK . -3.85 1.93 -26.29
C5 CLA BK . -3.40 4.24 -27.21
C6 CLA BK . -3.41 4.06 -28.71
C7 CLA BK . -3.76 5.34 -29.41
C8 CLA BK . -2.70 5.83 -30.39
C9 CLA BK . -2.24 4.72 -31.31
C10 CLA BK . -1.50 6.44 -29.67
C11 CLA BK . -1.90 7.42 -28.58
C12 CLA BK . -2.09 8.83 -29.11
C13 CLA BK . -0.78 9.62 -29.22
C14 CLA BK . 0.06 9.47 -27.96
C15 CLA BK . -1.06 11.09 -29.49
C16 CLA BK . 0.22 11.89 -29.61
C17 CLA BK . -0.01 13.34 -29.24
C18 CLA BK . -0.83 14.06 -30.30
C19 CLA BK . -1.64 15.18 -29.69
C20 CLA BK . 0.08 14.65 -31.34
C1 BCR CK . -34.49 19.98 -3.22
C2 BCR CK . -35.04 19.19 -4.38
C3 BCR CK . -35.68 17.93 -3.87
C4 BCR CK . -36.86 18.27 -2.99
C5 BCR CK . -36.57 19.37 -2.06
C6 BCR CK . -35.49 20.16 -2.13
C7 BCR CK . -35.27 21.25 -1.19
C8 BCR CK . -34.57 21.10 -0.06
C9 BCR CK . -34.15 22.20 0.77
C10 BCR CK . -32.90 22.18 1.24
C11 BCR CK . -32.48 22.73 2.51
C33 BCR CK . -37.60 19.53 -1.01
C31 BCR CK . -34.03 21.31 -3.76
C32 BCR CK . -33.27 19.21 -2.72
C34 BCR CK . -35.19 23.06 1.36
C12 BCR CK . -31.25 22.42 2.94
C13 BCR CK . -30.68 22.82 4.20
C14 BCR CK . -29.45 22.39 4.51
C15 BCR CK . -28.75 22.77 5.70
C16 BCR CK . -27.50 22.31 5.89
C17 BCR CK . -26.80 22.76 7.06
C18 BCR CK . -25.56 22.42 7.40
C19 BCR CK . -25.13 22.66 8.76
C20 BCR CK . -24.07 22.06 9.31
C21 BCR CK . -23.84 22.19 10.73
C22 BCR CK . -22.92 21.54 11.43
C23 BCR CK . -22.80 21.83 12.84
C24 BCR CK . -21.71 21.51 13.56
C25 BCR CK . -21.42 21.89 14.94
C26 BCR CK . -21.83 21.16 15.97
C27 BCR CK . -21.58 21.44 17.39
C28 BCR CK . -20.29 22.21 17.54
C29 BCR CK . -20.33 23.42 16.65
C30 BCR CK . -20.58 23.13 15.17
C35 BCR CK . -31.44 23.69 5.12
C36 BCR CK . -24.67 21.67 6.49
C37 BCR CK . -21.86 20.75 10.75
C38 BCR CK . -22.63 19.92 15.82
C39 BCR CK . -19.28 22.99 14.41
C40 BCR CK . -21.26 24.40 14.66
MG CL0 DK . 54.39 -15.50 -12.23
CHA CL0 DK . 54.41 -17.64 -9.50
CHB CL0 DK . 53.03 -17.99 -14.09
CHC CL0 DK . 54.64 -13.52 -15.00
CHD CL0 DK . 56.44 -13.28 -10.45
NA CL0 DK . 53.65 -17.41 -11.79
C1A CL0 DK . 53.69 -18.08 -10.56
C2A CL0 DK . 53.10 -19.48 -10.72
C3A CL0 DK . 53.28 -19.71 -12.23
C4A CL0 DK . 53.24 -18.27 -12.75
CMA CL0 DK . 54.60 -20.37 -12.50
CAA CL0 DK . 51.64 -19.46 -10.35
CBA CL0 DK . 51.04 -20.85 -10.38
CGA CL0 DK . 49.56 -20.75 -10.19
O1A CL0 DK . 48.70 -21.59 -10.46
O2A CL0 DK . 49.16 -19.58 -9.64
NB CL0 DK . 53.74 -15.63 -14.12
C1B CL0 DK . 53.25 -16.75 -14.71
C2B CL0 DK . 52.69 -16.37 -16.02
C3B CL0 DK . 53.26 -15.16 -16.37
C4B CL0 DK . 53.86 -14.63 -15.11
CMB CL0 DK . 51.54 -17.05 -16.61
CAB CL0 DK . 52.84 -14.32 -17.46
CBB CL0 DK . 53.57 -13.52 -18.24
NC CL0 DK . 55.34 -13.69 -12.63
C1C CL0 DK . 55.21 -13.00 -13.79
C2C CL0 DK . 55.91 -11.73 -13.69
C3C CL0 DK . 56.52 -11.71 -12.43
C4C CL0 DK . 56.20 -12.98 -11.80
CMC CL0 DK . 56.06 -10.76 -14.77
CAC CL0 DK . 57.19 -10.57 -11.78
CBC CL0 DK . 58.69 -10.73 -11.79
ND CL0 DK . 55.19 -15.37 -10.38
C1D CL0 DK . 56.13 -14.47 -9.84
C2D CL0 DK . 56.42 -14.88 -8.45
C3D CL0 DK . 55.87 -16.14 -8.29
C4D CL0 DK . 55.14 -16.42 -9.55
CMD CL0 DK . 56.92 -13.95 -7.46
CAD CL0 DK . 55.47 -17.15 -7.34
OBD CL0 DK . 55.91 -17.39 -6.23
CBD CL0 DK . 54.45 -18.09 -8.06
CGD CL0 DK . 53.10 -18.01 -7.42
O1D CL0 DK . 52.38 -17.02 -7.30
O2D CL0 DK . 52.65 -19.20 -6.95
CED CL0 DK . 51.43 -19.18 -6.21
C1 CL0 DK . 48.42 -19.70 -8.41
C2 CL0 DK . 48.06 -18.33 -7.99
C3 CL0 DK . 47.77 -18.00 -6.73
C4 CL0 DK . 47.78 -19.00 -5.63
C5 CL0 DK . 47.41 -16.61 -6.35
C6 CL0 DK . 48.04 -15.57 -7.25
C7 CL0 DK . 48.77 -14.55 -6.41
C8 CL0 DK . 47.83 -13.48 -5.87
C9 CL0 DK . 47.66 -12.36 -6.88
C10 CL0 DK . 48.38 -12.91 -4.57
C11 CL0 DK . 47.58 -13.35 -3.37
C12 CL0 DK . 46.12 -12.94 -3.49
C13 CL0 DK . 45.36 -12.81 -2.16
C14 CL0 DK . 46.01 -13.51 -0.99
C15 CL0 DK . 43.94 -13.30 -2.33
C16 CL0 DK . 43.90 -14.78 -2.64
C17 CL0 DK . 42.50 -15.22 -3.02
C18 CL0 DK . 42.41 -16.60 -3.66
C19 CL0 DK . 43.72 -17.20 -4.15
C20 CL0 DK . 41.66 -17.57 -2.79
MG CLA EK . 52.37 -27.91 -26.42
CHA CLA EK . 52.56 -29.84 -29.28
CHB CLA EK . 55.59 -28.60 -25.74
CHC CLA EK . 52.15 -25.97 -23.61
CHD CLA EK . 48.90 -28.15 -26.53
NA CLA EK . 53.85 -28.96 -27.43
C1A CLA EK . 53.74 -29.72 -28.59
C2A CLA EK . 55.13 -29.98 -29.14
C3A CLA EK . 55.96 -29.97 -27.84
C4A CLA EK . 55.12 -29.04 -26.96
CMA CLA EK . 56.11 -31.33 -27.23
CAA CLA EK . 55.50 -28.88 -30.09
CBA CLA EK . 56.83 -29.14 -30.73
CGA CLA EK . 57.87 -28.34 -30.03
O1A CLA EK . 57.74 -27.22 -29.54
O2A CLA EK . 59.09 -28.96 -29.96
NB CLA EK . 53.69 -27.17 -25.11
C1B CLA EK . 54.92 -27.69 -24.90
C2B CLA EK . 55.64 -26.76 -24.00
C3B CLA EK . 54.69 -25.98 -23.37
C4B CLA EK . 53.40 -26.33 -24.02
CMB CLA EK . 57.09 -26.66 -24.07
CAB CLA EK . 54.77 -25.09 -22.24
CBB CLA EK . 55.72 -24.19 -22.00
NC CLA EK . 50.79 -27.00 -25.41
C1C CLA EK . 50.94 -26.34 -24.22
C2C CLA EK . 49.62 -25.99 -23.72
C3C CLA EK . 48.69 -26.49 -24.63
C4C CLA EK . 49.45 -27.29 -25.57
CMC CLA EK . 49.39 -24.98 -22.69
CAC CLA EK . 47.32 -26.00 -24.83
CBC CLA EK . 46.27 -27.03 -24.48
ND CLA EK . 50.99 -28.71 -27.63
C1D CLA EK . 49.59 -28.60 -27.63
C2D CLA EK . 49.04 -29.37 -28.76
C3D CLA EK . 50.14 -29.81 -29.49
C4D CLA EK . 51.33 -29.35 -28.74
CMD CLA EK . 47.66 -29.81 -28.75
CAD CLA EK . 50.63 -30.70 -30.53
OBD CLA EK . 50.02 -31.16 -31.48
CBD CLA EK . 52.19 -30.56 -30.56
CGD CLA EK . 52.89 -31.88 -30.67
O1D CLA EK . 53.29 -32.59 -29.76
O2D CLA EK . 53.12 -32.30 -31.93
CED CLA EK . 54.41 -32.85 -32.22
C1 CLA EK . 59.37 -29.78 -28.80
C2 CLA EK . 59.69 -28.84 -27.72
C3 CLA EK . 59.85 -29.17 -26.43
C4 CLA EK . 60.15 -28.10 -25.47
C5 CLA EK . 59.73 -30.58 -25.95
C6 CLA EK . 60.02 -30.78 -24.47
C7 CLA EK . 61.43 -31.32 -24.25
C8 CLA EK . 61.92 -31.03 -22.84
C9 CLA EK . 62.23 -29.55 -22.66
C10 CLA EK . 63.16 -31.85 -22.53
C11 CLA EK . 63.27 -32.12 -21.04
C12 CLA EK . 64.31 -33.17 -20.73
C13 CLA EK . 64.55 -33.25 -19.23
C14 CLA EK . 65.95 -33.77 -18.95
C15 CLA EK . 63.51 -34.12 -18.54
MG CLA FK . 43.34 -18.17 -8.45
CHA CLA FK . 45.00 -15.71 -10.20
CHB CLA FK . 41.39 -15.74 -7.10
CHC CLA FK . 41.38 -20.60 -7.03
CHD CLA FK . 44.94 -20.61 -10.40
NA CLA FK . 43.46 -16.09 -8.38
C1A CLA FK . 44.05 -15.25 -9.33
C2A CLA FK . 43.81 -13.80 -8.96
C3A CLA FK . 43.03 -13.89 -7.63
C4A CLA FK . 42.61 -15.35 -7.62
CMA CLA FK . 43.91 -13.55 -6.45
CAA CLA FK . 42.98 -13.09 -10.01
CBA CLA FK . 43.31 -11.61 -10.09
CGA CLA FK . 42.18 -10.90 -9.43
O1A CLA FK . 41.26 -11.38 -8.77
O2A CLA FK . 42.24 -9.54 -9.62
NB CLA FK . 41.77 -18.16 -7.18
C1B CLA FK . 40.99 -17.09 -6.94
C2B CLA FK . 39.75 -17.50 -6.25
C3B CLA FK . 39.72 -18.87 -6.32
C4B CLA FK . 41.06 -19.31 -6.77
CMB CLA FK . 39.07 -16.58 -5.34
CAB CLA FK . 38.62 -19.79 -6.31
CBB CLA FK . 37.38 -19.58 -5.88
NC CLA FK . 43.18 -20.23 -8.69
C1C CLA FK . 42.38 -21.04 -7.96
C2C CLA FK . 42.89 -22.41 -8.03
C3C CLA FK . 44.02 -22.36 -8.82
C4C CLA FK . 44.01 -21.05 -9.45
CMC CLA FK . 42.13 -23.59 -7.60
CAC CLA FK . 44.90 -23.47 -9.21
CBC CLA FK . 45.98 -23.68 -8.21
ND CLA FK . 44.81 -18.24 -9.82
C1D CLA FK . 45.22 -19.29 -10.67
C2D CLA FK . 46.19 -18.76 -11.64
C3D CLA FK . 46.16 -17.39 -11.51
C4D CLA FK . 45.29 -17.11 -10.34
CMD CLA FK . 46.78 -19.58 -12.71
CAD CLA FK . 46.36 -16.13 -12.20
OBD CLA FK . 46.55 -15.93 -13.38
CBD CLA FK . 45.78 -15.02 -11.29
CGD CLA FK . 46.83 -14.12 -10.72
O1D CLA FK . 48.00 -14.39 -10.46
O2D CLA FK . 46.41 -12.86 -10.49
CED CLA FK . 47.34 -11.82 -10.82
C1 CLA FK . 41.20 -8.76 -9.01
C2 CLA FK . 40.06 -8.73 -9.97
C3 CLA FK . 39.35 -7.62 -10.23
C4 CLA FK . 39.65 -6.33 -9.59
C5 CLA FK . 38.22 -7.66 -11.19
C6 CLA FK . 36.88 -7.76 -10.50
C7 CLA FK . 35.93 -8.63 -11.30
C8 CLA FK . 34.62 -8.87 -10.58
C9 CLA FK . 33.99 -10.16 -11.04
C10 CLA FK . 33.66 -7.72 -10.79
C11 CLA FK . 33.34 -7.49 -12.24
C12 CLA FK . 31.89 -7.08 -12.43
C13 CLA FK . 31.76 -5.83 -13.27
C14 CLA FK . 32.39 -4.64 -12.58
C15 CLA FK . 30.29 -5.52 -13.55
C16 CLA FK . 30.00 -5.34 -15.02
C17 CLA FK . 29.89 -3.89 -15.39
C18 CLA FK . 29.12 -3.69 -16.69
C19 CLA FK . 27.70 -4.18 -16.56
C20 CLA FK . 29.12 -2.23 -17.08
MG CLA GK . 59.94 -49.97 -5.50
CHA CLA GK . 58.96 -53.22 -6.14
CHB CLA GK . 59.93 -50.68 -2.20
CHC CLA GK . 60.13 -46.65 -4.70
CHD CLA GK . 58.80 -49.09 -8.70
NA CLA GK . 59.78 -51.73 -4.40
C1A CLA GK . 59.48 -53.01 -4.89
C2A CLA GK . 59.40 -54.00 -3.73
C3A CLA GK . 59.31 -53.09 -2.48
C4A CLA GK . 59.57 -51.69 -3.06
CMA CLA GK . 57.96 -53.14 -1.84
CAA CLA GK . 60.61 -54.92 -3.69
CBA CLA GK . 61.91 -54.25 -3.31
CGA CLA GK . 63.05 -55.01 -3.90
O1A CLA GK . 63.03 -56.11 -4.43
O2A CLA GK . 64.24 -54.34 -3.82
NB CLA GK . 60.46 -48.95 -3.85
C1B CLA GK . 60.53 -49.47 -2.60
C2B CLA GK . 60.94 -48.43 -1.65
C3B CLA GK . 60.80 -47.23 -2.30
C4B CLA GK . 60.41 -47.55 -3.70
CMB CLA GK . 61.02 -48.70 -0.21
CAB CLA GK . 60.86 -45.88 -1.82
CBB CLA GK . 61.84 -45.35 -1.09
NC CLA GK . 59.87 -48.21 -6.63
C1C CLA GK . 59.98 -46.96 -6.08
C2C CLA GK . 59.67 -45.95 -7.10
C3C CLA GK . 59.26 -46.65 -8.23
C4C CLA GK . 59.34 -48.06 -7.92
CMC CLA GK . 59.96 -44.53 -6.98
CAC CLA GK . 58.85 -46.08 -9.52
CBC CLA GK . 57.37 -45.81 -9.60
ND CLA GK . 59.30 -50.92 -7.17
C1D CLA GK . 58.94 -50.44 -8.45
C2D CLA GK . 58.49 -51.57 -9.27
C3D CLA GK . 58.64 -52.69 -8.48
C4D CLA GK . 58.95 -52.19 -7.13
CMD CLA GK . 58.11 -51.48 -10.68
CAD CLA GK . 58.45 -54.12 -8.38
OBD CLA GK . 58.42 -54.96 -9.29
CBD CLA GK . 58.71 -54.51 -6.89
CGD CLA GK . 57.57 -55.32 -6.31
O1D CLA GK . 57.56 -56.53 -6.11
O2D CLA GK . 56.47 -54.59 -6.00
CED CLA GK . 55.41 -55.27 -5.33
C1 CLA GK . 65.24 -54.96 -2.99
C2 CLA GK . 66.57 -54.45 -3.43
C3 CLA GK . 67.10 -53.31 -2.97
C4 CLA GK . 66.44 -52.46 -1.97
C5 CLA GK . 68.44 -52.86 -3.46
C6 CLA GK . 68.34 -51.68 -4.40
C7 CLA GK . 69.55 -51.62 -5.32
C8 CLA GK . 69.31 -50.70 -6.50
C9 CLA GK . 69.07 -49.28 -6.04
C10 CLA GK . 68.13 -51.19 -7.34
MG CLA HK . 53.21 -47.12 3.90
CHA CLA HK . 53.26 -45.39 6.88
CHB CLA HK . 56.34 -45.98 3.20
CHC CLA HK . 53.23 -49.04 1.09
CHD CLA HK . 50.05 -48.39 4.75
NA CLA HK . 54.52 -45.82 4.85
C1A CLA HK . 54.36 -45.22 6.11
C2A CLA HK . 55.68 -44.61 6.57
C3A CLA HK . 56.43 -44.47 5.23
C4A CLA HK . 55.80 -45.59 4.42
CMA CLA HK . 56.17 -43.14 4.61
CAA CLA HK . 56.39 -45.53 7.54
CBA CLA HK . 57.20 -44.73 8.54
CGA CLA HK . 58.49 -44.33 7.90
O1A CLA HK . 59.33 -45.08 7.40
O2A CLA HK . 58.74 -42.98 7.85
NB CLA HK . 54.61 -47.60 2.54
C1B CLA HK . 55.78 -46.94 2.35
C2B CLA HK . 56.51 -47.54 1.19
C3B CLA HK . 55.60 -48.36 0.56
C4B CLA HK . 54.41 -48.47 1.44
CMB CLA HK . 57.79 -47.02 0.73
CAB CLA HK . 55.59 -48.85 -0.80
CBB CLA HK . 56.49 -49.65 -1.34
NC CLA HK . 51.87 -48.48 3.08
C1C CLA HK . 52.03 -49.05 1.85
C2C CLA HK . 50.72 -49.36 1.31
C3C CLA HK . 49.79 -49.10 2.32
C4C CLA HK . 50.57 -48.72 3.49
CMC CLA HK . 50.50 -50.18 0.13
CAC CLA HK . 48.41 -49.61 2.32
CBC CLA HK . 47.37 -48.53 2.38
ND CLA HK . 51.80 -46.77 5.30
C1D CLA HK . 50.56 -47.41 5.57
C2D CLA HK . 50.09 -46.97 6.90
C3D CLA HK . 50.95 -45.97 7.30
C4D CLA HK . 52.09 -46.04 6.37
CMD CLA HK . 48.82 -47.38 7.48
CAD CLA HK . 51.33 -45.10 8.38
OBD CLA HK . 50.76 -44.91 9.44
CBD CLA HK . 52.81 -44.68 8.13
CGD CLA HK . 52.96 -43.19 8.00
O1D CLA HK . 53.93 -42.49 8.27
O2D CLA HK . 51.86 -42.59 7.48
CED CLA HK . 51.48 -41.33 8.05
C1 CLA HK . 58.23 -42.09 8.87
C2 CLA HK . 59.26 -41.95 9.93
C3 CLA HK . 60.38 -41.22 9.82
C4 CLA HK . 60.71 -40.44 8.61
C5 CLA HK . 61.35 -41.14 10.95
C6 CLA HK . 62.79 -41.33 10.51
C7 CLA HK . 63.71 -41.40 11.72
C8 CLA HK . 65.06 -40.77 11.47
C9 CLA HK . 65.70 -41.31 10.21
C10 CLA HK . 66.00 -40.99 12.66
MG CLA IK . 59.13 -40.33 1.50
CHA CLA IK . 58.51 -42.18 -1.35
CHB CLA IK . 55.87 -40.43 2.29
CHC CLA IK . 59.89 -38.81 4.48
CHD CLA IK . 62.53 -40.29 0.65
NA CLA IK . 57.50 -41.38 0.72
C1A CLA IK . 57.45 -42.14 -0.46
C2A CLA IK . 56.03 -42.59 -0.73
C3A CLA IK . 55.20 -41.72 0.25
C4A CLA IK . 56.25 -41.27 1.26
CMA CLA IK . 54.52 -40.56 -0.41
CAA CLA IK . 55.86 -44.06 -0.42
CBA CLA IK . 55.75 -44.93 -1.66
CGA CLA IK . 54.36 -44.99 -2.21
O1A CLA IK . 53.45 -45.76 -1.90
O2A CLA IK . 54.12 -44.08 -3.19
NB CLA IK . 58.09 -39.84 3.14
C1B CLA IK . 56.74 -39.90 3.25
C2B CLA IK . 56.34 -39.45 4.62
C3B CLA IK . 57.45 -38.81 5.15
C4B CLA IK . 58.59 -39.12 4.25
CMB CLA IK . 54.94 -39.41 5.04
CAB CLA IK . 57.64 -38.22 6.44
CBB CLA IK . 57.37 -38.79 7.61
NC CLA IK . 60.86 -39.47 2.29
C1C CLA IK . 60.94 -38.90 3.52
C2C CLA IK . 62.23 -38.23 3.64
C3C CLA IK . 62.98 -38.67 2.55
C4C CLA IK . 62.15 -39.60 1.82
CMC CLA IK . 62.69 -37.55 4.85
CAC CLA IK . 64.36 -38.31 2.22
CBC CLA IK . 64.45 -37.24 1.16
ND CLA IK . 60.28 -40.87 -0.06
C1D CLA IK . 61.66 -40.71 -0.32
C2D CLA IK . 61.96 -41.29 -1.65
C3D CLA IK . 60.78 -41.86 -2.09
C4D CLA IK . 59.80 -41.68 -1.01
CMD CLA IK . 63.26 -41.19 -2.32
CAD CLA IK . 60.18 -42.73 -3.08
OBD CLA IK . 60.73 -43.40 -3.94
CBD CLA IK . 58.72 -42.99 -2.60
CGD CLA IK . 57.72 -42.66 -3.67
O1D CLA IK . 57.07 -43.44 -4.36
O2D CLA IK . 57.55 -41.33 -3.86
CED CLA IK . 56.31 -40.87 -4.39
C1 CLA IK . 53.20 -43.02 -2.88
C2 CLA IK . 52.51 -42.65 -4.14
C3 CLA IK . 52.10 -41.41 -4.41
C4 CLA IK . 51.41 -41.08 -5.67
C5 CLA IK . 52.30 -40.29 -3.45
C6 CLA IK . 52.84 -39.04 -4.10
C7 CLA IK . 53.43 -38.11 -3.05
C8 CLA IK . 53.97 -36.80 -3.62
C9 CLA IK . 54.91 -37.08 -4.78
C10 CLA IK . 54.70 -35.98 -2.58
C11 CLA IK . 54.07 -36.00 -1.20
C12 CLA IK . 55.03 -35.53 -0.14
C13 CLA IK . 55.46 -36.66 0.79
C14 CLA IK . 55.81 -36.13 2.16
C15 CLA IK . 56.63 -37.45 0.22
C16 CLA IK . 57.80 -36.56 -0.11
C17 CLA IK . 59.02 -37.35 -0.53
C18 CLA IK . 59.41 -37.09 -1.97
C19 CLA IK . 60.89 -37.35 -2.19
C20 CLA IK . 58.59 -37.93 -2.91
MG CLA JK . 76.77 -37.11 -1.70
CHA CLA JK . 79.23 -35.35 -3.37
CHB CLA JK . 74.43 -35.12 -3.15
CHC CLA JK . 74.36 -38.76 0.06
CHD CLA JK . 79.27 -38.86 0.06
NA CLA JK . 76.85 -35.57 -3.11
C1A CLA JK . 77.96 -35.15 -3.83
C2A CLA JK . 77.55 -34.19 -4.94
C3A CLA JK . 76.05 -33.94 -4.66
C4A CLA JK . 75.75 -34.87 -3.50
CMA CLA JK . 75.76 -32.50 -4.30
CAA CLA JK . 77.78 -34.79 -6.31
CBA CLA JK . 77.35 -36.24 -6.38
CGA CLA JK . 77.57 -36.78 -7.76
O1A CLA JK . 77.85 -36.16 -8.79
O2A CLA JK . 77.44 -38.13 -7.84
NB CLA JK . 74.77 -37.02 -1.63
C1B CLA JK . 74.01 -36.04 -2.18
C2B CLA JK . 72.58 -36.26 -1.84
C3B CLA JK . 72.54 -37.35 -1.01
C4B CLA JK . 73.96 -37.74 -0.73
CMB CLA JK . 71.52 -35.65 -2.64
CAB CLA JK . 71.44 -38.03 -0.39
CBB CLA JK . 70.42 -37.45 0.24
NC CLA JK . 76.81 -38.53 -0.18
C1C CLA JK . 75.71 -39.00 0.47
C2C CLA JK . 76.09 -40.05 1.41
C3C CLA JK . 77.49 -40.04 1.44
C4C CLA JK . 77.94 -39.06 0.47
CMC CLA JK . 75.18 -41.06 1.94
CAC CLA JK . 78.34 -40.87 2.32
CBC CLA JK . 78.84 -42.12 1.63
ND CLA JK . 78.79 -37.15 -1.62
C1D CLA JK . 79.69 -37.86 -0.80
C2D CLA JK . 81.08 -37.57 -1.26
C3D CLA JK . 80.95 -36.58 -2.22
C4D CLA JK . 79.51 -36.28 -2.32
CMD CLA JK . 82.25 -38.36 -0.89
CAD CLA JK . 81.66 -35.64 -3.07
OBD CLA JK . 82.86 -35.48 -3.24
CBD CLA JK . 80.57 -34.86 -3.87
CGD CLA JK . 80.69 -33.37 -3.70
O1D CLA JK . 80.02 -32.63 -2.98
O2D CLA JK . 81.68 -32.81 -4.45
CED CLA JK . 82.67 -32.04 -3.78
C1 CLA JK . 77.63 -38.76 -9.12
C2 CLA JK . 76.90 -40.06 -9.08
C3 CLA JK . 76.95 -40.95 -10.09
C4 CLA JK . 77.72 -40.71 -11.34
C5 CLA JK . 76.20 -42.23 -10.00
C6 CLA JK . 75.19 -42.39 -11.12
C7 CLA JK . 74.72 -43.83 -11.24
C8 CLA JK . 73.87 -44.26 -10.06
C9 CLA JK . 73.45 -45.71 -10.20
C10 CLA JK . 72.63 -43.38 -9.92
MG CLA KK . 70.74 -28.54 -3.51
CHA CLA KK . 70.44 -28.87 -0.07
CHB CLA KK . 71.74 -31.78 -3.66
CHC CLA KK . 71.11 -28.19 -6.88
CHD CLA KK . 69.74 -25.19 -3.23
NA CLA KK . 71.04 -30.03 -2.09
C1A CLA KK . 70.57 -30.03 -0.78
C2A CLA KK . 70.65 -31.44 -0.21
C3A CLA KK . 71.62 -32.15 -1.19
C4A CLA KK . 71.64 -31.22 -2.41
CMA CLA KK . 73.01 -32.27 -0.65
CAA CLA KK . 69.26 -32.07 -0.11
CBA CLA KK . 68.63 -32.48 -1.42
CGA CLA KK . 67.68 -33.62 -1.24
O1A CLA KK . 67.79 -34.59 -0.49
O2A CLA KK . 66.57 -33.52 -2.03
NB CLA KK . 71.18 -29.79 -5.01
C1B CLA KK . 71.55 -31.09 -4.87
C2B CLA KK . 72.05 -31.61 -6.17
C3B CLA KK . 71.74 -30.65 -7.11
C4B CLA KK . 71.38 -29.42 -6.36
CMB CLA KK . 72.42 -33.01 -6.33
CAB CLA KK . 71.72 -30.70 -8.54
CBB CLA KK . 72.71 -31.14 -9.33
NC CLA KK . 70.52 -26.94 -4.81
C1C CLA KK . 70.78 -27.00 -6.16
C2C CLA KK . 70.39 -25.74 -6.77
C3C CLA KK . 70.14 -24.87 -5.72
C4C CLA KK . 70.04 -25.67 -4.52
CMC CLA KK . 69.95 -25.62 -8.16
CAC CLA KK . 69.88 -23.42 -5.81
CBC CLA KK . 71.08 -22.59 -5.40
ND CLA KK . 70.38 -27.22 -2.03
C1D CLA KK . 70.02 -25.85 -2.05
C2D CLA KK . 69.70 -25.43 -0.66
C3D CLA KK . 69.95 -26.51 0.14
C4D CLA KK . 70.32 -27.62 -0.76
CMD CLA KK . 69.04 -24.17 -0.33
CAD CLA KK . 69.79 -27.08 1.47
OBD CLA KK . 69.24 -26.58 2.45
CBD CLA KK . 70.01 -28.61 1.35
CGD CLA KK . 71.03 -29.10 2.34
O1D CLA KK . 70.87 -29.28 3.56
O2D CLA KK . 72.26 -29.36 1.81
CED CLA KK . 73.16 -30.16 2.58
C1 CLA KK . 65.65 -34.63 -2.05
C2 CLA KK . 65.59 -35.13 -3.44
C3 CLA KK . 64.56 -34.91 -4.27
C4 CLA KK . 64.54 -35.43 -5.66
C5 CLA KK . 63.36 -34.13 -3.83
MG CLA LK . 74.76 -28.85 -12.72
CHA CLA LK . 76.15 -30.22 -9.86
CHB CLA LK . 76.87 -30.72 -14.55
CHC CLA LK . 73.99 -27.02 -15.51
CHD CLA LK . 73.31 -26.33 -10.74
NA CLA LK . 75.96 -30.50 -12.26
C1A CLA LK . 76.31 -30.98 -10.99
C2A CLA LK . 77.32 -32.12 -11.12
C3A CLA LK . 77.65 -32.17 -12.62
C4A CLA LK . 76.81 -31.02 -13.19
CMA CLA LK . 79.12 -31.96 -12.87
CAA CLA LK . 76.79 -33.47 -10.65
CBA CLA LK . 75.27 -33.54 -10.57
CGA CLA LK . 74.88 -34.31 -9.34
O1A CLA LK . 75.09 -34.01 -8.17
O2A CLA LK . 74.23 -35.47 -9.61
NB CLA LK . 75.03 -29.10 -14.70
C1B CLA LK . 75.96 -29.93 -15.25
C2B CLA LK . 76.11 -29.62 -16.70
C3B CLA LK . 75.10 -28.72 -17.00
C4B CLA LK . 74.58 -28.22 -15.70
CMB CLA LK . 77.32 -29.93 -17.44
CAB CLA LK . 74.54 -28.32 -18.26
CBB CLA LK . 75.19 -27.69 -19.23
NC CLA LK . 73.67 -27.10 -13.06
C1C CLA LK . 73.42 -26.57 -14.29
C2C CLA LK . 72.50 -25.45 -14.15
C3C CLA LK . 72.37 -25.22 -12.79
C4C CLA LK . 73.26 -26.16 -12.11
CMC CLA LK . 71.63 -24.97 -15.22
CAC CLA LK . 71.71 -24.07 -12.15
CBC CLA LK . 70.33 -24.42 -11.65
ND CLA LK . 74.56 -28.45 -10.76
C1D CLA LK . 73.90 -27.39 -10.08
C2D CLA LK . 74.25 -27.44 -8.66
C3D CLA LK . 75.09 -28.52 -8.51
C4D CLA LK . 75.35 -29.03 -9.86
CMD CLA LK . 74.06 -26.30 -7.79
CAD CLA LK . 75.58 -29.51 -7.57
OBD CLA LK . 75.58 -29.49 -6.35
CBD CLA LK . 76.37 -30.57 -8.40
CGD CLA LK . 77.82 -30.55 -8.03
O1D CLA LK . 78.68 -29.74 -8.38
O2D CLA LK . 78.19 -31.55 -7.20
CED CLA LK . 79.24 -31.29 -6.28
C1 CLA LK . 73.40 -36.00 -8.56
C2 CLA LK . 74.14 -37.13 -7.93
C3 CLA LK . 73.79 -37.67 -6.75
C4 CLA LK . 72.63 -37.19 -5.96
C5 CLA LK . 74.57 -38.80 -6.17
MG CLA MK . 62.97 -57.68 14.43
CHA CLA MK . 62.65 -61.07 15.03
CHB CLA MK . 59.61 -57.33 14.90
CHC CLA MK . 63.24 -54.37 13.59
CHD CLA MK . 66.12 -58.29 13.02
NA CLA MK . 61.46 -58.96 15.08
C1A CLA MK . 61.57 -60.32 15.39
C2A CLA MK . 60.30 -60.78 16.09
C3A CLA MK . 59.27 -59.72 15.67
C4A CLA MK . 60.14 -58.60 15.09
CMA CLA MK . 58.29 -60.23 14.65
CAA CLA MK . 60.52 -60.87 17.59
CBA CLA MK . 59.86 -59.76 18.38
CGA CLA MK . 60.24 -59.87 19.83
O1A CLA MK . 60.04 -60.80 20.61
O2A CLA MK . 60.89 -58.76 20.29
NB CLA MK . 61.69 -56.13 14.36
C1B CLA MK . 60.35 -56.19 14.55
C2B CLA MK . 59.80 -54.81 14.61
C3B CLA MK . 60.83 -53.96 14.25
C4B CLA MK . 62.01 -54.81 13.96
CMB CLA MK . 58.51 -54.51 15.23
CAB CLA MK . 60.86 -52.54 14.13
CBB CLA MK . 60.02 -51.81 13.40
NC CLA MK . 64.48 -56.51 13.60
C1C CLA MK . 64.41 -55.16 13.42
C2C CLA MK . 65.70 -54.66 12.97
C3C CLA MK . 66.53 -55.78 12.83
C4C CLA MK . 65.69 -56.95 13.04
CMC CLA MK . 66.03 -53.25 12.77
CAC CLA MK . 67.99 -55.79 12.71
CBC CLA MK . 68.44 -56.07 11.29
ND CLA MK . 64.26 -59.21 14.33
C1D CLA MK . 65.54 -59.32 13.74
C2D CLA MK . 66.02 -60.72 13.88
C3D CLA MK . 64.99 -61.41 14.49
C4D CLA MK . 63.85 -60.46 14.53
CMD CLA MK . 67.40 -61.14 13.64
CAD CLA MK . 64.57 -62.62 15.15
OBD CLA MK . 65.19 -63.67 15.27
CBD CLA MK . 63.03 -62.50 15.38
CGD CLA MK . 62.29 -63.52 14.57
O1D CLA MK . 62.75 -64.32 13.77
O2D CLA MK . 60.95 -63.53 14.79
CED CLA MK . 60.41 -64.61 15.56
MG CLA NK . 62.79 -58.35 -2.19
CHA CLA NK . 59.65 -59.09 -3.44
CHB CLA NK . 64.13 -60.73 -4.19
CHC CLA NK . 65.87 -57.75 -0.78
CHD CLA NK . 61.28 -56.50 0.39
NA CLA NK . 62.03 -59.51 -3.74
C1A CLA NK . 60.70 -59.63 -4.14
C2A CLA NK . 60.57 -60.66 -5.27
C3A CLA NK . 61.98 -61.31 -5.33
C4A CLA NK . 62.76 -60.55 -4.28
CMA CLA NK . 61.91 -62.78 -5.04
CAA CLA NK . 60.22 -59.99 -6.58
CBA CLA NK . 61.34 -59.17 -7.17
CGA CLA NK . 61.01 -57.73 -7.06
O1A CLA NK . 60.51 -57.15 -6.09
O2A CLA NK . 61.27 -57.01 -8.20
NB CLA NK . 64.66 -58.99 -2.53
C1B CLA NK . 65.01 -59.96 -3.41
C2B CLA NK . 66.48 -59.87 -3.66
C3B CLA NK . 66.99 -58.99 -2.73
C4B CLA NK . 65.83 -58.52 -1.91
CMB CLA NK . 67.13 -60.53 -4.77
CAB CLA NK . 68.35 -58.77 -2.33
CBB CLA NK . 68.99 -57.60 -2.42
NC CLA NK . 63.44 -57.31 -0.50
C1C CLA NK . 64.75 -57.09 -0.20
C2C CLA NK . 64.86 -55.86 0.57
C3C CLA NK . 63.56 -55.50 0.91
C4C CLA NK . 62.68 -56.52 0.36
CMC CLA NK . 66.12 -55.31 1.08
CAC CLA NK . 63.14 -54.38 1.78
CBC CLA NK . 62.65 -53.19 0.99
ND CLA NK . 60.93 -57.74 -1.69
C1D CLA NK . 60.44 -57.00 -0.59
C2D CLA NK . 58.99 -56.82 -0.75
C3D CLA NK . 58.64 -57.56 -1.86
C4D CLA NK . 59.87 -58.25 -2.31
CMD CLA NK . 58.12 -56.22 0.26
CAD CLA NK . 57.55 -58.04 -2.68
OBD CLA NK . 56.41 -57.60 -2.77
CBD CLA NK . 58.18 -58.95 -3.78
CGD CLA NK . 57.49 -60.28 -3.89
O1D CLA NK . 57.95 -61.40 -3.68
O2D CLA NK . 56.19 -60.19 -4.30
CED CLA NK . 55.88 -60.57 -5.64
C1 CLA NK . 62.50 -56.26 -8.26
C2 CLA NK . 62.25 -54.97 -7.57
C3 CLA NK . 63.05 -53.89 -7.64
C4 CLA NK . 64.29 -53.87 -8.46
C5 CLA NK . 62.68 -52.66 -6.88
C6 CLA NK . 63.85 -51.80 -6.43
C7 CLA NK . 63.39 -50.37 -6.24
C8 CLA NK . 64.15 -49.68 -5.13
C9 CLA NK . 63.86 -50.34 -3.79
C10 CLA NK . 63.79 -48.20 -5.06
C11 CLA NK . 64.64 -47.45 -4.06
MG CLA OK . 58.31 -55.71 24.13
CHA CLA OK . 56.43 -57.60 21.93
CHB CLA OK . 55.92 -56.24 26.50
CHC CLA OK . 59.58 -53.17 26.02
CHD CLA OK . 60.28 -54.63 21.42
NA CLA OK . 56.62 -56.92 24.24
C1A CLA OK . 56.10 -57.76 23.25
C2A CLA OK . 54.85 -58.49 23.75
C3A CLA OK . 54.53 -57.78 25.07
C4A CLA OK . 55.73 -56.85 25.28
CMA CLA OK . 53.23 -57.02 24.99
CAA CLA OK . 55.11 -59.98 23.95
CBA CLA OK . 56.47 -60.27 24.55
CGA CLA OK . 57.34 -60.91 23.53
O1A CLA OK . 58.51 -60.64 23.22
O2A CLA OK . 56.73 -61.95 22.89
NB CLA OK . 58.07 -55.12 26.04
C1B CLA OK . 56.99 -55.39 26.82
C2B CLA OK . 57.12 -54.71 28.13
C3B CLA OK . 58.23 -53.91 28.04
C4B CLA OK . 58.75 -54.04 26.65
CMB CLA OK . 56.41 -55.17 29.32
CAB CLA OK . 58.69 -52.89 28.95
CBB CLA OK . 59.92 -52.81 29.45
NC CLA OK . 59.90 -54.37 23.87
C1C CLA OK . 60.18 -53.36 24.74
C2C CLA OK . 61.35 -52.63 24.26
C3C CLA OK . 61.53 -53.02 22.94
C4C CLA OK . 60.58 -54.09 22.69
CMC CLA OK . 62.13 -51.68 25.05
CAC CLA OK . 62.44 -52.42 21.95
CBC CLA OK . 63.65 -53.27 21.67
ND CLA OK . 58.50 -56.12 22.16
C1D CLA OK . 59.26 -55.51 21.14
C2D CLA OK . 58.95 -56.16 19.85
C3D CLA OK . 57.95 -57.07 20.12
C4D CLA OK . 57.59 -56.86 21.54
CMD CLA OK . 59.71 -55.96 18.63
CAD CLA OK . 56.95 -57.94 19.55
OBD CLA OK . 56.82 -58.33 18.40
CBD CLA OK . 56.02 -58.40 20.72
CGD CLA OK . 54.57 -58.22 20.38
O1D CLA OK . 53.78 -57.39 20.83
O2D CLA OK . 54.12 -59.09 19.44
CED CLA OK . 52.89 -58.79 18.78
C1 CLA OK . 56.92 -63.26 23.44
MG CLA PK . 57.33 -51.01 15.80
CHA CLA PK . 56.96 -49.47 12.72
CHB CLA PK . 59.57 -48.61 16.69
CHC CLA PK . 57.57 -52.46 18.87
CHD CLA PK . 54.77 -53.26 14.95
NA CLA PK . 58.22 -49.41 14.79
C1A CLA PK . 57.86 -48.85 13.55
C2A CLA PK . 58.85 -47.75 13.15
C3A CLA PK . 59.87 -47.75 14.31
C4A CLA PK . 59.16 -48.61 15.36
CMA CLA PK . 61.19 -48.35 13.89
CAA CLA PK . 58.17 -46.40 13.04
CBA CLA PK . 58.84 -45.52 12.00
CGA CLA PK . 59.58 -44.41 12.67
O1A CLA PK . 59.18 -43.27 12.93
O2A CLA PK . 60.86 -44.75 13.03
NB CLA PK . 58.39 -50.62 17.46
C1B CLA PK . 59.16 -49.52 17.68
C2B CLA PK . 59.87 -49.67 18.98
C3B CLA PK . 59.25 -50.71 19.64
C4B CLA PK . 58.39 -51.39 18.63
CMB CLA PK . 61.20 -49.10 19.17
CAB CLA PK . 59.19 -51.05 21.02
CBB CLA PK . 59.49 -50.25 22.06
NC CLA PK . 56.25 -52.48 16.78
C1C CLA PK . 56.46 -52.87 18.07
C2C CLA PK . 55.44 -53.83 18.46
C3C CLA PK . 54.67 -54.10 17.34
C4C CLA PK . 55.16 -53.20 16.30
CMC CLA PK . 55.45 -54.58 19.71
CAC CLA PK . 53.95 -55.36 17.08
CBC CLA PK . 52.50 -55.32 17.43
ND CLA PK . 56.16 -51.40 14.20
C1D CLA PK . 55.07 -52.27 14.03
C2D CLA PK . 54.61 -52.17 12.63
C3D CLA PK . 55.23 -51.06 12.11
C4D CLA PK . 56.15 -50.57 13.16
CMD CLA PK . 53.95 -53.25 11.89
CAD CLA PK . 55.60 -50.39 10.89
OBD CLA PK . 55.44 -50.79 9.75
CBD CLA PK . 56.58 -49.25 11.27
CGD CLA PK . 57.79 -49.24 10.39
O1D CLA PK . 58.37 -48.26 9.91
O2D CLA PK . 58.29 -50.47 10.12
CED CLA PK . 59.71 -50.57 9.99
C1 CLA PK . 61.65 -43.75 13.68
C2 CLA PK . 62.31 -44.37 14.85
C3 CLA PK . 63.42 -45.12 14.77
C4 CLA PK . 64.12 -45.39 13.50
C5 CLA PK . 64.01 -45.71 16.01
C6 CLA PK . 64.28 -47.20 15.91
C7 CLA PK . 64.54 -47.77 17.29
C8 CLA PK . 65.20 -49.14 17.25
C9 CLA PK . 64.36 -50.13 16.47
C10 CLA PK . 65.45 -49.66 18.67
MG CLA QK . 73.35 -38.68 22.35
CHA CLA QK . 76.34 -37.64 20.98
CHB CLA QK . 71.77 -37.90 19.46
CHC CLA QK . 70.44 -39.85 23.71
CHD CLA QK . 74.86 -38.72 25.54
NA CLA QK . 74.01 -38.06 20.48
C1A CLA QK . 75.33 -37.79 20.07
C2A CLA QK . 75.35 -37.29 18.63
C3A CLA QK . 73.86 -37.22 18.23
C4A CLA QK . 73.14 -37.72 19.48
CMA CLA QK . 73.43 -35.82 17.88
CAA CLA QK . 76.14 -38.20 17.70
CBA CLA QK . 75.57 -39.60 17.56
CGA CLA QK . 76.57 -40.44 16.83
O1A CLA QK . 77.47 -40.06 16.07
O2A CLA QK . 76.43 -41.79 17.05
NB CLA QK . 71.50 -38.99 21.66
C1B CLA QK . 71.03 -38.56 20.45
C2B CLA QK . 69.59 -38.94 20.31
C3B CLA QK . 69.18 -39.38 21.54
C4B CLA QK . 70.38 -39.38 22.43
CMB CLA QK . 68.87 -38.82 19.05
CAB CLA QK . 67.88 -39.78 21.99
CBB CLA QK . 67.19 -40.83 21.54
NC CLA QK . 72.76 -39.15 24.30
C1C CLA QK . 71.54 -39.71 24.61
C2C CLA QK . 71.48 -39.97 26.04
C3C CLA QK . 72.73 -39.62 26.57
C4C CLA QK . 73.55 -39.19 25.44
CMC CLA QK . 70.37 -40.63 26.71
CAC CLA QK . 73.07 -39.45 27.99
CBC CLA QK . 73.88 -40.61 28.52
ND CLA QK . 75.16 -38.27 23.15
C1D CLA QK . 75.68 -38.47 24.46
C2D CLA QK . 77.13 -38.16 24.44
C3D CLA QK . 77.41 -37.73 23.15
C4D CLA QK . 76.16 -37.84 22.39
CMD CLA QK . 77.99 -38.13 25.62
CAD CLA QK . 78.47 -37.40 22.22
OBD CLA QK . 79.68 -37.50 22.39
CBD CLA QK . 77.81 -37.31 20.82
CGD CLA QK . 77.99 -35.95 20.20
O1D CLA QK . 78.39 -35.69 19.07
O2D CLA QK . 77.64 -34.93 21.01
CED CLA QK . 76.92 -33.85 20.42
C1 CLA QK . 77.58 -42.60 16.73
C2 CLA QK . 77.06 -43.97 16.42
C3 CLA QK . 77.76 -44.88 15.72
C4 CLA QK . 77.22 -46.22 15.43
C5 CLA QK . 79.12 -44.57 15.18
MG CLA RK . 70.75 -38.61 34.12
CHA CLA RK . 73.46 -38.54 36.25
CHB CLA RK . 72.36 -40.93 32.27
CHC CLA RK . 68.11 -38.64 32.00
CHD CLA RK . 69.45 -35.76 35.73
NA CLA RK . 72.43 -39.80 34.45
C1A CLA RK . 73.40 -39.64 35.45
C2A CLA RK . 74.50 -40.68 35.31
C3A CLA RK . 74.27 -41.22 33.88
C4A CLA RK . 72.87 -40.73 33.54
CMA CLA RK . 75.27 -40.67 32.90
CAA CLA RK . 74.34 -41.77 36.35
CBA CLA RK . 75.54 -41.83 37.27
CGA CLA RK . 76.80 -42.00 36.48
O1A CLA RK . 76.99 -42.67 35.47
O2A CLA RK . 77.85 -41.28 36.98
NB CLA RK . 70.29 -39.64 32.46
C1B CLA RK . 71.12 -40.49 31.81
C2B CLA RK . 70.32 -41.23 30.78
C3B CLA RK . 69.11 -40.56 30.66
C4B CLA RK . 69.13 -39.47 31.68
CMB CLA RK . 70.76 -42.50 30.21
CAB CLA RK . 68.14 -40.56 29.61
CBB CLA RK . 67.50 -41.63 29.12
NC CLA RK . 69.19 -37.28 33.77
C1C CLA RK . 68.21 -37.49 32.83
C2C CLA RK . 67.13 -36.55 33.04
C3C CLA RK . 67.38 -35.90 34.26
C4C CLA RK . 68.76 -36.24 34.60
CMC CLA RK . 65.90 -36.53 32.24
CAC CLA RK . 66.55 -34.89 34.91
CBC CLA RK . 65.72 -35.46 36.04
ND CLA RK . 71.21 -37.45 35.70
C1D CLA RK . 70.67 -36.23 36.17
C2D CLA RK . 71.46 -35.79 37.34
C3D CLA RK . 72.61 -36.56 37.33
C4D CLA RK . 72.34 -37.64 36.37
CMD CLA RK . 71.00 -34.82 38.34
CAD CLA RK . 73.87 -36.85 37.98
OBD CLA RK . 74.31 -36.39 39.04
CBD CLA RK . 74.46 -38.12 37.31
CGD CLA RK . 75.82 -37.86 36.71
O1D CLA RK . 76.85 -38.50 36.90
O2D CLA RK . 75.86 -36.79 35.87
CED CLA RK . 77.03 -36.60 35.08
MG CLA SK . 80.93 -41.08 23.55
CHA CLA SK . 83.79 -40.55 21.69
CHB CLA SK . 79.08 -40.89 20.71
CHC CLA SK . 78.13 -41.79 25.40
CHD CLA SK . 82.94 -41.96 26.31
NA CLA SK . 81.37 -40.58 21.58
C1A CLA SK . 82.63 -40.49 20.98
C2A CLA SK . 82.52 -40.59 19.46
C3A CLA SK . 81.03 -40.26 19.22
C4A CLA SK . 80.41 -40.52 20.60
CMA CLA SK . 80.82 -38.83 18.77
CAA CLA SK . 82.85 -41.99 18.99
CBA CLA SK . 83.96 -41.99 17.97
CGA CLA SK . 84.36 -43.39 17.63
O1A CLA SK . 85.36 -43.77 17.00
O2A CLA SK . 83.50 -44.33 18.10
NB CLA SK . 78.95 -41.19 23.15
C1B CLA SK . 78.41 -41.13 21.91
C2B CLA SK . 76.93 -41.28 22.03
C3B CLA SK . 76.67 -41.73 23.29
C4B CLA SK . 77.96 -41.64 24.05
CMB CLA SK . 76.05 -41.27 20.86
CAB CLA SK . 75.40 -41.88 23.96
CBB CLA SK . 74.96 -42.98 24.56
NC CLA SK . 80.60 -41.69 25.51
C1C CLA SK . 79.37 -41.76 26.09
C2C CLA SK . 79.49 -42.01 27.53
C3C CLA SK . 80.86 -42.07 27.80
C4C CLA SK . 81.55 -41.90 26.51
CMC CLA SK . 78.38 -42.31 28.42
CAC CLA SK . 81.49 -42.36 29.09
CBC CLA SK . 81.80 -43.83 29.25
ND CLA SK . 82.89 -41.11 24.01
C1D CLA SK . 83.59 -41.54 25.18
C2D CLA SK . 85.04 -41.32 24.96
C3D CLA SK . 85.18 -40.96 23.63
C4D CLA SK . 83.82 -40.96 23.06
CMD CLA SK . 86.03 -41.28 26.03
CAD CLA SK . 86.06 -40.40 22.63
OBD CLA SK . 87.26 -40.15 22.70
CBD CLA SK . 85.23 -40.27 21.32
CGD CLA SK . 85.38 -38.91 20.70
O1D CLA SK . 84.58 -37.98 20.73
O2D CLA SK . 86.55 -38.74 20.02
CED CLA SK . 86.83 -37.45 19.47
C1 CLA SK . 83.20 -45.43 17.21
MG CLA TK . 57.96 -30.90 36.40
CHA CLA TK . 58.11 -27.60 37.43
CHB CLA TK . 61.19 -31.24 37.42
CHC CLA TK . 58.17 -33.86 34.76
CHD CLA TK . 54.96 -30.19 34.72
NA CLA TK . 59.31 -29.67 37.40
C1A CLA TK . 59.05 -28.42 37.96
C2A CLA TK . 60.05 -28.08 39.05
C3A CLA TK . 61.17 -29.12 38.79
C4A CLA TK . 60.50 -30.14 37.87
CMA CLA TK . 62.35 -28.50 38.09
CAA CLA TK . 59.43 -28.19 40.44
CBA CLA TK . 58.57 -29.41 40.66
CGA CLA TK . 57.11 -29.06 40.62
O1A CLA TK . 56.44 -28.44 41.44
O2A CLA TK . 56.49 -29.49 39.48
NB CLA TK . 59.28 -32.42 36.42
C1B CLA TK . 60.59 -32.32 36.74
C2B CLA TK . 61.24 -33.65 36.61
C3B CLA TK . 60.26 -34.49 36.11
C4B CLA TK . 59.10 -33.64 35.73
CMB CLA TK . 62.46 -33.99 37.32
CAB CLA TK . 60.37 -35.90 35.80
CBB CLA TK . 59.43 -36.81 36.01
NC CLA TK . 56.63 -31.97 35.22
C1C CLA TK . 56.93 -33.17 34.64
C2C CLA TK . 55.73 -33.68 34.00
C3C CLA TK . 54.89 -32.57 33.83
C4C CLA TK . 55.44 -31.52 34.66
CMC CLA TK . 55.35 -35.08 33.96
CAC CLA TK . 53.79 -32.43 32.87
CBC CLA TK . 52.44 -32.57 33.52
ND CLA TK . 56.69 -29.34 36.22
C1D CLA TK . 55.59 -29.14 35.35
C2D CLA TK . 55.09 -27.76 35.53
C3D CLA TK . 55.99 -27.13 36.36
C4D CLA TK . 57.03 -28.13 36.65
CMD CLA TK . 53.75 -27.33 35.12
CAD CLA TK . 56.30 -25.95 37.15
OBD CLA TK . 55.53 -25.11 37.59
CBD CLA TK . 57.72 -26.17 37.76
CGD CLA TK . 58.72 -25.18 37.24
O1D CLA TK . 59.81 -25.41 36.71
O2D CLA TK . 58.33 -23.89 37.39
CED CLA TK . 59.33 -22.87 37.22
C1 CLA TK . 56.04 -30.87 39.43
C2 CLA TK . 54.75 -30.84 38.70
C3 CLA TK . 54.18 -31.89 38.09
C4 CLA TK . 52.90 -31.75 37.38
C5 CLA TK . 54.80 -33.25 38.07
C6 CLA TK . 53.79 -34.35 38.37
C7 CLA TK . 53.97 -35.52 37.43
C8 CLA TK . 52.77 -36.46 37.45
C9 CLA TK . 53.22 -37.90 37.49
C10 CLA TK . 51.87 -36.24 36.25
MG CLA UK . 55.72 -27.80 25.80
CHA CLA UK . 56.40 -26.17 22.85
CHB CLA UK . 58.18 -26.03 27.32
CHC CLA UK . 55.43 -29.84 28.54
CHD CLA UK . 53.20 -29.65 24.17
NA CLA UK . 57.11 -26.38 25.15
C1A CLA UK . 57.25 -25.85 23.87
C2A CLA UK . 58.26 -24.72 23.89
C3A CLA UK . 59.05 -25.01 25.19
C4A CLA UK . 58.13 -25.96 25.94
CMA CLA UK . 60.40 -25.64 24.91
CAA CLA UK . 57.55 -23.37 23.90
CBA CLA UK . 57.98 -22.47 25.03
CGA CLA UK . 56.91 -22.42 26.08
O1A CLA UK . 56.67 -21.51 26.87
O2A CLA UK . 56.14 -23.54 26.15
NB CLA UK . 56.49 -27.78 27.66
C1B CLA UK . 57.41 -26.90 28.12
C2B CLA UK . 57.83 -27.30 29.48
C3B CLA UK . 57.06 -28.39 29.82
C4B CLA UK . 56.34 -28.82 28.61
CMB CLA UK . 59.09 -26.84 30.04
CAB CLA UK . 56.66 -28.87 31.12
CBB CLA UK . 56.46 -28.09 32.19
NC CLA UK . 54.40 -29.32 26.33
C1C CLA UK . 54.50 -30.05 27.48
C2C CLA UK . 53.38 -30.99 27.55
C3C CLA UK . 52.68 -30.86 26.35
C4C CLA UK . 53.40 -29.89 25.54
CMC CLA UK . 53.01 -31.75 28.75
CAC CLA UK . 51.55 -31.69 25.91
CBC CLA UK . 52.02 -32.97 25.25
ND CLA UK . 54.95 -27.95 23.95
C1D CLA UK . 53.87 -28.71 23.43
C2D CLA UK . 53.51 -28.14 22.11
C3D CLA UK . 54.50 -27.23 21.79
C4D CLA UK . 55.33 -27.09 23.01
CMD CLA UK . 52.48 -28.71 21.24
CAD CLA UK . 55.28 -26.65 20.72
OBD CLA UK . 55.16 -26.78 19.51
CBD CLA UK . 56.40 -25.80 21.39
CGD CLA UK . 57.74 -26.03 20.76
O1D CLA UK . 58.46 -27.02 20.86
O2D CLA UK . 58.19 -24.99 20.00
CED CLA UK . 58.41 -25.23 18.61
C1 CLA UK . 55.21 -23.60 27.26
C2 CLA UK . 54.51 -24.90 27.20
C3 CLA UK . 53.23 -25.06 27.58
C4 CLA UK . 52.42 -23.93 28.10
C5 CLA UK . 52.56 -26.38 27.51
C6 CLA UK . 52.35 -26.97 28.89
C7 CLA UK . 51.16 -27.91 28.91
C8 CLA UK . 51.12 -28.74 30.19
C9 CLA UK . 49.90 -29.63 30.20
MG CLA VK . 60.92 -33.04 20.21
CHA CLA VK . 63.75 -31.31 19.24
CHB CLA VK . 59.26 -30.09 20.45
CHC CLA VK . 58.05 -34.76 20.56
CHD CLA VK . 62.67 -36.06 19.87
NA CLA VK . 61.46 -31.04 19.97
C1A CLA VK . 62.60 -30.56 19.33
C2A CLA VK . 62.47 -29.07 19.06
C3A CLA VK . 61.26 -28.66 19.94
C4A CLA VK . 60.64 -30.01 20.32
CMA CLA VK . 61.69 -27.89 21.17
CAA CLA VK . 62.23 -28.79 17.58
CBA CLA VK . 61.20 -29.66 16.92
CGA CLA VK . 59.83 -29.05 16.94
O1A CLA VK . 59.50 -27.88 16.84
O2A CLA VK . 58.85 -29.98 17.11
NB CLA VK . 59.03 -32.50 20.61
C1B CLA VK . 58.51 -31.28 20.42
C2B CLA VK . 57.06 -31.31 20.73
C3B CLA VK . 56.74 -32.61 21.05
C4B CLA VK . 57.95 -33.41 20.67
CMB CLA VK . 56.24 -30.10 20.75
CAB CLA VK . 55.49 -33.22 21.40
CBB CLA VK . 54.69 -32.83 22.39
NC CLA VK . 60.51 -35.04 20.59
C1C CLA VK . 59.23 -35.52 20.75
C2C CLA VK . 59.27 -36.96 20.80
C3C CLA VK . 60.52 -37.34 20.35
C4C CLA VK . 61.33 -36.13 20.33
CMC CLA VK . 58.08 -37.79 21.00
CAC CLA VK . 61.02 -38.72 20.20
CBC CLA VK . 60.93 -39.23 18.79
ND CLA VK . 62.79 -33.62 19.72
C1D CLA VK . 63.31 -34.91 19.48
C2D CLA VK . 64.64 -34.76 18.82
C3D CLA VK . 64.88 -33.40 18.77
C4D CLA VK . 63.70 -32.73 19.36
CMD CLA VK . 65.52 -35.87 18.51
CAD CLA VK . 65.76 -32.35 18.28
OBD CLA VK . 66.84 -32.45 17.71
CBD CLA VK . 65.10 -30.98 18.63
CGD CLA VK . 65.98 -30.18 19.54
O1D CLA VK . 67.20 -30.20 19.61
O2D CLA VK . 65.31 -29.30 20.35
CED CLA VK . 65.92 -28.03 20.57
C1 CLA VK . 57.47 -29.55 17.02
C2 CLA VK . 56.68 -30.81 17.14
C3 CLA VK . 55.35 -30.86 17.31
C4 CLA VK . 54.52 -29.64 17.39
C5 CLA VK . 54.65 -32.17 17.41
C6 CLA VK . 55.53 -33.33 16.98
C7 CLA VK . 54.89 -34.70 17.11
C8 CLA VK . 54.45 -35.08 18.51
C9 CLA VK . 55.18 -36.32 18.96
C10 CLA VK . 52.95 -35.31 18.57
C11 CLA VK . 52.45 -35.20 19.97
C12 CLA VK . 51.06 -34.61 20.01
C13 CLA VK . 50.59 -34.41 21.44
C14 CLA VK . 49.59 -35.49 21.81
C15 CLA VK . 50.00 -33.03 21.64
MG CLA WK . 55.90 -51.38 31.59
CHA CLA WK . 53.11 -53.20 30.60
CHB CLA WK . 54.68 -51.43 34.75
CHC CLA WK . 57.79 -48.68 32.46
CHD CLA WK . 56.21 -50.32 28.29
NA CLA WK . 54.40 -52.48 32.54
C1A CLA WK . 53.37 -53.24 31.94
C2A CLA WK . 52.39 -53.75 32.99
C3A CLA WK . 52.72 -52.87 34.22
C4A CLA WK . 54.10 -52.32 33.87
CMA CLA WK . 51.74 -51.75 34.42
CAA CLA WK . 52.55 -55.24 33.28
CBA CLA WK . 53.95 -55.77 33.01
CGA CLA WK . 54.10 -57.14 33.57
O1A CLA WK . 53.51 -57.66 34.52
O2A CLA WK . 55.02 -57.89 32.88
NB CLA WK . 56.53 -50.60 33.35
C1B CLA WK . 55.88 -50.75 34.53
C2B CLA WK . 56.51 -49.87 35.56
C3B CLA WK . 57.46 -49.14 34.93
C4B CLA WK . 57.35 -49.46 33.48
CMB CLA WK . 56.32 -50.09 36.99
CAB CLA WK . 58.17 -47.97 35.40
CBB CLA WK . 59.49 -47.83 35.39
NC CLA WK . 57.21 -50.14 30.54
C1C CLA WK . 57.93 -49.12 31.12
C2C CLA WK . 58.67 -48.39 30.10
C3C CLA WK . 58.18 -48.84 28.87
C4C CLA WK . 57.14 -49.82 29.19
CMC CLA WK . 59.78 -47.47 30.36
CAC CLA WK . 58.71 -48.52 27.53
CBC CLA WK . 59.50 -49.66 26.94
ND CLA WK . 55.20 -51.97 29.78
C1D CLA WK . 55.49 -51.48 28.49
C2D CLA WK . 54.57 -52.12 27.52
C3D CLA WK . 53.67 -52.84 28.28
C4D CLA WK . 54.01 -52.55 29.68
CMD CLA WK . 54.47 -51.71 26.12
CAD CLA WK . 52.75 -53.95 28.28
OBD CLA WK . 52.24 -54.53 27.34
CBD CLA WK . 52.22 -54.07 29.74
CGD CLA WK . 50.76 -53.71 29.83
O1D CLA WK . 49.81 -54.47 30.00
O2D CLA WK . 50.51 -52.38 29.69
CED CLA WK . 49.15 -51.95 29.84
C1 CLA WK . 56.41 -57.69 33.26
MG CLA XK . 46.12 -41.37 22.81
CHA CLA XK . 42.86 -42.44 22.51
CHB CLA XK . 46.33 -41.45 19.45
CHC CLA XK . 49.07 -39.65 22.99
CHD CLA XK . 45.53 -40.72 26.23
NA CLA XK . 44.93 -42.17 21.30
C1A CLA XK . 43.53 -42.27 21.33
C2A CLA XK . 42.98 -42.65 19.95
C3A CLA XK . 44.28 -42.90 19.14
C4A CLA XK . 45.36 -42.26 20.01
CMA CLA XK . 44.48 -44.38 18.96
CAA CLA XK . 42.11 -41.55 19.36
CBA CLA XK . 42.60 -40.15 19.70
CGA CLA XK . 41.44 -39.22 19.79
O1A CLA XK . 40.71 -38.98 20.76
O2A CLA XK . 41.18 -38.58 18.61
NB CLA XK . 47.58 -40.94 21.50
C1B CLA XK . 47.45 -40.99 20.15
C2B CLA XK . 48.75 -40.62 19.53
C3B CLA XK . 49.46 -39.96 20.52
C4B CLA XK . 48.69 -40.12 21.78
CMB CLA XK . 49.28 -41.28 18.34
CAB CLA XK . 50.79 -39.41 20.49
CBB CLA XK . 51.29 -38.63 19.54
NC CLA XK . 47.15 -40.44 24.37
C1C CLA XK . 48.34 -39.78 24.22
C2C CLA XK . 48.62 -38.98 25.40
C3C CLA XK . 47.62 -39.28 26.32
C4C CLA XK . 46.68 -40.17 25.66
CMC CLA XK . 49.81 -38.16 25.58
CAC CLA XK . 47.70 -39.07 27.79
CBC CLA XK . 46.79 -37.97 28.26
ND CLA XK . 44.65 -41.68 24.17
C1D CLA XK . 44.51 -41.30 25.52
C2D CLA XK . 43.07 -41.35 25.89
C3D CLA XK . 42.44 -41.96 24.82
C4D CLA XK . 43.46 -42.08 23.76
CMD CLA XK . 42.54 -40.88 27.16
CAD CLA XK . 41.27 -42.71 24.35
OBD CLA XK . 40.17 -42.79 24.88
CBD CLA XK . 41.49 -42.97 22.84
CGD CLA XK . 41.37 -44.42 22.46
O1D CLA XK . 42.29 -45.25 22.34
O2D CLA XK . 40.09 -44.84 22.25
CED CLA XK . 39.88 -45.75 21.17
C1 CLA XK . 41.80 -37.29 18.42
C2 CLA XK . 41.17 -36.75 17.19
C3 CLA XK . 41.66 -35.74 16.47
C4 CLA XK . 42.90 -35.03 16.87
C5 CLA XK . 40.97 -35.26 15.25
C6 CLA XK . 40.41 -36.38 14.39
C7 CLA XK . 39.79 -35.81 13.14
C8 CLA XK . 39.57 -36.86 12.04
C9 CLA XK . 40.84 -37.64 11.76
C10 CLA XK . 39.06 -36.23 10.75
C11 CLA XK . 37.80 -35.43 10.95
C12 CLA XK . 36.59 -36.12 10.35
C13 CLA XK . 36.57 -35.98 8.83
C14 CLA XK . 36.26 -34.56 8.42
C15 CLA XK . 35.54 -36.92 8.20
C16 CLA XK . 35.73 -38.35 8.68
C17 CLA XK . 34.60 -39.25 8.22
C18 CLA XK . 34.70 -39.57 6.74
C19 CLA XK . 35.99 -40.28 6.43
C20 CLA XK . 33.54 -40.43 6.33
MG CLA YK . 41.67 -45.81 32.26
CHA CLA YK . 40.76 -48.85 33.63
CHB CLA YK . 38.39 -44.92 32.18
CHC CLA YK . 42.56 -42.89 30.70
CHD CLA YK . 44.92 -47.07 31.77
NA CLA YK . 39.91 -46.71 32.92
C1A CLA YK . 39.78 -47.89 33.66
C2A CLA YK . 38.33 -48.11 34.07
C3A CLA YK . 37.56 -47.04 33.27
C4A CLA YK . 38.67 -46.19 32.65
CMA CLA YK . 36.69 -47.66 32.21
CAA CLA YK . 38.16 -47.94 35.57
CBA CLA YK . 38.87 -46.72 36.14
CGA CLA YK . 37.91 -45.57 36.27
O1A CLA YK . 36.87 -45.53 36.93
O2A CLA YK . 38.28 -44.46 35.58
NB CLA YK . 40.68 -44.16 31.68
C1B CLA YK . 39.33 -44.04 31.62
C2B CLA YK . 38.98 -42.68 31.13
C3B CLA YK . 40.16 -42.09 30.71
C4B CLA YK . 41.23 -43.09 30.93
CMB CLA YK . 37.66 -42.10 31.37
CAB CLA YK . 40.45 -40.74 30.34
CBB CLA YK . 39.80 -40.01 29.43
NC CLA YK . 43.46 -45.07 31.50
C1C CLA YK . 43.60 -43.82 30.96
C2C CLA YK . 45.01 -43.63 30.59
C3C CLA YK . 45.68 -44.76 31.06
C4C CLA YK . 44.67 -45.74 31.37
CMC CLA YK . 45.56 -42.38 30.09
CAC CLA YK . 47.12 -44.91 31.29
CBC CLA YK . 47.50 -44.64 32.73
ND CLA YK . 42.69 -47.50 32.68
C1D CLA YK . 44.01 -47.90 32.36
C2D CLA YK . 44.21 -49.28 32.88
C3D CLA YK . 42.95 -49.75 33.16
C4D CLA YK . 42.05 -48.59 33.08
CMD CLA YK . 45.49 -49.99 32.81
CAD CLA YK . 42.16 -50.87 33.65
OBD CLA YK . 42.48 -52.04 33.81
CBD CLA YK . 40.74 -50.32 33.98
CGD CLA YK . 39.67 -51.06 33.22
O1D CLA YK . 38.50 -51.24 33.55
O2D CLA YK . 40.09 -51.58 32.03
CED CLA YK . 39.13 -51.71 30.99
C1 CLA YK . 39.58 -43.89 35.86
C2 CLA YK . 39.61 -42.52 35.27
C3 CLA YK . 40.74 -41.90 34.91
C4 CLA YK . 42.07 -42.51 35.07
C5 CLA YK . 40.69 -40.53 34.33
MG CLA ZK . 34.41 -41.15 27.54
CHA CLA ZK . 34.27 -44.41 28.71
CHB CLA ZK . 31.02 -40.96 27.89
CHC CLA ZK . 34.36 -38.25 25.73
CHD CLA ZK . 37.79 -41.63 26.70
NA CLA ZK . 32.96 -42.41 28.35
C1A CLA ZK . 33.15 -43.66 28.94
C2A CLA ZK . 31.85 -44.17 29.54
C3A CLA ZK . 30.80 -43.27 28.87
C4A CLA ZK . 31.62 -42.18 28.18
CMA CLA ZK . 29.98 -44.05 27.87
CAA CLA ZK . 31.86 -44.08 31.06
CBA CLA ZK . 32.10 -42.68 31.60
CGA CLA ZK . 33.50 -42.55 32.10
O1A CLA ZK . 34.00 -43.06 33.10
O2A CLA ZK . 34.29 -41.74 31.33
NB CLA ZK . 33.04 -39.73 27.17
C1B CLA ZK . 31.71 -39.82 27.43
C2B CLA ZK . 31.08 -38.50 27.17
C3B CLA ZK . 32.00 -37.75 26.48
C4B CLA ZK . 33.26 -38.53 26.47
CMB CLA ZK . 29.66 -38.23 27.44
CAB CLA ZK . 31.86 -36.52 25.75
CBB CLA ZK . 31.56 -35.34 26.29
NC CLA ZK . 35.88 -40.03 26.56
C1C CLA ZK . 35.60 -38.96 25.76
C2C CLA ZK . 36.83 -38.44 25.22
C3C CLA ZK . 37.83 -39.39 25.48
C4C CLA ZK . 37.19 -40.43 26.28
CMC CLA ZK . 36.94 -37.15 24.52
CAC CLA ZK . 39.09 -39.52 24.76
CBC CLA ZK . 40.19 -38.67 25.35
ND CLA ZK . 35.81 -42.59 27.76
C1D CLA ZK . 37.13 -42.70 27.29
C2D CLA ZK . 37.63 -44.05 27.58
C3D CLA ZK . 36.62 -44.71 28.24
C4D CLA ZK . 35.47 -43.80 28.20
CMD CLA ZK . 39.03 -44.45 27.51
CAD CLA ZK . 36.18 -45.94 28.86
OBD CLA ZK . 36.76 -47.02 28.88
CBD CLA ZK . 34.65 -45.81 29.11
CGD CLA ZK . 33.89 -46.85 28.35
O1D CLA ZK . 34.26 -47.46 27.34
O2D CLA ZK . 32.65 -47.13 28.86
CED CLA ZK . 31.88 -48.15 28.24
C1 CLA ZK . 33.92 -40.35 31.24
C2 CLA ZK . 35.05 -39.67 30.57
C3 CLA ZK . 35.02 -38.39 30.16
C4 CLA ZK . 33.83 -37.53 30.34
C5 CLA ZK . 36.20 -37.77 29.50
MG CLA AL . 34.17 -40.03 16.60
CHA CLA AL . 36.64 -41.13 18.77
CHB CLA AL . 32.91 -38.06 19.07
CHC CLA AL . 31.85 -38.84 14.39
CHD CLA AL . 35.44 -42.18 14.14
NA CLA AL . 34.70 -39.70 18.60
C1A CLA AL . 35.84 -40.16 19.28
C2A CLA AL . 35.88 -39.60 20.70
C3A CLA AL . 34.56 -38.80 20.82
C4A CLA AL . 33.95 -38.91 19.42
CMA CLA AL . 33.63 -39.35 21.86
CAA CLA AL . 37.10 -38.72 20.91
CBA CLA AL . 36.81 -37.24 20.79
CGA CLA AL . 37.81 -36.63 19.87
O1A CLA AL . 38.63 -37.21 19.16
O2A CLA AL . 37.76 -35.26 19.83
NB CLA AL . 32.66 -38.72 16.71
C1B CLA AL . 32.21 -38.12 17.84
C2B CLA AL . 31.05 -37.24 17.53
C3B CLA AL . 30.83 -37.36 16.17
C4B CLA AL . 31.75 -38.42 15.68
CMB CLA AL . 30.50 -36.29 18.47
CAB CLA AL . 29.70 -36.92 15.39
CBB CLA AL . 28.45 -37.32 15.60
NC CLA AL . 33.63 -40.55 14.66
C1C CLA AL . 32.74 -39.85 13.91
C2C CLA AL . 32.76 -40.33 12.54
C3C CLA AL . 33.62 -41.43 12.52
C4C CLA AL . 34.26 -41.47 13.83
CMC CLA AL . 32.18 -39.62 11.40
CAC CLA AL . 34.04 -42.19 11.35
CBC CLA AL . 33.07 -43.26 10.95
ND CLA AL . 35.60 -41.45 16.46
C1D CLA AL . 35.96 -42.32 15.40
C2D CLA AL . 37.18 -43.06 15.80
C3D CLA AL . 37.47 -42.67 17.09
C4D CLA AL . 36.51 -41.61 17.42
CMD CLA AL . 37.92 -43.96 14.91
CAD CLA AL . 38.24 -42.94 18.28
OBD CLA AL . 39.26 -43.60 18.40
CBD CLA AL . 37.67 -42.03 19.41
CGD CLA AL . 37.07 -42.83 20.53
O1D CLA AL . 35.98 -43.42 20.55
O2D CLA AL . 37.85 -42.92 21.64
CED CLA AL . 37.40 -42.22 22.81
C1 CLA AL . 38.16 -34.63 18.60
C2 CLA AL . 37.37 -33.38 18.50
C3 CLA AL . 37.36 -32.58 17.42
C4 CLA AL . 36.54 -31.34 17.41
C5 CLA AL . 38.17 -32.88 16.21
C6 CLA AL . 37.54 -32.42 14.91
C7 CLA AL . 36.64 -33.49 14.34
C8 CLA AL . 35.54 -32.90 13.47
C9 CLA AL . 34.46 -33.94 13.22
C10 CLA AL . 36.12 -32.39 12.16
C11 CLA AL . 35.07 -32.02 11.14
C12 CLA AL . 34.93 -30.52 11.04
C13 CLA AL . 33.57 -29.94 11.44
C14 CLA AL . 33.78 -28.84 12.43
C15 CLA AL . 32.57 -30.97 11.99
MG CLA BL . 45.63 -44.27 15.22
CHA CLA BL . 49.09 -44.34 15.29
CHB CLA BL . 45.78 -40.90 15.00
CHC CLA BL . 42.24 -44.14 15.70
CHD CLA BL . 45.60 -47.68 16.08
NA CLA BL . 47.18 -42.91 14.90
C1A CLA BL . 48.56 -43.15 14.86
C2A CLA BL . 49.31 -41.86 14.50
C3A CLA BL . 48.20 -40.82 14.33
C4A CLA BL . 46.93 -41.59 14.68
CMA CLA BL . 48.37 -39.60 15.19
CAA CLA BL . 50.11 -42.00 13.21
CBA CLA BL . 51.01 -40.82 12.92
CGA CLA BL . 52.21 -41.25 12.14
O1A CLA BL . 53.14 -40.57 11.72
O2A CLA BL . 52.25 -42.59 11.90
NB CLA BL . 44.26 -42.80 15.25
C1B CLA BL . 44.56 -41.49 15.37
C2B CLA BL . 43.30 -40.71 15.52
C3B CLA BL . 42.28 -41.62 15.74
C4B CLA BL . 42.92 -42.96 15.67
CMB CLA BL . 43.31 -39.27 15.65
CAB CLA BL . 40.86 -41.47 15.64
CBB CLA BL . 40.11 -40.58 16.29
NC CLA BL . 44.17 -45.69 15.64
C1C CLA BL . 42.83 -45.42 15.79
C2C CLA BL . 42.15 -46.59 16.32
C3C CLA BL . 43.06 -47.64 16.23
C4C CLA BL . 44.36 -47.04 15.96
CMC CLA BL . 40.88 -46.55 17.04
CAC CLA BL . 42.84 -49.01 16.71
CBC CLA BL . 42.58 -49.97 15.59
ND CLA BL . 46.96 -45.77 15.34
C1D CLA BL . 46.81 -47.13 15.76
C2D CLA BL . 48.14 -47.77 15.74
C3D CLA BL . 49.05 -46.76 15.52
C4D CLA BL . 48.27 -45.52 15.34
CMD CLA BL . 48.39 -49.08 16.33
CAD CLA BL . 50.42 -46.37 15.74
OBD CLA BL . 51.24 -46.91 16.46
CBD CLA BL . 50.51 -44.86 15.39
CGD CLA BL . 51.34 -44.13 16.41
O1D CLA BL . 51.12 -43.99 17.62
O2D CLA BL . 52.47 -43.57 15.90
CED CLA BL . 53.64 -43.54 16.72
C1 CLA BL . 53.49 -43.25 12.21
C2 CLA BL . 53.27 -44.67 11.84
C3 CLA BL . 53.81 -45.70 12.51
C4 CLA BL . 54.65 -45.51 13.70
C5 CLA BL . 53.56 -47.11 12.08
C6 CLA BL . 52.33 -47.25 11.20
C7 CLA BL . 51.82 -48.68 11.22
C8 CLA BL . 50.31 -48.78 11.17
C9 CLA BL . 49.65 -47.85 12.16
C10 CLA BL . 49.93 -50.23 11.44
C11 CLA BL . 48.50 -50.48 11.89
C12 CLA BL . 47.64 -51.01 10.76
C13 CLA BL . 47.03 -52.37 11.08
C14 CLA BL . 48.11 -53.39 11.31
C15 CLA BL . 46.09 -52.79 9.95
C16 CLA BL . 45.81 -54.28 9.90
C17 CLA BL . 45.23 -54.70 8.56
MG CLA CL . 43.56 -28.06 8.61
CHA CLA CL . 44.97 -25.49 10.47
CHB CLA CL . 41.78 -29.02 11.33
CHC CLA CL . 41.70 -30.07 6.58
CHD CLA CL . 45.44 -26.99 5.83
NA CLA CL . 43.47 -27.40 10.59
C1A CLA CL . 44.08 -26.28 11.15
C2A CLA CL . 43.48 -25.98 12.51
C3A CLA CL . 42.88 -27.36 12.89
C4A CLA CL . 42.63 -27.96 11.51
CMA CLA CL . 43.85 -28.18 13.69
CAA CLA CL . 42.42 -24.91 12.35
CBA CLA CL . 41.73 -24.61 13.65
CGA CLA CL . 41.19 -23.22 13.60
O1A CLA CL . 41.54 -22.29 12.87
O2A CLA CL . 40.18 -23.00 14.49
NB CLA CL . 42.03 -29.32 8.90
C1B CLA CL . 41.39 -29.53 10.08
C2B CLA CL . 40.09 -30.19 9.82
C3B CLA CL . 40.09 -30.56 8.49
C4B CLA CL . 41.36 -30.05 7.91
CMB CLA CL . 39.23 -30.66 10.92
CAB CLA CL . 39.21 -31.44 7.76
CBB CLA CL . 37.88 -31.38 7.73
NC CLA CL . 43.65 -28.54 6.59
C1C CLA CL . 42.68 -29.26 5.94
C2C CLA CL . 43.00 -29.33 4.53
C3C CLA CL . 44.05 -28.44 4.31
C4C CLA CL . 44.38 -27.87 5.61
CMC CLA CL . 42.14 -29.93 3.52
CAC CLA CL . 44.51 -27.90 3.03
CBC CLA CL . 45.76 -28.57 2.55
ND CLA CL . 45.01 -26.71 8.23
C1D CLA CL . 45.69 -26.37 7.03
C2D CLA CL . 46.53 -25.18 7.28
C3D CLA CL . 46.31 -24.82 8.59
C4D CLA CL . 45.38 -25.82 9.14
CMD CLA CL . 47.61 -24.75 6.39
CAD CLA CL . 46.81 -24.05 9.72
OBD CLA CL . 47.87 -23.47 9.82
CBD CLA CL . 46.02 -24.54 10.97
CGD CLA CL . 46.93 -25.20 11.94
O1D CLA CL . 47.08 -26.41 12.14
O2D CLA CL . 47.67 -24.33 12.67
CED CLA CL . 48.65 -24.86 13.55
C1 CLA CL . 40.03 -21.65 14.94
C2 CLA CL . 40.00 -21.68 16.42
C3 CLA CL . 38.86 -21.82 17.13
C4 CLA CL . 37.53 -21.93 16.50
C5 CLA CL . 38.93 -21.84 18.62
C6 CLA CL . 38.04 -22.89 19.27
C7 CLA CL . 37.73 -22.50 20.70
C8 CLA CL . 38.25 -23.51 21.72
C9 CLA CL . 37.57 -23.26 23.06
C10 CLA CL . 39.76 -23.44 21.88
MG CLA DL . 49.20 -23.47 18.92
CHA CLA DL . 46.64 -24.85 17.09
CHB CLA DL . 48.92 -25.96 21.18
CHC CLA DL . 51.83 -22.11 20.62
CHD CLA DL . 49.72 -21.13 16.33
NA CLA DL . 48.11 -25.24 18.97
C1A CLA DL . 47.10 -25.65 18.10
C2A CLA DL . 46.39 -26.87 18.66
C3A CLA DL . 46.78 -26.82 20.15
C4A CLA DL . 48.09 -26.05 20.08
CMA CLA DL . 45.76 -26.09 20.97
CAA CLA DL . 46.90 -28.14 17.99
CBA CLA DL . 45.79 -28.85 17.25
CGA CLA DL . 45.73 -30.29 17.66
O1A CLA DL . 45.20 -30.79 18.65
O2A CLA DL . 46.39 -31.11 16.78
NB CLA DL . 50.12 -23.89 20.65
C1B CLA DL . 49.98 -25.05 21.33
C2B CLA DL . 50.98 -25.13 22.42
C3B CLA DL . 51.78 -24.00 22.31
C4B CLA DL . 51.29 -23.25 21.11
CMB CLA DL . 50.88 -26.11 23.50
CAB CLA DL . 52.74 -23.44 23.21
CBB CLA DL . 53.80 -24.08 23.71
NC CLA DL . 50.36 -21.75 18.65
C1C CLA DL . 51.34 -21.36 19.51
C2C CLA DL . 51.99 -20.16 18.99
C3C CLA DL . 51.43 -19.93 17.73
C4C CLA DL . 50.54 -21.04 17.46
CMC CLA DL . 53.16 -19.53 19.60
CAC CLA DL . 51.75 -18.86 16.78
CBC CLA DL . 50.88 -17.63 16.93
ND CLA DL . 48.42 -23.04 17.11
C1D CLA DL . 48.65 -22.00 16.20
C2D CLA DL . 47.46 -21.85 15.34
C3D CLA DL . 46.63 -22.91 15.66
C4D CLA DL . 47.37 -23.71 16.64
CMD CLA DL . 47.39 -20.95 14.20
CAD CLA DL . 45.53 -23.73 15.21
OBD CLA DL . 44.84 -23.60 14.20
CBD CLA DL . 45.54 -25.04 16.06
CGD CLA DL . 44.19 -25.29 16.67
O1D CLA DL . 43.64 -26.38 16.85
O2D CLA DL . 43.53 -24.16 17.04
CED CLA DL . 42.23 -24.33 17.61
C1 CLA DL . 45.69 -32.30 16.39
C2 CLA DL . 46.52 -33.45 16.83
C3 CLA DL . 47.61 -33.89 16.16
C4 CLA DL . 48.08 -33.26 14.90
C5 CLA DL . 48.40 -35.04 16.66
C6 CLA DL . 47.99 -35.50 18.04
C7 CLA DL . 48.08 -37.01 18.16
C8 CLA DL . 46.84 -37.60 18.82
C9 CLA DL . 45.64 -37.43 17.93
C10 CLA DL . 46.57 -36.95 20.17
C11 CLA DL . 45.46 -37.63 20.93
C12 CLA DL . 44.96 -36.74 22.03
C13 CLA DL . 44.53 -37.53 23.26
C14 CLA DL . 43.13 -38.07 23.08
C15 CLA DL . 44.61 -36.67 24.51
C16 CLA DL . 46.03 -36.18 24.74
C17 CLA DL . 46.07 -34.95 25.61
C18 CLA DL . 47.43 -34.79 26.28
C19 CLA DL . 48.51 -34.53 25.25
C20 CLA DL . 47.41 -33.65 27.28
MG CLA EL . 61.31 -28.92 0.13
CHA CLA EL . 64.42 -30.14 0.96
CHB CLA EL . 62.26 -25.82 1.16
CHC CLA EL . 58.31 -27.71 -0.97
CHD CLA EL . 60.20 -32.21 -0.38
NA CLA EL . 63.05 -28.12 0.95
C1A CLA EL . 64.22 -28.82 1.29
C2A CLA EL . 65.29 -27.84 1.76
C3A CLA EL . 64.45 -26.58 2.12
C4A CLA EL . 63.10 -26.87 1.47
CMA CLA EL . 64.30 -26.43 3.61
CAA CLA EL . 66.37 -27.59 0.72
CBA CLA EL . 65.90 -27.00 -0.59
CGA CLA EL . 65.60 -28.07 -1.59
O1A CLA EL . 64.53 -28.29 -2.16
O2A CLA EL . 66.67 -28.87 -1.85
NB CLA EL . 60.46 -27.10 0.07
C1B CLA EL . 61.03 -25.95 0.48
C2B CLA EL . 60.28 -24.80 -0.07
C3B CLA EL . 59.17 -25.33 -0.73
C4B CLA EL . 59.20 -26.80 -0.46
CMB CLA EL . 60.66 -23.42 0.21
CAB CLA EL . 58.44 -24.83 -1.87
CBB CLA EL . 57.96 -23.60 -2.07
NC CLA EL . 59.55 -29.82 -0.51
C1C CLA EL . 58.45 -29.13 -0.97
C2C CLA EL . 57.60 -30.05 -1.69
C3C CLA EL . 58.14 -31.33 -1.54
C4C CLA EL . 59.29 -31.18 -0.68
CMC CLA EL . 56.26 -29.73 -2.17
CAC CLA EL . 57.46 -32.60 -1.86
CBC CLA EL . 58.02 -33.26 -3.11
ND CLA EL . 62.06 -30.78 0.25
C1D CLA EL . 61.55 -32.03 -0.18
C2D CLA EL . 62.62 -33.03 -0.12
C3D CLA EL . 63.74 -32.37 0.35
C4D CLA EL . 63.34 -30.97 0.55
CMD CLA EL . 62.37 -34.47 -0.21
CAD CLA EL . 65.08 -32.51 0.89
OBD CLA EL . 65.66 -33.53 1.23
CBD CLA EL . 65.49 -31.10 1.40
CGD CLA EL . 65.60 -31.08 2.89
O1D CLA EL . 64.97 -31.75 3.70
O2D CLA EL . 66.53 -30.22 3.36
CED CLA EL . 67.82 -30.77 3.51
C1 CLA EL . 66.55 -29.80 -2.95
C2 CLA EL . 66.88 -29.03 -4.18
C3 CLA EL . 67.26 -29.60 -5.33
C4 CLA EL . 67.41 -31.07 -5.47
C5 CLA EL . 67.57 -28.74 -6.50
C6 CLA EL . 67.29 -29.37 -7.85
C7 CLA EL . 67.26 -28.29 -8.91
C8 CLA EL . 67.58 -28.80 -10.30
C9 CLA EL . 66.70 -29.98 -10.66
C10 CLA EL . 69.06 -29.16 -10.42
C11 CLA EL . 69.39 -29.72 -11.78
C12 CLA EL . 70.88 -29.66 -12.09
C13 CLA EL . 71.14 -29.42 -13.56
C14 CLA EL . 70.30 -28.27 -14.09
C15 CLA EL . 70.90 -30.67 -14.39
C16 CLA EL . 71.08 -30.43 -15.88
C17 CLA EL . 69.89 -30.95 -16.66
C18 CLA EL . 70.06 -30.76 -18.16
C19 CLA EL . 68.82 -30.14 -18.76
C20 CLA EL . 70.32 -32.10 -18.82
MG CLA FL . 60.89 -32.49 8.71
CHA CLA FL . 63.04 -30.57 10.63
CHB CLA FL . 63.10 -32.34 6.17
CHC CLA FL . 58.63 -34.14 6.75
CHD CLA FL . 58.62 -32.57 11.39
NA CLA FL . 62.69 -31.49 8.42
C1A CLA FL . 63.51 -30.87 9.38
C2A CLA FL . 64.72 -30.24 8.71
C3A CLA FL . 64.48 -30.50 7.20
C4A CLA FL . 63.28 -31.44 7.19
CMA CLA FL . 64.20 -29.23 6.44
CAA CLA FL . 66.02 -30.86 9.18
CBA CLA FL . 65.93 -32.37 9.23
CGA CLA FL . 66.40 -32.88 10.55
O1A CLA FL . 67.41 -33.55 10.80
O2A CLA FL . 65.56 -32.56 11.57
NB CLA FL . 60.94 -33.27 6.88
C1B CLA FL . 61.98 -33.18 6.00
C2B CLA FL . 61.58 -33.75 4.69
C3B CLA FL . 60.34 -34.31 4.88
C4B CLA FL . 59.83 -33.82 6.19
CMB CLA FL . 62.54 -33.97 3.62
CAB CLA FL . 59.62 -35.28 4.11
CBB CLA FL . 59.29 -35.16 2.82
NC CLA FL . 59.02 -33.32 9.05
C1C CLA FL . 58.23 -33.89 8.10
C2C CLA FL . 57.09 -34.52 8.73
C3C CLA FL . 57.08 -34.09 10.05
C4C CLA FL . 58.28 -33.30 10.23
CMC CLA FL . 56.11 -35.35 8.03
CAC CLA FL . 56.06 -34.36 11.08
CBC CLA FL . 56.48 -35.40 12.07
ND CLA FL . 60.81 -31.82 10.61
C1D CLA FL . 59.87 -32.02 11.64
C2D CLA FL . 60.27 -31.21 12.80
C3D CLA FL . 61.49 -30.64 12.48
C4D CLA FL . 61.83 -31.15 11.14
CMD CLA FL . 59.55 -31.24 14.07
CAD CLA FL . 62.65 -29.93 12.97
OBD CLA FL . 62.94 -29.59 14.11
CBD CLA FL . 63.64 -29.81 11.78
CGD CLA FL . 63.91 -28.38 11.41
O1D CLA FL . 63.20 -27.63 10.75
O2D CLA FL . 65.09 -27.89 11.88
CED CLA FL . 65.52 -26.62 11.39
C1 CLA FL . 65.78 -33.24 12.83
C2 CLA FL . 64.67 -32.83 13.71
C3 CLA FL . 64.20 -33.62 14.68
C4 CLA FL . 64.75 -34.97 14.96
C5 CLA FL . 63.07 -33.18 15.54
C6 CLA FL . 61.81 -33.96 15.23
C7 CLA FL . 61.26 -34.60 16.47
C8 CLA FL . 59.75 -34.74 16.38
C9 CLA FL . 59.14 -33.63 17.20
C10 CLA FL . 59.27 -36.10 16.89
C11 CLA FL . 58.48 -36.87 15.86
C12 CLA FL . 58.32 -38.32 16.27
C13 CLA FL . 57.66 -39.19 15.22
C14 CLA FL . 58.62 -39.48 14.08
C15 CLA FL . 56.37 -38.59 14.69
C16 CLA FL . 55.18 -39.23 15.34
C17 CLA FL . 53.89 -38.51 15.00
C18 CLA FL . 52.86 -38.62 16.12
C19 CLA FL . 52.47 -40.06 16.34
C20 CLA FL . 51.63 -37.80 15.80
MG CLA GL . 49.49 -42.60 -2.20
CHA CLA GL . 47.93 -44.57 -4.55
CHB CLA GL . 50.45 -45.44 -0.62
CHC CLA GL . 50.79 -40.69 0.31
CHD CLA GL . 47.71 -39.82 -3.38
NA CLA GL . 49.51 -44.61 -2.73
C1A CLA GL . 48.94 -45.19 -3.87
C2A CLA GL . 49.20 -46.69 -3.89
C3A CLA GL . 49.65 -46.98 -2.44
C4A CLA GL . 50.02 -45.59 -1.92
CMA CLA GL . 48.53 -47.57 -1.64
CAA CLA GL . 50.23 -47.09 -4.93
CBA CLA GL . 51.24 -45.99 -5.23
CGA CLA GL . 51.98 -46.33 -6.49
O1A CLA GL . 52.35 -47.43 -6.90
O2A CLA GL . 52.25 -45.24 -7.25
NB CLA GL . 50.63 -42.98 -0.59
C1B CLA GL . 50.74 -44.20 -0.01
C2B CLA GL . 51.67 -44.09 1.13
C3B CLA GL . 51.67 -42.76 1.50
C4B CLA GL . 50.94 -42.04 0.42
CMB CLA GL . 52.76 -45.03 1.24
CAB CLA GL . 52.41 -42.07 2.51
CBB CLA GL . 52.62 -42.51 3.75
NC CLA GL . 49.26 -40.61 -1.62
C1C CLA GL . 49.94 -40.02 -0.59
C2C CLA GL . 50.04 -38.60 -0.87
C3C CLA GL . 49.28 -38.34 -2.01
C4C CLA GL . 48.60 -39.60 -2.31
CMC CLA GL . 50.92 -37.70 -0.13
CAC CLA GL . 48.83 -37.02 -2.48
CBC CLA GL . 49.52 -36.59 -3.75
ND CLA GL . 48.22 -42.18 -3.70
C1D CLA GL . 47.40 -41.05 -3.91
C2D CLA GL . 46.47 -41.34 -5.01
C3D CLA GL . 46.62 -42.68 -5.30
C4D CLA GL . 47.65 -43.19 -4.36
CMD CLA GL . 45.82 -40.30 -5.80
CAD CLA GL . 46.38 -43.74 -6.26
OBD CLA GL . 45.88 -43.66 -7.37
CBD CLA GL . 47.20 -44.99 -5.80
CGD CLA GL . 46.33 -46.19 -5.59
O1D CLA GL . 46.13 -46.82 -4.54
O2D CLA GL . 45.69 -46.62 -6.71
CED CLA GL . 44.55 -47.45 -6.55
C1 CLA GL . 53.64 -44.99 -7.55
C2 CLA GL . 53.67 -43.77 -8.38
C3 CLA GL . 54.69 -42.89 -8.34
C4 CLA GL . 55.88 -43.07 -7.47
C5 CLA GL . 54.68 -41.67 -9.19
C6 CLA GL . 54.83 -40.40 -8.38
C7 CLA GL . 55.35 -39.28 -9.24
C8 CLA GL . 55.64 -38.02 -8.42
C9 CLA GL . 54.72 -36.90 -8.83
C10 CLA GL . 57.09 -37.61 -8.59
C11 CLA GL . 57.72 -37.26 -7.25
C12 CLA GL . 57.94 -35.77 -7.10
C13 CLA GL . 59.39 -35.41 -7.42
C14 CLA GL . 59.94 -34.48 -6.34
C15 CLA GL . 59.52 -34.76 -8.79
C16 CLA GL . 60.97 -34.66 -9.22
C17 CLA GL . 61.11 -34.41 -10.69
C18 CLA GL . 62.52 -34.71 -11.18
C19 CLA GL . 62.86 -36.17 -11.03
C20 CLA GL . 62.68 -34.28 -12.63
MG CLA HL . 26.37 -34.26 10.64
CHA CLA HL . 24.11 -36.61 11.82
CHB CLA HL . 23.75 -32.57 9.33
CHC CLA HL . 28.53 -32.27 8.87
CHD CLA HL . 28.86 -36.69 10.86
NA CLA HL . 24.29 -34.38 10.89
C1A CLA HL . 23.57 -35.39 11.54
C2A CLA HL . 22.07 -35.14 11.41
C3A CLA HL . 21.99 -34.06 10.31
C4A CLA HL . 23.44 -33.57 10.21
CMA CLA HL . 21.53 -34.64 9.00
CAA CLA HL . 21.45 -34.69 12.73
CBA CLA HL . 22.33 -33.75 13.53
CGA CLA HL . 21.53 -33.14 14.64
O1A CLA HL . 20.31 -32.99 14.69
O2A CLA HL . 22.30 -32.72 15.69
NB CLA HL . 26.19 -32.55 9.60
C1B CLA HL . 25.04 -32.07 9.08
C2B CLA HL . 25.30 -30.69 8.62
C3B CLA HL . 26.65 -30.65 8.32
C4B CLA HL . 27.24 -31.84 8.99
CMB CLA HL . 24.22 -29.78 8.29
CAB CLA HL . 27.46 -29.56 7.86
CBB CLA HL . 27.48 -28.34 8.41
NC CLA HL . 28.41 -34.33 10.23
C1C CLA HL . 29.06 -33.49 9.37
C2C CLA HL . 30.45 -33.87 9.27
C3C CLA HL . 30.57 -35.11 9.90
C4C CLA HL . 29.26 -35.42 10.42
CMC CLA HL . 31.54 -32.96 8.90
CAC CLA HL . 31.72 -36.02 9.83
CBC CLA HL . 31.80 -36.72 8.50
ND CLA HL . 26.60 -36.06 11.52
C1D CLA HL . 27.69 -36.96 11.53
C2D CLA HL . 27.27 -38.22 12.16
C3D CLA HL . 25.90 -38.16 12.25
C4D CLA HL . 25.53 -36.79 11.86
CMD CLA HL . 28.13 -39.37 12.31
CAD CLA HL . 24.73 -38.76 12.83
OBD CLA HL . 24.56 -39.94 13.12
CBD CLA HL . 23.54 -37.81 12.52
CGD CLA HL . 22.51 -38.56 11.72
O1D CLA HL . 21.62 -39.28 12.16
O2D CLA HL . 22.62 -38.43 10.37
CED CLA HL . 22.13 -39.52 9.57
C1 CLA HL . 22.91 -31.42 15.55
C2 CLA HL . 23.16 -30.91 16.92
C3 CLA HL . 23.47 -29.64 17.19
C4 CLA HL . 23.60 -28.61 16.12
C5 CLA HL . 23.71 -29.18 18.59
MG CLA IL . 25.95 -11.30 3.14
CHA CLA IL . 25.30 -14.26 1.46
CHB CLA IL . 26.75 -9.85 0.16
CHC CLA IL . 27.15 -8.58 4.81
CHD CLA IL . 25.91 -13.11 6.14
NA CLA IL . 25.80 -11.91 1.13
C1A CLA IL . 25.46 -13.17 0.65
C2A CLA IL . 25.57 -13.23 -0.87
C3A CLA IL . 26.32 -11.92 -1.19
C4A CLA IL . 26.24 -11.13 0.10
CMA CLA IL . 27.74 -12.19 -1.58
CAA CLA IL . 24.21 -13.24 -1.53
CBA CLA IL . 24.33 -13.25 -3.03
CGA CLA IL . 24.71 -14.62 -3.49
O1A CLA IL . 25.01 -15.60 -2.81
O2A CLA IL . 24.72 -14.74 -4.85
NB CLA IL . 26.67 -9.51 2.59
C1B CLA IL . 26.92 -9.09 1.33
C2B CLA IL . 27.06 -7.62 1.34
C3B CLA IL . 27.24 -7.26 2.66
C4B CLA IL . 27.14 -8.51 3.46
CMB CLA IL . 27.37 -6.86 0.13
CAB CLA IL . 27.42 -5.98 3.27
CBB CLA IL . 26.57 -4.96 3.17
NC CLA IL . 26.26 -10.86 5.14
C1C CLA IL . 26.90 -9.74 5.60
C2C CLA IL . 26.95 -9.75 7.04
C3C CLA IL . 26.53 -11.03 7.43
C4C CLA IL . 26.15 -11.73 6.23
CMC CLA IL . 27.04 -8.54 7.86
CAC CLA IL . 26.37 -11.51 8.81
CBC CLA IL . 27.63 -12.15 9.34
ND CLA IL . 25.34 -13.12 3.75
C1D CLA IL . 25.34 -13.73 5.04
C2D CLA IL . 24.89 -15.12 4.91
C3D CLA IL . 24.77 -15.37 3.55
C4D CLA IL . 25.17 -14.11 2.88
CMD CLA IL . 24.49 -15.96 6.03
CAD CLA IL . 24.55 -16.36 2.52
OBD CLA IL . 24.00 -17.44 2.61
CBD CLA IL . 24.91 -15.69 1.16
CGD CLA IL . 26.00 -16.43 0.42
O1D CLA IL . 26.98 -15.96 -0.15
O2D CLA IL . 25.84 -17.78 0.39
CED CLA IL . 25.37 -18.37 -0.82
C1 CLA IL . 24.63 -16.08 -5.35
C2 CLA IL . 25.06 -16.03 -6.77
C3 CLA IL . 25.42 -17.13 -7.46
C4 CLA IL . 25.40 -18.49 -6.84
C5 CLA IL . 25.84 -17.03 -8.88
C6 CLA IL . 25.45 -15.74 -9.56
C7 CLA IL . 25.79 -15.83 -11.04
C8 CLA IL . 25.52 -14.55 -11.81
C9 CLA IL . 26.16 -13.35 -11.13
C10 CLA IL . 24.02 -14.33 -11.96
C11 CLA IL . 23.37 -15.48 -12.71
C12 CLA IL . 21.94 -15.15 -13.06
C13 CLA IL . 21.31 -16.25 -13.90
C14 CLA IL . 21.23 -17.53 -13.11
C15 CLA IL . 22.10 -16.47 -15.19
C16 CLA IL . 21.15 -16.62 -16.36
C17 CLA IL . 21.75 -17.50 -17.43
C18 CLA IL . 20.95 -17.50 -18.74
C19 CLA IL . 21.44 -18.60 -19.64
C20 CLA IL . 19.47 -17.68 -18.48
MG CLA JL . 30.75 -4.27 -2.21
CHA CLA JL . 29.59 -1.06 -1.64
CHB CLA JL . 30.40 -4.95 1.09
CHC CLA JL . 31.83 -7.45 -2.82
CHD CLA JL . 31.61 -3.34 -5.49
NA CLA JL . 30.04 -3.19 -0.58
C1A CLA JL . 29.38 -1.95 -0.62
C2A CLA JL . 28.84 -1.61 0.76
C3A CLA JL . 29.48 -2.68 1.68
C4A CLA JL . 30.00 -3.71 0.68
CMA CLA JL . 30.60 -2.10 2.51
CAA CLA JL . 27.32 -1.67 0.80
CBA CLA JL . 26.72 -2.70 -0.13
CGA CLA JL . 25.23 -2.64 0.01
O1A CLA JL . 24.47 -1.79 -0.44
O2A CLA JL . 24.72 -3.68 0.73
NB CLA JL . 30.94 -5.92 -1.09
C1B CLA JL . 30.84 -6.00 0.25
C2B CLA JL . 31.03 -7.40 0.70
C3B CLA JL . 31.23 -8.14 -0.43
C4B CLA JL . 31.37 -7.18 -1.57
CMB CLA JL . 30.69 -7.84 2.05
CAB CLA JL . 31.56 -9.53 -0.55
CBB CLA JL . 30.88 -10.42 -1.27
NC CLA JL . 31.58 -5.21 -3.87
C1C CLA JL . 32.02 -6.51 -3.87
C2C CLA JL . 32.39 -6.88 -5.22
C3C CLA JL . 32.26 -5.74 -6.00
C4C CLA JL . 31.91 -4.66 -5.10
CMC CLA JL . 32.41 -8.27 -5.68
CAC CLA JL . 32.09 -5.69 -7.46
CBC CLA JL . 33.31 -5.14 -8.16
ND CLA JL . 30.69 -2.61 -3.35
C1D CLA JL . 30.96 -2.40 -4.72
C2D CLA JL . 30.28 -1.15 -5.15
C3D CLA JL . 29.96 -0.50 -3.97
C4D CLA JL . 30.12 -1.50 -2.89
CMD CLA JL . 30.38 -0.59 -6.48
CAD CLA JL . 29.29 0.65 -3.37
OBD CLA JL . 29.05 1.73 -3.89
CBD CLA JL . 29.15 0.36 -1.85
CGD CLA JL . 29.97 1.35 -1.07
O1D CLA JL . 30.71 2.23 -1.53
O2D CLA JL . 29.87 1.25 0.27
CED CLA JL . 31.04 1.47 1.04
C1 CLA JL . 23.60 -4.38 0.14
C2 CLA JL . 23.39 -5.59 0.97
C3 CLA JL . 22.24 -6.30 0.96
C4 CLA JL . 21.09 -5.94 0.13
C5 CLA JL . 22.06 -7.51 1.81
C6 CLA JL . 23.18 -7.75 2.80
C7 CLA JL . 23.18 -9.21 3.17
C8 CLA JL . 22.55 -9.50 4.51
C9 CLA JL . 23.17 -8.65 5.60
C10 CLA JL . 22.68 -10.99 4.83
C11 CLA JL . 22.20 -11.33 6.22
C12 CLA JL . 21.63 -12.73 6.26
C13 CLA JL . 21.21 -13.09 7.68
C14 CLA JL . 22.43 -13.26 8.57
C15 CLA JL . 20.37 -14.35 7.70
C16 CLA JL . 19.31 -14.29 8.78
C17 CLA JL . 18.53 -15.58 8.86
C18 CLA JL . 17.31 -15.48 9.75
C19 CLA JL . 16.74 -16.85 10.01
C20 CLA JL . 17.64 -14.83 11.08
MG CLA KL . 44.96 -20.60 24.73
CHA CLA KL . 47.60 -20.59 26.97
CHB CLA KL . 47.11 -21.73 22.34
CHC CLA KL . 42.45 -20.31 22.43
CHD CLA KL . 42.99 -18.89 27.09
NA CLA KL . 46.94 -21.24 24.74
C1A CLA KL . 47.80 -21.31 25.84
C2A CLA KL . 49.15 -21.89 25.42
C3A CLA KL . 49.10 -21.78 23.88
C4A CLA KL . 47.64 -21.47 23.58
CMA CLA KL . 49.96 -20.66 23.37
CAA CLA KL . 49.35 -23.31 25.93
CBA CLA KL . 48.26 -24.28 25.48
CGA CLA KL . 48.06 -25.37 26.47
O1A CLA KL . 48.63 -25.55 27.54
O2A CLA KL . 47.09 -26.26 26.08
NB CLA KL . 44.79 -20.99 22.77
C1B CLA KL . 45.80 -21.38 21.94
C2B CLA KL . 45.30 -21.48 20.56
C3B CLA KL . 44.00 -21.03 20.55
C4B CLA KL . 43.68 -20.67 21.96
CMB CLA KL . 45.98 -22.25 19.53
CAB CLA KL . 42.98 -21.34 19.61
CBB CLA KL . 42.23 -20.46 18.97
NC CLA KL . 43.04 -19.79 24.78
C1C CLA KL . 42.20 -19.74 23.71
C2C CLA KL . 40.88 -19.30 24.15
C3C CLA KL . 41.01 -18.96 25.50
C4C CLA KL . 42.42 -19.12 25.83
CMC CLA KL . 39.65 -19.46 23.38
CAC CLA KL . 39.92 -18.68 26.45
CBC CLA KL . 39.48 -19.91 27.19
ND CLA KL . 45.13 -20.01 26.65
C1D CLA KL . 44.28 -19.21 27.46
C2D CLA KL . 44.98 -18.87 28.71
C3D CLA KL . 46.22 -19.48 28.63
C4D CLA KL . 46.33 -20.00 27.25
CMD CLA KL . 44.34 -18.25 29.86
CAD CLA KL . 47.51 -19.69 29.25
OBD CLA KL . 47.89 -19.36 30.37
CBD CLA KL . 48.39 -20.49 28.26
CGD CLA KL . 49.73 -19.85 28.05
O1D CLA KL . 50.07 -19.11 27.12
O2D CLA KL . 50.64 -20.13 29.02
CED CLA KL . 51.85 -19.38 29.05
C1 CLA KL . 47.21 -27.61 26.59
C2 CLA KL . 48.27 -28.28 25.80
C3 CLA KL . 48.04 -28.92 24.64
C4 CLA KL . 49.12 -29.58 23.88
C5 CLA KL . 46.66 -28.99 24.04
C6 CLA KL . 46.17 -30.41 23.89
C7 CLA KL . 45.85 -30.73 22.45
C8 CLA KL . 45.49 -32.20 22.26
C9 CLA KL . 46.28 -32.81 21.11
C10 CLA KL . 44.00 -32.37 21.99
C11 CLA KL . 43.32 -33.11 23.12
C12 CLA KL . 41.81 -33.04 23.01
C13 CLA KL . 41.17 -34.35 23.46
C14 CLA KL . 40.70 -35.15 22.27
C15 CLA KL . 40.02 -34.09 24.42
C16 CLA KL . 38.89 -33.33 23.76
C17 CLA KL . 37.61 -33.44 24.57
C18 CLA KL . 36.37 -33.05 23.75
C19 CLA KL . 36.22 -33.96 22.55
C20 CLA KL . 35.14 -33.13 24.61
MG CLA LL . 46.33 -22.62 34.10
CHA CLA LL . 49.35 -23.60 35.49
CHB CLA LL . 47.68 -23.26 31.06
CHC CLA LL . 43.77 -20.99 32.57
CHD CLA LL . 45.50 -21.04 37.15
NA CLA LL . 48.02 -23.65 33.47
C1A CLA LL . 49.07 -24.13 34.25
C2A CLA LL . 50.04 -24.92 33.38
C3A CLA LL . 49.78 -24.32 31.98
C4A CLA LL . 48.44 -23.61 32.16
CMA CLA LL . 50.87 -23.38 31.55
CAA CLA LL . 49.75 -26.41 33.36
CBA CLA LL . 49.02 -26.94 34.58
CGA CLA LL . 47.56 -27.09 34.29
O1A CLA LL . 46.65 -26.27 34.44
O2A CLA LL . 47.25 -28.33 33.76
NB CLA LL . 45.62 -22.58 32.23
C1B CLA LL . 46.36 -22.75 31.12
C2B CLA LL . 45.48 -22.65 29.93
C3B CLA LL . 44.27 -22.20 30.37
C4B CLA LL . 44.43 -21.92 31.84
CMB CLA LL . 45.83 -23.31 28.67
CAB CLA LL . 43.15 -21.71 29.62
CBB CLA LL . 41.86 -21.98 29.87
NC CLA LL . 44.76 -21.43 34.80
C1C CLA LL . 43.84 -20.85 33.98
C2C CLA LL . 42.94 -20.02 34.77
C3C CLA LL . 43.48 -19.96 36.06
C4C CLA LL . 44.60 -20.89 36.07
CMC CLA LL . 41.62 -19.57 34.33
CAC CLA LL . 43.20 -18.94 37.08
CBC CLA LL . 42.19 -19.42 38.10
ND CLA LL . 47.10 -22.49 35.97
C1D CLA LL . 46.71 -21.72 37.09
C2D CLA LL . 47.70 -21.90 38.17
C3D CLA LL . 48.68 -22.72 37.64
C4D CLA LL . 48.35 -22.86 36.20
CMD CLA LL . 47.53 -21.47 39.55
CAD CLA LL . 49.78 -23.62 37.90
OBD CLA LL . 50.41 -23.76 38.95
CBD CLA LL . 50.37 -23.99 36.52
CGD CLA LL . 51.68 -23.29 36.30
O1D CLA LL . 52.21 -22.45 37.03
O2D CLA LL . 52.34 -23.64 35.16
CED CLA LL . 53.76 -23.60 35.23
C1 CLA LL . 47.35 -29.45 34.66
C2 CLA LL . 46.42 -29.20 35.78
C3 CLA LL . 45.65 -30.16 36.33
C4 CLA LL . 45.66 -31.56 35.85
C5 CLA LL . 44.73 -29.83 37.46
C6 CLA LL . 44.79 -30.83 38.59
C7 CLA LL . 44.34 -30.21 39.90
C8 CLA LL . 43.38 -31.10 40.68
C9 CLA LL . 43.17 -30.55 42.07
C10 CLA LL . 43.87 -32.54 40.76
C11 CLA LL . 42.82 -33.52 40.29
MG CLA ML . 46.98 -17.88 12.44
CHA CLA ML . 45.86 -16.54 15.41
CHB CLA ML . 44.31 -19.96 12.38
CHC CLA ML . 47.82 -18.79 9.26
CHD CLA ML . 49.48 -15.40 12.33
NA CLA ML . 45.36 -18.19 13.72
C1A CLA ML . 45.00 -17.43 14.84
C2A CLA ML . 43.85 -18.12 15.58
C3A CLA ML . 43.47 -19.29 14.66
C4A CLA ML . 44.39 -19.09 13.45
CMA CLA ML . 43.71 -20.62 15.33
CAA CLA ML . 42.66 -17.19 15.80
CBA CLA ML . 42.07 -17.40 17.18
CGA CLA ML . 40.61 -17.10 17.18
O1A CLA ML . 40.02 -16.19 16.59
O2A CLA ML . 39.86 -17.96 17.94
NB CLA ML . 46.27 -19.20 11.11
C1B CLA ML . 45.19 -19.99 11.29
C2B CLA ML . 44.89 -20.71 10.03
C3B CLA ML . 45.88 -20.35 9.14
C4B CLA ML . 46.64 -19.24 9.76
CMB CLA ML . 43.58 -21.32 9.79
CAB CLA ML . 46.48 -21.08 8.06
CBB CLA ML . 45.83 -21.65 7.06
NC CLA ML . 48.54 -17.37 11.14
C1C CLA ML . 48.64 -17.81 9.85
C2C CLA ML . 49.85 -17.28 9.24
C3C CLA ML . 50.40 -16.38 10.15
C4C CLA ML . 49.46 -16.33 11.28
CMC CLA ML . 50.49 -17.87 8.07
CAC CLA ML . 51.81 -15.96 10.20
CBC CLA ML . 52.00 -14.50 9.89
ND CLA ML . 47.71 -16.44 13.65
C1D CLA ML . 48.75 -15.50 13.49
C2D CLA ML . 48.76 -14.62 14.67
C3D CLA ML . 47.74 -15.05 15.48
C4D CLA ML . 47.00 -16.04 14.70
CMD CLA ML . 49.87 -13.73 14.97
CAD CLA ML . 47.28 -15.15 16.85
OBD CLA ML . 47.92 -14.94 17.87
CBD CLA ML . 46.03 -16.07 16.84
CGD CLA ML . 46.19 -17.21 17.80
O1D CLA ML . 45.45 -17.50 18.74
O2D CLA ML . 47.27 -18.00 17.56
CED CLA ML . 47.61 -18.99 18.53
C1 CLA ML . 38.58 -17.44 18.39
C2 CLA ML . 37.88 -18.46 19.21
C3 CLA ML . 36.65 -18.24 19.71
C4 CLA ML . 35.90 -16.98 19.50
C5 CLA ML . 35.97 -19.28 20.52
C6 CLA ML . 35.87 -18.91 22.00
MG CLA NL . 35.46 -15.95 11.37
CHA CLA NL . 38.40 -15.12 12.99
CHB CLA NL . 37.00 -18.67 10.04
CHC CLA NL . 32.61 -16.65 9.65
CHD CLA NL . 34.14 -12.83 12.28
NA CLA NL . 37.40 -16.74 11.50
C1A CLA NL . 38.44 -16.30 12.31
C2A CLA NL . 39.43 -17.45 12.57
C3A CLA NL . 39.11 -18.40 11.40
C4A CLA NL . 37.79 -17.86 10.83
CMA CLA NL . 40.19 -18.38 10.36
CAA CLA NL . 39.24 -18.05 13.95
CBA CLA NL . 37.89 -18.67 14.23
CGA CLA NL . 36.94 -17.72 14.88
O1A CLA NL . 37.17 -16.69 15.51
O2A CLA NL . 35.63 -18.07 14.69
NB CLA NL . 34.85 -17.48 10.23
C1B CLA NL . 35.68 -18.41 9.68
C2B CLA NL . 34.87 -19.34 8.84
C3B CLA NL . 33.60 -18.83 8.79
C4B CLA NL . 33.61 -17.57 9.56
CMB CLA NL . 35.36 -20.63 8.43
CAB CLA NL . 32.56 -19.15 7.83
CBB CLA NL . 31.30 -19.45 8.14
NC CLA NL . 33.64 -14.97 11.14
C1C CLA NL . 32.67 -15.37 10.27
C2C CLA NL . 31.49 -14.54 10.48
C3C CLA NL . 31.90 -13.47 11.27
C4C CLA NL . 33.32 -13.68 11.54
CMC CLA NL . 30.12 -14.98 10.24
CAC CLA NL . 31.12 -12.28 11.62
CBC CLA NL . 30.53 -12.38 13.00
ND CLA NL . 36.05 -14.32 12.40
C1D CLA NL . 35.34 -13.19 12.85
C2D CLA NL . 36.18 -12.44 13.81
C3D CLA NL . 37.41 -13.08 13.82
C4D CLA NL . 37.26 -14.26 12.95
CMD CLA NL . 35.82 -11.14 14.37
CAD CLA NL . 38.70 -13.18 14.45
OBD CLA NL . 39.08 -12.68 15.50
CBD CLA NL . 39.45 -14.38 13.80
CGD CLA NL . 40.60 -13.94 12.94
O1D CLA NL . 40.55 -13.26 11.92
O2D CLA NL . 41.81 -14.38 13.37
CED CLA NL . 42.98 -13.81 12.76
C1 CLA NL . 34.68 -16.99 14.64
C2 CLA NL . 33.35 -17.62 14.47
C3 CLA NL . 32.21 -16.91 14.38
C4 CLA NL . 32.18 -15.44 14.47
C5 CLA NL . 30.90 -17.59 14.22
C6 CLA NL . 30.54 -17.96 12.80
C7 CLA NL . 30.10 -19.41 12.68
C8 CLA NL . 29.21 -19.90 13.82
C9 CLA NL . 29.34 -21.40 14.00
C10 CLA NL . 27.76 -19.43 13.67
C11 CLA NL . 26.86 -20.41 12.92
C12 CLA NL . 25.41 -19.99 13.01
C13 CLA NL . 24.51 -21.18 13.24
C14 CLA NL . 23.06 -20.85 12.91
C15 CLA NL . 24.63 -21.70 14.67
MG CLA OL . 33.91 -25.66 9.47
CHA CLA OL . 36.90 -24.27 10.49
CHB CLA OL . 35.62 -28.32 8.31
CHC CLA OL . 31.12 -26.67 7.77
CHD CLA OL . 32.29 -22.63 10.30
NA CLA OL . 35.87 -26.33 9.73
C1A CLA OL . 36.96 -25.62 10.26
C2A CLA OL . 38.25 -26.40 10.08
C3A CLA OL . 37.84 -27.53 9.11
C4A CLA OL . 36.31 -27.50 9.18
CMA CLA OL . 38.30 -27.27 7.71
CAA CLA OL . 38.80 -26.96 11.38
CBA CLA OL . 37.83 -26.95 12.53
CGA CLA OL . 38.37 -27.79 13.65
O1A CLA OL . 38.55 -29.00 13.69
O2A CLA OL . 38.69 -27.06 14.78
NB CLA OL . 33.38 -27.34 8.52
C1B CLA OL . 34.22 -28.29 8.09
C2B CLA OL . 33.45 -29.39 7.47
C3B CLA OL . 32.16 -28.92 7.31
C4B CLA OL . 32.16 -27.53 7.82
CMB CLA OL . 34.02 -30.72 7.25
CAB CLA OL . 31.12 -29.35 6.44
CBB CLA OL . 30.51 -30.54 6.46
NC CLA OL . 32.02 -24.84 9.18
C1C CLA OL . 31.05 -25.39 8.39
C2C CLA OL . 29.84 -24.60 8.49
C3C CLA OL . 30.13 -23.52 9.33
C4C CLA OL . 31.57 -23.57 9.55
CMC CLA OL . 28.58 -24.91 7.80
CAC CLA OL . 29.18 -22.77 10.15
CBC CLA OL . 28.67 -21.53 9.45
ND CLA OL . 34.39 -23.86 10.25
C1D CLA OL . 33.60 -22.77 10.68
C2D CLA OL . 34.41 -21.93 11.59
C3D CLA OL . 35.67 -22.51 11.60
C4D CLA OL . 35.64 -23.59 10.61
CMD CLA OL . 33.90 -20.81 12.36
CAD CLA OL . 37.06 -22.34 11.98
OBD CLA OL . 37.56 -21.51 12.72
CBD CLA OL . 37.89 -23.39 11.21
CGD CLA OL . 38.89 -22.75 10.28
O1D CLA OL . 39.38 -21.62 10.37
O2D CLA OL . 39.27 -23.50 9.24
CED CLA OL . 40.67 -23.60 8.99
C1 CLA OL . 38.58 -27.78 16.03
C2 CLA OL . 39.08 -26.87 17.09
C3 CLA OL . 39.04 -27.20 18.39
C4 CLA OL . 39.55 -26.29 19.45
C5 CLA OL . 38.48 -28.51 18.86
C6 CLA OL . 37.24 -28.34 19.70
C7 CLA OL . 37.41 -28.96 21.08
C8 CLA OL . 36.47 -28.32 22.09
C9 CLA OL . 37.02 -26.97 22.53
C10 CLA OL . 36.18 -29.24 23.27
C11 CLA OL . 37.22 -29.19 24.36
C12 CLA OL . 36.72 -29.79 25.66
C13 CLA OL . 37.74 -29.63 26.78
C14 CLA OL . 37.90 -28.17 27.14
C15 CLA OL . 39.08 -30.25 26.39
C16 CLA OL . 40.10 -30.11 27.50
C17 CLA OL . 41.47 -30.57 27.04
C18 CLA OL . 42.50 -30.53 28.17
C19 CLA OL . 42.18 -31.56 29.22
C20 CLA OL . 43.89 -30.76 27.61
MG CLA PL . 61.14 -40.78 -33.79
CHA CLA PL . 59.78 -38.29 -35.76
CHB CLA PL . 63.08 -41.73 -36.40
CHC CLA PL . 62.36 -43.32 -31.87
CHD CLA PL . 58.73 -40.11 -31.31
NA CLA PL . 61.26 -40.21 -35.79
C1A CLA PL . 60.70 -39.09 -36.40
C2A CLA PL . 61.35 -38.82 -37.74
C3A CLA PL . 62.05 -40.16 -38.05
C4A CLA PL . 62.06 -40.86 -36.70
CMA CLA PL . 61.30 -40.96 -39.07
CAA CLA PL . 62.32 -37.64 -37.73
CBA CLA PL . 63.42 -37.70 -36.68
CGA CLA PL . 62.97 -36.94 -35.47
O1A CLA PL . 62.16 -36.02 -35.42
O2A CLA PL . 63.54 -37.38 -34.31
NB CLA PL . 62.62 -42.11 -34.01
C1B CLA PL . 63.16 -42.47 -35.21
C2B CLA PL . 64.16 -43.54 -35.00
C3B CLA PL . 63.99 -43.98 -33.71
C4B CLA PL . 62.90 -43.16 -33.11
CMB CLA PL . 65.32 -43.62 -35.90
CAB CLA PL . 64.60 -45.05 -32.99
CBB CLA PL . 65.11 -46.17 -33.50
NC CLA PL . 60.80 -41.39 -31.84
C1C CLA PL . 61.34 -42.53 -31.29
C2C CLA PL . 60.95 -42.60 -29.88
C3C CLA PL . 60.02 -41.58 -29.68
C4C CLA PL . 59.78 -40.98 -30.98
CMC CLA PL . 61.63 -43.43 -28.88
CAC CLA PL . 59.30 -41.30 -28.43
CBC CLA PL . 59.89 -40.14 -27.67
ND CLA PL . 59.55 -39.55 -33.55
C1D CLA PL . 58.66 -39.35 -32.47
C2D CLA PL . 57.96 -38.06 -32.68
C3D CLA PL . 58.27 -37.67 -33.97
C4D CLA PL . 59.32 -38.60 -34.44
CMD CLA PL . 57.00 -37.49 -31.75
CAD CLA PL . 57.84 -36.93 -35.14
OBD CLA PL . 57.04 -36.00 -35.19
CBD CLA PL . 58.88 -37.19 -36.26
CGD CLA PL . 58.23 -37.55 -37.57
O1D CLA PL . 57.21 -38.21 -37.74
O2D CLA PL . 58.88 -37.06 -38.66
CED CLA PL . 58.57 -37.62 -39.94
C1 CLA PL . 62.80 -37.06 -33.12
C2 CLA PL . 63.13 -38.09 -32.10
C3 CLA PL . 62.55 -38.10 -30.89
C4 CLA PL . 61.56 -37.07 -30.50
C5 CLA PL . 62.88 -39.14 -29.87
C6 CLA PL . 63.96 -40.11 -30.30
C7 CLA PL . 64.50 -40.87 -29.11
C8 CLA PL . 65.80 -41.60 -29.41
C9 CLA PL . 66.82 -40.64 -30.00
C10 CLA PL . 65.58 -42.77 -30.35
C11 CLA PL . 66.76 -43.71 -30.40
C12 CLA PL . 67.05 -44.34 -29.04
C13 CLA PL . 66.17 -45.56 -28.77
C14 CLA PL . 65.21 -45.27 -27.64
C15 CLA PL . 67.00 -46.78 -28.42
C16 CLA PL . 67.81 -47.26 -29.62
C17 CLA PL . 67.84 -48.77 -29.68
C18 CLA PL . 69.14 -49.34 -29.12
C19 CLA PL . 68.88 -50.35 -28.03
C20 CLA PL . 69.99 -49.95 -30.20
MG CLA QL . 57.96 -35.37 -17.01
CHA CLA QL . 56.18 -37.50 -14.95
CHB CLA QL . 59.09 -33.75 -14.25
CHC CLA QL . 59.22 -32.90 -19.01
CHD CLA QL . 55.91 -36.41 -19.68
NA CLA QL . 57.90 -35.80 -14.97
C1A CLA QL . 57.18 -36.81 -14.32
C2A CLA QL . 57.33 -36.69 -12.80
C3A CLA QL . 57.87 -35.25 -12.63
C4A CLA QL . 58.39 -34.92 -14.02
CMA CLA QL . 56.78 -34.30 -12.20
CAA CLA QL . 58.27 -37.72 -12.23
CBA CLA QL . 59.10 -38.45 -13.26
CGA CLA QL . 60.48 -38.70 -12.73
O1A CLA QL . 60.85 -38.82 -11.56
O2A CLA QL . 61.41 -38.82 -13.72
NB CLA QL . 59.18 -33.80 -16.72
C1B CLA QL . 59.56 -33.34 -15.51
C2B CLA QL . 60.37 -32.10 -15.72
C3B CLA QL . 60.07 -31.65 -16.98
C4B CLA QL . 59.37 -32.77 -17.66
CMB CLA QL . 61.10 -31.45 -14.63
CAB CLA QL . 60.68 -30.60 -17.74
CBB CLA QL . 61.97 -30.55 -18.06
NC CLA QL . 57.79 -34.93 -19.04
C1C CLA QL . 58.50 -33.95 -19.66
C2C CLA QL . 58.27 -34.04 -21.09
C3C CLA QL . 57.18 -34.89 -21.27
C4C CLA QL . 56.84 -35.38 -19.95
CMC CLA QL . 59.21 -33.55 -22.11
CAC CLA QL . 56.74 -35.49 -22.54
CBC CLA QL . 55.74 -34.64 -23.28
ND CLA QL . 56.58 -36.82 -17.36
C1D CLA QL . 55.76 -37.08 -18.49
C2D CLA QL . 55.04 -38.33 -18.22
C3D CLA QL . 55.24 -38.60 -16.88
C4D CLA QL . 56.00 -37.45 -16.36
CMD CLA QL . 54.58 -39.23 -19.27
CAD CLA QL . 54.83 -39.39 -15.73
OBD CLA QL . 53.97 -40.26 -15.69
CBD CLA QL . 55.29 -38.61 -14.46
CGD CLA QL . 54.11 -38.06 -13.70
O1D CLA QL . 53.75 -36.89 -13.62
O2D CLA QL . 53.39 -39.00 -13.03
CED CLA QL . 52.67 -38.57 -11.87
C1 CLA QL . 61.98 -40.14 -13.90
C2 CLA QL . 63.40 -39.92 -14.27
C3 CLA QL . 64.37 -39.70 -13.36
C4 CLA QL . 64.11 -39.66 -11.91
C5 CLA QL . 65.77 -39.48 -13.81
C6 CLA QL . 66.73 -40.51 -13.23
C7 CLA QL . 67.15 -41.53 -14.27
C8 CLA QL . 67.73 -40.88 -15.52
C9 CLA QL . 67.70 -41.86 -16.68
C10 CLA QL . 69.15 -40.38 -15.28
C11 CLA QL . 69.39 -39.05 -15.95
C12 CLA QL . 70.67 -38.39 -15.47
C13 CLA QL . 71.00 -37.15 -16.30
C14 CLA QL . 69.92 -36.10 -16.13
C15 CLA QL . 71.19 -37.51 -17.77
C16 CLA QL . 71.61 -36.31 -18.60
C17 CLA QL . 72.16 -36.76 -19.93
C18 CLA QL . 71.56 -36.00 -21.11
C19 CLA QL . 72.08 -34.57 -21.15
C20 CLA QL . 70.05 -36.02 -21.08
MG CLA RL . 20.18 -21.04 -5.07
CHA CLA RL . 22.25 -21.96 -2.47
CHB CLA RL . 17.83 -20.12 -2.81
CHC CLA RL . 18.35 -19.67 -7.61
CHD CLA RL . 22.80 -21.68 -7.33
NA CLA RL . 20.01 -21.25 -3.01
C1A CLA RL . 21.05 -21.43 -2.09
C2A CLA RL . 20.50 -21.50 -0.67
C3A CLA RL . 18.99 -21.25 -0.86
C4A CLA RL . 18.89 -20.88 -2.34
CMA CLA RL . 18.21 -22.49 -0.58
CAA CLA RL . 21.17 -20.49 0.25
CBA CLA RL . 20.52 -19.13 0.21
CGA CLA RL . 21.53 -18.10 -0.14
O1A CLA RL . 21.93 -17.15 0.54
O2A CLA RL . 22.03 -18.24 -1.39
NB CLA RL . 18.34 -20.23 -5.21
C1B CLA RL . 17.59 -19.83 -4.16
C2B CLA RL . 16.31 -19.28 -4.69
C3B CLA RL . 16.53 -18.97 -6.00
C4B CLA RL . 17.78 -19.69 -6.38
CMB CLA RL . 15.05 -19.41 -3.98
CAB CLA RL . 15.55 -18.56 -6.99
CBB CLA RL . 15.67 -17.49 -7.78
NC CLA RL . 20.52 -20.73 -7.11
C1C CLA RL . 19.71 -19.96 -7.89
C2C CLA RL . 20.28 -19.87 -9.22
C3C CLA RL . 21.57 -20.37 -9.14
C4C CLA RL . 21.64 -21.06 -7.85
CMC CLA RL . 19.53 -19.47 -10.41
CAC CLA RL . 22.52 -20.51 -10.24
CBC CLA RL . 23.32 -19.25 -10.46
ND CLA RL . 22.06 -21.76 -5.01
C1D CLA RL . 23.08 -21.84 -5.99
C2D CLA RL . 24.30 -22.39 -5.37
C3D CLA RL . 24.00 -22.55 -4.03
C4D CLA RL . 22.67 -21.95 -3.84
CMD CLA RL . 25.42 -22.90 -6.13
CAD CLA RL . 24.44 -23.04 -2.74
OBD CLA RL . 25.37 -23.80 -2.48
CBD CLA RL . 23.33 -22.71 -1.71
CGD CLA RL . 22.79 -23.94 -1.04
O1D CLA RL . 21.82 -24.62 -1.39
O2D CLA RL . 23.47 -24.31 0.07
CED CLA RL . 22.71 -24.83 1.16
C1 CLA RL . 22.10 -17.05 -2.19
C2 CLA RL . 20.69 -16.63 -2.45
C3 CLA RL . 20.06 -16.84 -3.61
C4 CLA RL . 20.73 -17.52 -4.75
C5 CLA RL . 18.65 -16.40 -3.80
C6 CLA RL . 18.44 -15.49 -4.99
C7 CLA RL . 19.13 -14.16 -4.78
C8 CLA RL . 18.16 -12.99 -4.64
C9 CLA RL . 17.22 -12.94 -5.82
C10 CLA RL . 18.93 -11.69 -4.52
C11 CLA RL . 18.20 -10.67 -3.65
C12 CLA RL . 17.91 -11.21 -2.26
C13 CLA RL . 17.25 -10.15 -1.40
C14 CLA RL . 18.27 -9.18 -0.86
C15 CLA RL . 16.44 -10.77 -0.25
MG CLA SL . 26.02 -36.55 23.83
CHA CLA SL . 22.74 -35.48 24.23
CHB CLA SL . 26.79 -33.59 22.38
CHC CLA SL . 29.19 -37.74 23.24
CHD CLA SL . 25.09 -39.71 25.05
NA CLA SL . 24.91 -34.84 23.36
C1A CLA SL . 23.62 -34.51 23.81
C2A CLA SL . 23.27 -33.09 23.42
C3A CLA SL . 24.47 -32.62 22.56
C4A CLA SL . 25.45 -33.79 22.67
CMA CLA SL . 24.08 -32.32 21.14
CAA CLA SL . 23.08 -32.18 24.62
CBA CLA SL . 21.96 -31.19 24.37
CGA CLA SL . 21.78 -30.27 25.53
O1A CLA SL . 21.73 -30.55 26.73
O2A CLA SL . 21.65 -28.97 25.16
NB CLA SL . 27.70 -35.77 23.04
C1B CLA SL . 27.82 -34.53 22.52
C2B CLA SL . 29.23 -34.30 22.08
C3B CLA SL . 29.88 -35.50 22.24
C4B CLA SL . 28.94 -36.44 22.92
CMB CLA SL . 29.61 -33.15 21.29
CAB CLA SL . 31.26 -35.86 22.04
CBB CLA SL . 32.31 -35.16 22.49
NC CLA SL . 26.98 -38.35 24.22
C1C CLA SL . 28.27 -38.64 23.84
C2C CLA SL . 28.64 -39.94 24.37
C3C CLA SL . 27.52 -40.47 25.00
C4C CLA SL . 26.45 -39.50 24.80
CMC CLA SL . 30.00 -40.50 24.30
CAC CLA SL . 27.45 -41.69 25.82
CBC CLA SL . 27.39 -41.39 27.30
ND CLA SL . 24.35 -37.45 24.51
C1D CLA SL . 24.14 -38.72 25.11
C2D CLA SL . 22.77 -38.77 25.66
C3D CLA SL . 22.20 -37.54 25.38
C4D CLA SL . 23.19 -36.80 24.58
CMD CLA SL . 22.13 -39.98 26.15
CAD CLA SL . 20.95 -36.80 25.28
OBD CLA SL . 19.83 -37.11 25.68
CBD CLA SL . 21.32 -35.40 24.72
CGD CLA SL . 20.36 -34.96 23.65
O1D CLA SL . 19.77 -33.88 23.56
O2D CLA SL . 20.16 -35.89 22.68
CED CLA SL . 18.87 -35.95 22.07
C1 PQN TL . 49.17 -34.89 -23.54
O1 PQN TL . 49.19 -33.66 -23.39
C2 PQN TL . 50.30 -35.55 -24.24
C2M PQN TL . 51.43 -34.69 -24.73
C3 PQN TL . 50.30 -36.90 -24.41
C4 PQN TL . 49.17 -37.70 -23.90
O4 PQN TL . 49.17 -38.94 -24.07
C5 PQN TL . 48.03 -37.06 -23.19
C6 PQN TL . 46.98 -37.83 -22.72
C7 PQN TL . 45.92 -37.21 -22.07
C8 PQN TL . 45.92 -35.84 -21.89
C9 PQN TL . 46.98 -35.07 -22.37
C10 PQN TL . 48.04 -35.69 -23.02
C11 PQN TL . 51.41 -37.64 -25.11
C12 PQN TL . 52.52 -37.98 -24.13
C13 PQN TL . 53.36 -38.99 -24.32
C14 PQN TL . 53.23 -39.88 -25.52
C15 PQN TL . 54.44 -39.25 -23.30
C16 PQN TL . 55.77 -39.46 -24.02
C17 PQN TL . 56.78 -40.18 -23.15
C18 PQN TL . 57.81 -39.20 -22.60
C19 PQN TL . 59.00 -39.11 -23.55
C20 PQN TL . 58.24 -39.62 -21.21
C21 PQN TL . 59.31 -38.71 -20.65
C22 PQN TL . 59.05 -38.39 -19.19
C23 PQN TL . 59.73 -39.40 -18.28
C24 PQN TL . 58.80 -39.88 -17.17
C25 PQN TL . 60.99 -38.78 -17.69
C26 PQN TL . 62.16 -39.76 -17.67
C27 PQN TL . 62.47 -40.29 -19.06
C28 PQN TL . 63.95 -40.64 -19.21
C29 PQN TL . 64.25 -41.08 -20.63
C30 PQN TL . 64.85 -39.48 -18.80
FE1 SF4 UL . 37.09 -38.32 -21.81
FE2 SF4 UL . 35.03 -37.07 -20.54
FE3 SF4 UL . 35.26 -39.78 -20.39
FE4 SF4 UL . 34.54 -38.60 -22.74
S1 SF4 UL . 33.36 -38.59 -20.80
S2 SF4 UL . 36.08 -40.25 -22.46
S3 SF4 UL . 35.76 -36.68 -22.66
S4 SF4 UL . 36.71 -38.23 -19.56
C1 BCR VL . 72.00 -41.89 14.09
C2 BCR VL . 72.05 -41.47 12.64
C3 BCR VL . 70.83 -40.68 12.28
C4 BCR VL . 70.78 -39.40 13.09
C5 BCR VL . 71.16 -39.60 14.51
C6 BCR VL . 71.70 -40.73 14.98
C7 BCR VL . 72.08 -40.87 16.39
C8 BCR VL . 71.25 -41.35 17.33
C9 BCR VL . 71.68 -41.84 18.62
C10 BCR VL . 70.76 -42.14 19.53
C11 BCR VL . 71.05 -42.70 20.83
C33 BCR VL . 70.87 -38.44 15.36
C31 BCR VL . 73.33 -42.52 14.42
C32 BCR VL . 70.92 -42.94 14.19
C34 BCR VL . 73.10 -42.24 18.76
C12 BCR VL . 70.01 -42.95 21.64
C13 BCR VL . 70.10 -43.35 23.03
C14 BCR VL . 68.96 -43.49 23.71
C15 BCR VL . 68.88 -43.91 25.08
C16 BCR VL . 67.67 -43.93 25.68
C17 BCR VL . 67.55 -44.46 27.01
C18 BCR VL . 66.41 -44.56 27.68
C19 BCR VL . 66.42 -45.18 29.00
C20 BCR VL . 65.36 -45.14 29.81
C21 BCR VL . 65.38 -45.92 31.02
C22 BCR VL . 64.43 -45.92 31.97
C23 BCR VL . 64.76 -46.43 33.29
C24 BCR VL . 63.85 -46.90 34.14
C25 BCR VL . 64.03 -47.12 35.58
C26 BCR VL . 64.55 -48.24 36.06
C27 BCR VL . 64.77 -48.56 37.50
C28 BCR VL . 64.58 -47.36 38.39
C29 BCR VL . 63.41 -46.54 37.90
C30 BCR VL . 63.59 -46.03 36.49
C35 BCR VL . 71.41 -43.41 23.70
C36 BCR VL . 65.14 -44.02 27.18
C37 BCR VL . 63.01 -45.70 31.62
C38 BCR VL . 65.00 -49.37 35.22
C39 BCR VL . 64.56 -44.85 36.46
C40 BCR VL . 62.23 -45.48 36.08
C1 BCR WL . 37.37 -43.96 8.62
C2 BCR WL . 37.73 -44.65 7.34
C3 BCR WL . 37.76 -43.65 6.23
C4 BCR WL . 38.88 -42.69 6.47
C5 BCR WL . 38.88 -42.19 7.85
C6 BCR WL . 38.19 -42.73 8.86
C7 BCR WL . 38.25 -42.22 10.23
C8 BCR WL . 37.46 -41.24 10.68
C9 BCR WL . 37.79 -40.43 11.82
C10 BCR WL . 36.91 -39.53 12.27
C11 BCR WL . 37.02 -38.93 13.57
C33 BCR WL . 39.73 -41.00 8.03
C31 BCR WL . 37.53 -44.95 9.75
C32 BCR WL . 35.90 -43.59 8.49
C34 BCR WL . 38.98 -40.80 12.61
C12 BCR WL . 36.04 -38.12 13.99
C13 BCR WL . 36.08 -37.40 15.23
C14 BCR WL . 35.03 -36.64 15.55
C15 BCR WL . 35.00 -35.75 16.68
C16 BCR WL . 33.97 -34.91 16.83
C17 BCR WL . 33.93 -34.13 18.03
C18 BCR WL . 33.07 -33.15 18.30
C19 BCR WL . 33.19 -32.46 19.57
C20 BCR WL . 32.52 -31.35 19.86
C21 BCR WL . 32.89 -30.65 21.07
C22 BCR WL . 32.11 -29.83 21.77
C23 BCR WL . 32.56 -29.39 23.08
C24 BCR WL . 31.78 -28.75 23.96
C25 BCR WL . 32.23 -28.03 25.15
C26 BCR WL . 32.41 -28.64 26.32
C27 BCR WL . 32.85 -28.00 27.58
C28 BCR WL . 33.31 -26.58 27.39
C29 BCR WL . 32.45 -25.89 26.38
C30 BCR WL . 32.47 -26.57 25.02
C35 BCR WL . 37.19 -37.60 16.17
C36 BCR WL . 32.15 -32.62 17.27
C37 BCR WL . 30.73 -29.51 21.33
C38 BCR WL . 32.19 -30.09 26.53
C39 BCR WL . 33.76 -26.27 24.29
C40 BCR WL . 31.36 -25.89 24.21
C1 BCR XL . 39.34 -35.12 4.82
C2 BCR XL . 38.42 -36.14 4.20
C3 BCR XL . 39.14 -37.45 4.06
C4 BCR XL . 39.56 -37.99 5.41
C5 BCR XL . 40.04 -36.93 6.33
C6 BCR XL . 39.96 -35.62 6.08
C7 BCR XL . 40.43 -34.63 7.05
C8 BCR XL . 41.67 -34.15 7.05
C9 BCR XL . 42.34 -33.74 8.26
C10 BCR XL . 41.74 -33.88 9.45
C11 BCR XL . 42.42 -33.67 10.70
C33 BCR XL . 40.63 -37.47 7.56
C31 BCR XL . 38.51 -33.88 5.07
C32 BCR XL . 40.40 -34.78 3.79
C34 BCR XL . 43.67 -33.11 8.15
C12 BCR XL . 41.75 -33.09 11.70
C13 BCR XL . 42.38 -32.46 12.84
C14 BCR XL . 41.61 -31.99 13.83
C15 BCR XL . 42.14 -31.51 15.07
C16 BCR XL . 41.35 -30.86 15.92
C17 BCR XL . 41.96 -30.24 17.06
C18 BCR XL . 41.63 -30.43 18.34
C19 BCR XL . 42.24 -29.58 19.34
C20 BCR XL . 41.95 -29.68 20.63
C21 BCR XL . 42.60 -28.82 21.57
C22 BCR XL . 42.09 -28.42 22.74
C23 BCR XL . 42.75 -27.36 23.46
C24 BCR XL . 42.20 -26.16 23.57
C25 BCR XL . 42.25 -25.26 24.72
C26 BCR XL . 43.22 -24.36 24.86
C27 BCR XL . 43.32 -23.41 25.98
C28 BCR XL . 41.93 -23.00 26.39
C29 BCR XL . 41.12 -24.22 26.74
C30 BCR XL . 41.16 -25.38 25.74
C35 BCR XL . 43.84 -32.55 13.02
C36 BCR XL . 40.85 -31.60 18.77
C37 BCR XL . 40.65 -28.67 23.02
C38 BCR XL . 44.31 -24.19 23.89
C39 BCR XL . 39.82 -25.53 25.04
C40 BCR XL . 41.32 -26.61 26.62
C1 BCR YL . 61.13 -29.88 -5.01
C2 BCR YL . 60.35 -28.82 -4.26
C3 BCR YL . 61.27 -27.78 -3.69
C4 BCR YL . 61.96 -27.08 -4.82
C5 BCR YL . 62.59 -28.03 -5.76
C6 BCR YL . 62.21 -29.32 -5.89
C7 BCR YL . 62.87 -30.24 -6.81
C8 BCR YL . 62.59 -30.32 -8.12
C9 BCR YL . 63.31 -31.17 -9.04
C10 BCR YL . 63.21 -30.97 -10.35
C11 BCR YL . 62.74 -29.75 -10.98
C33 BCR YL . 63.66 -27.41 -6.56
C31 BCR YL . 60.10 -30.72 -5.72
C32 BCR YL . 61.79 -30.75 -3.95
C34 BCR YL . 63.97 -32.38 -8.50
C12 BCR YL . 63.10 -29.54 -12.24
C13 BCR YL . 62.56 -28.54 -13.13
C14 BCR YL . 63.13 -28.43 -14.34
C15 BCR YL . 62.58 -27.71 -15.46
C16 BCR YL . 63.39 -27.32 -16.47
C17 BCR YL . 62.87 -27.16 -17.80
C18 BCR YL . 63.56 -27.28 -18.93
C19 BCR YL . 64.90 -27.85 -18.85
C20 BCR YL . 65.79 -27.71 -19.83
C21 BCR YL . 66.00 -28.81 -20.74
C22 BCR YL . 65.90 -28.75 -22.07
C23 BCR YL . 66.26 -29.94 -22.83
C24 BCR YL . 67.49 -30.14 -23.31
C25 BCR YL . 67.95 -31.32 -24.05
C26 BCR YL . 67.81 -31.42 -25.37
C27 BCR YL . 68.26 -32.55 -26.20
C28 BCR YL . 69.41 -33.26 -25.55
C29 BCR YL . 69.05 -33.60 -24.13
C30 BCR YL . 68.64 -32.41 -23.27
C35 BCR YL . 61.68 -27.49 -12.61
C36 BCR YL . 63.14 -26.69 -20.20
C37 BCR YL . 65.79 -27.46 -22.77
C38 BCR YL . 67.16 -30.37 -26.20
C39 BCR YL . 69.83 -31.82 -22.54
C40 BCR YL . 67.75 -33.04 -22.20
O1 LHG ZL . 45.16 -51.14 -15.40
C1 LHG ZL . 44.54 -50.06 -14.70
C2 LHG ZL . 45.55 -48.95 -14.54
O2 LHG ZL . 46.47 -49.25 -13.52
C3 LHG ZL . 44.92 -47.64 -14.15
O3 LHG ZL . 46.08 -46.82 -14.15
P LHG ZL . 46.21 -45.57 -15.16
O4 LHG ZL . 47.04 -46.01 -16.30
O5 LHG ZL . 44.88 -44.92 -15.07
O6 LHG ZL . 47.29 -44.73 -14.21
C4 LHG ZL . 46.87 -43.62 -13.47
C5 LHG ZL . 48.13 -43.08 -12.83
C6 LHG ZL . 48.23 -43.47 -11.36
O7 LHG ZL . 49.21 -43.68 -13.51
C7 LHG ZL . 50.36 -42.96 -13.45
O9 LHG ZL . 50.39 -41.76 -13.23
C8 LHG ZL . 51.48 -43.77 -13.98
C9 LHG ZL . 52.69 -42.89 -14.12
C10 LHG ZL . 53.71 -43.23 -13.06
O8 LHG ZL . 48.46 -42.25 -10.67
C23 LHG ZL . 49.03 -42.32 -9.43
O10 LHG ZL . 49.51 -43.37 -9.05
C24 LHG ZL . 48.96 -41.14 -8.47
C11 LHG ZL . 54.99 -42.98 -13.80
C12 LHG ZL . 56.13 -43.05 -12.83
C13 LHG ZL . 57.39 -42.65 -13.56
C14 LHG ZL . 58.51 -42.40 -12.59
C25 LHG ZL . 49.78 -39.92 -8.84
C26 LHG ZL . 49.27 -38.57 -8.33
C27 LHG ZL . 50.52 -37.79 -8.07
C28 LHG ZL . 50.32 -36.32 -7.77
C29 LHG ZL . 51.57 -35.88 -7.01
C30 LHG ZL . 52.15 -34.54 -7.38
C31 LHG ZL . 53.41 -34.13 -6.63
C32 LHG ZL . 54.35 -33.23 -7.40
C33 LHG ZL . 55.01 -32.30 -6.40
O1 LHG AM . 28.96 -41.65 18.70
C1 LHG AM . 29.41 -40.31 18.61
C2 LHG AM . 29.12 -39.61 19.90
O2 LHG AM . 29.86 -40.20 20.95
C3 LHG AM . 27.69 -39.73 20.31
O3 LHG AM . 27.20 -38.53 19.74
P LHG AM . 25.63 -38.20 19.73
O4 LHG AM . 24.95 -39.24 18.92
O5 LHG AM . 25.37 -37.66 21.09
O6 LHG AM . 25.74 -36.93 18.68
C4 LHG AM . 26.78 -36.01 18.80
C5 LHG AM . 26.26 -34.78 18.04
C6 LHG AM . 26.66 -33.51 18.77
O7 LHG AM . 26.89 -34.79 16.78
C7 LHG AM . 26.02 -34.82 15.73
O9 LHG AM . 24.83 -35.05 15.86
C8 LHG AM . 26.67 -34.32 14.50
C9 LHG AM . 25.96 -33.08 14.01
C10 LHG AM . 26.97 -32.07 13.53
O8 LHG AM . 26.73 -32.53 17.74
C23 LHG AM . 27.89 -31.82 17.64
O10 LHG AM . 28.92 -32.34 18.00
C24 LHG AM . 27.83 -30.31 17.51
C11 LHG AM . 26.11 -31.15 12.71
C12 LHG AM . 26.53 -29.72 12.94
C13 LHG AM . 27.59 -29.37 11.92
C14 LHG AM . 28.93 -29.10 12.57
C15 LHG AM . 29.84 -28.54 11.50
C16 LHG AM . 29.62 -27.07 11.37
C17 LHG AM . 29.93 -26.35 12.68
C18 LHG AM . 31.39 -25.99 12.56
C19 LHG AM . 31.91 -25.12 13.68
C20 LHG AM . 33.40 -25.30 13.58
C21 LHG AM . 34.09 -24.43 14.56
C22 LHG AM . 35.56 -24.80 14.58
C25 LHG AM . 29.17 -29.61 17.50
C26 LHG AM . 29.51 -28.83 16.24
C27 LHG AM . 30.97 -29.12 16.02
C28 LHG AM . 31.93 -28.02 16.38
C29 LHG AM . 33.32 -28.60 16.20
C30 LHG AM . 34.32 -28.30 17.29
C1 BCR BM . 66.96 -50.30 29.32
C2 BCR BM . 67.78 -50.75 30.50
C3 BCR BM . 68.74 -49.67 30.93
C4 BCR BM . 69.68 -49.29 29.81
C5 BCR BM . 69.02 -49.27 28.48
C6 BCR BM . 67.79 -49.70 28.23
C7 BCR BM . 67.21 -49.66 26.88
C8 BCR BM . 66.47 -48.65 26.44
C9 BCR BM . 65.91 -48.57 25.11
C10 BCR BM . 65.65 -47.37 24.59
C11 BCR BM . 65.04 -47.15 23.30
C33 BCR BM . 69.88 -48.69 27.43
C31 BCR BM . 65.93 -49.33 29.87
C32 BCR BM . 66.23 -51.51 28.80
C34 BCR BM . 65.50 -49.83 24.45
C12 BCR BM . 64.93 -45.89 22.88
C13 BCR BM . 64.38 -45.48 21.60
C14 BCR BM . 64.69 -44.27 21.14
C15 BCR BM . 64.17 -43.70 19.94
C16 BCR BM . 64.64 -42.52 19.51
C17 BCR BM . 63.95 -41.85 18.44
C18 BCR BM . 64.18 -40.59 18.05
C19 BCR BM . 63.86 -40.23 16.69
C20 BCR BM . 64.10 -39.01 16.20
C21 BCR BM . 64.07 -38.82 14.77
C22 BCR BM . 63.18 -38.06 14.13
C23 BCR BM . 63.38 -37.74 12.72
C24 BCR BM . 62.81 -36.70 12.13
C25 BCR BM . 62.23 -36.67 10.79
C26 BCR BM . 60.90 -36.70 10.61
C27 BCR BM . 60.17 -36.69 9.33
C28 BCR BM . 61.07 -36.73 8.12
C29 BCR BM . 62.42 -36.08 8.37
C30 BCR BM . 63.14 -36.56 9.61
C35 BCR BM . 63.41 -46.33 20.90
C36 BCR BM . 64.94 -39.64 18.88
C37 BCR BM . 61.88 -37.78 14.77
C38 BCR BM . 59.96 -36.79 11.75
C39 BCR BM . 64.31 -35.66 9.94
C40 BCR BM . 63.74 -37.90 9.21
MG CLA CM . 54.82 -20.95 -22.94
CHA CLA CM . 55.79 -19.57 -19.94
CHB CLA CM . 58.07 -21.30 -23.81
CHC CLA CM . 53.85 -22.97 -25.55
CHD CLA CM . 51.52 -20.99 -21.78
NA CLA CM . 56.62 -20.47 -22.01
C1A CLA CM . 56.84 -19.99 -20.72
C2A CLA CM . 58.30 -19.59 -20.55
C3A CLA CM . 58.89 -19.80 -21.97
C4A CLA CM . 57.82 -20.68 -22.60
CMA CLA CM . 59.04 -18.51 -22.72
CAA CLA CM . 59.04 -20.46 -19.56
CBA CLA CM . 60.38 -19.86 -19.17
CGA CLA CM . 61.49 -20.80 -19.51
O1A CLA CM . 61.48 -21.76 -20.27
O2A CLA CM . 62.66 -20.50 -18.87
NB CLA CM . 55.76 -21.86 -24.46
C1B CLA CM . 57.11 -22.00 -24.56
C2B CLA CM . 57.42 -23.27 -25.23
C3B CLA CM . 56.28 -23.63 -25.89
C4B CLA CM . 55.19 -22.78 -25.36
CMB CLA CM . 58.79 -23.68 -25.53
CAB CLA CM . 56.22 -24.26 -27.17
CBB CLA CM . 56.15 -25.58 -27.35
NC CLA CM . 52.96 -21.55 -23.71
C1C CLA CM . 52.80 -22.38 -24.79
C2C CLA CM . 51.37 -22.47 -25.08
C3C CLA CM . 50.70 -21.84 -24.03
C4C CLA CM . 51.74 -21.51 -23.06
CMC CLA CM . 50.81 -23.27 -26.17
CAC CLA CM . 49.27 -21.55 -23.92
CBC CLA CM . 48.91 -20.10 -24.11
ND CLA CM . 53.78 -20.15 -21.42
C1D CLA CM . 52.40 -20.19 -21.08
C2D CLA CM . 52.21 -19.66 -19.73
C3D CLA CM . 53.48 -19.36 -19.25
C4D CLA CM . 54.42 -19.63 -20.35
CMD CLA CM . 50.98 -19.88 -18.98
CAD CLA CM . 54.26 -19.14 -18.05
OBD CLA CM . 53.92 -19.30 -16.90
CBD CLA CM . 55.76 -19.24 -18.47
CGD CLA CM . 56.50 -17.98 -18.17
O1D CLA CM . 57.72 -17.84 -18.00
O2D CLA CM . 55.72 -16.89 -18.10
CED CLA CM . 56.38 -15.64 -17.92
C1 CLA CM . 63.89 -20.88 -19.54
C2 CLA CM . 64.87 -21.45 -18.58
C3 CLA CM . 64.76 -22.68 -18.05
C4 CLA CM . 63.62 -23.57 -18.37
C5 CLA CM . 65.77 -23.25 -17.10
C6 CLA CM . 66.20 -24.65 -17.51
C7 CLA CM . 67.31 -25.21 -16.65
C8 CLA CM . 66.80 -26.30 -15.71
C9 CLA CM . 67.32 -26.06 -14.31
C10 CLA CM . 67.20 -27.70 -16.16
C11 CLA CM . 66.65 -28.75 -15.21
C12 CLA CM . 66.35 -30.06 -15.90
C13 CLA CM . 65.69 -31.04 -14.93
C14 CLA CM . 66.72 -31.78 -14.12
C15 CLA CM . 64.79 -32.02 -15.67
MG CLA DM . 51.08 -12.27 -15.33
CHA CLA DM . 50.38 -11.72 -18.68
CHB CLA DM . 48.96 -14.91 -15.30
CHC CLA DM . 51.77 -12.75 -12.01
CHD CLA DM . 52.78 -9.20 -15.21
NA CLA DM . 49.89 -13.17 -16.79
C1A CLA DM . 49.82 -12.87 -18.17
C2A CLA DM . 48.58 -13.55 -18.74
C3A CLA DM . 47.95 -14.32 -17.56
C4A CLA DM . 49.01 -14.16 -16.46
CMA CLA DM . 46.63 -13.70 -17.19
CAA CLA DM . 48.86 -14.49 -19.90
CBA CLA DM . 49.54 -15.78 -19.52
CGA CLA DM . 49.22 -16.78 -20.58
O1A CLA DM . 48.12 -17.14 -20.97
O2A CLA DM . 50.33 -17.34 -21.15
NB CLA DM . 50.60 -13.67 -13.98
C1B CLA DM . 49.83 -14.76 -14.21
C2B CLA DM . 49.96 -15.70 -13.05
C3B CLA DM . 50.71 -15.03 -12.10
C4B CLA DM . 51.00 -13.69 -12.63
CMB CLA DM . 49.65 -17.12 -13.17
CAB CLA DM . 51.22 -15.43 -10.81
CBB CLA DM . 50.56 -16.09 -9.86
NC CLA DM . 52.11 -11.18 -13.89
C1C CLA DM . 52.10 -11.48 -12.55
C2C CLA DM . 52.94 -10.51 -11.85
C3C CLA DM . 53.28 -9.53 -12.77
C4C CLA DM . 52.58 -9.87 -14.00
CMC CLA DM . 53.65 -10.81 -10.61
CAC CLA DM . 54.11 -8.35 -12.56
CBC CLA DM . 53.28 -7.14 -12.24
ND CLA DM . 51.52 -10.77 -16.60
C1D CLA DM . 52.37 -9.66 -16.44
C2D CLA DM . 52.41 -8.93 -17.71
C3D CLA DM . 51.59 -9.61 -18.59
C4D CLA DM . 51.03 -10.76 -17.83
CMD CLA DM . 53.35 -7.85 -17.95
CAD CLA DM . 51.29 -9.85 -19.97
OBD CLA DM . 51.09 -9.05 -20.87
CBD CLA DM . 50.89 -11.34 -20.06
CGD CLA DM . 49.91 -11.51 -21.19
O1D CLA DM . 48.88 -10.87 -21.39
O2D CLA DM . 50.24 -12.46 -22.09
CED CLA DM . 49.75 -12.28 -23.41
C1 CLA DM . 50.93 -16.57 -22.20
C2 CLA DM . 52.38 -16.74 -22.01
C3 CLA DM . 53.29 -16.19 -22.82
C4 CLA DM . 52.91 -15.37 -24.01
C5 CLA DM . 54.74 -16.39 -22.57
C6 CLA DM . 55.51 -15.10 -22.63
C7 CLA DM . 56.58 -15.06 -21.57
C8 CLA DM . 57.97 -14.98 -22.16
C9 CLA DM . 59.01 -14.79 -21.06
C10 CLA DM . 58.09 -13.87 -23.18
C11 CLA DM . 59.13 -14.18 -24.22
C12 CLA DM . 58.69 -15.23 -25.20
C13 CLA DM . 59.63 -15.26 -26.40
C14 CLA DM . 59.35 -14.10 -27.31
C15 CLA DM . 59.51 -16.55 -27.17
C16 CLA DM . 59.82 -17.77 -26.34
C17 CLA DM . 60.14 -18.90 -27.27
C18 CLA DM . 60.10 -20.30 -26.69
C19 CLA DM . 61.08 -20.40 -25.55
C20 CLA DM . 60.46 -21.27 -27.78
MG CLA EM . 37.46 -22.79 -8.53
CHA CLA EM . 34.93 -24.15 -6.61
CHB CLA EM . 35.68 -19.93 -8.83
CHC CLA EM . 39.85 -21.52 -10.62
CHD CLA EM . 38.26 -25.99 -9.59
NA CLA EM . 35.75 -22.06 -7.59
C1A CLA EM . 34.86 -22.79 -6.79
C2A CLA EM . 33.77 -21.86 -6.28
C3A CLA EM . 33.87 -20.64 -7.22
C4A CLA EM . 35.14 -20.93 -8.02
CMA CLA EM . 32.67 -20.49 -8.11
CAA CLA EM . 34.05 -21.50 -4.84
CBA CLA EM . 32.87 -20.77 -4.23
CGA CLA EM . 33.19 -19.32 -4.24
O1A CLA EM . 34.24 -18.79 -3.91
O2A CLA EM . 32.14 -18.54 -4.66
NB CLA EM . 37.85 -20.98 -9.29
C1B CLA EM . 36.99 -19.93 -9.32
C2B CLA EM . 37.72 -18.72 -9.75
C3B CLA EM . 38.94 -19.16 -10.24
C4B CLA EM . 38.92 -20.65 -10.15
CMB CLA EM . 37.02 -17.45 -9.96
CAB CLA EM . 40.13 -18.46 -10.66
CBB CLA EM . 40.49 -17.22 -10.34
NC CLA EM . 39.00 -23.64 -9.63
C1C CLA EM . 39.89 -22.92 -10.39
C2C CLA EM . 40.76 -23.86 -11.07
C3C CLA EM . 40.39 -25.13 -10.65
C4C CLA EM . 39.08 -24.95 -10.05
CMC CLA EM . 42.09 -23.50 -11.51
CAC CLA EM . 41.32 -26.21 -10.30
CBC CLA EM . 41.15 -27.41 -11.18
ND CLA EM . 37.03 -24.68 -7.95
C1D CLA EM . 37.42 -25.91 -8.53
C2D CLA EM . 36.72 -27.00 -7.81
C3D CLA EM . 35.85 -26.37 -6.93
C4D CLA EM . 35.94 -24.93 -7.25
CMD CLA EM . 37.24 -28.35 -7.78
CAD CLA EM . 34.78 -26.51 -5.98
OBD CLA EM . 34.16 -27.52 -5.67
CBD CLA EM . 34.27 -25.09 -5.64
CGD CLA EM . 32.78 -25.00 -5.69
O1D CLA EM . 32.08 -24.67 -6.65
O2D CLA EM . 32.14 -25.34 -4.54
CED CLA EM . 31.78 -24.27 -3.68
C1 CLA EM . 32.35 -17.11 -4.61
C2 CLA EM . 32.90 -16.68 -5.92
C3 CLA EM . 34.08 -16.06 -6.05
C4 CLA EM . 34.94 -15.74 -4.89
C5 CLA EM . 34.59 -15.64 -7.38
C6 CLA EM . 34.73 -14.14 -7.48
C7 CLA EM . 33.37 -13.51 -7.64
C8 CLA EM . 33.22 -12.17 -6.93
C9 CLA EM . 33.61 -12.28 -5.47
C10 CLA EM . 31.78 -11.69 -7.03
C11 CLA EM . 31.55 -10.85 -8.27
C12 CLA EM . 30.21 -11.16 -8.89
C13 CLA EM . 29.65 -9.97 -9.63
C14 CLA EM . 29.32 -8.87 -8.65
C15 CLA EM . 28.40 -10.36 -10.43
C16 CLA EM . 27.79 -9.18 -11.15
C17 CLA EM . 28.38 -8.99 -12.52
C18 CLA EM . 27.31 -9.08 -13.60
C19 CLA EM . 27.73 -8.35 -14.85
C20 CLA EM . 27.02 -10.53 -13.92
MG CLA FM . 21.27 -13.66 -33.03
CHA CLA FM . 18.50 -15.68 -33.48
CHB CLA FM . 21.08 -12.78 -36.32
CHC CLA FM . 24.18 -11.91 -32.69
CHD CLA FM . 22.00 -15.42 -30.09
NA CLA FM . 19.92 -14.06 -34.57
C1A CLA FM . 18.71 -14.77 -34.46
C2A CLA FM . 17.90 -14.62 -35.74
C3A CLA FM . 18.90 -13.98 -36.73
C4A CLA FM . 20.10 -13.63 -35.85
CMA CLA FM . 19.29 -14.92 -37.83
CAA CLA FM . 16.68 -13.73 -35.52
CBA CLA FM . 16.98 -12.47 -34.76
CGA CLA FM . 16.05 -12.34 -33.60
O1A CLA FM . 15.09 -13.06 -33.32
O2A CLA FM . 16.33 -11.29 -32.79
NB CLA FM . 22.29 -12.39 -34.21
C1B CLA FM . 22.10 -12.23 -35.55
C2B CLA FM . 23.06 -11.21 -36.07
C3B CLA FM . 23.97 -10.99 -35.05
C4B CLA FM . 23.56 -11.84 -33.90
CMB CLA FM . 22.78 -10.44 -37.27
CAB CLA FM . 25.09 -10.09 -34.97
CBB CLA FM . 26.01 -9.90 -35.92
NC CLA FM . 22.67 -13.49 -31.51
C1C CLA FM . 23.85 -12.78 -31.62
C2C CLA FM . 24.52 -12.81 -30.33
C3C CLA FM . 23.95 -13.86 -29.61
C4C CLA FM . 22.85 -14.34 -30.42
CMC CLA FM . 25.29 -11.68 -29.81
CAC CLA FM . 24.11 -14.10 -28.18
CBC CLA FM . 25.37 -14.88 -27.85
ND CLA FM . 20.37 -15.05 -31.87
C1D CLA FM . 20.78 -15.69 -30.68
C2D CLA FM . 19.66 -16.51 -30.19
C3D CLA FM . 18.76 -16.55 -31.24
C4D CLA FM . 19.35 -15.75 -32.33
CMD CLA FM . 19.67 -17.28 -28.95
CAD CLA FM . 17.49 -17.09 -31.71
OBD CLA FM . 16.63 -17.72 -31.11
CBD CLA FM . 17.28 -16.52 -33.14
CGD CLA FM . 17.06 -17.62 -34.15
O1D CLA FM . 16.03 -18.25 -34.36
O2D CLA FM . 18.16 -17.90 -34.90
CED CLA FM . 17.93 -18.21 -36.28
C1 CLA FM . 15.20 -10.73 -32.07
C2 CLA FM . 15.66 -9.46 -31.47
C3 CLA FM . 14.83 -8.45 -31.22
C4 CLA FM . 13.38 -8.49 -31.53
C5 CLA FM . 15.34 -7.19 -30.61
C6 CLA FM . 15.44 -6.05 -31.60
C7 CLA FM . 15.60 -4.73 -30.86
C8 CLA FM . 16.38 -3.71 -31.68
C9 CLA FM . 17.73 -4.28 -32.06
C10 CLA FM . 16.55 -2.42 -30.89
C11 CLA FM . 15.47 -1.42 -31.23
C12 CLA FM . 15.31 -0.38 -30.14
C13 CLA FM . 14.62 0.88 -30.65
C14 CLA FM . 14.51 1.91 -29.57
C15 CLA FM . 13.24 0.56 -31.22
MG CLA GM . 28.26 -15.23 -42.88
CHA CLA GM . 30.88 -13.83 -44.66
CHB CLA GM . 28.17 -12.45 -40.93
CHC CLA GM . 25.89 -16.77 -40.95
CHD CLA GM . 28.57 -18.14 -44.84
NA CLA GM . 29.28 -13.41 -42.90
C1A CLA GM . 30.22 -12.98 -43.83
C2A CLA GM . 30.57 -11.51 -43.61
C3A CLA GM . 30.06 -11.32 -42.16
C4A CLA GM . 29.00 -12.41 -42.03
CMA CLA GM . 31.18 -11.56 -41.20
CAA CLA GM . 29.90 -10.65 -44.67
CBA CLA GM . 28.96 -9.60 -44.13
CGA CLA GM . 29.71 -8.38 -43.69
O1A CLA GM . 29.42 -7.60 -42.79
O2A CLA GM . 30.86 -8.16 -44.39
NB CLA GM . 27.19 -14.70 -41.27
C1B CLA GM . 27.25 -13.48 -40.66
C2B CLA GM . 26.27 -13.45 -39.54
C3B CLA GM . 25.63 -14.67 -39.53
C4B CLA GM . 26.17 -15.45 -40.67
CMB CLA GM . 26.01 -12.24 -38.77
CAB CLA GM . 24.80 -15.27 -38.52
CBB CLA GM . 23.62 -14.80 -38.11
NC CLA GM . 27.37 -17.12 -42.91
C1C CLA GM . 26.51 -17.57 -41.95
C2C CLA GM . 26.42 -19.02 -42.03
C3C CLA GM . 27.19 -19.41 -43.12
C4C CLA GM . 27.69 -18.19 -43.74
CMC CLA GM . 25.43 -19.82 -41.32
CAC CLA GM . 27.23 -20.74 -43.74
CBC CLA GM . 28.52 -21.47 -43.46
ND CLA GM . 29.36 -15.88 -44.46
C1D CLA GM . 29.49 -17.15 -45.06
C2D CLA GM . 30.54 -17.09 -46.09
C3D CLA GM . 31.17 -15.87 -45.91
C4D CLA GM . 30.33 -15.11 -44.97
CMD CLA GM . 30.69 -18.04 -47.18
CAD CLA GM . 32.19 -14.95 -46.41
OBD CLA GM . 32.72 -14.98 -47.51
CBD CLA GM . 32.02 -13.62 -45.62
CGD CLA GM . 33.26 -13.17 -44.91
O1D CLA GM . 33.53 -12.01 -44.56
O2D CLA GM . 34.16 -14.15 -44.64
CED CLA GM . 35.32 -13.78 -43.89
C1 CLA GM . 32.03 -7.81 -43.62
C2 CLA GM . 33.10 -8.70 -44.12
C3 CLA GM . 34.20 -8.28 -44.75
C4 CLA GM . 34.46 -6.84 -45.00
C5 CLA GM . 35.24 -9.23 -45.22
C6 CLA GM . 35.34 -9.29 -46.73
C7 CLA GM . 34.10 -9.88 -47.36
C8 CLA GM . 34.13 -9.81 -48.88
C9 CLA GM . 34.42 -8.40 -49.34
C10 CLA GM . 32.82 -10.27 -49.50
C11 CLA GM . 32.54 -11.75 -49.33
C12 CLA GM . 31.51 -12.21 -50.34
C13 CLA GM . 30.24 -12.83 -49.75
C14 CLA GM . 29.92 -12.29 -48.37
C15 CLA GM . 30.32 -14.35 -49.75
C16 CLA GM . 29.19 -15.01 -48.98
C17 CLA GM . 27.94 -15.17 -49.82
C18 CLA GM . 27.23 -16.47 -49.51
C19 CLA GM . 25.84 -16.20 -48.99
C20 CLA GM . 27.16 -17.34 -50.75
MG CLA HM . 31.99 -9.35 -36.40
CHA CLA HM . 29.60 -11.41 -35.01
CHB CLA HM . 33.16 -11.95 -38.22
CHC CLA HM . 33.66 -7.16 -38.38
CHD CLA HM . 30.47 -6.61 -34.83
NA CLA HM . 31.40 -11.34 -36.63
C1A CLA HM . 30.34 -11.99 -36.00
C2A CLA HM . 30.29 -13.45 -36.41
C3A CLA HM . 31.64 -13.63 -37.14
C4A CLA HM . 32.02 -12.20 -37.50
CMA CLA HM . 32.69 -14.25 -36.25
CAA CLA HM . 29.14 -13.67 -37.35
CBA CLA HM . 28.97 -15.13 -37.71
CGA CLA HM . 28.36 -15.88 -36.58
O1A CLA HM . 27.27 -15.71 -36.05
O2A CLA HM . 29.15 -16.88 -36.10
NB CLA HM . 33.33 -9.54 -37.89
C1B CLA HM . 33.63 -10.68 -38.56
C2B CLA HM . 34.58 -10.37 -39.66
C3B CLA HM . 34.90 -9.04 -39.52
C4B CLA HM . 33.85 -8.47 -38.64
CMB CLA HM . 35.23 -11.43 -40.43
CAB CLA HM . 35.84 -8.23 -40.24
CBB CLA HM . 35.85 -8.05 -41.56
NC CLA HM . 32.36 -7.31 -36.27
C1C CLA HM . 33.18 -6.64 -37.15
C2C CLA HM . 33.20 -5.24 -36.79
C3C CLA HM . 32.08 -5.04 -35.99
C4C CLA HM . 31.53 -6.35 -35.72
CMC CLA HM . 33.97 -4.24 -37.54
CAC CLA HM . 31.76 -3.82 -35.23
CBC CLA HM . 32.51 -3.75 -33.94
ND CLA HM . 30.55 -9.05 -35.03
C1D CLA HM . 30.06 -7.87 -34.42
C2D CLA HM . 28.93 -8.21 -33.54
C3D CLA HM . 28.70 -9.56 -33.74
C4D CLA HM . 29.67 -10.01 -34.76
CMD CLA HM . 28.38 -7.33 -32.52
CAD CLA HM . 28.06 -10.75 -33.23
OBD CLA HM . 27.21 -10.85 -32.35
CBD CLA HM . 28.48 -11.94 -34.14
CGD CLA HM . 28.90 -13.12 -33.32
O1D CLA HM . 29.99 -13.32 -32.78
O2D CLA HM . 27.93 -14.06 -33.17
CED CLA HM . 27.83 -14.73 -31.92
C1 CLA HM . 29.33 -16.90 -34.68
C2 CLA HM . 30.78 -16.70 -34.41
C3 CLA HM . 31.58 -17.69 -33.99
C4 CLA HM . 31.10 -19.06 -33.76
C5 CLA HM . 33.01 -17.42 -33.74
C6 CLA HM . 33.18 -16.29 -32.74
C7 CLA HM . 34.64 -16.02 -32.50
C8 CLA HM . 34.97 -14.73 -31.72
C9 CLA HM . 33.77 -13.89 -31.36
C10 CLA HM . 35.97 -13.89 -32.50
C11 CLA HM . 35.62 -13.73 -33.96
C12 CLA HM . 36.68 -12.98 -34.74
C13 CLA HM . 36.14 -11.70 -35.33
C14 CLA HM . 37.05 -11.17 -36.42
C15 CLA HM . 35.96 -10.63 -34.26
C16 CLA HM . 34.53 -10.18 -34.18
C17 CLA HM . 34.36 -9.07 -33.15
C18 CLA HM . 32.95 -9.06 -32.57
C19 CLA HM . 32.59 -10.41 -31.99
C20 CLA HM . 32.83 -8.00 -31.50
MG CLA IM . 35.13 2.64 -24.88
CHA CLA IM . 36.37 3.57 -27.94
CHB CLA IM . 32.08 2.15 -26.25
CHC CLA IM . 33.98 1.63 -21.85
CHD CLA IM . 38.29 3.20 -23.46
NA CLA IM . 34.33 3.04 -26.75
C1A CLA IM . 35.07 3.19 -27.93
C2A CLA IM . 34.27 2.68 -29.13
C3A CLA IM . 32.84 2.72 -28.58
C4A CLA IM . 33.02 2.78 -27.06
CMA CLA IM . 32.09 3.93 -29.07
CAA CLA IM . 34.75 1.31 -29.60
CBA CLA IM . 34.61 0.16 -28.61
CGA CLA IM . 35.87 -0.01 -27.81
O1A CLA IM . 37.00 0.39 -28.06
O2A CLA IM . 35.68 -0.71 -26.64
NB CLA IM . 33.45 1.76 -24.24
C1B CLA IM . 32.32 1.61 -24.96
C2B CLA IM . 31.24 1.11 -24.07
C3B CLA IM . 31.84 0.74 -22.89
C4B CLA IM . 33.19 1.34 -22.92
CMB CLA IM . 29.89 0.82 -24.54
CAB CLA IM . 31.23 0.27 -21.67
CBB CLA IM . 31.67 -0.76 -20.95
NC CLA IM . 36.05 2.20 -23.07
C1C CLA IM . 35.37 1.95 -21.92
C2C CLA IM . 36.31 1.67 -20.85
C3C CLA IM . 37.55 2.08 -21.32
C4C CLA IM . 37.39 2.43 -22.72
CMC CLA IM . 36.02 0.78 -19.73
CAC CLA IM . 38.72 2.39 -20.49
CBC CLA IM . 39.68 1.23 -20.43
ND CLA IM . 36.90 3.44 -25.44
C1D CLA IM . 38.15 3.55 -24.78
C2D CLA IM . 39.21 3.68 -25.79
C3D CLA IM . 38.57 3.83 -27.00
C4D CLA IM . 37.13 3.68 -26.73
CMD CLA IM . 40.60 3.33 -25.52
CAD CLA IM . 38.73 4.14 -28.42
OBD CLA IM . 39.75 4.17 -29.07
CBD CLA IM . 37.32 3.92 -29.07
CGD CLA IM . 36.83 5.13 -29.82
O1D CLA IM . 35.70 5.63 -29.81
O2D CLA IM . 37.77 5.73 -30.59
CED CLA IM . 37.57 7.11 -30.90
C1 CLA IM . 36.63 -0.43 -25.60
C2 CLA IM . 36.40 -1.40 -24.51
C3 CLA IM . 37.29 -1.61 -23.53
C4 CLA IM . 38.58 -0.89 -23.46
C5 CLA IM . 37.02 -2.59 -22.44
C6 CLA IM . 35.66 -2.37 -21.81
C7 CLA IM . 34.88 -3.66 -21.78
C8 CLA IM . 33.54 -3.52 -22.50
C9 CLA IM . 32.52 -4.46 -21.90
C10 CLA IM . 33.69 -3.80 -23.98
C11 CLA IM . 32.80 -2.91 -24.81
C12 CLA IM . 32.58 -3.51 -26.18
C13 CLA IM . 32.11 -2.48 -27.19
C14 CLA IM . 30.70 -2.05 -26.88
C15 CLA IM . 32.24 -3.05 -28.60
C16 CLA IM . 31.50 -2.23 -29.65
C17 CLA IM . 30.82 -3.13 -30.66
C18 CLA IM . 29.31 -3.00 -30.62
C19 CLA IM . 28.70 -3.29 -31.97
C20 CLA IM . 28.73 -3.92 -29.58
MG CLA JM . 19.12 -5.26 -54.00
CHA CLA JM . 16.74 -6.34 -56.26
CHB CLA JM . 20.97 -8.02 -54.71
CHC CLA JM . 21.47 -4.20 -51.74
CHD CLA JM . 16.91 -2.74 -52.92
NA CLA JM . 18.90 -6.85 -55.33
C1A CLA JM . 17.92 -7.01 -56.32
C2A CLA JM . 18.18 -8.28 -57.12
C3A CLA JM . 19.30 -8.99 -56.33
C4A CLA JM . 19.73 -7.94 -55.32
CMA CLA JM . 18.79 -10.23 -55.66
CAA CLA JM . 18.58 -7.96 -58.56
CBA CLA JM . 19.46 -6.74 -58.65
CGA CLA JM . 19.59 -6.31 -60.08
O1A CLA JM . 19.58 -7.01 -61.09
O2A CLA JM . 19.74 -4.96 -60.22
NB CLA JM . 20.86 -5.99 -53.31
C1B CLA JM . 21.46 -7.14 -53.73
C2B CLA JM . 22.87 -7.16 -53.26
C3B CLA JM . 23.02 -6.06 -52.43
C4B CLA JM . 21.70 -5.39 -52.35
CMB CLA JM . 23.87 -8.05 -53.84
CAB CLA JM . 24.16 -5.61 -51.67
CBB CLA JM . 24.89 -6.37 -50.86
NC CLA JM . 19.15 -3.76 -52.55
C1C CLA JM . 20.25 -3.45 -51.79
C2C CLA JM . 20.09 -2.12 -51.24
C3C CLA JM . 18.77 -1.74 -51.49
C4C CLA JM . 18.17 -2.81 -52.29
CMC CLA JM . 21.10 -1.42 -50.46
CAC CLA JM . 18.07 -0.55 -51.00
CBC CLA JM . 17.23 -0.84 -49.79
ND CLA JM . 17.33 -4.53 -54.54
C1D CLA JM . 16.49 -3.54 -53.97
C2D CLA JM . 15.20 -3.52 -54.69
C3D CLA JM . 15.23 -4.58 -55.57
C4D CLA JM . 16.56 -5.20 -55.42
CMD CLA JM . 14.19 -2.47 -54.55
CAD CLA JM . 14.45 -5.46 -56.43
OBD CLA JM . 13.34 -5.28 -56.90
CBD CLA JM . 15.41 -6.57 -56.94
CGD CLA JM . 14.89 -7.95 -56.65
O1D CLA JM . 15.32 -8.78 -55.86
O2D CLA JM . 13.79 -8.29 -57.40
CED CLA JM . 13.75 -9.62 -57.92
C1 CLA JM . 20.80 -4.52 -61.08
C2 CLA JM . 21.10 -3.12 -60.69
C3 CLA JM . 21.88 -2.29 -61.42
C4 CLA JM . 22.51 -2.72 -62.68
C5 CLA JM . 22.14 -0.90 -60.98
C6 CLA JM . 21.16 -0.40 -59.92
C7 CLA JM . 21.57 0.95 -59.38
C8 CLA JM . 20.65 1.41 -58.26
C9 CLA JM . 19.78 2.56 -58.72
C10 CLA JM . 21.45 1.80 -57.03
C11 CLA JM . 22.46 2.89 -57.32
C12 CLA JM . 23.83 2.54 -56.80
C13 CLA JM . 24.14 3.25 -55.50
C14 CLA JM . 25.00 4.47 -55.74
C15 CLA JM . 24.80 2.30 -54.50
C16 CLA JM . 25.10 2.99 -53.19
C17 CLA JM . 25.93 2.11 -52.27
C18 CLA JM . 26.15 2.76 -50.91
C19 CLA JM . 26.88 1.81 -49.98
C20 CLA JM . 26.94 4.05 -51.06
MG CLA KM . 25.18 -5.08 -62.64
CHA CLA KM . 23.40 -8.00 -62.12
CHB CLA KM . 26.28 -6.34 -65.57
CHC CLA KM . 27.59 -2.70 -62.81
CHD CLA KM . 24.92 -4.41 -59.19
NA CLA KM . 24.64 -6.74 -63.79
C1A CLA KM . 23.80 -7.81 -63.42
C2A CLA KM . 23.79 -8.89 -64.48
C3A CLA KM . 24.91 -8.45 -65.44
C4A CLA KM . 25.25 -7.05 -64.96
CMA CLA KM . 26.10 -9.37 -65.34
CAA CLA KM . 22.45 -8.97 -65.20
CBA CLA KM . 21.74 -7.62 -65.31
CGA CLA KM . 20.55 -7.60 -64.41
O1A CLA KM . 19.78 -8.52 -64.12
O2A CLA KM . 20.34 -6.37 -63.86
NB CLA KM . 26.33 -4.36 -64.13
C1B CLA KM . 26.66 -5.03 -65.25
C2B CLA KM . 27.65 -4.24 -66.05
C3B CLA KM . 27.95 -3.13 -65.30
C4B CLA KM . 27.27 -3.31 -63.98
CMB CLA KM . 27.87 -4.48 -67.47
CAB CLA KM . 28.89 -2.08 -65.56
CBB CLA KM . 28.64 -0.78 -65.49
NC CLA KM . 25.76 -3.54 -61.37
C1C CLA KM . 26.78 -2.66 -61.65
C2C CLA KM . 26.97 -1.76 -60.52
C3C CLA KM . 26.10 -2.19 -59.52
C4C CLA KM . 25.48 -3.41 -60.01
CMC CLA KM . 28.02 -0.74 -60.45
CAC CLA KM . 25.90 -1.58 -58.19
CBC CLA KM . 24.53 -0.96 -58.04
ND CLA KM . 24.17 -5.82 -61.06
C1D CLA KM . 24.23 -5.51 -59.67
C2D CLA KM . 23.23 -6.35 -58.97
C3D CLA KM . 22.80 -7.28 -59.89
C4D CLA KM . 23.53 -6.98 -61.13
CMD CLA KM . 23.04 -6.33 -57.52
CAD CLA KM . 22.19 -8.59 -60.06
OBD CLA KM . 21.57 -9.27 -59.26
CBD CLA KM . 22.59 -9.10 -61.49
CGD CLA KM . 23.36 -10.39 -61.42
O1D CLA KM . 24.52 -10.60 -61.78
O2D CLA KM . 22.65 -11.43 -60.91
CED CLA KM . 22.70 -12.67 -61.61
MG CLA LM . 27.39 -8.20 -53.79
CHA CLA LM . 27.56 -9.34 -50.52
CHB CLA LM . 28.67 -5.21 -52.81
CHC CLA LM . 26.90 -7.03 -56.90
CHD CLA LM . 25.98 -11.26 -54.75
NA CLA LM . 28.00 -7.41 -51.94
C1A CLA LM . 28.00 -8.06 -50.70
C2A CLA LM . 28.75 -7.21 -49.67
C3A CLA LM . 28.91 -5.85 -50.38
C4A CLA LM . 28.59 -6.18 -51.84
CMA CLA LM . 27.99 -4.80 -49.82
CAA CLA LM . 30.10 -7.84 -49.39
CBA CLA LM . 30.49 -7.71 -47.94
CGA CLA LM . 30.96 -6.31 -47.66
O1A CLA LM . 30.28 -5.31 -47.42
O2A CLA LM . 32.31 -6.19 -47.71
NB CLA LM . 28.03 -6.57 -54.76
C1B CLA LM . 28.50 -5.44 -54.19
C2B CLA LM . 28.89 -4.48 -55.26
C3B CLA LM . 28.28 -4.93 -56.41
C4B CLA LM . 27.71 -6.27 -56.10
CMB CLA LM . 29.51 -3.18 -54.95
CAB CLA LM . 28.22 -4.35 -57.72
CBB CLA LM . 29.26 -3.97 -58.45
NC CLA LM . 26.91 -9.12 -55.58
C1C CLA LM . 26.68 -8.42 -56.73
C2C CLA LM . 26.28 -9.36 -57.78
C3C CLA LM . 26.09 -10.59 -57.18
C4C CLA LM . 26.43 -10.41 -55.78
CMC CLA LM . 25.76 -8.95 -59.08
CAC CLA LM . 25.18 -11.63 -57.70
CBC CLA LM . 25.89 -12.85 -58.26
ND CLA LM . 26.81 -9.91 -52.89
C1D CLA LM . 26.29 -11.11 -53.42
C2D CLA LM . 26.28 -12.14 -52.36
C3D CLA LM . 26.74 -11.50 -51.23
C4D CLA LM . 27.16 -10.15 -51.63
CMD CLA LM . 25.60 -13.42 -52.47
CAD CLA LM . 26.69 -11.52 -49.78
OBD CLA LM . 26.05 -12.29 -49.09
CBD CLA LM . 27.11 -10.09 -49.30
CGD CLA LM . 25.98 -9.42 -48.58
O1D CLA LM . 24.80 -9.77 -48.54
O2D CLA LM . 26.32 -8.30 -47.90
CED CLA LM . 25.23 -7.53 -47.41
C1 CLA LM . 32.81 -4.92 -48.20
C2 CLA LM . 34.29 -5.01 -48.13
C3 CLA LM . 35.12 -4.15 -48.75
C4 CLA LM . 34.63 -3.03 -49.58
C5 CLA LM . 36.59 -4.33 -48.61
C6 CLA LM . 37.00 -5.72 -49.02
C7 CLA LM . 38.37 -6.08 -48.48
C8 CLA LM . 39.45 -5.16 -49.04
C9 CLA LM . 39.60 -5.32 -50.54
C10 CLA LM . 40.78 -5.42 -48.37
C11 CLA LM . 41.56 -4.14 -48.19
C12 CLA LM . 40.74 -3.09 -47.46
C13 CLA LM . 41.38 -1.73 -47.62
C14 CLA LM . 42.76 -1.72 -47.01
C15 CLA LM . 40.48 -0.62 -47.09
C16 CLA LM . 40.53 -0.48 -45.59
C17 CLA LM . 39.43 0.40 -45.05
C18 CLA LM . 39.88 1.62 -44.23
C19 CLA LM . 39.25 1.62 -42.86
C20 CLA LM . 41.37 1.81 -44.13
MG CLA MM . 33.94 11.13 -49.97
CHA CLA MM . 33.66 13.65 -47.60
CHB CLA MM . 34.46 8.91 -47.47
CHC CLA MM . 34.36 8.70 -52.33
CHD CLA MM . 34.13 13.61 -52.46
NA CLA MM . 33.84 11.24 -47.90
C1A CLA MM . 33.57 12.38 -47.12
C2A CLA MM . 33.51 12.00 -45.64
C3A CLA MM . 34.13 10.58 -45.64
C4A CLA MM . 33.97 10.15 -47.10
CMA CLA MM . 35.58 10.59 -45.28
CAA CLA MM . 32.10 12.04 -45.09
CBA CLA MM . 31.04 11.76 -46.13
CGA CLA MM . 29.72 12.34 -45.71
O1A CLA MM . 29.49 13.07 -44.76
O2A CLA MM . 28.68 11.98 -46.53
NB CLA MM . 34.30 9.15 -49.91
C1B CLA MM . 34.59 8.45 -48.79
C2B CLA MM . 34.72 7.02 -49.15
C3B CLA MM . 34.75 6.95 -50.52
C4B CLA MM . 34.56 8.33 -51.03
CMB CLA MM . 34.84 5.98 -48.12
CAB CLA MM . 34.76 5.82 -51.41
CBB CLA MM . 35.62 4.80 -51.37
NC CLA MM . 34.17 11.16 -52.04
C1C CLA MM . 34.31 10.04 -52.82
C2C CLA MM . 34.26 10.42 -54.23
C3C CLA MM . 34.12 11.82 -54.24
C4C CLA MM . 34.28 12.28 -52.87
CMC CLA MM . 33.97 9.52 -55.32
CAC CLA MM . 33.64 12.64 -55.36
CBC CLA MM . 34.78 13.16 -56.20
ND CLA MM . 33.73 13.13 -50.10
C1D CLA MM . 33.67 13.99 -51.21
C2D CLA MM . 33.25 15.32 -50.74
C3D CLA MM . 33.40 15.30 -49.36
C4D CLA MM . 33.71 13.90 -49.02
CMD CLA MM . 33.07 16.45 -51.63
CAD CLA MM . 33.19 16.01 -48.12
OBD CLA MM . 32.93 17.18 -47.92
CBD CLA MM . 33.37 14.98 -46.96
CGD CLA MM . 34.46 15.40 -46.01
O1D CLA MM . 34.35 16.06 -44.97
O2D CLA MM . 35.69 14.97 -46.37
CED CLA MM . 36.47 14.31 -45.38
C1 CLA MM . 27.54 12.86 -46.55
MG CLA NM . 37.34 13.39 -60.76
CHA CLA NM . 36.77 16.55 -62.02
CHB CLA NM . 34.04 13.16 -59.94
CHC CLA NM . 37.89 10.22 -59.78
CHD CLA NM . 40.80 13.86 -61.24
NA CLA NM . 35.67 14.58 -61.13
C1A CLA NM . 35.63 15.85 -61.73
C2A CLA NM . 34.21 16.36 -61.84
C3A CLA NM . 33.45 15.44 -60.86
C4A CLA NM . 34.42 14.27 -60.67
CMA CLA NM . 33.15 16.13 -59.56
CAA CLA NM . 33.72 16.21 -63.27
CBA CLA NM . 32.22 16.37 -63.38
CGA CLA NM . 31.80 17.80 -63.41
O1A CLA NM . 30.67 18.28 -63.35
O2A CLA NM . 32.85 18.67 -63.56
NB CLA NM . 36.21 11.99 -59.86
C1B CLA NM . 34.87 12.06 -59.66
C2B CLA NM . 34.35 10.70 -59.31
C3B CLA NM . 35.45 9.90 -59.15
C4B CLA NM . 36.65 10.70 -59.52
CMB CLA NM . 32.96 10.48 -58.92
CAB CLA NM . 35.57 8.54 -58.66
CBB CLA NM . 34.90 7.48 -59.13
NC CLA NM . 39.08 12.32 -60.32
C1C CLA NM . 39.06 11.01 -59.93
C2C CLA NM . 40.38 10.42 -60.13
C3C CLA NM . 41.20 11.44 -60.60
C4C CLA NM . 40.37 12.63 -60.72
CMC CLA NM . 40.60 8.98 -60.21
CAC CLA NM . 42.65 11.37 -60.81
CBC CLA NM . 43.02 11.13 -62.25
ND CLA NM . 38.56 14.79 -61.55
C1D CLA NM . 39.97 14.89 -61.63
C2D CLA NM . 40.33 16.25 -62.08
C3D CLA NM . 39.14 16.94 -62.24
C4D CLA NM . 38.07 15.95 -61.97
CMD CLA NM . 41.68 16.63 -62.50
CAD CLA NM . 38.49 18.13 -62.76
OBD CLA NM . 38.94 18.97 -63.52
CBD CLA NM . 36.97 17.97 -62.48
CGD CLA NM . 36.47 18.98 -61.49
O1D CLA NM . 36.57 18.94 -60.25
O2D CLA NM . 35.83 20.04 -62.04
CED CLA NM . 34.69 20.55 -61.33
MG CLA OM . 50.47 5.39 -63.80
CHA CLA OM . 53.45 7.11 -63.50
CHB CLA OM . 48.86 8.34 -63.86
CHC CLA OM . 47.46 3.75 -63.58
CHD CLA OM . 52.17 2.39 -63.17
NA CLA OM . 51.12 7.36 -64.04
C1A CLA OM . 52.43 7.85 -64.02
C2A CLA OM . 52.43 9.37 -64.13
C3A CLA OM . 50.93 9.76 -64.07
C4A CLA OM . 50.24 8.40 -63.92
CMA CLA OM . 50.63 10.68 -62.93
CAA CLA OM . 53.08 9.90 -65.40
CBA CLA OM . 53.24 8.86 -66.50
CGA CLA OM . 54.67 8.86 -66.95
O1A CLA OM . 55.57 9.66 -66.65
O2A CLA OM . 54.98 7.83 -67.79
NB CLA OM . 48.55 5.91 -64.07
C1B CLA OM . 48.10 7.19 -64.12
C2B CLA OM . 46.64 7.19 -64.37
C3B CLA OM . 46.23 5.89 -64.18
C4B CLA OM . 47.43 5.10 -63.79
CMB CLA OM . 45.91 8.38 -64.76
CAB CLA OM . 44.97 5.25 -64.47
CBB CLA OM . 44.30 5.32 -65.62
NC CLA OM . 49.92 3.42 -63.38
C1C CLA OM . 48.63 2.97 -63.34
C2C CLA OM . 48.64 1.51 -63.28
C3C CLA OM . 49.97 1.12 -63.10
C4C CLA OM . 50.77 2.34 -63.16
CMC CLA OM . 47.49 0.66 -63.60
CAC CLA OM . 50.45 -0.22 -62.73
CBC CLA OM . 50.98 -1.00 -63.91
ND CLA OM . 52.35 4.82 -63.32
C1D CLA OM . 52.91 3.54 -63.04
C2D CLA OM . 54.38 3.68 -62.98
C3D CLA OM . 54.65 5.03 -63.15
C4D CLA OM . 53.35 5.69 -63.35
CMD CLA OM . 55.30 2.59 -62.64
CAD CLA OM . 55.63 6.09 -62.97
OBD CLA OM . 56.85 5.97 -62.83
CBD CLA OM . 54.93 7.42 -63.34
CGD CLA OM . 55.17 8.50 -62.32
O1D CLA OM . 54.33 9.11 -61.66
O2D CLA OM . 56.48 8.78 -62.10
CED CLA OM . 56.80 10.08 -61.60
C1 CLA OM . 55.60 6.66 -67.20
C2 CLA OM . 54.57 5.60 -67.21
C3 CLA OM . 54.82 4.30 -66.97
C4 CLA OM . 56.17 3.80 -66.67
C5 CLA OM . 53.72 3.31 -67.00
C6 CLA OM . 52.39 3.90 -66.57
C7 CLA OM . 51.28 3.54 -67.55
C8 CLA OM . 50.18 2.73 -66.90
C9 CLA OM . 50.51 1.26 -66.95
C10 CLA OM . 48.85 2.99 -67.62
C11 CLA OM . 47.71 2.20 -67.03
C12 CLA OM . 46.37 2.73 -67.51
C13 CLA OM . 45.62 1.67 -68.31
C14 CLA OM . 45.98 1.75 -69.78
C15 CLA OM . 44.10 1.80 -68.14
C16 CLA OM . 43.61 3.18 -68.47
C17 CLA OM . 42.11 3.30 -68.34
C18 CLA OM . 41.57 4.54 -69.03
C19 CLA OM . 41.70 4.42 -70.55
C20 CLA OM . 40.13 4.78 -68.65
MG CLA PM . 51.69 -0.07 -54.01
CHA CLA PM . 52.03 -0.35 -50.58
CHB CLA PM . 52.62 3.18 -53.81
CHC CLA PM . 50.67 0.38 -57.25
CHD CLA PM . 50.34 -3.33 -54.10
NA CLA PM . 52.25 1.19 -52.45
C1A CLA PM . 52.32 0.89 -51.09
C2A CLA PM . 52.89 2.08 -50.32
C3A CLA PM . 52.59 3.24 -51.29
C4A CLA PM . 52.41 2.53 -52.62
CMA CLA PM . 51.34 4.01 -50.91
CAA CLA PM . 54.37 1.86 -50.05
CBA CLA PM . 55.25 3.01 -50.52
CGA CLA PM . 56.27 2.51 -51.50
O1A CLA PM . 57.34 3.03 -51.81
O2A CLA PM . 55.92 1.33 -52.09
NB CLA PM . 51.87 1.41 -55.35
C1B CLA PM . 52.36 2.65 -55.08
C2B CLA PM . 52.09 3.52 -56.25
C3B CLA PM . 51.69 2.72 -57.28
C4B CLA PM . 51.34 1.41 -56.66
CMB CLA PM . 51.87 4.95 -56.06
CAB CLA PM . 51.26 3.07 -58.60
CBB CLA PM . 51.75 2.54 -59.72
NC CLA PM . 50.96 -1.36 -55.49
C1C CLA PM . 50.53 -0.94 -56.72
C2C CLA PM . 50.23 -2.11 -57.53
C3C CLA PM . 50.13 -3.17 -56.64
C4C CLA PM . 50.54 -2.68 -55.33
CMC CLA PM . 50.44 -2.16 -58.97
CAC CLA PM . 49.76 -4.56 -56.96
CBC CLA PM . 48.27 -4.71 -57.15
ND CLA PM . 51.38 -1.59 -52.71
C1D CLA PM . 50.74 -2.84 -52.86
C2D CLA PM . 50.83 -3.55 -51.58
C3D CLA PM . 51.28 -2.63 -50.65
C4D CLA PM . 51.50 -1.38 -51.41
CMD CLA PM . 50.52 -4.97 -51.38
CAD CLA PM . 51.32 -2.28 -49.24
OBD CLA PM . 50.72 -2.80 -48.32
CBD CLA PM . 51.88 -0.83 -49.16
CGD CLA PM . 50.96 0.06 -48.37
O1D CLA PM . 49.85 0.45 -48.70
O2D CLA PM . 51.48 0.45 -47.17
CED CLA PM . 50.59 1.08 -46.24
C1 CLA PM . 56.49 1.06 -53.39
C2 CLA PM . 55.45 0.30 -54.14
C3 CLA PM . 55.72 -0.57 -55.12
C4 CLA PM . 57.11 -0.87 -55.54
C5 CLA PM . 54.63 -1.29 -55.82
MG CLA QM . 43.29 0.83 -49.27
CHA CLA QM . 43.49 3.52 -47.10
CHB CLA QM . 46.65 0.43 -49.05
CHC CLA QM . 43.02 -1.86 -51.32
CHD CLA QM . 39.92 1.68 -49.92
NA CLA QM . 44.78 1.74 -48.13
C1A CLA QM . 44.66 2.84 -47.29
C2A CLA QM . 45.98 3.11 -46.58
C3A CLA QM . 46.99 2.42 -47.53
C4A CLA QM . 46.11 1.43 -48.27
CMA CLA QM . 47.64 3.40 -48.48
CAA CLA QM . 45.94 2.48 -45.19
CBA CLA QM . 47.21 1.72 -44.86
CGA CLA QM . 46.94 0.26 -44.95
O1A CLA QM . 46.27 -0.42 -44.18
O2A CLA QM . 47.52 -0.35 -46.02
NB CLA QM . 44.60 -0.49 -50.02
C1B CLA QM . 45.92 -0.55 -49.73
C2B CLA QM . 46.52 -1.75 -50.38
C3B CLA QM . 45.54 -2.29 -51.19
C4B CLA QM . 44.28 -1.54 -50.90
CMB CLA QM . 47.80 -2.28 -49.93
CAB CLA QM . 45.63 -3.22 -52.28
CBB CLA QM . 46.68 -3.47 -53.06
NC CLA QM . 41.78 0.12 -50.51
C1C CLA QM . 41.92 -0.97 -51.34
C2C CLA QM . 40.64 -1.25 -51.97
C3C CLA QM . 39.72 -0.38 -51.40
C4C CLA QM . 40.47 0.57 -50.60
CMC CLA QM . 40.39 -2.42 -52.81
CAC CLA QM . 38.30 -0.26 -51.76
CBC CLA QM . 37.39 -0.80 -50.69
ND CLA QM . 41.94 2.19 -48.63
C1D CLA QM . 40.58 2.43 -48.96
C2D CLA QM . 40.02 3.34 -47.95
C3D CLA QM . 41.11 3.90 -47.30
C4D CLA QM . 42.27 3.08 -47.70
CMD CLA QM . 38.60 3.63 -47.79
CAD CLA QM . 41.57 4.83 -46.28
OBD CLA QM . 40.91 5.45 -45.46
CBD CLA QM . 43.12 4.66 -46.18
CGD CLA QM . 43.88 5.90 -46.56
O1D CLA QM . 44.83 5.98 -47.31
O2D CLA QM . 43.44 7.03 -45.96
CED CLA QM . 44.35 8.14 -45.93
C1 CLA QM . 47.86 -1.75 -45.90
C2 CLA QM . 46.72 -2.53 -46.45
C3 CLA QM . 46.81 -3.81 -46.84
C4 CLA QM . 48.08 -4.57 -46.75
C5 CLA QM . 45.62 -4.52 -47.36
C6 CLA QM . 45.91 -5.28 -48.63
C7 CLA QM . 44.65 -6.00 -49.08
C8 CLA QM . 44.70 -6.37 -50.57
C9 CLA QM . 43.45 -5.86 -51.25
C10 CLA QM . 44.81 -7.87 -50.73
C11 CLA QM . 45.96 -8.28 -51.62
C12 CLA QM . 47.28 -7.68 -51.19
C13 CLA QM . 48.35 -7.85 -52.25
C14 CLA QM . 47.84 -7.44 -53.63
C15 CLA QM . 48.89 -9.28 -52.27
C16 CLA QM . 50.01 -9.44 -53.29
C17 CLA QM . 51.26 -8.66 -52.92
C18 CLA QM . 52.09 -8.34 -54.15
C19 CLA QM . 53.40 -7.70 -53.78
C20 CLA QM . 51.32 -7.43 -55.09
MG CLA RM . 41.68 -13.32 -59.31
CHA CLA RM . 41.67 -16.64 -60.24
CHB CLA RM . 39.93 -14.11 -56.50
CHC CLA RM . 42.07 -10.09 -58.20
CHD CLA RM . 43.62 -12.57 -62.16
NA CLA RM . 40.92 -15.10 -58.54
C1A CLA RM . 41.19 -16.40 -58.99
C2A CLA RM . 40.49 -17.43 -58.09
C3A CLA RM . 39.71 -16.56 -57.09
C4A CLA RM . 40.15 -15.13 -57.41
CMA CLA RM . 38.23 -16.74 -57.27
CAA CLA RM . 41.50 -18.31 -57.37
CBA CLA RM . 42.72 -17.54 -56.92
CGA CLA RM . 43.72 -18.49 -56.34
O1A CLA RM . 43.96 -19.64 -56.68
O2A CLA RM . 44.45 -17.94 -55.33
NB CLA RM . 41.12 -12.31 -57.67
C1B CLA RM . 40.48 -12.83 -56.59
C2B CLA RM . 40.35 -11.77 -55.55
C3B CLA RM . 41.20 -10.76 -55.91
C4B CLA RM . 41.50 -10.99 -57.35
CMB CLA RM . 39.22 -11.71 -54.63
CAB CLA RM . 41.30 -9.44 -55.34
CBB CLA RM . 42.28 -9.03 -54.54
NC CLA RM . 42.59 -11.61 -60.10
C1C CLA RM . 42.73 -10.44 -59.42
C2C CLA RM . 43.82 -9.66 -59.98
C3C CLA RM . 44.28 -10.36 -61.10
C4C CLA RM . 43.44 -11.55 -61.21
CMC CLA RM . 44.12 -8.29 -59.59
CAC CLA RM . 45.27 -9.93 -62.08
CBC CLA RM . 44.65 -9.22 -63.25
ND CLA RM . 42.35 -14.28 -60.95
C1D CLA RM . 43.22 -13.88 -61.99
C2D CLA RM . 43.73 -15.08 -62.69
C3D CLA RM . 43.07 -16.15 -62.13
C4D CLA RM . 42.25 -15.61 -61.04
CMD CLA RM . 44.53 -15.03 -63.91
CAD CLA RM . 42.63 -17.53 -62.31
OBD CLA RM . 42.71 -18.23 -63.30
CBD CLA RM . 41.80 -17.91 -61.04
CGD CLA RM . 40.46 -18.48 -61.39
O1D CLA RM . 39.36 -17.93 -61.32
O2D CLA RM . 40.51 -19.76 -61.84
CED CLA RM . 39.42 -20.63 -61.49
C1 CLA RM . 45.69 -18.58 -54.99
C2 CLA RM . 46.53 -17.53 -54.37
C3 CLA RM . 47.87 -17.60 -54.29
C4 CLA RM . 48.64 -18.75 -54.83
C5 CLA RM . 48.66 -16.51 -53.65
C6 CLA RM . 49.68 -15.93 -54.62
C7 CLA RM . 49.93 -14.47 -54.32
C8 CLA RM . 51.41 -14.16 -54.31
C9 CLA RM . 51.67 -12.77 -53.74
C10 CLA RM . 52.02 -14.28 -55.71
C11 CLA RM . 51.44 -13.26 -56.66
C12 CLA RM . 52.35 -13.02 -57.85
C13 CLA RM . 52.04 -11.69 -58.52
C14 CLA RM . 52.83 -11.54 -59.80
C15 CLA RM . 52.34 -10.52 -57.58
MG CLA SM . 31.93 -3.32 -68.52
CHA CLA SM . 30.98 -6.65 -68.81
CHB CLA SM . 33.02 -3.50 -71.70
CHC CLA SM . 33.86 -0.54 -68.11
CHD CLA SM . 31.98 -3.76 -65.04
NA CLA SM . 31.61 -4.67 -70.08
C1A CLA SM . 31.09 -5.98 -69.99
C2A CLA SM . 31.09 -6.63 -71.36
C3A CLA SM . 32.25 -5.88 -72.04
C4A CLA SM . 32.26 -4.56 -71.27
CMA CLA SM . 33.56 -6.62 -71.88
CAA CLA SM . 29.77 -6.36 -72.05
NB CLA SM . 32.77 -1.99 -69.78
C1B CLA SM . 33.04 -2.24 -71.09
C2B CLA SM . 33.73 -1.05 -71.68
C3B CLA SM . 34.19 -0.31 -70.61
C4B CLA SM . 33.65 -0.96 -69.38
CMB CLA SM . 34.07 -0.95 -73.09
CAB CLA SM . 34.70 1.04 -70.61
CBB CLA SM . 35.91 1.40 -70.15
NC CLA SM . 32.37 -2.11 -66.88
C1C CLA SM . 33.19 -1.01 -66.94
C2C CLA SM . 33.47 -0.51 -65.61
C3C CLA SM . 32.92 -1.44 -64.72
C4C CLA SM . 32.31 -2.48 -65.53
CMC CLA SM . 34.02 0.82 -65.31
CAC CLA SM . 32.75 -1.28 -63.27
CBC CLA SM . 31.33 -0.98 -62.87
ND CLA SM . 31.28 -4.70 -67.19
C1D CLA SM . 31.32 -4.72 -65.77
C2D CLA SM . 30.89 -6.05 -65.29
C3D CLA SM . 30.66 -6.80 -66.43
C4D CLA SM . 31.11 -5.97 -67.56
CMD CLA SM . 30.57 -6.36 -63.89
CAD CLA SM . 30.00 -7.97 -66.97
OBD CLA SM . 29.22 -8.75 -66.44
CBD CLA SM . 30.31 -7.98 -68.50
CGD CLA SM . 31.16 -9.15 -68.89
O1D CLA SM . 30.89 -10.05 -69.69
O2D CLA SM . 32.36 -9.19 -68.25
CED CLA SM . 33.30 -10.18 -68.67
MG CLA TM . 42.05 -14.55 -70.77
CHA CLA TM . 39.77 -15.32 -73.25
CHB CLA TM . 43.78 -17.37 -71.56
CHC CLA TM . 43.95 -14.12 -67.94
CHD CLA TM . 39.73 -12.23 -69.49
NA CLA TM . 41.94 -15.92 -72.34
C1A CLA TM . 40.94 -16.02 -73.32
C2A CLA TM . 41.22 -17.19 -74.26
C3A CLA TM . 42.35 -17.96 -73.54
C4A CLA TM . 42.78 -17.00 -72.43
CMA CLA TM . 41.87 -19.28 -72.98
CAA CLA TM . 41.66 -16.68 -75.62
CBA CLA TM . 41.29 -17.68 -76.71
CGA CLA TM . 40.96 -16.98 -77.99
O1A CLA TM . 41.73 -16.41 -78.78
O2A CLA TM . 39.63 -16.99 -78.27
NB CLA TM . 43.67 -15.46 -70.00
C1B CLA TM . 44.23 -16.61 -70.45
C2B CLA TM . 45.37 -17.00 -69.59
C3B CLA TM . 45.45 -16.05 -68.59
C4B CLA TM . 44.24 -15.19 -68.73
CMB CLA TM . 46.36 -18.00 -70.00
CAB CLA TM . 46.52 -15.70 -67.71
CBB CLA TM . 47.10 -16.49 -66.82
NC CLA TM . 41.99 -13.23 -69.16
C1C CLA TM . 42.91 -13.17 -68.16
C2C CLA TM . 42.67 -12.00 -67.35
C3C CLA TM . 41.51 -11.41 -67.85
C4C CLA TM . 40.96 -12.37 -68.81
CMC CLA TM . 43.39 -11.66 -66.12
CAC CLA TM . 40.92 -10.12 -67.49
CBC CLA TM . 41.16 -9.05 -68.53
ND CLA TM . 40.33 -13.67 -71.38
C1D CLA TM . 39.49 -12.72 -70.75
C2D CLA TM . 38.28 -12.52 -71.57
C3D CLA TM . 38.32 -13.53 -72.53
C4D CLA TM . 39.61 -14.21 -72.36
CMD CLA TM . 37.24 -11.56 -71.28
CAD CLA TM . 37.58 -14.24 -73.55
OBD CLA TM . 36.38 -14.17 -73.83
CBD CLA TM . 38.51 -15.38 -74.08
CGD CLA TM . 37.84 -16.72 -73.98
O1D CLA TM . 37.18 -17.30 -74.86
O2D CLA TM . 38.00 -17.34 -72.79
CED CLA TM . 37.59 -18.71 -72.66
C1 CLA TM . 38.93 -15.72 -78.21
MG CLA UM . 47.13 -21.58 -67.50
CHA CLA UM . 44.30 -21.97 -69.45
CHB CLA UM . 48.45 -24.33 -68.97
CHC CLA UM . 49.52 -21.75 -65.05
CHD CLA UM . 45.33 -19.29 -65.50
NA CLA UM . 46.58 -22.76 -69.14
C1A CLA UM . 45.39 -22.68 -69.89
C2A CLA UM . 45.36 -23.76 -70.97
C3A CLA UM . 46.62 -24.60 -70.65
C4A CLA UM . 47.22 -23.93 -69.42
CMA CLA UM . 46.26 -26.05 -70.40
CAA CLA UM . 45.43 -23.16 -72.36
CBA CLA UM . 46.63 -22.29 -72.57
CGA CLA UM . 46.60 -21.72 -73.95
O1A CLA UM . 46.06 -20.67 -74.34
O2A CLA UM . 47.25 -22.50 -74.87
NB CLA UM . 48.84 -22.61 -67.26
C1B CLA UM . 49.17 -23.75 -67.90
C2B CLA UM . 50.57 -24.11 -67.56
C3B CLA UM . 50.90 -23.35 -66.46
C4B CLA UM . 49.73 -22.48 -66.18
CMB CLA UM . 51.46 -24.73 -68.54
CAB CLA UM . 52.02 -23.44 -65.55
CBB CLA UM . 52.60 -24.56 -65.14
NC CLA UM . 47.51 -20.48 -65.76
C1C CLA UM . 48.50 -20.78 -64.87
C2C CLA UM . 48.47 -19.84 -63.76
C3C CLA UM . 47.32 -19.06 -63.94
C4C CLA UM . 46.67 -19.56 -65.14
CMC CLA UM . 49.60 -19.57 -62.88
CAC CLA UM . 47.01 -17.80 -63.26
CBC CLA UM . 46.23 -18.02 -61.99
ND CLA UM . 45.37 -20.59 -67.59
C1D CLA UM . 44.74 -19.69 -66.68
C2D CLA UM . 43.38 -19.39 -67.17
C3D CLA UM . 43.21 -20.14 -68.32
C4D CLA UM . 44.42 -20.98 -68.43
CMD CLA UM . 42.55 -18.31 -66.66
CAD CLA UM . 42.29 -20.54 -69.36
OBD CLA UM . 41.09 -20.33 -69.42
CBD CLA UM . 42.93 -21.77 -70.07
CGD CLA UM . 42.06 -22.98 -69.95
O1D CLA UM . 41.27 -23.25 -69.05
O2D CLA UM . 42.18 -23.86 -71.00
CED CLA UM . 40.97 -24.21 -71.69
C1 CLA UM . 46.45 -23.01 -75.96
MG CLA VM . 45.51 -25.49 -56.67
CHA CLA VM . 44.13 -23.09 -58.71
CHB CLA VM . 48.14 -25.66 -58.79
CHC CLA VM . 46.73 -28.11 -54.85
CHD CLA VM . 42.45 -25.72 -54.93
NA CLA VM . 46.18 -24.27 -58.23
C1A CLA VM . 45.48 -23.23 -58.86
C2A CLA VM . 46.28 -22.73 -60.05
C3A CLA VM . 47.17 -23.97 -60.35
C4A CLA VM . 47.29 -24.58 -58.97
CMA CLA VM . 46.51 -24.92 -61.31
CAA CLA VM . 47.15 -21.53 -59.71
CBA CLA VM . 46.45 -20.50 -58.83
CGA CLA VM . 47.38 -19.38 -58.53
O1A CLA VM . 48.56 -19.42 -58.20
O2A CLA VM . 46.78 -18.15 -58.65
NB CLA VM . 47.22 -26.54 -56.70
C1B CLA VM . 48.10 -26.56 -57.71
C2B CLA VM . 49.28 -27.39 -57.31
C3B CLA VM . 48.84 -28.17 -56.26
C4B CLA VM . 47.49 -27.66 -55.88
CMB CLA VM . 50.50 -27.46 -58.09
CAB CLA VM . 49.57 -29.09 -55.42
CBB CLA VM . 50.69 -28.80 -54.76
NC CLA VM . 44.72 -26.69 -55.18
C1C CLA VM . 45.37 -27.75 -54.61
C2C CLA VM . 44.63 -28.20 -53.44
C3C CLA VM . 43.39 -27.58 -53.50
C4C CLA VM . 43.50 -26.54 -54.50
CMC CLA VM . 45.29 -28.75 -52.27
CAC CLA VM . 42.16 -28.00 -52.81
CBC CLA VM . 41.87 -27.17 -51.58
ND CLA VM . 43.73 -24.55 -56.67
C1D CLA VM . 42.50 -24.88 -56.02
C2D CLA VM . 41.46 -23.94 -56.50
C3D CLA VM . 42.05 -23.17 -57.48
C4D CLA VM . 43.45 -23.63 -57.57
CMD CLA VM . 40.24 -23.69 -55.77
CAD CLA VM . 41.84 -22.21 -58.54
OBD CLA VM . 40.96 -21.36 -58.64
CBD CLA VM . 43.16 -22.15 -59.38
CGD CLA VM . 42.92 -22.55 -60.81
O1D CLA VM . 42.79 -23.69 -61.27
O2D CLA VM . 42.88 -21.49 -61.67
CED CLA VM . 44.07 -21.16 -62.38
C1 CLA VM . 47.41 -17.05 -57.96
C2 CLA VM . 47.49 -15.94 -58.93
C3 CLA VM . 46.53 -15.01 -59.10
C4 CLA VM . 45.28 -15.04 -58.31
C5 CLA VM . 46.68 -13.91 -60.09
C6 CLA VM . 48.07 -13.83 -60.70
C7 CLA VM . 48.06 -13.03 -61.99
C8 CLA VM . 49.46 -12.56 -62.37
C9 CLA VM . 49.40 -11.19 -63.00
C10 CLA VM . 50.11 -13.56 -63.33
MG CLA WM . 37.09 -17.64 -53.94
CHA CLA WM . 35.74 -14.53 -53.28
CHB CLA WM . 39.67 -16.93 -51.89
CHC CLA WM . 38.82 -20.25 -55.33
CHD CLA WM . 34.50 -18.14 -56.27
NA CLA WM . 37.49 -16.08 -52.61
C1A CLA WM . 36.85 -14.84 -52.53
C2A CLA WM . 37.43 -14.04 -51.38
C3A CLA WM . 38.80 -14.72 -51.15
C4A CLA WM . 38.60 -16.07 -51.81
CMA CLA WM . 39.92 -13.98 -51.80
CAA CLA WM . 36.58 -14.21 -50.14
CBA CLA WM . 36.05 -12.90 -49.65
CGA CLA WM . 36.92 -12.37 -48.55
O1A CLA WM . 37.06 -12.79 -47.40
O2A CLA WM . 37.66 -11.29 -48.93
NB CLA WM . 38.88 -18.47 -53.62
C1B CLA WM . 39.86 -17.90 -52.87
C2B CLA WM . 41.14 -18.62 -53.07
C3B CLA WM . 40.91 -19.59 -54.02
C4B CLA WM . 39.48 -19.44 -54.45
CMB CLA WM . 42.41 -18.04 -52.64
CAB CLA WM . 41.70 -20.73 -54.38
CBB CLA WM . 42.37 -21.51 -53.53
NC CLA WM . 36.61 -19.09 -55.35
C1C CLA WM . 37.48 -20.05 -55.79
C2C CLA WM . 36.81 -20.89 -56.77
C3C CLA WM . 35.53 -20.36 -56.90
C4C CLA WM . 35.54 -19.08 -56.24
CMC CLA WM . 37.48 -21.84 -57.65
CAC CLA WM . 34.40 -20.94 -57.66
CBC CLA WM . 33.37 -21.56 -56.76
ND CLA WM . 35.31 -16.79 -54.39
C1D CLA WM . 34.30 -17.16 -55.31
C2D CLA WM . 33.25 -16.12 -55.27
C3D CLA WM . 33.73 -15.11 -54.48
C4D CLA WM . 35.08 -15.53 -54.07
CMD CLA WM . 32.05 -16.14 -56.10
CAD CLA WM . 33.39 -13.96 -53.68
OBD CLA WM . 32.36 -13.30 -53.67
CBD CLA WM . 34.73 -13.41 -53.15
CGD CLA WM . 35.14 -12.16 -53.89
O1D CLA WM . 35.94 -12.04 -54.81
O2D CLA WM . 34.53 -11.06 -53.41
CED CLA WM . 35.23 -10.29 -52.44
C1 CLA WM . 39.07 -11.50 -49.08
C2 CLA WM . 39.59 -10.21 -49.60
C3 CLA WM . 40.80 -10.03 -50.14
C4 CLA WM . 41.21 -8.70 -50.61
C5 CLA WM . 41.79 -11.14 -50.28
C6 CLA WM . 42.38 -11.18 -51.69
C7 CLA WM . 43.30 -12.37 -51.86
C8 CLA WM . 43.43 -12.80 -53.32
C9 CLA WM . 43.34 -14.31 -53.42
C10 CLA WM . 44.75 -12.30 -53.91
C11 CLA WM . 44.97 -12.77 -55.33
C12 CLA WM . 44.83 -11.65 -56.34
C13 CLA WM . 46.03 -10.70 -56.33
C14 CLA WM . 45.58 -9.29 -56.00
C15 CLA WM . 46.76 -10.72 -57.67
C16 CLA WM . 48.26 -10.64 -57.48
C17 CLA WM . 48.82 -9.28 -57.85
C18 CLA WM . 48.64 -8.96 -59.33
C19 CLA WM . 47.88 -7.65 -59.49
C20 CLA WM . 49.97 -8.86 -60.02
MG CLA XM . 49.95 -17.53 -41.34
CHA CLA XM . 51.77 -14.59 -41.60
CHB CLA XM . 50.88 -18.35 -44.49
CHC CLA XM . 48.91 -20.72 -40.73
CHD CLA XM . 48.88 -16.55 -38.15
NA CLA XM . 51.12 -16.60 -42.79
C1A CLA XM . 51.97 -15.50 -42.60
C2A CLA XM . 52.95 -15.39 -43.76
C3A CLA XM . 52.23 -16.22 -44.84
C4A CLA XM . 51.41 -17.17 -43.99
CMA CLA XM . 51.36 -15.38 -45.73
CAA CLA XM . 54.27 -16.00 -43.35
CBA CLA XM . 55.18 -16.17 -44.55
CGA CLA XM . 56.61 -16.23 -44.10
O1A CLA XM . 57.05 -16.21 -42.96
O2A CLA XM . 57.49 -16.30 -45.14
NB CLA XM . 49.80 -19.20 -42.46
C1B CLA XM . 50.25 -19.35 -43.72
C2B CLA XM . 50.15 -20.78 -44.13
C3B CLA XM . 49.47 -21.42 -43.12
C4B CLA XM . 49.44 -20.48 -41.96
CMB CLA XM . 50.87 -21.30 -45.29
CAB CLA XM . 48.59 -22.57 -43.15
CBB CLA XM . 48.82 -23.73 -43.76
NC CLA XM . 48.94 -18.45 -39.76
C1C CLA XM . 48.79 -19.80 -39.66
C2C CLA XM . 48.15 -20.11 -38.38
C3C CLA XM . 48.11 -18.93 -37.66
C4C CLA XM . 48.72 -17.91 -38.50
CMC CLA XM . 47.42 -21.35 -38.12
CAC CLA XM . 47.54 -18.70 -36.32
CBC CLA XM . 48.60 -18.68 -35.24
ND CLA XM . 50.17 -15.94 -40.12
C1D CLA XM . 49.62 -15.63 -38.86
C2D CLA XM . 50.28 -14.41 -38.36
C3D CLA XM . 50.95 -13.87 -39.45
C4D CLA XM . 51.03 -14.97 -40.43
CMD CLA XM . 50.07 -13.87 -37.02
CAD CLA XM . 51.76 -12.78 -39.95
OBD CLA XM . 52.09 -11.75 -39.39
CBD CLA XM . 52.35 -13.23 -41.31
CGD CLA XM . 52.09 -12.23 -42.39
O1D CLA XM . 52.65 -11.16 -42.59
O2D CLA XM . 51.08 -12.58 -43.25
CED CLA XM . 50.80 -11.72 -44.35
C1 CLA XM . 58.87 -16.52 -44.80
C2 CLA XM . 59.65 -16.39 -46.07
C3 CLA XM . 59.80 -17.40 -46.95
C4 CLA XM . 59.20 -18.74 -46.73
C5 CLA XM . 60.59 -17.20 -48.19
MG CLA YM . 55.76 -7.33 -47.16
CHA CLA YM . 54.50 -10.50 -46.68
CHB CLA YM . 54.23 -7.19 -50.19
CHC CLA YM . 56.49 -4.01 -47.33
CHD CLA YM . 56.50 -7.21 -43.73
NA CLA YM . 54.66 -8.69 -48.28
C1A CLA YM . 54.20 -9.96 -47.90
C2A CLA YM . 53.53 -10.66 -49.07
C3A CLA YM . 53.70 -9.65 -50.23
C4A CLA YM . 54.14 -8.38 -49.50
CMA CLA YM . 54.73 -10.11 -51.22
CAA CLA YM . 52.06 -10.91 -48.79
CBA CLA YM . 51.43 -11.75 -49.88
CGA CLA YM . 50.40 -12.65 -49.27
O1A CLA YM . 50.55 -13.47 -48.37
O2A CLA YM . 49.15 -12.47 -49.81
NB CLA YM . 55.67 -5.94 -48.62
C1B CLA YM . 55.01 -6.08 -49.80
C2B CLA YM . 55.02 -4.79 -50.54
C3B CLA YM . 55.52 -3.85 -49.67
C4B CLA YM . 56.02 -4.58 -48.47
CMB CLA YM . 54.25 -4.57 -51.76
CAB CLA YM . 55.44 -2.42 -49.70
CBB CLA YM . 55.99 -1.62 -50.62
NC CLA YM . 56.74 -5.99 -45.89
C1C CLA YM . 57.05 -4.71 -46.23
C2C CLA YM . 57.66 -4.04 -45.09
C3C CLA YM . 57.55 -4.92 -44.01
C4C CLA YM . 56.77 -6.05 -44.49
CMC CLA YM . 57.83 -2.60 -45.04
CAC CLA YM . 57.94 -4.67 -42.62
CBC CLA YM . 59.35 -5.13 -42.33
ND CLA YM . 55.83 -8.61 -45.61
C1D CLA YM . 56.25 -8.44 -44.26
C2D CLA YM . 56.10 -9.74 -43.57
C3D CLA YM . 55.39 -10.55 -44.42
C4D CLA YM . 55.16 -9.76 -45.65
CMD CLA YM . 56.42 -9.94 -42.16
CAD CLA YM . 54.96 -11.90 -44.70
OBD CLA YM . 55.17 -12.91 -44.05
CBD CLA YM . 54.46 -11.94 -46.18
CGD CLA YM . 55.31 -12.84 -47.03
O1D CLA YM . 56.51 -12.71 -47.30
O2D CLA YM . 54.63 -13.90 -47.54
CED CLA YM . 55.41 -14.94 -48.16
C1 CLA YM . 48.79 -13.34 -50.90
C2 CLA YM . 48.28 -14.62 -50.31
C3 CLA YM . 47.04 -14.74 -49.81
C4 CLA YM . 46.06 -13.64 -49.78
C5 CLA YM . 46.58 -16.04 -49.23
C6 CLA YM . 45.51 -16.69 -50.08
C7 CLA YM . 44.85 -17.83 -49.33
C8 CLA YM . 44.93 -19.16 -50.09
C9 CLA YM . 44.21 -20.24 -49.33
C10 CLA YM . 46.39 -19.57 -50.33
C11 CLA YM . 46.48 -20.83 -51.16
C12 CLA YM . 47.82 -20.91 -51.88
C13 CLA YM . 48.91 -21.62 -51.08
C14 CLA YM . 50.02 -22.02 -52.03
C15 CLA YM . 48.38 -22.82 -50.29
C16 CLA YM . 49.45 -23.79 -49.85
C17 CLA YM . 50.07 -23.42 -48.52
C18 CLA YM . 51.46 -24.00 -48.37
C19 CLA YM . 52.51 -22.91 -48.40
C20 CLA YM . 51.58 -24.80 -47.09
MG CLA ZM . 40.47 -4.62 -30.24
CHA CLA ZM . 38.71 -1.73 -30.85
CHB CLA ZM . 43.13 -2.74 -29.25
CHC CLA ZM . 42.30 -7.45 -29.91
CHD CLA ZM . 37.82 -6.51 -31.51
NA CLA ZM . 40.90 -2.58 -30.27
C1A CLA ZM . 39.99 -1.53 -30.38
C2A CLA ZM . 40.75 -0.20 -30.40
C3A CLA ZM . 42.23 -0.63 -30.31
C4A CLA ZM . 42.14 -2.11 -29.97
CMA CLA ZM . 42.96 -0.41 -31.61
CAA CLA ZM . 40.33 0.69 -29.24
CBA CLA ZM . 41.36 0.79 -28.13
CGA CLA ZM . 40.92 -0.04 -26.98
O1A CLA ZM . 39.81 -0.06 -26.44
O2A CLA ZM . 41.91 -0.84 -26.49
NB CLA ZM . 42.27 -5.03 -29.47
C1B CLA ZM . 43.17 -4.14 -29.02
C2B CLA ZM . 44.31 -4.86 -28.40
C3B CLA ZM . 44.10 -6.21 -28.64
C4B CLA ZM . 42.87 -6.31 -29.45
CMB CLA ZM . 45.52 -4.15 -27.99
CAB CLA ZM . 44.70 -7.40 -28.09
CBB CLA ZM . 45.31 -7.54 -26.92
NC CLA ZM . 40.00 -6.63 -30.34
C1C CLA ZM . 40.93 -7.62 -30.23
C2C CLA ZM . 40.35 -8.90 -30.59
C3C CLA ZM . 38.99 -8.66 -30.83
C4C CLA ZM . 38.82 -7.21 -30.84
CMC CLA ZM . 41.03 -10.15 -30.35
CAC CLA ZM . 37.99 -9.64 -31.26
CBC CLA ZM . 36.88 -9.82 -30.24
ND CLA ZM . 38.70 -4.27 -31.13
C1D CLA ZM . 37.65 -5.15 -31.50
C2D CLA ZM . 36.38 -4.39 -31.37
C3D CLA ZM . 36.75 -3.06 -31.30
C4D CLA ZM . 38.20 -3.04 -31.14
CMD CLA ZM . 35.06 -4.99 -31.52
CAD CLA ZM . 36.29 -1.69 -31.29
OBD CLA ZM . 35.21 -1.25 -31.67
CBD CLA ZM . 37.55 -0.79 -31.12
CGD CLA ZM . 37.79 0.05 -32.33
O1D CLA ZM . 37.96 -0.34 -33.48
O2D CLA ZM . 37.83 1.38 -32.09
CED CLA ZM . 37.25 2.24 -33.07
C1 CLA ZM . 41.52 -1.88 -25.55
C2 CLA ZM . 41.09 -3.04 -26.35
C3 CLA ZM . 40.56 -4.14 -25.80
C4 CLA ZM . 40.36 -4.27 -24.34
C5 CLA ZM . 40.13 -5.28 -26.64
C6 CLA ZM . 38.74 -5.05 -27.21
C7 CLA ZM . 37.81 -6.18 -26.82
C8 CLA ZM . 36.48 -6.08 -27.57
C9 CLA ZM . 35.87 -4.71 -27.43
C10 CLA ZM . 35.50 -7.14 -27.08
MG CLA AN . 40.21 -3.01 -38.96
CHA CLA AN . 41.42 0.22 -39.24
CHB CLA AN . 38.55 -2.07 -36.19
CHC CLA AN . 39.06 -6.21 -38.68
CHD CLA AN . 41.99 -3.89 -41.87
NA CLA AN . 40.22 -1.28 -37.80
C1A CLA AN . 40.56 0.02 -38.21
C2A CLA AN . 40.27 1.01 -37.08
C3A CLA AN . 39.84 0.10 -35.91
C4A CLA AN . 39.56 -1.23 -36.62
CMA CLA AN . 40.93 -0.04 -34.88
CAA CLA AN . 39.18 1.99 -37.47
CBA CLA AN . 38.15 1.43 -38.41
CGA CLA AN . 36.85 2.17 -38.25
O1A CLA AN . 36.29 2.50 -37.21
O2A CLA AN . 36.27 2.51 -39.44
NB CLA AN . 39.14 -4.00 -37.58
C1B CLA AN . 38.41 -3.40 -36.62
C2B CLA AN . 37.56 -4.40 -35.93
C3B CLA AN . 37.58 -5.52 -36.73
C4B CLA AN . 38.70 -5.33 -37.70
CMB CLA AN . 36.63 -3.99 -34.88
CAB CLA AN . 36.75 -6.69 -36.79
CBB CLA AN . 36.26 -7.38 -35.75
NC CLA AN . 40.37 -4.71 -40.16
C1C CLA AN . 39.78 -5.90 -39.87
C2C CLA AN . 40.13 -6.87 -40.90
C3C CLA AN . 40.96 -6.22 -41.81
C4C CLA AN . 41.14 -4.86 -41.31
CMC CLA AN . 39.52 -8.20 -41.02
CAC CLA AN . 41.43 -6.73 -43.10
CBC CLA AN . 40.58 -6.24 -44.26
ND CLA AN . 41.35 -2.09 -40.35
C1D CLA AN . 42.11 -2.59 -41.42
C2D CLA AN . 42.88 -1.49 -42.01
C3D CLA AN . 42.72 -0.41 -41.17
C4D CLA AN . 41.72 -0.82 -40.17
CMD CLA AN . 43.30 -1.46 -43.39
CAD CLA AN . 42.91 1.02 -41.01
OBD CLA AN . 43.65 1.78 -41.63
CBD CLA AN . 42.03 1.48 -39.82
CGD CLA AN . 42.86 2.22 -38.81
O1D CLA AN . 43.93 1.88 -38.32
O2D CLA AN . 42.34 3.42 -38.45
CED CLA AN . 43.29 4.40 -38.02
C1 CLA AN . 35.64 1.47 -40.21
C2 CLA AN . 35.70 1.93 -41.61
C3 CLA AN . 34.67 1.97 -42.46
C4 CLA AN . 33.30 1.53 -42.08
C5 CLA AN . 34.85 2.47 -43.85
C6 CLA AN . 34.80 1.39 -44.90
C7 CLA AN . 34.99 2.01 -46.28
C8 CLA AN . 35.10 0.95 -47.36
C9 CLA AN . 36.37 0.14 -47.17
C10 CLA AN . 35.07 1.56 -48.74
C11 CLA AN . 33.86 2.46 -48.94
C12 CLA AN . 32.93 1.93 -50.02
C13 CLA AN . 32.01 3.04 -50.50
C14 CLA AN . 30.56 2.69 -50.20
C15 CLA AN . 32.20 3.31 -51.99
C16 CLA AN . 31.26 4.39 -52.48
C17 CLA AN . 31.33 4.54 -53.98
C18 CLA AN . 30.31 5.52 -54.50
C19 CLA AN . 28.90 5.07 -54.17
C20 CLA AN . 30.46 5.71 -56.00
MG CLA BN . 32.56 -19.79 -36.89
CHA CLA BN . 30.69 -22.60 -36.12
CHB CLA BN . 30.05 -18.73 -38.91
CHC CLA BN . 34.58 -17.26 -38.02
CHD CLA BN . 35.24 -21.08 -35.05
NA CLA BN . 30.63 -20.47 -37.27
C1A CLA BN . 29.98 -21.58 -36.70
C2A CLA BN . 28.56 -21.68 -37.24
C3A CLA BN . 28.53 -20.68 -38.42
C4A CLA BN . 29.84 -19.92 -38.24
CMA CLA BN . 28.48 -21.41 -39.74
CAA CLA BN . 27.51 -21.35 -36.20
CBA CLA BN . 27.93 -20.27 -35.23
CGA CLA BN . 27.57 -20.75 -33.86
O1A CLA BN . 28.06 -21.71 -33.26
O2A CLA BN . 26.59 -20.03 -33.26
NB CLA BN . 32.33 -18.26 -38.15
C1B CLA BN . 31.17 -17.91 -38.76
C2B CLA BN . 31.42 -16.75 -39.65
C3B CLA BN . 32.73 -16.37 -39.48
C4B CLA BN . 33.35 -17.38 -38.59
CMB CLA BN . 30.51 -16.48 -40.73
CAB CLA BN . 33.37 -15.11 -39.75
CBB CLA BN . 33.37 -14.46 -40.93
NC CLA BN . 34.56 -19.29 -36.61
C1C CLA BN . 35.16 -18.17 -37.11
C2C CLA BN . 36.27 -17.81 -36.26
C3C CLA BN . 36.44 -18.84 -35.34
C4C CLA BN . 35.46 -19.87 -35.72
CMC CLA BN . 36.86 -16.47 -36.28
CAC CLA BN . 37.60 -19.07 -34.47
CBC CLA BN . 37.50 -18.36 -33.14
ND CLA BN . 32.89 -21.39 -35.70
C1D CLA BN . 34.07 -21.82 -35.07
C2D CLA BN . 33.86 -23.21 -34.61
C3D CLA BN . 32.52 -23.49 -34.84
C4D CLA BN . 32.05 -22.41 -35.72
CMD CLA BN . 34.94 -24.14 -34.36
CAD CLA BN . 31.35 -24.20 -34.38
OBD CLA BN . 31.28 -25.16 -33.62
CBD CLA BN . 30.19 -23.81 -35.36
CGD CLA BN . 29.82 -24.98 -36.22
O1D CLA BN . 30.29 -26.13 -36.18
O2D CLA BN . 28.84 -24.74 -37.12
CED CLA BN . 28.87 -25.49 -38.33
C1 CLA BN . 26.94 -18.76 -32.63
C2 CLA BN . 27.94 -19.05 -31.57
C3 CLA BN . 27.85 -18.57 -30.32
C4 CLA BN . 26.72 -17.71 -29.88
C5 CLA BN . 28.89 -18.89 -29.30
C6 CLA BN . 29.39 -17.67 -28.57
C7 CLA BN . 30.52 -17.00 -29.32
C8 CLA BN . 31.05 -15.76 -28.60
C9 CLA BN . 31.69 -16.16 -27.27
C10 CLA BN . 29.94 -14.74 -28.37
C11 CLA BN . 30.46 -13.33 -28.55
C12 CLA BN . 29.33 -12.33 -28.67
C13 CLA BN . 29.84 -10.90 -28.57
C14 CLA BN . 29.23 -10.20 -27.37
C15 CLA BN . 29.54 -10.11 -29.84
MG CLA CN . 52.11 -33.16 -50.95
CHA CLA CN . 51.13 -35.43 -53.35
CHB CLA CN . 54.04 -35.59 -49.64
CHC CLA CN . 52.61 -31.22 -48.17
CHD CLA CN . 49.62 -30.96 -52.06
NA CLA CN . 52.81 -34.99 -51.68
C1A CLA CN . 52.34 -35.70 -52.80
C2A CLA CN . 53.07 -37.03 -52.93
C3A CLA CN . 53.83 -37.16 -51.59
C4A CLA CN . 53.50 -35.86 -50.87
CMA CLA CN . 53.36 -38.35 -50.81
CAA CLA CN . 54.00 -37.03 -54.13
CBA CLA CN . 55.25 -36.20 -53.89
CGA CLA CN . 56.20 -36.35 -55.03
O1A CLA CN . 56.68 -37.37 -55.50
O2A CLA CN . 56.54 -35.15 -55.60
NB CLA CN . 53.35 -33.25 -49.38
C1B CLA CN . 53.98 -34.37 -48.96
C2B CLA CN . 54.78 -34.06 -47.74
C3B CLA CN . 54.43 -32.80 -47.35
C4B CLA CN . 53.43 -32.29 -48.34
CMB CLA CN . 55.90 -34.88 -47.31
CAB CLA CN . 55.00 -31.99 -46.31
CBB CLA CN . 55.88 -31.01 -46.52
NC CLA CN . 51.22 -31.43 -50.21
C1C CLA CN . 51.54 -30.82 -49.03
C2C CLA CN . 50.84 -29.55 -48.93
C3C CLA CN . 50.00 -29.48 -50.04
C4C CLA CN . 50.17 -30.71 -50.78
CMC CLA CN . 51.18 -28.49 -47.99
CAC CLA CN . 49.00 -28.42 -50.32
CBC CLA CN . 49.53 -27.35 -51.24
ND CLA CN . 50.74 -33.09 -52.43
C1D CLA CN . 49.70 -32.16 -52.71
C2D CLA CN . 48.66 -32.84 -53.52
C3D CLA CN . 49.20 -34.07 -53.87
C4D CLA CN . 50.46 -34.19 -53.11
CMD CLA CN . 47.45 -32.19 -54.01
CAD CLA CN . 49.07 -35.25 -54.69
OBD CLA CN . 48.31 -35.44 -55.62
CBD CLA CN . 50.30 -36.17 -54.37
CGD CLA CN . 49.89 -37.53 -53.88
O1D CLA CN . 50.44 -38.60 -54.12
O2D CLA CN . 48.78 -37.52 -53.10
CED CLA CN . 48.29 -38.77 -52.62
MG CLA DN . 60.57 -36.52 -46.08
CHA CLA DN . 58.49 -38.64 -47.83
CHB CLA DN . 60.87 -38.89 -43.66
CHC CLA DN . 62.07 -34.22 -44.01
CHD CLA DN . 59.60 -33.89 -48.22
NA CLA DN . 59.94 -38.49 -45.90
C1A CLA DN . 59.20 -39.24 -46.82
C2A CLA DN . 58.95 -40.65 -46.30
C3A CLA DN . 59.43 -40.58 -44.83
C4A CLA DN . 60.03 -39.19 -44.72
CMA CLA DN . 58.29 -40.76 -43.87
CAA CLA DN . 59.73 -41.69 -47.11
CBA CLA DN . 61.22 -41.46 -47.08
CGA CLA DN . 61.85 -41.95 -48.36
O1A CLA DN . 63.03 -42.21 -48.58
O2A CLA DN . 60.94 -42.09 -49.39
NB CLA DN . 61.50 -36.60 -44.30
C1B CLA DN . 61.62 -37.71 -43.54
C2B CLA DN . 62.50 -37.40 -42.37
C3B CLA DN . 62.60 -36.04 -42.31
C4B CLA DN . 61.94 -35.50 -43.54
CMB CLA DN . 62.86 -38.41 -41.38
CAB CLA DN . 63.50 -35.22 -41.55
CBB CLA DN . 64.82 -35.40 -41.47
NC CLA DN . 61.00 -34.48 -46.23
C1C CLA DN . 61.55 -33.73 -45.23
C2C CLA DN . 61.71 -32.36 -45.68
C3C CLA DN . 61.11 -32.28 -46.94
C4C CLA DN . 60.52 -33.59 -47.19
CMC CLA DN . 62.62 -31.40 -45.06
CAC CLA DN . 61.10 -31.13 -47.86
CBC CLA DN . 59.88 -30.26 -47.68
ND CLA DN . 59.54 -36.31 -47.80
C1D CLA DN . 59.25 -35.17 -48.60
C2D CLA DN . 58.39 -35.59 -49.72
C3D CLA DN . 58.00 -36.89 -49.44
C4D CLA DN . 58.70 -37.27 -48.19
CMD CLA DN . 57.81 -34.67 -50.68
CAD CLA DN . 57.33 -38.08 -49.93
OBD CLA DN . 56.76 -38.26 -50.99
CBD CLA DN . 57.60 -39.23 -48.90
CGD CLA DN . 56.32 -39.75 -48.32
O1D CLA DN . 55.60 -39.23 -47.47
O2D CLA DN . 55.94 -40.96 -48.82
CED CLA DN . 54.56 -41.29 -48.82
C1 CLA DN . 61.24 -41.45 -50.64
C2 CLA DN . 61.51 -40.02 -50.35
C3 CLA DN . 60.94 -39.00 -51.02
C4 CLA DN . 59.97 -39.22 -52.13
C5 CLA DN . 61.27 -37.60 -50.66
C6 CLA DN . 62.29 -36.98 -51.57
C7 CLA DN . 63.02 -35.83 -50.89
C8 CLA DN . 62.18 -34.55 -50.82
C9 CLA DN . 61.60 -34.20 -52.18
C10 CLA DN . 63.02 -33.39 -50.31
MG CLA EN . 69.59 -31.25 -33.06
CHA CLA EN . 67.01 -33.43 -33.82
CHB CLA EN . 69.29 -32.07 -29.79
CHC CLA EN . 72.54 -29.64 -32.48
CHD CLA EN . 69.71 -30.33 -36.44
NA CLA EN . 68.33 -32.55 -32.01
C1A CLA EN . 67.45 -33.49 -32.52
C2A CLA EN . 66.72 -34.24 -31.39
C3A CLA EN . 67.30 -33.59 -30.11
C4A CLA EN . 68.37 -32.64 -30.64
CMA CLA EN . 66.24 -32.86 -29.34
CAA CLA EN . 66.95 -35.75 -31.44
CBA CLA EN . 68.30 -36.12 -32.01
CGA CLA EN . 68.37 -37.58 -32.31
O1A CLA EN . 69.36 -38.27 -32.54
O2A CLA EN . 67.14 -38.20 -32.32
NB CLA EN . 70.67 -30.84 -31.42
C1B CLA EN . 70.44 -31.35 -30.19
C2B CLA EN . 71.54 -30.95 -29.27
C3B CLA EN . 72.43 -30.22 -30.02
C4B CLA EN . 71.97 -30.28 -31.43
CMB CLA EN . 71.38 -31.08 -27.82
CAB CLA EN . 73.50 -29.34 -29.64
CBB CLA EN . 74.41 -29.53 -28.69
NC CLA EN . 70.84 -30.08 -34.24
C1C CLA EN . 72.03 -29.57 -33.82
C2C CLA EN . 72.83 -29.19 -34.98
C3C CLA EN . 72.08 -29.48 -36.12
C4C CLA EN . 70.77 -29.91 -35.63
CMC CLA EN . 74.19 -28.65 -34.90
CAC CLA EN . 72.39 -29.10 -37.50
CBC CLA EN . 72.59 -30.28 -38.44
ND CLA EN . 68.59 -31.69 -34.77
C1D CLA EN . 68.87 -31.37 -36.12
C2D CLA EN . 68.13 -32.29 -37.00
C3D CLA EN . 67.27 -32.98 -36.17
C4D CLA EN . 67.73 -32.69 -34.81
CMD CLA EN . 68.20 -32.28 -38.45
CAD CLA EN . 65.99 -33.66 -36.04
OBD CLA EN . 65.24 -34.05 -36.92
CBD CLA EN . 65.84 -34.06 -34.54
CGD CLA EN . 64.55 -33.58 -33.97
O1D CLA EN . 63.98 -33.93 -32.94
O2D CLA EN . 63.95 -32.62 -34.71
CED CLA EN . 62.56 -32.81 -34.94
C1 CLA EN . 66.92 -39.13 -33.39
C2 CLA EN . 66.95 -38.35 -34.65
C3 CLA EN . 67.07 -38.91 -35.86
C4 CLA EN . 67.18 -40.37 -36.05
C5 CLA EN . 67.09 -38.05 -37.08
C6 CLA EN . 68.24 -38.39 -38.00
C7 CLA EN . 69.18 -37.20 -38.16
C8 CLA EN . 69.22 -36.65 -39.59
C9 CLA EN . 68.00 -35.78 -39.83
C10 CLA EN . 69.36 -37.77 -40.62
C11 CLA EN . 69.03 -37.34 -42.04
C12 CLA EN . 70.16 -36.57 -42.71
C13 CLA EN . 69.61 -35.57 -43.72
C14 CLA EN . 70.61 -35.31 -44.82
C15 CLA EN . 69.21 -34.27 -43.05
C16 CLA EN . 67.71 -34.02 -43.16
C17 CLA EN . 67.34 -32.62 -42.74
MG CLA FN . 74.55 -25.94 -24.72
CHA CLA FN . 77.90 -25.33 -24.20
CHB CLA FN . 75.11 -26.05 -28.06
CHC CLA FN . 71.18 -26.36 -25.23
CHD CLA FN . 73.91 -25.18 -21.33
NA CLA FN . 76.27 -25.90 -25.88
C1A CLA FN . 77.60 -25.79 -25.46
C2A CLA FN . 78.53 -25.68 -26.66
C3A CLA FN . 77.57 -25.53 -27.86
C4A CLA FN . 76.22 -25.85 -27.25
CMA CLA FN . 77.62 -24.14 -28.44
CAA CLA FN . 79.46 -26.87 -26.83
CBA CLA FN . 79.14 -28.05 -25.94
CGA CLA FN . 80.24 -29.08 -26.06
O1A CLA FN . 80.73 -29.78 -25.18
O2A CLA FN . 80.72 -29.17 -27.34
NB CLA FN . 73.39 -26.31 -26.33
C1B CLA FN . 73.79 -26.12 -27.60
C2B CLA FN . 72.59 -26.12 -28.50
C3B CLA FN . 71.55 -26.62 -27.74
C4B CLA FN . 71.99 -26.48 -26.31
CMB CLA FN . 72.65 -25.88 -29.93
CAB CLA FN . 70.19 -26.83 -28.13
CBB CLA FN . 69.46 -27.91 -27.85
NC CLA FN . 72.86 -25.84 -23.48
C1C CLA FN . 71.60 -26.16 -23.89
C2C CLA FN . 70.76 -26.37 -22.72
C3C CLA FN . 71.56 -26.11 -21.60
C4C CLA FN . 72.83 -25.64 -22.11
CMC CLA FN . 69.49 -27.10 -22.77
CAC CLA FN . 71.08 -25.98 -20.21
CBC CLA FN . 71.21 -27.25 -19.42
ND CLA FN . 75.61 -25.46 -23.08
C1D CLA FN . 75.22 -25.15 -21.74
C2D CLA FN . 76.42 -24.69 -21.01
C3D CLA FN . 77.50 -24.92 -21.85
C4D CLA FN . 76.92 -25.25 -23.16
CMD CLA FN . 76.42 -24.28 -19.61
CAD CLA FN . 78.93 -24.80 -22.02
OBD CLA FN . 79.80 -24.57 -21.20
CBD CLA FN . 79.23 -25.12 -23.51
CGD CLA FN . 80.02 -24.04 -24.18
O1D CLA FN . 81.17 -24.12 -24.64
O2D CLA FN . 79.38 -22.85 -24.26
CED CLA FN . 79.59 -22.07 -25.43
C1 CLA FN . 81.89 -29.99 -27.56
C2 CLA FN . 81.42 -31.37 -27.87
C3 CLA FN . 81.99 -32.15 -28.81
C4 CLA FN . 83.13 -31.70 -29.64
C5 CLA FN . 81.48 -33.53 -29.06
C6 CLA FN . 82.58 -34.58 -28.94
C7 CLA FN . 82.00 -35.92 -28.52
C8 CLA FN . 81.01 -36.47 -29.54
C9 CLA FN . 79.69 -36.79 -28.85
C10 CLA FN . 81.56 -37.72 -30.21
C11 CLA FN . 82.03 -37.44 -31.62
C12 CLA FN . 82.48 -38.70 -32.33
C13 CLA FN . 82.90 -38.41 -33.77
MG CLA GN . 62.14 -8.01 -51.52
CHA CLA GN . 61.56 -5.06 -53.23
CHB CLA GN . 59.39 -7.41 -49.60
CHC CLA GN . 62.33 -11.23 -50.34
CHD CLA GN . 64.88 -8.64 -53.64
NA CLA GN . 60.74 -6.47 -51.44
C1A CLA GN . 60.57 -5.40 -52.34
C2A CLA GN . 59.53 -4.42 -51.78
C3A CLA GN . 59.08 -5.05 -50.44
C4A CLA GN . 59.80 -6.40 -50.45
CMA CLA GN . 59.51 -4.20 -49.29
CAA CLA GN . 58.36 -4.21 -52.73
CBA CLA GN . 57.62 -5.49 -53.05
CGA CLA GN . 56.77 -5.25 -54.26
O1A CLA GN . 56.38 -4.18 -54.73
O2A CLA GN . 56.40 -6.41 -54.89
NB CLA GN . 61.13 -9.08 -50.15
C1B CLA GN . 60.03 -8.66 -49.47
C2B CLA GN . 59.50 -9.79 -48.65
C3B CLA GN . 60.48 -10.76 -48.67
C4B CLA GN . 61.36 -10.43 -49.82
CMB CLA GN . 58.31 -9.68 -47.82
CAB CLA GN . 60.62 -11.97 -47.90
CBB CLA GN . 59.75 -12.97 -47.88
NC CLA GN . 63.51 -9.57 -51.77
C1C CLA GN . 63.34 -10.82 -51.27
C2C CLA GN . 64.47 -11.65 -51.63
C3C CLA GN . 65.18 -10.95 -52.60
C4C CLA GN . 64.58 -9.61 -52.67
CMC CLA GN . 64.65 -13.05 -51.24
CAC CLA GN . 66.41 -11.37 -53.29
CBC CLA GN . 66.13 -11.98 -54.65
ND CLA GN . 63.17 -7.03 -52.95
C1D CLA GN . 64.24 -7.43 -53.78
C2D CLA GN . 64.62 -6.27 -54.62
C3D CLA GN . 63.54 -5.41 -54.56
C4D CLA GN . 62.69 -5.90 -53.47
CMD CLA GN . 65.79 -6.24 -55.50
CAD CLA GN . 62.99 -4.15 -55.02
OBD CLA GN . 63.33 -3.44 -55.95
CBD CLA GN . 61.74 -3.86 -54.14
CGD CLA GN . 61.89 -2.59 -53.35
O1D CLA GN . 62.40 -2.45 -52.22
O2D CLA GN . 61.40 -1.49 -53.97
CED CLA GN . 60.27 -0.84 -53.38
C1 CLA GN . 55.87 -6.28 -56.22
C2 CLA GN . 56.35 -7.47 -56.97
C3 CLA GN . 56.31 -7.56 -58.31
C4 CLA GN . 55.78 -6.48 -59.17
C5 CLA GN . 56.81 -8.79 -59.02
C6 CLA GN . 57.13 -9.96 -58.11
C7 CLA GN . 58.63 -10.07 -57.86
C8 CLA GN . 59.39 -10.64 -59.05
C9 CLA GN . 60.04 -11.96 -58.68
C10 CLA GN . 60.43 -9.64 -59.54
C11 CLA GN . 61.26 -10.19 -60.69
C12 CLA GN . 62.11 -9.14 -61.34
C13 CLA GN . 62.90 -9.74 -62.51
C14 CLA GN . 63.96 -10.70 -62.00
C15 CLA GN . 63.54 -8.65 -63.37
C16 CLA GN . 62.49 -7.71 -63.93
C17 CLA GN . 62.96 -7.05 -65.21
C18 CLA GN . 62.16 -5.79 -65.54
C19 CLA GN . 62.62 -5.19 -66.85
C20 CLA GN . 60.68 -6.09 -65.59
MG CLA HN . 63.09 -5.83 -59.52
CHA CLA HN . 61.87 -3.54 -61.79
CHB CLA HN . 60.36 -5.36 -57.58
CHC CLA HN . 63.98 -8.60 -57.69
CHD CLA HN . 65.92 -6.30 -61.59
NA CLA HN . 61.44 -4.56 -59.64
C1A CLA HN . 61.06 -3.76 -60.73
C2A CLA HN . 59.60 -3.35 -60.62
C3A CLA HN . 59.13 -4.02 -59.32
C4A CLA HN . 60.42 -4.58 -58.73
CMA CLA HN . 58.45 -3.05 -58.38
NB CLA HN . 62.33 -6.78 -57.93
C1B CLA HN . 61.12 -6.52 -57.37
C2B CLA HN . 60.77 -7.59 -56.40
C3B CLA HN . 61.76 -8.52 -56.43
C4B CLA HN . 62.81 -7.99 -57.37
CMB CLA HN . 59.70 -7.41 -55.42
CAB CLA HN . 62.04 -9.55 -55.47
CBB CLA HN . 62.18 -10.85 -55.75
NC CLA HN . 64.72 -7.14 -59.57
C1C CLA HN . 64.89 -8.19 -58.70
C2C CLA HN . 66.00 -9.02 -59.16
C3C CLA HN . 66.61 -8.32 -60.20
C4C CLA HN . 65.71 -7.23 -60.55
CMC CLA HN . 66.16 -10.43 -58.80
CAC CLA HN . 67.89 -8.64 -60.86
CBC CLA HN . 67.70 -9.44 -62.12
ND CLA HN . 63.89 -4.98 -61.17
C1D CLA HN . 65.03 -5.31 -61.96
C2D CLA HN . 64.93 -4.61 -63.25
C3D CLA HN . 63.87 -3.73 -63.13
C4D CLA HN . 63.19 -4.08 -61.87
CMD CLA HN . 65.92 -4.71 -64.31
CAD CLA HN . 63.04 -2.74 -63.79
OBD CLA HN . 63.33 -1.99 -64.72
CBD CLA HN . 61.71 -2.64 -62.99
CGD CLA HN . 61.41 -1.23 -62.57
O1D CLA HN . 62.05 -0.53 -61.78
O2D CLA HN . 60.30 -0.70 -63.17
CED CLA HN . 60.23 0.72 -63.28
MG CLA IN . 58.89 -10.13 -39.59
CHA CLA IN . 61.56 -9.91 -41.78
CHB CLA IN . 58.37 -13.26 -40.72
CHC CLA IN . 56.69 -10.73 -37.04
CHD CLA IN . 60.31 -7.55 -37.70
NA CLA IN . 59.58 -11.20 -41.25
C1A CLA IN . 60.80 -11.04 -41.92
C2A CLA IN . 60.81 -11.98 -43.14
C3A CLA IN . 59.61 -12.92 -42.90
C4A CLA IN . 59.07 -12.41 -41.57
CMA CLA IN . 58.58 -12.81 -44.00
CAA CLA IN . 62.11 -12.76 -43.24
CBA CLA IN . 62.65 -12.67 -44.65
CGA CLA IN . 63.52 -13.84 -44.96
O1A CLA IN . 64.53 -14.22 -44.37
O2A CLA IN . 63.10 -14.56 -46.04
NB CLA IN . 57.52 -11.54 -39.22
C1B CLA IN . 57.57 -12.82 -39.65
C2B CLA IN . 56.28 -13.47 -39.33
C3B CLA IN . 55.69 -12.68 -38.35
C4B CLA IN . 56.59 -11.51 -38.15
CMB CLA IN . 55.71 -14.39 -40.31
CAB CLA IN . 54.55 -12.89 -37.50
CBB CLA IN . 53.76 -13.96 -37.46
NC CLA IN . 58.40 -9.12 -37.84
C1C CLA IN . 57.54 -9.60 -36.89
C2C CLA IN . 57.38 -8.57 -35.86
C3C CLA IN . 58.42 -7.68 -36.02
C4C CLA IN . 59.06 -8.03 -37.28
CMC CLA IN . 56.42 -8.67 -34.75
CAC CLA IN . 59.01 -6.80 -34.99
CBC CLA IN . 58.78 -5.34 -35.26
ND CLA IN . 60.39 -8.80 -39.80
C1D CLA IN . 60.92 -7.84 -38.91
C2D CLA IN . 61.98 -7.10 -39.62
C3D CLA IN . 62.26 -7.85 -40.75
C4D CLA IN . 61.37 -9.01 -40.68
CMD CLA IN . 62.23 -5.67 -39.40
CAD CLA IN . 62.73 -7.77 -42.11
OBD CLA IN . 62.96 -6.76 -42.75
CBD CLA IN . 62.35 -9.11 -42.79
CGD CLA IN . 61.56 -8.89 -44.05
O1D CLA IN . 61.71 -9.47 -45.13
O2D CLA IN . 60.57 -7.97 -43.94
CED CLA IN . 59.92 -7.57 -45.14
C1 CLA IN . 64.10 -14.88 -47.03
C2 CLA IN . 64.02 -16.33 -47.29
C3 CLA IN . 64.93 -17.00 -48.02
C4 CLA IN . 66.11 -16.32 -48.62
C5 CLA IN . 64.80 -18.47 -48.25
MG CLA JN . 65.39 -20.14 -40.69
CHA CLA JN . 65.20 -16.71 -40.88
CHB CLA JN . 62.00 -20.29 -40.38
CHC CLA JN . 65.60 -23.48 -39.91
CHD CLA JN . 68.90 -19.89 -40.50
NA CLA JN . 63.87 -18.74 -40.80
C1A CLA JN . 63.99 -17.35 -40.87
C2A CLA JN . 62.65 -16.74 -41.27
C3A CLA JN . 61.66 -17.82 -40.79
C4A CLA JN . 62.56 -19.04 -40.54
CMA CLA JN . 60.96 -17.40 -39.54
CAA CLA JN . 62.58 -16.42 -42.76
CBA CLA JN . 62.58 -17.59 -43.71
CGA CLA JN . 63.96 -18.04 -44.10
O1A CLA JN . 64.96 -17.36 -44.33
O2A CLA JN . 64.06 -19.40 -44.16
NB CLA JN . 64.06 -21.60 -40.32
C1B CLA JN . 62.72 -21.49 -40.46
C2B CLA JN . 62.09 -22.83 -40.32
C3B CLA JN . 63.09 -23.68 -39.91
C4B CLA JN . 64.38 -22.97 -40.14
CMB CLA JN . 60.64 -22.99 -40.22
CAB CLA JN . 63.04 -25.09 -39.69
CBB CLA JN . 62.64 -25.99 -40.60
NC CLA JN . 66.97 -21.47 -40.38
C1C CLA JN . 66.82 -22.74 -39.91
C2C CLA JN . 68.14 -23.38 -39.83
C3C CLA JN . 69.06 -22.42 -40.21
C4C CLA JN . 68.33 -21.16 -40.34
CMC CLA JN . 68.33 -24.82 -39.73
CAC CLA JN . 70.52 -22.55 -40.19
CBC CLA JN . 71.08 -22.33 -38.81
ND CLA JN . 66.80 -18.71 -40.91
C1D CLA JN . 68.20 -18.74 -40.85
C2D CLA JN . 68.70 -17.35 -40.86
C3D CLA JN . 67.59 -16.53 -40.90
C4D CLA JN . 66.42 -17.43 -40.96
CMD CLA JN . 70.11 -16.98 -40.94
CAD CLA JN . 67.08 -15.19 -41.13
OBD CLA JN . 67.62 -14.26 -41.73
CBD CLA JN . 65.55 -15.25 -40.88
CGD CLA JN . 65.17 -14.56 -39.60
O1D CLA JN . 65.45 -14.92 -38.45
O2D CLA JN . 64.43 -13.43 -39.76
CED CLA JN . 64.66 -12.37 -38.84
C1 CLA JN . 65.37 -19.99 -44.16
C2 CLA JN . 65.10 -21.44 -44.35
C3 CLA JN . 66.02 -22.41 -44.23
C4 CLA JN . 67.42 -22.15 -43.86
C5 CLA JN . 65.62 -23.84 -44.46
C6 CLA JN . 66.02 -24.77 -43.33
C7 CLA JN . 65.28 -26.08 -43.45
C8 CLA JN . 66.23 -27.27 -43.44
C9 CLA JN . 65.56 -28.49 -44.04
C10 CLA JN . 66.72 -27.58 -42.04
C11 CLA JN . 67.73 -28.70 -42.02
C12 CLA JN . 69.04 -28.31 -42.66
C13 CLA JN . 70.21 -28.84 -41.86
C14 CLA JN . 70.27 -28.17 -40.51
C15 CLA JN . 71.53 -28.66 -42.60
MG CLA KN . 56.44 -24.62 -43.82
CHA CLA KN . 56.92 -21.27 -43.13
CHB CLA KN . 53.12 -24.21 -43.20
CHC CLA KN . 56.03 -28.00 -43.57
CHD CLA KN . 59.93 -25.05 -43.87
NA CLA KN . 55.21 -22.96 -43.47
C1A CLA KN . 55.62 -21.63 -43.30
C2A CLA KN . 54.43 -20.72 -43.02
C3A CLA KN . 53.28 -21.73 -42.74
C4A CLA KN . 53.90 -23.08 -43.11
CMA CLA KN . 52.84 -21.71 -41.29
CAA CLA KN . 54.13 -19.80 -44.18
CBA CLA KN . 54.51 -20.38 -45.53
CGA CLA KN . 54.32 -19.34 -46.60
O1A CLA KN . 53.42 -18.51 -46.70
O2A CLA KN . 55.29 -19.38 -47.56
NB CLA KN . 54.85 -25.84 -43.82
C1B CLA KN . 53.56 -25.46 -43.68
C2B CLA KN . 52.68 -26.66 -43.79
C3B CLA KN . 53.51 -27.75 -43.61
C4B CLA KN . 54.90 -27.23 -43.57
CMB CLA KN . 51.23 -26.59 -43.80
CAB CLA KN . 53.24 -29.13 -43.84
CBB CLA KN . 52.85 -29.62 -45.01
NC CLA KN . 57.74 -26.23 -43.93
C1C CLA KN . 57.35 -27.54 -43.79
C2C CLA KN . 58.53 -28.40 -43.80
C3C CLA KN . 59.60 -27.56 -44.08
C4C CLA KN . 59.14 -26.21 -43.83
CMC CLA KN . 58.48 -29.86 -43.88
CAC CLA KN . 60.93 -27.93 -44.55
CBC CLA KN . 61.90 -28.11 -43.41
ND CLA KN . 58.08 -23.46 -43.73
C1D CLA KN . 59.47 -23.77 -43.70
C2D CLA KN . 60.22 -22.50 -43.72
C3D CLA KN . 59.30 -21.50 -43.44
C4D CLA KN . 57.98 -22.15 -43.53
CMD CLA KN . 61.62 -22.38 -44.13
CAD CLA KN . 59.09 -20.14 -42.98
OBD CLA KN . 59.87 -19.21 -43.00
CBD CLA KN . 57.56 -19.95 -42.80
CGD CLA KN . 57.20 -19.51 -41.41
O1D CLA KN . 56.41 -20.04 -40.63
O2D CLA KN . 57.83 -18.38 -40.99
CED CLA KN . 57.27 -17.71 -39.86
C1 CLA KN . 55.03 -18.63 -48.77
C2 CLA KN . 56.11 -18.92 -49.74
C3 CLA KN . 56.10 -19.99 -50.55
C4 CLA KN . 54.99 -20.97 -50.57
C5 CLA KN . 57.23 -20.24 -51.51
MG CLA LN . 18.54 -22.17 -12.49
CHA CLA LN . 15.60 -20.35 -12.44
CHB CLA LN . 19.27 -20.87 -15.54
CHC CLA LN . 21.69 -23.48 -12.24
CHD CLA LN . 17.86 -23.27 -9.23
NA CLA LN . 17.57 -20.82 -13.75
C1A CLA LN . 16.49 -19.99 -13.43
C2A CLA LN . 16.21 -18.98 -14.54
C3A CLA LN . 17.30 -19.30 -15.59
C4A CLA LN . 18.16 -20.35 -14.89
CMA CLA LN . 16.72 -19.84 -16.86
CAA CLA LN . 16.33 -17.55 -14.04
CBA CLA LN . 17.56 -17.33 -13.21
CGA CLA LN . 17.21 -16.94 -11.81
O1A CLA LN . 16.13 -17.02 -11.23
O2A CLA LN . 18.29 -16.46 -11.12
NB CLA LN . 20.15 -22.21 -13.68
C1B CLA LN . 20.20 -21.74 -14.95
C2B CLA LN . 21.53 -22.02 -15.54
C3B CLA LN . 22.18 -22.84 -14.65
C4B CLA LN . 21.39 -22.83 -13.40
CMB CLA LN . 22.08 -21.15 -16.57
CAB CLA LN . 23.22 -23.82 -14.85
CBB CLA LN . 23.61 -24.34 -16.02
NC CLA LN . 19.54 -23.33 -11.07
C1C CLA LN . 20.89 -23.49 -11.07
C2C CLA LN . 21.31 -24.16 -9.84
C3C CLA LN . 20.16 -24.32 -9.06
C4C CLA LN . 19.09 -23.66 -9.79
CMC CLA LN . 22.57 -24.90 -9.72
CAC CLA LN . 19.98 -25.30 -7.99
CBC CLA LN . 19.84 -24.67 -6.63
ND CLA LN . 17.01 -22.08 -11.18
C1D CLA LN . 16.91 -22.47 -9.83
C2D CLA LN . 15.72 -21.85 -9.22
C3D CLA LN . 15.12 -21.11 -10.22
C4D CLA LN . 15.97 -21.26 -11.41
CMD CLA LN . 15.19 -22.22 -7.92
CAD CLA LN . 14.02 -20.24 -10.57
OBD CLA LN . 12.92 -20.16 -10.06
CBD CLA LN . 14.25 -19.81 -12.05
CGD CLA LN . 13.17 -20.32 -12.94
O1D CLA LN . 13.18 -21.30 -13.68
O2D CLA LN . 12.03 -19.55 -12.88
CED CLA LN . 10.86 -20.08 -13.50
C1 CLA LN . 18.04 -15.70 -9.92
C2 CLA LN . 19.23 -14.83 -9.77
C3 CLA LN . 20.31 -15.15 -9.05
C4 CLA LN . 20.44 -16.42 -8.31
C5 CLA LN . 21.46 -14.22 -8.96
C6 CLA LN . 21.71 -13.74 -7.53
C7 CLA LN . 22.75 -12.65 -7.50
C8 CLA LN . 22.40 -11.49 -8.42
C9 CLA LN . 23.57 -11.12 -9.29
C10 CLA LN . 21.92 -10.29 -7.61
C11 CLA LN . 21.50 -9.14 -8.51
C12 CLA LN . 20.70 -8.10 -7.75
C13 CLA LN . 20.61 -6.82 -8.57
C14 CLA LN . 19.94 -5.73 -7.76
C15 CLA LN . 19.90 -7.03 -9.89
C16 CLA LN . 19.94 -5.77 -10.72
C17 CLA LN . 19.05 -5.87 -11.94
C18 CLA LN . 19.32 -4.71 -12.90
C19 CLA LN . 19.47 -5.20 -14.33
C20 CLA LN . 18.23 -3.67 -12.82
MG CLA MN . 31.75 -15.98 -16.27
CHA CLA MN . 30.87 -16.32 -19.58
CHB CLA MN . 33.51 -13.17 -17.08
CHC CLA MN . 33.34 -16.12 -13.24
CHD CLA MN . 30.46 -19.20 -15.67
NA CLA MN . 31.93 -14.82 -18.00
C1A CLA MN . 31.41 -15.12 -19.28
C2A CLA MN . 31.90 -14.09 -20.30
C3A CLA MN . 32.99 -13.31 -19.53
C4A CLA MN . 32.77 -13.74 -18.09
CMA CLA MN . 34.38 -13.68 -20.02
CAA CLA MN . 30.79 -13.19 -20.79
CBA CLA MN . 29.69 -12.97 -19.78
CGA CLA MN . 28.55 -12.24 -20.40
O1A CLA MN . 28.51 -11.65 -21.48
O2A CLA MN . 27.43 -12.26 -19.62
NB CLA MN . 33.04 -14.78 -15.27
C1B CLA MN . 33.73 -13.74 -15.81
C2B CLA MN . 34.56 -13.13 -14.74
C3B CLA MN . 34.77 -14.12 -13.83
C4B CLA MN . 33.73 -15.14 -14.11
CMB CLA MN . 34.59 -11.69 -14.50
CAB CLA MN . 35.47 -14.07 -12.57
CBB CLA MN . 34.95 -13.65 -11.42
NC CLA MN . 31.73 -17.31 -14.66
C1C CLA MN . 32.56 -17.24 -13.58
C2C CLA MN . 32.18 -18.25 -12.62
C3C CLA MN . 31.38 -19.15 -13.31
C4C CLA MN . 31.19 -18.59 -14.64
CMC CLA MN . 32.84 -18.44 -11.33
CAC CLA MN . 31.25 -20.57 -12.99
CBC CLA MN . 29.95 -20.92 -12.32
ND CLA MN . 30.67 -17.36 -17.26
C1D CLA MN . 30.42 -18.73 -16.96
C2D CLA MN . 29.69 -19.34 -18.09
C3D CLA MN . 29.75 -18.41 -19.12
C4D CLA MN . 30.44 -17.23 -18.57
CMD CLA MN . 28.78 -20.46 -17.94
CAD CLA MN . 29.56 -18.18 -20.53
OBD CLA MN . 28.79 -18.74 -21.30
CBD CLA MN . 30.30 -16.86 -20.88
CGD CLA MN . 31.37 -17.07 -21.91
O1D CLA MN . 32.58 -17.13 -21.73
O2D CLA MN . 30.89 -17.23 -23.17
CED CLA MN . 31.05 -18.51 -23.80
C1 CLA MN . 27.02 -11.00 -19.03
C2 CLA MN . 26.30 -11.36 -17.78
C3 CLA MN . 24.97 -11.49 -17.69
C4 CLA MN . 24.08 -11.26 -18.86
C5 CLA MN . 24.31 -11.85 -16.42
C6 CLA MN . 23.35 -10.79 -15.95
C7 CLA MN . 22.56 -11.23 -14.73
C8 CLA MN . 22.29 -10.05 -13.81
C9 CLA MN . 23.43 -9.90 -12.84
C10 CLA MN . 20.94 -10.20 -13.11
C11 CLA MN . 20.98 -11.22 -11.99
C12 CLA MN . 19.62 -11.81 -11.71
C13 CLA MN . 18.62 -10.78 -11.21
C14 CLA MN . 18.39 -10.95 -9.73
C15 CLA MN . 17.31 -10.91 -11.95
C16 CLA MN . 16.88 -9.61 -12.61
C17 CLA MN . 15.63 -9.83 -13.41
C18 CLA MN . 15.12 -8.56 -14.07
C19 CLA MN . 13.92 -8.84 -14.93
C20 CLA MN . 14.77 -7.52 -13.02
MG CLA NN . 53.32 -28.00 -66.82
CHA CLA NN . 51.17 -27.60 -64.14
CHB CLA NN . 55.97 -27.85 -64.69
CHC CLA NN . 55.42 -28.09 -69.52
CHD CLA NN . 50.54 -28.27 -68.95
NA CLA NN . 53.51 -27.98 -64.74
C1A CLA NN . 52.47 -27.81 -63.79
C2A CLA NN . 53.05 -27.75 -62.39
C3A CLA NN . 54.56 -27.49 -62.64
C4A CLA NN . 54.72 -27.86 -64.11
CMA CLA NN . 54.93 -26.05 -62.37
CAA CLA NN . 52.82 -29.07 -61.67
CBA CLA NN . 53.18 -28.96 -60.21
CGA CLA NN . 52.57 -30.11 -59.46
O1A CLA NN . 51.97 -31.08 -59.90
O2A CLA NN . 52.73 -29.99 -58.11
NB CLA NN . 55.32 -27.92 -67.06
C1B CLA NN . 56.24 -27.92 -66.08
C2B CLA NN . 57.60 -27.68 -66.66
C3B CLA NN . 57.45 -27.81 -68.02
C4B CLA NN . 56.00 -27.99 -68.30
CMB CLA NN . 58.67 -27.06 -65.88
CAB CLA NN . 58.43 -27.80 -69.08
CBB CLA NN . 59.62 -28.39 -69.06
NC CLA NN . 53.02 -28.12 -68.87
C1C CLA NN . 54.03 -28.19 -69.80
C2C CLA NN . 53.47 -28.50 -71.10
C3C CLA NN . 52.08 -28.47 -70.97
C4C CLA NN . 51.81 -28.29 -69.55
CMC CLA NN . 54.26 -28.69 -72.32
CAC CLA NN . 51.10 -28.26 -72.05
CBC CLA NN . 50.83 -26.78 -72.30
ND CLA NN . 51.31 -28.03 -66.65
C1D CLA NN . 50.29 -28.01 -67.62
C2D CLA NN . 48.98 -27.79 -66.96
C3D CLA NN . 49.27 -27.62 -65.62
C4D CLA NN . 50.74 -27.72 -65.50
CMD CLA NN . 47.69 -28.06 -67.58
CAD CLA NN . 48.73 -27.56 -64.27
OBD CLA NN . 47.57 -27.34 -63.93
CBD CLA NN . 49.93 -27.37 -63.31
CGD CLA NN . 49.92 -26.01 -62.69
O1D CLA NN . 49.34 -25.00 -63.10
O2D CLA NN . 50.63 -25.92 -61.53
CED CLA NN . 51.42 -24.75 -61.37
C1 CLA NN . 53.96 -30.53 -57.57
C2 CLA NN . 53.72 -31.97 -57.33
C3 CLA NN . 53.27 -32.47 -56.16
C4 CLA NN . 53.05 -33.92 -55.99
C5 CLA NN . 52.99 -31.58 -55.00
C6 CLA NN . 54.07 -31.65 -53.95
C7 CLA NN . 53.84 -30.62 -52.86
C8 CLA NN . 55.09 -30.35 -52.03
C9 CLA NN . 55.62 -31.62 -51.43
C10 CLA NN . 54.79 -29.30 -50.96
C11 CLA NN . 56.01 -29.03 -50.09
C12 CLA NN . 55.99 -27.62 -49.53
C13 CLA NN . 55.95 -27.61 -48.01
C14 CLA NN . 54.64 -27.03 -47.51
C15 CLA NN . 57.13 -26.84 -47.42
C16 CLA NN . 57.07 -25.38 -47.80
C17 CLA NN . 58.33 -24.63 -47.41
C18 CLA NN . 58.31 -23.20 -47.92
C19 CLA NN . 57.27 -22.37 -47.19
C20 CLA NN . 59.67 -22.56 -47.76
C1 PQN ON . 32.89 -25.85 -14.10
O1 PQN ON . 34.03 -25.43 -13.84
C2 PQN ON . 31.70 -25.26 -13.45
C2M PQN ON . 31.94 -24.15 -12.47
C3 PQN ON . 30.46 -25.72 -13.75
C4 PQN ON . 30.29 -26.81 -14.71
O4 PQN ON . 29.14 -27.23 -14.97
C5 PQN ON . 31.46 -27.43 -15.38
C6 PQN ON . 31.28 -28.45 -16.29
C7 PQN ON . 32.39 -29.00 -16.89
C8 PQN ON . 33.67 -28.53 -16.61
C9 PQN ON . 33.84 -27.50 -15.70
C10 PQN ON . 32.73 -26.95 -15.09
C11 PQN ON . 29.20 -25.17 -13.12
C12 PQN ON . 28.76 -23.95 -13.89
C13 PQN ON . 27.49 -23.55 -13.96
C14 PQN ON . 26.42 -24.34 -13.28
C15 PQN ON . 27.18 -22.31 -14.74
C16 PQN ON . 26.01 -21.58 -14.11
C17 PQN ON . 26.47 -20.34 -13.35
C18 PQN ON . 25.80 -19.08 -13.88
C19 PQN ON . 24.32 -19.28 -14.13
C20 PQN ON . 26.51 -18.64 -15.15
C21 PQN ON . 27.38 -17.43 -14.89
C22 PQN ON . 26.74 -16.18 -15.46
C23 PQN ON . 27.38 -15.81 -16.79
C24 PQN ON . 28.19 -14.53 -16.67
C25 PQN ON . 26.31 -15.70 -17.87
C26 PQN ON . 26.97 -15.56 -19.24
C27 PQN ON . 26.09 -16.09 -20.36
C28 PQN ON . 24.82 -15.27 -20.51
C29 PQN ON . 25.11 -13.99 -21.29
C30 PQN ON . 23.73 -16.08 -21.20
C1 BCR PN . 35.69 8.62 -64.02
C2 BCR PN . 34.77 9.82 -63.95
C3 BCR PN . 35.33 10.82 -62.96
C4 BCR PN . 36.66 11.33 -63.46
C5 BCR PN . 37.52 10.25 -63.98
C6 BCR PN . 37.12 9.00 -64.24
C7 BCR PN . 38.01 7.99 -64.79
C8 BCR PN . 38.72 7.15 -64.03
C9 BCR PN . 39.36 5.95 -64.55
C10 BCR PN . 38.61 4.96 -65.02
C11 BCR PN . 39.11 3.64 -65.31
C33 BCR PN . 38.91 10.69 -64.20
C31 BCR PN . 35.18 7.74 -65.15
C32 BCR PN . 35.53 7.88 -62.72
C34 BCR PN . 40.82 5.95 -64.68
C12 BCR PN . 38.34 2.78 -65.98
C13 BCR PN . 38.77 1.45 -66.35
C14 BCR PN . 38.06 0.76 -67.27
C15 BCR PN . 38.56 -0.41 -67.92
C16 BCR PN . 37.72 -1.26 -68.54
C17 BCR PN . 38.26 -2.53 -68.94
C18 BCR PN . 37.65 -3.45 -69.71
C19 BCR PN . 38.36 -4.68 -69.99
C20 BCR PN . 37.89 -5.62 -70.81
C21 BCR PN . 38.84 -6.46 -71.50
C22 BCR PN . 38.52 -7.45 -72.34
C23 BCR PN . 39.59 -8.17 -73.02
C24 BCR PN . 39.69 -9.50 -72.97
C25 BCR PN . 40.34 -10.35 -73.96
C26 BCR PN . 39.65 -10.90 -74.97
C27 BCR PN . 40.19 -11.81 -76.01
C28 BCR PN . 41.69 -11.95 -75.95
C29 BCR PN . 42.18 -11.91 -74.53
C30 BCR PN . 41.79 -10.63 -73.81
C35 BCR PN . 40.05 0.92 -65.85
C36 BCR PN . 36.48 -3.09 -70.54
C37 BCR PN . 37.14 -7.97 -72.43
C38 BCR PN . 38.21 -10.67 -75.15
C39 BCR PN . 42.64 -9.47 -74.30
C40 BCR PN . 42.18 -10.86 -72.35
C1 BCR QN . 31.02 5.73 -60.70
C2 BCR QN . 31.98 6.11 -61.80
C3 BCR QN . 32.79 4.91 -62.21
C4 BCR QN . 31.89 3.85 -62.78
C5 BCR QN . 30.65 3.68 -62.00
C6 BCR QN . 30.23 4.50 -61.03
C7 BCR QN . 28.97 4.29 -60.31
C8 BCR QN . 28.89 3.57 -59.19
C9 BCR QN . 27.63 3.08 -58.66
C10 BCR QN . 27.60 2.41 -57.50
C11 BCR QN . 28.74 1.98 -56.76
C33 BCR QN . 29.89 2.47 -62.38
C31 BCR QN . 30.11 6.91 -60.47
C32 BCR QN . 31.85 5.50 -59.46
C34 BCR QN . 26.39 3.36 -59.43
C12 BCR QN . 28.54 1.41 -55.56
C13 BCR QN . 29.55 0.81 -54.72
C14 BCR QN . 29.23 0.49 -53.46
C15 BCR QN . 30.09 -0.25 -52.58
C16 BCR QN . 29.66 -0.62 -51.36
C17 BCR QN . 30.64 -1.07 -50.42
C18 BCR QN . 30.44 -1.27 -49.11
C19 BCR QN . 31.60 -1.49 -48.26
C20 BCR QN . 31.52 -1.74 -46.96
C21 BCR QN . 32.71 -1.60 -46.16
C22 BCR QN . 33.13 -2.43 -45.20
C23 BCR QN . 34.56 -2.56 -44.99
C24 BCR QN . 35.12 -3.40 -44.10
C25 BCR QN . 36.21 -3.09 -43.19
C26 BCR QN . 37.49 -2.98 -43.56
C27 BCR QN . 38.62 -2.67 -42.68
C28 BCR QN . 38.14 -1.85 -41.50
C29 BCR QN . 37.03 -2.62 -40.84
C30 BCR QN . 35.85 -2.92 -41.73
C35 BCR QN . 30.83 0.36 -55.31
C36 BCR QN . 29.12 -1.11 -48.48
C37 BCR QN . 32.21 -2.88 -44.14
C38 BCR QN . 37.97 -3.16 -44.95
C39 BCR QN . 34.77 -1.86 -41.54
C40 BCR QN . 35.26 -4.20 -41.17
C1 BCR RN . 28.58 10.75 -63.20
C2 BCR RN . 28.95 9.66 -64.19
C3 BCR RN . 29.90 10.19 -65.22
C4 BCR RN . 31.17 10.63 -64.55
C5 BCR RN . 30.87 11.61 -63.48
C6 BCR RN . 29.69 11.67 -62.83
C7 BCR RN . 29.43 12.69 -61.79
C8 BCR RN . 29.78 12.56 -60.51
C9 BCR RN . 29.73 13.67 -59.56
C10 BCR RN . 29.90 13.42 -58.26
C11 BCR RN . 29.98 12.11 -57.67
C33 BCR RN . 31.99 12.52 -63.20
C31 BCR RN . 27.99 10.00 -62.01
C32 BCR RN . 27.47 11.55 -63.84
C34 BCR RN . 29.54 15.03 -60.08
C12 BCR RN . 30.12 12.01 -56.34
C13 BCR RN . 30.31 10.79 -55.60
C14 BCR RN . 30.39 10.86 -54.26
C15 BCR RN . 30.69 9.73 -53.42
C16 BCR RN . 30.37 9.77 -52.11
C17 BCR RN . 31.05 8.88 -51.20
C18 BCR RN . 30.48 7.93 -50.46
C19 BCR RN . 31.30 7.27 -49.46
C20 BCR RN . 30.83 6.36 -48.60
C21 BCR RN . 31.33 6.41 -47.25
C22 BCR RN . 31.35 5.41 -46.36
C23 BCR RN . 31.99 5.68 -45.08
C24 BCR RN . 32.77 6.74 -44.92
C25 BCR RN . 33.13 7.41 -43.68
C26 BCR RN . 32.35 8.35 -43.13
C27 BCR RN . 32.62 9.11 -41.89
C28 BCR RN . 33.92 8.71 -41.22
C29 BCR RN . 34.94 8.18 -42.20
C30 BCR RN . 34.41 7.04 -43.04
C35 BCR RN . 30.28 9.49 -56.30
C36 BCR RN . 29.15 7.36 -50.78
C37 BCR RN . 31.19 4.00 -46.79
C38 BCR RN . 31.06 8.78 -43.71
C39 BCR RN . 34.22 5.78 -42.21
C40 BCR RN . 35.49 6.73 -44.06
C1 BCR SN . 55.72 -17.56 -65.11
C2 BCR SN . 55.78 -16.30 -65.95
C3 BCR SN . 55.03 -16.52 -67.23
C4 BCR SN . 53.57 -16.76 -66.95
C5 BCR SN . 53.36 -17.67 -65.80
C6 BCR SN . 54.32 -18.06 -64.96
C7 BCR SN . 54.04 -18.95 -63.82
C8 BCR SN . 54.15 -20.28 -63.90
C9 BCR SN . 54.00 -21.17 -62.76
C10 BCR SN . 53.14 -20.84 -61.79
C11 BCR SN . 53.02 -21.55 -60.54
C33 BCR SN . 51.96 -18.12 -65.67
C31 BCR SN . 56.33 -17.23 -63.77
C32 BCR SN . 56.58 -18.59 -65.81
C34 BCR SN . 54.97 -22.26 -62.60
C12 BCR SN . 51.88 -21.47 -59.85
C13 BCR SN . 51.55 -22.30 -58.73
C14 BCR SN . 50.36 -22.14 -58.13
C15 BCR SN . 49.89 -22.95 -57.04
C16 BCR SN . 48.79 -22.60 -56.37
C17 BCR SN . 48.27 -23.55 -55.42
C18 BCR SN . 47.21 -23.39 -54.62
C19 BCR SN . 46.93 -24.46 -53.67
C20 BCR SN . 46.05 -24.35 -52.69
C21 BCR SN . 46.12 -25.30 -51.61
C22 BCR SN . 45.51 -25.21 -50.43
C23 BCR SN . 45.66 -26.32 -49.49
C24 BCR SN . 45.10 -26.31 -48.28
C25 BCR SN . 45.16 -27.39 -47.30
C26 BCR SN . 44.24 -28.35 -47.25
C27 BCR SN . 44.19 -29.48 -46.29
C28 BCR SN . 45.39 -29.53 -45.36
C29 BCR SN . 45.91 -28.15 -45.07
C30 BCR SN . 46.28 -27.37 -46.31
C35 BCR SN . 52.56 -23.22 -58.15
C36 BCR SN . 46.16 -22.40 -54.90
C37 BCR SN . 44.51 -24.16 -50.16
C38 BCR SN . 43.11 -28.42 -48.18
C39 BCR SN . 47.58 -27.88 -46.90
C40 BCR SN . 46.59 -25.95 -45.82
C1 BCR TN . 58.24 -12.28 -52.44
C2 BCR TN . 59.20 -11.18 -52.82
C3 BCR TN . 58.47 -9.86 -52.93
C4 BCR TN . 57.39 -9.92 -53.97
C5 BCR TN . 56.66 -11.22 -53.98
C6 BCR TN . 57.01 -12.29 -53.28
C7 BCR TN . 56.24 -13.53 -53.33
C8 BCR TN . 55.25 -13.80 -52.48
C9 BCR TN . 54.64 -15.10 -52.33
C10 BCR TN . 53.59 -15.23 -51.51
C11 BCR TN . 53.02 -16.50 -51.14
C33 BCR TN . 55.45 -11.19 -54.84
C31 BCR TN . 57.94 -12.11 -50.97
C32 BCR TN . 59.00 -13.59 -52.63
C34 BCR TN . 55.34 -16.27 -52.90
C12 BCR TN . 52.01 -16.52 -50.26
C13 BCR TN . 51.37 -17.73 -49.82
C14 BCR TN . 50.40 -17.64 -48.91
C15 BCR TN . 49.68 -18.81 -48.44
C16 BCR TN . 48.72 -18.69 -47.52
C17 BCR TN . 48.09 -19.93 -47.12
C18 BCR TN . 47.01 -20.05 -46.36
C19 BCR TN . 46.43 -21.37 -46.25
C20 BCR TN . 45.21 -21.55 -45.74
C21 BCR TN . 44.69 -22.90 -45.68
C22 BCR TN . 43.64 -23.28 -44.94
C23 BCR TN . 43.08 -24.60 -45.20
C24 BCR TN . 41.80 -24.85 -45.00
C25 BCR TN . 40.90 -25.51 -45.95
C26 BCR TN . 40.66 -26.82 -45.85
C27 BCR TN . 39.76 -27.55 -46.74
C28 BCR TN . 38.59 -26.67 -47.08
C29 BCR TN . 39.10 -25.40 -47.72
C30 BCR TN . 40.24 -24.68 -47.00
C35 BCR TN . 51.71 -19.02 -50.46
C36 BCR TN . 46.19 -18.89 -45.99
C37 BCR TN . 42.84 -22.30 -44.21
C38 BCR TN . 41.28 -27.67 -44.82
C39 BCR TN . 39.74 -23.40 -46.38
C40 BCR TN . 41.17 -24.28 -48.13
C1 BCR UN . 34.10 -2.15 -16.77
C2 BCR UN . 34.93 -0.89 -16.66
C3 BCR UN . 36.27 -1.21 -16.09
C4 BCR UN . 37.01 -2.12 -17.03
C5 BCR UN . 36.17 -3.23 -17.53
C6 BCR UN . 34.84 -3.27 -17.41
C7 BCR UN . 34.05 -4.39 -17.93
C8 BCR UN . 33.78 -5.48 -17.21
C9 BCR UN . 32.73 -6.41 -17.52
C10 BCR UN . 32.46 -7.38 -16.63
C11 BCR UN . 31.73 -8.58 -16.90
C33 BCR UN . 36.95 -4.30 -18.16
C31 BCR UN . 32.86 -1.79 -17.57
C32 BCR UN . 33.69 -2.49 -15.36
C34 BCR UN . 31.78 -6.08 -18.61
C12 BCR UN . 31.92 -9.60 -16.06
C13 BCR UN . 30.92 -10.57 -15.68
C14 BCR UN . 31.02 -11.16 -14.49
C15 BCR UN . 30.35 -12.38 -14.12
C16 BCR UN . 30.57 -12.89 -12.91
C17 BCR UN . 30.00 -14.18 -12.62
C18 BCR UN . 30.22 -14.88 -11.50
C19 BCR UN . 29.40 -16.02 -11.23
C20 BCR UN . 29.50 -16.74 -10.10
C21 BCR UN . 29.12 -18.13 -10.17
C22 BCR UN . 28.79 -18.92 -9.15
C23 BCR UN . 28.04 -20.12 -9.45
C24 BCR UN . 27.74 -21.07 -8.56
C25 BCR UN . 27.82 -22.51 -8.78
C26 BCR UN . 26.84 -23.20 -9.38
C27 BCR UN . 26.83 -24.66 -9.63
C28 BCR UN . 28.13 -25.34 -9.28
C29 BCR UN . 28.75 -24.68 -8.07
C30 BCR UN . 29.02 -23.21 -8.29
C35 BCR UN . 29.88 -10.97 -16.64
C36 BCR UN . 31.17 -14.42 -10.47
C37 BCR UN . 29.35 -18.71 -7.79
C38 BCR UN . 25.59 -22.59 -9.89
C39 BCR UN . 30.19 -23.02 -9.25
C40 BCR UN . 29.48 -22.67 -6.94
C1 LMG VN . 26.37 -27.86 -31.34
O1 LMG VN . 27.15 -27.02 -30.54
C2 LMG VN . 27.32 -28.71 -32.25
O2 LMG VN . 27.14 -28.22 -33.53
C3 LMG VN . 26.83 -30.21 -32.23
O3 LMG VN . 27.23 -30.70 -30.98
C4 LMG VN . 25.28 -30.29 -32.33
O4 LMG VN . 24.90 -31.63 -32.19
C5 LMG VN . 24.67 -29.44 -31.15
O5 LMG VN . 22.61 -30.00 -30.20
C6 LMG VN . 23.95 -30.37 -30.16
O6 LMG VN . 25.67 -28.72 -30.45
C7 LMG VN . 27.96 -27.65 -29.58
C8 LMG VN . 28.93 -26.54 -29.00
C9 LMG VN . 28.74 -25.20 -29.76
O7 LMG VN . 28.63 -26.32 -27.61
C10 LMG VN . 27.65 -25.45 -27.22
O9 LMG VN . 26.48 -25.76 -27.37
C11 LMG VN . 28.15 -24.46 -26.22
C12 LMG VN . 27.03 -23.92 -25.38
C13 LMG VN . 27.45 -22.74 -24.51
C14 LMG VN . 27.51 -21.52 -25.40
C15 LMG VN . 27.02 -20.33 -24.60
C16 LMG VN . 27.43 -19.06 -25.30
C17 LMG VN . 27.17 -17.92 -24.35
C18 LMG VN . 27.36 -16.65 -25.15
C19 LMG VN . 26.77 -15.51 -24.35
C20 LMG VN . 27.64 -14.31 -24.63
O8 LMG VN . 30.03 -24.75 -30.14
C28 LMG VN . 30.11 -23.52 -30.71
O10 LMG VN . 29.12 -22.82 -30.76
C29 LMG VN . 31.50 -23.06 -30.98
C30 LMG VN . 31.53 -21.55 -31.07
C31 LMG VN . 32.98 -21.11 -31.15
C32 LMG VN . 33.04 -19.69 -30.58
C33 LMG VN . 34.48 -19.25 -30.64
C34 LMG VN . 34.91 -18.84 -29.24
C35 LMG VN . 35.94 -17.74 -29.41
C36 LMG VN . 36.53 -17.48 -28.06
C37 LMG VN . 35.69 -16.42 -27.39
C38 LMG VN . 36.32 -15.15 -27.87
MG CLA WN . 33.16 1.45 -14.78
CHA CLA WN . 32.27 2.93 -17.77
CHB CLA WN . 29.99 0.33 -14.39
CHC CLA WN . 34.12 -0.13 -11.88
CHD CLA WN . 36.37 2.87 -15.05
NA CLA WN . 31.42 1.64 -15.90
C1A CLA WN . 31.27 2.16 -17.19
C2A CLA WN . 29.79 2.24 -17.55
C3A CLA WN . 29.07 1.72 -16.28
C4A CLA WN . 30.22 1.15 -15.47
CMA CLA WN . 28.35 2.82 -15.55
CAA CLA WN . 29.42 1.40 -18.75
CBA CLA WN . 28.25 2.03 -19.47
CGA CLA WN . 27.55 1.08 -20.39
O1A CLA WN . 26.69 1.34 -21.23
O2A CLA WN . 27.93 -0.22 -20.24
NB CLA WN . 32.25 0.27 -13.43
C1B CLA WN . 30.92 0.04 -13.37
C2B CLA WN . 30.63 -0.92 -12.28
C3B CLA WN . 31.79 -1.04 -11.54
C4B CLA WN . 32.85 -0.34 -12.31
CMB CLA WN . 29.47 -1.78 -12.36
CAB CLA WN . 31.99 -1.35 -10.15
CBB CLA WN . 31.40 -2.33 -9.47
NC CLA WN . 34.92 1.41 -13.66
C1C CLA WN . 35.14 0.55 -12.62
C2C CLA WN . 36.53 0.61 -12.21
C3C CLA WN . 37.14 1.57 -13.00
C4C CLA WN . 36.15 1.98 -13.99
CMC CLA WN . 37.04 -0.02 -10.99
CAC CLA WN . 38.50 2.12 -12.86
CBC CLA WN . 38.52 3.48 -12.23
ND CLA WN . 34.12 2.70 -16.01
C1D CLA WN . 35.46 3.16 -16.05
C2D CLA WN . 35.75 3.69 -17.38
C3D CLA WN . 34.54 3.69 -18.06
C4D CLA WN . 33.56 3.07 -17.17
CMD CLA WN . 37.02 4.32 -17.76
CAD CLA WN . 33.81 4.16 -19.23
OBD CLA WN . 34.15 5.02 -20.03
CBD CLA WN . 32.35 3.64 -19.10
CGD CLA WN . 31.36 4.75 -19.19
O1D CLA WN . 31.00 5.53 -18.31
O2D CLA WN . 30.81 4.88 -20.43
CED CLA WN . 29.48 5.42 -20.48
C1 CLA WN . 27.10 -1.21 -20.88
C2 CLA WN . 27.54 -2.53 -20.36
C3 CLA WN . 28.44 -3.30 -20.99
C4 CLA WN . 29.07 -2.93 -22.28
C5 CLA WN . 28.84 -4.61 -20.41
C6 CLA WN . 28.37 -5.78 -21.25
C7 CLA WN . 29.52 -6.72 -21.51
C8 CLA WN . 29.07 -8.11 -21.93
C9 CLA WN . 30.28 -8.96 -22.30
C10 CLA WN . 28.11 -8.03 -23.10
C11 CLA WN . 26.91 -8.91 -22.89
C12 CLA WN . 26.13 -9.11 -24.17
C13 CLA WN . 25.20 -10.31 -24.07
C14 CLA WN . 24.63 -10.67 -25.43
C15 CLA WN . 24.11 -10.08 -23.04
C16 CLA WN . 23.06 -9.09 -23.53
C17 CLA WN . 22.50 -8.24 -22.42
C18 CLA WN . 21.97 -9.07 -21.25
C19 CLA WN . 21.73 -8.19 -20.04
C20 CLA WN . 20.67 -9.77 -21.63
C1 BCR XN . 68.54 -23.22 -35.00
C2 BCR XN . 67.31 -22.95 -35.82
C3 BCR XN . 66.28 -24.03 -35.63
C4 BCR XN . 66.83 -25.39 -35.97
C5 BCR XN . 68.26 -25.54 -35.68
C6 BCR XN . 69.06 -24.59 -35.21
C7 BCR XN . 70.48 -24.82 -34.96
C8 BCR XN . 70.97 -25.07 -33.75
C9 BCR XN . 72.28 -24.61 -33.33
C10 BCR XN . 73.32 -25.43 -33.47
C11 BCR XN . 74.69 -24.99 -33.38
C33 BCR XN . 68.77 -26.90 -35.91
C31 BCR XN . 68.16 -22.92 -33.56
C32 BCR XN . 69.58 -22.20 -35.43
C34 BCR XN . 72.49 -23.15 -33.20
C12 BCR XN . 75.35 -25.24 -32.25
C13 BCR XN . 76.75 -24.92 -32.03
C14 BCR XN . 77.57 -25.92 -31.72
C15 BCR XN . 78.99 -25.77 -31.53
C16 BCR XN . 79.75 -26.84 -31.32
C17 BCR XN . 81.17 -26.64 -31.17
C18 BCR XN . 82.11 -27.59 -31.31
C19 BCR XN . 83.49 -27.18 -31.22
C20 BCR XN . 84.51 -28.02 -31.39
C21 BCR XN . 85.84 -27.46 -31.48
C22 BCR XN . 86.97 -28.18 -31.45
C23 BCR XN . 88.23 -27.48 -31.30
C24 BCR XN . 89.42 -28.07 -31.43
C25 BCR XN . 90.70 -27.52 -30.98
C26 BCR XN . 91.43 -26.71 -31.75
C27 BCR XN . 92.75 -26.12 -31.40
C28 BCR XN . 93.10 -26.32 -29.95
C29 BCR XN . 92.68 -27.68 -29.49
C30 BCR XN . 91.18 -27.93 -29.63
C35 BCR XN . 77.27 -23.59 -32.39
C36 BCR XN . 81.80 -28.91 -31.85
C37 BCR XN . 86.96 -29.64 -31.67
C38 BCR XN . 91.02 -26.29 -33.11
C39 BCR XN . 90.42 -27.22 -28.53
C40 BCR XN . 90.99 -29.42 -29.39
FE1 SF4 YN . 25.15 -47.25 -21.78
FE2 SF4 YN . 23.45 -49.34 -22.22
FE3 SF4 YN . 25.21 -48.61 -24.17
FE4 SF4 YN . 23.09 -47.00 -23.56
S1 SF4 YN . 23.00 -49.10 -24.43
S2 SF4 YN . 25.25 -46.35 -23.88
S3 SF4 YN . 22.92 -47.31 -21.31
S4 SF4 YN . 25.72 -49.44 -22.11
FE1 SF4 ZN . 29.42 -56.22 -29.62
FE2 SF4 ZN . 27.24 -57.01 -28.16
FE3 SF4 ZN . 29.43 -58.65 -28.36
FE4 SF4 ZN . 27.82 -58.24 -30.53
S1 SF4 ZN . 27.26 -59.25 -28.57
S2 SF4 ZN . 30.10 -58.21 -30.50
S3 SF4 ZN . 27.23 -56.06 -30.23
S4 SF4 ZN . 29.34 -56.60 -27.36
MG CLA AO . 58.63 -45.94 -27.98
CHA CLA AO . 61.58 -47.76 -28.36
CHB CLA AO . 58.80 -46.39 -24.61
CHC CLA AO . 56.18 -43.58 -27.58
CHD CLA AO . 58.63 -45.32 -31.44
NA CLA AO . 59.94 -46.98 -26.73
C1A CLA AO . 61.17 -47.57 -27.06
C2A CLA AO . 61.74 -48.28 -25.82
C3A CLA AO . 60.61 -48.16 -24.77
C4A CLA AO . 59.72 -47.09 -25.38
CMA CLA AO . 59.89 -49.46 -24.56
CAA CLA AO . 63.01 -47.63 -25.30
CBA CLA AO . 63.86 -48.64 -24.57
CGA CLA AO . 65.19 -48.05 -24.24
O1A CLA AO . 65.45 -46.93 -23.79
O2A CLA AO . 66.22 -48.91 -24.48
NB CLA AO . 57.59 -45.24 -26.42
C1B CLA AO . 57.81 -45.52 -25.11
C2B CLA AO . 56.71 -44.96 -24.29
C3B CLA AO . 55.99 -44.13 -25.11
C4B CLA AO . 56.59 -44.24 -26.47
CMB CLA AO . 56.46 -45.34 -22.91
CAB CLA AO . 55.03 -43.11 -24.79
CBB CLA AO . 53.79 -43.34 -24.34
NC CLA AO . 57.48 -44.80 -29.29
C1C CLA AO . 56.71 -43.75 -28.89
C2C CLA AO . 56.26 -42.97 -30.04
C3C CLA AO . 56.80 -43.61 -31.16
C4C CLA AO . 57.63 -44.71 -30.68
CMC CLA AO . 55.18 -42.00 -30.02
CAC CLA AO . 56.72 -43.16 -32.55
CBC CLA AO . 55.77 -43.99 -33.37
ND CLA AO . 59.69 -46.53 -29.59
C1D CLA AO . 59.61 -46.15 -30.96
C2D CLA AO . 60.75 -46.73 -31.69
C3D CLA AO . 61.60 -47.22 -30.72
C4D CLA AO . 60.84 -47.21 -29.45
CMD CLA AO . 61.04 -46.45 -33.09
CAD CLA AO . 62.98 -47.52 -30.39
OBD CLA AO . 63.88 -47.83 -31.15
CBD CLA AO . 62.96 -48.01 -28.92
CGD CLA AO . 63.39 -49.46 -28.89
O1D CLA AO . 63.24 -50.29 -29.78
O2D CLA AO . 64.03 -49.84 -27.77
CED CLA AO . 65.14 -50.73 -27.97
C1 CLA AO . 67.50 -48.61 -23.88
C2 CLA AO . 68.28 -47.86 -24.88
C3 CLA AO . 69.55 -48.13 -25.21
C4 CLA AO . 70.26 -47.31 -26.22
C5 CLA AO . 70.32 -49.24 -24.59
C6 CLA AO . 71.68 -48.79 -24.11
C7 CLA AO . 72.65 -49.95 -24.04
C8 CLA AO . 74.07 -49.50 -23.72
C9 CLA AO . 75.03 -50.67 -23.80
C10 CLA AO . 74.13 -48.87 -22.33
C1 BCR BO . 77.12 -31.73 -31.08
C2 BCR BO . 78.29 -30.78 -30.97
C3 BCR BO . 78.01 -29.77 -29.89
C4 BCR BO . 77.90 -30.46 -28.56
C5 BCR BO . 77.06 -31.67 -28.62
C6 BCR BO . 76.67 -32.27 -29.76
C7 BCR BO . 75.84 -33.48 -29.78
C8 BCR BO . 74.51 -33.45 -29.77
C9 BCR BO . 73.68 -34.64 -29.66
C10 BCR BO . 72.43 -34.53 -29.21
C11 BCR BO . 71.46 -35.59 -29.23
C33 BCR BO . 76.65 -32.17 -27.30
C31 BCR BO . 76.02 -30.95 -31.79
C32 BCR BO . 77.56 -32.87 -31.97
C34 BCR BO . 74.19 -35.89 -30.24
C12 BCR BO . 70.28 -35.42 -28.62
C13 BCR BO . 69.31 -36.47 -28.44
C14 BCR BO . 68.13 -36.18 -27.87
C15 BCR BO . 67.12 -37.18 -27.62
C16 BCR BO . 65.83 -36.85 -27.50
C17 BCR BO . 65.46 -35.74 -26.66
C18 BCR BO . 64.23 -35.43 -26.24
C19 BCR BO . 63.09 -36.10 -26.83
C20 BCR BO . 61.89 -36.07 -26.25
C21 BCR BO . 60.71 -36.30 -27.06
C22 BCR BO . 59.46 -35.97 -26.72
C23 BCR BO . 58.35 -36.46 -27.52
C24 BCR BO . 57.09 -36.54 -27.06
C25 BCR BO . 55.88 -36.82 -27.82
C26 BCR BO . 55.49 -38.07 -28.10
C27 BCR BO . 54.26 -38.44 -28.84
C28 BCR BO . 53.21 -37.38 -28.68
C29 BCR BO . 53.80 -36.04 -29.03
C30 BCR BO . 55.04 -35.66 -28.24
C35 BCR BO . 69.60 -37.84 -28.92
C36 BCR BO . 64.02 -34.51 -25.11
C37 BCR BO . 59.19 -34.96 -25.67
C38 BCR BO . 56.25 -39.27 -27.70
C39 BCR BO . 54.69 -34.83 -27.02
C40 BCR BO . 55.79 -34.72 -29.18
MG CLA CO . 74.14 -40.97 -27.67
CHA CLA CO . 75.91 -43.44 -29.33
CHB CLA CO . 76.79 -38.87 -27.98
CHC CLA CO . 72.21 -38.45 -26.39
CHD CLA CO . 71.29 -43.00 -27.79
NA CLA CO . 76.00 -41.13 -28.59
C1A CLA CO . 76.52 -42.22 -29.31
C2A CLA CO . 78.01 -41.98 -29.62
C3A CLA CO . 78.33 -40.69 -28.83
C4A CLA CO . 76.94 -40.14 -28.53
CMA CLA CO . 79.10 -40.99 -27.58
CAA CLA CO . 78.24 -41.78 -31.10
CBA CLA CO . 79.64 -41.27 -31.39
CGA CLA CO . 80.67 -42.35 -31.25
O1A CLA CO . 81.91 -42.23 -31.23
O2A CLA CO . 80.15 -43.61 -31.12
NB CLA CO . 74.45 -39.03 -27.23
C1B CLA CO . 75.57 -38.34 -27.52
C2B CLA CO . 75.41 -36.94 -27.05
C3B CLA CO . 74.12 -36.80 -26.60
C4B CLA CO . 73.47 -38.12 -26.79
CMB CLA CO . 76.49 -35.96 -27.07
CAB CLA CO . 73.63 -35.85 -25.63
CBB CLA CO . 72.54 -35.08 -25.77
NC CLA CO . 72.22 -40.89 -26.88
C1C CLA CO . 71.65 -39.76 -26.36
C2C CLA CO . 70.27 -40.02 -25.99
C3C CLA CO . 69.94 -41.25 -26.54
C4C CLA CO . 71.19 -41.83 -27.03
CMC CLA CO . 69.38 -39.05 -25.33
CAC CLA CO . 68.61 -41.71 -26.93
CBC CLA CO . 67.90 -42.48 -25.83
ND CLA CO . 73.71 -42.89 -28.15
C1D CLA CO . 72.48 -43.61 -28.16
C2D CLA CO . 72.66 -44.89 -28.87
C3D CLA CO . 73.99 -44.90 -29.29
C4D CLA CO . 74.57 -43.62 -28.87
CMD CLA CO . 71.56 -45.71 -29.35
CAD CLA CO . 74.94 -45.54 -30.18
OBD CLA CO . 74.74 -46.31 -31.09
CBD CLA CO . 76.27 -44.73 -30.04
CGD CLA CO . 77.32 -45.51 -29.29
O1D CLA CO . 77.39 -45.70 -28.08
O2D CLA CO . 78.28 -46.04 -30.10
CED CLA CO . 79.25 -46.90 -29.52
MG CLA DO . 74.69 -19.56 -49.01
CHA CLA DO . 77.80 -21.00 -49.43
CHB CLA DO . 73.27 -22.64 -49.12
CHC CLA DO . 71.63 -18.09 -48.71
CHD CLA DO . 76.26 -16.46 -48.45
NA CLA DO . 75.45 -21.49 -49.15
C1A CLA DO . 76.79 -21.90 -49.26
C2A CLA DO . 76.87 -23.39 -49.57
C3A CLA DO . 75.39 -23.77 -49.87
C4A CLA DO . 74.64 -22.60 -49.23
CMA CLA DO . 75.13 -23.87 -51.35
CAA CLA DO . 77.39 -24.18 -48.38
CBA CLA DO . 77.55 -25.64 -48.73
CGA CLA DO . 77.68 -26.47 -47.48
O1A CLA DO . 76.94 -26.51 -46.50
O2A CLA DO . 78.79 -27.27 -47.49
NB CLA DO . 72.83 -20.25 -48.73
C1B CLA DO . 72.45 -21.55 -48.74
C2B CLA DO . 70.97 -21.64 -48.64
C3B CLA DO . 70.49 -20.37 -48.47
C4B CLA DO . 71.66 -19.45 -48.62
CMB CLA DO . 70.23 -22.89 -48.91
CAB CLA DO . 69.26 -19.95 -47.86
CBB CLA DO . 68.35 -19.16 -48.42
NC CLA DO . 74.06 -17.60 -48.69
C1C CLA DO . 72.75 -17.23 -48.53
C2C CLA DO . 72.67 -15.80 -48.27
C3C CLA DO . 73.98 -15.33 -48.26
C4C CLA DO . 74.85 -16.50 -48.36
CMC CLA DO . 71.43 -15.02 -48.33
CAC CLA DO . 74.41 -13.94 -48.50
CBC CLA DO . 74.52 -13.60 -49.96
ND CLA DO . 76.55 -18.79 -49.15
C1D CLA DO . 77.07 -17.51 -48.79
C2D CLA DO . 78.54 -17.53 -48.95
C3D CLA DO . 78.87 -18.84 -49.26
C4D CLA DO . 77.61 -19.60 -49.23
CMD CLA DO . 79.38 -16.34 -49.01
CAD CLA DO . 79.94 -19.78 -49.59
OBD CLA DO . 81.15 -19.60 -49.57
CBD CLA DO . 79.29 -21.20 -49.64
CGD CLA DO . 79.59 -21.89 -50.94
O1D CLA DO . 79.87 -23.08 -51.12
O2D CLA DO . 79.54 -21.07 -52.03
CED CLA DO . 78.50 -21.28 -52.99
C1 CLA DO . 78.64 -28.59 -46.91
C1 BCR EO . 66.61 -42.73 -40.14
C2 BCR EO . 67.60 -43.34 -39.19
C3 BCR EO . 68.82 -42.47 -39.06
C4 BCR EO . 69.49 -42.27 -40.40
C5 BCR EO . 68.54 -42.11 -41.52
C6 BCR EO . 67.22 -42.28 -41.42
C7 BCR EO . 66.33 -42.11 -42.58
C8 BCR EO . 65.71 -40.97 -42.85
C9 BCR EO . 65.74 -40.32 -44.14
C10 BCR EO . 65.32 -39.05 -44.24
C11 BCR EO . 65.49 -38.25 -45.42
C33 BCR EO . 69.18 -41.68 -42.77
C31 BCR EO . 65.94 -41.59 -39.39
C32 BCR EO . 65.56 -43.79 -40.42
C34 BCR EO . 66.39 -41.01 -45.26
C12 BCR EO . 64.75 -37.15 -45.57
C13 BCR EO . 64.01 -36.82 -46.75
C14 BCR EO . 64.04 -35.56 -47.20
C15 BCR EO . 64.92 -34.55 -46.64
C16 BCR EO . 64.94 -33.33 -47.18
C17 BCR EO . 65.98 -32.44 -46.74
C18 BCR EO . 66.14 -31.16 -47.12
C19 BCR EO . 67.33 -30.47 -46.70
C20 BCR EO . 67.59 -29.21 -47.03
C21 BCR EO . 68.71 -28.55 -46.40
C22 BCR EO . 69.05 -27.27 -46.56
C23 BCR EO . 70.30 -26.82 -45.99
C24 BCR EO . 70.81 -25.61 -46.20
C25 BCR EO . 71.95 -24.99 -45.51
C26 BCR EO . 73.21 -25.24 -45.87
C27 BCR EO . 74.42 -24.66 -45.25
C28 BCR EO . 74.11 -23.38 -44.52
C29 BCR EO . 72.89 -23.59 -43.64
C30 BCR EO . 71.64 -24.02 -44.41
C35 BCR EO . 63.45 -37.89 -47.60
C36 BCR EO . 65.07 -30.41 -47.79
C37 BCR EO . 68.04 -26.27 -46.99
C38 BCR EO . 73.59 -26.16 -46.96
C39 BCR EO . 70.93 -22.81 -45.00
C40 BCR EO . 70.72 -24.59 -43.33
O6 SQD FO . 6.46 -11.50 -23.88
C44 SQD FO . 5.93 -10.22 -24.14
C45 SQD FO . 6.85 -9.46 -25.09
C46 SQD FO . 7.34 -10.39 -26.20
O47 SQD FO . 6.24 -8.31 -25.63
C7 SQD FO . 6.45 -7.04 -25.04
O49 SQD FO . 6.53 -6.93 -23.83
C8 SQD FO . 6.90 -5.86 -25.92
C9 SQD FO . 8.19 -5.26 -25.36
C10 SQD FO . 7.84 -3.96 -24.63
C11 SQD FO . 9.12 -3.30 -24.10
C12 SQD FO . 9.32 -3.58 -22.62
C13 SQD FO . 8.08 -3.17 -21.82
C14 SQD FO . 8.49 -2.43 -20.55
C15 SQD FO . 8.70 -3.41 -19.41
C16 SQD FO . 8.58 -2.67 -18.09
C17 SQD FO . 9.45 -3.32 -17.01
C18 SQD FO . 9.02 -4.79 -16.82
C19 SQD FO . 10.26 -5.68 -16.81
C20 SQD FO . 9.88 -7.06 -17.29
C21 SQD FO . 9.64 -7.03 -18.78
O48 SQD FO . 8.66 -10.05 -26.58
C23 SQD FO . 9.69 -11.01 -26.48
O10 SQD FO . 9.48 -12.05 -25.89
C24 SQD FO . 10.90 -10.91 -27.41
C25 SQD FO . 12.12 -11.59 -26.78
C26 SQD FO . 13.30 -11.47 -27.73
C27 SQD FO . 13.70 -10.00 -27.91
C28 SQD FO . 14.27 -9.45 -26.59
C29 SQD FO . 15.78 -9.75 -26.54
C30 SQD FO . 16.53 -8.67 -27.33
C31 SQD FO . 17.98 -9.10 -27.51
C32 SQD FO . 18.81 -7.92 -28.04
C33 SQD FO . 19.39 -7.14 -26.86
C34 SQD FO . 20.22 -5.97 -27.38
C35 SQD FO . 19.30 -4.87 -27.88
C1 SQD FO . 5.59 -12.60 -23.75
C2 SQD FO . 6.22 -13.86 -24.32
O2 SQD FO . 6.30 -13.76 -25.69
C3 SQD FO . 5.40 -15.08 -23.99
O3 SQD FO . 6.14 -16.19 -24.31
C4 SQD FO . 4.98 -15.18 -22.56
O4 SQD FO . 4.02 -16.16 -22.43
C5 SQD FO . 4.44 -13.89 -22.04
C6 SQD FO . 4.37 -13.96 -20.54
O5 SQD FO . 5.20 -12.75 -22.41
S SQD FO . 2.84 -13.25 -19.98
O7 SQD FO . 2.42 -12.16 -20.84
O8 SQD FO . 1.79 -14.28 -19.87
O9 SQD FO . 3.01 -12.55 -18.72
MG CLA GO . 26.54 5.57 -28.14
CHA CLA GO . 26.58 7.04 -25.02
CHB CLA GO . 28.76 3.24 -27.02
CHC CLA GO . 26.54 4.15 -31.23
CHD CLA GO . 24.55 8.20 -29.34
NA CLA GO . 27.48 5.21 -26.32
C1A CLA GO . 27.21 5.83 -25.09
C2A CLA GO . 27.96 5.12 -23.97
C3A CLA GO . 29.01 4.31 -24.74
C4A CLA GO . 28.44 4.26 -26.15
CMA CLA GO . 30.35 4.98 -24.72
CAA CLA GO . 27.06 4.25 -23.11
CBA CLA GO . 25.89 3.62 -23.85
CGA CLA GO . 24.65 4.41 -23.57
O1A CLA GO . 24.06 4.55 -22.52
O2A CLA GO . 24.18 5.08 -24.67
NB CLA GO . 27.49 4.00 -28.98
C1B CLA GO . 28.43 3.22 -28.38
C2B CLA GO . 28.76 2.09 -29.29
C3B CLA GO . 28.19 2.38 -30.51
C4B CLA GO . 27.40 3.62 -30.33
CMB CLA GO . 29.67 1.02 -28.89
CAB CLA GO . 28.02 1.55 -31.67
CBB CLA GO . 27.59 0.28 -31.68
NC CLA GO . 25.71 6.11 -29.97
C1C CLA GO . 25.96 5.46 -31.14
C2C CLA GO . 25.37 6.19 -32.25
C3C CLA GO . 24.66 7.24 -31.67
C4C CLA GO . 25.08 7.31 -30.28
CMC CLA GO . 25.31 5.69 -33.62
CAC CLA GO . 23.56 8.00 -32.28
CBC CLA GO . 24.05 9.21 -33.02
ND CLA GO . 25.67 7.22 -27.40
C1D CLA GO . 24.92 8.26 -28.00
C2D CLA GO . 24.43 9.16 -26.94
C3D CLA GO . 25.07 8.77 -25.78
C4D CLA GO . 25.90 7.60 -26.14
CMD CLA GO . 23.68 10.38 -27.21
CAD CLA GO . 25.19 8.94 -24.34
OBD CLA GO . 24.51 9.60 -23.57
CBD CLA GO . 26.30 7.94 -23.85
CGD CLA GO . 27.54 8.65 -23.40
O1D CLA GO . 28.30 9.34 -24.07
O2D CLA GO . 27.82 8.47 -22.07
CED CLA GO . 29.06 8.99 -21.60
C1 CLA GO . 23.61 4.31 -25.74
C2 CLA GO . 22.55 5.18 -26.31
C3 CLA GO . 22.17 5.15 -27.59
C4 CLA GO . 21.11 6.05 -28.10
C5 CLA GO . 22.79 4.22 -28.56
C6 CLA GO . 21.74 3.47 -29.36
C7 CLA GO . 22.33 2.23 -30.01
C8 CLA GO . 23.31 2.59 -31.11
C9 CLA GO . 22.63 3.40 -32.20
C10 CLA GO . 24.03 1.39 -31.73
C11 CLA GO . 23.40 0.03 -31.46
C12 CLA GO . 24.33 -0.85 -30.67
C13 CLA GO . 24.57 -2.20 -31.34
C14 CLA GO . 24.97 -2.06 -32.79
C15 CLA GO . 23.34 -3.10 -31.21
C16 CLA GO . 23.56 -4.17 -30.16
C17 CLA GO . 24.67 -5.12 -30.55
C18 CLA GO . 24.80 -6.27 -29.57
C19 CLA GO . 25.36 -7.51 -30.25
C20 CLA GO . 25.67 -5.88 -28.40
C1 BCR HO . 26.01 -1.03 -26.13
C2 BCR HO . 26.18 0.45 -26.40
C3 BCR HO . 25.22 0.90 -27.44
C4 BCR HO . 23.82 0.74 -26.92
C5 BCR HO . 23.60 -0.62 -26.37
C6 BCR HO . 24.58 -1.45 -25.97
C7 BCR HO . 24.33 -2.80 -25.45
C8 BCR HO . 23.97 -3.05 -24.19
C9 BCR HO . 24.65 -4.01 -23.33
C10 BCR HO . 24.51 -3.89 -22.01
C11 BCR HO . 24.68 -4.95 -21.06
C33 BCR HO . 22.16 -0.96 -26.28
C31 BCR HO . 26.88 -1.33 -24.93
C32 BCR HO . 26.59 -1.76 -27.32
C34 BCR HO . 25.19 -5.23 -23.95
C12 BCR HO . 24.19 -4.76 -19.83
C13 BCR HO . 24.31 -5.68 -18.73
C14 BCR HO . 23.87 -5.29 -17.54
C15 BCR HO . 24.05 -6.03 -16.31
C16 BCR HO . 23.61 -5.50 -15.16
C17 BCR HO . 23.82 -6.23 -13.94
C18 BCR HO . 23.51 -5.78 -12.72
C19 BCR HO . 23.96 -6.53 -11.57
C20 BCR HO . 23.97 -6.01 -10.35
C21 BCR HO . 24.42 -6.81 -9.23
C22 BCR HO . 24.50 -6.35 -7.97
C23 BCR HO . 25.01 -7.27 -6.96
C24 BCR HO . 26.30 -7.60 -6.91
C25 BCR HO . 26.99 -8.35 -5.86
C26 BCR HO . 27.01 -9.69 -5.85
C27 BCR HO . 27.71 -10.52 -4.86
C28 BCR HO . 28.89 -9.78 -4.27
C29 BCR HO . 28.41 -8.44 -3.78
C30 BCR HO . 27.75 -7.56 -4.84
C35 BCR HO . 25.10 -6.92 -18.88
C36 BCR HO . 23.03 -4.40 -12.51
C37 BCR HO . 24.61 -4.90 -7.72
C38 BCR HO . 26.32 -10.53 -6.84
C39 BCR HO . 28.77 -6.69 -5.55
C40 BCR HO . 26.88 -6.62 -4.04
MG CLA IO . 61.47 -47.69 -14.53
CHA CLA IO . 60.93 -47.17 -17.91
CHB CLA IO . 61.79 -44.34 -14.08
CHC CLA IO . 61.77 -48.23 -11.17
CHD CLA IO . 60.92 -51.13 -15.03
NA CLA IO . 61.29 -46.04 -15.78
C1A CLA IO . 61.03 -46.03 -17.16
C2A CLA IO . 61.15 -44.60 -17.71
C3A CLA IO . 61.92 -43.89 -16.57
C4A CLA IO . 61.58 -44.78 -15.37
CMA CLA IO . 63.40 -43.85 -16.84
CAA CLA IO . 59.78 -44.00 -17.91
CBA CLA IO . 59.79 -43.02 -19.07
CGA CLA IO . 59.65 -43.74 -20.37
O1A CLA IO . 58.79 -44.57 -20.68
O2A CLA IO . 60.61 -43.41 -21.29
NB CLA IO . 61.95 -46.53 -12.97
C1B CLA IO . 61.87 -45.17 -12.95
C2B CLA IO . 62.22 -44.68 -11.59
C3B CLA IO . 62.39 -45.79 -10.80
C4B CLA IO . 62.05 -46.97 -11.63
CMB CLA IO . 62.58 -43.29 -11.33
CAB CLA IO . 62.45 -45.85 -9.35
CBB CLA IO . 63.38 -46.49 -8.64
NC CLA IO . 61.48 -49.39 -13.34
C1C CLA IO . 61.51 -49.38 -11.97
C2C CLA IO . 61.56 -50.74 -11.48
C3C CLA IO . 61.25 -51.57 -12.56
C4C CLA IO . 61.27 -50.71 -13.74
CMC CLA IO . 62.05 -51.12 -10.17
CAC CLA IO . 61.09 -53.03 -12.55
CBC CLA IO . 62.37 -53.75 -12.94
ND CLA IO . 60.82 -48.89 -16.03
C1D CLA IO . 60.60 -50.30 -16.08
C2D CLA IO . 60.46 -50.69 -17.50
C3D CLA IO . 60.41 -49.51 -18.22
C4D CLA IO . 60.80 -48.44 -17.28
CMD CLA IO . 60.77 -52.04 -17.97
CAD CLA IO . 60.36 -48.90 -19.54
OBD CLA IO . 60.68 -49.38 -20.61
CBD CLA IO . 60.42 -47.37 -19.31
CGD CLA IO . 61.26 -46.73 -20.37
O1D CLA IO . 60.91 -46.40 -21.51
O2D CLA IO . 62.55 -46.50 -20.02
CED CLA IO . 63.50 -46.38 -21.08
C1 CLA IO . 60.15 -42.88 -22.54
C2 CLA IO . 60.98 -43.49 -23.60
C3 CLA IO . 61.98 -42.85 -24.22
C4 CLA IO . 62.35 -41.45 -23.90
C5 CLA IO . 62.78 -43.53 -25.28
MG CLA JO . 88.42 -30.82 -37.21
CHA CLA JO . 91.24 -28.95 -37.96
CHB CLA JO . 87.10 -30.01 -40.24
CHC CLA JO . 85.51 -32.43 -36.34
CHD CLA JO . 89.69 -31.37 -33.96
NA CLA JO . 89.14 -29.78 -38.87
C1A CLA JO . 90.35 -29.08 -38.99
C2A CLA JO . 90.41 -28.32 -40.31
C3A CLA JO . 88.98 -28.45 -40.86
C4A CLA JO . 88.37 -29.54 -39.98
CMA CLA JO . 88.21 -27.15 -40.76
NB CLA JO . 86.74 -31.33 -38.19
C1B CLA JO . 86.41 -30.95 -39.45
C2B CLA JO . 85.10 -31.56 -39.82
C3B CLA JO . 84.60 -32.18 -38.70
C4B CLA JO . 85.60 -31.95 -37.61
CMB CLA JO . 84.45 -31.30 -41.12
CAB CLA JO . 83.34 -32.81 -38.47
CBB CLA JO . 82.85 -33.85 -39.14
NC CLA JO . 87.73 -31.73 -35.47
C1C CLA JO . 86.55 -32.41 -35.36
C2C CLA JO . 86.51 -33.15 -34.11
C3C CLA JO . 87.73 -32.92 -33.47
C4C CLA JO . 88.42 -31.90 -34.26
CMC CLA JO . 85.42 -34.04 -33.71
CAC CLA JO . 88.34 -33.71 -32.40
CBC CLA JO . 87.93 -33.26 -31.02
ND CLA JO . 90.04 -30.28 -36.13
C1D CLA JO . 90.43 -30.54 -34.79
C2D CLA JO . 91.76 -29.95 -34.56
C3D CLA JO . 92.05 -29.20 -35.69
C4D CLA JO . 91.02 -29.58 -36.69
CMD CLA JO . 92.66 -30.34 -33.47
CAD CLA JO . 93.01 -28.34 -36.37
OBD CLA JO . 94.18 -28.12 -36.09
CBD CLA JO . 92.38 -27.98 -37.74
CGD CLA JO . 91.88 -26.55 -37.78
O1D CLA JO . 91.67 -25.85 -38.76
O2D CLA JO . 91.68 -26.00 -36.54
CED CLA JO . 91.71 -24.58 -36.43
MG CLA KO . 86.18 -39.66 -15.06
CHA CLA KO . 89.46 -38.82 -14.38
CHB CLA KO . 86.98 -40.05 -18.33
CHC CLA KO . 82.86 -40.12 -15.78
CHD CLA KO . 85.34 -38.95 -11.71
NA CLA KO . 87.99 -39.70 -16.11
C1A CLA KO . 89.26 -39.36 -15.62
C2A CLA KO . 90.31 -39.42 -16.74
C3A CLA KO . 89.45 -39.63 -18.01
C4A CLA KO . 88.03 -39.76 -17.47
CMA CLA KO . 89.60 -38.50 -19.00
CAA CLA KO . 91.30 -40.54 -16.50
CBA CLA KO . 90.84 -41.88 -17.03
CGA CLA KO . 90.10 -42.64 -15.97
O1A CLA KO . 90.42 -42.83 -14.79
O2A CLA KO . 88.93 -43.18 -16.41
NB CLA KO . 85.15 -40.19 -16.71
C1B CLA KO . 85.67 -40.35 -17.95
C2B CLA KO . 84.56 -40.60 -18.92
C3B CLA KO . 83.43 -40.84 -18.17
C4B CLA KO . 83.75 -40.39 -16.78
CMB CLA KO . 84.71 -40.47 -20.36
CAB CLA KO . 82.08 -41.05 -18.61
CBB CLA KO . 81.30 -42.06 -18.21
NC CLA KO . 84.42 -39.50 -13.96
C1C CLA KO . 83.19 -39.88 -14.43
C2C CLA KO . 82.26 -40.03 -13.31
C3C CLA KO . 82.94 -39.62 -12.17
C4C CLA KO . 84.29 -39.24 -12.59
CMC CLA KO . 80.85 -40.40 -13.45
CAC CLA KO . 82.54 -39.87 -10.77
CBC CLA KO . 81.71 -38.74 -10.19
ND CLA KO . 87.12 -39.07 -13.38
C1D CLA KO . 86.64 -38.70 -12.10
C2D CLA KO . 87.81 -38.34 -11.25
C3D CLA KO . 88.88 -38.26 -12.10
C4D CLA KO . 88.43 -38.82 -13.39
CMD CLA KO . 87.79 -38.33 -9.78
CAD CLA KO . 90.25 -37.79 -12.29
OBD CLA KO . 90.89 -37.02 -11.58
CBD CLA KO . 90.65 -38.13 -13.75
CGD CLA KO . 91.07 -36.90 -14.51
O1D CLA KO . 90.61 -35.76 -14.39
O2D CLA KO . 92.06 -37.12 -15.41
CED CLA KO . 93.27 -36.37 -15.26
C1 BCR LO . 73.97 -30.35 -23.32
C2 BCR LO . 74.40 -29.52 -24.51
C3 BCR LO . 75.87 -29.17 -24.56
C4 BCR LO . 76.42 -28.84 -23.20
C5 BCR LO . 76.15 -29.96 -22.29
C6 BCR LO . 75.03 -30.66 -22.32
C7 BCR LO . 74.80 -31.80 -21.43
C8 BCR LO . 74.25 -31.68 -20.21
C9 BCR LO . 74.59 -32.57 -19.12
C10 BCR LO . 73.84 -32.53 -18.01
C11 BCR LO . 74.16 -33.26 -16.80
C33 BCR LO . 77.26 -30.22 -21.35
C31 BCR LO . 73.37 -31.62 -23.88
C32 BCR LO . 72.85 -29.56 -22.65
C34 BCR LO . 75.87 -33.27 -19.16
C12 BCR LO . 73.24 -33.33 -15.83
C13 BCR LO . 73.46 -33.90 -14.53
C14 BCR LO . 72.44 -34.03 -13.68
C15 BCR LO . 72.48 -34.87 -12.51
C16 BCR LO . 71.40 -35.06 -11.74
C17 BCR LO . 70.76 -33.92 -11.15
C18 BCR LO . 69.96 -33.94 -10.08
C19 BCR LO . 69.96 -35.11 -9.24
C20 BCR LO . 69.34 -35.15 -8.06
C21 BCR LO . 69.32 -36.37 -7.31
C22 BCR LO . 69.05 -36.47 -5.99
C23 BCR LO . 68.99 -37.80 -5.39
C24 BCR LO . 69.02 -37.98 -4.06
C25 BCR LO . 68.66 -39.20 -3.33
C26 BCR LO . 69.53 -40.19 -3.14
C27 BCR LO . 69.27 -41.44 -2.40
C28 BCR LO . 68.20 -41.24 -1.37
C29 BCR LO . 67.00 -40.59 -2.01
C30 BCR LO . 67.28 -39.27 -2.73
C35 BCR LO . 74.78 -34.49 -14.21
C36 BCR LO . 68.96 -32.88 -9.83
C37 BCR LO . 68.76 -35.27 -5.19
C38 BCR LO . 70.91 -40.19 -3.67
C39 BCR LO . 67.08 -38.10 -1.79
C40 BCR LO . 66.18 -39.18 -3.78
C1 BCR MO . 84.12 -32.97 -12.34
C2 BCR MO . 85.22 -32.06 -11.87
C3 BCR MO . 85.29 -32.07 -10.37
C4 BCR MO . 85.65 -33.45 -9.88
C5 BCR MO . 84.87 -34.50 -10.57
C6 BCR MO . 84.15 -34.32 -11.68
C7 BCR MO . 83.43 -35.40 -12.33
C8 BCR MO . 82.15 -35.68 -12.07
C9 BCR MO . 81.16 -35.98 -13.10
C10 BCR MO . 79.87 -35.89 -12.77
C11 BCR MO . 78.81 -36.48 -13.54
C33 BCR MO . 84.96 -35.81 -9.89
C31 BCR MO . 82.81 -32.24 -12.13
C32 BCR MO . 84.28 -33.16 -13.83
C34 BCR MO . 81.62 -36.67 -14.31
C12 BCR MO . 77.63 -36.65 -12.96
C13 BCR MO . 76.60 -37.55 -13.42
C14 BCR MO . 75.53 -37.74 -12.64
C15 BCR MO . 74.45 -38.64 -12.97
C16 BCR MO . 73.38 -38.73 -12.16
C17 BCR MO . 72.42 -39.74 -12.46
C18 BCR MO . 71.28 -39.97 -11.79
C19 BCR MO . 70.59 -41.22 -12.02
C20 BCR MO . 69.56 -41.63 -11.26
C21 BCR MO . 69.22 -43.03 -11.28
C22 BCR MO . 68.18 -43.58 -10.64
C23 BCR MO . 68.03 -45.04 -10.71
C24 BCR MO . 66.84 -45.63 -10.67
C25 BCR MO . 66.56 -47.02 -11.00
C26 BCR MO . 66.53 -47.97 -10.06
C27 BCR MO . 66.23 -49.39 -10.30
C28 BCR MO . 65.21 -49.50 -11.40
C29 BCR MO . 65.69 -48.77 -12.63
C30 BCR MO . 66.27 -47.37 -12.43
C35 BCR MO . 76.80 -38.34 -14.65
C36 BCR MO . 70.66 -38.95 -10.94
C37 BCR MO . 67.05 -42.75 -10.18
C38 BCR MO . 66.79 -47.69 -8.63
C39 BCR MO . 65.38 -46.31 -13.04
C40 BCR MO . 67.54 -47.38 -13.28
C1 BCR NO . 66.96 -40.82 35.63
C2 BCR NO . 68.48 -40.79 35.63
C3 BCR NO . 69.01 -42.15 35.33
C4 BCR NO . 68.59 -42.59 33.95
C5 BCR NO . 67.18 -42.23 33.64
C6 BCR NO . 66.42 -41.44 34.39
C7 BCR NO . 65.04 -41.11 34.02
C8 BCR NO . 63.99 -41.83 34.42
C9 BCR NO . 62.63 -41.53 34.05
C10 BCR NO . 61.78 -42.55 33.85
C11 BCR NO . 60.38 -42.39 33.59
C33 BCR NO . 66.69 -42.85 32.40
C31 BCR NO . 66.49 -39.39 35.78
C32 BCR NO . 66.55 -41.60 36.85
C34 BCR NO . 62.16 -40.14 34.14
C12 BCR NO . 59.58 -43.46 33.69
C13 BCR NO . 58.14 -43.38 33.76
C14 BCR NO . 57.45 -44.45 34.16
C15 BCR NO . 56.03 -44.44 34.34
C16 BCR NO . 55.31 -45.55 34.14
C17 BCR NO . 53.88 -45.45 34.32
C18 BCR NO . 53.06 -46.49 34.49
C19 BCR NO . 51.67 -46.22 34.79
C20 BCR NO . 50.76 -47.19 34.89
C21 BCR NO . 49.45 -46.88 35.41
C22 BCR NO . 48.42 -47.74 35.42
C23 BCR NO . 47.16 -47.30 36.00
C24 BCR NO . 45.99 -47.88 35.68
C25 BCR NO . 44.74 -47.87 36.43
C26 BCR NO . 43.86 -46.86 36.34
C27 BCR NO . 42.58 -46.77 37.04
C28 BCR NO . 42.06 -48.13 37.41
C29 BCR NO . 43.16 -48.91 38.10
C30 BCR NO . 44.43 -49.06 37.29
C35 BCR NO . 57.46 -42.11 33.46
C36 BCR NO . 53.55 -47.87 34.55
C37 BCR NO . 48.53 -49.06 34.79
C38 BCR NO . 44.09 -45.67 35.49
C39 BCR NO . 44.39 -50.31 36.42
C40 BCR NO . 45.50 -49.33 38.35
MG CLA OO . 47.11 -55.82 51.92
CHA CLA OO . 43.72 -56.52 51.76
CHB CLA OO . 47.17 -56.90 55.15
CHC CLA OO . 50.44 -55.00 52.09
CHD CLA OO . 47.08 -55.04 48.47
NA CLA OO . 45.69 -56.66 53.19
C1A CLA OO . 44.33 -56.90 52.92
C2A CLA OO . 43.61 -57.28 54.22
C3A CLA OO . 44.64 -56.94 55.31
C4A CLA OO . 45.94 -56.93 54.50
CMA CLA OO . 44.39 -55.60 55.95
CAA CLA OO . 43.25 -58.76 54.23
CBA CLA OO . 41.75 -58.94 54.34
CGA CLA OO . 41.31 -60.22 53.71
O1A CLA OO . 40.16 -60.56 53.41
O2A CLA OO . 42.33 -61.10 53.45
NB CLA OO . 48.56 -56.06 53.29
C1B CLA OO . 48.39 -56.57 54.54
C2B CLA OO . 49.68 -56.47 55.30
C3B CLA OO . 50.50 -55.64 54.55
C4B CLA OO . 49.85 -55.51 53.21
CMB CLA OO . 49.82 -56.89 56.69
CAB CLA OO . 51.88 -55.34 54.76
CBB CLA OO . 52.39 -54.10 54.83
NC CLA OO . 48.48 -55.08 50.54
C1C CLA OO . 49.80 -54.85 50.82
C2C CLA OO . 50.53 -54.58 49.58
C3C CLA OO . 49.55 -54.38 48.60
C4C CLA OO . 48.30 -54.89 49.16
CMC CLA OO . 51.99 -54.54 49.47
CAC CLA OO . 49.67 -53.56 47.38
CBC CLA OO . 49.88 -52.09 47.68
ND CLA OO . 45.74 -55.61 50.45
C1D CLA OO . 45.89 -55.43 49.06
C2D CLA OO . 44.55 -55.52 48.43
C3D CLA OO . 43.66 -55.75 49.46
C4D CLA OO . 44.47 -55.97 50.66
CMD CLA OO . 44.31 -55.73 47.02
CAD CLA OO . 42.31 -56.19 49.77
OBD CLA OO . 41.32 -56.17 49.05
CBD CLA OO . 42.34 -56.78 51.21
CGD CLA OO . 41.26 -56.14 52.05
O1D CLA OO . 40.07 -56.47 52.12
O2D CLA OO . 41.71 -55.08 52.78
CED CLA OO . 40.89 -54.62 53.86
MG CLA PO . 59.22 -46.14 45.24
CHA CLA PO . 57.83 -45.39 48.31
CHB CLA PO . 59.03 -49.45 45.98
CHC CLA PO . 59.97 -46.85 41.98
CHD CLA PO . 59.35 -42.69 44.50
NA CLA PO . 58.56 -47.22 46.90
C1A CLA PO . 57.86 -46.73 48.02
C2A CLA PO . 57.58 -47.86 49.01
C3A CLA PO . 58.24 -49.09 48.35
C4A CLA PO . 58.58 -48.59 46.95
CMA CLA PO . 59.48 -49.53 49.10
CAA CLA PO . 56.08 -48.07 49.23
CBA CLA PO . 55.27 -47.89 47.97
CGA CLA PO . 54.01 -48.70 48.04
O1A CLA PO . 53.33 -49.16 47.12
O2A CLA PO . 53.60 -48.94 49.33
NB CLA PO . 59.47 -47.82 44.19
C1B CLA PO . 59.50 -49.08 44.71
C2B CLA PO . 60.28 -49.96 43.79
C3B CLA PO . 60.36 -49.31 42.59
C4B CLA PO . 59.93 -47.90 42.86
CMB CLA PO . 60.58 -51.35 44.12
CAB CLA PO . 60.34 -49.87 41.27
CBB CLA PO . 61.23 -49.62 40.30
NC CLA PO . 59.69 -44.98 43.58
C1C CLA PO . 59.89 -45.48 42.32
C2C CLA PO . 60.35 -44.41 41.45
C3C CLA PO . 60.07 -43.22 42.13
C4C CLA PO . 59.57 -43.59 43.45
CMC CLA PO . 61.28 -44.59 40.33
CAC CLA PO . 60.47 -41.86 41.72
CBC CLA PO . 59.33 -41.10 41.11
ND CLA PO . 58.88 -44.40 46.22
C1D CLA PO . 58.93 -43.05 45.78
C2D CLA PO . 58.34 -42.18 46.82
C3D CLA PO . 57.95 -43.03 47.84
C4D CLA PO . 58.20 -44.40 47.35
CMD CLA PO . 58.50 -40.74 46.86
CAD CLA PO . 57.72 -43.13 49.26
OBD CLA PO . 58.03 -42.33 50.13
CBD CLA PO . 57.51 -44.65 49.59
CGD CLA PO . 58.39 -45.08 50.74
O1D CLA PO . 58.04 -45.59 51.80
O2D CLA PO . 59.72 -44.87 50.52
CED CLA PO . 60.65 -45.59 51.33
C1 CLA PO . 52.87 -50.16 49.55
C1 BCR QO . 56.33 -41.05 37.82
C2 BCR QO . 56.99 -39.82 37.26
C3 BCR QO . 58.37 -39.69 37.79
C4 BCR QO . 59.22 -40.85 37.34
C5 BCR QO . 58.51 -42.14 37.47
C6 BCR QO . 57.19 -42.27 37.71
C7 BCR QO . 56.53 -43.57 37.82
C8 BCR QO . 56.44 -44.26 38.95
C9 BCR QO . 56.11 -45.67 38.97
C10 BCR QO . 56.47 -46.41 40.04
C11 BCR QO . 56.27 -47.84 40.13
C33 BCR QO . 59.40 -43.31 37.33
C31 BCR QO . 55.04 -41.24 37.09
C32 BCR QO . 56.03 -40.76 39.28
C34 BCR QO . 55.54 -46.28 37.77
C12 BCR QO . 56.63 -48.46 41.25
C13 BCR QO . 56.56 -49.88 41.46
C14 BCR QO . 57.08 -50.37 42.60
C15 BCR QO . 56.76 -51.66 43.14
C16 BCR QO . 56.70 -51.82 44.47
C17 BCR QO . 55.66 -52.66 44.99
C18 BCR QO . 55.44 -52.94 46.28
C19 BCR QO . 55.16 -54.32 46.64
C20 BCR QO . 55.29 -54.77 47.90
C21 BCR QO . 55.17 -56.19 48.12
C22 BCR QO . 55.30 -56.81 49.30
C23 BCR QO . 55.07 -58.25 49.35
C24 BCR QO . 54.98 -58.93 50.49
C25 BCR QO . 53.97 -59.94 50.81
C26 BCR QO . 52.81 -59.62 51.38
C27 BCR QO . 51.73 -60.56 51.75
C28 BCR QO . 51.96 -61.96 51.22
C29 BCR QO . 53.43 -62.31 51.30
C30 BCR QO . 54.30 -61.37 50.50
C35 BCR QO . 55.71 -50.73 40.61
C36 BCR QO . 55.50 -51.91 47.34
C37 BCR QO . 55.38 -56.04 50.55
C38 BCR QO . 52.42 -58.24 51.73
C39 BCR QO . 54.18 -61.66 49.01
C40 BCR QO . 55.74 -61.71 50.89
MG CLA RO . 48.01 -31.43 40.98
CHA CLA RO . 49.48 -29.00 39.02
CHB CLA RO . 47.34 -29.11 43.36
CHC CLA RO . 46.54 -33.90 42.89
CHD CLA RO . 48.74 -33.82 38.49
NA CLA RO . 48.25 -29.36 41.08
C1A CLA RO . 48.81 -28.51 40.12
C2A CLA RO . 48.96 -27.09 40.69
C3A CLA RO . 48.47 -27.23 42.14
C4A CLA RO . 47.91 -28.64 42.19
CMA CLA RO . 49.61 -27.04 43.12
CAA CLA RO . 48.13 -26.08 39.91
CBA CLA RO . 46.79 -26.63 39.48
CGA CLA RO . 46.10 -25.65 38.58
O1A CLA RO . 46.36 -25.36 37.41
O2A CLA RO . 45.06 -25.01 39.19
NB CLA RO . 47.12 -31.48 42.78
C1B CLA RO . 47.07 -30.46 43.66
C2B CLA RO . 46.36 -30.90 44.90
C3B CLA RO . 46.23 -32.27 44.82
C4B CLA RO . 46.62 -32.65 43.43
CMB CLA RO . 45.74 -29.96 45.84
CAB CLA RO . 45.55 -33.17 45.70
CBB CLA RO . 44.23 -33.26 45.86
NC CLA RO . 47.73 -33.48 40.74
C1C CLA RO . 47.04 -34.28 41.61
C2C CLA RO . 46.84 -35.61 41.03
C3C CLA RO . 47.34 -35.55 39.73
C4C CLA RO . 48.01 -34.26 39.61
CMC CLA RO . 46.04 -36.67 41.63
CAC CLA RO . 47.32 -36.60 38.71
CBC CLA RO . 48.53 -37.50 38.78
ND CLA RO . 48.93 -31.49 39.20
C1D CLA RO . 49.09 -32.52 38.22
C2D CLA RO . 49.36 -31.89 36.92
C3D CLA RO . 49.61 -30.55 37.18
C4D CLA RO . 49.32 -30.36 38.61
CMD CLA RO . 49.35 -32.59 35.64
CAD CLA RO . 50.36 -29.38 36.76
OBD CLA RO . 51.11 -29.25 35.81
CBD CLA RO . 50.24 -28.32 37.91
CGD CLA RO . 51.57 -27.81 38.35
O1D CLA RO . 52.06 -26.69 38.18
O2D CLA RO . 52.31 -28.74 39.02
C1 BCR SO . 5.65 3.21 -25.77
C2 BCR SO . 5.87 2.25 -26.92
C3 BCR SO . 7.33 1.91 -27.03
C4 BCR SO . 7.80 1.22 -25.78
C5 BCR SO . 7.27 1.84 -24.55
C6 BCR SO . 6.30 2.77 -24.52
C7 BCR SO . 5.81 3.34 -23.26
C8 BCR SO . 6.33 4.41 -22.69
C9 BCR SO . 5.77 5.02 -21.50
C10 BCR SO . 6.46 4.96 -20.35
C11 BCR SO . 5.91 5.28 -19.05
C33 BCR SO . 7.93 1.34 -23.31
C31 BCR SO . 4.16 3.35 -25.59
C32 BCR SO . 6.22 4.55 -26.22
C34 BCR SO . 4.33 5.33 -21.50
C12 BCR SO . 6.60 4.94 -17.97
C13 BCR SO . 6.11 5.05 -16.62
C14 BCR SO . 6.81 4.49 -15.63
C15 BCR SO . 6.38 4.46 -14.27
C16 BCR SO . 7.16 3.87 -13.34
C17 BCR SO . 6.59 3.65 -12.04
C18 BCR SO . 7.25 3.18 -10.97
C19 BCR SO . 6.55 3.10 -9.71
C20 BCR SO . 7.06 2.52 -8.64
C21 BCR SO . 6.55 2.90 -7.35
C22 BCR SO . 6.89 2.37 -6.17
C23 BCR SO . 6.34 2.97 -4.97
C24 BCR SO . 6.52 2.48 -3.73
C25 BCR SO . 5.78 2.86 -2.52
C26 BCR SO . 4.63 2.26 -2.20
C27 BCR SO . 3.81 2.55 -1.01
C28 BCR SO . 4.64 3.16 0.09
C29 BCR SO . 5.46 4.29 -0.48
C30 BCR SO . 6.39 3.90 -1.62
C35 BCR SO . 4.89 5.84 -16.34
C36 BCR SO . 8.72 2.99 -10.98
C37 BCR SO . 7.96 1.36 -6.06
C38 BCR SO . 3.99 1.22 -3.03
C39 BCR SO . 7.72 3.40 -1.11
C40 BCR SO . 6.67 5.23 -2.32
MG CLA TO . 21.06 -25.88 7.72
CHA CLA TO . 19.45 -28.89 8.21
CHB CLA TO . 19.48 -25.61 4.71
CHC CLA TO . 22.98 -23.14 6.99
CHD CLA TO . 23.14 -26.59 10.46
NA CLA TO . 19.57 -26.96 6.76
C1A CLA TO . 18.90 -28.10 7.23
C2A CLA TO . 17.79 -28.51 6.26
C3A CLA TO . 18.18 -27.74 4.97
C4A CLA TO . 19.22 -26.74 5.46
CMA CLA TO . 18.73 -28.65 3.91
CAA CLA TO . 16.41 -28.13 6.75
CBA CLA TO . 16.41 -27.10 7.87
CGA CLA TO . 15.02 -26.84 8.35
O1A CLA TO . 14.06 -27.60 8.39
O2A CLA TO . 14.84 -25.56 8.77
NB CLA TO . 21.08 -24.52 6.23
C1B CLA TO . 20.30 -24.55 5.12
C2B CLA TO . 20.57 -23.35 4.29
C3B CLA TO . 21.65 -22.72 4.86
C4B CLA TO . 22.03 -23.49 6.08
CMB CLA TO . 19.92 -23.18 2.99
CAB CLA TO . 22.32 -21.50 4.52
CBB CLA TO . 21.76 -20.38 4.06
NC CLA TO . 22.69 -24.96 8.65
C1C CLA TO . 23.36 -23.89 8.13
C2C CLA TO . 24.39 -23.48 9.08
C3C CLA TO . 24.44 -24.46 10.06
C4C CLA TO . 23.46 -25.46 9.69
CMC CLA TO . 24.99 -22.15 9.10
CAC CLA TO . 25.14 -24.39 11.35
CBC CLA TO . 26.41 -25.21 11.34
ND CLA TO . 21.19 -27.28 9.16
C1D CLA TO . 22.16 -27.51 10.17
C2D CLA TO . 21.87 -28.80 10.83
C3D CLA TO . 20.91 -29.41 10.05
C4D CLA TO . 20.46 -28.40 9.07
CMD CLA TO . 22.70 -29.39 11.87
CAD CLA TO . 19.96 -30.50 9.97
OBD CLA TO . 19.67 -31.30 10.84
CBD CLA TO . 19.07 -30.25 8.72
CGD CLA TO . 19.26 -31.30 7.66
O1D CLA TO . 20.29 -31.56 7.04
O2D CLA TO . 18.14 -32.03 7.40
CED CLA TO . 18.32 -33.34 6.83
C1 CLA TO . 15.45 -25.22 10.04
C2 CLA TO . 15.00 -23.85 10.39
C3 CLA TO . 15.22 -23.30 11.60
C4 CLA TO . 15.94 -24.03 12.68
C5 CLA TO . 14.75 -21.92 11.91
C6 CLA TO . 15.88 -20.91 11.87
C7 CLA TO . 16.15 -20.35 13.25
C8 CLA TO . 17.65 -20.29 13.56
C9 CLA TO . 17.89 -20.67 15.00
C10 CLA TO . 18.21 -18.92 13.26
C11 CLA TO . 19.70 -18.85 13.50
C12 CLA TO . 20.25 -17.46 13.23
C13 CLA TO . 21.70 -17.33 13.66
C14 CLA TO . 21.85 -17.60 15.14
C15 CLA TO . 22.27 -15.96 13.30
MG CLA UO . 25.62 -0.07 -9.53
CHA CLA UO . 25.59 1.42 -6.43
CHB CLA UO . 24.31 2.74 -10.89
CHC CLA UO . 25.83 -1.53 -12.61
CHD CLA UO . 27.47 -2.74 -8.20
NA CLA UO . 25.20 1.84 -8.79
C1A CLA UO . 25.27 2.26 -7.46
C2A CLA UO . 24.67 3.65 -7.31
C3A CLA UO . 24.00 3.91 -8.68
C4A CLA UO . 24.59 2.80 -9.55
CMA CLA UO . 22.51 3.82 -8.62
CAA CLA UO . 25.74 4.67 -7.03
CBA CLA UO . 25.14 6.05 -6.87
CGA CLA UO . 25.44 6.59 -5.51
O1A CLA UO . 26.38 7.30 -5.15
O2A CLA UO . 24.52 6.19 -4.58
NB CLA UO . 25.09 0.48 -11.40
C1B CLA UO . 24.74 1.73 -11.76
C2B CLA UO . 24.66 1.81 -13.24
C3B CLA UO . 25.20 0.65 -13.74
C4B CLA UO . 25.44 -0.23 -12.57
CMB CLA UO . 24.21 3.01 -13.96
CAB CLA UO . 25.11 0.12 -15.08
CBB CLA UO . 26.13 -0.29 -15.83
NC CLA UO . 26.23 -1.95 -10.20
C1C CLA UO . 26.12 -2.36 -11.49
C2C CLA UO . 26.65 -3.72 -11.62
C3C CLA UO . 27.30 -3.99 -10.42
C4C CLA UO . 27.03 -2.86 -9.53
CMC CLA UO . 26.81 -4.42 -12.89
CAC CLA UO . 27.82 -5.30 -10.00
CBC CLA UO . 29.32 -5.34 -9.94
ND CLA UO . 26.30 -0.65 -7.73
C1D CLA UO . 27.03 -1.79 -7.31
C2D CLA UO . 27.00 -1.82 -5.84
C3D CLA UO . 26.52 -0.58 -5.43
C4D CLA UO . 26.21 0.15 -6.68
CMD CLA UO . 27.20 -3.03 -5.04
CAD CLA UO . 26.08 0.25 -4.33
OBD CLA UO . 25.98 -0.04 -3.14
CBD CLA UO . 25.61 1.60 -4.93
CGD CLA UO . 24.25 1.97 -4.40
O1D CLA UO . 23.92 3.02 -3.85
O2D CLA UO . 23.31 1.00 -4.56
CED CLA UO . 22.02 1.42 -5.01
C1 CLA UO . 23.19 6.78 -4.67
C2 CLA UO . 22.23 5.65 -4.74
C3 CLA UO . 20.94 5.80 -5.07
C4 CLA UO . 20.36 7.12 -5.39
C5 CLA UO . 20.02 4.62 -5.13
C6 CLA UO . 19.48 4.42 -6.53
C7 CLA UO . 18.27 3.50 -6.52
C8 CLA UO . 17.29 3.84 -7.64
C9 CLA UO . 16.88 5.30 -7.58
C10 CLA UO . 16.05 2.95 -7.58
C11 CLA UO . 15.33 2.93 -8.91
C12 CLA UO . 14.03 2.15 -8.81
C13 CLA UO . 13.68 1.47 -10.12
C14 CLA UO . 12.24 1.71 -10.51
C15 CLA UO . 13.97 -0.03 -10.06
C16 CLA UO . 15.28 -0.39 -10.72
C17 CLA UO . 15.22 -0.22 -12.23
C18 CLA UO . 14.18 -1.13 -12.88
C19 CLA UO . 13.96 -0.75 -14.33
C20 CLA UO . 14.60 -2.58 -12.78
C1 BCR VO . 21.42 -1.18 -8.62
C2 BCR VO . 20.36 -0.92 -9.67
C3 BCR VO . 19.25 -0.08 -9.12
C4 BCR VO . 18.60 -0.78 -7.95
C5 BCR VO . 19.58 -1.30 -6.99
C6 BCR VO . 20.88 -1.52 -7.27
C7 BCR VO . 21.85 -2.01 -6.26
C8 BCR VO . 21.96 -3.30 -5.90
C9 BCR VO . 22.43 -3.74 -4.61
C10 BCR VO . 22.01 -4.94 -4.19
C11 BCR VO . 22.74 -5.77 -3.26
C33 BCR VO . 18.98 -1.57 -5.67
C31 BCR VO . 22.25 0.07 -8.54
C32 BCR VO . 22.28 -2.29 -9.20
C34 BCR VO . 23.61 -3.08 -4.04
C12 BCR VO . 22.37 -7.05 -3.18
C13 BCR VO . 22.86 -8.00 -2.21
C14 BCR VO . 22.10 -9.06 -1.91
C15 BCR VO . 22.40 -9.98 -0.86
C16 BCR VO . 21.54 -10.99 -0.64
C17 BCR VO . 21.70 -11.77 0.56
C18 BCR VO . 21.16 -12.97 0.75
C19 BCR VO . 21.40 -13.63 2.01
C20 BCR VO . 20.74 -14.73 2.38
C21 BCR VO . 21.18 -15.43 3.56
C22 BCR VO . 20.51 -16.45 4.12
C23 BCR VO . 19.19 -16.77 3.62
C24 BCR VO . 18.48 -17.80 4.06
C25 BCR VO . 17.08 -18.07 3.79
C26 BCR VO . 16.10 -17.56 4.55
C27 BCR VO . 14.66 -17.78 4.36
C28 BCR VO . 14.35 -18.35 3.00
C29 BCR VO . 15.33 -19.45 2.69
C30 BCR VO . 16.76 -18.96 2.63
C35 BCR VO . 24.24 -7.89 -1.69
C36 BCR VO . 20.33 -13.64 -0.26
C37 BCR VO . 21.01 -17.13 5.33
C38 BCR VO . 16.35 -16.69 5.71
C39 BCR VO . 17.04 -18.29 1.30
C40 BCR VO . 17.61 -20.22 2.67
MG CLA WO . 4.52 -11.99 12.02
CHA CLA WO . 2.38 -9.38 11.27
CHB CLA WO . 7.17 -10.07 11.10
CHC CLA WO . 6.54 -14.75 12.23
CHD CLA WO . 1.80 -13.87 13.17
NA CLA WO . 4.71 -10.02 11.33
C1A CLA WO . 3.71 -9.05 11.27
C2A CLA WO . 4.31 -7.70 10.83
C3A CLA WO . 5.78 -8.06 10.50
C4A CLA WO . 5.93 -9.46 11.06
CMA CLA WO . 6.06 -8.02 9.03
CAA CLA WO . 4.23 -6.64 11.92
CBA CLA WO . 4.37 -7.21 13.32
CGA CLA WO . 5.73 -6.94 13.87
O1A CLA WO . 6.19 -5.89 14.33
O2A CLA WO . 6.53 -8.04 13.85
NB CLA WO . 6.47 -12.35 11.69
C1B CLA WO . 7.42 -11.38 11.52
C2B CLA WO . 8.76 -12.01 11.50
C3B CLA WO . 8.55 -13.37 11.57
C4B CLA WO . 7.13 -13.57 11.93
CMB CLA WO . 9.93 -11.29 11.00
CAB CLA WO . 9.50 -14.44 11.72
CBB CLA WO . 10.46 -14.48 12.65
NC CLA WO . 4.20 -13.98 12.54
C1C CLA WO . 5.16 -14.95 12.54
C2C CLA WO . 4.66 -16.14 13.23
C3C CLA WO . 3.35 -15.84 13.62
C4C CLA WO . 3.03 -14.54 13.05
CMC CLA WO . 5.50 -17.24 13.67
CAC CLA WO . 2.49 -16.63 14.51
CBC CLA WO . 1.47 -17.45 13.77
ND CLA WO . 2.54 -11.73 12.25
C1D CLA WO . 1.52 -12.62 12.67
C2D CLA WO . 0.21 -11.94 12.53
C3D CLA WO . 0.49 -10.71 11.96
C4D CLA WO . 1.95 -10.65 11.76
CMD CLA WO . -1.07 -12.63 12.67
CAD CLA WO . -0.06 -9.52 11.35
OBD CLA WO . -1.12 -9.38 10.76
CBD CLA WO . 1.13 -8.53 11.25
CGD CLA WO . 1.03 -7.66 10.03
O1D CLA WO . 1.07 -6.43 9.99
O2D CLA WO . 0.87 -8.33 8.86
CED CLA WO . -0.10 -7.83 7.94
C1 CLA WO . 7.66 -8.06 14.74
C2 CLA WO . 8.33 -9.37 14.55
C3 CLA WO . 9.17 -9.91 15.46
C4 CLA WO . 9.51 -9.25 16.74
C5 CLA WO . 9.80 -11.24 15.19
MG CLA XO . 19.14 -4.31 10.62
CHA CLA XO . 17.46 -2.17 12.73
CHB CLA XO . 21.67 -2.06 10.50
CHC CLA XO . 21.04 -6.60 8.91
CHD CLA XO . 16.74 -6.80 11.30
NA CLA XO . 19.35 -2.33 11.25
C1A CLA XO . 18.65 -1.69 12.27
C2A CLA XO . 19.20 -0.29 12.53
C3A CLA XO . 20.30 -0.16 11.45
C4A CLA XO . 20.44 -1.58 10.91
CMA CLA XO . 19.90 0.81 10.37
CAA CLA XO . 19.75 -0.18 13.94
CBA CLA XO . 20.48 -1.43 14.39
CGA CLA XO . 20.37 -1.58 15.88
O1A CLA XO . 19.37 -1.50 16.58
O2A CLA XO . 21.58 -1.86 16.47
NB CLA XO . 20.94 -4.26 9.71
C1B CLA XO . 21.88 -3.32 9.92
C2B CLA XO . 23.10 -3.64 9.12
C3B CLA XO . 22.91 -4.93 8.65
C4B CLA XO . 21.53 -5.33 9.00
CMB CLA XO . 24.33 -2.88 9.26
CAB CLA XO . 23.85 -5.84 8.04
CBB CLA XO . 24.59 -5.59 6.97
NC CLA XO . 18.91 -6.33 10.17
C1C CLA XO . 19.85 -7.08 9.53
C2C CLA XO . 19.31 -8.42 9.29
C3C CLA XO . 18.10 -8.49 9.98
C4C CLA XO . 17.90 -7.19 10.60
CMC CLA XO . 20.06 -9.52 8.69
CAC CLA XO . 17.29 -9.70 10.22
CBC CLA XO . 17.66 -10.37 11.52
ND CLA XO . 17.40 -4.45 11.61
C1D CLA XO . 16.52 -5.55 11.83
C2D CLA XO . 15.44 -5.11 12.74
C3D CLA XO . 15.77 -3.84 13.15
C4D CLA XO . 17.03 -3.51 12.48
CMD CLA XO . 14.40 -6.00 13.25
CAD CLA XO . 15.31 -2.62 13.79
OBD CLA XO . 14.26 -2.42 14.40
CBD CLA XO . 16.26 -1.47 13.33
CGD CLA XO . 15.60 -0.56 12.33
O1D CLA XO . 15.55 -0.69 11.11
O2D CLA XO . 15.01 0.53 12.88
CED CLA XO . 15.12 1.76 12.17
C1 CLA XO . 21.61 -1.91 17.91
C1 BCR YO . 21.03 -13.67 -24.49
C2 BCR YO . 21.13 -14.13 -25.94
C3 BCR YO . 19.78 -14.41 -26.50
C4 BCR YO . 19.06 -15.47 -25.71
C5 BCR YO . 19.28 -15.38 -24.26
C6 BCR YO . 20.16 -14.56 -23.68
C7 BCR YO . 20.35 -14.53 -22.22
C8 BCR YO . 19.68 -13.69 -21.43
C9 BCR YO . 19.81 -13.69 -19.99
C10 BCR YO . 18.70 -13.70 -19.24
C11 BCR YO . 18.71 -13.81 -17.80
C33 BCR YO . 18.42 -16.29 -23.48
C31 BCR YO . 20.54 -12.24 -24.53
C32 BCR YO . 22.44 -13.69 -23.94
C34 BCR YO . 21.16 -13.63 -19.40
C12 BCR YO . 17.54 -13.83 -17.15
C13 BCR YO . 17.42 -13.67 -15.72
C14 BCR YO . 16.21 -13.73 -15.16
C15 BCR YO . 15.99 -13.78 -13.74
C16 BCR YO . 14.79 -14.09 -13.25
C17 BCR YO . 14.67 -14.15 -11.81
C18 BCR YO . 13.73 -14.81 -11.14
C19 BCR YO . 13.81 -14.83 -9.69
C20 BCR YO . 12.89 -15.43 -8.94
C21 BCR YO . 12.95 -15.21 -7.51
C22 BCR YO . 11.97 -15.47 -6.64
C23 BCR YO . 11.81 -14.55 -5.54
C24 BCR YO . 11.95 -14.89 -4.24
C25 BCR YO . 11.41 -14.15 -3.11
C26 BCR YO . 10.33 -14.59 -2.46
C27 BCR YO . 9.72 -13.93 -1.30
C28 BCR YO . 10.80 -13.30 -0.47
C29 BCR YO . 11.69 -12.41 -1.29
C30 BCR YO . 12.08 -12.88 -2.69
C35 BCR YO . 18.64 -13.57 -14.89
C36 BCR YO . 12.81 -15.76 -11.80
C37 BCR YO . 10.83 -16.34 -7.01
C38 BCR YO . 9.63 -15.84 -2.83
C39 BCR YO . 13.58 -13.01 -2.81
C40 BCR YO . 11.68 -11.70 -3.56
MG CLA ZO . 13.58 -14.50 4.09
CHA CLA ZO . 10.78 -15.18 6.00
CHB CLA ZO . 15.05 -13.03 6.76
CHC CLA ZO . 16.24 -13.70 2.09
CHD CLA ZO . 12.00 -16.06 1.38
NA CLA ZO . 12.97 -14.16 6.06
C1A CLA ZO . 11.85 -14.67 6.70
C2A CLA ZO . 11.79 -14.19 8.15
C3A CLA ZO . 13.04 -13.30 8.28
C4A CLA ZO . 13.74 -13.45 6.93
CMA CLA ZO . 12.65 -11.87 8.54
CAA CLA ZO . 11.79 -15.36 9.11
CBA CLA ZO . 13.18 -15.88 9.41
CGA CLA ZO . 13.39 -17.16 8.65
O1A CLA ZO . 13.34 -17.33 7.44
O2A CLA ZO . 13.67 -18.22 9.47
NB CLA ZO . 15.34 -13.57 4.38
C1B CLA ZO . 15.74 -13.00 5.53
C2B CLA ZO . 17.06 -12.34 5.33
C3B CLA ZO . 17.44 -12.60 4.04
C4B CLA ZO . 16.29 -13.27 3.38
CMB CLA ZO . 17.84 -11.78 6.44
CAB CLA ZO . 18.51 -12.04 3.26
CBB CLA ZO . 18.79 -10.74 3.14
NC CLA ZO . 14.02 -14.78 2.07
C1C CLA ZO . 15.21 -14.46 1.49
C2C CLA ZO . 15.27 -15.03 0.15
C3C CLA ZO . 14.08 -15.71 -0.05
C4C CLA ZO . 13.25 -15.48 1.14
CMC CLA ZO . 16.47 -15.06 -0.68
CAC CLA ZO . 13.74 -16.61 -1.17
CBC CLA ZO . 13.89 -18.06 -0.80
ND CLA ZO . 11.79 -15.34 3.68
C1D CLA ZO . 11.22 -15.79 2.48
C2D CLA ZO . 9.85 -16.26 2.75
C3D CLA ZO . 9.57 -15.88 4.04
C4D CLA ZO . 10.82 -15.33 4.59
CMD CLA ZO . 8.94 -16.76 1.72
CAD CLA ZO . 8.63 -15.96 5.14
OBD CLA ZO . 7.62 -16.65 5.25
CBD CLA ZO . 9.31 -15.26 6.35
CGD CLA ZO . 8.76 -13.89 6.62
O1D CLA ZO . 8.88 -12.88 5.91
O2D CLA ZO . 8.04 -13.80 7.76
CED CLA ZO . 7.63 -12.50 8.18
C1 CLA ZO . 13.68 -19.52 8.85
C2 CLA ZO . 15.09 -19.80 8.44
C3 CLA ZO . 15.41 -20.64 7.45
C4 CLA ZO . 14.38 -21.38 6.67
C5 CLA ZO . 16.83 -20.88 7.08
C6 CLA ZO . 17.36 -22.15 7.69
C7 CLA ZO . 18.85 -22.27 7.45
C8 CLA ZO . 19.68 -22.37 8.72
C9 CLA ZO . 19.12 -23.40 9.67
C10 CLA ZO . 19.81 -21.02 9.42
C11 CLA ZO . 20.18 -19.89 8.48
C12 CLA ZO . 21.68 -19.75 8.29
C13 CLA ZO . 22.34 -18.92 9.40
C14 CLA ZO . 21.58 -17.65 9.68
C15 CLA ZO . 23.79 -18.59 9.02
C16 CLA ZO . 24.47 -17.78 10.10
C17 CLA ZO . 25.59 -16.94 9.52
C18 CLA ZO . 26.77 -17.79 9.08
C19 CLA ZO . 27.51 -17.14 7.93
C20 CLA ZO . 27.73 -17.95 10.23
C1 BCR AP . 20.97 -8.07 -33.02
C2 BCR AP . 20.86 -9.57 -32.94
C3 BCR AP . 19.55 -10.01 -33.52
C4 BCR AP . 19.49 -9.68 -34.98
C5 BCR AP . 20.00 -8.31 -35.28
C6 BCR AP . 20.67 -7.55 -34.39
C7 BCR AP . 21.17 -6.22 -34.74
C8 BCR AP . 20.46 -5.12 -34.53
C9 BCR AP . 21.01 -3.78 -34.65
C10 BCR AP . 20.70 -2.89 -33.70
C11 BCR AP . 20.56 -1.48 -33.91
C33 BCR AP . 19.70 -7.85 -36.65
C31 BCR AP . 22.37 -7.70 -32.60
C32 BCR AP . 19.99 -7.51 -32.01
C34 BCR AP . 21.54 -3.38 -35.96
C12 BCR AP . 20.01 -0.76 -32.93
C13 BCR AP . 19.73 0.65 -32.97
C14 BCR AP . 19.14 1.22 -31.92
C15 BCR AP . 18.87 2.62 -31.80
C16 BCR AP . 18.30 3.09 -30.68
C17 BCR AP . 18.11 4.52 -30.59
C18 BCR AP . 17.57 5.16 -29.55
C19 BCR AP . 17.12 6.52 -29.73
C20 BCR AP . 16.28 7.12 -28.89
C21 BCR AP . 15.71 8.39 -29.27
C22 BCR AP . 14.76 9.04 -28.60
C23 BCR AP . 14.32 10.33 -29.11
C24 BCR AP . 13.64 11.21 -28.36
C25 BCR AP . 13.31 12.59 -28.70
C26 BCR AP . 12.19 12.89 -29.38
C27 BCR AP . 11.75 14.24 -29.74
C28 BCR AP . 12.29 15.26 -28.76
C29 BCR AP . 13.77 15.08 -28.63
C30 BCR AP . 14.23 13.68 -28.24
C35 BCR AP . 20.10 1.44 -34.16
C36 BCR AP . 17.30 4.48 -28.26
C37 BCR AP . 14.32 8.61 -27.26
C38 BCR AP . 11.23 11.87 -29.84
C39 BCR AP . 14.41 13.56 -26.73
C40 BCR AP . 15.63 13.57 -28.84
#